data_9P9I
#
_entry.id   9P9I
#
loop_
_entity.id
_entity.type
_entity.pdbx_description
1 polymer 'Transcription factor BTF3'
2 polymer '28S rRNA'
3 polymer '5S rRNA'
4 polymer '5.8S rRNA'
5 polymer '60S ribosomal protein L8'
6 polymer 'Large ribosomal subunit protein uL3'
7 polymer '60S ribosomal protein L4'
8 polymer 'Large ribosomal subunit protein uL18'
9 polymer 'Large ribosomal subunit protein eL6'
10 polymer '60S ribosomal protein L7'
11 polymer '60S ribosomal protein L7a'
12 polymer '60S ribosomal protein L9'
13 polymer 'Ribosomal protein uL16-like'
14 polymer '60S ribosomal protein L11'
15 polymer 'Large ribosomal subunit protein eL13'
16 polymer '60S ribosomal protein L14'
17 polymer '60S ribosomal protein L15'
18 polymer '60S ribosomal protein L13a'
19 polymer '60S ribosomal protein L17'
20 polymer '60S ribosomal protein L18'
21 polymer '60S ribosomal protein L19'
22 polymer '60S ribosomal protein L18a'
23 polymer '60S ribosomal protein L21'
24 polymer 'Heparin-binding protein HBp15'
25 polymer '60S ribosomal protein L23'
26 polymer 'Ribosomal protein L24'
27 polymer '60S ribosomal protein L23a'
28 polymer '60S ribosomal protein L26'
29 polymer '60S ribosomal protein L27'
30 polymer '60S ribosomal protein L27a'
31 polymer 'Large ribosomal subunit protein eL29'
32 polymer '60S ribosomal protein L30'
33 polymer '60S ribosomal protein L31'
34 polymer '60S ribosomal protein L32'
35 polymer '60S ribosomal protein L35a'
36 polymer '60S ribosomal protein L34'
37 polymer '60S ribosomal protein L35'
38 polymer '60S ribosomal protein L36'
39 polymer '60S ribosomal protein L37'
40 polymer '60S ribosomal protein L38'
41 polymer '60S ribosomal protein L39'
42 polymer 'Large ribosomal subunit protein eL40'
43 polymer '60S ribosomal protein L41'
44 polymer '60S ribosomal protein L36a'
45 polymer '60S ribosomal protein L37a'
46 polymer '60S ribosomal protein L28'
47 polymer '60S acidic ribosomal protein P0'
48 polymer 'Large ribosomal subunit protein uL11'
49 polymer 'Small ribosomal subunit protein uS3'
50 polymer '40S ribosomal protein S5'
51 polymer '40S ribosomal protein S10'
52 polymer 'Small ribosomal subunit protein eS12'
53 polymer 'Small ribosomal subunit protein uS19'
54 polymer 'Small ribosomal subunit protein uS9'
55 polymer 'Small ribosomal subunit protein eS17'
56 polymer '40S ribosomal protein S18'
57 polymer '40S ribosomal protein S19'
58 polymer '40S ribosomal protein S20'
59 polymer 'Small ribosomal subunit protein eS25'
60 polymer '40S ribosomal protein S28'
61 polymer '40S ribosomal protein S29'
62 polymer 'Ubiquitin-40S ribosomal protein S27a'
63 polymer 'Receptor of activated protein C kinase 1'
64 polymer '40S ribosomal protein SA'
65 polymer '40S ribosomal protein S3a'
66 polymer '40S ribosomal protein S2'
67 polymer 'Small ribosomal subunit protein eS4, X isoform'
68 polymer '40S ribosomal protein S6'
69 polymer 'Small ribosomal subunit protein eS7'
70 polymer '40S ribosomal protein S8'
71 polymer '40S ribosomal protein S9'
72 polymer '40S ribosomal protein S11'
73 polymer '40S ribosomal protein S13'
74 polymer 'Small ribosomal subunit protein uS11'
75 polymer 'Small ribosomal subunit protein eS21'
76 polymer '40S ribosomal protein S15a'
77 polymer '40S ribosomal protein S23'
78 polymer '40S ribosomal protein S24'
79 polymer '40S ribosomal protein S26'
80 polymer 'Small ribosomal subunit protein eS27'
81 polymer 'Small ribosomal subunit protein eS30'
82 polymer '18S rRNA'
83 polymer 'Elongation factor 2'
84 polymer 'E site tRNA'
85 non-polymer 'MAGNESIUM ION'
86 non-polymer SPERMINE
87 non-polymer SPERMIDINE
88 non-polymer 'ZINC ION'
#
loop_
_entity_poly.entity_id
_entity_poly.type
_entity_poly.pdbx_seq_one_letter_code
_entity_poly.pdbx_strand_id
1 'polypeptide(L)' IMNQEKLAKLQAQVRIGGKGTARRKKKVVHR CI
2 'polyribonucleotide'
;CGCGACCUCAGAUCAGACGUGGCGACCCGCUGAAUUUAAGCAUAUUAGUCAGCGGAGGAGAAGAAACUAACCAGGAUUCC
CUCAGUAACGGCGAGUGAACAGGGAAGAGCCCAGCGCCGAAUCCCCGCCCCGCGGCGGGGCGCGGGACAUGUGGCGUACG
GAAGACCCGCUCCCCGGCGCCGCUCGUGGGGGGCCCAAGUCCUUCUGAUCGAGGCCCAGCCCGUGGACGGUGUGAGGCCG
GUAGCGGCCCCCGGCGCGCCGGGCCCGGGUCUUCCCGGAGUCGGGUUGCUUGGGAAUGCAGCCCAAAGCGGGUGGUAAAC
UCCAUCUAAGGCUAAAUACCGGCACGAGACCGAUAGUCAACAAGUACCGUAAGGGAAAGUUGAAAAGAACUUUGAAG
(A2M)G(A2M)GAGUUCAAGAGGGCGUGAAACCGUUAAGAGGUAAACGGGUGGGGUCCGCGCAGUCCGCCCGGAGGAUUC
AACCCGGCGGCGGGUCCGGCCGUGUCGGCGGCCCGGCGGAUCUUUCCCGCGCGGGGGACCGUCCCCCGACCGGCGACCGG
CCGCCGCCGGGCGCAUUUCCACCGCGGCGGUGCGCCGCGACCGGCUCCGGGACGGCUGGGAAGGCCCGGCGGGGAAGGUG
GCUCGGGGGCCCCCGAGUGUUACAGCCCCCCCGGCAGCAGCACUCGCCGAAUCCCGGGGCCGAGGGAGCGAGACCCGUCG
CCGCGCUCUCCCCCCUCGGGGGGGCCGGGCCACCCCUCCCACGGCGCGACCGCUCGGGGCGGACUGUCCCCAGUGCGCCC
CGGGCGGGUCGCGCCGUCGGGCCCGGGGGAGGUUCUCUCGGGGCCACGCGCGCGUCCCCCGAAGAGGGGGACGGCGGAGC
GAGCGCACGGGGUCGGCGGCGACGUCGGCUACCCACCCGACCC(OMG)UCUUG(1MA)(A2M)AC(A2M)CGGACCAAGG
AGU(OMC)UAACACGUGCGCGAGUCGGGGGCUCGCACGAAAGCCGCCGUGGCGCAAUGAAGGUGAAGGCCGGCGCGCUCG
CCGGCCGAGGUGGGAUCCCGAGGCCUCUCCAGUCCGCCGAGGGCGCACCACCGGCCCGUCUCGCCCGCCGCGCCGGGGAG
GUGGAGCACGAGCGCACGUGUUAGGACCC(OMG)A(A2M)AGAUGGUGA(A2M)C(PSU)AUGCCUGGGCAGGGCGAAGC
CAGAGGAAACUCUGGUGGAGGUCCG(PSU)AGCGGUCCUGACGUGCAAAUCGGUCGUCCGACCUGGGUAUAG(OMG)GGC
GAAAGACUAAUCGAACCAUCUAGUAGCUGGUUCCCUCCGAAGUUUCCC(PSU)CAGGA(PSU)AGCUGGCGCUCUCGCAG
ACCCGACGCACCCCCGCCACGCAGUUUUAUCCGGUAAAGCGAA(PSU)GAUUAGAGGUCUUGGGGCCGAAACGAUCUCAA
CCUA(PSU)(PSU)CUCAAACUU(PSU)AAAUGGGUAAGAAGCCCGGCUCGCUGGCGUGGAGCCGGGCGUGGAAUGCGAG
UGCCUAGUGGGCCAC(PSU)U(PSU)UGGUAAGC(A2M)GAACUGGCGCUGCGGGAUGAACCGAACGCCGGGUUAAGGCG
CCCGAUGCCGACGCUCAUCAGACCCCAGAAAAGGUGUUGGUUGAUAUAGACAGCAGGACGGUGGCCAUGGAAGUCGGAAU
CCGCUAAGGAGUGUGUAACAACUCACCUGCCGAAUCAACUAGCCCUGAAAAUGGAUGGCGCUGGAGCGUCGGGCCCAUAC
CCGGCCGUCGCCGGCAGUCGAGAGUGGACGGGAGCGGCGGCCGGAGCCCCGCGGACGCUACGCCGCGACGAGUAGGAGGG
CCGCUGCGGUGAGCCUUGAAGCCUAGGGCGCGGGCCCGGGUGGAGCCGCCGCAGGUGCAGAU(OMC)UUGGUGGUAGU
(A2M)(OMG)(OMC)AAAUAUUCAAACGAGAACUUUGAAGGCCGAAGUGG(A2M)GAAGGGUUCCAUGUGAACAG(OMC)
A(OMG)UUGAACAUGGGUCAGUCGGUCCUGAGAGAUGGGCGAGCGCCGUUCCGAAGGGACGGGCGAUGGCCUCCGUUGCC
CUCGGCCGAUCGAAAGGGAGUCGGGUUCAGAUCCCCGAAUCCGGAGUGGCGGAGAUGGGCGCCGCGAGGCGUCCAGUGCG
GUAACGCGACCGAUCCCGGAGAAGCCGGCGGGAGCCCCGGGGAGAGUUCUCUU(PSU)UCUUUGUGAAGGGCAGGGCGCC
CUGGAAUGGGUUCGCCCCGAGAGAGGGGCCCGUGCCUUGGAAAGCGUCGCGGUUCCGGCGGCGUCCGGUGAGCUCUCGCU
GGCCCUUGAAAAUCCGGGGGAGAGGGUGUAAAUCUCGCGCCGGGCCGUACCC(A2M)UAUCCGCAGCAGGUCU(OMC)CA
AGGUGAAC(A2M)GCCUCUGG(OMC)AUGUUGGAACAA(OMU)G(PSU)AGGUAAGGGAAGUCGGCAAGC(OMC)GGAUC
CGUAACUUC(OMG)GGAUAAGGAUUGGCUCUAAGGGCUGGGUCGGUCGCGGCCGGCGCCUAGCAGCCGACUUAGAACUGG
UGCGGACCAGG(OMG)GAAUCCGAC(PSU)G(PSU)UUAAUUAAAACAAAGCAUCGCGAAGGCCCGCGGCGGGUGUUGAC
GCGAUGUGAUU(PSU)CUGCC(OMC)AGUGCUCUGAAUGUCA(A2M)AGUGAAGAAAUUCAAUGAAGCGCGG(OMG)UAA
ACGGCGGGAGUAACUAUGACUCUCUUAAGGUAGC(5MC)AA(A2M)UGCCUC(OMG)UCAUCUAAUUAGUGA(OMC)GCG
CAUGAA(UY1)GGA(PSU)GA(A2M)CGAG(A2M)UUCCCACUGU(OMC)CC(PSU)ACCUAC(PSU)A(PSU)CCAGCG
AAACCAC(A2M)G(OMC)CAAGGGAACGGGCU(PSU)GG(OMC)GGAAUCAGCGG(OMG)GAAAGAAGACCCUGUUGAGC
(PSU)UGAC(OMU)CUAGUCUGGCACGGUGAAGAGACAUGAGAACUCUGAUCGUUUUUUCACUGACCCGGUGAGGCGGGG
GGGCGAGCCCCGAGGGGCUCUCGCUUCUGGCGCCAAGCGCCCGGCCGCGCGCCGGCCGGGCGCGACCCGCUCCGGGGACA
GUGCCAGGUGGGGAGUUUGACUG(OMG)GGCGGUACACCUGUCAAACGGUA(6MZ)CGCAGG(OMU)(OMG)UCCUAAGG
CGAGCUCAGGGAGGACAGAAACCUCCCGUGGAGCAGAAGGGCAAAAGCUCGCUUGA(PSU)CU(PSU)GA(PSU)UUUCA
G(OMU)ACGAA(PSU)ACAGACCGUGAAAGCGGGGCCUCACGAUCCUUCUGACCUU(PSU)UGGGUUU(PSU)AAGCAGG
A(OMG)GUGUCAGAAAAGUUACCACAG(OMG)GAUAACUGGC(PSU)UGUGGCGGCCAAGCGUUCAUAGCGACG(PSU)C
GCUUUUUGA(PSU)CCUU(5MC)GAUGUCGG(OMC)(PSU)CUUCCUAUCAUUG(PSU)GAAGCAGAAUUCACCAAGCGU
(PSU)(OMG)GAU(OMU)(OMG)(PSU)UCACCCACUAAUAGGGAACG(PSU)G(A2M)GCUGGG(UR3)U(PSU)AGA
(OMC)CGUCGUGAGACAGGU(PSU)AGUUUUACCCUACUGAUG(A2M)UGUG(PSU)UG(PSU)UGCCAUGGUA(A2M)U
CCUGCUCAGUACGAGAGGAACCGCAG(OMG)U(OMU)CA(OMG)ACAU(PSU)UGGUGUA(PSU)(OMG)UGCUUGGCUG
AGGAGCCAAUGGGGCGAAGCUACCA(PSU)CUGUGGGAUUAUGAC(PSU)GAACGCCUCUAAGUCAGAAUCCCGCCCAGG
CGGAACGAUACGGCAGCGCCGCGGAGCCUCGGUUGGCCUCGGAUAGCCGGUCCCCCGCCGGGGUCCGGUGCGGAGUGCCC
UUCGUCCUGGGAAACGGGGCGCGGCCGGAGAGGCGGCCGCCCCCUCGCCCGUCACGCACCGCACGUUCGUGGGGAACCUG
GCGCUAAACCA(PSU)(PSU)CGUAGACGACCUGCUUCUGGGUCGGGG(PSU)UUCGUACG(PSU)AGCAGAGCAGCUCC
CUCGCUGCGAUCUAUUGAAAGUCAGCCCUCGACACAAGGGUUUGU
;
L5
3 'polyribonucleotide'
;GUCUACGGCCAUACCACCCUGAACGCGCCCGAUCUCGUCUGAUCUCGGAAGCUAAGCAGGGUCGGGCCUGGUUAGUACUU
GGAUGGGAGACCGCCUGGGAAUACCGGGUGCUGUAGGCUU
;
L7
4 'polyribonucleotide'
;CGACUCUUAGCGGUGGAUCACUCGGCUCGUGCGUCGAUGAAGAACGCAGCUAGC(PSU)GCGAGAAUUAAUG(PSU)GAA
UU(OMG)CAGGACACAUUGAUCAUCGACACUUCGAACGCACUUGCGGCCCCGGGUUCCUCCCGGGGCUACGCCUGUCUGA
GCGUCGCU
;
L8
5 'polypeptide(L)'
;GRVIRGQRKGAGSVFRAHVKHRKGAARLRAVDFAERHGYIKGIVKDIIHDPGRGAPLAKVVFRDPYRFKKRTELFIAAEG
IHTGQFVYCGKKAQLNIGNVLPVGTMPEGTIVCCLEEKPGDRGKLARASGNYATVISHNPETKKTRVKLPSGSKKVISSA
NRAVVGVVAGGGRIDKPILKAGRAYHKYKAKRNCWPRVRGVAMNPVEHPFGGGNHQHIGKPSTIRRDAPAGRKVGLIAAR
RTGRLRGT
;
LA
6 'polypeptide(L)'
;SHRKFSAPRHGSLGFLPRKRSSRHRGKVKSFPKDDPSKPVHLTAFLGYKAGMTHIVREVDRPGSKVNKKEVVEAVTIVET
PPMVVVGIVGYVETPRGLRTFKTVFAEHISDECKRRFYKNWHKSKKKAFTKYCKKWQDEDGKKQLEKDFSSMKKYCQVIR
VIAHTQMRLLPLRQKKAHLMEIQVNGGTVAEKLDWARERLEQQVPVNQVFGQDEMIDVIGVTKGKGYKGVTSRWHTKKLP
RKTHRGLRKVACIGAWHPARVAFSVARAGQKGYHHRTEINKKIYKIGQGYLIKDGKLIKNNASTDYDLSDKSINPLGGFV
HYGEVTNDFVMLKGCVVGTKKRVLTLRKSLLVQTKRRALEKIDLKFIDTTSKFGHGRFQTMEEKKAFMGPLKKDRIAKEE
GA
;
LB
7 'polypeptide(L)'
;MACARPLISVYSEKGESSGKNVTLPAVFKAPIRPDIVNFVHTNLRKNNRQPYAVSELAGHQTSAESWGTGRAVARIPRVR
GGGTHRSGQGAFGNMCRGGRMFAPTKTWRRWHRRVNTTQKRYAICSALAASALPALVMSKGHRIEEVPELPLVVEDKVEG
YKKTKEAVLLLKKLKAWNDIKKVYASQRMRAGKGKMRNRRRIQRRGPCIIYNEDNGIIKAFRNIPGITLLNVSKLNILKL
APGGHVGRFCIWTESAFRKLDELYGTWRKAASLKSNYNLPMHKMINTDLSRILKSPEIQRALRAPRKKIHRRVLKKNPLK
NLRIMLKLNPYAKTMRRNTILRQARNHKLRVDKAAAAAAALQAKSDEK
;
LC
8 'polypeptide(L)'
;GFVKVVKNKAYFKRYQVKFRRRREGKTDYYARKRLVIQDKNKYNTPKYRMIVRVTNRDIICQIAYARIEGDMIVCAAYAH
ELPKYGVKVGLTNYAAAYCTGLLLARRLLNRFGMDKIYEGQVEVTGDEYNVESIDGQPGAFTCYLDAGLARTTTGNKVFG
ALKGAVDGGLSIPHSTKRFPGYDSESKEFNAEVHRKHIMGQNVADYMRYLMEEDEDAYKKQFSQYIKNSVTPDMMEEMYK
KAHAAIRENPVYEKKPKKEVKKKRWNRPKMSLAQKKDRVAQKKASFLRAQERA
;
LD
9 'polypeptide(L)'
;KGKPHCSRNPVLVRGIGRYSRSAMYSRKAMYKRKYSAAKSKVEKKKKEKVLATVTKPVGGDKNGGTRVVKLRKMPRYYPT
EDVPRKLLSHGKKPFSQHVRKLRASITPGTILIILTGRHRGKRVVFLKQLASGLLLVTGPLVLNRVPLRRTHQKFVIATS
TKIDISNVKIPKHLTDAYFKKKKLRKPRHQEGEIFDTEKEKYEITEQRKIDQKAVDSQILPKIKAIPQLQGYLRSVFALT
NGIYPHKLVF
;
LE
10 'polypeptide(L)'
;NFAELKIKRLRKKFAQKMLRKARRKLIYEKAKHYHKEYRQMYRTEIRMARMARKAGNFYVPAEPKLAFVIRIRGINGVSP
KVRKVLQLLRLRQIFNGTFVKLNKASINMLRIVEPYIAWGYPNLKSVNELIYKRGYGKINKKRIALTDNALIARSLGKYG
IICMEDLIHEIYTVGKRFKEANNFLWPFKLSSPRGGMKKKTTHFVEGGDAGNREDQINRLIRRMN
;
LF
11 'polypeptide(L)'
;KVVNPLFEKRPKNFGIGQDIQPKRDLTRFVKWPRYIRLQRQRAILYKRLKVPPAINQFTQALDRQTATQLLKLAHKYRPE
TKQEKKQRLLARAEKKAAGKGDVPTKRPPVLRAGVNTVTTLVENKKAQLVVIAHDVDPIELVVFLPALCRKMGVPYCIIK
GKARLGRLVHRKTCTTVAFTQVNSEDKGALAKLVEAIRTNYNDRYDEIRRHWGGNVLGPKSVARIAKLEKAKAKELATKL
G
;
LG
12 'polypeptide(L)'
;MKTILSNQTVDIPENVDITLKGRTVIVKGPRGTLRRDFNHINVELSLLGKKKKRLRVDKWWGNRKELATVRTICSHVQNM
IKGVTLGFRYKMRSVYAHFPINVVIQENGSLVEIRNFLGEKYIRRVRMRPGVACSVSQAQKDELILEGNDIELVSNSAAL
IQQATTVKNKDIRKFLDGIYVSEKGTVQQA
;
LH
13 'polypeptide(L)'
;GRRPARCYRYCKNKPYPKSRFCRGVPDAKIRIFDLGRKKAKVDEFPLGGHMVSDEYEQLSSEALEAARICANKYMVKSCG
RDGFHMRVRLHPFHVIRINKMLSCAGADRLQTGMRGAFGKPQGTVARVHIGQVIMSIRTKLQNEEHVIEALRRAKFKFPG
RQKIHISKKWGFTKFNADEFEDMVAKKCLIPDGCGVKYVPSHGPLDKWRVLHS
;
LI
14 'polypeptide(L)'
;QDQGEKENPMRELRIRKLCLNICVGESGDRLTRAAKVLEQLTGQTPVFSKARYTVRSFGIRRNEKIAVHCTVRGAKAEEI
LEKGLKVREYELRKNNFSDTGNFGFGIQEHIDLGIKYDPSIGIYGLDFYVVLGRPGFSIADKKRRTGCIGAKHRISKEEA
MRWFQQKYDGIILPGK
;
LJ
15 'polypeptide(L)'
;APSRNGMVLKPHFHKDWQRRVATWFNQPARKIRRRKARQAKARRIAPRPASGPIRPIVRCPTVRYHTKVRAGRGFSLEEL
RVAGIHKKVARTIGISVDPRRRNKSTESLQANVQRLKEYRSKLILFPRKPSAPKKGDSSAEELKLATQLTGPVMPVRNVY
KKEKARVITEEEKNFKAFASLRMARANARLFGIRAKRAKEAAEQDVEKKK
;
LL
16 'polypeptide(L)'
;VFRRFVEVGRVAYVSFGPHAGKLVAIVDVIDQNRALVDGPCTQVRRQAMPFKCMQLTDFILKFPHSAHQKYVRQAWQKAD
INTKWAATRWAKKIEARERKAKMTDFDRFKVMKAKKMRNRIIKNEVKKLQKAALLKASP
;
LM
17 'polypeptide(L)'
;GAYKYIQELWRKKQSDVMRFLLRVRCWQYRQLSALHRAPRPTRPDKARRLGYKAKQGYVIYRIRVRRGGRKRPVPKGATY
GKPVHHGVNQLKFARSLQSVAEERAGRHCGALRVLNSYWVGEDSTYKFFEVILIDPFHKAIRRNPDTQWITKPVHKHREM
RGLTSAGRKSRGLGKGHKFHHTIGGSRRAAWRRRNTLQLHRYR
;
LN
18 'polypeptide(L)'
;EVQVLVLDGRGHLLGRLAAIVAKQVLLGRKVVVVRCEGINISGNFYRNKLKYLAFLRKRMNTNPSRGPYHFRAPSRIFWR
TVRGMLPHKTKRGQAALDRLKVFDGIPPPYDKKKRMVVPAALKVVRLKPTRKFAYLGRLAHEVGWKYQAVTATLEEKRKE
KAKIHYRKKKQLMRLRKQAEKNVEKKIDKYTEVLKTHGLLV
;
LO
19 'polypeptide(L)'
;VRYSLDPENPTKSCKSRGSNLRVHFKNTRETAQAIKGMHIRKATKYLKDVTLQKQCVPFRRYNGGVGRCAQAKQWGWTQG
RWPKKSAEFLLHMLKNAESNAELKGLDVDSLVIEHIQVNKAPKMRRRTYRAHGRINPYMSSPCHIEMILTEKE
;
LP
20 'polypeptide(L)'
;GVDIRHNKDRKVRRKEPKSQDIYLRLLVKLYRFLARRTNSTFNQVVLKRLFMSRTNRPPLSLSRMIRKMKLPGRENKTAV
VVGTITDDVRVQEVPKLKVCALRVTSRARSRILRAGGKILTFDQLALDSPKGCGTVLLSGPRKGREVYRHFGKAPGTPHS
HTKPYVRSKGRKFERARGRRASRGYKN
;
LQ
21 'polypeptide(L)'
;SMLRLQKRLASSVLRCGKKKVWLDPNETNEIANANSRQQIRKLIKDGLIIRKPVTVHSRARCRKNTLARRKGRHMGIGKR
KGTANARMPEKVTWMRRMRILRRLLRRYRESKKIDRHMYHSLYLKVKGNVFKNKRILMEHIHKLKADKARKKLLADQAEA
RRSKTKEARKRREERLQAKKEEIIKTL
;
LR
22 'polypeptide(L)'
;KASGTLREYKVVGRCLPTPKCHTPPLYRMRIFAPNHVVAKSRFWYFVSQLKKMKKSSGEIVYCGQVFEKSPLRVKNFGIW
LRYDSRSGTHNMYREYRDLTTAGAVTQCYRDMGARHRARAHSIQIMKVEEIAASKCRRPAVKQFHDSKIKFPLPHRVLRR
QHKPRFTTKRPNTFF
;
LS
23 'polypeptide(L)'
;TNTKGKRRGTRYMFSRPFRKHGVVPLATYMRIYKKGDIVDIKGMGTVQKGMPHKCYHGKTGRVYNVTQHAVGIVVNKQVK
GKILAKRINVRIEHIKHSKSRDSFLKRVKENDQKKKEAKEKGTWVQLKRQPAPPREAHFVRTNGKEPELLEPIPYEFMA
;
LT
24 'polypeptide(L)'
;QVLKFTLDCTHPVEDGIMDAANFEQFLQERIKVNGKAGNLGGGVVTIERSKSKITVTSEVPFSKRYLKYLTKKYLKKNNL
RDWLRVVANSKESYELRYFQI
;
LU
25 'polypeptide(L)'
;SGAKFRISLGLPVGAVINCADNTGAKNLYIISVKGIKGRLNRLPAAGVGDMVMATVKKGKPELRKKVHPAVVIRQRKSYR
RKDGVFLYFEDNAGVIVNNKGEMKGSAITGPVAKECADLWPRIASNAGSIA
;
LV
26 'polypeptide(L)'
;MKVELCSFSGYKIYPGHGRRYARTDGKVFQFLNAKCESAFLSKRNPRQINWTVLYRRKHKKGQSEEIQKKRTRRAVKFQR
AITGASLADIMAKRNQKPEVRKAQREQAIRAAKEAKKAKQASKK
;
LW
27 'polypeptide(L)'
;KKKIRTSPTFRRPKTLRLRRQPKYPRKSAPRRNKLDHYAIIKFPLTTESAMKKIEDNNTLVFIVDVKANKHQIKQAVKKL
YDIDVAKVNTLIRPDGEKKAYVRLAPDYDALDVANKIGII
;
LX
28 'polypeptide(L)'
;MKFNPFVTSDRSKNRKRHFNAPSHIRRKIMSSPLSKELRQKYNVRSMPIRKDDEVQVVRGHYKGQQIGKVVQVYRKKYVI
YIERVQREKANGTTVHVGIHPSKVVITRLKLDKDRKKILERKAKSRQVGKEKGK
;
LY
29 'polypeptide(L)'
;GKFMKPGKVVLVLAGRYSGRKAVIVKNIDDGTSDRPYSHALVAGIDRYPRKVTAAMGKKKIAKRSKIKSFVKVYNYNHLM
PTRYSVDIPLDKTVVNKDVFRDPALKRKARREAKVKFEERYKTGKNKWFFQKLRF
;
LZ
30 'polypeptide(L)'
;PSRLRKTRKLRGHVSHGHGRIGKHRKHPGGRGNAGGLHHHRINFDKYHPGYFGKVGMKHYHLKRNQSFCPTVNLDKLWTL
VSEQTRVNAAKNKTGAAPIIDVVRSGYYKVLGKGKLPKQPVIVKAKFFSRRAEEKIKSVGGACVLVA
;
La
31 'polypeptide(L)'
;AKSKNHTTHNQSRKWHRNGIKKPRSQRYESLKGVDPKFLRNMRFAKKHNKKGLKKMQANNAKAMSARAEAIKALVKPKEV
KPKIPKGVSRKLDRLAYIAHPKLGKRARARIAKGLRLCRPK
;
Lb
32 'polypeptide(L)'
;KSLESINSRLQLVMKSGKYVLGYKQTLKMIRQGKAKLVILANNCPALRKSEIEYYAMLAKTGVHHYSGNNIELGTACGKY
YRVCTLAIIDPGDSDIIR
;
Lc
33 'polypeptide(L)'
;NEVVTREYTINIHKRIHGVGFKKRAPRALKEIRKFAMKEMGTPDVRIDTRLNKAVWAKGIRNVPYRIRVRLSRKRNEDED
SPNKLYTLVTYVPVTTFKNLQTVNVDE
;
Ld
34 'polypeptide(L)'
;AALRPLVKPKIVKKRTKKFIRHQSDRYVKIKRNWRKPRGIDNRVRRRFKGQILMPNIGYGSNKKTKHMLPSGFRKFLVHN
VKELEVLLMCNKSYCAEIAHNVSSKNRKAIVERAAQLAIRVTNPNARL
;
Le
35 'polypeptide(L)'
;SGRLWSKAIFAGYKRGLRNQREHTALLKIEGVYARDETEFYLGKRCAYVYKAKNNTVTPGGKPNKTRVIWGKVTRAHGNS
GMVRAKFRSNLPAKAIGHRIRVMLYPSRI
;
Lf
36 'polypeptide(L)'
;VQRLTYRRRLSYNTASNKTRLSRTPGNRIVYLYTKKVGKAPKSACGVCPGRLRGVRAVRPKVLMRLSKTKKHVSRAYGGS
MCAKCVRDRIKRAFLIEEQKIVVKVLKAQAQSQK
;
Lg
37 'polypeptide(L)'
;AKIKARDLRGKKKEELLKQLDDLKVELSQLRVAKVTGGAASKLSKIRVVRKSIARVLTVINQTQKENLRKFYKGKKYKPL
DLRPKKTRAMRRRLNKHEENLKTKKQQRKERLYPLRKYAVKA
;
Lh
38 'polypeptide(L)'
;ALRYPMAVGLNKGHKVTKNVSKPRHSRRRGRLTKHTKFVRDMIREVCGFAPYERRAMELLKVSKDKRALKFIKKRVGTHI
RAKRKREELSNVLAAMRKAAAK
;
Li
39 'polypeptide(L)'
;TKGTSSFGKRRNKTHTLCRRCGSKAYHLQKSTCGKCGYPAKRKRKYNWSAKAKRRNTTGTGRMRHLKIVYRRFRHGFREG
TTPKPK
;
Lj
40 'polypeptide(L)' PRKIEEIKDFLLTARRKDAKSVKIKKNKDNVKFKVRCSRYLYTLVITDKEKAEKLKQSLPPGLAVKELK Lk
41 'polypeptide(L)' SSHKTFRIKRFLAKKQKQNRPIPQWIRMKTGNKIRYNSKRRHWRRTKLGL Ll
42 'polypeptide(L)' IIEPSLRQLAQKYNCDKMICRKCYARLHPRAVNCRKKKCGHTNNLRPKKKVK Lm
43 'polypeptide(L)' MRAKWRKKRMRRLKRKRRKMRQRS Ln
44 'polypeptide(L)'
;VNVPKTRRTFCKKCGKHQPHKVTQYKKGKDSLYAQGKRRYDRKQSGYGGQTKPIFRKKAKTTKKIVLRLECVEPNCRSKR
MLAIKRCKHFELGGDKKRKGQVIQF
;
Lo
45 'polypeptide(L)'
;AKRTKKVGIVGKYGTRYGASLRKMVKKIEISQHAKYTCSFCGKTKMKRRAVGIWHCGSCMKTVAGGAWTYNTTSAVTVKS
AIRRLKELKDQ
;
Lp
46 'polypeptide(L)'
;SAHLQWMVVRNCSSFLIKRNKQTYSTEPNNLKARNSFRYNGLIHRKTVGVEPAADGKGVVVVIKRRSGQRKPATSYVRTT
INKNARATLSSIRHMIRKNKYRPDLRMAAIRRASAILRSQKPVMV
;
Lr
47 'polypeptide(L)'
;DRATWKSNYFLKIIQLLDDYPKCFIVGADNVGSKQMQQIRMSLRGKAVVLMGKNTMMRKAIRGHLENNPALEKLLPHIRG
NVGFVFTKEDLTEIRDMLLANKVPAAARAGAIAPCEVTVPAQNTGLGPEKTSFFQALGITTKISRGTIEILSDVQLIKTG
DKVGASEATLLNMLNISPFSFGLVIQQVFDNGSIYN
;
Ls
48 'polypeptide(L)'
;PNEIKVVYLRCTGGEVGATSALAPKIGPLGLSPKKVGDDIAKATGDWKGLRITVKLTIQNRQAQIEVVPSASALIIKALK
EPPRDRKKQKNIKHSGNITFDEIVNIARQMRHRSLARELSGTIKEILGTAQSVGCNVDGRHPHDIIDDINSGAVECP
;
Lt
49 'polypeptide(L)'
;MAVQISKKRKFVADGIFKAELNEFLTRELAEDGYSGVEVRVTPTRTEIIILATRTQNVLGEKGRRIRELTAVVQKRFGFP
EGSVELYAEKVATRGLCAIAQAESLRYKLLGGLAVRRACYGVLRFIMESGAKGCEVVVSGKLRGQRAKSMKFVDGLMIHS
GDPVNYYVDTAVRHVLLRQGVLGIKVKIMLPWDPTGKIGPKKPLPDHVSIVEPKDEILPTTPISEQK
;
SD
50 'polypeptide(L)'
;DIKLFGKWSTDDVQINDISLQDYIAVKEKYAKYLPHSAGRYAAKRFRKAQCPIVERLTNSMMMHGRNNGKKLMTVRIVKH
AFEIIHLLTGENPLQVLVNAIINSGPREDSTRIGRAGTVRRQAVDVSPLRRVNQAIWLLCTGAREAAFRNIKTIAECLAD
ELINAAKGSSNSYAIKKKDELERVAKSNR
;
SF
51 'polypeptide(L)'
;MLMPKKNRIAIYELLFKEGVMVAKKDVHMPKHPELADKNVPNLHVMKAMQSLKSRGYVKEQFAWRHFYWYLTNEGIQYLR
DYLHLPPEIVPATLRRSR
;
SK
52 'polypeptide(L)'
;VMDVNTALQEVLKTALIHDGLARGIREAAKALDKRQAHLCVLASNCDEPMYVKLVEALCAEHQINLIKVDDNKKLGEWVG
LCKIDREGKPRKVVGCSCVVVKDYGKESQAKDVIEEYFKCKK
;
SM
53 'polypeptide(L)'
;TYRGVDLDQLLDMSYEQLMQLYSARQRRRLNRGLRRKQHSLLKRLRKAKKEAPPMEKPEVVKTHLRDMIILPEMVGSMVG
VYNGKTFNQVEIKPEMIGHYLGEFSITYKPVKHGRPGIGAT
;
SP
54 'polypeptide(L)'
;SKGPLQSVQVFGRKKTATAVAHCKRGNGLIKVNGRPLEMIEPRTLQYKLLEPVLLLGKERFAGVDIRVRVKGGGHVAQIY
AIRQSISKALVAYYQKYVDEASKKEIKDILIQYDRTLLVADPRRCESKKFGGPGARARYQKSYR
;
SQ
55 'polypeptide(L)'
;MGRVRTKTVKKAARVIIEKYYTRLGNDFHTNKRVCEEIAIIPSKKLRNKIAGYVTHLMKRIQRGPVRGISIKLQEEERER
RDNYVPEVSALDQEIIEVDPDTKEMLKLLDFGSLSNLQVTQPTVGMNFKTPRGPV
;
SR
56 'polypeptide(L)'
;MSLVIPEKFQHILRVLNTNIDGRRKIAFAITAIKGVGRRYAHVVLRKADIDLTKRAGELTEDEVERVITIMQNPRQYKIP
DWFLNRQKDVKDGKYSQVLANGLDNKLREDLERLKKIRAHRGLRHFWGLRVRGQHTKTTGRRGRT
;
SS
57 'polypeptide(L)'
;PGVTVKDVNQQEFVRALAAFLKKSGKLKVPEWVDTVKLAKHKELAPYDENWFYTRAASTARHLYLRGGAGVGSMTKIYGG
RQRNGVMPSHFSRGSKSVARRVLQALEGLKMVEKDQDGGRKLTPQGQRDLDRIAGQVAAANKK
;
ST
58 'polypeptide(L)'
;AIHRIRITLTSRNVKSLEKVCADLIRGAKEKNLKVKGPVRMPTKTLRITTRKTPCGEGSKTWDRFQMRIHKRLIDLHSPS
EIVKQITSISIEPGVEVEVTIADA
;
SU
59 'polypeptide(L)' RDKLNNLVLFDKATYDKLCKEVPNYKLITPAVVSERLKIRGSLARAALQELLSKGLIKLVSKHRAQVIYTRNTKG SZ
60 'polypeptide(L)' RVQPIKLARVTKVLGRTGSQGQCTQVRVEFMDDTSRSIIRNVKGPVREGDVLTLLESEREARRL Sc
61 'polypeptide(L)' GHQQLYWSHPRKFGQGSRSCRVCSNRHGLIRKYGLNMCRQCFRQYAKDIGFIKLD Sd
62 'polypeptide(L)' YTTPKKNKHKRKKVKLAVLKYYKVDENGKISRLRRECPSDECGAGVFMASHFDRHYCGKCCLTYCFN Sf
63 'polypeptide(L)'
;TEQMTLRGTLKGHNGWVTQIATTPQFPDMILSASRDKTIIMWKLTRDETNYGIPQRALRGHSHFVSDVVISSDGQFALSG
SWDGTLRLWDLTTGTTTRRFVGHTKDVLSVAFSSDNRQIVSGSRDKTIKLWNTLGVCKYTVQDESHSEWVSCVRFSPNSS
NPIIVSCGWDKLVKVWNLANCKLKTNHIGHTGYLNTVTVSPDGSLCASGGKDGQAMLWDLNEGKHLYTLDGGDIINALCF
SPNRYWLCAATGPSIKIWDLEGKIIVDELKQEVISTSSKAEPPQCTSLAWSADGQTLFAGYTDNLVRVWQVTI
;
Sg
64 'polypeptide(L)'
;GALDVLQMKEEDVLKFLAAGTHLGGTNLDFQMEQYIYKRKSDGIYIINLKRTWEKLLLAARAIVAIENPADVSVISSRNT
GQRAVLKFAAATGATPIAGRFTPGTFTNQIQAAFREPRLLVVTDPRADHQPLTEASYVNLPTIALCNTDSPLRYVDIAIP
CNNKGAHSVGLMWWMLAREVLRMRGTISREHPWEVMPDLYFYRDPEEIEKEEQAAAEKAVT
;
SA
65 'polypeptide(L)'
;VVDPFSKKDWYDVKAPAMFNIRNIGKTLVTRTQGTKIASDGLKGRVFEVSLADLQNDEVAFRKFKLITEDVQGKNCLTNF
HGMDLTRDKMCSMVKKWQTMIEAHVDVKTTDGYLLRLFCVGFTKKRNNQIRKTSYAQHQQVRQIRKKMMEIMTREVQTND
LKEVVNKLIPDSIGKDIEKACQSIYPLHDVFVRKVKMLKKPKFELGKLMELHGE
;
SB
66 'polypeptide(L)'
;EWMPVTKLGRLVKDMKIKSLEEIYLFSLPIKESEIIDFFLGASLKDEVLKIMPVQKQTRAGQRTRFKAFVAIGDYNGHVG
LGVKCSKEVATAIRGAIILAKLSIVPVRRGYWGNKIGKPHTVPCKVTGRCGSVLVRLIPAPRGTGIVSAPVPKKLLMMAG
IDDCYTSARGCTATLGNFAKATFDAISKTYSYLTPDLWKETVFTKSPYQEFTDHLVKTHTRV
;
SC
67 'polypeptide(L)'
;ARGPKKHLKRVAAPKHWMLDKLTGVFAPRPSTGPHKLRECLPLIIFLRNRLKYALTGDEVKKICMQRFIKIDGKVRTDIT
YPAGFMDVISIDKTGENFRLIYDTKGRFAVHRITPEEAKYKLCKVRKIFVGTKGIPHLVTHDARTIRYPDPLIKVNDTIQ
IDLETGKITDFIKFDTGNLCMVTGGANLGRIGVITNRERHPGSFDVVHVKDANGNSFATRLSNIFVIGKGNKPWISLPRG
KGIRLTIAEERDKRLAAKQSSG
;
SE
68 'polypeptide(L)'
;MKLNISFPATGCQKLIEVDDERKLRTFYEKRMATEVAADALGEEWKGYVVRISGGNDKQGFPMKQGVLTHGRVRLLLSKG
HSCYRPRRTGERKRKSVRGCIVDANLSVLNLVIVKKGEKDIPGLTDTTVPRRLGPKRASRIRKLFNLSKEDDVRQYVVRK
PLNKEGKKPRTKAPKIQRLVTPRVLQHKRRRIALKKQRTKKNKEEAAEYAKLLAKRMKEAKEKRQEQIAKRRRLSSL
;
SG
69 'polypeptide(L)'
;SAKIVKPNGEKPDEFESGISQALLELEMNSDLKAQLRELNITAAKEIEVGGGRKAIIIFVPVPQLKSFQKIQVRLVRELE
KKFSGKHVVFIAQRRILPKPTRKSRTKNKQKRPRSRTLTAVHDAILEDLVFPSEIVGKRIRVKLDGSRLIKVHLDKAQQN
NVEHKVETFSGVYKKLTGKDVNFEFPEFQ
;
SH
70 'polypeptide(L)'
;GISRDNWHKRRKTGGKRKPYHKKRKYELGRPAANTKIGPRRIHTVRVRGGNKKYRALRLDVGNFSWGSECCTRKTRIIDV
VYNASNNELVRTKTLVKNCIVLIDSTPYRQWYESHYALPLGRKKGAKLTPEEEEILNKKRSKKIQKKYDERKKNAKISSL
LEEQFQQGKLLACIASRPGQCGRADGYVLEGKELEFYLRKIKARKG
;
SI
71 'polypeptide(L)'
;PVARSWVCRKTYVTPRRPFEKSRLDQELKLIGEYGLRNKREVWRVKFTLAKIRKAARELLTLDEKDPRRLFEGNALLRRL
VRIGVLDEGKMKLDYILGLKIEDFLERRLQTQVFKLGLAKSIHHARVLIRQRHIRVRKQVVNIPSFIVRLDSQKHIDFSL
RSPYGGGRPGRVKRKNAKKGQGGAG
;
SJ
72 'polypeptide(L)'
;ADIQTERAYQKQPTIFQNKKRVLLGETGKEKLPRYYKNIGLGFKTPKEAIEGTYIDKKCPFTGNVSIRGRILSGVVTKMK
MQRTIVIRRDYLHYIRKYNRFEKRHKNMSVHLSPCFRDVQIGDIVTVGECRPLSKTVRFNVLKVTKAAGTKKQ
;
SL
73 'polypeptide(L)'
;GRMHAPGKGLSQSALPYRRSVPTWLKLTSDDVKEQIYKLAKKGLTPSQIGVILRDSHGVAQVRFVTGNKILRILKSKGLA
PDLPEDLYHLIKKAVAVRKHLERNRKDKDAKFRLILIESRIHRLARYYKTKRVLPPNWKYESSTASALVA
;
SN
74 'polypeptide(L)'
;EQVISLGPQVAEGENVFGVCHIFASFNDTFVHVTDLSGKETICRVTGGMKVKADRDESSPYAAMLAAQDVAQRCKELGIT
ALHIKLRATGGNRTKTPGPGAQSALRALARSGMKIGRIEDVTPIPSDSTRRKGGRRGRRL
;
SO
75 'polypeptide(L)'
;MQNDAGEFVDLYVPRKCSASNRIIGAKDHASIQMNVAEVDKVTGRFNGQFKTYAICGAIRRMGESDDSILRLAKADGIVS
KNF
;
SV
76 'polypeptide(L)'
;VRMNVLADALKSINNAEKRGKRQVLIRPCSKVIVRFLTVMMKHGYIGEFEIIDDHRAGKIVVNLTGRLNKCGVISPRFDV
QLKDLEKWQNNLLPSRQFGFIVLTTSAGIMDHEEARRKHTGGKILGFFF
;
SW
77 'polypeptide(L)'
;GKCRGLRTARKLRSHRRDQKWHDKQYKKAHLGTALKANPFGGASHAKGIVLEKVGVEAKQPNSAIRKCVRVQLIKNGKKI
TAFVPNDGCLNFIEENDEVLVAGFGRKGHAVGDIPGVRFKVVKVANVSLLALYKGKKERPR
;
SX
78 'polypeptide(L)'
;NDTVTIRTRKFMTNRLLQRKQMVIDVLHPGKATVPKTEIREKLAKMYKTTPDVIFVFGFRTHFGGGKTTGFGMIYDSLDY
AKKNEPKHRLARHGLYEKKKTSRKQRKERKNRMKKVRGTAKANVGAGKKPK
;
SY
79 'polypeptide(L)'
;TKKRRNNGRAKKGRGHVQPIRCTNCARCVPKDKAIKKFVIRNIVEAAAVRDISEASVFDAYVLPKLYVKLHYCVSCAIHS
KVVRNRSREARKDRTPPPRFRP
;
Sa
80 'polypeptide(L)'
;PLAKDLLHPSPEEEKRKHKKKRLVQSPNSYFMDVKCPGCYKITTVFSHAQTVVLCVGCSTVLCQPTGGKARLTEGCSFRR
KQH
;
Sb
81 'polypeptide(L)' VHGSLARAGKVRGQTPKVAKQEKKKKKTGRAKRRMQYNRRFVNVVPTFGKKKGPNANS Se
82 'polyribonucleotide'
;UACCUGGUUGAUCCUGCCAGUAGCAU(A2M)UGCUUGUCUCAAAGAUUAAGCCAUGCAUGUCUAAGUACGCACGGCCGGU
ACAGUGAAACUGCGAA(PSU)GGCUC(A2M)UUAAA(PSU)CAG(PSU)UAUGGU(OMU)CCUU(OMU)GGUCGCUCGCU
CCUCUCCCACUUGGAUAACUGUGGUA(A2M)UUCUAG(A2M)GCUAA(OMU)A(OMC)AUGCCGACGGGCGCUGACCCCC
UUCGCGGGGGGGAUGCGUGCAUUUAUCAGUGGUGACUCUAGAUAACCUCGGGCCGAUCGCACGCCCCCCGUGGCGGCGAC
GACCCAUUCGAACGUC(OMU)GCCCUAUCAACUUUCGAUGGUAGUCGCCGUGCCUACCAUGGUGACCACGGG(PSU)GAC
GGGGAAUCAGGGUUCGAU(OMU)CCGGAGA(OMG)GGAGCCUGAGAAACGGCUACCACAU(OMC)CAAGG(A2M)AGGCA
GCAGGCGCGC(A2M)AAUUACCCACUCCCGACCCGGGGA(OMG)GUAGUGA(OMC)GAAAAAUAACAAUACAGGACUCUU
UCGAGGCCCUGUAAUUGGAAUGAGUCCACUUUAA(A2M)UCCUUUAACGAGGAUCCAUUGGAG(OMG)GCAAGUCUGGUG
CCAGCAGCCGCGG(OMU)AAUUCCAGCUCCAAUA(OMG)CGUA(PSU)A(PSU)UAAAGUUGCUGCAGUU(A2M)AAAAG
CUCGUAG(PSU)U(OMG)GA(PSU)CUUGGGAGCGGGCGUCCCCGCCCUCUCGGCCGGGGCCCGAAGCG(OMU)U(PSU)
ACUUUGAAAAAA(PSU)UAGAGUGUUCAAAGCAGGCCCGAGCCGCCUGGAUACCGCAGCUAGGAA(PSU)AA(PSU)
(OMG)GAAUAGGACCGCGGUUCUAUUUUGUUGGUUUUCGGAACUGAGGCCAUGAUUAAGAGGGACGGCCGGGGGCAUUCG
UAUUGCGCCGCUAGAGGUGAAAU(PSU)CUUGGACCGGCGCAAGACGGACCAGAGCGAAAGCAUU(PSU)GCCAAGAAUG
UUUUCAUUAAUCAAGA(A2M)CGAAAGUCGGAGG(PSU)(PSU)CGAAGACGA(PSU)CAGAUACCGUCGUAGUUCCGAC
CA(PSU)AAACGAUGCCGACCGGCGAUGCGGCGGCGUUAUUCCCAUGACCCGCCGGGCAGCUUCCGGGAAACCAAAGUCU
UUGGGUUCCGGGGGGAGUA(PSU)GG(PSU)UGCAAAGCUGAAACUUAAAGGAAUUGACGGAAGGGCACCACCAGGAGUG
GAGCC(PSU)GCGGCUUAAUU(PSU)GAC(B8N)CAACACGGGAAACCUCACCCGGC(OMC)CGGACACGGACAGGA
(OMU)UGACAGAUUGAUAGCUCUUUCUCGAUUCCGUGGGUGG(OMU)G(OMG)UGCAUGGC(4AC)GUUCUUAGUUGGUG
GAGCGAUUUGUCUGG(PSU)UAAUUCCGAUAACGA(A2M)CGAGACU(OMC)UGGCAUGCUAACUAGUUACGCGACCCCC
GAGCGGUCGGCGUCCCCCAACU(OMU)CUUAGAGGGACAAGUGGCGUUCAGCCACCCGAGAUUGAGCAAUAACA(OMG)G
UCUGUGAUGCCCUUAGAUGUCCGGGGCUGCACGCGCGCUACACUGACUGGCUCAGCGUGUGCCUACCCUACGCCGGCAGG
CGCGGGUAACCCGUUGAACCCCAUUCGUGAUGGGGAUCGGGGAUUGCAAUUAUUCCCCAUGAACGAG(G7M)AAUUCCCA
GUAAGUGCGGGUCAUAAGCUUGCGUUGAUUAAGUCCCUGCCCUUUGUACACACCG(OMC)CCGUCGCUACUACCGAUUGG
AUGGUUUAGUGAGGCCCUCGGAUCGGCCCCGCCGGGGUCGGCCCACGGCCCUGGCGGAGCGCUGAGAAGACGGUCGAACU
UGACUAUCUAGAGGAAGUAAAAGUCGUA(6MZ)CAAGGUUUC(4AC)GUAGGUG(MA6)(MA6)CCUGCGGAAGGAUCAU
UA
;
S2
83 'polypeptide(L)'
;NFTVDQIRAIMDKKANIRNMSVIAHVDHGKSTLTDSLVCKAGIIASARAGETRFTDTRKDEQERCITIKSTAISLFYELS
ENDLNFIKQSKDGAGFLINLIDSPGHVDFSSEVTAALRVTDGALVVVDCVSGVCVQTETVLRQAIAERIKPVLMMNKMDR
ALLELQLEPEELYQTFQRIVENVNVIISTYGEGESGPMGNIMIDPVLGTVGFGSGLHGWAFTLKQFAEMYVAKFAAKGEG
QLGPAERAKKVEDMMKKLWGDRYFDPANGKFSKSATSPEGKKLPRTFCQLILDPIFKVFDAIMNFKKEETAKLIEKLDIK
LDSEDKDKEGKPLLKAVMRRWLPAGDALLQMITIHLPSPVTAQKYRCELLYEGPPDDEAAMGIKSCDPKGPLMMYISKMV
PTSDKGRFYAFGRVFSGLVSTGLKVRIMGPNYTPGKKEDLYLKPIQRTILMMGRYVEPIEDVPCGNIVGLVGVDQFLVKT
GTITTFEHAHNMRVMKFSVSPVVRVAVEAKNPADLPKLVEGLKRLAKSDPMVQCIIEESGEHIIAGAGELHLEICLKDLE
EDHACIPIKKSDPVVSYRETVSEESNVLCLSKSPNKHNRLYMKARPFPDGLAEDIDKGEVSARQELKQRARYLAEKYEWD
VAEARKIWCFGPDGTGPNILTDITKGVQYLNEIKDSVVAGFQWATKEGALCEENMRGVRFDVHDVTLHADAIHRGGGQII
PTARRCLYASVLTAQPRLMEPIYLVEIQCPEQVVGGIYGVLNRKRGHVFEESQVAGTPMFVVKAYLPVNESFGFTADLRS
NTGGQAFPQCVFDHWQILPGDPFDNSSRPSQVVAETRKRKGLKEGIPALDNFLDKL
;
CB
84 'polyribonucleotide' GCCCGGAUAGCUCAGC(N)UGUAGAGCAUCAGACUUUUAAUCUGAGGGUCCAGGGUUCAAGUCCCUGUUCGGGCGCCA Et
#
loop_
_chem_comp.id
_chem_comp.type
_chem_comp.name
_chem_comp.formula
1MA RNA linking 6-HYDRO-1-METHYLADENOSINE-5'-MONOPHOSPHATE 'C11 H16 N5 O7 P'
4AC RNA linking N(4)-ACETYLCYTIDINE-5'-MONOPHOSPHATE 'C11 H16 N3 O9 P'
5MC RNA linking 5-METHYLCYTIDINE-5'-MONOPHOSPHATE 'C10 H16 N3 O8 P'
6MZ RNA linking N6-METHYLADENOSINE-5'-MONOPHOSPHATE 'C11 H16 N5 O7 P'
A RNA linking ADENOSINE-5'-MONOPHOSPHATE 'C10 H14 N5 O7 P'
A2M RNA linking '2'-O-methyladenosine 5'-(dihydrogen phosphate)' 'C11 H16 N5 O7 P'
B8N RNA linking '(2~{R})-2-azanyl-4-[5-[(2~{S},3~{R},4~{S},5~{R})-3,4-bis(oxidanyl)-5-(phosphonooxymethyl)oxolan-2-yl]-3-methyl-2,6-bis(oxidanylidene)pyrimidin-1-yl]butanoic acid' 'C14 H22 N3 O11 P'
C RNA linking CYTIDINE-5'-MONOPHOSPHATE 'C9 H14 N3 O8 P'
G RNA linking GUANOSINE-5'-MONOPHOSPHATE 'C10 H14 N5 O8 P'
G7M RNA linking N7-METHYL-GUANOSINE-5'-MONOPHOSPHATE 'C11 H17 N5 O8 P 1'
MA6 RNA linking 6N-DIMETHYLADENOSINE-5'-MONOPHOSHATE 'C12 H18 N5 O7 P'
MG non-polymer 'MAGNESIUM ION' 'Mg 2'
N RNA linking 'ANY 5'-MONOPHOSPHATE NUCLEOTIDE' 'C5 H11 O7 P'
OMC RNA linking O2'-METHYLYCYTIDINE-5'-MONOPHOSPHATE 'C10 H16 N3 O8 P'
OMG RNA linking O2'-METHYLGUANOSINE-5'-MONOPHOSPHATE 'C11 H16 N5 O8 P'
OMU RNA linking 'O2'-METHYLURIDINE 5'-MONOPHOSPHATE' 'C10 H15 N2 O9 P'
PSU RNA linking PSEUDOURIDINE-5'-MONOPHOSPHATE 'C9 H13 N2 O9 P'
SPD non-polymer SPERMIDINE 'C7 H19 N3'
SPM non-polymer SPERMINE 'C10 H26 N4'
U RNA linking URIDINE-5'-MONOPHOSPHATE 'C9 H13 N2 O9 P'
UR3 RNA linking 3-METHYLURIDINE-5'-MONOPHOSHATE 'C10 H15 N2 O9 P'
UY1 RNA linking 2'-O-methylpseudouridine-5'-monophosphate 'C10 H15 N2 O9 P'
ZN non-polymer 'ZINC ION' 'Zn 2'
#
# COMPACT_ATOMS: atom_id res chain seq x y z
N ILE A 1 95.41 63.07 -30.55
CA ILE A 1 96.18 62.05 -29.86
C ILE A 1 95.66 61.88 -28.43
N MET A 2 96.07 60.80 -27.77
CA MET A 2 95.58 60.47 -26.44
C MET A 2 96.67 60.73 -25.42
N ASN A 3 96.31 61.44 -24.35
CA ASN A 3 97.15 61.54 -23.17
C ASN A 3 96.35 61.06 -21.96
N GLN A 4 96.99 61.11 -20.79
CA GLN A 4 96.40 60.53 -19.59
C GLN A 4 95.10 61.24 -19.20
N GLU A 5 95.06 62.56 -19.35
CA GLU A 5 93.85 63.30 -19.02
C GLU A 5 92.72 62.93 -19.97
N LYS A 6 93.01 62.79 -21.26
CA LYS A 6 92.00 62.45 -22.24
C LYS A 6 91.49 61.03 -22.06
N LEU A 7 92.39 60.10 -21.72
CA LEU A 7 91.99 58.71 -21.55
C LEU A 7 91.07 58.52 -20.35
N ALA A 8 91.40 59.15 -19.22
CA ALA A 8 90.65 58.93 -17.99
C ALA A 8 89.21 59.42 -18.11
N LYS A 9 88.97 60.44 -18.91
CA LYS A 9 87.61 60.92 -19.14
C LYS A 9 86.94 60.20 -20.30
N LEU A 10 87.72 59.67 -21.24
CA LEU A 10 87.16 58.90 -22.34
C LEU A 10 86.46 57.65 -21.84
N GLN A 11 87.00 57.01 -20.80
CA GLN A 11 86.38 55.83 -20.22
C GLN A 11 84.94 56.11 -19.80
N ALA A 12 84.65 57.34 -19.38
CA ALA A 12 83.30 57.66 -18.95
C ALA A 12 82.33 57.69 -20.13
N GLN A 13 82.68 58.41 -21.20
CA GLN A 13 81.69 58.64 -22.25
C GLN A 13 81.39 57.36 -23.04
N VAL A 14 82.37 56.46 -23.18
CA VAL A 14 82.12 55.25 -23.94
C VAL A 14 81.22 54.28 -23.17
N ARG A 15 81.14 54.40 -21.86
CA ARG A 15 80.28 53.55 -21.04
C ARG A 15 78.92 54.23 -20.92
N ILE A 16 77.91 53.64 -21.55
CA ILE A 16 76.54 54.15 -21.48
C ILE A 16 75.63 53.18 -20.75
N GLY A 17 76.22 52.27 -19.97
CA GLY A 17 75.42 51.31 -19.24
C GLY A 17 76.32 50.43 -18.38
N GLY A 18 75.69 49.54 -17.64
CA GLY A 18 76.38 48.62 -16.78
C GLY A 18 77.01 47.48 -17.56
N LYS A 19 77.50 46.50 -16.81
CA LYS A 19 78.15 45.34 -17.41
C LYS A 19 77.18 44.58 -18.30
N GLY A 20 77.62 44.26 -19.51
CA GLY A 20 76.81 43.53 -20.45
C GLY A 20 76.07 44.37 -21.46
N THR A 21 76.40 45.66 -21.57
CA THR A 21 75.80 46.53 -22.56
C THR A 21 76.86 47.00 -23.55
N ALA A 22 76.42 47.27 -24.77
CA ALA A 22 77.35 47.68 -25.82
C ALA A 22 77.95 49.04 -25.52
N ARG A 23 79.20 49.21 -25.93
CA ARG A 23 79.89 50.47 -25.71
C ARG A 23 79.50 51.49 -26.76
N ARG A 24 79.58 52.77 -26.38
CA ARG A 24 79.35 53.85 -27.32
C ARG A 24 80.47 53.90 -28.36
N LYS A 25 80.09 54.07 -29.62
CA LYS A 25 81.08 54.07 -30.68
C LYS A 25 81.64 55.46 -30.95
N LYS A 26 80.77 56.47 -31.04
CA LYS A 26 81.22 57.81 -31.39
C LYS A 26 80.21 58.83 -30.89
N LYS A 27 80.69 60.08 -30.77
CA LYS A 27 79.82 61.23 -30.55
C LYS A 27 80.43 62.38 -31.33
N VAL A 28 79.96 62.58 -32.56
CA VAL A 28 80.56 63.52 -33.48
C VAL A 28 79.57 64.67 -33.70
N VAL A 29 80.07 65.89 -33.59
CA VAL A 29 79.30 67.08 -33.90
C VAL A 29 79.75 67.60 -35.26
N HIS A 30 78.79 67.97 -36.10
CA HIS A 30 79.07 68.53 -37.42
C HIS A 30 77.95 69.50 -37.77
N ARG A 31 78.32 70.70 -38.17
CA ARG A 31 77.32 71.69 -38.56
C ARG A 31 77.38 71.92 -40.07
P A2M B 398 40.06 85.52 -12.06
OP1 A2M B 398 38.61 85.66 -12.40
O5' A2M B 398 40.50 85.94 -10.35
C5' A2M B 398 39.91 85.22 -9.39
C4' A2M B 398 40.84 85.15 -8.19
O4' A2M B 398 42.14 84.93 -8.62
C3' A2M B 398 40.84 86.45 -7.44
O3' A2M B 398 39.62 86.58 -6.80
C2' A2M B 398 42.14 86.34 -6.66
O2' A2M B 398 42.10 85.40 -5.63
C1' A2M B 398 42.96 85.78 -7.83
CM' A2M B 398 43.35 85.32 -5.02
N9 A2M B 398 43.60 86.75 -8.67
C8 A2M B 398 43.29 87.28 -9.93
N7 A2M B 398 44.18 88.19 -10.35
C5 A2M B 398 45.10 88.24 -9.31
C6 A2M B 398 46.26 88.96 -9.09
N6 A2M B 398 46.73 89.86 -10.02
N1 A2M B 398 46.99 88.84 -7.97
C2 A2M B 398 46.53 87.95 -7.06
N3 A2M B 398 45.43 87.18 -7.10
C4 A2M B 398 44.75 87.36 -8.26
OP2 A2M B 398 41.04 86.51 -12.62
P A2M B 400 40.76 93.47 -2.89
OP1 A2M B 400 39.60 93.61 -1.96
O5' A2M B 400 42.18 94.48 -2.51
C5' A2M B 400 42.87 94.14 -1.41
C4' A2M B 400 44.08 95.03 -1.32
O4' A2M B 400 45.04 94.58 -2.26
C3' A2M B 400 43.72 96.44 -1.68
O3' A2M B 400 43.12 96.97 -0.57
C2' A2M B 400 45.03 97.00 -2.19
O2' A2M B 400 45.92 97.30 -1.15
C1' A2M B 400 45.50 95.74 -2.92
CM' A2M B 400 47.18 97.60 -1.68
N9 A2M B 400 45.16 95.60 -4.31
C8 A2M B 400 44.16 94.89 -4.97
N7 A2M B 400 44.20 95.04 -6.30
C5 A2M B 400 45.28 95.88 -6.49
C6 A2M B 400 45.88 96.42 -7.60
N6 A2M B 400 45.41 96.16 -8.88
N1 A2M B 400 46.95 97.24 -7.54
C2 A2M B 400 47.40 97.48 -6.29
N3 A2M B 400 46.96 97.05 -5.11
C4 A2M B 400 45.89 96.24 -5.27
OP2 A2M B 400 40.66 94.01 -4.29
P OMG B 913 -3.47 68.79 13.98
OP1 OMG B 913 -4.36 70.01 13.91
OP2 OMG B 913 -3.73 67.67 15.00
O5' OMG B 913 -3.41 68.13 12.54
C5' OMG B 913 -3.57 68.93 11.38
C4' OMG B 913 -3.41 68.11 10.13
O4' OMG B 913 -2.12 67.45 10.12
C3' OMG B 913 -4.39 66.98 9.93
O3' OMG B 913 -5.66 67.41 9.50
C2' OMG B 913 -3.66 66.12 8.91
O2' OMG B 913 -3.69 66.74 7.64
CM2 OMG B 913 -3.12 65.95 6.61
C1' OMG B 913 -2.23 66.21 9.45
N9 OMG B 913 -1.93 65.13 10.40
C8 OMG B 913 -1.84 65.23 11.75
N7 OMG B 913 -1.55 64.08 12.29
C5 OMG B 913 -1.44 63.21 11.24
C6 OMG B 913 -1.15 61.83 11.22
O6 OMG B 913 -0.91 61.09 12.15
N1 OMG B 913 -1.16 61.34 9.91
C2 OMG B 913 -1.40 62.07 8.80
N2 OMG B 913 -1.36 61.43 7.64
N3 OMG B 913 -1.67 63.35 8.83
C4 OMG B 913 -1.68 63.85 10.05
P 1MA B 919 -8.53 59.32 19.31
OP1 1MA B 919 -8.56 60.70 19.93
OP2 1MA B 919 -9.18 59.09 17.97
O5' 1MA B 919 -7.02 58.87 19.20
C5' 1MA B 919 -6.18 58.86 20.34
C4' 1MA B 919 -4.72 59.00 19.95
O4' 1MA B 919 -4.32 57.85 19.17
C3' 1MA B 919 -4.38 60.24 19.13
O3' 1MA B 919 -3.15 60.79 19.59
C2' 1MA B 919 -4.19 59.68 17.72
O2' 1MA B 919 -3.32 60.42 16.91
C1' 1MA B 919 -3.63 58.29 18.01
N9 1MA B 919 -3.86 57.31 16.96
C8 1MA B 919 -4.56 57.49 15.81
N7 1MA B 919 -4.59 56.42 15.08
C5 1MA B 919 -3.86 55.51 15.78
C6 1MA B 919 -3.55 54.15 15.47
N6 1MA B 919 -3.93 53.56 14.40
N1 1MA B 919 -2.78 53.56 16.48
CM1 1MA B 919 -2.39 52.18 16.29
C2 1MA B 919 -2.40 54.21 17.60
N3 1MA B 919 -2.68 55.44 17.89
C4 1MA B 919 -3.41 56.04 16.95
P A2M B 920 -3.15 61.94 20.69
OP1 A2M B 920 -4.00 61.59 21.86
O5' A2M B 920 -1.43 62.23 21.06
C5' A2M B 920 -0.68 62.78 20.09
C4' A2M B 920 0.71 62.19 20.11
O4' A2M B 920 1.04 61.91 21.44
C3' A2M B 920 0.76 60.90 19.34
O3' A2M B 920 0.89 61.24 18.01
C2' A2M B 920 1.86 60.12 20.04
O2' A2M B 920 3.14 60.50 19.67
C1' A2M B 920 1.59 60.61 21.46
CM' A2M B 920 4.03 59.43 19.75
N9 A2M B 920 0.81 59.81 22.37
C8 A2M B 920 -0.36 60.05 23.08
N7 A2M B 920 -0.74 59.03 23.84
C5 A2M B 920 0.24 58.08 23.60
C6 A2M B 920 0.45 56.81 24.07
N6 A2M B 920 -0.41 56.22 24.97
N1 A2M B 920 1.50 56.06 23.70
C2 A2M B 920 2.34 56.65 22.83
N3 A2M B 920 2.29 57.86 22.27
C4 A2M B 920 1.22 58.54 22.71
OP2 A2M B 920 -3.32 63.28 20.05
P A2M B 923 1.27 50.78 15.95
OP1 A2M B 923 0.72 51.84 16.85
O5' A2M B 923 1.51 51.96 14.60
C5' A2M B 923 1.97 51.47 13.44
C4' A2M B 923 0.94 51.74 12.35
O4' A2M B 923 -0.24 52.15 12.97
C3' A2M B 923 1.38 52.84 11.41
O3' A2M B 923 2.25 52.26 10.51
C2' A2M B 923 0.04 53.36 10.91
O2' A2M B 923 -0.53 52.54 9.93
C1' A2M B 923 -0.73 53.22 12.22
CM' A2M B 923 -1.84 52.93 9.66
N9 A2M B 923 -0.80 54.37 13.07
C8 A2M B 923 -0.24 54.65 14.32
N7 A2M B 923 -0.56 55.86 14.77
C5 A2M B 923 -1.37 56.37 13.76
C6 A2M B 923 -2.03 57.56 13.58
N6 A2M B 923 -1.98 58.57 14.53
N1 A2M B 923 -2.77 57.83 12.49
C2 A2M B 923 -2.81 56.85 11.58
N3 A2M B 923 -2.23 55.65 11.58
C4 A2M B 923 -1.53 55.46 12.71
OP2 A2M B 923 0.45 49.57 15.65
N1 OMC B 937 -18.28 76.15 -15.26
C2 OMC B 937 -18.65 74.90 -15.75
N3 OMC B 937 -19.13 73.99 -14.89
C4 OMC B 937 -19.24 74.24 -13.62
C5 OMC B 937 -18.87 75.48 -13.06
C6 OMC B 937 -18.41 76.38 -13.94
O2 OMC B 937 -18.55 74.66 -16.95
N4 OMC B 937 -19.73 73.28 -12.82
C1' OMC B 937 -17.72 77.21 -16.13
C2' OMC B 937 -18.79 77.95 -16.91
O2' OMC B 937 -18.22 78.39 -18.14
CM2 OMC B 937 -17.76 77.35 -18.97
C3' OMC B 937 -19.04 79.14 -16.00
C4' OMC B 937 -17.63 79.46 -15.50
O4' OMC B 937 -17.04 78.15 -15.34
O3' OMC B 937 -19.70 80.23 -16.61
C5' OMC B 937 -17.56 80.21 -14.20
O5' OMC B 937 -18.27 79.52 -13.18
P OMC B 937 -17.96 79.79 -11.65
OP1 OMC B 937 -17.94 81.29 -11.44
OP2 OMC B 937 -18.88 78.91 -10.82
P OMG B 1119 -4.56 61.73 -12.74
OP1 OMG B 1119 -3.82 61.59 -14.04
OP2 OMG B 1119 -6.03 62.13 -12.73
O5' OMG B 1119 -4.44 60.36 -11.95
C5' OMG B 1119 -3.18 59.84 -11.61
C4' OMG B 1119 -3.30 58.65 -10.69
O4' OMG B 1119 -3.91 59.04 -9.44
C3' OMG B 1119 -4.19 57.53 -11.19
O3' OMG B 1119 -3.57 56.74 -12.17
C2' OMG B 1119 -4.52 56.79 -9.90
O2' OMG B 1119 -3.43 55.97 -9.50
CM2 OMG B 1119 -3.85 54.79 -8.87
C1' OMG B 1119 -4.65 57.96 -8.91
N9 OMG B 1119 -6.06 58.36 -8.80
C8 OMG B 1119 -6.72 59.35 -9.48
N7 OMG B 1119 -7.96 59.40 -9.17
C5 OMG B 1119 -8.15 58.40 -8.25
C6 OMG B 1119 -9.31 57.98 -7.57
O6 OMG B 1119 -10.43 58.44 -7.62
N1 OMG B 1119 -9.02 56.91 -6.73
C2 OMG B 1119 -7.80 56.32 -6.57
N2 OMG B 1119 -7.74 55.29 -5.72
N3 OMG B 1119 -6.75 56.70 -7.20
C4 OMG B 1119 -6.97 57.74 -8.02
P A2M B 1121 -2.69 50.81 -15.48
OP1 A2M B 1121 -1.38 51.32 -15.96
O5' A2M B 1121 -2.81 49.05 -15.30
C5' A2M B 1121 -2.53 48.57 -14.08
C4' A2M B 1121 -3.38 47.37 -13.82
O4' A2M B 1121 -4.54 47.74 -13.17
C3' A2M B 1121 -3.81 46.74 -15.11
O3' A2M B 1121 -2.70 46.15 -15.67
C2' A2M B 1121 -4.99 45.88 -14.68
O2' A2M B 1121 -4.64 44.59 -14.31
C1' A2M B 1121 -5.42 46.67 -13.42
CM' A2M B 1121 -5.46 43.67 -14.95
N9 A2M B 1121 -6.78 47.12 -13.42
C8 A2M B 1121 -7.90 46.67 -12.74
N7 A2M B 1121 -9.01 47.35 -13.05
C5 A2M B 1121 -8.57 48.27 -13.97
C6 A2M B 1121 -9.20 49.28 -14.68
N6 A2M B 1121 -10.54 49.54 -14.54
N1 A2M B 1121 -8.53 50.06 -15.54
C2 A2M B 1121 -7.22 49.81 -15.67
N3 A2M B 1121 -6.47 48.89 -15.07
C4 A2M B 1121 -7.19 48.15 -14.22
OP2 A2M B 1121 -3.89 50.90 -16.37
P A2M B 1131 18.10 41.69 -36.74
OP1 A2M B 1131 17.91 42.65 -37.87
O5' A2M B 1131 18.23 43.00 -35.49
C5' A2M B 1131 19.01 44.06 -35.79
C4' A2M B 1131 20.37 43.97 -35.09
O4' A2M B 1131 21.07 45.14 -35.33
C3' A2M B 1131 20.25 43.83 -33.59
O3' A2M B 1131 21.44 43.25 -33.22
C2' A2M B 1131 20.04 45.26 -33.15
O2' A2M B 1131 20.49 45.51 -31.85
C1' A2M B 1131 21.02 45.91 -34.15
CM' A2M B 1131 19.67 44.88 -30.93
N9 A2M B 1131 20.75 47.25 -34.53
C8 A2M B 1131 19.65 47.84 -35.12
N7 A2M B 1131 19.80 49.14 -35.34
C5 A2M B 1131 21.07 49.40 -34.88
C6 A2M B 1131 21.84 50.53 -34.81
N6 A2M B 1131 21.37 51.74 -35.27
N1 A2M B 1131 23.08 50.54 -34.32
C2 A2M B 1131 23.53 49.34 -33.88
N3 A2M B 1131 22.93 48.16 -33.86
C4 A2M B 1131 21.68 48.24 -34.37
OP2 A2M B 1131 19.24 40.72 -36.80
N1 PSU B 1133 17.82 38.23 -32.19
C2 PSU B 1133 16.60 38.37 -32.80
N3 PSU B 1133 15.45 38.03 -32.12
C4 PSU B 1133 15.55 37.55 -30.83
C5 PSU B 1133 16.79 37.42 -30.23
C6 PSU B 1133 17.92 37.77 -30.94
O2 PSU B 1133 16.52 38.79 -33.94
O4 PSU B 1133 14.52 37.26 -30.23
C1' PSU B 1133 16.94 36.90 -28.83
C2' PSU B 1133 16.63 35.41 -28.75
O2' PSU B 1133 16.10 35.13 -27.47
C3' PSU B 1133 18.02 34.82 -28.89
C4' PSU B 1133 18.87 35.79 -28.13
O3' PSU B 1133 18.15 33.50 -28.40
O4' PSU B 1133 18.28 37.08 -28.44
C5' PSU B 1133 20.32 35.77 -28.50
O5' PSU B 1133 20.92 37.03 -28.35
P PSU B 1133 21.87 37.61 -29.48
OP1 PSU B 1133 23.21 37.04 -29.28
OP2 PSU B 1133 21.24 37.50 -30.81
N1 PSU B 1179 40.14 21.14 -26.19
C2 PSU B 1179 40.06 21.62 -27.48
N3 PSU B 1179 40.93 22.59 -27.89
C4 PSU B 1179 41.88 23.08 -27.03
C5 PSU B 1179 41.95 22.60 -25.73
C6 PSU B 1179 41.06 21.61 -25.34
O2 PSU B 1179 39.22 21.18 -28.24
O4 PSU B 1179 42.64 23.96 -27.45
C1' PSU B 1179 42.95 23.05 -24.71
C2' PSU B 1179 42.98 24.56 -24.49
O2' PSU B 1179 44.29 24.91 -24.07
C3' PSU B 1179 42.00 24.72 -23.34
C4' PSU B 1179 42.25 23.48 -22.52
O3' PSU B 1179 42.19 25.91 -22.59
O4' PSU B 1179 42.56 22.46 -23.49
C5' PSU B 1179 41.09 23.03 -21.67
O5' PSU B 1179 41.45 21.94 -20.84
P PSU B 1179 40.37 21.24 -19.92
OP1 PSU B 1179 40.21 21.98 -18.66
OP2 PSU B 1179 39.18 20.97 -20.75
P OMG B 1222 -2.82 42.23 -31.75
OP1 OMG B 1222 -3.15 42.83 -33.11
OP2 OMG B 1222 -3.06 43.05 -30.49
O5' OMG B 1222 -3.61 40.87 -31.59
C5' OMG B 1222 -3.84 40.03 -32.71
C4' OMG B 1222 -3.60 38.58 -32.39
O4' OMG B 1222 -2.96 38.46 -31.10
C3' OMG B 1222 -4.85 37.71 -32.32
O3' OMG B 1222 -4.52 36.38 -32.68
C2' OMG B 1222 -5.19 37.76 -30.84
O2' OMG B 1222 -5.95 36.66 -30.38
CM2 OMG B 1222 -7.27 36.61 -30.88
C1' OMG B 1222 -3.81 37.78 -30.19
N9 OMG B 1222 -3.77 38.52 -28.92
C8 OMG B 1222 -3.11 39.70 -28.73
N7 OMG B 1222 -3.22 40.14 -27.52
C5 OMG B 1222 -3.98 39.20 -26.89
C6 OMG B 1222 -4.42 39.16 -25.54
O6 OMG B 1222 -4.21 39.95 -24.65
N1 OMG B 1222 -5.18 38.01 -25.30
C2 OMG B 1222 -5.46 37.05 -26.23
N2 OMG B 1222 -6.21 36.02 -25.81
N3 OMG B 1222 -5.06 37.10 -27.47
C4 OMG B 1222 -4.33 38.18 -27.74
N1 PSU B 1274 -30.12 43.60 -0.96
C2 PSU B 1274 -30.62 43.39 0.29
N3 PSU B 1274 -30.09 44.06 1.37
C4 PSU B 1274 -29.06 44.94 1.17
C5 PSU B 1274 -28.56 45.15 -0.10
C6 PSU B 1274 -29.11 44.48 -1.17
O2 PSU B 1274 -31.54 42.60 0.45
O4 PSU B 1274 -28.59 45.55 2.13
C1' PSU B 1274 -27.44 46.12 -0.31
C2' PSU B 1274 -26.29 45.48 -1.07
O2' PSU B 1274 -25.46 44.73 -0.22
C3' PSU B 1274 -25.62 46.70 -1.68
C4' PSU B 1274 -26.80 47.63 -1.98
O3' PSU B 1274 -24.79 47.31 -0.70
O4' PSU B 1274 -27.89 47.16 -1.14
C5' PSU B 1274 -27.23 47.65 -3.42
O5' PSU B 1274 -26.79 46.50 -4.11
P PSU B 1274 -26.28 46.59 -5.60
OP1 PSU B 1274 -27.37 47.07 -6.46
OP2 PSU B 1274 -25.00 47.31 -5.56
N1 PSU B 1280 -32.51 58.18 2.90
C2 PSU B 1280 -32.18 57.60 4.10
N3 PSU B 1280 -33.11 56.85 4.78
C4 PSU B 1280 -34.36 56.71 4.26
C5 PSU B 1280 -34.69 57.30 3.06
C6 PSU B 1280 -33.72 58.04 2.39
O2 PSU B 1280 -31.06 57.74 4.56
O4 PSU B 1280 -35.20 56.05 4.87
C1' PSU B 1280 -36.05 57.15 2.48
C2' PSU B 1280 -37.01 58.11 3.18
O2' PSU B 1280 -38.29 57.52 3.20
C3' PSU B 1280 -36.99 59.30 2.24
C4' PSU B 1280 -36.91 58.63 0.88
O3' PSU B 1280 -38.09 60.17 2.38
O4' PSU B 1280 -36.04 57.49 1.11
C5' PSU B 1280 -36.37 59.47 -0.24
O5' PSU B 1280 -35.10 60.00 0.10
P PSU B 1280 -34.24 60.81 -0.96
OP1 PSU B 1280 -35.16 61.78 -1.59
OP2 PSU B 1280 -33.01 61.27 -0.30
N1 PSU B 1341 -50.55 21.27 35.74
C2 PSU B 1341 -49.31 21.82 35.88
N3 PSU B 1341 -48.58 22.19 34.77
C4 PSU B 1341 -49.10 21.98 33.52
C5 PSU B 1341 -50.35 21.40 33.38
C6 PSU B 1341 -51.07 21.05 34.51
O2 PSU B 1341 -48.85 22.01 37.00
O4 PSU B 1341 -48.45 22.30 32.53
C1' PSU B 1341 -50.95 21.19 32.03
C2' PSU B 1341 -50.38 19.96 31.33
O2' PSU B 1341 -50.28 20.23 29.94
C3' PSU B 1341 -51.47 18.92 31.59
C4' PSU B 1341 -52.73 19.76 31.57
O3' PSU B 1341 -51.51 17.87 30.65
O4' PSU B 1341 -52.34 21.01 32.16
C5' PSU B 1341 -53.89 19.17 32.34
O5' PSU B 1341 -53.46 18.75 33.63
P PSU B 1341 -54.45 18.02 34.62
OP1 PSU B 1341 -55.11 16.94 33.86
OP2 PSU B 1341 -53.71 17.72 35.85
N1 PSU B 1378 -50.95 12.69 49.01
C2 PSU B 1378 -49.72 12.09 48.83
N3 PSU B 1378 -48.90 11.88 49.91
C4 PSU B 1378 -49.30 12.26 51.16
C5 PSU B 1378 -50.54 12.86 51.33
C6 PSU B 1378 -51.35 13.06 50.23
O2 PSU B 1378 -49.36 11.75 47.70
O4 PSU B 1378 -48.55 12.06 52.10
C1' PSU B 1378 -51.04 13.31 52.67
C2' PSU B 1378 -50.16 14.40 53.25
O2' PSU B 1378 -50.23 14.35 54.66
C3' PSU B 1378 -50.85 15.65 52.74
C4' PSU B 1378 -52.32 15.27 52.87
O3' PSU B 1378 -50.52 16.82 53.45
O4' PSU B 1378 -52.33 13.86 52.52
C5' PSU B 1378 -53.27 16.03 51.97
O5' PSU B 1378 -54.60 15.93 52.44
P PSU B 1378 -55.83 16.17 51.46
OP1 PSU B 1378 -56.53 17.40 51.86
OP2 PSU B 1378 -55.34 15.99 50.07
N1 PSU B 1379 -48.07 15.02 48.99
C2 PSU B 1379 -47.41 14.54 47.89
N3 PSU B 1379 -46.13 14.03 48.02
C4 PSU B 1379 -45.53 14.01 49.25
C5 PSU B 1379 -46.21 14.49 50.35
C6 PSU B 1379 -47.49 15.00 50.20
O2 PSU B 1379 -47.94 14.57 46.79
O4 PSU B 1379 -44.40 13.55 49.35
C1' PSU B 1379 -45.57 14.48 51.71
C2' PSU B 1379 -44.50 15.56 51.80
O2' PSU B 1379 -43.51 15.14 52.71
C3' PSU B 1379 -45.31 16.72 52.38
C4' PSU B 1379 -46.19 16.00 53.37
O3' PSU B 1379 -44.52 17.74 52.95
O4' PSU B 1379 -46.54 14.77 52.70
C5' PSU B 1379 -47.44 16.74 53.77
O5' PSU B 1379 -48.17 17.15 52.63
P PSU B 1379 -49.56 17.92 52.78
OP1 PSU B 1379 -49.39 19.03 53.74
OP2 PSU B 1379 -50.05 18.18 51.42
N1 PSU B 1389 -52.02 33.84 39.13
C2 PSU B 1389 -50.70 34.10 39.42
N3 PSU B 1389 -50.34 34.51 40.68
C4 PSU B 1389 -51.30 34.65 41.64
C5 PSU B 1389 -52.63 34.39 41.34
C6 PSU B 1389 -52.97 33.98 40.06
O2 PSU B 1389 -49.84 33.97 38.55
O4 PSU B 1389 -50.96 35.02 42.76
C1' PSU B 1389 -53.70 34.53 42.38
C2' PSU B 1389 -53.95 35.99 42.73
O2' PSU B 1389 -54.29 36.06 44.10
C3' PSU B 1389 -55.15 36.32 41.86
C4' PSU B 1389 -55.94 35.04 41.91
O3' PSU B 1389 -55.88 37.44 42.32
O4' PSU B 1389 -54.92 34.00 41.90
C5' PSU B 1389 -56.91 34.81 40.77
O5' PSU B 1389 -56.22 34.59 39.55
P PSU B 1389 -57.02 34.27 38.21
OP1 PSU B 1389 -58.30 35.01 38.23
OP2 PSU B 1389 -56.09 34.46 37.09
N1 PSU B 1457 -26.43 47.67 33.79
C2 PSU B 1457 -27.02 47.80 32.55
N3 PSU B 1457 -28.35 48.11 32.46
C4 PSU B 1457 -29.10 48.27 33.60
C5 PSU B 1457 -28.50 48.12 34.84
C6 PSU B 1457 -27.15 47.82 34.91
O2 PSU B 1457 -26.35 47.66 31.55
O4 PSU B 1457 -30.30 48.54 33.52
C1' PSU B 1457 -29.31 48.29 36.09
C2' PSU B 1457 -30.07 47.01 36.40
O2' PSU B 1457 -31.27 47.36 37.07
C3' PSU B 1457 -29.11 46.33 37.37
C4' PSU B 1457 -28.57 47.50 38.16
O3' PSU B 1457 -29.72 45.34 38.17
O4' PSU B 1457 -28.47 48.56 37.19
C5' PSU B 1457 -27.24 47.29 38.83
O5' PSU B 1457 -26.26 46.89 37.90
P PSU B 1457 -24.71 47.01 38.25
OP1 PSU B 1457 -24.51 46.37 39.57
OP2 PSU B 1457 -23.89 46.56 37.11
N1 PSU B 1459 -28.17 41.43 32.21
C2 PSU B 1459 -27.09 41.62 31.38
N3 PSU B 1459 -27.23 41.49 30.02
C4 PSU B 1459 -28.46 41.18 29.50
C5 PSU B 1459 -29.54 40.99 30.35
C6 PSU B 1459 -29.37 41.12 31.71
O2 PSU B 1459 -25.99 41.90 31.85
O4 PSU B 1459 -28.58 41.07 28.28
C1' PSU B 1459 -30.89 40.64 29.79
C2' PSU B 1459 -30.88 39.18 29.37
O2' PSU B 1459 -31.73 39.03 28.25
C3' PSU B 1459 -31.48 38.51 30.60
C4' PSU B 1459 -32.54 39.51 31.01
O3' PSU B 1459 -32.00 37.22 30.36
O4' PSU B 1459 -31.90 40.79 30.77
C5' PSU B 1459 -33.00 39.41 32.44
O5' PSU B 1459 -31.93 39.66 33.34
P PSU B 1459 -32.21 39.84 34.90
OP1 PSU B 1459 -33.11 38.76 35.33
OP2 PSU B 1459 -30.89 40.02 35.52
P A2M B 1468 -16.83 42.06 20.71
OP1 A2M B 1468 -16.29 42.89 19.60
O5' A2M B 1468 -18.34 41.15 20.32
C5' A2M B 1468 -18.28 40.37 19.24
C4' A2M B 1468 -19.50 39.47 19.19
O4' A2M B 1468 -19.47 38.57 20.26
C3' A2M B 1468 -20.79 40.23 19.35
O3' A2M B 1468 -20.96 41.00 18.23
C2' A2M B 1468 -21.73 39.10 19.64
O2' A2M B 1468 -21.91 38.24 18.55
C1' A2M B 1468 -20.81 38.43 20.66
CM' A2M B 1468 -23.17 37.62 18.61
N9 A2M B 1468 -20.94 38.94 21.99
C8 A2M B 1468 -20.14 39.74 22.78
N7 A2M B 1468 -20.67 39.97 23.99
C5 A2M B 1468 -21.85 39.27 23.94
C6 A2M B 1468 -22.87 39.07 24.84
N6 A2M B 1468 -22.86 39.63 26.10
N1 A2M B 1468 -23.94 38.33 24.56
C2 A2M B 1468 -23.97 37.77 23.34
N3 A2M B 1468 -23.09 37.86 22.35
C4 A2M B 1468 -22.04 38.62 22.72
OP2 A2M B 1468 -17.48 42.73 21.88
N1 OMC B 1812 2.36 67.99 -3.54
C2 OMC B 1812 2.23 69.28 -4.08
N3 OMC B 1812 2.64 70.33 -3.34
C4 OMC B 1812 3.17 70.18 -2.16
C5 OMC B 1812 3.32 68.91 -1.57
C6 OMC B 1812 2.90 67.87 -2.30
O2 OMC B 1812 1.74 69.45 -5.19
N4 OMC B 1812 3.56 71.26 -1.51
C1' OMC B 1812 1.94 66.75 -4.21
C2' OMC B 1812 2.68 66.50 -5.52
O2' OMC B 1812 1.84 65.75 -6.40
CM2 OMC B 1812 0.50 66.14 -6.48
C3' OMC B 1812 3.84 65.64 -5.05
C4' OMC B 1812 3.22 64.81 -3.93
O4' OMC B 1812 2.21 65.67 -3.35
O3' OMC B 1812 4.37 64.83 -6.08
C5' OMC B 1812 4.18 64.37 -2.86
O5' OMC B 1812 5.17 63.52 -3.39
P OMC B 1812 6.46 63.15 -2.55
OP1 OMC B 1812 7.32 62.22 -3.39
OP2 OMC B 1812 7.04 64.45 -2.03
P A2M B 1824 35.33 56.48 6.34
OP1 A2M B 1824 36.01 55.53 7.27
O5' A2M B 1824 34.23 55.69 5.15
C5' A2M B 1824 33.37 54.80 5.64
C4' A2M B 1824 32.34 54.43 4.59
O4' A2M B 1824 31.70 55.61 4.20
C3' A2M B 1824 32.98 53.82 3.37
O3' A2M B 1824 33.24 52.50 3.68
C2' A2M B 1824 31.95 54.13 2.29
O2' A2M B 1824 30.82 53.31 2.35
C1' A2M B 1824 31.57 55.53 2.80
CM' A2M B 1824 30.88 52.31 1.36
N9 A2M B 1824 32.24 56.65 2.22
C8 A2M B 1824 33.11 57.60 2.74
N7 A2M B 1824 33.50 58.50 1.85
C5 A2M B 1824 32.86 58.12 0.70
C6 A2M B 1824 32.82 58.60 -0.58
N6 A2M B 1824 33.54 59.72 -0.94
N1 A2M B 1824 32.10 58.03 -1.56
C2 A2M B 1824 31.41 56.94 -1.19
N3 A2M B 1824 31.32 56.34 -0.02
C4 A2M B 1824 32.07 56.98 0.91
OP2 A2M B 1824 36.13 57.16 5.27
P OMG B 1825 34.74 51.92 3.58
OP1 OMG B 1825 34.64 50.41 3.50
OP2 OMG B 1825 35.58 52.55 4.67
O5' OMG B 1825 35.27 52.46 2.19
C5' OMG B 1825 34.89 51.86 0.97
C4' OMG B 1825 34.76 52.88 -0.13
O4' OMG B 1825 34.44 54.16 0.44
C3' OMG B 1825 36.03 53.14 -0.93
O3' OMG B 1825 36.24 52.16 -1.93
C2' OMG B 1825 35.78 54.53 -1.49
O2' OMG B 1825 34.95 54.46 -2.65
CM2 OMG B 1825 34.63 55.72 -3.20
C1' OMG B 1825 34.98 55.19 -0.37
N9 OMG B 1825 35.79 56.08 0.47
C8 OMG B 1825 36.08 55.90 1.80
N7 OMG B 1825 36.81 56.86 2.27
C5 OMG B 1825 36.99 57.71 1.23
C6 OMG B 1825 37.68 58.94 1.15
O6 OMG B 1825 38.29 59.52 2.03
N1 OMG B 1825 37.62 59.48 -0.13
C2 OMG B 1825 36.95 58.94 -1.18
N2 OMG B 1825 37.00 59.61 -2.34
N3 OMG B 1825 36.31 57.81 -1.11
C4 OMG B 1825 36.35 57.25 0.10
N1 OMC B 1826 39.66 56.53 -3.16
C2 OMC B 1826 40.30 57.73 -2.85
N3 OMC B 1826 40.54 58.02 -1.56
C4 OMC B 1826 40.19 57.21 -0.60
C5 OMC B 1826 39.53 55.98 -0.87
C6 OMC B 1826 39.29 55.70 -2.16
O2 OMC B 1826 40.63 58.49 -3.75
N4 OMC B 1826 40.46 57.54 0.65
C1' OMC B 1826 39.36 56.17 -4.56
C2' OMC B 1826 40.53 55.46 -5.25
O2' OMC B 1826 40.50 55.78 -6.62
CM2 OMC B 1826 41.28 56.90 -6.96
C3' OMC B 1826 40.17 54.01 -5.03
C4' OMC B 1826 38.66 54.02 -5.18
O4' OMC B 1826 38.27 55.28 -4.57
O3' OMC B 1826 40.81 53.12 -5.94
C5' OMC B 1826 37.92 52.90 -4.50
O5' OMC B 1826 38.35 52.76 -3.16
P OMC B 1826 37.72 51.64 -2.23
OP1 OMC B 1826 37.60 50.36 -3.03
OP2 OMC B 1826 38.50 51.65 -0.92
P A2M B 1862 51.27 47.96 -36.99
OP1 A2M B 1862 51.83 49.00 -37.91
O5' A2M B 1862 50.44 47.11 -38.31
C5' A2M B 1862 49.14 47.34 -38.44
C4' A2M B 1862 48.59 46.31 -39.40
O4' A2M B 1862 48.65 45.05 -38.78
C3' A2M B 1862 47.16 46.60 -39.75
O3' A2M B 1862 47.17 47.68 -40.63
C2' A2M B 1862 46.69 45.22 -40.18
O2' A2M B 1862 47.15 44.84 -41.44
C1' A2M B 1862 47.44 44.42 -39.09
CM' A2M B 1862 46.12 44.26 -42.20
N9 A2M B 1862 46.69 44.22 -37.90
C8 A2M B 1862 46.81 44.71 -36.60
N7 A2M B 1862 45.86 44.24 -35.79
C5 A2M B 1862 45.12 43.41 -36.60
C6 A2M B 1862 44.01 42.63 -36.41
N6 A2M B 1862 43.39 42.53 -35.18
N1 A2M B 1862 43.46 41.90 -37.40
C2 A2M B 1862 44.07 41.98 -38.59
N3 A2M B 1862 45.13 42.69 -38.96
C4 A2M B 1862 45.61 43.39 -37.91
OP2 A2M B 1862 50.40 48.37 -35.85
N1 OMC B 1883 45.55 61.41 -7.87
C2 OMC B 1883 46.91 61.32 -8.20
N3 OMC B 1883 47.26 60.54 -9.24
C4 OMC B 1883 46.38 59.88 -9.95
C5 OMC B 1883 44.99 59.94 -9.65
C6 OMC B 1883 44.64 60.71 -8.61
O2 OMC B 1883 47.73 61.92 -7.55
N4 OMC B 1883 46.81 59.14 -10.96
C1' OMC B 1883 45.05 62.21 -6.73
C2' OMC B 1883 45.12 63.71 -7.00
O2' OMC B 1883 45.48 64.36 -5.78
CM2 OMC B 1883 46.79 64.12 -5.35
C3' OMC B 1883 43.67 64.03 -7.35
C4' OMC B 1883 42.92 63.08 -6.45
O4' OMC B 1883 43.70 61.87 -6.49
O3' OMC B 1883 43.34 65.39 -7.14
C5' OMC B 1883 41.49 62.79 -6.84
O5' OMC B 1883 41.29 62.90 -8.24
P OMC B 1883 39.97 63.57 -8.82
OP1 OMC B 1883 39.47 64.58 -7.81
OP2 OMC B 1883 40.31 64.05 -10.22
P OMG B 1885 47.89 69.65 -11.07
OP1 OMG B 1885 48.38 71.02 -10.64
OP2 OMG B 1885 46.46 69.46 -11.51
O5' OMG B 1885 48.83 69.11 -12.23
C5' OMG B 1885 50.24 69.07 -12.08
C4' OMG B 1885 50.88 68.26 -13.19
O4' OMG B 1885 50.45 66.88 -13.06
C3' OMG B 1885 50.48 68.68 -14.60
O3' OMG B 1885 51.29 69.71 -15.11
C2' OMG B 1885 50.61 67.37 -15.38
O2' OMG B 1885 51.96 67.11 -15.71
CM2 OMG B 1885 52.15 65.88 -16.36
C1' OMG B 1885 50.18 66.35 -14.34
N9 OMG B 1885 48.73 66.04 -14.40
C8 OMG B 1885 47.70 66.72 -13.81
N7 OMG B 1885 46.55 66.15 -14.05
C5 OMG B 1885 46.85 65.08 -14.83
C6 OMG B 1885 46.00 64.09 -15.39
O6 OMG B 1885 44.80 64.00 -15.31
N1 OMG B 1885 46.74 63.16 -16.13
C2 OMG B 1885 48.09 63.17 -16.28
N2 OMG B 1885 48.63 62.18 -17.01
N3 OMG B 1885 48.87 64.07 -15.75
C4 OMG B 1885 48.20 64.99 -15.05
N1 PSU B 2093 84.52 33.16 -29.84
C2 PSU B 2093 84.29 34.45 -29.41
N3 PSU B 2093 83.76 34.69 -28.17
C4 PSU B 2093 83.46 33.63 -27.34
C5 PSU B 2093 83.69 32.34 -27.78
C6 PSU B 2093 84.22 32.12 -29.04
O2 PSU B 2093 84.55 35.38 -30.16
O4 PSU B 2093 82.99 33.84 -26.23
C1' PSU B 2093 83.39 31.17 -26.90
C2' PSU B 2093 81.89 30.86 -26.78
O2' PSU B 2093 81.62 30.40 -25.48
C3' PSU B 2093 81.72 29.74 -27.80
C4' PSU B 2093 83.03 28.99 -27.69
O3' PSU B 2093 80.60 28.92 -27.55
O4' PSU B 2093 84.01 30.02 -27.43
C5' PSU B 2093 83.43 28.18 -28.90
O5' PSU B 2093 83.14 28.87 -30.10
P PSU B 2093 84.09 28.74 -31.37
OP1 PSU B 2093 84.51 27.33 -31.49
OP2 PSU B 2093 83.40 29.42 -32.47
P A2M B 2248 42.32 44.95 -31.37
OP1 A2M B 2248 43.51 45.68 -31.90
O5' A2M B 2248 42.49 45.63 -29.73
C5' A2M B 2248 41.46 45.42 -28.91
C4' A2M B 2248 41.36 46.53 -27.89
O4' A2M B 2248 40.65 47.62 -28.44
C3' A2M B 2248 40.62 46.04 -26.66
O3' A2M B 2248 41.57 45.55 -25.79
C2' A2M B 2248 39.70 47.20 -26.25
O2' A2M B 2248 40.18 48.10 -25.23
C1' A2M B 2248 39.56 47.90 -27.62
CM' A2M B 2248 41.22 48.95 -25.63
N9 A2M B 2248 38.37 47.53 -28.32
C8 A2M B 2248 37.48 46.48 -28.18
N7 A2M B 2248 36.49 46.50 -29.08
C5 A2M B 2248 36.78 47.61 -29.84
C6 A2M B 2248 36.18 48.20 -30.92
N6 A2M B 2248 35.02 47.67 -31.47
N1 A2M B 2248 36.64 49.32 -31.51
C2 A2M B 2248 37.77 49.82 -30.96
N3 A2M B 2248 38.49 49.39 -29.92
C4 A2M B 2248 37.93 48.27 -29.39
OP2 A2M B 2248 42.29 43.46 -31.45
N1 OMC B 2265 44.69 37.61 -38.79
C2 OMC B 2265 45.55 38.63 -38.35
N3 OMC B 2265 45.39 39.09 -37.10
C4 OMC B 2265 44.45 38.62 -36.31
C5 OMC B 2265 43.56 37.60 -36.72
C6 OMC B 2265 43.73 37.15 -37.96
O2 OMC B 2265 46.41 39.06 -39.09
N4 OMC B 2265 44.35 39.13 -35.08
C1' OMC B 2265 44.78 37.05 -40.15
C2' OMC B 2265 45.98 36.13 -40.33
O2' OMC B 2265 46.46 36.27 -41.66
CM2 OMC B 2265 47.61 37.07 -41.76
C3' OMC B 2265 45.35 34.75 -40.15
C4' OMC B 2265 43.96 34.94 -40.74
O4' OMC B 2265 43.62 36.29 -40.41
O3' OMC B 2265 46.07 33.71 -40.76
C5' OMC B 2265 42.91 34.00 -40.23
O5' OMC B 2265 42.92 33.98 -38.81
P OMC B 2265 41.72 33.30 -38.01
OP1 OMC B 2265 41.66 31.85 -38.44
OP2 OMC B 2265 41.87 33.64 -36.54
P A2M B 2276 50.32 25.84 -25.70
OP1 A2M B 2276 50.07 27.03 -24.83
O5' A2M B 2276 49.28 24.76 -24.69
C5' A2M B 2276 48.15 25.30 -24.21
C4' A2M B 2276 47.76 24.61 -22.92
O4' A2M B 2276 48.18 23.28 -22.98
C3' A2M B 2276 48.43 25.26 -21.72
O3' A2M B 2276 47.63 26.35 -21.38
C2' A2M B 2276 48.53 24.11 -20.74
O2' A2M B 2276 47.32 23.83 -20.10
C1' A2M B 2276 48.81 23.00 -21.76
CM' A2M B 2276 47.54 23.31 -18.83
N9 A2M B 2276 50.18 22.63 -22.04
C8 A2M B 2276 50.93 22.59 -23.21
N7 A2M B 2276 52.18 22.17 -23.03
C5 A2M B 2276 52.23 21.90 -21.67
C6 A2M B 2276 53.21 21.45 -20.83
N6 A2M B 2276 54.47 21.13 -21.29
N1 A2M B 2276 53.02 21.27 -19.50
C2 A2M B 2276 51.79 21.58 -19.06
N3 A2M B 2276 50.73 22.04 -19.72
C4 A2M B 2276 51.00 22.19 -21.04
OP2 A2M B 2276 51.71 25.37 -25.91
N1 OMC B 2285 55.23 47.90 -21.12
C2 OMC B 2285 55.82 47.26 -20.03
N3 OMC B 2285 57.16 47.19 -19.98
C4 OMC B 2285 57.91 47.71 -20.92
C5 OMC B 2285 57.36 48.37 -22.04
C6 OMC B 2285 56.01 48.44 -22.09
O2 OMC B 2285 55.12 46.78 -19.17
N4 OMC B 2285 59.23 47.60 -20.80
C1' OMC B 2285 53.75 48.01 -21.26
C2' OMC B 2285 53.16 49.09 -20.34
O2' OMC B 2285 51.88 48.63 -19.91
CM2 OMC B 2285 51.96 47.73 -18.83
C3' OMC B 2285 53.00 50.25 -21.31
C4' OMC B 2285 52.64 49.56 -22.60
O4' OMC B 2285 53.46 48.36 -22.59
O3' OMC B 2285 52.03 51.19 -20.92
C5' OMC B 2285 52.88 50.34 -23.87
O5' OMC B 2285 54.27 50.51 -24.10
P OMC B 2285 54.80 50.95 -25.53
OP1 OMC B 2285 54.07 52.22 -25.93
OP2 OMC B 2285 56.32 50.92 -25.50
N1 OMU B 2298 37.76 42.11 11.05
C2 OMU B 2298 37.74 42.87 9.75
N3 OMU B 2298 39.02 43.24 9.08
C4 OMU B 2298 40.28 42.83 9.67
C5 OMU B 2298 40.29 42.06 10.95
C6 OMU B 2298 39.02 41.71 11.62
O2 OMU B 2298 36.68 43.21 9.27
O4 OMU B 2298 41.26 43.10 9.16
C1' OMU B 2298 36.48 41.75 11.68
C2' OMU B 2298 35.84 40.55 11.00
O2' OMU B 2298 34.44 40.64 11.14
CM2 OMU B 2298 33.81 41.29 10.09
C3' OMU B 2298 36.40 39.42 11.84
C4' OMU B 2298 36.30 40.02 13.23
O3' OMU B 2298 35.73 38.19 11.68
O4' OMU B 2298 36.72 41.39 13.03
C5' OMU B 2298 37.16 39.37 14.29
O5' OMU B 2298 38.49 39.18 13.84
P OMU B 2298 39.64 38.77 14.85
OP1 OMU B 2298 39.18 37.61 15.65
OP2 OMU B 2298 40.94 38.71 14.09
N1 PSU B 2300 39.74 37.59 4.58
C2 PSU B 2300 41.08 37.81 4.40
N3 PSU B 2300 41.54 38.36 3.22
C4 PSU B 2300 40.66 38.67 2.22
C5 PSU B 2300 39.31 38.43 2.41
C6 PSU B 2300 38.87 37.89 3.59
O2 PSU B 2300 41.87 37.53 5.29
O4 PSU B 2300 41.07 39.15 1.17
C1' PSU B 2300 38.33 38.79 1.33
C2' PSU B 2300 38.30 37.72 0.24
O2' PSU B 2300 38.00 38.36 -0.99
C3' PSU B 2300 37.13 36.86 0.70
C4' PSU B 2300 36.17 37.89 1.26
O3' PSU B 2300 36.57 36.09 -0.34
O4' PSU B 2300 37.04 38.88 1.88
C5' PSU B 2300 35.19 37.38 2.28
O5' PSU B 2300 35.84 36.52 3.21
P PSU B 2300 35.18 36.20 4.61
OP1 PSU B 2300 33.88 35.58 4.36
OP2 PSU B 2300 36.16 35.53 5.49
N1 OMC B 2322 44.28 11.88 -6.11
C2 OMC B 2322 43.58 12.47 -7.18
N3 OMC B 2322 43.40 13.80 -7.17
C4 OMC B 2322 43.84 14.56 -6.20
C5 OMC B 2322 44.55 14.00 -5.09
C6 OMC B 2322 44.73 12.68 -5.10
O2 OMC B 2322 43.15 11.78 -8.08
N4 OMC B 2322 43.62 15.86 -6.27
C1' OMC B 2322 44.52 10.43 -5.98
C2' OMC B 2322 45.52 9.86 -6.97
O2' OMC B 2322 45.04 8.59 -7.40
CM2 OMC B 2322 43.88 8.63 -8.18
C3' OMC B 2322 46.76 9.69 -6.12
C4' OMC B 2322 46.20 9.39 -4.74
O4' OMC B 2322 45.00 10.18 -4.68
O3' OMC B 2322 47.63 8.67 -6.59
C5' OMC B 2322 47.09 9.77 -3.59
O5' OMC B 2322 47.36 11.16 -3.59
P OMC B 2322 48.05 11.87 -2.36
OP1 OMC B 2322 49.29 11.07 -2.00
OP2 OMC B 2322 48.17 13.35 -2.68
P OMG B 2337 31.93 -8.71 -29.08
OP1 OMG B 2337 31.25 -9.27 -30.32
OP2 OMG B 2337 33.37 -9.08 -28.78
O5' OMG B 2337 31.85 -7.12 -29.15
C5' OMG B 2337 32.76 -6.30 -28.44
C4' OMG B 2337 32.32 -4.86 -28.50
O4' OMG B 2337 30.88 -4.82 -28.40
C3' OMG B 2337 32.79 -3.96 -27.38
O3' OMG B 2337 34.10 -3.45 -27.59
C2' OMG B 2337 31.73 -2.87 -27.33
O2' OMG B 2337 32.03 -1.85 -28.27
CM2 OMG B 2337 32.43 -0.63 -27.68
C1' OMG B 2337 30.48 -3.61 -27.84
N9 OMG B 2337 29.50 -3.88 -26.78
C8 OMG B 2337 28.22 -3.40 -26.75
N7 OMG B 2337 27.57 -3.80 -25.71
C5 OMG B 2337 28.44 -4.59 -25.02
C6 OMG B 2337 28.25 -5.29 -23.81
O6 OMG B 2337 27.27 -5.35 -23.10
N1 OMG B 2337 29.41 -5.98 -23.46
C2 OMG B 2337 30.57 -5.99 -24.16
N2 OMG B 2337 31.57 -6.72 -23.66
N3 OMG B 2337 30.73 -5.34 -25.28
C4 OMG B 2337 29.65 -4.65 -25.67
P OMG B 2415 37.52 8.47 -8.83
OP1 OMG B 2415 37.62 8.15 -10.31
OP2 OMG B 2415 36.31 9.23 -8.31
O5' OMG B 2415 37.60 7.10 -8.02
C5' OMG B 2415 38.48 6.06 -8.43
C4' OMG B 2415 38.55 4.97 -7.41
O4' OMG B 2415 38.68 5.51 -6.08
C3' OMG B 2415 37.33 4.07 -7.30
O3' OMG B 2415 37.22 3.11 -8.34
C2' OMG B 2415 37.50 3.46 -5.92
O2' OMG B 2415 38.53 2.49 -5.94
CM2 OMG B 2415 38.65 1.79 -4.72
C1' OMG B 2415 38.01 4.68 -5.15
N9 OMG B 2415 36.90 5.43 -4.55
C8 OMG B 2415 36.37 6.62 -4.97
N7 OMG B 2415 35.38 7.00 -4.23
C5 OMG B 2415 35.25 6.01 -3.30
C6 OMG B 2415 34.33 5.87 -2.22
O6 OMG B 2415 33.43 6.63 -1.89
N1 OMG B 2415 34.56 4.70 -1.52
C2 OMG B 2415 35.53 3.78 -1.79
N2 OMG B 2415 35.58 2.71 -0.99
N3 OMG B 2415 36.36 3.91 -2.78
C4 OMG B 2415 36.18 5.02 -3.49
N1 PSU B 2425 21.12 11.74 -26.37
C2 PSU B 2425 20.54 12.34 -27.47
N3 PSU B 2425 21.32 12.79 -28.50
C4 PSU B 2425 22.67 12.66 -28.43
C5 PSU B 2425 23.25 12.05 -27.33
C6 PSU B 2425 22.45 11.60 -26.29
O2 PSU B 2425 19.34 12.48 -27.54
O4 PSU B 2425 23.35 13.07 -29.37
C1' PSU B 2425 24.75 11.92 -27.24
C2' PSU B 2425 25.24 13.34 -26.98
O2' PSU B 2425 26.49 13.53 -27.62
C3' PSU B 2425 25.41 13.32 -25.46
C4' PSU B 2425 25.92 11.92 -25.23
O3' PSU B 2425 26.29 14.33 -24.99
O4' PSU B 2425 25.16 11.11 -26.17
C5' PSU B 2425 25.76 11.38 -23.83
O5' PSU B 2425 24.45 11.56 -23.36
P PSU B 2425 24.01 10.99 -21.94
OP1 PSU B 2425 25.03 11.35 -20.95
OP2 PSU B 2425 22.62 11.43 -21.79
N1 PSU B 2427 20.19 18.63 -22.98
C2 PSU B 2427 19.28 18.41 -21.97
N3 PSU B 2427 18.01 18.91 -22.06
C4 PSU B 2427 17.64 19.63 -23.16
C5 PSU B 2427 18.56 19.85 -24.18
C6 PSU B 2427 19.83 19.33 -24.07
O2 PSU B 2427 19.62 17.77 -20.98
O4 PSU B 2427 16.51 20.07 -23.25
C1' PSU B 2427 18.17 20.61 -25.41
C2' PSU B 2427 17.98 22.10 -25.22
O2' PSU B 2427 16.93 22.51 -26.08
C3' PSU B 2427 19.31 22.65 -25.72
C4' PSU B 2427 19.66 21.70 -26.85
O3' PSU B 2427 19.25 24.00 -26.14
O4' PSU B 2427 19.18 20.42 -26.38
C5' PSU B 2427 21.11 21.59 -27.18
O5' PSU B 2427 21.85 21.16 -26.06
P PSU B 2427 23.36 20.70 -26.21
OP1 PSU B 2427 24.04 21.85 -26.84
OP2 PSU B 2427 23.80 20.18 -24.90
N1 PSU B 2483 10.45 -6.28 -24.38
C2 PSU B 2483 9.75 -5.34 -23.66
N3 PSU B 2483 9.12 -5.68 -22.49
C4 PSU B 2483 9.21 -6.97 -22.04
C5 PSU B 2483 9.90 -7.93 -22.77
C6 PSU B 2483 10.53 -7.55 -23.94
O2 PSU B 2483 9.68 -4.18 -24.07
O4 PSU B 2483 8.65 -7.29 -21.00
C1' PSU B 2483 10.01 -9.33 -22.27
C2' PSU B 2483 8.83 -10.23 -22.59
O2' PSU B 2483 8.62 -11.11 -21.49
C3' PSU B 2483 9.35 -11.03 -23.79
C4' PSU B 2483 10.83 -11.16 -23.48
O3' PSU B 2483 8.73 -12.28 -23.95
O4' PSU B 2483 11.17 -9.91 -22.84
C5' PSU B 2483 11.71 -11.38 -24.68
O5' PSU B 2483 11.31 -10.54 -25.74
P PSU B 2483 12.28 -10.27 -26.97
OP1 PSU B 2483 12.41 -11.56 -27.67
OP2 PSU B 2483 11.79 -9.08 -27.69
N1 OMC B 2489 -16.58 -0.01 -27.18
C2 OMC B 2489 -15.59 -0.91 -27.65
N3 OMC B 2489 -14.39 -0.41 -28.01
C4 OMC B 2489 -14.11 0.86 -27.92
C5 OMC B 2489 -15.07 1.79 -27.46
C6 OMC B 2489 -16.27 1.30 -27.10
O2 OMC B 2489 -15.76 -2.11 -27.75
N4 OMC B 2489 -12.91 1.28 -28.29
C1' OMC B 2489 -17.97 -0.26 -26.71
C2' OMC B 2489 -18.64 -1.54 -27.21
O2' OMC B 2489 -19.17 -1.38 -28.51
CM2 OMC B 2489 -19.00 -2.53 -29.30
C3' OMC B 2489 -19.69 -1.76 -26.13
C4' OMC B 2489 -18.98 -1.28 -24.87
O4' OMC B 2489 -17.95 -0.36 -25.31
O3' OMC B 2489 -20.82 -0.94 -26.38
C5' OMC B 2489 -18.33 -2.37 -24.06
O5' OMC B 2489 -18.59 -3.64 -24.63
P OMC B 2489 -17.62 -4.87 -24.36
OP1 OMC B 2489 -18.39 -6.15 -24.64
OP2 OMC B 2489 -16.31 -4.60 -25.07
P A2M B 2506 -39.61 28.05 -42.50
OP1 A2M B 2506 -40.24 29.38 -42.24
O5' A2M B 2506 -38.67 28.66 -43.92
C5' A2M B 2506 -38.06 29.85 -43.76
C4' A2M B 2506 -37.03 30.05 -44.87
O4' A2M B 2506 -36.06 29.05 -44.78
C3' A2M B 2506 -37.65 29.95 -46.24
O3' A2M B 2506 -38.33 31.14 -46.47
C2' A2M B 2506 -36.44 29.60 -47.08
O2' A2M B 2506 -35.55 30.67 -47.24
C1' A2M B 2506 -35.85 28.59 -46.10
CM' A2M B 2506 -34.61 30.37 -48.23
N9 A2M B 2506 -36.31 27.23 -46.20
C8 A2M B 2506 -37.17 26.47 -45.43
N7 A2M B 2506 -37.33 25.23 -45.88
C5 A2M B 2506 -36.52 25.20 -47.00
C6 A2M B 2506 -36.23 24.24 -47.93
N6 A2M B 2506 -36.78 22.97 -47.87
N1 A2M B 2506 -35.40 24.46 -48.96
C2 A2M B 2506 -34.86 25.69 -49.01
N3 A2M B 2506 -35.03 26.74 -48.22
C4 A2M B 2506 -35.88 26.44 -47.22
OP2 A2M B 2506 -40.48 26.86 -42.78
P OMG B 2532 -20.91 -4.25 -33.09
OP1 OMG B 2532 -20.67 -5.73 -32.75
OP2 OMG B 2532 -21.50 -3.33 -32.04
O5' OMG B 2532 -19.53 -3.64 -33.60
C5' OMG B 2532 -18.94 -4.11 -34.79
C4' OMG B 2532 -17.91 -3.13 -35.31
O4' OMG B 2532 -18.56 -1.90 -35.72
C3' OMG B 2532 -16.87 -2.66 -34.32
O3' OMG B 2532 -15.82 -3.61 -34.15
C2' OMG B 2532 -16.40 -1.35 -34.94
O2' OMG B 2532 -15.52 -1.60 -36.03
CM2 OMG B 2532 -14.86 -0.46 -36.49
C1' OMG B 2532 -17.71 -0.81 -35.50
N9 OMG B 2532 -18.37 0.13 -34.58
C8 OMG B 2532 -19.53 -0.08 -33.87
N7 OMG B 2532 -19.87 0.95 -33.17
C5 OMG B 2532 -18.90 1.88 -33.42
C6 OMG B 2532 -18.76 3.21 -32.95
O6 OMG B 2532 -19.45 3.83 -32.18
N1 OMG B 2532 -17.61 3.81 -33.48
C2 OMG B 2532 -16.74 3.22 -34.35
N2 OMG B 2532 -15.70 3.96 -34.75
N3 OMG B 2532 -16.89 2.01 -34.79
C4 OMG B 2532 -17.97 1.39 -34.31
P 5MC B 2570 9.12 -5.46 -6.17
OP1 5MC B 2570 10.61 -5.34 -5.94
OP2 5MC B 2570 8.42 -6.79 -6.00
O5' 5MC B 2570 8.39 -4.42 -5.21
C5' 5MC B 2570 8.81 -3.07 -5.13
C4' 5MC B 2570 7.75 -2.20 -4.54
O4' 5MC B 2570 6.46 -2.60 -5.04
C3' 5MC B 2570 7.59 -2.29 -3.04
O3' 5MC B 2570 8.55 -1.52 -2.35
C2' 5MC B 2570 6.16 -1.83 -2.82
O2' 5MC B 2570 6.10 -0.41 -2.76
C1' 5MC B 2570 5.46 -2.27 -4.11
N1 5MC B 2570 4.60 -3.47 -3.91
C2 5MC B 2570 3.41 -3.40 -3.19
O2 5MC B 2570 3.03 -2.35 -2.68
N3 5MC B 2570 2.68 -4.52 -3.08
C4 5MC B 2570 3.07 -5.64 -3.63
N4 5MC B 2570 2.30 -6.72 -3.47
C5 5MC B 2570 4.29 -5.76 -4.37
C6 5MC B 2570 4.99 -4.62 -4.47
CM5 5MC B 2570 4.73 -7.04 -4.99
P A2M B 2573 11.20 5.85 -2.26
OP1 A2M B 2573 12.61 6.32 -2.41
O5' A2M B 2573 10.54 7.34 -2.99
C5' A2M B 2573 10.99 7.66 -4.20
C4' A2M B 2573 10.13 8.79 -4.73
O4' A2M B 2573 10.71 9.29 -5.91
C3' A2M B 2573 8.71 8.30 -5.02
O3' A2M B 2573 7.83 8.91 -4.13
C2' A2M B 2573 8.55 8.55 -6.52
O2' A2M B 2573 7.30 9.05 -6.89
C1' A2M B 2573 9.60 9.64 -6.66
CM' A2M B 2573 6.74 8.26 -7.89
N9 A2M B 2573 9.95 9.94 -8.01
C8 A2M B 2573 10.16 9.13 -9.12
N7 A2M B 2573 10.41 9.83 -10.22
C5 A2M B 2573 10.35 11.14 -9.78
C6 A2M B 2573 10.50 12.35 -10.41
N6 A2M B 2573 10.79 12.42 -11.75
N1 A2M B 2573 10.39 13.53 -9.77
C2 A2M B 2573 10.11 13.44 -8.47
N3 A2M B 2573 9.92 12.36 -7.70
C4 A2M B 2573 10.05 11.24 -8.43
OP2 A2M B 2573 10.69 5.53 -0.89
P OMG B 2580 7.47 2.57 9.82
OP1 OMG B 2580 8.28 1.27 9.92
OP2 OMG B 2580 7.55 3.40 8.56
O5' OMG B 2580 5.94 2.21 10.07
C5' OMG B 2580 5.52 1.54 11.24
C4' OMG B 2580 4.60 0.40 10.91
O4' OMG B 2580 4.26 0.45 9.51
C3' OMG B 2580 5.20 -0.98 11.09
O3' OMG B 2580 5.15 -1.41 12.44
C2' OMG B 2580 4.38 -1.84 10.14
O2' OMG B 2580 3.15 -2.22 10.76
CM2 OMG B 2580 2.42 -3.14 9.99
C1' OMG B 2580 4.06 -0.85 9.02
N9 OMG B 2580 4.91 -1.02 7.83
C8 OMG B 2580 5.60 -0.03 7.21
N7 OMG B 2580 6.25 -0.43 6.17
C5 OMG B 2580 5.95 -1.76 6.07
C6 OMG B 2580 6.38 -2.72 5.12
O6 OMG B 2580 7.10 -2.56 4.16
N1 OMG B 2580 5.83 -3.97 5.40
C2 OMG B 2580 5.00 -4.25 6.44
N2 OMG B 2580 4.58 -5.52 6.55
N3 OMG B 2580 4.62 -3.38 7.31
C4 OMG B 2580 5.11 -2.15 7.09
N1 OMC B 2596 6.37 -8.22 2.75
C2 OMC B 2596 5.74 -7.13 3.36
N3 OMC B 2596 6.14 -5.89 3.05
C4 OMC B 2596 7.11 -5.69 2.20
C5 OMC B 2596 7.80 -6.76 1.57
C6 OMC B 2596 7.39 -8.00 1.89
O2 OMC B 2596 4.83 -7.31 4.14
N4 OMC B 2596 7.47 -4.44 1.94
C1' OMC B 2596 6.05 -9.64 3.03
C2' OMC B 2596 4.69 -10.08 2.47
O2' OMC B 2596 4.02 -10.82 3.47
CM2 OMC B 2596 3.23 -10.04 4.34
C3' OMC B 2596 5.09 -10.99 1.31
C4' OMC B 2596 6.42 -11.56 1.78
O4' OMC B 2596 7.04 -10.45 2.46
O3' OMC B 2596 4.15 -12.01 1.04
C5' OMC B 2596 7.33 -12.07 0.70
O5' OMC B 2596 7.62 -11.04 -0.24
P OMC B 2596 8.69 -11.27 -1.39
OP1 OMC B 2596 8.33 -12.54 -2.12
OP2 OMC B 2596 8.84 -9.97 -2.16
C1' UY1 B 2606 -2.62 7.22 -19.35
C2 UY1 B 2606 -4.70 4.87 -16.11
C2' UY1 B 2606 -1.23 7.74 -18.96
C3' UY1 B 2606 -0.30 6.91 -19.87
C4 UY1 B 2606 -4.44 7.04 -17.43
C4' UY1 B 2606 -1.18 6.62 -21.06
C5 UY1 B 2606 -3.34 6.41 -18.22
C5' UY1 B 2606 -0.80 5.41 -21.88
C6 UY1 B 2606 -2.92 5.00 -17.94
CM2 UY1 B 2606 -2.06 9.86 -18.58
N1 UY1 B 2606 -3.59 4.24 -16.91
N3 UY1 B 2606 -5.13 6.27 -16.38
O2 UY1 B 2606 -5.23 4.26 -15.27
O2' UY1 B 2606 -1.16 9.11 -19.29
O3' UY1 B 2606 0.89 7.58 -20.23
O4 UY1 B 2606 -4.76 8.13 -17.66
O4' UY1 B 2606 -2.48 6.42 -20.49
O5' UY1 B 2606 -1.65 5.28 -22.99
OP1 UY1 B 2606 -2.26 5.48 -25.40
OP2 UY1 B 2606 -0.64 7.15 -24.29
P UY1 B 2606 -1.16 5.76 -24.43
N1 PSU B 2610 12.72 -1.79 -17.05
C2 PSU B 2610 13.15 -1.58 -18.33
N3 PSU B 2610 13.77 -2.59 -19.02
C4 PSU B 2610 13.94 -3.82 -18.42
C5 PSU B 2610 13.52 -4.01 -17.12
C6 PSU B 2610 12.89 -2.98 -16.45
O2 PSU B 2610 12.99 -0.49 -18.87
O4 PSU B 2610 14.50 -4.71 -19.06
C1' PSU B 2610 13.65 -5.34 -16.44
C2' PSU B 2610 15.06 -5.87 -16.17
O2' PSU B 2610 15.10 -7.24 -16.54
C3' PSU B 2610 15.17 -5.73 -14.65
C4' PSU B 2610 13.74 -5.87 -14.17
O3' PSU B 2610 16.02 -6.69 -14.06
O4' PSU B 2610 12.94 -5.29 -15.22
C5' PSU B 2610 13.43 -5.17 -12.87
O5' PSU B 2610 12.08 -5.35 -12.51
P PSU B 2610 11.28 -4.20 -11.76
OP1 PSU B 2610 11.53 -4.39 -10.33
OP2 PSU B 2610 11.59 -2.91 -12.41
P A2M B 2613 27.70 -1.10 -16.72
OP1 A2M B 2613 28.96 -1.42 -16.02
O5' A2M B 2613 27.81 0.15 -17.99
C5' A2M B 2613 28.63 -0.13 -19.02
C4' A2M B 2613 28.43 0.91 -20.09
O4' A2M B 2613 27.24 0.64 -20.76
C3' A2M B 2613 28.32 2.30 -19.50
O3' A2M B 2613 29.61 2.71 -19.18
C2' A2M B 2613 27.55 3.02 -20.58
O2' A2M B 2613 28.30 3.31 -21.71
C1' A2M B 2613 26.58 1.88 -20.89
CM' A2M B 2613 27.55 4.07 -22.62
N9 A2M B 2613 25.39 1.84 -20.09
C8 A2M B 2613 24.97 1.00 -19.07
N7 A2M B 2613 23.76 1.33 -18.60
C5 A2M B 2613 23.40 2.41 -19.39
C6 A2M B 2613 22.29 3.21 -19.45
N6 A2M B 2613 21.21 3.03 -18.60
N1 A2M B 2613 22.18 4.23 -20.32
C2 A2M B 2613 23.22 4.40 -21.15
N3 A2M B 2613 24.36 3.72 -21.23
C4 A2M B 2613 24.40 2.73 -20.31
OP2 A2M B 2613 26.62 -0.35 -16.00
P A2M B 2618 21.58 15.77 -7.15
OP1 A2M B 2618 21.91 17.02 -6.40
O5' A2M B 2618 20.40 14.67 -6.34
C5' A2M B 2618 19.25 15.23 -5.96
C4' A2M B 2618 18.32 14.17 -5.40
O4' A2M B 2618 17.88 13.34 -6.44
C3' A2M B 2618 18.99 13.28 -4.38
O3' A2M B 2618 19.16 14.02 -3.22
C2' A2M B 2618 18.06 12.10 -4.40
O2' A2M B 2618 16.81 12.40 -3.86
C1' A2M B 2618 17.96 12.03 -5.94
CM' A2M B 2618 16.23 11.26 -3.30
N9 A2M B 2618 19.03 11.36 -6.60
C8 A2M B 2618 20.04 11.80 -7.44
N7 A2M B 2618 20.86 10.82 -7.83
C5 A2M B 2618 20.34 9.71 -7.21
C6 A2M B 2618 20.70 8.38 -7.18
N6 A2M B 2618 21.79 7.91 -7.88
N1 A2M B 2618 20.02 7.46 -6.47
C2 A2M B 2618 18.96 7.92 -5.78
N3 A2M B 2618 18.48 9.16 -5.69
C4 A2M B 2618 19.21 10.02 -6.43
OP2 A2M B 2618 22.61 14.69 -7.25
N1 OMC B 2629 36.14 18.85 13.80
C2 OMC B 2629 37.03 17.84 14.17
N3 OMC B 2629 38.25 17.83 13.60
C4 OMC B 2629 38.60 18.72 12.72
C5 OMC B 2629 37.72 19.76 12.31
C6 OMC B 2629 36.51 19.75 12.88
O2 OMC B 2629 36.70 17.01 14.99
N4 OMC B 2629 39.81 18.67 12.19
C1' OMC B 2629 34.76 18.93 14.33
C2' OMC B 2629 34.69 19.46 15.76
O2' OMC B 2629 33.58 18.85 16.41
CM2 OMC B 2629 33.69 17.45 16.53
C3' OMC B 2629 34.40 20.93 15.50
C4' OMC B 2629 33.49 20.89 14.29
O4' OMC B 2629 34.01 19.80 13.51
O3' OMC B 2629 33.81 21.60 16.61
C5' OMC B 2629 33.46 22.14 13.45
O5' OMC B 2629 34.72 22.35 12.83
P OMC B 2629 34.93 23.52 11.77
OP1 OMC B 2629 34.19 24.74 12.29
OP2 OMC B 2629 36.42 23.61 11.48
N1 PSU B 2632 39.98 26.06 14.85
C2 PSU B 2632 41.06 25.70 14.07
N3 PSU B 2632 42.30 25.55 14.63
C4 PSU B 2632 42.48 25.75 15.97
C5 PSU B 2632 41.39 26.12 16.76
C6 PSU B 2632 40.15 26.26 16.17
O2 PSU B 2632 40.89 25.52 12.87
O4 PSU B 2632 43.60 25.60 16.45
C1' PSU B 2632 41.55 26.35 18.24
C2' PSU B 2632 42.33 27.63 18.49
O2' PSU B 2632 42.94 27.53 19.76
C3' PSU B 2632 41.20 28.64 18.52
C4' PSU B 2632 40.11 27.89 19.26
O3' PSU B 2632 41.56 29.88 19.13
O4' PSU B 2632 40.26 26.53 18.80
C5' PSU B 2632 38.70 28.37 19.00
O5' PSU B 2632 37.77 27.70 19.83
P PSU B 2632 36.77 26.62 19.25
OP1 PSU B 2632 35.86 26.38 20.39
OP2 PSU B 2632 36.23 27.07 17.97
N1 PSU B 2639 44.52 44.86 5.26
C2 PSU B 2639 43.85 44.30 6.31
N3 PSU B 2639 42.48 44.25 6.31
C4 PSU B 2639 41.78 44.76 5.24
C5 PSU B 2639 42.48 45.33 4.18
C6 PSU B 2639 43.86 45.36 4.21
O2 PSU B 2639 44.47 43.84 7.26
O4 PSU B 2639 40.56 44.71 5.23
C1' PSU B 2639 41.77 45.89 2.98
C2' PSU B 2639 40.89 47.11 3.23
O2' PSU B 2639 39.71 46.97 2.47
C3' PSU B 2639 41.76 48.23 2.67
C4' PSU B 2639 42.48 47.57 1.53
O3' PSU B 2639 41.02 49.36 2.26
O4' PSU B 2639 42.71 46.22 1.99
C5' PSU B 2639 43.79 48.19 1.12
O5' PSU B 2639 44.13 47.84 -0.21
P PSU B 2639 45.63 47.72 -0.66
OP1 PSU B 2639 45.93 48.76 -1.67
OP2 PSU B 2639 46.46 47.62 0.54
N1 PSU B 2641 43.56 51.43 6.63
C2 PSU B 2641 44.91 51.62 6.48
N3 PSU B 2641 45.70 51.84 7.57
C4 PSU B 2641 45.14 51.85 8.82
C5 PSU B 2641 43.78 51.66 8.98
C6 PSU B 2641 43.00 51.43 7.85
O2 PSU B 2641 45.40 51.61 5.36
O4 PSU B 2641 45.87 52.05 9.79
C1' PSU B 2641 43.13 51.65 10.33
C2' PSU B 2641 43.11 53.03 10.97
O2' PSU B 2641 43.27 52.89 12.36
C3' PSU B 2641 41.70 53.49 10.66
C4' PSU B 2641 40.91 52.21 10.75
O3' PSU B 2641 41.22 54.48 11.53
O4' PSU B 2641 41.80 51.21 10.22
C5' PSU B 2641 39.62 52.20 9.97
O5' PSU B 2641 39.84 52.63 8.65
P PSU B 2641 38.66 52.69 7.60
OP1 PSU B 2641 37.52 53.39 8.21
OP2 PSU B 2641 39.27 53.19 6.36
P A2M B 2655 15.72 68.02 15.80
OP1 A2M B 2655 16.47 69.27 15.42
O5' A2M B 2655 16.17 67.29 17.38
C5' A2M B 2655 16.61 66.03 17.36
C4' A2M B 2655 15.97 65.26 18.49
O4' A2M B 2655 14.80 64.69 18.01
C3' A2M B 2655 16.86 64.16 19.02
O3' A2M B 2655 17.69 64.76 19.96
C2' A2M B 2655 15.86 63.16 19.52
O2' A2M B 2655 15.36 63.54 20.76
C1' A2M B 2655 14.77 63.37 18.45
CM' A2M B 2655 14.33 62.72 21.15
N9 A2M B 2655 14.75 62.52 17.31
C8 A2M B 2655 15.03 62.73 15.96
N7 A2M B 2655 14.88 61.64 15.21
C5 A2M B 2655 14.48 60.68 16.13
C6 A2M B 2655 14.17 59.35 16.04
N6 A2M B 2655 14.20 58.68 14.84
N1 A2M B 2655 13.81 58.61 17.11
C2 A2M B 2655 13.79 59.28 18.29
N3 A2M B 2655 14.06 60.55 18.55
C4 A2M B 2655 14.41 61.20 17.43
OP2 A2M B 2655 15.95 66.76 15.04
N1 OMC B 2657 18.51 57.32 29.54
C2 OMC B 2657 18.08 57.12 30.86
N3 OMC B 2657 17.08 57.89 31.33
C4 OMC B 2657 16.51 58.80 30.58
C5 OMC B 2657 16.91 59.04 29.24
C6 OMC B 2657 17.91 58.27 28.79
O2 OMC B 2657 18.61 56.28 31.56
N4 OMC B 2657 15.53 59.52 31.10
C1' OMC B 2657 19.60 56.52 28.94
C2' OMC B 2657 19.13 55.13 28.53
O2' OMC B 2657 20.22 54.24 28.61
CM2 OMC B 2657 19.99 53.15 29.47
C3' OMC B 2657 18.76 55.37 27.08
C4' OMC B 2657 19.84 56.32 26.63
O4' OMC B 2657 20.06 57.17 27.79
O3' OMC B 2657 18.68 54.20 26.29
C5' OMC B 2657 19.51 57.18 25.44
O5' OMC B 2657 18.29 57.87 25.64
P OMC B 2657 18.16 59.41 25.29
OP1 OMC B 2657 16.91 59.94 25.99
OP2 OMC B 2657 19.51 60.07 25.53
N1 PSU B 2672 7.34 59.06 36.10
C2 PSU B 2672 8.07 57.98 35.66
N3 PSU B 2672 8.07 56.81 36.37
C4 PSU B 2672 7.33 56.70 37.52
C5 PSU B 2672 6.59 57.79 37.95
C6 PSU B 2672 6.61 58.97 37.22
O2 PSU B 2672 8.74 58.07 34.63
O4 PSU B 2672 7.32 55.67 38.15
C1' PSU B 2672 5.78 57.66 39.22
C2' PSU B 2672 6.69 57.95 40.41
O2' PSU B 2672 6.24 57.16 41.50
C3' PSU B 2672 6.40 59.41 40.65
C4' PSU B 2672 4.91 59.49 40.38
O3' PSU B 2672 6.75 59.85 41.95
O4' PSU B 2672 4.73 58.59 39.25
C5' PSU B 2672 4.39 60.86 40.02
O5' PSU B 2672 5.18 61.46 39.00
P PSU B 2672 4.69 62.76 38.25
OP1 PSU B 2672 4.29 63.76 39.25
OP2 PSU B 2672 5.75 63.06 37.26
N1 OMC B 2675 18.94 60.69 38.11
C2 OMC B 2675 18.39 61.75 37.38
N3 OMC B 2675 18.35 62.96 37.95
C4 OMC B 2675 18.80 63.17 39.17
C5 OMC B 2675 19.37 62.12 39.94
C6 OMC B 2675 19.41 60.91 39.36
O2 OMC B 2675 17.98 61.54 36.26
N4 OMC B 2675 18.73 64.39 39.67
C1' OMC B 2675 19.04 59.33 37.53
C2' OMC B 2675 20.22 59.22 36.57
O2' OMC B 2675 19.91 58.25 35.58
CM2 OMC B 2675 19.55 58.83 34.35
C3' OMC B 2675 21.29 58.70 37.51
C4' OMC B 2675 20.52 57.74 38.39
O4' OMC B 2675 19.24 58.40 38.57
O3' OMC B 2675 22.40 58.11 36.86
C5' OMC B 2675 21.13 57.44 39.73
O5' OMC B 2675 20.49 56.35 40.37
P OMC B 2675 19.63 56.56 41.69
OP1 OMC B 2675 20.45 56.13 42.89
OP2 OMC B 2675 19.03 57.94 41.63
P OMG B 2687 16.74 43.30 18.49
OP1 OMG B 2687 15.73 42.28 18.02
OP2 OMG B 2687 17.49 44.13 17.46
O5' OMG B 2687 16.01 44.29 19.49
C5' OMG B 2687 15.12 45.28 19.00
C4' OMG B 2687 15.28 46.59 19.72
O4' OMG B 2687 16.67 46.83 20.04
C3' OMG B 2687 14.88 47.80 18.92
O3' OMG B 2687 13.49 47.96 18.85
C2' OMG B 2687 15.61 48.91 19.64
O2' OMG B 2687 14.95 49.23 20.85
CM2 OMG B 2687 15.07 50.58 21.21
C1' OMG B 2687 16.92 48.22 19.97
N9 OMG B 2687 17.94 48.45 18.93
C8 OMG B 2687 18.56 47.50 18.16
N7 OMG B 2687 19.42 48.02 17.34
C5 OMG B 2687 19.37 49.36 17.58
C6 OMG B 2687 20.09 50.42 16.98
O6 OMG B 2687 20.93 50.39 16.11
N1 OMG B 2687 19.72 51.65 17.55
C2 OMG B 2687 18.80 51.82 18.52
N2 OMG B 2687 18.56 53.07 18.93
N3 OMG B 2687 18.15 50.84 19.07
C4 OMG B 2687 18.46 49.65 18.56
N1 PSU B 2708 -11.49 29.42 -20.51
C2 PSU B 2708 -12.69 29.65 -19.88
N3 PSU B 2708 -13.27 28.68 -19.11
C4 PSU B 2708 -12.65 27.47 -18.97
C5 PSU B 2708 -11.44 27.25 -19.60
C6 PSU B 2708 -10.86 28.24 -20.37
O2 PSU B 2708 -13.24 30.73 -20.02
O4 PSU B 2708 -13.16 26.60 -18.28
C1' PSU B 2708 -10.71 25.95 -19.44
C2' PSU B 2708 -11.36 24.78 -20.19
O2' PSU B 2708 -11.20 23.61 -19.41
C3' PSU B 2708 -10.50 24.71 -21.44
C4' PSU B 2708 -9.12 25.08 -20.93
O3' PSU B 2708 -10.53 23.43 -22.06
O4' PSU B 2708 -9.39 26.07 -19.92
C5' PSU B 2708 -8.16 25.64 -21.94
O5' PSU B 2708 -8.63 26.87 -22.46
P PSU B 2708 -7.73 27.72 -23.45
OP1 PSU B 2708 -7.33 26.88 -24.60
OP2 PSU B 2708 -8.55 28.92 -23.64
N1 OMU B 2713 -23.77 34.21 -25.87
C2 OMU B 2713 -22.38 34.58 -26.30
N3 OMU B 2713 -21.29 33.58 -26.25
C4 OMU B 2713 -21.58 32.24 -25.79
C5 OMU B 2713 -22.97 31.88 -25.38
C6 OMU B 2713 -24.05 32.88 -25.41
O2 OMU B 2713 -22.15 35.71 -26.68
O4 OMU B 2713 -20.76 31.46 -25.75
C1' OMU B 2713 -24.84 35.23 -25.93
C2' OMU B 2713 -25.48 35.30 -27.31
O2' OMU B 2713 -25.83 36.66 -27.55
CM2 OMU B 2713 -24.73 37.49 -27.78
C3' OMU B 2713 -26.73 34.46 -27.11
C4' OMU B 2713 -27.12 34.83 -25.69
O3' OMU B 2713 -27.75 34.71 -28.05
O4' OMU B 2713 -25.85 34.89 -25.00
C5' OMU B 2713 -28.02 33.84 -25.00
O5' OMU B 2713 -27.55 32.51 -25.17
P OMU B 2713 -28.17 31.32 -24.32
OP1 OMU B 2713 -29.64 31.32 -24.53
OP2 OMU B 2713 -27.36 30.08 -24.63
P OMG B 2883 -14.89 34.37 11.88
OP1 OMG B 2883 -15.22 32.91 11.63
OP2 OMG B 2883 -13.51 34.75 12.38
O5' OMG B 2883 -15.17 35.17 10.54
C5' OMG B 2883 -14.82 36.54 10.43
C4' OMG B 2883 -13.97 36.79 9.22
O4' OMG B 2883 -12.62 36.35 9.48
C3' OMG B 2883 -14.36 36.02 7.97
O3' OMG B 2883 -15.43 36.64 7.26
C2' OMG B 2883 -13.07 36.00 7.18
O2' OMG B 2883 -12.85 37.25 6.53
CM2 OMG B 2883 -11.57 37.40 5.99
C1' OMG B 2883 -12.04 35.85 8.29
N9 OMG B 2883 -11.63 34.45 8.51
C8 OMG B 2883 -11.85 33.72 9.65
N7 OMG B 2883 -11.34 32.53 9.57
C5 OMG B 2883 -10.76 32.48 8.33
C6 OMG B 2883 -10.06 31.43 7.70
O6 OMG B 2883 -9.82 30.31 8.11
N1 OMG B 2883 -9.64 31.81 6.42
C2 OMG B 2883 -9.85 33.02 5.85
N2 OMG B 2883 -9.36 33.20 4.62
N3 OMG B 2883 -10.49 33.99 6.44
C4 OMG B 2883 -10.91 33.67 7.67
C2 6MZ B 2907 -28.63 35.73 21.62
C4 6MZ B 2907 -29.02 36.51 19.47
C5 6MZ B 2907 -30.32 36.52 19.70
O1P 6MZ B 2907 -32.33 38.99 15.00
O2P 6MZ B 2907 -30.74 39.89 12.92
N9 6MZ B 2907 -28.83 36.94 18.23
N3 6MZ B 2907 -28.17 36.13 20.42
N1 6MZ B 2907 -29.96 35.73 21.86
C6 6MZ B 2907 -30.78 36.12 20.93
N6 6MZ B 2907 -32.22 36.09 21.26
C9 6MZ B 2907 -32.59 35.68 22.60
N7 6MZ B 2907 -30.94 36.94 18.60
C8 6MZ B 2907 -30.01 37.21 17.68
O5' 6MZ B 2907 -29.81 38.47 14.96
C5' 6MZ B 2907 -28.48 38.77 14.58
C4' 6MZ B 2907 -27.51 37.90 15.34
O4' 6MZ B 2907 -27.58 38.25 16.76
C1' 6MZ B 2907 -27.53 37.10 17.54
C2' 6MZ B 2907 -27.23 35.92 16.63
O2' 6MZ B 2907 -25.82 35.78 16.53
C3' 6MZ B 2907 -27.80 36.41 15.31
O3' 6MZ B 2907 -27.25 35.77 14.18
P 6MZ B 2907 -31.05 39.18 14.27
O3P 6MZ B 2907 -31.39 37.92 13.45
N1 OMU B 2914 -43.55 27.45 5.44
C2 OMU B 2914 -42.83 28.65 4.91
N3 OMU B 2914 -41.35 28.79 5.07
C4 OMU B 2914 -40.62 27.74 5.76
C5 OMU B 2914 -41.34 26.54 6.30
C6 OMU B 2914 -42.81 26.43 6.12
O2 OMU B 2914 -43.45 29.53 4.33
O4 OMU B 2914 -39.50 27.83 5.90
C1' OMU B 2914 -45.01 27.32 5.27
C2' OMU B 2914 -45.38 26.79 3.89
O2' OMU B 2914 -46.61 27.39 3.51
CM2 OMU B 2914 -46.52 28.76 3.28
C3' OMU B 2914 -45.59 25.31 4.17
C4' OMU B 2914 -46.20 25.33 5.56
O3' OMU B 2914 -46.41 24.65 3.24
O4' OMU B 2914 -45.48 26.38 6.23
C5' OMU B 2914 -46.09 24.04 6.34
O5' OMU B 2914 -44.75 23.59 6.39
P OMU B 2914 -44.37 22.25 7.14
OP1 OMU B 2914 -45.22 21.15 6.58
OP2 OMU B 2914 -42.88 22.13 7.13
P OMG B 2915 -45.75 23.85 2.02
OP1 OMG B 2915 -46.69 22.71 1.66
OP2 OMG B 2915 -44.30 23.56 2.38
O5' OMG B 2915 -45.77 24.89 0.83
C5' OMG B 2915 -46.95 25.63 0.53
C4' OMG B 2915 -46.76 26.56 -0.65
O4' OMG B 2915 -45.81 27.59 -0.28
C3' OMG B 2915 -46.19 25.91 -1.90
O3' OMG B 2915 -46.64 26.66 -3.04
C2' OMG B 2915 -44.70 26.15 -1.74
O2' OMG B 2915 -43.95 26.06 -2.92
CM2 OMG B 2915 -43.49 24.74 -3.13
C1' OMG B 2915 -44.70 27.55 -1.15
N9 OMG B 2915 -43.50 27.90 -0.39
C8 OMG B 2915 -42.79 27.12 0.49
N7 OMG B 2915 -41.77 27.76 0.97
C5 OMG B 2915 -41.80 28.99 0.38
C6 OMG B 2915 -40.95 30.12 0.51
O6 OMG B 2915 -39.95 30.24 1.20
N1 OMG B 2915 -41.39 31.17 -0.28
C2 OMG B 2915 -42.47 31.16 -1.09
N2 OMG B 2915 -42.73 32.28 -1.78
N3 OMG B 2915 -43.26 30.14 -1.22
C4 OMG B 2915 -42.88 29.09 -0.46
N1 PSU B 2980 -70.25 37.90 -4.08
C2 PSU B 2980 -71.39 38.65 -4.09
N3 PSU B 2980 -72.25 38.62 -5.16
C4 PSU B 2980 -71.94 37.84 -6.24
C5 PSU B 2980 -70.78 37.08 -6.24
C6 PSU B 2980 -69.94 37.13 -5.14
O2 PSU B 2980 -71.66 39.36 -3.12
O4 PSU B 2980 -72.70 37.81 -7.20
C1' PSU B 2980 -70.45 36.22 -7.42
C2' PSU B 2980 -69.79 37.04 -8.52
O2' PSU B 2980 -70.17 36.49 -9.77
C3' PSU B 2980 -68.32 36.76 -8.25
C4' PSU B 2980 -68.33 35.31 -7.81
O3' PSU B 2980 -67.48 36.99 -9.37
O4' PSU B 2980 -69.56 35.19 -7.05
C5' PSU B 2980 -67.18 34.87 -6.95
O5' PSU B 2980 -67.20 35.52 -5.70
P PSU B 2980 -65.91 35.58 -4.78
OP1 PSU B 2980 -64.78 35.99 -5.63
OP2 PSU B 2980 -66.25 36.38 -3.59
N1 PSU B 2983 -66.82 48.96 -3.89
C2 PSU B 2983 -67.24 49.29 -2.63
N3 PSU B 2983 -67.61 50.58 -2.35
C4 PSU B 2983 -67.55 51.54 -3.33
C5 PSU B 2983 -67.11 51.19 -4.60
C6 PSU B 2983 -66.74 49.88 -4.86
O2 PSU B 2983 -67.30 48.44 -1.75
O4 PSU B 2983 -67.88 52.69 -3.09
C1' PSU B 2983 -67.04 52.22 -5.69
C2' PSU B 2983 -65.77 53.06 -5.62
O2' PSU B 2983 -66.08 54.38 -6.05
C3' PSU B 2983 -64.91 52.36 -6.67
C4' PSU B 2983 -65.93 51.99 -7.72
O3' PSU B 2983 -63.87 53.17 -7.19
O4' PSU B 2983 -67.08 51.60 -6.95
C5' PSU B 2983 -65.52 50.89 -8.66
O5' PSU B 2983 -64.75 49.91 -7.99
P PSU B 2983 -64.47 48.51 -8.68
OP1 PSU B 2983 -63.46 48.71 -9.73
OP2 PSU B 2983 -64.25 47.51 -7.60
N1 PSU B 2986 -58.79 51.14 3.58
C2 PSU B 2986 -58.66 49.77 3.58
N3 PSU B 2986 -58.90 49.05 4.72
C4 PSU B 2986 -59.29 49.70 5.87
C5 PSU B 2986 -59.39 51.09 5.87
C6 PSU B 2986 -59.16 51.79 4.71
O2 PSU B 2986 -58.32 49.19 2.55
O4 PSU B 2986 -59.50 49.05 6.87
C1' PSU B 2986 -59.81 51.82 7.11
C2' PSU B 2986 -58.72 51.82 8.18
O2' PSU B 2986 -59.35 51.78 9.45
C3' PSU B 2986 -58.08 53.18 7.95
C4' PSU B 2986 -59.28 54.04 7.61
O3' PSU B 2986 -57.36 53.67 9.05
O4' PSU B 2986 -60.12 53.16 6.82
C5' PSU B 2986 -58.99 55.30 6.85
O5' PSU B 2986 -58.35 55.01 5.61
P PSU B 2986 -58.38 56.07 4.42
OP1 PSU B 2986 -57.65 57.28 4.84
OP2 PSU B 2986 -57.93 55.26 3.28
N1 OMU B 2993 -44.67 52.74 0.78
C2 OMU B 2993 -43.99 51.55 0.16
N3 OMU B 2993 -43.47 50.45 1.03
C4 OMU B 2993 -43.62 50.55 2.46
C5 OMU B 2993 -44.27 51.73 3.07
C6 OMU B 2993 -44.80 52.81 2.21
O2 OMU B 2993 -43.88 51.48 -1.05
O4 OMU B 2993 -43.22 49.73 3.13
C1' OMU B 2993 -45.20 53.83 -0.06
C2' OMU B 2993 -46.46 53.40 -0.80
O2' OMU B 2993 -46.55 54.18 -1.99
CM2 OMU B 2993 -45.63 53.82 -2.97
C3' OMU B 2993 -47.52 53.84 0.19
C4' OMU B 2993 -46.97 55.15 0.68
O3' OMU B 2993 -48.82 53.96 -0.37
O4' OMU B 2993 -45.54 54.92 0.76
C5' OMU B 2993 -47.47 55.64 2.02
O5' OMU B 2993 -46.82 56.84 2.38
P OMU B 2993 -47.44 57.81 3.47
OP1 OMU B 2993 -46.48 58.94 3.67
OP2 OMU B 2993 -48.87 58.10 3.11
N1 PSU B 2999 -61.72 44.31 5.64
C2 PSU B 2999 -61.88 45.59 5.15
N3 PSU B 2999 -62.03 46.64 6.01
C4 PSU B 2999 -62.04 46.43 7.36
C5 PSU B 2999 -61.88 45.14 7.85
C6 PSU B 2999 -61.72 44.09 6.96
O2 PSU B 2999 -61.88 45.77 3.94
O4 PSU B 2999 -62.18 47.37 8.13
C1' PSU B 2999 -61.88 44.89 9.33
C2' PSU B 2999 -63.29 44.88 9.89
O2' PSU B 2999 -63.25 45.35 11.22
C3' PSU B 2999 -63.61 43.39 9.86
C4' PSU B 2999 -62.28 42.77 10.24
O3' PSU B 2999 -64.67 43.01 10.72
O4' PSU B 2999 -61.31 43.62 9.60
C5' PSU B 2999 -62.08 41.35 9.81
O5' PSU B 2999 -62.43 41.18 8.44
P PSU B 2999 -62.07 39.85 7.67
OP1 PSU B 2999 -62.86 38.75 8.26
OP2 PSU B 2999 -62.19 40.15 6.23
N1 PSU B 3040 -59.88 52.64 -36.30
C2 PSU B 3040 -59.99 51.28 -36.43
N3 PSU B 3040 -58.89 50.51 -36.71
C4 PSU B 3040 -57.66 51.12 -36.85
C5 PSU B 3040 -57.56 52.48 -36.72
C6 PSU B 3040 -58.68 53.24 -36.44
O2 PSU B 3040 -61.08 50.73 -36.31
O4 PSU B 3040 -56.67 50.44 -37.11
C1' PSU B 3040 -56.22 53.13 -36.88
C2' PSU B 3040 -55.88 53.31 -38.35
O2' PSU B 3040 -54.50 53.06 -38.53
C3' PSU B 3040 -56.20 54.79 -38.57
C4' PSU B 3040 -55.83 55.40 -37.23
O3' PSU B 3040 -55.47 55.37 -39.64
O4' PSU B 3040 -56.21 54.41 -36.27
C5' PSU B 3040 -56.52 56.71 -36.91
O5' PSU B 3040 -57.93 56.57 -36.93
P PSU B 3040 -58.88 57.76 -36.47
OP1 PSU B 3040 -58.44 58.99 -37.13
OP2 PSU B 3040 -60.26 57.29 -36.58
N1 PSU B 3048 -59.11 45.45 -37.72
C2 PSU B 3048 -58.68 46.74 -37.50
N3 PSU B 3048 -57.37 47.07 -37.73
C4 PSU B 3048 -56.50 46.12 -38.18
C5 PSU B 3048 -56.93 44.82 -38.39
C6 PSU B 3048 -58.26 44.52 -38.16
O2 PSU B 3048 -59.46 47.59 -37.09
O4 PSU B 3048 -55.33 46.43 -38.38
C1' PSU B 3048 -56.00 43.76 -38.89
C2' PSU B 3048 -54.98 43.38 -37.82
O2' PSU B 3048 -53.79 42.99 -38.47
C3' PSU B 3048 -55.66 42.17 -37.21
C4' PSU B 3048 -56.25 41.49 -38.42
O3' PSU B 3048 -54.78 41.34 -36.47
O4' PSU B 3048 -56.71 42.60 -39.24
C5' PSU B 3048 -57.38 40.54 -38.17
O5' PSU B 3048 -58.47 41.18 -37.51
P PSU B 3048 -59.92 40.53 -37.51
OP1 PSU B 3048 -59.79 39.18 -36.91
OP2 PSU B 3048 -60.86 41.50 -36.94
P OMG B 3057 -50.82 32.92 -12.77
OP1 OMG B 3057 -50.50 31.70 -11.92
OP2 OMG B 3057 -50.58 34.32 -12.23
O5' OMG B 3057 -50.03 32.77 -14.14
C5' OMG B 3057 -49.98 31.54 -14.83
C4' OMG B 3057 -49.10 31.64 -16.04
O4' OMG B 3057 -49.67 32.60 -16.97
C3' OMG B 3057 -47.69 32.17 -15.79
O3' OMG B 3057 -46.81 31.17 -15.33
C2' OMG B 3057 -47.31 32.76 -17.14
O2' OMG B 3057 -46.87 31.73 -18.02
CM2 OMG B 3057 -45.51 31.85 -18.35
C1' OMG B 3057 -48.65 33.28 -17.65
N9 OMG B 3057 -48.80 34.72 -17.37
C8 OMG B 3057 -49.49 35.31 -16.35
N7 OMG B 3057 -49.42 36.60 -16.40
C5 OMG B 3057 -48.63 36.87 -17.48
C6 OMG B 3057 -48.20 38.10 -18.03
O6 OMG B 3057 -48.43 39.23 -17.64
N1 OMG B 3057 -47.39 37.90 -19.15
C2 OMG B 3057 -47.06 36.70 -19.68
N2 OMG B 3057 -46.28 36.71 -20.76
N3 OMG B 3057 -47.46 35.56 -19.18
C4 OMG B 3057 -48.24 35.71 -18.10
P OMG B 3079 -6.53 51.39 2.99
OP1 OMG B 3079 -6.79 52.64 3.82
OP2 OMG B 3079 -5.10 50.88 2.80
O5' OMG B 3079 -7.39 50.21 3.61
C5' OMG B 3079 -8.78 50.37 3.85
C4' OMG B 3079 -9.36 49.08 4.37
O4' OMG B 3079 -9.19 48.05 3.37
C3' OMG B 3079 -8.67 48.52 5.61
O3' OMG B 3079 -9.16 49.08 6.81
C2' OMG B 3079 -8.92 47.02 5.49
O2' OMG B 3079 -10.22 46.70 5.95
CM2 OMG B 3079 -10.35 45.34 6.30
C1' OMG B 3079 -8.89 46.82 3.98
N9 OMG B 3079 -7.56 46.38 3.51
C8 OMG B 3079 -6.56 47.15 3.00
N7 OMG B 3079 -5.52 46.45 2.67
C5 OMG B 3079 -5.86 45.16 2.97
C6 OMG B 3079 -5.13 43.95 2.83
O6 OMG B 3079 -4.01 43.79 2.39
N1 OMG B 3079 -5.88 42.86 3.26
C2 OMG B 3079 -7.13 42.91 3.76
N2 OMG B 3079 -7.68 41.76 4.13
N3 OMG B 3079 -7.80 44.02 3.89
C4 OMG B 3079 -7.12 45.10 3.49
N1 PSU B 3090 -6.74 35.14 27.76
C2 PSU B 3090 -6.53 34.09 26.91
N3 PSU B 3090 -7.49 33.11 26.77
C4 PSU B 3090 -8.66 33.21 27.47
C5 PSU B 3090 -8.87 34.29 28.32
C6 PSU B 3090 -7.90 35.25 28.44
O2 PSU B 3090 -5.48 34.00 26.29
O4 PSU B 3090 -9.52 32.34 27.34
C1' PSU B 3090 -10.16 34.45 29.07
C2' PSU B 3090 -10.45 33.51 30.23
O2' PSU B 3090 -11.80 33.08 30.12
C3' PSU B 3090 -10.29 34.41 31.43
C4' PSU B 3090 -10.74 35.77 30.90
O3' PSU B 3090 -11.05 34.01 32.55
O4' PSU B 3090 -10.28 35.76 29.53
C5' PSU B 3090 -10.17 36.96 31.61
O5' PSU B 3090 -8.75 36.98 31.53
P PSU B 3090 -7.89 38.12 32.22
OP1 PSU B 3090 -8.45 38.38 33.56
OP2 PSU B 3090 -6.50 37.72 32.04
N1 PSU B 3118 -13.82 18.48 42.84
C2 PSU B 3118 -12.46 18.55 43.01
N3 PSU B 3118 -11.94 19.27 44.05
C4 PSU B 3118 -12.78 19.91 44.93
C5 PSU B 3118 -14.15 19.83 44.75
C6 PSU B 3118 -14.65 19.10 43.69
O2 PSU B 3118 -11.71 17.98 42.23
O4 PSU B 3118 -12.31 20.55 45.86
C1' PSU B 3118 -15.09 20.52 45.68
C2' PSU B 3118 -15.09 22.02 45.40
O2' PSU B 3118 -15.36 22.71 46.62
C3' PSU B 3118 -16.28 22.14 44.45
C4' PSU B 3118 -17.26 21.17 45.07
O3' PSU B 3118 -16.78 23.45 44.33
O4' PSU B 3118 -16.41 20.07 45.50
C5' PSU B 3118 -18.34 20.66 44.16
O5' PSU B 3118 -17.79 20.12 42.97
P PSU B 3118 -18.58 19.02 42.14
OP1 PSU B 3118 -19.85 19.58 41.64
OP2 PSU B 3118 -17.62 18.42 41.19
N1 PSU B 3129 -9.44 34.02 18.95
C2 PSU B 3129 -8.25 34.71 19.05
N3 PSU B 3129 -8.22 35.97 19.61
C4 PSU B 3129 -9.39 36.54 20.05
C5 PSU B 3129 -10.58 35.84 19.93
C6 PSU B 3129 -10.58 34.57 19.38
O2 PSU B 3129 -7.20 34.19 18.67
O4 PSU B 3129 -9.37 37.66 20.54
C1' PSU B 3129 -11.87 36.42 20.43
C2' PSU B 3129 -12.46 37.55 19.60
O2' PSU B 3129 -12.97 38.52 20.50
C3' PSU B 3129 -13.60 36.86 18.87
C4' PSU B 3129 -14.04 35.79 19.84
O3' PSU B 3129 -14.64 37.73 18.51
O4' PSU B 3129 -12.83 35.40 20.52
C5' PSU B 3129 -14.69 34.58 19.23
O5' PSU B 3129 -13.80 33.94 18.32
P PSU B 3129 -14.09 32.46 17.82
OP1 PSU B 3129 -15.41 32.46 17.18
OP2 PSU B 3129 -12.93 31.91 17.10
P 5MC B 3134 -0.83 48.82 8.86
OP1 5MC B 3134 0.00 49.87 8.15
OP2 5MC B 3134 -2.16 49.19 9.47
O5' 5MC B 3134 -1.10 47.65 7.82
C5' 5MC B 3134 -0.02 47.00 7.17
C4' 5MC B 3134 -0.51 46.18 6.00
O4' 5MC B 3134 -1.29 45.07 6.46
C3' 5MC B 3134 -1.41 46.90 5.00
O3' 5MC B 3134 -0.70 47.40 3.89
C2' 5MC B 3134 -2.49 45.86 4.62
O2' 5MC B 3134 -2.40 45.54 3.23
C1' 5MC B 3134 -2.06 44.62 5.40
N1 5MC B 3134 -3.22 43.84 5.92
C2 5MC B 3134 -3.06 42.48 6.08
O2 5MC B 3134 -1.98 41.97 5.80
N3 5MC B 3134 -4.08 41.75 6.54
C4 5MC B 3134 -5.23 42.32 6.81
N4 5MC B 3134 -6.20 41.55 7.26
C5 5MC B 3134 -5.46 43.71 6.66
C6 5MC B 3134 -4.41 44.42 6.21
CM5 5MC B 3134 -6.77 44.30 7.00
N1 OMC B 3143 22.73 27.75 15.94
C2 OMC B 3143 22.82 29.14 15.75
N3 OMC B 3143 21.77 29.88 16.08
C4 OMC B 3143 20.68 29.36 16.57
C5 OMC B 3143 20.54 27.97 16.76
C6 OMC B 3143 21.60 27.22 16.43
O2 OMC B 3143 23.84 29.63 15.31
N4 OMC B 3143 19.67 30.17 16.86
C1' OMC B 3143 23.83 26.82 15.61
C2' OMC B 3143 25.02 26.97 16.55
O2' OMC B 3143 26.21 26.77 15.80
CM2 OMC B 3143 26.60 27.93 15.13
C3' OMC B 3143 24.80 25.81 17.52
C4' OMC B 3143 24.19 24.75 16.63
O4' OMC B 3143 23.35 25.50 15.73
O3' OMC B 3143 25.99 25.37 18.15
C5' OMC B 3143 23.36 23.72 17.34
O5' OMC B 3143 22.36 24.35 18.14
P OMC B 3143 21.18 23.51 18.77
OP1 OMC B 3143 21.83 22.43 19.63
OP2 OMC B 3143 20.20 24.48 19.38
N1 PSU B 3144 22.70 29.01 19.51
C2 PSU B 3144 21.80 30.04 19.65
N3 PSU B 3144 22.20 31.35 19.52
C4 PSU B 3144 23.52 31.60 19.24
C5 PSU B 3144 24.43 30.57 19.11
C6 PSU B 3144 23.99 29.27 19.24
O2 PSU B 3144 20.63 29.80 19.90
O4 PSU B 3144 23.90 32.76 19.14
C1' PSU B 3144 25.87 30.83 18.78
C2' PSU B 3144 26.77 31.23 19.95
O2' PSU B 3144 27.69 32.20 19.47
C3' PSU B 3144 27.47 29.93 20.25
C4' PSU B 3144 27.59 29.26 18.90
O3' PSU B 3144 28.74 30.10 20.87
O4' PSU B 3144 26.39 29.67 18.19
C5' PSU B 3144 27.65 27.76 18.92
O5' PSU B 3144 26.61 27.23 19.72
P PSU B 3144 26.25 25.68 19.69
OP1 PSU B 3144 27.46 24.96 20.11
OP2 PSU B 3144 25.00 25.51 20.44
N1 PSU B 3158 18.74 17.99 54.52
C2 PSU B 3158 17.55 17.74 53.90
N3 PSU B 3158 16.38 18.26 54.40
C4 PSU B 3158 16.42 19.02 55.53
C5 PSU B 3158 17.62 19.27 56.16
C6 PSU B 3158 18.78 18.74 55.64
O2 PSU B 3158 17.52 17.05 52.88
O4 PSU B 3158 15.36 19.48 55.95
C1' PSU B 3158 17.72 20.11 57.40
C2' PSU B 3158 16.96 19.50 58.58
O2' PSU B 3158 16.51 20.56 59.40
C3' PSU B 3158 18.06 18.73 59.29
C4' PSU B 3158 19.26 19.63 59.09
O3' PSU B 3158 17.79 18.48 60.66
O4' PSU B 3158 19.08 20.18 57.77
C5' PSU B 3158 20.61 18.94 59.17
O5' PSU B 3158 21.65 19.89 59.33
P PSU B 3158 23.14 19.54 58.92
OP1 PSU B 3158 23.93 19.36 60.15
OP2 PSU B 3158 23.09 18.48 57.90
N1 PSU B 3180 23.26 14.74 28.83
C2 PSU B 3180 23.49 13.40 28.66
N3 PSU B 3180 24.77 12.93 28.54
C4 PSU B 3180 25.82 13.79 28.60
C5 PSU B 3180 25.59 15.15 28.77
C6 PSU B 3180 24.29 15.61 28.90
O2 PSU B 3180 22.55 12.61 28.60
O4 PSU B 3180 26.96 13.37 28.49
C1' PSU B 3180 26.73 16.12 28.84
C2' PSU B 3180 27.27 16.33 27.43
O2' PSU B 3180 28.67 16.58 27.52
C3' PSU B 3180 26.54 17.60 27.02
C4' PSU B 3180 26.52 18.39 28.32
O3' PSU B 3180 27.16 18.30 25.96
O4' PSU B 3180 26.31 17.37 29.33
C5' PSU B 3180 25.45 19.44 28.43
O5' PSU B 3180 24.16 18.91 28.21
P PSU B 3180 22.96 19.25 29.21
OP1 PSU B 3180 22.84 20.71 29.31
OP2 PSU B 3180 21.79 18.46 28.79
P OMG B 3181 26.84 17.90 24.44
OP1 OMG B 3181 27.49 18.94 23.54
OP2 OMG B 3181 25.36 17.61 24.30
O5' OMG B 3181 27.62 16.54 24.21
C5' OMG B 3181 29.04 16.49 24.27
C4' OMG B 3181 29.54 15.16 23.77
O4' OMG B 3181 29.19 14.12 24.73
C3' OMG B 3181 28.92 14.68 22.47
O3' OMG B 3181 29.55 15.23 21.33
C2' OMG B 3181 29.07 13.16 22.58
O2' OMG B 3181 30.41 12.78 22.31
CM2 OMG B 3181 30.54 11.96 21.18
C1' OMG B 3181 28.80 12.96 24.06
N9 OMG B 3181 27.36 12.74 24.33
C8 OMG B 3181 26.46 13.66 24.79
N7 OMG B 3181 25.28 13.16 24.92
C5 OMG B 3181 25.40 11.86 24.52
C6 OMG B 3181 24.44 10.82 24.46
O6 OMG B 3181 23.25 10.86 24.74
N1 OMG B 3181 25.01 9.65 24.00
C2 OMG B 3181 26.32 9.46 23.66
N2 OMG B 3181 26.67 8.25 23.24
N3 OMG B 3181 27.19 10.42 23.72
C4 OMG B 3181 26.69 11.58 24.15
N1 OMU B 3185 15.71 12.77 12.63
C2 OMU B 3185 15.41 13.39 13.98
N3 OMU B 3185 16.51 13.82 14.86
C4 OMU B 3185 17.89 13.68 14.42
C5 OMU B 3185 18.18 13.08 13.09
C6 OMU B 3185 17.07 12.64 12.21
O2 OMU B 3185 14.25 13.50 14.33
O4 OMU B 3185 18.73 14.02 15.09
C1' OMU B 3185 14.59 12.35 11.78
C2' OMU B 3185 14.18 13.45 10.79
O2' OMU B 3185 12.77 13.40 10.63
CM2 OMU B 3185 12.18 14.65 10.58
C3' OMU B 3185 14.89 13.01 9.52
C4' OMU B 3185 14.83 11.50 9.61
O3' OMU B 3185 14.30 13.51 8.33
O4' OMU B 3185 14.99 11.24 11.02
C5' OMU B 3185 15.91 10.76 8.85
O5' OMU B 3185 17.18 11.34 9.12
P OMU B 3185 18.51 10.49 8.92
OP1 OMU B 3185 18.65 10.21 7.46
OP2 OMU B 3185 19.61 11.20 9.67
P OMG B 3186 15.13 14.51 7.40
OP1 OMG B 3186 14.23 14.95 6.26
OP2 OMG B 3186 16.48 13.86 7.08
O5' OMG B 3186 15.39 15.77 8.33
C5' OMG B 3186 16.42 16.69 8.02
C4' OMG B 3186 16.11 18.06 8.58
O4' OMG B 3186 14.99 18.63 7.86
C3' OMG B 3186 15.68 18.11 10.04
O3' OMG B 3186 16.78 18.09 10.93
C2' OMG B 3186 14.87 19.40 10.10
O2' OMG B 3186 15.73 20.52 10.18
CM2 OMG B 3186 15.38 21.42 11.20
C1' OMG B 3186 14.20 19.41 8.73
N9 OMG B 3186 12.85 18.85 8.76
C8 OMG B 3186 12.45 17.61 8.33
N7 OMG B 3186 11.18 17.40 8.49
C5 OMG B 3186 10.72 18.57 9.04
C6 OMG B 3186 9.41 18.93 9.44
O6 OMG B 3186 8.39 18.28 9.37
N1 OMG B 3186 9.38 20.23 9.96
C2 OMG B 3186 10.47 21.05 10.08
N2 OMG B 3186 10.25 22.26 10.61
N3 OMG B 3186 11.67 20.70 9.72
C4 OMG B 3186 11.74 19.47 9.21
N1 PSU B 3187 9.95 15.59 13.50
C2 PSU B 3187 8.68 16.08 13.32
N3 PSU B 3187 8.48 17.40 13.02
C4 PSU B 3187 9.56 18.25 12.90
C5 PSU B 3187 10.83 17.75 13.09
C6 PSU B 3187 11.01 16.41 13.39
O2 PSU B 3187 7.72 15.33 13.43
O4 PSU B 3187 9.40 19.43 12.62
C1' PSU B 3187 12.02 18.66 12.94
C2' PSU B 3187 12.41 19.32 14.25
O2' PSU B 3187 12.86 20.64 13.97
C3' PSU B 3187 13.57 18.44 14.72
C4' PSU B 3187 14.22 18.05 13.40
O3' PSU B 3187 14.47 19.12 15.58
O4' PSU B 3187 13.12 17.91 12.49
C5' PSU B 3187 15.04 16.80 13.42
O5' PSU B 3187 16.41 17.07 13.22
P PSU B 3187 17.11 16.79 11.81
OP1 PSU B 3187 18.55 16.74 12.07
OP2 PSU B 3187 16.45 15.65 11.14
N1 PSU B 3208 16.14 32.32 19.15
C2 PSU B 3208 17.14 31.40 19.42
N3 PSU B 3208 18.44 31.82 19.55
C4 PSU B 3208 18.74 33.15 19.41
C5 PSU B 3208 17.73 34.06 19.14
C6 PSU B 3208 16.42 33.62 19.02
O2 PSU B 3208 16.87 30.23 19.54
O4 PSU B 3208 19.89 33.54 19.52
C1' PSU B 3208 18.08 35.51 19.01
C2' PSU B 3208 18.51 35.83 17.57
O2' PSU B 3208 19.57 36.77 17.64
C3' PSU B 3208 17.26 36.49 17.00
C4' PSU B 3208 16.68 37.20 18.20
O3' PSU B 3208 17.55 37.36 15.93
O4' PSU B 3208 16.98 36.33 19.32
C5' PSU B 3208 15.19 37.45 18.16
O5' PSU B 3208 14.48 36.24 18.01
P PSU B 3208 12.94 36.13 18.37
OP1 PSU B 3208 12.30 37.24 17.64
OP2 PSU B 3208 12.49 34.75 18.15
P A2M B 3210 18.72 40.37 11.30
OP1 A2M B 3210 18.39 40.67 12.73
O5' A2M B 3210 19.99 41.39 10.54
C5' A2M B 3210 20.56 40.90 9.43
C4' A2M B 3210 21.34 41.98 8.70
O4' A2M B 3210 20.48 43.01 8.30
C3' A2M B 3210 22.41 42.64 9.54
O3' A2M B 3210 23.38 41.70 9.78
C2' A2M B 3210 22.73 43.81 8.66
O2' A2M B 3210 23.35 43.45 7.46
C1' A2M B 3210 21.26 44.18 8.39
CM' A2M B 3210 23.63 44.57 6.69
N9 A2M B 3210 20.69 45.03 9.38
C8 A2M B 3210 19.99 44.77 10.55
N7 A2M B 3210 19.63 45.87 11.21
C5 A2M B 3210 20.13 46.88 10.41
C6 A2M B 3210 20.12 48.26 10.49
N6 A2M B 3210 19.52 48.91 11.54
N1 A2M B 3210 20.70 49.04 9.56
C2 A2M B 3210 21.29 48.40 8.54
N3 A2M B 3210 21.40 47.10 8.30
C4 A2M B 3210 20.80 46.38 9.28
OP2 A2M B 3210 17.71 40.70 10.24
P UR3 B 3217 8.51 20.85 2.58
OP1 UR3 B 3217 7.76 19.71 2.04
OP2 UR3 B 3217 9.56 21.53 1.72
O5' UR3 B 3217 7.46 21.97 3.02
C5' UR3 B 3217 6.49 21.68 4.01
C4' UR3 B 3217 5.93 22.94 4.61
O4' UR3 B 3217 6.98 23.65 5.32
C1' UR3 B 3217 6.76 25.03 5.23
N1 UR3 B 3217 7.95 25.65 4.60
C6 UR3 B 3217 8.89 24.85 3.88
C2 UR3 B 3217 8.15 27.11 4.71
O2 UR3 B 3217 7.37 27.75 5.29
N3 UR3 B 3217 9.33 27.74 4.06
C3U UR3 B 3217 9.52 29.23 4.18
C4 UR3 B 3217 10.27 26.95 3.35
O4 UR3 B 3217 11.23 27.48 2.84
C5 UR3 B 3217 10.08 25.49 3.24
C2' UR3 B 3217 5.49 25.26 4.43
O2' UR3 B 3217 4.41 25.35 5.33
C3' UR3 B 3217 5.43 23.98 3.62
O3' UR3 B 3217 4.12 23.68 3.14
N1 PSU B 3219 9.72 30.58 -4.97
C2 PSU B 3219 10.37 31.23 -5.99
N3 PSU B 3219 9.65 31.94 -6.91
C4 PSU B 3219 8.28 32.00 -6.83
C5 PSU B 3219 7.63 31.33 -5.79
C6 PSU B 3219 8.39 30.63 -4.87
O2 PSU B 3219 11.59 31.18 -6.06
O4 PSU B 3219 7.65 32.64 -7.66
C1' PSU B 3219 6.14 31.37 -5.67
C2' PSU B 3219 5.50 30.49 -6.74
O2' PSU B 3219 4.22 31.03 -7.04
C3' PSU B 3219 5.35 29.19 -5.99
C4' PSU B 3219 4.95 29.66 -4.61
O3' PSU B 3219 4.43 28.29 -6.57
O4' PSU B 3219 5.74 30.87 -4.42
C5' PSU B 3219 5.22 28.70 -3.49
O5' PSU B 3219 6.57 28.28 -3.52
P PSU B 3219 7.08 27.18 -2.49
OP1 PSU B 3219 6.20 26.04 -2.79
OP2 PSU B 3219 8.54 27.08 -2.62
N1 OMC B 3223 6.51 14.46 -10.67
C2 OMC B 3223 6.14 14.20 -9.35
N3 OMC B 3223 5.51 15.17 -8.66
C4 OMC B 3223 5.25 16.33 -9.19
C5 OMC B 3223 5.60 16.63 -10.53
C6 OMC B 3223 6.23 15.67 -11.21
O2 OMC B 3223 6.38 13.12 -8.85
N4 OMC B 3223 4.63 17.23 -8.45
C1' OMC B 3223 7.20 13.47 -11.52
C2' OMC B 3223 6.28 12.31 -11.92
O2' OMC B 3223 7.08 11.14 -12.07
CM2 OMC B 3223 7.23 10.42 -10.89
C3' OMC B 3223 5.78 12.78 -13.27
C4' OMC B 3223 7.03 13.41 -13.86
O4' OMC B 3223 7.62 14.09 -12.71
O3' OMC B 3223 5.25 11.76 -14.07
C5' OMC B 3223 6.81 14.38 -14.98
O5' OMC B 3223 5.80 15.32 -14.67
P OMC B 3223 5.60 16.62 -15.57
OP1 OMC B 3223 5.25 16.14 -16.97
OP2 OMC B 3223 4.68 17.58 -14.84
N1 PSU B 3239 10.55 18.21 -4.46
C2 PSU B 3239 10.02 19.17 -5.29
N3 PSU B 3239 10.50 19.32 -6.57
C4 PSU B 3239 11.51 18.52 -7.02
C5 PSU B 3239 12.04 17.56 -6.18
C6 PSU B 3239 11.54 17.41 -4.90
O2 PSU B 3239 9.12 19.90 -4.90
O4 PSU B 3239 11.94 18.65 -8.16
C1' PSU B 3239 13.15 16.68 -6.68
C2' PSU B 3239 14.49 17.38 -6.49
O2' PSU B 3239 15.35 16.99 -7.54
C3' PSU B 3239 14.96 16.79 -5.17
C4' PSU B 3239 14.50 15.36 -5.30
O3' PSU B 3239 16.35 16.90 -4.96
O4' PSU B 3239 13.21 15.46 -5.95
C5' PSU B 3239 14.34 14.60 -4.01
O5' PSU B 3239 13.62 15.34 -3.05
P PSU B 3239 13.17 14.68 -1.69
OP1 PSU B 3239 14.36 14.06 -1.09
OP2 PSU B 3239 12.37 15.67 -0.95
P A2M B 3258 41.47 67.25 29.40
OP1 A2M B 3258 42.58 68.26 29.41
O5' A2M B 3258 39.82 67.89 29.68
C5' A2M B 3258 39.24 68.48 28.63
C4' A2M B 3258 37.75 68.59 28.88
O4' A2M B 3258 37.19 67.33 28.71
C3' A2M B 3258 37.48 69.03 30.31
O3' A2M B 3258 37.63 70.40 30.28
C2' A2M B 3258 36.13 68.42 30.58
O2' A2M B 3258 35.08 69.15 29.99
C1' A2M B 3258 36.34 67.12 29.79
CM' A2M B 3258 33.85 68.76 30.52
N9 A2M B 3258 36.83 65.99 30.51
C8 A2M B 3258 38.08 65.40 30.60
N7 A2M B 3258 38.10 64.32 31.40
C5 A2M B 3258 36.79 64.23 31.84
C6 A2M B 3258 36.12 63.36 32.67
N6 A2M B 3258 36.77 62.31 33.27
N1 A2M B 3258 34.80 63.48 32.94
C2 A2M B 3258 34.18 64.52 32.33
N3 A2M B 3258 34.66 65.45 31.51
C4 A2M B 3258 35.98 65.25 31.29
OP2 A2M B 3258 41.37 66.27 30.53
N1 PSU B 3263 49.32 74.69 40.66
C2 PSU B 3263 50.53 74.26 41.14
N3 PSU B 3263 51.63 74.18 40.31
C4 PSU B 3263 51.51 74.55 39.00
C5 PSU B 3263 50.28 74.98 38.51
C6 PSU B 3263 49.20 75.05 39.36
O2 PSU B 3263 50.63 73.92 42.32
O4 PSU B 3263 52.49 74.49 38.27
C1' PSU B 3263 50.13 75.42 37.09
C2' PSU B 3263 50.14 74.28 36.07
O2' PSU B 3263 50.72 74.78 34.87
C3' PSU B 3263 48.65 74.04 35.88
C4' PSU B 3263 48.05 75.43 36.00
O3' PSU B 3263 48.34 73.43 34.65
O4' PSU B 3263 48.90 76.09 36.97
C5' PSU B 3263 46.62 75.48 36.46
O5' PSU B 3263 46.46 74.80 37.68
P PSU B 3263 45.02 74.63 38.34
OP1 PSU B 3263 44.15 74.22 37.22
OP2 PSU B 3263 45.15 73.78 39.55
N1 PSU B 3266 51.46 63.46 41.81
C2 PSU B 3266 51.01 63.66 43.09
N3 PSU B 3266 51.77 63.29 44.16
C4 PSU B 3266 53.00 62.70 43.96
C5 PSU B 3266 53.45 62.50 42.66
C6 PSU B 3266 52.66 62.90 41.59
O2 PSU B 3266 49.92 64.19 43.26
O4 PSU B 3266 53.67 62.37 44.91
C1' PSU B 3266 54.79 61.89 42.41
C2' PSU B 3266 54.78 60.38 42.66
O2' PSU B 3266 56.05 60.00 43.16
C3' PSU B 3266 54.58 59.84 41.26
C4' PSU B 3266 55.39 60.81 40.43
O3' PSU B 3266 54.99 58.49 41.11
O4' PSU B 3266 55.18 62.08 41.06
C5' PSU B 3266 55.00 60.89 38.97
O5' PSU B 3266 53.63 61.20 38.83
P PSU B 3266 53.04 61.68 37.43
OP1 PSU B 3266 53.33 60.60 36.48
OP2 PSU B 3266 51.66 62.14 37.65
P A2M B 3277 34.99 33.03 45.64
OP1 A2M B 3277 34.01 33.93 46.30
O5' A2M B 3277 34.73 31.25 45.95
C5' A2M B 3277 35.37 30.39 45.13
C4' A2M B 3277 34.47 30.09 43.94
O4' A2M B 3277 35.19 30.31 42.75
C3' A2M B 3277 33.98 28.66 43.94
O3' A2M B 3277 32.94 28.59 44.84
C2' A2M B 3277 33.69 28.47 42.46
O2' A2M B 3277 32.54 29.13 42.04
C1' A2M B 3277 34.93 29.19 41.95
CM' A2M B 3277 32.36 29.02 40.66
N9 A2M B 3277 36.13 28.41 41.87
C8 A2M B 3277 37.33 28.44 42.58
N7 A2M B 3277 38.20 27.51 42.17
C5 A2M B 3277 37.52 26.85 41.16
C6 A2M B 3277 37.82 25.81 40.33
N6 A2M B 3277 39.03 25.15 40.39
N1 A2M B 3277 36.96 25.34 39.41
C2 A2M B 3277 35.76 25.97 39.35
N3 A2M B 3277 35.31 27.00 40.06
C4 A2M B 3277 36.23 27.40 40.97
OP2 A2M B 3277 36.40 32.98 46.13
P OMG B 3305 45.93 16.00 39.12
OP1 OMG B 3305 47.07 16.33 38.16
OP2 OMG B 3305 45.13 17.13 39.75
O5' OMG B 3305 44.93 15.04 38.36
C5' OMG B 3305 44.01 15.55 37.42
C4' OMG B 3305 42.69 14.83 37.51
O4' OMG B 3305 42.35 14.57 38.89
C3' OMG B 3305 41.51 15.60 36.97
O3' OMG B 3305 41.42 15.53 35.56
C2' OMG B 3305 40.34 14.96 37.69
O2' OMG B 3305 40.00 13.71 37.12
CM2 OMG B 3305 38.62 13.45 37.12
C1' OMG B 3305 40.95 14.71 39.06
N9 OMG B 3305 40.72 15.82 40.00
C8 OMG B 3305 41.69 16.49 40.71
N7 OMG B 3305 41.21 17.41 41.47
C5 OMG B 3305 39.85 17.36 41.26
C6 OMG B 3305 38.81 18.15 41.83
O6 OMG B 3305 38.89 19.05 42.63
N1 OMG B 3305 37.57 17.75 41.34
C2 OMG B 3305 37.35 16.75 40.44
N2 OMG B 3305 36.08 16.53 40.08
N3 OMG B 3305 38.30 16.04 39.93
C4 OMG B 3305 39.53 16.37 40.36
N1 OMU B 3307 35.24 22.20 35.53
C2 OMU B 3307 35.34 23.21 36.63
N3 OMU B 3307 36.62 23.36 37.38
C4 OMU B 3307 37.76 22.54 37.05
C5 OMU B 3307 37.66 21.54 35.95
C6 OMU B 3307 36.39 21.40 35.21
O2 OMU B 3307 34.39 23.90 36.91
O4 OMU B 3307 38.72 22.66 37.63
C1' OMU B 3307 33.97 22.05 34.79
C2' OMU B 3307 33.80 23.15 33.74
O2' OMU B 3307 32.41 23.32 33.52
CM2 OMU B 3307 31.78 24.04 34.53
C3' OMU B 3307 34.45 22.48 32.55
C4' OMU B 3307 33.96 21.06 32.68
O3' OMU B 3307 34.15 23.10 31.32
O4' OMU B 3307 33.98 20.82 34.10
C5' OMU B 3307 34.78 20.00 31.98
O5' OMU B 3307 36.16 20.21 32.22
P OMU B 3307 37.22 19.08 31.92
OP1 OMU B 3307 37.16 18.75 30.46
OP2 OMU B 3307 38.51 19.50 32.55
P OMG B 3310 38.97 34.69 32.34
OP1 OMG B 3310 38.31 35.91 31.74
OP2 OMG B 3310 39.27 33.47 31.48
O5' OMG B 3310 40.34 35.13 33.03
C5' OMG B 3310 40.31 35.89 34.22
C4' OMG B 3310 41.65 35.85 34.91
O4' OMG B 3310 41.83 34.59 35.60
C3' OMG B 3310 42.85 35.91 33.98
O3' OMG B 3310 43.11 37.21 33.49
C2' OMG B 3310 43.94 35.35 34.87
O2' OMG B 3310 44.35 36.30 35.84
CM2 OMG B 3310 45.63 36.06 36.37
C1' OMG B 3310 43.20 34.23 35.58
N9 OMG B 3310 43.33 32.95 34.87
C8 OMG B 3310 42.51 32.43 33.91
N7 OMG B 3310 42.92 31.28 33.49
C5 OMG B 3310 44.06 31.03 34.19
C6 OMG B 3310 44.96 29.93 34.15
O6 OMG B 3310 44.90 28.92 33.47
N1 OMG B 3310 46.01 30.11 35.05
C2 OMG B 3310 46.18 31.18 35.86
N2 OMG B 3310 47.26 31.18 36.66
N3 OMG B 3310 45.37 32.20 35.90
C4 OMG B 3310 44.33 32.07 35.05
N1 PSU B 3315 58.09 25.55 28.09
C2 PSU B 3315 56.77 25.19 27.95
N3 PSU B 3315 56.40 23.88 28.05
C4 PSU B 3315 57.35 22.91 28.29
C5 PSU B 3315 58.68 23.28 28.41
C6 PSU B 3315 59.03 24.61 28.31
O2 PSU B 3315 55.92 26.05 27.75
O4 PSU B 3315 56.99 21.74 28.36
C1' PSU B 3315 59.77 22.28 28.68
C2' PSU B 3315 59.97 21.29 27.54
O2' PSU B 3315 60.28 20.03 28.09
C3' PSU B 3315 61.17 21.89 26.82
C4' PSU B 3315 61.97 22.50 27.95
O3' PSU B 3315 61.91 20.92 26.10
O4' PSU B 3315 60.98 22.97 28.88
C5' PSU B 3315 62.89 23.63 27.56
O5' PSU B 3315 62.17 24.70 26.98
P PSU B 3315 62.84 26.12 26.74
OP1 PSU B 3315 64.11 25.83 26.05
OP2 PSU B 3315 61.83 27.00 26.11
N1 PSU B 3323 63.29 35.94 -0.53
C2 PSU B 3323 62.75 35.01 -1.39
N3 PSU B 3323 62.05 33.93 -0.89
C4 PSU B 3323 61.91 33.79 0.46
C5 PSU B 3323 62.44 34.74 1.31
C6 PSU B 3323 63.15 35.81 0.81
O2 PSU B 3323 62.89 35.13 -2.60
O4 PSU B 3323 61.28 32.84 0.91
C1' PSU B 3323 62.27 34.55 2.79
C2' PSU B 3323 63.63 34.41 3.48
O2' PSU B 3323 63.57 33.33 4.39
C3' PSU B 3323 63.75 35.74 4.23
C4' PSU B 3323 62.31 36.09 4.54
O3' PSU B 3323 64.55 35.65 5.38
O4' PSU B 3323 61.58 35.61 3.40
C5' PSU B 3323 62.04 37.56 4.75
O5' PSU B 3323 62.84 38.10 5.78
P PSU B 3323 62.21 38.78 7.07
OP1 PSU B 3323 62.60 40.20 7.09
OP2 PSU B 3323 60.78 38.43 7.09
P OMG B 3324 66.13 35.97 5.33
OP1 OMG B 3324 66.30 37.45 5.61
OP2 OMG B 3324 66.71 35.36 4.06
O5' OMG B 3324 66.71 35.17 6.56
C5' OMG B 3324 68.11 35.15 6.81
C4' OMG B 3324 68.51 33.89 7.56
O4' OMG B 3324 67.35 33.27 8.15
C3' OMG B 3324 69.11 32.80 6.72
O3' OMG B 3324 70.46 33.05 6.36
C2' OMG B 3324 68.93 31.57 7.62
O2' OMG B 3324 69.94 31.56 8.61
CM2 OMG B 3324 69.78 30.53 9.55
C1' OMG B 3324 67.60 31.89 8.30
N9 OMG B 3324 66.48 31.14 7.73
C8 OMG B 3324 65.45 31.64 6.98
N7 OMG B 3324 64.59 30.72 6.65
C5 OMG B 3324 65.07 29.57 7.19
C6 OMG B 3324 64.56 28.25 7.16
O6 OMG B 3324 63.56 27.84 6.61
N1 OMG B 3324 65.38 27.37 7.86
C2 OMG B 3324 66.52 27.72 8.50
N2 OMG B 3324 67.17 26.72 9.11
N3 OMG B 3324 66.99 28.92 8.53
C4 OMG B 3324 66.24 29.81 7.87
N1 PSU B 3360 49.74 24.21 30.92
C2 PSU B 3360 49.24 25.49 30.97
N3 PSU B 3360 49.98 26.50 31.53
C4 PSU B 3360 51.22 26.24 32.05
C5 PSU B 3360 51.72 24.94 32.00
C6 PSU B 3360 50.95 23.94 31.43
O2 PSU B 3360 48.13 25.74 30.51
O4 PSU B 3360 51.87 27.14 32.56
C1' PSU B 3360 53.07 24.61 32.56
C2' PSU B 3360 53.04 24.56 34.09
O2' PSU B 3360 54.31 24.96 34.57
C3' PSU B 3360 52.83 23.07 34.33
C4' PSU B 3360 53.65 22.44 33.23
O3' PSU B 3360 53.21 22.65 35.62
O4' PSU B 3360 53.47 23.34 32.11
C5' PSU B 3360 53.26 21.04 32.84
O5' PSU B 3360 51.90 20.98 32.44
P PSU B 3360 51.35 19.73 31.64
OP1 PSU B 3360 51.62 18.51 32.42
OP2 PSU B 3360 49.97 20.06 31.23
N1 PSU B 3376 13.73 27.44 77.41
C2 PSU B 3376 12.95 28.38 76.78
N3 PSU B 3376 12.96 29.69 77.20
C4 PSU B 3376 13.74 30.06 78.26
C5 PSU B 3376 14.52 29.11 78.89
C6 PSU B 3376 14.49 27.81 78.46
O2 PSU B 3376 12.26 28.06 75.83
O4 PSU B 3376 13.75 31.22 78.64
C1' PSU B 3376 15.39 29.51 80.06
C2' PSU B 3376 14.58 29.64 81.33
O2' PSU B 3376 15.19 30.61 82.15
C3' PSU B 3376 14.75 28.26 81.94
C4' PSU B 3376 16.19 27.94 81.60
O3' PSU B 3376 14.47 28.22 83.32
O4' PSU B 3376 16.36 28.50 80.28
C5' PSU B 3376 16.53 26.47 81.56
O5' PSU B 3376 15.68 25.77 80.69
P PSU B 3376 16.10 24.35 80.10
OP1 PSU B 3376 16.51 23.53 81.26
OP2 PSU B 3376 15.04 23.88 79.19
N1 PSU B 3578 59.79 62.83 20.43
C2 PSU B 3578 60.14 62.37 21.67
N3 PSU B 3578 61.46 62.12 21.98
C4 PSU B 3578 62.43 62.33 21.02
C5 PSU B 3578 62.06 62.79 19.77
C6 PSU B 3578 60.73 63.04 19.49
O2 PSU B 3578 59.27 62.19 22.52
O4 PSU B 3578 63.59 62.10 21.31
C1' PSU B 3578 63.10 63.03 18.71
C2' PSU B 3578 63.66 61.71 18.18
O2' PSU B 3578 65.02 61.91 17.87
C3' PSU B 3578 62.85 61.53 16.91
C4' PSU B 3578 62.68 62.95 16.41
O3' PSU B 3578 63.46 60.67 15.97
O4' PSU B 3578 62.52 63.73 17.63
C5' PSU B 3578 61.51 63.19 15.49
O5' PSU B 3578 60.29 62.75 16.06
P PSU B 3578 58.91 63.08 15.36
OP1 PSU B 3578 59.00 62.63 13.95
OP2 PSU B 3578 57.81 62.58 16.22
N1 PSU B 3579 60.38 59.24 20.06
C2 PSU B 3579 59.72 58.99 21.24
N3 PSU B 3579 60.40 58.46 22.31
C4 PSU B 3579 61.74 58.17 22.19
C5 PSU B 3579 62.39 58.42 21.00
C6 PSU B 3579 61.69 58.97 19.94
O2 PSU B 3579 58.53 59.25 21.34
O4 PSU B 3579 62.33 57.69 23.15
C1' PSU B 3579 63.86 58.13 20.86
C2' PSU B 3579 64.16 56.63 20.69
O2' PSU B 3579 65.37 56.36 21.36
C3' PSU B 3579 64.33 56.52 19.19
C4' PSU B 3579 64.98 57.85 18.82
O3' PSU B 3579 65.11 55.41 18.80
O4' PSU B 3579 64.36 58.80 19.72
C5' PSU B 3579 64.80 58.30 17.41
O5' PSU B 3579 63.42 58.42 17.08
P PSU B 3579 62.94 59.17 15.77
OP1 PSU B 3579 63.65 58.58 14.61
OP2 PSU B 3579 61.47 59.18 15.81
N1 PSU B 3607 76.90 32.78 19.25
C2 PSU B 3607 76.10 33.21 18.23
N3 PSU B 3607 74.75 33.36 18.42
C4 PSU B 3607 74.20 33.08 19.64
C5 PSU B 3607 75.02 32.65 20.68
C6 PSU B 3607 76.38 32.51 20.47
O2 PSU B 3607 76.59 33.46 17.13
O4 PSU B 3607 73.00 33.21 19.80
C1' PSU B 3607 74.44 32.35 22.03
C2' PSU B 3607 73.61 31.07 22.05
O2' PSU B 3607 72.56 31.24 22.99
C3' PSU B 3607 74.64 30.07 22.56
C4' PSU B 3607 75.42 30.88 23.58
O3' PSU B 3607 74.06 28.91 23.14
O4' PSU B 3607 75.48 32.20 22.98
C5' PSU B 3607 76.80 30.40 23.87
O5' PSU B 3607 77.57 30.31 22.69
P PSU B 3607 79.16 30.17 22.75
OP1 PSU B 3607 79.48 28.97 23.54
OP2 PSU B 3607 79.67 30.32 21.38
N1 PSU B 3616 89.31 22.38 -4.76
C2 PSU B 3616 89.21 21.52 -3.69
N3 PSU B 3616 90.27 21.35 -2.84
C4 PSU B 3616 91.44 22.05 -3.04
C5 PSU B 3616 91.53 22.92 -4.11
C6 PSU B 3616 90.44 23.08 -4.96
O2 PSU B 3616 88.17 20.89 -3.51
O4 PSU B 3616 92.38 21.90 -2.27
C1' PSU B 3616 92.79 23.70 -4.34
C2' PSU B 3616 93.84 22.81 -5.02
O2' PSU B 3616 95.12 23.24 -4.60
C3' PSU B 3616 93.61 23.15 -6.49
C4' PSU B 3616 93.31 24.64 -6.43
O3' PSU B 3616 94.73 22.85 -7.32
O4' PSU B 3616 92.55 24.79 -5.22
C5' PSU B 3616 92.54 25.19 -7.60
O5' PSU B 3616 91.30 24.49 -7.77
P PSU B 3616 90.17 25.07 -8.71
OP1 PSU B 3616 90.78 25.40 -10.01
OP2 PSU B 3616 89.00 24.17 -8.65
N1 PSU D 55 20.28 81.24 -41.49
C2 PSU D 55 21.27 81.76 -42.29
N3 PSU D 55 21.27 83.09 -42.60
C4 PSU D 55 20.30 83.92 -42.10
C5 PSU D 55 19.30 83.39 -41.29
C6 PSU D 55 19.32 82.03 -40.99
O2 PSU D 55 22.13 81.03 -42.74
O4 PSU D 55 20.31 85.11 -42.37
C1' PSU D 55 18.22 84.26 -40.73
C2' PSU D 55 17.21 84.62 -41.82
O2' PSU D 55 16.69 85.91 -41.54
C3' PSU D 55 16.16 83.55 -41.60
C4' PSU D 55 16.13 83.44 -40.08
O3' PSU D 55 14.90 83.89 -42.14
O4' PSU D 55 17.53 83.59 -39.71
C5' PSU D 55 15.57 82.16 -39.51
O5' PSU D 55 16.35 81.04 -39.90
P PSU D 55 16.17 79.62 -39.19
OP1 PSU D 55 14.71 79.40 -39.07
OP2 PSU D 55 17.03 78.64 -39.87
N1 PSU D 69 15.20 105.59 -55.08
C2 PSU D 69 16.40 104.99 -54.75
N3 PSU D 69 16.78 104.85 -53.44
C4 PSU D 69 15.94 105.30 -52.44
C5 PSU D 69 14.74 105.91 -52.77
C6 PSU D 69 14.39 106.03 -54.10
O2 PSU D 69 17.13 104.60 -55.65
O4 PSU D 69 16.27 105.18 -51.27
C1' PSU D 69 13.79 106.37 -51.72
C2' PSU D 69 14.19 107.59 -50.88
O2' PSU D 69 13.94 107.29 -49.52
C3' PSU D 69 13.20 108.65 -51.36
C4' PSU D 69 11.99 107.85 -51.77
O3' PSU D 69 12.88 109.60 -50.37
O4' PSU D 69 12.52 106.61 -52.28
C5' PSU D 69 11.13 108.49 -52.84
O5' PSU D 69 11.86 108.64 -54.04
P PSU D 69 11.12 108.84 -55.43
OP1 PSU D 69 10.30 110.08 -55.35
OP2 PSU D 69 12.12 108.70 -56.49
P OMG D 75 27.84 96.66 -35.27
OP1 OMG D 75 27.52 95.33 -34.62
OP2 OMG D 75 26.88 97.83 -35.03
O5' OMG D 75 29.30 97.11 -34.86
C5' OMG D 75 29.83 96.82 -33.58
C4' OMG D 75 31.13 96.06 -33.67
O4' OMG D 75 30.85 94.68 -34.03
C3' OMG D 75 32.10 96.52 -34.73
O3' OMG D 75 32.84 97.66 -34.35
C2' OMG D 75 32.95 95.29 -34.95
O2' OMG D 75 33.91 95.16 -33.90
CM2 OMG D 75 34.59 93.92 -33.89
C1' OMG D 75 31.92 94.17 -34.80
N9 OMG D 75 31.40 93.70 -36.09
C8 OMG D 75 30.14 93.91 -36.59
N7 OMG D 75 29.97 93.35 -37.75
C5 OMG D 75 31.16 92.74 -38.01
C6 OMG D 75 31.57 91.97 -39.14
O6 OMG D 75 30.93 91.69 -40.14
N1 OMG D 75 32.89 91.54 -39.00
C2 OMG D 75 33.70 91.81 -37.93
N2 OMG D 75 34.93 91.30 -37.99
N3 OMG D 75 33.32 92.51 -36.91
C4 OMG D 75 32.06 92.94 -37.00
N GLY E 1 -5.25 30.29 -26.73
CA GLY E 1 -5.41 31.62 -27.29
C GLY E 1 -4.31 31.95 -28.27
N ARG E 2 -3.47 30.98 -28.57
CA ARG E 2 -2.32 31.16 -29.45
C ARG E 2 -2.45 30.23 -30.64
N VAL E 3 -2.08 30.73 -31.83
CA VAL E 3 -2.11 29.92 -33.03
C VAL E 3 -1.13 28.77 -32.88
N ILE E 4 -1.61 27.56 -33.13
CA ILE E 4 -0.86 26.37 -32.80
C ILE E 4 0.09 26.01 -33.95
N ARG E 5 1.05 25.16 -33.63
CA ARG E 5 1.87 24.55 -34.66
C ARG E 5 1.02 23.64 -35.51
N GLY E 6 1.23 23.68 -36.81
CA GLY E 6 0.35 22.98 -37.72
C GLY E 6 -0.60 23.96 -38.34
N GLN E 7 -1.12 24.86 -37.52
CA GLN E 7 -1.77 26.06 -38.05
C GLN E 7 -0.73 27.02 -38.61
N ARG E 8 0.41 27.15 -37.94
CA ARG E 8 1.47 28.03 -38.43
C ARG E 8 2.15 27.49 -39.68
N LYS E 9 1.93 26.22 -40.04
CA LYS E 9 2.63 25.63 -41.17
C LYS E 9 2.10 26.13 -42.50
N GLY E 10 0.82 26.52 -42.57
CA GLY E 10 0.27 26.97 -43.83
C GLY E 10 0.73 28.34 -44.26
N ALA E 11 1.16 29.18 -43.31
CA ALA E 11 1.68 30.49 -43.66
C ALA E 11 2.98 30.39 -44.45
N GLY E 12 3.69 29.28 -44.33
CA GLY E 12 4.83 28.98 -45.17
C GLY E 12 6.19 29.42 -44.70
N SER E 13 6.26 30.53 -43.96
CA SER E 13 7.49 31.27 -43.72
C SER E 13 8.70 30.40 -43.38
N VAL E 14 8.62 29.71 -42.26
CA VAL E 14 9.71 28.84 -41.82
C VAL E 14 9.50 27.41 -42.29
N PHE E 15 8.28 27.03 -42.64
CA PHE E 15 7.94 25.66 -43.00
C PHE E 15 7.91 25.43 -44.50
N ARG E 16 8.55 26.29 -45.28
CA ARG E 16 8.68 26.04 -46.71
C ARG E 16 9.70 24.95 -46.97
N ALA E 17 9.57 24.30 -48.13
CA ALA E 17 10.47 23.23 -48.50
C ALA E 17 11.87 23.77 -48.80
N HIS E 18 12.88 22.95 -48.50
CA HIS E 18 14.27 23.30 -48.76
C HIS E 18 14.62 22.82 -50.15
N VAL E 19 14.51 23.71 -51.13
CA VAL E 19 14.63 23.34 -52.53
C VAL E 19 15.86 23.95 -53.18
N LYS E 20 16.86 24.34 -52.38
CA LYS E 20 18.01 25.03 -52.92
C LYS E 20 18.84 24.13 -53.82
N HIS E 21 19.13 22.91 -53.36
CA HIS E 21 20.03 22.02 -54.07
C HIS E 21 19.30 20.92 -54.82
N ARG E 22 17.98 21.01 -54.92
CA ARG E 22 17.23 20.03 -55.70
C ARG E 22 17.52 20.20 -57.18
N LYS E 23 17.47 19.10 -57.91
CA LYS E 23 17.93 19.03 -59.28
C LYS E 23 16.85 19.38 -60.31
N GLY E 24 15.64 19.66 -59.87
CA GLY E 24 14.55 19.96 -60.77
C GLY E 24 13.37 19.03 -60.56
N ALA E 25 12.25 19.42 -61.16
CA ALA E 25 11.05 18.62 -61.08
C ALA E 25 11.17 17.38 -61.94
N ALA E 26 11.01 16.21 -61.34
CA ALA E 26 11.12 14.95 -62.06
C ALA E 26 9.82 14.66 -62.77
N ARG E 27 9.87 14.60 -64.10
CA ARG E 27 8.66 14.49 -64.91
C ARG E 27 8.95 13.68 -66.15
N LEU E 28 7.89 13.08 -66.70
CA LEU E 28 7.98 12.53 -68.04
C LEU E 28 8.04 13.66 -69.06
N ARG E 29 8.46 13.34 -70.27
CA ARG E 29 8.44 14.34 -71.32
C ARG E 29 7.01 14.60 -71.75
N ALA E 30 6.75 15.85 -72.16
CA ALA E 30 5.40 16.23 -72.54
C ALA E 30 4.95 15.45 -73.76
N VAL E 31 3.67 15.06 -73.76
CA VAL E 31 3.15 14.23 -74.83
C VAL E 31 3.08 15.04 -76.12
N ASP E 32 3.47 14.42 -77.23
CA ASP E 32 3.51 15.08 -78.52
C ASP E 32 3.21 14.04 -79.59
N PHE E 33 3.51 14.37 -80.84
CA PHE E 33 3.20 13.49 -81.95
C PHE E 33 3.95 12.16 -81.85
N ALA E 34 5.23 12.21 -81.48
CA ALA E 34 6.02 10.99 -81.38
C ALA E 34 5.49 10.08 -80.28
N GLU E 35 5.15 10.66 -79.13
CA GLU E 35 4.53 9.88 -78.06
C GLU E 35 3.21 9.28 -78.52
N ARG E 36 2.41 10.07 -79.22
CA ARG E 36 1.03 9.70 -79.52
C ARG E 36 0.92 8.68 -80.63
N HIS E 37 1.88 8.65 -81.57
CA HIS E 37 1.76 7.79 -82.73
C HIS E 37 2.88 6.78 -82.90
N GLY E 38 4.06 7.03 -82.35
CA GLY E 38 5.14 6.08 -82.51
C GLY E 38 5.96 5.95 -81.25
N TYR E 39 7.28 6.06 -81.37
CA TYR E 39 8.15 6.13 -80.22
C TYR E 39 9.32 7.06 -80.55
N ILE E 40 9.91 7.61 -79.50
CA ILE E 40 11.11 8.43 -79.60
C ILE E 40 12.16 7.83 -78.69
N LYS E 41 13.40 7.78 -79.16
CA LYS E 41 14.50 7.15 -78.44
C LYS E 41 15.32 8.22 -77.71
N GLY E 42 15.60 7.96 -76.44
CA GLY E 42 16.51 8.79 -75.69
C GLY E 42 17.57 7.93 -75.04
N ILE E 43 18.64 8.59 -74.59
CA ILE E 43 19.76 7.90 -73.97
C ILE E 43 19.88 8.38 -72.52
N VAL E 44 20.08 7.44 -71.61
CA VAL E 44 20.23 7.76 -70.19
C VAL E 44 21.65 8.29 -70.00
N LYS E 45 21.79 9.61 -69.97
CA LYS E 45 23.11 10.20 -69.80
C LYS E 45 23.59 10.15 -68.36
N ASP E 46 22.70 10.25 -67.38
CA ASP E 46 23.18 10.27 -66.01
C ASP E 46 22.13 9.70 -65.07
N ILE E 47 22.59 9.26 -63.91
CA ILE E 47 21.74 8.89 -62.78
C ILE E 47 22.28 9.62 -61.56
N ILE E 48 21.45 10.44 -60.94
CA ILE E 48 21.89 11.39 -59.92
C ILE E 48 21.01 11.27 -58.68
N HIS E 49 21.51 11.84 -57.59
CA HIS E 49 20.82 11.85 -56.31
C HIS E 49 20.15 13.20 -56.14
N ASP E 50 18.83 13.20 -55.98
CA ASP E 50 18.08 14.42 -55.73
C ASP E 50 17.91 14.60 -54.23
N PRO E 51 18.39 15.69 -53.64
CA PRO E 51 18.20 15.90 -52.21
C PRO E 51 16.72 15.97 -51.85
N GLY E 52 16.39 15.37 -50.71
CA GLY E 52 15.03 15.38 -50.20
C GLY E 52 14.19 14.21 -50.62
N ARG E 53 14.60 13.44 -51.63
CA ARG E 53 13.86 12.27 -52.05
C ARG E 53 14.81 11.08 -52.07
N GLY E 54 14.24 9.89 -51.86
CA GLY E 54 15.04 8.69 -51.83
C GLY E 54 15.24 8.08 -53.20
N ALA E 55 14.39 8.43 -54.13
CA ALA E 55 14.48 7.88 -55.48
C ALA E 55 15.59 8.58 -56.26
N PRO E 56 16.48 7.84 -56.90
CA PRO E 56 17.41 8.47 -57.84
C PRO E 56 16.68 9.02 -59.05
N LEU E 57 17.24 10.07 -59.63
CA LEU E 57 16.70 10.66 -60.83
C LEU E 57 17.56 10.26 -62.02
N ALA E 58 16.93 10.15 -63.18
CA ALA E 58 17.61 9.75 -64.41
C ALA E 58 17.59 10.93 -65.37
N LYS E 59 18.76 11.46 -65.68
CA LYS E 59 18.91 12.48 -66.71
C LYS E 59 18.99 11.79 -68.06
N VAL E 60 17.96 11.97 -68.87
CA VAL E 60 17.80 11.30 -70.16
C VAL E 60 17.73 12.35 -71.25
N VAL E 61 18.50 12.18 -72.31
CA VAL E 61 18.59 13.13 -73.41
C VAL E 61 17.86 12.58 -74.62
N PHE E 62 16.95 13.37 -75.16
CA PHE E 62 16.22 13.05 -76.39
C PHE E 62 16.61 14.02 -77.49
N ARG E 63 16.12 13.73 -78.69
CA ARG E 63 16.26 14.62 -79.84
C ARG E 63 14.97 15.38 -80.04
N ASP E 64 15.08 16.67 -80.31
CA ASP E 64 13.89 17.45 -80.63
C ASP E 64 13.41 17.09 -82.02
N PRO E 65 12.15 16.66 -82.19
CA PRO E 65 11.69 16.23 -83.52
C PRO E 65 11.48 17.37 -84.50
N TYR E 66 11.40 18.61 -84.04
CA TYR E 66 11.04 19.72 -84.91
C TYR E 66 12.16 20.71 -85.16
N ARG E 67 13.18 20.75 -84.32
CA ARG E 67 14.30 21.63 -84.55
C ARG E 67 15.58 20.95 -84.10
N PHE E 68 16.70 21.41 -84.63
CA PHE E 68 17.99 20.84 -84.32
C PHE E 68 18.42 21.24 -82.91
N LYS E 69 18.10 20.39 -81.94
CA LYS E 69 18.41 20.68 -80.55
C LYS E 69 18.31 19.38 -79.77
N LYS E 70 18.92 19.36 -78.59
CA LYS E 70 18.86 18.22 -77.69
C LYS E 70 17.99 18.57 -76.50
N ARG E 71 17.04 17.70 -76.17
CA ARG E 71 16.13 17.92 -75.07
C ARG E 71 16.51 16.99 -73.93
N THR E 72 16.77 17.57 -72.76
CA THR E 72 17.17 16.83 -71.59
C THR E 72 15.99 16.70 -70.63
N GLU E 73 15.66 15.48 -70.25
CA GLU E 73 14.59 15.19 -69.31
C GLU E 73 15.17 14.70 -68.00
N LEU E 74 14.31 14.67 -66.99
CA LEU E 74 14.67 14.32 -65.62
C LEU E 74 13.75 13.22 -65.11
N PHE E 75 13.69 12.12 -65.83
CA PHE E 75 12.83 11.00 -65.47
C PHE E 75 13.16 10.49 -64.07
N ILE E 76 12.16 9.90 -63.43
CA ILE E 76 12.39 9.16 -62.19
C ILE E 76 12.96 7.79 -62.56
N ALA E 77 14.11 7.46 -61.99
CA ALA E 77 14.84 6.27 -62.40
C ALA E 77 14.13 5.02 -61.92
N ALA E 78 13.63 4.22 -62.85
CA ALA E 78 13.17 2.88 -62.53
C ALA E 78 14.36 1.99 -62.25
N GLU E 79 14.21 1.08 -61.29
CA GLU E 79 15.34 0.26 -60.87
C GLU E 79 15.75 -0.69 -61.97
N GLY E 80 17.05 -0.74 -62.24
CA GLY E 80 17.59 -1.57 -63.29
C GLY E 80 18.17 -0.78 -64.46
N ILE E 81 17.79 0.47 -64.62
CA ILE E 81 18.31 1.26 -65.72
C ILE E 81 19.72 1.72 -65.40
N HIS E 82 20.51 1.94 -66.45
CA HIS E 82 21.90 2.30 -66.31
C HIS E 82 22.25 3.37 -67.33
N THR E 83 23.37 4.04 -67.11
CA THR E 83 23.81 5.05 -68.05
C THR E 83 24.25 4.40 -69.35
N GLY E 84 24.03 5.10 -70.45
CA GLY E 84 24.30 4.54 -71.75
C GLY E 84 23.21 3.63 -72.28
N GLN E 85 22.10 3.52 -71.57
CA GLN E 85 20.99 2.69 -72.01
C GLN E 85 20.02 3.53 -72.84
N PHE E 86 19.45 2.91 -73.87
CA PHE E 86 18.43 3.55 -74.68
C PHE E 86 17.07 3.27 -74.07
N VAL E 87 16.31 4.33 -73.80
CA VAL E 87 14.92 4.20 -73.39
C VAL E 87 14.07 4.72 -74.53
N TYR E 88 12.83 4.21 -74.60
CA TYR E 88 11.94 4.51 -75.70
C TYR E 88 10.60 4.96 -75.13
N CYS E 89 10.09 6.07 -75.63
CA CYS E 89 8.88 6.67 -75.08
C CYS E 89 7.87 6.83 -76.20
N GLY E 90 6.69 6.27 -76.03
CA GLY E 90 5.63 6.46 -77.01
C GLY E 90 4.68 5.29 -77.00
N LYS E 91 3.72 5.36 -77.92
CA LYS E 91 2.70 4.32 -78.01
C LYS E 91 3.29 2.99 -78.50
N LYS E 92 4.23 3.05 -79.43
CA LYS E 92 4.80 1.86 -80.04
C LYS E 92 6.04 1.36 -79.30
N ALA E 93 6.36 1.91 -78.15
CA ALA E 93 7.49 1.42 -77.37
C ALA E 93 7.19 0.02 -76.83
N GLN E 94 8.24 -0.76 -76.64
CA GLN E 94 8.12 -2.13 -76.17
C GLN E 94 8.16 -2.18 -74.65
N LEU E 95 7.73 -3.32 -74.11
CA LEU E 95 7.74 -3.54 -72.66
C LEU E 95 9.15 -3.82 -72.19
N ASN E 96 9.84 -2.78 -71.75
CA ASN E 96 11.14 -2.95 -71.13
C ASN E 96 11.25 -1.97 -69.98
N ILE E 97 12.13 -2.30 -69.03
CA ILE E 97 12.31 -1.45 -67.86
C ILE E 97 12.84 -0.10 -68.31
N GLY E 98 12.13 0.96 -67.98
CA GLY E 98 12.51 2.31 -68.32
C GLY E 98 11.75 2.91 -69.48
N ASN E 99 11.08 2.09 -70.29
CA ASN E 99 10.29 2.61 -71.39
C ASN E 99 9.02 3.27 -70.86
N VAL E 100 8.54 4.27 -71.59
CA VAL E 100 7.32 4.99 -71.25
C VAL E 100 6.32 4.75 -72.37
N LEU E 101 5.15 4.24 -72.01
CA LEU E 101 4.13 3.91 -72.98
C LEU E 101 2.77 3.94 -72.29
N PRO E 102 1.68 4.14 -73.04
CA PRO E 102 0.37 4.26 -72.40
C PRO E 102 -0.06 2.97 -71.74
N VAL E 103 -0.85 3.11 -70.68
CA VAL E 103 -1.29 1.95 -69.93
C VAL E 103 -2.20 1.06 -70.77
N GLY E 104 -3.00 1.64 -71.66
CA GLY E 104 -3.92 0.86 -72.46
C GLY E 104 -3.24 -0.13 -73.37
N THR E 105 -1.99 0.14 -73.73
CA THR E 105 -1.21 -0.76 -74.57
C THR E 105 -0.44 -1.79 -73.76
N MET E 106 -0.62 -1.82 -72.46
CA MET E 106 0.10 -2.73 -71.60
C MET E 106 -0.77 -3.92 -71.20
N PRO E 107 -0.15 -5.08 -70.93
CA PRO E 107 -0.95 -6.26 -70.58
C PRO E 107 -1.65 -6.16 -69.24
N GLU E 108 -2.33 -7.22 -68.84
CA GLU E 108 -3.24 -7.20 -67.71
C GLU E 108 -2.56 -7.40 -66.37
N GLY E 109 -1.24 -7.57 -66.34
CA GLY E 109 -0.58 -7.80 -65.08
C GLY E 109 0.70 -7.02 -64.90
N THR E 110 1.01 -6.16 -65.87
CA THR E 110 2.25 -5.41 -65.83
C THR E 110 2.23 -4.40 -64.68
N ILE E 111 3.40 -3.97 -64.27
CA ILE E 111 3.47 -2.97 -63.23
C ILE E 111 4.34 -1.82 -63.72
N VAL E 112 4.06 -0.64 -63.16
CA VAL E 112 4.50 0.62 -63.72
C VAL E 112 5.03 1.51 -62.62
N CYS E 113 5.79 2.53 -63.03
CA CYS E 113 6.58 3.33 -62.11
C CYS E 113 6.05 4.75 -61.95
N CYS E 114 5.97 5.53 -63.02
CA CYS E 114 5.64 6.96 -62.90
C CYS E 114 4.35 7.18 -63.67
N LEU E 115 3.24 6.93 -63.00
CA LEU E 115 1.94 6.90 -63.64
C LEU E 115 1.33 8.29 -63.68
N GLU E 116 0.63 8.59 -64.76
CA GLU E 116 -0.07 9.85 -64.91
C GLU E 116 -1.46 9.75 -64.29
N GLU E 117 -1.81 10.75 -63.48
CA GLU E 117 -3.16 10.79 -62.92
C GLU E 117 -4.18 11.17 -63.98
N LYS E 118 -3.81 12.05 -64.90
CA LYS E 118 -4.67 12.50 -65.98
C LYS E 118 -3.96 12.27 -67.31
N PRO E 119 -4.70 12.07 -68.38
CA PRO E 119 -4.06 11.81 -69.67
C PRO E 119 -3.42 13.05 -70.26
N GLY E 120 -2.15 13.28 -69.95
CA GLY E 120 -1.42 14.36 -70.57
C GLY E 120 -0.48 15.10 -69.65
N ASP E 121 -0.74 15.11 -68.35
CA ASP E 121 0.23 15.65 -67.43
C ASP E 121 1.42 14.71 -67.35
N ARG E 122 2.42 15.06 -66.57
CA ARG E 122 3.55 14.17 -66.42
C ARG E 122 3.22 13.16 -65.31
N GLY E 123 4.19 12.35 -64.91
CA GLY E 123 3.91 11.32 -63.94
C GLY E 123 3.50 11.90 -62.59
N LYS E 124 2.54 11.24 -61.95
CA LYS E 124 2.05 11.68 -60.65
C LYS E 124 1.96 10.59 -59.60
N LEU E 125 1.87 9.32 -59.99
CA LEU E 125 1.62 8.24 -59.06
C LEU E 125 2.81 7.29 -59.00
N ALA E 126 2.98 6.67 -57.83
CA ALA E 126 4.02 5.68 -57.58
C ALA E 126 5.42 6.25 -57.80
N ARG E 127 5.61 7.51 -57.40
CA ARG E 127 6.89 8.19 -57.61
C ARG E 127 7.89 7.95 -56.50
N ALA E 128 7.44 7.68 -55.28
CA ALA E 128 8.36 7.48 -54.17
C ALA E 128 9.10 6.17 -54.30
N SER E 129 10.32 6.13 -53.75
CA SER E 129 11.25 5.03 -54.01
C SER E 129 10.68 3.69 -53.57
N GLY E 130 10.89 2.68 -54.41
CA GLY E 130 10.42 1.34 -54.16
C GLY E 130 8.98 1.08 -54.53
N ASN E 131 8.22 2.11 -54.89
CA ASN E 131 6.79 1.98 -55.10
C ASN E 131 6.47 1.72 -56.56
N TYR E 132 5.30 1.14 -56.79
CA TYR E 132 4.88 0.82 -58.14
C TYR E 132 3.36 0.68 -58.14
N ALA E 133 2.77 0.83 -59.32
CA ALA E 133 1.36 0.56 -59.53
C ALA E 133 1.21 -0.65 -60.43
N THR E 134 0.04 -1.25 -60.42
CA THR E 134 -0.21 -2.45 -61.21
C THR E 134 -1.38 -2.21 -62.16
N VAL E 135 -1.20 -2.53 -63.43
CA VAL E 135 -2.29 -2.43 -64.39
C VAL E 135 -3.16 -3.69 -64.23
N ILE E 136 -4.36 -3.52 -63.68
CA ILE E 136 -5.25 -4.65 -63.46
C ILE E 136 -6.03 -4.98 -64.72
N SER E 137 -6.85 -4.03 -65.19
CA SER E 137 -7.81 -4.38 -66.22
C SER E 137 -7.99 -3.25 -67.22
N HIS E 138 -8.60 -3.59 -68.35
CA HIS E 138 -8.88 -2.63 -69.42
C HIS E 138 -10.33 -2.79 -69.86
N ASN E 139 -10.84 -1.74 -70.50
CA ASN E 139 -11.95 -1.98 -71.42
C ASN E 139 -11.74 -1.11 -72.66
N PRO E 140 -11.62 -1.72 -73.83
CA PRO E 140 -11.39 -0.93 -75.06
C PRO E 140 -12.46 0.12 -75.32
N GLU E 141 -13.72 -0.19 -75.04
CA GLU E 141 -14.75 0.83 -75.05
C GLU E 141 -14.62 1.68 -73.79
N THR E 142 -14.91 2.97 -73.93
CA THR E 142 -14.74 4.03 -72.93
C THR E 142 -13.28 4.32 -72.62
N LYS E 143 -12.34 3.54 -73.16
CA LYS E 143 -10.90 3.82 -73.08
C LYS E 143 -10.42 3.97 -71.64
N LYS E 144 -10.80 3.03 -70.80
CA LYS E 144 -10.50 3.09 -69.38
C LYS E 144 -9.63 1.91 -68.96
N THR E 145 -8.79 2.15 -67.97
CA THR E 145 -7.90 1.15 -67.40
C THR E 145 -7.99 1.23 -65.89
N ARG E 146 -8.20 0.09 -65.26
CA ARG E 146 -8.19 0.01 -63.81
C ARG E 146 -6.81 -0.42 -63.34
N VAL E 147 -6.27 0.30 -62.35
CA VAL E 147 -4.95 0.06 -61.81
C VAL E 147 -5.03 0.03 -60.29
N LYS E 148 -4.02 -0.59 -59.69
CA LYS E 148 -3.85 -0.67 -58.25
C LYS E 148 -2.69 0.22 -57.83
N LEU E 149 -2.95 1.12 -56.90
CA LEU E 149 -1.98 2.09 -56.44
C LEU E 149 -1.17 1.52 -55.29
N PRO E 150 -0.04 2.15 -54.94
CA PRO E 150 0.76 1.66 -53.80
C PRO E 150 0.00 1.58 -52.49
N SER E 151 -1.01 2.44 -52.29
CA SER E 151 -1.80 2.34 -51.06
C SER E 151 -2.74 1.15 -51.06
N GLY E 152 -2.86 0.44 -52.18
CA GLY E 152 -3.80 -0.64 -52.30
C GLY E 152 -5.15 -0.23 -52.86
N SER E 153 -5.38 1.06 -53.07
CA SER E 153 -6.63 1.51 -53.64
C SER E 153 -6.67 1.17 -55.14
N LYS E 154 -7.89 1.14 -55.66
CA LYS E 154 -8.14 0.83 -57.06
C LYS E 154 -8.60 2.11 -57.74
N LYS E 155 -7.99 2.44 -58.88
CA LYS E 155 -8.29 3.69 -59.56
C LYS E 155 -8.54 3.43 -61.03
N VAL E 156 -9.58 4.06 -61.58
CA VAL E 156 -9.88 3.98 -63.00
C VAL E 156 -9.35 5.24 -63.66
N ILE E 157 -8.47 5.06 -64.64
CA ILE E 157 -7.81 6.16 -65.33
C ILE E 157 -8.01 5.96 -66.83
N SER E 158 -7.67 6.99 -67.60
CA SER E 158 -7.74 6.87 -69.04
C SER E 158 -6.65 5.95 -69.55
N SER E 159 -6.95 5.23 -70.64
CA SER E 159 -5.98 4.33 -71.23
C SER E 159 -4.81 5.07 -71.88
N ALA E 160 -4.92 6.39 -72.07
CA ALA E 160 -3.85 7.17 -72.66
C ALA E 160 -2.82 7.65 -71.65
N ASN E 161 -3.03 7.39 -70.36
CA ASN E 161 -2.04 7.76 -69.36
C ASN E 161 -0.77 6.96 -69.55
N ARG E 162 0.36 7.65 -69.53
CA ARG E 162 1.66 7.03 -69.73
C ARG E 162 2.29 6.68 -68.38
N ALA E 163 3.21 5.72 -68.42
CA ALA E 163 3.91 5.30 -67.22
C ALA E 163 5.21 4.63 -67.61
N VAL E 164 6.13 4.59 -66.66
CA VAL E 164 7.42 3.93 -66.84
C VAL E 164 7.28 2.49 -66.38
N VAL E 165 7.76 1.56 -67.18
CA VAL E 165 7.71 0.14 -66.83
C VAL E 165 8.77 -0.15 -65.78
N GLY E 166 8.37 -0.85 -64.73
CA GLY E 166 9.27 -1.27 -63.68
C GLY E 166 8.94 -0.61 -62.35
N VAL E 167 9.77 -0.91 -61.37
CA VAL E 167 9.65 -0.31 -60.05
C VAL E 167 10.68 0.80 -59.95
N VAL E 168 10.33 1.86 -59.24
CA VAL E 168 11.27 2.96 -59.02
C VAL E 168 12.41 2.50 -58.13
N ALA E 169 13.62 2.93 -58.47
CA ALA E 169 14.81 2.59 -57.70
C ALA E 169 14.75 3.21 -56.32
N GLY E 170 15.72 2.87 -55.50
CA GLY E 170 15.73 3.31 -54.12
C GLY E 170 15.32 2.27 -53.12
N GLY E 171 14.87 1.10 -53.58
CA GLY E 171 14.74 -0.09 -52.77
C GLY E 171 14.03 0.05 -51.45
N GLY E 172 14.40 -0.76 -50.47
CA GLY E 172 13.79 -0.73 -49.17
C GLY E 172 14.46 0.25 -48.23
N ARG E 173 14.40 1.53 -48.58
CA ARG E 173 15.09 2.56 -47.80
C ARG E 173 14.61 2.62 -46.37
N ILE E 174 13.32 2.33 -46.14
CA ILE E 174 12.77 2.38 -44.79
C ILE E 174 13.13 1.16 -43.96
N ASP E 175 13.86 0.19 -44.52
CA ASP E 175 14.23 -0.99 -43.73
C ASP E 175 15.28 -0.64 -42.67
N LYS E 176 16.22 0.22 -43.01
CA LYS E 176 17.31 0.54 -42.10
C LYS E 176 16.83 1.42 -40.96
N PRO E 177 17.01 1.02 -39.71
CA PRO E 177 16.71 1.94 -38.61
C PRO E 177 17.60 3.17 -38.67
N ILE E 178 17.02 4.32 -38.34
CA ILE E 178 17.76 5.56 -38.40
C ILE E 178 18.82 5.61 -37.30
N LEU E 179 18.47 5.12 -36.10
CA LEU E 179 19.35 4.88 -34.96
C LEU E 179 19.81 6.16 -34.26
N LYS E 180 19.65 7.32 -34.88
CA LYS E 180 20.26 8.50 -34.31
C LYS E 180 19.41 9.72 -34.59
N ALA E 181 19.21 10.52 -33.55
CA ALA E 181 18.57 11.82 -33.72
C ALA E 181 19.35 12.67 -34.71
N GLY E 182 20.66 12.52 -34.76
CA GLY E 182 21.44 13.25 -35.74
C GLY E 182 21.16 12.82 -37.17
N ARG E 183 21.00 11.52 -37.39
CA ARG E 183 20.67 11.04 -38.72
C ARG E 183 19.29 11.52 -39.14
N ALA E 184 18.33 11.54 -38.20
CA ALA E 184 17.02 12.10 -38.50
C ALA E 184 17.12 13.59 -38.80
N TYR E 185 17.98 14.31 -38.08
CA TYR E 185 18.18 15.73 -38.31
C TYR E 185 18.70 15.99 -39.71
N HIS E 186 19.70 15.21 -40.13
CA HIS E 186 20.23 15.36 -41.47
C HIS E 186 19.22 14.95 -42.52
N LYS E 187 18.37 13.98 -42.22
CA LYS E 187 17.34 13.57 -43.16
C LYS E 187 16.35 14.70 -43.41
N TYR E 188 15.89 15.34 -42.34
CA TYR E 188 14.84 16.34 -42.51
C TYR E 188 15.38 17.73 -42.83
N LYS E 189 16.68 17.97 -42.61
CA LYS E 189 17.27 19.24 -43.01
C LYS E 189 17.24 19.42 -44.51
N ALA E 190 17.32 18.32 -45.25
CA ALA E 190 17.22 18.38 -46.70
C ALA E 190 15.79 18.43 -47.20
N LYS E 191 14.79 18.35 -46.31
CA LYS E 191 13.40 18.32 -46.72
C LYS E 191 12.64 19.57 -46.29
N ARG E 192 12.52 19.82 -44.98
CA ARG E 192 11.73 20.95 -44.49
C ARG E 192 11.86 20.98 -42.97
N ASN E 193 11.32 22.03 -42.37
CA ASN E 193 11.41 22.24 -40.92
C ASN E 193 10.22 21.54 -40.27
N CYS E 194 10.36 20.24 -40.04
CA CYS E 194 9.28 19.49 -39.41
C CYS E 194 9.73 18.52 -38.33
N TRP E 195 11.03 18.29 -38.15
CA TRP E 195 11.44 17.05 -37.48
C TRP E 195 11.30 17.08 -35.96
N PRO E 196 11.95 17.97 -35.21
CA PRO E 196 11.85 17.83 -33.75
C PRO E 196 10.44 18.16 -33.34
N ARG E 197 9.69 17.12 -32.99
CA ARG E 197 8.25 17.20 -32.85
C ARG E 197 7.92 17.14 -31.37
N VAL E 198 7.38 18.22 -30.83
CA VAL E 198 7.02 18.30 -29.44
C VAL E 198 5.61 17.76 -29.28
N ARG E 199 5.42 16.87 -28.31
CA ARG E 199 4.09 16.34 -28.04
C ARG E 199 3.18 17.44 -27.53
N GLY E 200 1.92 17.39 -27.96
CA GLY E 200 0.96 18.40 -27.52
C GLY E 200 0.66 18.34 -26.04
N VAL E 201 0.68 17.14 -25.46
CA VAL E 201 0.46 16.99 -24.03
C VAL E 201 1.57 17.66 -23.23
N ALA E 202 2.74 17.81 -23.82
CA ALA E 202 3.87 18.48 -23.16
C ALA E 202 3.80 20.00 -23.29
N MET E 203 2.79 20.53 -23.94
CA MET E 203 2.63 21.96 -24.13
C MET E 203 1.70 22.55 -23.08
N ASN E 204 1.59 23.86 -23.10
CA ASN E 204 0.63 24.59 -22.29
C ASN E 204 -0.70 24.69 -23.02
N PRO E 205 -1.81 24.93 -22.30
CA PRO E 205 -3.11 24.97 -22.98
C PRO E 205 -3.25 26.08 -24.01
N VAL E 206 -2.40 27.09 -23.96
CA VAL E 206 -2.57 28.22 -24.86
C VAL E 206 -2.18 27.86 -26.29
N GLU E 207 -1.20 26.98 -26.48
CA GLU E 207 -0.77 26.66 -27.84
C GLU E 207 -1.15 25.25 -28.29
N HIS E 208 -1.98 24.53 -27.52
CA HIS E 208 -2.44 23.24 -28.00
C HIS E 208 -3.72 22.84 -27.31
N PRO E 209 -4.64 22.16 -28.02
CA PRO E 209 -5.81 21.59 -27.33
C PRO E 209 -5.47 20.59 -26.27
N PHE E 210 -4.37 19.84 -26.43
CA PHE E 210 -4.01 18.80 -25.48
C PHE E 210 -3.11 19.30 -24.37
N GLY E 211 -2.74 20.57 -24.38
CA GLY E 211 -1.79 21.06 -23.41
C GLY E 211 -2.40 21.24 -22.02
N GLY E 212 -1.53 21.32 -21.03
CA GLY E 212 -1.95 21.62 -19.68
C GLY E 212 -2.23 20.40 -18.84
N GLY E 213 -2.55 20.67 -17.59
CA GLY E 213 -2.84 19.64 -16.62
C GLY E 213 -1.65 19.33 -15.75
N ASN E 214 -1.94 18.87 -14.53
CA ASN E 214 -0.87 18.51 -13.61
C ASN E 214 -0.24 17.17 -13.96
N HIS E 215 -0.94 16.34 -14.73
CA HIS E 215 -0.37 15.15 -15.34
C HIS E 215 -0.46 15.29 -16.85
N GLN E 216 0.52 14.73 -17.55
CA GLN E 216 0.53 14.76 -19.02
C GLN E 216 -0.51 13.77 -19.53
N HIS E 217 -1.75 14.24 -19.60
CA HIS E 217 -2.85 13.45 -20.12
C HIS E 217 -3.61 14.31 -21.13
N ILE E 218 -4.25 13.64 -22.09
CA ILE E 218 -4.98 14.36 -23.11
C ILE E 218 -6.23 15.00 -22.53
N GLY E 219 -6.98 14.24 -21.73
CA GLY E 219 -8.14 14.77 -21.04
C GLY E 219 -9.41 14.81 -21.84
N LYS E 220 -9.34 14.64 -23.15
CA LYS E 220 -10.49 14.60 -24.04
C LYS E 220 -10.21 13.51 -25.07
N PRO E 221 -11.24 13.00 -25.73
CA PRO E 221 -11.01 11.98 -26.77
C PRO E 221 -10.10 12.52 -27.87
N SER E 222 -9.03 11.76 -28.16
CA SER E 222 -8.08 12.18 -29.15
C SER E 222 -8.63 12.08 -30.57
N THR E 223 -9.67 11.27 -30.78
CA THR E 223 -10.34 11.25 -32.07
C THR E 223 -11.17 12.52 -32.22
N ILE E 224 -10.99 13.19 -33.35
CA ILE E 224 -11.62 14.48 -33.59
C ILE E 224 -12.39 14.43 -34.89
N ARG E 225 -13.53 15.11 -34.94
CA ARG E 225 -14.40 15.06 -36.10
C ARG E 225 -13.74 15.70 -37.31
N ARG E 226 -14.27 15.37 -38.49
CA ARG E 226 -13.68 15.88 -39.72
C ARG E 226 -13.86 17.39 -39.85
N ASP E 227 -15.04 17.90 -39.52
CA ASP E 227 -15.35 19.31 -39.69
C ASP E 227 -14.94 20.15 -38.49
N ALA E 228 -14.01 19.68 -37.68
CA ALA E 228 -13.49 20.50 -36.61
C ALA E 228 -12.74 21.70 -37.18
N PRO E 229 -12.81 22.85 -36.54
CA PRO E 229 -12.06 24.01 -37.02
C PRO E 229 -10.57 23.81 -36.89
N ALA E 230 -9.82 24.49 -37.75
CA ALA E 230 -8.37 24.48 -37.64
C ALA E 230 -7.95 25.11 -36.33
N GLY E 231 -6.95 24.52 -35.69
CA GLY E 231 -6.62 24.84 -34.33
C GLY E 231 -7.23 23.92 -33.31
N ARG E 232 -8.17 23.08 -33.72
CA ARG E 232 -8.78 22.08 -32.87
C ARG E 232 -8.56 20.66 -33.36
N LYS E 233 -8.62 20.42 -34.67
CA LYS E 233 -8.48 19.06 -35.16
C LYS E 233 -7.01 18.64 -35.08
N VAL E 234 -6.63 18.17 -33.90
CA VAL E 234 -5.35 17.54 -33.66
C VAL E 234 -5.63 16.16 -33.10
N GLY E 235 -4.64 15.29 -33.21
CA GLY E 235 -4.82 13.92 -32.80
C GLY E 235 -5.23 13.04 -33.95
N LEU E 236 -6.19 12.15 -33.73
CA LEU E 236 -6.65 11.23 -34.76
C LEU E 236 -7.82 11.86 -35.48
N ILE E 237 -7.59 12.30 -36.71
CA ILE E 237 -8.55 13.12 -37.45
C ILE E 237 -9.52 12.20 -38.17
N ALA E 238 -10.80 12.28 -37.81
CA ALA E 238 -11.88 11.55 -38.47
C ALA E 238 -11.58 10.05 -38.53
N ALA E 239 -11.10 9.52 -37.41
CA ALA E 239 -10.66 8.14 -37.37
C ALA E 239 -11.85 7.19 -37.43
N ARG E 240 -11.79 6.24 -38.37
CA ARG E 240 -12.83 5.24 -38.46
C ARG E 240 -12.73 4.23 -37.33
N ARG E 241 -11.52 4.02 -36.81
CA ARG E 241 -11.28 3.09 -35.72
C ARG E 241 -9.96 3.47 -35.08
N THR E 242 -9.73 2.95 -33.88
CA THR E 242 -8.46 3.09 -33.19
C THR E 242 -8.05 1.72 -32.65
N GLY E 243 -6.80 1.63 -32.20
CA GLY E 243 -6.40 0.42 -31.54
C GLY E 243 -5.15 -0.24 -32.09
N ARG E 244 -5.27 -1.48 -32.54
CA ARG E 244 -4.11 -2.29 -32.86
C ARG E 244 -4.12 -2.90 -34.25
N LEU E 245 -5.25 -2.87 -34.96
CA LEU E 245 -5.39 -3.45 -36.30
C LEU E 245 -5.05 -4.95 -36.29
N ARG E 246 -5.91 -5.69 -35.61
CA ARG E 246 -5.77 -7.13 -35.50
C ARG E 246 -6.75 -7.78 -36.50
N GLY E 247 -6.22 -8.19 -37.65
CA GLY E 247 -7.04 -8.88 -38.62
C GLY E 247 -6.81 -8.47 -40.06
N THR E 248 -6.38 -7.23 -40.28
CA THR E 248 -6.13 -6.74 -41.63
C THR E 248 -5.18 -5.55 -41.63
N SER F 1 12.52 31.67 24.58
CA SER F 1 12.57 30.34 25.15
C SER F 1 13.96 30.01 25.66
N HIS F 2 14.05 29.00 26.52
CA HIS F 2 15.32 28.63 27.11
C HIS F 2 16.27 28.08 26.06
N ARG F 3 17.56 28.26 26.30
CA ARG F 3 18.55 27.64 25.42
C ARG F 3 18.51 26.13 25.57
N LYS F 4 18.74 25.44 24.46
CA LYS F 4 18.39 24.03 24.37
C LYS F 4 19.26 23.16 25.28
N PHE F 5 20.55 23.48 25.37
CA PHE F 5 21.47 22.77 26.26
C PHE F 5 22.20 23.76 27.14
N SER F 6 22.50 23.32 28.35
CA SER F 6 23.21 24.17 29.30
C SER F 6 24.69 24.21 28.99
N ALA F 7 25.29 25.38 29.16
CA ALA F 7 26.71 25.55 28.97
C ALA F 7 27.17 26.65 29.90
N PRO F 8 28.31 26.48 30.57
CA PRO F 8 28.82 27.54 31.44
C PRO F 8 29.23 28.77 30.66
N ARG F 9 29.20 29.90 31.35
CA ARG F 9 29.49 31.19 30.75
C ARG F 9 30.96 31.30 30.35
N HIS F 10 31.22 31.96 29.22
CA HIS F 10 32.59 32.21 28.77
C HIS F 10 33.16 33.42 29.51
N GLY F 11 34.23 33.22 30.25
CA GLY F 11 34.90 34.31 30.91
C GLY F 11 34.29 34.65 32.25
N SER F 12 35.01 35.45 33.02
CA SER F 12 34.60 35.83 34.35
C SER F 12 34.14 37.29 34.37
N LEU F 13 33.04 37.53 35.07
CA LEU F 13 32.55 38.90 35.26
C LEU F 13 33.25 39.60 36.41
N GLY F 14 34.17 38.93 37.10
CA GLY F 14 34.93 39.57 38.16
C GLY F 14 36.06 40.43 37.68
N PHE F 15 36.31 40.47 36.38
CA PHE F 15 37.34 41.29 35.78
C PHE F 15 36.78 42.13 34.65
N LEU F 16 35.51 42.56 34.76
CA LEU F 16 34.84 43.17 33.62
C LEU F 16 35.48 44.41 33.03
N PRO F 17 36.01 45.37 33.78
CA PRO F 17 36.66 46.48 33.09
C PRO F 17 37.90 45.99 32.39
N ARG F 18 37.69 45.26 31.29
CA ARG F 18 38.74 44.59 30.55
C ARG F 18 39.50 45.62 29.71
N LYS F 19 40.15 46.53 30.42
CA LYS F 19 40.75 47.72 29.86
C LYS F 19 42.24 47.72 30.15
N ARG F 20 42.96 48.59 29.44
CA ARG F 20 44.36 48.81 29.74
C ARG F 20 44.49 49.34 31.17
N SER F 21 45.40 48.74 31.93
CA SER F 21 45.61 49.17 33.29
C SER F 21 46.08 50.62 33.33
N SER F 22 45.51 51.40 34.24
CA SER F 22 45.90 52.79 34.39
C SER F 22 47.29 52.94 34.98
N ARG F 23 47.88 51.86 35.48
CA ARG F 23 49.21 51.89 36.07
C ARG F 23 50.07 50.84 35.40
N HIS F 24 51.38 51.06 35.45
CA HIS F 24 52.35 50.12 34.93
C HIS F 24 53.00 49.28 36.01
N ARG F 25 53.02 49.77 37.26
CA ARG F 25 53.75 49.10 38.32
C ARG F 25 52.98 47.93 38.89
N GLY F 26 51.71 48.14 39.22
CA GLY F 26 50.94 47.12 39.90
C GLY F 26 50.88 47.40 41.38
N LYS F 27 49.76 47.92 41.86
CA LYS F 27 49.69 48.34 43.25
C LYS F 27 49.10 47.24 44.11
N VAL F 28 49.43 47.31 45.40
CA VAL F 28 49.17 46.20 46.31
C VAL F 28 47.68 46.04 46.56
N LYS F 29 46.99 47.13 46.90
CA LYS F 29 45.55 47.22 47.08
C LYS F 29 45.05 46.51 48.35
N SER F 30 45.93 45.73 48.99
CA SER F 30 45.59 45.11 50.27
C SER F 30 46.87 44.65 50.92
N PHE F 31 47.26 45.29 51.98
CA PHE F 31 48.42 44.81 52.70
C PHE F 31 48.00 43.80 53.76
N PRO F 32 48.90 42.94 54.21
CA PRO F 32 48.53 41.98 55.24
C PRO F 32 48.07 42.67 56.52
N LYS F 33 47.11 42.04 57.18
CA LYS F 33 46.58 42.59 58.42
C LYS F 33 47.68 42.70 59.46
N ASP F 34 47.71 43.84 60.14
CA ASP F 34 48.78 44.16 61.07
C ASP F 34 48.41 43.68 62.47
N ASP F 35 49.33 42.96 63.11
CA ASP F 35 49.21 42.62 64.51
C ASP F 35 50.46 43.07 65.26
N PRO F 36 50.31 43.79 66.37
CA PRO F 36 51.50 44.29 67.09
C PRO F 36 52.36 43.19 67.69
N SER F 37 51.85 41.98 67.83
CA SER F 37 52.61 40.91 68.47
C SER F 37 53.86 40.55 67.66
N LYS F 38 53.74 40.55 66.34
CA LYS F 38 54.86 40.19 65.47
C LYS F 38 55.95 41.25 65.54
N PRO F 39 57.18 40.89 65.18
CA PRO F 39 58.24 41.91 65.07
C PRO F 39 58.01 42.81 63.87
N VAL F 40 58.69 43.96 63.90
CA VAL F 40 58.54 44.96 62.85
C VAL F 40 59.15 44.45 61.56
N HIS F 41 58.38 44.53 60.48
CA HIS F 41 58.84 44.00 59.20
C HIS F 41 58.14 44.73 58.05
N LEU F 42 58.69 44.56 56.86
CA LEU F 42 58.08 45.09 55.65
C LEU F 42 57.17 44.05 55.01
N THR F 43 56.15 44.53 54.30
CA THR F 43 55.17 43.61 53.73
C THR F 43 55.29 43.38 52.24
N ALA F 44 56.21 44.05 51.54
CA ALA F 44 56.25 43.92 50.09
C ALA F 44 57.63 44.29 49.56
N PHE F 45 57.81 44.09 48.26
CA PHE F 45 59.08 44.32 47.59
C PHE F 45 58.81 44.49 46.10
N LEU F 46 59.80 45.04 45.39
CA LEU F 46 59.71 45.23 43.95
C LEU F 46 60.81 44.45 43.25
N GLY F 47 60.44 43.71 42.21
CA GLY F 47 61.39 42.96 41.40
C GLY F 47 61.12 43.16 39.92
N TYR F 48 61.97 42.53 39.11
CA TYR F 48 61.86 42.63 37.66
C TYR F 48 61.92 41.25 37.05
N LYS F 49 60.94 40.92 36.23
CA LYS F 49 60.85 39.59 35.65
C LYS F 49 62.00 39.36 34.67
N ALA F 50 62.97 38.54 35.07
CA ALA F 50 64.13 38.30 34.22
C ALA F 50 63.85 37.23 33.17
N GLY F 51 63.23 36.13 33.57
CA GLY F 51 62.96 35.05 32.64
C GLY F 51 62.58 33.80 33.39
N MET F 52 62.46 32.72 32.65
CA MET F 52 62.02 31.44 33.17
C MET F 52 63.07 30.37 32.91
N THR F 53 63.06 29.33 33.74
CA THR F 53 63.85 28.14 33.51
C THR F 53 63.14 26.99 34.20
N HIS F 54 63.83 25.87 34.37
CA HIS F 54 63.26 24.77 35.11
C HIS F 54 64.32 24.13 36.00
N ILE F 55 63.84 23.46 37.04
CA ILE F 55 64.67 22.89 38.09
C ILE F 55 64.30 21.44 38.29
N VAL F 56 65.20 20.71 38.93
CA VAL F 56 64.97 19.32 39.33
C VAL F 56 65.02 19.28 40.85
N ARG F 57 64.00 18.68 41.46
CA ARG F 57 64.00 18.56 42.91
C ARG F 57 63.30 17.28 43.33
N GLU F 58 63.62 16.83 44.53
CA GLU F 58 62.98 15.66 45.13
C GLU F 58 61.83 16.10 46.01
N VAL F 59 60.70 15.44 45.88
CA VAL F 59 59.46 15.82 46.54
C VAL F 59 59.33 15.07 47.85
N ASP F 60 58.83 15.77 48.88
CA ASP F 60 58.67 15.21 50.21
C ASP F 60 57.19 15.21 50.55
N ARG F 61 56.36 14.67 49.66
CA ARG F 61 54.92 14.64 49.83
C ARG F 61 54.46 13.21 50.10
N PRO F 62 54.24 12.81 51.35
CA PRO F 62 53.83 11.44 51.63
C PRO F 62 52.46 11.13 51.06
N GLY F 63 52.28 9.88 50.65
CA GLY F 63 51.03 9.44 50.07
C GLY F 63 50.84 9.80 48.61
N SER F 64 51.83 10.41 47.98
CA SER F 64 51.74 10.85 46.60
C SER F 64 52.51 9.89 45.70
N LYS F 65 52.14 9.90 44.41
CA LYS F 65 52.88 9.11 43.44
C LYS F 65 54.31 9.61 43.27
N VAL F 66 54.54 10.89 43.54
CA VAL F 66 55.86 11.48 43.39
C VAL F 66 56.57 11.63 44.74
N ASN F 67 56.18 10.84 45.73
CA ASN F 67 56.87 10.87 47.01
C ASN F 67 58.27 10.31 46.87
N LYS F 68 59.26 11.05 47.36
CA LYS F 68 60.67 10.70 47.27
C LYS F 68 61.14 10.53 45.83
N LYS F 69 60.44 11.14 44.88
CA LYS F 69 60.77 11.05 43.47
C LYS F 69 61.28 12.39 42.98
N GLU F 70 61.94 12.37 41.83
CA GLU F 70 62.46 13.57 41.20
C GLU F 70 61.43 14.15 40.26
N VAL F 71 61.27 15.47 40.32
CA VAL F 71 60.38 16.18 39.42
C VAL F 71 61.13 17.34 38.78
N VAL F 72 60.66 17.73 37.61
CA VAL F 72 61.13 18.91 36.89
C VAL F 72 60.03 19.94 36.96
N GLU F 73 60.35 21.13 37.44
CA GLU F 73 59.35 22.17 37.66
C GLU F 73 59.82 23.48 37.06
N ALA F 74 58.90 24.15 36.37
CA ALA F 74 59.19 25.46 35.80
C ALA F 74 59.24 26.52 36.89
N VAL F 75 60.20 27.43 36.76
CA VAL F 75 60.41 28.49 37.73
C VAL F 75 60.64 29.80 37.00
N THR F 76 60.31 30.89 37.68
CA THR F 76 60.50 32.24 37.16
C THR F 76 61.53 32.96 37.99
N ILE F 77 62.46 33.65 37.34
CA ILE F 77 63.50 34.41 38.00
C ILE F 77 63.06 35.87 38.06
N VAL F 78 63.10 36.44 39.25
CA VAL F 78 62.73 37.85 39.46
C VAL F 78 63.93 38.54 40.09
N GLU F 79 64.63 39.35 39.31
CA GLU F 79 65.78 40.07 39.84
C GLU F 79 65.31 41.13 40.82
N THR F 80 65.88 41.10 42.03
CA THR F 80 65.46 41.97 43.13
C THR F 80 66.68 42.63 43.77
N PRO F 81 67.22 43.68 43.15
CA PRO F 81 68.23 44.48 43.83
C PRO F 81 67.62 45.18 45.04
N PRO F 82 68.41 45.50 46.04
CA PRO F 82 67.85 46.04 47.30
C PRO F 82 67.10 47.34 47.08
N MET F 83 65.98 47.48 47.77
CA MET F 83 65.23 48.73 47.77
C MET F 83 65.98 49.78 48.58
N VAL F 84 65.70 51.04 48.30
CA VAL F 84 66.27 52.15 49.07
C VAL F 84 65.11 52.92 49.69
N VAL F 85 65.17 53.12 51.00
CA VAL F 85 64.10 53.79 51.73
C VAL F 85 64.38 55.29 51.74
N VAL F 86 63.42 56.08 51.24
CA VAL F 86 63.58 57.51 51.11
C VAL F 86 62.49 58.30 51.79
N GLY F 87 61.48 57.65 52.36
CA GLY F 87 60.42 58.41 53.01
C GLY F 87 59.56 57.56 53.90
N ILE F 88 58.70 58.24 54.65
CA ILE F 88 57.74 57.62 55.55
C ILE F 88 56.41 58.34 55.39
N VAL F 89 55.34 57.58 55.14
CA VAL F 89 53.99 58.10 55.10
C VAL F 89 53.23 57.57 56.32
N GLY F 90 52.48 58.44 56.97
CA GLY F 90 51.56 58.04 58.01
C GLY F 90 50.13 58.11 57.49
N TYR F 91 49.29 57.19 57.95
CA TYR F 91 47.89 57.19 57.62
C TYR F 91 47.06 57.23 58.89
N VAL F 92 45.92 57.90 58.84
CA VAL F 92 45.02 57.97 59.97
C VAL F 92 43.66 57.42 59.53
N GLU F 93 43.02 56.66 60.43
CA GLU F 93 41.74 56.05 60.15
C GLU F 93 40.61 57.05 60.39
N THR F 94 39.74 57.19 59.41
CA THR F 94 38.63 58.14 59.43
C THR F 94 37.37 57.36 59.08
N PRO F 95 36.19 57.85 59.46
CA PRO F 95 34.95 57.24 58.97
C PRO F 95 34.77 57.33 57.46
N ARG F 96 35.71 57.92 56.73
CA ARG F 96 35.72 57.91 55.28
C ARG F 96 36.82 57.05 54.70
N GLY F 97 37.63 56.41 55.54
CA GLY F 97 38.70 55.54 55.10
C GLY F 97 40.03 55.95 55.69
N LEU F 98 41.09 55.32 55.19
CA LEU F 98 42.43 55.75 55.55
C LEU F 98 42.76 57.01 54.78
N ARG F 99 43.30 58.02 55.46
CA ARG F 99 43.77 59.20 54.75
C ARG F 99 45.19 59.53 55.14
N THR F 100 45.93 60.05 54.18
CA THR F 100 47.33 60.40 54.37
C THR F 100 47.42 61.55 55.35
N PHE F 101 48.18 61.36 56.43
CA PHE F 101 48.31 62.37 57.46
C PHE F 101 49.54 63.23 57.23
N LYS F 102 50.71 62.60 57.12
CA LYS F 102 51.94 63.34 56.93
C LYS F 102 52.96 62.46 56.22
N THR F 103 53.69 63.06 55.29
CA THR F 103 54.79 62.40 54.58
C THR F 103 56.08 63.12 54.91
N VAL F 104 57.09 62.36 55.32
CA VAL F 104 58.40 62.91 55.64
C VAL F 104 59.42 62.21 54.75
N PHE F 105 60.18 62.99 53.99
CA PHE F 105 61.16 62.45 53.07
C PHE F 105 62.56 62.62 53.64
N ALA F 106 63.41 61.64 53.35
CA ALA F 106 64.77 61.66 53.86
C ALA F 106 65.60 62.70 53.11
N GLU F 107 66.74 63.05 53.72
CA GLU F 107 67.75 63.80 53.02
C GLU F 107 68.44 62.89 52.00
N HIS F 108 69.12 63.52 51.03
CA HIS F 108 69.92 62.81 50.04
C HIS F 108 69.09 61.78 49.28
N ILE F 109 68.05 62.26 48.61
CA ILE F 109 67.26 61.41 47.74
C ILE F 109 68.08 61.12 46.49
N SER F 110 68.13 59.84 46.10
CA SER F 110 69.02 59.41 45.03
C SER F 110 68.62 60.03 43.69
N ASP F 111 69.58 60.04 42.78
CA ASP F 111 69.36 60.63 41.47
C ASP F 111 68.31 59.85 40.67
N GLU F 112 68.43 58.52 40.68
CA GLU F 112 67.46 57.70 39.95
C GLU F 112 66.08 57.82 40.57
N CYS F 113 66.01 57.99 41.89
CA CYS F 113 64.72 58.24 42.54
C CYS F 113 64.14 59.57 42.11
N LYS F 114 64.97 60.61 42.06
CA LYS F 114 64.50 61.92 41.63
C LYS F 114 64.06 61.93 40.19
N ARG F 115 64.57 61.00 39.37
CA ARG F 115 64.13 60.92 37.98
C ARG F 115 62.64 60.61 37.89
N ARG F 116 62.07 59.93 38.90
CA ARG F 116 60.67 59.56 38.86
C ARG F 116 59.75 60.78 38.85
N PHE F 117 60.21 61.89 39.41
CA PHE F 117 59.38 63.08 39.55
C PHE F 117 59.31 63.93 38.30
N TYR F 118 60.01 63.56 37.23
CA TYR F 118 60.12 64.39 36.05
C TYR F 118 59.68 63.61 34.82
N LYS F 119 58.84 64.24 34.00
CA LYS F 119 58.49 63.65 32.72
C LYS F 119 59.63 63.79 31.71
N ASN F 120 60.33 64.92 31.72
CA ASN F 120 61.48 65.15 30.85
C ASN F 120 62.66 65.48 31.74
N TRP F 121 63.41 64.44 32.12
CA TRP F 121 64.60 64.62 32.94
C TRP F 121 65.69 65.36 32.19
N HIS F 122 65.75 65.20 30.87
CA HIS F 122 66.82 65.81 30.07
C HIS F 122 66.76 67.33 30.13
N LYS F 123 65.56 67.90 30.06
CA LYS F 123 65.39 69.35 30.06
C LYS F 123 65.24 69.93 31.45
N SER F 124 65.14 69.10 32.48
CA SER F 124 64.86 69.58 33.83
C SER F 124 66.08 70.27 34.41
N LYS F 125 65.83 71.12 35.40
CA LYS F 125 66.89 71.73 36.19
C LYS F 125 67.23 70.93 37.43
N LYS F 126 66.58 69.77 37.62
CA LYS F 126 66.89 68.84 38.69
C LYS F 126 66.64 69.47 40.06
N LYS F 127 65.57 70.25 40.18
CA LYS F 127 65.32 71.05 41.36
C LYS F 127 64.48 70.36 42.43
N ALA F 128 63.99 69.14 42.16
CA ALA F 128 63.09 68.48 43.08
C ALA F 128 63.75 68.22 44.44
N PHE F 129 63.00 68.48 45.51
CA PHE F 129 63.41 68.27 46.89
C PHE F 129 64.64 69.06 47.29
N THR F 130 65.08 70.01 46.47
CA THR F 130 66.27 70.78 46.81
C THR F 130 66.02 71.72 47.98
N LYS F 131 64.86 72.39 48.00
CA LYS F 131 64.54 73.22 49.15
C LYS F 131 64.06 72.39 50.33
N TYR F 132 63.45 71.24 50.07
CA TYR F 132 63.00 70.38 51.16
C TYR F 132 64.18 69.81 51.93
N CYS F 133 65.23 69.39 51.24
CA CYS F 133 66.37 68.79 51.92
C CYS F 133 67.12 69.78 52.79
N LYS F 134 66.90 71.08 52.58
CA LYS F 134 67.55 72.09 53.39
C LYS F 134 66.98 72.14 54.80
N LYS F 135 65.78 71.61 55.03
CA LYS F 135 65.18 71.63 56.35
C LYS F 135 65.69 70.50 57.23
N TRP F 136 66.50 69.60 56.71
CA TRP F 136 67.15 68.59 57.53
C TRP F 136 68.40 69.13 58.21
N GLN F 137 68.79 70.37 57.95
CA GLN F 137 70.01 70.94 58.48
C GLN F 137 69.77 72.07 59.47
N ASP F 138 68.92 73.04 59.13
CA ASP F 138 68.67 74.13 60.04
C ASP F 138 67.82 73.68 61.23
N GLU F 139 67.90 74.45 62.32
CA GLU F 139 67.21 74.07 63.55
C GLU F 139 65.70 74.19 63.42
N ASP F 140 65.21 75.15 62.62
CA ASP F 140 63.77 75.32 62.46
C ASP F 140 63.19 74.12 61.73
N GLY F 141 63.80 73.72 60.61
CA GLY F 141 63.32 72.58 59.87
C GLY F 141 63.44 71.29 60.65
N LYS F 142 64.51 71.16 61.44
CA LYS F 142 64.66 69.96 62.26
C LYS F 142 63.56 69.88 63.31
N LYS F 143 63.22 71.00 63.94
CA LYS F 143 62.11 71.00 64.89
C LYS F 143 60.79 70.67 64.20
N GLN F 144 60.58 71.19 62.99
CA GLN F 144 59.36 70.88 62.26
C GLN F 144 59.30 69.39 61.92
N LEU F 145 60.43 68.79 61.55
CA LEU F 145 60.46 67.36 61.27
C LEU F 145 60.20 66.54 62.52
N GLU F 146 60.76 66.95 63.66
CA GLU F 146 60.49 66.23 64.90
C GLU F 146 59.01 66.34 65.29
N LYS F 147 58.41 67.51 65.09
CA LYS F 147 56.98 67.65 65.34
C LYS F 147 56.17 66.74 64.42
N ASP F 148 56.58 66.63 63.15
CA ASP F 148 55.89 65.73 62.24
C ASP F 148 56.00 64.29 62.68
N PHE F 149 57.19 63.88 63.13
CA PHE F 149 57.36 62.50 63.60
C PHE F 149 56.53 62.25 64.85
N SER F 150 56.48 63.21 65.78
CA SER F 150 55.68 63.05 66.98
C SER F 150 54.19 62.99 66.64
N SER F 151 53.75 63.80 65.68
CA SER F 151 52.35 63.75 65.25
C SER F 151 52.01 62.41 64.62
N MET F 152 52.92 61.87 63.81
CA MET F 152 52.72 60.53 63.27
C MET F 152 52.66 59.50 64.39
N LYS F 153 53.49 59.67 65.40
CA LYS F 153 53.51 58.72 66.52
C LYS F 153 52.21 58.74 67.29
N LYS F 154 51.64 59.92 67.51
CA LYS F 154 50.47 60.03 68.38
C LYS F 154 49.15 60.01 67.63
N TYR F 155 49.14 60.09 66.31
CA TYR F 155 47.89 60.16 65.58
C TYR F 155 47.71 59.08 64.52
N CYS F 156 48.78 58.65 63.87
CA CYS F 156 48.65 57.71 62.77
C CYS F 156 48.45 56.29 63.29
N GLN F 157 47.69 55.51 62.53
CA GLN F 157 47.42 54.12 62.84
C GLN F 157 48.35 53.17 62.09
N VAL F 158 48.50 53.36 60.79
CA VAL F 158 49.39 52.55 59.96
C VAL F 158 50.37 53.49 59.27
N ILE F 159 51.64 53.07 59.20
CA ILE F 159 52.62 53.85 58.48
C ILE F 159 53.22 52.98 57.39
N ARG F 160 53.70 53.65 56.35
CA ARG F 160 54.35 53.00 55.22
C ARG F 160 55.64 53.73 54.92
N VAL F 161 56.57 53.03 54.30
CA VAL F 161 57.84 53.62 53.87
C VAL F 161 57.81 53.76 52.36
N ILE F 162 58.32 54.88 51.87
CA ILE F 162 58.57 55.01 50.44
C ILE F 162 59.91 54.36 50.14
N ALA F 163 59.92 53.41 49.23
CA ALA F 163 61.14 52.76 48.80
C ALA F 163 61.19 52.76 47.29
N HIS F 164 62.39 52.93 46.74
CA HIS F 164 62.58 52.92 45.31
C HIS F 164 63.60 51.86 44.92
N THR F 165 63.46 51.38 43.69
CA THR F 165 64.39 50.42 43.14
C THR F 165 65.66 51.11 42.66
N GLN F 166 66.68 50.31 42.36
CA GLN F 166 67.96 50.82 41.89
C GLN F 166 68.13 50.45 40.42
N MET F 167 67.87 51.42 39.54
CA MET F 167 67.97 51.21 38.10
C MET F 167 69.40 50.90 37.67
N ARG F 168 70.37 51.55 38.30
CA ARG F 168 71.75 51.45 37.85
C ARG F 168 72.30 50.04 37.93
N LEU F 169 71.68 49.17 38.72
CA LEU F 169 72.12 47.80 38.88
C LEU F 169 71.44 46.84 37.91
N LEU F 170 70.54 47.31 37.12
CA LEU F 170 69.79 46.48 36.19
C LEU F 170 70.31 46.66 34.77
N PRO F 171 70.16 45.66 33.92
CA PRO F 171 70.68 45.80 32.55
C PRO F 171 69.71 46.49 31.61
N LEU F 172 68.70 47.13 32.17
CA LEU F 172 67.63 47.70 31.36
C LEU F 172 68.02 49.08 30.83
N ARG F 173 67.30 49.51 29.80
CA ARG F 173 67.48 50.85 29.26
C ARG F 173 67.03 51.90 30.25
N GLN F 174 65.94 51.64 30.97
CA GLN F 174 65.34 52.65 31.82
C GLN F 174 66.22 53.00 33.00
N LYS F 175 66.39 54.30 33.24
CA LYS F 175 67.10 54.80 34.41
C LYS F 175 66.18 55.38 35.46
N LYS F 176 64.89 55.49 35.15
CA LYS F 176 63.91 56.05 36.08
C LYS F 176 63.52 54.99 37.09
N ALA F 177 63.77 55.26 38.37
CA ALA F 177 63.51 54.28 39.40
C ALA F 177 62.01 54.15 39.68
N HIS F 178 61.64 53.03 40.28
CA HIS F 178 60.26 52.77 40.64
C HIS F 178 60.09 53.02 42.13
N LEU F 179 59.13 53.87 42.47
CA LEU F 179 58.78 54.19 43.85
C LEU F 179 57.60 53.35 44.29
N MET F 180 57.51 53.13 45.60
CA MET F 180 56.47 52.28 46.15
C MET F 180 56.29 52.54 47.63
N GLU F 181 55.05 52.64 48.07
CA GLU F 181 54.74 52.61 49.49
C GLU F 181 54.65 51.16 49.95
N ILE F 182 55.52 50.76 50.87
CA ILE F 182 55.51 49.42 51.44
C ILE F 182 55.08 49.55 52.89
N GLN F 183 54.08 48.78 53.29
CA GLN F 183 53.56 48.88 54.64
C GLN F 183 54.50 48.19 55.63
N VAL F 184 54.64 48.82 56.79
CA VAL F 184 55.41 48.29 57.91
C VAL F 184 54.40 47.68 58.88
N ASN F 185 54.56 46.39 59.18
CA ASN F 185 53.66 45.69 60.06
C ASN F 185 54.43 45.18 61.28
N GLY F 186 53.67 44.82 62.31
CA GLY F 186 54.25 44.12 63.44
C GLY F 186 54.82 44.98 64.55
N GLY F 187 54.00 45.79 65.18
CA GLY F 187 54.44 46.52 66.35
C GLY F 187 53.59 47.74 66.59
N THR F 188 53.94 48.48 67.63
CA THR F 188 53.28 49.74 67.89
C THR F 188 53.72 50.77 66.85
N VAL F 189 52.93 51.84 66.75
CA VAL F 189 53.24 52.90 65.80
C VAL F 189 54.58 53.55 66.13
N ALA F 190 54.87 53.72 67.41
CA ALA F 190 56.15 54.27 67.81
C ALA F 190 57.30 53.36 67.39
N GLU F 191 57.15 52.06 67.60
CA GLU F 191 58.21 51.13 67.25
C GLU F 191 58.45 51.08 65.74
N LYS F 192 57.37 51.06 64.96
CA LYS F 192 57.56 51.00 63.51
C LYS F 192 58.06 52.32 62.96
N LEU F 193 57.71 53.45 63.58
CA LEU F 193 58.29 54.73 63.19
C LEU F 193 59.78 54.78 63.50
N ASP F 194 60.18 54.28 64.66
CA ASP F 194 61.61 54.23 64.97
C ASP F 194 62.35 53.34 63.98
N TRP F 195 61.78 52.18 63.66
CA TRP F 195 62.40 51.27 62.71
C TRP F 195 62.55 51.91 61.34
N ALA F 196 61.48 52.55 60.85
CA ALA F 196 61.53 53.20 59.55
C ALA F 196 62.53 54.34 59.54
N ARG F 197 62.57 55.12 60.62
CA ARG F 197 63.48 56.26 60.68
C ARG F 197 64.93 55.80 60.70
N GLU F 198 65.22 54.67 61.35
CA GLU F 198 66.57 54.12 61.25
C GLU F 198 66.84 53.59 59.85
N ARG F 199 65.82 53.09 59.16
CA ARG F 199 66.04 52.59 57.80
C ARG F 199 66.02 53.68 56.74
N LEU F 200 65.78 54.94 57.12
CA LEU F 200 65.84 56.02 56.14
C LEU F 200 67.22 56.10 55.51
N GLU F 201 67.25 56.37 54.20
CA GLU F 201 68.43 56.45 53.34
C GLU F 201 69.16 55.12 53.20
N GLN F 202 68.59 54.02 53.69
CA GLN F 202 69.28 52.75 53.74
C GLN F 202 68.74 51.79 52.68
N GLN F 203 69.46 50.70 52.51
CA GLN F 203 69.11 49.66 51.55
C GLN F 203 68.55 48.45 52.28
N VAL F 204 67.38 48.00 51.83
CA VAL F 204 66.72 46.81 52.34
C VAL F 204 66.85 45.72 51.28
N PRO F 205 67.62 44.67 51.52
CA PRO F 205 67.69 43.56 50.56
C PRO F 205 66.46 42.67 50.66
N VAL F 206 66.27 41.86 49.62
CA VAL F 206 65.06 41.05 49.51
C VAL F 206 65.02 39.93 50.54
N ASN F 207 66.17 39.50 51.06
CA ASN F 207 66.17 38.44 52.05
C ASN F 207 65.70 38.90 53.42
N GLN F 208 65.71 40.21 53.68
CA GLN F 208 65.12 40.74 54.90
C GLN F 208 63.60 40.84 54.81
N VAL F 209 63.04 40.85 53.61
CA VAL F 209 61.60 40.93 53.44
C VAL F 209 60.98 39.56 53.27
N PHE F 210 61.58 38.70 52.45
CA PHE F 210 61.05 37.39 52.18
C PHE F 210 62.07 36.33 52.58
N GLY F 211 61.57 35.11 52.81
CA GLY F 211 62.41 34.00 53.20
C GLY F 211 62.28 32.83 52.24
N GLN F 212 63.09 31.82 52.52
CA GLN F 212 63.05 30.59 51.71
C GLN F 212 61.70 29.92 51.87
N ASP F 213 61.30 29.18 50.82
CA ASP F 213 60.15 28.31 50.70
C ASP F 213 58.90 28.80 51.44
N GLU F 214 58.57 30.08 51.24
CA GLU F 214 57.29 30.62 51.67
C GLU F 214 56.51 31.04 50.43
N MET F 215 55.19 31.11 50.58
CA MET F 215 54.32 31.38 49.45
C MET F 215 53.83 32.82 49.54
N ILE F 216 54.09 33.57 48.47
CA ILE F 216 53.80 35.00 48.43
C ILE F 216 52.82 35.28 47.31
N ASP F 217 52.43 36.54 47.15
CA ASP F 217 51.55 36.97 46.08
C ASP F 217 52.33 37.85 45.12
N VAL F 218 52.05 37.71 43.84
CA VAL F 218 52.70 38.48 42.80
C VAL F 218 51.66 39.36 42.14
N ILE F 219 51.94 40.66 42.08
CA ILE F 219 51.03 41.65 41.55
C ILE F 219 51.72 42.32 40.37
N GLY F 220 51.00 42.44 39.26
CA GLY F 220 51.64 43.04 38.10
C GLY F 220 50.66 43.18 36.96
N VAL F 221 51.15 43.76 35.89
CA VAL F 221 50.36 43.99 34.69
C VAL F 221 50.75 42.94 33.65
N THR F 222 49.75 42.29 33.07
CA THR F 222 50.00 41.20 32.15
C THR F 222 50.53 41.73 30.81
N LYS F 223 50.86 40.79 29.92
CA LYS F 223 51.37 41.16 28.61
C LYS F 223 50.26 41.74 27.75
N GLY F 224 50.55 42.86 27.09
CA GLY F 224 49.57 43.48 26.22
C GLY F 224 49.42 42.73 24.93
N LYS F 225 48.18 42.58 24.48
CA LYS F 225 47.87 41.91 23.23
C LYS F 225 47.17 42.82 22.23
N GLY F 226 46.96 44.08 22.55
CA GLY F 226 46.30 44.97 21.63
C GLY F 226 44.82 44.72 21.57
N TYR F 227 44.22 45.18 20.47
CA TYR F 227 42.78 45.09 20.27
C TYR F 227 42.47 43.69 19.76
N LYS F 228 41.62 42.96 20.46
CA LYS F 228 41.36 41.57 20.11
C LYS F 228 39.86 41.33 19.96
N GLY F 229 39.52 40.31 19.19
CA GLY F 229 38.14 39.93 18.97
C GLY F 229 37.60 39.05 20.07
N VAL F 230 36.35 38.63 19.89
CA VAL F 230 35.68 37.84 20.92
C VAL F 230 36.30 36.46 21.05
N THR F 231 36.75 35.88 19.94
CA THR F 231 37.27 34.51 19.98
C THR F 231 38.59 34.45 20.73
N SER F 232 39.43 35.47 20.59
CA SER F 232 40.68 35.50 21.33
C SER F 232 40.55 36.10 22.72
N ARG F 233 39.57 36.99 22.92
CA ARG F 233 39.42 37.72 24.16
C ARG F 233 38.60 36.97 25.19
N TRP F 234 37.47 36.40 24.77
CA TRP F 234 36.58 35.68 25.67
C TRP F 234 36.53 34.19 25.37
N HIS F 235 37.25 33.73 24.35
CA HIS F 235 37.35 32.31 24.02
C HIS F 235 35.98 31.70 23.74
N THR F 236 35.15 32.44 23.01
CA THR F 236 33.87 31.92 22.58
C THR F 236 34.06 30.94 21.42
N LYS F 237 33.01 30.19 21.14
CA LYS F 237 33.07 29.19 20.09
C LYS F 237 33.13 29.86 18.73
N LYS F 238 34.02 29.37 17.87
CA LYS F 238 34.07 29.86 16.49
C LYS F 238 32.84 29.40 15.72
N LEU F 239 32.30 30.31 14.92
CA LEU F 239 31.14 29.99 14.10
C LEU F 239 31.56 29.10 12.93
N PRO F 240 30.61 28.39 12.33
CA PRO F 240 30.97 27.47 11.24
C PRO F 240 31.53 28.20 10.03
N ARG F 241 32.19 27.40 9.17
CA ARG F 241 32.86 27.96 8.00
C ARG F 241 31.89 28.62 7.05
N LYS F 242 30.63 28.18 7.03
CA LYS F 242 29.63 28.68 6.10
C LYS F 242 29.07 30.04 6.48
N THR F 243 29.51 30.63 7.59
CA THR F 243 28.98 31.91 8.04
C THR F 243 29.35 33.02 7.07
N HIS F 244 28.39 33.91 6.80
CA HIS F 244 28.54 34.88 5.73
C HIS F 244 29.45 36.03 6.12
N ARG F 245 29.05 36.80 7.14
CA ARG F 245 29.74 38.05 7.45
C ARG F 245 30.88 37.88 8.43
N GLY F 246 31.23 36.64 8.77
CA GLY F 246 32.34 36.42 9.68
C GLY F 246 32.06 35.37 10.72
N LEU F 247 33.06 34.54 11.03
CA LEU F 247 32.89 33.44 11.95
C LEU F 247 33.58 33.63 13.28
N ARG F 248 34.44 34.64 13.42
CA ARG F 248 35.05 34.93 14.72
C ARG F 248 34.24 35.94 15.50
N LYS F 249 32.94 35.65 15.66
CA LYS F 249 32.00 36.56 16.28
C LYS F 249 31.14 35.80 17.27
N VAL F 250 30.45 36.56 18.12
CA VAL F 250 29.35 36.03 18.92
C VAL F 250 28.07 36.23 18.12
N ALA F 251 27.34 35.14 17.87
CA ALA F 251 26.22 35.20 16.96
C ALA F 251 25.09 36.07 17.50
N CYS F 252 24.67 35.84 18.73
CA CYS F 252 23.59 36.61 19.34
C CYS F 252 24.15 37.38 20.51
N ILE F 253 24.02 38.71 20.46
CA ILE F 253 24.50 39.56 21.53
C ILE F 253 23.36 40.03 22.44
N GLY F 254 22.25 39.32 22.44
CA GLY F 254 21.16 39.61 23.35
C GLY F 254 19.83 39.32 22.71
N ALA F 255 18.82 39.16 23.56
CA ALA F 255 17.46 38.95 23.11
C ALA F 255 16.85 40.27 22.68
N TRP F 256 15.62 40.19 22.15
CA TRP F 256 14.89 41.40 21.79
C TRP F 256 14.67 42.28 23.01
N HIS F 257 14.33 41.68 24.14
CA HIS F 257 14.26 42.44 25.37
C HIS F 257 15.22 41.83 26.39
N PRO F 258 15.91 42.64 27.19
CA PRO F 258 15.73 44.08 27.49
C PRO F 258 16.10 45.16 26.48
N ALA F 259 16.15 44.93 25.16
CA ALA F 259 16.28 45.98 24.14
C ALA F 259 17.56 46.78 24.28
N ARG F 260 18.57 46.18 24.92
CA ARG F 260 19.89 46.78 25.05
C ARG F 260 20.89 45.64 25.05
N VAL F 261 22.15 45.99 24.79
CA VAL F 261 23.22 45.01 24.90
C VAL F 261 23.67 44.99 26.36
N ALA F 262 23.62 43.83 26.98
CA ALA F 262 24.00 43.71 28.37
C ALA F 262 25.51 43.80 28.52
N PHE F 263 25.93 44.18 29.73
CA PHE F 263 27.35 44.27 30.07
C PHE F 263 28.02 42.89 30.13
N SER F 264 27.25 41.82 30.18
CA SER F 264 27.78 40.47 30.32
C SER F 264 28.00 39.77 28.99
N VAL F 265 27.80 40.46 27.87
CA VAL F 265 27.94 39.87 26.56
C VAL F 265 29.38 40.09 26.07
N ALA F 266 29.99 39.03 25.57
CA ALA F 266 31.38 39.07 25.13
C ALA F 266 31.53 39.96 23.91
N ARG F 267 32.40 40.96 23.98
CA ARG F 267 32.60 41.88 22.88
C ARG F 267 34.07 42.22 22.72
N ALA F 268 34.45 42.60 21.51
CA ALA F 268 35.84 42.80 21.15
C ALA F 268 36.39 44.06 21.80
N GLY F 269 37.71 44.10 21.96
CA GLY F 269 38.35 45.26 22.53
C GLY F 269 39.77 44.94 22.96
N GLN F 270 40.23 45.69 23.96
CA GLN F 270 41.57 45.49 24.49
C GLN F 270 41.70 44.12 25.14
N LYS F 271 42.80 43.43 24.86
CA LYS F 271 43.16 42.21 25.55
C LYS F 271 44.57 42.35 26.08
N GLY F 272 44.78 41.88 27.30
CA GLY F 272 46.08 41.98 27.91
C GLY F 272 46.33 43.35 28.51
N TYR F 273 47.50 43.49 29.12
CA TYR F 273 47.87 44.68 29.88
C TYR F 273 46.83 44.99 30.96
N HIS F 274 46.44 43.95 31.69
CA HIS F 274 45.50 44.06 32.78
C HIS F 274 46.22 43.87 34.10
N HIS F 275 45.80 44.62 35.11
CA HIS F 275 46.37 44.46 36.44
C HIS F 275 45.83 43.18 37.08
N ARG F 276 46.73 42.34 37.56
CA ARG F 276 46.36 41.05 38.12
C ARG F 276 47.17 40.78 39.38
N THR F 277 46.60 39.94 40.23
CA THR F 277 47.21 39.52 41.49
C THR F 277 47.07 38.01 41.60
N GLU F 278 48.18 37.29 41.55
CA GLU F 278 48.20 35.86 41.70
C GLU F 278 48.77 35.51 43.07
N ILE F 279 48.02 34.74 43.85
CA ILE F 279 48.45 34.39 45.19
C ILE F 279 49.09 33.01 45.16
N ASN F 280 49.82 32.69 46.23
CA ASN F 280 50.36 31.35 46.48
C ASN F 280 51.38 30.94 45.43
N LYS F 281 52.41 31.78 45.28
CA LYS F 281 53.58 31.46 44.49
C LYS F 281 54.72 31.17 45.45
N LYS F 282 55.25 29.96 45.40
CA LYS F 282 56.27 29.54 46.36
C LYS F 282 57.63 30.07 45.96
N ILE F 283 58.42 30.46 46.95
CA ILE F 283 59.78 30.93 46.73
C ILE F 283 60.69 29.70 46.76
N TYR F 284 61.12 29.24 45.59
CA TYR F 284 62.06 28.14 45.59
C TYR F 284 63.47 28.55 45.98
N LYS F 285 63.89 29.76 45.61
CA LYS F 285 65.25 30.14 45.96
C LYS F 285 65.33 31.65 46.13
N ILE F 286 66.28 32.09 46.95
CA ILE F 286 66.67 33.49 47.00
C ILE F 286 68.17 33.53 46.69
N GLY F 287 68.50 33.90 45.46
CA GLY F 287 69.89 33.96 45.07
C GLY F 287 70.63 35.11 45.71
N GLN F 288 71.95 34.97 45.76
CA GLN F 288 72.76 35.86 46.57
C GLN F 288 73.39 36.99 45.76
N GLY F 289 73.49 36.85 44.44
CA GLY F 289 74.04 37.91 43.63
C GLY F 289 75.55 37.82 43.50
N TYR F 290 76.09 38.71 42.69
CA TYR F 290 77.51 38.69 42.39
C TYR F 290 78.31 39.41 43.46
N LEU F 291 79.41 38.81 43.89
CA LEU F 291 80.31 39.42 44.85
C LEU F 291 81.71 39.49 44.26
N ILE F 292 82.51 40.40 44.82
CA ILE F 292 83.95 40.43 44.56
C ILE F 292 84.66 40.56 45.90
N LYS F 293 85.14 39.45 46.44
CA LYS F 293 86.00 39.49 47.61
C LYS F 293 87.47 39.47 47.20
N ASP F 294 87.86 38.45 46.45
CA ASP F 294 89.14 38.43 45.73
C ASP F 294 88.95 38.13 44.26
N GLY F 295 88.02 37.22 43.94
CA GLY F 295 87.57 37.05 42.57
C GLY F 295 86.05 37.13 42.53
N LYS F 296 85.53 37.21 41.31
CA LYS F 296 84.09 37.33 41.14
C LYS F 296 83.41 35.99 41.45
N LEU F 297 82.37 36.03 42.25
CA LEU F 297 81.65 34.84 42.68
C LEU F 297 80.31 34.76 41.97
N ILE F 298 80.06 33.64 41.30
CA ILE F 298 78.82 33.43 40.56
C ILE F 298 78.21 32.09 40.93
N LYS F 299 78.95 31.28 41.70
CA LYS F 299 78.44 29.96 42.07
C LYS F 299 77.17 30.06 42.91
N ASN F 300 77.08 31.09 43.76
CA ASN F 300 75.99 31.24 44.72
C ASN F 300 74.64 31.51 44.06
N ASN F 301 74.58 31.50 42.72
CA ASN F 301 73.34 31.74 42.01
C ASN F 301 72.68 30.46 41.52
N ALA F 302 73.45 29.54 40.95
CA ALA F 302 72.87 28.33 40.39
C ALA F 302 73.48 27.04 40.92
N SER F 303 74.58 27.10 41.66
CA SER F 303 75.13 25.88 42.23
C SER F 303 74.23 25.41 43.37
N THR F 304 73.90 24.13 43.38
CA THR F 304 73.10 23.53 44.43
C THR F 304 73.98 22.66 45.30
N ASP F 305 73.37 22.01 46.29
CA ASP F 305 74.12 21.13 47.18
C ASP F 305 74.47 19.80 46.51
N TYR F 306 73.92 19.51 45.34
CA TYR F 306 74.24 18.30 44.60
C TYR F 306 74.90 18.58 43.26
N ASP F 307 74.91 19.83 42.81
CA ASP F 307 75.54 20.19 41.54
C ASP F 307 77.00 20.57 41.73
N LEU F 308 77.27 21.55 42.60
CA LEU F 308 78.61 22.04 42.89
C LEU F 308 79.32 22.51 41.62
N SER F 309 78.54 23.10 40.71
CA SER F 309 79.06 23.61 39.45
C SER F 309 79.13 25.13 39.51
N ASP F 310 80.29 25.68 39.19
CA ASP F 310 80.51 27.12 39.25
C ASP F 310 79.76 27.78 38.09
N LYS F 311 78.46 27.99 38.28
CA LYS F 311 77.65 28.64 37.29
C LYS F 311 76.62 29.54 37.96
N SER F 312 76.24 30.61 37.27
CA SER F 312 75.26 31.54 37.76
C SER F 312 73.89 31.21 37.18
N ILE F 313 72.87 31.95 37.63
CA ILE F 313 71.51 31.70 37.19
C ILE F 313 71.32 32.06 35.72
N ASN F 314 72.21 32.85 35.16
CA ASN F 314 72.06 33.29 33.78
C ASN F 314 72.19 32.10 32.84
N PRO F 315 71.29 31.97 31.86
CA PRO F 315 71.42 30.89 30.88
C PRO F 315 72.62 31.15 29.98
N LEU F 316 72.95 30.13 29.20
CA LEU F 316 74.05 30.26 28.25
C LEU F 316 73.65 31.27 27.18
N GLY F 317 74.46 32.30 26.99
CA GLY F 317 74.10 33.37 26.10
C GLY F 317 73.21 34.44 26.68
N GLY F 318 72.88 34.35 27.97
CA GLY F 318 72.12 35.38 28.65
C GLY F 318 70.63 35.16 28.58
N PHE F 319 69.91 35.85 29.45
CA PHE F 319 68.46 35.81 29.45
C PHE F 319 67.93 36.51 28.19
N VAL F 320 67.05 35.84 27.47
CA VAL F 320 66.57 36.37 26.20
C VAL F 320 65.65 37.56 26.48
N HIS F 321 65.90 38.67 25.78
CA HIS F 321 65.14 39.90 25.85
C HIS F 321 65.20 40.57 27.21
N TYR F 322 66.10 40.15 28.09
CA TYR F 322 66.27 40.82 29.37
C TYR F 322 67.68 41.36 29.59
N GLY F 323 68.69 40.52 29.53
CA GLY F 323 70.03 40.90 29.90
C GLY F 323 70.62 39.88 30.84
N GLU F 324 71.60 40.33 31.62
CA GLU F 324 72.30 39.48 32.57
C GLU F 324 71.87 39.84 33.98
N VAL F 325 71.61 38.81 34.79
CA VAL F 325 71.18 39.01 36.17
C VAL F 325 72.41 38.96 37.07
N THR F 326 72.66 40.07 37.77
CA THR F 326 73.82 40.18 38.62
C THR F 326 73.50 40.50 40.07
N ASN F 327 72.25 40.80 40.39
CA ASN F 327 71.84 41.16 41.73
C ASN F 327 71.14 39.98 42.40
N ASP F 328 70.55 40.23 43.56
CA ASP F 328 69.72 39.24 44.21
C ASP F 328 68.52 38.91 43.33
N PHE F 329 68.11 37.64 43.35
CA PHE F 329 66.95 37.23 42.58
C PHE F 329 66.09 36.30 43.42
N VAL F 330 64.83 36.20 43.06
CA VAL F 330 63.88 35.29 43.70
C VAL F 330 63.44 34.28 42.66
N MET F 331 63.73 33.01 42.90
CA MET F 331 63.26 31.91 42.08
C MET F 331 61.91 31.47 42.63
N LEU F 332 60.84 31.91 41.96
CA LEU F 332 59.47 31.54 42.26
C LEU F 332 59.07 30.32 41.47
N LYS F 333 58.00 29.66 41.92
CA LYS F 333 57.51 28.46 41.26
C LYS F 333 56.41 28.82 40.27
N GLY F 334 56.58 28.42 39.02
CA GLY F 334 55.56 28.58 38.01
C GLY F 334 55.74 29.83 37.18
N CYS F 335 54.63 30.28 36.61
CA CYS F 335 54.61 31.44 35.73
C CYS F 335 54.13 32.68 36.49
N VAL F 336 54.54 33.83 35.98
CA VAL F 336 54.27 35.13 36.58
C VAL F 336 53.80 36.08 35.49
N VAL F 337 52.80 36.90 35.80
CA VAL F 337 52.25 37.83 34.82
C VAL F 337 53.31 38.79 34.31
N GLY F 338 53.10 39.29 33.10
CA GLY F 338 53.94 40.34 32.55
C GLY F 338 54.94 39.81 31.54
N THR F 339 55.53 40.76 30.81
CA THR F 339 56.57 40.46 29.83
C THR F 339 57.90 40.28 30.54
N LYS F 340 58.97 40.13 29.78
CA LYS F 340 60.29 40.23 30.36
C LYS F 340 60.55 41.67 30.79
N LYS F 341 61.48 41.81 31.73
CA LYS F 341 61.84 43.08 32.39
C LYS F 341 60.63 43.92 32.77
N ARG F 342 59.55 43.26 33.14
CA ARG F 342 58.37 43.92 33.66
C ARG F 342 58.46 43.96 35.18
N VAL F 343 58.13 45.10 35.75
CA VAL F 343 58.24 45.31 37.18
C VAL F 343 57.08 44.61 37.88
N LEU F 344 57.41 43.85 38.92
CA LEU F 344 56.44 43.07 39.67
C LEU F 344 56.51 43.44 41.14
N THR F 345 55.36 43.38 41.79
CA THR F 345 55.26 43.58 43.23
C THR F 345 55.12 42.24 43.90
N LEU F 346 55.99 41.96 44.86
CA LEU F 346 55.90 40.75 45.67
C LEU F 346 55.35 41.14 47.02
N ARG F 347 54.28 40.48 47.44
CA ARG F 347 53.58 40.83 48.66
C ARG F 347 53.49 39.61 49.56
N LYS F 348 53.59 39.85 50.87
CA LYS F 348 53.34 38.78 51.83
C LYS F 348 51.92 38.27 51.70
N SER F 349 51.75 36.97 51.94
CA SER F 349 50.45 36.36 51.80
C SER F 349 49.47 36.93 52.82
N LEU F 350 48.26 37.26 52.35
CA LEU F 350 47.21 37.70 53.26
C LEU F 350 46.59 36.56 54.03
N LEU F 351 46.86 35.32 53.65
CA LEU F 351 46.23 34.15 54.24
C LEU F 351 47.19 33.45 55.20
N VAL F 352 46.65 32.51 55.96
CA VAL F 352 47.43 31.68 56.85
C VAL F 352 47.78 30.39 56.11
N GLN F 353 49.07 30.13 55.96
CA GLN F 353 49.53 28.96 55.20
C GLN F 353 49.61 27.78 56.15
N THR F 354 48.64 26.86 56.03
CA THR F 354 48.61 25.65 56.83
C THR F 354 48.57 24.37 56.01
N LYS F 355 48.28 24.45 54.72
CA LYS F 355 48.24 23.27 53.89
C LYS F 355 49.63 22.68 53.70
N ARG F 356 49.68 21.41 53.34
CA ARG F 356 50.96 20.73 53.18
C ARG F 356 51.64 21.12 51.87
N ARG F 357 50.91 21.69 50.92
CA ARG F 357 51.53 22.35 49.78
C ARG F 357 52.44 23.47 50.24
N ALA F 358 51.95 24.31 51.14
CA ALA F 358 52.79 25.29 51.81
C ALA F 358 53.62 24.60 52.88
N LEU F 359 54.49 25.38 53.51
CA LEU F 359 55.34 24.92 54.63
C LEU F 359 56.10 23.63 54.29
N GLU F 360 56.31 23.39 53.00
CA GLU F 360 57.06 22.24 52.54
C GLU F 360 58.47 22.70 52.18
N LYS F 361 59.47 22.01 52.72
CA LYS F 361 60.85 22.39 52.48
C LYS F 361 61.24 22.08 51.05
N ILE F 362 61.86 23.06 50.40
CA ILE F 362 62.29 22.95 49.01
C ILE F 362 63.80 22.80 48.99
N ASP F 363 64.28 21.70 48.41
CA ASP F 363 65.71 21.44 48.29
C ASP F 363 66.01 21.15 46.83
N LEU F 364 66.62 22.11 46.15
CA LEU F 364 66.92 21.96 44.73
C LEU F 364 68.08 20.99 44.53
N LYS F 365 67.98 20.18 43.49
CA LYS F 365 69.09 19.35 43.06
C LYS F 365 69.78 19.86 41.81
N PHE F 366 69.06 20.53 40.92
CA PHE F 366 69.63 20.97 39.66
C PHE F 366 68.86 22.17 39.15
N ILE F 367 69.57 23.14 38.61
CA ILE F 367 68.98 24.32 37.98
C ILE F 367 69.46 24.36 36.55
N ASP F 368 68.52 24.38 35.61
CA ASP F 368 68.87 24.36 34.20
C ASP F 368 69.39 25.72 33.76
N THR F 369 70.52 25.72 33.07
CA THR F 369 71.12 26.94 32.55
C THR F 369 71.49 26.81 31.08
N THR F 370 70.80 25.93 30.36
CA THR F 370 71.00 25.84 28.92
C THR F 370 70.46 27.10 28.25
N SER F 371 70.93 27.33 27.02
CA SER F 371 70.52 28.52 26.30
C SER F 371 69.03 28.48 25.97
N LYS F 372 68.33 29.55 26.31
CA LYS F 372 66.93 29.69 25.97
C LYS F 372 66.73 30.38 24.62
N PHE F 373 67.81 30.85 24.00
CA PHE F 373 67.77 31.46 22.68
C PHE F 373 67.90 30.41 21.58
N GLY F 374 67.06 29.39 21.65
CA GLY F 374 67.11 28.23 20.80
C GLY F 374 67.02 26.97 21.63
N HIS F 375 67.30 25.84 21.01
CA HIS F 375 67.33 24.57 21.73
C HIS F 375 68.72 24.39 22.32
N GLY F 376 68.95 25.09 23.43
CA GLY F 376 70.23 24.97 24.11
C GLY F 376 70.44 23.56 24.63
N ARG F 377 71.69 23.11 24.61
CA ARG F 377 71.99 21.74 25.00
C ARG F 377 73.24 21.64 25.87
N PHE F 378 73.83 22.75 26.28
CA PHE F 378 74.99 22.75 27.16
C PHE F 378 74.71 23.63 28.35
N GLN F 379 75.07 23.16 29.54
CA GLN F 379 74.82 23.93 30.74
C GLN F 379 75.79 25.10 30.86
N THR F 380 77.07 24.88 30.54
CA THR F 380 78.09 25.89 30.77
C THR F 380 79.00 26.01 29.56
N MET F 381 79.69 27.15 29.50
CA MET F 381 80.71 27.38 28.48
C MET F 381 81.77 26.30 28.54
N GLU F 382 82.22 25.96 29.75
CA GLU F 382 83.29 24.98 29.91
C GLU F 382 82.84 23.61 29.43
N GLU F 383 81.60 23.23 29.73
CA GLU F 383 81.08 21.96 29.26
C GLU F 383 80.98 21.93 27.74
N LYS F 384 80.51 23.03 27.15
CA LYS F 384 80.43 23.09 25.68
C LYS F 384 81.80 22.98 25.03
N LYS F 385 82.79 23.69 25.58
CA LYS F 385 84.14 23.63 25.03
C LYS F 385 84.75 22.25 25.21
N ALA F 386 84.54 21.62 26.36
CA ALA F 386 85.07 20.30 26.59
C ALA F 386 84.44 19.27 25.65
N PHE F 387 83.14 19.43 25.36
CA PHE F 387 82.48 18.50 24.46
C PHE F 387 82.95 18.69 23.02
N MET F 388 82.99 19.95 22.55
CA MET F 388 83.24 20.17 21.14
C MET F 388 84.72 20.30 20.77
N GLY F 389 85.61 20.38 21.75
CA GLY F 389 87.03 20.48 21.46
C GLY F 389 87.38 21.81 20.83
N PRO F 390 88.59 21.92 20.31
CA PRO F 390 88.99 23.16 19.62
C PRO F 390 88.24 23.32 18.31
N LEU F 391 88.06 24.57 17.91
CA LEU F 391 87.36 24.93 16.68
C LEU F 391 88.30 25.72 15.78
N LYS F 392 87.81 26.05 14.58
CA LYS F 392 88.63 26.77 13.62
C LYS F 392 88.96 28.18 14.09
N LYS F 393 87.99 28.87 14.68
CA LYS F 393 88.27 30.22 15.18
C LYS F 393 89.22 30.19 16.37
N ASP F 394 89.11 29.16 17.21
CA ASP F 394 90.08 28.98 18.29
C ASP F 394 91.48 28.73 17.72
N ARG F 395 91.56 27.92 16.66
CA ARG F 395 92.84 27.65 16.03
C ARG F 395 93.47 28.90 15.44
N ILE F 396 92.68 29.71 14.75
CA ILE F 396 93.23 30.93 14.14
C ILE F 396 93.51 31.99 15.19
N ALA F 397 92.86 31.93 16.36
CA ALA F 397 93.23 32.83 17.45
C ALA F 397 94.54 32.39 18.10
N LYS F 398 94.70 31.08 18.32
CA LYS F 398 95.91 30.58 18.94
C LYS F 398 97.12 30.72 18.02
N GLU F 399 96.89 30.67 16.69
CA GLU F 399 97.98 30.90 15.75
C GLU F 399 98.54 32.31 15.90
N GLU F 400 97.66 33.30 16.07
CA GLU F 400 98.13 34.67 16.28
C GLU F 400 98.67 34.87 17.69
N GLY F 401 98.13 34.16 18.67
CA GLY F 401 98.64 34.26 20.03
C GLY F 401 99.90 33.46 20.30
N ALA F 402 100.34 32.66 19.33
CA ALA F 402 101.57 31.86 19.42
C ALA F 402 101.59 30.94 20.65
N MET G 1 -43.70 119.24 -5.15
CA MET G 1 -42.41 119.22 -5.83
C MET G 1 -42.45 118.44 -7.13
N ALA G 2 -42.98 117.20 -7.05
CA ALA G 2 -43.03 116.35 -8.23
C ALA G 2 -43.95 116.94 -9.30
N CYS G 3 -45.09 117.49 -8.89
CA CYS G 3 -46.01 118.09 -9.84
C CYS G 3 -45.60 119.51 -10.22
N ALA G 4 -44.64 120.10 -9.53
CA ALA G 4 -44.21 121.47 -9.80
C ALA G 4 -43.01 121.44 -10.74
N ARG G 5 -43.15 122.09 -11.90
CA ARG G 5 -42.10 122.15 -12.90
C ARG G 5 -41.68 123.59 -13.14
N PRO G 6 -40.53 124.02 -12.64
CA PRO G 6 -40.12 125.41 -12.79
C PRO G 6 -39.69 125.75 -14.20
N LEU G 7 -39.28 127.00 -14.41
CA LEU G 7 -38.79 127.47 -15.70
C LEU G 7 -37.28 127.67 -15.61
N ILE G 8 -36.56 127.06 -16.54
CA ILE G 8 -35.11 127.15 -16.59
C ILE G 8 -34.72 128.08 -17.73
N SER G 9 -33.91 129.08 -17.43
CA SER G 9 -33.48 130.02 -18.44
C SER G 9 -32.41 129.38 -19.34
N VAL G 10 -32.54 129.62 -20.63
CA VAL G 10 -31.55 129.19 -21.60
C VAL G 10 -30.45 130.24 -21.66
N TYR G 11 -29.22 129.82 -21.44
CA TYR G 11 -28.09 130.73 -21.40
C TYR G 11 -27.44 130.85 -22.77
N SER G 12 -27.12 132.07 -23.15
CA SER G 12 -26.48 132.30 -24.44
C SER G 12 -25.04 131.80 -24.40
N GLU G 13 -24.40 131.84 -25.58
CA GLU G 13 -23.01 131.40 -25.68
C GLU G 13 -22.06 132.29 -24.88
N LYS G 14 -22.49 133.48 -24.50
CA LYS G 14 -21.69 134.38 -23.68
C LYS G 14 -21.83 134.09 -22.19
N GLY G 15 -22.67 133.13 -21.81
CA GLY G 15 -22.80 132.71 -20.45
C GLY G 15 -23.96 133.31 -19.69
N GLU G 16 -24.54 134.39 -20.17
CA GLU G 16 -25.66 135.02 -19.49
C GLU G 16 -26.98 134.56 -20.09
N SER G 17 -28.05 134.87 -19.39
CA SER G 17 -29.38 134.44 -19.80
C SER G 17 -29.79 135.12 -21.10
N SER G 18 -30.44 134.37 -21.98
CA SER G 18 -30.92 134.87 -23.24
C SER G 18 -32.36 135.36 -23.18
N GLY G 19 -33.01 135.25 -22.03
CA GLY G 19 -34.40 135.62 -21.89
C GLY G 19 -35.38 134.53 -22.25
N LYS G 20 -34.91 133.42 -22.83
CA LYS G 20 -35.77 132.29 -23.15
C LYS G 20 -35.87 131.36 -21.94
N ASN G 21 -37.05 130.80 -21.74
CA ASN G 21 -37.29 129.89 -20.63
C ASN G 21 -37.93 128.61 -21.15
N VAL G 22 -37.49 127.48 -20.60
CA VAL G 22 -38.05 126.18 -20.92
C VAL G 22 -38.61 125.58 -19.63
N THR G 23 -39.84 125.10 -19.69
CA THR G 23 -40.41 124.40 -18.56
C THR G 23 -39.60 123.13 -18.29
N LEU G 24 -39.35 122.85 -17.02
CA LEU G 24 -38.56 121.68 -16.65
C LEU G 24 -39.24 120.42 -17.17
N PRO G 25 -38.55 119.60 -17.95
CA PRO G 25 -39.14 118.34 -18.38
C PRO G 25 -39.49 117.46 -17.20
N ALA G 26 -40.59 116.71 -17.34
CA ALA G 26 -41.07 115.89 -16.23
C ALA G 26 -40.12 114.77 -15.87
N VAL G 27 -39.17 114.44 -16.76
CA VAL G 27 -38.21 113.39 -16.46
C VAL G 27 -37.26 113.79 -15.34
N PHE G 28 -37.11 115.09 -15.09
CA PHE G 28 -36.24 115.54 -14.01
C PHE G 28 -36.91 115.42 -12.65
N LYS G 29 -38.20 115.10 -12.61
CA LYS G 29 -38.90 114.82 -11.37
C LYS G 29 -39.15 113.32 -11.19
N ALA G 30 -38.57 112.48 -12.05
CA ALA G 30 -38.73 111.05 -11.94
C ALA G 30 -38.06 110.54 -10.68
N PRO G 31 -38.47 109.38 -10.16
CA PRO G 31 -37.82 108.84 -8.96
C PRO G 31 -36.34 108.61 -9.19
N ILE G 32 -35.53 108.99 -8.21
CA ILE G 32 -34.10 108.75 -8.24
C ILE G 32 -33.85 107.43 -7.52
N ARG G 33 -33.32 106.46 -8.25
CA ARG G 33 -33.25 105.08 -7.78
C ARG G 33 -31.83 104.56 -7.97
N PRO G 34 -30.92 104.88 -7.06
CA PRO G 34 -29.53 104.44 -7.21
C PRO G 34 -29.37 102.94 -7.26
N ASP G 35 -30.21 102.16 -6.57
CA ASP G 35 -30.07 100.71 -6.63
C ASP G 35 -30.37 100.19 -8.04
N ILE G 36 -31.41 100.72 -8.67
CA ILE G 36 -31.74 100.30 -10.03
C ILE G 36 -30.70 100.80 -11.01
N VAL G 37 -30.19 102.02 -10.80
CA VAL G 37 -29.12 102.53 -11.66
C VAL G 37 -27.88 101.65 -11.55
N ASN G 38 -27.52 101.26 -10.33
CA ASN G 38 -26.36 100.40 -10.13
C ASN G 38 -26.58 99.04 -10.77
N PHE G 39 -27.78 98.47 -10.63
CA PHE G 39 -28.07 97.18 -11.24
C PHE G 39 -27.94 97.24 -12.75
N VAL G 40 -28.55 98.24 -13.36
CA VAL G 40 -28.54 98.36 -14.82
C VAL G 40 -27.12 98.63 -15.31
N HIS G 41 -26.37 99.49 -14.61
CA HIS G 41 -25.00 99.75 -14.98
C HIS G 41 -24.14 98.50 -14.87
N THR G 42 -24.31 97.74 -13.79
CA THR G 42 -23.56 96.51 -13.59
C THR G 42 -23.81 95.52 -14.71
N ASN G 43 -25.07 95.35 -15.09
CA ASN G 43 -25.39 94.36 -16.10
C ASN G 43 -25.11 94.85 -17.52
N LEU G 44 -25.04 96.16 -17.76
CA LEU G 44 -24.73 96.61 -19.10
C LEU G 44 -23.24 96.85 -19.33
N ARG G 45 -22.44 97.01 -18.27
CA ARG G 45 -21.00 97.08 -18.48
C ARG G 45 -20.40 95.75 -18.89
N LYS G 46 -21.13 94.66 -18.74
CA LYS G 46 -20.63 93.36 -19.20
C LYS G 46 -20.86 93.13 -20.68
N ASN G 47 -21.71 93.95 -21.32
CA ASN G 47 -22.09 93.68 -22.69
C ASN G 47 -21.05 94.10 -23.71
N ASN G 48 -20.13 94.99 -23.33
CA ASN G 48 -19.05 95.37 -24.22
C ASN G 48 -17.81 94.51 -24.04
N ARG G 49 -17.87 93.53 -23.15
CA ARG G 49 -16.70 92.72 -22.84
C ARG G 49 -16.32 91.84 -24.02
N GLN G 50 -15.04 91.52 -24.10
CA GLN G 50 -14.49 90.71 -25.15
C GLN G 50 -13.96 89.42 -24.52
N PRO G 51 -14.30 88.26 -25.07
CA PRO G 51 -14.02 87.01 -24.36
C PRO G 51 -12.54 86.71 -24.25
N TYR G 52 -12.18 86.03 -23.16
CA TYR G 52 -10.86 85.48 -22.97
C TYR G 52 -10.96 84.03 -22.55
N ALA G 53 -9.98 83.24 -22.95
CA ALA G 53 -9.89 81.85 -22.55
C ALA G 53 -8.46 81.39 -22.74
N VAL G 54 -8.09 80.32 -22.07
CA VAL G 54 -6.82 79.69 -22.32
C VAL G 54 -6.97 78.72 -23.48
N SER G 55 -5.84 78.30 -24.02
CA SER G 55 -5.87 77.30 -25.08
C SER G 55 -6.39 75.98 -24.53
N GLU G 56 -7.28 75.34 -25.29
CA GLU G 56 -7.81 74.05 -24.86
C GLU G 56 -6.75 72.96 -24.90
N LEU G 57 -5.67 73.16 -25.66
CA LEU G 57 -4.58 72.21 -25.73
C LEU G 57 -3.51 72.44 -24.68
N ALA G 58 -3.65 73.49 -23.87
CA ALA G 58 -2.58 73.87 -22.95
C ALA G 58 -2.41 72.82 -21.88
N GLY G 59 -1.20 72.30 -21.75
CA GLY G 59 -0.88 71.33 -20.72
C GLY G 59 -1.32 69.92 -21.03
N HIS G 60 -1.85 69.65 -22.20
CA HIS G 60 -2.42 68.35 -22.54
C HIS G 60 -1.89 67.87 -23.88
N GLN G 61 -0.65 68.19 -24.20
CA GLN G 61 0.00 67.76 -25.42
C GLN G 61 1.36 67.16 -25.08
N THR G 62 1.33 66.21 -24.16
CA THR G 62 2.51 65.64 -23.51
C THR G 62 2.63 64.13 -23.65
N SER G 63 1.52 63.40 -23.78
CA SER G 63 1.50 61.94 -23.83
C SER G 63 2.06 61.31 -22.56
N ALA G 64 2.01 62.01 -21.44
CA ALA G 64 2.50 61.50 -20.18
C ALA G 64 1.56 60.44 -19.62
N GLU G 65 2.11 59.57 -18.77
CA GLU G 65 1.31 58.60 -18.04
C GLU G 65 1.90 58.39 -16.66
N SER G 66 1.09 57.82 -15.78
CA SER G 66 1.52 57.56 -14.42
C SER G 66 2.53 56.42 -14.39
N TRP G 67 3.50 56.51 -13.47
CA TRP G 67 4.51 55.49 -13.32
C TRP G 67 4.02 54.27 -12.55
N GLY G 68 2.87 54.36 -11.92
CA GLY G 68 2.39 53.27 -11.10
C GLY G 68 2.52 53.61 -9.64
N THR G 69 2.72 52.61 -8.78
CA THR G 69 2.76 52.85 -7.35
C THR G 69 3.98 52.25 -6.65
N GLY G 70 4.75 51.38 -7.29
CA GLY G 70 5.84 50.76 -6.59
C GLY G 70 7.20 51.34 -6.90
N ARG G 71 7.26 52.66 -7.09
CA ARG G 71 8.51 53.30 -7.49
C ARG G 71 8.85 54.51 -6.63
N ALA G 72 8.26 54.62 -5.44
CA ALA G 72 8.58 55.61 -4.43
C ALA G 72 8.35 57.05 -4.90
N VAL G 73 7.48 57.25 -5.88
CA VAL G 73 7.14 58.58 -6.34
C VAL G 73 5.62 58.70 -6.40
N ALA G 74 5.14 59.94 -6.39
CA ALA G 74 3.71 60.18 -6.42
C ALA G 74 3.11 59.69 -7.73
N ARG G 75 1.83 59.34 -7.67
CA ARG G 75 1.14 58.70 -8.79
C ARG G 75 0.71 59.68 -9.87
N ILE G 76 1.24 60.89 -9.89
CA ILE G 76 0.96 61.87 -10.93
C ILE G 76 1.51 61.35 -12.25
N PRO G 77 0.89 61.65 -13.40
CA PRO G 77 1.51 61.28 -14.67
C PRO G 77 2.85 61.95 -14.88
N ARG G 78 3.77 61.23 -15.49
CA ARG G 78 5.12 61.71 -15.74
C ARG G 78 5.39 61.69 -17.24
N VAL G 79 6.15 62.68 -17.70
CA VAL G 79 6.55 62.72 -19.10
C VAL G 79 7.45 61.54 -19.40
N ARG G 80 7.20 60.88 -20.52
CA ARG G 80 7.95 59.69 -20.89
C ARG G 80 9.27 60.06 -21.57
N GLY G 81 10.05 59.04 -21.86
CA GLY G 81 11.32 59.24 -22.54
C GLY G 81 12.46 59.53 -21.59
N GLY G 82 13.56 59.99 -22.18
CA GLY G 82 14.74 60.34 -21.43
C GLY G 82 15.55 61.37 -22.19
N GLY G 83 16.71 61.69 -21.65
CA GLY G 83 17.66 62.55 -22.31
C GLY G 83 17.36 64.03 -22.25
N THR G 84 16.34 64.44 -21.51
CA THR G 84 16.02 65.85 -21.35
C THR G 84 15.53 66.08 -19.93
N HIS G 85 15.53 67.34 -19.52
CA HIS G 85 15.05 67.68 -18.18
C HIS G 85 13.59 67.32 -18.01
N ARG G 86 12.81 67.44 -19.09
CA ARG G 86 11.37 67.23 -19.02
C ARG G 86 11.01 65.79 -18.68
N SER G 87 11.89 64.83 -18.94
CA SER G 87 11.57 63.43 -18.76
C SER G 87 11.36 63.09 -17.29
N GLY G 88 10.27 62.40 -16.99
CA GLY G 88 9.96 62.03 -15.63
C GLY G 88 9.35 63.12 -14.79
N GLN G 89 8.96 64.24 -15.38
CA GLN G 89 8.36 65.34 -14.66
C GLN G 89 6.85 65.23 -14.70
N GLY G 90 6.20 65.77 -13.67
CA GLY G 90 4.75 65.69 -13.60
C GLY G 90 4.07 66.45 -14.71
N ALA G 91 2.88 65.97 -15.09
CA ALA G 91 2.13 66.56 -16.19
C ALA G 91 0.64 66.46 -15.91
N PHE G 92 -0.13 67.23 -16.67
CA PHE G 92 -1.58 67.18 -16.76
C PHE G 92 -2.32 67.69 -15.53
N GLY G 93 -1.60 67.98 -14.45
CA GLY G 93 -2.23 68.35 -13.21
C GLY G 93 -2.20 69.85 -12.99
N ASN G 94 -3.21 70.36 -12.28
CA ASN G 94 -3.22 71.77 -11.95
C ASN G 94 -2.10 72.12 -10.98
N MET G 95 -1.60 71.15 -10.24
CA MET G 95 -0.49 71.35 -9.32
C MET G 95 0.87 71.17 -9.97
N CYS G 96 0.92 70.71 -11.22
CA CYS G 96 2.17 70.45 -11.90
C CYS G 96 2.61 71.67 -12.69
N ARG G 97 3.91 71.95 -12.65
CA ARG G 97 4.46 73.01 -13.48
C ARG G 97 4.39 72.60 -14.94
N GLY G 98 3.84 73.47 -15.77
CA GLY G 98 3.63 73.14 -17.16
C GLY G 98 2.39 72.33 -17.43
N GLY G 99 1.58 72.07 -16.42
CA GLY G 99 0.36 71.31 -16.60
C GLY G 99 -0.83 72.17 -16.96
N ARG G 100 -1.99 71.56 -16.93
CA ARG G 100 -3.24 72.22 -17.28
C ARG G 100 -3.84 72.86 -16.03
N MET G 101 -4.31 74.09 -16.17
CA MET G 101 -4.94 74.79 -15.06
C MET G 101 -6.26 74.11 -14.68
N PHE G 102 -6.65 74.27 -13.42
CA PHE G 102 -7.92 73.71 -12.98
C PHE G 102 -9.06 74.43 -13.66
N ALA G 103 -9.99 73.67 -14.24
CA ALA G 103 -11.17 74.20 -14.91
C ALA G 103 -10.77 75.29 -15.88
N PRO G 104 -10.17 74.95 -17.02
CA PRO G 104 -9.68 75.97 -17.93
C PRO G 104 -10.79 76.91 -18.37
N THR G 105 -10.45 78.19 -18.44
CA THR G 105 -11.42 79.19 -18.82
C THR G 105 -11.86 78.95 -20.26
N LYS G 106 -13.14 79.16 -20.52
CA LYS G 106 -13.71 78.87 -21.82
C LYS G 106 -14.45 80.08 -22.35
N THR G 107 -14.55 80.16 -23.67
CA THR G 107 -15.12 81.34 -24.30
C THR G 107 -16.60 81.47 -24.05
N TRP G 108 -17.31 80.38 -23.76
CA TRP G 108 -18.74 80.47 -23.50
C TRP G 108 -19.01 80.67 -22.01
N ARG G 109 -18.52 81.80 -21.50
CA ARG G 109 -18.71 82.17 -20.10
C ARG G 109 -20.04 82.86 -19.83
N ARG G 110 -20.83 83.17 -20.86
CA ARG G 110 -21.98 84.07 -20.74
C ARG G 110 -21.52 85.45 -20.27
N TRP G 111 -20.78 86.12 -21.15
CA TRP G 111 -20.24 87.44 -20.84
C TRP G 111 -21.33 88.50 -20.81
N HIS G 112 -22.42 88.30 -21.52
CA HIS G 112 -23.40 89.35 -21.72
C HIS G 112 -24.63 89.11 -20.85
N ARG G 113 -25.24 90.20 -20.42
CA ARG G 113 -26.50 90.17 -19.68
C ARG G 113 -27.52 90.97 -20.44
N ARG G 114 -28.75 90.49 -20.47
CA ARG G 114 -29.85 91.23 -21.07
C ARG G 114 -30.68 91.84 -19.96
N VAL G 115 -30.97 93.14 -20.08
CA VAL G 115 -31.73 93.88 -19.08
C VAL G 115 -33.06 94.25 -19.69
N ASN G 116 -34.09 94.26 -18.87
CA ASN G 116 -35.41 94.66 -19.33
C ASN G 116 -35.40 96.10 -19.82
N THR G 117 -36.09 96.33 -20.94
CA THR G 117 -36.12 97.66 -21.53
C THR G 117 -36.74 98.67 -20.58
N THR G 118 -37.78 98.26 -19.86
CA THR G 118 -38.43 99.17 -18.93
C THR G 118 -37.46 99.55 -17.81
N GLN G 119 -36.66 98.60 -17.32
CA GLN G 119 -35.69 98.91 -16.28
C GLN G 119 -34.58 99.80 -16.81
N LYS G 120 -34.15 99.60 -18.06
CA LYS G 120 -33.13 100.48 -18.63
C LYS G 120 -33.65 101.90 -18.76
N ARG G 121 -34.90 102.06 -19.23
CA ARG G 121 -35.50 103.38 -19.30
C ARG G 121 -35.66 103.98 -17.90
N TYR G 122 -35.99 103.15 -16.92
CA TYR G 122 -36.14 103.61 -15.55
C TYR G 122 -34.82 104.18 -15.04
N ALA G 123 -33.72 103.48 -15.32
CA ALA G 123 -32.40 103.94 -14.90
C ALA G 123 -32.00 105.23 -15.60
N ILE G 124 -32.33 105.36 -16.88
CA ILE G 124 -32.08 106.61 -17.58
C ILE G 124 -32.83 107.75 -16.93
N CYS G 125 -34.09 107.52 -16.58
CA CYS G 125 -34.90 108.56 -15.93
C CYS G 125 -34.31 108.94 -14.58
N SER G 126 -33.85 107.94 -13.81
CA SER G 126 -33.25 108.23 -12.51
C SER G 126 -31.97 109.04 -12.66
N ALA G 127 -31.13 108.68 -13.64
CA ALA G 127 -29.90 109.43 -13.86
C ALA G 127 -30.18 110.87 -14.26
N LEU G 128 -31.16 111.07 -15.15
CA LEU G 128 -31.52 112.41 -15.56
C LEU G 128 -32.06 113.22 -14.39
N ALA G 129 -32.91 112.61 -13.57
CA ALA G 129 -33.47 113.31 -12.42
C ALA G 129 -32.37 113.69 -11.42
N ALA G 130 -31.40 112.81 -11.24
CA ALA G 130 -30.31 113.10 -10.31
C ALA G 130 -29.36 114.14 -10.86
N SER G 131 -29.26 114.25 -12.18
CA SER G 131 -28.34 115.23 -12.76
C SER G 131 -28.79 116.68 -12.57
N ALA G 132 -30.02 116.90 -12.11
CA ALA G 132 -30.52 118.25 -11.88
C ALA G 132 -30.49 118.65 -10.41
N LEU G 133 -29.90 117.83 -9.55
CA LEU G 133 -29.81 118.14 -8.13
C LEU G 133 -28.39 118.52 -7.79
N PRO G 134 -28.14 119.75 -7.34
CA PRO G 134 -26.75 120.19 -7.12
C PRO G 134 -25.99 119.38 -6.10
N ALA G 135 -26.67 118.84 -5.09
CA ALA G 135 -25.97 118.05 -4.08
C ALA G 135 -25.40 116.77 -4.68
N LEU G 136 -26.14 116.13 -5.59
CA LEU G 136 -25.68 114.87 -6.17
C LEU G 136 -24.54 115.10 -7.16
N VAL G 137 -24.62 116.17 -7.96
CA VAL G 137 -23.53 116.46 -8.88
C VAL G 137 -22.28 116.87 -8.13
N MET G 138 -22.44 117.67 -7.07
CA MET G 138 -21.32 118.00 -6.22
C MET G 138 -20.74 116.76 -5.57
N SER G 139 -21.59 115.82 -5.16
CA SER G 139 -21.11 114.58 -4.57
C SER G 139 -20.43 113.67 -5.58
N LYS G 140 -20.77 113.80 -6.86
CA LYS G 140 -19.93 113.21 -7.91
C LYS G 140 -18.65 114.00 -8.13
N GLY G 141 -18.58 115.23 -7.64
CA GLY G 141 -17.33 115.95 -7.62
C GLY G 141 -17.05 116.74 -8.88
N HIS G 142 -18.09 117.30 -9.47
CA HIS G 142 -18.00 117.92 -10.78
C HIS G 142 -17.70 119.41 -10.74
N ARG G 143 -17.45 119.96 -9.54
CA ARG G 143 -17.03 121.35 -9.38
C ARG G 143 -18.06 122.32 -9.97
N ILE G 144 -19.30 122.19 -9.52
CA ILE G 144 -20.37 123.12 -9.87
C ILE G 144 -20.54 124.08 -8.69
N GLU G 145 -19.77 125.15 -8.70
CA GLU G 145 -19.95 126.19 -7.71
C GLU G 145 -20.23 127.55 -8.33
N GLU G 146 -19.90 127.75 -9.60
CA GLU G 146 -20.15 129.00 -10.29
C GLU G 146 -21.05 128.80 -11.50
N VAL G 147 -21.58 127.61 -11.68
CA VAL G 147 -22.55 127.34 -12.75
C VAL G 147 -23.85 128.08 -12.44
N PRO G 148 -24.37 128.88 -13.37
CA PRO G 148 -25.55 129.71 -13.04
C PRO G 148 -26.79 128.91 -12.69
N GLU G 149 -26.98 127.75 -13.32
CA GLU G 149 -28.17 126.94 -13.10
C GLU G 149 -27.81 125.50 -13.44
N LEU G 150 -28.05 124.59 -12.51
CA LEU G 150 -27.58 123.22 -12.72
C LEU G 150 -28.23 122.52 -13.92
N PRO G 151 -29.55 122.56 -14.11
CA PRO G 151 -30.06 122.10 -15.41
C PRO G 151 -29.62 123.08 -16.48
N LEU G 152 -28.34 122.99 -16.84
CA LEU G 152 -27.69 124.01 -17.65
C LEU G 152 -28.06 123.82 -19.11
N VAL G 153 -28.75 124.81 -19.67
CA VAL G 153 -29.26 124.75 -21.03
C VAL G 153 -28.65 125.91 -21.80
N VAL G 154 -28.04 125.61 -22.95
CA VAL G 154 -27.46 126.63 -23.81
C VAL G 154 -28.23 126.67 -25.12
N GLU G 155 -28.03 127.76 -25.85
CA GLU G 155 -28.73 127.97 -27.10
C GLU G 155 -28.24 126.98 -28.15
N ASP G 156 -29.03 126.82 -29.21
CA ASP G 156 -28.73 125.87 -30.27
C ASP G 156 -27.54 126.27 -31.11
N LYS G 157 -27.02 127.49 -30.96
CA LYS G 157 -25.84 127.92 -31.70
C LYS G 157 -24.64 127.04 -31.42
N VAL G 158 -24.59 126.43 -30.23
CA VAL G 158 -23.47 125.57 -29.84
C VAL G 158 -23.39 124.35 -30.75
N GLU G 159 -24.53 123.87 -31.24
CA GLU G 159 -24.54 122.69 -32.10
C GLU G 159 -23.77 122.93 -33.39
N GLY G 160 -23.66 124.17 -33.82
CA GLY G 160 -22.93 124.53 -35.03
C GLY G 160 -21.49 124.93 -34.82
N TYR G 161 -20.92 124.73 -33.64
CA TYR G 161 -19.53 125.06 -33.39
C TYR G 161 -18.62 124.19 -34.24
N LYS G 162 -17.49 124.74 -34.64
CA LYS G 162 -16.56 124.02 -35.49
C LYS G 162 -15.17 123.88 -34.90
N LYS G 163 -14.67 124.90 -34.24
CA LYS G 163 -13.31 124.90 -33.70
C LYS G 163 -13.33 124.55 -32.22
N THR G 164 -12.18 124.08 -31.74
CA THR G 164 -12.04 123.73 -30.33
C THR G 164 -11.88 124.96 -29.45
N LYS G 165 -11.31 126.03 -30.00
CA LYS G 165 -11.13 127.26 -29.23
C LYS G 165 -12.46 127.83 -28.76
N GLU G 166 -13.46 127.82 -29.64
CA GLU G 166 -14.76 128.37 -29.26
C GLU G 166 -15.50 127.45 -28.30
N ALA G 167 -15.27 126.13 -28.37
CA ALA G 167 -15.81 125.25 -27.34
C ALA G 167 -15.19 125.53 -25.98
N VAL G 168 -13.87 125.75 -25.95
CA VAL G 168 -13.19 126.10 -24.70
C VAL G 168 -13.74 127.42 -24.16
N LEU G 169 -13.93 128.40 -25.05
CA LEU G 169 -14.48 129.68 -24.63
C LEU G 169 -15.89 129.52 -24.07
N LEU G 170 -16.71 128.68 -24.70
CA LEU G 170 -18.05 128.45 -24.20
C LEU G 170 -18.03 127.82 -22.82
N LEU G 171 -17.15 126.84 -22.60
CA LEU G 171 -17.06 126.24 -21.27
C LEU G 171 -16.60 127.26 -20.24
N LYS G 172 -15.63 128.10 -20.61
CA LYS G 172 -15.15 129.12 -19.69
C LYS G 172 -16.25 130.11 -19.33
N LYS G 173 -17.04 130.53 -20.30
CA LYS G 173 -18.12 131.48 -20.03
C LYS G 173 -19.27 130.82 -19.27
N LEU G 174 -19.46 129.52 -19.46
CA LEU G 174 -20.43 128.76 -18.67
C LEU G 174 -19.90 128.39 -17.30
N LYS G 175 -18.64 128.73 -17.01
CA LYS G 175 -18.01 128.43 -15.72
C LYS G 175 -17.94 126.93 -15.48
N ALA G 176 -17.88 126.17 -16.57
CA ALA G 176 -17.67 124.73 -16.52
C ALA G 176 -16.22 124.36 -16.80
N TRP G 177 -15.34 125.35 -16.89
CA TRP G 177 -13.94 125.06 -17.18
C TRP G 177 -13.21 124.48 -15.97
N ASN G 178 -13.73 124.69 -14.77
CA ASN G 178 -13.07 124.14 -13.60
C ASN G 178 -13.14 122.63 -13.57
N ASP G 179 -14.23 122.05 -14.08
CA ASP G 179 -14.31 120.60 -14.18
C ASP G 179 -13.26 120.06 -15.15
N ILE G 180 -13.04 120.76 -16.25
CA ILE G 180 -12.01 120.36 -17.22
C ILE G 180 -10.63 120.47 -16.59
N LYS G 181 -10.40 121.53 -15.83
CA LYS G 181 -9.12 121.68 -15.13
C LYS G 181 -8.93 120.57 -14.11
N LYS G 182 -10.01 120.15 -13.45
CA LYS G 182 -9.92 119.01 -12.53
C LYS G 182 -9.56 117.72 -13.27
N VAL G 183 -10.12 117.52 -14.46
CA VAL G 183 -9.75 116.37 -15.27
C VAL G 183 -8.27 116.42 -15.63
N TYR G 184 -7.80 117.60 -16.04
CA TYR G 184 -6.39 117.79 -16.36
C TYR G 184 -5.50 117.47 -15.16
N ALA G 185 -5.89 117.94 -13.98
CA ALA G 185 -5.13 117.63 -12.77
C ALA G 185 -5.18 116.15 -12.45
N SER G 186 -6.26 115.47 -12.83
CA SER G 186 -6.40 114.06 -12.54
C SER G 186 -5.74 113.15 -13.56
N GLN G 187 -5.24 113.69 -14.65
CA GLN G 187 -4.58 112.82 -15.65
C GLN G 187 -3.29 112.26 -15.05
N ARG G 188 -3.34 111.02 -14.59
CA ARG G 188 -2.14 110.36 -14.09
C ARG G 188 -2.00 108.97 -14.69
N MET G 189 -1.06 108.18 -14.17
CA MET G 189 -0.71 106.89 -14.72
C MET G 189 -1.42 105.80 -13.92
N ARG G 190 -2.04 104.85 -14.63
CA ARG G 190 -2.77 103.77 -13.98
C ARG G 190 -1.80 102.82 -13.25
N ALA G 191 -2.31 102.18 -12.22
CA ALA G 191 -1.54 101.20 -11.45
C ALA G 191 -1.93 99.79 -11.87
N GLY G 192 -0.93 98.99 -12.23
CA GLY G 192 -1.13 97.57 -12.43
C GLY G 192 -0.83 97.15 -13.86
N LYS G 193 -1.52 96.08 -14.29
CA LYS G 193 -1.26 95.43 -15.56
C LYS G 193 -1.92 96.14 -16.74
N GLY G 194 -2.85 97.06 -16.49
CA GLY G 194 -3.48 97.76 -17.59
C GLY G 194 -2.48 98.56 -18.41
N LYS G 195 -1.37 98.95 -17.80
CA LYS G 195 -0.31 99.62 -18.53
C LYS G 195 0.25 98.71 -19.62
N MET G 196 0.42 97.43 -19.32
CA MET G 196 0.81 96.49 -20.36
C MET G 196 -0.36 96.01 -21.20
N ARG G 197 -1.58 96.35 -20.82
CA ARG G 197 -2.76 95.93 -21.58
C ARG G 197 -3.50 97.11 -22.20
N ASN G 198 -2.78 98.19 -22.51
CA ASN G 198 -3.21 99.33 -23.30
C ASN G 198 -4.13 100.27 -22.56
N ARG G 199 -4.43 100.02 -21.29
CA ARG G 199 -5.15 100.99 -20.46
C ARG G 199 -4.14 101.79 -19.65
N ARG G 200 -3.25 102.46 -20.38
CA ARG G 200 -2.08 103.06 -19.77
C ARG G 200 -2.42 104.29 -18.96
N ARG G 201 -3.36 105.11 -19.43
CA ARG G 201 -3.67 106.39 -18.80
C ARG G 201 -5.10 106.39 -18.28
N ILE G 202 -5.31 107.08 -17.16
CA ILE G 202 -6.62 107.23 -16.56
C ILE G 202 -6.82 108.71 -16.22
N GLN G 203 -8.09 109.11 -16.15
CA GLN G 203 -8.41 110.50 -15.84
C GLN G 203 -9.82 110.60 -15.32
N ARG G 204 -10.13 111.75 -14.74
CA ARG G 204 -11.45 112.07 -14.24
C ARG G 204 -12.45 112.19 -15.38
N ARG G 205 -13.70 111.83 -15.10
CA ARG G 205 -14.79 112.08 -16.05
C ARG G 205 -15.20 113.54 -16.01
N GLY G 206 -15.37 114.13 -17.19
CA GLY G 206 -15.79 115.50 -17.29
C GLY G 206 -17.28 115.63 -17.52
N PRO G 207 -17.73 116.82 -17.92
CA PRO G 207 -19.15 117.02 -18.19
C PRO G 207 -19.61 116.31 -19.46
N CYS G 208 -20.92 116.13 -19.53
CA CYS G 208 -21.59 115.48 -20.64
C CYS G 208 -22.38 116.53 -21.41
N ILE G 209 -21.95 116.82 -22.63
CA ILE G 209 -22.68 117.72 -23.51
C ILE G 209 -23.73 116.90 -24.25
N ILE G 210 -24.99 117.19 -24.02
CA ILE G 210 -26.09 116.49 -24.67
C ILE G 210 -26.64 117.38 -25.77
N TYR G 211 -26.64 116.86 -26.98
CA TYR G 211 -27.05 117.61 -28.16
C TYR G 211 -28.20 116.90 -28.85
N ASN G 212 -28.94 117.65 -29.65
CA ASN G 212 -29.98 117.05 -30.47
C ASN G 212 -29.50 116.74 -31.87
N GLU G 213 -28.84 117.68 -32.53
CA GLU G 213 -28.41 117.51 -33.90
C GLU G 213 -26.97 117.96 -34.03
N ASP G 214 -26.16 117.16 -34.72
CA ASP G 214 -24.76 117.49 -34.93
C ASP G 214 -24.64 118.40 -36.14
N ASN G 215 -24.03 119.56 -35.95
CA ASN G 215 -23.60 120.43 -37.04
C ASN G 215 -22.13 120.79 -36.89
N GLY G 216 -21.36 119.89 -36.29
CA GLY G 216 -19.96 120.12 -35.98
C GLY G 216 -19.63 120.15 -34.51
N ILE G 217 -20.62 119.96 -33.63
CA ILE G 217 -20.37 120.10 -32.19
C ILE G 217 -19.43 119.01 -31.70
N ILE G 218 -19.55 117.79 -32.23
CA ILE G 218 -18.65 116.72 -31.81
C ILE G 218 -17.21 117.05 -32.18
N LYS G 219 -17.00 117.54 -33.39
CA LYS G 219 -15.64 117.88 -33.79
C LYS G 219 -15.12 119.09 -33.01
N ALA G 220 -15.99 120.04 -32.70
CA ALA G 220 -15.57 121.21 -31.92
C ALA G 220 -15.10 120.79 -30.54
N PHE G 221 -15.90 119.97 -29.85
CA PHE G 221 -15.48 119.31 -28.63
C PHE G 221 -14.67 118.09 -29.04
N ARG G 222 -14.53 117.10 -28.16
CA ARG G 222 -13.91 115.78 -28.33
C ARG G 222 -12.39 115.83 -28.29
N ASN G 223 -11.77 117.01 -28.32
CA ASN G 223 -10.38 117.12 -27.95
C ASN G 223 -10.21 117.65 -26.54
N ILE G 224 -11.31 118.05 -25.90
CA ILE G 224 -11.31 118.42 -24.49
C ILE G 224 -11.34 117.13 -23.69
N PRO G 225 -10.36 116.87 -22.84
CA PRO G 225 -10.42 115.67 -21.99
C PRO G 225 -11.60 115.72 -21.04
N GLY G 226 -12.20 114.57 -20.80
CA GLY G 226 -13.33 114.43 -19.92
C GLY G 226 -14.68 114.71 -20.55
N ILE G 227 -14.73 115.62 -21.52
CA ILE G 227 -15.99 115.94 -22.18
C ILE G 227 -16.52 114.72 -22.91
N THR G 228 -17.77 114.36 -22.63
CA THR G 228 -18.44 113.28 -23.35
C THR G 228 -19.69 113.84 -24.02
N LEU G 229 -19.81 113.63 -25.32
CA LEU G 229 -20.99 114.12 -26.03
C LEU G 229 -21.99 112.99 -26.21
N LEU G 230 -23.27 113.34 -26.11
CA LEU G 230 -24.32 112.35 -26.11
C LEU G 230 -25.52 112.89 -26.87
N ASN G 231 -26.02 112.09 -27.79
CA ASN G 231 -27.25 112.45 -28.51
C ASN G 231 -28.45 112.24 -27.59
N VAL G 232 -29.39 113.18 -27.64
CA VAL G 232 -30.53 113.10 -26.73
C VAL G 232 -31.40 111.90 -27.06
N SER G 233 -31.45 111.49 -28.33
CA SER G 233 -32.28 110.36 -28.73
C SER G 233 -31.62 109.02 -28.43
N LYS G 234 -30.37 109.01 -27.99
CA LYS G 234 -29.60 107.80 -27.78
C LYS G 234 -28.87 107.86 -26.44
N LEU G 235 -29.60 108.22 -25.38
CA LEU G 235 -28.99 108.40 -24.08
C LEU G 235 -28.43 107.09 -23.55
N ASN G 236 -27.21 107.15 -23.01
CA ASN G 236 -26.49 105.97 -22.54
C ASN G 236 -26.33 106.06 -21.04
N ILE G 237 -26.80 105.02 -20.33
CA ILE G 237 -26.65 105.01 -18.88
C ILE G 237 -25.17 104.88 -18.50
N LEU G 238 -24.37 104.21 -19.33
CA LEU G 238 -22.95 104.08 -19.07
C LEU G 238 -22.22 105.42 -19.13
N LYS G 239 -22.79 106.41 -19.80
CA LYS G 239 -22.24 107.75 -19.81
C LYS G 239 -22.92 108.69 -18.83
N LEU G 240 -24.20 108.45 -18.54
CA LEU G 240 -24.91 109.30 -17.60
C LEU G 240 -24.55 109.00 -16.14
N ALA G 241 -24.26 107.75 -15.81
CA ALA G 241 -23.81 107.36 -14.48
C ALA G 241 -22.53 106.57 -14.68
N PRO G 242 -21.40 107.26 -14.84
CA PRO G 242 -20.17 106.59 -15.32
C PRO G 242 -19.69 105.44 -14.44
N GLY G 243 -19.79 105.56 -13.13
CA GLY G 243 -19.32 104.49 -12.28
C GLY G 243 -20.46 103.70 -11.68
N GLY G 244 -21.65 103.88 -12.23
CA GLY G 244 -22.85 103.42 -11.58
C GLY G 244 -23.41 104.38 -10.56
N HIS G 245 -22.78 105.53 -10.39
CA HIS G 245 -23.23 106.55 -9.45
C HIS G 245 -23.91 107.67 -10.22
N VAL G 246 -25.08 108.05 -9.77
CA VAL G 246 -25.84 109.10 -10.43
C VAL G 246 -25.25 110.46 -10.08
N GLY G 247 -25.42 111.42 -10.99
CA GLY G 247 -25.02 112.78 -10.70
C GLY G 247 -23.92 113.33 -11.56
N ARG G 248 -23.84 112.90 -12.81
CA ARG G 248 -22.86 113.48 -13.72
C ARG G 248 -23.33 114.86 -14.18
N PHE G 249 -22.40 115.80 -14.21
CA PHE G 249 -22.69 117.13 -14.72
C PHE G 249 -23.02 117.07 -16.20
N CYS G 250 -24.17 117.63 -16.58
CA CYS G 250 -24.64 117.60 -17.96
C CYS G 250 -24.98 119.01 -18.42
N ILE G 251 -24.56 119.33 -19.64
CA ILE G 251 -24.87 120.60 -20.29
C ILE G 251 -25.78 120.28 -21.46
N TRP G 252 -26.96 120.89 -21.45
CA TRP G 252 -28.00 120.57 -22.43
C TRP G 252 -28.05 121.65 -23.50
N THR G 253 -28.27 121.23 -24.73
CA THR G 253 -28.69 122.13 -25.78
C THR G 253 -30.19 122.36 -25.65
N GLU G 254 -30.65 123.52 -26.12
CA GLU G 254 -32.05 123.87 -25.94
C GLU G 254 -32.97 122.90 -26.67
N SER G 255 -32.61 122.51 -27.88
CA SER G 255 -33.45 121.59 -28.65
C SER G 255 -33.51 120.22 -28.00
N ALA G 256 -32.39 119.74 -27.45
CA ALA G 256 -32.41 118.48 -26.72
C ALA G 256 -33.27 118.58 -25.46
N PHE G 257 -33.15 119.69 -24.74
CA PHE G 257 -33.95 119.92 -23.56
C PHE G 257 -35.43 119.90 -23.89
N ARG G 258 -35.81 120.48 -25.02
CA ARG G 258 -37.20 120.48 -25.43
C ARG G 258 -37.64 119.09 -25.88
N LYS G 259 -36.75 118.33 -26.52
CA LYS G 259 -37.11 117.00 -26.99
C LYS G 259 -37.24 115.98 -25.87
N LEU G 260 -36.72 116.31 -24.67
CA LEU G 260 -36.84 115.38 -23.55
C LEU G 260 -38.29 114.99 -23.25
N ASP G 261 -39.22 115.93 -23.32
CA ASP G 261 -40.62 115.63 -23.05
C ASP G 261 -41.20 114.63 -24.05
N GLU G 262 -40.89 114.79 -25.34
CA GLU G 262 -41.35 113.82 -26.31
C GLU G 262 -40.63 112.49 -26.16
N LEU G 263 -39.39 112.50 -25.67
CA LEU G 263 -38.66 111.25 -25.54
C LEU G 263 -39.15 110.40 -24.38
N TYR G 264 -39.47 111.01 -23.25
CA TYR G 264 -39.87 110.23 -22.08
C TYR G 264 -41.27 110.51 -21.57
N GLY G 265 -41.95 111.52 -22.10
CA GLY G 265 -43.31 111.79 -21.70
C GLY G 265 -43.40 112.55 -20.39
N THR G 266 -44.59 113.07 -20.14
CA THR G 266 -44.95 113.66 -18.87
C THR G 266 -45.59 112.55 -18.04
N TRP G 267 -46.06 112.84 -16.84
CA TRP G 267 -46.94 111.88 -16.19
C TRP G 267 -48.35 111.95 -16.72
N ARG G 268 -48.67 112.98 -17.49
CA ARG G 268 -49.97 113.13 -18.12
C ARG G 268 -49.97 112.69 -19.57
N LYS G 269 -48.81 112.72 -20.23
CA LYS G 269 -48.64 112.29 -21.61
C LYS G 269 -47.73 111.08 -21.67
N ALA G 270 -48.12 110.09 -22.44
CA ALA G 270 -47.20 109.02 -22.79
C ALA G 270 -46.14 109.57 -23.75
N ALA G 271 -44.97 108.94 -23.75
CA ALA G 271 -43.90 109.37 -24.63
C ALA G 271 -44.31 109.20 -26.08
N SER G 272 -44.14 110.26 -26.86
CA SER G 272 -44.50 110.24 -28.27
C SER G 272 -43.42 109.66 -29.16
N LEU G 273 -42.22 109.43 -28.62
CA LEU G 273 -41.12 108.86 -29.39
C LEU G 273 -40.73 107.47 -28.90
N LYS G 274 -41.56 106.84 -28.06
CA LYS G 274 -41.30 105.49 -27.59
C LYS G 274 -42.52 104.58 -27.67
N SER G 275 -43.71 105.12 -27.96
CA SER G 275 -44.86 104.39 -28.45
C SER G 275 -45.51 103.47 -27.42
N ASN G 276 -44.85 103.23 -26.30
CA ASN G 276 -45.49 102.49 -25.22
C ASN G 276 -45.01 102.95 -23.85
N TYR G 277 -44.16 103.96 -23.76
CA TYR G 277 -43.50 104.29 -22.52
C TYR G 277 -44.15 105.48 -21.83
N ASN G 278 -44.23 105.41 -20.51
CA ASN G 278 -44.66 106.52 -19.69
C ASN G 278 -43.71 106.60 -18.49
N LEU G 279 -43.65 107.78 -17.89
CA LEU G 279 -42.76 107.99 -16.76
C LEU G 279 -43.19 107.11 -15.59
N PRO G 280 -42.23 106.58 -14.83
CA PRO G 280 -42.58 105.75 -13.68
C PRO G 280 -43.15 106.57 -12.54
N MET G 281 -43.85 105.89 -11.64
CA MET G 281 -44.60 106.53 -10.58
C MET G 281 -43.81 106.51 -9.27
N HIS G 282 -44.17 107.45 -8.40
CA HIS G 282 -43.59 107.54 -7.07
C HIS G 282 -44.41 106.71 -6.09
N LYS G 283 -43.72 105.94 -5.25
CA LYS G 283 -44.38 105.31 -4.12
C LYS G 283 -44.37 106.18 -2.88
N MET G 284 -43.73 107.35 -2.95
CA MET G 284 -43.72 108.30 -1.85
C MET G 284 -43.76 109.69 -2.48
N ILE G 285 -44.93 110.33 -2.45
CA ILE G 285 -45.09 111.61 -3.11
C ILE G 285 -44.26 112.68 -2.41
N ASN G 286 -44.38 112.76 -1.09
CA ASN G 286 -43.64 113.73 -0.29
C ASN G 286 -42.55 112.99 0.47
N THR G 287 -41.30 113.23 0.09
CA THR G 287 -40.17 112.61 0.75
C THR G 287 -39.58 113.47 1.85
N ASP G 288 -40.20 114.62 2.16
CA ASP G 288 -39.71 115.50 3.20
C ASP G 288 -40.13 114.94 4.55
N LEU G 289 -39.30 114.05 5.08
CA LEU G 289 -39.59 113.41 6.35
C LEU G 289 -39.69 114.42 7.47
N SER G 290 -38.85 115.45 7.45
CA SER G 290 -38.87 116.45 8.50
C SER G 290 -40.22 117.15 8.57
N ARG G 291 -40.72 117.62 7.44
CA ARG G 291 -42.00 118.33 7.43
C ARG G 291 -43.16 117.39 7.70
N ILE G 292 -43.07 116.13 7.23
CA ILE G 292 -44.14 115.18 7.52
C ILE G 292 -44.22 114.93 9.02
N LEU G 293 -43.07 114.72 9.66
CA LEU G 293 -43.05 114.42 11.09
C LEU G 293 -43.42 115.64 11.92
N LYS G 294 -43.06 116.84 11.47
CA LYS G 294 -43.38 118.05 12.20
C LYS G 294 -44.75 118.61 11.85
N SER G 295 -45.47 117.97 10.94
CA SER G 295 -46.82 118.41 10.63
C SER G 295 -47.72 118.27 11.86
N PRO G 296 -48.61 119.23 12.11
CA PRO G 296 -49.43 119.18 13.34
C PRO G 296 -50.32 117.96 13.45
N GLU G 297 -50.83 117.44 12.33
CA GLU G 297 -51.70 116.28 12.41
C GLU G 297 -50.95 115.01 12.79
N ILE G 298 -49.67 114.91 12.44
CA ILE G 298 -48.85 113.84 12.98
C ILE G 298 -48.60 114.05 14.45
N GLN G 299 -48.29 115.28 14.85
CA GLN G 299 -47.89 115.56 16.23
C GLN G 299 -49.04 115.36 17.21
N ARG G 300 -50.27 115.64 16.81
CA ARG G 300 -51.40 115.47 17.71
C ARG G 300 -51.62 114.01 18.08
N ALA G 301 -51.22 113.08 17.21
CA ALA G 301 -51.48 111.67 17.41
C ALA G 301 -50.41 110.98 18.25
N LEU G 302 -49.34 111.67 18.60
CA LEU G 302 -48.21 111.03 19.26
C LEU G 302 -48.36 111.09 20.77
N ARG G 303 -47.79 110.08 21.43
CA ARG G 303 -47.59 110.15 22.86
C ARG G 303 -46.33 110.94 23.18
N ALA G 304 -46.23 111.37 24.44
CA ALA G 304 -45.11 112.19 24.85
C ALA G 304 -43.80 111.39 24.82
N PRO G 305 -42.69 112.02 24.48
CA PRO G 305 -41.42 111.30 24.45
C PRO G 305 -40.99 110.89 25.85
N ARG G 306 -40.33 109.73 25.93
CA ARG G 306 -39.77 109.23 27.17
C ARG G 306 -38.27 109.47 27.11
N LYS G 307 -37.86 110.67 27.52
CA LYS G 307 -36.50 111.13 27.31
C LYS G 307 -35.60 110.98 28.53
N LYS G 308 -36.06 110.33 29.58
CA LYS G 308 -35.24 110.11 30.76
C LYS G 308 -34.55 108.75 30.67
N ILE G 309 -33.26 108.73 30.90
CA ILE G 309 -32.48 107.50 30.89
C ILE G 309 -32.53 106.87 32.27
N HIS G 310 -32.96 105.62 32.34
CA HIS G 310 -33.04 104.87 33.58
C HIS G 310 -31.90 103.85 33.60
N ARG G 311 -30.77 104.26 34.17
CA ARG G 311 -29.63 103.37 34.29
C ARG G 311 -29.85 102.39 35.43
N ARG G 312 -29.03 101.35 35.46
CA ARG G 312 -29.22 100.28 36.44
C ARG G 312 -28.98 100.80 37.84
N VAL G 313 -29.73 100.27 38.79
CA VAL G 313 -29.64 100.66 40.19
C VAL G 313 -28.75 99.66 40.90
N LEU G 314 -27.70 100.14 41.54
CA LEU G 314 -26.86 99.27 42.35
C LEU G 314 -27.64 98.78 43.55
N LYS G 315 -27.80 97.46 43.66
CA LYS G 315 -28.60 96.90 44.72
C LYS G 315 -27.87 96.99 46.05
N LYS G 316 -28.12 98.05 46.81
CA LYS G 316 -27.60 98.12 48.16
C LYS G 316 -28.39 97.17 49.06
N ASN G 317 -27.69 96.51 49.95
CA ASN G 317 -28.30 95.48 50.77
C ASN G 317 -29.13 96.11 51.88
N PRO G 318 -30.43 95.85 51.94
CA PRO G 318 -31.13 96.04 53.22
C PRO G 318 -30.62 94.99 54.18
N LEU G 319 -30.93 95.20 55.47
CA LEU G 319 -30.37 94.41 56.58
C LEU G 319 -28.92 94.82 56.82
N LYS G 320 -28.38 95.66 55.96
CA LYS G 320 -27.05 96.23 56.14
C LYS G 320 -27.12 97.75 55.99
N ASN G 321 -28.01 98.22 55.11
CA ASN G 321 -28.20 99.64 54.84
C ASN G 321 -29.52 100.07 55.45
N LEU G 322 -29.42 100.89 56.51
CA LEU G 322 -30.60 101.27 57.26
C LEU G 322 -31.60 102.05 56.41
N ARG G 323 -31.12 103.02 55.62
CA ARG G 323 -32.03 103.84 54.86
C ARG G 323 -32.66 103.08 53.71
N ILE G 324 -31.93 102.14 53.12
CA ILE G 324 -32.51 101.27 52.09
C ILE G 324 -33.62 100.42 52.70
N MET G 325 -33.36 99.86 53.89
CA MET G 325 -34.41 99.09 54.56
C MET G 325 -35.60 99.96 54.91
N LEU G 326 -35.36 101.21 55.30
CA LEU G 326 -36.48 102.09 55.62
C LEU G 326 -37.26 102.48 54.37
N LYS G 327 -36.58 102.60 53.24
CA LYS G 327 -37.27 102.87 51.99
C LYS G 327 -38.18 101.71 51.62
N LEU G 328 -37.71 100.47 51.82
CA LEU G 328 -38.54 99.33 51.49
C LEU G 328 -39.60 99.01 52.55
N ASN G 329 -39.37 99.42 53.80
CA ASN G 329 -40.23 99.06 54.92
C ASN G 329 -40.08 100.10 56.02
N PRO G 330 -40.91 101.15 56.03
CA PRO G 330 -40.74 102.21 57.04
C PRO G 330 -40.96 101.76 58.47
N TYR G 331 -41.67 100.65 58.70
CA TYR G 331 -41.91 100.17 60.05
C TYR G 331 -40.66 99.55 60.68
N ALA G 332 -39.66 99.24 59.87
CA ALA G 332 -38.42 98.69 60.40
C ALA G 332 -37.73 99.64 61.34
N LYS G 333 -37.88 100.95 61.13
CA LYS G 333 -37.27 101.92 62.03
C LYS G 333 -37.87 101.83 63.42
N THR G 334 -39.18 101.73 63.52
CA THR G 334 -39.81 101.65 64.83
C THR G 334 -39.55 100.30 65.48
N MET G 335 -39.52 99.22 64.69
CA MET G 335 -39.13 97.93 65.26
C MET G 335 -37.72 97.99 65.82
N ARG G 336 -36.78 98.58 65.08
CA ARG G 336 -35.40 98.65 65.51
C ARG G 336 -35.25 99.53 66.75
N ARG G 337 -35.95 100.67 66.76
CA ARG G 337 -35.89 101.54 67.93
C ARG G 337 -36.47 100.88 69.17
N ASN G 338 -37.60 100.18 69.01
CA ASN G 338 -38.18 99.46 70.12
C ASN G 338 -37.24 98.36 70.62
N THR G 339 -36.59 97.67 69.69
CA THR G 339 -35.64 96.62 70.08
C THR G 339 -34.47 97.21 70.86
N ILE G 340 -33.92 98.32 70.40
CA ILE G 340 -32.79 98.94 71.09
C ILE G 340 -33.20 99.40 72.48
N LEU G 341 -34.36 100.06 72.59
CA LEU G 341 -34.83 100.51 73.89
C LEU G 341 -35.08 99.34 74.83
N ARG G 342 -35.72 98.29 74.32
CA ARG G 342 -36.01 97.12 75.14
C ARG G 342 -34.73 96.44 75.62
N GLN G 343 -33.74 96.32 74.74
CA GLN G 343 -32.49 95.69 75.12
C GLN G 343 -31.75 96.52 76.15
N ALA G 344 -31.76 97.85 76.00
CA ALA G 344 -31.13 98.70 77.01
C ALA G 344 -31.83 98.57 78.35
N ARG G 345 -33.16 98.54 78.36
CA ARG G 345 -33.89 98.39 79.61
C ARG G 345 -33.61 97.06 80.27
N ASN G 346 -33.59 95.98 79.49
CA ASN G 346 -33.34 94.66 80.05
C ASN G 346 -31.91 94.55 80.57
N HIS G 347 -30.95 95.14 79.85
CA HIS G 347 -29.56 95.13 80.31
C HIS G 347 -29.42 95.89 81.61
N LYS G 348 -30.07 97.05 81.73
CA LYS G 348 -30.04 97.80 82.98
C LYS G 348 -30.68 97.01 84.11
N LEU G 349 -31.80 96.33 83.84
CA LEU G 349 -32.45 95.53 84.86
C LEU G 349 -31.55 94.41 85.35
N ARG G 350 -30.91 93.70 84.43
CA ARG G 350 -30.04 92.59 84.81
C ARG G 350 -28.81 93.09 85.57
N VAL G 351 -28.25 94.21 85.13
CA VAL G 351 -27.09 94.77 85.82
C VAL G 351 -27.45 95.18 87.24
N ASP G 352 -28.60 95.85 87.39
CA ASP G 352 -29.03 96.26 88.72
C ASP G 352 -29.34 95.06 89.60
N LYS G 353 -29.95 94.01 89.04
CA LYS G 353 -30.29 92.84 89.82
C LYS G 353 -29.03 92.09 90.27
N ALA G 354 -28.04 91.99 89.38
CA ALA G 354 -26.77 91.37 89.78
C ALA G 354 -26.04 92.21 90.82
N ALA G 355 -26.09 93.54 90.68
CA ALA G 355 -25.47 94.40 91.68
C ALA G 355 -26.16 94.27 93.03
N ALA G 356 -27.48 94.16 93.02
CA ALA G 356 -28.23 93.95 94.25
C ALA G 356 -27.88 92.60 94.88
N ALA G 357 -27.72 91.56 94.07
CA ALA G 357 -27.30 90.27 94.60
C ALA G 357 -25.91 90.36 95.22
N ALA G 358 -24.98 91.05 94.55
CA ALA G 358 -23.64 91.21 95.11
C ALA G 358 -23.67 92.01 96.41
N ALA G 359 -24.49 93.06 96.45
CA ALA G 359 -24.59 93.87 97.67
C ALA G 359 -25.21 93.06 98.80
N ALA G 360 -26.20 92.22 98.51
CA ALA G 360 -26.78 91.36 99.53
C ALA G 360 -25.75 90.35 100.02
N LEU G 361 -24.93 89.81 99.12
CA LEU G 361 -23.86 88.91 99.54
C LEU G 361 -22.86 89.63 100.44
N GLN G 362 -22.49 90.86 100.09
CA GLN G 362 -21.59 91.65 100.92
C GLN G 362 -22.20 91.91 102.29
N ALA G 363 -23.49 92.23 102.33
CA ALA G 363 -24.17 92.49 103.59
C ALA G 363 -24.23 91.24 104.46
N LYS G 364 -24.57 90.10 103.87
CA LYS G 364 -24.67 88.86 104.63
C LYS G 364 -23.32 88.25 104.96
N SER G 365 -22.23 88.75 104.36
CA SER G 365 -20.90 88.32 104.75
C SER G 365 -20.22 89.25 105.74
N ASP G 366 -20.53 90.56 105.69
CA ASP G 366 -19.92 91.55 106.57
C ASP G 366 -20.97 92.27 107.41
N GLU G 367 -22.05 91.57 107.79
CA GLU G 367 -23.12 92.19 108.54
C GLU G 367 -22.71 92.56 109.96
N LYS G 368 -21.65 91.93 110.49
CA LYS G 368 -21.15 92.19 111.84
C LYS G 368 -22.22 92.02 112.92
N GLY H 1 -63.42 2.05 45.37
CA GLY H 1 -63.29 2.91 44.20
C GLY H 1 -61.90 2.82 43.59
N PHE H 2 -61.82 2.39 42.33
CA PHE H 2 -60.57 2.19 41.64
C PHE H 2 -60.40 3.06 40.41
N VAL H 3 -61.40 3.84 40.07
CA VAL H 3 -61.32 4.81 38.99
C VAL H 3 -61.08 6.18 39.62
N LYS H 4 -60.29 7.01 38.94
CA LYS H 4 -60.12 8.40 39.37
C LYS H 4 -61.47 9.06 39.51
N VAL H 5 -61.70 9.68 40.67
CA VAL H 5 -62.93 10.43 40.89
C VAL H 5 -62.90 11.64 39.96
N VAL H 6 -63.77 11.63 38.95
CA VAL H 6 -63.78 12.73 37.99
C VAL H 6 -64.19 14.02 38.68
N LYS H 7 -65.22 13.98 39.51
CA LYS H 7 -65.72 15.17 40.18
C LYS H 7 -65.02 15.34 41.54
N ASN H 8 -63.70 15.49 41.47
CA ASN H 8 -62.89 15.75 42.65
C ASN H 8 -62.88 17.24 42.94
N LYS H 9 -61.98 17.66 43.83
CA LYS H 9 -61.92 19.07 44.21
C LYS H 9 -61.52 19.96 43.04
N ALA H 10 -60.54 19.52 42.24
CA ALA H 10 -60.06 20.35 41.15
C ALA H 10 -61.11 20.54 40.07
N TYR H 11 -61.96 19.54 39.86
CA TYR H 11 -63.03 19.65 38.88
C TYR H 11 -63.96 20.80 39.23
N PHE H 12 -64.34 20.90 40.50
CA PHE H 12 -65.21 22.00 40.91
C PHE H 12 -64.46 23.31 40.98
N LYS H 13 -63.15 23.26 41.26
CA LYS H 13 -62.37 24.49 41.29
C LYS H 13 -62.31 25.13 39.91
N ARG H 14 -62.17 24.31 38.87
CA ARG H 14 -62.09 24.83 37.51
C ARG H 14 -63.41 24.84 36.78
N TYR H 15 -64.48 24.35 37.39
CA TYR H 15 -65.77 24.31 36.72
C TYR H 15 -66.30 25.72 36.49
N GLN H 16 -66.75 25.99 35.26
CA GLN H 16 -67.40 27.24 34.92
C GLN H 16 -68.87 26.95 34.61
N VAL H 17 -69.76 27.47 35.45
CA VAL H 17 -71.18 27.25 35.21
C VAL H 17 -71.62 28.05 33.99
N LYS H 18 -72.69 27.57 33.35
CA LYS H 18 -73.29 28.32 32.27
C LYS H 18 -74.21 29.40 32.84
N PHE H 19 -74.86 30.15 31.97
CA PHE H 19 -75.81 31.15 32.41
C PHE H 19 -76.97 30.45 33.12
N ARG H 20 -77.62 31.19 34.03
CA ARG H 20 -78.63 30.57 34.87
C ARG H 20 -79.78 30.01 34.05
N ARG H 21 -80.25 30.76 33.05
CA ARG H 21 -81.35 30.27 32.24
C ARG H 21 -80.90 29.19 31.27
N ARG H 22 -79.63 29.17 30.89
CA ARG H 22 -79.11 28.05 30.13
C ARG H 22 -79.09 26.77 30.96
N ARG H 23 -78.67 26.87 32.22
CA ARG H 23 -78.71 25.70 33.10
C ARG H 23 -80.15 25.26 33.35
N GLU H 24 -81.06 26.21 33.52
CA GLU H 24 -82.47 25.89 33.64
C GLU H 24 -83.07 25.36 32.34
N GLY H 25 -82.38 25.52 31.22
CA GLY H 25 -82.90 25.03 29.95
C GLY H 25 -84.09 25.80 29.45
N LYS H 26 -84.08 27.12 29.63
CA LYS H 26 -85.18 27.97 29.19
C LYS H 26 -84.82 28.90 28.06
N THR H 27 -83.56 29.35 27.99
CA THR H 27 -83.14 30.35 27.02
C THR H 27 -82.07 29.78 26.11
N ASP H 28 -82.27 29.93 24.80
CA ASP H 28 -81.25 29.66 23.81
C ASP H 28 -80.55 30.96 23.50
N TYR H 29 -79.35 31.14 24.06
CA TYR H 29 -78.68 32.44 23.94
C TYR H 29 -78.13 32.67 22.54
N TYR H 30 -77.82 31.60 21.81
CA TYR H 30 -77.38 31.74 20.42
C TYR H 30 -78.48 32.38 19.59
N ALA H 31 -79.71 31.92 19.74
CA ALA H 31 -80.83 32.53 19.02
C ALA H 31 -81.20 33.87 19.62
N ARG H 32 -81.06 34.03 20.94
CA ARG H 32 -81.44 35.28 21.58
C ARG H 32 -80.56 36.43 21.11
N LYS H 33 -79.26 36.20 20.96
CA LYS H 33 -78.38 37.28 20.51
C LYS H 33 -78.78 37.77 19.13
N ARG H 34 -79.11 36.86 18.23
CA ARG H 34 -79.57 37.27 16.91
C ARG H 34 -80.97 37.87 16.94
N LEU H 35 -81.75 37.56 17.98
CA LEU H 35 -83.16 37.93 17.97
C LEU H 35 -83.45 39.24 18.67
N VAL H 36 -82.70 39.62 19.70
CA VAL H 36 -83.06 40.77 20.53
C VAL H 36 -82.11 41.95 20.35
N ILE H 37 -80.98 41.77 19.69
CA ILE H 37 -79.97 42.82 19.61
C ILE H 37 -80.27 43.72 18.43
N GLN H 38 -80.35 45.02 18.70
CA GLN H 38 -80.63 46.03 17.68
C GLN H 38 -79.33 46.50 17.04
N ASP H 39 -79.42 46.95 15.80
CA ASP H 39 -78.28 47.55 15.13
C ASP H 39 -77.80 48.77 15.89
N LYS H 40 -76.49 48.99 15.90
CA LYS H 40 -75.94 50.07 16.70
C LYS H 40 -76.22 51.43 16.09
N ASN H 41 -76.41 51.51 14.77
CA ASN H 41 -76.76 52.77 14.15
C ASN H 41 -78.25 53.06 14.22
N LYS H 42 -79.03 52.17 14.83
CA LYS H 42 -80.42 52.47 15.15
C LYS H 42 -80.59 52.96 16.59
N TYR H 43 -79.53 52.90 17.40
CA TYR H 43 -79.45 53.55 18.71
C TYR H 43 -80.53 52.98 19.62
N ASN H 44 -81.40 53.79 20.22
CA ASN H 44 -82.36 53.33 21.20
C ASN H 44 -83.69 52.91 20.60
N THR H 45 -83.71 52.64 19.31
CA THR H 45 -84.92 52.14 18.68
C THR H 45 -85.24 50.76 19.23
N PRO H 46 -86.41 50.55 19.83
CA PRO H 46 -86.72 49.23 20.38
C PRO H 46 -86.87 48.19 19.28
N LYS H 47 -86.49 46.96 19.61
CA LYS H 47 -86.68 45.82 18.72
C LYS H 47 -87.66 44.87 19.40
N TYR H 48 -88.84 44.73 18.80
CA TYR H 48 -89.95 44.03 19.42
C TYR H 48 -89.99 42.58 18.96
N ARG H 49 -90.13 41.66 19.91
CA ARG H 49 -90.34 40.26 19.59
C ARG H 49 -91.58 39.76 20.28
N MET H 50 -92.31 38.91 19.58
CA MET H 50 -93.52 38.27 20.08
C MET H 50 -93.12 36.89 20.58
N ILE H 51 -92.97 36.77 21.89
CA ILE H 51 -92.63 35.52 22.53
C ILE H 51 -93.87 34.64 22.59
N VAL H 52 -93.77 33.43 22.07
CA VAL H 52 -94.85 32.45 22.18
C VAL H 52 -94.32 31.25 22.94
N ARG H 53 -95.00 30.87 24.01
CA ARG H 53 -94.60 29.75 24.84
C ARG H 53 -95.83 28.88 25.09
N VAL H 54 -95.82 27.67 24.55
CA VAL H 54 -96.93 26.75 24.74
C VAL H 54 -96.61 25.86 25.94
N THR H 55 -97.47 25.91 26.94
CA THR H 55 -97.30 25.19 28.19
C THR H 55 -98.24 23.99 28.20
N ASN H 56 -98.02 23.06 29.13
CA ASN H 56 -98.83 21.86 29.22
C ASN H 56 -100.32 22.17 29.35
N ARG H 57 -100.67 23.30 29.98
CA ARG H 57 -102.06 23.67 30.15
C ARG H 57 -102.35 25.11 29.77
N ASP H 58 -101.44 25.79 29.08
CA ASP H 58 -101.62 27.20 28.80
C ASP H 58 -100.81 27.59 27.57
N ILE H 59 -101.15 28.74 27.01
CA ILE H 59 -100.35 29.39 25.98
C ILE H 59 -100.08 30.81 26.43
N ILE H 60 -98.83 31.22 26.39
CA ILE H 60 -98.42 32.57 26.80
C ILE H 60 -97.92 33.29 25.56
N CYS H 61 -98.51 34.44 25.27
CA CYS H 61 -98.07 35.31 24.20
C CYS H 61 -97.69 36.65 24.81
N GLN H 62 -96.47 37.10 24.53
CA GLN H 62 -95.98 38.35 25.06
C GLN H 62 -95.30 39.13 23.95
N ILE H 63 -95.21 40.45 24.14
CA ILE H 63 -94.42 41.29 23.25
C ILE H 63 -93.42 42.03 24.10
N ALA H 64 -92.15 41.91 23.78
CA ALA H 64 -91.09 42.45 24.61
C ALA H 64 -89.98 43.05 23.76
N TYR H 65 -89.28 44.01 24.35
CA TYR H 65 -88.04 44.52 23.79
C TYR H 65 -86.97 44.48 24.88
N ALA H 66 -85.74 44.20 24.46
CA ALA H 66 -84.66 43.98 25.41
C ALA H 66 -84.09 45.29 25.93
N ARG H 67 -83.76 45.30 27.21
CA ARG H 67 -82.99 46.37 27.83
C ARG H 67 -81.90 45.75 28.69
N ILE H 68 -80.97 46.59 29.14
CA ILE H 68 -79.83 46.10 29.91
C ILE H 68 -80.30 45.52 31.23
N GLU H 69 -81.22 46.18 31.90
CA GLU H 69 -81.73 45.71 33.19
C GLU H 69 -82.69 44.54 33.06
N GLY H 70 -83.08 44.16 31.85
CA GLY H 70 -83.99 43.07 31.66
C GLY H 70 -84.97 43.35 30.54
N ASP H 71 -85.70 42.33 30.10
CA ASP H 71 -86.69 42.52 29.05
C ASP H 71 -87.86 43.35 29.54
N MET H 72 -88.34 44.25 28.69
CA MET H 72 -89.48 45.10 29.00
C MET H 72 -90.66 44.59 28.20
N ILE H 73 -91.70 44.12 28.89
CA ILE H 73 -92.87 43.54 28.25
C ILE H 73 -93.94 44.62 28.16
N VAL H 74 -94.42 44.86 26.94
CA VAL H 74 -95.43 45.89 26.72
C VAL H 74 -96.85 45.34 26.63
N CYS H 75 -97.01 44.06 26.31
CA CYS H 75 -98.32 43.47 26.17
C CYS H 75 -98.22 41.97 26.34
N ALA H 76 -99.14 41.39 27.09
CA ALA H 76 -99.18 39.96 27.32
C ALA H 76 -100.60 39.46 27.17
N ALA H 77 -100.75 38.28 26.55
CA ALA H 77 -102.03 37.61 26.43
C ALA H 77 -101.84 36.15 26.81
N TYR H 78 -102.86 35.58 27.42
CA TYR H 78 -102.80 34.21 27.91
C TYR H 78 -104.00 33.43 27.39
N ALA H 79 -103.83 32.12 27.32
CA ALA H 79 -104.95 31.27 26.95
C ALA H 79 -105.89 31.00 28.11
N HIS H 80 -105.47 31.27 29.34
CA HIS H 80 -106.34 31.04 30.49
C HIS H 80 -107.37 32.15 30.69
N GLU H 81 -107.21 33.28 30.01
CA GLU H 81 -108.23 34.33 30.04
C GLU H 81 -109.20 34.20 28.88
N LEU H 82 -109.06 33.18 28.04
CA LEU H 82 -110.07 32.89 27.03
C LEU H 82 -111.44 32.54 27.62
N PRO H 83 -111.58 31.77 28.70
CA PRO H 83 -112.92 31.51 29.25
C PRO H 83 -113.70 32.75 29.64
N LYS H 84 -113.09 33.93 29.67
CA LYS H 84 -113.83 35.17 29.87
C LYS H 84 -114.92 35.35 28.82
N TYR H 85 -114.73 34.80 27.63
CA TYR H 85 -115.65 35.00 26.52
C TYR H 85 -115.47 33.90 25.49
N GLY H 86 -116.58 33.31 25.07
CA GLY H 86 -116.54 32.25 24.08
C GLY H 86 -115.92 30.97 24.60
N VAL H 87 -114.74 30.64 24.08
CA VAL H 87 -114.12 29.35 24.34
C VAL H 87 -113.69 29.27 25.79
N LYS H 88 -113.97 28.12 26.42
CA LYS H 88 -113.59 27.89 27.81
C LYS H 88 -112.90 26.56 28.03
N VAL H 89 -113.04 25.59 27.13
CA VAL H 89 -112.45 24.28 27.27
C VAL H 89 -111.65 24.00 26.01
N GLY H 90 -110.74 23.04 26.10
CA GLY H 90 -109.90 22.74 24.96
C GLY H 90 -108.90 23.83 24.64
N LEU H 91 -108.26 24.39 25.65
CA LEU H 91 -107.24 25.39 25.45
C LEU H 91 -105.97 24.70 24.95
N THR H 92 -104.86 25.44 24.92
CA THR H 92 -103.53 24.96 24.52
C THR H 92 -103.54 24.15 23.21
N ASN H 93 -104.53 24.37 22.36
CA ASN H 93 -104.56 23.77 21.03
C ASN H 93 -104.30 24.85 19.99
N TYR H 94 -104.36 24.44 18.71
CA TYR H 94 -104.03 25.38 17.63
C TYR H 94 -105.05 26.52 17.57
N ALA H 95 -106.33 26.21 17.75
CA ALA H 95 -107.34 27.26 17.70
C ALA H 95 -107.18 28.24 18.86
N ALA H 96 -106.87 27.74 20.05
CA ALA H 96 -106.63 28.64 21.17
C ALA H 96 -105.35 29.45 20.97
N ALA H 97 -104.36 28.87 20.31
CA ALA H 97 -103.15 29.63 19.97
C ALA H 97 -103.48 30.77 19.03
N TYR H 98 -104.31 30.51 18.02
CA TYR H 98 -104.76 31.58 17.13
C TYR H 98 -105.51 32.64 17.93
N CYS H 99 -106.40 32.20 18.81
CA CYS H 99 -107.20 33.16 19.58
C CYS H 99 -106.34 34.03 20.47
N THR H 100 -105.34 33.44 21.13
CA THR H 100 -104.52 34.24 22.03
C THR H 100 -103.56 35.15 21.27
N GLY H 101 -103.08 34.71 20.09
CA GLY H 101 -102.32 35.62 19.26
C GLY H 101 -103.14 36.79 18.77
N LEU H 102 -104.39 36.53 18.36
CA LEU H 102 -105.29 37.58 17.96
C LEU H 102 -105.60 38.53 19.11
N LEU H 103 -105.79 37.98 20.30
CA LEU H 103 -106.05 38.80 21.47
C LEU H 103 -104.86 39.69 21.81
N LEU H 104 -103.65 39.13 21.72
CA LEU H 104 -102.45 39.93 21.94
C LEU H 104 -102.36 41.07 20.92
N ALA H 105 -102.62 40.77 19.65
CA ALA H 105 -102.53 41.79 18.61
C ALA H 105 -103.55 42.89 18.85
N ARG H 106 -104.81 42.51 19.13
CA ARG H 106 -105.85 43.51 19.33
C ARG H 106 -105.59 44.35 20.58
N ARG H 107 -105.13 43.71 21.66
CA ARG H 107 -104.84 44.43 22.89
C ARG H 107 -103.70 45.42 22.70
N LEU H 108 -102.63 45.00 22.02
CA LEU H 108 -101.51 45.91 21.77
C LEU H 108 -101.94 47.07 20.89
N LEU H 109 -102.72 46.78 19.84
CA LEU H 109 -103.17 47.85 18.96
C LEU H 109 -104.09 48.82 19.69
N ASN H 110 -104.92 48.31 20.60
CA ASN H 110 -105.78 49.19 21.38
C ASN H 110 -104.98 50.04 22.34
N ARG H 111 -103.95 49.48 22.97
CA ARG H 111 -103.11 50.28 23.86
C ARG H 111 -102.37 51.36 23.08
N PHE H 112 -101.90 51.05 21.88
CA PHE H 112 -101.22 52.06 21.07
C PHE H 112 -102.19 52.99 20.36
N GLY H 113 -103.49 52.71 20.41
CA GLY H 113 -104.45 53.60 19.78
C GLY H 113 -104.61 53.42 18.30
N MET H 114 -104.32 52.23 17.78
CA MET H 114 -104.45 51.93 16.35
C MET H 114 -105.47 50.81 16.20
N ASP H 115 -106.75 51.17 16.19
CA ASP H 115 -107.82 50.19 16.04
C ASP H 115 -108.64 50.41 14.79
N LYS H 116 -109.06 51.65 14.54
CA LYS H 116 -109.76 51.95 13.29
C LYS H 116 -108.85 51.70 12.11
N ILE H 117 -107.61 52.09 12.22
CA ILE H 117 -106.58 51.72 11.25
C ILE H 117 -105.98 50.40 11.67
N TYR H 118 -105.55 49.61 10.68
CA TYR H 118 -105.02 48.27 10.89
C TYR H 118 -106.04 47.38 11.62
N GLU H 119 -107.20 47.24 10.98
CA GLU H 119 -108.21 46.31 11.49
C GLU H 119 -107.79 44.86 11.32
N GLY H 120 -106.84 44.59 10.43
CA GLY H 120 -106.43 43.24 10.17
C GLY H 120 -107.43 42.51 9.29
N GLN H 121 -107.26 41.19 9.22
CA GLN H 121 -108.14 40.33 8.44
C GLN H 121 -109.26 39.84 9.35
N VAL H 122 -110.41 40.53 9.31
CA VAL H 122 -111.52 40.18 10.18
C VAL H 122 -112.15 38.86 9.75
N GLU H 123 -112.37 38.70 8.44
CA GLU H 123 -112.92 37.45 7.93
C GLU H 123 -111.79 36.43 7.84
N VAL H 124 -111.84 35.41 8.69
CA VAL H 124 -110.71 34.50 8.86
C VAL H 124 -110.68 33.51 7.70
N THR H 125 -109.56 33.47 7.00
CA THR H 125 -109.25 32.39 6.07
C THR H 125 -107.77 32.05 6.24
N GLY H 126 -107.41 30.84 5.83
CA GLY H 126 -106.06 30.38 6.05
C GLY H 126 -105.02 30.98 5.17
N ASP H 127 -105.40 31.77 4.16
CA ASP H 127 -104.46 32.30 3.20
C ASP H 127 -103.52 33.31 3.86
N GLU H 128 -102.39 33.53 3.20
CA GLU H 128 -101.39 34.45 3.74
C GLU H 128 -101.94 35.88 3.75
N TYR H 129 -101.55 36.63 4.76
CA TYR H 129 -101.99 38.02 4.89
C TYR H 129 -100.88 38.80 5.56
N ASN H 130 -100.56 39.97 5.00
CA ASN H 130 -99.52 40.83 5.55
C ASN H 130 -100.04 42.25 5.56
N VAL H 131 -100.13 42.84 6.75
CA VAL H 131 -100.65 44.20 6.87
C VAL H 131 -99.65 45.17 6.24
N GLU H 132 -100.18 46.20 5.58
CA GLU H 132 -99.38 47.22 4.93
C GLU H 132 -99.59 48.55 5.65
N SER H 133 -98.49 49.25 5.93
CA SER H 133 -98.60 50.54 6.58
C SER H 133 -99.31 51.54 5.67
N ILE H 134 -100.23 52.30 6.24
CA ILE H 134 -101.01 53.27 5.50
C ILE H 134 -100.32 54.62 5.58
N ASP H 135 -100.07 55.24 4.43
CA ASP H 135 -99.44 56.55 4.40
C ASP H 135 -100.35 57.61 5.03
N GLY H 136 -99.72 58.62 5.63
CA GLY H 136 -100.47 59.61 6.36
C GLY H 136 -101.03 59.11 7.67
N GLN H 137 -100.64 57.93 8.11
CA GLN H 137 -101.10 57.31 9.33
C GLN H 137 -99.89 56.66 9.99
N PRO H 138 -99.95 56.41 11.31
CA PRO H 138 -98.81 55.75 11.96
C PRO H 138 -98.54 54.39 11.37
N GLY H 139 -97.26 54.01 11.37
CA GLY H 139 -96.86 52.77 10.74
C GLY H 139 -97.36 51.56 11.50
N ALA H 140 -97.45 50.45 10.77
CA ALA H 140 -97.88 49.19 11.37
C ALA H 140 -96.85 48.70 12.35
N PHE H 141 -97.30 48.10 13.44
CA PHE H 141 -96.40 47.58 14.45
C PHE H 141 -95.65 46.37 13.90
N THR H 142 -94.33 46.39 13.98
CA THR H 142 -93.49 45.35 13.44
C THR H 142 -92.77 44.64 14.59
N CYS H 143 -92.94 43.33 14.67
CA CYS H 143 -92.27 42.51 15.65
C CYS H 143 -91.88 41.18 15.02
N TYR H 144 -90.97 40.47 15.67
CA TYR H 144 -90.45 39.22 15.15
C TYR H 144 -90.76 38.08 16.10
N LEU H 145 -91.06 36.90 15.55
CA LEU H 145 -91.48 35.78 16.37
C LEU H 145 -90.33 35.23 17.19
N ASP H 146 -90.61 34.89 18.44
CA ASP H 146 -89.68 34.21 19.34
C ASP H 146 -90.32 32.89 19.73
N ALA H 147 -89.86 31.82 19.10
CA ALA H 147 -90.35 30.47 19.35
C ALA H 147 -89.59 29.75 20.45
N GLY H 148 -88.49 30.31 20.93
CA GLY H 148 -87.75 29.67 22.00
C GLY H 148 -87.12 28.37 21.55
N LEU H 149 -87.29 27.33 22.36
CA LEU H 149 -86.73 26.03 22.06
C LEU H 149 -87.69 25.11 21.33
N ALA H 150 -88.86 25.60 20.95
CA ALA H 150 -89.84 24.78 20.25
C ALA H 150 -89.33 24.40 18.87
N ARG H 151 -89.56 23.15 18.49
CA ARG H 151 -89.17 22.69 17.16
C ARG H 151 -90.15 23.23 16.13
N THR H 152 -89.64 24.06 15.23
CA THR H 152 -90.49 24.79 14.30
C THR H 152 -90.72 23.97 13.03
N THR H 153 -91.48 22.89 13.20
CA THR H 153 -91.97 22.13 12.06
C THR H 153 -93.36 22.64 11.67
N THR H 154 -93.86 22.10 10.56
CA THR H 154 -95.13 22.55 10.03
C THR H 154 -96.28 22.16 10.97
N GLY H 155 -97.11 23.13 11.30
CA GLY H 155 -98.23 22.89 12.18
C GLY H 155 -98.01 23.22 13.64
N ASN H 156 -97.02 24.04 13.96
CA ASN H 156 -96.72 24.35 15.34
C ASN H 156 -97.65 25.43 15.87
N LYS H 157 -97.99 25.31 17.16
CA LYS H 157 -98.90 26.27 17.76
C LYS H 157 -98.27 27.66 17.88
N VAL H 158 -96.95 27.76 17.85
CA VAL H 158 -96.33 29.08 17.79
C VAL H 158 -96.67 29.77 16.48
N PHE H 159 -96.73 28.99 15.39
CA PHE H 159 -97.15 29.58 14.12
C PHE H 159 -98.64 29.82 14.10
N GLY H 160 -99.42 29.05 14.86
CA GLY H 160 -100.81 29.40 15.06
C GLY H 160 -100.97 30.76 15.72
N ALA H 161 -100.18 31.00 16.76
CA ALA H 161 -100.21 32.30 17.44
C ALA H 161 -99.74 33.41 16.52
N LEU H 162 -98.72 33.14 15.70
CA LEU H 162 -98.27 34.13 14.73
C LEU H 162 -99.38 34.46 13.73
N LYS H 163 -100.10 33.45 13.25
CA LYS H 163 -101.20 33.71 12.34
C LYS H 163 -102.28 34.54 13.01
N GLY H 164 -102.59 34.24 14.26
CA GLY H 164 -103.55 35.05 14.99
C GLY H 164 -103.12 36.50 15.09
N ALA H 165 -101.84 36.74 15.38
CA ALA H 165 -101.36 38.11 15.53
C ALA H 165 -101.37 38.85 14.19
N VAL H 166 -100.92 38.20 13.11
CA VAL H 166 -100.87 38.89 11.83
C VAL H 166 -102.28 39.12 11.30
N ASP H 167 -103.25 38.27 11.67
CA ASP H 167 -104.63 38.57 11.33
C ASP H 167 -105.17 39.69 12.21
N GLY H 168 -104.65 39.82 13.43
CA GLY H 168 -105.02 40.93 14.28
C GLY H 168 -104.48 42.27 13.81
N GLY H 169 -103.38 42.25 13.07
CA GLY H 169 -102.88 43.48 12.49
C GLY H 169 -101.44 43.79 12.78
N LEU H 170 -100.70 42.81 13.27
CA LEU H 170 -99.29 42.98 13.59
C LEU H 170 -98.44 42.55 12.39
N SER H 171 -97.47 43.39 12.04
CA SER H 171 -96.62 43.12 10.87
C SER H 171 -95.48 42.22 11.32
N ILE H 172 -95.67 40.92 11.19
CA ILE H 172 -94.66 39.92 11.54
C ILE H 172 -94.18 39.28 10.25
N PRO H 173 -92.90 39.37 9.92
CA PRO H 173 -92.38 38.68 8.73
C PRO H 173 -92.46 37.18 8.91
N HIS H 174 -92.97 36.50 7.89
CA HIS H 174 -93.20 35.06 7.98
C HIS H 174 -93.41 34.50 6.59
N SER H 175 -93.57 33.18 6.52
CA SER H 175 -93.97 32.49 5.31
C SER H 175 -94.98 31.42 5.69
N THR H 176 -95.65 30.86 4.69
CA THR H 176 -96.69 29.87 4.91
C THR H 176 -96.14 28.45 4.96
N LYS H 177 -94.82 28.29 4.90
CA LYS H 177 -94.24 26.95 4.89
C LYS H 177 -94.49 26.19 6.18
N ARG H 178 -94.74 26.89 7.29
CA ARG H 178 -94.93 26.23 8.58
C ARG H 178 -96.38 26.20 9.03
N PHE H 179 -97.30 26.72 8.24
CA PHE H 179 -98.71 26.60 8.58
C PHE H 179 -99.20 25.19 8.24
N PRO H 180 -100.22 24.70 8.96
CA PRO H 180 -100.68 23.33 8.74
C PRO H 180 -101.19 23.05 7.33
N GLY H 181 -101.56 24.07 6.57
CA GLY H 181 -102.02 23.83 5.21
C GLY H 181 -100.93 23.49 4.22
N TYR H 182 -99.66 23.68 4.59
CA TYR H 182 -98.57 23.49 3.66
C TYR H 182 -98.36 22.01 3.37
N ASP H 183 -98.21 21.68 2.09
CA ASP H 183 -97.92 20.32 1.66
C ASP H 183 -96.43 20.21 1.36
N SER H 184 -95.73 19.38 2.13
CA SER H 184 -94.28 19.26 1.98
C SER H 184 -93.87 18.58 0.69
N GLU H 185 -94.80 17.89 0.03
CA GLU H 185 -94.46 17.18 -1.21
C GLU H 185 -94.58 18.09 -2.41
N SER H 186 -95.76 18.67 -2.64
CA SER H 186 -95.96 19.56 -3.77
C SER H 186 -95.46 20.97 -3.52
N LYS H 187 -94.99 21.26 -2.30
CA LYS H 187 -94.52 22.59 -1.92
C LYS H 187 -95.60 23.65 -2.15
N GLU H 188 -96.85 23.28 -1.88
CA GLU H 188 -97.99 24.15 -2.10
C GLU H 188 -98.79 24.32 -0.81
N PHE H 189 -99.28 25.53 -0.59
CA PHE H 189 -100.05 25.85 0.60
C PHE H 189 -101.53 25.75 0.30
N ASN H 190 -102.25 24.94 1.09
CA ASN H 190 -103.66 24.70 0.81
C ASN H 190 -104.53 25.88 1.21
N ALA H 191 -104.26 26.49 2.36
CA ALA H 191 -104.97 27.63 2.94
C ALA H 191 -106.41 27.32 3.31
N GLU H 192 -106.86 26.07 3.16
CA GLU H 192 -108.19 25.66 3.59
C GLU H 192 -108.16 24.74 4.79
N VAL H 193 -107.30 23.72 4.75
CA VAL H 193 -107.10 22.92 5.95
C VAL H 193 -106.43 23.74 7.04
N HIS H 194 -105.70 24.79 6.68
CA HIS H 194 -105.19 25.71 7.68
C HIS H 194 -106.33 26.44 8.39
N ARG H 195 -107.32 26.90 7.63
CA ARG H 195 -108.48 27.53 8.26
C ARG H 195 -109.27 26.52 9.08
N LYS H 196 -109.31 25.26 8.63
CA LYS H 196 -109.94 24.22 9.44
C LYS H 196 -109.24 24.05 10.78
N HIS H 197 -107.91 24.06 10.77
CA HIS H 197 -107.15 24.00 12.02
C HIS H 197 -107.41 25.22 12.88
N ILE H 198 -107.49 26.41 12.27
CA ILE H 198 -107.75 27.63 13.01
C ILE H 198 -109.12 27.57 13.69
N MET H 199 -110.12 27.03 12.99
CA MET H 199 -111.44 26.88 13.55
C MET H 199 -111.58 25.61 14.38
N GLY H 200 -110.52 24.82 14.51
CA GLY H 200 -110.57 23.66 15.38
C GLY H 200 -111.30 22.47 14.79
N GLN H 201 -111.38 22.38 13.46
CA GLN H 201 -112.13 21.30 12.84
C GLN H 201 -111.44 19.96 12.98
N ASN H 202 -110.12 19.94 13.17
CA ASN H 202 -109.44 18.68 13.42
C ASN H 202 -109.88 18.07 14.74
N VAL H 203 -110.05 18.91 15.77
CA VAL H 203 -110.53 18.42 17.05
C VAL H 203 -111.97 17.95 16.95
N ALA H 204 -112.81 18.68 16.20
CA ALA H 204 -114.18 18.25 16.00
C ALA H 204 -114.24 16.92 15.26
N ASP H 205 -113.38 16.74 14.25
CA ASP H 205 -113.31 15.47 13.55
C ASP H 205 -112.88 14.35 14.47
N TYR H 206 -111.92 14.63 15.36
CA TYR H 206 -111.50 13.62 16.33
C TYR H 206 -112.65 13.24 17.25
N MET H 207 -113.42 14.23 17.70
CA MET H 207 -114.54 13.95 18.59
C MET H 207 -115.57 13.05 17.90
N ARG H 208 -116.01 13.45 16.71
CA ARG H 208 -117.02 12.66 16.02
C ARG H 208 -116.47 11.34 15.49
N TYR H 209 -115.15 11.22 15.34
CA TYR H 209 -114.52 9.97 14.97
C TYR H 209 -114.48 9.00 16.15
N LEU H 210 -114.21 9.52 17.35
CA LEU H 210 -114.21 8.67 18.54
C LEU H 210 -115.62 8.25 18.91
N MET H 211 -116.61 9.11 18.66
CA MET H 211 -117.99 8.76 18.96
C MET H 211 -118.43 7.50 18.21
N GLU H 212 -118.07 7.39 16.94
CA GLU H 212 -118.56 6.30 16.11
C GLU H 212 -117.79 5.00 16.30
N GLU H 213 -116.70 5.01 17.07
CA GLU H 213 -115.96 3.77 17.32
C GLU H 213 -115.99 3.36 18.78
N ASP H 214 -115.56 4.21 19.71
CA ASP H 214 -115.43 3.79 21.10
C ASP H 214 -115.93 4.94 21.98
N GLU H 215 -117.15 4.78 22.50
CA GLU H 215 -117.79 5.86 23.23
C GLU H 215 -117.07 6.18 24.52
N ASP H 216 -116.63 5.15 25.24
CA ASP H 216 -115.90 5.37 26.49
C ASP H 216 -114.53 5.99 26.25
N ALA H 217 -113.87 5.65 25.15
CA ALA H 217 -112.63 6.32 24.80
C ALA H 217 -112.89 7.79 24.49
N TYR H 218 -114.01 8.09 23.83
CA TYR H 218 -114.40 9.47 23.60
C TYR H 218 -114.62 10.20 24.91
N LYS H 219 -115.28 9.55 25.86
CA LYS H 219 -115.49 10.16 27.18
C LYS H 219 -114.15 10.44 27.87
N LYS H 220 -113.25 9.46 27.85
CA LYS H 220 -111.97 9.62 28.51
C LYS H 220 -111.15 10.74 27.88
N GLN H 221 -111.16 10.83 26.56
CA GLN H 221 -110.38 11.86 25.89
C GLN H 221 -111.00 13.24 26.11
N PHE H 222 -112.25 13.43 25.69
CA PHE H 222 -112.92 14.72 25.83
C PHE H 222 -113.87 14.72 27.01
N SER H 223 -113.33 14.39 28.20
CA SER H 223 -114.16 14.40 29.41
C SER H 223 -114.65 15.80 29.74
N GLN H 224 -113.76 16.79 29.73
CA GLN H 224 -114.16 18.15 30.06
C GLN H 224 -114.93 18.83 28.94
N TYR H 225 -114.84 18.32 27.72
CA TYR H 225 -115.70 18.81 26.65
C TYR H 225 -117.16 18.47 26.92
N ILE H 226 -117.42 17.32 27.55
CA ILE H 226 -118.78 16.92 27.88
C ILE H 226 -119.40 17.92 28.85
N LYS H 227 -118.62 18.37 29.83
CA LYS H 227 -119.10 19.40 30.73
C LYS H 227 -119.37 20.68 29.96
N ASN H 228 -120.53 21.29 30.22
CA ASN H 228 -121.05 22.48 29.54
C ASN H 228 -121.34 22.25 28.07
N SER H 229 -121.24 21.00 27.60
CA SER H 229 -121.78 20.55 26.31
C SER H 229 -121.19 21.35 25.14
N VAL H 230 -119.88 21.19 24.99
CA VAL H 230 -119.20 21.69 23.80
C VAL H 230 -119.22 20.58 22.75
N THR H 231 -119.82 20.87 21.60
CA THR H 231 -120.01 19.83 20.61
C THR H 231 -119.36 20.21 19.28
N PRO H 232 -118.98 19.21 18.47
CA PRO H 232 -118.28 19.50 17.21
C PRO H 232 -119.04 20.41 16.27
N ASP H 233 -120.37 20.34 16.24
CA ASP H 233 -121.12 21.20 15.33
C ASP H 233 -120.97 22.67 15.71
N MET H 234 -120.96 22.97 17.01
CA MET H 234 -120.89 24.34 17.47
C MET H 234 -119.48 24.82 17.75
N MET H 235 -118.47 23.96 17.59
CA MET H 235 -117.10 24.38 17.86
C MET H 235 -116.67 25.54 16.96
N GLU H 236 -116.97 25.47 15.66
CA GLU H 236 -116.54 26.51 14.74
C GLU H 236 -117.25 27.83 15.02
N GLU H 237 -118.56 27.79 15.30
CA GLU H 237 -119.27 29.00 15.65
C GLU H 237 -118.77 29.58 16.97
N MET H 238 -118.41 28.71 17.92
CA MET H 238 -117.82 29.18 19.17
C MET H 238 -116.52 29.92 18.93
N TYR H 239 -115.66 29.38 18.07
CA TYR H 239 -114.40 30.06 17.79
C TYR H 239 -114.62 31.36 17.04
N LYS H 240 -115.60 31.39 16.13
CA LYS H 240 -115.89 32.64 15.42
C LYS H 240 -116.39 33.72 16.37
N LYS H 241 -117.30 33.38 17.28
CA LYS H 241 -117.76 34.41 18.19
C LYS H 241 -116.70 34.75 19.23
N ALA H 242 -115.78 33.84 19.52
CA ALA H 242 -114.63 34.20 20.35
C ALA H 242 -113.76 35.24 19.66
N HIS H 243 -113.52 35.06 18.35
CA HIS H 243 -112.77 36.07 17.60
C HIS H 243 -113.50 37.40 17.60
N ALA H 244 -114.82 37.36 17.41
CA ALA H 244 -115.60 38.61 17.41
C ALA H 244 -115.53 39.30 18.76
N ALA H 245 -115.59 38.53 19.86
CA ALA H 245 -115.47 39.12 21.19
C ALA H 245 -114.08 39.71 21.41
N ILE H 246 -113.04 39.03 20.90
CA ILE H 246 -111.69 39.57 20.99
C ILE H 246 -111.60 40.91 20.30
N ARG H 247 -112.14 41.00 19.09
CA ARG H 247 -112.12 42.26 18.35
C ARG H 247 -112.94 43.32 19.06
N GLU H 248 -114.03 42.92 19.72
CA GLU H 248 -114.91 43.90 20.35
C GLU H 248 -114.31 44.48 21.62
N ASN H 249 -113.68 43.65 22.45
CA ASN H 249 -113.12 44.10 23.72
C ASN H 249 -111.80 43.38 24.01
N PRO H 250 -110.68 43.98 23.64
CA PRO H 250 -109.39 43.34 23.91
C PRO H 250 -108.75 43.84 25.20
N VAL H 251 -109.36 44.81 25.85
CA VAL H 251 -108.75 45.44 27.02
C VAL H 251 -108.73 44.48 28.19
N TYR H 252 -107.59 44.36 28.83
CA TYR H 252 -107.42 43.51 30.01
C TYR H 252 -107.57 44.34 31.26
N GLU H 253 -108.40 43.86 32.19
CA GLU H 253 -108.52 44.47 33.51
C GLU H 253 -107.96 43.50 34.54
N LYS H 254 -107.19 44.04 35.48
CA LYS H 254 -106.56 43.18 36.48
C LYS H 254 -107.55 42.86 37.60
N LYS H 255 -107.22 41.82 38.35
CA LYS H 255 -108.05 41.35 39.44
C LYS H 255 -107.44 41.72 40.78
N PRO H 256 -108.14 42.46 41.62
CA PRO H 256 -107.55 42.94 42.88
C PRO H 256 -107.65 41.92 44.01
N LYS H 257 -106.59 41.86 44.82
CA LYS H 257 -106.56 40.99 45.98
C LYS H 257 -105.52 41.53 46.95
N LYS H 258 -105.98 42.09 48.08
CA LYS H 258 -105.08 42.66 49.06
C LYS H 258 -105.34 42.20 50.49
N GLU H 259 -106.49 41.60 50.78
CA GLU H 259 -106.83 41.20 52.14
C GLU H 259 -106.20 39.86 52.50
N VAL H 260 -104.90 39.73 52.25
CA VAL H 260 -104.16 38.49 52.50
C VAL H 260 -103.25 38.71 53.69
N LYS H 261 -103.38 37.86 54.70
CA LYS H 261 -102.46 37.88 55.83
C LYS H 261 -101.08 37.43 55.39
N LYS H 262 -100.06 38.02 56.00
CA LYS H 262 -98.67 37.69 55.67
C LYS H 262 -98.28 36.40 56.38
N LYS H 263 -98.53 35.28 55.71
CA LYS H 263 -98.13 33.97 56.21
C LYS H 263 -96.96 33.46 55.39
N ARG H 264 -95.99 32.87 56.07
CA ARG H 264 -94.78 32.34 55.44
C ARG H 264 -94.88 30.82 55.38
N TRP H 265 -94.80 30.27 54.18
CA TRP H 265 -94.91 28.83 53.96
C TRP H 265 -93.58 28.14 53.82
N ASN H 266 -92.47 28.86 53.94
CA ASN H 266 -91.14 28.31 53.72
C ASN H 266 -90.34 28.41 55.02
N ARG H 267 -89.51 27.42 55.28
CA ARG H 267 -88.66 27.47 56.45
C ARG H 267 -87.59 28.54 56.26
N PRO H 268 -87.39 29.43 57.21
CA PRO H 268 -86.34 30.43 57.09
C PRO H 268 -84.95 29.80 57.23
N LYS H 269 -83.96 30.53 56.73
CA LYS H 269 -82.59 30.06 56.82
C LYS H 269 -82.10 30.11 58.26
N MET H 270 -81.47 29.03 58.71
CA MET H 270 -80.98 28.97 60.08
C MET H 270 -79.82 29.94 60.28
N SER H 271 -79.64 30.35 61.53
CA SER H 271 -78.59 31.27 61.89
C SER H 271 -77.30 30.54 62.23
N LEU H 272 -76.20 31.30 62.24
CA LEU H 272 -74.90 30.73 62.59
C LEU H 272 -74.89 30.20 64.02
N ALA H 273 -75.53 30.93 64.94
CA ALA H 273 -75.63 30.46 66.32
C ALA H 273 -76.39 29.15 66.39
N GLN H 274 -77.49 29.04 65.65
CA GLN H 274 -78.26 27.80 65.66
C GLN H 274 -77.46 26.64 65.08
N LYS H 275 -76.74 26.87 63.99
CA LYS H 275 -75.94 25.79 63.41
C LYS H 275 -74.82 25.35 64.35
N LYS H 276 -74.16 26.31 65.00
CA LYS H 276 -73.11 25.98 65.96
C LYS H 276 -73.67 25.21 67.15
N ASP H 277 -74.83 25.63 67.64
CA ASP H 277 -75.47 24.91 68.73
C ASP H 277 -75.85 23.49 68.32
N ARG H 278 -76.34 23.33 67.08
CA ARG H 278 -76.68 22.01 66.59
C ARG H 278 -75.45 21.10 66.53
N VAL H 279 -74.33 21.64 66.07
CA VAL H 279 -73.09 20.86 66.03
C VAL H 279 -72.66 20.48 67.45
N ALA H 280 -72.76 21.43 68.37
CA ALA H 280 -72.38 21.15 69.76
C ALA H 280 -73.27 20.07 70.37
N GLN H 281 -74.58 20.14 70.12
CA GLN H 281 -75.48 19.13 70.63
C GLN H 281 -75.18 17.76 70.05
N LYS H 282 -74.87 17.70 68.75
CA LYS H 282 -74.56 16.42 68.14
C LYS H 282 -73.29 15.82 68.73
N LYS H 283 -72.27 16.67 68.96
CA LYS H 283 -71.04 16.18 69.59
C LYS H 283 -71.31 15.66 71.00
N ALA H 284 -72.09 16.42 71.77
CA ALA H 284 -72.39 16.02 73.15
C ALA H 284 -73.16 14.71 73.17
N SER H 285 -74.13 14.56 72.28
CA SER H 285 -74.92 13.33 72.22
C SER H 285 -74.05 12.15 71.82
N PHE H 286 -73.12 12.34 70.88
CA PHE H 286 -72.26 11.23 70.49
C PHE H 286 -71.35 10.80 71.63
N LEU H 287 -70.76 11.77 72.33
CA LEU H 287 -69.93 11.42 73.49
C LEU H 287 -70.75 10.74 74.58
N ARG H 288 -71.99 11.20 74.77
CA ARG H 288 -72.88 10.55 75.74
C ARG H 288 -73.18 9.11 75.34
N ALA H 289 -73.42 8.88 74.06
CA ALA H 289 -73.67 7.52 73.60
C ALA H 289 -72.46 6.62 73.82
N GLN H 290 -71.26 7.14 73.57
CA GLN H 290 -70.07 6.34 73.86
C GLN H 290 -69.94 6.04 75.34
N GLU H 291 -70.09 7.05 76.20
CA GLU H 291 -69.90 6.80 77.62
C GLU H 291 -70.98 5.90 78.19
N ARG H 292 -72.17 5.86 77.60
CA ARG H 292 -73.12 4.82 77.95
C ARG H 292 -72.66 3.46 77.45
N ALA H 293 -72.10 3.42 76.23
CA ALA H 293 -71.57 2.20 75.63
C ALA H 293 -72.62 1.09 75.53
N LYS I 1 -37.73 135.67 62.90
CA LYS I 1 -36.85 134.53 63.18
C LYS I 1 -36.77 134.24 64.67
N GLY I 2 -36.39 133.00 65.01
CA GLY I 2 -36.26 132.60 66.38
C GLY I 2 -34.89 132.01 66.66
N LYS I 3 -34.59 131.83 67.94
CA LYS I 3 -33.32 131.26 68.34
C LYS I 3 -33.27 129.78 67.99
N PRO I 4 -32.19 129.31 67.40
CA PRO I 4 -32.06 127.86 67.13
C PRO I 4 -32.05 127.07 68.44
N HIS I 5 -32.67 125.90 68.39
CA HIS I 5 -32.79 125.02 69.54
C HIS I 5 -31.94 123.77 69.33
N CYS I 6 -31.75 123.03 70.42
CA CYS I 6 -31.10 121.74 70.31
C CYS I 6 -32.04 120.74 69.63
N SER I 7 -31.50 119.56 69.32
CA SER I 7 -32.19 118.63 68.44
C SER I 7 -33.46 118.07 69.05
N ARG I 8 -33.55 117.99 70.38
CA ARG I 8 -34.73 117.49 71.09
C ARG I 8 -35.08 116.04 70.76
N ASN I 9 -34.28 115.40 69.92
CA ASN I 9 -34.41 113.98 69.60
C ASN I 9 -33.04 113.38 69.83
N PRO I 10 -32.76 112.91 71.05
CA PRO I 10 -31.44 112.34 71.34
C PRO I 10 -31.16 111.14 70.46
N VAL I 11 -29.91 111.03 70.02
CA VAL I 11 -29.51 109.90 69.20
C VAL I 11 -29.12 108.75 70.11
N LEU I 12 -29.75 107.59 69.90
CA LEU I 12 -29.36 106.39 70.61
C LEU I 12 -28.57 105.43 69.74
N VAL I 13 -28.87 105.35 68.46
CA VAL I 13 -28.08 104.64 67.47
C VAL I 13 -28.05 105.50 66.22
N ARG I 14 -26.88 105.57 65.57
CA ARG I 14 -26.71 106.43 64.40
C ARG I 14 -27.78 106.17 63.36
N GLY I 15 -28.50 107.22 62.99
CA GLY I 15 -29.59 107.14 62.05
C GLY I 15 -30.96 106.90 62.67
N ILE I 16 -31.03 106.65 63.97
CA ILE I 16 -32.29 106.40 64.65
C ILE I 16 -32.39 107.33 65.85
N GLY I 17 -33.48 108.08 65.93
CA GLY I 17 -33.72 108.91 67.09
C GLY I 17 -34.41 108.14 68.19
N ARG I 18 -34.33 108.69 69.40
CA ARG I 18 -34.91 108.01 70.55
C ARG I 18 -36.43 108.10 70.55
N TYR I 19 -37.00 109.14 69.95
CA TYR I 19 -38.43 109.37 70.01
C TYR I 19 -39.07 109.18 68.64
N SER I 20 -40.32 108.73 68.66
CA SER I 20 -41.05 108.41 67.44
C SER I 20 -41.57 109.69 66.79
N ARG I 21 -42.33 109.52 65.72
CA ARG I 21 -42.85 110.66 64.97
C ARG I 21 -43.85 111.45 65.80
N SER I 22 -44.81 110.76 66.42
CA SER I 22 -45.81 111.45 67.23
C SER I 22 -45.19 112.01 68.50
N ALA I 23 -44.24 111.29 69.09
CA ALA I 23 -43.54 111.80 70.27
C ALA I 23 -42.80 113.08 69.95
N MET I 24 -42.11 113.12 68.81
CA MET I 24 -41.40 114.34 68.43
C MET I 24 -42.36 115.43 68.02
N TYR I 25 -43.53 115.09 67.46
CA TYR I 25 -44.56 116.07 67.19
C TYR I 25 -44.98 116.77 68.48
N SER I 26 -45.29 115.99 69.51
CA SER I 26 -45.70 116.58 70.78
C SER I 26 -44.56 117.35 71.44
N ARG I 27 -43.32 116.85 71.31
CA ARG I 27 -42.18 117.55 71.90
C ARG I 27 -41.93 118.88 71.21
N LYS I 28 -42.11 118.94 69.89
CA LYS I 28 -41.95 120.15 69.13
C LYS I 28 -43.15 121.09 69.23
N ALA I 29 -44.27 120.59 69.73
CA ALA I 29 -45.53 121.36 69.79
C ALA I 29 -45.94 121.82 68.40
N MET I 30 -45.88 120.89 67.44
CA MET I 30 -46.32 121.19 66.09
C MET I 30 -47.82 121.40 65.99
N TYR I 31 -48.58 121.07 67.04
CA TYR I 31 -50.01 121.27 67.03
C TYR I 31 -50.39 122.75 67.03
N LYS I 32 -49.50 123.63 67.51
CA LYS I 32 -49.77 125.06 67.49
C LYS I 32 -48.84 125.84 66.59
N ARG I 33 -47.78 125.23 66.07
CA ARG I 33 -46.89 125.89 65.11
C ARG I 33 -47.29 125.53 63.68
N LYS I 34 -48.53 125.90 63.33
CA LYS I 34 -49.12 125.55 62.05
C LYS I 34 -49.20 126.81 61.19
N TYR I 35 -48.72 126.70 59.95
CA TYR I 35 -48.61 127.83 59.04
C TYR I 35 -49.32 127.50 57.74
N SER I 36 -50.13 128.43 57.24
CA SER I 36 -50.90 128.23 56.02
C SER I 36 -50.46 129.16 54.90
N ALA I 37 -50.48 130.47 55.13
CA ALA I 37 -50.12 131.45 54.11
C ALA I 37 -49.27 132.53 54.78
N ALA I 38 -49.02 133.61 54.04
CA ALA I 38 -48.21 134.70 54.55
C ALA I 38 -48.95 135.48 55.64
N LYS I 49 -31.47 138.97 41.50
CA LYS I 49 -30.98 139.45 42.79
C LYS I 49 -29.71 140.26 42.60
N VAL I 50 -28.60 139.57 42.33
CA VAL I 50 -27.33 140.23 42.10
C VAL I 50 -27.35 140.92 40.74
N LEU I 51 -26.96 142.19 40.71
CA LEU I 51 -26.99 142.97 39.48
C LEU I 51 -25.93 142.43 38.52
N ALA I 52 -26.39 141.86 37.39
CA ALA I 52 -25.45 141.38 36.39
C ALA I 52 -24.74 142.52 35.68
N THR I 53 -25.45 143.60 35.39
CA THR I 53 -24.90 144.74 34.70
C THR I 53 -24.94 145.97 35.60
N VAL I 54 -23.95 146.83 35.44
CA VAL I 54 -23.82 148.06 36.20
C VAL I 54 -23.75 149.23 35.23
N THR I 55 -24.44 150.32 35.56
CA THR I 55 -24.42 151.52 34.74
C THR I 55 -23.30 152.43 35.21
N LYS I 56 -22.43 152.83 34.29
CA LYS I 56 -21.31 153.68 34.64
C LYS I 56 -21.24 154.89 33.71
N PRO I 57 -21.02 156.08 34.25
CA PRO I 57 -20.81 157.26 33.39
C PRO I 57 -19.51 157.13 32.62
N VAL I 58 -19.61 157.04 31.28
CA VAL I 58 -18.42 156.83 30.47
C VAL I 58 -17.54 158.07 30.46
N GLY I 59 -18.12 159.26 30.51
CA GLY I 59 -17.35 160.48 30.43
C GLY I 59 -17.03 160.86 29.00
N GLY I 60 -16.53 162.08 28.84
CA GLY I 60 -16.32 162.61 27.51
C GLY I 60 -17.60 163.13 26.89
N ASP I 61 -17.45 164.19 26.10
CA ASP I 61 -18.60 164.81 25.46
C ASP I 61 -19.18 163.88 24.40
N LYS I 62 -20.50 163.99 24.21
CA LYS I 62 -21.30 163.25 23.23
C LYS I 62 -20.88 161.79 23.04
N ASN I 63 -20.57 161.11 24.15
CA ASN I 63 -20.46 159.66 24.18
C ASN I 63 -21.74 159.00 24.65
N GLY I 64 -22.88 159.66 24.48
CA GLY I 64 -24.09 159.17 25.07
C GLY I 64 -24.08 159.47 26.56
N GLY I 65 -25.15 159.01 27.22
CA GLY I 65 -25.25 159.24 28.64
C GLY I 65 -24.24 158.43 29.43
N THR I 66 -24.45 157.12 29.47
CA THR I 66 -23.62 156.21 30.26
C THR I 66 -23.37 154.95 29.46
N ARG I 67 -22.86 153.92 30.14
CA ARG I 67 -22.64 152.61 29.55
C ARG I 67 -23.18 151.55 30.48
N VAL I 68 -23.92 150.60 29.94
CA VAL I 68 -24.44 149.47 30.71
C VAL I 68 -23.42 148.34 30.56
N VAL I 69 -22.46 148.30 31.46
CA VAL I 69 -21.37 147.33 31.39
C VAL I 69 -21.77 146.09 32.16
N LYS I 70 -21.76 144.95 31.50
CA LYS I 70 -22.11 143.70 32.17
C LYS I 70 -20.87 143.07 32.80
N LEU I 71 -21.07 142.39 33.91
CA LEU I 71 -20.04 141.58 34.50
C LEU I 71 -20.06 140.19 33.87
N ARG I 72 -18.92 139.51 33.90
CA ARG I 72 -18.76 138.17 33.34
C ARG I 72 -19.14 138.15 31.86
N LYS I 73 -18.30 138.80 31.07
CA LYS I 73 -18.47 138.78 29.62
C LYS I 73 -18.36 137.36 29.08
N MET I 74 -18.98 137.15 27.92
CA MET I 74 -19.01 135.83 27.31
C MET I 74 -17.61 135.39 26.89
N PRO I 75 -17.35 134.08 26.83
CA PRO I 75 -16.00 133.61 26.53
C PRO I 75 -15.51 134.07 25.17
N ARG I 76 -14.22 134.38 25.10
CA ARG I 76 -13.61 134.74 23.83
C ARG I 76 -13.39 133.53 22.95
N TYR I 77 -13.18 132.37 23.54
CA TYR I 77 -12.79 131.16 22.82
C TYR I 77 -13.57 129.98 23.36
N TYR I 78 -13.95 129.07 22.46
CA TYR I 78 -14.58 127.83 22.85
C TYR I 78 -13.72 126.68 22.34
N PRO I 79 -13.38 125.72 23.19
CA PRO I 79 -12.64 124.54 22.71
C PRO I 79 -13.49 123.73 21.76
N THR I 80 -12.81 122.94 20.92
CA THR I 80 -13.50 122.19 19.89
C THR I 80 -14.48 121.17 20.46
N GLU I 81 -14.26 120.72 21.69
CA GLU I 81 -15.18 119.79 22.33
C GLU I 81 -14.92 119.78 23.83
N ASP I 82 -15.95 119.43 24.59
CA ASP I 82 -15.94 119.47 26.04
C ASP I 82 -16.24 118.09 26.62
N VAL I 83 -16.25 118.03 27.93
CA VAL I 83 -16.54 116.81 28.69
C VAL I 83 -17.88 117.00 29.39
N PRO I 84 -18.79 116.04 29.33
CA PRO I 84 -20.06 116.18 30.04
C PRO I 84 -19.85 116.23 31.55
N ARG I 85 -20.74 116.93 32.24
CA ARG I 85 -20.65 117.05 33.67
C ARG I 85 -20.99 115.72 34.34
N LYS I 86 -20.50 115.55 35.56
CA LYS I 86 -20.68 114.32 36.30
C LYS I 86 -22.09 114.22 36.85
N LEU I 87 -22.44 113.02 37.30
CA LEU I 87 -23.65 112.82 38.08
C LEU I 87 -23.40 113.25 39.52
N LEU I 88 -24.40 113.05 40.37
CA LEU I 88 -24.34 113.51 41.75
C LEU I 88 -24.23 112.30 42.70
N SER I 89 -23.44 112.46 43.75
CA SER I 89 -22.96 111.32 44.55
C SER I 89 -23.51 111.24 45.97
N HIS I 90 -24.20 112.28 46.43
CA HIS I 90 -24.83 112.38 47.76
C HIS I 90 -23.90 111.94 48.89
N GLY I 91 -22.61 112.20 48.75
CA GLY I 91 -21.67 111.90 49.81
C GLY I 91 -20.31 112.44 49.44
N LYS I 92 -19.27 111.65 49.70
CA LYS I 92 -17.90 111.95 49.27
C LYS I 92 -17.48 113.35 49.73
N LYS I 93 -17.48 113.53 51.04
CA LYS I 93 -17.12 114.81 51.62
C LYS I 93 -15.63 115.08 51.45
N PRO I 94 -15.22 116.34 51.43
CA PRO I 94 -13.80 116.65 51.33
C PRO I 94 -13.05 116.24 52.58
N PHE I 95 -11.72 116.16 52.47
CA PHE I 95 -10.91 115.66 53.57
C PHE I 95 -11.03 116.53 54.81
N SER I 96 -11.22 117.83 54.64
CA SER I 96 -11.33 118.73 55.78
C SER I 96 -12.60 118.45 56.59
N GLN I 97 -13.61 117.86 55.96
CA GLN I 97 -14.87 117.57 56.64
C GLN I 97 -14.98 116.13 57.09
N HIS I 98 -13.97 115.30 56.85
CA HIS I 98 -14.00 113.92 57.33
C HIS I 98 -13.95 113.88 58.84
N VAL I 99 -14.59 112.87 59.41
CA VAL I 99 -14.49 112.63 60.85
C VAL I 99 -13.15 111.98 61.13
N ARG I 100 -12.52 112.38 62.24
CA ARG I 100 -11.20 111.91 62.61
C ARG I 100 -11.33 110.87 63.70
N LYS I 101 -10.80 109.67 63.45
CA LYS I 101 -10.87 108.56 64.37
C LYS I 101 -9.52 108.32 65.02
N LEU I 102 -9.53 108.07 66.32
CA LEU I 102 -8.33 107.83 67.08
C LEU I 102 -8.44 106.48 67.77
N ARG I 103 -7.35 105.71 67.73
CA ARG I 103 -7.34 104.40 68.38
C ARG I 103 -7.47 104.57 69.88
N ALA I 104 -8.20 103.64 70.51
CA ALA I 104 -8.48 103.75 71.94
C ALA I 104 -7.22 103.61 72.78
N SER I 105 -6.17 103.00 72.24
CA SER I 105 -4.92 102.86 72.98
C SER I 105 -4.07 104.12 72.98
N ILE I 106 -4.46 105.14 72.22
CA ILE I 106 -3.70 106.39 72.12
C ILE I 106 -4.48 107.44 72.89
N THR I 107 -4.05 107.73 74.10
CA THR I 107 -4.57 108.78 74.95
C THR I 107 -3.45 109.78 75.26
N PRO I 108 -3.79 111.04 75.57
CA PRO I 108 -2.73 112.03 75.78
C PRO I 108 -1.79 111.63 76.91
N GLY I 109 -0.50 111.65 76.61
CA GLY I 109 0.53 111.19 77.52
C GLY I 109 1.05 109.80 77.25
N THR I 110 0.48 109.09 76.28
CA THR I 110 0.93 107.75 75.95
C THR I 110 2.31 107.80 75.29
N ILE I 111 3.15 106.83 75.63
CA ILE I 111 4.42 106.67 74.96
C ILE I 111 4.20 105.87 73.69
N LEU I 112 4.51 106.46 72.55
CA LEU I 112 4.37 105.82 71.26
C LEU I 112 5.73 105.45 70.70
N ILE I 113 5.74 104.53 69.74
CA ILE I 113 6.94 104.11 69.05
C ILE I 113 6.78 104.47 67.59
N ILE I 114 7.70 105.27 67.07
CA ILE I 114 7.66 105.67 65.66
C ILE I 114 8.16 104.51 64.80
N LEU I 115 7.44 104.23 63.72
CA LEU I 115 7.80 103.11 62.85
C LEU I 115 8.41 103.53 61.53
N THR I 116 8.24 104.78 61.11
CA THR I 116 8.73 105.24 59.82
C THR I 116 9.45 106.58 59.99
N GLY I 117 10.23 106.93 58.96
CA GLY I 117 10.91 108.20 58.94
C GLY I 117 12.29 108.16 59.57
N ARG I 118 12.90 109.33 59.67
CA ARG I 118 14.24 109.42 60.24
C ARG I 118 14.25 109.16 61.74
N HIS I 119 13.10 109.28 62.40
CA HIS I 119 12.97 108.97 63.82
C HIS I 119 12.43 107.57 64.04
N ARG I 120 12.81 106.65 63.15
CA ARG I 120 12.35 105.28 63.19
C ARG I 120 12.75 104.59 64.48
N GLY I 121 11.79 103.95 65.14
CA GLY I 121 12.08 103.18 66.33
C GLY I 121 12.19 103.98 67.61
N LYS I 122 12.02 105.29 67.57
CA LYS I 122 12.15 106.11 68.75
C LYS I 122 10.85 106.15 69.53
N ARG I 123 10.97 106.33 70.83
CA ARG I 123 9.83 106.41 71.74
C ARG I 123 9.56 107.86 72.07
N VAL I 124 8.34 108.30 71.78
CA VAL I 124 7.96 109.70 71.92
C VAL I 124 6.71 109.79 72.79
N VAL I 125 6.33 111.02 73.13
CA VAL I 125 5.20 111.29 74.01
C VAL I 125 4.07 111.89 73.18
N PHE I 126 2.88 111.33 73.28
CA PHE I 126 1.72 111.82 72.55
C PHE I 126 1.05 112.95 73.32
N LEU I 127 0.70 114.02 72.61
CA LEU I 127 0.08 115.18 73.23
C LEU I 127 -1.38 115.34 72.83
N LYS I 128 -1.66 115.45 71.53
CA LYS I 128 -3.04 115.65 71.09
C LYS I 128 -3.15 115.29 69.62
N GLN I 129 -4.36 114.91 69.23
CA GLN I 129 -4.68 114.75 67.82
C GLN I 129 -5.02 116.11 67.23
N LEU I 130 -4.57 116.36 66.01
CA LEU I 130 -4.78 117.63 65.36
C LEU I 130 -6.05 117.58 64.51
N ALA I 131 -6.30 118.65 63.75
CA ALA I 131 -7.54 118.75 62.99
C ALA I 131 -7.59 117.74 61.85
N SER I 132 -6.43 117.34 61.34
CA SER I 132 -6.37 116.37 60.26
C SER I 132 -6.26 114.93 60.74
N GLY I 133 -6.29 114.71 62.05
CA GLY I 133 -6.13 113.38 62.59
C GLY I 133 -4.70 112.98 62.85
N LEU I 134 -3.74 113.78 62.41
CA LEU I 134 -2.35 113.50 62.71
C LEU I 134 -2.06 113.77 64.19
N LEU I 135 -1.31 112.86 64.80
CA LEU I 135 -0.90 113.05 66.18
C LEU I 135 0.22 114.07 66.26
N LEU I 136 0.24 114.84 67.34
CA LEU I 136 1.33 115.74 67.66
C LEU I 136 2.13 115.12 68.78
N VAL I 137 3.41 114.86 68.54
CA VAL I 137 4.25 114.17 69.51
C VAL I 137 5.49 114.99 69.77
N THR I 138 6.02 114.84 70.98
CA THR I 138 7.36 115.34 71.29
C THR I 138 8.00 114.42 72.32
N GLY I 139 8.73 113.42 71.83
CA GLY I 139 9.68 112.75 72.66
C GLY I 139 10.76 113.78 72.90
N PRO I 140 10.86 114.29 74.12
CA PRO I 140 11.48 115.60 74.34
C PRO I 140 12.87 115.68 73.74
N LEU I 141 13.15 116.82 73.10
CA LEU I 141 14.33 116.93 72.26
C LEU I 141 15.62 116.70 73.04
N VAL I 142 15.61 116.97 74.34
CA VAL I 142 16.78 116.67 75.16
C VAL I 142 16.95 115.17 75.38
N LEU I 143 15.92 114.37 75.10
CA LEU I 143 15.96 112.94 75.36
C LEU I 143 16.32 112.13 74.13
N ASN I 144 15.57 112.31 73.04
CA ASN I 144 15.84 111.50 71.84
C ASN I 144 15.77 112.31 70.55
N ARG I 145 15.92 113.64 70.62
CA ARG I 145 16.05 114.50 69.45
C ARG I 145 14.81 114.45 68.55
N VAL I 146 13.63 114.36 69.17
CA VAL I 146 12.38 114.41 68.43
C VAL I 146 11.67 115.71 68.82
N PRO I 147 11.55 116.67 67.93
CA PRO I 147 10.92 117.94 68.28
C PRO I 147 9.40 117.79 68.32
N LEU I 148 8.72 118.91 68.53
CA LEU I 148 7.28 118.94 68.34
C LEU I 148 7.00 118.62 66.88
N ARG I 149 6.39 117.48 66.62
CA ARG I 149 6.35 116.99 65.25
C ARG I 149 5.09 116.18 65.05
N ARG I 150 4.53 116.27 63.85
CA ARG I 150 3.36 115.48 63.52
C ARG I 150 3.76 114.05 63.17
N THR I 151 2.81 113.14 63.32
CA THR I 151 3.00 111.75 62.97
C THR I 151 1.64 111.15 62.68
N HIS I 152 1.64 109.98 62.05
CA HIS I 152 0.41 109.31 61.68
C HIS I 152 0.14 108.17 62.63
N GLN I 153 -1.09 108.10 63.13
CA GLN I 153 -1.45 107.06 64.09
C GLN I 153 -1.38 105.66 63.50
N LYS I 154 -1.47 105.55 62.18
CA LYS I 154 -1.34 104.24 61.56
C LYS I 154 0.07 103.71 61.66
N PHE I 155 1.06 104.59 61.70
CA PHE I 155 2.47 104.22 61.66
C PHE I 155 3.15 104.35 63.02
N VAL I 156 2.39 104.20 64.10
CA VAL I 156 2.95 104.21 65.45
C VAL I 156 2.40 103.01 66.21
N ILE I 157 3.10 102.65 67.27
CA ILE I 157 2.67 101.62 68.20
C ILE I 157 2.42 102.28 69.54
N ALA I 158 1.20 102.14 70.06
CA ALA I 158 0.84 102.71 71.35
C ALA I 158 1.22 101.72 72.44
N THR I 159 2.18 102.09 73.27
CA THR I 159 2.58 101.25 74.37
C THR I 159 1.59 101.41 75.53
N SER I 160 1.81 100.65 76.60
CA SER I 160 0.95 100.72 77.77
C SER I 160 1.38 101.79 78.76
N THR I 161 2.65 102.17 78.76
CA THR I 161 3.13 103.17 79.71
C THR I 161 2.63 104.56 79.31
N LYS I 162 2.13 105.30 80.30
CA LYS I 162 1.58 106.63 80.08
C LYS I 162 2.04 107.56 81.19
N ILE I 163 2.12 108.84 80.87
CA ILE I 163 2.33 109.89 81.86
C ILE I 163 1.11 110.79 81.85
N ASP I 164 0.82 111.38 83.00
CA ASP I 164 -0.34 112.26 83.13
C ASP I 164 0.04 113.64 82.63
N ILE I 165 -0.24 113.89 81.35
CA ILE I 165 0.01 115.20 80.76
C ILE I 165 -1.25 116.07 80.79
N SER I 166 -2.20 115.74 81.66
CA SER I 166 -3.27 116.68 81.94
C SER I 166 -2.69 117.92 82.60
N ASN I 167 -3.50 118.99 82.62
CA ASN I 167 -3.18 120.31 83.13
C ASN I 167 -1.82 120.86 82.70
N VAL I 168 -1.36 120.49 81.51
CA VAL I 168 -0.26 121.18 80.87
C VAL I 168 -0.83 121.96 79.70
N LYS I 169 -0.16 123.05 79.34
CA LYS I 169 -0.70 123.99 78.36
C LYS I 169 -0.02 123.75 77.02
N ILE I 170 -0.71 123.08 76.12
CA ILE I 170 -0.29 122.99 74.73
C ILE I 170 -0.66 124.31 74.08
N PRO I 171 0.27 125.01 73.44
CA PRO I 171 -0.06 126.30 72.81
C PRO I 171 -1.11 126.14 71.71
N LYS I 172 -1.96 127.16 71.59
CA LYS I 172 -3.08 127.09 70.66
C LYS I 172 -2.63 127.16 69.20
N HIS I 173 -1.55 127.89 68.92
CA HIS I 173 -1.11 128.04 67.54
C HIS I 173 -0.48 126.78 66.98
N LEU I 174 -0.23 125.77 67.81
CA LEU I 174 0.34 124.51 67.33
C LEU I 174 -0.69 123.73 66.54
N THR I 175 -0.82 124.03 65.24
CA THR I 175 -1.87 123.47 64.42
C THR I 175 -1.27 122.84 63.17
N ASP I 176 -2.16 122.28 62.34
CA ASP I 176 -1.73 121.69 61.07
C ASP I 176 -1.12 122.73 60.16
N ALA I 177 -1.70 123.94 60.14
CA ALA I 177 -1.11 125.03 59.37
C ALA I 177 0.27 125.41 59.93
N TYR I 178 0.44 125.28 61.24
CA TYR I 178 1.74 125.54 61.85
C TYR I 178 2.78 124.54 61.38
N PHE I 179 2.43 123.25 61.38
CA PHE I 179 3.40 122.22 61.07
C PHE I 179 3.50 121.89 59.59
N LYS I 180 2.68 122.52 58.75
CA LYS I 180 2.72 122.24 57.32
C LYS I 180 4.05 122.66 56.72
N LYS I 181 4.55 121.86 55.79
CA LYS I 181 5.83 122.14 55.16
C LYS I 181 5.76 123.40 54.32
N LYS I 182 6.90 124.08 54.20
CA LYS I 182 7.03 125.28 53.40
C LYS I 182 8.00 125.04 52.25
N LYS I 183 7.76 125.72 51.14
CA LYS I 183 8.57 125.56 49.95
C LYS I 183 8.91 126.92 49.37
N LEU I 184 10.01 126.97 48.61
CA LEU I 184 10.47 128.19 47.96
C LEU I 184 10.24 128.16 46.46
N ARG I 185 10.62 127.08 45.79
CA ARG I 185 10.46 126.97 44.35
C ARG I 185 8.99 126.82 43.97
N LYS I 186 8.63 127.36 42.79
CA LYS I 186 9.48 128.05 41.82
C LYS I 186 8.79 129.23 41.13
N PRO I 187 8.84 130.40 41.74
CA PRO I 187 8.47 131.62 41.03
C PRO I 187 9.66 132.19 40.27
N ARG I 188 9.36 133.15 39.39
CA ARG I 188 10.34 133.94 38.61
C ARG I 188 11.42 133.08 37.97
N HIS I 189 11.12 131.81 37.70
CA HIS I 189 12.11 130.88 37.16
C HIS I 189 11.38 129.76 36.44
N GLN I 190 11.69 129.57 35.15
CA GLN I 190 11.04 128.55 34.34
C GLN I 190 12.00 127.45 33.92
N GLU I 191 13.11 127.81 33.27
CA GLU I 191 14.08 126.84 32.78
C GLU I 191 15.31 126.87 33.68
N GLY I 192 15.76 125.69 34.11
CA GLY I 192 16.89 125.62 35.02
C GLY I 192 18.24 125.50 34.35
N GLU I 193 18.94 126.61 34.20
CA GLU I 193 20.34 126.63 33.80
C GLU I 193 21.29 126.96 34.93
N ILE I 194 20.81 127.70 35.93
CA ILE I 194 21.53 127.95 37.17
C ILE I 194 20.81 127.18 38.27
N PHE I 195 21.57 126.43 39.07
CA PHE I 195 20.97 125.57 40.09
C PHE I 195 20.21 126.39 41.12
N ASP I 196 18.96 126.02 41.36
CA ASP I 196 18.13 126.61 42.40
C ASP I 196 18.18 125.81 43.70
N THR I 197 19.28 125.12 43.96
CA THR I 197 19.43 124.28 45.14
C THR I 197 19.62 125.09 46.42
N GLU I 198 19.53 126.41 46.36
CA GLU I 198 19.60 127.24 47.55
C GLU I 198 18.35 127.05 48.41
N LYS I 199 18.47 127.44 49.68
CA LYS I 199 17.42 127.36 50.69
C LYS I 199 17.11 125.91 51.06
N GLU I 200 17.76 124.95 50.40
CA GLU I 200 17.51 123.55 50.69
C GLU I 200 17.85 123.19 52.12
N LYS I 201 18.69 123.98 52.78
CA LYS I 201 18.94 123.81 54.21
C LYS I 201 17.74 124.35 54.97
N TYR I 202 16.90 123.45 55.49
CA TYR I 202 15.77 123.86 56.30
C TYR I 202 16.25 124.54 57.57
N GLU I 203 15.55 125.60 57.97
CA GLU I 203 15.94 126.42 59.11
C GLU I 203 14.95 126.24 60.25
N ILE I 204 15.46 125.94 61.44
CA ILE I 204 14.63 125.84 62.63
C ILE I 204 14.27 127.25 63.07
N THR I 205 12.98 127.56 63.05
CA THR I 205 12.52 128.89 63.40
C THR I 205 12.66 129.15 64.90
N GLU I 206 12.94 130.39 65.25
CA GLU I 206 12.97 130.78 66.66
C GLU I 206 11.63 130.54 67.33
N GLN I 207 10.54 130.71 66.59
CA GLN I 207 9.22 130.39 67.15
C GLN I 207 9.12 128.91 67.48
N ARG I 208 9.64 128.06 66.59
CA ARG I 208 9.62 126.62 66.85
C ARG I 208 10.47 126.28 68.06
N LYS I 209 11.64 126.91 68.20
CA LYS I 209 12.48 126.66 69.37
C LYS I 209 11.78 127.11 70.65
N ILE I 210 11.11 128.25 70.61
CA ILE I 210 10.40 128.74 71.79
C ILE I 210 9.28 127.78 72.17
N ASP I 211 8.52 127.30 71.19
CA ASP I 211 7.45 126.36 71.48
C ASP I 211 7.99 125.06 72.04
N GLN I 212 9.10 124.56 71.48
CA GLN I 212 9.70 123.33 71.98
C GLN I 212 10.14 123.49 73.42
N LYS I 213 10.79 124.62 73.74
CA LYS I 213 11.20 124.86 75.11
C LYS I 213 9.99 124.94 76.04
N ALA I 214 8.94 125.64 75.60
CA ALA I 214 7.76 125.81 76.45
C ALA I 214 7.08 124.49 76.75
N VAL I 215 6.97 123.62 75.75
CA VAL I 215 6.33 122.32 75.97
C VAL I 215 7.22 121.42 76.83
N ASP I 216 8.51 121.36 76.51
CA ASP I 216 9.40 120.45 77.21
C ASP I 216 9.59 120.85 78.67
N SER I 217 9.58 122.16 78.97
CA SER I 217 9.78 122.61 80.34
C SER I 217 8.70 122.10 81.29
N GLN I 218 7.53 121.76 80.76
CA GLN I 218 6.45 121.23 81.58
C GLN I 218 6.15 119.77 81.32
N ILE I 219 6.71 119.17 80.28
CA ILE I 219 6.62 117.72 80.11
C ILE I 219 7.73 116.99 80.85
N LEU I 220 8.94 117.55 80.87
CA LEU I 220 10.08 116.86 81.48
C LEU I 220 9.91 116.56 82.97
N PRO I 221 9.45 117.48 83.82
CA PRO I 221 9.29 117.12 85.24
C PRO I 221 8.38 115.94 85.49
N LYS I 222 7.36 115.76 84.65
CA LYS I 222 6.47 114.62 84.79
C LYS I 222 7.13 113.34 84.31
N ILE I 223 8.07 113.44 83.36
CA ILE I 223 8.83 112.27 82.94
C ILE I 223 9.80 111.84 84.03
N LYS I 224 10.47 112.80 84.66
CA LYS I 224 11.38 112.47 85.75
C LYS I 224 10.64 111.99 86.99
N ALA I 225 9.32 112.13 87.05
CA ALA I 225 8.57 111.72 88.22
C ALA I 225 8.54 110.21 88.40
N ILE I 226 8.74 109.45 87.34
CA ILE I 226 8.78 108.00 87.46
C ILE I 226 10.18 107.50 87.08
N PRO I 227 10.68 106.46 87.75
CA PRO I 227 12.09 106.09 87.56
C PRO I 227 12.39 105.58 86.16
N GLN I 228 13.56 105.99 85.66
CA GLN I 228 14.20 105.52 84.42
C GLN I 228 13.26 105.48 83.22
N LEU I 229 12.19 106.27 83.26
CA LEU I 229 11.42 106.55 82.05
C LEU I 229 12.23 107.38 81.06
N GLN I 230 13.09 108.25 81.57
CA GLN I 230 13.97 109.01 80.66
C GLN I 230 14.93 108.09 79.94
N GLY I 231 15.46 107.07 80.62
CA GLY I 231 16.27 106.07 79.93
C GLY I 231 15.47 105.29 78.93
N TYR I 232 14.21 104.95 79.28
CA TYR I 232 13.34 104.26 78.34
C TYR I 232 13.12 105.09 77.08
N LEU I 233 12.91 106.40 77.24
CA LEU I 233 12.69 107.28 76.10
C LEU I 233 13.97 107.50 75.30
N ARG I 234 15.13 107.48 75.95
CA ARG I 234 16.39 107.59 75.23
C ARG I 234 16.65 106.35 74.39
N SER I 235 16.27 105.18 74.87
CA SER I 235 16.46 103.96 74.11
C SER I 235 15.55 103.92 72.88
N VAL I 236 15.94 103.11 71.90
CA VAL I 236 15.15 102.90 70.70
C VAL I 236 14.64 101.47 70.68
N PHE I 237 13.56 101.26 69.95
CA PHE I 237 12.92 99.95 69.88
C PHE I 237 13.55 99.11 68.77
N ALA I 238 13.65 97.82 69.03
CA ALA I 238 14.26 96.89 68.08
C ALA I 238 13.67 95.51 68.27
N LEU I 239 13.80 94.68 67.24
CA LEU I 239 13.33 93.31 67.29
C LEU I 239 14.52 92.38 67.45
N THR I 240 14.65 91.78 68.64
CA THR I 240 15.61 90.73 68.92
C THR I 240 15.18 89.44 68.21
N ASN I 241 16.14 88.56 67.94
CA ASN I 241 15.84 87.36 67.17
C ASN I 241 14.92 86.40 67.92
N GLY I 242 14.77 86.55 69.23
CA GLY I 242 13.88 85.66 69.95
C GLY I 242 12.47 86.18 70.09
N ILE I 243 12.29 87.48 69.97
CA ILE I 243 11.01 88.10 70.28
C ILE I 243 10.21 88.29 69.00
N TYR I 244 8.89 88.18 69.13
CA TYR I 244 7.98 88.27 68.00
C TYR I 244 6.89 89.28 68.32
N PRO I 245 6.57 90.18 67.39
CA PRO I 245 5.64 91.27 67.70
C PRO I 245 4.25 90.81 68.09
N HIS I 246 3.80 89.65 67.62
CA HIS I 246 2.47 89.19 68.00
C HIS I 246 2.43 88.63 69.41
N LYS I 247 3.57 88.19 69.96
CA LYS I 247 3.61 87.74 71.34
C LYS I 247 3.97 88.86 72.31
N LEU I 248 4.29 90.05 71.81
CA LEU I 248 4.70 91.15 72.67
C LEU I 248 3.50 91.93 73.17
N VAL I 249 3.45 92.19 74.46
CA VAL I 249 2.52 93.13 75.03
C VAL I 249 3.19 94.51 75.06
N PHE I 250 2.56 95.49 74.45
CA PHE I 250 3.15 96.81 74.38
C PHE I 250 2.55 97.71 75.44
N ASN J 1 -51.30 133.53 31.23
CA ASN J 1 -51.70 132.23 31.74
C ASN J 1 -50.57 131.60 32.58
N PHE J 2 -49.49 132.37 32.76
CA PHE J 2 -48.32 131.83 33.45
C PHE J 2 -48.62 131.54 34.91
N ALA J 3 -49.28 132.47 35.59
CA ALA J 3 -49.65 132.24 37.00
C ALA J 3 -50.59 131.06 37.13
N GLU J 4 -51.57 130.96 36.23
CA GLU J 4 -52.52 129.85 36.28
C GLU J 4 -51.83 128.51 36.05
N LEU J 5 -50.89 128.44 35.10
CA LEU J 5 -50.21 127.17 34.88
C LEU J 5 -49.27 126.82 36.02
N LYS J 6 -48.66 127.83 36.66
CA LYS J 6 -47.89 127.56 37.87
C LYS J 6 -48.78 126.99 38.97
N ILE J 7 -49.98 127.55 39.13
CA ILE J 7 -50.92 127.01 40.11
C ILE J 7 -51.29 125.58 39.77
N LYS J 8 -51.53 125.30 38.49
CA LYS J 8 -51.87 123.94 38.07
C LYS J 8 -50.77 122.96 38.40
N ARG J 9 -49.52 123.31 38.07
CA ARG J 9 -48.43 122.36 38.34
C ARG J 9 -48.19 122.19 39.83
N LEU J 10 -48.31 123.27 40.61
CA LEU J 10 -48.16 123.14 42.05
C LEU J 10 -49.24 122.25 42.65
N ARG J 11 -50.49 122.42 42.20
CA ARG J 11 -51.57 121.58 42.72
C ARG J 11 -51.36 120.13 42.35
N LYS J 12 -50.94 119.86 41.11
CA LYS J 12 -50.69 118.49 40.69
C LYS J 12 -49.57 117.85 41.51
N LYS J 13 -48.47 118.57 41.71
CA LYS J 13 -47.36 118.03 42.48
C LYS J 13 -47.75 117.81 43.94
N PHE J 14 -48.54 118.73 44.50
CA PHE J 14 -48.98 118.57 45.88
C PHE J 14 -49.91 117.37 46.04
N ALA J 15 -50.81 117.17 45.08
CA ALA J 15 -51.69 115.99 45.13
C ALA J 15 -50.88 114.71 45.03
N GLN J 16 -49.87 114.70 44.15
CA GLN J 16 -49.01 113.52 44.04
C GLN J 16 -48.25 113.27 45.33
N LYS J 17 -47.75 114.32 45.97
CA LYS J 17 -47.02 114.15 47.22
C LYS J 17 -47.93 113.62 48.32
N MET J 18 -49.16 114.12 48.39
CA MET J 18 -50.10 113.61 49.39
C MET J 18 -50.45 112.15 49.12
N LEU J 19 -50.58 111.77 47.84
CA LEU J 19 -50.85 110.37 47.53
C LEU J 19 -49.69 109.48 47.96
N ARG J 20 -48.45 109.92 47.72
CA ARG J 20 -47.30 109.15 48.16
C ARG J 20 -47.27 109.04 49.68
N LYS J 21 -47.59 110.13 50.37
CA LYS J 21 -47.60 110.09 51.83
C LYS J 21 -48.65 109.12 52.37
N ALA J 22 -49.84 109.13 51.76
CA ALA J 22 -50.89 108.20 52.18
C ALA J 22 -50.48 106.75 51.94
N ARG J 23 -49.87 106.48 50.79
CA ARG J 23 -49.44 105.12 50.49
C ARG J 23 -48.33 104.66 51.44
N ARG J 24 -47.41 105.57 51.78
CA ARG J 24 -46.35 105.21 52.72
C ARG J 24 -46.92 104.92 54.10
N LYS J 25 -47.90 105.71 54.54
CA LYS J 25 -48.54 105.43 55.83
C LYS J 25 -49.25 104.08 55.81
N LEU J 26 -49.91 103.77 54.69
CA LEU J 26 -50.56 102.46 54.55
C LEU J 26 -49.54 101.33 54.64
N ILE J 27 -48.40 101.48 53.98
CA ILE J 27 -47.37 100.44 54.00
C ILE J 27 -46.86 100.24 55.43
N TYR J 28 -46.62 101.34 56.15
CA TYR J 28 -46.15 101.26 57.52
C TYR J 28 -47.15 100.51 58.40
N GLU J 29 -48.43 100.86 58.28
CA GLU J 29 -49.42 100.21 59.14
C GLU J 29 -49.64 98.76 58.77
N LYS J 30 -49.55 98.42 57.47
CA LYS J 30 -49.64 97.03 57.08
C LYS J 30 -48.50 96.22 57.67
N ALA J 31 -47.29 96.77 57.68
CA ALA J 31 -46.16 96.07 58.28
C ALA J 31 -46.36 95.88 59.77
N LYS J 32 -46.90 96.89 60.46
CA LYS J 32 -47.19 96.75 61.88
C LYS J 32 -48.20 95.63 62.13
N HIS J 33 -49.27 95.59 61.33
CA HIS J 33 -50.27 94.55 61.48
C HIS J 33 -49.70 93.17 61.21
N TYR J 34 -48.80 93.06 60.22
CA TYR J 34 -48.16 91.79 59.94
C TYR J 34 -47.30 91.34 61.10
N HIS J 35 -46.60 92.28 61.74
CA HIS J 35 -45.82 91.95 62.92
C HIS J 35 -46.70 91.39 64.02
N LYS J 36 -47.86 92.02 64.25
CA LYS J 36 -48.79 91.52 65.24
C LYS J 36 -49.26 90.11 64.89
N GLU J 37 -49.59 89.87 63.62
CA GLU J 37 -50.03 88.55 63.21
C GLU J 37 -48.96 87.49 63.40
N TYR J 38 -47.71 87.82 63.06
CA TYR J 38 -46.61 86.87 63.22
C TYR J 38 -46.43 86.48 64.67
N ARG J 39 -46.40 87.48 65.57
CA ARG J 39 -46.21 87.12 66.97
C ARG J 39 -47.41 86.36 67.51
N GLN J 40 -48.62 86.64 67.01
CA GLN J 40 -49.78 85.88 67.45
C GLN J 40 -49.66 84.41 67.06
N MET J 41 -49.24 84.13 65.82
CA MET J 41 -49.10 82.74 65.40
C MET J 41 -48.00 82.03 66.19
N TYR J 42 -46.86 82.71 66.37
CA TYR J 42 -45.74 82.10 67.09
C TYR J 42 -46.12 81.78 68.52
N ARG J 43 -46.85 82.68 69.18
CA ARG J 43 -47.27 82.39 70.55
C ARG J 43 -48.38 81.35 70.60
N THR J 44 -49.24 81.32 69.58
CA THR J 44 -50.35 80.38 69.57
C THR J 44 -49.87 78.94 69.51
N GLU J 45 -48.83 78.67 68.72
CA GLU J 45 -48.31 77.31 68.66
C GLU J 45 -47.81 76.86 70.03
N ILE J 46 -47.06 77.73 70.72
CA ILE J 46 -46.54 77.42 72.04
C ILE J 46 -47.69 77.20 73.02
N ARG J 47 -48.71 78.04 72.97
CA ARG J 47 -49.83 77.93 73.90
C ARG J 47 -50.60 76.62 73.69
N MET J 48 -50.81 76.24 72.42
CA MET J 48 -51.50 74.98 72.15
C MET J 48 -50.70 73.79 72.67
N ALA J 49 -49.39 73.78 72.42
CA ALA J 49 -48.56 72.69 72.93
C ALA J 49 -48.61 72.64 74.45
N ARG J 50 -48.59 73.82 75.09
CA ARG J 50 -48.62 73.87 76.55
C ARG J 50 -49.93 73.33 77.11
N MET J 51 -51.06 73.68 76.51
CA MET J 51 -52.32 73.18 77.06
C MET J 51 -52.46 71.68 76.81
N ALA J 52 -51.95 71.17 75.69
CA ALA J 52 -51.96 69.73 75.48
C ALA J 52 -51.10 69.02 76.53
N ARG J 53 -49.91 69.56 76.82
CA ARG J 53 -49.07 68.93 77.83
C ARG J 53 -49.67 69.03 79.23
N LYS J 54 -50.35 70.13 79.52
CA LYS J 54 -51.06 70.24 80.80
C LYS J 54 -52.15 69.19 80.91
N ALA J 55 -52.90 68.97 79.84
CA ALA J 55 -53.93 67.94 79.86
C ALA J 55 -53.36 66.53 79.76
N GLY J 56 -52.07 66.39 79.45
CA GLY J 56 -51.47 65.09 79.29
C GLY J 56 -51.61 64.49 77.91
N ASN J 57 -52.10 65.25 76.95
CA ASN J 57 -52.28 64.80 75.58
C ASN J 57 -51.12 65.27 74.72
N PHE J 58 -51.23 65.08 73.42
CA PHE J 58 -50.23 65.51 72.45
C PHE J 58 -50.87 66.48 71.46
N TYR J 59 -50.22 67.62 71.25
CA TYR J 59 -50.62 68.57 70.23
C TYR J 59 -49.75 68.36 69.00
N VAL J 60 -50.34 67.88 67.93
CA VAL J 60 -49.64 67.69 66.66
C VAL J 60 -49.77 68.98 65.86
N PRO J 61 -48.68 69.68 65.57
CA PRO J 61 -48.79 70.93 64.80
C PRO J 61 -49.23 70.65 63.37
N ALA J 62 -49.79 71.69 62.75
CA ALA J 62 -50.18 71.59 61.36
C ALA J 62 -48.98 71.24 60.50
N GLU J 63 -49.20 70.38 59.52
CA GLU J 63 -48.13 70.02 58.60
C GLU J 63 -47.71 71.27 57.83
N PRO J 64 -46.41 71.52 57.67
CA PRO J 64 -45.97 72.77 57.05
C PRO J 64 -46.47 72.89 55.61
N LYS J 65 -46.89 74.11 55.27
CA LYS J 65 -47.44 74.37 53.95
C LYS J 65 -46.48 75.09 53.03
N LEU J 66 -45.32 75.51 53.53
CA LEU J 66 -44.32 76.18 52.72
C LEU J 66 -43.00 75.44 52.83
N ALA J 67 -42.32 75.28 51.70
CA ALA J 67 -41.01 74.66 51.67
C ALA J 67 -40.06 75.55 50.89
N PHE J 68 -38.79 75.48 51.24
CA PHE J 68 -37.72 76.05 50.43
C PHE J 68 -36.92 74.89 49.84
N VAL J 69 -36.73 74.93 48.53
CA VAL J 69 -36.04 73.87 47.80
C VAL J 69 -34.79 74.47 47.18
N ILE J 70 -33.65 73.82 47.41
CA ILE J 70 -32.37 74.25 46.86
C ILE J 70 -31.83 73.10 46.01
N ARG J 71 -31.51 73.39 44.75
CA ARG J 71 -30.89 72.38 43.92
C ARG J 71 -29.43 72.27 44.30
N ILE J 72 -28.97 71.05 44.62
CA ILE J 72 -27.61 70.85 45.10
C ILE J 72 -26.72 70.10 44.13
N ARG J 73 -27.28 69.47 43.10
CA ARG J 73 -26.46 68.77 42.12
C ARG J 73 -26.49 69.54 40.80
N GLY J 74 -25.45 69.34 40.01
CA GLY J 74 -25.27 70.06 38.78
C GLY J 74 -26.12 69.53 37.65
N ILE J 75 -25.79 69.96 36.43
CA ILE J 75 -26.62 69.75 35.26
C ILE J 75 -26.07 68.68 34.34
N ASN J 76 -25.12 67.87 34.80
CA ASN J 76 -24.50 66.85 33.97
C ASN J 76 -25.09 65.49 34.28
N GLY J 77 -25.51 64.78 33.23
CA GLY J 77 -26.00 63.42 33.36
C GLY J 77 -27.27 63.28 34.18
N VAL J 78 -28.29 64.06 33.84
CA VAL J 78 -29.56 64.07 34.57
C VAL J 78 -30.59 63.31 33.76
N SER J 79 -31.31 62.41 34.42
CA SER J 79 -32.36 61.66 33.75
C SER J 79 -33.49 62.59 33.30
N PRO J 80 -34.21 62.23 32.23
CA PRO J 80 -35.19 63.18 31.67
C PRO J 80 -36.30 63.57 32.62
N LYS J 81 -36.78 62.64 33.45
CA LYS J 81 -37.86 62.98 34.37
C LYS J 81 -37.39 63.95 35.45
N VAL J 82 -36.22 63.70 36.02
CA VAL J 82 -35.65 64.60 37.01
C VAL J 82 -35.39 65.97 36.40
N ARG J 83 -34.88 65.98 35.16
CA ARG J 83 -34.63 67.22 34.46
C ARG J 83 -35.91 68.02 34.26
N LYS J 84 -36.99 67.34 33.84
CA LYS J 84 -38.26 68.01 33.63
C LYS J 84 -38.83 68.56 34.93
N VAL J 85 -38.75 67.80 36.01
CA VAL J 85 -39.32 68.28 37.28
C VAL J 85 -38.51 69.44 37.83
N LEU J 86 -37.18 69.40 37.65
CA LEU J 86 -36.37 70.54 38.07
C LEU J 86 -36.70 71.79 37.25
N GLN J 87 -36.94 71.63 35.95
CA GLN J 87 -37.37 72.77 35.15
C GLN J 87 -38.71 73.30 35.62
N LEU J 88 -39.63 72.41 36.00
CA LEU J 88 -40.92 72.87 36.50
C LEU J 88 -40.81 73.53 37.86
N LEU J 89 -39.80 73.16 38.64
CA LEU J 89 -39.53 73.86 39.89
C LEU J 89 -38.66 75.09 39.70
N ARG J 90 -38.23 75.36 38.46
CA ARG J 90 -37.41 76.52 38.11
C ARG J 90 -36.02 76.45 38.71
N LEU J 91 -35.51 75.25 38.91
CA LEU J 91 -34.16 75.04 39.42
C LEU J 91 -33.32 74.50 38.26
N ARG J 92 -32.83 75.41 37.44
CA ARG J 92 -32.03 75.07 36.27
C ARG J 92 -30.55 75.23 36.52
N GLN J 93 -30.15 75.58 37.74
CA GLN J 93 -28.77 75.80 38.08
C GLN J 93 -28.54 75.29 39.48
N ILE J 94 -27.31 74.89 39.78
CA ILE J 94 -26.99 74.45 41.11
C ILE J 94 -27.01 75.64 42.06
N PHE J 95 -27.42 75.37 43.32
CA PHE J 95 -27.58 76.40 44.34
C PHE J 95 -28.56 77.47 43.90
N ASN J 96 -29.67 77.02 43.31
CA ASN J 96 -30.83 77.84 43.07
C ASN J 96 -31.93 77.41 44.04
N GLY J 97 -32.60 78.40 44.60
CA GLY J 97 -33.63 78.15 45.60
C GLY J 97 -34.98 78.67 45.13
N THR J 98 -36.03 77.98 45.56
CA THR J 98 -37.38 78.36 45.19
C THR J 98 -38.32 77.99 46.33
N PHE J 99 -39.27 78.85 46.61
CA PHE J 99 -40.34 78.55 47.54
C PHE J 99 -41.39 77.69 46.85
N VAL J 100 -41.84 76.64 47.53
CA VAL J 100 -42.79 75.69 46.98
C VAL J 100 -43.95 75.55 47.96
N LYS J 101 -45.16 75.73 47.47
CA LYS J 101 -46.36 75.48 48.27
C LYS J 101 -46.59 73.98 48.35
N LEU J 102 -46.67 73.46 49.57
CA LEU J 102 -46.67 72.02 49.79
C LEU J 102 -48.07 71.46 49.72
N ASN J 103 -48.25 70.44 48.88
CA ASN J 103 -49.46 69.64 48.80
C ASN J 103 -49.05 68.29 48.23
N LYS J 104 -50.04 67.46 47.89
CA LYS J 104 -49.74 66.11 47.42
C LYS J 104 -48.93 66.13 46.13
N ALA J 105 -49.35 66.97 45.17
CA ALA J 105 -48.68 67.01 43.87
C ALA J 105 -47.25 67.52 44.00
N SER J 106 -47.07 68.63 44.72
CA SER J 106 -45.73 69.19 44.88
C SER J 106 -44.83 68.27 45.67
N ILE J 107 -45.36 67.61 46.69
CA ILE J 107 -44.55 66.69 47.48
C ILE J 107 -44.11 65.50 46.64
N ASN J 108 -45.00 65.00 45.77
CA ASN J 108 -44.60 63.89 44.92
C ASN J 108 -43.54 64.31 43.91
N MET J 109 -43.64 65.53 43.39
CA MET J 109 -42.57 66.06 42.55
C MET J 109 -41.24 66.15 43.30
N LEU J 110 -41.29 66.62 44.56
CA LEU J 110 -40.08 66.70 45.36
C LEU J 110 -39.50 65.32 45.61
N ARG J 111 -40.36 64.32 45.80
CA ARG J 111 -39.88 62.95 45.93
C ARG J 111 -39.19 62.48 44.66
N ILE J 112 -39.70 62.90 43.50
CA ILE J 112 -39.05 62.52 42.24
C ILE J 112 -37.65 63.12 42.17
N VAL J 113 -37.50 64.38 42.54
CA VAL J 113 -36.19 65.02 42.40
C VAL J 113 -35.41 64.99 43.70
N GLU J 114 -35.76 64.06 44.58
CA GLU J 114 -35.13 63.98 45.90
C GLU J 114 -33.61 63.93 45.90
N PRO J 115 -32.93 63.11 45.09
CA PRO J 115 -31.45 63.11 45.15
C PRO J 115 -30.82 64.41 44.70
N TYR J 116 -31.50 65.24 43.93
CA TYR J 116 -30.90 66.43 43.37
C TYR J 116 -31.13 67.68 44.19
N ILE J 117 -31.95 67.62 45.24
CA ILE J 117 -32.34 68.81 45.98
C ILE J 117 -32.17 68.58 47.47
N ALA J 118 -32.06 69.69 48.19
CA ALA J 118 -32.21 69.74 49.63
C ALA J 118 -33.33 70.72 49.93
N TRP J 119 -34.35 70.26 50.63
CA TRP J 119 -35.49 71.12 50.89
C TRP J 119 -35.90 71.01 52.34
N GLY J 120 -36.65 72.01 52.78
CA GLY J 120 -37.10 72.02 54.15
C GLY J 120 -38.15 73.08 54.36
N TYR J 121 -38.38 73.40 55.64
CA TYR J 121 -39.43 74.33 56.01
C TYR J 121 -38.81 75.63 56.51
N PRO J 122 -38.77 76.67 55.69
CA PRO J 122 -38.14 77.92 56.13
C PRO J 122 -38.97 78.61 57.20
N ASN J 123 -38.28 79.38 58.04
CA ASN J 123 -38.95 80.17 59.04
C ASN J 123 -39.03 81.63 58.57
N LEU J 124 -39.64 82.46 59.41
CA LEU J 124 -39.88 83.85 59.05
C LEU J 124 -38.57 84.58 58.80
N LYS J 125 -37.55 84.31 59.62
CA LYS J 125 -36.26 84.94 59.41
C LYS J 125 -35.66 84.54 58.08
N SER J 126 -35.75 83.26 57.72
CA SER J 126 -35.21 82.80 56.45
C SER J 126 -35.91 83.46 55.28
N VAL J 127 -37.24 83.57 55.36
CA VAL J 127 -37.97 84.24 54.29
C VAL J 127 -37.55 85.70 54.18
N ASN J 128 -37.39 86.37 55.32
CA ASN J 128 -36.97 87.77 55.30
C ASN J 128 -35.60 87.94 54.68
N GLU J 129 -34.63 87.13 55.10
CA GLU J 129 -33.28 87.22 54.56
C GLU J 129 -33.27 86.95 53.07
N LEU J 130 -34.00 85.92 52.63
CA LEU J 130 -34.02 85.56 51.23
C LEU J 130 -34.63 86.66 50.38
N ILE J 131 -35.77 87.21 50.80
CA ILE J 131 -36.42 88.23 49.99
C ILE J 131 -35.63 89.52 50.00
N TYR J 132 -35.08 89.91 51.15
CA TYR J 132 -34.41 91.20 51.23
C TYR J 132 -33.04 91.19 50.59
N LYS J 133 -32.25 90.13 50.79
CA LYS J 133 -30.89 90.14 50.27
C LYS J 133 -30.82 89.71 48.81
N ARG J 134 -31.64 88.73 48.42
CA ARG J 134 -31.52 88.14 47.09
C ARG J 134 -32.83 88.18 46.32
N GLY J 135 -33.77 89.01 46.74
CA GLY J 135 -35.06 89.08 46.07
C GLY J 135 -35.00 89.84 44.77
N TYR J 136 -35.30 89.16 43.67
CA TYR J 136 -35.38 89.76 42.36
C TYR J 136 -36.73 89.44 41.75
N GLY J 137 -37.30 90.41 41.06
CA GLY J 137 -38.59 90.24 40.42
C GLY J 137 -38.44 89.89 38.96
N LYS J 138 -39.44 89.17 38.44
CA LYS J 138 -39.52 88.87 37.01
C LYS J 138 -40.48 89.89 36.39
N ILE J 139 -39.93 91.05 36.06
CA ILE J 139 -40.69 92.16 35.51
C ILE J 139 -40.39 92.26 34.03
N ASN J 140 -41.42 92.06 33.21
CA ASN J 140 -41.28 92.07 31.75
C ASN J 140 -40.21 91.08 31.30
N LYS J 141 -40.22 89.90 31.90
CA LYS J 141 -39.29 88.82 31.62
C LYS J 141 -37.84 89.20 31.90
N LYS J 142 -37.62 90.18 32.76
CA LYS J 142 -36.29 90.62 33.13
C LYS J 142 -36.08 90.41 34.62
N ARG J 143 -34.83 90.13 34.99
CA ARG J 143 -34.47 89.94 36.39
C ARG J 143 -34.12 91.30 36.98
N ILE J 144 -35.06 91.91 37.67
CA ILE J 144 -34.92 93.25 38.22
C ILE J 144 -34.83 93.17 39.73
N ALA J 145 -33.83 93.82 40.30
CA ALA J 145 -33.66 93.83 41.75
C ALA J 145 -34.78 94.61 42.41
N LEU J 146 -35.27 94.09 43.53
CA LEU J 146 -36.38 94.71 44.26
C LEU J 146 -35.84 95.84 45.14
N THR J 147 -35.45 96.92 44.46
CA THR J 147 -34.90 98.09 45.13
C THR J 147 -35.96 99.11 45.52
N ASP J 148 -37.17 99.00 45.00
CA ASP J 148 -38.24 99.94 45.28
C ASP J 148 -39.54 99.17 45.45
N ASN J 149 -40.46 99.74 46.23
CA ASN J 149 -41.76 99.13 46.39
C ASN J 149 -42.63 99.29 45.15
N ALA J 150 -42.35 100.30 44.33
CA ALA J 150 -43.14 100.51 43.12
C ALA J 150 -42.98 99.36 42.14
N LEU J 151 -41.81 98.71 42.14
CA LEU J 151 -41.60 97.55 41.28
C LEU J 151 -42.54 96.42 41.65
N ILE J 152 -42.75 96.20 42.96
CA ILE J 152 -43.70 95.18 43.38
C ILE J 152 -45.13 95.62 43.11
N ALA J 153 -45.42 96.91 43.36
CA ALA J 153 -46.79 97.38 43.24
C ALA J 153 -47.28 97.35 41.80
N ARG J 154 -46.41 97.67 40.84
CA ARG J 154 -46.83 97.72 39.45
C ARG J 154 -47.11 96.34 38.87
N SER J 155 -46.56 95.29 39.47
CA SER J 155 -46.75 93.94 38.97
C SER J 155 -47.72 93.11 39.78
N LEU J 156 -47.87 93.39 41.07
CA LEU J 156 -48.70 92.58 41.94
C LEU J 156 -49.75 93.37 42.70
N GLY J 157 -49.87 94.68 42.46
CA GLY J 157 -50.83 95.48 43.19
C GLY J 157 -52.26 95.10 42.94
N LYS J 158 -52.56 94.51 41.79
CA LYS J 158 -53.90 94.00 41.52
C LYS J 158 -54.28 92.86 42.45
N TYR J 159 -53.31 92.21 43.07
CA TYR J 159 -53.55 91.16 44.04
C TYR J 159 -53.47 91.66 45.47
N GLY J 160 -53.24 92.96 45.68
CA GLY J 160 -53.10 93.51 47.01
C GLY J 160 -51.69 93.54 47.54
N ILE J 161 -50.73 92.95 46.84
CA ILE J 161 -49.34 92.96 47.26
C ILE J 161 -48.67 94.20 46.68
N ILE J 162 -48.24 95.12 47.56
CA ILE J 162 -47.72 96.41 47.13
C ILE J 162 -46.39 96.75 47.77
N CYS J 163 -45.81 95.86 48.57
CA CYS J 163 -44.55 96.18 49.23
C CYS J 163 -43.79 94.90 49.54
N MET J 164 -42.55 95.09 49.98
CA MET J 164 -41.73 93.97 50.43
C MET J 164 -42.42 93.20 51.54
N GLU J 165 -43.06 93.91 52.46
CA GLU J 165 -43.74 93.25 53.57
C GLU J 165 -44.93 92.43 53.09
N ASP J 166 -45.70 92.95 52.14
CA ASP J 166 -46.81 92.17 51.58
C ASP J 166 -46.31 90.94 50.86
N LEU J 167 -45.21 91.07 50.11
CA LEU J 167 -44.65 89.91 49.43
C LEU J 167 -44.17 88.87 50.41
N ILE J 168 -43.49 89.31 51.48
CA ILE J 168 -43.01 88.38 52.50
C ILE J 168 -44.16 87.70 53.21
N HIS J 169 -45.22 88.45 53.50
CA HIS J 169 -46.39 87.86 54.14
C HIS J 169 -47.04 86.81 53.26
N GLU J 170 -47.20 87.12 51.97
CA GLU J 170 -47.82 86.17 51.05
C GLU J 170 -46.97 84.92 50.88
N ILE J 171 -45.65 85.07 50.89
CA ILE J 171 -44.79 83.91 50.77
C ILE J 171 -44.84 83.07 52.05
N TYR J 172 -44.78 83.73 53.21
CA TYR J 172 -44.70 83.00 54.47
C TYR J 172 -46.02 82.33 54.80
N THR J 173 -47.07 83.11 54.98
CA THR J 173 -48.40 82.54 55.12
C THR J 173 -48.94 82.34 53.72
N VAL J 174 -49.07 81.09 53.30
CA VAL J 174 -49.38 80.81 51.90
C VAL J 174 -50.78 81.32 51.61
N GLY J 175 -50.87 82.46 50.93
CA GLY J 175 -52.12 83.13 50.72
C GLY J 175 -52.81 82.68 49.45
N LYS J 176 -53.87 83.42 49.11
CA LYS J 176 -54.62 83.09 47.90
C LYS J 176 -53.78 83.30 46.65
N ARG J 177 -52.99 84.36 46.61
CA ARG J 177 -52.17 84.69 45.46
C ARG J 177 -50.73 84.27 45.63
N PHE J 178 -50.49 83.15 46.31
CA PHE J 178 -49.14 82.65 46.48
C PHE J 178 -48.50 82.30 45.15
N LYS J 179 -49.28 81.72 44.23
CA LYS J 179 -48.70 81.35 42.94
C LYS J 179 -48.18 82.57 42.21
N GLU J 180 -48.99 83.63 42.16
CA GLU J 180 -48.56 84.86 41.48
C GLU J 180 -47.37 85.49 42.19
N ALA J 181 -47.42 85.57 43.52
CA ALA J 181 -46.34 86.20 44.26
C ALA J 181 -45.04 85.42 44.12
N ASN J 182 -45.12 84.09 44.12
CA ASN J 182 -43.93 83.26 44.02
C ASN J 182 -43.37 83.28 42.61
N ASN J 183 -44.23 83.22 41.59
CA ASN J 183 -43.72 83.28 40.23
C ASN J 183 -43.19 84.67 39.88
N PHE J 184 -43.65 85.71 40.57
CA PHE J 184 -43.07 87.02 40.37
C PHE J 184 -41.60 87.04 40.77
N LEU J 185 -41.25 86.29 41.81
CA LEU J 185 -39.87 86.23 42.26
C LEU J 185 -39.02 85.40 41.31
N TRP J 186 -37.92 85.96 40.87
CA TRP J 186 -36.92 85.16 40.17
C TRP J 186 -36.36 84.13 41.14
N PRO J 187 -36.05 82.92 40.69
CA PRO J 187 -35.45 81.94 41.59
C PRO J 187 -34.16 82.45 42.19
N PHE J 188 -33.98 82.18 43.48
CA PHE J 188 -32.86 82.77 44.22
C PHE J 188 -31.56 82.12 43.81
N LYS J 189 -30.59 82.96 43.47
CA LYS J 189 -29.27 82.50 43.06
C LYS J 189 -28.37 82.56 44.30
N LEU J 190 -28.32 81.45 45.03
CA LEU J 190 -27.57 81.43 46.28
C LEU J 190 -26.11 81.07 46.04
N SER J 191 -25.27 81.48 46.98
CA SER J 191 -23.84 81.20 46.88
C SER J 191 -23.57 79.74 47.26
N SER J 192 -22.31 79.35 47.22
CA SER J 192 -21.94 78.06 47.75
C SER J 192 -22.09 78.06 49.27
N PRO J 193 -22.45 76.92 49.85
CA PRO J 193 -22.61 76.89 51.31
C PRO J 193 -21.29 77.11 52.04
N ARG J 194 -21.18 78.22 52.75
CA ARG J 194 -19.96 78.51 53.50
C ARG J 194 -19.81 77.51 54.64
N GLY J 195 -18.63 76.91 54.74
CA GLY J 195 -18.43 75.80 55.63
C GLY J 195 -18.60 74.45 55.00
N GLY J 196 -19.02 74.38 53.74
CA GLY J 196 -19.11 73.14 53.02
C GLY J 196 -20.37 72.35 53.35
N MET J 197 -20.57 71.29 52.58
CA MET J 197 -21.65 70.35 52.81
C MET J 197 -21.11 69.08 53.47
N LYS J 198 -22.03 68.24 53.94
CA LYS J 198 -21.64 66.95 54.49
C LYS J 198 -21.33 65.97 53.37
N LYS J 199 -22.34 65.65 52.56
CA LYS J 199 -22.16 64.75 51.43
C LYS J 199 -23.33 64.96 50.49
N LYS J 200 -23.09 65.56 49.32
CA LYS J 200 -24.20 65.91 48.46
C LYS J 200 -24.82 64.70 47.78
N THR J 201 -24.13 63.56 47.78
CA THR J 201 -24.57 62.41 47.02
C THR J 201 -25.51 61.49 47.78
N THR J 202 -25.70 61.70 49.08
CA THR J 202 -26.56 60.87 49.90
C THR J 202 -27.62 61.71 50.58
N HIS J 203 -28.59 61.03 51.18
CA HIS J 203 -29.70 61.69 51.84
C HIS J 203 -29.27 62.30 53.17
N PHE J 204 -30.05 63.28 53.63
CA PHE J 204 -29.74 63.95 54.89
C PHE J 204 -29.81 63.00 56.07
N VAL J 205 -30.79 62.10 56.08
CA VAL J 205 -30.95 61.19 57.22
C VAL J 205 -29.88 60.12 57.28
N GLU J 206 -29.06 59.98 56.24
CA GLU J 206 -27.92 59.07 56.26
C GLU J 206 -26.60 59.84 56.23
N GLY J 207 -26.59 61.04 56.80
CA GLY J 207 -25.37 61.81 56.94
C GLY J 207 -25.01 62.67 55.76
N GLY J 208 -25.88 62.81 54.77
CA GLY J 208 -25.56 63.61 53.60
C GLY J 208 -26.29 64.94 53.56
N ASP J 209 -26.66 65.38 52.36
CA ASP J 209 -27.33 66.66 52.20
C ASP J 209 -28.61 66.60 51.38
N ALA J 210 -28.83 65.57 50.56
CA ALA J 210 -30.01 65.53 49.73
C ALA J 210 -31.24 65.21 50.56
N GLY J 211 -32.40 65.53 50.00
CA GLY J 211 -33.65 65.16 50.61
C GLY J 211 -34.20 66.21 51.55
N ASN J 212 -35.19 65.78 52.32
CA ASN J 212 -35.94 66.65 53.22
C ASN J 212 -35.29 66.64 54.60
N ARG J 213 -34.60 67.72 54.92
CA ARG J 213 -34.29 68.05 56.30
C ARG J 213 -35.39 68.97 56.80
N GLU J 214 -35.93 68.66 57.98
CA GLU J 214 -37.20 69.26 58.38
C GLU J 214 -37.06 70.77 58.51
N ASP J 215 -36.27 71.23 59.48
CA ASP J 215 -36.08 72.65 59.71
C ASP J 215 -34.61 73.04 59.73
N GLN J 216 -33.71 72.12 59.39
CA GLN J 216 -32.30 72.46 59.22
C GLN J 216 -32.04 73.19 57.92
N ILE J 217 -33.06 73.33 57.07
CA ILE J 217 -32.94 74.15 55.89
C ILE J 217 -32.65 75.59 56.26
N ASN J 218 -33.03 76.01 57.47
CA ASN J 218 -32.70 77.37 57.90
C ASN J 218 -31.22 77.53 58.15
N ARG J 219 -30.60 76.54 58.80
CA ARG J 219 -29.14 76.54 58.94
C ARG J 219 -28.46 76.56 57.58
N LEU J 220 -28.97 75.73 56.67
CA LEU J 220 -28.41 75.69 55.32
C LEU J 220 -28.54 77.05 54.64
N ILE J 221 -29.67 77.73 54.82
CA ILE J 221 -29.88 79.03 54.21
C ILE J 221 -28.92 80.06 54.80
N ARG J 222 -28.75 80.05 56.13
CA ARG J 222 -27.83 81.00 56.75
C ARG J 222 -26.42 80.84 56.21
N ARG J 223 -25.96 79.60 56.05
CA ARG J 223 -24.66 79.42 55.43
C ARG J 223 -24.67 79.65 53.94
N MET J 224 -25.84 79.61 53.31
CA MET J 224 -25.95 79.56 51.86
C MET J 224 -25.98 80.95 51.25
N ASN J 225 -26.73 81.88 51.81
CA ASN J 225 -26.68 83.26 51.33
C ASN J 225 -25.93 84.18 52.30
N LYS K 1 22.34 13.81 -120.75
CA LYS K 1 23.52 13.30 -121.46
C LYS K 1 24.79 13.99 -120.98
N VAL K 2 24.69 15.29 -120.68
CA VAL K 2 25.80 16.05 -120.15
C VAL K 2 25.64 16.31 -118.65
N VAL K 3 24.70 15.62 -118.01
CA VAL K 3 24.44 15.83 -116.59
C VAL K 3 25.66 15.41 -115.79
N ASN K 4 26.01 16.23 -114.80
CA ASN K 4 27.14 15.96 -113.94
C ASN K 4 26.85 14.74 -113.09
N PRO K 5 27.72 13.72 -113.10
CA PRO K 5 27.47 12.54 -112.24
C PRO K 5 27.54 12.85 -110.76
N LEU K 6 28.10 13.99 -110.37
CA LEU K 6 28.15 14.35 -108.96
C LEU K 6 26.78 14.73 -108.41
N PHE K 7 25.84 15.12 -109.25
CA PHE K 7 24.51 15.49 -108.79
C PHE K 7 23.74 14.23 -108.41
N GLU K 8 23.06 14.29 -107.26
CA GLU K 8 22.24 13.17 -106.82
C GLU K 8 21.07 13.68 -106.00
N LYS K 9 20.02 12.87 -105.93
CA LYS K 9 18.92 13.15 -105.02
C LYS K 9 19.33 12.79 -103.60
N ARG K 10 18.96 13.63 -102.65
CA ARG K 10 19.23 13.42 -101.24
C ARG K 10 17.92 13.53 -100.47
N PRO K 11 17.03 12.55 -100.63
CA PRO K 11 15.72 12.65 -100.00
C PRO K 11 15.80 12.41 -98.51
N LYS K 12 15.09 13.23 -97.75
CA LYS K 12 14.97 13.07 -96.31
C LYS K 12 13.57 12.59 -95.99
N ASN K 13 13.47 11.46 -95.30
CA ASN K 13 12.18 10.95 -94.87
C ASN K 13 11.85 11.53 -93.50
N PHE K 14 10.60 11.95 -93.35
CA PHE K 14 10.14 12.65 -92.16
C PHE K 14 9.33 11.75 -91.24
N GLY K 15 9.69 10.48 -91.16
CA GLY K 15 9.04 9.59 -90.22
C GLY K 15 9.40 9.95 -88.79
N ILE K 16 8.69 9.32 -87.86
CA ILE K 16 8.92 9.59 -86.45
C ILE K 16 10.31 9.11 -86.08
N GLY K 17 11.05 9.96 -85.39
CA GLY K 17 12.40 9.63 -84.97
C GLY K 17 13.46 9.76 -86.03
N GLN K 18 13.09 10.05 -87.27
CA GLN K 18 14.01 10.22 -88.37
C GLN K 18 14.34 11.70 -88.52
N ASP K 19 14.82 12.11 -89.69
CA ASP K 19 15.13 13.51 -89.99
C ASP K 19 14.03 14.45 -89.50
N ILE K 20 14.46 15.62 -88.98
CA ILE K 20 13.50 16.47 -88.29
C ILE K 20 12.49 17.05 -89.27
N GLN K 21 11.33 17.43 -88.74
CA GLN K 21 10.20 17.79 -89.56
C GLN K 21 10.45 19.08 -90.31
N PRO K 22 9.91 19.21 -91.52
CA PRO K 22 10.05 20.47 -92.26
C PRO K 22 9.18 21.55 -91.65
N LYS K 23 9.55 22.80 -91.94
CA LYS K 23 8.75 23.92 -91.48
C LYS K 23 7.46 24.01 -92.27
N ARG K 24 6.40 23.40 -91.76
CA ARG K 24 5.13 23.34 -92.46
C ARG K 24 4.15 24.35 -91.85
N ASP K 25 2.95 24.40 -92.43
CA ASP K 25 1.95 25.36 -91.98
C ASP K 25 1.38 24.95 -90.63
N LEU K 26 1.38 25.89 -89.69
CA LEU K 26 0.86 25.65 -88.35
C LEU K 26 -0.21 26.65 -87.96
N THR K 27 -0.91 27.24 -88.93
CA THR K 27 -1.90 28.26 -88.63
C THR K 27 -3.01 27.72 -87.74
N ARG K 28 -3.38 26.45 -87.92
CA ARG K 28 -4.40 25.86 -87.08
C ARG K 28 -3.94 25.68 -85.64
N PHE K 29 -2.64 25.80 -85.37
CA PHE K 29 -2.11 25.45 -84.07
C PHE K 29 -1.37 26.63 -83.45
N VAL K 30 -1.73 27.83 -83.83
CA VAL K 30 -1.04 29.02 -83.36
C VAL K 30 -1.69 29.47 -82.06
N LYS K 31 -0.87 29.80 -81.07
CA LYS K 31 -1.36 30.49 -79.88
C LYS K 31 -1.74 31.91 -80.29
N TRP K 32 -3.02 32.13 -80.53
CA TRP K 32 -3.48 33.40 -81.07
C TRP K 32 -3.65 34.43 -79.97
N PRO K 33 -3.61 35.71 -80.33
CA PRO K 33 -3.92 36.76 -79.35
C PRO K 33 -5.35 36.66 -78.86
N ARG K 34 -5.57 37.20 -77.66
CA ARG K 34 -6.85 37.05 -76.99
C ARG K 34 -7.99 37.67 -77.79
N TYR K 35 -7.75 38.78 -78.48
CA TYR K 35 -8.83 39.40 -79.24
C TYR K 35 -9.20 38.56 -80.46
N ILE K 36 -8.21 37.96 -81.12
CA ILE K 36 -8.50 37.07 -82.24
C ILE K 36 -9.27 35.85 -81.77
N ARG K 37 -8.83 35.27 -80.65
CA ARG K 37 -9.54 34.13 -80.09
C ARG K 37 -10.97 34.51 -79.70
N LEU K 38 -11.15 35.70 -79.14
CA LEU K 38 -12.47 36.14 -78.71
C LEU K 38 -13.41 36.29 -79.89
N GLN K 39 -12.94 36.92 -80.96
CA GLN K 39 -13.83 37.14 -82.10
C GLN K 39 -14.15 35.82 -82.81
N ARG K 40 -13.16 34.92 -82.92
CA ARG K 40 -13.45 33.63 -83.54
C ARG K 40 -14.40 32.81 -82.68
N GLN K 41 -14.24 32.84 -81.36
CA GLN K 41 -15.15 32.10 -80.49
C GLN K 41 -16.54 32.70 -80.49
N ARG K 42 -16.66 34.02 -80.66
CA ARG K 42 -17.98 34.62 -80.81
C ARG K 42 -18.65 34.14 -82.09
N ALA K 43 -17.88 34.06 -83.17
CA ALA K 43 -18.42 33.52 -84.42
C ALA K 43 -18.90 32.08 -84.24
N ILE K 44 -18.13 31.28 -83.50
CA ILE K 44 -18.53 29.89 -83.26
C ILE K 44 -19.76 29.82 -82.36
N LEU K 45 -19.86 30.71 -81.37
CA LEU K 45 -21.01 30.72 -80.47
C LEU K 45 -22.28 31.07 -81.23
N TYR K 46 -22.19 31.98 -82.18
CA TYR K 46 -23.38 32.33 -82.97
C TYR K 46 -23.88 31.18 -83.83
N LYS K 47 -23.09 30.12 -83.99
CA LYS K 47 -23.55 28.91 -84.64
C LYS K 47 -23.94 27.82 -83.65
N ARG K 48 -23.31 27.79 -82.47
CA ARG K 48 -23.70 26.83 -81.45
C ARG K 48 -25.10 27.12 -80.92
N LEU K 49 -25.34 28.36 -80.52
CA LEU K 49 -26.55 28.68 -79.78
C LEU K 49 -27.75 28.76 -80.70
N LYS K 50 -28.93 28.66 -80.11
CA LYS K 50 -30.18 28.86 -80.83
C LYS K 50 -30.41 30.36 -80.98
N VAL K 51 -30.22 30.87 -82.18
CA VAL K 51 -30.36 32.29 -82.46
C VAL K 51 -31.84 32.58 -82.70
N PRO K 52 -32.44 33.52 -81.97
CA PRO K 52 -33.86 33.80 -82.18
C PRO K 52 -34.09 34.37 -83.57
N PRO K 53 -35.30 34.18 -84.12
CA PRO K 53 -35.55 34.63 -85.49
C PRO K 53 -35.34 36.11 -85.71
N ALA K 54 -35.59 36.95 -84.70
CA ALA K 54 -35.40 38.38 -84.87
C ALA K 54 -33.95 38.74 -85.16
N ILE K 55 -33.02 37.92 -84.68
CA ILE K 55 -31.61 38.12 -85.02
C ILE K 55 -31.20 37.29 -86.23
N ASN K 56 -31.79 36.11 -86.39
CA ASN K 56 -31.42 35.23 -87.49
C ASN K 56 -31.90 35.75 -88.84
N GLN K 57 -32.88 36.65 -88.86
CA GLN K 57 -33.38 37.16 -90.13
C GLN K 57 -32.31 37.94 -90.89
N PHE K 58 -31.33 38.49 -90.18
CA PHE K 58 -30.28 39.25 -90.83
C PHE K 58 -29.23 38.36 -91.49
N THR K 59 -29.26 37.05 -91.24
CA THR K 59 -28.41 36.15 -92.01
C THR K 59 -28.95 35.96 -93.43
N GLN K 60 -30.23 36.22 -93.65
CA GLN K 60 -30.80 36.23 -94.99
C GLN K 60 -30.50 37.57 -95.63
N ALA K 61 -29.37 37.66 -96.32
CA ALA K 61 -29.02 38.86 -97.05
C ALA K 61 -29.36 38.69 -98.53
N LEU K 62 -29.36 39.81 -99.24
CA LEU K 62 -29.59 39.77 -100.68
C LEU K 62 -28.48 39.01 -101.37
N ASP K 63 -28.83 38.31 -102.44
CA ASP K 63 -27.81 37.65 -103.25
C ASP K 63 -26.95 38.69 -103.95
N ARG K 64 -25.80 38.23 -104.45
CA ARG K 64 -24.81 39.16 -104.99
C ARG K 64 -25.35 39.91 -106.20
N GLN K 65 -26.07 39.23 -107.08
CA GLN K 65 -26.62 39.88 -108.28
C GLN K 65 -27.61 40.97 -107.91
N THR K 66 -28.60 40.63 -107.07
CA THR K 66 -29.61 41.60 -106.68
C THR K 66 -29.01 42.76 -105.91
N ALA K 67 -28.04 42.48 -105.04
CA ALA K 67 -27.34 43.55 -104.35
C ALA K 67 -26.60 44.45 -105.34
N THR K 68 -26.07 43.86 -106.41
CA THR K 68 -25.37 44.66 -107.41
C THR K 68 -26.33 45.60 -108.12
N GLN K 69 -27.51 45.11 -108.54
CA GLN K 69 -28.46 46.02 -109.18
C GLN K 69 -28.95 47.07 -108.21
N LEU K 70 -29.17 46.70 -106.95
CA LEU K 70 -29.66 47.66 -105.97
C LEU K 70 -28.64 48.77 -105.71
N LEU K 71 -27.37 48.41 -105.56
CA LEU K 71 -26.35 49.43 -105.34
C LEU K 71 -26.10 50.25 -106.60
N LYS K 72 -26.22 49.64 -107.78
CA LYS K 72 -26.08 50.40 -109.02
C LYS K 72 -27.19 51.43 -109.15
N LEU K 73 -28.41 51.08 -108.76
CA LEU K 73 -29.48 52.07 -108.72
C LEU K 73 -29.22 53.13 -107.67
N ALA K 74 -28.78 52.73 -106.48
CA ALA K 74 -28.59 53.66 -105.38
C ALA K 74 -27.43 54.62 -105.61
N HIS K 75 -26.50 54.27 -106.49
CA HIS K 75 -25.40 55.17 -106.79
C HIS K 75 -25.85 56.43 -107.51
N LYS K 76 -27.01 56.41 -108.17
CA LYS K 76 -27.53 57.59 -108.84
C LYS K 76 -28.15 58.60 -107.87
N TYR K 77 -28.33 58.24 -106.61
CA TYR K 77 -29.01 59.10 -105.66
C TYR K 77 -28.18 59.27 -104.39
N ARG K 78 -26.87 59.25 -104.53
CA ARG K 78 -26.00 59.44 -103.37
C ARG K 78 -26.17 60.87 -102.85
N PRO K 79 -26.14 61.07 -101.54
CA PRO K 79 -26.20 62.43 -101.01
C PRO K 79 -25.01 63.26 -101.48
N GLU K 80 -25.26 64.54 -101.68
CA GLU K 80 -24.22 65.42 -102.20
C GLU K 80 -23.15 65.67 -101.14
N THR K 81 -21.89 65.69 -101.59
CA THR K 81 -20.75 65.83 -100.71
C THR K 81 -20.55 67.30 -100.32
N LYS K 82 -19.56 67.55 -99.46
CA LYS K 82 -19.32 68.90 -98.98
C LYS K 82 -18.86 69.82 -100.09
N GLN K 83 -17.98 69.34 -100.97
CA GLN K 83 -17.43 70.19 -102.03
C GLN K 83 -18.51 70.59 -103.01
N GLU K 84 -19.31 69.63 -103.47
CA GLU K 84 -20.36 69.97 -104.43
C GLU K 84 -21.53 70.69 -103.76
N LYS K 85 -21.74 70.51 -102.46
CA LYS K 85 -22.68 71.39 -101.76
C LYS K 85 -22.18 72.83 -101.75
N LYS K 86 -20.88 73.02 -101.52
CA LYS K 86 -20.32 74.37 -101.59
C LYS K 86 -20.49 74.97 -102.97
N GLN K 87 -20.24 74.16 -104.01
CA GLN K 87 -20.41 74.65 -105.38
C GLN K 87 -21.86 75.03 -105.66
N ARG K 88 -22.80 74.19 -105.21
CA ARG K 88 -24.21 74.49 -105.42
C ARG K 88 -24.63 75.75 -104.66
N LEU K 89 -24.13 75.92 -103.44
CA LEU K 89 -24.47 77.11 -102.66
C LEU K 89 -23.90 78.36 -103.31
N LEU K 90 -22.67 78.29 -103.82
CA LEU K 90 -22.10 79.44 -104.53
C LEU K 90 -22.89 79.76 -105.79
N ALA K 91 -23.33 78.73 -106.52
CA ALA K 91 -24.15 78.95 -107.70
C ALA K 91 -25.48 79.61 -107.34
N ARG K 92 -26.10 79.16 -106.25
CA ARG K 92 -27.35 79.78 -105.80
C ARG K 92 -27.13 81.23 -105.39
N ALA K 93 -26.04 81.52 -104.70
CA ALA K 93 -25.74 82.89 -104.31
C ALA K 93 -25.52 83.78 -105.53
N GLU K 94 -24.77 83.29 -106.52
CA GLU K 94 -24.55 84.07 -107.73
C GLU K 94 -25.85 84.28 -108.50
N LYS K 95 -26.69 83.25 -108.58
CA LYS K 95 -27.95 83.38 -109.29
C LYS K 95 -28.89 84.36 -108.61
N LYS K 96 -28.92 84.34 -107.27
CA LYS K 96 -29.77 85.28 -106.54
C LYS K 96 -29.23 86.71 -106.66
N ALA K 97 -27.90 86.87 -106.68
CA ALA K 97 -27.32 88.18 -106.92
C ALA K 97 -27.69 88.70 -108.30
N ALA K 98 -27.65 87.82 -109.30
CA ALA K 98 -28.08 88.18 -110.65
C ALA K 98 -28.45 86.90 -111.38
N GLY K 99 -29.73 86.74 -111.69
CA GLY K 99 -30.81 87.65 -111.36
C GLY K 99 -32.14 86.95 -111.15
N LYS K 100 -32.13 85.63 -111.12
CA LYS K 100 -33.37 84.86 -111.10
C LYS K 100 -34.11 85.02 -109.77
N GLY K 101 -33.41 84.88 -108.65
CA GLY K 101 -34.05 85.02 -107.35
C GLY K 101 -34.03 83.75 -106.52
N ASP K 102 -35.21 83.32 -106.05
CA ASP K 102 -35.32 82.13 -105.23
C ASP K 102 -34.90 80.89 -106.01
N VAL K 103 -35.68 80.55 -107.04
CA VAL K 103 -35.39 79.45 -107.97
C VAL K 103 -35.15 78.14 -107.20
N PRO K 104 -36.18 77.50 -106.65
CA PRO K 104 -35.96 76.18 -106.01
C PRO K 104 -35.40 75.15 -106.98
N THR K 105 -35.84 75.18 -108.24
CA THR K 105 -35.30 74.36 -109.33
C THR K 105 -35.31 72.87 -109.00
N LYS K 106 -36.41 72.40 -108.40
CA LYS K 106 -36.71 70.98 -108.26
C LYS K 106 -35.60 70.23 -107.51
N ARG K 107 -35.54 70.52 -106.19
CA ARG K 107 -34.68 69.80 -105.26
C ARG K 107 -34.75 68.30 -105.53
N PRO K 108 -33.64 67.69 -105.94
CA PRO K 108 -33.73 66.35 -106.54
C PRO K 108 -34.01 65.30 -105.48
N PRO K 109 -34.59 64.16 -105.86
CA PRO K 109 -34.72 63.05 -104.92
C PRO K 109 -33.34 62.56 -104.50
N VAL K 110 -33.24 62.16 -103.24
CA VAL K 110 -31.97 61.74 -102.66
C VAL K 110 -32.23 60.49 -101.82
N LEU K 111 -31.16 59.74 -101.60
CA LEU K 111 -31.21 58.55 -100.76
C LEU K 111 -31.15 58.98 -99.30
N ARG K 112 -32.16 58.63 -98.52
CA ARG K 112 -32.22 59.00 -97.12
C ARG K 112 -31.46 57.98 -96.28
N ALA K 113 -30.68 58.46 -95.31
CA ALA K 113 -29.80 57.60 -94.54
C ALA K 113 -29.99 57.84 -93.05
N GLY K 114 -29.62 56.84 -92.27
CA GLY K 114 -29.72 56.92 -90.83
C GLY K 114 -30.93 56.17 -90.30
N VAL K 115 -30.75 55.43 -89.20
CA VAL K 115 -31.82 54.56 -88.73
C VAL K 115 -33.01 55.37 -88.24
N ASN K 116 -32.77 56.52 -87.61
CA ASN K 116 -33.88 57.34 -87.12
C ASN K 116 -34.66 57.95 -88.28
N THR K 117 -33.97 58.48 -89.28
CA THR K 117 -34.64 59.03 -90.45
C THR K 117 -35.43 57.96 -91.18
N VAL K 118 -34.84 56.77 -91.36
CA VAL K 118 -35.52 55.70 -92.06
C VAL K 118 -36.74 55.24 -91.26
N THR K 119 -36.61 55.16 -89.93
CA THR K 119 -37.73 54.73 -89.11
C THR K 119 -38.88 55.72 -89.20
N THR K 120 -38.59 57.02 -89.17
CA THR K 120 -39.65 58.01 -89.30
C THR K 120 -40.31 57.92 -90.68
N LEU K 121 -39.51 57.72 -91.73
CA LEU K 121 -40.09 57.59 -93.06
C LEU K 121 -40.98 56.37 -93.17
N VAL K 122 -40.55 55.25 -92.58
CA VAL K 122 -41.37 54.04 -92.62
C VAL K 122 -42.67 54.24 -91.85
N GLU K 123 -42.58 54.88 -90.68
CA GLU K 123 -43.78 55.15 -89.89
C GLU K 123 -44.73 56.09 -90.62
N ASN K 124 -44.20 57.02 -91.42
CA ASN K 124 -45.05 57.91 -92.21
C ASN K 124 -45.42 57.34 -93.57
N LYS K 125 -44.94 56.13 -93.90
CA LYS K 125 -45.21 55.48 -95.17
C LYS K 125 -44.70 56.29 -96.36
N LYS K 126 -43.63 57.07 -96.14
CA LYS K 126 -43.05 57.84 -97.22
C LYS K 126 -41.97 57.08 -97.99
N ALA K 127 -41.36 56.08 -97.37
CA ALA K 127 -40.28 55.34 -98.01
C ALA K 127 -40.85 54.34 -99.01
N GLN K 128 -40.22 54.25 -100.17
CA GLN K 128 -40.60 53.27 -101.17
C GLN K 128 -39.82 51.96 -101.02
N LEU K 129 -38.62 52.02 -100.47
CA LEU K 129 -37.81 50.83 -100.26
C LEU K 129 -36.88 51.08 -99.09
N VAL K 130 -36.58 50.04 -98.32
CA VAL K 130 -35.68 50.14 -97.18
C VAL K 130 -34.58 49.11 -97.35
N VAL K 131 -33.34 49.51 -97.13
CA VAL K 131 -32.19 48.64 -97.21
C VAL K 131 -31.50 48.65 -95.86
N ILE K 132 -31.34 47.47 -95.26
CA ILE K 132 -30.81 47.32 -93.92
C ILE K 132 -29.53 46.51 -93.99
N ALA K 133 -28.46 47.00 -93.38
CA ALA K 133 -27.23 46.25 -93.30
C ALA K 133 -27.37 45.04 -92.38
N HIS K 134 -26.70 43.96 -92.74
CA HIS K 134 -26.83 42.73 -91.97
C HIS K 134 -25.89 42.66 -90.76
N ASP K 135 -24.93 43.56 -90.62
CA ASP K 135 -23.91 43.40 -89.60
C ASP K 135 -23.83 44.56 -88.63
N VAL K 136 -24.97 45.05 -88.14
CA VAL K 136 -24.98 46.10 -87.13
C VAL K 136 -24.57 45.48 -85.80
N ASP K 137 -23.38 45.82 -85.30
CA ASP K 137 -22.83 45.10 -84.16
C ASP K 137 -23.64 45.30 -82.89
N PRO K 138 -24.03 46.52 -82.48
CA PRO K 138 -25.08 46.62 -81.45
C PRO K 138 -26.43 46.32 -82.06
N ILE K 139 -26.79 45.05 -82.15
CA ILE K 139 -27.94 44.68 -82.96
C ILE K 139 -29.19 44.84 -82.11
N GLU K 140 -29.59 46.10 -81.93
CA GLU K 140 -30.91 46.50 -81.47
C GLU K 140 -31.41 47.68 -82.27
N LEU K 141 -30.52 48.35 -83.01
CA LEU K 141 -30.90 49.51 -83.78
C LEU K 141 -31.80 49.15 -84.95
N VAL K 142 -31.75 47.91 -85.43
CA VAL K 142 -32.46 47.56 -86.65
C VAL K 142 -33.28 46.28 -86.51
N VAL K 143 -33.36 45.71 -85.31
CA VAL K 143 -34.08 44.45 -85.15
C VAL K 143 -35.57 44.64 -85.37
N PHE K 144 -36.10 45.81 -84.99
CA PHE K 144 -37.51 46.10 -85.21
C PHE K 144 -37.82 46.48 -86.64
N LEU K 145 -36.82 46.89 -87.42
CA LEU K 145 -37.08 47.40 -88.75
C LEU K 145 -37.73 46.41 -89.71
N PRO K 146 -37.33 45.13 -89.79
CA PRO K 146 -38.09 44.21 -90.65
C PRO K 146 -39.56 44.13 -90.28
N ALA K 147 -39.85 44.01 -88.98
CA ALA K 147 -41.24 43.93 -88.54
C ALA K 147 -41.99 45.22 -88.80
N LEU K 148 -41.36 46.36 -88.52
CA LEU K 148 -42.01 47.65 -88.72
C LEU K 148 -42.29 47.88 -90.20
N CYS K 149 -41.32 47.57 -91.07
CA CYS K 149 -41.52 47.72 -92.49
C CYS K 149 -42.61 46.78 -93.00
N ARG K 150 -42.63 45.55 -92.49
CA ARG K 150 -43.68 44.61 -92.90
C ARG K 150 -45.06 45.11 -92.49
N LYS K 151 -45.19 45.61 -91.26
CA LYS K 151 -46.49 46.10 -90.81
C LYS K 151 -46.92 47.33 -91.58
N MET K 152 -45.99 48.24 -91.86
CA MET K 152 -46.36 49.46 -92.56
C MET K 152 -46.44 49.28 -94.07
N GLY K 153 -46.06 48.12 -94.59
CA GLY K 153 -46.24 47.81 -95.98
C GLY K 153 -45.13 48.27 -96.90
N VAL K 154 -44.02 48.77 -96.37
CA VAL K 154 -42.92 49.21 -97.22
C VAL K 154 -41.95 48.04 -97.43
N PRO K 155 -41.56 47.76 -98.66
CA PRO K 155 -40.60 46.68 -98.91
C PRO K 155 -39.25 46.95 -98.26
N TYR K 156 -38.67 45.89 -97.70
CA TYR K 156 -37.38 45.98 -97.03
C TYR K 156 -36.51 44.82 -97.47
N CYS K 157 -35.23 45.09 -97.64
CA CYS K 157 -34.25 44.07 -97.96
C CYS K 157 -33.06 44.20 -97.02
N ILE K 158 -32.34 43.11 -96.85
CA ILE K 158 -31.13 43.06 -96.03
C ILE K 158 -29.95 42.84 -96.95
N ILE K 159 -28.92 43.67 -96.80
CA ILE K 159 -27.76 43.64 -97.67
C ILE K 159 -26.52 43.40 -96.84
N LYS K 160 -25.52 42.78 -97.47
CA LYS K 160 -24.27 42.47 -96.80
C LYS K 160 -23.44 43.73 -96.65
N GLY K 161 -23.07 44.05 -95.42
CA GLY K 161 -22.11 45.10 -95.17
C GLY K 161 -22.69 46.47 -94.92
N LYS K 162 -22.46 47.01 -93.73
CA LYS K 162 -22.73 48.42 -93.47
C LYS K 162 -21.68 49.32 -94.10
N ALA K 163 -20.51 48.76 -94.43
CA ALA K 163 -19.48 49.55 -95.08
C ALA K 163 -19.91 50.00 -96.47
N ARG K 164 -20.66 49.16 -97.18
CA ARG K 164 -21.14 49.53 -98.50
C ARG K 164 -22.16 50.66 -98.42
N LEU K 165 -23.06 50.62 -97.44
CA LEU K 165 -23.99 51.72 -97.23
C LEU K 165 -23.25 52.99 -96.83
N GLY K 166 -22.21 52.85 -96.00
CA GLY K 166 -21.39 54.00 -95.68
C GLY K 166 -20.72 54.61 -96.89
N ARG K 167 -20.22 53.77 -97.79
CA ARG K 167 -19.63 54.29 -99.03
C ARG K 167 -20.69 54.94 -99.90
N LEU K 168 -21.93 54.45 -99.83
CA LEU K 168 -23.02 55.12 -100.54
C LEU K 168 -23.24 56.52 -100.00
N VAL K 169 -23.17 56.71 -98.69
CA VAL K 169 -23.46 58.00 -98.08
C VAL K 169 -22.18 58.75 -97.69
N HIS K 170 -21.04 58.39 -98.28
CA HIS K 170 -19.76 59.07 -98.06
C HIS K 170 -19.36 59.08 -96.59
N ARG K 171 -19.63 57.99 -95.89
CA ARG K 171 -19.24 57.85 -94.50
C ARG K 171 -18.63 56.47 -94.30
N LYS K 172 -18.26 56.17 -93.07
CA LYS K 172 -17.65 54.87 -92.79
C LYS K 172 -18.71 53.77 -92.76
N THR K 173 -19.87 54.05 -92.18
CA THR K 173 -20.85 53.02 -91.87
C THR K 173 -22.23 53.66 -91.84
N CYS K 174 -23.19 52.99 -92.47
CA CYS K 174 -24.60 53.38 -92.37
C CYS K 174 -25.42 52.12 -92.10
N THR K 175 -26.27 52.18 -91.07
CA THR K 175 -27.13 51.04 -90.76
C THR K 175 -28.13 50.79 -91.88
N THR K 176 -28.86 51.82 -92.29
CA THR K 176 -29.94 51.66 -93.25
C THR K 176 -29.95 52.84 -94.21
N VAL K 177 -30.47 52.58 -95.41
CA VAL K 177 -30.80 53.65 -96.35
C VAL K 177 -32.23 53.43 -96.83
N ALA K 178 -32.83 54.51 -97.31
CA ALA K 178 -34.23 54.49 -97.70
C ALA K 178 -34.39 55.14 -99.06
N PHE K 179 -35.12 54.47 -99.94
CA PHE K 179 -35.55 55.02 -101.22
C PHE K 179 -36.93 55.61 -101.03
N THR K 180 -37.01 56.93 -101.09
CA THR K 180 -38.26 57.65 -101.25
C THR K 180 -38.55 57.76 -102.75
N GLN K 181 -39.41 58.69 -103.16
CA GLN K 181 -39.72 58.89 -104.57
C GLN K 181 -38.44 59.01 -105.41
N VAL K 182 -38.54 58.57 -106.66
CA VAL K 182 -37.40 58.36 -107.54
C VAL K 182 -37.73 58.99 -108.89
N ASN K 183 -36.69 59.25 -109.68
CA ASN K 183 -36.90 59.84 -110.99
C ASN K 183 -37.60 58.85 -111.93
N SER K 184 -38.24 59.44 -112.95
CA SER K 184 -39.08 58.66 -113.86
C SER K 184 -38.29 57.61 -114.62
N GLU K 185 -37.08 57.95 -115.06
CA GLU K 185 -36.28 57.00 -115.81
C GLU K 185 -35.80 55.83 -114.95
N ASP K 186 -35.85 55.96 -113.62
CA ASP K 186 -35.47 54.88 -112.73
C ASP K 186 -36.66 54.26 -112.01
N LYS K 187 -37.88 54.75 -112.28
CA LYS K 187 -39.07 54.16 -111.67
C LYS K 187 -39.21 52.69 -112.03
N GLY K 188 -38.92 52.32 -113.29
CA GLY K 188 -39.06 50.93 -113.69
C GLY K 188 -38.07 50.01 -113.00
N ALA K 189 -36.80 50.44 -112.91
CA ALA K 189 -35.80 49.64 -112.20
C ALA K 189 -36.15 49.51 -110.73
N LEU K 190 -36.62 50.60 -110.12
CA LEU K 190 -37.06 50.52 -108.73
C LEU K 190 -38.24 49.57 -108.59
N ALA K 191 -39.16 49.57 -109.55
CA ALA K 191 -40.31 48.67 -109.49
C ALA K 191 -39.87 47.22 -109.57
N LYS K 192 -38.91 46.91 -110.43
CA LYS K 192 -38.40 45.54 -110.53
C LYS K 192 -37.75 45.12 -109.22
N LEU K 193 -36.91 46.00 -108.65
CA LEU K 193 -36.26 45.67 -107.39
C LEU K 193 -37.28 45.49 -106.28
N VAL K 194 -38.30 46.35 -106.23
CA VAL K 194 -39.34 46.25 -105.21
C VAL K 194 -40.09 44.94 -105.35
N GLU K 195 -40.40 44.53 -106.57
CA GLU K 195 -41.11 43.27 -106.77
C GLU K 195 -40.29 42.10 -106.25
N ALA K 196 -39.00 42.05 -106.64
CA ALA K 196 -38.15 40.96 -106.17
C ALA K 196 -38.00 40.95 -104.65
N ILE K 197 -37.79 42.13 -104.06
CA ILE K 197 -37.59 42.22 -102.62
C ILE K 197 -38.86 41.88 -101.86
N ARG K 198 -40.02 42.31 -102.37
CA ARG K 198 -41.28 41.96 -101.74
C ARG K 198 -41.52 40.46 -101.79
N THR K 199 -41.16 39.82 -102.90
CA THR K 199 -41.25 38.38 -102.98
C THR K 199 -40.33 37.71 -101.96
N ASN K 200 -39.11 38.21 -101.82
CA ASN K 200 -38.13 37.51 -100.98
C ASN K 200 -38.32 37.77 -99.49
N TYR K 201 -38.82 38.95 -99.09
CA TYR K 201 -38.79 39.34 -97.69
C TYR K 201 -40.17 39.55 -97.08
N ASN K 202 -40.99 40.42 -97.68
CA ASN K 202 -42.26 40.78 -97.05
C ASN K 202 -43.27 39.65 -97.15
N ASP K 203 -43.28 38.93 -98.27
CA ASP K 203 -44.33 37.94 -98.49
C ASP K 203 -44.12 36.66 -97.70
N ARG K 204 -42.91 36.42 -97.18
CA ARG K 204 -42.63 35.24 -96.38
C ARG K 204 -42.19 35.61 -94.97
N TYR K 205 -42.60 36.79 -94.50
CA TYR K 205 -42.32 37.21 -93.13
C TYR K 205 -42.93 36.27 -92.10
N ASP K 206 -44.01 35.56 -92.44
CA ASP K 206 -44.68 34.71 -91.48
C ASP K 206 -43.75 33.60 -91.00
N GLU K 207 -42.99 32.99 -91.91
CA GLU K 207 -42.02 31.99 -91.51
C GLU K 207 -40.62 32.55 -91.31
N ILE K 208 -40.35 33.78 -91.76
CA ILE K 208 -39.16 34.46 -91.27
C ILE K 208 -39.24 34.64 -89.76
N ARG K 209 -40.45 34.92 -89.26
CA ARG K 209 -40.68 35.05 -87.82
C ARG K 209 -40.39 33.78 -87.05
N ARG K 210 -40.44 32.62 -87.71
CA ARG K 210 -40.28 31.35 -87.01
C ARG K 210 -38.97 30.64 -87.32
N HIS K 211 -38.22 31.10 -88.32
CA HIS K 211 -36.97 30.44 -88.70
C HIS K 211 -35.89 30.75 -87.67
N TRP K 212 -35.70 29.84 -86.71
CA TRP K 212 -34.61 29.95 -85.77
C TRP K 212 -33.29 29.60 -86.43
N GLY K 213 -32.20 30.15 -85.90
CA GLY K 213 -30.88 29.93 -86.44
C GLY K 213 -29.95 29.24 -85.46
N GLY K 214 -28.73 29.00 -85.93
CA GLY K 214 -27.73 28.36 -85.10
C GLY K 214 -28.08 26.91 -84.82
N ASN K 215 -27.77 26.47 -83.61
CA ASN K 215 -28.02 25.10 -83.15
C ASN K 215 -27.35 24.07 -84.05
N VAL K 216 -26.11 24.34 -84.42
CA VAL K 216 -25.30 23.44 -85.23
C VAL K 216 -24.04 23.08 -84.45
N LEU K 217 -23.78 21.79 -84.32
CA LEU K 217 -22.61 21.34 -83.59
C LEU K 217 -21.35 21.46 -84.46
N GLY K 218 -20.20 21.26 -83.82
CA GLY K 218 -18.93 21.34 -84.50
C GLY K 218 -18.70 20.19 -85.43
N PRO K 219 -17.77 20.35 -86.37
CA PRO K 219 -17.49 19.25 -87.31
C PRO K 219 -17.02 17.98 -86.62
N LYS K 220 -16.23 18.09 -85.55
CA LYS K 220 -15.80 16.90 -84.83
C LYS K 220 -16.98 16.19 -84.17
N SER K 221 -17.88 16.95 -83.55
CA SER K 221 -19.05 16.35 -82.92
C SER K 221 -19.97 15.71 -83.94
N VAL K 222 -20.17 16.39 -85.08
CA VAL K 222 -21.02 15.84 -86.12
C VAL K 222 -20.41 14.57 -86.70
N ALA K 223 -19.09 14.57 -86.90
CA ALA K 223 -18.43 13.37 -87.42
C ALA K 223 -18.53 12.22 -86.44
N ARG K 224 -18.39 12.49 -85.15
CA ARG K 224 -18.51 11.43 -84.15
C ARG K 224 -19.92 10.86 -84.10
N ILE K 225 -20.93 11.75 -84.14
CA ILE K 225 -22.31 11.29 -84.15
C ILE K 225 -22.60 10.47 -85.40
N ALA K 226 -22.14 10.94 -86.56
CA ALA K 226 -22.34 10.20 -87.80
C ALA K 226 -21.63 8.86 -87.79
N LYS K 227 -20.44 8.80 -87.17
CA LYS K 227 -19.74 7.53 -87.04
C LYS K 227 -20.53 6.55 -86.19
N LEU K 228 -21.11 7.02 -85.08
CA LEU K 228 -21.94 6.15 -84.27
C LEU K 228 -23.18 5.68 -85.02
N GLU K 229 -23.82 6.61 -85.76
CA GLU K 229 -25.01 6.25 -86.53
C GLU K 229 -24.68 5.24 -87.61
N LYS K 230 -23.55 5.41 -88.30
CA LYS K 230 -23.14 4.44 -89.31
C LYS K 230 -22.76 3.11 -88.67
N ALA K 231 -22.19 3.14 -87.47
CA ALA K 231 -21.83 1.91 -86.77
C ALA K 231 -23.08 1.09 -86.44
N LYS K 232 -24.14 1.75 -85.99
CA LYS K 232 -25.37 1.00 -85.74
C LYS K 232 -26.11 0.67 -87.04
N ALA K 233 -25.97 1.50 -88.07
CA ALA K 233 -26.68 1.25 -89.33
C ALA K 233 -26.09 0.08 -90.09
N LYS K 234 -24.77 -0.10 -90.03
CA LYS K 234 -24.14 -1.20 -90.76
C LYS K 234 -24.59 -2.56 -90.21
N GLU K 235 -24.91 -2.63 -88.92
CA GLU K 235 -25.44 -3.87 -88.36
C GLU K 235 -26.95 -3.96 -88.48
N LEU K 236 -27.66 -2.83 -88.47
CA LEU K 236 -29.10 -2.89 -88.72
C LEU K 236 -29.41 -3.31 -90.15
N ALA K 237 -28.54 -2.95 -91.10
CA ALA K 237 -28.73 -3.38 -92.48
C ALA K 237 -28.60 -4.89 -92.62
N THR K 238 -27.64 -5.49 -91.91
CA THR K 238 -27.52 -6.94 -91.91
C THR K 238 -28.65 -7.60 -91.12
N LYS K 239 -29.14 -6.92 -90.08
CA LYS K 239 -30.30 -7.43 -89.35
C LYS K 239 -31.54 -7.49 -90.24
N LEU K 240 -31.77 -6.46 -91.03
CA LEU K 240 -32.95 -6.44 -91.90
C LEU K 240 -32.68 -7.23 -93.18
N GLY K 241 -33.73 -7.88 -93.68
CA GLY K 241 -33.63 -8.65 -94.90
C GLY K 241 -33.00 -10.01 -94.73
N MET L 1 -8.81 44.02 76.24
CA MET L 1 -8.92 44.40 77.64
C MET L 1 -7.57 44.78 78.25
N LYS L 2 -7.54 45.90 78.96
CA LYS L 2 -6.38 46.33 79.72
C LYS L 2 -6.66 46.12 81.19
N THR L 3 -5.92 45.20 81.81
CA THR L 3 -6.03 44.97 83.24
C THR L 3 -5.37 46.11 83.99
N ILE L 4 -6.04 46.62 85.03
CA ILE L 4 -5.51 47.77 85.76
C ILE L 4 -4.18 47.44 86.39
N LEU L 5 -4.09 46.33 87.10
CA LEU L 5 -2.87 45.99 87.82
C LEU L 5 -2.70 44.49 87.86
N SER L 6 -1.52 44.02 87.51
CA SER L 6 -1.13 42.63 87.69
C SER L 6 0.20 42.61 88.42
N ASN L 7 0.21 42.06 89.63
CA ASN L 7 1.41 42.06 90.46
C ASN L 7 1.70 40.64 90.92
N GLN L 8 2.97 40.42 91.24
CA GLN L 8 3.38 39.14 91.80
C GLN L 8 4.59 39.37 92.68
N THR L 9 4.63 38.69 93.82
CA THR L 9 5.64 38.93 94.86
C THR L 9 6.49 37.69 95.02
N VAL L 10 7.81 37.88 95.09
CA VAL L 10 8.78 36.83 95.33
C VAL L 10 9.43 37.07 96.68
N ASP L 11 9.41 36.06 97.54
CA ASP L 11 10.07 36.13 98.82
C ASP L 11 11.56 35.87 98.66
N ILE L 12 12.37 36.59 99.43
CA ILE L 12 13.82 36.48 99.38
C ILE L 12 14.31 35.84 100.67
N PRO L 13 15.10 34.78 100.61
CA PRO L 13 15.64 34.18 101.84
C PRO L 13 16.58 35.13 102.56
N GLU L 14 16.85 34.79 103.83
CA GLU L 14 17.59 35.69 104.70
C GLU L 14 19.07 35.76 104.34
N ASN L 15 19.63 34.67 103.81
CA ASN L 15 21.06 34.63 103.52
C ASN L 15 21.43 35.33 102.22
N VAL L 16 20.46 35.79 101.45
CA VAL L 16 20.68 36.38 100.15
C VAL L 16 20.01 37.76 100.10
N ASP L 17 20.68 38.72 99.47
CA ASP L 17 20.10 40.05 99.34
C ASP L 17 20.00 40.45 97.87
N ILE L 18 19.07 41.36 97.59
CA ILE L 18 18.76 41.78 96.24
C ILE L 18 18.77 43.29 96.18
N THR L 19 19.45 43.84 95.18
CA THR L 19 19.54 45.27 94.97
C THR L 19 18.99 45.61 93.59
N LEU L 20 18.14 46.63 93.53
CA LEU L 20 17.54 47.07 92.29
C LEU L 20 18.22 48.35 91.82
N LYS L 21 18.65 48.36 90.56
CA LYS L 21 19.12 49.56 89.89
C LYS L 21 18.20 49.76 88.69
N GLY L 22 17.07 50.40 88.92
CA GLY L 22 16.03 50.47 87.92
C GLY L 22 15.40 49.11 87.71
N ARG L 23 15.56 48.54 86.52
CA ARG L 23 15.08 47.20 86.23
C ARG L 23 16.22 46.19 86.17
N THR L 24 17.36 46.52 86.76
CA THR L 24 18.49 45.61 86.86
C THR L 24 18.53 45.03 88.26
N VAL L 25 18.39 43.71 88.35
CA VAL L 25 18.37 43.00 89.62
C VAL L 25 19.74 42.41 89.87
N ILE L 26 20.31 42.70 91.04
CA ILE L 26 21.59 42.14 91.46
C ILE L 26 21.32 41.31 92.69
N VAL L 27 21.55 40.00 92.58
CA VAL L 27 21.26 39.05 93.63
C VAL L 27 22.59 38.55 94.16
N LYS L 28 22.90 38.87 95.41
CA LYS L 28 24.14 38.45 96.03
C LYS L 28 23.82 37.45 97.12
N GLY L 29 24.38 36.24 97.00
CA GLY L 29 24.19 35.21 97.98
C GLY L 29 25.50 34.57 98.37
N PRO L 30 25.44 33.46 99.10
CA PRO L 30 26.68 32.79 99.53
C PRO L 30 27.54 32.29 98.39
N ARG L 31 26.96 31.87 97.27
CA ARG L 31 27.73 31.27 96.20
C ARG L 31 28.27 32.28 95.18
N GLY L 32 27.77 33.50 95.18
CA GLY L 32 28.26 34.47 94.21
C GLY L 32 27.28 35.61 94.04
N THR L 33 27.32 36.21 92.85
CA THR L 33 26.45 37.32 92.50
C THR L 33 25.93 37.13 91.08
N LEU L 34 24.62 37.22 90.92
CA LEU L 34 23.97 37.13 89.62
C LEU L 34 23.30 38.46 89.31
N ARG L 35 23.66 39.06 88.18
CA ARG L 35 23.14 40.36 87.80
C ARG L 35 22.43 40.24 86.46
N ARG L 36 21.21 40.75 86.38
CA ARG L 36 20.43 40.62 85.16
C ARG L 36 19.47 41.79 85.05
N ASP L 37 19.43 42.42 83.87
CA ASP L 37 18.53 43.53 83.65
C ASP L 37 17.32 43.12 82.83
N PHE L 38 16.18 43.71 83.16
CA PHE L 38 14.92 43.44 82.49
C PHE L 38 14.39 44.70 81.81
N ASN L 39 15.30 45.48 81.24
CA ASN L 39 14.93 46.74 80.62
C ASN L 39 14.07 46.55 79.38
N HIS L 40 13.99 45.33 78.84
CA HIS L 40 13.14 45.06 77.70
C HIS L 40 11.68 44.86 78.10
N ILE L 41 11.38 44.85 79.40
CA ILE L 41 10.02 44.71 79.90
C ILE L 41 9.68 45.94 80.73
N ASN L 42 8.53 46.55 80.45
CA ASN L 42 8.11 47.76 81.14
C ASN L 42 7.27 47.37 82.36
N VAL L 43 7.97 46.99 83.42
CA VAL L 43 7.34 46.69 84.70
C VAL L 43 7.98 47.56 85.77
N GLU L 44 7.39 47.51 86.96
CA GLU L 44 7.90 48.22 88.11
C GLU L 44 8.34 47.20 89.15
N LEU L 45 9.60 47.31 89.58
CA LEU L 45 10.16 46.42 90.59
C LEU L 45 10.33 47.19 91.88
N SER L 46 9.88 46.59 92.98
CA SER L 46 10.02 47.25 94.28
C SER L 46 10.42 46.24 95.34
N LEU L 47 11.28 46.68 96.26
CA LEU L 47 11.59 45.91 97.45
C LEU L 47 10.73 46.43 98.59
N LEU L 48 10.06 45.52 99.29
CA LEU L 48 9.00 45.94 100.20
C LEU L 48 9.50 46.25 101.61
N GLY L 49 10.08 45.27 102.28
CA GLY L 49 10.37 45.46 103.69
C GLY L 49 11.82 45.33 104.07
N LYS L 50 12.15 45.76 105.29
CA LYS L 50 13.46 45.54 105.88
C LYS L 50 13.50 44.29 106.75
N LYS L 51 12.44 43.50 106.71
CA LYS L 51 12.22 42.37 107.60
C LYS L 51 12.30 41.02 106.89
N LYS L 52 11.56 40.85 105.79
CA LYS L 52 11.47 39.58 105.09
C LYS L 52 11.85 39.66 103.62
N LYS L 53 12.07 40.85 103.08
CA LYS L 53 12.60 41.05 101.74
C LYS L 53 11.67 40.41 100.68
N ARG L 54 10.52 41.05 100.52
CA ARG L 54 9.66 40.74 99.38
C ARG L 54 10.04 41.63 98.21
N LEU L 55 10.01 41.06 97.01
CA LEU L 55 10.22 41.80 95.78
C LEU L 55 8.94 41.71 94.94
N ARG L 56 8.32 42.84 94.68
CA ARG L 56 7.06 42.89 93.96
C ARG L 56 7.31 43.39 92.54
N VAL L 57 6.74 42.67 91.58
CA VAL L 57 6.72 43.04 90.18
C VAL L 57 5.31 43.49 89.84
N ASP L 58 5.18 44.71 89.31
CA ASP L 58 3.90 45.31 88.99
C ASP L 58 3.84 45.64 87.52
N LYS L 59 2.70 45.37 86.89
CA LYS L 59 2.42 45.79 85.53
C LYS L 59 1.08 46.52 85.54
N TRP L 60 1.08 47.74 85.03
CA TRP L 60 -0.12 48.57 85.00
C TRP L 60 -0.61 48.69 83.56
N TRP L 61 -1.91 48.50 83.38
CA TRP L 61 -2.58 48.70 82.09
C TRP L 61 -1.96 47.86 80.99
N GLY L 62 -1.70 46.59 81.29
CA GLY L 62 -1.09 45.68 80.33
C GLY L 62 -2.13 44.77 79.69
N ASN L 63 -1.94 44.49 78.41
CA ASN L 63 -2.77 43.50 77.74
C ASN L 63 -2.21 42.11 78.04
N ARG L 64 -2.77 41.10 77.38
CA ARG L 64 -2.48 39.70 77.75
C ARG L 64 -1.01 39.36 77.55
N LYS L 65 -0.42 39.81 76.45
CA LYS L 65 0.96 39.45 76.13
C LYS L 65 1.94 40.01 77.16
N GLU L 66 1.72 41.23 77.61
CA GLU L 66 2.61 41.80 78.61
C GLU L 66 2.19 41.50 80.04
N LEU L 67 1.00 40.93 80.25
CA LEU L 67 0.72 40.31 81.53
C LEU L 67 1.44 38.99 81.66
N ALA L 68 1.74 38.35 80.52
CA ALA L 68 2.49 37.10 80.57
C ALA L 68 3.91 37.28 81.08
N THR L 69 4.44 38.50 81.09
CA THR L 69 5.83 38.73 81.44
C THR L 69 6.09 38.86 82.94
N VAL L 70 5.05 39.09 83.75
CA VAL L 70 5.27 39.30 85.17
C VAL L 70 5.79 38.03 85.84
N ARG L 71 5.13 36.90 85.58
CA ARG L 71 5.60 35.65 86.16
C ARG L 71 6.90 35.20 85.52
N THR L 72 7.17 35.59 84.29
CA THR L 72 8.48 35.31 83.69
C THR L 72 9.59 36.01 84.46
N ILE L 73 9.40 37.30 84.76
CA ILE L 73 10.40 38.03 85.54
C ILE L 73 10.54 37.41 86.93
N CYS L 74 9.42 37.05 87.55
CA CYS L 74 9.47 36.49 88.89
C CYS L 74 10.21 35.15 88.90
N SER L 75 9.96 34.31 87.89
CA SER L 75 10.64 33.02 87.80
C SER L 75 12.13 33.21 87.54
N HIS L 76 12.49 34.20 86.72
CA HIS L 76 13.90 34.48 86.50
C HIS L 76 14.59 34.91 87.78
N VAL L 77 13.92 35.76 88.58
CA VAL L 77 14.51 36.20 89.84
C VAL L 77 14.62 35.04 90.82
N GLN L 78 13.61 34.16 90.85
CA GLN L 78 13.69 32.98 91.70
C GLN L 78 14.84 32.07 91.27
N ASN L 79 15.05 31.94 89.97
CA ASN L 79 16.19 31.15 89.50
C ASN L 79 17.51 31.79 89.90
N MET L 80 17.58 33.12 89.89
CA MET L 80 18.80 33.80 90.35
C MET L 80 19.04 33.54 91.84
N ILE L 81 17.98 33.60 92.65
CA ILE L 81 18.10 33.30 94.07
C ILE L 81 18.57 31.88 94.28
N LYS L 82 17.97 30.94 93.54
CA LYS L 82 18.33 29.54 93.64
C LYS L 82 19.78 29.32 93.23
N GLY L 83 20.24 30.02 92.19
CA GLY L 83 21.61 29.86 91.75
C GLY L 83 22.62 30.40 92.74
N VAL L 84 22.34 31.55 93.34
CA VAL L 84 23.31 32.10 94.28
C VAL L 84 23.23 31.44 95.65
N THR L 85 22.16 30.72 95.95
CA THR L 85 22.09 30.02 97.23
C THR L 85 22.53 28.56 97.14
N LEU L 86 21.95 27.79 96.21
CA LEU L 86 22.26 26.38 96.07
C LEU L 86 23.04 26.05 94.80
N GLY L 87 22.96 26.88 93.77
CA GLY L 87 23.62 26.60 92.52
C GLY L 87 22.82 25.63 91.67
N PHE L 88 23.28 25.46 90.43
CA PHE L 88 22.62 24.59 89.48
C PHE L 88 23.61 23.54 89.01
N ARG L 89 23.17 22.28 89.01
CA ARG L 89 23.98 21.15 88.61
C ARG L 89 23.18 20.29 87.65
N TYR L 90 23.69 20.15 86.43
CA TYR L 90 23.07 19.30 85.42
C TYR L 90 23.92 18.06 85.27
N LYS L 91 23.31 16.89 85.44
CA LYS L 91 23.98 15.63 85.23
C LYS L 91 23.59 15.10 83.85
N MET L 92 24.59 14.84 83.03
CA MET L 92 24.42 14.29 81.70
C MET L 92 24.99 12.88 81.66
N ARG L 93 24.36 12.00 80.90
CA ARG L 93 24.84 10.64 80.69
C ARG L 93 25.19 10.46 79.23
N SER L 94 26.32 9.82 78.96
CA SER L 94 26.69 9.46 77.61
C SER L 94 26.28 8.02 77.37
N VAL L 95 25.40 7.82 76.39
CA VAL L 95 24.89 6.50 76.05
C VAL L 95 25.47 6.11 74.70
N TYR L 96 25.81 4.83 74.57
CA TYR L 96 26.42 4.31 73.35
C TYR L 96 26.11 2.84 73.24
N ALA L 97 26.07 2.35 72.02
CA ALA L 97 25.83 0.94 71.75
C ALA L 97 27.13 0.15 71.59
N HIS L 98 28.03 0.62 70.74
CA HIS L 98 29.28 -0.06 70.48
C HIS L 98 30.50 0.77 70.84
N PHE L 99 30.61 1.99 70.35
CA PHE L 99 31.79 2.81 70.57
C PHE L 99 31.63 3.62 71.84
N PRO L 100 32.43 3.37 72.88
CA PRO L 100 32.35 4.22 74.08
C PRO L 100 32.75 5.65 73.75
N ILE L 101 32.05 6.59 74.39
CA ILE L 101 32.29 8.01 74.18
C ILE L 101 33.28 8.48 75.23
N ASN L 102 34.49 8.80 74.81
CA ASN L 102 35.53 9.26 75.72
C ASN L 102 35.45 10.77 75.84
N VAL L 103 35.30 11.24 77.08
CA VAL L 103 35.16 12.66 77.37
C VAL L 103 36.37 13.09 78.20
N VAL L 104 37.06 14.12 77.74
CA VAL L 104 38.22 14.68 78.42
C VAL L 104 37.89 16.11 78.78
N ILE L 105 38.05 16.46 80.05
CA ILE L 105 37.74 17.79 80.55
C ILE L 105 39.03 18.58 80.62
N GLN L 106 39.15 19.58 79.74
CA GLN L 106 40.34 20.42 79.70
C GLN L 106 40.24 21.53 80.75
N GLU L 107 41.09 22.55 80.62
CA GLU L 107 41.47 23.44 81.72
C GLU L 107 40.26 23.96 82.49
N ASN L 108 40.27 23.69 83.81
CA ASN L 108 39.31 24.24 84.76
C ASN L 108 37.87 23.91 84.40
N GLY L 109 37.66 22.84 83.64
CA GLY L 109 36.32 22.46 83.25
C GLY L 109 35.68 23.30 82.18
N SER L 110 36.44 24.20 81.56
CA SER L 110 35.88 25.12 80.57
C SER L 110 35.83 24.55 79.16
N LEU L 111 36.48 23.42 78.91
CA LEU L 111 36.48 22.82 77.58
C LEU L 111 36.22 21.32 77.71
N VAL L 112 35.42 20.79 76.79
CA VAL L 112 35.05 19.39 76.79
C VAL L 112 35.45 18.80 75.44
N GLU L 113 36.21 17.72 75.46
CA GLU L 113 36.59 17.01 74.24
C GLU L 113 35.88 15.67 74.20
N ILE L 114 35.11 15.44 73.15
CA ILE L 114 34.48 14.17 72.87
C ILE L 114 35.29 13.48 71.78
N ARG L 115 35.74 12.27 72.04
CA ARG L 115 36.73 11.62 71.18
C ARG L 115 36.12 10.62 70.20
N ASN L 116 35.41 9.62 70.72
CA ASN L 116 35.04 8.45 69.94
C ASN L 116 33.54 8.35 69.75
N PHE L 117 32.88 9.47 69.49
CA PHE L 117 31.43 9.44 69.28
C PHE L 117 31.12 8.72 67.99
N LEU L 118 30.43 7.58 68.09
CA LEU L 118 30.09 6.74 66.95
C LEU L 118 31.33 6.27 66.20
N GLY L 119 32.47 6.19 66.90
CA GLY L 119 33.66 5.63 66.31
C GLY L 119 34.35 6.49 65.29
N GLU L 120 33.96 7.74 65.13
CA GLU L 120 34.59 8.59 64.14
C GLU L 120 35.83 9.26 64.70
N LYS L 121 36.73 9.63 63.79
CA LYS L 121 38.01 10.21 64.17
C LYS L 121 37.93 11.69 64.51
N TYR L 122 36.79 12.33 64.28
CA TYR L 122 36.65 13.74 64.61
C TYR L 122 36.64 13.94 66.12
N ILE L 123 37.22 15.06 66.55
CA ILE L 123 37.27 15.42 67.96
C ILE L 123 36.36 16.62 68.16
N ARG L 124 35.39 16.50 69.07
CA ARG L 124 34.46 17.57 69.35
C ARG L 124 34.98 18.40 70.51
N ARG L 125 35.31 19.67 70.25
CA ARG L 125 35.72 20.61 71.28
C ARG L 125 34.55 21.55 71.55
N VAL L 126 33.98 21.46 72.75
CA VAL L 126 32.85 22.30 73.14
C VAL L 126 33.30 23.15 74.31
N ARG L 127 33.17 24.47 74.16
CA ARG L 127 33.59 25.40 75.19
C ARG L 127 32.40 25.81 76.03
N MET L 128 32.51 25.64 77.34
CA MET L 128 31.44 26.00 78.25
C MET L 128 31.29 27.50 78.33
N ARG L 129 30.09 27.94 78.70
CA ARG L 129 29.87 29.35 78.95
C ARG L 129 30.65 29.77 80.20
N PRO L 130 31.06 31.04 80.28
CA PRO L 130 31.80 31.49 81.47
C PRO L 130 30.98 31.32 82.73
N GLY L 131 31.65 30.88 83.80
CA GLY L 131 30.99 30.61 85.05
C GLY L 131 30.42 29.20 85.17
N VAL L 132 30.53 28.38 84.13
CA VAL L 132 30.06 27.00 84.14
C VAL L 132 31.26 26.09 84.11
N ALA L 133 31.31 25.13 85.04
CA ALA L 133 32.41 24.19 85.12
C ALA L 133 31.89 22.78 84.85
N CYS L 134 32.55 22.08 83.95
CA CYS L 134 32.23 20.69 83.65
C CYS L 134 33.23 19.77 84.33
N SER L 135 32.75 18.58 84.71
CA SER L 135 33.60 17.59 85.36
C SER L 135 33.09 16.21 85.03
N VAL L 136 33.94 15.21 85.22
CA VAL L 136 33.59 13.82 85.04
C VAL L 136 33.22 13.25 86.39
N SER L 137 32.01 12.70 86.51
CA SER L 137 31.52 12.22 87.78
C SER L 137 32.32 11.01 88.26
N GLN L 138 32.55 10.96 89.57
CA GLN L 138 33.21 9.83 90.19
C GLN L 138 32.23 8.77 90.70
N ALA L 139 30.93 9.04 90.66
CA ALA L 139 29.94 8.08 91.12
C ALA L 139 29.41 7.20 90.01
N GLN L 140 29.33 7.72 88.79
CA GLN L 140 28.84 6.97 87.65
C GLN L 140 29.91 6.89 86.57
N LYS L 141 29.89 5.78 85.82
CA LYS L 141 30.98 5.51 84.88
C LYS L 141 30.92 6.44 83.67
N ASP L 142 29.73 6.81 83.21
CA ASP L 142 29.56 7.70 82.06
C ASP L 142 28.65 8.83 82.49
N GLU L 143 29.23 9.89 83.07
CA GLU L 143 28.41 10.96 83.60
C GLU L 143 29.23 12.24 83.63
N LEU L 144 28.66 13.30 83.08
CA LEU L 144 29.22 14.64 83.13
C LEU L 144 28.42 15.48 84.12
N ILE L 145 29.11 16.30 84.90
CA ILE L 145 28.48 17.19 85.87
C ILE L 145 28.80 18.61 85.46
N LEU L 146 27.77 19.40 85.17
CA LEU L 146 27.93 20.81 84.83
C LEU L 146 27.37 21.63 85.98
N GLU L 147 28.23 22.42 86.62
CA GLU L 147 27.85 23.18 87.79
C GLU L 147 28.08 24.66 87.55
N GLY L 148 27.13 25.46 88.02
CA GLY L 148 27.26 26.90 87.88
C GLY L 148 26.24 27.62 88.71
N ASN L 149 26.21 28.94 88.53
CA ASN L 149 25.25 29.78 89.24
C ASN L 149 24.10 30.23 88.37
N ASP L 150 24.33 30.41 87.08
CA ASP L 150 23.31 30.90 86.15
C ASP L 150 22.68 29.70 85.48
N ILE L 151 21.37 29.53 85.66
CA ILE L 151 20.68 28.37 85.11
C ILE L 151 20.73 28.40 83.59
N GLU L 152 20.57 29.57 82.98
CA GLU L 152 20.60 29.65 81.53
C GLU L 152 21.97 29.30 80.98
N LEU L 153 23.04 29.76 81.64
CA LEU L 153 24.38 29.42 81.19
C LEU L 153 24.65 27.93 81.34
N VAL L 154 24.27 27.34 82.48
CA VAL L 154 24.51 25.91 82.70
C VAL L 154 23.73 25.08 81.69
N SER L 155 22.46 25.41 81.49
CA SER L 155 21.63 24.65 80.56
C SER L 155 22.05 24.87 79.11
N ASN L 156 22.53 26.07 78.78
CA ASN L 156 23.06 26.30 77.43
C ASN L 156 24.31 25.48 77.20
N SER L 157 25.18 25.39 78.19
CA SER L 157 26.36 24.54 78.06
C SER L 157 25.98 23.08 77.89
N ALA L 158 24.99 22.63 78.67
CA ALA L 158 24.51 21.26 78.53
C ALA L 158 23.91 21.03 77.14
N ALA L 159 23.19 22.01 76.62
CA ALA L 159 22.60 21.89 75.29
C ALA L 159 23.68 21.85 74.22
N LEU L 160 24.75 22.62 74.40
CA LEU L 160 25.88 22.57 73.47
C LEU L 160 26.51 21.18 73.46
N ILE L 161 26.71 20.60 74.65
CA ILE L 161 27.28 19.26 74.72
C ILE L 161 26.34 18.24 74.07
N GLN L 162 25.04 18.36 74.33
CA GLN L 162 24.08 17.42 73.76
C GLN L 162 24.01 17.53 72.25
N GLN L 163 24.02 18.76 71.73
CA GLN L 163 23.90 18.97 70.29
C GLN L 163 25.19 18.69 69.54
N ALA L 164 26.34 18.72 70.23
CA ALA L 164 27.58 18.36 69.55
C ALA L 164 27.57 16.90 69.13
N THR L 165 27.04 16.01 69.98
CA THR L 165 26.98 14.58 69.67
C THR L 165 25.63 14.25 69.04
N THR L 166 25.52 14.63 67.77
CA THR L 166 24.30 14.42 67.00
C THR L 166 24.57 13.43 65.88
N VAL L 167 23.76 12.38 65.82
CA VAL L 167 23.89 11.37 64.77
C VAL L 167 23.28 11.93 63.49
N LYS L 168 24.02 11.83 62.40
CA LYS L 168 23.59 12.38 61.12
C LYS L 168 23.56 11.29 60.05
N ASN L 169 22.61 11.44 59.12
CA ASN L 169 22.42 10.54 57.99
C ASN L 169 22.11 9.12 58.40
N LYS L 170 21.57 8.93 59.60
CA LYS L 170 21.19 7.63 60.12
C LYS L 170 19.84 7.74 60.79
N ASP L 171 19.20 6.61 61.01
CA ASP L 171 17.96 6.56 61.77
C ASP L 171 18.27 6.87 63.24
N ILE L 172 17.84 8.04 63.72
CA ILE L 172 18.12 8.40 65.09
C ILE L 172 17.28 7.63 66.09
N ARG L 173 16.19 6.99 65.65
CA ARG L 173 15.44 6.12 66.53
C ARG L 173 16.17 4.82 66.81
N LYS L 174 17.18 4.49 66.00
CA LYS L 174 18.01 3.31 66.17
C LYS L 174 19.39 3.62 66.69
N PHE L 175 20.04 4.65 66.14
CA PHE L 175 21.35 5.10 66.61
C PHE L 175 21.13 6.12 67.71
N LEU L 176 20.91 5.62 68.91
CA LEU L 176 20.61 6.43 70.07
C LEU L 176 21.84 6.99 70.76
N ASP L 177 23.00 6.96 70.10
CA ASP L 177 24.24 7.32 70.77
C ASP L 177 24.32 8.82 70.99
N GLY L 178 24.86 9.22 72.13
CA GLY L 178 25.06 10.63 72.39
C GLY L 178 25.04 10.91 73.88
N ILE L 179 25.26 12.19 74.20
CA ILE L 179 25.26 12.68 75.57
C ILE L 179 23.96 13.44 75.79
N TYR L 180 23.20 13.03 76.81
CA TYR L 180 21.89 13.60 77.08
C TYR L 180 21.80 14.05 78.52
N VAL L 181 21.08 15.14 78.75
CA VAL L 181 20.88 15.68 80.08
C VAL L 181 20.03 14.70 80.88
N SER L 182 20.63 14.04 81.87
CA SER L 182 19.89 13.06 82.65
C SER L 182 19.02 13.72 83.71
N GLU L 183 19.60 14.64 84.48
CA GLU L 183 18.79 15.32 85.48
C GLU L 183 19.28 16.74 85.70
N LYS L 184 18.41 17.55 86.28
CA LYS L 184 18.70 18.93 86.65
C LYS L 184 18.40 19.09 88.13
N GLY L 185 19.35 19.62 88.87
CA GLY L 185 19.16 19.82 90.28
C GLY L 185 20.06 20.92 90.79
N THR L 186 20.33 20.89 92.08
CA THR L 186 21.16 21.90 92.72
C THR L 186 22.41 21.27 93.30
N VAL L 187 23.29 22.14 93.75
CA VAL L 187 24.44 21.77 94.56
C VAL L 187 24.05 21.99 96.01
N GLN L 188 24.66 21.23 96.91
CA GLN L 188 24.54 21.37 98.36
C GLN L 188 23.19 20.88 98.89
N GLN L 189 22.24 20.63 97.99
CA GLN L 189 20.95 19.99 98.31
C GLN L 189 20.23 20.65 99.50
N ALA L 190 20.41 21.95 99.66
CA ALA L 190 19.84 22.64 100.82
C ALA L 190 18.63 23.47 100.42
N GLY M 1 -14.51 13.51 32.26
CA GLY M 1 -14.86 14.39 31.15
C GLY M 1 -15.79 15.51 31.56
N ARG M 2 -15.98 15.65 32.87
CA ARG M 2 -16.83 16.70 33.40
C ARG M 2 -16.01 17.95 33.68
N ARG M 3 -16.58 19.11 33.36
CA ARG M 3 -15.94 20.37 33.64
C ARG M 3 -15.89 20.62 35.15
N PRO M 4 -14.96 21.44 35.61
CA PRO M 4 -14.99 21.84 37.03
C PRO M 4 -16.27 22.58 37.35
N ALA M 5 -16.75 22.41 38.59
CA ALA M 5 -18.02 22.99 38.99
C ALA M 5 -17.98 24.51 39.04
N ARG M 6 -16.79 25.12 39.02
CA ARG M 6 -16.70 26.57 38.99
C ARG M 6 -17.24 27.15 37.70
N CYS M 7 -17.33 26.35 36.64
CA CYS M 7 -17.87 26.83 35.39
C CYS M 7 -19.39 26.87 35.38
N TYR M 8 -20.04 26.23 36.36
CA TYR M 8 -21.49 26.23 36.46
C TYR M 8 -21.96 26.54 37.88
N ARG M 9 -21.12 27.21 38.67
CA ARG M 9 -21.48 27.49 40.05
C ARG M 9 -22.67 28.43 40.16
N TYR M 10 -22.73 29.45 39.32
CA TYR M 10 -23.67 30.55 39.51
C TYR M 10 -24.94 30.34 38.69
N CYS M 11 -26.05 30.88 39.21
CA CYS M 11 -27.35 30.83 38.53
C CYS M 11 -27.41 31.95 37.49
N LYS M 12 -26.71 31.72 36.38
CA LYS M 12 -26.61 32.76 35.37
C LYS M 12 -27.72 32.71 34.33
N ASN M 13 -28.20 31.52 33.98
CA ASN M 13 -29.23 31.39 32.97
C ASN M 13 -30.61 31.31 33.61
N LYS M 14 -31.64 31.39 32.77
CA LYS M 14 -32.98 31.09 33.20
C LYS M 14 -33.09 29.59 33.44
N PRO M 15 -34.04 29.15 34.28
CA PRO M 15 -34.20 27.71 34.51
C PRO M 15 -34.46 26.97 33.21
N TYR M 16 -33.79 25.83 33.07
CA TYR M 16 -33.76 25.08 31.82
C TYR M 16 -34.13 23.64 32.11
N PRO M 17 -35.40 23.37 32.40
CA PRO M 17 -35.79 22.02 32.81
C PRO M 17 -35.75 21.04 31.64
N LYS M 18 -35.63 19.77 31.99
CA LYS M 18 -35.76 18.71 31.00
C LYS M 18 -37.22 18.58 30.62
N SER M 19 -37.55 19.01 29.41
CA SER M 19 -38.93 19.08 28.96
C SER M 19 -39.00 18.61 27.52
N ARG M 20 -40.14 18.88 26.87
CA ARG M 20 -40.29 18.50 25.47
C ARG M 20 -39.47 19.37 24.52
N PHE M 21 -38.91 20.47 25.02
CA PHE M 21 -38.00 21.27 24.20
C PHE M 21 -36.55 20.88 24.40
N CYS M 22 -36.15 20.64 25.64
CA CYS M 22 -34.79 20.19 25.95
C CYS M 22 -34.80 18.67 25.99
N ARG M 23 -34.32 18.04 24.92
CA ARG M 23 -34.30 16.59 24.80
C ARG M 23 -32.87 16.10 24.78
N GLY M 24 -32.70 14.81 25.07
CA GLY M 24 -31.38 14.23 25.12
C GLY M 24 -30.62 14.50 26.38
N VAL M 25 -31.32 14.74 27.49
CA VAL M 25 -30.65 15.05 28.75
C VAL M 25 -30.18 13.74 29.39
N PRO M 26 -28.90 13.62 29.74
CA PRO M 26 -28.45 12.45 30.50
C PRO M 26 -29.06 12.43 31.88
N ASP M 27 -29.20 11.22 32.42
CA ASP M 27 -29.80 11.07 33.74
C ASP M 27 -28.92 11.68 34.82
N ALA M 28 -29.58 12.21 35.85
CA ALA M 28 -28.87 12.85 36.95
C ALA M 28 -28.07 11.83 37.75
N LYS M 29 -27.00 12.31 38.38
CA LYS M 29 -26.15 11.44 39.16
C LYS M 29 -26.86 10.91 40.40
N ILE M 30 -27.75 11.70 40.99
CA ILE M 30 -28.46 11.31 42.19
C ILE M 30 -29.84 10.81 41.81
N ARG M 31 -30.14 9.57 42.18
CA ARG M 31 -31.45 8.98 41.94
C ARG M 31 -32.21 8.65 43.21
N ILE M 32 -31.51 8.48 44.33
CA ILE M 32 -32.11 8.18 45.62
C ILE M 32 -32.02 9.43 46.48
N PHE M 33 -33.15 9.84 47.05
CA PHE M 33 -33.20 11.03 47.86
C PHE M 33 -33.52 10.77 49.32
N ASP M 34 -34.00 9.57 49.66
CA ASP M 34 -34.36 9.24 51.03
C ASP M 34 -33.61 7.98 51.45
N LEU M 35 -32.97 8.03 52.61
CA LEU M 35 -32.14 6.94 53.09
C LEU M 35 -32.39 6.73 54.57
N GLY M 36 -31.90 5.59 55.07
CA GLY M 36 -32.14 5.23 56.44
C GLY M 36 -33.51 4.58 56.57
N ARG M 37 -33.98 4.53 57.81
CA ARG M 37 -35.29 3.92 58.08
C ARG M 37 -36.36 4.93 57.67
N LYS M 38 -36.75 4.89 56.40
CA LYS M 38 -37.79 5.77 55.90
C LYS M 38 -39.16 5.40 56.43
N LYS M 39 -39.36 4.15 56.85
CA LYS M 39 -40.65 3.70 57.34
C LYS M 39 -40.86 4.01 58.82
N ALA M 40 -39.89 4.66 59.47
CA ALA M 40 -40.04 4.99 60.88
C ALA M 40 -41.20 5.96 61.08
N LYS M 41 -41.95 5.75 62.15
CA LYS M 41 -43.10 6.61 62.44
C LYS M 41 -42.62 7.98 62.89
N VAL M 42 -43.57 8.88 63.11
CA VAL M 42 -43.24 10.27 63.36
C VAL M 42 -42.60 10.43 64.73
N ASP M 43 -43.18 9.80 65.75
CA ASP M 43 -42.66 9.93 67.10
C ASP M 43 -41.33 9.22 67.29
N GLU M 44 -40.95 8.34 66.36
CA GLU M 44 -39.70 7.60 66.50
C GLU M 44 -38.49 8.52 66.42
N PHE M 45 -38.53 9.50 65.52
CA PHE M 45 -37.40 10.38 65.26
C PHE M 45 -37.83 11.82 65.52
N PRO M 46 -37.79 12.27 66.77
CA PRO M 46 -38.25 13.63 67.08
C PRO M 46 -37.29 14.72 66.68
N LEU M 47 -36.00 14.46 66.54
CA LEU M 47 -35.02 15.50 66.31
C LEU M 47 -34.77 15.67 64.81
N GLY M 48 -34.82 16.92 64.35
CA GLY M 48 -34.55 17.24 62.96
C GLY M 48 -33.44 18.25 62.78
N GLY M 49 -32.46 17.91 61.96
CA GLY M 49 -31.37 18.81 61.65
C GLY M 49 -31.26 19.07 60.18
N HIS M 50 -31.28 20.34 59.78
CA HIS M 50 -31.19 20.75 58.40
C HIS M 50 -29.82 21.33 58.10
N MET M 51 -29.45 21.26 56.83
CA MET M 51 -28.28 21.96 56.31
C MET M 51 -28.76 22.97 55.29
N VAL M 52 -28.42 24.23 55.51
CA VAL M 52 -29.05 25.36 54.86
C VAL M 52 -27.98 26.17 54.11
N SER M 53 -28.21 26.40 52.83
CA SER M 53 -27.25 27.18 52.05
C SER M 53 -27.34 28.66 52.41
N ASP M 54 -26.20 29.35 52.36
CA ASP M 54 -26.16 30.78 52.53
C ASP M 54 -25.90 31.52 51.23
N GLU M 55 -25.83 30.81 50.11
CA GLU M 55 -25.54 31.42 48.83
C GLU M 55 -26.59 31.03 47.81
N TYR M 56 -26.85 31.94 46.87
CA TYR M 56 -27.70 31.66 45.72
C TYR M 56 -26.78 31.12 44.64
N GLU M 57 -26.80 29.80 44.44
CA GLU M 57 -25.85 29.16 43.54
C GLU M 57 -26.48 27.87 43.01
N GLN M 58 -25.71 27.15 42.21
CA GLN M 58 -26.13 25.89 41.63
C GLN M 58 -25.30 24.75 42.20
N LEU M 59 -25.98 23.74 42.73
CA LEU M 59 -25.33 22.54 43.23
C LEU M 59 -25.55 21.42 42.22
N SER M 60 -24.47 20.75 41.84
CA SER M 60 -24.56 19.72 40.83
C SER M 60 -25.11 18.42 41.41
N SER M 61 -25.66 17.59 40.52
CA SER M 61 -26.22 16.31 40.95
C SER M 61 -25.13 15.39 41.49
N GLU M 62 -23.93 15.45 40.91
CA GLU M 62 -22.82 14.67 41.44
C GLU M 62 -22.44 15.14 42.84
N ALA M 63 -22.47 16.45 43.09
CA ALA M 63 -22.18 16.95 44.42
C ALA M 63 -23.24 16.50 45.42
N LEU M 64 -24.52 16.52 45.02
CA LEU M 64 -25.58 16.04 45.90
C LEU M 64 -25.40 14.56 46.21
N GLU M 65 -25.04 13.77 45.20
CA GLU M 65 -24.78 12.34 45.40
C GLU M 65 -23.64 12.12 46.37
N ALA M 66 -22.54 12.87 46.21
CA ALA M 66 -21.39 12.70 47.08
C ALA M 66 -21.72 13.07 48.52
N ALA M 67 -22.43 14.19 48.71
CA ALA M 67 -22.80 14.60 50.05
C ALA M 67 -23.74 13.60 50.70
N ARG M 68 -24.68 13.06 49.92
CA ARG M 68 -25.60 12.06 50.44
C ARG M 68 -24.85 10.80 50.86
N ILE M 69 -23.90 10.35 50.05
CA ILE M 69 -23.13 9.15 50.41
C ILE M 69 -22.31 9.38 51.67
N CYS M 70 -21.66 10.54 51.77
CA CYS M 70 -20.84 10.84 52.95
C CYS M 70 -21.68 10.87 54.22
N ALA M 71 -22.81 11.59 54.18
CA ALA M 71 -23.68 11.67 55.33
C ALA M 71 -24.25 10.31 55.70
N ASN M 72 -24.60 9.50 54.70
CA ASN M 72 -25.13 8.17 54.97
C ASN M 72 -24.09 7.30 55.65
N LYS M 73 -22.85 7.32 55.16
CA LYS M 73 -21.83 6.50 55.77
C LYS M 73 -21.58 6.90 57.21
N TYR M 74 -21.50 8.20 57.49
CA TYR M 74 -21.26 8.61 58.86
C TYR M 74 -22.46 8.27 59.77
N MET M 75 -23.67 8.45 59.27
CA MET M 75 -24.84 8.15 60.09
C MET M 75 -24.96 6.67 60.37
N VAL M 76 -24.67 5.82 59.38
CA VAL M 76 -24.69 4.38 59.61
C VAL M 76 -23.60 3.98 60.59
N LYS M 77 -22.43 4.59 60.48
CA LYS M 77 -21.35 4.26 61.42
C LYS M 77 -21.70 4.65 62.84
N SER M 78 -22.29 5.83 63.02
CA SER M 78 -22.50 6.37 64.37
C SER M 78 -23.81 5.87 64.99
N CYS M 79 -24.94 6.15 64.33
CA CYS M 79 -26.25 5.88 64.90
C CYS M 79 -26.83 4.53 64.48
N GLY M 80 -26.11 3.76 63.68
CA GLY M 80 -26.64 2.51 63.18
C GLY M 80 -27.50 2.71 61.95
N ARG M 81 -27.73 1.61 61.23
CA ARG M 81 -28.40 1.71 59.94
C ARG M 81 -29.89 2.00 60.07
N ASP M 82 -30.49 1.76 61.24
CA ASP M 82 -31.92 2.00 61.43
C ASP M 82 -32.20 3.12 62.42
N GLY M 83 -31.20 3.93 62.76
CA GLY M 83 -31.37 4.97 63.74
C GLY M 83 -31.52 6.37 63.19
N PHE M 84 -31.78 6.53 61.89
CA PHE M 84 -31.84 7.84 61.29
C PHE M 84 -32.64 7.74 60.01
N HIS M 85 -33.08 8.91 59.52
CA HIS M 85 -33.71 9.01 58.21
C HIS M 85 -33.26 10.31 57.57
N MET M 86 -32.73 10.22 56.35
CA MET M 86 -32.23 11.38 55.64
C MET M 86 -33.05 11.65 54.39
N ARG M 87 -33.27 12.93 54.12
CA ARG M 87 -34.01 13.37 52.96
C ARG M 87 -33.24 14.52 52.30
N VAL M 88 -32.89 14.33 51.04
CA VAL M 88 -32.27 15.40 50.26
C VAL M 88 -33.37 16.27 49.68
N ARG M 89 -33.35 17.55 50.02
CA ARG M 89 -34.42 18.47 49.65
C ARG M 89 -34.09 19.28 48.40
N LEU M 90 -33.19 18.79 47.56
CA LEU M 90 -32.85 19.46 46.32
C LEU M 90 -32.89 18.43 45.20
N HIS M 91 -33.53 18.79 44.09
CA HIS M 91 -33.61 17.93 42.94
C HIS M 91 -32.97 18.61 41.74
N PRO M 92 -32.08 17.95 41.03
CA PRO M 92 -31.38 18.60 39.93
C PRO M 92 -32.24 18.76 38.69
N PHE M 93 -33.05 19.81 38.66
CA PHE M 93 -33.98 20.03 37.57
C PHE M 93 -33.47 20.99 36.50
N HIS M 94 -32.32 21.62 36.69
CA HIS M 94 -31.83 22.62 35.76
C HIS M 94 -30.72 22.02 34.91
N VAL M 95 -30.91 21.99 33.60
CA VAL M 95 -29.95 21.39 32.69
C VAL M 95 -28.89 22.41 32.32
N ILE M 96 -27.63 22.07 32.54
CA ILE M 96 -26.50 22.89 32.13
C ILE M 96 -25.94 22.32 30.83
N ARG M 97 -25.58 23.23 29.93
CA ARG M 97 -25.18 22.92 28.57
C ARG M 97 -23.68 23.08 28.39
N ILE M 98 -23.15 22.52 27.31
CA ILE M 98 -21.75 22.64 26.96
C ILE M 98 -21.63 22.90 25.46
N ASN M 99 -20.82 23.88 25.10
CA ASN M 99 -20.47 24.13 23.71
C ASN M 99 -19.13 23.46 23.47
N LYS M 100 -19.18 22.22 22.99
CA LYS M 100 -17.99 21.39 22.93
C LYS M 100 -17.07 21.85 21.81
N MET M 101 -15.79 22.05 22.13
CA MET M 101 -14.76 22.39 21.17
C MET M 101 -13.85 21.19 20.99
N LEU M 102 -13.25 21.10 19.80
CA LEU M 102 -12.31 20.02 19.51
C LEU M 102 -10.99 20.28 20.23
N SER M 103 -10.55 19.31 21.01
CA SER M 103 -9.30 19.43 21.77
C SER M 103 -8.12 18.90 20.98
N CYS M 104 -7.99 19.36 19.74
CA CYS M 104 -6.90 18.97 18.86
C CYS M 104 -6.20 20.22 18.37
N ALA M 105 -5.03 20.04 17.75
CA ALA M 105 -4.23 21.15 17.27
C ALA M 105 -4.72 21.64 15.91
N GLY M 106 -5.96 22.13 15.90
CA GLY M 106 -6.54 22.65 14.68
C GLY M 106 -7.85 23.40 14.86
N ALA M 107 -7.89 24.62 14.33
CA ALA M 107 -9.11 25.39 14.25
C ALA M 107 -9.72 25.36 12.86
N ASP M 108 -8.97 24.93 11.85
CA ASP M 108 -9.51 24.75 10.52
C ASP M 108 -10.44 23.55 10.44
N ARG M 109 -10.29 22.58 11.34
CA ARG M 109 -11.14 21.40 11.36
C ARG M 109 -12.52 21.80 11.88
N LEU M 110 -13.27 22.51 11.04
CA LEU M 110 -14.67 22.88 11.23
C LEU M 110 -15.00 23.28 12.66
N GLN M 111 -14.09 24.00 13.31
CA GLN M 111 -14.34 24.41 14.69
C GLN M 111 -15.46 25.43 14.76
N THR M 112 -15.49 26.35 13.80
CA THR M 112 -16.48 27.42 13.65
C THR M 112 -16.45 28.43 14.79
N GLY M 113 -15.68 28.18 15.84
CA GLY M 113 -15.59 29.11 16.95
C GLY M 113 -16.92 29.28 17.65
N MET M 114 -17.39 30.52 17.68
CA MET M 114 -18.60 30.90 18.40
C MET M 114 -19.84 30.87 17.52
N ARG M 115 -19.74 30.39 16.29
CA ARG M 115 -20.90 30.29 15.41
C ARG M 115 -21.75 29.11 15.80
N GLY M 116 -23.06 29.33 15.95
CA GLY M 116 -23.97 28.29 16.36
C GLY M 116 -23.60 27.73 17.71
N ALA M 117 -23.33 28.62 18.66
CA ALA M 117 -22.68 28.24 19.91
C ALA M 117 -23.61 27.63 20.94
N PHE M 118 -24.91 27.56 20.67
CA PHE M 118 -25.84 26.97 21.65
C PHE M 118 -25.44 25.53 21.93
N GLY M 119 -25.31 25.21 23.21
CA GLY M 119 -24.69 23.95 23.60
C GLY M 119 -25.67 22.82 23.74
N LYS M 120 -25.12 21.65 23.85
CA LYS M 120 -25.75 20.36 24.10
C LYS M 120 -25.86 20.15 25.60
N PRO M 121 -26.86 19.39 26.06
CA PRO M 121 -27.03 19.18 27.51
C PRO M 121 -25.85 18.43 28.11
N GLN M 122 -25.11 19.12 28.98
CA GLN M 122 -24.01 18.52 29.72
C GLN M 122 -24.47 17.77 30.96
N GLY M 123 -25.30 18.40 31.78
CA GLY M 123 -25.68 17.75 33.02
C GLY M 123 -26.87 18.43 33.64
N THR M 124 -27.14 18.05 34.89
CA THR M 124 -28.22 18.64 35.66
C THR M 124 -27.70 19.11 37.01
N VAL M 125 -28.16 20.29 37.41
CA VAL M 125 -27.82 20.89 38.70
C VAL M 125 -29.10 21.34 39.36
N ALA M 126 -29.02 21.56 40.67
CA ALA M 126 -30.13 22.05 41.47
C ALA M 126 -29.84 23.49 41.88
N ARG M 127 -30.83 24.35 41.72
CA ARG M 127 -30.71 25.75 42.12
C ARG M 127 -31.11 25.90 43.57
N VAL M 128 -30.25 26.52 44.37
CA VAL M 128 -30.50 26.69 45.79
C VAL M 128 -30.44 28.18 46.11
N HIS M 129 -31.31 28.61 47.01
CA HIS M 129 -31.40 30.00 47.44
C HIS M 129 -30.83 30.16 48.83
N ILE M 130 -30.67 31.41 49.24
CA ILE M 130 -30.25 31.69 50.60
C ILE M 130 -31.37 31.31 51.55
N GLY M 131 -31.06 30.49 52.55
CA GLY M 131 -32.05 30.03 53.47
C GLY M 131 -32.75 28.75 53.07
N GLN M 132 -32.37 28.14 51.96
CA GLN M 132 -33.03 26.92 51.51
C GLN M 132 -32.32 25.70 52.09
N VAL M 133 -33.10 24.70 52.46
CA VAL M 133 -32.56 23.48 53.05
C VAL M 133 -32.04 22.58 51.94
N ILE M 134 -30.85 22.04 52.13
CA ILE M 134 -30.25 21.10 51.19
C ILE M 134 -30.47 19.66 51.62
N MET M 135 -30.17 19.35 52.87
CA MET M 135 -30.36 18.02 53.43
C MET M 135 -31.04 18.12 54.76
N SER M 136 -31.81 17.09 55.11
CA SER M 136 -32.47 17.01 56.40
C SER M 136 -32.26 15.62 56.97
N ILE M 137 -31.94 15.55 58.26
CA ILE M 137 -31.75 14.28 58.96
C ILE M 137 -32.62 14.30 60.20
N ARG M 138 -33.48 13.30 60.34
CA ARG M 138 -34.29 13.13 61.54
C ARG M 138 -33.86 11.86 62.26
N THR M 139 -33.77 11.95 63.57
CA THR M 139 -33.33 10.81 64.37
C THR M 139 -33.75 11.02 65.82
N LYS M 140 -33.25 10.16 66.70
CA LYS M 140 -33.49 10.27 68.12
C LYS M 140 -32.89 11.57 68.65
N LEU M 141 -33.41 12.02 69.79
CA LEU M 141 -32.96 13.28 70.35
C LEU M 141 -31.53 13.21 70.86
N GLN M 142 -31.04 12.02 71.17
CA GLN M 142 -29.69 11.86 71.72
C GLN M 142 -28.61 11.81 70.65
N ASN M 143 -28.97 11.82 69.37
CA ASN M 143 -28.00 11.78 68.28
C ASN M 143 -27.78 13.14 67.64
N GLU M 144 -27.99 14.22 68.40
CA GLU M 144 -27.88 15.57 67.87
C GLU M 144 -26.45 15.85 67.41
N GLU M 145 -25.46 15.47 68.22
CA GLU M 145 -24.07 15.71 67.85
C GLU M 145 -23.67 14.89 66.64
N HIS M 146 -24.21 13.68 66.51
CA HIS M 146 -23.91 12.86 65.35
C HIS M 146 -24.51 13.47 64.09
N VAL M 147 -25.73 14.00 64.19
CA VAL M 147 -26.33 14.68 63.05
C VAL M 147 -25.52 15.90 62.65
N ILE M 148 -25.09 16.69 63.62
CA ILE M 148 -24.29 17.87 63.33
C ILE M 148 -22.98 17.47 62.66
N GLU M 149 -22.34 16.42 63.15
CA GLU M 149 -21.08 15.99 62.53
C GLU M 149 -21.29 15.45 61.13
N ALA M 150 -22.37 14.70 60.90
CA ALA M 150 -22.63 14.18 59.56
C ALA M 150 -22.87 15.32 58.58
N LEU M 151 -23.66 16.32 58.98
CA LEU M 151 -23.91 17.45 58.10
C LEU M 151 -22.65 18.30 57.91
N ARG M 152 -21.83 18.43 58.94
CA ARG M 152 -20.55 19.13 58.81
C ARG M 152 -19.64 18.45 57.80
N ARG M 153 -19.59 17.12 57.85
CA ARG M 153 -18.81 16.37 56.87
C ARG M 153 -19.39 16.52 55.47
N ALA M 154 -20.72 16.50 55.35
CA ALA M 154 -21.35 16.65 54.04
C ALA M 154 -21.14 18.03 53.46
N LYS M 155 -20.90 19.04 54.30
CA LYS M 155 -20.68 20.39 53.81
C LYS M 155 -19.48 20.49 52.89
N PHE M 156 -18.47 19.64 53.09
CA PHE M 156 -17.23 19.74 52.33
C PHE M 156 -17.39 19.32 50.88
N LYS M 157 -18.52 18.76 50.50
CA LYS M 157 -18.76 18.33 49.13
C LYS M 157 -19.45 19.40 48.30
N PHE M 158 -19.64 20.60 48.84
CA PHE M 158 -20.40 21.63 48.16
C PHE M 158 -19.59 22.91 48.04
N PRO M 159 -19.83 23.71 47.00
CA PRO M 159 -18.97 24.87 46.75
C PRO M 159 -19.09 25.99 47.77
N GLY M 160 -20.30 26.43 48.05
CA GLY M 160 -20.52 27.65 48.79
C GLY M 160 -20.39 27.50 50.28
N ARG M 161 -21.19 28.27 51.01
CA ARG M 161 -21.21 28.28 52.46
C ARG M 161 -22.54 27.71 52.94
N GLN M 162 -22.48 26.81 53.92
CA GLN M 162 -23.68 26.19 54.46
C GLN M 162 -23.65 26.25 55.98
N LYS M 163 -24.84 26.29 56.56
CA LYS M 163 -25.03 26.34 57.99
C LYS M 163 -25.76 25.08 58.43
N ILE M 164 -25.49 24.64 59.65
CA ILE M 164 -26.18 23.49 60.24
C ILE M 164 -27.14 24.04 61.27
N HIS M 165 -28.42 23.68 61.16
CA HIS M 165 -29.46 24.25 61.99
C HIS M 165 -30.33 23.13 62.55
N ILE M 166 -30.45 23.06 63.87
CA ILE M 166 -31.35 22.11 64.50
C ILE M 166 -32.73 22.75 64.55
N SER M 167 -33.67 22.21 63.78
CA SER M 167 -34.96 22.86 63.62
C SER M 167 -35.81 22.68 64.88
N LYS M 168 -36.77 23.59 65.04
CA LYS M 168 -37.74 23.49 66.12
C LYS M 168 -38.91 22.58 65.78
N LYS M 169 -39.05 22.18 64.51
CA LYS M 169 -40.12 21.30 64.12
C LYS M 169 -39.86 19.88 64.63
N TRP M 170 -40.94 19.11 64.75
CA TRP M 170 -40.84 17.71 65.16
C TRP M 170 -40.58 16.87 63.92
N GLY M 171 -39.38 16.29 63.83
CA GLY M 171 -39.06 15.43 62.71
C GLY M 171 -39.12 16.19 61.40
N PHE M 172 -39.75 15.57 60.40
CA PHE M 172 -39.92 16.17 59.09
C PHE M 172 -41.26 16.87 58.95
N THR M 173 -42.04 16.97 60.02
CA THR M 173 -43.30 17.67 59.99
C THR M 173 -43.06 19.18 59.99
N LYS M 174 -44.16 19.93 59.83
CA LYS M 174 -44.10 21.38 59.85
C LYS M 174 -44.61 21.96 61.16
N PHE M 175 -44.74 21.15 62.20
CA PHE M 175 -45.30 21.57 63.46
C PHE M 175 -44.22 21.58 64.53
N ASN M 176 -44.29 22.55 65.43
CA ASN M 176 -43.28 22.74 66.45
C ASN M 176 -43.26 21.56 67.42
N ALA M 177 -42.06 21.23 67.90
CA ALA M 177 -41.89 20.08 68.77
C ALA M 177 -42.60 20.25 70.11
N ASP M 178 -42.67 21.48 70.62
CA ASP M 178 -43.31 21.71 71.91
C ASP M 178 -44.82 21.53 71.82
N GLU M 179 -45.43 21.91 70.70
CA GLU M 179 -46.87 21.77 70.50
C GLU M 179 -47.26 20.43 69.91
N PHE M 180 -46.29 19.65 69.42
CA PHE M 180 -46.61 18.41 68.73
C PHE M 180 -47.33 17.43 69.64
N GLU M 181 -46.84 17.28 70.87
CA GLU M 181 -47.39 16.26 71.76
C GLU M 181 -48.84 16.55 72.11
N ASP M 182 -49.14 17.79 72.51
CA ASP M 182 -50.52 18.06 72.90
C ASP M 182 -51.43 18.15 71.69
N MET M 183 -50.90 18.51 70.52
CA MET M 183 -51.72 18.46 69.31
C MET M 183 -52.12 17.03 68.97
N VAL M 184 -51.18 16.08 69.09
CA VAL M 184 -51.53 14.68 68.88
C VAL M 184 -52.48 14.20 69.97
N ALA M 185 -52.30 14.70 71.20
CA ALA M 185 -53.18 14.29 72.30
C ALA M 185 -54.62 14.72 72.05
N LYS M 186 -54.82 15.96 71.60
CA LYS M 186 -56.15 16.46 71.29
C LYS M 186 -56.57 16.12 69.86
N LYS M 187 -55.78 15.31 69.16
CA LYS M 187 -56.14 14.77 67.85
C LYS M 187 -56.26 15.84 66.78
N CYS M 188 -55.51 16.92 66.91
CA CYS M 188 -55.33 17.81 65.77
C CYS M 188 -54.37 17.21 64.76
N LEU M 189 -53.59 16.21 65.16
CA LEU M 189 -52.65 15.53 64.28
C LEU M 189 -52.89 14.03 64.37
N ILE M 190 -52.84 13.36 63.23
CA ILE M 190 -52.99 11.91 63.15
C ILE M 190 -51.75 11.36 62.46
N PRO M 191 -50.96 10.52 63.12
CA PRO M 191 -49.76 9.98 62.46
C PRO M 191 -50.11 9.06 61.30
N ASP M 192 -49.28 9.10 60.26
CA ASP M 192 -49.32 8.11 59.19
C ASP M 192 -47.96 8.08 58.50
N GLY M 193 -47.35 6.90 58.45
CA GLY M 193 -46.02 6.77 57.89
C GLY M 193 -45.03 7.65 58.62
N CYS M 194 -44.26 8.41 57.85
CA CYS M 194 -43.29 9.33 58.41
C CYS M 194 -43.86 10.72 58.64
N GLY M 195 -45.15 10.94 58.36
CA GLY M 195 -45.72 12.26 58.46
C GLY M 195 -46.96 12.26 59.34
N VAL M 196 -47.51 13.46 59.54
CA VAL M 196 -48.74 13.63 60.29
C VAL M 196 -49.75 14.31 59.39
N LYS M 197 -51.01 13.91 59.53
CA LYS M 197 -52.13 14.56 58.87
C LYS M 197 -52.77 15.54 59.84
N TYR M 198 -52.85 16.80 59.42
CA TYR M 198 -53.54 17.81 60.20
C TYR M 198 -55.05 17.65 60.01
N VAL M 199 -55.77 17.61 61.12
CA VAL M 199 -57.22 17.42 61.06
C VAL M 199 -57.88 18.71 61.52
N PRO M 200 -58.33 19.55 60.59
CA PRO M 200 -58.99 20.80 61.00
C PRO M 200 -60.37 20.54 61.56
N SER M 201 -60.87 21.52 62.30
CA SER M 201 -62.20 21.43 62.90
C SER M 201 -63.27 21.92 61.93
N HIS M 202 -63.25 21.40 60.70
CA HIS M 202 -64.32 21.65 59.77
C HIS M 202 -64.43 20.47 58.82
N GLY M 203 -65.60 20.32 58.21
CA GLY M 203 -65.90 19.16 57.40
C GLY M 203 -67.08 18.40 57.97
N PRO M 204 -67.37 17.24 57.41
CA PRO M 204 -68.48 16.43 57.94
C PRO M 204 -68.18 15.94 59.35
N LEU M 205 -69.25 15.81 60.14
CA LEU M 205 -69.09 15.27 61.48
C LEU M 205 -68.83 13.76 61.48
N ASP M 206 -69.04 13.07 60.36
CA ASP M 206 -68.70 11.67 60.30
C ASP M 206 -67.20 11.46 60.46
N LYS M 207 -66.40 12.34 59.84
CA LYS M 207 -64.97 12.29 60.03
C LYS M 207 -64.58 12.64 61.46
N TRP M 208 -65.40 13.41 62.16
CA TRP M 208 -65.10 13.71 63.55
C TRP M 208 -65.44 12.53 64.45
N ARG M 209 -66.54 11.84 64.18
CA ARG M 209 -66.95 10.74 65.03
C ARG M 209 -66.30 9.41 64.67
N VAL M 210 -65.62 9.30 63.52
CA VAL M 210 -64.74 8.15 63.36
C VAL M 210 -63.52 8.30 64.26
N LEU M 211 -63.03 9.53 64.43
CA LEU M 211 -62.16 9.83 65.55
C LEU M 211 -63.00 9.87 66.83
N HIS M 212 -62.31 9.93 67.96
CA HIS M 212 -62.96 9.87 69.27
C HIS M 212 -63.82 8.62 69.40
N SER M 213 -63.35 7.52 68.80
CA SER M 213 -64.11 6.28 68.80
C SER M 213 -63.18 5.07 68.66
N LYS N 6 -99.49 3.12 50.53
CA LYS N 6 -98.17 3.28 51.11
C LYS N 6 -97.15 3.70 50.06
N GLU N 7 -97.18 3.04 48.90
CA GLU N 7 -96.27 3.32 47.81
C GLU N 7 -96.93 4.25 46.81
N ASN N 8 -96.23 5.30 46.42
CA ASN N 8 -96.75 6.24 45.45
C ASN N 8 -96.86 5.58 44.08
N PRO N 9 -98.02 5.66 43.42
CA PRO N 9 -98.15 5.02 42.09
C PRO N 9 -97.18 5.55 41.06
N MET N 10 -96.62 6.73 41.25
CA MET N 10 -95.68 7.30 40.30
C MET N 10 -94.29 6.68 40.41
N ARG N 11 -94.08 5.78 41.37
CA ARG N 11 -92.79 5.11 41.54
C ARG N 11 -92.77 3.70 40.96
N GLU N 12 -93.84 3.28 40.29
CA GLU N 12 -93.92 1.90 39.84
C GLU N 12 -92.96 1.65 38.69
N LEU N 13 -92.18 0.57 38.80
CA LEU N 13 -91.25 0.21 37.76
C LEU N 13 -91.99 -0.29 36.52
N ARG N 14 -91.39 -0.05 35.36
CA ARG N 14 -91.95 -0.50 34.10
C ARG N 14 -90.82 -0.59 33.08
N ILE N 15 -91.09 -1.28 31.99
CA ILE N 15 -90.10 -1.42 30.93
C ILE N 15 -90.12 -0.17 30.07
N ARG N 16 -88.96 0.45 29.90
CA ARG N 16 -88.87 1.58 28.99
C ARG N 16 -88.71 1.11 27.55
N LYS N 17 -87.62 0.38 27.28
CA LYS N 17 -87.37 -0.18 25.97
C LYS N 17 -86.72 -1.54 26.13
N LEU N 18 -86.71 -2.31 25.05
CA LEU N 18 -86.15 -3.66 25.12
C LEU N 18 -84.88 -3.85 24.32
N CYS N 19 -84.70 -3.14 23.20
CA CYS N 19 -83.40 -3.01 22.53
C CYS N 19 -82.83 -4.36 22.09
N LEU N 20 -83.50 -4.95 21.10
CA LEU N 20 -82.98 -6.16 20.47
C LEU N 20 -81.78 -5.83 19.60
N ASN N 21 -80.76 -6.70 19.66
CA ASN N 21 -79.54 -6.47 18.88
C ASN N 21 -78.99 -7.79 18.33
N ILE N 22 -78.67 -7.82 17.05
CA ILE N 22 -78.04 -8.96 16.41
C ILE N 22 -76.76 -8.48 15.76
N CYS N 23 -75.61 -8.94 16.26
CA CYS N 23 -74.32 -8.52 15.74
C CYS N 23 -73.76 -9.60 14.83
N VAL N 24 -74.18 -9.55 13.57
CA VAL N 24 -73.55 -10.38 12.54
C VAL N 24 -72.14 -9.86 12.32
N GLY N 25 -71.20 -10.78 12.12
CA GLY N 25 -69.81 -10.38 11.96
C GLY N 25 -69.56 -9.50 10.75
N GLU N 26 -70.18 -9.84 9.62
CA GLU N 26 -69.92 -9.13 8.38
C GLU N 26 -71.19 -8.55 7.78
N SER N 27 -71.09 -7.97 6.59
CA SER N 27 -72.21 -7.36 5.90
C SER N 27 -72.74 -8.28 4.81
N GLY N 28 -73.77 -7.83 4.12
CA GLY N 28 -74.28 -8.53 2.97
C GLY N 28 -75.52 -9.37 3.22
N ASP N 29 -75.51 -10.59 2.66
CA ASP N 29 -76.68 -11.45 2.74
C ASP N 29 -76.99 -11.84 4.18
N ARG N 30 -75.95 -12.14 4.97
CA ARG N 30 -76.17 -12.52 6.36
C ARG N 30 -76.83 -11.38 7.14
N LEU N 31 -76.34 -10.16 6.94
CA LEU N 31 -76.92 -9.02 7.63
C LEU N 31 -78.35 -8.75 7.17
N THR N 32 -78.61 -8.90 5.88
CA THR N 32 -79.98 -8.72 5.39
C THR N 32 -80.93 -9.75 5.99
N ARG N 33 -80.48 -11.00 6.07
CA ARG N 33 -81.32 -12.04 6.68
C ARG N 33 -81.55 -11.78 8.15
N ALA N 34 -80.53 -11.30 8.88
CA ALA N 34 -80.72 -10.96 10.28
C ALA N 34 -81.69 -9.80 10.44
N ALA N 35 -81.62 -8.82 9.54
CA ALA N 35 -82.58 -7.72 9.57
C ALA N 35 -83.99 -8.23 9.33
N LYS N 36 -84.15 -9.19 8.43
CA LYS N 36 -85.46 -9.79 8.21
C LYS N 36 -85.94 -10.54 9.45
N VAL N 37 -85.01 -11.20 10.15
CA VAL N 37 -85.36 -11.87 11.41
C VAL N 37 -85.94 -10.86 12.40
N LEU N 38 -85.21 -9.76 12.60
CA LEU N 38 -85.68 -8.75 13.56
C LEU N 38 -87.00 -8.14 13.13
N GLU N 39 -87.15 -7.85 11.84
CA GLU N 39 -88.39 -7.25 11.35
C GLU N 39 -89.57 -8.19 11.53
N GLN N 40 -89.38 -9.48 11.29
CA GLN N 40 -90.45 -10.44 11.49
C GLN N 40 -90.76 -10.61 12.97
N LEU N 41 -89.74 -10.58 13.83
CA LEU N 41 -89.98 -10.75 15.26
C LEU N 41 -90.73 -9.56 15.84
N THR N 42 -90.38 -8.34 15.43
CA THR N 42 -90.93 -7.15 16.07
C THR N 42 -92.10 -6.54 15.32
N GLY N 43 -92.37 -6.97 14.09
CA GLY N 43 -93.34 -6.26 13.27
C GLY N 43 -92.91 -4.83 13.03
N GLN N 44 -91.62 -4.61 12.80
CA GLN N 44 -91.04 -3.29 12.91
C GLN N 44 -89.66 -3.25 12.27
N THR N 45 -89.40 -2.24 11.44
CA THR N 45 -88.16 -2.19 10.68
C THR N 45 -86.97 -1.91 11.58
N PRO N 46 -85.90 -2.70 11.50
CA PRO N 46 -84.70 -2.41 12.28
C PRO N 46 -83.72 -1.51 11.54
N VAL N 47 -82.62 -1.14 12.17
CA VAL N 47 -81.60 -0.31 11.54
C VAL N 47 -80.24 -1.00 11.66
N PHE N 48 -79.36 -0.65 10.74
CA PHE N 48 -78.03 -1.25 10.65
C PHE N 48 -77.00 -0.37 11.34
N SER N 49 -76.08 -1.02 12.04
CA SER N 49 -75.01 -0.35 12.77
C SER N 49 -73.69 -0.66 12.09
N LYS N 50 -72.93 0.39 11.78
CA LYS N 50 -71.65 0.30 11.11
C LYS N 50 -70.52 0.12 12.12
N ALA N 51 -69.38 -0.33 11.63
CA ALA N 51 -68.20 -0.51 12.47
C ALA N 51 -67.52 0.83 12.72
N ARG N 52 -67.23 1.11 13.99
CA ARG N 52 -66.56 2.36 14.32
C ARG N 52 -65.13 2.39 13.81
N TYR N 53 -64.41 1.29 13.97
CA TYR N 53 -63.02 1.19 13.56
C TYR N 53 -62.84 0.00 12.63
N THR N 54 -61.63 -0.12 12.10
CA THR N 54 -61.25 -1.24 11.26
C THR N 54 -60.29 -2.13 12.05
N VAL N 55 -60.68 -3.38 12.25
CA VAL N 55 -59.83 -4.36 12.93
C VAL N 55 -59.62 -5.54 12.00
N ARG N 56 -58.39 -6.02 11.91
CA ARG N 56 -58.06 -7.14 11.05
C ARG N 56 -58.36 -8.48 11.68
N SER N 57 -58.41 -8.54 13.02
CA SER N 57 -58.72 -9.79 13.69
C SER N 57 -60.13 -10.26 13.37
N PHE N 58 -61.10 -9.35 13.38
CA PHE N 58 -62.48 -9.70 13.08
C PHE N 58 -62.82 -9.54 11.62
N GLY N 59 -61.89 -9.02 10.81
CA GLY N 59 -62.13 -8.89 9.39
C GLY N 59 -63.22 -7.92 9.02
N ILE N 60 -63.29 -6.78 9.71
CA ILE N 60 -64.28 -5.75 9.42
C ILE N 60 -63.58 -4.44 9.12
N ARG N 61 -64.25 -3.60 8.35
CA ARG N 61 -63.73 -2.30 7.96
C ARG N 61 -64.57 -1.19 8.56
N ARG N 62 -63.97 -0.01 8.66
CA ARG N 62 -64.70 1.15 9.17
C ARG N 62 -65.85 1.51 8.23
N ASN N 63 -66.96 1.95 8.82
CA ASN N 63 -68.16 2.37 8.10
C ASN N 63 -68.80 1.24 7.32
N GLU N 64 -68.49 -0.01 7.67
CA GLU N 64 -69.12 -1.18 7.08
C GLU N 64 -70.26 -1.63 7.98
N LYS N 65 -71.44 -1.84 7.38
CA LYS N 65 -72.61 -2.25 8.14
C LYS N 65 -72.38 -3.60 8.77
N ILE N 66 -72.26 -3.65 10.10
CA ILE N 66 -71.92 -4.86 10.81
C ILE N 66 -73.14 -5.49 11.45
N ALA N 67 -73.86 -4.75 12.27
CA ALA N 67 -74.92 -5.33 13.07
C ALA N 67 -76.27 -4.76 12.67
N VAL N 68 -77.32 -5.30 13.27
CA VAL N 68 -78.67 -4.80 13.11
C VAL N 68 -79.31 -4.73 14.50
N HIS N 69 -80.18 -3.75 14.70
CA HIS N 69 -80.78 -3.60 16.02
C HIS N 69 -82.08 -2.81 15.90
N CYS N 70 -82.91 -2.93 16.94
CA CYS N 70 -84.15 -2.19 16.99
C CYS N 70 -84.62 -2.10 18.43
N THR N 71 -85.12 -0.93 18.81
CA THR N 71 -85.67 -0.70 20.14
C THR N 71 -87.18 -0.88 20.08
N VAL N 72 -87.72 -1.62 21.02
CA VAL N 72 -89.14 -1.95 21.07
C VAL N 72 -89.68 -1.46 22.41
N ARG N 73 -90.79 -0.73 22.37
CA ARG N 73 -91.38 -0.13 23.56
C ARG N 73 -92.84 -0.53 23.69
N GLY N 74 -93.28 -0.70 24.94
CA GLY N 74 -94.68 -0.90 25.24
C GLY N 74 -95.14 -2.33 25.37
N ALA N 75 -96.38 -2.58 24.94
CA ALA N 75 -96.96 -3.92 25.05
C ALA N 75 -96.18 -4.92 24.21
N LYS N 76 -95.73 -4.52 23.02
CA LYS N 76 -94.90 -5.39 22.21
C LYS N 76 -93.62 -5.76 22.93
N ALA N 77 -93.02 -4.78 23.63
CA ALA N 77 -91.83 -5.07 24.42
C ALA N 77 -92.14 -6.07 25.53
N GLU N 78 -93.30 -5.92 26.17
CA GLU N 78 -93.67 -6.87 27.22
C GLU N 78 -93.82 -8.28 26.67
N GLU N 79 -94.48 -8.44 25.52
CA GLU N 79 -94.64 -9.77 24.94
C GLU N 79 -93.30 -10.37 24.50
N ILE N 80 -92.44 -9.57 23.90
CA ILE N 80 -91.15 -10.09 23.45
C ILE N 80 -90.28 -10.47 24.62
N LEU N 81 -90.31 -9.68 25.70
CA LEU N 81 -89.57 -10.05 26.90
C LEU N 81 -90.13 -11.31 27.52
N GLU N 82 -91.46 -11.48 27.48
CA GLU N 82 -92.06 -12.71 27.97
C GLU N 82 -91.56 -13.92 27.19
N LYS N 83 -91.50 -13.80 25.87
CA LYS N 83 -91.00 -14.91 25.05
C LYS N 83 -89.53 -15.20 25.34
N GLY N 84 -88.72 -14.16 25.46
CA GLY N 84 -87.31 -14.36 25.76
C GLY N 84 -87.08 -15.01 27.11
N LEU N 85 -87.84 -14.59 28.12
CA LEU N 85 -87.71 -15.22 29.43
C LEU N 85 -88.26 -16.64 29.44
N LYS N 86 -89.26 -16.92 28.61
CA LYS N 86 -89.71 -18.29 28.42
C LYS N 86 -88.58 -19.16 27.88
N VAL N 87 -87.84 -18.64 26.90
CA VAL N 87 -86.69 -19.39 26.39
C VAL N 87 -85.64 -19.57 27.48
N ARG N 88 -85.36 -18.50 28.24
CA ARG N 88 -84.40 -18.58 29.33
C ARG N 88 -84.89 -19.39 30.53
N GLU N 89 -86.14 -19.86 30.49
CA GLU N 89 -86.74 -20.62 31.59
C GLU N 89 -86.82 -19.79 32.86
N TYR N 90 -86.99 -18.47 32.69
CA TYR N 90 -87.23 -17.54 33.81
C TYR N 90 -86.14 -17.61 34.87
N GLU N 91 -84.88 -17.70 34.43
CA GLU N 91 -83.76 -17.64 35.35
C GLU N 91 -82.68 -16.74 34.77
N LEU N 92 -82.07 -15.94 35.64
CA LEU N 92 -81.03 -15.01 35.25
C LEU N 92 -79.92 -15.05 36.29
N ARG N 93 -78.70 -14.82 35.84
CA ARG N 93 -77.56 -14.77 36.75
C ARG N 93 -77.54 -13.46 37.51
N LYS N 94 -76.93 -13.49 38.70
CA LYS N 94 -76.83 -12.30 39.54
C LYS N 94 -76.13 -11.16 38.80
N ASN N 95 -75.13 -11.49 37.98
CA ASN N 95 -74.39 -10.47 37.26
C ASN N 95 -75.09 -10.00 35.98
N ASN N 96 -76.26 -10.56 35.65
CA ASN N 96 -76.97 -10.07 34.48
C ASN N 96 -77.60 -8.70 34.70
N PHE N 97 -77.60 -8.19 35.92
CA PHE N 97 -78.22 -6.91 36.25
C PHE N 97 -77.15 -5.84 36.41
N SER N 98 -77.30 -4.74 35.68
CA SER N 98 -76.36 -3.64 35.78
C SER N 98 -76.66 -2.81 37.02
N ASP N 99 -75.65 -2.03 37.45
CA ASP N 99 -75.79 -1.19 38.62
C ASP N 99 -76.71 0.00 38.40
N THR N 100 -77.11 0.27 37.16
CA THR N 100 -78.02 1.38 36.87
C THR N 100 -79.48 0.96 36.85
N GLY N 101 -79.78 -0.30 37.17
CA GLY N 101 -81.15 -0.72 37.30
C GLY N 101 -81.80 -1.29 36.07
N ASN N 102 -81.03 -1.87 35.17
CA ASN N 102 -81.56 -2.47 33.95
C ASN N 102 -80.71 -3.68 33.59
N PHE N 103 -81.28 -4.60 32.81
CA PHE N 103 -80.61 -5.89 32.66
C PHE N 103 -80.82 -6.42 31.25
N GLY N 104 -80.27 -7.60 31.00
CA GLY N 104 -80.36 -8.20 29.69
C GLY N 104 -79.83 -9.62 29.70
N PHE N 105 -80.01 -10.28 28.56
CA PHE N 105 -79.57 -11.66 28.38
C PHE N 105 -79.43 -11.92 26.88
N GLY N 106 -79.13 -13.16 26.53
CA GLY N 106 -78.94 -13.53 25.14
C GLY N 106 -79.67 -14.81 24.80
N ILE N 107 -80.15 -14.88 23.58
CA ILE N 107 -80.85 -16.04 23.05
C ILE N 107 -80.04 -16.61 21.90
N GLN N 108 -79.75 -17.90 21.97
CA GLN N 108 -78.83 -18.52 21.03
C GLN N 108 -79.48 -18.77 19.67
N GLU N 109 -80.75 -19.15 19.65
CA GLU N 109 -81.47 -19.41 18.41
C GLU N 109 -82.77 -18.63 18.42
N HIS N 110 -83.03 -17.88 17.36
CA HIS N 110 -84.22 -17.05 17.33
C HIS N 110 -85.49 -17.82 17.04
N ILE N 111 -85.41 -19.09 16.66
CA ILE N 111 -86.61 -19.81 16.24
C ILE N 111 -87.30 -20.53 17.40
N ASP N 112 -86.71 -20.50 18.60
CA ASP N 112 -87.36 -21.14 19.74
C ASP N 112 -88.35 -20.21 20.44
N LEU N 113 -88.46 -18.96 20.00
CA LEU N 113 -89.43 -18.03 20.55
C LEU N 113 -90.34 -17.55 19.42
N GLY N 114 -91.48 -18.22 19.27
CA GLY N 114 -92.51 -17.79 18.37
C GLY N 114 -92.22 -17.97 16.89
N ILE N 115 -91.13 -17.37 16.42
CA ILE N 115 -90.84 -17.33 14.99
C ILE N 115 -90.48 -18.73 14.52
N LYS N 116 -91.14 -19.17 13.44
CA LYS N 116 -90.82 -20.47 12.86
C LYS N 116 -89.66 -20.36 11.88
N TYR N 117 -88.99 -21.49 11.67
CA TYR N 117 -87.85 -21.53 10.77
C TYR N 117 -88.29 -21.31 9.32
N ASP N 118 -87.41 -20.67 8.55
CA ASP N 118 -87.57 -20.50 7.13
C ASP N 118 -86.24 -20.83 6.47
N PRO N 119 -86.26 -21.57 5.35
CA PRO N 119 -84.98 -21.96 4.71
C PRO N 119 -84.13 -20.78 4.28
N SER N 120 -84.75 -19.66 3.91
CA SER N 120 -84.01 -18.45 3.59
C SER N 120 -83.64 -17.63 4.83
N ILE N 121 -83.83 -18.20 6.02
CA ILE N 121 -83.54 -17.56 7.28
C ILE N 121 -82.59 -18.44 8.08
N GLY N 122 -81.56 -17.85 8.65
CA GLY N 122 -80.55 -18.58 9.39
C GLY N 122 -81.01 -19.03 10.76
N ILE N 123 -80.04 -19.16 11.66
CA ILE N 123 -80.25 -19.67 13.01
C ILE N 123 -79.77 -18.57 13.96
N TYR N 124 -80.05 -17.32 13.59
CA TYR N 124 -79.48 -16.16 14.26
C TYR N 124 -79.81 -16.14 15.74
N GLY N 125 -78.79 -15.83 16.55
CA GLY N 125 -79.01 -15.46 17.93
C GLY N 125 -79.11 -13.96 18.09
N LEU N 126 -79.38 -13.52 19.30
CA LEU N 126 -79.67 -12.11 19.52
C LEU N 126 -79.52 -11.77 21.00
N ASP N 127 -79.47 -10.47 21.27
CA ASP N 127 -79.31 -9.92 22.61
C ASP N 127 -80.56 -9.13 22.98
N PHE N 128 -81.12 -9.44 24.14
CA PHE N 128 -82.18 -8.67 24.76
C PHE N 128 -81.53 -7.80 25.83
N TYR N 129 -81.89 -6.52 25.88
CA TYR N 129 -81.42 -5.68 26.96
C TYR N 129 -82.54 -4.73 27.37
N VAL N 130 -83.30 -5.13 28.37
CA VAL N 130 -84.42 -4.34 28.83
C VAL N 130 -83.93 -3.24 29.77
N VAL N 131 -84.52 -2.05 29.58
CA VAL N 131 -84.21 -0.87 30.37
C VAL N 131 -85.43 -0.55 31.20
N LEU N 132 -85.26 -0.56 32.52
CA LEU N 132 -86.36 -0.27 33.44
C LEU N 132 -86.45 1.23 33.69
N GLY N 133 -87.64 1.68 34.04
CA GLY N 133 -87.85 3.08 34.31
C GLY N 133 -89.03 3.29 35.23
N ARG N 134 -89.19 4.53 35.68
CA ARG N 134 -90.32 4.99 36.45
C ARG N 134 -91.01 6.11 35.70
N PRO N 135 -92.27 6.38 35.99
CA PRO N 135 -92.93 7.56 35.41
C PRO N 135 -92.19 8.83 35.78
N GLY N 136 -91.62 9.51 34.78
CA GLY N 136 -90.83 10.70 35.01
C GLY N 136 -89.39 10.61 34.55
N PHE N 137 -88.96 9.50 33.97
CA PHE N 137 -87.58 9.42 33.48
C PHE N 137 -87.37 10.20 32.19
N SER N 138 -88.44 10.65 31.54
CA SER N 138 -88.31 11.35 30.28
C SER N 138 -87.79 12.77 30.43
N ILE N 139 -87.70 13.29 31.65
CA ILE N 139 -87.19 14.65 31.83
C ILE N 139 -85.72 14.73 31.48
N ALA N 140 -84.99 13.61 31.58
CA ALA N 140 -83.61 13.60 31.15
C ALA N 140 -83.48 13.64 29.63
N ASP N 141 -84.55 13.32 28.91
CA ASP N 141 -84.53 13.25 27.46
C ASP N 141 -85.28 14.39 26.79
N LYS N 142 -86.09 15.14 27.53
CA LYS N 142 -86.86 16.21 26.92
C LYS N 142 -85.95 17.36 26.50
N LYS N 143 -86.46 18.20 25.60
CA LYS N 143 -85.66 19.28 25.04
C LYS N 143 -85.65 20.49 25.96
N ARG N 144 -86.81 20.96 26.38
CA ARG N 144 -86.93 22.18 27.15
C ARG N 144 -86.99 21.86 28.64
N ARG N 145 -86.13 22.52 29.42
CA ARG N 145 -86.05 22.33 30.87
C ARG N 145 -85.77 20.88 31.24
N THR N 146 -84.77 20.30 30.59
CA THR N 146 -84.35 18.96 30.94
C THR N 146 -83.64 18.95 32.28
N GLY N 147 -83.62 17.79 32.92
CA GLY N 147 -82.97 17.67 34.22
C GLY N 147 -82.78 16.22 34.60
N CYS N 148 -82.04 16.02 35.69
CA CYS N 148 -81.78 14.69 36.21
C CYS N 148 -82.96 14.22 37.07
N ILE N 149 -83.02 12.91 37.29
CA ILE N 149 -84.20 12.34 37.93
C ILE N 149 -84.16 12.38 39.45
N GLY N 150 -83.00 12.56 40.05
CA GLY N 150 -82.98 12.55 41.51
C GLY N 150 -82.63 11.17 42.07
N ALA N 151 -82.07 11.18 43.26
CA ALA N 151 -81.48 9.97 43.81
C ALA N 151 -82.54 8.94 44.20
N LYS N 152 -83.62 9.38 44.83
CA LYS N 152 -84.64 8.44 45.27
C LYS N 152 -85.42 7.85 44.12
N HIS N 153 -85.55 8.59 43.02
CA HIS N 153 -86.30 8.12 41.87
C HIS N 153 -85.52 7.13 41.01
N ARG N 154 -84.24 6.94 41.28
CA ARG N 154 -83.43 6.04 40.49
C ARG N 154 -83.83 4.58 40.75
N ILE N 155 -83.25 3.69 39.97
CA ILE N 155 -83.48 2.25 40.10
C ILE N 155 -82.15 1.59 40.39
N SER N 156 -82.12 0.77 41.44
CA SER N 156 -80.92 0.06 41.82
C SER N 156 -80.97 -1.38 41.30
N LYS N 157 -79.82 -2.05 41.40
CA LYS N 157 -79.74 -3.45 41.00
C LYS N 157 -80.67 -4.32 41.84
N GLU N 158 -80.75 -4.04 43.15
CA GLU N 158 -81.67 -4.77 44.01
C GLU N 158 -83.11 -4.54 43.61
N GLU N 159 -83.46 -3.29 43.26
CA GLU N 159 -84.82 -2.99 42.83
C GLU N 159 -85.15 -3.71 41.54
N ALA N 160 -84.20 -3.77 40.60
CA ALA N 160 -84.44 -4.47 39.35
C ALA N 160 -84.64 -5.97 39.59
N MET N 161 -83.81 -6.56 40.45
CA MET N 161 -83.96 -7.98 40.75
C MET N 161 -85.29 -8.26 41.44
N ARG N 162 -85.70 -7.38 42.36
CA ARG N 162 -87.00 -7.51 43.00
C ARG N 162 -88.13 -7.45 41.98
N TRP N 163 -88.07 -6.47 41.07
CA TRP N 163 -89.11 -6.32 40.07
C TRP N 163 -89.20 -7.56 39.20
N PHE N 164 -88.05 -8.11 38.82
CA PHE N 164 -88.03 -9.35 38.06
C PHE N 164 -88.70 -10.48 38.84
N GLN N 165 -88.40 -10.59 40.13
CA GLN N 165 -88.96 -11.67 40.93
C GLN N 165 -90.46 -11.54 41.11
N GLN N 166 -90.97 -10.34 41.39
CA GLN N 166 -92.43 -10.25 41.55
C GLN N 166 -93.19 -10.27 40.23
N LYS N 167 -92.62 -9.78 39.13
CA LYS N 167 -93.38 -9.78 37.90
C LYS N 167 -93.27 -11.10 37.17
N TYR N 168 -92.05 -11.51 36.82
CA TYR N 168 -91.84 -12.68 35.99
C TYR N 168 -91.49 -13.91 36.79
N ASP N 169 -91.80 -13.90 38.10
CA ASP N 169 -91.63 -14.98 39.09
C ASP N 169 -90.41 -15.83 38.82
N GLY N 170 -89.28 -15.16 38.55
CA GLY N 170 -88.08 -15.82 38.11
C GLY N 170 -87.12 -16.15 39.24
N ILE N 171 -85.98 -16.74 38.87
CA ILE N 171 -84.97 -17.19 39.80
C ILE N 171 -83.68 -16.45 39.50
N ILE N 172 -83.09 -15.85 40.53
CA ILE N 172 -81.82 -15.16 40.42
C ILE N 172 -80.74 -16.14 40.86
N LEU N 173 -80.02 -16.70 39.90
CA LEU N 173 -78.94 -17.62 40.23
C LEU N 173 -77.74 -16.84 40.77
N PRO N 174 -77.10 -17.35 41.81
CA PRO N 174 -75.92 -16.66 42.39
C PRO N 174 -74.64 -16.96 41.61
N GLY N 175 -74.63 -16.56 40.34
CA GLY N 175 -73.49 -16.80 39.48
C GLY N 175 -73.11 -15.61 38.62
N ALA O 1 -27.78 61.19 -8.08
CA ALA O 1 -28.81 60.67 -7.20
C ALA O 1 -29.89 61.70 -6.95
N PRO O 2 -31.14 61.27 -6.94
CA PRO O 2 -32.24 62.18 -6.62
C PRO O 2 -32.14 62.64 -5.17
N SER O 3 -32.64 63.85 -4.92
CA SER O 3 -32.58 64.44 -3.59
C SER O 3 -33.90 65.14 -3.33
N ARG O 4 -34.74 64.52 -2.49
CA ARG O 4 -36.03 65.06 -2.07
C ARG O 4 -36.89 65.29 -3.32
N ASN O 5 -37.80 66.25 -3.26
CA ASN O 5 -38.64 66.55 -4.40
C ASN O 5 -37.83 67.24 -5.48
N GLY O 6 -38.21 66.99 -6.73
CA GLY O 6 -37.53 67.61 -7.84
C GLY O 6 -38.11 67.09 -9.13
N MET O 7 -37.66 67.70 -10.22
CA MET O 7 -38.08 67.32 -11.55
C MET O 7 -37.09 66.30 -12.11
N VAL O 8 -37.61 65.23 -12.70
CA VAL O 8 -36.74 64.26 -13.37
C VAL O 8 -36.18 64.93 -14.62
N LEU O 9 -34.88 65.20 -14.59
CA LEU O 9 -34.22 65.94 -15.66
C LEU O 9 -33.43 64.98 -16.55
N LYS O 10 -33.44 65.26 -17.84
CA LYS O 10 -32.72 64.45 -18.82
C LYS O 10 -31.87 65.36 -19.70
N PRO O 11 -30.70 65.77 -19.20
CA PRO O 11 -29.79 66.57 -20.03
C PRO O 11 -29.27 65.76 -21.21
N HIS O 12 -29.20 66.40 -22.36
CA HIS O 12 -28.64 65.76 -23.56
C HIS O 12 -27.18 66.16 -23.73
N PHE O 13 -26.38 65.83 -22.72
CA PHE O 13 -24.97 66.16 -22.69
C PHE O 13 -24.13 64.91 -22.47
N HIS O 14 -24.48 63.83 -23.14
CA HIS O 14 -23.73 62.58 -23.08
C HIS O 14 -22.94 62.31 -24.34
N LYS O 15 -22.86 63.28 -25.25
CA LYS O 15 -22.44 63.01 -26.62
C LYS O 15 -21.29 63.91 -27.05
N ASP O 16 -20.41 64.28 -26.12
CA ASP O 16 -19.22 65.08 -26.40
C ASP O 16 -19.58 66.40 -27.07
N TRP O 17 -20.40 67.18 -26.35
CA TRP O 17 -20.98 68.40 -26.91
C TRP O 17 -19.98 69.53 -27.05
N GLN O 18 -18.86 69.48 -26.33
CA GLN O 18 -17.94 70.60 -26.31
C GLN O 18 -17.10 70.72 -27.57
N ARG O 19 -17.05 69.67 -28.41
CA ARG O 19 -16.41 69.82 -29.71
C ARG O 19 -17.27 70.62 -30.68
N ARG O 20 -18.59 70.64 -30.47
CA ARG O 20 -19.52 71.35 -31.35
C ARG O 20 -20.29 72.35 -30.51
N VAL O 21 -19.69 73.52 -30.28
CA VAL O 21 -20.34 74.62 -29.58
C VAL O 21 -20.25 75.84 -30.48
N ALA O 22 -21.39 76.40 -30.83
CA ALA O 22 -21.44 77.57 -31.70
C ALA O 22 -21.60 78.80 -30.84
N THR O 23 -20.52 79.57 -30.69
CA THR O 23 -20.61 80.86 -30.04
C THR O 23 -21.10 81.91 -31.02
N TRP O 24 -21.55 83.04 -30.47
CA TRP O 24 -22.17 84.08 -31.27
C TRP O 24 -21.45 85.42 -31.12
N PHE O 25 -20.15 85.38 -30.89
CA PHE O 25 -19.40 86.62 -30.75
C PHE O 25 -19.29 87.37 -32.06
N ASN O 26 -19.55 86.72 -33.18
CA ASN O 26 -19.56 87.37 -34.48
C ASN O 26 -20.95 87.81 -34.91
N GLN O 27 -21.92 87.79 -33.99
CA GLN O 27 -23.27 88.26 -34.34
C GLN O 27 -23.31 89.75 -34.68
N PRO O 28 -22.73 90.67 -33.90
CA PRO O 28 -22.74 92.07 -34.34
C PRO O 28 -22.00 92.29 -35.65
N ALA O 29 -20.89 91.57 -35.86
CA ALA O 29 -20.17 91.68 -37.13
C ALA O 29 -21.01 91.17 -38.28
N ARG O 30 -21.76 90.08 -38.06
CA ARG O 30 -22.63 89.56 -39.09
C ARG O 30 -23.75 90.53 -39.42
N LYS O 31 -24.31 91.19 -38.40
CA LYS O 31 -25.33 92.20 -38.65
C LYS O 31 -24.77 93.36 -39.45
N ILE O 32 -23.55 93.79 -39.12
CA ILE O 32 -22.90 94.86 -39.87
C ILE O 32 -22.68 94.46 -41.32
N ARG O 33 -22.20 93.24 -41.54
CA ARG O 33 -21.93 92.78 -42.90
C ARG O 33 -23.21 92.66 -43.70
N ARG O 34 -24.28 92.17 -43.09
CA ARG O 34 -25.57 92.08 -43.78
C ARG O 34 -26.11 93.45 -44.13
N ARG O 35 -25.97 94.42 -43.21
CA ARG O 35 -26.42 95.78 -43.50
C ARG O 35 -25.63 96.39 -44.65
N LYS O 36 -24.31 96.17 -44.65
CA LYS O 36 -23.49 96.68 -45.74
C LYS O 36 -23.87 96.06 -47.07
N ALA O 37 -24.15 94.75 -47.07
CA ALA O 37 -24.57 94.10 -48.30
C ALA O 37 -25.91 94.63 -48.78
N ARG O 38 -26.84 94.88 -47.86
CA ARG O 38 -28.13 95.45 -48.23
C ARG O 38 -27.95 96.83 -48.86
N GLN O 39 -27.12 97.66 -48.26
CA GLN O 39 -26.91 99.01 -48.79
C GLN O 39 -26.22 98.96 -50.15
N ALA O 40 -25.25 98.07 -50.31
CA ALA O 40 -24.57 97.94 -51.59
C ALA O 40 -25.52 97.46 -52.68
N LYS O 41 -26.38 96.49 -52.36
CA LYS O 41 -27.37 96.03 -53.33
C LYS O 41 -28.35 97.14 -53.69
N ALA O 42 -28.79 97.91 -52.70
CA ALA O 42 -29.72 99.00 -52.97
C ALA O 42 -29.08 100.05 -53.86
N ARG O 43 -27.79 100.34 -53.65
CA ARG O 43 -27.09 101.25 -54.54
C ARG O 43 -26.95 100.67 -55.94
N ARG O 44 -26.73 99.35 -56.03
CA ARG O 44 -26.57 98.71 -57.33
C ARG O 44 -27.83 98.80 -58.16
N ILE O 45 -28.97 98.47 -57.57
CA ILE O 45 -30.26 98.64 -58.25
C ILE O 45 -30.82 99.98 -57.78
N ALA O 46 -30.47 101.05 -58.49
CA ALA O 46 -30.65 102.39 -57.93
C ALA O 46 -32.11 102.80 -57.84
N PRO O 47 -32.90 102.82 -58.94
CA PRO O 47 -34.30 103.24 -58.77
C PRO O 47 -35.23 102.09 -58.43
N ARG O 48 -34.77 100.86 -58.66
CA ARG O 48 -35.59 99.70 -58.37
C ARG O 48 -35.76 99.54 -56.87
N PRO O 49 -36.90 98.98 -56.42
CA PRO O 49 -37.12 98.84 -54.99
C PRO O 49 -36.06 97.97 -54.32
N ALA O 50 -35.68 98.37 -53.12
CA ALA O 50 -34.56 97.70 -52.44
C ALA O 50 -34.92 96.29 -52.03
N SER O 51 -36.16 96.07 -51.56
CA SER O 51 -36.54 94.74 -51.09
C SER O 51 -36.64 93.73 -52.22
N GLY O 52 -37.00 94.18 -53.42
CA GLY O 52 -37.04 93.31 -54.55
C GLY O 52 -38.40 93.24 -55.20
N PRO O 53 -38.72 92.11 -55.81
CA PRO O 53 -39.98 92.00 -56.55
C PRO O 53 -41.19 92.06 -55.65
N ILE O 54 -42.31 92.50 -56.23
CA ILE O 54 -43.58 92.42 -55.53
C ILE O 54 -43.96 90.96 -55.33
N ARG O 55 -44.54 90.66 -54.18
CA ARG O 55 -44.95 89.31 -53.84
C ARG O 55 -46.47 89.23 -53.77
N PRO O 56 -47.05 88.06 -54.04
CA PRO O 56 -48.50 87.92 -54.03
C PRO O 56 -49.06 87.83 -52.62
N ILE O 57 -50.36 88.09 -52.54
CA ILE O 57 -51.13 87.88 -51.32
C ILE O 57 -51.45 86.40 -51.20
N VAL O 58 -51.13 85.81 -50.05
CA VAL O 58 -51.13 84.36 -49.87
C VAL O 58 -51.66 84.00 -48.49
N ARG O 59 -52.66 83.13 -48.44
CA ARG O 59 -53.22 82.69 -47.18
C ARG O 59 -52.41 81.52 -46.60
N CYS O 60 -52.21 81.56 -45.29
CA CYS O 60 -51.37 80.56 -44.64
C CYS O 60 -52.07 79.20 -44.59
N PRO O 61 -51.33 78.10 -44.74
CA PRO O 61 -51.98 76.80 -44.96
C PRO O 61 -52.87 76.26 -43.86
N THR O 62 -52.35 76.00 -42.66
CA THR O 62 -53.05 75.08 -41.77
C THR O 62 -54.24 75.75 -41.09
N VAL O 63 -54.94 74.98 -40.26
CA VAL O 63 -56.11 75.53 -39.58
C VAL O 63 -55.71 76.50 -38.47
N ARG O 64 -54.44 76.44 -38.04
CA ARG O 64 -53.96 77.38 -37.03
C ARG O 64 -53.81 78.77 -37.60
N TYR O 65 -53.44 78.89 -38.88
CA TYR O 65 -53.03 80.17 -39.45
C TYR O 65 -53.86 80.61 -40.63
N HIS O 66 -54.94 79.90 -40.98
CA HIS O 66 -55.66 80.27 -42.19
C HIS O 66 -56.41 81.58 -42.05
N THR O 67 -56.56 82.11 -40.84
CA THR O 67 -57.14 83.43 -40.67
C THR O 67 -56.18 84.55 -41.03
N LYS O 68 -54.89 84.27 -41.08
CA LYS O 68 -53.87 85.25 -41.40
C LYS O 68 -53.52 85.18 -42.88
N VAL O 69 -52.91 86.25 -43.37
CA VAL O 69 -52.48 86.32 -44.76
C VAL O 69 -51.10 86.96 -44.79
N ARG O 70 -50.27 86.55 -45.74
CA ARG O 70 -48.88 86.95 -45.79
C ARG O 70 -48.45 87.09 -47.25
N ALA O 71 -47.15 87.23 -47.46
CA ALA O 71 -46.60 87.35 -48.80
C ALA O 71 -46.12 86.00 -49.28
N GLY O 72 -46.39 85.70 -50.54
CA GLY O 72 -46.03 84.44 -51.13
C GLY O 72 -44.70 84.50 -51.85
N ARG O 73 -44.42 83.46 -52.64
CA ARG O 73 -43.16 83.41 -53.37
C ARG O 73 -43.26 84.19 -54.68
N GLY O 74 -44.30 83.94 -55.46
CA GLY O 74 -44.48 84.65 -56.71
C GLY O 74 -45.90 84.53 -57.20
N PHE O 75 -46.26 85.41 -58.12
CA PHE O 75 -47.60 85.38 -58.69
C PHE O 75 -47.78 84.16 -59.57
N SER O 76 -48.98 83.61 -59.56
CA SER O 76 -49.25 82.42 -60.34
C SER O 76 -49.47 82.77 -61.80
N LEU O 77 -49.27 81.77 -62.65
CA LEU O 77 -49.43 81.97 -64.09
C LEU O 77 -50.85 82.30 -64.47
N GLU O 78 -51.84 81.75 -63.74
CA GLU O 78 -53.22 82.13 -63.99
C GLU O 78 -53.45 83.60 -63.67
N GLU O 79 -52.89 84.07 -62.55
CA GLU O 79 -52.99 85.49 -62.20
C GLU O 79 -52.37 86.36 -63.27
N LEU O 80 -51.18 86.00 -63.74
CA LEU O 80 -50.52 86.78 -64.78
C LEU O 80 -51.31 86.75 -66.08
N ARG O 81 -51.89 85.59 -66.41
CA ARG O 81 -52.64 85.45 -67.65
C ARG O 81 -53.88 86.31 -67.65
N VAL O 82 -54.62 86.35 -66.54
CA VAL O 82 -55.82 87.18 -66.50
C VAL O 82 -55.49 88.64 -66.21
N ALA O 83 -54.29 88.93 -65.73
CA ALA O 83 -53.85 90.32 -65.61
C ALA O 83 -53.15 90.83 -66.86
N GLY O 84 -52.91 89.98 -67.85
CA GLY O 84 -52.34 90.43 -69.10
C GLY O 84 -50.86 90.70 -69.08
N ILE O 85 -50.09 90.00 -68.26
CA ILE O 85 -48.65 90.16 -68.17
C ILE O 85 -47.99 88.87 -68.60
N HIS O 86 -47.01 88.97 -69.49
CA HIS O 86 -46.26 87.80 -69.91
C HIS O 86 -45.42 87.26 -68.75
N LYS O 87 -45.36 85.94 -68.64
CA LYS O 87 -44.62 85.31 -67.56
C LYS O 87 -43.11 85.45 -67.71
N LYS O 88 -42.63 85.88 -68.88
CA LYS O 88 -41.22 86.15 -69.07
C LYS O 88 -40.89 87.63 -69.01
N VAL O 89 -41.90 88.50 -69.09
CA VAL O 89 -41.70 89.93 -68.94
C VAL O 89 -41.92 90.38 -67.50
N ALA O 90 -42.70 89.63 -66.72
CA ALA O 90 -42.98 90.01 -65.34
C ALA O 90 -41.70 90.09 -64.51
N ARG O 91 -40.81 89.11 -64.68
CA ARG O 91 -39.58 89.12 -63.91
C ARG O 91 -38.67 90.27 -64.32
N THR O 92 -38.67 90.63 -65.61
CA THR O 92 -37.89 91.78 -66.05
C THR O 92 -38.42 93.07 -65.44
N ILE O 93 -39.74 93.22 -65.35
CA ILE O 93 -40.29 94.47 -64.83
C ILE O 93 -40.49 94.40 -63.32
N GLY O 94 -40.04 93.32 -62.71
CA GLY O 94 -39.96 93.25 -61.27
C GLY O 94 -41.11 92.55 -60.58
N ILE O 95 -41.71 91.56 -61.20
CA ILE O 95 -42.83 90.83 -60.63
C ILE O 95 -42.38 89.39 -60.40
N SER O 96 -42.40 88.95 -59.14
CA SER O 96 -42.04 87.58 -58.86
C SER O 96 -43.13 86.64 -59.36
N VAL O 97 -42.72 85.53 -59.96
CA VAL O 97 -43.65 84.56 -60.52
C VAL O 97 -43.37 83.20 -59.90
N ASP O 98 -44.44 82.44 -59.66
CA ASP O 98 -44.36 81.11 -59.07
C ASP O 98 -45.11 80.17 -59.99
N PRO O 99 -44.42 79.51 -60.91
CA PRO O 99 -45.12 78.63 -61.87
C PRO O 99 -45.80 77.44 -61.22
N ARG O 100 -45.40 77.03 -60.03
CA ARG O 100 -45.94 75.83 -59.43
C ARG O 100 -47.10 76.11 -58.47
N ARG O 101 -47.51 77.37 -58.32
CA ARG O 101 -48.66 77.70 -57.48
C ARG O 101 -49.94 77.73 -58.30
N ARG O 102 -50.99 77.12 -57.77
CA ARG O 102 -52.30 77.04 -58.38
C ARG O 102 -53.28 77.95 -57.64
N ASN O 103 -54.43 78.19 -58.26
CA ASN O 103 -55.48 79.03 -57.69
C ASN O 103 -56.73 78.17 -57.50
N LYS O 104 -56.94 77.70 -56.27
CA LYS O 104 -58.08 76.85 -56.00
C LYS O 104 -59.39 77.63 -56.01
N SER O 105 -59.38 78.83 -55.45
CA SER O 105 -60.57 79.67 -55.37
C SER O 105 -60.39 80.90 -56.23
N THR O 106 -61.50 81.60 -56.45
CA THR O 106 -61.50 82.79 -57.31
C THR O 106 -61.22 84.07 -56.53
N GLU O 107 -61.51 84.11 -55.23
CA GLU O 107 -61.31 85.33 -54.45
C GLU O 107 -59.83 85.68 -54.34
N SER O 108 -58.99 84.68 -54.05
CA SER O 108 -57.56 84.92 -53.99
C SER O 108 -57.01 85.32 -55.35
N LEU O 109 -57.51 84.67 -56.41
CA LEU O 109 -57.15 85.04 -57.76
C LEU O 109 -57.44 86.51 -58.04
N GLN O 110 -58.65 86.95 -57.73
CA GLN O 110 -59.02 88.33 -58.01
C GLN O 110 -58.23 89.31 -57.14
N ALA O 111 -57.98 88.96 -55.88
CA ALA O 111 -57.18 89.84 -55.04
C ALA O 111 -55.78 90.01 -55.61
N ASN O 112 -55.17 88.92 -56.06
CA ASN O 112 -53.82 89.02 -56.60
C ASN O 112 -53.80 89.75 -57.94
N VAL O 113 -54.85 89.64 -58.75
CA VAL O 113 -54.81 90.38 -60.01
C VAL O 113 -55.08 91.86 -59.79
N GLN O 114 -55.90 92.24 -58.81
CA GLN O 114 -55.97 93.67 -58.48
C GLN O 114 -54.64 94.16 -57.92
N ARG O 115 -53.94 93.31 -57.17
CA ARG O 115 -52.60 93.68 -56.71
C ARG O 115 -51.65 93.92 -57.89
N LEU O 116 -51.70 93.03 -58.89
CA LEU O 116 -50.86 93.20 -60.08
C LEU O 116 -51.22 94.46 -60.84
N LYS O 117 -52.51 94.74 -61.00
CA LYS O 117 -52.93 95.93 -61.73
C LYS O 117 -52.53 97.20 -61.00
N GLU O 118 -52.64 97.20 -59.67
CA GLU O 118 -52.20 98.36 -58.89
C GLU O 118 -50.70 98.57 -59.00
N TYR O 119 -49.93 97.48 -58.95
CA TYR O 119 -48.49 97.60 -59.13
C TYR O 119 -48.14 98.14 -60.51
N ARG O 120 -48.84 97.64 -61.54
CA ARG O 120 -48.58 98.09 -62.90
C ARG O 120 -48.93 99.57 -63.06
N SER O 121 -49.99 100.02 -62.39
CA SER O 121 -50.32 101.44 -62.41
C SER O 121 -49.23 102.26 -61.73
N LYS O 122 -48.68 101.76 -60.62
CA LYS O 122 -47.67 102.50 -59.88
C LYS O 122 -46.28 102.33 -60.46
N LEU O 123 -46.09 101.51 -61.49
CA LEU O 123 -44.77 101.25 -62.02
C LEU O 123 -44.31 102.38 -62.94
N ILE O 124 -43.06 102.81 -62.75
CA ILE O 124 -42.40 103.75 -63.65
C ILE O 124 -41.37 102.97 -64.43
N LEU O 125 -41.44 103.04 -65.76
CA LEU O 125 -40.57 102.25 -66.62
C LEU O 125 -39.63 103.18 -67.37
N PHE O 126 -38.34 102.97 -67.20
CA PHE O 126 -37.32 103.74 -67.90
C PHE O 126 -37.06 103.13 -69.28
N PRO O 127 -36.99 103.94 -70.33
CA PRO O 127 -36.62 103.39 -71.64
C PRO O 127 -35.19 102.89 -71.65
N ARG O 128 -34.92 101.92 -72.52
CA ARG O 128 -33.57 101.36 -72.61
C ARG O 128 -32.55 102.43 -73.01
N LYS O 129 -32.90 103.24 -74.00
CA LYS O 129 -32.06 104.37 -74.37
C LYS O 129 -32.71 105.64 -73.84
N PRO O 130 -32.09 106.34 -72.89
CA PRO O 130 -32.73 107.54 -72.34
C PRO O 130 -33.00 108.62 -73.36
N SER O 131 -32.20 108.71 -74.42
CA SER O 131 -32.43 109.69 -75.46
C SER O 131 -33.55 109.29 -76.41
N ALA O 132 -34.00 108.04 -76.37
CA ALA O 132 -35.03 107.52 -77.27
C ALA O 132 -36.11 106.83 -76.46
N PRO O 133 -37.07 107.58 -75.92
CA PRO O 133 -38.15 106.97 -75.15
C PRO O 133 -39.16 106.32 -76.08
N LYS O 134 -39.14 104.99 -76.13
CA LYS O 134 -39.97 104.27 -77.09
C LYS O 134 -41.39 104.07 -76.58
N LYS O 135 -41.54 103.30 -75.50
CA LYS O 135 -42.88 103.02 -74.99
C LYS O 135 -42.95 102.98 -73.46
N GLY O 136 -41.87 103.30 -72.75
CA GLY O 136 -41.89 103.15 -71.31
C GLY O 136 -42.75 104.15 -70.57
N ASP O 137 -42.28 105.39 -70.45
CA ASP O 137 -42.96 106.42 -69.68
C ASP O 137 -42.51 107.79 -70.14
N SER O 138 -43.32 108.79 -69.81
CA SER O 138 -42.94 110.17 -70.08
C SER O 138 -41.81 110.60 -69.16
N SER O 139 -40.93 111.45 -69.68
CA SER O 139 -39.80 111.93 -68.89
C SER O 139 -40.23 112.78 -67.72
N ALA O 140 -41.42 113.39 -67.79
CA ALA O 140 -41.88 114.25 -66.71
C ALA O 140 -42.09 113.46 -65.43
N GLU O 141 -42.66 112.26 -65.53
CA GLU O 141 -42.97 111.46 -64.36
C GLU O 141 -41.83 110.53 -63.97
N GLU O 142 -40.69 110.60 -64.64
CA GLU O 142 -39.53 109.83 -64.24
C GLU O 142 -38.30 110.68 -63.96
N LEU O 143 -38.34 111.98 -64.23
CA LEU O 143 -37.23 112.85 -63.87
C LEU O 143 -37.05 112.92 -62.36
N LYS O 144 -38.07 113.39 -61.65
CA LYS O 144 -37.99 113.56 -60.21
C LYS O 144 -38.90 112.63 -59.44
N LEU O 145 -39.91 112.05 -60.08
CA LEU O 145 -40.81 111.16 -59.35
C LEU O 145 -40.22 109.77 -59.15
N ALA O 146 -39.12 109.44 -59.82
CA ALA O 146 -38.48 108.16 -59.61
C ALA O 146 -37.68 108.19 -58.32
N THR O 147 -37.91 107.19 -57.47
CA THR O 147 -37.28 107.13 -56.16
C THR O 147 -37.25 105.69 -55.71
N GLN O 148 -36.11 105.25 -55.17
CA GLN O 148 -36.00 103.89 -54.66
C GLN O 148 -36.98 103.68 -53.52
N LEU O 149 -37.73 102.59 -53.60
CA LEU O 149 -38.73 102.28 -52.59
C LEU O 149 -38.11 101.47 -51.47
N THR O 150 -38.33 101.91 -50.23
CA THR O 150 -37.81 101.24 -49.06
C THR O 150 -38.89 100.37 -48.45
N GLY O 151 -38.52 99.14 -48.10
CA GLY O 151 -39.46 98.20 -47.54
C GLY O 151 -40.09 97.35 -48.64
N PRO O 152 -40.91 96.38 -48.23
CA PRO O 152 -41.56 95.53 -49.22
C PRO O 152 -42.51 96.33 -50.10
N VAL O 153 -42.59 95.93 -51.37
CA VAL O 153 -43.47 96.60 -52.32
C VAL O 153 -44.91 96.23 -52.00
N MET O 154 -45.72 97.24 -51.66
CA MET O 154 -47.12 97.05 -51.34
C MET O 154 -47.28 95.99 -50.24
N PRO O 155 -46.86 96.28 -49.01
CA PRO O 155 -46.76 95.22 -48.00
C PRO O 155 -48.11 94.57 -47.71
N VAL O 156 -48.08 93.26 -47.53
CA VAL O 156 -49.31 92.50 -47.30
C VAL O 156 -49.81 92.78 -45.89
N ARG O 157 -51.07 93.18 -45.80
CA ARG O 157 -51.66 93.62 -44.55
C ARG O 157 -52.94 92.85 -44.29
N ASN O 158 -53.11 92.36 -43.08
CA ASN O 158 -54.34 91.70 -42.68
C ASN O 158 -55.45 92.72 -42.50
N VAL O 159 -56.59 92.50 -43.15
CA VAL O 159 -57.71 93.42 -43.12
C VAL O 159 -58.87 92.77 -42.38
N TYR O 160 -59.56 93.56 -41.58
CA TYR O 160 -60.72 93.10 -40.81
C TYR O 160 -61.93 93.90 -41.22
N LYS O 161 -62.99 93.21 -41.62
CA LYS O 161 -64.24 93.87 -41.97
C LYS O 161 -65.05 94.08 -40.70
N LYS O 162 -65.29 95.35 -40.36
CA LYS O 162 -66.02 95.69 -39.15
C LYS O 162 -67.52 95.55 -39.38
N GLU O 163 -68.19 94.84 -38.49
CA GLU O 163 -69.64 94.67 -38.54
C GLU O 163 -70.28 95.64 -37.55
N LYS O 164 -71.15 96.50 -38.06
CA LYS O 164 -71.87 97.43 -37.19
C LYS O 164 -72.86 96.67 -36.31
N ALA O 165 -73.12 97.23 -35.13
CA ALA O 165 -74.07 96.63 -34.22
C ALA O 165 -75.45 96.61 -34.83
N ARG O 166 -76.12 95.46 -34.73
CA ARG O 166 -77.42 95.26 -35.35
C ARG O 166 -78.37 94.62 -34.35
N VAL O 167 -79.65 94.67 -34.68
CA VAL O 167 -80.69 94.07 -33.83
C VAL O 167 -80.68 92.56 -34.03
N ILE O 168 -80.62 91.82 -32.93
CA ILE O 168 -80.66 90.37 -33.00
C ILE O 168 -82.07 89.92 -33.34
N THR O 169 -82.19 89.06 -34.35
CA THR O 169 -83.48 88.57 -34.75
C THR O 169 -83.85 87.29 -34.01
N GLU O 170 -85.13 86.93 -34.09
CA GLU O 170 -85.61 85.75 -33.37
C GLU O 170 -84.99 84.48 -33.90
N GLU O 171 -84.69 84.41 -35.20
CA GLU O 171 -84.04 83.22 -35.73
C GLU O 171 -82.64 83.05 -35.15
N GLU O 172 -81.89 84.13 -35.05
CA GLU O 172 -80.58 84.08 -34.41
C GLU O 172 -80.69 83.74 -32.94
N LYS O 173 -81.75 84.21 -32.28
CA LYS O 173 -81.94 83.85 -30.87
C LYS O 173 -82.30 82.38 -30.70
N ASN O 174 -83.02 81.80 -31.65
CA ASN O 174 -83.43 80.41 -31.56
C ASN O 174 -82.43 79.43 -32.13
N PHE O 175 -81.38 79.91 -32.79
CA PHE O 175 -80.33 79.00 -33.26
C PHE O 175 -79.63 78.36 -32.07
N LYS O 176 -79.38 77.05 -32.17
CA LYS O 176 -78.75 76.27 -31.11
C LYS O 176 -77.35 75.87 -31.56
N ALA O 177 -76.36 76.66 -31.17
CA ALA O 177 -75.00 76.46 -31.66
C ALA O 177 -74.40 75.16 -31.15
N PHE O 178 -74.53 74.89 -29.85
CA PHE O 178 -73.92 73.69 -29.29
C PHE O 178 -74.58 72.43 -29.82
N ALA O 179 -75.92 72.42 -29.88
CA ALA O 179 -76.62 71.27 -30.43
C ALA O 179 -76.28 71.06 -31.89
N SER O 180 -76.17 72.16 -32.64
CA SER O 180 -75.80 72.04 -34.05
C SER O 180 -74.40 71.45 -34.21
N LEU O 181 -73.45 71.89 -33.39
CA LEU O 181 -72.10 71.35 -33.47
C LEU O 181 -72.07 69.87 -33.13
N ARG O 182 -72.78 69.49 -32.06
CA ARG O 182 -72.80 68.08 -31.66
C ARG O 182 -73.46 67.22 -32.75
N MET O 183 -74.56 67.70 -33.32
CA MET O 183 -75.22 66.93 -34.36
C MET O 183 -74.38 66.85 -35.63
N ALA O 184 -73.65 67.93 -35.96
CA ALA O 184 -72.78 67.89 -37.13
C ALA O 184 -71.66 66.90 -36.94
N ARG O 185 -71.06 66.87 -35.75
CA ARG O 185 -70.04 65.88 -35.47
C ARG O 185 -70.59 64.47 -35.58
N ALA O 186 -71.79 64.23 -35.03
CA ALA O 186 -72.39 62.90 -35.10
C ALA O 186 -72.69 62.50 -36.53
N ASN O 187 -73.20 63.43 -37.34
CA ASN O 187 -73.53 63.12 -38.74
C ASN O 187 -72.27 62.81 -39.53
N ALA O 188 -71.21 63.59 -39.34
CA ALA O 188 -69.97 63.31 -40.04
C ALA O 188 -69.36 62.00 -39.57
N ARG O 189 -69.57 61.63 -38.31
CA ARG O 189 -69.04 60.37 -37.81
C ARG O 189 -69.80 59.18 -38.36
N LEU O 190 -71.12 59.27 -38.43
CA LEU O 190 -71.95 58.13 -38.78
C LEU O 190 -72.45 58.17 -40.21
N PHE O 191 -71.91 59.04 -41.06
CA PHE O 191 -72.40 59.11 -42.44
C PHE O 191 -72.17 57.82 -43.20
N GLY O 192 -71.00 57.21 -43.05
CA GLY O 192 -70.67 56.04 -43.83
C GLY O 192 -71.46 54.80 -43.41
N ILE O 193 -71.50 54.54 -42.10
CA ILE O 193 -72.20 53.36 -41.62
C ILE O 193 -73.70 53.48 -41.86
N ARG O 194 -74.23 54.71 -41.83
CA ARG O 194 -75.64 54.90 -42.16
C ARG O 194 -75.90 54.53 -43.61
N ALA O 195 -74.99 54.92 -44.51
CA ALA O 195 -75.13 54.57 -45.92
C ALA O 195 -75.07 53.06 -46.11
N LYS O 196 -74.16 52.39 -45.40
CA LYS O 196 -74.05 50.95 -45.51
C LYS O 196 -75.31 50.25 -45.01
N ARG O 197 -75.85 50.71 -43.88
CA ARG O 197 -77.08 50.12 -43.35
C ARG O 197 -78.26 50.37 -44.28
N ALA O 198 -78.34 51.56 -44.87
CA ALA O 198 -79.39 51.83 -45.84
C ALA O 198 -79.25 50.95 -47.07
N LYS O 199 -78.02 50.70 -47.50
CA LYS O 199 -77.78 49.81 -48.62
C LYS O 199 -78.25 48.39 -48.31
N GLU O 200 -77.92 47.90 -47.12
CA GLU O 200 -78.37 46.57 -46.72
C GLU O 200 -79.88 46.48 -46.62
N ALA O 201 -80.51 47.53 -46.07
CA ALA O 201 -81.97 47.56 -46.00
C ALA O 201 -82.60 47.56 -47.39
N ALA O 202 -81.99 48.29 -48.33
CA ALA O 202 -82.49 48.26 -49.70
C ALA O 202 -82.32 46.89 -50.33
N GLU O 203 -81.20 46.22 -50.05
CA GLU O 203 -81.01 44.86 -50.55
C GLU O 203 -82.10 43.93 -50.04
N GLN O 204 -82.44 44.03 -48.76
CA GLN O 204 -83.53 43.21 -48.24
C GLN O 204 -84.88 43.63 -48.83
N ASP O 205 -85.07 44.92 -49.07
CA ASP O 205 -86.37 45.41 -49.55
C ASP O 205 -86.64 44.96 -50.98
N VAL O 206 -85.61 44.92 -51.82
CA VAL O 206 -85.82 44.60 -53.23
C VAL O 206 -86.04 43.11 -53.45
N GLU O 207 -86.00 42.33 -52.36
CA GLU O 207 -86.26 40.89 -52.46
C GLU O 207 -87.13 40.36 -51.34
N LYS O 208 -87.74 41.23 -50.52
CA LYS O 208 -88.50 40.78 -49.36
C LYS O 208 -89.69 39.92 -49.73
N LYS O 209 -90.19 39.99 -50.96
CA LYS O 209 -91.37 39.25 -51.38
C LYS O 209 -90.98 38.18 -52.39
N LYS O 210 -90.99 36.92 -51.94
CA LYS O 210 -90.73 35.77 -52.79
C LYS O 210 -91.20 34.49 -52.11
N VAL P 1 8.31 52.82 92.08
CA VAL P 1 8.71 53.75 91.03
C VAL P 1 7.74 54.92 90.97
N PHE P 2 6.46 54.60 90.88
CA PHE P 2 5.43 55.64 90.78
C PHE P 2 5.12 56.22 92.15
N ARG P 3 4.89 57.53 92.18
CA ARG P 3 4.56 58.22 93.41
C ARG P 3 3.21 58.92 93.39
N ARG P 4 2.74 59.33 92.21
CA ARG P 4 1.44 59.98 92.08
C ARG P 4 0.49 59.03 91.37
N PHE P 5 -0.68 58.82 91.96
CA PHE P 5 -1.64 57.84 91.47
C PHE P 5 -2.97 58.51 91.20
N VAL P 6 -3.65 58.04 90.16
CA VAL P 6 -5.04 58.42 89.93
C VAL P 6 -5.90 57.65 90.93
N GLU P 7 -6.62 58.37 91.76
CA GLU P 7 -7.46 57.76 92.79
C GLU P 7 -8.47 58.78 93.27
N VAL P 8 -9.39 58.32 94.10
CA VAL P 8 -10.42 59.19 94.64
C VAL P 8 -9.79 60.20 95.59
N GLY P 9 -10.08 61.49 95.38
CA GLY P 9 -9.55 62.53 96.20
C GLY P 9 -8.24 63.11 95.74
N ARG P 10 -7.62 62.55 94.71
CA ARG P 10 -6.38 63.09 94.19
C ARG P 10 -6.64 64.42 93.50
N VAL P 11 -5.84 65.41 93.80
CA VAL P 11 -5.97 66.73 93.18
C VAL P 11 -5.10 66.79 91.94
N ALA P 12 -5.69 67.18 90.83
CA ALA P 12 -5.02 67.26 89.54
C ALA P 12 -5.09 68.68 89.00
N TYR P 13 -4.05 69.05 88.27
CA TYR P 13 -3.96 70.35 87.61
C TYR P 13 -4.33 70.18 86.14
N VAL P 14 -5.16 71.08 85.63
CA VAL P 14 -5.68 70.96 84.28
C VAL P 14 -4.71 71.66 83.33
N SER P 15 -4.14 70.89 82.40
CA SER P 15 -3.14 71.47 81.51
C SER P 15 -3.76 72.19 80.33
N PHE P 16 -4.80 71.62 79.73
CA PHE P 16 -5.43 72.24 78.58
C PHE P 16 -6.92 71.88 78.58
N GLY P 17 -7.64 72.47 77.63
CA GLY P 17 -9.06 72.29 77.56
C GLY P 17 -9.79 73.54 78.02
N PRO P 18 -11.12 73.44 78.16
CA PRO P 18 -11.89 74.60 78.62
C PRO P 18 -11.57 75.03 80.03
N HIS P 19 -10.99 74.16 80.86
CA HIS P 19 -10.73 74.46 82.26
C HIS P 19 -9.22 74.53 82.55
N ALA P 20 -8.43 74.91 81.57
CA ALA P 20 -6.98 74.92 81.73
C ALA P 20 -6.55 75.88 82.83
N GLY P 21 -5.51 75.47 83.57
CA GLY P 21 -4.98 76.31 84.62
C GLY P 21 -5.70 76.22 85.94
N LYS P 22 -6.56 75.22 86.14
CA LYS P 22 -7.35 75.11 87.35
C LYS P 22 -7.03 73.82 88.07
N LEU P 23 -7.36 73.79 89.36
CA LEU P 23 -7.20 72.61 90.19
C LEU P 23 -8.54 71.91 90.33
N VAL P 24 -8.51 70.59 90.28
CA VAL P 24 -9.72 69.78 90.42
C VAL P 24 -9.41 68.60 91.32
N ALA P 25 -10.47 67.97 91.83
CA ALA P 25 -10.35 66.76 92.62
C ALA P 25 -11.01 65.62 91.86
N ILE P 26 -10.36 64.45 91.88
CA ILE P 26 -10.88 63.27 91.20
C ILE P 26 -11.90 62.61 92.10
N VAL P 27 -13.15 62.59 91.67
CA VAL P 27 -14.23 61.99 92.43
C VAL P 27 -14.45 60.53 92.04
N ASP P 28 -14.34 60.21 90.75
CA ASP P 28 -14.55 58.83 90.35
C ASP P 28 -13.77 58.55 89.06
N VAL P 29 -13.69 57.28 88.70
CA VAL P 29 -12.97 56.83 87.52
C VAL P 29 -13.96 56.18 86.56
N ILE P 30 -13.91 56.58 85.29
CA ILE P 30 -14.70 56.00 84.23
C ILE P 30 -13.75 55.43 83.18
N ASP P 31 -13.94 54.16 82.85
CA ASP P 31 -13.42 53.47 81.67
C ASP P 31 -12.00 53.82 81.23
N GLN P 32 -11.08 53.96 82.18
CA GLN P 32 -9.64 53.99 81.92
C GLN P 32 -9.17 55.27 81.24
N ASN P 33 -10.10 56.07 80.75
CA ASN P 33 -9.75 57.29 80.03
C ASN P 33 -10.35 58.54 80.65
N ARG P 34 -11.41 58.42 81.44
CA ARG P 34 -12.08 59.59 81.95
C ARG P 34 -12.22 59.50 83.46
N ALA P 35 -12.50 60.64 84.07
CA ALA P 35 -12.72 60.69 85.50
C ALA P 35 -13.86 61.66 85.79
N LEU P 36 -14.69 61.30 86.74
CA LEU P 36 -15.63 62.24 87.32
C LEU P 36 -14.86 63.19 88.20
N VAL P 37 -14.95 64.48 87.88
CA VAL P 37 -14.03 65.52 88.30
C VAL P 37 -14.82 66.70 88.83
N ASP P 38 -14.31 67.29 89.91
CA ASP P 38 -15.05 68.32 90.66
C ASP P 38 -14.06 69.33 91.22
N GLY P 39 -14.16 70.58 90.78
CA GLY P 39 -13.55 71.66 91.50
C GLY P 39 -14.59 72.55 92.15
N PRO P 40 -14.82 72.35 93.44
CA PRO P 40 -15.87 73.11 94.12
C PRO P 40 -15.40 74.47 94.59
N CYS P 41 -14.10 74.60 94.85
CA CYS P 41 -13.53 75.88 95.26
C CYS P 41 -12.70 76.54 94.17
N THR P 42 -12.38 75.82 93.09
CA THR P 42 -11.69 76.39 91.95
C THR P 42 -12.61 76.60 90.76
N GLN P 43 -13.92 76.57 90.99
CA GLN P 43 -14.93 76.91 89.99
C GLN P 43 -14.89 75.98 88.79
N VAL P 44 -14.93 74.68 89.06
CA VAL P 44 -15.05 73.65 88.02
C VAL P 44 -16.19 72.74 88.47
N ARG P 45 -17.34 72.86 87.83
CA ARG P 45 -18.47 72.02 88.22
C ARG P 45 -18.19 70.57 87.85
N ARG P 46 -18.94 69.67 88.48
CA ARG P 46 -18.73 68.24 88.29
C ARG P 46 -18.97 67.85 86.85
N GLN P 47 -18.03 67.09 86.28
CA GLN P 47 -18.14 66.68 84.90
C GLN P 47 -17.13 65.58 84.60
N ALA P 48 -17.29 64.96 83.45
CA ALA P 48 -16.30 64.00 82.97
C ALA P 48 -15.09 64.74 82.43
N MET P 49 -13.93 64.13 82.59
CA MET P 49 -12.71 64.77 82.13
C MET P 49 -11.67 63.74 81.75
N PRO P 50 -11.05 63.86 80.58
CA PRO P 50 -10.04 62.87 80.17
C PRO P 50 -8.78 62.98 81.03
N PHE P 51 -8.08 61.85 81.13
CA PHE P 51 -6.82 61.82 81.87
C PHE P 51 -5.68 62.48 81.11
N LYS P 52 -5.84 62.72 79.82
CA LYS P 52 -4.74 63.28 79.04
C LYS P 52 -4.49 64.74 79.39
N CYS P 53 -5.52 65.47 79.79
CA CYS P 53 -5.38 66.87 80.17
C CYS P 53 -5.17 67.06 81.65
N MET P 54 -4.95 65.99 82.40
CA MET P 54 -4.71 66.08 83.83
C MET P 54 -3.22 65.94 84.12
N GLN P 55 -2.75 66.68 85.11
CA GLN P 55 -1.41 66.52 85.65
C GLN P 55 -1.54 66.40 87.16
N LEU P 56 -1.25 65.21 87.69
CA LEU P 56 -1.51 64.94 89.10
C LEU P 56 -0.57 65.73 89.99
N THR P 57 -1.10 66.21 91.11
CA THR P 57 -0.33 66.91 92.11
C THR P 57 -0.05 65.97 93.26
N ASP P 58 0.49 66.51 94.36
CA ASP P 58 0.83 65.73 95.53
C ASP P 58 -0.25 65.79 96.60
N PHE P 59 -1.36 66.46 96.34
CA PHE P 59 -2.43 66.61 97.32
C PHE P 59 -3.50 65.55 97.10
N ILE P 60 -3.89 64.89 98.19
CA ILE P 60 -4.94 63.88 98.16
C ILE P 60 -5.98 64.24 99.21
N LEU P 61 -7.24 64.29 98.80
CA LEU P 61 -8.34 64.58 99.70
C LEU P 61 -9.01 63.29 100.13
N LYS P 62 -9.58 63.31 101.32
CA LYS P 62 -10.19 62.13 101.92
C LYS P 62 -11.71 62.29 101.90
N PHE P 63 -12.34 61.83 100.82
CA PHE P 63 -13.78 61.70 100.76
C PHE P 63 -14.12 60.42 100.02
N PRO P 64 -15.28 59.82 100.31
CA PRO P 64 -15.69 58.62 99.58
C PRO P 64 -15.98 58.92 98.12
N HIS P 65 -15.88 57.89 97.30
CA HIS P 65 -16.10 58.06 95.87
C HIS P 65 -17.56 58.39 95.58
N SER P 66 -17.75 59.29 94.61
CA SER P 66 -19.08 59.75 94.19
C SER P 66 -19.86 60.38 95.34
N ALA P 67 -19.15 61.11 96.20
CA ALA P 67 -19.81 61.93 97.19
C ALA P 67 -20.28 63.24 96.55
N HIS P 68 -21.08 64.01 97.27
CA HIS P 68 -21.63 65.23 96.72
C HIS P 68 -20.67 66.42 96.87
N GLN P 69 -21.08 67.52 96.23
CA GLN P 69 -20.32 68.75 96.23
C GLN P 69 -20.05 69.24 97.64
N LYS P 70 -21.01 69.05 98.55
CA LYS P 70 -20.81 69.47 99.94
C LYS P 70 -19.57 68.84 100.53
N TYR P 71 -19.48 67.51 100.45
CA TYR P 71 -18.38 66.81 101.10
C TYR P 71 -17.07 67.07 100.38
N VAL P 72 -17.10 67.15 99.05
CA VAL P 72 -15.88 67.48 98.33
C VAL P 72 -15.38 68.88 98.70
N ARG P 73 -16.30 69.83 98.83
CA ARG P 73 -15.92 71.20 99.17
C ARG P 73 -15.40 71.29 100.60
N GLN P 74 -16.02 70.58 101.55
CA GLN P 74 -15.49 70.58 102.91
C GLN P 74 -14.10 69.97 102.96
N ALA P 75 -13.89 68.86 102.23
CA ALA P 75 -12.56 68.26 102.20
C ALA P 75 -11.54 69.21 101.58
N TRP P 76 -11.95 69.96 100.56
CA TRP P 76 -11.04 70.93 99.94
C TRP P 76 -10.72 72.08 100.88
N GLN P 77 -11.73 72.61 101.56
CA GLN P 77 -11.53 73.80 102.39
C GLN P 77 -10.76 73.48 103.65
N LYS P 78 -11.12 72.39 104.34
CA LYS P 78 -10.31 71.92 105.44
C LYS P 78 -8.98 71.41 104.89
N ALA P 79 -7.88 71.86 105.49
CA ALA P 79 -6.55 71.70 104.90
C ALA P 79 -6.54 72.29 103.50
N ASP P 80 -6.69 73.62 103.48
CA ASP P 80 -6.95 74.41 102.28
C ASP P 80 -5.98 74.08 101.15
N ILE P 81 -6.53 73.55 100.06
CA ILE P 81 -5.71 73.19 98.90
C ILE P 81 -5.23 74.43 98.17
N ASN P 82 -6.00 75.52 98.23
CA ASN P 82 -5.65 76.71 97.45
C ASN P 82 -4.37 77.36 97.95
N THR P 83 -4.27 77.59 99.26
CA THR P 83 -3.07 78.20 99.81
C THR P 83 -1.86 77.29 99.66
N LYS P 84 -2.04 76.00 99.91
CA LYS P 84 -0.93 75.05 99.78
C LYS P 84 -0.44 75.00 98.33
N TRP P 85 -1.37 74.97 97.38
CA TRP P 85 -1.01 74.98 95.98
C TRP P 85 -0.24 76.25 95.64
N ALA P 86 -0.74 77.41 96.07
CA ALA P 86 -0.04 78.66 95.81
C ALA P 86 1.35 78.67 96.41
N ALA P 87 1.53 77.98 97.54
CA ALA P 87 2.85 77.89 98.16
C ALA P 87 3.78 76.94 97.42
N THR P 88 3.26 75.96 96.70
CA THR P 88 4.12 75.02 95.99
C THR P 88 4.94 75.72 94.91
N ARG P 89 6.07 75.10 94.55
CA ARG P 89 6.94 75.65 93.51
C ARG P 89 6.31 75.57 92.13
N TRP P 90 5.43 74.60 91.92
CA TRP P 90 4.74 74.45 90.64
C TRP P 90 3.89 75.67 90.33
N ALA P 91 3.06 76.08 91.29
CA ALA P 91 2.15 77.19 91.03
C ALA P 91 2.90 78.50 90.87
N LYS P 92 3.97 78.69 91.63
CA LYS P 92 4.69 79.95 91.48
C LYS P 92 5.53 79.98 90.21
N LYS P 93 5.93 78.81 89.68
CA LYS P 93 6.49 78.79 88.34
C LYS P 93 5.44 79.16 87.30
N ILE P 94 4.20 78.68 87.48
CA ILE P 94 3.12 79.08 86.59
C ILE P 94 2.91 80.59 86.65
N GLU P 95 2.89 81.14 87.86
CA GLU P 95 2.68 82.56 88.05
C GLU P 95 3.82 83.36 87.43
N ALA P 96 5.05 82.88 87.56
CA ALA P 96 6.19 83.55 86.95
C ALA P 96 6.08 83.56 85.43
N ARG P 97 5.65 82.43 84.84
CA ARG P 97 5.40 82.40 83.41
C ARG P 97 4.36 83.43 83.01
N GLU P 98 3.27 83.52 83.78
CA GLU P 98 2.19 84.45 83.43
C GLU P 98 2.66 85.89 83.51
N ARG P 99 3.39 86.25 84.57
CA ARG P 99 3.83 87.63 84.71
C ARG P 99 4.97 87.97 83.77
N LYS P 100 5.73 86.98 83.31
CA LYS P 100 6.69 87.24 82.24
C LYS P 100 5.96 87.49 80.92
N ALA P 101 4.90 86.73 80.65
CA ALA P 101 4.17 86.91 79.41
C ALA P 101 3.47 88.27 79.37
N LYS P 102 2.92 88.72 80.51
CA LYS P 102 2.18 89.98 80.53
C LYS P 102 3.08 91.19 80.76
N MET P 103 4.38 91.06 80.50
CA MET P 103 5.31 92.17 80.73
C MET P 103 5.34 93.10 79.53
N THR P 104 5.28 94.41 79.79
CA THR P 104 5.21 95.41 78.74
C THR P 104 6.60 95.80 78.26
N ASP P 105 6.65 96.79 77.36
CA ASP P 105 7.92 97.22 76.79
C ASP P 105 8.77 97.97 77.80
N PHE P 106 8.15 98.86 78.59
CA PHE P 106 8.88 99.55 79.63
C PHE P 106 9.40 98.57 80.68
N ASP P 107 8.58 97.58 81.03
CA ASP P 107 9.02 96.54 81.96
C ASP P 107 10.17 95.74 81.39
N ARG P 108 10.13 95.45 80.09
CA ARG P 108 11.23 94.74 79.44
C ARG P 108 12.51 95.55 79.50
N PHE P 109 12.41 96.86 79.27
CA PHE P 109 13.59 97.73 79.36
C PHE P 109 14.16 97.74 80.77
N LYS P 110 13.30 97.86 81.78
CA LYS P 110 13.78 97.89 83.15
C LYS P 110 14.41 96.55 83.55
N VAL P 111 13.81 95.45 83.11
CA VAL P 111 14.38 94.13 83.36
C VAL P 111 15.73 94.00 82.68
N MET P 112 15.86 94.53 81.46
CA MET P 112 17.12 94.48 80.75
C MET P 112 18.21 95.22 81.52
N LYS P 113 17.88 96.39 82.06
CA LYS P 113 18.86 97.16 82.83
C LYS P 113 19.26 96.43 84.11
N ALA P 114 18.26 95.96 84.86
CA ALA P 114 18.54 95.27 86.12
C ALA P 114 19.35 94.01 85.89
N LYS P 115 19.01 93.24 84.87
CA LYS P 115 19.72 92.01 84.56
C LYS P 115 21.13 92.30 84.09
N LYS P 116 21.32 93.39 83.33
CA LYS P 116 22.66 93.82 82.93
C LYS P 116 23.54 94.05 84.15
N MET P 117 23.06 94.87 85.09
CA MET P 117 23.88 95.17 86.26
C MET P 117 24.10 93.95 87.12
N ARG P 118 23.06 93.14 87.32
CA ARG P 118 23.17 91.95 88.15
C ARG P 118 24.17 90.96 87.57
N ASN P 119 24.10 90.74 86.25
CA ASN P 119 25.03 89.82 85.60
C ASN P 119 26.46 90.34 85.68
N ARG P 120 26.65 91.65 85.54
CA ARG P 120 28.01 92.18 85.62
C ARG P 120 28.59 92.00 87.03
N ILE P 121 27.79 92.25 88.07
CA ILE P 121 28.29 92.06 89.43
C ILE P 121 28.61 90.59 89.68
N ILE P 122 27.73 89.70 89.25
CA ILE P 122 27.95 88.26 89.46
C ILE P 122 29.20 87.81 88.70
N LYS P 123 29.40 88.30 87.48
CA LYS P 123 30.57 87.91 86.71
C LYS P 123 31.86 88.41 87.34
N ASN P 124 31.85 89.62 87.90
CA ASN P 124 33.01 90.11 88.63
C ASN P 124 33.31 89.22 89.83
N GLU P 125 32.27 88.82 90.56
CA GLU P 125 32.50 87.94 91.71
C GLU P 125 33.01 86.57 91.27
N VAL P 126 32.54 86.07 90.13
CA VAL P 126 33.01 84.78 89.63
C VAL P 126 34.48 84.87 89.26
N LYS P 127 34.89 85.97 88.62
CA LYS P 127 36.31 86.16 88.31
C LYS P 127 37.14 86.22 89.59
N LYS P 128 36.64 86.92 90.61
CA LYS P 128 37.37 86.99 91.87
C LYS P 128 37.51 85.61 92.50
N LEU P 129 36.45 84.80 92.48
CA LEU P 129 36.53 83.46 93.04
C LEU P 129 37.47 82.57 92.24
N GLN P 130 37.48 82.72 90.92
CA GLN P 130 38.41 81.95 90.09
C GLN P 130 39.85 82.30 90.44
N LYS P 131 40.15 83.60 90.57
CA LYS P 131 41.52 83.98 90.91
C LYS P 131 41.88 83.55 92.33
N ALA P 132 40.92 83.55 93.25
CA ALA P 132 41.19 83.06 94.59
C ALA P 132 41.46 81.56 94.59
N ALA P 133 40.73 80.80 93.77
CA ALA P 133 40.94 79.36 93.72
C ALA P 133 42.19 78.98 92.93
N LEU P 134 42.68 79.86 92.05
CA LEU P 134 43.82 79.51 91.22
C LEU P 134 45.12 79.45 92.00
N LEU P 135 45.17 80.04 93.20
CA LEU P 135 46.43 80.07 93.95
C LEU P 135 46.63 78.80 94.77
N LYS P 136 46.53 77.64 94.12
CA LYS P 136 46.81 76.37 94.76
C LYS P 136 48.19 75.89 94.33
N ALA P 137 49.05 75.63 95.31
CA ALA P 137 50.41 75.14 95.03
C ALA P 137 50.83 74.26 96.21
N SER P 138 50.64 72.95 96.06
CA SER P 138 50.99 72.02 97.12
C SER P 138 51.45 70.68 96.53
N PRO P 139 52.72 70.29 96.74
CA PRO P 139 53.24 69.00 96.29
C PRO P 139 52.55 67.82 96.96
N GLY Q 1 -37.34 57.95 -85.34
CA GLY Q 1 -37.84 57.63 -84.02
C GLY Q 1 -37.39 56.26 -83.54
N ALA Q 2 -36.19 55.86 -83.94
CA ALA Q 2 -35.71 54.52 -83.62
C ALA Q 2 -35.35 54.39 -82.15
N TYR Q 3 -35.01 55.50 -81.50
CA TYR Q 3 -34.61 55.44 -80.10
C TYR Q 3 -35.76 54.96 -79.22
N LYS Q 4 -36.99 55.36 -79.56
CA LYS Q 4 -38.15 54.88 -78.80
C LYS Q 4 -38.29 53.37 -78.90
N TYR Q 5 -38.09 52.83 -80.10
CA TYR Q 5 -38.16 51.38 -80.28
C TYR Q 5 -37.05 50.68 -79.50
N ILE Q 6 -35.84 51.24 -79.52
CA ILE Q 6 -34.74 50.60 -78.81
C ILE Q 6 -34.98 50.63 -77.31
N GLN Q 7 -35.56 51.72 -76.81
CA GLN Q 7 -35.90 51.81 -75.39
C GLN Q 7 -36.95 50.77 -75.00
N GLU Q 8 -38.04 50.69 -75.77
CA GLU Q 8 -39.07 49.71 -75.48
C GLU Q 8 -38.53 48.29 -75.60
N LEU Q 9 -37.58 48.08 -76.49
CA LEU Q 9 -36.93 46.78 -76.63
C LEU Q 9 -36.14 46.43 -75.39
N TRP Q 10 -35.29 47.35 -74.94
CA TRP Q 10 -34.48 47.11 -73.75
C TRP Q 10 -35.30 47.03 -72.48
N ARG Q 11 -36.56 47.46 -72.52
CA ARG Q 11 -37.45 47.20 -71.39
C ARG Q 11 -38.03 45.79 -71.40
N LYS Q 12 -37.48 44.87 -72.20
CA LYS Q 12 -37.99 43.52 -72.35
C LYS Q 12 -36.86 42.51 -72.19
N LYS Q 13 -36.10 42.66 -71.10
CA LYS Q 13 -34.86 41.91 -70.94
C LYS Q 13 -35.05 40.41 -70.79
N GLN Q 14 -36.28 39.94 -70.57
CA GLN Q 14 -36.54 38.52 -70.46
C GLN Q 14 -37.12 37.92 -71.74
N SER Q 15 -37.20 38.68 -72.82
CA SER Q 15 -37.60 38.12 -74.09
C SER Q 15 -36.51 37.21 -74.63
N ASP Q 16 -36.84 36.43 -75.66
CA ASP Q 16 -35.86 35.53 -76.24
C ASP Q 16 -34.70 36.31 -76.85
N VAL Q 17 -35.00 37.35 -77.62
CA VAL Q 17 -33.96 38.11 -78.31
C VAL Q 17 -33.05 38.81 -77.31
N MET Q 18 -33.64 39.44 -76.29
CA MET Q 18 -32.82 40.17 -75.32
C MET Q 18 -32.07 39.21 -74.42
N ARG Q 19 -32.65 38.07 -74.08
CA ARG Q 19 -31.94 37.07 -73.29
C ARG Q 19 -30.72 36.55 -74.05
N PHE Q 20 -30.89 36.25 -75.34
CA PHE Q 20 -29.77 35.80 -76.15
C PHE Q 20 -28.69 36.86 -76.22
N LEU Q 21 -29.08 38.11 -76.50
CA LEU Q 21 -28.09 39.17 -76.63
C LEU Q 21 -27.35 39.42 -75.32
N LEU Q 22 -28.08 39.41 -74.20
CA LEU Q 22 -27.44 39.63 -72.91
C LEU Q 22 -26.48 38.50 -72.57
N ARG Q 23 -26.84 37.25 -72.85
CA ARG Q 23 -25.93 36.14 -72.56
C ARG Q 23 -24.67 36.22 -73.41
N VAL Q 24 -24.82 36.48 -74.71
CA VAL Q 24 -23.66 36.54 -75.59
C VAL Q 24 -22.75 37.70 -75.20
N ARG Q 25 -23.32 38.86 -74.93
CA ARG Q 25 -22.50 40.00 -74.55
C ARG Q 25 -21.86 39.80 -73.18
N CYS Q 26 -22.56 39.15 -72.25
CA CYS Q 26 -21.96 38.89 -70.95
C CYS Q 26 -20.77 37.95 -71.09
N TRP Q 27 -20.88 36.93 -71.94
CA TRP Q 27 -19.73 36.07 -72.19
C TRP Q 27 -18.57 36.86 -72.78
N GLN Q 28 -18.86 37.71 -73.77
CA GLN Q 28 -17.78 38.47 -74.40
C GLN Q 28 -17.11 39.40 -73.41
N TYR Q 29 -17.89 40.10 -72.58
CA TYR Q 29 -17.30 40.99 -71.58
C TYR Q 29 -16.54 40.22 -70.52
N ARG Q 30 -17.00 39.01 -70.20
CA ARG Q 30 -16.26 38.16 -69.26
C ARG Q 30 -14.89 37.81 -69.80
N GLN Q 31 -14.78 37.63 -71.12
CA GLN Q 31 -13.47 37.30 -71.69
C GLN Q 31 -12.49 38.47 -71.69
N LEU Q 32 -12.92 39.69 -71.37
CA LEU Q 32 -12.07 40.86 -71.45
C LEU Q 32 -11.54 41.25 -70.06
N SER Q 33 -10.85 42.38 -70.00
CA SER Q 33 -10.28 42.87 -68.76
C SER Q 33 -11.34 43.53 -67.89
N ALA Q 34 -11.00 43.75 -66.63
CA ALA Q 34 -11.93 44.37 -65.70
C ALA Q 34 -12.25 45.81 -66.09
N LEU Q 35 -11.24 46.56 -66.51
CA LEU Q 35 -11.41 47.92 -67.00
C LEU Q 35 -10.97 47.94 -68.45
N HIS Q 36 -11.85 48.38 -69.34
CA HIS Q 36 -11.56 48.24 -70.77
C HIS Q 36 -12.31 49.32 -71.54
N ARG Q 37 -11.61 50.12 -72.33
CA ARG Q 37 -12.30 51.15 -73.08
C ARG Q 37 -13.15 50.55 -74.19
N ALA Q 38 -14.40 51.00 -74.27
CA ALA Q 38 -15.30 50.59 -75.33
C ALA Q 38 -15.19 51.55 -76.52
N PRO Q 39 -15.16 51.03 -77.74
CA PRO Q 39 -15.07 51.92 -78.91
C PRO Q 39 -16.29 52.81 -79.06
N ARG Q 40 -17.45 52.36 -78.63
CA ARG Q 40 -18.70 53.10 -78.74
C ARG Q 40 -19.64 52.61 -77.66
N PRO Q 41 -20.65 53.39 -77.30
CA PRO Q 41 -21.63 52.90 -76.33
C PRO Q 41 -22.37 51.68 -76.86
N THR Q 42 -22.56 50.68 -75.99
CA THR Q 42 -23.35 49.52 -76.34
C THR Q 42 -24.82 49.87 -76.47
N ARG Q 43 -25.30 50.81 -75.65
CA ARG Q 43 -26.69 51.28 -75.68
C ARG Q 43 -26.64 52.78 -75.99
N PRO Q 44 -26.62 53.16 -77.26
CA PRO Q 44 -26.54 54.59 -77.60
C PRO Q 44 -27.71 55.40 -77.08
N ASP Q 45 -28.93 54.85 -77.09
CA ASP Q 45 -30.07 55.60 -76.58
C ASP Q 45 -29.95 55.85 -75.09
N LYS Q 46 -29.55 54.84 -74.33
CA LYS Q 46 -29.37 55.02 -72.88
C LYS Q 46 -28.24 56.00 -72.60
N ALA Q 47 -27.15 55.91 -73.37
CA ALA Q 47 -26.04 56.83 -73.16
C ALA Q 47 -26.45 58.27 -73.41
N ARG Q 48 -27.14 58.53 -74.53
CA ARG Q 48 -27.53 59.90 -74.82
C ARG Q 48 -28.64 60.39 -73.88
N ARG Q 49 -29.45 59.47 -73.37
CA ARG Q 49 -30.40 59.81 -72.33
C ARG Q 49 -29.67 60.25 -71.06
N LEU Q 50 -28.57 59.59 -70.74
CA LEU Q 50 -27.77 59.92 -69.56
C LEU Q 50 -26.84 61.10 -69.78
N GLY Q 51 -26.70 61.59 -71.01
CA GLY Q 51 -25.95 62.80 -71.27
C GLY Q 51 -24.84 62.68 -72.29
N TYR Q 52 -24.66 61.52 -72.91
CA TYR Q 52 -23.61 61.33 -73.89
C TYR Q 52 -23.99 61.97 -75.22
N LYS Q 53 -23.01 62.51 -75.93
CA LYS Q 53 -23.19 63.02 -77.26
C LYS Q 53 -22.08 62.48 -78.15
N ALA Q 54 -22.42 62.07 -79.37
CA ALA Q 54 -21.47 61.46 -80.27
C ALA Q 54 -20.56 62.54 -80.87
N LYS Q 55 -19.62 63.00 -80.06
CA LYS Q 55 -18.66 63.98 -80.51
C LYS Q 55 -17.34 63.74 -79.77
N GLN Q 56 -16.27 64.31 -80.31
CA GLN Q 56 -14.95 64.13 -79.72
C GLN Q 56 -14.90 64.72 -78.31
N GLY Q 57 -14.32 63.95 -77.39
CA GLY Q 57 -14.29 64.32 -75.99
C GLY Q 57 -15.12 63.42 -75.10
N TYR Q 58 -16.10 62.72 -75.67
CA TYR Q 58 -16.88 61.72 -74.95
C TYR Q 58 -16.28 60.35 -75.20
N VAL Q 59 -15.98 59.62 -74.13
CA VAL Q 59 -15.46 58.26 -74.25
C VAL Q 59 -16.28 57.35 -73.35
N ILE Q 60 -16.19 56.05 -73.63
CA ILE Q 60 -16.94 55.03 -72.91
C ILE Q 60 -15.95 54.01 -72.36
N TYR Q 61 -16.11 53.67 -71.09
CA TYR Q 61 -15.27 52.66 -70.45
C TYR Q 61 -16.16 51.59 -69.84
N ARG Q 62 -15.95 50.34 -70.23
CA ARG Q 62 -16.66 49.21 -69.65
C ARG Q 62 -15.91 48.72 -68.41
N ILE Q 63 -16.66 48.59 -67.31
CA ILE Q 63 -16.14 48.21 -66.01
C ILE Q 63 -16.87 46.96 -65.55
N ARG Q 64 -16.11 46.01 -65.01
CA ARG Q 64 -16.62 44.77 -64.47
C ARG Q 64 -16.36 44.77 -62.97
N VAL Q 65 -17.43 44.64 -62.19
CA VAL Q 65 -17.31 44.62 -60.74
C VAL Q 65 -17.78 43.27 -60.24
N ARG Q 66 -17.29 42.87 -59.06
CA ARG Q 66 -17.68 41.62 -58.45
C ARG Q 66 -18.95 41.81 -57.63
N ARG Q 67 -19.87 40.87 -57.76
CA ARG Q 67 -21.17 40.97 -57.13
C ARG Q 67 -21.10 40.52 -55.67
N GLY Q 68 -22.14 40.83 -54.93
CA GLY Q 68 -22.29 40.36 -53.57
C GLY Q 68 -22.08 41.47 -52.56
N GLY Q 69 -22.13 41.05 -51.30
CA GLY Q 69 -22.00 41.97 -50.19
C GLY Q 69 -20.56 42.28 -49.86
N ARG Q 70 -20.37 42.88 -48.69
CA ARG Q 70 -19.07 43.35 -48.24
C ARG Q 70 -18.67 42.56 -47.00
N LYS Q 71 -17.81 41.57 -47.17
CA LYS Q 71 -17.27 40.86 -46.02
C LYS Q 71 -16.37 41.78 -45.21
N ARG Q 72 -16.52 41.75 -43.90
CA ARG Q 72 -15.69 42.59 -43.04
C ARG Q 72 -14.26 42.12 -43.09
N PRO Q 73 -13.30 42.97 -43.41
CA PRO Q 73 -11.91 42.51 -43.61
C PRO Q 73 -11.14 42.42 -42.30
N VAL Q 74 -11.50 41.45 -41.48
CA VAL Q 74 -10.85 41.24 -40.19
C VAL Q 74 -10.17 39.88 -40.22
N PRO Q 75 -9.03 39.71 -39.55
CA PRO Q 75 -8.35 38.41 -39.57
C PRO Q 75 -9.15 37.36 -38.84
N LYS Q 76 -9.40 36.24 -39.52
CA LYS Q 76 -10.10 35.09 -38.97
C LYS Q 76 -11.50 35.41 -38.47
N GLY Q 77 -12.09 36.50 -38.96
CA GLY Q 77 -13.43 36.85 -38.55
C GLY Q 77 -13.55 37.40 -37.15
N ALA Q 78 -12.43 37.77 -36.52
CA ALA Q 78 -12.45 38.28 -35.16
C ALA Q 78 -12.63 39.79 -35.19
N THR Q 79 -13.82 40.24 -34.82
CA THR Q 79 -14.11 41.66 -34.66
C THR Q 79 -14.22 41.87 -33.16
N TYR Q 80 -13.08 42.15 -32.52
CA TYR Q 80 -13.00 42.22 -31.06
C TYR Q 80 -13.88 43.33 -30.52
N GLY Q 81 -14.94 42.98 -29.81
CA GLY Q 81 -15.84 43.96 -29.27
C GLY Q 81 -17.14 43.31 -28.84
N LYS Q 82 -18.15 44.15 -28.69
CA LYS Q 82 -19.44 43.68 -28.23
C LYS Q 82 -20.12 42.84 -29.31
N PRO Q 83 -21.01 41.93 -28.92
CA PRO Q 83 -21.61 41.01 -29.91
C PRO Q 83 -22.40 41.69 -31.00
N VAL Q 84 -22.86 42.92 -30.80
CA VAL Q 84 -23.62 43.60 -31.84
C VAL Q 84 -22.75 43.91 -33.05
N HIS Q 85 -21.43 43.92 -32.87
CA HIS Q 85 -20.50 44.18 -33.96
C HIS Q 85 -19.75 42.92 -34.40
N HIS Q 86 -20.20 41.74 -33.98
CA HIS Q 86 -19.54 40.50 -34.37
C HIS Q 86 -19.81 40.12 -35.81
N GLY Q 87 -20.69 40.83 -36.50
CA GLY Q 87 -21.04 40.49 -37.86
C GLY Q 87 -19.87 40.55 -38.83
N VAL Q 88 -19.68 39.47 -39.57
CA VAL Q 88 -18.66 39.40 -40.61
C VAL Q 88 -19.31 39.18 -41.98
N ASN Q 89 -20.17 38.19 -42.09
CA ASN Q 89 -20.92 37.96 -43.31
C ASN Q 89 -22.28 38.64 -43.22
N GLN Q 90 -23.01 38.61 -44.33
CA GLN Q 90 -24.31 39.26 -44.49
C GLN Q 90 -24.24 40.76 -44.28
N LEU Q 91 -23.05 41.36 -44.39
CA LEU Q 91 -22.90 42.81 -44.33
C LEU Q 91 -22.98 43.38 -45.73
N LYS Q 92 -23.39 44.64 -45.82
CA LYS Q 92 -23.63 45.27 -47.11
C LYS Q 92 -22.95 46.62 -47.19
N PHE Q 93 -22.36 46.90 -48.34
CA PHE Q 93 -21.72 48.17 -48.60
C PHE Q 93 -22.76 49.26 -48.79
N ALA Q 94 -22.45 50.46 -48.30
CA ALA Q 94 -23.42 51.55 -48.36
C ALA Q 94 -23.65 52.05 -49.78
N ARG Q 95 -22.65 51.96 -50.64
CA ARG Q 95 -22.75 52.42 -52.02
C ARG Q 95 -22.99 51.25 -52.95
N SER Q 96 -23.60 51.55 -54.09
CA SER Q 96 -23.99 50.51 -55.03
C SER Q 96 -22.82 50.10 -55.92
N LEU Q 97 -22.98 48.94 -56.55
CA LEU Q 97 -21.96 48.43 -57.46
C LEU Q 97 -21.77 49.35 -58.66
N GLN Q 98 -22.83 50.02 -59.10
CA GLN Q 98 -22.70 51.00 -60.16
C GLN Q 98 -21.80 52.16 -59.72
N SER Q 99 -21.99 52.63 -58.49
CA SER Q 99 -21.12 53.67 -57.95
C SER Q 99 -19.67 53.20 -57.85
N VAL Q 100 -19.48 51.94 -57.45
CA VAL Q 100 -18.12 51.40 -57.36
C VAL Q 100 -17.46 51.35 -58.73
N ALA Q 101 -18.22 50.93 -59.75
CA ALA Q 101 -17.67 50.88 -61.10
C ALA Q 101 -17.33 52.28 -61.60
N GLU Q 102 -18.19 53.26 -61.31
CA GLU Q 102 -17.90 54.64 -61.67
C GLU Q 102 -16.62 55.12 -60.99
N GLU Q 103 -16.46 54.80 -59.71
CA GLU Q 103 -15.26 55.21 -58.97
C GLU Q 103 -14.02 54.59 -59.57
N ARG Q 104 -14.08 53.31 -59.95
CA ARG Q 104 -12.92 52.66 -60.55
C ARG Q 104 -12.56 53.27 -61.89
N ALA Q 105 -13.57 53.55 -62.72
CA ALA Q 105 -13.31 54.19 -64.01
C ALA Q 105 -12.67 55.56 -63.83
N GLY Q 106 -13.18 56.36 -62.89
CA GLY Q 106 -12.61 57.67 -62.66
C GLY Q 106 -11.20 57.62 -62.10
N ARG Q 107 -10.95 56.68 -61.17
CA ARG Q 107 -9.63 56.56 -60.60
C ARG Q 107 -8.59 56.15 -61.63
N HIS Q 108 -8.98 55.28 -62.56
CA HIS Q 108 -8.06 54.96 -63.64
C HIS Q 108 -7.86 56.16 -64.57
N CYS Q 109 -8.96 56.76 -65.02
CA CYS Q 109 -8.88 57.92 -65.91
C CYS Q 109 -9.07 59.21 -65.10
N GLY Q 110 -8.13 59.45 -64.18
CA GLY Q 110 -8.15 60.65 -63.37
C GLY Q 110 -8.06 61.95 -64.13
N ALA Q 111 -7.65 61.90 -65.40
CA ALA Q 111 -7.64 63.11 -66.23
C ALA Q 111 -9.00 63.38 -66.87
N LEU Q 112 -9.96 62.48 -66.76
CA LEU Q 112 -11.28 62.64 -67.33
C LEU Q 112 -12.29 62.89 -66.22
N ARG Q 113 -13.52 63.18 -66.62
CA ARG Q 113 -14.60 63.44 -65.69
C ARG Q 113 -15.73 62.45 -65.92
N VAL Q 114 -16.14 61.75 -64.87
CA VAL Q 114 -17.25 60.82 -64.97
C VAL Q 114 -18.55 61.60 -65.11
N LEU Q 115 -19.32 61.29 -66.14
CA LEU Q 115 -20.62 61.93 -66.32
C LEU Q 115 -21.74 61.07 -65.75
N ASN Q 116 -21.89 59.85 -66.26
CA ASN Q 116 -22.90 58.91 -65.79
C ASN Q 116 -22.44 57.50 -66.15
N SER Q 117 -23.30 56.53 -65.92
CA SER Q 117 -23.01 55.14 -66.26
C SER Q 117 -24.32 54.38 -66.37
N TYR Q 118 -24.25 53.21 -67.00
CA TYR Q 118 -25.44 52.40 -67.15
C TYR Q 118 -25.09 50.92 -67.16
N TRP Q 119 -26.09 50.10 -66.91
CA TRP Q 119 -25.96 48.66 -66.80
C TRP Q 119 -25.98 48.03 -68.19
N VAL Q 120 -25.00 47.17 -68.48
CA VAL Q 120 -24.97 46.50 -69.78
C VAL Q 120 -25.08 44.99 -69.68
N GLY Q 121 -25.05 44.43 -68.48
CA GLY Q 121 -25.15 43.00 -68.32
C GLY Q 121 -24.62 42.56 -66.99
N GLU Q 122 -25.02 41.35 -66.59
CA GLU Q 122 -24.58 40.82 -65.31
C GLU Q 122 -24.51 39.31 -65.39
N ASP Q 123 -23.65 38.75 -64.56
CA ASP Q 123 -23.46 37.32 -64.39
C ASP Q 123 -23.80 36.97 -62.95
N SER Q 124 -23.52 35.73 -62.54
CA SER Q 124 -23.68 35.40 -61.13
C SER Q 124 -22.59 36.04 -60.30
N THR Q 125 -21.42 36.28 -60.88
CA THR Q 125 -20.29 36.79 -60.16
C THR Q 125 -19.80 38.15 -60.62
N TYR Q 126 -20.29 38.66 -61.75
CA TYR Q 126 -19.87 39.97 -62.25
C TYR Q 126 -21.06 40.79 -62.67
N LYS Q 127 -20.97 42.09 -62.45
CA LYS Q 127 -21.87 43.07 -63.05
C LYS Q 127 -21.06 43.96 -63.97
N PHE Q 128 -21.63 44.28 -65.13
CA PHE Q 128 -20.95 45.06 -66.15
C PHE Q 128 -21.66 46.39 -66.35
N PHE Q 129 -20.90 47.46 -66.25
CA PHE Q 129 -21.42 48.80 -66.46
C PHE Q 129 -20.58 49.49 -67.52
N GLU Q 130 -21.18 50.47 -68.18
CA GLU Q 130 -20.47 51.33 -69.11
C GLU Q 130 -20.56 52.74 -68.58
N VAL Q 131 -19.40 53.37 -68.41
CA VAL Q 131 -19.28 54.69 -67.80
C VAL Q 131 -18.94 55.68 -68.90
N ILE Q 132 -19.65 56.79 -68.92
CA ILE Q 132 -19.38 57.89 -69.84
C ILE Q 132 -18.37 58.81 -69.19
N LEU Q 133 -17.27 59.08 -69.89
CA LEU Q 133 -16.25 59.99 -69.42
C LEU Q 133 -16.16 61.14 -70.41
N ILE Q 134 -15.79 62.32 -69.90
CA ILE Q 134 -15.62 63.51 -70.70
C ILE Q 134 -14.20 64.01 -70.51
N ASP Q 135 -13.52 64.30 -71.61
CA ASP Q 135 -12.23 64.97 -71.53
C ASP Q 135 -12.49 66.46 -71.36
N PRO Q 136 -12.17 67.04 -70.20
CA PRO Q 136 -12.53 68.44 -69.95
C PRO Q 136 -11.66 69.44 -70.67
N PHE Q 137 -10.59 69.01 -71.32
CA PHE Q 137 -9.67 69.92 -71.98
C PHE Q 137 -9.73 69.81 -73.50
N HIS Q 138 -10.59 68.95 -74.04
CA HIS Q 138 -10.81 68.95 -75.48
C HIS Q 138 -11.56 70.20 -75.88
N LYS Q 139 -11.22 70.75 -77.05
CA LYS Q 139 -11.82 72.00 -77.47
C LYS Q 139 -13.30 71.85 -77.79
N ALA Q 140 -13.72 70.68 -78.26
CA ALA Q 140 -15.14 70.45 -78.53
C ALA Q 140 -15.95 70.54 -77.25
N ILE Q 141 -15.43 69.99 -76.15
CA ILE Q 141 -16.09 70.10 -74.85
C ILE Q 141 -15.99 71.53 -74.33
N ARG Q 142 -14.84 72.16 -74.53
CA ARG Q 142 -14.49 73.38 -73.83
C ARG Q 142 -15.08 74.64 -74.46
N ARG Q 143 -15.29 74.64 -75.78
CA ARG Q 143 -15.84 75.78 -76.50
C ARG Q 143 -17.35 75.77 -76.56
N ASN Q 144 -17.99 74.76 -76.00
CA ASN Q 144 -19.42 74.59 -76.09
C ASN Q 144 -20.04 74.92 -74.74
N PRO Q 145 -20.92 75.91 -74.63
CA PRO Q 145 -21.69 76.05 -73.40
C PRO Q 145 -22.65 74.89 -73.27
N ASP Q 146 -23.25 74.77 -72.08
CA ASP Q 146 -24.05 73.63 -71.63
C ASP Q 146 -23.18 72.40 -71.42
N THR Q 147 -21.88 72.48 -71.72
CA THR Q 147 -20.93 71.43 -71.40
C THR Q 147 -19.74 71.98 -70.62
N GLN Q 148 -19.54 73.30 -70.62
CA GLN Q 148 -18.43 73.92 -69.92
C GLN Q 148 -18.48 73.68 -68.41
N TRP Q 149 -19.63 73.30 -67.87
CA TRP Q 149 -19.74 73.11 -66.43
C TRP Q 149 -18.84 71.98 -65.95
N ILE Q 150 -18.71 70.92 -66.74
CA ILE Q 150 -17.88 69.79 -66.36
C ILE Q 150 -16.41 70.17 -66.34
N THR Q 151 -16.03 71.27 -66.99
CA THR Q 151 -14.64 71.71 -67.01
C THR Q 151 -14.24 72.49 -65.77
N LYS Q 152 -15.20 72.86 -64.92
CA LYS Q 152 -14.87 73.63 -63.74
C LYS Q 152 -14.10 72.78 -62.73
N PRO Q 153 -13.20 73.39 -61.97
CA PRO Q 153 -12.45 72.62 -60.96
C PRO Q 153 -13.30 72.02 -59.87
N VAL Q 154 -14.49 72.58 -59.61
CA VAL Q 154 -15.34 72.03 -58.57
C VAL Q 154 -15.96 70.71 -59.01
N HIS Q 155 -15.91 70.39 -60.29
CA HIS Q 155 -16.56 69.20 -60.84
C HIS Q 155 -15.58 68.09 -61.16
N LYS Q 156 -14.50 67.97 -60.39
CA LYS Q 156 -13.55 66.88 -60.61
C LYS Q 156 -13.78 65.79 -59.57
N HIS Q 157 -13.75 64.54 -60.03
CA HIS Q 157 -13.98 63.36 -59.21
C HIS Q 157 -15.35 63.41 -58.53
N ARG Q 158 -16.36 63.70 -59.35
CA ARG Q 158 -17.74 63.66 -58.88
C ARG Q 158 -18.11 62.27 -58.40
N GLU Q 159 -17.62 61.24 -59.09
CA GLU Q 159 -17.89 59.87 -58.69
C GLU Q 159 -17.28 59.53 -57.34
N MET Q 160 -16.24 60.25 -56.92
CA MET Q 160 -15.63 60.00 -55.63
C MET Q 160 -16.23 60.84 -54.53
N ARG Q 161 -16.79 61.99 -54.87
CA ARG Q 161 -17.54 62.78 -53.90
C ARG Q 161 -19.02 62.42 -53.90
N GLY Q 162 -19.43 61.42 -54.66
CA GLY Q 162 -20.81 61.00 -54.70
C GLY Q 162 -21.76 61.98 -55.36
N LEU Q 163 -21.33 62.61 -56.45
CA LEU Q 163 -22.13 63.61 -57.14
C LEU Q 163 -22.74 63.12 -58.44
N THR Q 164 -22.38 61.93 -58.91
CA THR Q 164 -23.06 61.35 -60.05
C THR Q 164 -24.40 60.79 -59.62
N SER Q 165 -25.16 60.24 -60.56
CA SER Q 165 -26.47 59.70 -60.24
C SER Q 165 -26.36 58.47 -59.35
N ALA Q 166 -25.48 57.52 -59.74
CA ALA Q 166 -25.33 56.29 -58.99
C ALA Q 166 -24.77 56.56 -57.60
N GLY Q 167 -23.77 57.43 -57.49
CA GLY Q 167 -23.25 57.79 -56.19
C GLY Q 167 -24.19 58.64 -55.37
N ARG Q 168 -25.07 59.38 -56.03
CA ARG Q 168 -26.02 60.22 -55.31
C ARG Q 168 -27.13 59.39 -54.70
N LYS Q 169 -27.50 58.28 -55.34
CA LYS Q 169 -28.62 57.48 -54.85
C LYS Q 169 -28.40 56.96 -53.45
N SER Q 170 -27.14 56.80 -53.02
CA SER Q 170 -26.87 56.22 -51.71
C SER Q 170 -26.79 57.25 -50.60
N ARG Q 171 -26.85 58.53 -50.90
CA ARG Q 171 -26.69 59.58 -49.90
C ARG Q 171 -27.98 59.92 -49.17
N GLY Q 172 -29.11 59.33 -49.57
CA GLY Q 172 -30.34 59.61 -48.88
C GLY Q 172 -30.91 61.00 -49.12
N LEU Q 173 -30.55 61.62 -50.23
CA LEU Q 173 -31.10 62.94 -50.54
C LEU Q 173 -32.50 62.81 -51.11
N GLY Q 174 -33.24 63.91 -51.03
CA GLY Q 174 -34.58 63.95 -51.55
C GLY Q 174 -35.39 64.98 -50.79
N LYS Q 175 -36.64 65.14 -51.23
CA LYS Q 175 -37.56 66.08 -50.63
C LYS Q 175 -38.67 65.34 -49.91
N GLY Q 176 -39.00 65.80 -48.72
CA GLY Q 176 -40.17 65.33 -48.04
C GLY Q 176 -39.88 64.53 -46.79
N HIS Q 177 -40.91 63.82 -46.33
CA HIS Q 177 -40.86 63.19 -45.02
C HIS Q 177 -39.98 61.96 -44.99
N LYS Q 178 -39.67 61.37 -46.14
CA LYS Q 178 -38.83 60.19 -46.15
C LYS Q 178 -37.36 60.51 -46.04
N PHE Q 179 -36.97 61.77 -46.21
CA PHE Q 179 -35.58 62.16 -46.34
C PHE Q 179 -35.23 63.26 -45.35
N HIS Q 180 -35.64 63.08 -44.10
CA HIS Q 180 -35.27 64.03 -43.06
C HIS Q 180 -33.85 63.86 -42.58
N HIS Q 181 -33.17 62.77 -42.95
CA HIS Q 181 -31.80 62.55 -42.50
C HIS Q 181 -30.85 63.57 -43.11
N THR Q 182 -31.19 64.12 -44.27
CA THR Q 182 -30.26 64.92 -45.05
C THR Q 182 -30.76 66.35 -45.26
N ILE Q 183 -31.45 66.92 -44.27
CA ILE Q 183 -31.83 68.33 -44.36
C ILE Q 183 -30.61 69.17 -44.01
N GLY Q 184 -30.17 69.98 -44.95
CA GLY Q 184 -28.94 70.71 -44.82
C GLY Q 184 -27.88 70.34 -45.82
N GLY Q 185 -28.14 69.36 -46.70
CA GLY Q 185 -27.21 68.98 -47.75
C GLY Q 185 -26.76 67.53 -47.66
N SER Q 186 -26.59 67.02 -46.46
CA SER Q 186 -26.09 65.66 -46.28
C SER Q 186 -26.39 65.19 -44.86
N ARG Q 187 -26.14 63.90 -44.63
CA ARG Q 187 -26.31 63.35 -43.29
C ARG Q 187 -25.40 64.03 -42.29
N ARG Q 188 -24.14 64.24 -42.67
CA ARG Q 188 -23.19 64.87 -41.77
C ARG Q 188 -23.59 66.32 -41.49
N ALA Q 189 -24.08 67.04 -42.50
CA ALA Q 189 -24.52 68.41 -42.28
C ALA Q 189 -25.71 68.45 -41.33
N ALA Q 190 -26.68 67.57 -41.54
CA ALA Q 190 -27.83 67.52 -40.64
C ALA Q 190 -27.41 67.14 -39.23
N TRP Q 191 -26.48 66.19 -39.11
CA TRP Q 191 -26.01 65.78 -37.79
C TRP Q 191 -25.29 66.91 -37.07
N ARG Q 192 -24.43 67.64 -37.78
CA ARG Q 192 -23.75 68.76 -37.16
C ARG Q 192 -24.74 69.83 -36.72
N ARG Q 193 -25.72 70.13 -37.55
CA ARG Q 193 -26.71 71.14 -37.17
C ARG Q 193 -27.52 70.70 -35.97
N ARG Q 194 -27.91 69.42 -35.92
CA ARG Q 194 -28.75 68.93 -34.84
C ARG Q 194 -27.98 68.62 -33.56
N ASN Q 195 -26.67 68.49 -33.64
CA ASN Q 195 -25.86 68.19 -32.46
C ASN Q 195 -24.97 69.35 -32.04
N THR Q 196 -25.03 70.47 -32.74
CA THR Q 196 -24.31 71.66 -32.32
C THR Q 196 -25.14 72.41 -31.29
N LEU Q 197 -24.50 72.79 -30.19
CA LEU Q 197 -25.15 73.56 -29.14
C LEU Q 197 -24.95 75.05 -29.44
N GLN Q 198 -26.04 75.74 -29.74
CA GLN Q 198 -25.99 77.16 -30.03
C GLN Q 198 -25.99 77.92 -28.72
N LEU Q 199 -24.86 78.53 -28.40
CA LEU Q 199 -24.72 79.36 -27.20
C LEU Q 199 -24.67 80.81 -27.67
N HIS Q 200 -25.79 81.51 -27.56
CA HIS Q 200 -25.88 82.88 -28.03
C HIS Q 200 -25.07 83.80 -27.10
N ARG Q 201 -25.07 85.08 -27.44
CA ARG Q 201 -24.43 86.04 -26.55
C ARG Q 201 -25.31 86.31 -25.33
N TYR Q 202 -26.61 86.33 -25.54
CA TYR Q 202 -27.58 86.59 -24.48
C TYR Q 202 -28.42 85.33 -24.27
N ARG Q 203 -28.16 84.63 -23.16
CA ARG Q 203 -29.00 83.52 -22.76
C ARG Q 203 -29.94 83.88 -21.62
N GLU R 1 15.53 79.50 59.77
CA GLU R 1 16.28 80.60 60.35
C GLU R 1 17.53 80.91 59.53
N VAL R 2 18.35 81.85 60.01
CA VAL R 2 19.52 82.30 59.26
C VAL R 2 20.76 81.46 59.58
N GLN R 3 20.80 80.77 60.70
CA GLN R 3 21.94 79.94 61.07
C GLN R 3 21.68 78.49 60.68
N VAL R 4 22.65 77.64 60.95
CA VAL R 4 22.56 76.22 60.65
C VAL R 4 21.83 75.51 61.78
N LEU R 5 20.90 74.63 61.42
CA LEU R 5 20.15 73.83 62.38
C LEU R 5 20.81 72.46 62.47
N VAL R 6 21.42 72.17 63.62
CA VAL R 6 22.15 70.94 63.82
C VAL R 6 21.28 69.98 64.61
N LEU R 7 21.00 68.83 64.02
CA LEU R 7 20.11 67.83 64.59
C LEU R 7 20.88 66.57 64.92
N ASP R 8 20.76 66.10 66.16
CA ASP R 8 21.35 64.85 66.58
C ASP R 8 20.48 63.71 66.11
N GLY R 9 21.04 62.82 65.30
CA GLY R 9 20.25 61.74 64.72
C GLY R 9 19.95 60.59 65.65
N ARG R 10 20.52 60.57 66.86
CA ARG R 10 20.27 59.48 67.77
C ARG R 10 18.85 59.52 68.31
N GLY R 11 18.20 58.36 68.31
CA GLY R 11 16.87 58.23 68.85
C GLY R 11 15.76 58.73 67.96
N HIS R 12 16.08 59.11 66.72
CA HIS R 12 15.11 59.68 65.81
C HIS R 12 14.67 58.64 64.79
N LEU R 13 13.40 58.67 64.43
CA LEU R 13 12.89 57.78 63.41
C LEU R 13 13.20 58.32 62.03
N LEU R 14 13.55 57.39 61.13
CA LEU R 14 14.14 57.75 59.84
C LEU R 14 13.20 58.64 59.02
N GLY R 15 12.01 58.12 58.70
CA GLY R 15 11.12 58.86 57.83
C GLY R 15 10.58 60.13 58.46
N ARG R 16 10.31 60.09 59.76
CA ARG R 16 9.82 61.28 60.45
C ARG R 16 10.85 62.40 60.39
N LEU R 17 12.09 62.10 60.79
CA LEU R 17 13.14 63.10 60.76
C LEU R 17 13.41 63.56 59.34
N ALA R 18 13.33 62.65 58.37
CA ALA R 18 13.60 63.02 56.99
C ALA R 18 12.52 63.94 56.44
N ALA R 19 11.26 63.71 56.81
CA ALA R 19 10.20 64.62 56.37
C ALA R 19 10.39 66.01 56.95
N ILE R 20 10.71 66.08 58.25
CA ILE R 20 10.96 67.38 58.87
C ILE R 20 12.13 68.09 58.18
N VAL R 21 13.22 67.35 57.94
CA VAL R 21 14.41 67.93 57.33
C VAL R 21 14.12 68.40 55.90
N ALA R 22 13.33 67.62 55.15
CA ALA R 22 13.01 68.00 53.79
C ALA R 22 12.21 69.29 53.76
N LYS R 23 11.22 69.43 54.65
CA LYS R 23 10.47 70.68 54.68
C LYS R 23 11.36 71.85 55.08
N GLN R 24 12.27 71.61 56.04
CA GLN R 24 13.17 72.69 56.49
C GLN R 24 14.07 73.16 55.36
N VAL R 25 14.68 72.23 54.62
CA VAL R 25 15.60 72.63 53.57
C VAL R 25 14.84 73.24 52.39
N LEU R 26 13.59 72.82 52.16
CA LEU R 26 12.80 73.47 51.13
C LEU R 26 12.42 74.89 51.53
N LEU R 27 12.29 75.15 52.83
CA LEU R 27 12.05 76.51 53.29
C LEU R 27 13.33 77.34 53.36
N GLY R 28 14.39 76.91 52.70
CA GLY R 28 15.60 77.71 52.59
C GLY R 28 16.48 77.72 53.82
N ARG R 29 16.50 76.63 54.57
CA ARG R 29 17.24 76.56 55.83
C ARG R 29 18.37 75.55 55.72
N LYS R 30 19.53 75.90 56.26
CA LYS R 30 20.67 75.00 56.31
C LYS R 30 20.48 74.01 57.45
N VAL R 31 20.53 72.72 57.13
CA VAL R 31 20.30 71.66 58.11
C VAL R 31 21.48 70.71 58.08
N VAL R 32 22.03 70.40 59.25
CA VAL R 32 23.11 69.44 59.40
C VAL R 32 22.67 68.36 60.37
N VAL R 33 22.61 67.12 59.88
CA VAL R 33 22.24 65.98 60.71
C VAL R 33 23.50 65.22 61.06
N VAL R 34 23.75 65.04 62.35
CA VAL R 34 24.93 64.32 62.79
C VAL R 34 24.52 63.04 63.49
N ARG R 35 25.48 62.13 63.61
CA ARG R 35 25.29 60.83 64.23
C ARG R 35 24.13 60.07 63.57
N CYS R 36 24.23 59.93 62.25
CA CYS R 36 23.21 59.23 61.49
C CYS R 36 23.24 57.72 61.73
N GLU R 37 24.25 57.20 62.42
CA GLU R 37 24.25 55.80 62.79
C GLU R 37 23.32 55.52 63.96
N GLY R 38 22.90 56.54 64.69
CA GLY R 38 21.97 56.39 65.78
C GLY R 38 20.52 56.51 65.41
N ILE R 39 20.21 56.69 64.12
CA ILE R 39 18.83 56.79 63.67
C ILE R 39 18.15 55.44 63.81
N ASN R 40 16.91 55.45 64.26
CA ASN R 40 16.14 54.23 64.44
C ASN R 40 15.10 54.08 63.33
N ILE R 41 14.76 52.83 63.03
CA ILE R 41 13.68 52.51 62.11
C ILE R 41 12.72 51.58 62.82
N SER R 42 11.43 51.91 62.76
CA SER R 42 10.42 51.08 63.40
C SER R 42 10.30 49.74 62.67
N GLY R 43 9.86 48.73 63.40
CA GLY R 43 9.88 47.38 62.87
C GLY R 43 11.17 46.67 63.21
N ASN R 44 11.10 45.35 63.28
CA ASN R 44 12.27 44.62 63.79
C ASN R 44 13.38 44.58 62.74
N PHE R 45 14.58 44.27 63.25
CA PHE R 45 15.79 44.45 62.47
C PHE R 45 15.80 43.55 61.24
N TYR R 46 15.31 42.33 61.38
CA TYR R 46 15.31 41.42 60.24
C TYR R 46 14.43 41.94 59.12
N ARG R 47 13.27 42.48 59.47
CA ARG R 47 12.37 43.05 58.46
C ARG R 47 13.01 44.25 57.78
N ASN R 48 13.66 45.13 58.53
CA ASN R 48 14.29 46.28 57.92
C ASN R 48 15.47 45.88 57.04
N LYS R 49 16.23 44.88 57.49
CA LYS R 49 17.32 44.35 56.68
C LYS R 49 16.80 43.75 55.39
N LEU R 50 15.66 43.05 55.45
CA LEU R 50 15.05 42.51 54.25
C LEU R 50 14.65 43.61 53.28
N LYS R 51 14.12 44.72 53.82
CA LYS R 51 13.78 45.86 52.98
C LYS R 51 15.01 46.37 52.24
N TYR R 52 16.11 46.54 52.97
CA TYR R 52 17.30 47.06 52.31
C TYR R 52 17.90 46.05 51.34
N LEU R 53 17.77 44.75 51.62
CA LEU R 53 18.27 43.76 50.67
C LEU R 53 17.45 43.74 49.40
N ALA R 54 16.14 43.97 49.50
CA ALA R 54 15.34 44.15 48.29
C ALA R 54 15.78 45.38 47.51
N PHE R 55 16.08 46.46 48.22
CA PHE R 55 16.64 47.63 47.55
C PHE R 55 17.95 47.31 46.85
N LEU R 56 18.79 46.46 47.47
CA LEU R 56 20.02 46.03 46.83
C LEU R 56 19.72 45.22 45.57
N ARG R 57 18.70 44.38 45.63
CA ARG R 57 18.34 43.58 44.46
C ARG R 57 17.92 44.46 43.29
N LYS R 58 17.27 45.58 43.56
CA LYS R 58 16.84 46.44 42.45
C LYS R 58 18.07 47.07 41.81
N ARG R 59 18.49 46.53 40.67
CA ARG R 59 19.61 47.10 39.91
C ARG R 59 19.31 46.97 38.43
N MET R 60 20.00 47.77 37.64
CA MET R 60 19.78 47.76 36.19
C MET R 60 20.41 46.51 35.58
N ASN R 61 19.59 45.70 34.93
CA ASN R 61 20.03 44.40 34.43
C ASN R 61 21.07 44.56 33.32
N THR R 62 20.88 45.54 32.44
CA THR R 62 21.78 45.73 31.32
C THR R 62 23.15 46.24 31.75
N ASN R 63 23.19 47.20 32.68
CA ASN R 63 24.44 47.81 33.11
C ASN R 63 24.26 48.31 34.52
N PRO R 64 24.65 47.51 35.51
CA PRO R 64 24.46 47.94 36.90
C PRO R 64 25.25 49.16 37.29
N SER R 65 26.31 49.50 36.55
CA SER R 65 27.05 50.73 36.83
C SER R 65 26.22 51.98 36.57
N ARG R 66 25.17 51.87 35.77
CA ARG R 66 24.25 52.98 35.57
C ARG R 66 23.07 52.95 36.53
N GLY R 67 22.81 51.81 37.16
CA GLY R 67 21.57 51.58 37.87
C GLY R 67 21.47 52.34 39.15
N PRO R 68 20.52 51.95 40.01
CA PRO R 68 20.39 52.61 41.30
C PRO R 68 21.66 52.44 42.12
N TYR R 69 22.13 53.54 42.70
CA TYR R 69 23.34 53.53 43.51
C TYR R 69 22.92 53.28 44.95
N HIS R 70 23.31 52.14 45.47
CA HIS R 70 22.93 51.74 46.82
C HIS R 70 24.04 52.21 47.76
N PHE R 71 23.76 53.25 48.51
CA PHE R 71 24.73 53.81 49.43
C PHE R 71 24.63 53.10 50.77
N ARG R 72 25.79 52.77 51.35
CA ARG R 72 25.83 51.91 52.53
C ARG R 72 26.06 52.67 53.82
N ALA R 73 26.63 53.86 53.78
CA ALA R 73 26.80 54.63 55.01
C ALA R 73 25.46 55.10 55.54
N PRO R 74 25.26 55.12 56.86
CA PRO R 74 23.99 55.61 57.41
C PRO R 74 23.68 57.05 57.02
N SER R 75 24.70 57.90 56.96
CA SER R 75 24.49 59.28 56.53
C SER R 75 23.96 59.32 55.11
N ARG R 76 24.53 58.50 54.22
CA ARG R 76 24.07 58.49 52.84
C ARG R 76 22.70 57.85 52.72
N ILE R 77 22.36 56.89 53.58
CA ILE R 77 21.02 56.31 53.59
C ILE R 77 20.00 57.37 53.96
N PHE R 78 20.27 58.12 55.02
CA PHE R 78 19.35 59.18 55.43
C PHE R 78 19.27 60.26 54.36
N TRP R 79 20.40 60.57 53.72
CA TRP R 79 20.42 61.54 52.64
C TRP R 79 19.53 61.09 51.49
N ARG R 80 19.59 59.80 51.15
CA ARG R 80 18.74 59.29 50.07
C ARG R 80 17.27 59.32 50.45
N THR R 81 16.96 59.08 51.72
CA THR R 81 15.57 59.20 52.17
C THR R 81 15.06 60.63 52.04
N VAL R 82 15.89 61.61 52.42
CA VAL R 82 15.49 63.01 52.28
C VAL R 82 15.35 63.36 50.80
N ARG R 83 16.25 62.85 49.97
CA ARG R 83 16.14 63.08 48.53
C ARG R 83 14.85 62.48 47.99
N GLY R 84 14.41 61.36 48.56
CA GLY R 84 13.14 60.78 48.17
C GLY R 84 11.97 61.68 48.53
N MET R 85 12.07 62.37 49.66
CA MET R 85 11.01 63.33 49.98
C MET R 85 11.19 64.70 49.34
N LEU R 86 12.28 64.93 48.64
CA LEU R 86 12.48 66.20 47.94
C LEU R 86 12.20 66.07 46.45
N PRO R 87 11.83 67.17 45.78
CA PRO R 87 11.72 67.17 44.31
C PRO R 87 13.08 67.38 43.65
N HIS R 88 13.93 66.35 43.74
CA HIS R 88 15.34 66.50 43.48
C HIS R 88 15.68 66.66 42.00
N LYS R 89 14.71 66.54 41.10
CA LYS R 89 14.98 66.67 39.68
C LYS R 89 14.66 68.07 39.16
N THR R 90 14.43 69.02 40.04
CA THR R 90 14.28 70.42 39.68
C THR R 90 15.36 71.23 40.36
N LYS R 91 15.54 72.47 39.89
CA LYS R 91 16.56 73.34 40.47
C LYS R 91 16.26 73.67 41.92
N ARG R 92 14.99 73.89 42.24
CA ARG R 92 14.61 74.17 43.62
C ARG R 92 14.92 72.98 44.53
N GLY R 93 14.62 71.77 44.06
CA GLY R 93 14.92 70.58 44.85
C GLY R 93 16.40 70.35 45.00
N GLN R 94 17.18 70.64 43.96
CA GLN R 94 18.62 70.45 44.06
C GLN R 94 19.25 71.47 45.00
N ALA R 95 18.77 72.71 44.98
CA ALA R 95 19.25 73.69 45.95
C ALA R 95 18.87 73.28 47.38
N ALA R 96 17.65 72.79 47.56
CA ALA R 96 17.25 72.31 48.88
C ALA R 96 18.11 71.15 49.34
N LEU R 97 18.43 70.24 48.43
CA LEU R 97 19.29 69.10 48.76
C LEU R 97 20.70 69.57 49.11
N ASP R 98 21.20 70.58 48.40
CA ASP R 98 22.52 71.13 48.72
C ASP R 98 22.52 71.81 50.08
N ARG R 99 21.38 72.31 50.52
CA ARG R 99 21.33 72.89 51.86
C ARG R 99 21.38 71.84 52.98
N LEU R 100 21.61 70.55 52.71
CA LEU R 100 21.58 69.52 53.74
C LEU R 100 22.94 68.85 53.82
N LYS R 101 23.45 68.69 55.04
CA LYS R 101 24.69 67.95 55.29
C LYS R 101 24.42 66.84 56.28
N VAL R 102 24.97 65.66 56.01
CA VAL R 102 24.76 64.47 56.84
C VAL R 102 26.11 63.88 57.19
N PHE R 103 26.22 63.36 58.41
CA PHE R 103 27.48 62.81 58.90
C PHE R 103 27.22 61.58 59.74
N ASP R 104 28.19 60.66 59.72
CA ASP R 104 28.27 59.59 60.69
C ASP R 104 29.15 60.04 61.83
N GLY R 105 28.68 59.84 63.06
CA GLY R 105 29.38 60.44 64.18
C GLY R 105 29.17 61.93 64.16
N ILE R 106 29.98 62.62 64.96
CA ILE R 106 29.92 64.08 65.00
C ILE R 106 31.30 64.66 64.68
N PRO R 107 31.46 65.25 63.50
CA PRO R 107 32.78 65.74 63.08
C PRO R 107 33.18 67.01 63.79
N PRO R 108 34.45 67.41 63.70
CA PRO R 108 34.98 68.52 64.51
C PRO R 108 34.27 69.85 64.32
N PRO R 109 33.70 70.18 63.15
CA PRO R 109 32.94 71.44 63.10
C PRO R 109 31.75 71.48 64.04
N TYR R 110 31.15 70.33 64.35
CA TYR R 110 29.87 70.29 65.05
C TYR R 110 29.92 69.61 66.41
N ASP R 111 31.04 69.00 66.79
CA ASP R 111 31.09 68.36 68.10
C ASP R 111 31.25 69.36 69.24
N LYS R 112 31.58 70.61 68.92
CA LYS R 112 31.68 71.67 69.91
C LYS R 112 30.46 72.59 69.89
N LYS R 113 29.34 72.13 69.36
CA LYS R 113 28.14 72.94 69.25
C LYS R 113 26.95 72.16 69.79
N LYS R 114 25.96 72.91 70.28
CA LYS R 114 24.73 72.28 70.75
C LYS R 114 23.97 71.67 69.58
N ARG R 115 23.27 70.58 69.86
CA ARG R 115 22.53 69.84 68.85
C ARG R 115 21.06 69.83 69.20
N MET R 116 20.22 70.15 68.23
CA MET R 116 18.78 70.19 68.45
C MET R 116 18.20 68.77 68.46
N VAL R 117 16.95 68.68 68.84
CA VAL R 117 16.19 67.43 68.85
C VAL R 117 14.81 67.72 68.28
N VAL R 118 14.31 66.81 67.44
CA VAL R 118 12.96 66.94 66.89
C VAL R 118 12.05 65.98 67.64
N PRO R 119 11.23 66.46 68.58
CA PRO R 119 10.35 65.54 69.33
C PRO R 119 9.35 64.81 68.47
N ALA R 120 8.86 65.42 67.39
CA ALA R 120 7.90 64.75 66.52
C ALA R 120 8.52 63.58 65.77
N ALA R 121 9.84 63.43 65.79
CA ALA R 121 10.51 62.33 65.13
C ALA R 121 11.19 61.38 66.12
N LEU R 122 11.05 61.61 67.42
CA LEU R 122 11.74 60.82 68.41
C LEU R 122 11.06 59.48 68.61
N LYS R 123 11.87 58.43 68.77
CA LYS R 123 11.33 57.09 68.94
C LYS R 123 10.55 56.97 70.25
N VAL R 124 11.02 57.63 71.31
CA VAL R 124 10.45 57.44 72.63
C VAL R 124 8.99 57.90 72.66
N VAL R 125 8.66 58.95 71.91
CA VAL R 125 7.30 59.44 71.90
C VAL R 125 6.52 59.02 70.66
N ARG R 126 7.19 58.63 69.57
CA ARG R 126 6.49 58.22 68.38
C ARG R 126 6.23 56.73 68.31
N LEU R 127 6.84 55.94 69.18
CA LEU R 127 6.78 54.50 69.07
C LEU R 127 6.35 53.91 70.41
N LYS R 128 5.49 52.90 70.37
CA LYS R 128 5.07 52.23 71.58
C LYS R 128 6.26 51.47 72.17
N PRO R 129 6.38 51.42 73.50
CA PRO R 129 7.57 50.79 74.11
C PRO R 129 7.67 49.30 73.83
N THR R 130 6.56 48.62 73.53
CA THR R 130 6.61 47.19 73.26
C THR R 130 7.05 46.86 71.84
N ARG R 131 7.09 47.83 70.94
CA ARG R 131 7.42 47.56 69.56
C ARG R 131 8.93 47.39 69.37
N LYS R 132 9.29 46.74 68.27
CA LYS R 132 10.67 46.48 67.94
C LYS R 132 11.16 47.49 66.91
N PHE R 133 12.44 47.84 67.00
CA PHE R 133 13.04 48.82 66.12
C PHE R 133 14.44 48.36 65.73
N ALA R 134 14.97 48.97 64.68
CA ALA R 134 16.28 48.66 64.17
C ALA R 134 17.18 49.88 64.25
N TYR R 135 18.47 49.64 64.43
CA TYR R 135 19.46 50.70 64.41
C TYR R 135 20.02 50.85 63.00
N LEU R 136 20.03 52.08 62.51
CA LEU R 136 20.56 52.34 61.17
C LEU R 136 22.03 51.99 61.08
N GLY R 137 22.80 52.20 62.15
CA GLY R 137 24.20 51.84 62.12
C GLY R 137 24.41 50.34 61.95
N ARG R 138 23.67 49.54 62.72
CA ARG R 138 23.79 48.09 62.59
C ARG R 138 23.32 47.61 61.23
N LEU R 139 22.21 48.18 60.73
CA LEU R 139 21.72 47.80 59.42
C LEU R 139 22.74 48.11 58.34
N ALA R 140 23.33 49.30 58.40
CA ALA R 140 24.35 49.68 57.44
C ALA R 140 25.56 48.79 57.53
N HIS R 141 26.01 48.48 58.75
CA HIS R 141 27.18 47.62 58.91
C HIS R 141 26.93 46.25 58.32
N GLU R 142 25.76 45.67 58.57
CA GLU R 142 25.52 44.33 58.10
C GLU R 142 25.03 44.30 56.65
N VAL R 143 24.86 45.45 56.02
CA VAL R 143 24.58 45.48 54.59
C VAL R 143 25.77 45.98 53.78
N GLY R 144 26.85 46.44 54.43
CA GLY R 144 28.05 46.73 53.67
C GLY R 144 28.89 47.90 54.12
N TRP R 145 28.41 48.69 55.08
CA TRP R 145 29.17 49.82 55.60
C TRP R 145 30.43 49.32 56.30
N LYS R 146 31.56 49.98 56.01
CA LYS R 146 32.86 49.48 56.42
C LYS R 146 33.44 50.20 57.62
N TYR R 147 32.80 51.25 58.13
CA TYR R 147 33.40 52.10 59.13
C TYR R 147 32.55 52.19 60.38
N GLN R 148 32.00 51.06 60.82
CA GLN R 148 31.26 51.07 62.07
C GLN R 148 32.21 51.09 63.26
N ALA R 149 33.33 50.37 63.18
CA ALA R 149 34.22 50.26 64.32
C ALA R 149 34.99 51.55 64.55
N VAL R 150 35.54 52.14 63.48
CA VAL R 150 36.32 53.36 63.64
C VAL R 150 35.44 54.52 64.07
N THR R 151 34.20 54.57 63.57
CA THR R 151 33.26 55.59 64.02
C THR R 151 32.94 55.43 65.49
N ALA R 152 32.80 54.18 65.95
CA ALA R 152 32.55 53.94 67.37
C ALA R 152 33.73 54.39 68.22
N THR R 153 34.96 54.11 67.77
CA THR R 153 36.14 54.54 68.51
C THR R 153 36.22 56.06 68.60
N LEU R 154 35.99 56.73 67.47
CA LEU R 154 36.05 58.19 67.47
C LEU R 154 34.92 58.79 68.30
N GLU R 155 33.76 58.15 68.30
CA GLU R 155 32.66 58.63 69.13
C GLU R 155 32.98 58.46 70.61
N GLU R 156 33.66 57.38 70.97
CA GLU R 156 34.07 57.22 72.36
C GLU R 156 35.08 58.29 72.78
N LYS R 157 36.04 58.61 71.91
CA LYS R 157 36.97 59.69 72.21
C LYS R 157 36.24 61.02 72.37
N ARG R 158 35.30 61.30 71.47
CA ARG R 158 34.53 62.54 71.55
C ARG R 158 33.73 62.59 72.84
N LYS R 159 33.18 61.45 73.25
CA LYS R 159 32.41 61.42 74.49
C LYS R 159 33.30 61.65 75.71
N GLU R 160 34.53 61.15 75.69
CA GLU R 160 35.46 61.44 76.78
C GLU R 160 35.75 62.93 76.87
N LYS R 161 36.03 63.56 75.73
CA LYS R 161 36.32 64.99 75.73
C LYS R 161 35.10 65.80 76.16
N ALA R 162 33.91 65.36 75.75
CA ALA R 162 32.68 66.05 76.15
C ALA R 162 32.43 65.90 77.65
N LYS R 163 32.77 64.73 78.21
CA LYS R 163 32.65 64.56 79.65
C LYS R 163 33.57 65.52 80.41
N ILE R 164 34.79 65.69 79.91
CA ILE R 164 35.71 66.65 80.54
C ILE R 164 35.13 68.07 80.47
N HIS R 165 34.62 68.44 79.30
CA HIS R 165 34.04 69.77 79.13
C HIS R 165 32.85 69.98 80.05
N TYR R 166 32.03 68.94 80.21
CA TYR R 166 30.84 69.05 81.04
C TYR R 166 31.22 69.17 82.52
N ARG R 167 32.26 68.45 82.95
CA ARG R 167 32.72 68.61 84.32
C ARG R 167 33.22 70.03 84.57
N LYS R 168 33.93 70.60 83.59
CA LYS R 168 34.36 71.98 83.72
C LYS R 168 33.17 72.93 83.80
N LYS R 169 32.15 72.70 82.97
CA LYS R 169 30.97 73.57 83.01
C LYS R 169 30.22 73.44 84.34
N LYS R 170 30.13 72.23 84.88
CA LYS R 170 29.48 72.06 86.17
C LYS R 170 30.27 72.78 87.26
N GLN R 171 31.59 72.71 87.21
CA GLN R 171 32.39 73.43 88.20
C GLN R 171 32.16 74.93 88.08
N LEU R 172 32.10 75.44 86.85
CA LEU R 172 31.83 76.86 86.65
C LEU R 172 30.46 77.25 87.18
N MET R 173 29.46 76.40 86.97
CA MET R 173 28.11 76.74 87.42
C MET R 173 28.01 76.68 88.94
N ARG R 174 28.67 75.70 89.56
CA ARG R 174 28.75 75.67 91.02
C ARG R 174 29.39 76.94 91.55
N LEU R 175 30.47 77.38 90.90
CA LEU R 175 31.14 78.59 91.34
C LEU R 175 30.26 79.82 91.13
N ARG R 176 29.45 79.83 90.07
CA ARG R 176 28.51 80.92 89.86
C ARG R 176 27.42 80.96 90.94
N LYS R 177 26.91 79.79 91.32
CA LYS R 177 25.94 79.74 92.41
C LYS R 177 26.56 80.23 93.71
N GLN R 178 27.81 79.83 93.96
CA GLN R 178 28.51 80.31 95.14
C GLN R 178 28.69 81.83 95.10
N ALA R 179 28.98 82.37 93.92
CA ALA R 179 29.11 83.82 93.77
C ALA R 179 27.79 84.53 94.03
N GLU R 180 26.69 83.98 93.52
CA GLU R 180 25.38 84.57 93.79
C GLU R 180 25.05 84.53 95.28
N LYS R 181 25.47 83.47 95.97
CA LYS R 181 25.32 83.45 97.42
C LYS R 181 26.21 84.49 98.09
N ASN R 182 27.43 84.67 97.59
CA ASN R 182 28.37 85.59 98.21
C ASN R 182 27.90 87.03 98.12
N VAL R 183 27.50 87.46 96.92
CA VAL R 183 26.97 88.81 96.72
C VAL R 183 25.46 88.70 96.56
N GLU R 184 24.74 89.07 97.59
CA GLU R 184 23.30 89.20 97.53
C GLU R 184 22.79 90.51 98.10
N LYS R 185 23.55 91.18 98.96
CA LYS R 185 23.16 92.51 99.42
C LYS R 185 23.17 93.52 98.29
N LYS R 186 24.16 93.43 97.41
CA LYS R 186 24.25 94.29 96.24
C LYS R 186 23.51 93.74 95.04
N ILE R 187 22.84 92.61 95.19
CA ILE R 187 22.11 91.98 94.10
C ILE R 187 20.60 92.00 94.30
N ASP R 188 20.12 92.02 95.55
CA ASP R 188 18.69 91.94 95.82
C ASP R 188 17.90 93.08 95.19
N LYS R 189 18.54 94.21 94.92
CA LYS R 189 17.83 95.32 94.29
C LYS R 189 17.37 94.98 92.88
N TYR R 190 18.16 94.19 92.15
CA TYR R 190 17.78 93.75 90.81
C TYR R 190 17.11 92.39 90.81
N THR R 191 17.41 91.55 91.80
CA THR R 191 16.72 90.28 91.93
C THR R 191 15.23 90.50 92.15
N GLU R 192 14.87 91.53 92.92
CA GLU R 192 13.46 91.83 93.13
C GLU R 192 12.78 92.26 91.84
N VAL R 193 13.48 93.03 90.99
CA VAL R 193 12.92 93.42 89.71
C VAL R 193 12.67 92.19 88.85
N LEU R 194 13.67 91.30 88.78
CA LEU R 194 13.53 90.10 87.98
C LEU R 194 12.40 89.21 88.48
N LYS R 195 12.32 89.03 89.80
CA LYS R 195 11.25 88.22 90.38
C LYS R 195 9.89 88.86 90.14
N THR R 196 9.82 90.19 90.21
CA THR R 196 8.56 90.88 89.98
C THR R 196 8.07 90.67 88.56
N HIS R 197 8.99 90.67 87.60
CA HIS R 197 8.58 90.52 86.21
C HIS R 197 8.72 89.10 85.69
N GLY R 198 8.93 88.12 86.57
CA GLY R 198 8.73 86.73 86.24
C GLY R 198 9.99 85.98 85.89
N LEU R 199 11.07 86.67 85.56
CA LEU R 199 12.35 86.00 85.42
C LEU R 199 12.84 85.56 86.77
N LEU R 200 13.55 84.44 86.82
CA LEU R 200 14.30 84.03 88.00
C LEU R 200 13.36 83.88 89.22
N VAL R 201 12.54 82.84 89.14
CA VAL R 201 11.72 82.40 90.27
C VAL R 201 12.50 82.40 91.58
N VAL S 1 35.80 96.41 -2.62
CA VAL S 1 34.74 95.45 -2.40
C VAL S 1 34.35 95.48 -0.91
N ARG S 2 33.16 94.98 -0.60
CA ARG S 2 32.65 95.00 0.76
C ARG S 2 33.19 93.80 1.53
N TYR S 3 34.09 94.06 2.47
CA TYR S 3 34.47 93.05 3.45
C TYR S 3 33.49 93.08 4.61
N SER S 4 33.31 91.94 5.26
CA SER S 4 32.69 91.95 6.56
C SER S 4 33.72 92.34 7.61
N LEU S 5 33.26 92.98 8.68
CA LEU S 5 34.14 93.47 9.74
C LEU S 5 35.19 94.44 9.19
N ASP S 6 34.71 95.60 8.75
CA ASP S 6 35.61 96.65 8.32
C ASP S 6 36.55 97.06 9.46
N PRO S 7 37.80 97.38 9.17
CA PRO S 7 38.78 97.62 10.24
C PRO S 7 38.45 98.89 11.02
N GLU S 8 38.86 98.89 12.29
CA GLU S 8 38.60 100.02 13.16
C GLU S 8 39.34 101.27 12.70
N ASN S 9 40.49 101.10 12.06
CA ASN S 9 41.22 102.21 11.45
C ASN S 9 41.84 101.73 10.14
N PRO S 10 41.28 102.12 9.01
CA PRO S 10 41.78 101.61 7.73
C PRO S 10 43.01 102.35 7.24
N THR S 11 43.95 102.62 8.15
CA THR S 11 45.26 103.13 7.82
C THR S 11 46.37 102.31 8.43
N LYS S 12 46.11 101.55 9.50
CA LYS S 12 47.03 100.59 10.06
C LYS S 12 46.69 99.18 9.60
N SER S 13 45.85 99.03 8.58
CA SER S 13 45.32 97.74 8.19
C SER S 13 45.52 97.51 6.70
N CYS S 14 45.63 96.24 6.33
CA CYS S 14 45.69 95.81 4.95
C CYS S 14 44.76 94.61 4.75
N LYS S 15 44.33 94.40 3.52
CA LYS S 15 43.29 93.43 3.21
C LYS S 15 43.78 92.45 2.17
N SER S 16 43.24 91.25 2.22
CA SER S 16 43.49 90.24 1.20
C SER S 16 42.21 89.44 0.97
N ARG S 17 42.03 88.99 -0.27
CA ARG S 17 40.79 88.32 -0.66
C ARG S 17 41.11 87.29 -1.73
N GLY S 18 40.30 86.25 -1.78
CA GLY S 18 40.33 85.26 -2.84
C GLY S 18 38.97 84.64 -3.03
N SER S 19 38.57 84.40 -4.27
CA SER S 19 37.24 83.89 -4.58
C SER S 19 37.33 82.61 -5.39
N ASN S 20 36.40 81.69 -5.12
CA ASN S 20 36.28 80.42 -5.84
C ASN S 20 37.56 79.62 -5.80
N LEU S 21 38.22 79.61 -4.64
CA LEU S 21 39.47 78.90 -4.47
C LEU S 21 39.21 77.41 -4.34
N ARG S 22 39.97 76.61 -5.07
CA ARG S 22 39.76 75.16 -5.15
C ARG S 22 40.42 74.44 -3.97
N VAL S 23 39.93 74.77 -2.77
CA VAL S 23 40.28 74.04 -1.56
C VAL S 23 39.01 73.71 -0.80
N HIS S 24 39.12 72.72 0.06
CA HIS S 24 37.96 72.25 0.81
C HIS S 24 37.59 73.26 1.88
N PHE S 25 36.30 73.61 1.91
CA PHE S 25 35.83 74.68 2.78
C PHE S 25 36.02 74.32 4.25
N LYS S 26 35.76 73.06 4.62
CA LYS S 26 35.85 72.67 6.02
C LYS S 26 37.29 72.71 6.53
N ASN S 27 38.21 72.13 5.76
CA ASN S 27 39.62 72.17 6.14
C ASN S 27 40.11 73.61 6.20
N THR S 28 39.72 74.42 5.22
CA THR S 28 40.18 75.81 5.20
C THR S 28 39.62 76.60 6.37
N ARG S 29 38.36 76.36 6.74
CA ARG S 29 37.77 77.03 7.88
C ARG S 29 38.50 76.67 9.16
N GLU S 30 38.83 75.40 9.34
CA GLU S 30 39.57 75.00 10.53
C GLU S 30 40.95 75.64 10.56
N THR S 31 41.64 75.68 9.41
CA THR S 31 42.97 76.29 9.36
C THR S 31 42.92 77.78 9.64
N ALA S 32 41.90 78.46 9.11
CA ALA S 32 41.74 79.89 9.35
C ALA S 32 41.46 80.16 10.81
N GLN S 33 40.63 79.33 11.45
CA GLN S 33 40.38 79.48 12.87
C GLN S 33 41.66 79.26 13.66
N ALA S 34 42.51 78.35 13.19
CA ALA S 34 43.77 78.11 13.88
C ALA S 34 44.69 79.32 13.80
N ILE S 35 44.81 79.93 12.62
CA ILE S 35 45.75 81.04 12.45
C ILE S 35 45.15 82.38 12.83
N LYS S 36 43.88 82.44 13.20
CA LYS S 36 43.26 83.71 13.55
C LYS S 36 43.87 84.29 14.82
N GLY S 37 44.17 85.58 14.79
CA GLY S 37 44.74 86.27 15.92
C GLY S 37 46.25 86.18 16.02
N MET S 38 46.89 85.40 15.17
CA MET S 38 48.33 85.22 15.22
C MET S 38 49.05 86.45 14.66
N HIS S 39 50.26 86.67 15.13
CA HIS S 39 51.18 87.56 14.45
C HIS S 39 51.51 86.96 13.09
N ILE S 40 51.87 87.80 12.13
CA ILE S 40 52.01 87.33 10.76
C ILE S 40 53.19 86.37 10.62
N ARG S 41 54.30 86.63 11.33
CA ARG S 41 55.44 85.73 11.27
C ARG S 41 55.11 84.39 11.90
N LYS S 42 54.43 84.43 13.05
CA LYS S 42 54.00 83.20 13.71
C LYS S 42 53.06 82.40 12.82
N ALA S 43 52.13 83.08 12.16
CA ALA S 43 51.19 82.39 11.28
C ALA S 43 51.90 81.78 10.07
N THR S 44 52.88 82.49 9.51
CA THR S 44 53.62 81.95 8.38
C THR S 44 54.39 80.70 8.77
N LYS S 45 55.13 80.76 9.88
CA LYS S 45 55.89 79.58 10.28
C LYS S 45 54.98 78.46 10.73
N TYR S 46 53.81 78.78 11.29
CA TYR S 46 52.86 77.75 11.68
C TYR S 46 52.27 77.05 10.48
N LEU S 47 51.94 77.80 9.42
CA LEU S 47 51.43 77.18 8.21
C LEU S 47 52.49 76.33 7.52
N LYS S 48 53.75 76.78 7.55
CA LYS S 48 54.83 75.96 7.03
C LYS S 48 54.98 74.66 7.84
N ASP S 49 54.86 74.77 9.16
CA ASP S 49 54.91 73.57 10.00
C ASP S 49 53.73 72.64 9.74
N VAL S 50 52.56 73.19 9.45
CA VAL S 50 51.41 72.37 9.10
C VAL S 50 51.70 71.60 7.81
N THR S 51 52.30 72.28 6.83
CA THR S 51 52.69 71.60 5.60
C THR S 51 53.72 70.51 5.88
N LEU S 52 54.64 70.77 6.80
CA LEU S 52 55.67 69.78 7.14
C LEU S 52 55.22 68.76 8.17
N GLN S 53 53.96 68.84 8.62
CA GLN S 53 53.39 67.91 9.59
C GLN S 53 54.12 67.95 10.93
N LYS S 54 54.56 69.16 11.32
CA LYS S 54 55.14 69.35 12.64
C LYS S 54 54.21 70.08 13.60
N GLN S 55 53.20 70.77 13.10
CA GLN S 55 52.13 71.33 13.92
C GLN S 55 50.83 71.04 13.20
N CYS S 56 49.78 70.78 13.96
CA CYS S 56 48.49 70.43 13.38
C CYS S 56 47.52 71.60 13.50
N VAL S 57 46.44 71.52 12.72
CA VAL S 57 45.31 72.40 12.99
C VAL S 57 44.28 71.55 13.73
N PRO S 58 43.67 72.09 14.79
CA PRO S 58 42.62 71.33 15.50
C PRO S 58 41.31 71.40 14.73
N PHE S 59 40.73 70.24 14.47
CA PHE S 59 39.44 70.17 13.81
C PHE S 59 38.36 70.15 14.88
N ARG S 60 37.67 71.27 15.04
CA ARG S 60 36.77 71.46 16.17
C ARG S 60 35.30 71.30 15.79
N ARG S 61 34.86 71.93 14.72
CA ARG S 61 33.48 71.82 14.28
C ARG S 61 33.29 70.74 13.23
N TYR S 62 34.14 70.71 12.22
CA TYR S 62 34.05 69.70 11.17
C TYR S 62 35.01 68.57 11.47
N ASN S 63 34.70 67.83 12.53
CA ASN S 63 35.58 66.81 13.07
C ASN S 63 35.00 65.41 12.95
N GLY S 64 33.99 65.21 12.11
CA GLY S 64 33.39 63.90 11.99
C GLY S 64 34.31 62.89 11.32
N GLY S 65 34.78 61.93 12.10
CA GLY S 65 35.70 60.92 11.60
C GLY S 65 37.15 61.33 11.57
N VAL S 66 37.46 62.56 11.99
CA VAL S 66 38.84 63.02 12.00
C VAL S 66 39.59 62.31 13.11
N GLY S 67 40.75 61.77 12.77
CA GLY S 67 41.52 61.01 13.72
C GLY S 67 42.19 61.87 14.77
N ARG S 68 42.75 61.19 15.77
CA ARG S 68 43.41 61.83 16.89
C ARG S 68 44.91 61.90 16.62
N CYS S 69 45.53 62.95 17.14
CA CYS S 69 46.97 63.13 16.99
C CYS S 69 47.54 63.70 18.27
N ALA S 70 48.85 63.52 18.45
CA ALA S 70 49.51 64.02 19.65
C ALA S 70 49.65 65.54 19.61
N GLN S 71 49.78 66.11 18.41
CA GLN S 71 49.96 67.55 18.30
C GLN S 71 48.70 68.35 18.57
N ALA S 72 47.54 67.68 18.68
CA ALA S 72 46.31 68.39 19.02
C ALA S 72 46.27 68.82 20.47
N LYS S 73 47.15 68.29 21.32
CA LYS S 73 47.17 68.67 22.72
C LYS S 73 47.73 70.06 22.94
N GLN S 74 48.42 70.63 21.94
CA GLN S 74 48.87 72.01 22.05
C GLN S 74 47.68 72.94 22.18
N TRP S 75 46.66 72.71 21.37
CA TRP S 75 45.34 73.28 21.53
C TRP S 75 44.58 72.47 22.58
N GLY S 76 43.45 72.99 23.01
CA GLY S 76 42.69 72.24 23.99
C GLY S 76 41.80 71.19 23.36
N TRP S 77 42.38 70.36 22.48
CA TRP S 77 41.60 69.50 21.63
C TRP S 77 42.26 68.14 21.51
N THR S 78 41.63 67.27 20.73
CA THR S 78 42.05 65.88 20.61
C THR S 78 42.23 65.53 19.14
N GLN S 79 41.42 66.12 18.28
CA GLN S 79 41.40 65.81 16.86
C GLN S 79 42.09 66.91 16.07
N GLY S 80 43.09 66.54 15.29
CA GLY S 80 43.78 67.50 14.45
C GLY S 80 44.28 66.86 13.18
N ARG S 81 44.58 67.71 12.19
CA ARG S 81 45.05 67.23 10.91
C ARG S 81 46.04 68.24 10.34
N TRP S 82 46.48 67.98 9.11
CA TRP S 82 47.50 68.78 8.44
C TRP S 82 47.09 69.10 7.02
N PRO S 83 46.11 69.97 6.83
CA PRO S 83 45.63 70.24 5.47
C PRO S 83 46.66 71.02 4.66
N LYS S 84 47.37 70.31 3.80
CA LYS S 84 48.46 70.91 3.04
C LYS S 84 47.93 71.96 2.07
N LYS S 85 46.84 71.65 1.36
CA LYS S 85 46.33 72.58 0.37
C LYS S 85 45.78 73.84 1.02
N SER S 86 45.07 73.70 2.14
CA SER S 86 44.59 74.87 2.87
C SER S 86 45.76 75.70 3.39
N ALA S 87 46.80 75.05 3.90
CA ALA S 87 47.96 75.78 4.39
C ALA S 87 48.63 76.57 3.26
N GLU S 88 48.78 75.95 2.08
CA GLU S 88 49.43 76.65 0.97
C GLU S 88 48.58 77.81 0.47
N PHE S 89 47.26 77.62 0.40
CA PHE S 89 46.39 78.71 -0.05
C PHE S 89 46.44 79.88 0.91
N LEU S 90 46.41 79.60 2.22
CA LEU S 90 46.50 80.68 3.20
C LEU S 90 47.88 81.32 3.18
N LEU S 91 48.93 80.56 2.85
CA LEU S 91 50.26 81.15 2.72
C LEU S 91 50.33 82.11 1.55
N HIS S 92 49.72 81.74 0.42
CA HIS S 92 49.68 82.64 -0.72
C HIS S 92 48.90 83.90 -0.38
N MET S 93 47.78 83.75 0.31
CA MET S 93 46.99 84.92 0.69
C MET S 93 47.76 85.81 1.67
N LEU S 94 48.54 85.20 2.57
CA LEU S 94 49.34 85.98 3.50
C LEU S 94 50.45 86.74 2.77
N LYS S 95 51.07 86.12 1.76
CA LYS S 95 52.06 86.84 0.96
C LYS S 95 51.42 88.02 0.23
N ASN S 96 50.23 87.81 -0.33
CA ASN S 96 49.54 88.90 -1.01
C ASN S 96 49.21 90.03 -0.03
N ALA S 97 48.77 89.69 1.17
CA ALA S 97 48.44 90.70 2.16
C ALA S 97 49.68 91.45 2.62
N GLU S 98 50.81 90.74 2.76
CA GLU S 98 52.05 91.41 3.12
C GLU S 98 52.51 92.36 2.03
N SER S 99 52.32 91.96 0.76
CA SER S 99 52.65 92.88 -0.33
C SER S 99 51.75 94.10 -0.31
N ASN S 100 50.47 93.91 0.01
CA ASN S 100 49.57 95.06 0.14
C ASN S 100 50.01 95.97 1.28
N ALA S 101 50.47 95.39 2.38
CA ALA S 101 51.00 96.19 3.49
C ALA S 101 52.23 96.98 3.05
N GLU S 102 53.11 96.35 2.27
CA GLU S 102 54.26 97.06 1.73
C GLU S 102 53.83 98.23 0.85
N LEU S 103 52.81 98.00 0.01
CA LEU S 103 52.33 99.07 -0.86
C LEU S 103 51.73 100.22 -0.04
N LYS S 104 51.00 99.89 1.03
CA LYS S 104 50.47 100.93 1.90
C LYS S 104 51.54 101.52 2.81
N GLY S 105 52.74 100.97 2.82
CA GLY S 105 53.85 101.56 3.54
C GLY S 105 53.77 101.45 5.04
N LEU S 106 53.34 100.30 5.55
CA LEU S 106 53.32 100.03 6.99
C LEU S 106 54.08 98.75 7.25
N ASP S 107 54.98 98.78 8.24
CA ASP S 107 55.96 97.71 8.39
C ASP S 107 55.29 96.39 8.76
N VAL S 108 55.82 95.29 8.22
CA VAL S 108 55.11 94.02 8.23
C VAL S 108 55.61 93.13 9.36
N ASP S 109 56.37 93.68 10.28
CA ASP S 109 56.82 92.95 11.45
C ASP S 109 55.91 93.14 12.65
N SER S 110 54.80 93.88 12.48
CA SER S 110 53.85 94.10 13.55
C SER S 110 52.43 93.77 13.15
N LEU S 111 52.23 93.09 12.01
CA LEU S 111 50.88 92.75 11.58
C LEU S 111 50.36 91.53 12.32
N VAL S 112 49.08 91.60 12.68
CA VAL S 112 48.37 90.54 13.37
C VAL S 112 47.11 90.26 12.57
N ILE S 113 46.77 88.99 12.41
CA ILE S 113 45.57 88.61 11.68
C ILE S 113 44.37 88.88 12.57
N GLU S 114 43.73 90.05 12.42
CA GLU S 114 42.57 90.29 13.26
C GLU S 114 41.30 89.73 12.66
N HIS S 115 41.18 89.72 11.33
CA HIS S 115 39.97 89.20 10.72
C HIS S 115 40.35 88.15 9.71
N ILE S 116 39.72 86.99 9.78
CA ILE S 116 39.82 86.00 8.71
C ILE S 116 38.49 85.28 8.62
N GLN S 117 38.03 85.09 7.39
CA GLN S 117 36.71 84.54 7.16
C GLN S 117 36.74 83.64 5.94
N VAL S 118 36.15 82.46 6.07
CA VAL S 118 36.02 81.50 4.98
C VAL S 118 34.54 81.31 4.71
N ASN S 119 34.13 81.51 3.46
CA ASN S 119 32.76 81.38 3.02
C ASN S 119 32.68 80.33 1.93
N LYS S 120 31.53 79.67 1.84
CA LYS S 120 31.33 78.70 0.77
C LYS S 120 31.14 79.40 -0.55
N ALA S 121 31.74 78.85 -1.60
CA ALA S 121 31.60 79.33 -2.96
C ALA S 121 30.57 78.48 -3.70
N PRO S 122 30.13 78.90 -4.87
CA PRO S 122 29.24 78.04 -5.66
C PRO S 122 29.92 76.72 -5.99
N LYS S 123 29.22 75.63 -5.68
CA LYS S 123 29.77 74.31 -5.89
C LYS S 123 29.88 73.99 -7.38
N MET S 124 30.86 73.16 -7.72
CA MET S 124 31.08 72.75 -9.10
C MET S 124 30.76 71.28 -9.26
N ARG S 125 30.06 70.96 -10.35
CA ARG S 125 29.44 69.67 -10.56
C ARG S 125 30.35 68.73 -11.31
N ARG S 126 30.55 67.54 -10.77
CA ARG S 126 31.13 66.42 -11.48
C ARG S 126 30.26 65.20 -11.23
N ARG S 127 30.62 64.10 -11.87
CA ARG S 127 29.71 62.98 -12.00
C ARG S 127 30.39 61.69 -11.57
N THR S 128 29.68 60.86 -10.81
CA THR S 128 30.18 59.55 -10.45
C THR S 128 29.12 58.49 -10.75
N TYR S 129 29.58 57.26 -10.93
CA TYR S 129 28.76 56.17 -11.43
C TYR S 129 28.61 55.10 -10.36
N ARG S 130 27.38 54.65 -10.13
CA ARG S 130 27.06 53.76 -9.04
C ARG S 130 26.54 52.43 -9.58
N ALA S 131 26.05 51.59 -8.67
CA ALA S 131 25.96 50.16 -8.92
C ALA S 131 24.97 49.83 -10.03
N HIS S 132 23.77 50.39 -9.98
CA HIS S 132 22.73 49.82 -10.84
C HIS S 132 22.31 50.79 -11.93
N GLY S 133 23.30 51.37 -12.62
CA GLY S 133 23.00 52.33 -13.66
C GLY S 133 22.64 53.68 -13.13
N ARG S 134 23.12 54.02 -11.94
CA ARG S 134 22.77 55.26 -11.27
C ARG S 134 23.93 56.25 -11.35
N ILE S 135 23.56 57.53 -11.31
CA ILE S 135 24.49 58.64 -11.39
C ILE S 135 24.39 59.45 -10.10
N ASN S 136 25.53 59.80 -9.53
CA ASN S 136 25.51 60.58 -8.31
C ASN S 136 26.42 61.80 -8.45
N PRO S 137 26.12 62.86 -7.69
CA PRO S 137 26.98 64.05 -7.73
C PRO S 137 28.36 63.78 -7.17
N TYR S 138 29.32 64.56 -7.65
CA TYR S 138 30.70 64.56 -7.18
C TYR S 138 31.16 65.98 -6.96
N MET S 139 30.37 66.74 -6.20
CA MET S 139 30.53 68.17 -6.08
C MET S 139 31.86 68.54 -5.44
N SER S 140 32.43 69.66 -5.90
CA SER S 140 33.49 70.30 -5.15
C SER S 140 32.90 71.32 -4.20
N SER S 141 33.69 71.71 -3.21
CA SER S 141 33.28 72.68 -2.21
C SER S 141 34.32 73.79 -2.11
N PRO S 142 34.39 74.67 -3.10
CA PRO S 142 35.36 75.77 -3.05
C PRO S 142 34.95 76.82 -2.02
N CYS S 143 35.88 77.69 -1.71
CA CYS S 143 35.63 78.70 -0.69
C CYS S 143 36.19 80.05 -1.10
N HIS S 144 35.46 81.10 -0.75
CA HIS S 144 36.01 82.44 -0.70
C HIS S 144 36.71 82.64 0.63
N ILE S 145 37.84 83.34 0.61
CA ILE S 145 38.56 83.68 1.83
C ILE S 145 38.82 85.17 1.84
N GLU S 146 38.70 85.78 3.01
CA GLU S 146 39.11 87.16 3.17
C GLU S 146 39.84 87.31 4.49
N MET S 147 40.78 88.24 4.54
CA MET S 147 41.48 88.51 5.78
C MET S 147 41.85 89.97 5.86
N ILE S 148 41.87 90.47 7.09
CA ILE S 148 42.30 91.82 7.43
C ILE S 148 43.39 91.71 8.47
N LEU S 149 44.57 92.22 8.13
CA LEU S 149 45.73 92.30 9.00
C LEU S 149 45.78 93.70 9.58
N THR S 150 46.25 93.83 10.82
CA THR S 150 46.33 95.13 11.47
C THR S 150 47.64 95.27 12.23
N GLU S 151 48.23 96.46 12.15
CA GLU S 151 49.45 96.75 12.87
C GLU S 151 49.18 96.89 14.36
N LYS S 152 49.96 96.18 15.18
CA LYS S 152 49.96 96.34 16.62
C LYS S 152 51.18 95.63 17.18
N GLU S 153 51.75 96.20 18.24
CA GLU S 153 52.95 95.64 18.85
C GLU S 153 53.03 96.03 20.31
N GLY T 1 -23.03 76.28 35.35
CA GLY T 1 -23.80 75.89 34.19
C GLY T 1 -25.29 75.93 34.43
N VAL T 2 -26.05 76.31 33.42
CA VAL T 2 -27.50 76.44 33.52
C VAL T 2 -28.13 75.48 32.52
N ASP T 3 -29.22 74.83 32.94
CA ASP T 3 -29.89 73.81 32.14
C ASP T 3 -30.95 74.46 31.26
N ILE T 4 -30.48 75.12 30.20
CA ILE T 4 -31.34 75.72 29.21
C ILE T 4 -30.87 75.30 27.83
N ARG T 5 -31.69 75.59 26.82
CA ARG T 5 -31.41 75.21 25.45
C ARG T 5 -31.38 76.46 24.59
N HIS T 6 -30.37 76.55 23.71
CA HIS T 6 -30.08 77.77 22.99
C HIS T 6 -30.48 77.73 21.52
N ASN T 7 -31.21 76.70 21.09
CA ASN T 7 -31.50 76.56 19.66
C ASN T 7 -32.59 77.49 19.19
N LYS T 8 -33.40 78.05 20.10
CA LYS T 8 -34.49 78.94 19.73
C LYS T 8 -34.31 80.34 20.29
N ASP T 9 -33.09 80.68 20.72
CA ASP T 9 -32.85 82.00 21.31
C ASP T 9 -33.08 83.11 20.30
N ARG T 10 -32.55 82.94 19.09
CA ARG T 10 -32.60 83.97 18.06
C ARG T 10 -33.89 83.82 17.26
N LYS T 11 -34.80 84.77 17.40
CA LYS T 11 -36.04 84.74 16.65
C LYS T 11 -35.79 85.19 15.22
N VAL T 12 -36.24 84.38 14.26
CA VAL T 12 -36.04 84.66 12.85
C VAL T 12 -37.22 85.50 12.38
N ARG T 13 -36.95 86.77 12.07
CA ARG T 13 -37.98 87.69 11.62
C ARG T 13 -37.30 88.86 10.93
N ARG T 14 -38.07 89.59 10.14
CA ARG T 14 -37.56 90.77 9.45
C ARG T 14 -37.54 91.94 10.43
N LYS T 15 -36.36 92.53 10.61
CA LYS T 15 -36.23 93.76 11.38
C LYS T 15 -36.10 94.98 10.48
N GLU T 16 -35.90 94.79 9.19
CA GLU T 16 -35.76 95.86 8.22
C GLU T 16 -36.04 95.28 6.85
N PRO T 17 -36.36 96.11 5.86
CA PRO T 17 -36.48 95.59 4.50
C PRO T 17 -35.12 95.15 3.97
N LYS T 18 -35.09 94.00 3.32
CA LYS T 18 -33.89 93.58 2.62
C LYS T 18 -33.64 94.42 1.38
N SER T 19 -34.65 95.15 0.92
CA SER T 19 -34.52 95.99 -0.25
C SER T 19 -33.65 97.21 0.06
N GLN T 20 -33.03 97.75 -0.99
CA GLN T 20 -32.25 98.97 -0.91
C GLN T 20 -32.99 100.16 -1.51
N ASP T 21 -34.29 100.03 -1.75
CA ASP T 21 -35.10 101.11 -2.29
C ASP T 21 -35.13 102.26 -1.30
N ILE T 22 -34.63 103.42 -1.71
CA ILE T 22 -34.50 104.53 -0.77
C ILE T 22 -35.85 105.13 -0.42
N TYR T 23 -36.80 105.15 -1.35
CA TYR T 23 -38.15 105.62 -1.02
C TYR T 23 -38.83 104.69 -0.03
N LEU T 24 -38.67 103.38 -0.23
CA LEU T 24 -39.20 102.42 0.73
C LEU T 24 -38.55 102.61 2.09
N ARG T 25 -37.25 102.85 2.12
CA ARG T 25 -36.57 103.06 3.39
C ARG T 25 -37.02 104.34 4.08
N LEU T 26 -37.30 105.40 3.31
CA LEU T 26 -37.81 106.63 3.90
C LEU T 26 -39.18 106.41 4.54
N LEU T 27 -40.07 105.73 3.83
CA LEU T 27 -41.38 105.53 4.43
C LEU T 27 -41.36 104.46 5.52
N VAL T 28 -40.36 103.57 5.52
CA VAL T 28 -40.10 102.72 6.68
C VAL T 28 -39.64 103.55 7.87
N LYS T 29 -38.82 104.58 7.63
CA LYS T 29 -38.46 105.49 8.72
C LYS T 29 -39.70 106.17 9.30
N LEU T 30 -40.58 106.65 8.42
CA LEU T 30 -41.80 107.32 8.85
C LEU T 30 -42.67 106.39 9.70
N TYR T 31 -42.92 105.17 9.22
CA TYR T 31 -43.76 104.26 9.97
C TYR T 31 -43.07 103.63 11.16
N ARG T 32 -41.74 103.58 11.19
CA ARG T 32 -41.03 103.22 12.41
C ARG T 32 -41.30 104.25 13.50
N PHE T 33 -41.20 105.54 13.13
CA PHE T 33 -41.51 106.59 14.09
C PHE T 33 -42.96 106.52 14.55
N LEU T 34 -43.89 106.31 13.62
CA LEU T 34 -45.30 106.29 13.99
C LEU T 34 -45.62 105.09 14.87
N ALA T 35 -45.10 103.91 14.54
CA ALA T 35 -45.34 102.74 15.37
C ALA T 35 -44.70 102.87 16.74
N ARG T 36 -43.57 103.57 16.83
CA ARG T 36 -42.96 103.74 18.15
C ARG T 36 -43.72 104.76 18.99
N ARG T 37 -44.13 105.87 18.40
CA ARG T 37 -44.67 106.99 19.15
C ARG T 37 -46.19 107.01 19.19
N THR T 38 -46.86 106.01 18.63
CA THR T 38 -48.31 105.89 18.77
C THR T 38 -48.64 104.52 19.32
N ASN T 39 -49.83 104.40 19.90
CA ASN T 39 -50.33 103.12 20.38
C ASN T 39 -51.13 102.38 19.31
N SER T 40 -51.20 102.90 18.10
CA SER T 40 -51.96 102.29 17.02
C SER T 40 -51.26 101.02 16.57
N THR T 41 -51.90 99.87 16.77
CA THR T 41 -51.38 98.61 16.27
C THR T 41 -51.44 98.54 14.75
N PHE T 42 -52.25 99.38 14.13
CA PHE T 42 -52.27 99.47 12.67
C PHE T 42 -50.90 99.87 12.13
N ASN T 43 -50.26 100.84 12.79
CA ASN T 43 -48.93 101.26 12.36
C ASN T 43 -47.92 100.13 12.49
N GLN T 44 -48.02 99.34 13.56
CA GLN T 44 -47.14 98.20 13.74
C GLN T 44 -47.32 97.18 12.63
N VAL T 45 -48.57 96.88 12.30
CA VAL T 45 -48.85 95.91 11.23
C VAL T 45 -48.31 96.43 9.90
N VAL T 46 -48.51 97.72 9.62
CA VAL T 46 -48.05 98.28 8.36
C VAL T 46 -46.53 98.26 8.30
N LEU T 47 -45.86 98.55 9.40
CA LEU T 47 -44.40 98.51 9.42
C LEU T 47 -43.88 97.11 9.16
N LYS T 48 -44.46 96.12 9.83
CA LYS T 48 -43.97 94.75 9.63
C LYS T 48 -44.30 94.25 8.22
N ARG T 49 -45.37 94.77 7.60
CA ARG T 49 -45.64 94.42 6.22
C ARG T 49 -44.67 95.11 5.27
N LEU T 50 -44.23 96.32 5.62
CA LEU T 50 -43.21 96.99 4.81
C LEU T 50 -41.90 96.23 4.85
N PHE T 51 -41.58 95.62 5.99
CA PHE T 51 -40.37 94.81 6.05
C PHE T 51 -40.41 93.60 5.13
N MET T 52 -41.61 93.14 4.76
CA MET T 52 -41.77 91.82 4.17
C MET T 52 -41.22 91.76 2.75
N SER T 53 -41.14 90.54 2.24
CA SER T 53 -40.66 90.26 0.90
C SER T 53 -41.81 90.30 -0.10
N ARG T 54 -41.46 90.21 -1.38
CA ARG T 54 -42.47 90.35 -2.42
C ARG T 54 -43.46 89.20 -2.42
N THR T 55 -42.99 87.97 -2.16
CA THR T 55 -43.91 86.84 -2.07
C THR T 55 -44.82 86.97 -0.85
N ASN T 56 -44.35 87.63 0.19
CA ASN T 56 -45.18 87.90 1.36
C ASN T 56 -46.01 89.15 1.21
N ARG T 57 -45.89 89.86 0.09
CA ARG T 57 -46.75 90.99 -0.24
C ARG T 57 -47.37 90.72 -1.60
N PRO T 58 -48.32 89.80 -1.67
CA PRO T 58 -48.92 89.46 -2.96
C PRO T 58 -49.73 90.61 -3.50
N PRO T 59 -49.88 90.71 -4.83
CA PRO T 59 -50.70 91.76 -5.39
C PRO T 59 -52.17 91.57 -5.06
N LEU T 60 -52.87 92.68 -4.91
CA LEU T 60 -54.28 92.69 -4.61
C LEU T 60 -55.04 93.10 -5.86
N SER T 61 -55.96 92.26 -6.32
CA SER T 61 -56.73 92.57 -7.50
C SER T 61 -57.81 93.59 -7.20
N LEU T 62 -58.19 94.34 -8.24
CA LEU T 62 -59.23 95.34 -8.09
C LEU T 62 -60.56 94.69 -7.72
N SER T 63 -60.85 93.52 -8.28
CA SER T 63 -62.10 92.84 -7.96
C SER T 63 -62.15 92.43 -6.49
N ARG T 64 -61.06 91.90 -5.96
CA ARG T 64 -61.04 91.52 -4.54
C ARG T 64 -61.13 92.75 -3.65
N MET T 65 -60.45 93.83 -4.03
CA MET T 65 -60.55 95.07 -3.25
C MET T 65 -61.98 95.58 -3.24
N ILE T 66 -62.65 95.57 -4.39
CA ILE T 66 -64.03 96.02 -4.47
C ILE T 66 -64.93 95.14 -3.62
N ARG T 67 -64.72 93.83 -3.70
CA ARG T 67 -65.54 92.90 -2.92
C ARG T 67 -65.37 93.12 -1.43
N LYS T 68 -64.14 93.35 -0.97
CA LYS T 68 -63.91 93.54 0.46
C LYS T 68 -64.40 94.90 0.93
N MET T 69 -64.30 95.93 0.09
CA MET T 69 -64.78 97.25 0.47
C MET T 69 -66.29 97.38 0.35
N LYS T 70 -66.93 96.45 -0.35
CA LYS T 70 -68.38 96.42 -0.51
C LYS T 70 -69.09 95.86 0.72
N LEU T 71 -68.36 95.27 1.65
CA LEU T 71 -68.96 94.68 2.83
C LEU T 71 -69.60 95.77 3.70
N PRO T 72 -70.65 95.42 4.46
CA PRO T 72 -71.39 96.44 5.21
C PRO T 72 -70.53 97.13 6.25
N GLY T 73 -70.81 98.42 6.46
CA GLY T 73 -70.13 99.19 7.46
C GLY T 73 -68.77 99.73 7.05
N ARG T 74 -68.33 99.46 5.82
CA ARG T 74 -67.03 99.92 5.35
C ARG T 74 -67.14 101.07 4.37
N GLU T 75 -68.26 101.78 4.40
CA GLU T 75 -68.43 102.94 3.53
C GLU T 75 -67.52 104.07 4.00
N ASN T 76 -66.95 104.79 3.02
CA ASN T 76 -66.09 105.95 3.28
C ASN T 76 -64.88 105.59 4.13
N LYS T 77 -64.37 104.37 3.98
CA LYS T 77 -63.14 103.95 4.64
C LYS T 77 -62.04 103.83 3.60
N THR T 78 -60.80 104.03 4.05
CA THR T 78 -59.65 103.96 3.15
C THR T 78 -59.15 102.53 3.08
N ALA T 79 -59.10 101.97 1.88
CA ALA T 79 -58.53 100.65 1.68
C ALA T 79 -57.01 100.76 1.65
N VAL T 80 -56.34 100.06 2.54
CA VAL T 80 -54.89 100.13 2.66
C VAL T 80 -54.34 98.76 2.35
N VAL T 81 -53.47 98.69 1.34
CA VAL T 81 -52.76 97.47 1.00
C VAL T 81 -51.27 97.79 0.92
N VAL T 82 -50.46 96.98 1.58
CA VAL T 82 -49.01 97.15 1.52
C VAL T 82 -48.54 96.28 0.37
N GLY T 83 -48.62 96.82 -0.83
CA GLY T 83 -48.31 96.06 -2.02
C GLY T 83 -48.90 96.73 -3.24
N THR T 84 -49.12 95.90 -4.27
CA THR T 84 -49.51 96.38 -5.58
C THR T 84 -50.99 96.13 -5.81
N ILE T 85 -51.71 97.17 -6.22
CA ILE T 85 -53.07 97.01 -6.73
C ILE T 85 -52.99 96.63 -8.19
N THR T 86 -53.74 95.61 -8.55
CA THR T 86 -53.73 95.06 -9.89
C THR T 86 -55.11 95.22 -10.52
N ASP T 87 -55.14 95.67 -11.77
CA ASP T 87 -56.40 95.75 -12.49
C ASP T 87 -56.97 94.36 -12.73
N ASP T 88 -58.27 94.23 -12.55
CA ASP T 88 -59.01 93.02 -12.88
C ASP T 88 -59.94 93.36 -14.02
N VAL T 89 -59.72 92.75 -15.19
CA VAL T 89 -60.58 93.00 -16.34
C VAL T 89 -61.87 92.21 -16.30
N ARG T 90 -62.05 91.36 -15.30
CA ARG T 90 -63.28 90.61 -15.16
C ARG T 90 -64.40 91.41 -14.53
N VAL T 91 -64.07 92.52 -13.88
CA VAL T 91 -65.08 93.39 -13.29
C VAL T 91 -65.40 94.51 -14.29
N GLN T 92 -66.67 94.90 -14.34
CA GLN T 92 -67.13 95.90 -15.30
C GLN T 92 -67.31 97.26 -14.67
N GLU T 93 -67.97 97.33 -13.51
CA GLU T 93 -68.24 98.59 -12.85
C GLU T 93 -67.31 98.76 -11.65
N VAL T 94 -66.65 99.90 -11.58
CA VAL T 94 -65.74 100.24 -10.50
C VAL T 94 -66.38 101.35 -9.67
N PRO T 95 -66.63 101.14 -8.38
CA PRO T 95 -67.21 102.19 -7.55
C PRO T 95 -66.15 103.20 -7.13
N LYS T 96 -66.60 104.25 -6.45
CA LYS T 96 -65.70 105.26 -5.93
C LYS T 96 -64.95 104.71 -4.74
N LEU T 97 -63.62 104.69 -4.83
CA LEU T 97 -62.78 104.08 -3.80
C LEU T 97 -61.67 105.04 -3.41
N LYS T 98 -61.41 105.14 -2.12
CA LYS T 98 -60.27 105.87 -1.59
C LYS T 98 -59.26 104.84 -1.09
N VAL T 99 -58.15 104.69 -1.81
CA VAL T 99 -57.26 103.58 -1.59
C VAL T 99 -55.83 104.08 -1.40
N CYS T 100 -55.12 103.53 -0.43
CA CYS T 100 -53.69 103.71 -0.27
C CYS T 100 -52.97 102.43 -0.62
N ALA T 101 -51.92 102.55 -1.44
CA ALA T 101 -51.19 101.36 -1.86
C ALA T 101 -49.74 101.71 -2.09
N LEU T 102 -48.90 100.68 -2.05
CA LEU T 102 -47.48 100.87 -2.32
C LEU T 102 -47.24 101.07 -3.81
N ARG T 103 -47.93 100.31 -4.65
CA ARG T 103 -47.89 100.47 -6.09
C ARG T 103 -49.29 100.26 -6.66
N VAL T 104 -49.58 100.97 -7.74
CA VAL T 104 -50.82 100.77 -8.48
C VAL T 104 -50.46 100.59 -9.95
N THR T 105 -51.00 99.55 -10.56
CA THR T 105 -50.85 99.36 -12.00
C THR T 105 -51.45 100.55 -12.75
N SER T 106 -50.88 100.87 -13.90
CA SER T 106 -51.33 102.03 -14.66
C SER T 106 -52.80 101.92 -15.03
N ARG T 107 -53.23 100.74 -15.50
CA ARG T 107 -54.62 100.57 -15.89
C ARG T 107 -55.55 100.61 -14.70
N ALA T 108 -55.17 99.98 -13.59
CA ALA T 108 -55.98 100.03 -12.38
C ALA T 108 -56.09 101.45 -11.86
N ARG T 109 -54.99 102.21 -11.92
CA ARG T 109 -55.02 103.61 -11.51
C ARG T 109 -55.94 104.42 -12.39
N SER T 110 -55.90 104.20 -13.70
CA SER T 110 -56.79 104.91 -14.60
C SER T 110 -58.24 104.59 -14.30
N ARG T 111 -58.54 103.31 -14.05
CA ARG T 111 -59.93 102.93 -13.75
C ARG T 111 -60.39 103.54 -12.44
N ILE T 112 -59.54 103.51 -11.41
CA ILE T 112 -59.92 104.06 -10.10
C ILE T 112 -60.17 105.56 -10.21
N LEU T 113 -59.27 106.27 -10.88
CA LEU T 113 -59.43 107.71 -11.01
C LEU T 113 -60.62 108.08 -11.89
N ARG T 114 -60.89 107.30 -12.94
CA ARG T 114 -62.06 107.54 -13.77
C ARG T 114 -63.34 107.29 -13.01
N ALA T 115 -63.35 106.33 -12.10
CA ALA T 115 -64.52 106.11 -11.28
C ALA T 115 -64.69 107.16 -10.20
N GLY T 116 -63.91 108.23 -10.19
CA GLY T 116 -64.01 109.23 -9.14
C GLY T 116 -63.27 108.90 -7.87
N GLY T 117 -62.37 107.91 -7.91
CA GLY T 117 -61.67 107.50 -6.73
C GLY T 117 -60.44 108.34 -6.44
N LYS T 118 -59.81 108.03 -5.32
CA LYS T 118 -58.62 108.72 -4.84
C LYS T 118 -57.55 107.69 -4.52
N ILE T 119 -56.31 108.00 -4.88
CA ILE T 119 -55.17 107.12 -4.66
C ILE T 119 -54.16 107.86 -3.80
N LEU T 120 -53.69 107.20 -2.75
CA LEU T 120 -52.79 107.78 -1.78
C LEU T 120 -51.53 106.92 -1.67
N THR T 121 -50.39 107.58 -1.53
CA THR T 121 -49.20 106.86 -1.09
C THR T 121 -49.22 106.75 0.43
N PHE T 122 -48.23 106.06 0.98
CA PHE T 122 -48.26 105.79 2.41
C PHE T 122 -47.89 107.02 3.24
N ASP T 123 -47.07 107.92 2.71
CA ASP T 123 -46.84 109.19 3.39
C ASP T 123 -48.11 110.03 3.43
N GLN T 124 -48.86 110.05 2.33
CA GLN T 124 -50.15 110.73 2.32
C GLN T 124 -51.13 110.08 3.30
N LEU T 125 -51.08 108.75 3.41
CA LEU T 125 -51.90 108.07 4.39
C LEU T 125 -51.52 108.45 5.80
N ALA T 126 -50.23 108.58 6.07
CA ALA T 126 -49.78 109.02 7.39
C ALA T 126 -50.29 110.41 7.70
N LEU T 127 -50.26 111.31 6.72
CA LEU T 127 -50.77 112.65 6.95
C LEU T 127 -52.28 112.66 7.13
N ASP T 128 -52.99 111.83 6.38
CA ASP T 128 -54.45 111.83 6.43
C ASP T 128 -54.97 111.19 7.71
N SER T 129 -54.36 110.07 8.12
CA SER T 129 -54.77 109.36 9.32
C SER T 129 -53.55 108.74 9.94
N PRO T 130 -52.86 109.48 10.83
CA PRO T 130 -51.62 108.95 11.43
C PRO T 130 -51.82 107.70 12.25
N LYS T 131 -52.97 107.51 12.88
CA LYS T 131 -53.24 106.32 13.66
C LYS T 131 -53.92 105.22 12.84
N GLY T 132 -54.19 105.47 11.57
CA GLY T 132 -54.87 104.49 10.76
C GLY T 132 -56.35 104.37 11.03
N CYS T 133 -56.98 105.45 11.50
CA CYS T 133 -58.41 105.42 11.77
C CYS T 133 -59.19 105.42 10.46
N GLY T 134 -60.32 104.72 10.46
CA GLY T 134 -61.16 104.64 9.29
C GLY T 134 -60.52 103.92 8.11
N THR T 135 -59.78 102.85 8.38
CA THR T 135 -59.07 102.12 7.35
C THR T 135 -59.49 100.66 7.33
N VAL T 136 -59.46 100.09 6.15
CA VAL T 136 -59.66 98.66 5.94
C VAL T 136 -58.35 98.12 5.41
N LEU T 137 -57.64 97.35 6.25
CA LEU T 137 -56.34 96.81 5.90
C LEU T 137 -56.54 95.51 5.16
N LEU T 138 -56.21 95.51 3.88
CA LEU T 138 -56.42 94.35 3.01
C LEU T 138 -55.10 93.73 2.62
N SER T 139 -55.17 92.46 2.23
CA SER T 139 -54.00 91.73 1.77
C SER T 139 -54.39 90.90 0.56
N GLY T 140 -53.47 90.77 -0.38
CA GLY T 140 -53.68 89.90 -1.51
C GLY T 140 -53.60 88.46 -1.06
N PRO T 141 -54.02 87.53 -1.92
CA PRO T 141 -53.97 86.11 -1.55
C PRO T 141 -52.55 85.62 -1.37
N ARG T 142 -52.19 85.31 -0.13
CA ARG T 142 -50.80 84.95 0.16
C ARG T 142 -50.43 83.60 -0.44
N LYS T 143 -51.37 82.67 -0.50
CA LYS T 143 -51.12 81.34 -1.04
C LYS T 143 -51.55 81.22 -2.49
N GLY T 144 -51.84 82.34 -3.16
CA GLY T 144 -52.14 82.32 -4.57
C GLY T 144 -50.88 82.33 -5.41
N ARG T 145 -50.11 81.24 -5.33
CA ARG T 145 -48.86 81.11 -6.05
C ARG T 145 -48.73 79.67 -6.51
N GLU T 146 -47.97 79.48 -7.58
CA GLU T 146 -47.83 78.15 -8.16
C GLU T 146 -47.08 77.20 -7.23
N VAL T 147 -46.18 77.73 -6.40
CA VAL T 147 -45.37 76.89 -5.52
C VAL T 147 -46.24 76.15 -4.51
N TYR T 148 -47.35 76.74 -4.10
CA TYR T 148 -48.19 76.11 -3.08
C TYR T 148 -48.98 74.94 -3.62
N ARG T 149 -49.07 74.80 -4.93
CA ARG T 149 -49.65 73.59 -5.51
C ARG T 149 -48.70 72.42 -5.40
N HIS T 150 -47.40 72.68 -5.43
CA HIS T 150 -46.42 71.63 -5.25
C HIS T 150 -46.16 71.34 -3.78
N PHE T 151 -46.34 72.33 -2.92
CA PHE T 151 -46.11 72.13 -1.49
C PHE T 151 -47.19 71.24 -0.90
N GLY T 152 -46.83 70.55 0.18
CA GLY T 152 -47.76 69.67 0.84
C GLY T 152 -47.20 68.27 1.01
N LYS T 153 -48.09 67.28 1.11
CA LYS T 153 -47.63 65.90 1.15
C LYS T 153 -47.07 65.50 -0.21
N ALA T 154 -46.27 64.44 -0.22
CA ALA T 154 -45.66 64.00 -1.45
C ALA T 154 -46.72 63.49 -2.42
N PRO T 155 -46.54 63.71 -3.73
CA PRO T 155 -47.54 63.23 -4.69
C PRO T 155 -47.74 61.73 -4.67
N GLY T 156 -46.71 60.96 -4.36
CA GLY T 156 -46.81 59.52 -4.39
C GLY T 156 -47.25 58.92 -3.07
N THR T 157 -48.12 59.63 -2.35
CA THR T 157 -48.67 59.19 -1.09
C THR T 157 -50.18 59.23 -1.16
N PRO T 158 -50.88 58.37 -0.43
CA PRO T 158 -52.34 58.36 -0.49
C PRO T 158 -52.94 59.67 0.00
N HIS T 159 -54.04 60.07 -0.64
CA HIS T 159 -54.84 61.22 -0.25
C HIS T 159 -54.07 62.52 -0.36
N SER T 160 -53.08 62.57 -1.25
CA SER T 160 -52.35 63.79 -1.53
C SER T 160 -52.68 64.25 -2.93
N HIS T 161 -53.01 65.53 -3.08
CA HIS T 161 -53.34 66.11 -4.37
C HIS T 161 -52.38 67.24 -4.69
N THR T 162 -51.10 67.02 -4.44
CA THR T 162 -50.09 68.02 -4.70
C THR T 162 -49.49 67.81 -6.08
N LYS T 163 -49.31 68.91 -6.80
CA LYS T 163 -48.85 68.83 -8.17
C LYS T 163 -47.39 68.38 -8.21
N PRO T 164 -47.06 67.34 -8.97
CA PRO T 164 -45.66 66.96 -9.12
C PRO T 164 -44.92 67.87 -10.09
N TYR T 165 -43.60 67.84 -10.00
CA TYR T 165 -42.74 68.60 -10.89
C TYR T 165 -42.48 67.76 -12.14
N VAL T 166 -43.09 68.14 -13.26
CA VAL T 166 -42.94 67.44 -14.52
C VAL T 166 -42.48 68.43 -15.57
N ARG T 167 -41.53 68.01 -16.40
CA ARG T 167 -41.05 68.90 -17.46
C ARG T 167 -42.10 69.10 -18.53
N SER T 168 -43.00 68.15 -18.71
CA SER T 168 -44.05 68.25 -19.70
C SER T 168 -45.31 67.58 -19.17
N LYS T 169 -46.46 68.03 -19.63
CA LYS T 169 -47.74 67.43 -19.28
C LYS T 169 -48.29 66.69 -20.49
N GLY T 170 -48.53 65.40 -20.33
CA GLY T 170 -49.05 64.58 -21.41
C GLY T 170 -49.27 63.17 -20.90
N ARG T 171 -49.82 62.34 -21.79
CA ARG T 171 -50.15 60.97 -21.39
C ARG T 171 -48.91 60.12 -21.16
N LYS T 172 -47.75 60.57 -21.63
CA LYS T 172 -46.51 59.83 -21.45
C LYS T 172 -45.73 60.27 -20.22
N PHE T 173 -46.15 61.32 -19.53
CA PHE T 173 -45.35 61.92 -18.48
C PHE T 173 -46.00 61.68 -17.13
N GLU T 174 -45.55 60.64 -16.45
CA GLU T 174 -45.91 60.32 -15.07
C GLU T 174 -47.41 60.08 -14.93
N ARG T 175 -47.88 59.06 -15.64
CA ARG T 175 -49.28 58.68 -15.56
C ARG T 175 -49.52 57.18 -15.44
N ALA T 176 -48.47 56.35 -15.46
CA ALA T 176 -48.72 54.92 -15.55
C ALA T 176 -48.70 54.17 -14.22
N ARG T 177 -47.55 54.05 -13.58
CA ARG T 177 -47.39 53.13 -12.45
C ARG T 177 -47.36 53.92 -11.15
N GLY T 178 -48.35 53.71 -10.31
CA GLY T 178 -48.59 54.57 -9.17
C GLY T 178 -49.64 55.61 -9.41
N ARG T 179 -50.30 55.59 -10.58
CA ARG T 179 -51.35 56.52 -10.90
C ARG T 179 -52.64 55.85 -11.30
N ARG T 180 -52.62 54.55 -11.62
CA ARG T 180 -53.83 53.83 -11.96
C ARG T 180 -53.66 52.39 -11.52
N ALA T 181 -54.78 51.77 -11.13
CA ALA T 181 -54.74 50.39 -10.65
C ALA T 181 -54.32 49.41 -11.73
N SER T 182 -54.46 49.78 -12.99
CA SER T 182 -54.07 48.89 -14.07
C SER T 182 -52.56 48.73 -14.19
N ARG T 183 -51.78 49.62 -13.55
CA ARG T 183 -50.33 49.53 -13.56
C ARG T 183 -49.84 49.52 -12.12
N GLY T 184 -49.83 48.34 -11.51
CA GLY T 184 -49.33 48.20 -10.16
C GLY T 184 -50.30 48.65 -9.10
N TYR T 185 -50.47 49.96 -8.96
CA TYR T 185 -51.25 50.52 -7.86
C TYR T 185 -51.59 51.96 -8.21
N LYS T 186 -52.45 52.57 -7.40
CA LYS T 186 -52.85 53.95 -7.65
C LYS T 186 -52.54 54.90 -6.49
N ASN T 187 -52.89 54.52 -5.26
CA ASN T 187 -53.05 55.40 -4.09
C ASN T 187 -53.34 56.88 -4.38
N SER U 1 63.49 68.15 -23.93
CA SER U 1 62.38 68.31 -22.99
C SER U 1 61.48 67.07 -23.00
N MET U 2 60.79 66.85 -24.12
CA MET U 2 59.92 65.69 -24.28
C MET U 2 60.19 65.10 -25.66
N LEU U 3 60.68 63.86 -25.69
CA LEU U 3 61.25 63.27 -26.89
C LEU U 3 60.45 62.06 -27.38
N ARG U 4 59.14 62.09 -27.18
CA ARG U 4 58.31 60.98 -27.67
C ARG U 4 58.33 60.91 -29.19
N LEU U 5 58.20 62.07 -29.85
CA LEU U 5 58.26 62.12 -31.31
C LEU U 5 59.60 61.63 -31.81
N GLN U 6 60.69 62.05 -31.16
CA GLN U 6 62.01 61.66 -31.60
C GLN U 6 62.23 60.16 -31.42
N LYS U 7 61.75 59.58 -30.32
CA LYS U 7 61.87 58.14 -30.13
C LYS U 7 61.08 57.38 -31.19
N ARG U 8 59.87 57.85 -31.50
CA ARG U 8 59.06 57.18 -32.51
C ARG U 8 59.74 57.25 -33.88
N LEU U 9 60.24 58.43 -34.26
CA LEU U 9 60.88 58.58 -35.55
C LEU U 9 62.17 57.78 -35.62
N ALA U 10 62.93 57.75 -34.53
CA ALA U 10 64.15 56.96 -34.51
C ALA U 10 63.85 55.48 -34.66
N SER U 11 62.78 55.00 -34.01
CA SER U 11 62.37 53.61 -34.19
C SER U 11 62.00 53.31 -35.63
N SER U 12 61.24 54.22 -36.26
CA SER U 12 60.83 54.01 -37.64
C SER U 12 62.04 54.01 -38.58
N VAL U 13 62.98 54.92 -38.37
CA VAL U 13 64.13 55.01 -39.26
C VAL U 13 65.06 53.82 -39.07
N LEU U 14 65.33 53.46 -37.81
CA LEU U 14 66.22 52.35 -37.51
C LEU U 14 65.58 50.99 -37.73
N ARG U 15 64.28 50.94 -38.00
CA ARG U 15 63.57 49.70 -38.30
C ARG U 15 63.61 48.73 -37.12
N CYS U 16 63.69 49.26 -35.91
CA CYS U 16 63.66 48.50 -34.68
C CYS U 16 62.53 49.01 -33.81
N GLY U 17 62.32 48.34 -32.68
CA GLY U 17 61.33 48.81 -31.74
C GLY U 17 61.85 49.96 -30.92
N LYS U 18 60.93 50.59 -30.19
CA LYS U 18 61.33 51.68 -29.31
C LYS U 18 62.13 51.18 -28.11
N LYS U 19 62.15 49.86 -27.87
CA LYS U 19 63.02 49.31 -26.85
C LYS U 19 64.48 49.57 -27.17
N LYS U 20 64.85 49.43 -28.44
CA LYS U 20 66.24 49.46 -28.86
C LYS U 20 66.74 50.85 -29.22
N VAL U 21 65.87 51.85 -29.22
CA VAL U 21 66.29 53.21 -29.54
C VAL U 21 66.95 53.81 -28.30
N TRP U 22 68.19 54.28 -28.46
CA TRP U 22 68.92 54.93 -27.38
C TRP U 22 69.14 56.38 -27.78
N LEU U 23 68.55 57.30 -27.02
CA LEU U 23 68.78 58.72 -27.20
C LEU U 23 69.79 59.18 -26.16
N ASP U 24 70.69 60.05 -26.56
CA ASP U 24 71.73 60.52 -25.65
C ASP U 24 71.10 61.35 -24.54
N PRO U 25 71.21 60.93 -23.28
CA PRO U 25 70.60 61.72 -22.20
C PRO U 25 71.26 63.07 -21.98
N ASN U 26 72.47 63.27 -22.49
CA ASN U 26 73.15 64.55 -22.34
C ASN U 26 72.79 65.54 -23.45
N GLU U 27 72.59 65.05 -24.67
CA GLU U 27 72.24 65.93 -25.79
C GLU U 27 70.74 66.01 -25.99
N THR U 28 70.03 66.29 -24.90
CA THR U 28 68.57 66.36 -24.95
C THR U 28 68.09 67.50 -25.84
N ASN U 29 68.71 68.67 -25.74
CA ASN U 29 68.29 69.80 -26.57
C ASN U 29 68.57 69.54 -28.04
N GLU U 30 69.75 68.97 -28.35
CA GLU U 30 70.08 68.68 -29.73
C GLU U 30 69.11 67.67 -30.34
N ILE U 31 68.75 66.64 -29.57
CA ILE U 31 67.79 65.67 -30.08
C ILE U 31 66.40 66.30 -30.20
N ALA U 32 66.04 67.17 -29.24
CA ALA U 32 64.73 67.81 -29.28
C ALA U 32 64.59 68.73 -30.48
N ASN U 33 65.69 69.29 -30.97
CA ASN U 33 65.63 70.09 -32.18
C ASN U 33 65.31 69.26 -33.42
N ALA U 34 65.41 67.93 -33.35
CA ALA U 34 65.16 67.07 -34.50
C ALA U 34 63.66 66.84 -34.63
N ASN U 35 63.07 67.35 -35.70
CA ASN U 35 61.65 67.17 -35.96
C ASN U 35 61.33 66.43 -37.24
N SER U 36 62.34 65.96 -37.97
CA SER U 36 62.13 65.30 -39.24
C SER U 36 63.00 64.04 -39.30
N ARG U 37 62.62 63.15 -40.21
CA ARG U 37 63.36 61.90 -40.36
C ARG U 37 64.75 62.14 -40.93
N GLN U 38 64.94 63.18 -41.73
CA GLN U 38 66.29 63.54 -42.16
C GLN U 38 67.17 63.93 -40.99
N GLN U 39 66.62 64.72 -40.07
CA GLN U 39 67.38 65.10 -38.89
C GLN U 39 67.63 63.92 -37.98
N ILE U 40 66.67 62.99 -37.90
CA ILE U 40 66.89 61.76 -37.14
C ILE U 40 68.02 60.95 -37.76
N ARG U 41 68.05 60.86 -39.10
CA ARG U 41 69.14 60.16 -39.78
C ARG U 41 70.48 60.83 -39.52
N LYS U 42 70.51 62.16 -39.52
CA LYS U 42 71.75 62.87 -39.24
C LYS U 42 72.21 62.61 -37.81
N LEU U 43 71.28 62.56 -36.86
CA LEU U 43 71.65 62.25 -35.48
C LEU U 43 72.15 60.82 -35.35
N ILE U 44 71.55 59.89 -36.08
CA ILE U 44 72.02 58.51 -36.08
C ILE U 44 73.43 58.44 -36.63
N LYS U 45 73.70 59.17 -37.71
CA LYS U 45 75.04 59.22 -38.28
C LYS U 45 76.03 59.83 -37.30
N ASP U 46 75.63 60.87 -36.59
CA ASP U 46 76.53 61.54 -35.65
C ASP U 46 76.72 60.76 -34.36
N GLY U 47 75.85 59.79 -34.07
CA GLY U 47 76.02 58.96 -32.90
C GLY U 47 75.21 59.35 -31.69
N LEU U 48 74.36 60.36 -31.81
CA LEU U 48 73.48 60.73 -30.69
C LEU U 48 72.31 59.77 -30.55
N ILE U 49 71.99 59.02 -31.60
CA ILE U 49 70.94 58.00 -31.56
C ILE U 49 71.58 56.68 -31.93
N ILE U 50 71.39 55.67 -31.08
CA ILE U 50 72.05 54.39 -31.22
C ILE U 50 70.99 53.29 -31.12
N ARG U 51 71.12 52.27 -31.97
CA ARG U 51 70.29 51.08 -31.88
C ARG U 51 70.95 50.11 -30.91
N LYS U 52 70.30 49.89 -29.77
CA LYS U 52 70.84 49.00 -28.76
C LYS U 52 70.81 47.55 -29.26
N PRO U 53 71.75 46.72 -28.84
CA PRO U 53 71.78 45.33 -29.31
C PRO U 53 70.64 44.51 -28.72
N VAL U 54 70.37 43.40 -29.39
CA VAL U 54 69.34 42.46 -28.94
C VAL U 54 69.75 41.86 -27.60
N THR U 55 68.80 41.79 -26.68
CA THR U 55 69.04 41.14 -25.41
C THR U 55 69.43 39.68 -25.63
N VAL U 56 70.48 39.24 -24.94
CA VAL U 56 71.06 37.92 -25.20
C VAL U 56 70.09 36.84 -24.72
N HIS U 57 69.76 35.93 -25.61
CA HIS U 57 69.06 34.69 -25.28
C HIS U 57 69.93 33.56 -25.80
N SER U 58 70.83 33.08 -24.95
CA SER U 58 71.79 32.07 -25.36
C SER U 58 71.14 30.70 -25.44
N ARG U 59 71.70 29.86 -26.31
CA ARG U 59 71.27 28.47 -26.45
C ARG U 59 72.36 27.50 -26.03
N ALA U 60 73.39 27.97 -25.33
CA ALA U 60 74.47 27.09 -24.90
C ALA U 60 73.97 26.04 -23.92
N ARG U 61 73.09 26.43 -23.00
CA ARG U 61 72.50 25.48 -22.07
C ARG U 61 71.69 24.42 -22.80
N CYS U 62 70.89 24.85 -23.79
CA CYS U 62 70.12 23.90 -24.57
C CYS U 62 71.03 22.96 -25.35
N ARG U 63 72.11 23.47 -25.93
CA ARG U 63 73.01 22.62 -26.68
C ARG U 63 73.70 21.59 -25.79
N LYS U 64 74.09 22.01 -24.58
CA LYS U 64 74.70 21.09 -23.64
C LYS U 64 73.72 20.00 -23.23
N ASN U 65 72.48 20.39 -22.92
CA ASN U 65 71.48 19.40 -22.55
C ASN U 65 71.13 18.48 -23.73
N THR U 66 71.13 19.02 -24.94
CA THR U 66 70.88 18.20 -26.12
C THR U 66 71.99 17.17 -26.31
N LEU U 67 73.24 17.58 -26.11
CA LEU U 67 74.35 16.62 -26.19
C LEU U 67 74.21 15.54 -25.14
N ALA U 68 73.81 15.92 -23.92
CA ALA U 68 73.57 14.92 -22.89
C ALA U 68 72.47 13.96 -23.30
N ARG U 69 71.39 14.47 -23.89
CA ARG U 69 70.30 13.61 -24.31
C ARG U 69 70.70 12.70 -25.47
N ARG U 70 71.58 13.17 -26.35
CA ARG U 70 72.14 12.29 -27.37
C ARG U 70 72.93 11.16 -26.74
N LYS U 71 73.74 11.48 -25.72
CA LYS U 71 74.42 10.43 -24.98
C LYS U 71 73.45 9.53 -24.22
N GLY U 72 72.22 9.99 -24.00
CA GLY U 72 71.19 9.19 -23.37
C GLY U 72 70.69 9.70 -22.04
N ARG U 73 71.22 10.81 -21.54
CA ARG U 73 70.83 11.30 -20.23
C ARG U 73 69.46 11.97 -20.29
N HIS U 74 68.85 12.12 -19.13
CA HIS U 74 67.58 12.81 -18.93
C HIS U 74 66.43 12.20 -19.71
N MET U 75 66.52 10.93 -20.09
CA MET U 75 65.39 10.27 -20.73
C MET U 75 64.64 9.38 -19.75
N GLY U 76 65.31 8.39 -19.16
CA GLY U 76 64.82 7.61 -18.04
C GLY U 76 63.37 7.17 -18.08
N ILE U 77 62.77 7.01 -16.90
CA ILE U 77 61.36 6.74 -16.77
C ILE U 77 60.63 7.90 -16.12
N GLY U 78 61.27 8.56 -15.17
CA GLY U 78 60.74 9.74 -14.53
C GLY U 78 60.90 11.02 -15.30
N LYS U 79 61.37 10.95 -16.54
CA LYS U 79 61.42 12.12 -17.41
C LYS U 79 60.45 12.01 -18.59
N ARG U 80 59.60 10.98 -18.60
CA ARG U 80 58.66 10.77 -19.69
C ARG U 80 57.27 11.18 -19.22
N LYS U 81 56.66 12.12 -19.92
CA LYS U 81 55.31 12.56 -19.60
C LYS U 81 54.27 12.08 -20.60
N GLY U 82 54.66 11.86 -21.84
CA GLY U 82 53.74 11.36 -22.83
C GLY U 82 53.79 9.85 -22.95
N THR U 83 52.72 9.32 -23.55
CA THR U 83 52.66 7.89 -23.81
C THR U 83 53.76 7.49 -24.78
N ALA U 84 54.16 6.21 -24.72
CA ALA U 84 55.19 5.73 -25.64
C ALA U 84 54.77 5.93 -27.09
N ASN U 85 53.49 5.72 -27.39
CA ASN U 85 52.99 5.97 -28.73
C ASN U 85 53.01 7.46 -29.06
N ALA U 86 52.75 8.32 -28.07
CA ALA U 86 52.81 9.75 -28.32
C ALA U 86 54.24 10.23 -28.55
N ARG U 87 55.22 9.53 -27.96
CA ARG U 87 56.61 9.91 -28.14
C ARG U 87 57.19 9.38 -29.43
N MET U 88 56.92 8.12 -29.75
CA MET U 88 57.37 7.51 -31.01
C MET U 88 56.22 6.65 -31.53
N PRO U 89 55.44 7.16 -32.48
CA PRO U 89 54.24 6.44 -32.91
C PRO U 89 54.54 5.08 -33.52
N GLU U 90 53.68 4.12 -33.19
CA GLU U 90 53.79 2.77 -33.74
C GLU U 90 53.58 2.79 -35.25
N LYS U 91 52.69 3.65 -35.73
CA LYS U 91 52.44 3.73 -37.17
C LYS U 91 53.66 4.25 -37.90
N VAL U 92 54.36 5.23 -37.35
CA VAL U 92 55.57 5.74 -37.98
C VAL U 92 56.67 4.69 -37.93
N THR U 93 56.80 3.98 -36.81
CA THR U 93 57.76 2.89 -36.74
C THR U 93 57.48 1.83 -37.80
N TRP U 94 56.20 1.49 -37.98
CA TRP U 94 55.81 0.52 -38.99
C TRP U 94 56.12 1.02 -40.40
N MET U 95 55.86 2.30 -40.67
CA MET U 95 56.18 2.84 -41.98
C MET U 95 57.67 2.75 -42.26
N ARG U 96 58.48 3.15 -41.29
CA ARG U 96 59.93 3.09 -41.50
C ARG U 96 60.37 1.66 -41.75
N ARG U 97 59.85 0.71 -40.97
CA ARG U 97 60.23 -0.68 -41.14
C ARG U 97 59.82 -1.21 -42.50
N MET U 98 58.59 -0.93 -42.93
CA MET U 98 58.14 -1.40 -44.23
C MET U 98 58.92 -0.78 -45.37
N ARG U 99 59.21 0.52 -45.29
CA ARG U 99 59.98 1.15 -46.34
C ARG U 99 61.38 0.56 -46.43
N ILE U 100 62.02 0.33 -45.27
CA ILE U 100 63.36 -0.25 -45.27
C ILE U 100 63.33 -1.65 -45.88
N LEU U 101 62.39 -2.48 -45.44
CA LEU U 101 62.37 -3.87 -45.89
C LEU U 101 61.99 -3.98 -47.36
N ARG U 102 61.02 -3.17 -47.81
CA ARG U 102 60.64 -3.18 -49.22
C ARG U 102 61.76 -2.68 -50.10
N ARG U 103 62.48 -1.65 -49.66
CA ARG U 103 63.62 -1.17 -50.42
C ARG U 103 64.70 -2.24 -50.52
N LEU U 104 64.95 -2.96 -49.42
CA LEU U 104 65.93 -4.04 -49.45
C LEU U 104 65.52 -5.14 -50.41
N LEU U 105 64.24 -5.54 -50.38
CA LEU U 105 63.77 -6.58 -51.27
C LEU U 105 63.84 -6.16 -52.73
N ARG U 106 63.47 -4.90 -53.02
CA ARG U 106 63.56 -4.41 -54.39
C ARG U 106 65.01 -4.40 -54.87
N ARG U 107 65.93 -3.94 -54.02
CA ARG U 107 67.33 -3.91 -54.43
C ARG U 107 67.86 -5.31 -54.66
N TYR U 108 67.44 -6.28 -53.83
CA TYR U 108 67.85 -7.66 -54.05
C TYR U 108 67.29 -8.20 -55.35
N ARG U 109 66.05 -7.85 -55.69
CA ARG U 109 65.45 -8.36 -56.92
C ARG U 109 66.14 -7.79 -58.15
N GLU U 110 66.35 -6.47 -58.20
CA GLU U 110 67.08 -5.94 -59.36
C GLU U 110 68.58 -6.18 -59.30
N SER U 111 69.12 -6.69 -58.20
CA SER U 111 70.49 -7.18 -58.20
C SER U 111 70.57 -8.69 -58.40
N LYS U 112 69.43 -9.34 -58.61
CA LYS U 112 69.32 -10.75 -58.98
C LYS U 112 69.77 -11.69 -57.88
N LYS U 113 69.75 -11.26 -56.62
CA LYS U 113 69.96 -12.20 -55.53
C LYS U 113 68.73 -13.07 -55.31
N ILE U 114 67.54 -12.53 -55.57
CA ILE U 114 66.30 -13.27 -55.47
C ILE U 114 65.51 -13.06 -56.76
N ASP U 115 64.61 -14.01 -57.05
CA ASP U 115 63.78 -13.94 -58.24
C ASP U 115 62.43 -13.32 -57.90
N ARG U 116 61.54 -13.31 -58.90
CA ARG U 116 60.22 -12.72 -58.72
C ARG U 116 59.42 -13.48 -57.67
N HIS U 117 59.51 -14.80 -57.67
CA HIS U 117 58.68 -15.60 -56.79
C HIS U 117 59.15 -15.50 -55.34
N MET U 118 60.46 -15.58 -55.14
CA MET U 118 61.00 -15.37 -53.80
C MET U 118 60.72 -13.95 -53.33
N TYR U 119 60.81 -12.98 -54.22
CA TYR U 119 60.49 -11.61 -53.86
C TYR U 119 59.06 -11.47 -53.43
N HIS U 120 58.12 -12.09 -54.16
CA HIS U 120 56.71 -11.97 -53.80
C HIS U 120 56.41 -12.65 -52.47
N SER U 121 56.99 -13.83 -52.24
CA SER U 121 56.79 -14.50 -50.97
C SER U 121 57.34 -13.66 -49.82
N LEU U 122 58.53 -13.10 -49.98
CA LEU U 122 59.11 -12.30 -48.90
C LEU U 122 58.38 -10.98 -48.72
N TYR U 123 57.83 -10.42 -49.81
CA TYR U 123 57.04 -9.21 -49.70
C TYR U 123 55.79 -9.45 -48.86
N LEU U 124 55.08 -10.55 -49.15
CA LEU U 124 53.91 -10.87 -48.34
C LEU U 124 54.29 -11.19 -46.91
N LYS U 125 55.46 -11.79 -46.69
CA LYS U 125 55.88 -12.09 -45.32
C LYS U 125 56.23 -10.82 -44.55
N VAL U 126 56.92 -9.87 -45.17
CA VAL U 126 57.22 -8.63 -44.46
C VAL U 126 55.95 -7.86 -44.19
N LYS U 127 54.99 -7.89 -45.11
CA LYS U 127 53.69 -7.29 -44.83
C LYS U 127 52.99 -7.99 -43.69
N GLY U 128 53.18 -9.30 -43.56
CA GLY U 128 52.65 -10.07 -42.46
C GLY U 128 53.47 -10.01 -41.19
N ASN U 129 54.56 -9.25 -41.18
CA ASN U 129 55.33 -8.95 -39.98
C ASN U 129 55.94 -10.20 -39.35
N VAL U 130 56.82 -10.83 -40.12
CA VAL U 130 57.63 -11.93 -39.60
C VAL U 130 59.10 -11.57 -39.48
N PHE U 131 59.54 -10.46 -40.06
CA PHE U 131 60.91 -9.99 -39.94
C PHE U 131 60.93 -8.67 -39.20
N LYS U 132 61.83 -8.55 -38.22
CA LYS U 132 61.85 -7.37 -37.37
C LYS U 132 62.72 -6.26 -37.93
N ASN U 133 63.72 -6.58 -38.75
CA ASN U 133 64.63 -5.55 -39.22
C ASN U 133 65.36 -6.05 -40.46
N LYS U 134 66.33 -5.26 -40.89
CA LYS U 134 67.03 -5.52 -42.14
C LYS U 134 67.92 -6.75 -42.04
N ARG U 135 68.55 -6.95 -40.87
CA ARG U 135 69.50 -8.04 -40.73
C ARG U 135 68.81 -9.39 -40.67
N ILE U 136 67.66 -9.46 -39.97
CA ILE U 136 66.93 -10.71 -39.87
C ILE U 136 66.43 -11.16 -41.23
N LEU U 137 65.87 -10.23 -42.00
CA LEU U 137 65.40 -10.56 -43.34
C LEU U 137 66.55 -10.99 -44.24
N MET U 138 67.70 -10.32 -44.12
CA MET U 138 68.85 -10.68 -44.94
C MET U 138 69.36 -12.08 -44.61
N GLU U 139 69.42 -12.41 -43.32
CA GLU U 139 69.84 -13.76 -42.93
C GLU U 139 68.85 -14.82 -43.39
N HIS U 140 67.55 -14.51 -43.30
CA HIS U 140 66.55 -15.44 -43.81
C HIS U 140 66.70 -15.64 -45.31
N ILE U 141 67.01 -14.58 -46.05
CA ILE U 141 67.24 -14.70 -47.48
C ILE U 141 68.44 -15.58 -47.75
N HIS U 142 69.50 -15.43 -46.95
CA HIS U 142 70.68 -16.27 -47.14
C HIS U 142 70.36 -17.74 -46.90
N LYS U 143 69.58 -18.02 -45.85
CA LYS U 143 69.20 -19.40 -45.57
C LYS U 143 68.35 -19.97 -46.70
N LEU U 144 67.40 -19.18 -47.21
CA LEU U 144 66.58 -19.63 -48.32
C LEU U 144 67.41 -19.88 -49.56
N LYS U 145 68.38 -19.00 -49.84
CA LYS U 145 69.24 -19.17 -51.01
C LYS U 145 70.09 -20.43 -50.89
N ALA U 146 70.61 -20.71 -49.70
CA ALA U 146 71.40 -21.94 -49.51
C ALA U 146 70.54 -23.17 -49.73
N ASP U 147 69.33 -23.18 -49.17
CA ASP U 147 68.43 -24.32 -49.36
C ASP U 147 68.05 -24.49 -50.82
N LYS U 148 67.76 -23.38 -51.51
CA LYS U 148 67.41 -23.43 -52.91
C LYS U 148 68.57 -23.92 -53.76
N ALA U 149 69.79 -23.51 -53.44
CA ALA U 149 70.96 -23.98 -54.18
C ALA U 149 71.17 -25.47 -54.00
N ARG U 150 71.01 -25.97 -52.77
CA ARG U 150 71.16 -27.40 -52.53
C ARG U 150 70.09 -28.19 -53.28
N LYS U 151 68.84 -27.74 -53.21
CA LYS U 151 67.76 -28.41 -53.91
C LYS U 151 67.98 -28.40 -55.41
N LYS U 152 68.44 -27.27 -55.95
CA LYS U 152 68.69 -27.17 -57.38
C LYS U 152 69.83 -28.10 -57.80
N LEU U 153 70.86 -28.22 -56.97
CA LEU U 153 71.97 -29.12 -57.31
C LEU U 153 71.50 -30.57 -57.37
N LEU U 154 70.74 -31.01 -56.36
CA LEU U 154 70.23 -32.38 -56.39
C LEU U 154 69.29 -32.59 -57.57
N ALA U 155 68.41 -31.62 -57.83
CA ALA U 155 67.47 -31.75 -58.94
C ALA U 155 68.19 -31.83 -60.28
N ASP U 156 69.23 -31.02 -60.46
CA ASP U 156 69.90 -31.00 -61.76
C ASP U 156 70.75 -32.25 -61.98
N GLN U 157 71.37 -32.78 -60.91
CA GLN U 157 72.10 -34.03 -61.11
C GLN U 157 71.15 -35.20 -61.35
N ALA U 158 69.99 -35.20 -60.70
CA ALA U 158 68.99 -36.21 -60.98
C ALA U 158 68.50 -36.13 -62.43
N GLU U 159 68.26 -34.91 -62.91
CA GLU U 159 67.86 -34.74 -64.30
C GLU U 159 68.96 -35.15 -65.26
N ALA U 160 70.22 -34.92 -64.89
CA ALA U 160 71.33 -35.38 -65.72
C ALA U 160 71.35 -36.90 -65.84
N ARG U 161 71.15 -37.60 -64.72
CA ARG U 161 71.11 -39.05 -64.77
C ARG U 161 69.92 -39.56 -65.58
N ARG U 162 68.76 -38.92 -65.41
CA ARG U 162 67.60 -39.30 -66.20
C ARG U 162 67.84 -39.07 -67.69
N SER U 163 68.47 -37.95 -68.03
CA SER U 163 68.77 -37.67 -69.44
C SER U 163 69.76 -38.67 -70.00
N LYS U 164 70.75 -39.08 -69.20
CA LYS U 164 71.67 -40.13 -69.62
C LYS U 164 70.93 -41.42 -69.95
N THR U 165 70.09 -41.89 -69.03
CA THR U 165 69.39 -43.14 -69.27
C THR U 165 68.45 -43.04 -70.46
N LYS U 166 67.75 -41.91 -70.60
CA LYS U 166 66.86 -41.73 -71.73
C LYS U 166 67.62 -41.68 -73.06
N GLU U 167 68.79 -41.03 -73.06
CA GLU U 167 69.59 -40.96 -74.27
C GLU U 167 70.12 -42.32 -74.67
N ALA U 168 70.54 -43.13 -73.70
CA ALA U 168 70.96 -44.49 -74.01
C ALA U 168 69.79 -45.32 -74.53
N ARG U 169 68.61 -45.15 -73.92
CA ARG U 169 67.44 -45.92 -74.32
C ARG U 169 67.00 -45.56 -75.74
N LYS U 170 67.05 -44.27 -76.08
CA LYS U 170 66.50 -43.80 -77.34
C LYS U 170 67.35 -44.21 -78.54
N ARG U 171 68.53 -44.77 -78.33
CA ARG U 171 69.38 -45.20 -79.43
C ARG U 171 69.83 -46.65 -79.35
N ARG U 172 69.83 -47.28 -78.17
CA ARG U 172 70.14 -48.71 -78.13
C ARG U 172 69.11 -49.49 -78.92
N GLU U 173 67.82 -49.13 -78.78
CA GLU U 173 66.80 -49.77 -79.60
C GLU U 173 66.94 -49.40 -81.07
N GLU U 174 67.46 -48.20 -81.36
CA GLU U 174 67.67 -47.81 -82.75
C GLU U 174 68.66 -48.73 -83.45
N ARG U 175 69.84 -48.94 -82.84
CA ARG U 175 70.74 -49.84 -83.55
C ARG U 175 70.39 -51.31 -83.34
N LEU U 176 69.60 -51.64 -82.31
CA LEU U 176 69.04 -52.99 -82.24
C LEU U 176 68.13 -53.27 -83.42
N GLN U 177 67.24 -52.32 -83.76
CA GLN U 177 66.35 -52.56 -84.88
C GLN U 177 67.09 -52.43 -86.21
N ALA U 178 68.17 -51.65 -86.25
CA ALA U 178 69.06 -51.70 -87.40
C ALA U 178 69.59 -53.11 -87.61
N LYS U 179 70.06 -53.75 -86.53
CA LYS U 179 70.54 -55.13 -86.61
C LYS U 179 69.41 -56.09 -86.98
N LYS U 180 68.18 -55.79 -86.55
CA LYS U 180 67.06 -56.68 -86.87
C LYS U 180 66.71 -56.60 -88.35
N GLU U 181 66.32 -55.43 -88.84
CA GLU U 181 65.89 -55.29 -90.22
C GLU U 181 67.01 -54.94 -91.19
N GLU U 182 68.27 -55.21 -90.86
CA GLU U 182 69.29 -55.20 -91.91
C GLU U 182 69.17 -56.41 -92.82
N ILE U 183 68.49 -57.47 -92.38
CA ILE U 183 68.29 -58.64 -93.22
C ILE U 183 67.04 -58.47 -94.09
N ILE U 184 65.97 -57.94 -93.51
CA ILE U 184 64.72 -57.76 -94.24
C ILE U 184 64.91 -56.79 -95.40
N LYS U 185 65.73 -55.74 -95.21
CA LYS U 185 65.96 -54.77 -96.26
C LYS U 185 66.70 -55.35 -97.46
N THR U 186 67.40 -56.48 -97.29
CA THR U 186 68.11 -57.11 -98.38
C THR U 186 67.58 -58.49 -98.75
N LEU U 187 66.50 -58.94 -98.10
CA LEU U 187 65.88 -60.24 -98.36
C LEU U 187 66.88 -61.39 -98.21
N LYS V 1 -27.13 55.58 58.27
CA LYS V 1 -27.12 56.51 59.39
C LYS V 1 -25.70 56.80 59.85
N ALA V 2 -25.31 58.06 59.80
CA ALA V 2 -24.00 58.47 60.30
C ALA V 2 -24.08 58.62 61.82
N SER V 3 -23.14 59.36 62.40
CA SER V 3 -23.12 59.52 63.84
C SER V 3 -22.51 60.87 64.19
N GLY V 4 -22.09 61.01 65.45
CA GLY V 4 -21.63 62.24 66.06
C GLY V 4 -21.58 61.98 67.55
N THR V 5 -22.20 62.84 68.34
CA THR V 5 -22.59 62.49 69.70
C THR V 5 -24.09 62.26 69.70
N LEU V 6 -24.50 61.00 69.83
CA LEU V 6 -25.90 60.65 69.68
C LEU V 6 -26.73 61.24 70.82
N ARG V 7 -28.01 61.43 70.54
CA ARG V 7 -28.96 61.88 71.53
C ARG V 7 -30.13 60.90 71.58
N GLU V 8 -30.72 60.77 72.76
CA GLU V 8 -31.91 59.96 72.94
C GLU V 8 -33.15 60.77 72.63
N TYR V 9 -34.06 60.18 71.87
CA TYR V 9 -35.32 60.81 71.52
C TYR V 9 -36.45 59.87 71.87
N LYS V 10 -37.42 60.38 72.62
CA LYS V 10 -38.70 59.71 72.78
C LYS V 10 -39.56 60.10 71.59
N VAL V 11 -39.91 59.12 70.76
CA VAL V 11 -40.70 59.35 69.56
C VAL V 11 -42.00 58.57 69.72
N VAL V 12 -43.12 59.28 69.66
CA VAL V 12 -44.44 58.69 69.78
C VAL V 12 -45.19 58.94 68.49
N GLY V 13 -45.74 57.88 67.90
CA GLY V 13 -46.47 57.98 66.67
C GLY V 13 -47.72 57.12 66.70
N ARG V 14 -48.46 57.15 65.60
CA ARG V 14 -49.68 56.36 65.47
C ARG V 14 -50.07 56.31 64.00
N CYS V 15 -51.06 55.48 63.69
CA CYS V 15 -51.65 55.52 62.36
C CYS V 15 -52.60 56.70 62.24
N LEU V 16 -52.88 57.08 61.00
CA LEU V 16 -53.90 58.07 60.77
C LEU V 16 -55.27 57.45 61.02
N PRO V 17 -56.19 58.18 61.65
CA PRO V 17 -57.53 57.64 61.88
C PRO V 17 -58.24 57.32 60.57
N THR V 18 -58.94 56.19 60.57
CA THR V 18 -59.62 55.66 59.39
C THR V 18 -60.99 55.20 59.82
N PRO V 19 -61.91 55.01 58.86
CA PRO V 19 -63.23 54.46 59.23
C PRO V 19 -63.19 52.96 59.50
N LYS V 20 -62.20 52.52 60.25
CA LYS V 20 -62.07 51.20 60.86
C LYS V 20 -61.72 51.30 62.32
N CYS V 21 -60.88 52.26 62.69
CA CYS V 21 -60.66 52.61 64.09
C CYS V 21 -60.47 54.11 64.16
N HIS V 22 -61.32 54.79 64.93
CA HIS V 22 -61.23 56.24 65.03
C HIS V 22 -60.07 56.69 65.91
N THR V 23 -59.66 55.85 66.87
CA THR V 23 -58.57 56.14 67.79
C THR V 23 -57.54 55.02 67.69
N PRO V 24 -56.65 55.07 66.71
CA PRO V 24 -55.63 54.04 66.62
C PRO V 24 -54.66 54.14 67.78
N PRO V 25 -54.01 53.04 68.15
CA PRO V 25 -53.11 53.07 69.32
C PRO V 25 -51.89 53.93 69.08
N LEU V 26 -51.35 54.46 70.17
CA LEU V 26 -50.13 55.23 70.15
C LEU V 26 -48.96 54.34 70.52
N TYR V 27 -47.85 54.49 69.81
CA TYR V 27 -46.66 53.68 70.04
C TYR V 27 -45.47 54.58 70.30
N ARG V 28 -44.66 54.19 71.27
CA ARG V 28 -43.54 54.98 71.74
C ARG V 28 -42.25 54.19 71.56
N MET V 29 -41.19 54.87 71.13
CA MET V 29 -39.88 54.24 71.07
C MET V 29 -38.80 55.20 71.54
N ARG V 30 -37.69 54.61 71.97
CA ARG V 30 -36.46 55.33 72.27
C ARG V 30 -35.53 55.18 71.08
N ILE V 31 -35.17 56.30 70.45
CA ILE V 31 -34.33 56.30 69.26
C ILE V 31 -33.07 57.09 69.57
N PHE V 32 -31.93 56.48 69.35
CA PHE V 32 -30.64 57.14 69.55
C PHE V 32 -30.14 57.63 68.19
N ALA V 33 -30.17 58.93 67.98
CA ALA V 33 -29.96 59.51 66.67
C ALA V 33 -29.15 60.79 66.80
N PRO V 34 -28.45 61.20 65.73
CA PRO V 34 -27.79 62.51 65.76
C PRO V 34 -28.73 63.68 65.92
N ASN V 35 -29.93 63.60 65.34
CA ASN V 35 -30.88 64.71 65.39
C ASN V 35 -32.29 64.16 65.20
N HIS V 36 -33.27 65.05 65.30
CA HIS V 36 -34.65 64.62 65.32
C HIS V 36 -35.14 64.16 63.95
N VAL V 37 -34.53 64.66 62.87
CA VAL V 37 -34.91 64.19 61.54
C VAL V 37 -34.55 62.72 61.39
N VAL V 38 -33.32 62.37 61.74
CA VAL V 38 -32.90 60.97 61.72
C VAL V 38 -33.70 60.16 62.72
N ALA V 39 -34.04 60.76 63.85
CA ALA V 39 -34.83 60.07 64.86
C ALA V 39 -36.19 59.65 64.30
N LYS V 40 -36.86 60.58 63.61
CA LYS V 40 -38.15 60.26 63.01
C LYS V 40 -38.01 59.21 61.91
N SER V 41 -36.96 59.31 61.10
CA SER V 41 -36.75 58.31 60.05
C SER V 41 -36.54 56.93 60.65
N ARG V 42 -35.72 56.82 61.70
CA ARG V 42 -35.50 55.53 62.33
C ARG V 42 -36.75 55.03 63.03
N PHE V 43 -37.55 55.93 63.60
CA PHE V 43 -38.81 55.51 64.20
C PHE V 43 -39.71 54.86 63.16
N TRP V 44 -39.81 55.48 61.99
CA TRP V 44 -40.65 54.89 60.95
C TRP V 44 -40.09 53.56 60.48
N TYR V 45 -38.76 53.45 60.38
CA TYR V 45 -38.15 52.18 60.00
C TYR V 45 -38.53 51.08 60.98
N PHE V 46 -38.41 51.36 62.28
CA PHE V 46 -38.66 50.32 63.28
C PHE V 46 -40.14 49.99 63.39
N VAL V 47 -41.02 50.97 63.34
CA VAL V 47 -42.44 50.64 63.45
C VAL V 47 -42.93 49.97 62.18
N SER V 48 -42.30 50.24 61.04
CA SER V 48 -42.63 49.49 59.84
C SER V 48 -42.21 48.04 59.98
N GLN V 49 -41.05 47.81 60.61
CA GLN V 49 -40.64 46.42 60.86
C GLN V 49 -41.59 45.72 61.82
N LEU V 50 -41.99 46.38 62.89
CA LEU V 50 -42.76 45.72 63.94
C LEU V 50 -44.24 45.65 63.62
N LYS V 51 -44.89 46.80 63.52
CA LYS V 51 -46.29 46.87 63.16
C LYS V 51 -46.40 47.05 61.64
N LYS V 52 -47.63 47.06 61.14
CA LYS V 52 -47.84 47.30 59.72
C LYS V 52 -48.18 48.77 59.50
N MET V 53 -47.16 49.60 59.65
CA MET V 53 -47.30 51.05 59.55
C MET V 53 -46.33 51.60 58.52
N LYS V 54 -46.71 52.76 57.97
CA LYS V 54 -45.88 53.49 57.04
C LYS V 54 -45.89 54.96 57.43
N LYS V 55 -44.88 55.68 56.97
CA LYS V 55 -44.82 57.11 57.21
C LYS V 55 -45.99 57.82 56.55
N SER V 56 -46.38 57.36 55.35
CA SER V 56 -47.50 57.97 54.65
C SER V 56 -48.83 57.64 55.30
N SER V 57 -48.98 56.43 55.81
CA SER V 57 -50.23 56.00 56.43
C SER V 57 -50.37 56.42 57.88
N GLY V 58 -49.31 56.93 58.49
CA GLY V 58 -49.37 57.33 59.88
C GLY V 58 -48.81 58.71 60.12
N GLU V 59 -48.70 59.09 61.38
CA GLU V 59 -48.13 60.38 61.75
C GLU V 59 -47.35 60.22 63.05
N ILE V 60 -46.47 61.19 63.30
CA ILE V 60 -45.70 61.23 64.53
C ILE V 60 -46.27 62.35 65.38
N VAL V 61 -46.79 61.99 66.56
CA VAL V 61 -47.42 62.98 67.42
C VAL V 61 -46.44 63.62 68.39
N TYR V 62 -45.28 63.01 68.63
CA TYR V 62 -44.30 63.60 69.52
C TYR V 62 -42.90 63.13 69.16
N CYS V 63 -41.94 64.03 69.27
CA CYS V 63 -40.53 63.66 69.12
C CYS V 63 -39.71 64.62 69.96
N GLY V 64 -39.31 64.20 71.14
CA GLY V 64 -38.62 65.07 72.07
C GLY V 64 -37.39 64.41 72.65
N GLN V 65 -36.35 65.21 72.86
CA GLN V 65 -35.11 64.68 73.41
C GLN V 65 -35.30 64.28 74.86
N VAL V 66 -34.74 63.14 75.24
CA VAL V 66 -34.79 62.63 76.60
C VAL V 66 -33.48 63.00 77.26
N PHE V 67 -33.53 63.98 78.16
CA PHE V 67 -32.34 64.36 78.92
C PHE V 67 -32.02 63.30 79.95
N GLU V 68 -30.73 63.09 80.20
CA GLU V 68 -30.33 62.13 81.21
C GLU V 68 -30.69 62.63 82.60
N LYS V 69 -31.33 61.78 83.39
CA LYS V 69 -31.85 62.20 84.68
C LYS V 69 -30.79 62.23 85.77
N SER V 70 -29.58 61.73 85.49
CA SER V 70 -28.47 61.82 86.43
C SER V 70 -27.16 61.80 85.66
N PRO V 71 -26.82 62.90 84.98
CA PRO V 71 -25.56 62.96 84.24
C PRO V 71 -24.34 63.17 85.11
N LEU V 72 -24.50 63.34 86.42
CA LEU V 72 -23.39 63.52 87.34
C LEU V 72 -23.03 62.24 88.07
N ARG V 73 -23.57 61.11 87.65
CA ARG V 73 -23.36 59.83 88.32
C ARG V 73 -22.83 58.82 87.32
N VAL V 74 -21.68 58.22 87.62
CA VAL V 74 -21.16 57.16 86.79
C VAL V 74 -22.04 55.93 86.94
N LYS V 75 -22.40 55.31 85.83
CA LYS V 75 -23.26 54.14 85.92
C LYS V 75 -22.96 53.17 84.79
N ASN V 76 -23.42 51.94 84.98
CA ASN V 76 -23.14 50.83 84.10
C ASN V 76 -24.34 50.63 83.18
N PHE V 77 -24.08 50.50 81.89
CA PHE V 77 -25.13 50.32 80.90
C PHE V 77 -24.94 48.99 80.20
N GLY V 78 -25.99 48.18 80.20
CA GLY V 78 -26.05 46.99 79.37
C GLY V 78 -26.89 47.30 78.15
N ILE V 79 -26.36 46.94 76.98
CA ILE V 79 -27.01 47.20 75.70
C ILE V 79 -27.19 45.88 74.99
N TRP V 80 -28.45 45.51 74.75
CA TRP V 80 -28.78 44.40 73.87
C TRP V 80 -29.01 44.95 72.47
N LEU V 81 -28.31 44.37 71.49
CA LEU V 81 -28.42 44.81 70.11
C LEU V 81 -28.38 43.59 69.20
N ARG V 82 -28.64 43.84 67.93
CA ARG V 82 -28.41 42.86 66.89
C ARG V 82 -27.77 43.57 65.72
N TYR V 83 -26.94 42.85 64.98
CA TYR V 83 -26.30 43.48 63.83
C TYR V 83 -26.09 42.43 62.76
N ASP V 84 -25.89 42.90 61.54
CA ASP V 84 -25.59 42.05 60.40
C ASP V 84 -24.09 42.05 60.17
N SER V 85 -23.47 40.89 60.30
CA SER V 85 -22.06 40.76 59.95
C SER V 85 -21.94 40.56 58.45
N ARG V 86 -20.75 40.22 57.97
CA ARG V 86 -20.60 39.95 56.55
C ARG V 86 -21.25 38.63 56.15
N SER V 87 -21.55 37.76 57.11
CA SER V 87 -22.08 36.45 56.78
C SER V 87 -23.18 36.01 57.74
N GLY V 88 -23.94 36.94 58.28
CA GLY V 88 -25.05 36.58 59.13
C GLY V 88 -25.44 37.71 60.07
N THR V 89 -26.47 37.43 60.86
CA THR V 89 -26.99 38.35 61.86
C THR V 89 -26.79 37.75 63.24
N HIS V 90 -26.35 38.58 64.18
CA HIS V 90 -26.04 38.11 65.53
C HIS V 90 -26.63 39.05 66.56
N ASN V 91 -27.02 38.48 67.69
CA ASN V 91 -27.45 39.22 68.87
C ASN V 91 -26.27 39.35 69.82
N MET V 92 -26.08 40.56 70.36
CA MET V 92 -24.99 40.85 71.26
C MET V 92 -25.51 41.54 72.50
N TYR V 93 -24.86 41.27 73.63
CA TYR V 93 -25.06 42.02 74.85
C TYR V 93 -23.71 42.62 75.24
N ARG V 94 -23.66 43.95 75.31
CA ARG V 94 -22.44 44.67 75.60
C ARG V 94 -22.62 45.52 76.85
N GLU V 95 -21.52 45.88 77.47
CA GLU V 95 -21.55 46.68 78.68
C GLU V 95 -20.60 47.86 78.56
N TYR V 96 -21.01 49.00 79.09
CA TYR V 96 -20.19 50.20 79.08
C TYR V 96 -20.39 50.94 80.39
N ARG V 97 -19.44 51.82 80.70
CA ARG V 97 -19.55 52.70 81.85
C ARG V 97 -19.61 54.12 81.34
N ASP V 98 -20.64 54.87 81.76
CA ASP V 98 -20.72 56.25 81.31
C ASP V 98 -21.65 57.03 82.23
N LEU V 99 -21.68 58.33 82.02
CA LEU V 99 -22.60 59.21 82.74
C LEU V 99 -23.97 59.26 82.06
N THR V 100 -24.00 59.21 80.74
CA THR V 100 -25.24 59.39 79.99
C THR V 100 -25.55 58.15 79.16
N THR V 101 -26.85 57.87 79.02
CA THR V 101 -27.31 56.77 78.19
C THR V 101 -26.90 56.98 76.73
N ALA V 102 -27.08 58.20 76.23
CA ALA V 102 -26.73 58.49 74.85
C ALA V 102 -25.23 58.35 74.63
N GLY V 103 -24.43 58.77 75.60
CA GLY V 103 -23.00 58.57 75.51
C GLY V 103 -22.62 57.10 75.50
N ALA V 104 -23.31 56.30 76.31
CA ALA V 104 -23.06 54.86 76.30
C ALA V 104 -23.39 54.24 74.95
N VAL V 105 -24.50 54.67 74.35
CA VAL V 105 -24.89 54.13 73.05
C VAL V 105 -23.89 54.57 71.97
N THR V 106 -23.39 55.81 72.07
CA THR V 106 -22.36 56.26 71.15
C THR V 106 -21.09 55.43 71.32
N GLN V 107 -20.70 55.15 72.56
CA GLN V 107 -19.60 54.25 72.83
C GLN V 107 -19.82 52.90 72.18
N CYS V 108 -21.06 52.40 72.26
CA CYS V 108 -21.38 51.12 71.67
C CYS V 108 -21.21 51.15 70.15
N TYR V 109 -21.67 52.21 69.51
CA TYR V 109 -21.53 52.32 68.07
C TYR V 109 -20.07 52.36 67.66
N ARG V 110 -19.26 53.17 68.35
CA ARG V 110 -17.83 53.22 68.05
C ARG V 110 -17.17 51.87 68.29
N ASP V 111 -17.53 51.19 69.37
CA ASP V 111 -16.91 49.92 69.70
C ASP V 111 -17.30 48.83 68.71
N MET V 112 -18.55 48.82 68.26
CA MET V 112 -18.95 47.87 67.24
C MET V 112 -18.21 48.13 65.93
N GLY V 113 -18.07 49.41 65.56
CA GLY V 113 -17.28 49.72 64.38
C GLY V 113 -15.84 49.30 64.50
N ALA V 114 -15.27 49.43 65.70
CA ALA V 114 -13.86 49.10 65.89
C ALA V 114 -13.63 47.60 65.91
N ARG V 115 -14.48 46.86 66.61
CA ARG V 115 -14.22 45.45 66.86
C ARG V 115 -14.83 44.53 65.82
N HIS V 116 -15.91 44.93 65.18
CA HIS V 116 -16.59 44.05 64.24
C HIS V 116 -16.80 44.68 62.88
N ARG V 117 -16.26 45.88 62.64
CA ARG V 117 -16.39 46.58 61.37
C ARG V 117 -17.86 46.77 61.00
N ALA V 118 -18.70 46.96 62.02
CA ALA V 118 -20.14 47.06 61.84
C ALA V 118 -20.52 48.52 61.67
N ARG V 119 -21.04 48.86 60.50
CA ARG V 119 -21.52 50.20 60.25
C ARG V 119 -22.86 50.43 60.94
N ALA V 120 -23.18 51.70 61.20
CA ALA V 120 -24.34 52.03 61.99
C ALA V 120 -25.66 51.62 61.35
N HIS V 121 -25.69 51.45 60.03
CA HIS V 121 -26.91 50.98 59.39
C HIS V 121 -27.14 49.50 59.63
N SER V 122 -26.10 48.76 60.00
CA SER V 122 -26.24 47.34 60.29
C SER V 122 -26.69 47.06 61.71
N ILE V 123 -26.62 48.05 62.59
CA ILE V 123 -26.80 47.85 64.02
C ILE V 123 -28.21 48.26 64.41
N GLN V 124 -28.89 47.40 65.16
CA GLN V 124 -30.21 47.67 65.71
C GLN V 124 -30.10 47.61 67.23
N ILE V 125 -30.16 48.76 67.88
CA ILE V 125 -30.13 48.81 69.34
C ILE V 125 -31.53 48.48 69.84
N MET V 126 -31.68 47.33 70.48
CA MET V 126 -33.00 46.89 70.89
C MET V 126 -33.28 47.05 72.37
N LYS V 127 -32.26 47.24 73.21
CA LYS V 127 -32.51 47.53 74.62
C LYS V 127 -31.30 48.20 75.23
N VAL V 128 -31.54 49.25 76.00
CA VAL V 128 -30.49 49.88 76.81
C VAL V 128 -31.01 49.96 78.24
N GLU V 129 -30.18 49.55 79.19
CA GLU V 129 -30.64 49.48 80.57
C GLU V 129 -29.48 49.76 81.51
N GLU V 130 -29.71 50.64 82.48
CA GLU V 130 -28.76 50.80 83.57
C GLU V 130 -28.80 49.57 84.46
N ILE V 131 -27.63 49.02 84.76
CA ILE V 131 -27.51 47.77 85.51
C ILE V 131 -26.68 48.03 86.75
N ALA V 132 -26.93 47.22 87.78
CA ALA V 132 -26.16 47.32 89.01
C ALA V 132 -24.76 46.77 88.79
N ALA V 133 -23.83 47.23 89.64
CA ALA V 133 -22.44 46.81 89.51
C ALA V 133 -22.25 45.32 89.81
N SER V 134 -23.19 44.70 90.53
CA SER V 134 -23.11 43.27 90.80
C SER V 134 -23.71 42.43 89.70
N LYS V 135 -24.45 43.03 88.77
CA LYS V 135 -25.05 42.30 87.65
C LYS V 135 -24.20 42.39 86.39
N CYS V 136 -23.06 43.06 86.44
CA CYS V 136 -22.22 43.19 85.26
C CYS V 136 -21.52 41.87 84.95
N ARG V 137 -21.31 41.63 83.66
CA ARG V 137 -20.70 40.39 83.19
C ARG V 137 -19.38 40.58 82.46
N ARG V 138 -19.04 41.81 82.07
CA ARG V 138 -17.82 42.04 81.32
C ARG V 138 -16.69 42.45 82.26
N PRO V 139 -15.58 41.72 82.29
CA PRO V 139 -14.51 42.06 83.23
C PRO V 139 -13.92 43.45 83.02
N ALA V 140 -13.91 43.95 81.79
CA ALA V 140 -13.39 45.30 81.54
C ALA V 140 -14.25 46.36 82.21
N VAL V 141 -15.52 46.06 82.45
CA VAL V 141 -16.38 46.96 83.19
C VAL V 141 -16.32 46.66 84.69
N LYS V 142 -16.20 45.38 85.06
CA LYS V 142 -16.21 45.01 86.47
C LYS V 142 -14.94 45.45 87.19
N GLN V 143 -13.82 45.58 86.46
CA GLN V 143 -12.57 45.94 87.12
C GLN V 143 -12.56 47.35 87.68
N PHE V 144 -13.51 48.19 87.27
CA PHE V 144 -13.63 49.53 87.81
C PHE V 144 -14.57 49.60 89.01
N HIS V 145 -15.10 48.46 89.45
CA HIS V 145 -15.90 48.40 90.66
C HIS V 145 -14.99 48.14 91.86
N ASP V 146 -14.24 49.18 92.20
CA ASP V 146 -13.33 49.17 93.33
C ASP V 146 -13.50 50.46 94.10
N SER V 147 -13.85 50.38 95.38
CA SER V 147 -13.99 51.57 96.19
C SER V 147 -12.65 52.24 96.46
N LYS V 148 -11.56 51.51 96.29
CA LYS V 148 -10.21 52.03 96.49
C LYS V 148 -9.40 51.90 95.21
N ILE V 149 -10.01 52.27 94.08
CA ILE V 149 -9.31 52.16 92.80
C ILE V 149 -8.14 53.11 92.77
N LYS V 150 -7.03 52.64 92.21
CA LYS V 150 -5.76 53.38 92.28
C LYS V 150 -4.87 52.87 91.16
N PHE V 151 -4.42 53.77 90.29
CA PHE V 151 -3.48 53.41 89.25
C PHE V 151 -2.71 54.66 88.84
N PRO V 152 -1.47 54.51 88.39
CA PRO V 152 -0.74 55.67 87.87
C PRO V 152 -0.98 55.88 86.38
N LEU V 153 -0.29 56.87 85.81
CA LEU V 153 -0.27 57.10 84.37
C LEU V 153 1.15 56.84 83.91
N PRO V 154 1.48 55.63 83.51
CA PRO V 154 2.89 55.21 83.43
C PRO V 154 3.75 55.92 82.40
N HIS V 155 3.36 55.88 81.14
CA HIS V 155 4.23 56.30 80.04
C HIS V 155 3.51 57.42 79.30
N ARG V 156 3.64 58.64 79.81
CA ARG V 156 2.89 59.77 79.29
C ARG V 156 3.58 60.30 78.04
N VAL V 157 2.98 60.04 76.88
CA VAL V 157 3.58 60.45 75.61
C VAL V 157 3.39 61.95 75.43
N LEU V 158 4.46 62.62 75.00
CA LEU V 158 4.36 64.02 74.64
C LEU V 158 3.38 64.21 73.51
N ARG V 159 2.42 65.12 73.70
CA ARG V 159 1.47 65.43 72.65
C ARG V 159 1.74 66.78 71.99
N ARG V 160 2.48 67.67 72.65
CA ARG V 160 2.88 68.95 72.07
C ARG V 160 4.20 68.79 71.32
N GLN V 161 4.18 67.91 70.31
CA GLN V 161 5.38 67.54 69.59
C GLN V 161 5.85 68.59 68.60
N HIS V 162 5.05 69.63 68.34
CA HIS V 162 5.41 70.65 67.38
C HIS V 162 5.47 72.04 68.00
N LYS V 163 5.32 72.15 69.32
CA LYS V 163 5.48 73.41 70.04
C LYS V 163 6.38 73.17 71.23
N PRO V 164 7.71 73.26 71.07
CA PRO V 164 8.46 73.58 69.86
C PRO V 164 8.70 72.40 68.95
N ARG V 165 8.94 72.65 67.66
CA ARG V 165 9.31 71.59 66.74
C ARG V 165 10.77 71.19 66.91
N PHE V 166 11.64 72.13 67.25
CA PHE V 166 13.06 71.87 67.47
C PHE V 166 13.44 72.34 68.86
N THR V 167 14.15 71.49 69.60
CA THR V 167 14.51 71.81 70.98
C THR V 167 15.80 71.09 71.34
N THR V 168 16.43 71.53 72.42
CA THR V 168 17.64 70.88 72.89
C THR V 168 17.36 69.72 73.83
N LYS V 169 16.28 69.78 74.59
CA LYS V 169 16.02 68.78 75.62
C LYS V 169 15.11 67.69 75.08
N ARG V 170 15.48 66.44 75.35
CA ARG V 170 14.62 65.33 75.01
C ARG V 170 13.49 65.21 76.03
N PRO V 171 12.29 64.86 75.59
CA PRO V 171 11.14 64.87 76.50
C PRO V 171 11.24 63.79 77.56
N ASN V 172 10.60 64.07 78.68
CA ASN V 172 10.46 63.13 79.78
C ASN V 172 9.07 62.51 79.75
N THR V 173 9.00 61.20 79.97
CA THR V 173 7.73 60.50 80.00
C THR V 173 7.30 60.10 81.41
N PHE V 174 8.12 60.36 82.42
CA PHE V 174 7.79 60.01 83.79
C PHE V 174 7.36 61.25 84.55
N PHE V 175 6.22 61.16 85.22
CA PHE V 175 5.66 62.30 85.93
C PHE V 175 5.06 61.87 87.26
N THR W 1 -35.82 39.78 13.44
CA THR W 1 -36.07 38.35 13.44
C THR W 1 -37.47 38.01 13.94
N ASN W 2 -38.19 39.01 14.43
CA ASN W 2 -39.56 38.81 14.85
C ASN W 2 -40.49 38.76 13.66
N THR W 3 -41.48 37.88 13.71
CA THR W 3 -42.45 37.84 12.64
C THR W 3 -43.35 39.06 12.72
N LYS W 4 -44.00 39.37 11.60
CA LYS W 4 -44.92 40.50 11.53
C LYS W 4 -46.37 40.06 11.58
N GLY W 5 -46.65 38.94 12.23
CA GLY W 5 -48.01 38.45 12.29
C GLY W 5 -48.92 39.37 13.06
N LYS W 6 -50.20 39.38 12.68
CA LYS W 6 -51.14 40.32 13.27
C LYS W 6 -51.41 40.00 14.73
N ARG W 7 -51.24 38.75 15.14
CA ARG W 7 -51.57 38.32 16.49
C ARG W 7 -50.38 37.72 17.21
N ARG W 8 -49.16 38.12 16.84
CA ARG W 8 -47.97 37.65 17.53
C ARG W 8 -47.88 38.30 18.91
N GLY W 9 -47.71 37.48 19.93
CA GLY W 9 -47.59 37.99 21.28
C GLY W 9 -48.91 38.24 21.99
N THR W 10 -50.03 37.88 21.38
CA THR W 10 -51.34 38.11 21.97
C THR W 10 -51.87 36.89 22.72
N ARG W 11 -50.98 35.97 23.08
CA ARG W 11 -51.39 34.69 23.67
C ARG W 11 -52.19 34.89 24.94
N TYR W 12 -51.75 35.79 25.81
CA TYR W 12 -52.52 36.13 26.99
C TYR W 12 -53.37 37.37 26.81
N MET W 13 -53.00 38.26 25.89
CA MET W 13 -53.74 39.49 25.69
C MET W 13 -55.16 39.20 25.22
N PHE W 14 -55.33 38.27 24.28
CA PHE W 14 -56.64 38.00 23.73
C PHE W 14 -57.31 36.78 24.35
N SER W 15 -56.67 36.14 25.31
CA SER W 15 -57.28 35.01 26.00
C SER W 15 -58.35 35.50 26.96
N ARG W 16 -59.32 34.63 27.23
CA ARG W 16 -60.37 34.96 28.17
C ARG W 16 -59.88 34.83 29.61
N PRO W 17 -60.47 35.58 30.53
CA PRO W 17 -60.15 35.40 31.94
C PRO W 17 -60.57 34.03 32.45
N PHE W 18 -60.04 33.67 33.61
CA PHE W 18 -60.31 32.35 34.16
C PHE W 18 -61.78 32.18 34.49
N ARG W 19 -62.35 31.07 34.04
CA ARG W 19 -63.75 30.72 34.27
C ARG W 19 -64.69 31.81 33.76
N LYS W 20 -64.33 32.42 32.64
CA LYS W 20 -65.17 33.41 31.98
C LYS W 20 -65.17 33.19 30.48
N HIS W 21 -65.20 31.93 30.06
CA HIS W 21 -65.27 31.57 28.66
C HIS W 21 -66.73 31.45 28.23
N GLY W 22 -66.94 31.12 26.96
CA GLY W 22 -68.26 30.78 26.48
C GLY W 22 -69.06 31.91 25.87
N VAL W 23 -70.35 31.94 26.19
CA VAL W 23 -71.26 32.90 25.58
C VAL W 23 -70.91 34.30 26.04
N VAL W 24 -70.91 35.24 25.11
CA VAL W 24 -70.71 36.65 25.44
C VAL W 24 -72.00 37.21 26.05
N PRO W 25 -71.94 37.78 27.24
CA PRO W 25 -73.16 38.37 27.84
C PRO W 25 -73.73 39.49 26.97
N LEU W 26 -75.05 39.57 26.93
CA LEU W 26 -75.73 40.39 25.93
C LEU W 26 -75.82 41.86 26.29
N ALA W 27 -75.55 42.26 27.54
CA ALA W 27 -75.55 43.69 27.84
C ALA W 27 -74.48 44.43 27.04
N THR W 28 -73.38 43.74 26.71
CA THR W 28 -72.34 44.34 25.89
C THR W 28 -72.89 44.73 24.52
N TYR W 29 -73.72 43.88 23.94
CA TYR W 29 -74.39 44.23 22.70
C TYR W 29 -75.46 45.29 22.92
N MET W 30 -76.08 45.29 24.10
CA MET W 30 -77.15 46.23 24.37
C MET W 30 -76.67 47.64 24.67
N ARG W 31 -75.37 47.84 24.87
CA ARG W 31 -74.85 49.19 25.11
C ARG W 31 -75.07 50.09 23.90
N ILE W 32 -75.24 51.38 24.16
CA ILE W 32 -75.50 52.38 23.13
C ILE W 32 -74.27 53.27 23.00
N TYR W 33 -73.76 53.40 21.78
CA TYR W 33 -72.59 54.23 21.51
C TYR W 33 -72.98 55.31 20.53
N LYS W 34 -72.88 56.56 20.95
CA LYS W 34 -73.11 57.71 20.09
C LYS W 34 -71.79 58.21 19.54
N LYS W 35 -71.89 59.09 18.54
CA LYS W 35 -70.70 59.76 18.04
C LYS W 35 -70.19 60.75 19.07
N GLY W 36 -68.88 60.74 19.27
CA GLY W 36 -68.24 61.68 20.16
C GLY W 36 -67.98 61.18 21.57
N ASP W 37 -68.53 60.02 21.94
CA ASP W 37 -68.29 59.52 23.28
C ASP W 37 -67.02 58.68 23.34
N ILE W 38 -66.51 58.52 24.56
CA ILE W 38 -65.18 58.00 24.80
C ILE W 38 -65.28 56.54 25.19
N VAL W 39 -64.53 55.68 24.50
CA VAL W 39 -64.59 54.25 24.72
C VAL W 39 -63.19 53.69 24.89
N ASP W 40 -63.10 52.63 25.68
CA ASP W 40 -61.85 51.90 25.89
C ASP W 40 -61.84 50.66 25.01
N ILE W 41 -60.76 50.45 24.29
CA ILE W 41 -60.61 49.30 23.41
C ILE W 41 -59.95 48.19 24.20
N LYS W 42 -60.61 47.04 24.30
CA LYS W 42 -60.03 45.89 24.98
C LYS W 42 -59.72 44.75 24.03
N GLY W 43 -60.70 44.20 23.33
CA GLY W 43 -60.36 43.16 22.38
C GLY W 43 -60.45 41.73 22.89
N MET W 44 -61.64 41.30 23.30
CA MET W 44 -61.82 39.92 23.72
C MET W 44 -61.63 38.97 22.54
N GLY W 45 -61.20 37.75 22.85
CA GLY W 45 -60.81 36.80 21.83
C GLY W 45 -61.86 35.80 21.42
N THR W 46 -63.00 35.79 22.11
CA THR W 46 -64.10 34.92 21.72
C THR W 46 -64.64 35.31 20.35
N VAL W 47 -64.71 36.61 20.07
CA VAL W 47 -65.16 37.12 18.78
C VAL W 47 -63.93 37.46 17.96
N GLN W 48 -63.76 36.78 16.83
CA GLN W 48 -62.59 36.97 15.99
C GLN W 48 -62.80 38.00 14.89
N LYS W 49 -64.03 38.43 14.66
CA LYS W 49 -64.30 39.43 13.65
C LYS W 49 -64.25 40.82 14.27
N GLY W 50 -63.78 41.78 13.47
CA GLY W 50 -63.70 43.15 13.95
C GLY W 50 -62.72 43.36 15.07
N MET W 51 -61.75 42.46 15.22
CA MET W 51 -60.80 42.56 16.32
C MET W 51 -59.87 43.76 16.12
N PRO W 52 -59.61 44.52 17.16
CA PRO W 52 -58.58 45.55 17.07
C PRO W 52 -57.19 44.92 17.05
N HIS W 53 -56.24 45.67 16.50
CA HIS W 53 -54.86 45.23 16.56
C HIS W 53 -54.34 45.33 17.98
N LYS W 54 -53.28 44.57 18.26
CA LYS W 54 -52.74 44.49 19.61
C LYS W 54 -52.21 45.82 20.12
N CYS W 55 -51.88 46.75 19.23
CA CYS W 55 -51.39 48.05 19.66
C CYS W 55 -52.50 48.96 20.17
N TYR W 56 -53.76 48.63 19.93
CA TYR W 56 -54.88 49.43 20.44
C TYR W 56 -55.52 48.84 21.67
N HIS W 57 -55.17 47.61 22.03
CA HIS W 57 -55.65 47.03 23.28
C HIS W 57 -55.14 47.87 24.44
N GLY W 58 -56.05 48.27 25.31
CA GLY W 58 -55.71 49.13 26.42
C GLY W 58 -55.73 50.61 26.12
N LYS W 59 -55.99 51.00 24.88
CA LYS W 59 -56.06 52.41 24.54
C LYS W 59 -57.50 52.91 24.64
N THR W 60 -57.65 54.22 24.54
CA THR W 60 -58.94 54.87 24.68
C THR W 60 -59.10 55.88 23.55
N GLY W 61 -60.29 55.92 22.95
CA GLY W 61 -60.54 56.78 21.82
C GLY W 61 -61.93 57.37 21.85
N ARG W 62 -62.25 58.11 20.80
CA ARG W 62 -63.53 58.78 20.65
C ARG W 62 -64.26 58.23 19.45
N VAL W 63 -65.53 57.91 19.62
CA VAL W 63 -66.34 57.32 18.55
C VAL W 63 -66.71 58.41 17.55
N TYR W 64 -66.44 58.17 16.28
CA TYR W 64 -66.82 59.09 15.22
C TYR W 64 -67.82 58.51 14.24
N ASN W 65 -68.00 57.19 14.20
CA ASN W 65 -68.87 56.57 13.22
C ASN W 65 -69.48 55.32 13.83
N VAL W 66 -70.78 55.12 13.59
CA VAL W 66 -71.52 53.99 14.13
C VAL W 66 -72.14 53.22 12.97
N THR W 67 -71.92 51.91 12.95
CA THR W 67 -72.48 51.00 11.96
C THR W 67 -73.37 49.98 12.67
N GLN W 68 -73.79 48.95 11.93
CA GLN W 68 -74.69 47.96 12.50
C GLN W 68 -74.04 47.18 13.65
N HIS W 69 -72.78 46.79 13.50
CA HIS W 69 -72.12 45.96 14.50
C HIS W 69 -70.87 46.56 15.09
N ALA W 70 -70.29 47.59 14.48
CA ALA W 70 -69.03 48.13 14.91
C ALA W 70 -69.15 49.63 15.10
N VAL W 71 -68.06 50.25 15.55
CA VAL W 71 -67.93 51.69 15.62
C VAL W 71 -66.59 52.08 15.02
N GLY W 72 -66.51 53.34 14.58
CA GLY W 72 -65.26 53.93 14.17
C GLY W 72 -64.71 54.79 15.30
N ILE W 73 -63.46 54.53 15.66
CA ILE W 73 -62.83 55.15 16.82
C ILE W 73 -61.60 55.90 16.35
N VAL W 74 -61.47 57.15 16.79
CA VAL W 74 -60.25 57.93 16.61
C VAL W 74 -59.40 57.75 17.86
N VAL W 75 -58.30 57.03 17.73
CA VAL W 75 -57.44 56.69 18.86
C VAL W 75 -56.02 57.11 18.54
N ASN W 76 -55.35 57.71 19.51
CA ASN W 76 -53.97 58.17 19.32
C ASN W 76 -53.02 56.97 19.35
N LYS W 77 -52.09 56.93 18.41
CA LYS W 77 -51.05 55.92 18.38
C LYS W 77 -49.71 56.62 18.24
N GLN W 78 -48.75 56.24 19.06
CA GLN W 78 -47.41 56.84 18.99
C GLN W 78 -46.53 55.98 18.11
N VAL W 79 -45.96 56.60 17.08
CA VAL W 79 -45.09 55.92 16.12
C VAL W 79 -43.78 56.71 16.07
N LYS W 80 -42.71 56.12 16.60
CA LYS W 80 -41.40 56.75 16.71
C LYS W 80 -41.58 58.05 17.49
N GLY W 81 -41.27 59.21 16.91
CA GLY W 81 -41.35 60.46 17.64
C GLY W 81 -42.54 61.30 17.29
N LYS W 82 -43.62 60.68 16.84
CA LYS W 82 -44.84 61.39 16.50
C LYS W 82 -46.03 60.58 16.95
N ILE W 83 -47.11 61.28 17.27
CA ILE W 83 -48.38 60.68 17.63
C ILE W 83 -49.38 61.04 16.55
N LEU W 84 -50.05 60.03 16.01
CA LEU W 84 -51.03 60.26 14.97
C LEU W 84 -52.35 59.62 15.36
N ALA W 85 -53.44 60.27 14.95
CA ALA W 85 -54.78 59.86 15.34
C ALA W 85 -55.31 58.85 14.33
N LYS W 86 -55.14 57.57 14.64
CA LYS W 86 -55.61 56.51 13.77
C LYS W 86 -57.12 56.35 13.89
N ARG W 87 -57.74 55.92 12.79
CA ARG W 87 -59.16 55.62 12.76
C ARG W 87 -59.31 54.12 12.57
N ILE W 88 -59.98 53.46 13.51
CA ILE W 88 -60.12 52.01 13.46
C ILE W 88 -61.58 51.63 13.57
N ASN W 89 -61.96 50.59 12.84
CA ASN W 89 -63.29 50.00 12.93
C ASN W 89 -63.23 48.82 13.88
N VAL W 90 -63.99 48.88 14.97
CA VAL W 90 -63.93 47.85 16.00
C VAL W 90 -65.36 47.44 16.34
N ARG W 91 -65.61 46.14 16.32
CA ARG W 91 -66.91 45.63 16.72
C ARG W 91 -67.15 45.88 18.21
N ILE W 92 -68.41 46.06 18.56
CA ILE W 92 -68.77 46.53 19.90
C ILE W 92 -68.44 45.54 21.01
N GLU W 93 -68.09 44.31 20.67
CA GLU W 93 -67.67 43.36 21.69
C GLU W 93 -66.37 43.79 22.35
N HIS W 94 -65.51 44.47 21.59
CA HIS W 94 -64.17 44.79 22.03
C HIS W 94 -64.04 46.16 22.66
N ILE W 95 -65.16 46.86 22.90
CA ILE W 95 -65.11 48.20 23.47
C ILE W 95 -66.07 48.27 24.65
N LYS W 96 -65.87 49.31 25.47
CA LYS W 96 -66.78 49.65 26.55
C LYS W 96 -66.64 51.12 26.84
N HIS W 97 -67.64 51.69 27.51
CA HIS W 97 -67.66 53.11 27.79
C HIS W 97 -66.57 53.47 28.80
N SER W 98 -66.19 54.75 28.80
CA SER W 98 -65.11 55.24 29.64
C SER W 98 -65.69 55.91 30.89
N LYS W 99 -65.49 55.29 32.04
CA LYS W 99 -65.99 55.84 33.28
C LYS W 99 -65.31 57.14 33.65
N SER W 100 -64.11 57.40 33.13
CA SER W 100 -63.50 58.70 33.34
C SER W 100 -64.34 59.82 32.74
N ARG W 101 -64.76 59.64 31.49
CA ARG W 101 -65.68 60.59 30.87
C ARG W 101 -67.00 60.66 31.61
N ASP W 102 -67.52 59.50 32.03
CA ASP W 102 -68.79 59.51 32.77
C ASP W 102 -68.70 60.34 34.04
N SER W 103 -67.63 60.14 34.81
CA SER W 103 -67.45 60.89 36.04
C SER W 103 -67.23 62.38 35.77
N PHE W 104 -66.53 62.70 34.67
CA PHE W 104 -66.32 64.11 34.37
C PHE W 104 -67.63 64.81 34.02
N LEU W 105 -68.48 64.17 33.22
CA LEU W 105 -69.77 64.79 32.92
C LEU W 105 -70.64 64.90 34.16
N LYS W 106 -70.58 63.90 35.05
CA LYS W 106 -71.30 64.01 36.30
C LYS W 106 -70.80 65.21 37.11
N ARG W 107 -69.49 65.41 37.15
CA ARG W 107 -68.93 66.53 37.91
C ARG W 107 -69.32 67.86 37.28
N VAL W 108 -69.35 67.94 35.95
CA VAL W 108 -69.77 69.18 35.28
C VAL W 108 -71.22 69.51 35.63
N LYS W 109 -72.10 68.50 35.56
CA LYS W 109 -73.49 68.74 35.88
C LYS W 109 -73.65 69.17 37.34
N GLU W 110 -72.91 68.54 38.24
CA GLU W 110 -73.01 68.87 39.65
C GLU W 110 -72.45 70.26 39.93
N ASN W 111 -71.39 70.65 39.22
CA ASN W 111 -70.85 71.99 39.36
C ASN W 111 -71.83 73.05 38.86
N ASP W 112 -72.50 72.78 37.73
CA ASP W 112 -73.48 73.72 37.24
C ASP W 112 -74.65 73.85 38.20
N GLN W 113 -75.07 72.74 38.80
CA GLN W 113 -76.09 72.80 39.83
C GLN W 113 -75.63 73.64 41.02
N LYS W 114 -74.40 73.45 41.46
CA LYS W 114 -73.88 74.25 42.58
C LYS W 114 -73.80 75.72 42.23
N LYS W 115 -73.39 76.04 41.00
CA LYS W 115 -73.33 77.44 40.58
C LYS W 115 -74.72 78.07 40.62
N LYS W 116 -75.72 77.39 40.08
CA LYS W 116 -77.08 77.93 40.09
C LYS W 116 -77.58 78.10 41.53
N GLU W 117 -77.38 77.08 42.37
CA GLU W 117 -77.86 77.14 43.74
C GLU W 117 -77.15 78.24 44.52
N ALA W 118 -75.84 78.39 44.32
CA ALA W 118 -75.08 79.38 45.07
C ALA W 118 -75.37 80.80 44.59
N LYS W 119 -75.64 80.99 43.31
CA LYS W 119 -76.10 82.30 42.86
C LYS W 119 -77.48 82.60 43.42
N GLU W 120 -78.33 81.58 43.60
CA GLU W 120 -79.62 81.80 44.23
C GLU W 120 -79.48 82.21 45.68
N LYS W 121 -78.59 81.55 46.43
CA LYS W 121 -78.49 81.76 47.88
C LYS W 121 -77.34 82.69 48.26
N GLY W 122 -76.71 83.35 47.30
CA GLY W 122 -75.71 84.37 47.62
C GLY W 122 -74.29 83.95 47.95
N THR W 123 -74.13 82.96 48.84
CA THR W 123 -72.82 82.66 49.39
C THR W 123 -71.95 81.93 48.36
N TRP W 124 -70.71 82.39 48.23
CA TRP W 124 -69.76 81.81 47.28
C TRP W 124 -69.27 80.45 47.75
N VAL W 125 -69.07 79.54 46.81
CA VAL W 125 -68.67 78.17 47.12
C VAL W 125 -67.53 77.77 46.19
N GLN W 126 -66.70 76.83 46.65
CA GLN W 126 -65.52 76.38 45.91
C GLN W 126 -65.89 75.24 44.98
N LEU W 127 -65.44 75.34 43.73
CA LEU W 127 -65.68 74.32 42.72
C LEU W 127 -64.41 73.67 42.18
N LYS W 128 -63.33 74.43 42.06
CA LYS W 128 -62.06 73.84 41.64
C LYS W 128 -61.58 72.89 42.73
N ARG W 129 -61.36 71.63 42.36
CA ARG W 129 -60.91 70.65 43.33
C ARG W 129 -59.42 70.84 43.59
N GLN W 130 -59.06 70.79 44.82
CA GLN W 130 -57.70 71.06 45.25
C GLN W 130 -56.95 69.75 45.48
N PRO W 131 -55.62 69.77 45.36
CA PRO W 131 -54.83 68.62 45.79
C PRO W 131 -54.91 68.47 47.31
N ALA W 132 -54.44 67.33 47.78
CA ALA W 132 -54.54 67.03 49.20
C ALA W 132 -53.72 68.03 50.01
N PRO W 133 -54.34 68.80 50.89
CA PRO W 133 -53.62 69.82 51.62
C PRO W 133 -52.81 69.21 52.75
N PRO W 134 -51.83 69.94 53.30
CA PRO W 134 -51.17 69.47 54.52
C PRO W 134 -52.15 69.33 55.67
N ARG W 135 -51.89 68.35 56.52
CA ARG W 135 -52.78 68.08 57.64
C ARG W 135 -52.79 69.25 58.62
N GLU W 136 -53.98 69.62 59.08
CA GLU W 136 -54.11 70.70 60.04
C GLU W 136 -53.72 70.23 61.44
N ALA W 137 -53.52 71.20 62.32
CA ALA W 137 -53.16 70.90 63.70
C ALA W 137 -54.32 70.25 64.44
N HIS W 138 -54.00 69.27 65.27
CA HIS W 138 -55.03 68.58 66.04
C HIS W 138 -54.41 68.03 67.32
N PHE W 139 -55.29 67.69 68.26
CA PHE W 139 -54.89 67.14 69.54
C PHE W 139 -55.10 65.64 69.56
N VAL W 140 -54.12 64.90 70.07
CA VAL W 140 -54.22 63.45 70.19
C VAL W 140 -54.29 63.13 71.68
N ARG W 141 -55.43 62.62 72.11
CA ARG W 141 -55.63 62.27 73.51
C ARG W 141 -55.02 60.90 73.80
N THR W 142 -54.45 60.76 74.99
CA THR W 142 -53.94 59.47 75.43
C THR W 142 -54.99 58.66 76.18
N ASN W 143 -56.06 59.32 76.64
CA ASN W 143 -57.15 58.67 77.37
C ASN W 143 -56.62 57.96 78.62
N GLY W 144 -55.63 58.55 79.27
CA GLY W 144 -55.07 57.97 80.46
C GLY W 144 -54.31 56.68 80.26
N LYS W 145 -53.88 56.40 79.02
CA LYS W 145 -53.15 55.20 78.69
C LYS W 145 -51.75 55.57 78.22
N GLU W 146 -50.75 54.93 78.77
CA GLU W 146 -49.39 55.16 78.31
C GLU W 146 -49.18 54.44 76.99
N PRO W 147 -48.68 55.12 75.96
CA PRO W 147 -48.43 54.45 74.68
C PRO W 147 -47.45 53.29 74.83
N GLU W 148 -47.71 52.22 74.08
CA GLU W 148 -46.89 51.02 74.21
C GLU W 148 -45.47 51.26 73.72
N LEU W 149 -44.50 50.76 74.48
CA LEU W 149 -43.11 50.86 74.08
C LEU W 149 -42.77 49.72 73.13
N LEU W 150 -42.22 50.05 71.98
CA LEU W 150 -41.84 49.07 70.98
C LEU W 150 -40.32 48.95 70.93
N GLU W 151 -39.84 47.71 70.87
CA GLU W 151 -38.43 47.45 70.68
C GLU W 151 -38.25 46.42 69.57
N PRO W 152 -37.19 46.55 68.78
CA PRO W 152 -36.91 45.51 67.78
C PRO W 152 -36.66 44.16 68.44
N ILE W 153 -37.12 43.11 67.78
CA ILE W 153 -37.03 41.75 68.30
C ILE W 153 -35.64 41.19 68.04
N PRO W 154 -35.16 40.27 68.87
CA PRO W 154 -33.88 39.61 68.59
C PRO W 154 -33.97 38.74 67.36
N TYR W 155 -32.84 38.55 66.71
CA TYR W 155 -32.77 37.73 65.51
C TYR W 155 -32.79 36.25 65.87
N GLU W 156 -33.47 35.45 65.05
CA GLU W 156 -33.35 34.01 65.12
C GLU W 156 -33.64 33.43 63.74
N PHE W 157 -32.93 32.38 63.39
CA PHE W 157 -33.16 31.72 62.11
C PHE W 157 -34.38 30.81 62.22
N MET W 158 -35.33 30.97 61.30
CA MET W 158 -36.59 30.25 61.37
C MET W 158 -36.60 29.04 60.45
N ALA W 159 -36.38 29.25 59.15
CA ALA W 159 -36.42 28.16 58.18
C ALA W 159 -35.59 28.49 56.95
N GLN X 1 96.94 27.46 -49.51
CA GLN X 1 96.90 26.74 -48.25
C GLN X 1 97.61 27.51 -47.14
N VAL X 2 97.76 28.82 -47.35
CA VAL X 2 98.40 29.72 -46.39
C VAL X 2 97.39 30.79 -46.01
N LEU X 3 97.20 30.99 -44.71
CA LEU X 3 96.17 31.91 -44.23
C LEU X 3 96.67 33.34 -44.12
N LYS X 4 97.72 33.57 -43.33
CA LYS X 4 98.43 34.85 -43.25
C LYS X 4 97.49 35.99 -42.84
N PHE X 5 97.06 35.94 -41.59
CA PHE X 5 96.35 37.06 -41.00
C PHE X 5 97.33 38.01 -40.32
N THR X 6 96.87 39.24 -40.07
CA THR X 6 97.72 40.29 -39.54
C THR X 6 96.96 41.08 -38.48
N LEU X 7 97.69 41.53 -37.47
CA LEU X 7 97.16 42.42 -36.44
C LEU X 7 97.99 43.70 -36.44
N ASP X 8 97.31 44.85 -36.43
CA ASP X 8 97.97 46.15 -36.49
C ASP X 8 97.84 46.81 -35.14
N CYS X 9 98.96 46.85 -34.41
CA CYS X 9 99.10 47.52 -33.12
C CYS X 9 100.05 48.69 -33.38
N THR X 10 99.48 49.82 -33.80
CA THR X 10 100.29 50.99 -34.12
C THR X 10 99.95 52.18 -33.23
N HIS X 11 98.68 52.57 -33.19
CA HIS X 11 98.27 53.69 -32.33
C HIS X 11 98.55 53.45 -30.85
N PRO X 12 98.20 52.31 -30.24
CA PRO X 12 98.52 52.16 -28.82
C PRO X 12 100.00 52.03 -28.54
N VAL X 13 100.79 51.50 -29.47
CA VAL X 13 102.22 51.40 -29.17
C VAL X 13 102.90 52.75 -29.38
N GLU X 14 102.38 53.61 -30.25
CA GLU X 14 102.95 54.96 -30.34
C GLU X 14 102.43 55.87 -29.25
N ASP X 15 101.31 55.52 -28.60
CA ASP X 15 100.89 56.23 -27.41
C ASP X 15 101.42 55.60 -26.13
N GLY X 16 102.07 54.46 -26.21
CA GLY X 16 102.74 53.88 -25.07
C GLY X 16 101.85 53.23 -24.03
N ILE X 17 100.63 52.85 -24.39
CA ILE X 17 99.76 52.17 -23.43
C ILE X 17 99.87 50.65 -23.50
N MET X 18 100.43 50.11 -24.57
CA MET X 18 100.72 48.68 -24.66
C MET X 18 101.83 48.48 -25.66
N ASP X 19 102.46 47.31 -25.59
CA ASP X 19 103.59 47.00 -26.45
C ASP X 19 103.38 45.70 -27.22
N ALA X 20 103.77 45.76 -28.50
CA ALA X 20 103.61 44.60 -29.38
C ALA X 20 104.48 43.44 -28.94
N ALA X 21 105.58 43.71 -28.25
CA ALA X 21 106.41 42.62 -27.74
C ALA X 21 105.63 41.75 -26.75
N ASN X 22 104.98 42.38 -25.77
CA ASN X 22 104.20 41.62 -24.81
C ASN X 22 102.93 41.06 -25.45
N PHE X 23 102.35 41.75 -26.44
CA PHE X 23 101.20 41.17 -27.12
C PHE X 23 101.58 39.88 -27.85
N GLU X 24 102.71 39.90 -28.56
CA GLU X 24 103.21 38.68 -29.20
C GLU X 24 103.48 37.61 -28.16
N GLN X 25 104.14 37.99 -27.06
CA GLN X 25 104.45 37.02 -26.01
C GLN X 25 103.19 36.45 -25.38
N PHE X 26 102.09 37.18 -25.43
CA PHE X 26 100.80 36.67 -24.98
C PHE X 26 100.20 35.71 -26.01
N LEU X 27 100.43 35.95 -27.30
CA LEU X 27 99.71 35.20 -28.33
C LEU X 27 100.08 33.71 -28.35
N GLN X 28 101.38 33.38 -28.24
CA GLN X 28 101.80 32.06 -28.70
C GLN X 28 101.30 30.95 -27.77
N GLU X 29 101.23 31.20 -26.47
CA GLU X 29 100.74 30.17 -25.57
C GLU X 29 99.22 30.15 -25.48
N ARG X 30 98.53 31.18 -25.98
CA ARG X 30 97.08 31.19 -25.98
C ARG X 30 96.48 30.68 -27.27
N ILE X 31 97.21 30.72 -28.37
CA ILE X 31 96.69 30.18 -29.63
C ILE X 31 96.60 28.65 -29.51
N LYS X 32 95.41 28.12 -29.77
CA LYS X 32 95.16 26.69 -29.73
C LYS X 32 95.14 26.14 -31.15
N VAL X 33 95.81 25.01 -31.35
CA VAL X 33 95.74 24.27 -32.59
C VAL X 33 95.21 22.88 -32.27
N ASN X 34 94.07 22.53 -32.86
CA ASN X 34 93.38 21.27 -32.59
C ASN X 34 93.07 21.11 -31.10
N GLY X 35 92.67 22.21 -30.46
CA GLY X 35 92.24 22.17 -29.08
C GLY X 35 93.34 22.23 -28.05
N LYS X 36 94.60 22.24 -28.46
CA LYS X 36 95.72 22.27 -27.53
C LYS X 36 96.45 23.61 -27.64
N ALA X 37 96.51 24.33 -26.53
CA ALA X 37 97.30 25.54 -26.48
C ALA X 37 98.76 25.21 -26.24
N GLY X 38 99.63 26.16 -26.54
CA GLY X 38 101.05 25.89 -26.44
C GLY X 38 101.61 25.32 -27.73
N ASN X 39 102.91 25.54 -27.92
CA ASN X 39 103.80 25.01 -28.95
C ASN X 39 103.26 25.13 -30.37
N LEU X 40 102.22 25.94 -30.55
CA LEU X 40 101.68 26.30 -31.87
C LEU X 40 101.37 25.07 -32.72
N GLY X 41 100.83 24.04 -32.06
CA GLY X 41 100.51 22.80 -32.74
C GLY X 41 101.72 22.11 -33.35
N GLY X 42 102.83 22.10 -32.64
CA GLY X 42 104.06 21.60 -33.21
C GLY X 42 104.70 22.55 -34.19
N GLY X 43 104.44 23.86 -34.04
CA GLY X 43 105.00 24.84 -34.94
C GLY X 43 104.27 24.98 -36.27
N VAL X 44 103.06 24.42 -36.38
CA VAL X 44 102.36 24.52 -37.67
C VAL X 44 101.91 25.95 -37.92
N VAL X 45 101.52 26.67 -36.88
CA VAL X 45 101.14 28.07 -36.99
C VAL X 45 102.32 28.92 -36.56
N THR X 46 102.81 29.77 -37.45
CA THR X 46 103.95 30.61 -37.13
C THR X 46 103.50 32.04 -36.86
N ILE X 47 104.29 32.74 -36.05
CA ILE X 47 103.97 34.08 -35.58
C ILE X 47 105.23 34.93 -35.70
N GLU X 48 105.09 36.14 -36.25
CA GLU X 48 106.24 37.04 -36.29
C GLU X 48 105.76 38.48 -36.26
N ARG X 49 106.72 39.40 -36.14
CA ARG X 49 106.42 40.78 -35.83
C ARG X 49 107.29 41.71 -36.67
N SER X 50 106.74 42.87 -37.01
CA SER X 50 107.48 43.96 -37.64
C SER X 50 107.57 45.16 -36.70
N LYS X 51 107.53 44.90 -35.39
CA LYS X 51 107.65 45.85 -34.29
C LYS X 51 106.41 46.72 -34.14
N SER X 52 105.52 46.68 -35.12
CA SER X 52 104.16 47.18 -34.96
C SER X 52 103.11 46.28 -35.59
N LYS X 53 103.46 45.48 -36.59
CA LYS X 53 102.54 44.58 -37.27
C LYS X 53 102.87 43.17 -36.85
N ILE X 54 101.87 42.41 -36.43
CA ILE X 54 102.06 41.09 -35.88
C ILE X 54 101.28 40.12 -36.75
N THR X 55 101.99 39.30 -37.53
CA THR X 55 101.34 38.44 -38.51
C THR X 55 101.42 36.98 -38.09
N VAL X 56 100.30 36.29 -38.31
CA VAL X 56 100.13 34.89 -37.97
C VAL X 56 99.89 34.14 -39.27
N THR X 57 100.77 33.20 -39.60
CA THR X 57 100.66 32.44 -40.83
C THR X 57 100.38 30.98 -40.49
N SER X 58 99.34 30.42 -41.11
CA SER X 58 98.89 29.08 -40.80
C SER X 58 98.70 28.27 -42.07
N GLU X 59 99.07 27.00 -42.01
CA GLU X 59 98.82 26.05 -43.08
C GLU X 59 97.67 25.10 -42.77
N VAL X 60 96.91 25.37 -41.72
CA VAL X 60 95.73 24.57 -41.38
C VAL X 60 94.53 25.51 -41.35
N PRO X 61 93.31 24.98 -41.54
CA PRO X 61 92.11 25.82 -41.47
C PRO X 61 92.01 26.59 -40.17
N PHE X 62 92.07 27.92 -40.26
CA PHE X 62 92.27 28.77 -39.11
C PHE X 62 91.42 30.03 -39.25
N SER X 63 90.96 30.56 -38.13
CA SER X 63 89.94 31.61 -38.12
C SER X 63 90.52 32.95 -37.72
N LYS X 64 90.13 34.00 -38.46
CA LYS X 64 90.51 35.37 -38.13
C LYS X 64 89.76 35.87 -36.90
N ARG X 65 88.51 35.46 -36.74
CA ARG X 65 87.79 35.82 -35.53
C ARG X 65 88.43 35.25 -34.28
N TYR X 66 89.24 34.21 -34.41
CA TYR X 66 90.01 33.72 -33.28
C TYR X 66 91.05 34.73 -32.86
N LEU X 67 91.70 35.38 -33.84
CA LEU X 67 92.61 36.47 -33.53
C LEU X 67 91.89 37.60 -32.84
N LYS X 68 90.69 37.92 -33.32
CA LYS X 68 89.92 38.99 -32.68
C LYS X 68 89.56 38.63 -31.25
N TYR X 69 89.17 37.37 -31.03
CA TYR X 69 88.80 36.91 -29.69
C TYR X 69 90.00 36.98 -28.74
N LEU X 70 91.16 36.50 -29.19
CA LEU X 70 92.35 36.54 -28.36
C LEU X 70 92.81 37.96 -28.10
N THR X 71 92.71 38.84 -29.10
CA THR X 71 93.09 40.24 -28.90
C THR X 71 92.18 40.91 -27.89
N LYS X 72 90.87 40.66 -27.98
CA LYS X 72 89.95 41.21 -27.00
C LYS X 72 90.26 40.68 -25.61
N LYS X 73 90.66 39.41 -25.52
CA LYS X 73 91.06 38.84 -24.24
C LYS X 73 92.28 39.57 -23.68
N TYR X 74 93.27 39.85 -24.53
CA TYR X 74 94.45 40.59 -24.08
C TYR X 74 94.08 41.98 -23.58
N LEU X 75 93.24 42.68 -24.34
CA LEU X 75 92.82 44.02 -23.95
C LEU X 75 92.05 44.01 -22.64
N LYS X 76 91.20 43.00 -22.42
CA LYS X 76 90.52 42.89 -21.15
C LYS X 76 91.50 42.63 -20.02
N LYS X 77 92.51 41.80 -20.28
CA LYS X 77 93.52 41.52 -19.27
C LYS X 77 94.28 42.78 -18.88
N ASN X 78 94.55 43.63 -19.86
CA ASN X 78 95.34 44.85 -19.64
C ASN X 78 94.48 46.09 -19.44
N ASN X 79 93.17 45.93 -19.26
CA ASN X 79 92.25 47.03 -18.98
C ASN X 79 92.22 48.06 -20.10
N LEU X 80 92.47 47.62 -21.33
CA LEU X 80 92.44 48.50 -22.49
C LEU X 80 91.11 48.45 -23.23
N ARG X 81 90.16 47.66 -22.75
CA ARG X 81 88.93 47.44 -23.49
C ARG X 81 88.07 48.69 -23.56
N ASP X 82 88.15 49.55 -22.55
CA ASP X 82 87.35 50.76 -22.55
C ASP X 82 87.96 51.88 -23.38
N TRP X 83 89.18 51.71 -23.89
CA TRP X 83 89.80 52.69 -24.76
C TRP X 83 90.02 52.19 -26.18
N LEU X 84 90.39 50.93 -26.35
CA LEU X 84 90.78 50.40 -27.64
C LEU X 84 89.67 49.51 -28.19
N ARG X 85 89.79 49.21 -29.49
CA ARG X 85 88.74 48.50 -30.19
C ARG X 85 89.33 47.85 -31.43
N VAL X 86 89.05 46.57 -31.63
CA VAL X 86 89.58 45.81 -32.74
C VAL X 86 88.62 45.94 -33.92
N VAL X 87 89.14 46.43 -35.05
CA VAL X 87 88.33 46.72 -36.24
C VAL X 87 89.00 46.05 -37.43
N ALA X 88 88.22 45.36 -38.25
CA ALA X 88 88.74 44.75 -39.47
C ALA X 88 88.99 45.86 -40.48
N ASN X 89 90.24 46.32 -40.58
CA ASN X 89 90.56 47.36 -41.53
C ASN X 89 90.58 46.85 -42.97
N SER X 90 90.72 45.56 -43.15
CA SER X 90 90.68 44.95 -44.48
C SER X 90 90.45 43.45 -44.30
N LYS X 91 90.47 42.72 -45.41
CA LYS X 91 90.54 41.27 -45.29
C LYS X 91 91.89 40.88 -44.70
N GLU X 92 91.92 39.71 -44.07
CA GLU X 92 93.12 39.11 -43.46
C GLU X 92 93.87 40.07 -42.55
N SER X 93 93.23 41.13 -42.08
CA SER X 93 93.91 42.11 -41.24
C SER X 93 92.95 42.73 -40.25
N TYR X 94 93.39 42.84 -39.01
CA TYR X 94 92.73 43.60 -37.96
C TYR X 94 93.61 44.77 -37.57
N GLU X 95 93.00 45.76 -36.94
CA GLU X 95 93.72 46.93 -36.46
C GLU X 95 93.03 47.39 -35.19
N LEU X 96 93.78 47.68 -34.15
CA LEU X 96 93.14 48.18 -32.93
C LEU X 96 93.34 49.68 -32.82
N ARG X 97 92.23 50.39 -32.68
CA ARG X 97 92.19 51.85 -32.69
C ARG X 97 91.30 52.34 -31.56
N TYR X 98 91.36 53.63 -31.30
CA TYR X 98 90.67 54.22 -30.16
C TYR X 98 89.21 54.53 -30.50
N PHE X 99 88.39 54.57 -29.47
CA PHE X 99 87.00 54.99 -29.63
C PHE X 99 86.95 56.46 -30.02
N GLN X 100 86.12 56.78 -31.00
CA GLN X 100 86.03 58.13 -31.54
C GLN X 100 84.83 58.83 -30.89
N ILE X 101 85.11 59.81 -30.03
CA ILE X 101 84.06 60.56 -29.36
C ILE X 101 83.40 61.51 -30.35
N SER Y 1 48.83 5.34 48.80
CA SER Y 1 48.15 5.02 47.55
C SER Y 1 48.76 5.77 46.38
N GLY Y 2 48.24 6.95 46.09
CA GLY Y 2 48.71 7.74 44.96
C GLY Y 2 47.75 7.68 43.80
N ALA Y 3 47.28 8.85 43.36
CA ALA Y 3 46.34 8.94 42.26
C ALA Y 3 47.06 9.33 40.97
N LYS Y 4 46.44 8.96 39.85
CA LYS Y 4 47.03 9.25 38.55
C LYS Y 4 46.96 10.74 38.25
N PHE Y 5 48.08 11.31 37.80
CA PHE Y 5 48.11 12.70 37.42
C PHE Y 5 47.46 12.90 36.06
N ARG Y 6 47.15 14.16 35.75
CA ARG Y 6 46.57 14.48 34.46
C ARG Y 6 47.59 14.31 33.35
N ILE Y 7 47.16 13.71 32.25
CA ILE Y 7 48.00 13.51 31.07
C ILE Y 7 47.24 13.97 29.84
N SER Y 8 47.97 14.19 28.76
CA SER Y 8 47.37 14.54 27.49
C SER Y 8 46.56 13.36 26.96
N LEU Y 9 45.32 13.62 26.56
CA LEU Y 9 44.42 12.52 26.21
C LEU Y 9 44.62 12.03 24.79
N GLY Y 10 44.28 12.86 23.80
CA GLY Y 10 44.58 12.55 22.42
C GLY Y 10 43.83 11.39 21.79
N LEU Y 11 42.86 10.78 22.48
CA LEU Y 11 42.04 9.71 21.92
C LEU Y 11 40.58 10.03 22.17
N PRO Y 12 39.96 10.84 21.33
CA PRO Y 12 38.55 11.18 21.54
C PRO Y 12 37.62 10.04 21.18
N VAL Y 13 36.31 10.26 21.32
CA VAL Y 13 35.33 9.27 20.93
C VAL Y 13 35.35 9.10 19.42
N GLY Y 14 35.37 7.85 18.96
CA GLY Y 14 35.45 7.56 17.56
C GLY Y 14 36.82 7.15 17.10
N ALA Y 15 37.79 7.09 17.99
CA ALA Y 15 39.13 6.65 17.64
C ALA Y 15 39.19 5.13 17.61
N VAL Y 16 39.87 4.59 16.61
CA VAL Y 16 40.08 3.16 16.50
C VAL Y 16 41.53 2.87 16.87
N ILE Y 17 41.71 2.11 17.94
CA ILE Y 17 43.03 1.77 18.45
C ILE Y 17 43.26 0.28 18.26
N ASN Y 18 44.52 -0.11 18.34
CA ASN Y 18 44.84 -1.52 18.22
C ASN Y 18 44.41 -2.28 19.46
N CYS Y 19 44.09 -3.55 19.27
CA CYS Y 19 43.72 -4.43 20.36
C CYS Y 19 44.93 -5.31 20.68
N ALA Y 20 45.54 -5.06 21.83
CA ALA Y 20 46.85 -5.61 22.14
C ALA Y 20 46.81 -6.95 22.85
N ASP Y 21 45.63 -7.47 23.18
CA ASP Y 21 45.55 -8.76 23.82
C ASP Y 21 45.25 -9.86 22.80
N ASN Y 22 45.19 -11.09 23.27
CA ASN Y 22 44.98 -12.26 22.41
C ASN Y 22 43.53 -12.70 22.40
N THR Y 23 42.58 -11.78 22.56
CA THR Y 23 41.17 -12.12 22.56
C THR Y 23 40.64 -12.48 21.18
N GLY Y 24 41.43 -12.27 20.13
CA GLY Y 24 40.95 -12.44 18.78
C GLY Y 24 40.42 -11.17 18.15
N ALA Y 25 40.32 -10.08 18.91
CA ALA Y 25 39.92 -8.81 18.36
C ALA Y 25 41.13 -8.09 17.78
N LYS Y 26 40.92 -7.38 16.67
CA LYS Y 26 42.01 -6.69 16.01
C LYS Y 26 42.07 -5.20 16.33
N ASN Y 27 40.92 -4.56 16.57
CA ASN Y 27 40.92 -3.16 16.92
C ASN Y 27 39.75 -2.88 17.84
N LEU Y 28 39.79 -1.71 18.48
CA LEU Y 28 38.78 -1.24 19.40
C LEU Y 28 38.33 0.14 18.98
N TYR Y 29 37.03 0.34 18.82
CA TYR Y 29 36.46 1.61 18.41
C TYR Y 29 35.86 2.28 19.63
N ILE Y 30 36.50 3.34 20.12
CA ILE Y 30 36.10 3.96 21.38
C ILE Y 30 34.79 4.70 21.18
N ILE Y 31 33.80 4.37 22.00
CA ILE Y 31 32.51 5.03 21.93
C ILE Y 31 32.26 5.96 23.10
N SER Y 32 32.97 5.79 24.22
CA SER Y 32 32.90 6.73 25.33
C SER Y 32 34.02 6.42 26.31
N VAL Y 33 34.22 7.33 27.26
CA VAL Y 33 35.27 7.24 28.26
C VAL Y 33 34.61 7.28 29.63
N LYS Y 34 35.05 6.38 30.52
CA LYS Y 34 34.50 6.35 31.87
C LYS Y 34 34.94 7.57 32.66
N GLY Y 35 34.04 8.05 33.52
CA GLY Y 35 34.35 9.14 34.41
C GLY Y 35 34.32 10.52 33.79
N ILE Y 36 33.76 10.68 32.60
CA ILE Y 36 33.72 11.96 31.92
C ILE Y 36 32.37 12.59 32.19
N LYS Y 37 32.36 13.71 32.93
CA LYS Y 37 31.14 14.47 33.11
C LYS Y 37 30.72 15.14 31.82
N GLY Y 38 31.55 16.04 31.31
CA GLY Y 38 31.36 16.56 29.98
C GLY Y 38 31.39 18.07 29.93
N ARG Y 39 30.99 18.59 28.78
CA ARG Y 39 31.04 19.98 28.36
C ARG Y 39 30.34 20.04 27.02
N LEU Y 40 29.65 21.15 26.78
CA LEU Y 40 28.94 21.29 25.52
C LEU Y 40 29.91 21.26 24.36
N ASN Y 41 29.66 20.34 23.41
CA ASN Y 41 30.39 20.10 22.17
C ASN Y 41 31.74 19.45 22.37
N ARG Y 42 32.18 19.20 23.60
CA ARG Y 42 33.49 18.61 23.83
C ARG Y 42 33.40 17.08 23.71
N LEU Y 43 34.29 16.52 22.90
CA LEU Y 43 34.34 15.07 22.78
C LEU Y 43 35.01 14.46 24.00
N PRO Y 44 34.44 13.40 24.58
CA PRO Y 44 35.12 12.69 25.67
C PRO Y 44 36.36 11.99 25.15
N ALA Y 45 37.50 12.26 25.76
CA ALA Y 45 38.78 11.77 25.29
C ALA Y 45 39.48 10.97 26.39
N ALA Y 46 40.35 10.06 25.97
CA ALA Y 46 41.02 9.17 26.90
C ALA Y 46 42.52 9.14 26.64
N GLY Y 47 43.28 9.01 27.72
CA GLY Y 47 44.69 8.73 27.65
C GLY Y 47 45.00 7.32 28.11
N VAL Y 48 46.30 7.05 28.29
CA VAL Y 48 46.71 5.73 28.75
C VAL Y 48 46.26 5.54 30.19
N GLY Y 49 45.86 4.31 30.51
CA GLY Y 49 45.31 4.01 31.82
C GLY Y 49 43.85 4.34 31.98
N ASP Y 50 43.20 4.83 30.94
CA ASP Y 50 41.78 5.18 31.02
C ASP Y 50 40.91 4.01 30.61
N MET Y 51 39.83 3.82 31.36
CA MET Y 51 38.80 2.86 30.99
C MET Y 51 37.84 3.52 30.01
N VAL Y 52 37.54 2.81 28.93
CA VAL Y 52 36.66 3.28 27.87
C VAL Y 52 35.65 2.19 27.56
N MET Y 53 34.58 2.58 26.90
CA MET Y 53 33.65 1.65 26.29
C MET Y 53 33.97 1.57 24.80
N ALA Y 54 34.13 0.35 24.29
CA ALA Y 54 34.58 0.18 22.93
C ALA Y 54 33.86 -0.98 22.27
N THR Y 55 33.78 -0.91 20.94
CA THR Y 55 33.30 -2.02 20.12
C THR Y 55 34.42 -2.41 19.17
N VAL Y 56 34.58 -3.69 18.91
CA VAL Y 56 35.58 -4.14 17.97
C VAL Y 56 34.98 -4.11 16.58
N LYS Y 57 35.67 -3.48 15.64
CA LYS Y 57 35.15 -3.37 14.29
C LYS Y 57 35.56 -4.53 13.42
N LYS Y 58 36.79 -5.01 13.59
CA LYS Y 58 37.25 -6.21 12.91
C LYS Y 58 37.85 -7.15 13.94
N GLY Y 59 37.64 -8.44 13.73
CA GLY Y 59 38.04 -9.45 14.68
C GLY Y 59 37.07 -10.60 14.64
N LYS Y 60 37.09 -11.39 15.71
CA LYS Y 60 36.23 -12.57 15.76
C LYS Y 60 34.76 -12.14 15.80
N PRO Y 61 33.89 -12.83 15.07
CA PRO Y 61 32.49 -12.37 14.98
C PRO Y 61 31.72 -12.41 16.28
N GLU Y 62 32.17 -13.18 17.26
CA GLU Y 62 31.46 -13.25 18.54
C GLU Y 62 31.80 -12.10 19.46
N LEU Y 63 32.69 -11.20 19.05
CA LEU Y 63 33.01 -10.01 19.82
C LEU Y 63 32.50 -8.73 19.17
N ARG Y 64 32.02 -8.80 17.93
CA ARG Y 64 31.92 -7.59 17.12
C ARG Y 64 30.77 -6.68 17.55
N LYS Y 65 29.54 -7.18 17.49
CA LYS Y 65 28.40 -6.30 17.71
C LYS Y 65 28.02 -6.19 19.18
N LYS Y 66 29.01 -5.88 20.02
CA LYS Y 66 28.81 -5.73 21.45
C LYS Y 66 29.61 -4.54 21.95
N VAL Y 67 29.35 -4.15 23.19
CA VAL Y 67 30.10 -3.10 23.87
C VAL Y 67 30.90 -3.76 24.97
N HIS Y 68 32.21 -3.52 24.96
CA HIS Y 68 33.15 -4.07 25.91
C HIS Y 68 33.79 -2.96 26.71
N PRO Y 69 34.13 -3.19 27.97
CA PRO Y 69 35.07 -2.29 28.65
C PRO Y 69 36.48 -2.56 28.20
N ALA Y 70 37.24 -1.49 27.98
CA ALA Y 70 38.62 -1.60 27.55
C ALA Y 70 39.45 -0.60 28.34
N VAL Y 71 40.75 -0.82 28.37
CA VAL Y 71 41.69 0.07 29.02
C VAL Y 71 42.78 0.43 28.04
N VAL Y 72 43.05 1.73 27.89
CA VAL Y 72 44.09 2.19 26.98
C VAL Y 72 45.46 1.95 27.61
N ILE Y 73 46.33 1.27 26.87
CA ILE Y 73 47.66 0.93 27.37
C ILE Y 73 48.77 1.66 26.63
N ARG Y 74 48.55 2.12 25.40
CA ARG Y 74 49.55 2.86 24.66
C ARG Y 74 48.85 3.96 23.88
N GLN Y 75 49.47 5.13 23.79
CA GLN Y 75 48.92 6.21 22.99
C GLN Y 75 50.03 6.88 22.18
N ARG Y 76 49.66 7.38 21.02
CA ARG Y 76 50.61 8.08 20.15
C ARG Y 76 50.83 9.53 20.58
N LYS Y 77 49.90 10.10 21.34
CA LYS Y 77 50.04 11.48 21.78
C LYS Y 77 51.09 11.56 22.89
N SER Y 78 52.01 12.50 22.77
CA SER Y 78 53.02 12.70 23.80
C SER Y 78 52.38 13.20 25.08
N TYR Y 79 52.87 12.69 26.21
CA TYR Y 79 52.40 13.15 27.50
C TYR Y 79 53.57 13.29 28.46
N ARG Y 80 53.43 14.25 29.38
CA ARG Y 80 54.45 14.55 30.38
C ARG Y 80 54.27 13.65 31.59
N ARG Y 81 55.39 13.16 32.12
CA ARG Y 81 55.36 12.20 33.22
C ARG Y 81 55.98 12.82 34.48
N LYS Y 82 55.66 14.08 34.76
CA LYS Y 82 55.97 14.73 36.04
C LYS Y 82 57.46 14.78 36.39
N ASP Y 83 58.31 14.28 35.50
CA ASP Y 83 59.75 14.38 35.66
C ASP Y 83 60.40 14.97 34.41
N GLY Y 84 59.64 15.76 33.66
CA GLY Y 84 60.13 16.38 32.46
C GLY Y 84 60.18 15.48 31.25
N VAL Y 85 59.75 14.24 31.37
CA VAL Y 85 59.82 13.28 30.28
C VAL Y 85 58.52 13.36 29.49
N PHE Y 86 58.63 13.70 28.21
CA PHE Y 86 57.52 13.65 27.28
C PHE Y 86 57.63 12.32 26.53
N LEU Y 87 56.70 11.42 26.78
CA LEU Y 87 56.75 10.07 26.21
C LEU Y 87 55.57 9.88 25.28
N TYR Y 88 55.82 9.19 24.17
CA TYR Y 88 54.76 8.74 23.28
C TYR Y 88 55.13 7.39 22.69
N PHE Y 89 54.12 6.68 22.22
CA PHE Y 89 54.28 5.32 21.73
C PHE Y 89 54.09 5.29 20.22
N GLU Y 90 54.45 4.15 19.63
CA GLU Y 90 54.36 3.99 18.19
C GLU Y 90 52.91 3.90 17.71
N ASP Y 91 52.01 3.39 18.54
CA ASP Y 91 50.62 3.21 18.14
C ASP Y 91 49.71 3.37 19.35
N ASN Y 92 48.44 3.58 19.08
CA ASN Y 92 47.41 3.59 20.12
C ASN Y 92 46.90 2.17 20.29
N ALA Y 93 47.01 1.64 21.49
CA ALA Y 93 46.59 0.27 21.77
C ALA Y 93 45.89 0.20 23.11
N GLY Y 94 44.88 -0.67 23.17
CA GLY Y 94 44.19 -0.96 24.41
C GLY Y 94 43.88 -2.43 24.51
N VAL Y 95 43.42 -2.83 25.69
CA VAL Y 95 43.06 -4.23 25.93
C VAL Y 95 41.63 -4.29 26.45
N ILE Y 96 41.00 -5.43 26.24
CA ILE Y 96 39.62 -5.65 26.67
C ILE Y 96 39.62 -6.23 28.07
N VAL Y 97 38.88 -5.59 28.97
CA VAL Y 97 38.76 -6.02 30.35
C VAL Y 97 37.27 -6.08 30.71
N ASN Y 98 36.98 -6.40 31.96
CA ASN Y 98 35.64 -6.23 32.49
C ASN Y 98 35.62 -5.04 33.44
N ASN Y 99 34.45 -4.81 34.04
CA ASN Y 99 34.32 -3.66 34.94
C ASN Y 99 35.18 -3.79 36.19
N LYS Y 100 35.57 -5.01 36.57
CA LYS Y 100 36.42 -5.20 37.73
C LYS Y 100 37.90 -4.98 37.43
N GLY Y 101 38.29 -4.94 36.17
CA GLY Y 101 39.65 -4.60 35.78
C GLY Y 101 40.46 -5.73 35.19
N GLU Y 102 40.08 -6.98 35.41
CA GLU Y 102 40.85 -8.08 34.85
C GLU Y 102 40.55 -8.27 33.37
N MET Y 103 41.57 -8.68 32.63
CA MET Y 103 41.46 -8.79 31.18
C MET Y 103 40.67 -10.02 30.78
N LYS Y 104 39.93 -9.87 29.68
CA LYS Y 104 39.33 -11.03 29.03
C LYS Y 104 40.40 -11.95 28.47
N GLY Y 105 41.45 -11.38 27.89
CA GLY Y 105 42.55 -12.15 27.35
C GLY Y 105 43.55 -12.54 28.42
N SER Y 106 44.71 -13.02 27.96
CA SER Y 106 45.74 -13.52 28.86
C SER Y 106 47.14 -13.01 28.57
N ALA Y 107 47.37 -12.36 27.44
CA ALA Y 107 48.70 -11.87 27.10
C ALA Y 107 48.56 -10.53 26.40
N ILE Y 108 49.62 -9.73 26.47
CA ILE Y 108 49.67 -8.41 25.84
C ILE Y 108 50.87 -8.35 24.93
N THR Y 109 50.66 -7.88 23.70
CA THR Y 109 51.74 -7.68 22.75
C THR Y 109 52.22 -6.25 22.83
N GLY Y 110 53.52 -6.06 23.01
CA GLY Y 110 54.11 -4.75 23.08
C GLY Y 110 54.13 -4.19 24.48
N PRO Y 111 54.72 -3.02 24.64
CA PRO Y 111 54.84 -2.42 25.98
C PRO Y 111 53.51 -1.89 26.49
N VAL Y 112 53.48 -1.62 27.78
CA VAL Y 112 52.35 -1.00 28.45
C VAL Y 112 52.85 0.24 29.16
N ALA Y 113 52.10 1.33 29.06
CA ALA Y 113 52.47 2.55 29.75
C ALA Y 113 52.52 2.34 31.25
N LYS Y 114 53.46 3.01 31.91
CA LYS Y 114 53.61 2.85 33.35
C LYS Y 114 52.39 3.35 34.10
N GLU Y 115 51.71 4.37 33.57
CA GLU Y 115 50.51 4.87 34.21
C GLU Y 115 49.43 3.79 34.25
N CYS Y 116 49.21 3.14 33.11
CA CYS Y 116 48.24 2.06 33.04
C CYS Y 116 48.66 0.88 33.90
N ALA Y 117 49.95 0.56 33.90
CA ALA Y 117 50.44 -0.57 34.69
C ALA Y 117 50.25 -0.31 36.18
N ASP Y 118 50.52 0.90 36.64
CA ASP Y 118 50.33 1.22 38.04
C ASP Y 118 48.87 1.27 38.43
N LEU Y 119 48.01 1.69 37.51
CA LEU Y 119 46.59 1.84 37.85
C LEU Y 119 45.81 0.54 37.71
N TRP Y 120 46.25 -0.40 36.89
CA TRP Y 120 45.57 -1.67 36.70
C TRP Y 120 46.52 -2.82 36.98
N PRO Y 121 46.48 -3.40 38.18
CA PRO Y 121 47.42 -4.49 38.50
C PRO Y 121 47.25 -5.73 37.64
N ARG Y 122 46.03 -6.06 37.21
CA ARG Y 122 45.84 -7.26 36.40
C ARG Y 122 46.41 -7.10 35.01
N ILE Y 123 46.40 -5.87 34.47
CA ILE Y 123 47.04 -5.61 33.19
C ILE Y 123 48.56 -5.68 33.32
N ALA Y 124 49.09 -5.16 34.44
CA ALA Y 124 50.53 -5.11 34.63
C ALA Y 124 51.14 -6.51 34.70
N SER Y 125 50.41 -7.47 35.26
CA SER Y 125 50.93 -8.83 35.34
C SER Y 125 51.11 -9.45 33.96
N ASN Y 126 50.14 -9.25 33.08
CA ASN Y 126 50.25 -9.76 31.72
C ASN Y 126 51.08 -8.87 30.81
N ALA Y 127 51.50 -7.70 31.28
CA ALA Y 127 52.32 -6.81 30.47
C ALA Y 127 53.68 -7.43 30.21
N GLY Y 128 54.07 -7.51 28.94
CA GLY Y 128 55.40 -8.00 28.60
C GLY Y 128 56.49 -7.06 29.05
N SER Y 129 56.30 -5.77 28.84
CA SER Y 129 57.24 -4.76 29.31
C SER Y 129 56.46 -3.52 29.69
N ILE Y 130 57.06 -2.71 30.54
CA ILE Y 130 56.46 -1.46 31.01
C ILE Y 130 57.33 -0.31 30.54
N ALA Y 131 56.74 0.60 29.77
CA ALA Y 131 57.47 1.75 29.26
C ALA Y 131 57.00 3.03 29.94
N MET Z 1 70.09 16.40 37.46
CA MET Z 1 70.78 15.64 38.50
C MET Z 1 70.32 14.18 38.44
N LYS Z 2 69.33 13.93 37.60
CA LYS Z 2 68.81 12.58 37.39
C LYS Z 2 69.76 11.80 36.49
N VAL Z 3 69.31 10.64 36.02
CA VAL Z 3 70.11 9.85 35.10
C VAL Z 3 70.22 10.60 33.77
N GLU Z 4 71.45 10.67 33.25
CA GLU Z 4 71.68 11.31 31.97
C GLU Z 4 71.41 10.34 30.82
N LEU Z 5 70.82 10.84 29.75
CA LEU Z 5 70.48 10.02 28.60
C LEU Z 5 71.19 10.56 27.37
N CYS Z 6 71.34 9.70 26.36
CA CYS Z 6 71.99 10.05 25.11
C CYS Z 6 70.98 9.86 23.97
N SER Z 7 71.18 10.61 22.89
CA SER Z 7 70.19 10.76 21.84
C SER Z 7 70.56 9.97 20.58
N PHE Z 8 69.78 10.20 19.52
CA PHE Z 8 70.15 9.77 18.16
C PHE Z 8 71.48 10.36 17.72
N SER Z 9 71.79 11.56 18.19
CA SER Z 9 73.05 12.22 17.88
C SER Z 9 74.14 11.94 18.90
N GLY Z 10 73.85 11.18 19.94
CA GLY Z 10 74.83 10.92 20.97
C GLY Z 10 75.07 12.05 21.93
N TYR Z 11 74.23 13.08 21.92
CA TYR Z 11 74.36 14.21 22.83
C TYR Z 11 73.69 13.87 24.16
N LYS Z 12 74.18 14.51 25.22
CA LYS Z 12 73.54 14.37 26.52
C LYS Z 12 72.20 15.09 26.52
N ILE Z 13 71.18 14.42 27.05
CA ILE Z 13 69.86 15.01 27.21
C ILE Z 13 69.67 15.30 28.69
N TYR Z 14 69.58 16.56 29.03
CA TYR Z 14 69.37 16.95 30.41
C TYR Z 14 67.91 16.80 30.78
N PRO Z 15 67.60 16.71 32.07
CA PRO Z 15 66.20 16.57 32.49
C PRO Z 15 65.35 17.73 32.01
N GLY Z 16 64.12 17.42 31.60
CA GLY Z 16 63.22 18.41 31.07
C GLY Z 16 63.45 18.76 29.62
N HIS Z 17 64.28 18.02 28.91
CA HIS Z 17 64.57 18.30 27.51
C HIS Z 17 64.26 17.10 26.64
N GLY Z 18 63.86 17.38 25.41
CA GLY Z 18 63.68 16.34 24.42
C GLY Z 18 62.44 15.50 24.65
N ARG Z 19 62.40 14.38 23.93
CA ARG Z 19 61.26 13.47 23.99
C ARG Z 19 61.75 12.05 24.08
N ARG Z 20 60.84 11.16 24.47
CA ARG Z 20 61.13 9.73 24.58
C ARG Z 20 60.11 8.98 23.75
N TYR Z 21 60.58 7.97 23.02
CA TYR Z 21 59.77 7.26 22.04
C TYR Z 21 59.85 5.78 22.32
N ALA Z 22 58.71 5.16 22.62
CA ALA Z 22 58.63 3.73 22.85
C ALA Z 22 58.01 3.06 21.63
N ARG Z 23 58.67 2.03 21.12
CA ARG Z 23 58.16 1.30 19.96
C ARG Z 23 57.41 0.06 20.41
N THR Z 24 56.62 -0.48 19.49
CA THR Z 24 55.81 -1.65 19.81
C THR Z 24 56.67 -2.89 20.04
N ASP Z 25 57.83 -2.98 19.38
CA ASP Z 25 58.69 -4.13 19.56
C ASP Z 25 59.38 -4.14 20.93
N GLY Z 26 59.27 -3.06 21.70
CA GLY Z 26 59.81 -3.01 23.03
C GLY Z 26 61.06 -2.18 23.21
N LYS Z 27 61.47 -1.42 22.20
CA LYS Z 27 62.66 -0.60 22.27
C LYS Z 27 62.30 0.84 22.56
N VAL Z 28 63.05 1.46 23.47
CA VAL Z 28 62.80 2.83 23.90
C VAL Z 28 64.00 3.67 23.49
N PHE Z 29 63.74 4.72 22.72
CA PHE Z 29 64.73 5.69 22.32
C PHE Z 29 64.41 7.03 22.96
N GLN Z 30 65.39 7.91 22.97
CA GLN Z 30 65.18 9.27 23.47
C GLN Z 30 65.93 10.23 22.57
N PHE Z 31 65.28 11.34 22.24
CA PHE Z 31 65.80 12.31 21.30
C PHE Z 31 65.96 13.66 21.97
N LEU Z 32 67.08 14.31 21.67
CA LEU Z 32 67.37 15.62 22.25
C LEU Z 32 66.40 16.68 21.75
N ASN Z 33 66.06 16.65 20.47
CA ASN Z 33 65.14 17.64 19.92
C ASN Z 33 64.43 17.05 18.71
N ALA Z 34 63.55 17.87 18.13
CA ALA Z 34 62.74 17.42 17.01
C ALA Z 34 63.57 17.18 15.75
N LYS Z 35 64.72 17.86 15.61
CA LYS Z 35 65.59 17.59 14.48
C LYS Z 35 66.11 16.16 14.51
N CYS Z 36 66.67 15.76 15.65
CA CYS Z 36 67.14 14.39 15.82
C CYS Z 36 65.98 13.41 15.73
N GLU Z 37 64.83 13.76 16.30
CA GLU Z 37 63.69 12.85 16.27
C GLU Z 37 63.22 12.61 14.83
N SER Z 38 63.14 13.66 14.02
CA SER Z 38 62.69 13.50 12.64
C SER Z 38 63.74 12.78 11.81
N ALA Z 39 65.03 13.03 12.08
CA ALA Z 39 66.07 12.28 11.38
C ALA Z 39 65.98 10.79 11.71
N PHE Z 40 65.71 10.46 12.97
CA PHE Z 40 65.52 9.06 13.34
C PHE Z 40 64.28 8.47 12.69
N LEU Z 41 63.19 9.24 12.65
CA LEU Z 41 61.93 8.70 12.13
C LEU Z 41 61.97 8.50 10.62
N SER Z 42 62.69 9.35 9.91
CA SER Z 42 62.87 9.17 8.47
C SER Z 42 63.93 8.11 8.14
N LYS Z 43 64.37 7.34 9.14
CA LYS Z 43 65.31 6.24 8.97
C LYS Z 43 66.64 6.70 8.36
N ARG Z 44 67.08 7.89 8.74
CA ARG Z 44 68.39 8.37 8.31
C ARG Z 44 69.46 7.80 9.22
N ASN Z 45 70.54 7.33 8.63
CA ASN Z 45 71.62 6.73 9.40
C ASN Z 45 72.44 7.82 10.10
N PRO Z 46 72.63 7.73 11.42
CA PRO Z 46 73.42 8.76 12.10
C PRO Z 46 74.88 8.79 11.69
N ARG Z 47 75.42 7.70 11.15
CA ARG Z 47 76.81 7.70 10.72
C ARG Z 47 77.03 8.50 9.45
N GLN Z 48 75.98 8.95 8.79
CA GLN Z 48 76.08 9.71 7.56
C GLN Z 48 75.69 11.17 7.75
N ILE Z 49 75.44 11.59 8.99
CA ILE Z 49 75.05 12.96 9.31
C ILE Z 49 76.22 13.59 10.04
N ASN Z 50 76.73 14.71 9.50
CA ASN Z 50 78.05 15.20 9.85
C ASN Z 50 78.16 15.62 11.31
N TRP Z 51 77.09 16.15 11.89
CA TRP Z 51 77.17 16.73 13.23
C TRP Z 51 76.90 15.72 14.33
N THR Z 52 76.75 14.45 14.00
CA THR Z 52 76.45 13.44 15.01
C THR Z 52 77.73 12.82 15.56
N VAL Z 53 77.64 12.40 16.83
CA VAL Z 53 78.78 11.82 17.52
C VAL Z 53 79.25 10.55 16.82
N LEU Z 54 78.32 9.75 16.32
CA LEU Z 54 78.68 8.52 15.63
C LEU Z 54 79.48 8.80 14.36
N TYR Z 55 79.06 9.80 13.58
CA TYR Z 55 79.83 10.19 12.41
C TYR Z 55 81.20 10.71 12.82
N ARG Z 56 81.25 11.50 13.89
CA ARG Z 56 82.53 12.06 14.32
C ARG Z 56 83.51 10.95 14.69
N ARG Z 57 83.04 9.95 15.44
CA ARG Z 57 83.95 8.89 15.86
C ARG Z 57 84.26 7.94 14.71
N LYS Z 58 83.36 7.81 13.74
CA LYS Z 58 83.67 6.98 12.57
C LYS Z 58 84.75 7.63 11.72
N HIS Z 59 84.69 8.94 11.57
CA HIS Z 59 85.69 9.65 10.76
C HIS Z 59 86.88 10.12 11.59
N LYS Z 60 86.92 9.81 12.88
CA LYS Z 60 88.05 10.11 13.75
C LYS Z 60 88.34 11.60 13.78
N LYS Z 61 87.28 12.41 13.77
CA LYS Z 61 87.43 13.85 13.82
C LYS Z 61 87.87 14.29 15.21
N GLY Z 62 88.86 15.18 15.26
CA GLY Z 62 89.34 15.67 16.54
C GLY Z 62 90.35 14.76 17.19
N GLN Z 63 90.06 13.46 17.22
CA GLN Z 63 90.94 12.50 17.87
C GLN Z 63 91.26 11.33 16.95
N THR Z 72 104.43 -0.95 21.46
CA THR Z 72 105.73 -1.40 20.98
C THR Z 72 105.92 -2.88 21.24
N ARG Z 73 107.19 -3.29 21.29
CA ARG Z 73 107.55 -4.69 21.52
C ARG Z 73 107.94 -4.89 22.98
N ARG Z 74 107.41 -5.93 23.60
CA ARG Z 74 107.70 -6.25 24.99
C ARG Z 74 107.76 -7.76 25.15
N ALA Z 75 108.79 -8.23 25.86
CA ALA Z 75 108.96 -9.66 26.10
C ALA Z 75 109.85 -9.82 27.32
N VAL Z 76 109.28 -10.32 28.42
CA VAL Z 76 110.01 -10.51 29.67
C VAL Z 76 109.71 -11.90 30.21
N LYS Z 77 110.75 -12.59 30.65
CA LYS Z 77 110.63 -13.92 31.24
C LYS Z 77 111.36 -13.93 32.58
N PHE Z 78 110.76 -14.58 33.57
CA PHE Z 78 111.32 -14.63 34.91
C PHE Z 78 111.60 -16.08 35.28
N GLN Z 79 112.51 -16.26 36.24
CA GLN Z 79 112.89 -17.57 36.73
C GLN Z 79 112.20 -17.82 38.07
N ARG Z 80 111.54 -18.96 38.19
CA ARG Z 80 110.79 -19.31 39.38
C ARG Z 80 111.26 -20.66 39.89
N ALA Z 81 111.14 -20.86 41.21
CA ALA Z 81 111.46 -22.14 41.80
C ALA Z 81 110.48 -23.21 41.33
N ILE Z 82 110.94 -24.46 41.37
CA ILE Z 82 110.14 -25.62 40.96
C ILE Z 82 109.98 -26.52 42.17
N THR Z 83 108.78 -27.08 42.34
CA THR Z 83 108.57 -28.06 43.40
C THR Z 83 109.54 -29.23 43.24
N GLY Z 84 110.46 -29.36 44.18
CA GLY Z 84 111.54 -30.33 44.07
C GLY Z 84 112.87 -29.75 43.67
N ALA Z 85 112.91 -28.50 43.23
CA ALA Z 85 114.17 -27.85 42.87
C ALA Z 85 113.97 -26.34 43.03
N SER Z 86 114.47 -25.79 44.14
CA SER Z 86 114.27 -24.38 44.42
C SER Z 86 115.16 -23.52 43.53
N LEU Z 87 115.08 -22.21 43.73
CA LEU Z 87 115.89 -21.28 42.95
C LEU Z 87 117.38 -21.52 43.15
N ALA Z 88 117.80 -21.71 44.40
CA ALA Z 88 119.20 -21.99 44.65
C ALA Z 88 119.63 -23.29 44.00
N ASP Z 89 118.77 -24.31 44.06
CA ASP Z 89 119.10 -25.60 43.46
C ASP Z 89 119.26 -25.49 41.95
N ILE Z 90 118.31 -24.82 41.28
CA ILE Z 90 118.38 -24.74 39.82
C ILE Z 90 119.54 -23.87 39.38
N MET Z 91 119.83 -22.79 40.12
CA MET Z 91 120.99 -21.96 39.78
C MET Z 91 122.28 -22.75 39.95
N ALA Z 92 122.38 -23.54 41.03
CA ALA Z 92 123.57 -24.35 41.24
C ALA Z 92 123.73 -25.38 40.13
N LYS Z 93 122.64 -26.01 39.71
CA LYS Z 93 122.71 -27.00 38.64
C LYS Z 93 123.11 -26.34 37.32
N ARG Z 94 122.55 -25.19 37.01
CA ARG Z 94 122.80 -24.57 35.71
C ARG Z 94 124.12 -23.81 35.66
N ASN Z 95 124.73 -23.50 36.81
CA ASN Z 95 125.97 -22.75 36.84
C ASN Z 95 127.20 -23.63 36.95
N GLN Z 96 127.10 -24.90 36.56
CA GLN Z 96 128.24 -25.81 36.53
C GLN Z 96 128.99 -25.75 35.20
N LYS Z 97 128.90 -24.63 34.49
CA LYS Z 97 129.55 -24.51 33.19
C LYS Z 97 131.07 -24.65 33.19
N PRO Z 98 131.86 -24.09 34.17
CA PRO Z 98 133.32 -24.08 33.96
C PRO Z 98 133.95 -25.47 34.02
N GLU Z 99 133.82 -26.22 32.93
CA GLU Z 99 134.42 -27.54 32.69
C GLU Z 99 133.88 -28.62 33.61
N VAL Z 100 132.99 -28.29 34.55
CA VAL Z 100 132.39 -29.30 35.41
C VAL Z 100 131.48 -30.20 34.58
N ARG Z 101 130.74 -29.61 33.64
CA ARG Z 101 129.95 -30.41 32.71
C ARG Z 101 130.83 -31.29 31.86
N LYS Z 102 132.03 -30.79 31.50
CA LYS Z 102 132.99 -31.63 30.79
C LYS Z 102 133.41 -32.81 31.65
N ALA Z 103 133.60 -32.58 32.95
CA ALA Z 103 133.93 -33.68 33.85
C ALA Z 103 132.80 -34.72 33.88
N GLN Z 104 131.55 -34.26 33.97
CA GLN Z 104 130.43 -35.20 33.99
C GLN Z 104 130.35 -35.98 32.69
N ARG Z 105 130.50 -35.33 31.54
CA ARG Z 105 130.35 -36.07 30.29
C ARG Z 105 131.49 -37.06 30.09
N GLU Z 106 132.73 -36.69 30.45
CA GLU Z 106 133.83 -37.63 30.28
C GLU Z 106 133.73 -38.79 31.25
N GLN Z 107 133.30 -38.52 32.49
CA GLN Z 107 133.15 -39.63 33.44
C GLN Z 107 131.99 -40.53 33.04
N ALA Z 108 130.92 -39.96 32.47
CA ALA Z 108 129.83 -40.78 31.96
C ALA Z 108 130.28 -41.63 30.79
N ILE Z 109 131.11 -41.07 29.91
CA ILE Z 109 131.61 -41.84 28.76
C ILE Z 109 132.44 -43.03 29.24
N ARG Z 110 133.36 -42.80 30.18
CA ARG Z 110 134.19 -43.91 30.63
C ARG Z 110 133.37 -44.91 31.47
N ALA Z 111 132.43 -44.42 32.27
CA ALA Z 111 131.58 -45.30 33.06
C ALA Z 111 130.72 -46.20 32.18
N ALA Z 112 130.17 -45.63 31.10
CA ALA Z 112 129.51 -46.44 30.10
C ALA Z 112 130.48 -47.31 29.33
N LYS Z 113 131.76 -46.92 29.27
CA LYS Z 113 132.73 -47.73 28.55
C LYS Z 113 133.02 -49.05 29.26
N GLU Z 114 133.17 -49.03 30.59
CA GLU Z 114 133.40 -50.33 31.23
C GLU Z 114 132.15 -51.20 31.16
N ALA Z 115 130.96 -50.59 31.22
CA ALA Z 115 129.73 -51.34 31.03
C ALA Z 115 129.64 -51.90 29.62
N LYS Z 116 130.13 -51.15 28.64
CA LYS Z 116 130.16 -51.63 27.26
C LYS Z 116 131.13 -52.79 27.09
N LYS Z 117 132.26 -52.76 27.80
CA LYS Z 117 133.18 -53.89 27.76
C LYS Z 117 132.56 -55.12 28.40
N ALA Z 118 131.86 -54.94 29.53
CA ALA Z 118 131.14 -56.06 30.14
C ALA Z 118 130.06 -56.60 29.20
N LYS Z 119 129.37 -55.69 28.50
CA LYS Z 119 128.37 -56.10 27.51
C LYS Z 119 129.02 -56.88 26.37
N GLN Z 120 130.18 -56.44 25.91
CA GLN Z 120 130.90 -57.16 24.85
C GLN Z 120 131.29 -58.56 25.32
N ALA Z 121 131.74 -58.68 26.57
CA ALA Z 121 132.09 -59.98 27.11
C ALA Z 121 130.86 -60.89 27.22
N SER Z 122 129.73 -60.35 27.68
CA SER Z 122 128.54 -61.14 27.93
C SER Z 122 127.63 -61.29 26.72
N LYS Z 123 127.96 -60.63 25.60
CA LYS Z 123 127.15 -60.67 24.39
C LYS Z 123 127.58 -61.78 23.43
N LYS Z 124 128.83 -61.74 23.00
CA LYS Z 124 129.35 -62.73 22.05
C LYS Z 124 129.60 -64.06 22.73
N LYS AA 1 -0.70 32.05 -101.75
CA LYS AA 1 -0.18 30.69 -101.67
C LYS AA 1 1.20 30.67 -101.02
N LYS AA 2 1.60 31.82 -100.48
CA LYS AA 2 2.91 31.97 -99.87
C LYS AA 2 2.88 32.39 -98.41
N LYS AA 3 1.76 32.91 -97.92
CA LYS AA 3 1.66 33.36 -96.54
C LYS AA 3 1.49 32.15 -95.63
N ILE AA 4 2.51 31.86 -94.82
CA ILE AA 4 2.56 30.64 -94.03
C ILE AA 4 3.03 31.01 -92.62
N ARG AA 5 2.54 30.26 -91.64
CA ARG AA 5 2.94 30.41 -90.25
C ARG AA 5 3.69 29.14 -89.84
N THR AA 6 5.02 29.20 -89.88
CA THR AA 6 5.84 28.06 -89.52
C THR AA 6 6.14 28.00 -88.03
N SER AA 7 5.64 28.95 -87.24
CA SER AA 7 5.81 28.92 -85.81
C SER AA 7 4.46 28.97 -85.12
N PRO AA 8 4.26 28.20 -84.05
CA PRO AA 8 2.98 28.22 -83.34
C PRO AA 8 2.79 29.41 -82.40
N THR AA 9 3.67 30.41 -82.48
CA THR AA 9 3.61 31.58 -81.62
C THR AA 9 3.30 32.80 -82.45
N PHE AA 10 2.32 33.59 -82.01
CA PHE AA 10 2.03 34.88 -82.61
C PHE AA 10 2.86 35.93 -81.87
N ARG AA 11 3.79 36.55 -82.57
CA ARG AA 11 4.54 37.67 -82.02
C ARG AA 11 3.92 38.98 -82.49
N ARG AA 12 4.11 40.02 -81.69
CA ARG AA 12 3.61 41.33 -82.06
C ARG AA 12 4.37 41.83 -83.28
N PRO AA 13 3.67 42.20 -84.36
CA PRO AA 13 4.37 42.64 -85.56
C PRO AA 13 5.13 43.94 -85.34
N LYS AA 14 6.21 44.09 -86.10
CA LYS AA 14 7.06 45.26 -85.99
C LYS AA 14 6.46 46.43 -86.77
N THR AA 15 6.10 47.49 -86.06
CA THR AA 15 5.54 48.68 -86.67
C THR AA 15 6.52 49.84 -86.49
N LEU AA 16 6.61 50.70 -87.50
CA LEU AA 16 7.64 51.75 -87.46
C LEU AA 16 7.30 52.79 -86.42
N ARG AA 17 8.34 53.31 -85.78
CA ARG AA 17 8.23 54.31 -84.72
C ARG AA 17 8.87 55.59 -85.20
N LEU AA 18 8.06 56.63 -85.36
CA LEU AA 18 8.58 57.90 -85.83
C LEU AA 18 9.44 58.56 -84.77
N ARG AA 19 10.42 59.33 -85.21
CA ARG AA 19 11.23 60.14 -84.33
C ARG AA 19 10.49 61.44 -84.01
N ARG AA 20 10.74 61.96 -82.81
CA ARG AA 20 10.05 63.17 -82.37
C ARG AA 20 10.39 64.35 -83.27
N GLN AA 21 9.35 65.08 -83.70
CA GLN AA 21 9.50 66.30 -84.48
C GLN AA 21 8.67 67.39 -83.81
N PRO AA 22 9.12 67.89 -82.66
CA PRO AA 22 8.30 68.80 -81.87
C PRO AA 22 8.06 70.12 -82.57
N LYS AA 23 6.88 70.69 -82.33
CA LYS AA 23 6.51 71.97 -82.92
C LYS AA 23 7.07 73.15 -82.14
N TYR AA 24 7.64 72.93 -80.97
CA TYR AA 24 8.27 73.99 -80.19
C TYR AA 24 9.25 73.34 -79.24
N PRO AA 25 10.41 73.93 -79.01
CA PRO AA 25 11.30 73.41 -77.97
C PRO AA 25 10.70 73.66 -76.60
N ARG AA 26 10.82 72.66 -75.72
CA ARG AA 26 10.25 72.80 -74.38
C ARG AA 26 11.00 73.83 -73.57
N LYS AA 27 12.29 74.00 -73.84
CA LYS AA 27 13.09 75.08 -73.27
C LYS AA 27 13.50 76.02 -74.40
N SER AA 28 13.33 77.32 -74.17
CA SER AA 28 13.59 78.29 -75.23
C SER AA 28 15.05 78.29 -75.63
N ALA AA 29 15.95 78.22 -74.67
CA ALA AA 29 17.38 78.21 -74.93
C ALA AA 29 18.06 77.16 -74.09
N PRO AA 30 19.15 76.58 -74.58
CA PRO AA 30 19.92 75.62 -73.76
C PRO AA 30 20.56 76.32 -72.58
N ARG AA 31 20.48 75.69 -71.41
CA ARG AA 31 21.11 76.25 -70.22
C ARG AA 31 22.62 76.17 -70.34
N ARG AA 32 23.30 77.25 -69.99
CA ARG AA 32 24.74 77.31 -70.16
C ARG AA 32 25.44 76.40 -69.16
N ASN AA 33 26.68 76.04 -69.49
CA ASN AA 33 27.46 75.16 -68.65
C ASN AA 33 27.90 75.92 -67.39
N LYS AA 34 27.30 75.57 -66.25
CA LYS AA 34 27.70 76.21 -65.00
C LYS AA 34 29.08 75.75 -64.57
N LEU AA 35 29.49 74.56 -64.98
CA LEU AA 35 30.80 74.02 -64.62
C LEU AA 35 31.83 74.31 -65.72
N ASP AA 36 32.09 75.60 -65.92
CA ASP AA 36 33.15 76.00 -66.84
C ASP AA 36 34.50 75.80 -66.13
N HIS AA 37 35.58 76.24 -66.77
CA HIS AA 37 36.90 75.97 -66.22
C HIS AA 37 37.21 76.82 -65.00
N TYR AA 38 36.71 78.07 -64.98
CA TYR AA 38 36.85 78.90 -63.79
C TYR AA 38 36.09 78.32 -62.60
N ALA AA 39 34.95 77.69 -62.85
CA ALA AA 39 34.24 77.01 -61.76
C ALA AA 39 34.92 75.71 -61.37
N ILE AA 40 35.58 75.05 -62.33
CA ILE AA 40 36.24 73.79 -62.04
C ILE AA 40 37.44 74.01 -61.13
N ILE AA 41 38.28 74.98 -61.46
CA ILE AA 41 39.44 75.30 -60.64
C ILE AA 41 39.05 76.42 -59.69
N LYS AA 42 38.99 76.13 -58.39
CA LYS AA 42 38.60 77.14 -57.41
C LYS AA 42 39.80 77.96 -56.95
N PHE AA 43 40.78 77.29 -56.33
CA PHE AA 43 41.98 77.96 -55.85
C PHE AA 43 43.03 76.91 -55.59
N PRO AA 44 44.30 77.26 -55.72
CA PRO AA 44 45.37 76.29 -55.42
C PRO AA 44 45.67 76.19 -53.94
N LEU AA 45 46.13 75.00 -53.55
CA LEU AA 45 46.54 74.76 -52.18
C LEU AA 45 47.98 75.22 -52.00
N THR AA 46 48.25 75.91 -50.89
CA THR AA 46 49.56 76.49 -50.63
C THR AA 46 50.16 76.00 -49.32
N THR AA 47 49.75 74.83 -48.87
CA THR AA 47 50.28 74.29 -47.62
C THR AA 47 51.70 73.79 -47.82
N GLU AA 48 52.32 73.33 -46.73
CA GLU AA 48 53.68 72.81 -46.80
C GLU AA 48 53.75 71.58 -47.69
N SER AA 49 52.76 70.69 -47.59
CA SER AA 49 52.73 69.51 -48.44
C SER AA 49 52.55 69.90 -49.90
N ALA AA 50 51.71 70.90 -50.17
CA ALA AA 50 51.52 71.37 -51.54
C ALA AA 50 52.82 71.96 -52.09
N MET AA 51 53.53 72.75 -51.30
CA MET AA 51 54.79 73.32 -51.77
C MET AA 51 55.83 72.24 -52.00
N LYS AA 52 55.84 71.21 -51.15
CA LYS AA 52 56.74 70.09 -51.35
C LYS AA 52 56.42 69.36 -52.65
N LYS AA 53 55.13 69.18 -52.95
CA LYS AA 53 54.73 68.57 -54.22
C LYS AA 53 55.16 69.43 -55.39
N ILE AA 54 55.05 70.75 -55.25
CA ILE AA 54 55.43 71.66 -56.34
C ILE AA 54 56.92 71.56 -56.62
N GLU AA 55 57.73 71.58 -55.58
CA GLU AA 55 59.17 71.65 -55.77
C GLU AA 55 59.84 70.28 -55.88
N ASP AA 56 59.12 69.19 -55.66
CA ASP AA 56 59.71 67.86 -55.73
C ASP AA 56 59.10 66.99 -56.81
N ASN AA 57 57.77 66.85 -56.82
CA ASN AA 57 57.10 65.96 -57.75
C ASN AA 57 56.65 66.64 -59.03
N ASN AA 58 56.98 67.92 -59.21
CA ASN AA 58 56.51 68.71 -60.37
C ASN AA 58 54.99 68.71 -60.45
N THR AA 59 54.34 68.83 -59.30
CA THR AA 59 52.91 68.67 -59.17
C THR AA 59 52.29 69.93 -58.58
N LEU AA 60 51.26 70.45 -59.24
CA LEU AA 60 50.47 71.55 -58.70
C LEU AA 60 49.27 70.99 -57.95
N VAL AA 61 49.00 71.54 -56.77
CA VAL AA 61 47.87 71.10 -55.96
C VAL AA 61 46.78 72.15 -56.04
N PHE AA 62 45.59 71.73 -56.44
CA PHE AA 62 44.46 72.63 -56.59
C PHE AA 62 43.29 72.13 -55.75
N ILE AA 63 42.42 73.06 -55.36
CA ILE AA 63 41.12 72.73 -54.81
C ILE AA 63 40.10 72.96 -55.91
N VAL AA 64 39.38 71.91 -56.27
CA VAL AA 64 38.53 71.92 -57.45
C VAL AA 64 37.10 71.63 -57.03
N ASP AA 65 36.18 71.84 -57.98
CA ASP AA 65 34.78 71.53 -57.73
C ASP AA 65 34.59 70.03 -57.57
N VAL AA 66 33.70 69.66 -56.64
CA VAL AA 66 33.52 68.25 -56.31
C VAL AA 66 32.92 67.47 -57.49
N LYS AA 67 32.20 68.14 -58.38
CA LYS AA 67 31.57 67.46 -59.51
C LYS AA 67 32.49 67.34 -60.72
N ALA AA 68 33.70 67.87 -60.65
CA ALA AA 68 34.64 67.78 -61.77
C ALA AA 68 35.42 66.48 -61.70
N ASN AA 69 35.60 65.85 -62.85
CA ASN AA 69 36.39 64.63 -62.93
C ASN AA 69 37.78 64.95 -63.44
N LYS AA 70 38.58 63.89 -63.63
CA LYS AA 70 39.98 64.06 -63.99
C LYS AA 70 40.13 64.69 -65.37
N HIS AA 71 39.31 64.27 -66.33
CA HIS AA 71 39.37 64.85 -67.67
C HIS AA 71 39.04 66.34 -67.64
N GLN AA 72 38.01 66.72 -66.88
CA GLN AA 72 37.63 68.12 -66.80
C GLN AA 72 38.70 68.94 -66.10
N ILE AA 73 39.30 68.40 -65.05
CA ILE AA 73 40.37 69.11 -64.35
C ILE AA 73 41.56 69.31 -65.29
N LYS AA 74 41.91 68.27 -66.04
CA LYS AA 74 43.02 68.35 -66.98
C LYS AA 74 42.78 69.42 -68.02
N GLN AA 75 41.58 69.43 -68.62
CA GLN AA 75 41.27 70.43 -69.63
C GLN AA 75 41.23 71.84 -69.05
N ALA AA 76 40.70 71.99 -67.83
CA ALA AA 76 40.63 73.31 -67.22
C ALA AA 76 42.02 73.87 -66.97
N VAL AA 77 42.91 73.05 -66.39
CA VAL AA 77 44.27 73.51 -66.14
C VAL AA 77 44.97 73.82 -67.45
N LYS AA 78 44.81 72.95 -68.45
CA LYS AA 78 45.44 73.17 -69.75
C LYS AA 78 44.98 74.47 -70.38
N LYS AA 79 43.69 74.80 -70.25
CA LYS AA 79 43.17 75.99 -70.90
C LYS AA 79 43.63 77.24 -70.15
N LEU AA 80 43.33 77.33 -68.86
CA LEU AA 80 43.50 78.59 -68.16
C LEU AA 80 44.88 78.75 -67.53
N TYR AA 81 45.81 77.82 -67.76
CA TYR AA 81 47.20 78.07 -67.42
C TYR AA 81 48.15 77.84 -68.58
N ASP AA 82 47.66 77.37 -69.73
CA ASP AA 82 48.47 77.19 -70.94
C ASP AA 82 49.66 76.27 -70.70
N ILE AA 83 49.44 75.19 -69.96
CA ILE AA 83 50.47 74.21 -69.65
C ILE AA 83 49.94 72.83 -69.99
N ASP AA 84 50.87 71.91 -70.23
CA ASP AA 84 50.54 70.52 -70.52
C ASP AA 84 50.76 69.68 -69.27
N VAL AA 85 49.81 68.81 -68.97
CA VAL AA 85 49.82 68.06 -67.72
C VAL AA 85 50.05 66.59 -68.02
N ALA AA 86 50.79 65.93 -67.13
CA ALA AA 86 51.07 64.52 -67.29
C ALA AA 86 49.94 63.65 -66.77
N LYS AA 87 49.47 63.91 -65.54
CA LYS AA 87 48.38 63.11 -65.01
C LYS AA 87 47.70 63.89 -63.90
N VAL AA 88 46.55 63.38 -63.47
CA VAL AA 88 45.76 64.00 -62.41
C VAL AA 88 45.37 62.92 -61.40
N ASN AA 89 45.70 63.15 -60.14
CA ASN AA 89 45.21 62.35 -59.04
C ASN AA 89 44.21 63.17 -58.24
N THR AA 90 43.18 62.51 -57.75
CA THR AA 90 42.05 63.22 -57.15
C THR AA 90 41.67 62.56 -55.84
N LEU AA 91 41.45 63.37 -54.80
CA LEU AA 91 40.85 62.88 -53.58
C LEU AA 91 39.79 63.86 -53.13
N ILE AA 92 38.95 63.41 -52.20
CA ILE AA 92 37.96 64.27 -51.58
C ILE AA 92 38.32 64.39 -50.11
N ARG AA 93 38.54 65.62 -49.66
CA ARG AA 93 39.04 65.90 -48.33
C ARG AA 93 37.97 65.62 -47.28
N PRO AA 94 38.38 65.44 -46.03
CA PRO AA 94 37.38 65.23 -44.96
C PRO AA 94 36.46 66.41 -44.75
N ASP AA 95 36.84 67.60 -45.20
CA ASP AA 95 35.98 68.77 -45.13
C ASP AA 95 35.05 68.90 -46.33
N GLY AA 96 35.06 67.94 -47.24
CA GLY AA 96 34.12 67.92 -48.33
C GLY AA 96 34.61 68.49 -49.64
N GLU AA 97 35.73 69.21 -49.65
CA GLU AA 97 36.27 69.74 -50.88
C GLU AA 97 36.92 68.63 -51.69
N LYS AA 98 37.23 68.92 -52.94
CA LYS AA 98 37.98 68.00 -53.77
C LYS AA 98 39.36 68.58 -54.03
N LYS AA 99 40.40 67.75 -53.87
CA LYS AA 99 41.78 68.17 -54.03
C LYS AA 99 42.38 67.39 -55.19
N ALA AA 100 43.04 68.11 -56.10
CA ALA AA 100 43.63 67.52 -57.29
C ALA AA 100 45.13 67.75 -57.28
N TYR AA 101 45.90 66.68 -57.37
CA TYR AA 101 47.33 66.73 -57.61
C TYR AA 101 47.55 66.57 -59.10
N VAL AA 102 47.92 67.64 -59.77
CA VAL AA 102 48.09 67.65 -61.22
C VAL AA 102 49.59 67.63 -61.51
N ARG AA 103 50.09 66.52 -62.02
CA ARG AA 103 51.49 66.42 -62.40
C ARG AA 103 51.65 66.90 -63.84
N LEU AA 104 52.53 67.87 -64.03
CA LEU AA 104 52.77 68.51 -65.30
C LEU AA 104 53.67 67.66 -66.18
N ALA AA 105 53.71 68.00 -67.46
CA ALA AA 105 54.60 67.34 -68.39
C ALA AA 105 56.05 67.68 -68.03
N PRO AA 106 57.01 66.82 -68.38
CA PRO AA 106 58.40 67.08 -68.00
C PRO AA 106 58.96 68.38 -68.52
N ASP AA 107 58.52 68.83 -69.70
CA ASP AA 107 59.02 70.08 -70.26
C ASP AA 107 58.45 71.31 -69.59
N TYR AA 108 57.48 71.15 -68.70
CA TYR AA 108 56.92 72.25 -67.92
C TYR AA 108 57.39 72.15 -66.48
N ASP AA 109 57.73 73.29 -65.89
CA ASP AA 109 58.26 73.36 -64.54
C ASP AA 109 57.15 73.84 -63.60
N ALA AA 110 56.80 73.00 -62.63
CA ALA AA 110 55.77 73.38 -61.67
C ALA AA 110 56.21 74.59 -60.85
N LEU AA 111 57.52 74.73 -60.62
CA LEU AA 111 58.00 75.84 -59.80
C LEU AA 111 57.71 77.19 -60.44
N ASP AA 112 58.13 77.38 -61.70
CA ASP AA 112 57.88 78.69 -62.29
C ASP AA 112 56.46 78.85 -62.78
N VAL AA 113 55.74 77.74 -63.04
CA VAL AA 113 54.31 77.86 -63.26
C VAL AA 113 53.63 78.40 -62.00
N ALA AA 114 54.03 77.89 -60.83
CA ALA AA 114 53.50 78.41 -59.58
C ALA AA 114 53.91 79.86 -59.36
N ASN AA 115 55.12 80.22 -59.79
CA ASN AA 115 55.53 81.62 -59.69
C ASN AA 115 54.63 82.53 -60.52
N LYS AA 116 54.33 82.15 -61.76
CA LYS AA 116 53.52 83.04 -62.59
C LYS AA 116 52.05 83.00 -62.17
N ILE AA 117 51.59 81.89 -61.58
CA ILE AA 117 50.26 81.91 -60.97
C ILE AA 117 50.22 82.85 -59.78
N GLY AA 118 51.26 82.81 -58.95
CA GLY AA 118 51.35 83.72 -57.82
C GLY AA 118 51.18 83.01 -56.49
N ILE AA 119 51.61 81.75 -56.41
CA ILE AA 119 51.44 80.98 -55.19
C ILE AA 119 52.79 80.54 -54.65
N ILE AA 120 53.83 81.29 -54.98
CA ILE AA 120 55.17 80.99 -54.47
C ILE AA 120 55.18 81.24 -52.97
N MET BA 1 -8.69 112.06 -31.14
CA MET BA 1 -7.74 110.97 -31.09
C MET BA 1 -7.73 110.14 -32.36
N LYS BA 2 -7.10 108.98 -32.32
CA LYS BA 2 -6.96 108.15 -33.50
C LYS BA 2 -8.28 107.46 -33.85
N PHE BA 3 -8.70 107.61 -35.10
CA PHE BA 3 -9.93 107.00 -35.58
C PHE BA 3 -9.73 105.98 -36.69
N ASN BA 4 -8.59 105.98 -37.35
CA ASN BA 4 -8.34 105.06 -38.44
C ASN BA 4 -8.27 103.64 -37.91
N PRO BA 5 -9.13 102.72 -38.36
CA PRO BA 5 -9.11 101.36 -37.83
C PRO BA 5 -7.98 100.50 -38.38
N PHE BA 6 -7.07 101.06 -39.17
CA PHE BA 6 -5.97 100.29 -39.73
C PHE BA 6 -4.62 100.72 -39.19
N VAL BA 7 -4.57 101.72 -38.31
CA VAL BA 7 -3.37 102.04 -37.55
C VAL BA 7 -3.61 101.63 -36.11
N THR BA 8 -2.62 100.99 -35.51
CA THR BA 8 -2.76 100.44 -34.18
C THR BA 8 -2.24 101.40 -33.13
N SER BA 9 -2.88 101.38 -31.96
CA SER BA 9 -2.38 102.06 -30.79
C SER BA 9 -1.79 101.09 -29.78
N ASP BA 10 -1.59 99.84 -30.17
CA ASP BA 10 -1.02 98.85 -29.27
C ASP BA 10 0.43 99.18 -28.96
N ARG BA 11 0.75 99.19 -27.66
CA ARG BA 11 2.07 99.59 -27.22
C ARG BA 11 3.13 98.61 -27.71
N SER BA 12 2.87 97.32 -27.60
CA SER BA 12 3.82 96.31 -28.05
C SER BA 12 4.03 96.39 -29.55
N LYS BA 13 2.95 96.59 -30.32
CA LYS BA 13 3.08 96.68 -31.77
C LYS BA 13 3.87 97.91 -32.18
N ASN BA 14 3.60 99.05 -31.55
CA ASN BA 14 4.34 100.26 -31.87
C ASN BA 14 5.82 100.12 -31.53
N ARG BA 15 6.12 99.52 -30.37
CA ARG BA 15 7.51 99.32 -30.00
C ARG BA 15 8.21 98.35 -30.94
N LYS BA 16 7.53 97.28 -31.35
CA LYS BA 16 8.12 96.34 -32.29
C LYS BA 16 8.42 97.01 -33.62
N ARG BA 17 7.47 97.82 -34.12
CA ARG BA 17 7.71 98.54 -35.37
C ARG BA 17 8.89 99.48 -35.23
N HIS BA 18 8.97 100.20 -34.11
CA HIS BA 18 10.03 101.18 -33.92
C HIS BA 18 11.39 100.50 -33.86
N PHE BA 19 11.50 99.39 -33.13
CA PHE BA 19 12.78 98.75 -32.94
C PHE BA 19 13.18 97.82 -34.07
N ASN BA 20 12.25 97.45 -34.94
CA ASN BA 20 12.59 96.63 -36.10
C ASN BA 20 12.37 97.38 -37.41
N ALA BA 21 12.28 98.70 -37.35
CA ALA BA 21 12.16 99.49 -38.55
C ALA BA 21 13.40 99.33 -39.43
N PRO BA 22 13.24 99.19 -40.75
CA PRO BA 22 14.39 99.23 -41.65
C PRO BA 22 14.97 100.63 -41.71
N SER BA 23 16.18 100.73 -42.27
CA SER BA 23 16.94 101.97 -42.18
C SER BA 23 16.28 103.11 -42.95
N HIS BA 24 15.55 102.81 -44.03
CA HIS BA 24 14.97 103.87 -44.82
C HIS BA 24 13.82 104.59 -44.12
N ILE BA 25 13.21 103.99 -43.11
CA ILE BA 25 12.29 104.69 -42.25
C ILE BA 25 12.88 105.00 -40.88
N ARG BA 26 13.96 104.34 -40.49
CA ARG BA 26 14.74 104.81 -39.36
C ARG BA 26 15.28 106.20 -39.62
N ARG BA 27 15.54 106.52 -40.89
CA ARG BA 27 15.94 107.87 -41.27
C ARG BA 27 14.85 108.88 -40.93
N LYS BA 28 13.58 108.54 -41.22
CA LYS BA 28 12.48 109.44 -40.88
C LYS BA 28 12.30 109.52 -39.37
N ILE BA 29 12.45 108.39 -38.68
CA ILE BA 29 12.33 108.38 -37.22
C ILE BA 29 13.38 109.28 -36.59
N MET BA 30 14.60 109.25 -37.13
CA MET BA 30 15.70 110.05 -36.61
C MET BA 30 15.71 111.44 -37.23
N SER BA 31 14.64 112.18 -36.98
CA SER BA 31 14.50 113.55 -37.45
C SER BA 31 14.80 114.52 -36.33
N SER BA 32 15.18 115.73 -36.71
CA SER BA 32 15.55 116.76 -35.75
C SER BA 32 14.85 118.07 -36.08
N PRO BA 33 14.55 118.87 -35.06
CA PRO BA 33 13.99 120.19 -35.33
C PRO BA 33 15.01 121.12 -35.94
N LEU BA 34 14.53 122.05 -36.74
CA LEU BA 34 15.38 123.12 -37.24
C LEU BA 34 15.40 124.26 -36.24
N SER BA 35 16.41 125.12 -36.36
CA SER BA 35 16.50 126.30 -35.53
C SER BA 35 15.36 127.25 -35.87
N LYS BA 36 15.21 128.30 -35.06
CA LYS BA 36 14.19 129.30 -35.35
C LYS BA 36 14.49 130.02 -36.65
N GLU BA 37 15.77 130.34 -36.89
CA GLU BA 37 16.15 131.01 -38.13
C GLU BA 37 15.90 130.13 -39.34
N LEU BA 38 16.23 128.85 -39.25
CA LEU BA 38 15.98 127.94 -40.36
C LEU BA 38 14.49 127.69 -40.55
N ARG BA 39 13.72 127.64 -39.46
CA ARG BA 39 12.28 127.49 -39.55
C ARG BA 39 11.63 128.71 -40.19
N GLN BA 40 12.20 129.89 -39.98
CA GLN BA 40 11.70 131.09 -40.65
C GLN BA 40 12.12 131.10 -42.11
N LYS BA 41 13.36 130.72 -42.41
CA LYS BA 41 13.85 130.75 -43.78
C LYS BA 41 13.12 129.74 -44.66
N TYR BA 42 13.06 128.48 -44.21
CA TYR BA 42 12.33 127.42 -44.90
C TYR BA 42 11.08 127.15 -44.08
N ASN BA 43 9.92 127.19 -44.72
CA ASN BA 43 8.67 127.03 -43.98
C ASN BA 43 8.46 125.56 -43.59
N VAL BA 44 9.43 125.02 -42.85
CA VAL BA 44 9.41 123.65 -42.37
C VAL BA 44 9.80 123.65 -40.90
N ARG BA 45 9.42 122.59 -40.20
CA ARG BA 45 9.70 122.46 -38.78
C ARG BA 45 10.81 121.45 -38.51
N SER BA 46 10.66 120.22 -38.96
CA SER BA 46 11.60 119.15 -38.68
C SER BA 46 12.23 118.64 -39.96
N MET BA 47 13.39 118.02 -39.81
CA MET BA 47 14.17 117.52 -40.92
C MET BA 47 14.87 116.24 -40.48
N PRO BA 48 14.91 115.22 -41.33
CA PRO BA 48 15.71 114.04 -41.03
C PRO BA 48 17.18 114.40 -40.92
N ILE BA 49 17.86 113.77 -39.97
CA ILE BA 49 19.25 114.12 -39.71
C ILE BA 49 20.14 113.59 -40.83
N ARG BA 50 21.25 114.28 -41.07
CA ARG BA 50 22.10 114.08 -42.23
C ARG BA 50 23.55 114.09 -41.76
N LYS BA 51 24.42 113.49 -42.58
CA LYS BA 51 25.79 113.23 -42.15
C LYS BA 51 26.57 114.51 -41.87
N ASP BA 52 26.42 115.54 -42.70
CA ASP BA 52 27.32 116.69 -42.65
C ASP BA 52 26.62 118.00 -42.33
N ASP BA 53 25.62 117.99 -41.46
CA ASP BA 53 25.02 119.25 -41.02
C ASP BA 53 25.48 119.58 -39.62
N GLU BA 54 25.37 120.85 -39.26
CA GLU BA 54 25.81 121.34 -37.96
C GLU BA 54 24.62 121.48 -37.03
N VAL BA 55 24.75 120.91 -35.84
CA VAL BA 55 23.68 120.91 -34.84
C VAL BA 55 24.25 121.40 -33.52
N GLN BA 56 23.35 121.71 -32.60
CA GLN BA 56 23.71 121.98 -31.22
C GLN BA 56 22.81 121.18 -30.29
N VAL BA 57 23.39 120.74 -29.18
CA VAL BA 57 22.69 119.86 -28.25
C VAL BA 57 21.90 120.70 -27.26
N VAL BA 58 20.65 120.34 -27.03
CA VAL BA 58 19.77 121.11 -26.17
C VAL BA 58 19.34 120.37 -24.91
N ARG BA 59 19.70 119.09 -24.77
CA ARG BA 59 19.36 118.31 -23.60
C ARG BA 59 20.55 117.46 -23.20
N GLY BA 60 20.61 117.10 -21.93
CA GLY BA 60 21.63 116.18 -21.46
C GLY BA 60 22.87 116.87 -20.96
N HIS BA 61 23.93 116.06 -20.83
CA HIS BA 61 25.19 116.54 -20.27
C HIS BA 61 25.90 117.53 -21.19
N TYR BA 62 25.63 117.49 -22.48
CA TYR BA 62 26.34 118.31 -23.46
C TYR BA 62 25.50 119.48 -23.95
N LYS BA 63 24.63 120.01 -23.08
CA LYS BA 63 23.88 121.21 -23.41
C LYS BA 63 24.83 122.38 -23.64
N GLY BA 64 24.47 123.24 -24.57
CA GLY BA 64 25.26 124.44 -24.82
C GLY BA 64 24.94 125.01 -26.18
N GLN BA 65 25.52 126.17 -26.44
CA GLN BA 65 25.36 126.87 -27.69
C GLN BA 65 26.45 126.56 -28.70
N GLN BA 66 27.42 125.71 -28.35
CA GLN BA 66 28.46 125.35 -29.29
C GLN BA 66 27.87 124.54 -30.45
N ILE BA 67 28.33 124.84 -31.65
CA ILE BA 67 27.81 124.24 -32.87
C ILE BA 67 28.81 123.19 -33.33
N GLY BA 68 28.34 121.95 -33.46
CA GLY BA 68 29.19 120.85 -33.87
C GLY BA 68 28.64 120.17 -35.12
N LYS BA 69 29.54 119.79 -36.02
CA LYS BA 69 29.13 119.10 -37.22
C LYS BA 69 28.89 117.62 -36.91
N VAL BA 70 27.80 117.07 -37.44
CA VAL BA 70 27.56 115.65 -37.33
C VAL BA 70 28.66 114.92 -38.09
N VAL BA 71 29.11 113.79 -37.52
CA VAL BA 71 30.15 112.99 -38.16
C VAL BA 71 29.72 111.57 -38.43
N GLN BA 72 28.58 111.14 -37.89
CA GLN BA 72 28.08 109.79 -38.10
C GLN BA 72 26.62 109.71 -37.68
N VAL BA 73 25.77 109.16 -38.54
CA VAL BA 73 24.39 108.89 -38.19
C VAL BA 73 24.25 107.38 -38.00
N TYR BA 74 24.35 106.91 -36.77
CA TYR BA 74 24.42 105.49 -36.49
C TYR BA 74 22.98 105.05 -36.30
N ARG BA 75 22.35 104.59 -37.38
CA ARG BA 75 20.93 104.29 -37.36
C ARG BA 75 20.61 102.99 -36.64
N LYS BA 76 21.57 102.08 -36.51
CA LYS BA 76 21.31 100.83 -35.81
C LYS BA 76 21.08 101.09 -34.32
N LYS BA 77 21.79 102.04 -33.74
CA LYS BA 77 21.61 102.41 -32.34
C LYS BA 77 20.80 103.67 -32.17
N TYR BA 78 20.21 104.20 -33.25
CA TYR BA 78 19.34 105.37 -33.20
C TYR BA 78 20.05 106.58 -32.61
N VAL BA 79 21.34 106.75 -32.93
CA VAL BA 79 22.11 107.85 -32.36
C VAL BA 79 22.86 108.57 -33.47
N ILE BA 80 23.41 109.73 -33.11
CA ILE BA 80 24.30 110.46 -33.98
C ILE BA 80 25.53 110.87 -33.17
N TYR BA 81 26.62 111.10 -33.88
CA TYR BA 81 27.87 111.56 -33.30
C TYR BA 81 28.15 112.96 -33.76
N ILE BA 82 28.66 113.80 -32.85
CA ILE BA 82 28.95 115.19 -33.13
C ILE BA 82 30.42 115.43 -32.81
N GLU BA 83 30.97 116.52 -33.35
CA GLU BA 83 32.41 116.73 -33.37
C GLU BA 83 33.02 116.74 -31.97
N ARG BA 84 32.63 117.71 -31.15
CA ARG BA 84 33.22 117.84 -29.82
C ARG BA 84 32.43 117.14 -28.74
N VAL BA 85 31.36 116.43 -29.09
CA VAL BA 85 30.57 115.69 -28.11
C VAL BA 85 31.24 114.32 -27.98
N GLN BA 86 32.21 114.24 -27.07
CA GLN BA 86 32.98 113.02 -26.89
C GLN BA 86 33.52 112.99 -25.48
N ARG BA 87 33.97 111.82 -25.06
CA ARG BA 87 34.52 111.64 -23.72
C ARG BA 87 35.76 110.79 -23.79
N GLU BA 88 36.65 111.00 -22.82
CA GLU BA 88 37.82 110.15 -22.67
C GLU BA 88 37.43 108.83 -22.02
N LYS BA 89 38.01 107.75 -22.51
CA LYS BA 89 37.84 106.47 -21.85
C LYS BA 89 39.08 106.18 -21.00
N ALA BA 90 39.15 104.97 -20.46
CA ALA BA 90 40.19 104.66 -19.47
C ALA BA 90 41.59 104.79 -20.07
N ASN BA 91 41.80 104.19 -21.24
CA ASN BA 91 43.13 104.16 -21.84
C ASN BA 91 43.50 105.46 -22.54
N GLY BA 92 42.75 106.54 -22.32
CA GLY BA 92 43.13 107.85 -22.79
C GLY BA 92 42.62 108.22 -24.17
N THR BA 93 41.97 107.30 -24.88
CA THR BA 93 41.44 107.63 -26.19
C THR BA 93 40.04 108.23 -26.06
N THR BA 94 39.68 109.08 -27.02
CA THR BA 94 38.39 109.73 -27.02
C THR BA 94 37.39 108.94 -27.84
N VAL BA 95 36.21 108.75 -27.30
CA VAL BA 95 35.11 108.06 -28.00
C VAL BA 95 33.94 109.03 -28.09
N HIS BA 96 33.27 109.02 -29.24
CA HIS BA 96 32.08 109.84 -29.41
C HIS BA 96 30.95 109.33 -28.55
N VAL BA 97 30.18 110.25 -27.98
CA VAL BA 97 29.01 109.92 -27.18
C VAL BA 97 27.79 110.08 -28.09
N GLY BA 98 27.08 108.98 -28.32
CA GLY BA 98 25.90 109.03 -29.16
C GLY BA 98 24.73 109.61 -28.43
N ILE BA 99 24.06 110.58 -29.06
CA ILE BA 99 22.87 111.20 -28.50
C ILE BA 99 21.76 111.15 -29.54
N HIS BA 100 20.53 111.17 -29.04
CA HIS BA 100 19.38 111.03 -29.91
C HIS BA 100 19.19 112.29 -30.76
N PRO BA 101 18.85 112.14 -32.04
CA PRO BA 101 18.66 113.32 -32.89
C PRO BA 101 17.49 114.19 -32.49
N SER BA 102 16.53 113.68 -31.73
CA SER BA 102 15.44 114.54 -31.26
C SER BA 102 15.90 115.49 -30.18
N LYS BA 103 17.08 115.29 -29.61
CA LYS BA 103 17.61 116.13 -28.55
C LYS BA 103 18.62 117.15 -29.08
N VAL BA 104 18.71 117.32 -30.39
CA VAL BA 104 19.54 118.36 -30.99
C VAL BA 104 18.64 119.26 -31.81
N VAL BA 105 19.19 120.38 -32.25
CA VAL BA 105 18.51 121.28 -33.17
C VAL BA 105 19.48 121.63 -34.29
N ILE BA 106 19.00 121.54 -35.53
CA ILE BA 106 19.85 121.77 -36.70
C ILE BA 106 19.96 123.27 -36.93
N THR BA 107 21.19 123.77 -37.00
CA THR BA 107 21.43 125.18 -37.22
C THR BA 107 21.88 125.50 -38.64
N ARG BA 108 22.47 124.54 -39.33
CA ARG BA 108 22.82 124.70 -40.74
C ARG BA 108 22.68 123.36 -41.43
N LEU BA 109 21.93 123.34 -42.53
CA LEU BA 109 21.66 122.10 -43.25
C LEU BA 109 22.76 121.81 -44.25
N LYS BA 110 23.03 120.52 -44.45
CA LYS BA 110 23.87 120.06 -45.55
C LYS BA 110 22.96 119.95 -46.77
N LEU BA 111 23.08 120.90 -47.69
CA LEU BA 111 22.10 121.07 -48.75
C LEU BA 111 22.63 120.53 -50.07
N ASP BA 112 21.84 119.67 -50.70
CA ASP BA 112 22.03 119.27 -52.09
C ASP BA 112 20.66 119.26 -52.75
N LYS BA 113 20.59 118.72 -53.97
CA LYS BA 113 19.35 118.80 -54.72
C LYS BA 113 18.23 118.03 -54.03
N ASP BA 114 18.55 116.88 -53.43
CA ASP BA 114 17.53 116.08 -52.78
C ASP BA 114 17.01 116.76 -51.51
N ARG BA 115 17.92 117.32 -50.70
CA ARG BA 115 17.48 118.04 -49.50
C ARG BA 115 16.64 119.25 -49.88
N LYS BA 116 17.06 119.98 -50.91
CA LYS BA 116 16.28 121.13 -51.36
C LYS BA 116 14.89 120.70 -51.80
N LYS BA 117 14.81 119.60 -52.58
CA LYS BA 117 13.53 119.12 -53.06
C LYS BA 117 12.61 118.74 -51.92
N ILE BA 118 13.15 118.04 -50.91
CA ILE BA 118 12.35 117.70 -49.74
C ILE BA 118 11.90 118.96 -49.00
N LEU BA 119 12.77 119.97 -48.95
CA LEU BA 119 12.41 121.22 -48.28
C LEU BA 119 11.24 121.90 -48.96
N GLU BA 120 11.30 122.05 -50.30
CA GLU BA 120 10.15 122.67 -50.96
C GLU BA 120 8.90 121.80 -50.88
N ARG BA 121 9.05 120.47 -50.86
CA ARG BA 121 7.87 119.63 -50.75
C ARG BA 121 7.19 119.83 -49.40
N LYS BA 122 7.96 119.83 -48.31
CA LYS BA 122 7.40 120.05 -46.99
C LYS BA 122 6.79 121.44 -46.86
N ALA BA 123 7.48 122.45 -47.40
CA ALA BA 123 6.95 123.81 -47.32
C ALA BA 123 5.66 123.94 -48.11
N LYS BA 124 5.58 123.31 -49.28
CA LYS BA 124 4.37 123.36 -50.09
C LYS BA 124 3.20 122.69 -49.38
N SER BA 125 3.45 121.53 -48.77
CA SER BA 125 2.38 120.86 -48.03
C SER BA 125 1.92 121.71 -46.85
N ARG BA 126 2.85 122.33 -46.14
CA ARG BA 126 2.47 123.18 -45.02
C ARG BA 126 1.66 124.39 -45.49
N GLN BA 127 2.05 124.98 -46.61
CA GLN BA 127 1.31 126.12 -47.14
C GLN BA 127 -0.09 125.72 -47.58
N VAL BA 128 -0.22 124.54 -48.20
CA VAL BA 128 -1.54 124.04 -48.58
C VAL BA 128 -2.40 123.83 -47.35
N GLY BA 129 -1.82 123.28 -46.28
CA GLY BA 129 -2.56 123.10 -45.04
C GLY BA 129 -3.00 124.41 -44.43
N LYS BA 130 -2.11 125.43 -44.45
CA LYS BA 130 -2.48 126.73 -43.94
C LYS BA 130 -3.61 127.36 -44.74
N GLU BA 131 -3.56 127.23 -46.07
CA GLU BA 131 -4.60 127.79 -46.90
C GLU BA 131 -5.92 127.03 -46.74
N LYS BA 132 -5.85 125.73 -46.46
CA LYS BA 132 -7.07 124.97 -46.21
C LYS BA 132 -7.69 125.33 -44.88
N GLY BA 133 -6.87 125.50 -43.85
CA GLY BA 133 -7.34 125.82 -42.52
C GLY BA 133 -7.49 127.30 -42.23
N LYS BA 134 -7.27 128.17 -43.20
CA LYS BA 134 -7.43 129.61 -43.01
C LYS BA 134 -8.90 129.97 -42.75
N GLY CA 1 41.82 -15.07 -94.12
CA GLY CA 1 43.00 -14.64 -94.83
C GLY CA 1 43.34 -13.19 -94.59
N LYS CA 2 44.51 -12.77 -95.05
CA LYS CA 2 44.91 -11.37 -94.92
C LYS CA 2 44.05 -10.49 -95.80
N PHE CA 3 43.63 -9.35 -95.26
CA PHE CA 3 42.78 -8.42 -96.00
C PHE CA 3 43.40 -7.04 -96.20
N MET CA 4 44.39 -6.65 -95.40
CA MET CA 4 45.04 -5.37 -95.60
C MET CA 4 45.91 -5.42 -96.84
N LYS CA 5 45.36 -5.00 -97.96
CA LYS CA 5 45.98 -5.07 -99.28
C LYS CA 5 45.99 -3.69 -99.91
N PRO CA 6 46.88 -3.46 -100.87
CA PRO CA 6 46.83 -2.20 -101.61
C PRO CA 6 45.48 -2.01 -102.29
N GLY CA 7 44.99 -0.77 -102.28
CA GLY CA 7 43.71 -0.45 -102.84
C GLY CA 7 42.55 -0.54 -101.87
N LYS CA 8 42.77 -1.06 -100.67
CA LYS CA 8 41.71 -1.21 -99.69
C LYS CA 8 41.46 0.11 -98.97
N VAL CA 9 40.20 0.47 -98.79
CA VAL CA 9 39.83 1.70 -98.11
C VAL CA 9 39.83 1.47 -96.61
N VAL CA 10 40.53 2.34 -95.88
CA VAL CA 10 40.61 2.28 -94.44
C VAL CA 10 40.14 3.61 -93.87
N LEU CA 11 39.87 3.61 -92.58
CA LEU CA 11 39.51 4.81 -91.83
C LEU CA 11 40.60 5.08 -90.80
N VAL CA 12 41.10 6.30 -90.77
CA VAL CA 12 42.17 6.64 -89.83
C VAL CA 12 41.56 6.88 -88.46
N LEU CA 13 42.07 6.17 -87.45
CA LEU CA 13 41.50 6.24 -86.12
C LEU CA 13 42.22 7.21 -85.20
N ALA CA 14 43.49 7.48 -85.43
CA ALA CA 14 44.28 8.30 -84.51
C ALA CA 14 45.08 9.32 -85.30
N GLY CA 15 45.51 10.37 -84.61
CA GLY CA 15 46.38 11.36 -85.20
C GLY CA 15 45.62 12.59 -85.67
N ARG CA 16 46.33 13.43 -86.42
CA ARG CA 16 45.74 14.64 -86.96
C ARG CA 16 44.62 14.33 -87.93
N TYR CA 17 44.74 13.24 -88.69
CA TYR CA 17 43.76 12.87 -89.70
C TYR CA 17 42.75 11.84 -89.19
N SER CA 18 42.41 11.91 -87.91
CA SER CA 18 41.43 11.01 -87.33
C SER CA 18 40.09 11.13 -88.05
N GLY CA 19 39.50 9.99 -88.38
CA GLY CA 19 38.22 9.97 -89.04
C GLY CA 19 38.26 10.18 -90.54
N ARG CA 20 39.44 10.33 -91.12
CA ARG CA 20 39.54 10.50 -92.57
C ARG CA 20 39.53 9.15 -93.26
N LYS CA 21 38.85 9.10 -94.41
CA LYS CA 21 38.93 7.95 -95.27
C LYS CA 21 40.24 8.00 -96.06
N ALA CA 22 40.78 6.83 -96.35
CA ALA CA 22 42.08 6.75 -96.99
C ALA CA 22 42.19 5.41 -97.71
N VAL CA 23 43.19 5.29 -98.57
CA VAL CA 23 43.41 4.06 -99.33
C VAL CA 23 44.81 3.55 -99.05
N ILE CA 24 44.92 2.25 -98.80
CA ILE CA 24 46.21 1.64 -98.54
C ILE CA 24 47.02 1.59 -99.83
N VAL CA 25 48.23 2.11 -99.79
CA VAL CA 25 49.13 2.10 -100.94
C VAL CA 25 50.08 0.92 -100.87
N LYS CA 26 50.69 0.68 -99.71
CA LYS CA 26 51.63 -0.43 -99.58
C LYS CA 26 51.61 -0.95 -98.16
N ASN CA 27 51.03 -2.14 -97.97
CA ASN CA 27 51.04 -2.79 -96.68
C ASN CA 27 52.39 -3.46 -96.44
N ILE CA 28 52.87 -3.39 -95.20
CA ILE CA 28 54.14 -3.99 -94.83
C ILE CA 28 53.92 -5.19 -93.91
N ASP CA 29 53.06 -5.03 -92.91
CA ASP CA 29 52.48 -6.07 -92.04
C ASP CA 29 53.52 -7.05 -91.48
N ASP CA 30 54.78 -6.69 -91.51
CA ASP CA 30 55.84 -7.50 -90.91
C ASP CA 30 56.88 -6.70 -90.16
N GLY CA 31 56.96 -5.39 -90.32
CA GLY CA 31 58.03 -4.63 -89.71
C GLY CA 31 59.27 -4.59 -90.58
N THR CA 32 60.03 -3.50 -90.43
CA THR CA 32 61.24 -3.30 -91.21
C THR CA 32 62.41 -2.87 -90.32
N SER CA 33 62.36 -3.22 -89.04
CA SER CA 33 63.37 -2.95 -88.01
C SER CA 33 63.49 -1.46 -87.68
N ASP CA 34 62.77 -0.60 -88.40
CA ASP CA 34 62.58 0.79 -88.01
C ASP CA 34 61.16 1.05 -87.55
N ARG CA 35 60.21 0.29 -88.05
CA ARG CA 35 58.83 0.24 -87.53
C ARG CA 35 58.53 -1.22 -87.30
N PRO CA 36 58.94 -1.77 -86.16
CA PRO CA 36 58.76 -3.22 -85.93
C PRO CA 36 57.30 -3.65 -85.91
N TYR CA 37 56.36 -2.74 -85.68
CA TYR CA 37 54.96 -3.07 -85.76
C TYR CA 37 54.52 -3.22 -87.22
N SER CA 38 53.31 -3.74 -87.41
CA SER CA 38 52.73 -3.86 -88.74
C SER CA 38 52.18 -2.52 -89.17
N HIS CA 39 52.61 -2.03 -90.34
CA HIS CA 39 52.22 -0.71 -90.79
C HIS CA 39 51.89 -0.73 -92.28
N ALA CA 40 51.50 0.44 -92.79
CA ALA CA 40 51.09 0.55 -94.18
C ALA CA 40 51.24 1.99 -94.64
N LEU CA 41 51.89 2.15 -95.80
CA LEU CA 41 51.85 3.41 -96.51
C LEU CA 41 50.45 3.64 -97.07
N VAL CA 42 49.86 4.78 -96.70
CA VAL CA 42 48.45 5.06 -96.92
C VAL CA 42 48.31 6.46 -97.51
N ALA CA 43 47.48 6.59 -98.54
CA ALA CA 43 47.13 7.88 -99.11
C ALA CA 43 45.68 8.20 -98.79
N GLY CA 44 45.44 9.36 -98.22
CA GLY CA 44 44.11 9.76 -97.85
C GLY CA 44 43.79 11.16 -98.28
N ILE CA 45 42.66 11.71 -97.84
CA ILE CA 45 42.25 13.06 -98.19
C ILE CA 45 42.02 13.86 -96.92
N ASP CA 46 42.62 15.05 -96.87
CA ASP CA 46 42.50 15.91 -95.70
C ASP CA 46 41.21 16.71 -95.75
N ARG CA 47 40.94 17.33 -96.89
CA ARG CA 47 39.75 18.14 -97.09
C ARG CA 47 38.88 17.46 -98.13
N TYR CA 48 37.68 17.05 -97.71
CA TYR CA 48 36.76 16.39 -98.61
C TYR CA 48 36.19 17.41 -99.61
N PRO CA 49 35.87 16.97 -100.83
CA PRO CA 49 35.21 17.87 -101.77
C PRO CA 49 33.84 18.29 -101.24
N ARG CA 50 33.50 19.55 -101.48
CA ARG CA 50 32.23 20.07 -100.99
C ARG CA 50 31.08 19.55 -101.84
N LYS CA 51 29.89 19.57 -101.24
CA LYS CA 51 28.69 19.15 -101.95
C LYS CA 51 28.37 20.13 -103.06
N VAL CA 52 28.09 19.61 -104.26
CA VAL CA 52 27.72 20.41 -105.41
C VAL CA 52 26.30 20.06 -105.82
N THR CA 53 25.54 21.08 -106.19
CA THR CA 53 24.15 20.93 -106.62
C THR CA 53 24.00 21.45 -108.04
N ALA CA 54 22.81 21.23 -108.60
CA ALA CA 54 22.56 21.60 -109.99
C ALA CA 54 22.59 23.12 -110.18
N ALA CA 55 22.08 23.87 -109.21
CA ALA CA 55 21.98 25.33 -109.35
C ALA CA 55 23.21 26.00 -108.73
N MET CA 56 24.38 25.66 -109.25
CA MET CA 56 25.63 26.23 -108.74
C MET CA 56 26.46 26.91 -109.81
N GLY CA 57 26.59 26.34 -110.99
CA GLY CA 57 27.44 26.94 -111.99
C GLY CA 57 28.78 26.22 -112.10
N LYS CA 58 29.34 26.26 -113.32
CA LYS CA 58 30.53 25.46 -113.60
C LYS CA 58 31.74 25.91 -112.78
N LYS CA 59 31.93 27.22 -112.66
CA LYS CA 59 33.10 27.71 -111.93
C LYS CA 59 33.01 27.38 -110.44
N LYS CA 60 31.83 27.58 -109.85
CA LYS CA 60 31.65 27.26 -108.45
C LYS CA 60 31.79 25.75 -108.22
N ILE CA 61 31.28 24.94 -109.14
CA ILE CA 61 31.40 23.49 -109.01
C ILE CA 61 32.86 23.07 -109.08
N ALA CA 62 33.62 23.64 -110.01
CA ALA CA 62 35.04 23.32 -110.11
C ALA CA 62 35.80 23.78 -108.88
N LYS CA 63 35.43 24.93 -108.32
CA LYS CA 63 36.06 25.40 -107.09
C LYS CA 63 35.77 24.45 -105.93
N ARG CA 64 34.53 23.96 -105.84
CA ARG CA 64 34.16 23.09 -104.72
C ARG CA 64 34.64 21.65 -104.90
N SER CA 65 35.00 21.25 -106.12
CA SER CA 65 35.45 19.89 -106.35
C SER CA 65 36.91 19.67 -105.99
N LYS CA 66 37.61 20.68 -105.49
CA LYS CA 66 39.02 20.53 -105.16
C LYS CA 66 39.20 19.65 -103.92
N ILE CA 67 40.28 18.87 -103.92
CA ILE CA 67 40.55 17.90 -102.87
C ILE CA 67 41.96 18.14 -102.33
N LYS CA 68 42.08 18.19 -101.00
CA LYS CA 68 43.36 18.22 -100.33
C LYS CA 68 43.65 16.82 -99.79
N SER CA 69 44.80 16.28 -100.16
CA SER CA 69 45.15 14.91 -99.82
C SER CA 69 46.28 14.89 -98.79
N PHE CA 70 46.64 13.69 -98.37
CA PHE CA 70 47.79 13.48 -97.51
C PHE CA 70 48.34 12.09 -97.77
N VAL CA 71 49.62 11.90 -97.41
CA VAL CA 71 50.24 10.59 -97.42
C VAL CA 71 50.86 10.36 -96.05
N LYS CA 72 50.69 9.15 -95.52
CA LYS CA 72 51.18 8.84 -94.19
C LYS CA 72 51.61 7.38 -94.15
N VAL CA 73 52.30 7.02 -93.07
CA VAL CA 73 52.57 5.63 -92.73
C VAL CA 73 51.91 5.39 -91.38
N TYR CA 74 51.00 4.44 -91.34
CA TYR CA 74 50.16 4.24 -90.17
C TYR CA 74 50.35 2.85 -89.59
N ASN CA 75 50.44 2.77 -88.27
CA ASN CA 75 50.35 1.49 -87.60
C ASN CA 75 48.97 0.89 -87.83
N TYR CA 76 48.92 -0.44 -87.93
CA TYR CA 76 47.66 -1.12 -88.19
C TYR CA 76 46.65 -0.87 -87.08
N ASN CA 77 47.11 -0.72 -85.85
CA ASN CA 77 46.22 -0.47 -84.72
C ASN CA 77 45.55 0.89 -84.80
N HIS CA 78 46.03 1.78 -85.65
CA HIS CA 78 45.42 3.10 -85.83
C HIS CA 78 44.59 3.17 -87.10
N LEU CA 79 44.36 2.04 -87.76
CA LEU CA 79 43.58 1.99 -88.99
C LEU CA 79 42.38 1.09 -88.80
N MET CA 80 41.24 1.51 -89.33
CA MET CA 80 40.03 0.71 -89.34
C MET CA 80 39.78 0.23 -90.76
N PRO CA 81 39.99 -1.04 -91.07
CA PRO CA 81 39.74 -1.51 -92.44
C PRO CA 81 38.26 -1.52 -92.75
N THR CA 82 37.96 -1.31 -94.03
CA THR CA 82 36.60 -1.38 -94.53
C THR CA 82 36.52 -2.48 -95.59
N ARG CA 83 35.30 -2.78 -96.00
CA ARG CA 83 35.09 -3.73 -97.08
C ARG CA 83 35.23 -3.10 -98.46
N TYR CA 84 35.32 -1.77 -98.53
CA TYR CA 84 35.38 -1.09 -99.81
C TYR CA 84 36.82 -1.04 -100.31
N SER CA 85 36.96 -0.79 -101.61
CA SER CA 85 38.26 -0.72 -102.24
C SER CA 85 38.16 0.19 -103.45
N VAL CA 86 39.20 0.99 -103.68
CA VAL CA 86 39.28 1.87 -104.84
C VAL CA 86 40.50 1.47 -105.66
N ASP CA 87 40.31 1.31 -106.97
CA ASP CA 87 41.39 0.92 -107.86
C ASP CA 87 42.06 2.13 -108.49
N ILE CA 88 42.46 3.08 -107.67
CA ILE CA 88 43.09 4.31 -108.15
C ILE CA 88 44.57 4.03 -108.43
N PRO CA 89 45.04 4.28 -109.64
CA PRO CA 89 46.43 3.92 -110.00
C PRO CA 89 47.44 4.96 -109.55
N LEU CA 90 47.68 5.01 -108.25
CA LEU CA 90 48.74 5.86 -107.71
C LEU CA 90 50.10 5.33 -108.14
N ASP CA 91 50.98 6.24 -108.53
CA ASP CA 91 52.31 5.84 -108.98
C ASP CA 91 53.14 5.44 -107.77
N LYS CA 92 53.68 4.22 -107.80
CA LYS CA 92 54.45 3.72 -106.67
C LYS CA 92 55.78 4.44 -106.55
N THR CA 93 56.40 4.78 -107.69
CA THR CA 93 57.68 5.49 -107.66
C THR CA 93 57.55 6.89 -107.08
N VAL CA 94 56.37 7.49 -107.16
CA VAL CA 94 56.15 8.81 -106.56
C VAL CA 94 55.69 8.70 -105.13
N VAL CA 95 54.71 7.84 -104.86
CA VAL CA 95 54.20 7.61 -103.51
C VAL CA 95 54.88 6.34 -103.01
N ASN CA 96 56.04 6.49 -102.38
CA ASN CA 96 56.76 5.36 -101.82
C ASN CA 96 57.11 5.63 -100.36
N LYS CA 97 57.88 4.74 -99.74
CA LYS CA 97 58.09 4.85 -98.29
C LYS CA 97 59.17 5.86 -97.93
N ASP CA 98 60.22 5.99 -98.73
CA ASP CA 98 61.30 6.92 -98.42
C ASP CA 98 60.96 8.36 -98.81
N VAL CA 99 59.69 8.67 -99.01
CA VAL CA 99 59.29 10.01 -99.40
C VAL CA 99 59.27 10.94 -98.19
N PHE CA 100 59.31 10.39 -96.98
CA PHE CA 100 59.17 11.17 -95.76
C PHE CA 100 60.48 11.80 -95.29
N ARG CA 101 61.57 11.57 -96.01
CA ARG CA 101 62.85 12.17 -95.64
C ARG CA 101 63.14 13.46 -96.39
N ASP CA 102 62.35 13.81 -97.40
CA ASP CA 102 62.55 15.03 -98.16
C ASP CA 102 61.20 15.69 -98.38
N PRO CA 103 60.98 16.90 -97.88
CA PRO CA 103 59.66 17.54 -98.04
C PRO CA 103 59.26 17.79 -99.48
N ALA CA 104 60.22 18.02 -100.38
CA ALA CA 104 59.87 18.26 -101.79
C ALA CA 104 59.23 17.02 -102.40
N LEU CA 105 59.81 15.85 -102.16
CA LEU CA 105 59.21 14.62 -102.65
C LEU CA 105 57.88 14.34 -101.98
N LYS CA 106 57.73 14.70 -100.71
CA LYS CA 106 56.43 14.53 -100.06
C LYS CA 106 55.38 15.41 -100.71
N ARG CA 107 55.75 16.63 -101.08
CA ARG CA 107 54.84 17.50 -101.82
C ARG CA 107 54.48 16.88 -103.17
N LYS CA 108 55.47 16.30 -103.85
CA LYS CA 108 55.20 15.68 -105.14
C LYS CA 108 54.24 14.50 -105.01
N ALA CA 109 54.45 13.66 -104.01
CA ALA CA 109 53.57 12.51 -103.79
C ALA CA 109 52.17 12.95 -103.41
N ARG CA 110 52.08 13.99 -102.58
CA ARG CA 110 50.76 14.47 -102.18
C ARG CA 110 50.03 15.09 -103.37
N ARG CA 111 50.77 15.77 -104.25
CA ARG CA 111 50.16 16.30 -105.48
C ARG CA 111 49.67 15.18 -106.39
N GLU CA 112 50.46 14.11 -106.49
CA GLU CA 112 50.05 12.95 -107.29
C GLU CA 112 48.75 12.35 -106.74
N ALA CA 113 48.70 12.16 -105.42
CA ALA CA 113 47.49 11.63 -104.80
C ALA CA 113 46.31 12.57 -105.02
N LYS CA 114 46.55 13.88 -104.93
CA LYS CA 114 45.48 14.85 -105.11
C LYS CA 114 44.90 14.78 -106.51
N VAL CA 115 45.74 14.75 -107.54
CA VAL CA 115 45.21 14.77 -108.90
C VAL CA 115 44.51 13.44 -109.22
N LYS CA 116 45.06 12.32 -108.76
CA LYS CA 116 44.38 11.05 -108.99
C LYS CA 116 43.02 11.01 -108.28
N PHE CA 117 42.99 11.50 -107.04
CA PHE CA 117 41.74 11.53 -106.29
C PHE CA 117 40.72 12.42 -106.95
N GLU CA 118 41.15 13.57 -107.49
CA GLU CA 118 40.22 14.46 -108.16
C GLU CA 118 39.66 13.85 -109.44
N GLU CA 119 40.52 13.20 -110.24
CA GLU CA 119 39.99 12.64 -111.48
C GLU CA 119 39.09 11.44 -111.19
N ARG CA 120 39.31 10.74 -110.08
CA ARG CA 120 38.37 9.69 -109.70
C ARG CA 120 37.09 10.25 -109.12
N TYR CA 121 37.16 11.37 -108.39
CA TYR CA 121 35.98 12.00 -107.85
C TYR CA 121 35.08 12.50 -108.97
N LYS CA 122 35.67 13.01 -110.03
CA LYS CA 122 34.90 13.28 -111.24
C LYS CA 122 34.36 11.95 -111.78
N THR CA 123 33.28 12.04 -112.54
CA THR CA 123 32.49 10.93 -113.08
C THR CA 123 31.72 10.17 -112.00
N GLY CA 124 31.73 10.65 -110.77
CA GLY CA 124 30.82 10.15 -109.74
C GLY CA 124 30.99 8.70 -109.36
N LYS CA 125 32.24 8.25 -109.21
CA LYS CA 125 32.52 6.91 -108.74
C LYS CA 125 33.19 6.98 -107.36
N ASN CA 126 33.09 5.87 -106.63
CA ASN CA 126 33.62 5.78 -105.27
C ASN CA 126 33.04 6.89 -104.39
N LYS CA 127 31.74 7.09 -104.52
CA LYS CA 127 31.07 8.19 -103.84
C LYS CA 127 31.15 8.03 -102.33
N TRP CA 128 31.09 6.80 -101.85
CA TRP CA 128 31.27 6.56 -100.42
C TRP CA 128 32.65 6.99 -99.98
N PHE CA 129 33.68 6.68 -100.78
CA PHE CA 129 35.03 7.07 -100.43
C PHE CA 129 35.17 8.58 -100.37
N PHE CA 130 34.54 9.29 -101.30
CA PHE CA 130 34.70 10.73 -101.34
C PHE CA 130 33.72 11.48 -100.44
N GLN CA 131 32.78 10.79 -99.81
CA GLN CA 131 31.95 11.42 -98.79
C GLN CA 131 32.65 11.41 -97.44
N LYS CA 132 32.36 12.43 -96.63
CA LYS CA 132 32.95 12.55 -95.31
C LYS CA 132 32.18 11.71 -94.31
N LEU CA 133 32.91 10.99 -93.46
CA LEU CA 133 32.28 10.23 -92.39
C LEU CA 133 31.75 11.16 -91.32
N ARG CA 134 30.50 10.96 -90.92
CA ARG CA 134 29.84 11.78 -89.91
C ARG CA 134 29.90 11.06 -88.57
N PHE CA 135 30.59 11.67 -87.60
CA PHE CA 135 30.72 11.06 -86.29
C PHE CA 135 30.83 12.12 -85.20
N PRO DA 1 -20.92 86.63 -9.28
CA PRO DA 1 -19.83 87.02 -8.39
C PRO DA 1 -19.34 85.86 -7.54
N SER DA 2 -18.11 85.42 -7.80
CA SER DA 2 -17.54 84.31 -7.03
C SER DA 2 -17.19 84.69 -5.61
N ARG DA 3 -17.18 85.99 -5.28
CA ARG DA 3 -16.84 86.44 -3.94
C ARG DA 3 -18.00 86.32 -2.96
N LEU DA 4 -19.18 85.95 -3.43
CA LEU DA 4 -20.36 85.81 -2.58
C LEU DA 4 -20.70 84.36 -2.28
N ARG DA 5 -19.83 83.42 -2.61
CA ARG DA 5 -20.17 82.02 -2.58
C ARG DA 5 -19.51 81.30 -1.42
N LYS DA 6 -20.00 80.09 -1.16
CA LYS DA 6 -19.52 79.30 -0.03
C LYS DA 6 -18.06 78.91 -0.15
N THR DA 7 -17.50 78.91 -1.35
CA THR DA 7 -16.11 78.54 -1.52
C THR DA 7 -15.18 79.53 -0.83
N ARG DA 8 -15.55 80.80 -0.81
CA ARG DA 8 -14.71 81.78 -0.14
C ARG DA 8 -14.75 81.62 1.38
N LYS DA 9 -15.80 81.03 1.91
CA LYS DA 9 -15.89 80.78 3.35
C LYS DA 9 -15.36 79.42 3.75
N LEU DA 10 -15.29 78.48 2.83
CA LEU DA 10 -14.83 77.14 3.13
C LEU DA 10 -13.32 76.98 3.05
N ARG DA 11 -12.58 78.07 2.82
CA ARG DA 11 -11.13 78.00 2.81
C ARG DA 11 -10.60 77.82 4.22
N GLY DA 12 -9.73 76.84 4.41
CA GLY DA 12 -9.22 76.51 5.73
C GLY DA 12 -9.90 75.34 6.40
N HIS DA 13 -11.03 74.91 5.89
CA HIS DA 13 -11.75 73.75 6.41
C HIS DA 13 -11.51 72.60 5.45
N VAL DA 14 -10.97 71.50 5.98
CA VAL DA 14 -10.31 70.52 5.13
C VAL DA 14 -11.30 69.85 4.17
N SER DA 15 -12.49 69.51 4.64
CA SER DA 15 -13.42 68.71 3.85
C SER DA 15 -14.27 69.53 2.89
N HIS DA 16 -14.16 70.85 2.95
CA HIS DA 16 -14.90 71.76 2.05
C HIS DA 16 -16.40 71.55 2.15
N GLY DA 17 -16.88 71.27 3.36
CA GLY DA 17 -18.31 71.15 3.58
C GLY DA 17 -18.92 69.84 3.14
N HIS DA 18 -18.12 68.82 2.84
CA HIS DA 18 -18.63 67.54 2.39
C HIS DA 18 -18.39 66.41 3.38
N GLY DA 19 -17.90 66.72 4.57
CA GLY DA 19 -17.79 65.68 5.59
C GLY DA 19 -16.47 64.95 5.53
N ARG DA 20 -16.08 64.42 6.69
CA ARG DA 20 -14.85 63.65 6.78
C ARG DA 20 -15.09 62.15 6.58
N ILE DA 21 -16.30 61.68 6.86
CA ILE DA 21 -16.60 60.26 6.83
C ILE DA 21 -17.04 59.84 5.43
N GLY DA 22 -18.14 60.43 4.96
CA GLY DA 22 -18.65 60.06 3.66
C GLY DA 22 -17.94 60.70 2.50
N LYS DA 23 -17.22 61.80 2.75
CA LYS DA 23 -16.39 62.48 1.76
C LYS DA 23 -17.19 62.97 0.57
N HIS DA 24 -16.50 63.45 -0.45
CA HIS DA 24 -17.11 63.82 -1.73
C HIS DA 24 -16.48 62.94 -2.78
N ARG DA 25 -17.18 61.89 -3.18
CA ARG DA 25 -16.69 60.95 -4.15
C ARG DA 25 -17.33 61.22 -5.50
N LYS DA 26 -16.95 60.45 -6.51
CA LYS DA 26 -17.35 60.74 -7.88
C LYS DA 26 -18.86 60.60 -8.09
N HIS DA 27 -19.38 59.39 -8.00
CA HIS DA 27 -20.78 59.12 -8.28
C HIS DA 27 -21.28 57.96 -7.42
N PRO DA 28 -21.50 58.21 -6.12
CA PRO DA 28 -22.16 57.18 -5.30
C PRO DA 28 -23.65 57.18 -5.58
N GLY DA 29 -24.19 56.01 -5.93
CA GLY DA 29 -25.57 55.87 -6.30
C GLY DA 29 -25.82 55.74 -7.78
N GLY DA 30 -24.86 56.10 -8.61
CA GLY DA 30 -25.02 56.02 -10.05
C GLY DA 30 -25.05 57.40 -10.69
N ARG DA 31 -25.16 57.39 -12.01
CA ARG DA 31 -25.14 58.61 -12.81
C ARG DA 31 -26.53 58.90 -13.35
N GLY DA 32 -26.98 60.14 -13.18
CA GLY DA 32 -28.27 60.53 -13.70
C GLY DA 32 -29.39 59.85 -12.94
N ASN DA 33 -30.40 59.39 -13.68
CA ASN DA 33 -31.54 58.71 -13.08
C ASN DA 33 -31.29 57.21 -12.97
N ALA DA 34 -30.14 56.84 -12.46
CA ALA DA 34 -29.78 55.44 -12.31
C ALA DA 34 -30.52 54.81 -11.15
N GLY DA 35 -30.92 53.55 -11.33
CA GLY DA 35 -31.54 52.82 -10.25
C GLY DA 35 -32.88 53.36 -9.80
N GLY DA 36 -33.67 53.88 -10.73
CA GLY DA 36 -34.98 54.41 -10.37
C GLY DA 36 -35.97 53.33 -9.98
N LEU DA 37 -35.67 52.08 -10.28
CA LEU DA 37 -36.51 50.97 -9.87
C LEU DA 37 -35.86 50.08 -8.83
N HIS DA 38 -34.59 50.34 -8.49
CA HIS DA 38 -33.86 49.45 -7.59
C HIS DA 38 -33.45 50.12 -6.29
N HIS DA 39 -32.59 51.13 -6.33
CA HIS DA 39 -32.12 51.72 -5.09
C HIS DA 39 -32.48 53.19 -4.96
N HIS DA 40 -33.16 53.76 -5.95
CA HIS DA 40 -33.83 55.06 -5.81
C HIS DA 40 -35.33 54.90 -5.95
N ARG DA 41 -35.84 53.69 -5.73
CA ARG DA 41 -37.25 53.40 -5.94
C ARG DA 41 -38.12 54.20 -5.00
N ILE DA 42 -37.69 54.39 -3.76
CA ILE DA 42 -38.50 55.13 -2.80
C ILE DA 42 -38.67 56.57 -3.24
N ASN DA 43 -37.58 57.21 -3.67
CA ASN DA 43 -37.67 58.58 -4.16
C ASN DA 43 -38.57 58.67 -5.37
N PHE DA 44 -38.41 57.73 -6.32
CA PHE DA 44 -39.20 57.81 -7.54
C PHE DA 44 -40.68 57.57 -7.25
N ASP DA 45 -41.00 56.61 -6.40
CA ASP DA 45 -42.40 56.36 -6.07
C ASP DA 45 -42.99 57.49 -5.25
N LYS DA 46 -42.19 58.12 -4.40
CA LYS DA 46 -42.69 59.17 -3.52
C LYS DA 46 -42.94 60.46 -4.26
N TYR DA 47 -42.06 60.85 -5.19
CA TYR DA 47 -42.19 62.15 -5.81
C TYR DA 47 -42.60 62.12 -7.27
N HIS DA 48 -42.44 61.01 -7.97
CA HIS DA 48 -42.84 60.89 -9.37
C HIS DA 48 -43.63 59.60 -9.57
N PRO DA 49 -44.84 59.52 -9.03
CA PRO DA 49 -45.69 58.38 -9.35
C PRO DA 49 -46.14 58.43 -10.80
N GLY DA 50 -46.30 57.24 -11.38
CA GLY DA 50 -46.64 57.14 -12.79
C GLY DA 50 -45.47 57.17 -13.73
N TYR DA 51 -44.24 57.21 -13.23
CA TYR DA 51 -43.08 57.42 -14.07
C TYR DA 51 -42.83 56.24 -15.00
N PHE DA 52 -43.06 55.02 -14.53
CA PHE DA 52 -42.72 53.82 -15.28
C PHE DA 52 -43.94 53.22 -15.95
N GLY DA 53 -43.79 52.80 -17.20
CA GLY DA 53 -44.82 52.12 -17.94
C GLY DA 53 -45.43 52.98 -19.03
N LYS DA 54 -46.27 52.33 -19.82
CA LYS DA 54 -46.98 52.97 -20.93
C LYS DA 54 -48.46 53.08 -20.61
N VAL DA 55 -49.06 54.18 -21.03
CA VAL DA 55 -50.50 54.38 -20.93
C VAL DA 55 -50.99 55.03 -22.21
N GLY DA 56 -52.00 54.45 -22.84
CA GLY DA 56 -52.70 55.10 -23.92
C GLY DA 56 -52.20 54.69 -25.30
N MET DA 57 -52.78 55.35 -26.30
CA MET DA 57 -52.53 55.07 -27.70
C MET DA 57 -51.46 56.00 -28.23
N LYS DA 58 -50.46 55.45 -28.91
CA LYS DA 58 -49.49 56.30 -29.56
C LYS DA 58 -49.98 56.72 -30.93
N HIS DA 59 -49.59 57.92 -31.33
CA HIS DA 59 -50.04 58.51 -32.59
C HIS DA 59 -48.83 59.07 -33.31
N TYR DA 60 -48.49 58.47 -34.45
CA TYR DA 60 -47.34 58.93 -35.22
C TYR DA 60 -47.70 60.21 -35.97
N HIS DA 61 -46.68 61.06 -36.15
CA HIS DA 61 -46.79 62.30 -36.92
C HIS DA 61 -47.89 63.19 -36.35
N LEU DA 62 -47.73 63.58 -35.10
CA LEU DA 62 -48.66 64.52 -34.50
C LEU DA 62 -48.39 65.91 -35.03
N LYS DA 63 -49.44 66.57 -35.49
CA LYS DA 63 -49.37 67.95 -35.96
C LYS DA 63 -50.18 68.81 -35.01
N ARG DA 64 -49.49 69.67 -34.25
CA ARG DA 64 -50.15 70.49 -33.24
C ARG DA 64 -51.12 71.48 -33.87
N ASN DA 65 -50.84 71.91 -35.10
CA ASN DA 65 -51.69 72.90 -35.75
C ASN DA 65 -53.09 72.38 -35.97
N GLN DA 66 -53.24 71.06 -36.21
CA GLN DA 66 -54.56 70.49 -36.42
C GLN DA 66 -55.42 70.64 -35.18
N SER DA 67 -54.85 70.43 -34.01
CA SER DA 67 -55.58 70.52 -32.75
C SER DA 67 -55.54 71.91 -32.15
N PHE DA 68 -54.89 72.86 -32.80
CA PHE DA 68 -54.87 74.24 -32.33
C PHE DA 68 -56.30 74.78 -32.19
N CYS DA 69 -56.68 75.10 -30.96
CA CYS DA 69 -58.00 75.66 -30.68
C CYS DA 69 -57.96 76.44 -29.38
N PRO DA 70 -57.51 77.69 -29.40
CA PRO DA 70 -57.48 78.49 -28.17
C PRO DA 70 -58.88 78.82 -27.69
N THR DA 71 -59.00 79.01 -26.38
CA THR DA 71 -60.29 79.22 -25.74
C THR DA 71 -60.31 80.56 -25.02
N VAL DA 72 -61.49 81.14 -24.92
CA VAL DA 72 -61.71 82.37 -24.16
C VAL DA 72 -62.94 82.17 -23.30
N ASN DA 73 -62.92 82.73 -22.09
CA ASN DA 73 -64.04 82.62 -21.18
C ASN DA 73 -64.95 83.84 -21.29
N LEU DA 74 -66.20 83.65 -20.87
CA LEU DA 74 -67.19 84.72 -20.96
C LEU DA 74 -66.84 85.90 -20.07
N ASP DA 75 -66.12 85.67 -18.97
CA ASP DA 75 -65.74 86.79 -18.11
C ASP DA 75 -64.73 87.70 -18.79
N LYS DA 76 -63.87 87.16 -19.64
CA LYS DA 76 -62.95 87.94 -20.43
C LYS DA 76 -63.48 88.27 -21.82
N LEU DA 77 -64.72 87.86 -22.13
CA LEU DA 77 -65.26 88.06 -23.47
C LEU DA 77 -65.31 89.53 -23.87
N TRP DA 78 -65.77 90.39 -22.97
CA TRP DA 78 -65.95 91.80 -23.34
C TRP DA 78 -64.65 92.57 -23.43
N THR DA 79 -63.53 91.98 -23.02
CA THR DA 79 -62.23 92.63 -23.15
C THR DA 79 -61.70 92.60 -24.59
N LEU DA 80 -62.35 91.86 -25.48
CA LEU DA 80 -61.88 91.74 -26.86
C LEU DA 80 -62.29 92.91 -27.74
N VAL DA 81 -63.21 93.75 -27.28
CA VAL DA 81 -63.61 94.93 -28.03
C VAL DA 81 -63.19 96.17 -27.27
N SER DA 82 -63.43 97.34 -27.82
CA SER DA 82 -63.07 98.58 -27.15
C SER DA 82 -64.07 98.92 -26.06
N GLU DA 83 -63.64 99.77 -25.13
CA GLU DA 83 -64.54 100.28 -24.10
C GLU DA 83 -65.66 101.10 -24.71
N GLN DA 84 -65.34 101.82 -25.79
CA GLN DA 84 -66.35 102.59 -26.51
C GLN DA 84 -67.49 101.68 -26.99
N THR DA 85 -67.15 100.49 -27.49
CA THR DA 85 -68.16 99.56 -27.95
C THR DA 85 -69.14 99.21 -26.84
N ARG DA 86 -68.60 98.83 -25.67
CA ARG DA 86 -69.47 98.39 -24.59
C ARG DA 86 -70.33 99.53 -24.05
N VAL DA 87 -69.73 100.71 -23.88
CA VAL DA 87 -70.52 101.81 -23.33
C VAL DA 87 -71.59 102.27 -24.32
N ASN DA 88 -71.26 102.28 -25.63
CA ASN DA 88 -72.26 102.65 -26.62
C ASN DA 88 -73.39 101.64 -26.68
N ALA DA 89 -73.06 100.34 -26.60
CA ALA DA 89 -74.11 99.33 -26.58
C ALA DA 89 -74.98 99.43 -25.35
N ALA DA 90 -74.37 99.73 -24.19
CA ALA DA 90 -75.13 99.84 -22.96
C ALA DA 90 -76.07 101.03 -22.99
N LYS DA 91 -75.63 102.17 -23.51
CA LYS DA 91 -76.46 103.36 -23.54
C LYS DA 91 -77.26 103.49 -24.83
N ASN DA 92 -77.20 102.50 -25.70
CA ASN DA 92 -77.96 102.54 -26.95
C ASN DA 92 -79.45 102.47 -26.66
N LYS DA 93 -80.22 103.36 -27.29
CA LYS DA 93 -81.67 103.33 -27.16
C LYS DA 93 -82.26 102.14 -27.90
N THR DA 94 -81.82 101.91 -29.12
CA THR DA 94 -82.24 100.73 -29.86
C THR DA 94 -81.57 99.49 -29.29
N GLY DA 95 -82.18 98.34 -29.55
CA GLY DA 95 -81.65 97.08 -29.04
C GLY DA 95 -80.55 96.49 -29.89
N ALA DA 96 -79.80 97.34 -30.58
CA ALA DA 96 -78.70 96.87 -31.41
C ALA DA 96 -77.60 96.29 -30.54
N ALA DA 97 -77.11 95.12 -30.91
CA ALA DA 97 -76.08 94.45 -30.14
C ALA DA 97 -74.78 94.39 -30.91
N PRO DA 98 -73.66 94.68 -30.27
CA PRO DA 98 -72.36 94.61 -30.97
C PRO DA 98 -71.98 93.18 -31.26
N ILE DA 99 -71.15 93.03 -32.29
CA ILE DA 99 -70.63 91.73 -32.72
C ILE DA 99 -69.20 91.59 -32.21
N ILE DA 100 -68.92 90.48 -31.55
CA ILE DA 100 -67.59 90.16 -31.05
C ILE DA 100 -67.08 88.96 -31.83
N ASP DA 101 -65.95 89.12 -32.50
CA ASP DA 101 -65.37 88.07 -33.34
C ASP DA 101 -64.13 87.54 -32.62
N VAL DA 102 -64.32 86.48 -31.85
CA VAL DA 102 -63.23 85.91 -31.09
C VAL DA 102 -62.20 85.28 -32.01
N VAL DA 103 -62.61 84.87 -33.22
CA VAL DA 103 -61.64 84.37 -34.19
C VAL DA 103 -60.74 85.50 -34.66
N ARG DA 104 -61.29 86.70 -34.81
CA ARG DA 104 -60.47 87.87 -35.10
C ARG DA 104 -59.54 88.17 -33.93
N SER DA 105 -60.03 88.06 -32.70
CA SER DA 105 -59.17 88.29 -31.56
C SER DA 105 -58.17 87.17 -31.31
N GLY DA 106 -58.32 86.03 -31.98
CA GLY DA 106 -57.39 84.94 -31.83
C GLY DA 106 -57.87 83.77 -31.00
N TYR DA 107 -59.17 83.57 -30.87
CA TYR DA 107 -59.73 82.47 -30.09
C TYR DA 107 -60.71 81.71 -30.96
N TYR DA 108 -60.73 80.39 -30.81
CA TYR DA 108 -61.63 79.58 -31.61
C TYR DA 108 -62.85 79.10 -30.85
N LYS DA 109 -62.71 78.84 -29.55
CA LYS DA 109 -63.79 78.32 -28.73
C LYS DA 109 -64.11 79.29 -27.62
N VAL DA 110 -65.40 79.47 -27.34
CA VAL DA 110 -65.86 80.31 -26.24
C VAL DA 110 -66.32 79.40 -25.12
N LEU DA 111 -65.68 79.52 -23.96
CA LEU DA 111 -66.02 78.74 -22.79
C LEU DA 111 -66.87 79.57 -21.83
N GLY DA 112 -67.52 78.88 -20.90
CA GLY DA 112 -68.59 79.50 -20.14
C GLY DA 112 -68.28 79.92 -18.72
N LYS DA 113 -67.01 80.04 -18.36
CA LYS DA 113 -66.67 80.45 -17.00
C LYS DA 113 -67.01 81.92 -16.79
N GLY DA 114 -67.58 82.21 -15.63
CA GLY DA 114 -67.93 83.57 -15.28
C GLY DA 114 -69.36 83.91 -15.64
N LYS DA 115 -69.63 85.21 -15.65
CA LYS DA 115 -70.95 85.73 -15.98
C LYS DA 115 -70.79 86.92 -16.91
N LEU DA 116 -71.86 87.23 -17.62
CA LEU DA 116 -71.86 88.32 -18.56
C LEU DA 116 -72.62 89.52 -17.99
N PRO DA 117 -72.27 90.73 -18.39
CA PRO DA 117 -73.12 91.88 -18.08
C PRO DA 117 -74.45 91.77 -18.80
N LYS DA 118 -75.49 92.34 -18.19
CA LYS DA 118 -76.86 92.22 -18.68
C LYS DA 118 -77.05 93.12 -19.91
N GLN DA 119 -76.54 92.65 -21.05
CA GLN DA 119 -76.78 93.34 -22.31
C GLN DA 119 -76.55 92.40 -23.47
N PRO DA 120 -77.35 92.48 -24.53
CA PRO DA 120 -77.21 91.54 -25.63
C PRO DA 120 -75.92 91.75 -26.42
N VAL DA 121 -75.44 90.68 -27.04
CA VAL DA 121 -74.22 90.71 -27.83
C VAL DA 121 -74.25 89.52 -28.76
N ILE DA 122 -73.80 89.74 -30.00
CA ILE DA 122 -73.63 88.65 -30.96
C ILE DA 122 -72.18 88.17 -30.87
N VAL DA 123 -71.99 86.87 -30.78
CA VAL DA 123 -70.66 86.30 -30.62
C VAL DA 123 -70.39 85.38 -31.80
N LYS DA 124 -69.31 85.65 -32.53
CA LYS DA 124 -68.89 84.83 -33.66
C LYS DA 124 -67.73 83.95 -33.21
N ALA DA 125 -67.92 82.63 -33.23
CA ALA DA 125 -66.88 81.72 -32.81
C ALA DA 125 -66.97 80.45 -33.63
N LYS DA 126 -65.86 79.72 -33.68
CA LYS DA 126 -65.87 78.41 -34.32
C LYS DA 126 -66.65 77.41 -33.49
N PHE DA 127 -66.41 77.38 -32.19
CA PHE DA 127 -67.05 76.44 -31.29
C PHE DA 127 -67.58 77.17 -30.07
N PHE DA 128 -68.62 76.61 -29.47
CA PHE DA 128 -69.21 77.11 -28.25
C PHE DA 128 -69.38 75.95 -27.29
N SER DA 129 -69.26 76.23 -26.00
CA SER DA 129 -69.66 75.25 -25.01
C SER DA 129 -71.13 75.45 -24.67
N ARG DA 130 -71.74 74.42 -24.08
CA ARG DA 130 -73.17 74.47 -23.81
C ARG DA 130 -73.51 75.57 -22.83
N ARG DA 131 -72.74 75.69 -21.75
CA ARG DA 131 -73.02 76.71 -20.76
C ARG DA 131 -72.69 78.10 -21.27
N ALA DA 132 -71.68 78.23 -22.13
CA ALA DA 132 -71.40 79.52 -22.75
C ALA DA 132 -72.56 79.96 -23.62
N GLU DA 133 -73.10 79.04 -24.42
CA GLU DA 133 -74.28 79.36 -25.22
C GLU DA 133 -75.46 79.73 -24.34
N GLU DA 134 -75.68 78.99 -23.26
CA GLU DA 134 -76.79 79.27 -22.37
C GLU DA 134 -76.65 80.65 -21.73
N LYS DA 135 -75.45 81.00 -21.27
CA LYS DA 135 -75.25 82.30 -20.63
C LYS DA 135 -75.33 83.43 -21.63
N ILE DA 136 -74.93 83.22 -22.89
CA ILE DA 136 -75.08 84.25 -23.89
C ILE DA 136 -76.56 84.46 -24.22
N LYS DA 137 -77.33 83.37 -24.32
CA LYS DA 137 -78.76 83.50 -24.55
C LYS DA 137 -79.47 84.13 -23.36
N SER DA 138 -78.91 83.98 -22.17
CA SER DA 138 -79.55 84.53 -20.97
C SER DA 138 -79.59 86.05 -21.00
N VAL DA 139 -78.55 86.69 -21.55
CA VAL DA 139 -78.48 88.14 -21.57
C VAL DA 139 -79.10 88.66 -22.86
N GLY DA 140 -79.80 87.79 -23.58
CA GLY DA 140 -80.46 88.21 -24.81
C GLY DA 140 -79.57 88.24 -26.02
N GLY DA 141 -78.40 87.62 -25.97
CA GLY DA 141 -77.50 87.59 -27.11
C GLY DA 141 -77.76 86.42 -28.03
N ALA DA 142 -76.89 86.29 -29.03
CA ALA DA 142 -76.96 85.20 -29.98
C ALA DA 142 -75.57 84.63 -30.21
N CYS DA 143 -75.51 83.34 -30.45
CA CYS DA 143 -74.27 82.65 -30.79
C CYS DA 143 -74.34 82.25 -32.26
N VAL DA 144 -73.39 82.74 -33.05
CA VAL DA 144 -73.33 82.43 -34.47
C VAL DA 144 -71.99 81.78 -34.75
N LEU DA 145 -72.00 80.77 -35.63
CA LEU DA 145 -70.83 79.96 -35.88
C LEU DA 145 -70.13 80.40 -37.16
N VAL DA 146 -68.81 80.23 -37.17
CA VAL DA 146 -67.98 80.52 -38.33
C VAL DA 146 -67.10 79.30 -38.59
N ALA DA 147 -66.48 79.29 -39.77
CA ALA DA 147 -65.61 78.19 -40.15
C ALA DA 147 -64.17 78.65 -40.33
N ALA EA 1 -16.43 42.89 8.47
CA ALA EA 1 -17.37 41.82 8.16
C ALA EA 1 -18.71 42.07 8.84
N LYS EA 2 -18.89 41.51 10.03
CA LYS EA 2 -20.12 41.68 10.77
C LYS EA 2 -20.19 43.09 11.36
N SER EA 3 -21.39 43.47 11.76
CA SER EA 3 -21.64 44.79 12.32
C SER EA 3 -22.89 44.73 13.18
N LYS EA 4 -23.24 45.87 13.77
CA LYS EA 4 -24.43 45.95 14.62
C LYS EA 4 -25.69 45.76 13.79
N ASN EA 5 -26.69 45.11 14.38
CA ASN EA 5 -27.92 44.75 13.69
C ASN EA 5 -29.03 45.77 13.89
N HIS EA 6 -29.36 46.09 15.13
CA HIS EA 6 -30.48 46.98 15.41
C HIS EA 6 -30.31 47.58 16.79
N THR EA 7 -30.72 48.84 16.94
CA THR EA 7 -30.81 49.42 18.27
C THR EA 7 -31.80 50.58 18.22
N THR EA 8 -32.40 50.88 19.37
CA THR EA 8 -33.18 52.09 19.57
C THR EA 8 -32.48 53.04 20.53
N HIS EA 9 -31.19 52.86 20.73
CA HIS EA 9 -30.41 53.79 21.55
C HIS EA 9 -30.38 55.15 20.87
N ASN EA 10 -30.56 56.21 21.68
CA ASN EA 10 -30.55 57.61 21.27
C ASN EA 10 -31.82 58.00 20.51
N GLN EA 11 -32.66 57.03 20.19
CA GLN EA 11 -33.84 57.31 19.39
C GLN EA 11 -34.85 58.13 20.17
N SER EA 12 -35.03 57.84 21.45
CA SER EA 12 -35.94 58.62 22.27
C SER EA 12 -35.49 60.06 22.40
N ARG EA 13 -34.18 60.27 22.53
CA ARG EA 13 -33.63 61.61 22.60
C ARG EA 13 -33.88 62.37 21.30
N LYS EA 14 -33.68 61.70 20.16
CA LYS EA 14 -33.99 62.32 18.87
C LYS EA 14 -35.48 62.65 18.79
N TRP EA 15 -36.33 61.76 19.28
CA TRP EA 15 -37.77 62.01 19.22
C TRP EA 15 -38.16 63.22 20.05
N HIS EA 16 -37.56 63.37 21.23
CA HIS EA 16 -37.95 64.45 22.12
C HIS EA 16 -37.22 65.75 21.87
N ARG EA 17 -36.24 65.78 20.96
CA ARG EA 17 -35.57 67.05 20.68
C ARG EA 17 -36.54 68.09 20.12
N ASN EA 18 -37.39 67.69 19.19
CA ASN EA 18 -38.45 68.57 18.68
C ASN EA 18 -39.80 68.30 19.33
N GLY EA 19 -39.83 67.50 20.39
CA GLY EA 19 -41.07 67.21 21.08
C GLY EA 19 -41.92 66.18 20.36
N ILE EA 20 -42.66 65.38 21.12
CA ILE EA 20 -43.59 64.41 20.54
C ILE EA 20 -44.96 65.06 20.66
N LYS EA 21 -45.37 65.75 19.60
CA LYS EA 21 -46.59 66.54 19.61
C LYS EA 21 -47.79 65.67 19.28
N LYS EA 22 -48.85 65.85 20.05
CA LYS EA 22 -50.11 65.18 19.75
C LYS EA 22 -50.74 65.79 18.50
N PRO EA 23 -51.61 65.04 17.83
CA PRO EA 23 -52.31 65.61 16.67
C PRO EA 23 -53.14 66.82 17.06
N ARG EA 24 -53.20 67.79 16.16
CA ARG EA 24 -53.85 69.07 16.45
C ARG EA 24 -55.36 68.87 16.50
N SER EA 25 -55.90 68.78 17.70
CA SER EA 25 -57.33 68.64 17.89
C SER EA 25 -58.01 69.94 17.50
N GLN EA 26 -58.74 69.93 16.40
CA GLN EA 26 -59.36 71.13 15.87
C GLN EA 26 -60.83 70.86 15.60
N ARG EA 27 -61.66 71.88 15.82
CA ARG EA 27 -63.10 71.76 15.65
C ARG EA 27 -63.45 71.29 14.24
N TYR EA 28 -64.64 70.71 14.10
CA TYR EA 28 -65.15 70.27 12.81
C TYR EA 28 -64.21 69.25 12.16
N GLU EA 29 -64.18 68.06 12.75
CA GLU EA 29 -63.47 66.95 12.16
C GLU EA 29 -64.03 66.63 10.77
N SER EA 30 -63.20 66.03 9.93
CA SER EA 30 -63.64 65.65 8.60
C SER EA 30 -64.60 64.46 8.67
N LEU EA 31 -65.53 64.41 7.72
CA LEU EA 31 -66.52 63.34 7.65
C LEU EA 31 -66.02 62.15 6.85
N LYS EA 32 -64.72 61.99 6.72
CA LYS EA 32 -64.17 60.85 5.99
C LYS EA 32 -64.37 59.57 6.77
N GLY EA 33 -64.75 58.51 6.05
CA GLY EA 33 -64.95 57.21 6.65
C GLY EA 33 -66.29 57.01 7.31
N VAL EA 34 -67.13 58.03 7.32
CA VAL EA 34 -68.47 57.91 7.90
C VAL EA 34 -69.34 57.13 6.94
N ASP EA 35 -70.36 56.46 7.48
CA ASP EA 35 -71.26 55.60 6.72
C ASP EA 35 -71.87 56.38 5.56
N PRO EA 36 -71.72 55.92 4.31
CA PRO EA 36 -72.23 56.71 3.18
C PRO EA 36 -73.73 56.94 3.18
N LYS EA 37 -74.51 55.99 3.66
CA LYS EA 37 -75.96 56.21 3.75
C LYS EA 37 -76.28 57.35 4.70
N PHE EA 38 -75.65 57.34 5.87
CA PHE EA 38 -75.81 58.41 6.84
C PHE EA 38 -75.34 59.74 6.26
N LEU EA 39 -74.23 59.72 5.53
CA LEU EA 39 -73.71 60.95 4.93
C LEU EA 39 -74.66 61.52 3.89
N ARG EA 40 -75.25 60.67 3.04
CA ARG EA 40 -76.12 61.21 2.01
C ARG EA 40 -77.42 61.74 2.62
N ASN EA 41 -77.93 61.08 3.67
CA ASN EA 41 -79.09 61.66 4.33
C ASN EA 41 -78.73 62.97 5.03
N MET EA 42 -77.54 63.05 5.60
CA MET EA 42 -77.08 64.29 6.21
C MET EA 42 -77.00 65.41 5.18
N ARG EA 43 -76.51 65.08 3.99
CA ARG EA 43 -76.47 66.05 2.90
C ARG EA 43 -77.87 66.50 2.51
N PHE EA 44 -78.82 65.58 2.47
CA PHE EA 44 -80.20 65.95 2.15
C PHE EA 44 -80.79 66.88 3.20
N ALA EA 45 -80.52 66.59 4.48
CA ALA EA 45 -81.01 67.46 5.54
C ALA EA 45 -80.39 68.85 5.44
N LYS EA 46 -79.09 68.92 5.16
CA LYS EA 46 -78.44 70.22 4.99
C LYS EA 46 -79.01 70.97 3.79
N LYS EA 47 -79.27 70.26 2.70
CA LYS EA 47 -79.82 70.88 1.51
C LYS EA 47 -81.20 71.46 1.77
N HIS EA 48 -82.04 70.73 2.48
CA HIS EA 48 -83.42 71.16 2.71
C HIS EA 48 -83.58 71.97 3.99
N ASN EA 49 -82.49 72.29 4.68
CA ASN EA 49 -82.57 73.25 5.78
C ASN EA 49 -83.10 74.60 5.35
N LYS EA 50 -83.02 74.93 4.06
CA LYS EA 50 -83.48 76.23 3.57
C LYS EA 50 -84.96 76.44 3.85
N LYS EA 51 -85.79 75.45 3.51
CA LYS EA 51 -87.20 75.56 3.79
C LYS EA 51 -87.44 75.49 5.29
N GLY EA 52 -88.53 76.11 5.73
CA GLY EA 52 -88.74 76.29 7.15
C GLY EA 52 -87.97 77.43 7.75
N LEU EA 53 -87.32 78.25 6.92
CA LEU EA 53 -86.61 79.41 7.43
C LEU EA 53 -87.58 80.45 7.97
N LYS EA 54 -88.73 80.63 7.32
CA LYS EA 54 -89.73 81.56 7.82
C LYS EA 54 -90.29 81.10 9.15
N LYS EA 55 -90.58 79.80 9.30
CA LYS EA 55 -91.02 79.29 10.58
C LYS EA 55 -89.94 79.44 11.65
N MET EA 56 -88.68 79.20 11.26
CA MET EA 56 -87.57 79.32 12.20
C MET EA 56 -87.44 80.75 12.71
N GLN EA 57 -87.50 81.72 11.81
CA GLN EA 57 -87.37 83.12 12.23
C GLN EA 57 -88.60 83.60 12.99
N ALA EA 58 -89.79 83.06 12.66
CA ALA EA 58 -90.97 83.38 13.45
C ALA EA 58 -90.84 82.87 14.88
N ASN EA 59 -90.34 81.65 15.05
CA ASN EA 59 -90.10 81.12 16.38
C ASN EA 59 -89.06 81.93 17.13
N ASN EA 60 -87.98 82.31 16.42
CA ASN EA 60 -86.95 83.13 17.05
C ASN EA 60 -87.50 84.47 17.50
N ALA EA 61 -88.31 85.11 16.66
CA ALA EA 61 -88.88 86.41 17.00
C ALA EA 61 -89.84 86.30 18.17
N LYS EA 62 -90.70 85.28 18.19
CA LYS EA 62 -91.66 85.17 19.29
C LYS EA 62 -90.94 84.84 20.60
N ALA EA 63 -89.91 83.98 20.55
CA ALA EA 63 -89.15 83.70 21.76
C ALA EA 63 -88.41 84.93 22.25
N MET EA 64 -87.83 85.71 21.33
CA MET EA 64 -87.15 86.93 21.72
C MET EA 64 -88.11 87.93 22.34
N SER EA 65 -89.31 88.08 21.76
CA SER EA 65 -90.29 89.00 22.31
C SER EA 65 -90.76 88.56 23.69
N ALA EA 66 -91.01 87.26 23.86
CA ALA EA 66 -91.45 86.76 25.16
C ALA EA 66 -90.38 86.95 26.22
N ARG EA 67 -89.13 86.62 25.89
CA ARG EA 67 -88.04 86.79 26.84
C ARG EA 67 -87.84 88.26 27.17
N ALA EA 68 -87.92 89.14 26.16
CA ALA EA 68 -87.74 90.57 26.40
C ALA EA 68 -88.83 91.13 27.28
N GLU EA 69 -90.08 90.75 27.05
CA GLU EA 69 -91.15 91.28 27.89
C GLU EA 69 -91.09 90.70 29.30
N ALA EA 70 -90.68 89.44 29.45
CA ALA EA 70 -90.49 88.88 30.78
C ALA EA 70 -89.37 89.59 31.53
N ILE EA 71 -88.28 89.93 30.84
CA ILE EA 71 -87.18 90.63 31.47
C ILE EA 71 -87.59 92.06 31.83
N LYS EA 72 -88.25 92.75 30.90
CA LYS EA 72 -88.67 94.14 31.13
C LYS EA 72 -89.85 94.25 32.07
N ALA EA 73 -90.47 93.13 32.45
CA ALA EA 73 -91.52 93.16 33.47
C ALA EA 73 -90.87 93.41 34.83
N LEU EA 74 -90.83 94.67 35.24
CA LEU EA 74 -90.32 95.07 36.54
C LEU EA 74 -91.45 95.60 37.39
N VAL EA 75 -91.49 95.16 38.66
CA VAL EA 75 -92.49 95.52 39.68
C VAL EA 75 -93.90 95.70 39.12
N VAL EA 88 -67.81 101.01 62.48
CA VAL EA 88 -66.72 101.30 63.39
C VAL EA 88 -65.65 102.12 62.69
N SER EA 89 -64.38 101.90 63.07
CA SER EA 89 -63.26 102.63 62.51
C SER EA 89 -62.54 101.83 61.43
N ARG EA 90 -62.02 100.65 61.78
CA ARG EA 90 -61.29 99.77 60.86
C ARG EA 90 -60.11 100.52 60.22
N LYS EA 91 -59.13 100.81 61.07
CA LYS EA 91 -58.01 101.70 60.73
C LYS EA 91 -57.34 101.28 59.43
N LEU EA 92 -57.08 99.99 59.25
CA LEU EA 92 -56.36 99.54 58.06
C LEU EA 92 -57.19 99.73 56.80
N ASP EA 93 -58.49 99.43 56.88
CA ASP EA 93 -59.38 99.66 55.74
C ASP EA 93 -59.49 101.14 55.41
N ARG EA 94 -59.56 101.98 56.44
CA ARG EA 94 -59.61 103.41 56.23
C ARG EA 94 -58.35 103.91 55.54
N LEU EA 95 -57.18 103.39 55.97
CA LEU EA 95 -55.93 103.81 55.36
C LEU EA 95 -55.84 103.34 53.91
N ALA EA 96 -56.30 102.13 53.61
CA ALA EA 96 -56.34 101.69 52.22
C ALA EA 96 -57.26 102.56 51.38
N TYR EA 97 -58.41 102.93 51.94
CA TYR EA 97 -59.34 103.81 51.23
C TYR EA 97 -58.70 105.16 50.93
N ILE EA 98 -58.01 105.73 51.92
CA ILE EA 98 -57.34 107.01 51.70
C ILE EA 98 -56.23 106.87 50.67
N ALA EA 99 -55.50 105.77 50.71
CA ALA EA 99 -54.43 105.53 49.74
C ALA EA 99 -54.94 105.24 48.35
N HIS EA 100 -56.23 104.94 48.19
CA HIS EA 100 -56.78 104.77 46.84
C HIS EA 100 -56.66 106.09 46.07
N PRO EA 101 -56.20 106.06 44.82
CA PRO EA 101 -55.98 107.31 44.09
C PRO EA 101 -57.23 108.13 43.85
N LYS EA 102 -58.38 107.50 43.67
CA LYS EA 102 -59.62 108.22 43.39
C LYS EA 102 -60.56 108.32 44.58
N LEU EA 103 -60.75 107.23 45.31
CA LEU EA 103 -61.69 107.24 46.43
C LEU EA 103 -61.18 108.07 47.60
N GLY EA 104 -59.87 108.10 47.80
CA GLY EA 104 -59.27 108.85 48.90
C GLY EA 104 -58.83 110.25 48.56
N LYS EA 105 -59.21 110.78 47.40
CA LYS EA 105 -58.76 112.11 47.00
C LYS EA 105 -59.27 113.18 47.95
N ARG EA 106 -60.58 113.18 48.22
CA ARG EA 106 -61.14 114.15 49.14
C ARG EA 106 -60.64 113.94 50.56
N ALA EA 107 -60.42 112.69 50.96
CA ALA EA 107 -59.92 112.41 52.30
C ALA EA 107 -58.53 112.97 52.50
N ARG EA 108 -57.64 112.78 51.53
CA ARG EA 108 -56.30 113.30 51.70
C ARG EA 108 -56.26 114.81 51.52
N ALA EA 109 -57.19 115.38 50.74
CA ALA EA 109 -57.33 116.83 50.73
C ALA EA 109 -57.74 117.34 52.10
N ARG EA 110 -58.65 116.64 52.77
CA ARG EA 110 -59.10 117.04 54.11
C ARG EA 110 -57.95 116.99 55.09
N ILE EA 111 -57.15 115.91 55.07
CA ILE EA 111 -56.07 115.85 56.04
C ILE EA 111 -54.98 116.87 55.73
N ALA EA 112 -54.82 117.22 54.45
CA ALA EA 112 -53.90 118.30 54.10
C ALA EA 112 -54.37 119.64 54.67
N LYS EA 113 -55.66 119.94 54.53
CA LYS EA 113 -56.18 121.18 55.12
C LYS EA 113 -56.05 121.16 56.63
N GLY EA 114 -56.23 120.00 57.25
CA GLY EA 114 -56.03 119.90 58.69
C GLY EA 114 -54.59 120.17 59.09
N LEU EA 115 -53.64 119.71 58.26
CA LEU EA 115 -52.23 119.99 58.51
C LEU EA 115 -51.94 121.49 58.38
N ARG EA 116 -52.56 122.15 57.41
CA ARG EA 116 -52.23 123.54 57.14
C ARG EA 116 -52.93 124.50 58.11
N LEU EA 117 -54.26 124.53 58.08
CA LEU EA 117 -55.02 125.53 58.81
C LEU EA 117 -55.08 125.20 60.30
N CYS EA 118 -55.02 126.25 61.12
CA CYS EA 118 -55.23 126.14 62.56
C CYS EA 118 -56.27 127.17 62.97
N ARG EA 119 -57.29 126.72 63.70
CA ARG EA 119 -58.37 127.58 64.13
C ARG EA 119 -58.74 127.25 65.57
N PRO EA 120 -59.20 128.24 66.33
CA PRO EA 120 -59.61 127.99 67.72
C PRO EA 120 -60.98 127.33 67.76
N LYS EA 121 -61.42 127.01 68.97
CA LYS EA 121 -62.72 126.40 69.24
C LYS EA 121 -62.93 125.10 68.48
N LYS FA 1 23.50 -29.49 -73.85
CA LYS FA 1 24.66 -30.25 -74.29
C LYS FA 1 25.66 -29.35 -75.02
N SER FA 2 25.14 -28.31 -75.67
CA SER FA 2 26.01 -27.42 -76.45
C SER FA 2 27.00 -26.69 -75.56
N LEU FA 3 26.56 -26.21 -74.41
CA LEU FA 3 27.44 -25.43 -73.54
C LEU FA 3 28.55 -26.31 -72.96
N GLU FA 4 28.21 -27.49 -72.46
CA GLU FA 4 29.24 -28.38 -71.93
C GLU FA 4 30.15 -28.90 -73.04
N SER FA 5 29.60 -29.12 -74.23
CA SER FA 5 30.43 -29.56 -75.35
C SER FA 5 31.42 -28.48 -75.77
N ILE FA 6 30.99 -27.23 -75.86
CA ILE FA 6 31.91 -26.17 -76.22
C ILE FA 6 32.91 -25.91 -75.10
N ASN FA 7 32.50 -26.09 -73.84
CA ASN FA 7 33.46 -25.96 -72.75
C ASN FA 7 34.52 -27.04 -72.81
N SER FA 8 34.14 -28.29 -73.09
CA SER FA 8 35.12 -29.35 -73.20
C SER FA 8 36.02 -29.16 -74.41
N ARG FA 9 35.45 -28.72 -75.53
CA ARG FA 9 36.27 -28.48 -76.71
C ARG FA 9 37.24 -27.33 -76.49
N LEU FA 10 36.81 -26.29 -75.77
CA LEU FA 10 37.72 -25.22 -75.41
C LEU FA 10 38.82 -25.71 -74.49
N GLN FA 11 38.46 -26.57 -73.53
CA GLN FA 11 39.46 -27.15 -72.64
C GLN FA 11 40.50 -27.94 -73.41
N LEU FA 12 40.07 -28.62 -74.47
CA LEU FA 12 41.00 -29.40 -75.26
C LEU FA 12 41.76 -28.54 -76.27
N VAL FA 13 41.21 -27.39 -76.67
CA VAL FA 13 41.99 -26.41 -77.42
C VAL FA 13 43.14 -25.90 -76.56
N MET FA 14 42.85 -25.57 -75.31
CA MET FA 14 43.92 -25.36 -74.36
C MET FA 14 44.70 -26.65 -74.19
N LYS FA 15 46.01 -26.51 -73.93
CA LYS FA 15 46.91 -27.60 -73.61
C LYS FA 15 47.22 -28.48 -74.82
N SER FA 16 46.49 -28.29 -75.92
CA SER FA 16 46.75 -29.08 -77.12
C SER FA 16 46.78 -28.27 -78.40
N GLY FA 17 46.28 -27.04 -78.42
CA GLY FA 17 46.30 -26.23 -79.61
C GLY FA 17 46.82 -24.83 -79.32
N LYS FA 18 47.07 -24.08 -80.38
CA LYS FA 18 47.58 -22.73 -80.26
C LYS FA 18 46.42 -21.76 -80.23
N TYR FA 19 46.40 -20.91 -79.20
CA TYR FA 19 45.34 -19.94 -79.04
C TYR FA 19 45.96 -18.61 -78.67
N VAL FA 20 45.11 -17.62 -78.46
CA VAL FA 20 45.56 -16.34 -77.95
C VAL FA 20 44.38 -15.68 -77.25
N LEU FA 21 44.65 -15.04 -76.12
CA LEU FA 21 43.61 -14.51 -75.24
C LEU FA 21 43.69 -13.00 -75.22
N GLY FA 22 42.59 -12.34 -75.54
CA GLY FA 22 42.52 -10.91 -75.39
C GLY FA 22 42.20 -10.14 -76.65
N TYR FA 23 41.75 -8.90 -76.47
CA TYR FA 23 41.21 -8.10 -77.57
C TYR FA 23 42.31 -7.69 -78.55
N LYS FA 24 43.41 -7.12 -78.03
CA LYS FA 24 44.45 -6.61 -78.91
C LYS FA 24 45.11 -7.74 -79.70
N GLN FA 25 45.45 -8.83 -79.00
CA GLN FA 25 46.05 -9.96 -79.69
C GLN FA 25 45.08 -10.62 -80.64
N THR FA 26 43.78 -10.65 -80.30
CA THR FA 26 42.80 -11.20 -81.22
C THR FA 26 42.74 -10.40 -82.51
N LEU FA 27 42.72 -9.06 -82.40
CA LEU FA 27 42.72 -8.24 -83.59
C LEU FA 27 43.99 -8.43 -84.40
N LYS FA 28 45.14 -8.52 -83.71
CA LYS FA 28 46.40 -8.72 -84.40
C LYS FA 28 46.41 -10.04 -85.16
N MET FA 29 45.91 -11.11 -84.54
CA MET FA 29 45.84 -12.40 -85.22
C MET FA 29 44.87 -12.37 -86.38
N ILE FA 30 43.72 -11.69 -86.23
CA ILE FA 30 42.75 -11.62 -87.31
C ILE FA 30 43.34 -10.90 -88.51
N ARG FA 31 43.98 -9.76 -88.29
CA ARG FA 31 44.55 -9.04 -89.42
C ARG FA 31 45.79 -9.71 -89.97
N GLN FA 32 46.44 -10.58 -89.20
CA GLN FA 32 47.41 -11.48 -89.81
C GLN FA 32 46.74 -12.62 -90.56
N GLY FA 33 45.45 -12.82 -90.35
CA GLY FA 33 44.72 -13.82 -91.11
C GLY FA 33 44.95 -15.25 -90.68
N LYS FA 34 45.43 -15.46 -89.45
CA LYS FA 34 45.69 -16.80 -88.95
C LYS FA 34 44.79 -17.18 -87.79
N ALA FA 35 43.77 -16.38 -87.50
CA ALA FA 35 42.77 -16.73 -86.51
C ALA FA 35 41.64 -17.49 -87.21
N LYS FA 36 41.41 -18.73 -86.78
CA LYS FA 36 40.40 -19.56 -87.41
C LYS FA 36 39.08 -19.55 -86.68
N LEU FA 37 39.05 -19.10 -85.43
CA LEU FA 37 37.80 -19.00 -84.69
C LEU FA 37 37.99 -17.97 -83.59
N VAL FA 38 37.04 -17.04 -83.47
CA VAL FA 38 37.08 -16.00 -82.46
C VAL FA 38 35.87 -16.19 -81.56
N ILE FA 39 36.11 -16.30 -80.26
CA ILE FA 39 35.06 -16.49 -79.27
C ILE FA 39 34.89 -15.20 -78.48
N LEU FA 40 33.65 -14.74 -78.38
CA LEU FA 40 33.30 -13.49 -77.72
C LEU FA 40 32.37 -13.77 -76.56
N ALA FA 41 32.71 -13.28 -75.37
CA ALA FA 41 31.79 -13.35 -74.25
C ALA FA 41 30.61 -12.41 -74.49
N ASN FA 42 29.45 -12.78 -73.94
CA ASN FA 42 28.29 -11.91 -74.11
C ASN FA 42 28.42 -10.63 -73.29
N ASN FA 43 29.36 -10.61 -72.35
CA ASN FA 43 29.69 -9.42 -71.59
C ASN FA 43 30.44 -8.38 -72.41
N CYS FA 44 30.84 -8.73 -73.63
CA CYS FA 44 31.68 -7.85 -74.42
C CYS FA 44 30.97 -6.54 -74.71
N PRO FA 45 31.69 -5.41 -74.72
CA PRO FA 45 31.08 -4.16 -75.14
C PRO FA 45 30.54 -4.28 -76.55
N ALA FA 46 29.39 -3.64 -76.79
CA ALA FA 46 28.71 -3.82 -78.07
C ALA FA 46 29.55 -3.30 -79.23
N LEU FA 47 30.24 -2.19 -79.03
CA LEU FA 47 31.11 -1.66 -80.07
C LEU FA 47 32.24 -2.62 -80.38
N ARG FA 48 32.86 -3.19 -79.35
CA ARG FA 48 33.95 -4.14 -79.57
C ARG FA 48 33.45 -5.39 -80.27
N LYS FA 49 32.27 -5.87 -79.88
CA LYS FA 49 31.69 -7.04 -80.52
C LYS FA 49 31.42 -6.78 -82.00
N SER FA 50 30.84 -5.61 -82.31
CA SER FA 50 30.57 -5.27 -83.70
C SER FA 50 31.86 -5.14 -84.51
N GLU FA 51 32.89 -4.53 -83.92
CA GLU FA 51 34.13 -4.33 -84.64
C GLU FA 51 34.83 -5.67 -84.90
N ILE FA 52 34.82 -6.57 -83.92
CA ILE FA 52 35.43 -7.88 -84.13
C ILE FA 52 34.64 -8.69 -85.15
N GLU FA 53 33.31 -8.55 -85.15
CA GLU FA 53 32.51 -9.23 -86.17
C GLU FA 53 32.82 -8.69 -87.56
N TYR FA 54 33.03 -7.37 -87.68
CA TYR FA 54 33.41 -6.82 -88.98
C TYR FA 54 34.79 -7.31 -89.41
N TYR FA 55 35.74 -7.36 -88.49
CA TYR FA 55 37.07 -7.89 -88.79
C TYR FA 55 36.97 -9.34 -89.24
N ALA FA 56 36.13 -10.13 -88.57
CA ALA FA 56 35.97 -11.53 -88.93
C ALA FA 56 35.30 -11.70 -90.28
N MET FA 57 34.35 -10.81 -90.60
CA MET FA 57 33.76 -10.83 -91.93
C MET FA 57 34.80 -10.52 -93.00
N LEU FA 58 35.70 -9.57 -92.71
CA LEU FA 58 36.76 -9.26 -93.65
C LEU FA 58 37.72 -10.43 -93.80
N ALA FA 59 38.05 -11.09 -92.69
CA ALA FA 59 39.05 -12.16 -92.69
C ALA FA 59 38.47 -13.52 -93.05
N LYS FA 60 37.16 -13.62 -93.22
CA LYS FA 60 36.48 -14.88 -93.51
C LYS FA 60 36.75 -15.93 -92.44
N THR FA 61 36.55 -15.54 -91.18
CA THR FA 61 36.74 -16.44 -90.05
C THR FA 61 35.47 -16.45 -89.20
N GLY FA 62 35.32 -17.55 -88.45
CA GLY FA 62 34.11 -17.73 -87.68
C GLY FA 62 34.15 -17.05 -86.33
N VAL FA 63 32.98 -16.63 -85.88
CA VAL FA 63 32.80 -16.01 -84.57
C VAL FA 63 31.75 -16.80 -83.81
N HIS FA 64 32.10 -17.24 -82.60
CA HIS FA 64 31.18 -17.90 -81.70
C HIS FA 64 30.89 -16.99 -80.52
N HIS FA 65 29.61 -16.76 -80.25
CA HIS FA 65 29.19 -15.95 -79.12
C HIS FA 65 28.99 -16.88 -77.93
N TYR FA 66 29.99 -16.91 -77.05
CA TYR FA 66 29.96 -17.78 -75.89
C TYR FA 66 28.80 -17.41 -74.97
N SER FA 67 28.09 -18.43 -74.50
CA SER FA 67 26.95 -18.21 -73.61
C SER FA 67 27.41 -18.17 -72.15
N GLY FA 68 28.33 -17.25 -71.88
CA GLY FA 68 28.86 -17.06 -70.55
C GLY FA 68 29.01 -15.60 -70.21
N ASN FA 69 30.20 -15.21 -69.78
CA ASN FA 69 30.63 -13.82 -69.67
C ASN FA 69 32.15 -13.86 -69.65
N ASN FA 70 32.78 -12.73 -69.35
CA ASN FA 70 34.25 -12.74 -69.38
C ASN FA 70 34.83 -13.59 -68.25
N ILE FA 71 34.19 -13.56 -67.08
CA ILE FA 71 34.62 -14.41 -65.97
C ILE FA 71 34.47 -15.88 -66.34
N GLU FA 72 33.30 -16.25 -66.87
CA GLU FA 72 33.05 -17.66 -67.17
C GLU FA 72 33.87 -18.14 -68.35
N LEU FA 73 34.18 -17.25 -69.28
CA LEU FA 73 35.06 -17.62 -70.39
C LEU FA 73 36.49 -17.80 -69.91
N GLY FA 74 36.93 -16.98 -68.96
CA GLY FA 74 38.23 -17.22 -68.35
C GLY FA 74 38.28 -18.56 -67.63
N THR FA 75 37.22 -18.90 -66.91
CA THR FA 75 37.16 -20.19 -66.24
C THR FA 75 37.17 -21.33 -67.25
N ALA FA 76 36.44 -21.17 -68.36
CA ALA FA 76 36.42 -22.21 -69.40
C ALA FA 76 37.78 -22.36 -70.05
N CYS FA 77 38.51 -21.25 -70.20
CA CYS FA 77 39.88 -21.33 -70.68
C CYS FA 77 40.82 -21.89 -69.62
N GLY FA 78 40.38 -21.96 -68.37
CA GLY FA 78 41.22 -22.47 -67.31
C GLY FA 78 42.11 -21.45 -66.66
N LYS FA 79 41.92 -20.17 -66.98
CA LYS FA 79 42.68 -19.10 -66.38
C LYS FA 79 41.97 -18.56 -65.15
N TYR FA 80 42.70 -17.79 -64.35
CA TYR FA 80 42.13 -17.14 -63.18
C TYR FA 80 41.91 -15.65 -63.42
N TYR FA 81 41.80 -15.24 -64.67
CA TYR FA 81 41.48 -13.87 -65.03
C TYR FA 81 40.36 -13.87 -66.05
N ARG FA 82 39.70 -12.73 -66.18
CA ARG FA 82 38.64 -12.57 -67.16
C ARG FA 82 39.22 -12.46 -68.55
N VAL FA 83 38.68 -13.25 -69.48
CA VAL FA 83 38.97 -13.08 -70.90
C VAL FA 83 37.66 -12.77 -71.60
N CYS FA 84 37.66 -11.71 -72.40
CA CYS FA 84 36.47 -11.26 -73.10
C CYS FA 84 36.47 -11.63 -74.56
N THR FA 85 37.65 -11.76 -75.16
CA THR FA 85 37.79 -12.11 -76.56
C THR FA 85 38.95 -13.09 -76.68
N LEU FA 86 38.78 -14.11 -77.52
CA LEU FA 86 39.89 -15.03 -77.72
C LEU FA 86 39.88 -15.54 -79.15
N ALA FA 87 41.04 -16.01 -79.61
CA ALA FA 87 41.18 -16.53 -80.95
C ALA FA 87 41.91 -17.87 -80.90
N ILE FA 88 41.60 -18.73 -81.86
CA ILE FA 88 42.24 -20.03 -81.99
C ILE FA 88 43.02 -20.04 -83.29
N ILE FA 89 44.33 -20.23 -83.21
CA ILE FA 89 45.15 -20.33 -84.40
C ILE FA 89 44.92 -21.66 -85.10
N ASP FA 90 44.94 -22.76 -84.35
CA ASP FA 90 44.61 -24.07 -84.87
C ASP FA 90 44.07 -24.89 -83.71
N PRO FA 91 42.96 -25.60 -83.89
CA PRO FA 91 42.36 -26.33 -82.78
C PRO FA 91 43.16 -27.55 -82.34
N GLY FA 92 43.48 -28.44 -83.27
CA GLY FA 92 44.04 -29.72 -82.93
C GLY FA 92 43.06 -30.72 -82.37
N ASP FA 93 41.76 -30.39 -82.33
CA ASP FA 93 40.78 -31.28 -81.71
C ASP FA 93 39.41 -31.28 -82.37
N SER FA 94 39.30 -30.87 -83.63
CA SER FA 94 38.05 -30.88 -84.39
C SER FA 94 36.98 -29.95 -83.80
N ASP FA 95 37.38 -28.95 -83.02
CA ASP FA 95 36.49 -27.82 -82.78
C ASP FA 95 36.21 -27.07 -84.07
N ILE FA 96 37.23 -26.95 -84.91
CA ILE FA 96 37.12 -26.35 -86.23
C ILE FA 96 37.25 -27.48 -87.23
N ILE FA 97 36.18 -27.73 -87.99
CA ILE FA 97 36.21 -28.82 -88.96
C ILE FA 97 37.08 -28.43 -90.15
N ARG FA 98 37.87 -29.38 -90.62
CA ARG FA 98 38.77 -29.16 -91.74
C ARG FA 98 38.01 -28.85 -93.03
N ASN GA 1 85.24 69.98 10.10
CA ASN GA 1 85.12 70.31 8.67
C ASN GA 1 83.72 70.02 8.18
N GLU GA 2 83.43 70.38 6.93
CA GLU GA 2 82.12 70.12 6.36
C GLU GA 2 82.16 69.59 4.94
N VAL GA 3 83.34 69.26 4.40
CA VAL GA 3 83.43 68.67 3.07
C VAL GA 3 84.06 67.29 3.29
N VAL GA 4 83.66 66.65 4.38
CA VAL GA 4 84.23 65.37 4.76
C VAL GA 4 83.58 64.24 3.99
N THR GA 5 84.34 63.18 3.75
CA THR GA 5 83.82 61.95 3.15
C THR GA 5 84.29 60.74 3.96
N ARG GA 6 83.36 59.84 4.20
CA ARG GA 6 83.58 58.69 5.07
C ARG GA 6 83.02 57.45 4.40
N GLU GA 7 83.53 56.29 4.81
CA GLU GA 7 83.06 55.01 4.33
C GLU GA 7 82.40 54.27 5.49
N TYR GA 8 81.13 53.92 5.29
CA TYR GA 8 80.32 53.18 6.24
C TYR GA 8 79.91 51.86 5.65
N THR GA 9 79.46 50.96 6.51
CA THR GA 9 78.74 49.77 6.10
C THR GA 9 77.38 49.77 6.79
N ILE GA 10 76.35 49.41 6.03
CA ILE GA 10 74.97 49.50 6.47
C ILE GA 10 74.39 48.10 6.53
N ASN GA 11 73.72 47.80 7.64
CA ASN GA 11 73.01 46.54 7.83
C ASN GA 11 71.62 46.67 7.22
N ILE GA 12 71.57 46.47 5.91
CA ILE GA 12 70.30 46.48 5.19
C ILE GA 12 69.39 45.39 5.74
N HIS GA 13 69.97 44.23 6.09
CA HIS GA 13 69.17 43.16 6.67
C HIS GA 13 68.44 43.64 7.92
N LYS GA 14 69.16 44.32 8.80
CA LYS GA 14 68.57 44.83 10.03
C LYS GA 14 67.50 45.87 9.74
N ARG GA 15 67.75 46.78 8.80
CA ARG GA 15 66.78 47.83 8.57
C ARG GA 15 65.60 47.40 7.70
N ILE GA 16 65.68 46.24 7.05
CA ILE GA 16 64.60 45.77 6.19
C ILE GA 16 63.82 44.62 6.81
N HIS GA 17 64.33 44.02 7.88
CA HIS GA 17 63.66 42.88 8.50
C HIS GA 17 62.20 43.15 8.79
N GLY GA 18 61.32 42.31 8.24
CA GLY GA 18 59.90 42.42 8.46
C GLY GA 18 59.12 43.06 7.33
N VAL GA 19 59.79 43.55 6.30
CA VAL GA 19 59.14 44.24 5.20
C VAL GA 19 58.72 43.23 4.15
N GLY GA 20 57.55 43.44 3.56
CA GLY GA 20 57.03 42.52 2.56
C GLY GA 20 57.86 42.48 1.30
N PHE GA 21 57.59 41.46 0.48
CA PHE GA 21 58.48 41.14 -0.64
C PHE GA 21 58.54 42.27 -1.66
N LYS GA 22 57.39 42.83 -2.02
CA LYS GA 22 57.34 43.85 -3.05
C LYS GA 22 57.75 45.22 -2.54
N LYS GA 23 58.27 45.30 -1.31
CA LYS GA 23 58.64 46.57 -0.73
C LYS GA 23 60.08 46.61 -0.24
N ARG GA 24 60.83 45.50 -0.34
CA ARG GA 24 62.10 45.41 0.35
C ARG GA 24 63.17 46.30 -0.28
N ALA GA 25 63.33 46.24 -1.59
CA ALA GA 25 64.31 47.12 -2.24
C ALA GA 25 63.93 48.61 -2.17
N PRO GA 26 62.68 49.02 -2.42
CA PRO GA 26 62.34 50.43 -2.20
C PRO GA 26 62.57 50.87 -0.76
N ARG GA 27 62.24 50.02 0.20
CA ARG GA 27 62.49 50.38 1.58
C ARG GA 27 63.98 50.40 1.88
N ALA GA 28 64.78 49.58 1.19
CA ALA GA 28 66.22 49.65 1.35
C ALA GA 28 66.76 50.99 0.87
N LEU GA 29 66.27 51.49 -0.25
CA LEU GA 29 66.65 52.83 -0.69
C LEU GA 29 66.23 53.88 0.33
N LYS GA 30 65.01 53.77 0.86
CA LYS GA 30 64.55 54.75 1.84
C LYS GA 30 65.40 54.71 3.11
N GLU GA 31 65.76 53.51 3.56
CA GLU GA 31 66.59 53.40 4.76
C GLU GA 31 68.02 53.88 4.51
N ILE GA 32 68.56 53.67 3.30
CA ILE GA 32 69.87 54.22 2.99
C ILE GA 32 69.83 55.74 3.01
N ARG GA 33 68.78 56.33 2.44
CA ARG GA 33 68.64 57.78 2.46
C ARG GA 33 68.50 58.30 3.89
N LYS GA 34 67.71 57.60 4.71
CA LYS GA 34 67.53 58.01 6.10
C LYS GA 34 68.84 57.88 6.88
N PHE GA 35 69.60 56.82 6.63
CA PHE GA 35 70.90 56.64 7.27
C PHE GA 35 71.84 57.79 6.90
N ALA GA 36 71.86 58.17 5.63
CA ALA GA 36 72.72 59.27 5.20
C ALA GA 36 72.30 60.57 5.86
N MET GA 37 70.99 60.83 5.94
CA MET GA 37 70.50 62.04 6.59
C MET GA 37 70.92 62.06 8.05
N LYS GA 38 70.77 60.94 8.75
CA LYS GA 38 71.12 60.90 10.16
C LYS GA 38 72.62 61.07 10.37
N GLU GA 39 73.44 60.47 9.51
CA GLU GA 39 74.88 60.52 9.72
C GLU GA 39 75.46 61.88 9.37
N MET GA 40 75.01 62.51 8.28
CA MET GA 40 75.67 63.71 7.80
C MET GA 40 74.86 64.98 8.06
N GLY GA 41 73.67 64.87 8.61
CA GLY GA 41 72.88 66.06 8.92
C GLY GA 41 72.48 66.87 7.71
N THR GA 42 72.21 66.23 6.58
CA THR GA 42 71.85 66.92 5.35
C THR GA 42 70.54 66.37 4.83
N PRO GA 43 69.47 67.17 4.75
CA PRO GA 43 68.23 66.69 4.13
C PRO GA 43 68.39 66.37 2.66
N ASP GA 44 69.34 66.99 1.96
CA ASP GA 44 69.58 66.73 0.55
C ASP GA 44 70.53 65.55 0.43
N VAL GA 45 70.00 64.39 0.04
CA VAL GA 45 70.79 63.18 -0.12
C VAL GA 45 70.56 62.65 -1.52
N ARG GA 46 71.64 62.57 -2.30
CA ARG GA 46 71.62 61.97 -3.62
C ARG GA 46 72.22 60.57 -3.54
N ILE GA 47 71.58 59.64 -4.22
CA ILE GA 47 72.02 58.24 -4.26
C ILE GA 47 72.52 57.95 -5.66
N ASP GA 48 73.75 57.47 -5.76
CA ASP GA 48 74.33 57.15 -7.06
C ASP GA 48 73.54 56.03 -7.73
N THR GA 49 73.46 56.11 -9.06
CA THR GA 49 72.78 55.07 -9.81
C THR GA 49 73.48 53.73 -9.68
N ARG GA 50 74.80 53.73 -9.52
CA ARG GA 50 75.51 52.48 -9.27
C ARG GA 50 75.11 51.89 -7.93
N LEU GA 51 74.91 52.73 -6.92
CA LEU GA 51 74.42 52.24 -5.63
C LEU GA 51 73.00 51.70 -5.74
N ASN GA 52 72.14 52.39 -6.49
CA ASN GA 52 70.79 51.90 -6.70
C ASN GA 52 70.80 50.54 -7.40
N LYS GA 53 71.66 50.38 -8.41
CA LYS GA 53 71.79 49.11 -9.08
C LYS GA 53 72.33 48.04 -8.14
N ALA GA 54 73.27 48.40 -7.26
CA ALA GA 54 73.80 47.44 -6.31
C ALA GA 54 72.72 46.95 -5.35
N VAL GA 55 71.84 47.86 -4.92
CA VAL GA 55 70.76 47.45 -4.02
C VAL GA 55 69.75 46.58 -4.78
N TRP GA 56 69.45 46.93 -6.02
CA TRP GA 56 68.48 46.18 -6.81
C TRP GA 56 69.11 45.00 -7.56
N ALA GA 57 70.35 44.64 -7.23
CA ALA GA 57 71.06 43.64 -8.00
C ALA GA 57 70.38 42.27 -7.97
N LYS GA 58 69.87 41.87 -6.82
CA LYS GA 58 69.26 40.56 -6.65
C LYS GA 58 67.74 40.62 -6.64
N GLY GA 59 67.15 41.57 -7.35
CA GLY GA 59 65.72 41.66 -7.42
C GLY GA 59 65.12 42.52 -6.32
N ILE GA 60 63.79 42.45 -6.25
CA ILE GA 60 63.05 43.34 -5.35
C ILE GA 60 62.98 42.81 -3.93
N ARG GA 61 63.13 41.51 -3.70
CA ARG GA 61 62.94 40.96 -2.38
C ARG GA 61 64.18 40.39 -1.74
N ASN GA 62 65.17 39.98 -2.52
CA ASN GA 62 66.39 39.41 -1.94
C ASN GA 62 67.51 40.46 -1.91
N VAL GA 63 67.27 41.52 -1.17
CA VAL GA 63 68.24 42.61 -1.06
C VAL GA 63 69.47 42.12 -0.31
N PRO GA 64 70.68 42.58 -0.65
CA PRO GA 64 71.87 42.18 0.12
C PRO GA 64 71.76 42.57 1.58
N TYR GA 65 72.32 41.71 2.44
CA TYR GA 65 72.21 41.92 3.88
C TYR GA 65 73.00 43.14 4.34
N ARG GA 66 74.22 43.29 3.83
CA ARG GA 66 75.08 44.40 4.19
C ARG GA 66 75.52 45.10 2.91
N ILE GA 67 75.80 46.40 3.02
CA ILE GA 67 76.31 47.11 1.86
C ILE GA 67 77.31 48.17 2.32
N ARG GA 68 78.41 48.29 1.59
CA ARG GA 68 79.46 49.25 1.92
C ARG GA 68 79.26 50.49 1.05
N VAL GA 69 79.01 51.61 1.68
CA VAL GA 69 78.73 52.85 0.99
C VAL GA 69 79.72 53.92 1.43
N ARG GA 70 79.77 54.99 0.65
CA ARG GA 70 80.63 56.13 0.94
C ARG GA 70 79.78 57.38 0.94
N LEU GA 71 79.75 58.07 2.08
CA LEU GA 71 79.00 59.31 2.23
C LEU GA 71 79.96 60.48 2.09
N SER GA 72 79.70 61.33 1.10
CA SER GA 72 80.51 62.51 0.86
C SER GA 72 79.62 63.73 1.03
N ARG GA 73 79.97 64.60 1.96
CA ARG GA 73 79.23 65.85 2.13
C ARG GA 73 79.89 66.91 1.25
N LYS GA 74 79.10 67.52 0.37
CA LYS GA 74 79.63 68.41 -0.64
C LYS GA 74 78.87 69.72 -0.61
N ARG GA 75 79.53 70.77 -1.11
CA ARG GA 75 78.90 72.08 -1.17
C ARG GA 75 77.82 72.09 -2.25
N ASN GA 76 76.63 72.56 -1.88
CA ASN GA 76 75.56 72.78 -2.85
C ASN GA 76 75.58 74.19 -3.40
N GLU GA 77 76.65 74.95 -3.17
CA GLU GA 77 76.71 76.36 -3.55
C GLU GA 77 76.84 76.49 -5.06
N ASP GA 78 75.80 76.08 -5.78
CA ASP GA 78 75.72 76.26 -7.22
C ASP GA 78 74.53 77.09 -7.66
N GLU GA 79 73.55 77.30 -6.79
CA GLU GA 79 72.37 78.08 -7.10
C GLU GA 79 71.73 78.52 -5.78
N ASP GA 80 70.63 79.26 -5.88
CA ASP GA 80 69.88 79.68 -4.70
C ASP GA 80 69.04 78.51 -4.24
N SER GA 81 69.52 77.79 -3.23
CA SER GA 81 68.82 76.65 -2.67
C SER GA 81 68.72 76.78 -1.17
N PRO GA 82 67.69 76.20 -0.56
CA PRO GA 82 67.57 76.25 0.91
C PRO GA 82 68.72 75.58 1.64
N ASN GA 83 69.32 74.56 1.04
CA ASN GA 83 70.41 73.80 1.65
C ASN GA 83 71.69 74.08 0.89
N LYS GA 84 72.75 74.43 1.62
CA LYS GA 84 74.06 74.65 1.02
C LYS GA 84 74.95 73.41 1.08
N LEU GA 85 74.46 72.31 1.65
CA LEU GA 85 75.20 71.07 1.74
C LEU GA 85 74.34 69.92 1.28
N TYR GA 86 74.97 68.93 0.66
CA TYR GA 86 74.28 67.74 0.21
C TYR GA 86 75.21 66.55 0.35
N THR GA 87 74.62 65.37 0.50
CA THR GA 87 75.37 64.14 0.71
C THR GA 87 75.19 63.24 -0.51
N LEU GA 88 76.30 62.91 -1.17
CA LEU GA 88 76.29 61.95 -2.25
C LEU GA 88 76.69 60.59 -1.69
N VAL GA 89 75.85 59.58 -1.90
CA VAL GA 89 76.09 58.24 -1.40
C VAL GA 89 76.48 57.38 -2.59
N THR GA 90 77.71 56.89 -2.59
CA THR GA 90 78.21 56.03 -3.66
C THR GA 90 78.41 54.62 -3.15
N TYR GA 91 78.66 53.71 -4.08
CA TYR GA 91 78.75 52.29 -3.80
C TYR GA 91 80.22 51.87 -3.75
N VAL GA 92 80.59 51.16 -2.70
CA VAL GA 92 81.96 50.65 -2.55
C VAL GA 92 81.92 49.14 -2.62
N PRO GA 93 82.32 48.52 -3.73
CA PRO GA 93 82.33 47.06 -3.80
C PRO GA 93 83.39 46.47 -2.89
N VAL GA 94 82.99 45.48 -2.09
CA VAL GA 94 83.90 44.79 -1.18
C VAL GA 94 83.72 43.30 -1.38
N THR GA 95 84.75 42.55 -0.97
CA THR GA 95 84.69 41.09 -1.04
C THR GA 95 84.23 40.47 0.27
N THR GA 96 84.46 41.14 1.40
CA THR GA 96 83.99 40.65 2.69
C THR GA 96 83.66 41.84 3.57
N PHE GA 97 82.76 41.63 4.52
CA PHE GA 97 82.37 42.66 5.46
C PHE GA 97 82.96 42.46 6.84
N LYS GA 98 83.85 41.49 7.00
CA LYS GA 98 84.43 41.22 8.31
C LYS GA 98 85.46 42.29 8.65
N ASN GA 99 85.38 42.79 9.89
CA ASN GA 99 86.35 43.74 10.45
C ASN GA 99 86.41 45.04 9.67
N LEU GA 100 85.31 45.46 9.06
CA LEU GA 100 85.26 46.74 8.38
C LEU GA 100 84.69 47.79 9.32
N GLN GA 101 85.49 48.81 9.60
CA GLN GA 101 85.10 49.91 10.47
C GLN GA 101 84.60 51.07 9.63
N THR GA 102 83.96 52.03 10.29
CA THR GA 102 83.65 53.30 9.66
C THR GA 102 84.93 54.13 9.59
N VAL GA 103 85.35 54.48 8.38
CA VAL GA 103 86.67 55.08 8.19
C VAL GA 103 86.54 56.42 7.47
N ASN GA 104 87.26 57.42 7.97
CA ASN GA 104 87.39 58.67 7.24
C ASN GA 104 88.27 58.44 6.03
N VAL GA 105 87.81 58.87 4.85
CA VAL GA 105 88.58 58.71 3.63
C VAL GA 105 88.97 60.10 3.13
N ASP GA 106 90.20 60.23 2.66
CA ASP GA 106 90.74 61.52 2.23
C ASP GA 106 90.21 61.85 0.84
N GLU GA 107 90.78 62.89 0.23
CA GLU GA 107 90.35 63.35 -1.08
C GLU GA 107 90.85 62.44 -2.19
N ALA HA 1 4.11 121.04 26.73
CA ALA HA 1 4.89 120.52 25.61
C ALA HA 1 3.98 119.92 24.55
N ALA HA 2 3.77 118.61 24.63
CA ALA HA 2 2.92 117.93 23.67
C ALA HA 2 1.45 118.29 23.89
N LEU HA 3 0.69 118.25 22.80
CA LEU HA 3 -0.74 118.48 22.88
C LEU HA 3 -1.41 117.35 23.66
N ARG HA 4 -2.39 117.70 24.46
CA ARG HA 4 -3.00 116.71 25.32
C ARG HA 4 -4.41 116.36 24.85
N PRO HA 5 -4.84 115.11 25.03
CA PRO HA 5 -6.20 114.74 24.62
C PRO HA 5 -7.23 115.31 25.58
N LEU HA 6 -8.50 115.20 25.16
CA LEU HA 6 -9.60 115.72 25.97
C LEU HA 6 -9.68 114.99 27.31
N VAL HA 7 -9.72 113.66 27.27
CA VAL HA 7 -9.69 112.84 28.46
C VAL HA 7 -8.64 111.76 28.27
N LYS HA 8 -8.04 111.33 29.38
CA LYS HA 8 -7.03 110.29 29.37
C LYS HA 8 -7.44 109.20 30.35
N PRO HA 9 -8.36 108.33 29.97
CA PRO HA 9 -8.73 107.22 30.84
C PRO HA 9 -7.62 106.19 30.90
N LYS HA 10 -7.70 105.35 31.93
CA LYS HA 10 -6.75 104.25 32.06
C LYS HA 10 -7.08 103.18 31.05
N ILE HA 11 -6.16 102.93 30.12
CA ILE HA 11 -6.37 101.93 29.08
C ILE HA 11 -6.01 100.56 29.65
N VAL HA 12 -6.98 99.66 29.65
CA VAL HA 12 -6.81 98.32 30.20
C VAL HA 12 -6.79 97.34 29.04
N LYS HA 13 -5.69 96.59 28.91
CA LYS HA 13 -5.55 95.57 27.90
C LYS HA 13 -5.74 94.21 28.55
N LYS HA 14 -6.72 93.45 28.07
CA LYS HA 14 -6.95 92.12 28.61
C LYS HA 14 -5.77 91.20 28.33
N ARG HA 15 -5.20 91.29 27.14
CA ARG HA 15 -3.99 90.54 26.81
C ARG HA 15 -3.03 91.47 26.10
N THR HA 16 -1.75 91.39 26.46
CA THR HA 16 -0.74 92.23 25.87
C THR HA 16 0.12 91.50 24.85
N LYS HA 17 0.25 90.18 24.98
CA LYS HA 17 1.04 89.39 24.04
C LYS HA 17 0.24 89.14 22.76
N LYS HA 18 0.87 88.47 21.81
CA LYS HA 18 0.25 88.13 20.55
C LYS HA 18 -0.19 86.68 20.55
N PHE HA 19 -1.27 86.42 19.82
CA PHE HA 19 -1.73 85.04 19.61
C PHE HA 19 -0.92 84.44 18.48
N ILE HA 20 0.07 83.65 18.80
CA ILE HA 20 0.89 83.02 17.78
C ILE HA 20 0.21 81.74 17.31
N ARG HA 21 0.42 81.41 16.04
CA ARG HA 21 -0.13 80.20 15.48
C ARG HA 21 0.48 78.97 16.12
N HIS HA 22 -0.32 77.92 16.27
CA HIS HA 22 0.15 76.65 16.81
C HIS HA 22 1.26 76.09 15.93
N GLN HA 23 2.34 75.66 16.58
CA GLN HA 23 3.52 75.07 15.94
C GLN HA 23 4.25 76.04 15.02
N SER HA 24 3.99 77.34 15.14
CA SER HA 24 4.76 78.31 14.38
C SER HA 24 6.18 78.45 14.90
N ASP HA 25 6.44 77.97 16.11
CA ASP HA 25 7.79 77.97 16.65
C ASP HA 25 8.66 76.88 16.05
N ARG HA 26 8.06 75.77 15.60
CA ARG HA 26 8.82 74.64 15.12
C ARG HA 26 9.15 74.69 13.64
N TYR HA 27 8.50 75.56 12.88
CA TYR HA 27 8.70 75.62 11.44
C TYR HA 27 8.86 77.06 10.98
N VAL HA 28 9.74 77.25 10.00
CA VAL HA 28 9.83 78.54 9.33
C VAL HA 28 8.70 78.68 8.32
N LYS HA 29 8.25 77.57 7.72
CA LYS HA 29 7.16 77.62 6.77
C LYS HA 29 5.85 78.03 7.40
N ILE HA 30 5.74 77.96 8.73
CA ILE HA 30 4.53 78.34 9.44
C ILE HA 30 4.76 79.70 10.04
N LYS HA 31 4.11 80.72 9.47
CA LYS HA 31 4.22 82.06 10.01
C LYS HA 31 3.40 82.18 11.28
N ARG HA 32 3.70 83.19 12.08
CA ARG HA 32 3.05 83.36 13.37
C ARG HA 32 1.64 83.92 13.27
N ASN HA 33 1.20 84.30 12.07
CA ASN HA 33 -0.17 84.77 11.87
C ASN HA 33 -1.16 83.71 12.33
N TRP HA 34 -2.18 84.15 13.06
CA TRP HA 34 -3.08 83.20 13.70
C TRP HA 34 -3.91 82.45 12.67
N ARG HA 35 -3.93 81.13 12.79
CA ARG HA 35 -4.84 80.28 12.04
C ARG HA 35 -5.56 79.37 13.03
N LYS HA 36 -6.87 79.27 12.87
CA LYS HA 36 -7.65 78.42 13.76
C LYS HA 36 -7.33 76.97 13.50
N PRO HA 37 -6.90 76.21 14.51
CA PRO HA 37 -6.59 74.78 14.29
C PRO HA 37 -7.86 73.98 14.10
N ARG HA 38 -7.88 73.16 13.05
CA ARG HA 38 -9.06 72.36 12.75
C ARG HA 38 -8.75 70.87 12.67
N GLY HA 39 -7.62 70.44 13.22
CA GLY HA 39 -7.32 69.03 13.23
C GLY HA 39 -8.21 68.26 14.17
N ILE HA 40 -8.40 66.97 13.87
CA ILE HA 40 -9.29 66.15 14.67
C ILE HA 40 -8.70 65.91 16.06
N ASP HA 41 -7.38 65.76 16.15
CA ASP HA 41 -6.72 65.48 17.40
C ASP HA 41 -6.02 66.71 18.00
N ASN HA 42 -6.29 67.90 17.47
CA ASN HA 42 -5.52 69.07 17.85
C ASN HA 42 -5.79 69.47 19.30
N ARG HA 43 -4.76 69.42 20.14
CA ARG HA 43 -4.95 69.74 21.54
C ARG HA 43 -5.10 71.23 21.78
N VAL HA 44 -4.51 72.06 20.93
CA VAL HA 44 -4.75 73.50 21.04
C VAL HA 44 -6.20 73.82 20.72
N ARG HA 45 -6.75 73.22 19.66
CA ARG HA 45 -8.16 73.41 19.35
C ARG HA 45 -9.04 72.87 20.47
N ARG HA 46 -8.67 71.72 21.03
CA ARG HA 46 -9.43 71.14 22.12
C ARG HA 46 -9.26 71.87 23.44
N ARG HA 47 -8.32 72.82 23.52
CA ARG HA 47 -8.13 73.68 24.69
C ARG HA 47 -7.63 72.91 25.90
N PHE HA 48 -6.63 72.07 25.68
CA PHE HA 48 -5.96 71.42 26.80
C PHE HA 48 -5.13 72.43 27.57
N LYS HA 49 -4.95 72.17 28.86
CA LYS HA 49 -4.24 73.10 29.71
C LYS HA 49 -2.77 73.19 29.32
N GLY HA 50 -2.19 74.37 29.50
CA GLY HA 50 -0.79 74.57 29.19
C GLY HA 50 -0.48 74.71 27.73
N GLN HA 51 -1.48 74.87 26.87
CA GLN HA 51 -1.28 74.95 25.44
C GLN HA 51 -1.35 76.39 24.97
N ILE HA 52 -1.19 76.57 23.65
CA ILE HA 52 -1.34 77.88 23.04
C ILE HA 52 -2.79 78.30 23.10
N LEU HA 53 -3.05 79.53 23.55
CA LEU HA 53 -4.40 80.02 23.72
C LEU HA 53 -5.01 80.41 22.37
N MET HA 54 -6.31 80.18 22.25
CA MET HA 54 -6.92 80.65 21.02
C MET HA 54 -7.63 81.97 21.24
N PRO HA 55 -7.56 82.88 20.27
CA PRO HA 55 -8.32 84.13 20.38
C PRO HA 55 -9.82 83.87 20.38
N ASN HA 56 -10.52 84.69 21.15
CA ASN HA 56 -11.98 84.69 21.14
C ASN HA 56 -12.46 86.07 21.53
N ILE HA 57 -13.78 86.26 21.46
CA ILE HA 57 -14.34 87.60 21.62
C ILE HA 57 -14.23 88.11 23.05
N GLY HA 58 -13.94 87.23 24.01
CA GLY HA 58 -13.82 87.68 25.39
C GLY HA 58 -12.62 88.55 25.66
N TYR HA 59 -11.62 88.49 24.79
CA TYR HA 59 -10.43 89.32 24.90
C TYR HA 59 -10.64 90.73 24.36
N GLY HA 60 -11.85 91.04 23.89
CA GLY HA 60 -12.08 92.32 23.26
C GLY HA 60 -11.85 93.48 24.22
N SER HA 61 -11.30 94.56 23.69
CA SER HA 61 -10.98 95.73 24.50
C SER HA 61 -12.25 96.52 24.82
N ASN HA 62 -12.16 97.29 25.90
CA ASN HA 62 -13.23 98.21 26.25
C ASN HA 62 -13.50 99.17 25.11
N LYS HA 63 -14.77 99.36 24.78
CA LYS HA 63 -15.15 100.19 23.64
C LYS HA 63 -14.78 101.65 23.86
N LYS HA 64 -14.64 102.09 25.10
CA LYS HA 64 -14.26 103.47 25.35
C LYS HA 64 -12.80 103.71 25.01
N THR HA 65 -11.94 102.73 25.24
CA THR HA 65 -10.51 102.88 25.03
C THR HA 65 -10.00 102.08 23.84
N LYS HA 66 -10.89 101.55 23.00
CA LYS HA 66 -10.46 100.79 21.84
C LYS HA 66 -9.83 101.71 20.80
N HIS HA 67 -8.74 101.23 20.19
CA HIS HA 67 -7.95 101.93 19.19
C HIS HA 67 -7.26 103.17 19.73
N MET HA 68 -7.24 103.36 21.04
CA MET HA 68 -6.57 104.51 21.63
C MET HA 68 -5.07 104.27 21.68
N LEU HA 69 -4.31 105.27 21.24
CA LEU HA 69 -2.87 105.22 21.39
C LEU HA 69 -2.52 105.43 22.86
N PRO HA 70 -1.30 105.06 23.26
CA PRO HA 70 -0.88 105.33 24.65
C PRO HA 70 -0.94 106.79 25.03
N SER HA 71 -0.83 107.71 24.06
CA SER HA 71 -0.99 109.13 24.34
C SER HA 71 -2.42 109.51 24.67
N GLY HA 72 -3.39 108.66 24.37
CA GLY HA 72 -4.79 108.97 24.59
C GLY HA 72 -5.53 109.41 23.34
N PHE HA 73 -4.81 109.71 22.26
CA PHE HA 73 -5.44 110.08 21.01
C PHE HA 73 -5.81 108.84 20.22
N ARG HA 74 -6.55 109.05 19.13
CA ARG HA 74 -6.81 108.00 18.16
C ARG HA 74 -6.24 108.40 16.82
N LYS HA 75 -5.72 107.42 16.10
CA LYS HA 75 -4.90 107.68 14.92
C LYS HA 75 -5.77 107.88 13.69
N PHE HA 76 -5.37 108.82 12.84
CA PHE HA 76 -6.02 109.04 11.55
C PHE HA 76 -4.95 109.31 10.51
N LEU HA 77 -5.05 108.65 9.36
CA LEU HA 77 -4.02 108.73 8.34
C LEU HA 77 -4.33 109.84 7.35
N VAL HA 78 -3.34 110.69 7.08
CA VAL HA 78 -3.49 111.82 6.17
C VAL HA 78 -2.40 111.72 5.10
N HIS HA 79 -2.76 112.11 3.87
CA HIS HA 79 -1.85 112.06 2.75
C HIS HA 79 -1.43 113.42 2.23
N ASN HA 80 -2.17 114.47 2.57
CA ASN HA 80 -1.82 115.81 2.14
C ASN HA 80 -2.41 116.81 3.14
N VAL HA 81 -2.25 118.10 2.84
CA VAL HA 81 -2.71 119.14 3.75
C VAL HA 81 -4.24 119.16 3.81
N LYS HA 82 -4.89 118.90 2.68
CA LYS HA 82 -6.35 119.00 2.63
C LYS HA 82 -7.03 117.99 3.54
N GLU HA 83 -6.49 116.76 3.61
CA GLU HA 83 -7.05 115.77 4.52
C GLU HA 83 -6.70 116.04 5.98
N LEU HA 84 -6.04 117.15 6.29
CA LEU HA 84 -5.70 117.47 7.66
C LEU HA 84 -6.76 118.35 8.34
N GLU HA 85 -7.47 119.17 7.57
CA GLU HA 85 -8.49 120.04 8.16
C GLU HA 85 -9.75 119.29 8.56
N VAL HA 86 -9.87 117.99 8.24
CA VAL HA 86 -10.99 117.23 8.75
C VAL HA 86 -10.86 117.01 10.25
N LEU HA 87 -9.65 117.11 10.79
CA LEU HA 87 -9.40 116.93 12.21
C LEU HA 87 -9.48 118.22 13.00
N LEU HA 88 -9.80 119.34 12.32
CA LEU HA 88 -9.85 120.63 12.98
C LEU HA 88 -10.84 120.65 14.14
N MET HA 89 -11.99 120.02 13.94
CA MET HA 89 -13.00 119.94 15.00
C MET HA 89 -12.88 118.67 15.83
N CYS HA 90 -12.07 117.71 15.41
CA CYS HA 90 -11.76 116.50 16.18
C CYS HA 90 -10.39 116.64 16.83
N ASN HA 91 -9.99 117.88 17.06
CA ASN HA 91 -8.65 118.23 17.50
C ASN HA 91 -8.25 117.51 18.78
N LYS HA 92 -9.13 117.44 19.76
CA LYS HA 92 -8.78 116.99 21.10
C LYS HA 92 -8.86 115.49 21.28
N SER HA 93 -9.20 114.74 20.24
CA SER HA 93 -9.31 113.29 20.35
C SER HA 93 -8.63 112.51 19.24
N TYR HA 94 -8.30 113.14 18.12
CA TYR HA 94 -7.69 112.44 17.00
C TYR HA 94 -6.39 113.12 16.61
N CYS HA 95 -5.37 112.31 16.34
CA CYS HA 95 -4.07 112.76 15.92
C CYS HA 95 -3.79 112.20 14.54
N ALA HA 96 -2.97 112.91 13.77
CA ALA HA 96 -2.72 112.57 12.38
C ALA HA 96 -1.37 111.88 12.21
N GLU HA 97 -1.35 110.85 11.37
CA GLU HA 97 -0.11 110.33 10.82
C GLU HA 97 0.00 110.68 9.35
N ILE HA 98 1.12 111.27 8.97
CA ILE HA 98 1.44 111.42 7.56
C ILE HA 98 1.75 110.06 6.96
N ALA HA 99 1.22 109.80 5.77
CA ALA HA 99 1.42 108.51 5.13
C ALA HA 99 2.90 108.28 4.83
N HIS HA 100 3.28 107.00 4.75
CA HIS HA 100 4.68 106.64 4.63
C HIS HA 100 5.29 107.09 3.31
N ASN HA 101 4.48 107.20 2.27
CA ASN HA 101 4.98 107.52 0.94
C ASN HA 101 4.92 109.01 0.64
N VAL HA 102 4.51 109.84 1.59
CA VAL HA 102 4.49 111.28 1.38
C VAL HA 102 5.92 111.81 1.42
N SER HA 103 6.24 112.72 0.49
CA SER HA 103 7.60 113.22 0.36
C SER HA 103 7.95 114.15 1.51
N SER HA 104 9.25 114.43 1.63
CA SER HA 104 9.75 115.24 2.74
C SER HA 104 9.25 116.67 2.66
N LYS HA 105 9.29 117.27 1.46
CA LYS HA 105 8.86 118.66 1.34
C LYS HA 105 7.37 118.81 1.58
N ASN HA 106 6.58 117.80 1.22
CA ASN HA 106 5.15 117.86 1.47
C ASN HA 106 4.82 117.64 2.93
N ARG HA 107 5.51 116.69 3.57
CA ARG HA 107 5.23 116.45 4.99
C ARG HA 107 5.73 117.58 5.87
N LYS HA 108 6.71 118.35 5.41
CA LYS HA 108 7.07 119.57 6.12
C LYS HA 108 5.89 120.54 6.19
N ALA HA 109 5.22 120.74 5.05
CA ALA HA 109 4.05 121.61 5.02
C ALA HA 109 2.91 121.04 5.85
N ILE HA 110 2.72 119.72 5.81
CA ILE HA 110 1.69 119.09 6.63
C ILE HA 110 1.96 119.32 8.11
N VAL HA 111 3.21 119.15 8.53
CA VAL HA 111 3.57 119.35 9.93
C VAL HA 111 3.34 120.80 10.34
N GLU HA 112 3.72 121.74 9.48
CA GLU HA 112 3.51 123.15 9.80
C GLU HA 112 2.02 123.49 9.94
N ARG HA 113 1.20 122.97 9.02
CA ARG HA 113 -0.23 123.25 9.09
C ARG HA 113 -0.85 122.61 10.33
N ALA HA 114 -0.39 121.41 10.69
CA ALA HA 114 -0.90 120.77 11.90
C ALA HA 114 -0.51 121.54 13.15
N ALA HA 115 0.71 122.09 13.17
CA ALA HA 115 1.09 122.95 14.28
C ALA HA 115 0.21 124.18 14.35
N GLN HA 116 -0.14 124.75 13.19
CA GLN HA 116 -1.06 125.89 13.18
C GLN HA 116 -2.42 125.51 13.72
N LEU HA 117 -2.94 124.35 13.33
CA LEU HA 117 -4.28 123.93 13.72
C LEU HA 117 -4.31 123.20 15.05
N ALA HA 118 -3.18 123.11 15.75
CA ALA HA 118 -3.07 122.44 17.05
C ALA HA 118 -3.42 120.96 16.96
N ILE HA 119 -3.21 120.36 15.80
CA ILE HA 119 -3.44 118.95 15.59
C ILE HA 119 -2.15 118.20 15.90
N ARG HA 120 -2.25 117.14 16.69
CA ARG HA 120 -1.08 116.36 17.05
C ARG HA 120 -0.68 115.43 15.91
N VAL HA 121 0.62 115.37 15.63
CA VAL HA 121 1.18 114.43 14.66
C VAL HA 121 2.08 113.47 15.42
N THR HA 122 1.89 112.18 15.20
CA THR HA 122 2.70 111.19 15.90
C THR HA 122 4.04 110.93 15.23
N ASN HA 123 4.24 111.37 14.00
CA ASN HA 123 5.55 111.33 13.34
C ASN HA 123 5.85 112.69 12.73
N PRO HA 124 6.05 113.71 13.58
CA PRO HA 124 6.30 115.05 13.03
C PRO HA 124 7.69 115.22 12.45
N ASN HA 125 8.67 114.45 12.90
CA ASN HA 125 10.03 114.52 12.38
C ASN HA 125 10.39 113.18 11.75
N ALA HA 126 10.01 113.01 10.50
CA ALA HA 126 10.09 111.72 9.83
C ALA HA 126 10.85 111.72 8.52
N ARG HA 127 11.07 112.87 7.89
CA ARG HA 127 11.88 112.91 6.66
C ARG HA 127 12.61 114.24 6.67
N LEU HA 128 13.83 114.23 7.18
CA LEU HA 128 14.62 115.45 7.31
C LEU HA 128 16.10 115.14 7.53
N SER IA 1 19.38 100.84 63.87
CA SER IA 1 19.44 100.58 65.30
C SER IA 1 18.78 99.26 65.65
N GLY IA 2 17.86 98.80 64.81
CA GLY IA 2 17.16 97.56 65.09
C GLY IA 2 16.48 97.03 63.85
N ARG IA 3 16.08 95.75 63.94
CA ARG IA 3 15.54 95.06 62.77
C ARG IA 3 14.19 95.62 62.36
N LEU IA 4 13.30 95.85 63.32
CA LEU IA 4 12.03 96.54 63.07
C LEU IA 4 11.10 95.87 62.07
N TRP IA 5 11.45 94.69 61.55
CA TRP IA 5 10.53 93.93 60.72
C TRP IA 5 10.61 92.46 61.09
N SER IA 6 9.48 91.77 60.94
CA SER IA 6 9.42 90.34 61.19
C SER IA 6 9.95 89.58 59.98
N LYS IA 7 10.70 88.53 60.25
CA LYS IA 7 11.21 87.67 59.20
C LYS IA 7 10.14 86.73 58.70
N ALA IA 8 10.08 86.54 57.39
CA ALA IA 8 9.18 85.59 56.78
C ALA IA 8 9.89 84.94 55.61
N ILE IA 9 9.39 83.79 55.20
CA ILE IA 9 9.94 83.03 54.09
C ILE IA 9 8.89 82.95 53.00
N PHE IA 10 9.29 83.26 51.77
CA PHE IA 10 8.41 83.05 50.63
C PHE IA 10 8.32 81.55 50.36
N ALA IA 11 7.26 80.91 50.86
CA ALA IA 11 7.14 79.47 50.72
C ALA IA 11 6.75 79.07 49.29
N GLY IA 12 5.82 79.80 48.69
CA GLY IA 12 5.37 79.47 47.35
C GLY IA 12 4.12 80.25 47.01
N TYR IA 13 3.55 79.92 45.87
CA TYR IA 13 2.32 80.56 45.43
C TYR IA 13 1.11 79.80 45.92
N LYS IA 14 -0.03 80.48 45.94
CA LYS IA 14 -1.29 79.78 46.12
C LYS IA 14 -1.50 78.83 44.97
N ARG IA 15 -1.86 77.60 45.27
CA ARG IA 15 -1.85 76.58 44.24
C ARG IA 15 -2.73 75.41 44.66
N GLY IA 16 -3.21 74.68 43.67
CA GLY IA 16 -3.65 73.33 43.84
C GLY IA 16 -2.45 72.41 43.70
N LEU IA 17 -2.73 71.16 43.37
CA LEU IA 17 -1.62 70.27 43.07
C LEU IA 17 -1.02 70.58 41.71
N ARG IA 18 -1.86 70.81 40.70
CA ARG IA 18 -1.39 70.95 39.32
C ARG IA 18 -1.80 72.29 38.71
N ASN IA 19 -2.17 73.26 39.52
CA ASN IA 19 -2.46 74.61 39.06
C ASN IA 19 -1.84 75.59 40.02
N GLN IA 20 -1.28 76.67 39.50
CA GLN IA 20 -0.54 77.64 40.30
C GLN IA 20 -1.09 79.02 40.05
N ARG IA 21 -1.49 79.71 41.11
CA ARG IA 21 -2.02 81.08 41.01
C ARG IA 21 -0.93 82.02 41.50
N GLU IA 22 -0.16 82.55 40.57
CA GLU IA 22 1.01 83.35 40.92
C GLU IA 22 0.65 84.73 41.44
N HIS IA 23 -0.61 85.17 41.30
CA HIS IA 23 -0.95 86.53 41.73
C HIS IA 23 -0.92 86.70 43.24
N THR IA 24 -0.91 85.61 44.00
CA THR IA 24 -0.81 85.68 45.45
C THR IA 24 0.20 84.67 45.95
N ALA IA 25 0.87 85.02 47.04
CA ALA IA 25 2.01 84.26 47.55
C ALA IA 25 1.71 83.76 48.95
N LEU IA 26 2.39 82.68 49.33
CA LEU IA 26 2.29 82.12 50.67
C LEU IA 26 3.55 82.48 51.45
N LEU IA 27 3.35 83.05 52.63
CA LEU IA 27 4.44 83.49 53.48
C LEU IA 27 4.42 82.73 54.79
N LYS IA 28 5.60 82.35 55.25
CA LYS IA 28 5.80 81.69 56.53
C LYS IA 28 6.50 82.68 57.44
N ILE IA 29 5.74 83.31 58.33
CA ILE IA 29 6.31 84.25 59.28
C ILE IA 29 6.96 83.45 60.42
N GLU IA 30 8.16 83.85 60.80
CA GLU IA 30 8.89 83.12 61.83
C GLU IA 30 8.22 83.32 63.18
N GLY IA 31 8.07 82.22 63.93
CA GLY IA 31 7.46 82.26 65.23
C GLY IA 31 5.95 82.20 65.25
N VAL IA 32 5.31 82.16 64.09
CA VAL IA 32 3.86 82.10 63.96
C VAL IA 32 3.52 80.74 63.40
N TYR IA 33 3.10 79.82 64.27
CA TYR IA 33 2.87 78.43 63.87
C TYR IA 33 1.45 77.98 64.18
N ALA IA 34 0.52 78.90 64.31
CA ALA IA 34 -0.89 78.59 64.48
C ALA IA 34 -1.71 79.64 63.76
N ARG IA 35 -2.92 79.25 63.36
CA ARG IA 35 -3.78 80.18 62.64
C ARG IA 35 -4.26 81.32 63.52
N ASP IA 36 -4.50 81.05 64.81
CA ASP IA 36 -5.01 82.09 65.69
C ASP IA 36 -3.98 83.15 66.00
N GLU IA 37 -2.70 82.88 65.76
CA GLU IA 37 -1.65 83.87 65.99
C GLU IA 37 -1.42 84.78 64.80
N THR IA 38 -2.09 84.52 63.67
CA THR IA 38 -1.85 85.29 62.46
C THR IA 38 -2.64 86.59 62.40
N GLU IA 39 -3.56 86.81 63.36
CA GLU IA 39 -4.42 87.98 63.28
C GLU IA 39 -3.62 89.28 63.39
N PHE IA 40 -2.50 89.25 64.12
CA PHE IA 40 -1.68 90.44 64.26
C PHE IA 40 -1.16 90.91 62.91
N TYR IA 41 -0.76 89.98 62.05
CA TYR IA 41 -0.06 90.30 60.82
C TYR IA 41 -0.98 90.58 59.66
N LEU IA 42 -2.29 90.49 59.83
CA LEU IA 42 -3.21 90.76 58.74
C LEU IA 42 -3.17 92.24 58.38
N GLY IA 43 -2.99 92.51 57.09
CA GLY IA 43 -2.95 93.88 56.61
C GLY IA 43 -1.59 94.54 56.71
N LYS IA 44 -0.61 93.90 57.31
CA LYS IA 44 0.71 94.50 57.44
C LYS IA 44 1.40 94.56 56.09
N ARG IA 45 2.16 95.62 55.86
CA ARG IA 45 2.95 95.73 54.65
C ARG IA 45 4.05 94.68 54.66
N CYS IA 46 4.34 94.11 53.50
CA CYS IA 46 5.46 93.19 53.38
C CYS IA 46 6.26 93.55 52.14
N ALA IA 47 7.57 93.32 52.22
CA ALA IA 47 8.51 93.73 51.20
C ALA IA 47 9.44 92.58 50.84
N TYR IA 48 9.64 92.38 49.55
CA TYR IA 48 10.69 91.50 49.05
C TYR IA 48 11.84 92.39 48.59
N VAL IA 49 12.91 92.41 49.38
CA VAL IA 49 14.05 93.29 49.14
C VAL IA 49 15.17 92.47 48.53
N TYR IA 50 15.71 92.92 47.41
CA TYR IA 50 16.75 92.22 46.69
C TYR IA 50 17.70 93.23 46.07
N LYS IA 51 18.77 92.72 45.48
CA LYS IA 51 19.77 93.54 44.82
C LYS IA 51 19.84 93.18 43.34
N ALA IA 52 20.22 94.17 42.53
CA ALA IA 52 20.39 93.94 41.10
C ALA IA 52 21.68 94.58 40.60
N LYS IA 53 21.84 94.64 39.28
CA LYS IA 53 23.07 95.14 38.69
C LYS IA 53 23.08 96.66 38.56
N ASN IA 54 22.02 97.23 38.01
CA ASN IA 54 21.98 98.67 37.80
C ASN IA 54 21.50 99.39 39.05
N ASN IA 55 22.00 100.61 39.23
CA ASN IA 55 21.54 101.44 40.33
C ASN IA 55 20.13 101.95 40.06
N THR IA 56 19.32 102.00 41.10
CA THR IA 56 17.98 102.58 41.03
C THR IA 56 17.85 103.63 42.12
N VAL IA 57 16.95 104.59 41.90
CA VAL IA 57 16.78 105.67 42.86
C VAL IA 57 16.24 105.13 44.17
N THR IA 58 16.80 105.63 45.26
CA THR IA 58 16.37 105.28 46.60
C THR IA 58 15.63 106.46 47.21
N PRO IA 59 14.41 106.26 47.70
CA PRO IA 59 13.70 107.36 48.37
C PRO IA 59 14.47 107.80 49.61
N GLY IA 60 14.80 109.09 49.65
CA GLY IA 60 15.56 109.63 50.76
C GLY IA 60 16.97 109.11 50.86
N GLY IA 61 17.68 108.99 49.74
CA GLY IA 61 19.05 108.52 49.78
C GLY IA 61 19.62 108.44 48.38
N LYS IA 62 20.91 108.13 48.32
CA LYS IA 62 21.59 107.98 47.04
C LYS IA 62 21.13 106.70 46.35
N PRO IA 63 21.20 106.68 45.01
CA PRO IA 63 20.88 105.43 44.30
C PRO IA 63 21.83 104.30 44.66
N ASN IA 64 21.30 103.09 44.73
CA ASN IA 64 22.08 101.92 45.07
C ASN IA 64 21.51 100.73 44.31
N LYS IA 65 21.95 99.53 44.69
CA LYS IA 65 21.57 98.30 44.01
C LYS IA 65 20.25 97.72 44.52
N THR IA 66 19.69 98.28 45.58
CA THR IA 66 18.54 97.68 46.23
C THR IA 66 17.25 97.96 45.47
N ARG IA 67 16.42 96.93 45.34
CA ARG IA 67 15.10 97.03 44.75
C ARG IA 67 14.10 96.33 45.66
N VAL IA 68 12.85 96.78 45.62
CA VAL IA 68 11.80 96.23 46.46
C VAL IA 68 10.56 95.98 45.61
N ILE IA 69 9.90 94.86 45.85
CA ILE IA 69 8.53 94.62 45.42
C ILE IA 69 7.66 94.68 46.66
N TRP IA 70 6.80 95.68 46.73
CA TRP IA 70 5.97 95.89 47.91
C TRP IA 70 4.72 95.02 47.85
N GLY IA 71 4.19 94.71 49.02
CA GLY IA 71 2.98 93.92 49.11
C GLY IA 71 2.37 94.05 50.49
N LYS IA 72 1.35 93.24 50.73
CA LYS IA 72 0.75 93.22 52.06
C LYS IA 72 0.06 91.89 52.30
N VAL IA 73 -0.05 91.53 53.58
CA VAL IA 73 -0.70 90.29 54.00
C VAL IA 73 -2.21 90.49 53.93
N THR IA 74 -2.90 89.54 53.30
CA THR IA 74 -4.33 89.62 53.07
C THR IA 74 -5.15 88.76 54.02
N ARG IA 75 -4.74 87.51 54.22
CA ARG IA 75 -5.52 86.61 55.07
C ARG IA 75 -4.61 85.47 55.53
N ALA IA 76 -5.09 84.72 56.51
CA ALA IA 76 -4.39 83.54 56.99
C ALA IA 76 -4.58 82.39 56.02
N HIS IA 77 -3.58 81.50 55.99
CA HIS IA 77 -3.60 80.33 55.12
C HIS IA 77 -3.39 79.10 55.98
N GLY IA 78 -4.23 78.09 55.78
CA GLY IA 78 -4.08 76.85 56.52
C GLY IA 78 -4.36 77.01 58.00
N ASN IA 79 -3.80 76.09 58.78
CA ASN IA 79 -3.91 76.09 60.23
C ASN IA 79 -2.59 76.30 60.95
N SER IA 80 -1.49 76.45 60.21
CA SER IA 80 -0.16 76.36 60.79
C SER IA 80 0.61 77.67 60.69
N GLY IA 81 -0.09 78.80 60.58
CA GLY IA 81 0.56 80.08 60.54
C GLY IA 81 1.00 80.56 59.19
N MET IA 82 0.65 79.86 58.11
CA MET IA 82 0.83 80.41 56.78
C MET IA 82 -0.04 81.66 56.64
N VAL IA 83 0.43 82.61 55.85
CA VAL IA 83 -0.40 83.74 55.48
C VAL IA 83 -0.33 83.91 53.97
N ARG IA 84 -1.34 84.55 53.42
CA ARG IA 84 -1.35 84.91 52.01
C ARG IA 84 -0.98 86.38 51.87
N ALA IA 85 -0.25 86.69 50.81
CA ALA IA 85 0.19 88.05 50.56
C ALA IA 85 -0.07 88.39 49.10
N LYS IA 86 -0.47 89.64 48.87
CA LYS IA 86 -0.60 90.19 47.54
C LYS IA 86 0.47 91.25 47.34
N PHE IA 87 1.25 91.11 46.28
CA PHE IA 87 2.30 92.07 45.95
C PHE IA 87 1.90 92.88 44.73
N ARG IA 88 2.56 94.03 44.56
CA ARG IA 88 2.24 94.89 43.42
C ARG IA 88 2.54 94.19 42.10
N SER IA 89 3.64 93.46 42.04
CA SER IA 89 3.92 92.56 40.94
C SER IA 89 4.16 91.17 41.51
N ASN IA 90 3.77 90.15 40.75
CA ASN IA 90 3.90 88.78 41.22
C ASN IA 90 5.35 88.47 41.54
N LEU IA 91 5.56 87.78 42.65
CA LEU IA 91 6.91 87.54 43.13
C LEU IA 91 7.65 86.63 42.15
N PRO IA 92 8.93 86.91 41.89
CA PRO IA 92 9.72 86.03 41.04
C PRO IA 92 9.92 84.69 41.72
N ALA IA 93 9.99 83.64 40.90
CA ALA IA 93 10.10 82.29 41.44
C ALA IA 93 11.46 82.02 42.08
N LYS IA 94 12.47 82.84 41.78
CA LYS IA 94 13.77 82.64 42.41
C LYS IA 94 13.75 83.04 43.89
N ALA IA 95 12.72 83.74 44.33
CA ALA IA 95 12.61 84.19 45.70
C ALA IA 95 12.03 83.14 46.63
N ILE IA 96 11.65 81.97 46.11
CA ILE IA 96 11.07 80.93 46.95
C ILE IA 96 12.14 80.43 47.92
N GLY IA 97 11.79 80.41 49.20
CA GLY IA 97 12.76 80.09 50.22
C GLY IA 97 13.62 81.24 50.67
N HIS IA 98 13.28 82.46 50.28
CA HIS IA 98 14.06 83.62 50.64
C HIS IA 98 13.24 84.56 51.53
N ARG IA 99 13.90 85.64 51.92
CA ARG IA 99 13.41 86.51 52.98
C ARG IA 99 12.33 87.47 52.47
N ILE IA 100 11.26 87.59 53.23
CA ILE IA 100 10.27 88.64 53.10
C ILE IA 100 10.21 89.36 54.43
N ARG IA 101 10.14 90.69 54.39
CA ARG IA 101 10.05 91.48 55.60
C ARG IA 101 8.61 91.90 55.82
N VAL IA 102 8.09 91.65 57.02
CA VAL IA 102 6.78 92.14 57.42
C VAL IA 102 6.99 93.36 58.30
N MET IA 103 6.54 94.52 57.83
CA MET IA 103 7.10 95.79 58.23
C MET IA 103 6.43 96.46 59.42
N LEU IA 104 5.35 95.89 59.94
CA LEU IA 104 4.57 96.43 61.07
C LEU IA 104 3.87 97.75 60.75
N TYR IA 105 3.97 98.26 59.51
CA TYR IA 105 3.60 99.66 59.25
C TYR IA 105 2.13 99.95 59.52
N PRO IA 106 1.15 99.21 58.97
CA PRO IA 106 -0.23 99.58 59.34
C PRO IA 106 -0.59 98.99 60.70
N SER IA 107 -0.13 99.66 61.75
CA SER IA 107 -0.28 99.16 63.10
C SER IA 107 -1.70 99.37 63.59
N ARG IA 108 -2.27 98.33 64.18
CA ARG IA 108 -3.58 98.41 64.83
C ARG IA 108 -3.47 98.33 66.33
N ILE IA 109 -2.26 98.36 66.88
CA ILE IA 109 -2.07 98.26 68.31
C ILE IA 109 -1.43 99.54 68.85
N VAL JA 1 60.50 35.63 -34.71
CA VAL JA 1 60.67 35.72 -36.15
C VAL JA 1 59.72 36.77 -36.72
N GLN JA 2 59.91 37.12 -37.98
CA GLN JA 2 59.05 38.12 -38.60
C GLN JA 2 57.65 37.54 -38.81
N ARG JA 3 56.65 38.30 -38.40
CA ARG JA 3 55.26 37.90 -38.54
C ARG JA 3 54.60 38.76 -39.61
N LEU JA 4 53.60 38.18 -40.28
CA LEU JA 4 53.07 38.76 -41.50
C LEU JA 4 51.69 39.35 -41.28
N THR JA 5 51.34 40.30 -42.14
CA THR JA 5 50.01 40.91 -42.16
C THR JA 5 49.46 40.84 -43.57
N TYR JA 6 48.14 40.81 -43.67
CA TYR JA 6 47.49 40.93 -44.97
C TYR JA 6 47.79 42.30 -45.57
N ARG JA 7 47.93 42.33 -46.89
CA ARG JA 7 48.19 43.57 -47.60
C ARG JA 7 46.93 44.22 -48.16
N ARG JA 8 45.78 43.60 -47.98
CA ARG JA 8 44.51 44.13 -48.45
C ARG JA 8 43.53 44.19 -47.28
N ARG JA 9 42.35 44.74 -47.53
CA ARG JA 9 41.37 44.93 -46.48
C ARG JA 9 40.48 43.71 -46.26
N LEU JA 10 40.62 42.67 -47.06
CA LEU JA 10 39.93 41.41 -46.81
C LEU JA 10 40.71 40.65 -45.75
N SER JA 11 40.13 40.52 -44.56
CA SER JA 11 40.83 39.99 -43.40
C SER JA 11 40.45 38.55 -43.09
N TYR JA 12 39.69 37.90 -43.96
CA TYR JA 12 39.19 36.56 -43.69
C TYR JA 12 39.84 35.56 -44.63
N ASN JA 13 40.00 34.33 -44.14
CA ASN JA 13 40.66 33.27 -44.89
C ASN JA 13 39.69 32.63 -45.88
N THR JA 14 39.18 33.46 -46.78
CA THR JA 14 38.24 32.99 -47.79
C THR JA 14 38.98 32.40 -48.97
N ALA JA 15 38.23 31.87 -49.94
CA ALA JA 15 38.84 31.21 -51.09
C ALA JA 15 39.55 32.21 -51.99
N SER JA 16 39.13 33.46 -52.00
CA SER JA 16 39.74 34.49 -52.81
C SER JA 16 40.86 35.23 -52.09
N ASN JA 17 41.21 34.80 -50.88
CA ASN JA 17 42.17 35.51 -50.07
C ASN JA 17 43.36 34.62 -49.74
N LYS JA 18 43.86 33.91 -50.74
CA LYS JA 18 44.92 32.93 -50.55
C LYS JA 18 46.27 33.54 -50.89
N THR JA 19 47.23 33.33 -50.02
CA THR JA 19 48.53 33.98 -50.10
C THR JA 19 49.64 32.93 -50.11
N ARG JA 20 50.81 33.35 -50.58
CA ARG JA 20 52.03 32.57 -50.46
C ARG JA 20 53.15 33.50 -50.00
N LEU JA 21 54.17 32.92 -49.39
CA LEU JA 21 55.25 33.69 -48.81
C LEU JA 21 56.31 33.98 -49.86
N SER JA 22 56.79 35.22 -49.89
CA SER JA 22 57.78 35.65 -50.86
C SER JA 22 58.86 36.46 -50.15
N ARG JA 23 60.11 36.23 -50.52
CA ARG JA 23 61.23 37.01 -50.00
C ARG JA 23 61.61 38.06 -51.03
N THR JA 24 61.49 39.33 -50.64
CA THR JA 24 61.77 40.44 -51.52
C THR JA 24 63.27 40.71 -51.60
N PRO JA 25 63.72 41.47 -52.60
CA PRO JA 25 65.13 41.91 -52.61
C PRO JA 25 65.51 42.75 -51.40
N GLY JA 26 64.55 43.34 -50.71
CA GLY JA 26 64.81 44.05 -49.48
C GLY JA 26 64.97 43.16 -48.27
N ASN JA 27 65.03 41.83 -48.48
CA ASN JA 27 65.24 40.85 -47.43
C ASN JA 27 64.16 40.91 -46.36
N ARG JA 28 62.92 40.75 -46.82
CA ARG JA 28 61.80 40.62 -45.91
C ARG JA 28 60.79 39.68 -46.53
N ILE JA 29 59.96 39.08 -45.68
CA ILE JA 29 58.94 38.14 -46.12
C ILE JA 29 57.62 38.89 -46.25
N VAL JA 30 56.93 38.68 -47.38
CA VAL JA 30 55.66 39.33 -47.64
C VAL JA 30 54.69 38.30 -48.19
N TYR JA 31 53.41 38.65 -48.14
CA TYR JA 31 52.38 37.90 -48.83
C TYR JA 31 52.33 38.29 -50.30
N LEU JA 32 52.23 37.28 -51.16
CA LEU JA 32 51.85 37.46 -52.55
C LEU JA 32 50.53 36.74 -52.72
N TYR JA 33 49.53 37.46 -53.23
CA TYR JA 33 48.19 36.89 -53.36
C TYR JA 33 48.13 36.02 -54.59
N THR JA 34 47.92 34.72 -54.39
CA THR JA 34 47.99 33.77 -55.48
C THR JA 34 46.71 33.79 -56.31
N LYS JA 35 46.81 33.22 -57.51
CA LYS JA 35 45.63 32.99 -58.34
C LYS JA 35 45.11 31.58 -58.10
N LYS JA 36 43.82 31.39 -58.36
CA LYS JA 36 43.21 30.09 -58.17
C LYS JA 36 43.79 29.08 -59.15
N VAL JA 37 43.80 27.82 -58.73
CA VAL JA 37 44.33 26.75 -59.58
C VAL JA 37 43.33 26.45 -60.68
N GLY JA 38 43.78 26.54 -61.93
CA GLY JA 38 42.92 26.22 -63.05
C GLY JA 38 42.80 24.73 -63.29
N LYS JA 39 41.79 24.36 -64.07
CA LYS JA 39 41.52 22.97 -64.39
C LYS JA 39 41.53 22.79 -65.90
N ALA JA 40 42.10 21.67 -66.33
CA ALA JA 40 42.02 21.27 -67.72
C ALA JA 40 40.57 20.88 -68.05
N PRO JA 41 40.19 20.90 -69.33
CA PRO JA 41 38.83 20.51 -69.69
C PRO JA 41 38.57 19.03 -69.40
N LYS JA 42 37.30 18.73 -69.15
CA LYS JA 42 36.84 17.35 -69.15
C LYS JA 42 36.30 16.99 -70.52
N SER JA 43 36.37 15.70 -70.83
CA SER JA 43 35.98 15.24 -72.15
C SER JA 43 34.48 15.38 -72.36
N ALA JA 44 34.10 15.76 -73.59
CA ALA JA 44 32.69 15.94 -73.91
C ALA JA 44 31.92 14.62 -73.94
N CYS JA 45 32.61 13.48 -73.94
CA CYS JA 45 31.93 12.20 -73.85
C CYS JA 45 31.19 12.07 -72.53
N GLY JA 46 31.78 12.57 -71.45
CA GLY JA 46 31.17 12.47 -70.15
C GLY JA 46 31.28 11.11 -69.51
N VAL JA 47 32.18 10.26 -70.00
CA VAL JA 47 32.34 8.91 -69.49
C VAL JA 47 33.67 8.76 -68.76
N CYS JA 48 34.77 8.92 -69.47
CA CYS JA 48 36.06 8.73 -68.83
C CYS JA 48 36.41 9.94 -67.96
N PRO JA 49 36.94 9.71 -66.74
CA PRO JA 49 37.05 10.80 -65.77
C PRO JA 49 38.28 11.67 -65.93
N GLY JA 50 39.29 11.25 -66.68
CA GLY JA 50 40.49 12.04 -66.82
C GLY JA 50 40.25 13.32 -67.62
N ARG JA 51 41.10 14.30 -67.36
CA ARG JA 51 41.03 15.57 -68.07
C ARG JA 51 41.94 15.53 -69.29
N LEU JA 52 41.66 16.43 -70.23
CA LEU JA 52 42.32 16.37 -71.52
C LEU JA 52 43.79 16.79 -71.41
N ARG JA 53 44.58 16.31 -72.36
CA ARG JA 53 46.00 16.59 -72.43
C ARG JA 53 46.27 17.60 -73.54
N GLY JA 54 47.43 18.25 -73.45
CA GLY JA 54 47.81 19.22 -74.45
C GLY JA 54 47.13 20.56 -74.34
N VAL JA 55 46.32 20.78 -73.32
CA VAL JA 55 45.59 22.02 -73.12
C VAL JA 55 46.05 22.63 -71.81
N ARG JA 56 46.41 23.91 -71.85
CA ARG JA 56 46.89 24.59 -70.66
C ARG JA 56 45.75 24.81 -69.67
N ALA JA 57 46.00 24.48 -68.40
CA ALA JA 57 44.98 24.54 -67.36
C ALA JA 57 45.06 25.89 -66.66
N VAL JA 58 44.13 26.79 -66.96
CA VAL JA 58 44.11 28.14 -66.44
C VAL JA 58 42.69 28.50 -66.05
N ARG JA 59 42.54 29.67 -65.43
CA ARG JA 59 41.22 30.19 -65.14
C ARG JA 59 40.51 30.55 -66.43
N PRO JA 60 39.16 30.50 -66.46
CA PRO JA 60 38.45 30.64 -67.74
C PRO JA 60 38.70 31.94 -68.47
N LYS JA 61 38.85 33.06 -67.76
CA LYS JA 61 39.09 34.32 -68.45
C LYS JA 61 40.51 34.47 -68.95
N VAL JA 62 41.44 33.64 -68.47
CA VAL JA 62 42.80 33.64 -69.00
C VAL JA 62 42.85 33.04 -70.39
N LEU JA 63 41.91 32.16 -70.72
CA LEU JA 63 41.88 31.53 -72.05
C LEU JA 63 41.66 32.54 -73.16
N MET JA 64 41.15 33.73 -72.84
CA MET JA 64 40.91 34.73 -73.87
C MET JA 64 42.22 35.27 -74.45
N ARG JA 65 43.28 35.34 -73.64
CA ARG JA 65 44.55 35.88 -74.09
C ARG JA 65 45.57 34.80 -74.43
N LEU JA 66 45.16 33.54 -74.50
CA LEU JA 66 46.03 32.49 -74.97
C LEU JA 66 45.88 32.31 -76.47
N SER JA 67 46.93 31.81 -77.11
CA SER JA 67 46.85 31.53 -78.53
C SER JA 67 45.97 30.31 -78.76
N LYS JA 68 45.56 30.12 -80.02
CA LYS JA 68 44.67 29.02 -80.35
C LYS JA 68 45.30 27.68 -80.06
N THR JA 69 46.58 27.52 -80.37
CA THR JA 69 47.25 26.22 -80.21
C THR JA 69 47.26 25.76 -78.77
N LYS JA 70 47.40 26.69 -77.83
CA LYS JA 70 47.45 26.34 -76.42
C LYS JA 70 46.13 25.83 -75.88
N LYS JA 71 45.03 25.95 -76.63
CA LYS JA 71 43.71 25.60 -76.14
C LYS JA 71 43.08 24.42 -76.85
N HIS JA 72 43.79 23.75 -77.76
CA HIS JA 72 43.23 22.59 -78.44
C HIS JA 72 44.34 21.64 -78.83
N VAL JA 73 43.94 20.54 -79.47
CA VAL JA 73 44.84 19.50 -79.95
C VAL JA 73 44.54 19.29 -81.43
N SER JA 74 45.58 19.09 -82.23
CA SER JA 74 45.42 18.94 -83.67
C SER JA 74 44.79 17.59 -83.99
N ARG JA 75 43.48 17.54 -83.90
CA ARG JA 75 42.68 16.34 -84.14
C ARG JA 75 41.22 16.76 -84.15
N ALA JA 76 40.40 15.98 -84.85
CA ALA JA 76 38.96 16.17 -84.78
C ALA JA 76 38.50 16.07 -83.34
N TYR JA 77 37.65 17.02 -82.93
CA TYR JA 77 37.20 17.21 -81.55
C TYR JA 77 38.35 17.52 -80.60
N GLY JA 78 39.52 17.86 -81.11
CA GLY JA 78 40.68 18.12 -80.28
C GLY JA 78 40.49 19.29 -79.33
N GLY JA 79 40.77 19.08 -78.05
CA GLY JA 79 40.51 20.07 -77.04
C GLY JA 79 39.10 20.04 -76.50
N SER JA 80 38.24 19.19 -77.04
CA SER JA 80 36.88 19.01 -76.56
C SER JA 80 36.57 17.57 -76.20
N MET JA 81 37.11 16.61 -76.93
CA MET JA 81 36.91 15.19 -76.64
C MET JA 81 38.25 14.48 -76.62
N CYS JA 82 38.30 13.41 -75.84
CA CYS JA 82 39.50 12.60 -75.71
C CYS JA 82 39.70 11.71 -76.91
N ALA JA 83 40.96 11.30 -77.11
CA ALA JA 83 41.32 10.48 -78.27
C ALA JA 83 40.62 9.14 -78.24
N LYS JA 84 40.51 8.52 -77.06
CA LYS JA 84 39.92 7.19 -76.97
C LYS JA 84 38.46 7.21 -77.39
N CYS JA 85 37.69 8.15 -76.85
CA CYS JA 85 36.28 8.22 -77.21
C CYS JA 85 36.09 8.76 -78.63
N VAL JA 86 37.05 9.51 -79.17
CA VAL JA 86 36.98 9.88 -80.58
C VAL JA 86 37.12 8.65 -81.46
N ARG JA 87 38.08 7.77 -81.15
CA ARG JA 87 38.22 6.52 -81.89
C ARG JA 87 36.97 5.67 -81.76
N ASP JA 88 36.42 5.59 -80.55
CA ASP JA 88 35.19 4.83 -80.35
C ASP JA 88 34.04 5.38 -81.18
N ARG JA 89 33.93 6.71 -81.26
CA ARG JA 89 32.86 7.31 -82.05
C ARG JA 89 33.06 7.07 -83.54
N ILE JA 90 34.30 7.13 -84.02
CA ILE JA 90 34.56 6.83 -85.43
C ILE JA 90 34.14 5.41 -85.76
N LYS JA 91 34.58 4.46 -84.93
CA LYS JA 91 34.24 3.06 -85.18
C LYS JA 91 32.74 2.83 -85.07
N ARG JA 92 32.10 3.45 -84.07
CA ARG JA 92 30.67 3.27 -83.88
C ARG JA 92 29.88 3.82 -85.06
N ALA JA 93 30.26 5.00 -85.55
CA ALA JA 93 29.59 5.58 -86.71
C ALA JA 93 29.72 4.68 -87.92
N PHE JA 94 30.96 4.26 -88.22
CA PHE JA 94 31.17 3.43 -89.41
C PHE JA 94 30.41 2.12 -89.31
N LEU JA 95 30.45 1.47 -88.15
CA LEU JA 95 29.83 0.16 -88.02
C LEU JA 95 28.32 0.25 -88.04
N ILE JA 96 27.75 1.31 -87.46
CA ILE JA 96 26.29 1.44 -87.50
C ILE JA 96 25.81 1.75 -88.92
N GLU JA 97 26.56 2.57 -89.67
CA GLU JA 97 26.17 2.78 -91.06
C GLU JA 97 26.30 1.49 -91.87
N GLU JA 98 27.32 0.69 -91.59
CA GLU JA 98 27.45 -0.60 -92.24
C GLU JA 98 26.26 -1.50 -91.91
N GLN JA 99 25.81 -1.48 -90.65
CA GLN JA 99 24.65 -2.27 -90.26
C GLN JA 99 23.39 -1.80 -90.96
N LYS JA 100 23.25 -0.48 -91.15
CA LYS JA 100 22.13 0.04 -91.92
C LYS JA 100 22.16 -0.48 -93.35
N ILE JA 101 23.35 -0.50 -93.96
CA ILE JA 101 23.47 -1.05 -95.30
C ILE JA 101 23.07 -2.52 -95.31
N VAL JA 102 23.49 -3.27 -94.29
CA VAL JA 102 23.20 -4.70 -94.24
C VAL JA 102 21.70 -4.93 -94.14
N VAL JA 103 21.01 -4.19 -93.27
CA VAL JA 103 19.58 -4.41 -93.13
C VAL JA 103 18.82 -3.95 -94.38
N LYS JA 104 19.31 -2.91 -95.05
CA LYS JA 104 18.69 -2.49 -96.31
C LYS JA 104 18.82 -3.57 -97.36
N VAL JA 105 20.01 -4.16 -97.51
CA VAL JA 105 20.21 -5.25 -98.46
C VAL JA 105 19.37 -6.45 -98.06
N LEU JA 106 19.24 -6.70 -96.76
CA LEU JA 106 18.50 -7.86 -96.30
C LEU JA 106 17.02 -7.73 -96.64
N LYS JA 107 16.43 -6.55 -96.43
CA LYS JA 107 15.03 -6.39 -96.80
C LYS JA 107 14.85 -6.37 -98.31
N ALA JA 108 15.83 -5.83 -99.04
CA ALA JA 108 15.74 -5.80 -100.50
C ALA JA 108 15.76 -7.21 -101.09
N GLN JA 109 16.56 -8.11 -100.49
CA GLN JA 109 16.56 -9.49 -100.96
C GLN JA 109 15.41 -10.31 -100.38
N ALA JA 110 14.85 -9.88 -99.23
CA ALA JA 110 13.71 -10.58 -98.65
C ALA JA 110 12.41 -10.28 -99.37
N GLN JA 111 12.28 -9.08 -99.96
CA GLN JA 111 11.05 -8.73 -100.67
C GLN JA 111 10.93 -9.40 -102.02
N SER JA 112 11.86 -10.28 -102.39
CA SER JA 112 11.83 -10.92 -103.70
C SER JA 112 10.65 -11.88 -103.86
N GLN JA 113 10.07 -12.35 -102.76
CA GLN JA 113 8.97 -13.30 -102.79
C GLN JA 113 7.67 -12.60 -102.39
N LYS JA 114 6.63 -12.81 -103.18
CA LYS JA 114 5.34 -12.19 -102.92
C LYS JA 114 4.72 -12.67 -101.61
N ALA KA 1 35.84 102.14 -59.52
CA ALA KA 1 35.44 102.13 -60.92
C ALA KA 1 34.60 100.90 -61.25
N LYS KA 2 33.37 100.90 -60.76
CA LYS KA 2 32.47 99.78 -60.95
C LYS KA 2 31.87 99.79 -62.35
N ILE KA 3 31.23 98.67 -62.71
CA ILE KA 3 30.52 98.53 -63.96
C ILE KA 3 29.02 98.49 -63.66
N LYS KA 4 28.24 99.20 -64.47
CA LYS KA 4 26.82 99.35 -64.25
C LYS KA 4 26.05 98.50 -65.25
N ALA KA 5 24.79 98.24 -64.92
CA ALA KA 5 23.96 97.48 -65.85
C ALA KA 5 23.45 98.33 -67.01
N ARG KA 6 23.38 99.65 -66.84
CA ARG KA 6 22.81 100.51 -67.87
C ARG KA 6 23.69 100.54 -69.10
N ASP KA 7 24.99 100.77 -68.93
CA ASP KA 7 25.88 100.89 -70.07
C ASP KA 7 26.27 99.54 -70.66
N LEU KA 8 25.92 98.44 -69.99
CA LEU KA 8 26.16 97.12 -70.55
C LEU KA 8 25.11 96.71 -71.56
N ARG KA 9 23.93 97.36 -71.55
CA ARG KA 9 22.84 96.92 -72.41
C ARG KA 9 23.07 97.29 -73.87
N GLY KA 10 23.83 98.36 -74.12
CA GLY KA 10 24.13 98.70 -75.50
C GLY KA 10 25.12 97.78 -76.17
N LYS KA 11 25.98 97.12 -75.39
CA LYS KA 11 27.01 96.26 -75.95
C LYS KA 11 26.41 95.00 -76.55
N LYS KA 12 27.14 94.41 -77.50
CA LYS KA 12 26.68 93.18 -78.12
C LYS KA 12 27.35 91.98 -77.47
N LYS KA 13 27.09 90.79 -78.02
CA LYS KA 13 27.36 89.54 -77.31
C LYS KA 13 28.85 89.33 -77.09
N GLU KA 14 29.67 89.66 -78.08
CA GLU KA 14 31.08 89.30 -78.04
C GLU KA 14 31.82 90.03 -76.93
N GLU KA 15 31.69 91.36 -76.85
CA GLU KA 15 32.40 92.06 -75.80
C GLU KA 15 31.78 91.85 -74.43
N LEU KA 16 30.48 91.54 -74.37
CA LEU KA 16 29.89 91.14 -73.10
C LEU KA 16 30.55 89.86 -72.58
N LEU KA 17 30.70 88.87 -73.45
CA LEU KA 17 31.39 87.64 -73.06
C LEU KA 17 32.85 87.90 -72.73
N LYS KA 18 33.49 88.80 -73.47
CA LYS KA 18 34.89 89.13 -73.19
C LYS KA 18 35.04 89.77 -71.82
N GLN KA 19 34.16 90.70 -71.47
CA GLN KA 19 34.23 91.34 -70.16
C GLN KA 19 33.90 90.35 -69.05
N LEU KA 20 32.96 89.44 -69.30
CA LEU KA 20 32.68 88.38 -68.34
C LEU KA 20 33.91 87.51 -68.10
N ASP KA 21 34.62 87.17 -69.17
CA ASP KA 21 35.82 86.35 -69.03
C ASP KA 21 36.91 87.09 -68.27
N ASP KA 22 37.07 88.39 -68.55
CA ASP KA 22 38.05 89.19 -67.81
C ASP KA 22 37.71 89.23 -66.32
N LEU KA 23 36.43 89.40 -66.00
CA LEU KA 23 36.02 89.41 -64.60
C LEU KA 23 36.27 88.06 -63.94
N LYS KA 24 36.02 86.96 -64.66
CA LYS KA 24 36.27 85.64 -64.09
C LYS KA 24 37.75 85.42 -63.84
N VAL KA 25 38.60 85.86 -64.76
CA VAL KA 25 40.04 85.76 -64.56
C VAL KA 25 40.48 86.57 -63.34
N GLU KA 26 39.96 87.79 -63.21
CA GLU KA 26 40.31 88.61 -62.07
C GLU KA 26 39.82 87.99 -60.76
N LEU KA 27 38.65 87.36 -60.78
CA LEU KA 27 38.16 86.70 -59.58
C LEU KA 27 39.03 85.52 -59.19
N SER KA 28 39.49 84.75 -60.17
CA SER KA 28 40.40 83.64 -59.86
C SER KA 28 41.70 84.15 -59.27
N GLN KA 29 42.24 85.26 -59.81
CA GLN KA 29 43.44 85.84 -59.22
C GLN KA 29 43.19 86.32 -57.80
N LEU KA 30 42.02 86.89 -57.54
CA LEU KA 30 41.69 87.34 -56.20
C LEU KA 30 41.59 86.16 -55.24
N ARG KA 31 41.05 85.04 -55.69
CA ARG KA 31 41.01 83.85 -54.85
C ARG KA 31 42.41 83.33 -54.55
N VAL KA 32 43.30 83.40 -55.55
CA VAL KA 32 44.70 83.03 -55.32
C VAL KA 32 45.32 83.93 -54.26
N ALA KA 33 45.06 85.24 -54.35
CA ALA KA 33 45.57 86.16 -53.34
C ALA KA 33 44.99 85.85 -51.96
N LYS KA 34 43.71 85.49 -51.92
CA LYS KA 34 43.06 85.15 -50.65
C LYS KA 34 43.71 83.94 -50.00
N VAL KA 35 44.02 82.92 -50.79
CA VAL KA 35 44.62 81.73 -50.19
C VAL KA 35 46.10 81.97 -49.86
N THR KA 36 46.77 82.88 -50.58
CA THR KA 36 48.15 83.22 -50.28
C THR KA 36 48.28 84.45 -49.39
N GLY KA 37 47.21 84.82 -48.69
CA GLY KA 37 47.25 85.94 -47.78
C GLY KA 37 46.79 87.24 -48.40
N GLY KA 38 47.60 87.78 -49.31
CA GLY KA 38 47.20 88.97 -50.04
C GLY KA 38 47.04 90.18 -49.13
N ALA KA 39 46.08 91.04 -49.50
CA ALA KA 39 45.83 92.27 -48.79
C ALA KA 39 44.33 92.42 -48.56
N ALA KA 40 43.99 93.26 -47.58
CA ALA KA 40 42.59 93.49 -47.25
C ALA KA 40 41.83 94.11 -48.41
N SER KA 41 42.49 94.97 -49.18
CA SER KA 41 41.84 95.56 -50.35
C SER KA 41 41.51 94.50 -51.38
N LYS KA 42 42.45 93.58 -51.62
CA LYS KA 42 42.20 92.51 -52.59
C LYS KA 42 41.15 91.54 -52.07
N LEU KA 43 41.07 91.34 -50.77
CA LEU KA 43 39.99 90.53 -50.21
C LEU KA 43 38.64 91.20 -50.40
N SER KA 44 38.58 92.52 -50.19
CA SER KA 44 37.31 93.22 -50.34
C SER KA 44 36.89 93.30 -51.79
N LYS KA 45 37.84 93.26 -52.73
CA LYS KA 45 37.48 93.31 -54.14
C LYS KA 45 36.78 92.05 -54.63
N ILE KA 46 36.80 90.97 -53.84
CA ILE KA 46 36.20 89.71 -54.28
C ILE KA 46 34.71 89.87 -54.46
N ARG KA 47 34.04 90.51 -53.50
CA ARG KA 47 32.60 90.73 -53.60
C ARG KA 47 32.26 91.63 -54.77
N VAL KA 48 33.09 92.67 -55.00
CA VAL KA 48 32.84 93.58 -56.10
C VAL KA 48 32.90 92.84 -57.43
N VAL KA 49 33.91 92.01 -57.60
CA VAL KA 49 34.05 91.27 -58.86
C VAL KA 49 32.94 90.24 -59.02
N ARG KA 50 32.53 89.61 -57.92
CA ARG KA 50 31.44 88.64 -57.99
C ARG KA 50 30.13 89.31 -58.40
N LYS KA 51 29.84 90.48 -57.84
CA LYS KA 51 28.63 91.18 -58.22
C LYS KA 51 28.70 91.71 -59.65
N SER KA 52 29.90 92.10 -60.10
CA SER KA 52 30.05 92.49 -61.50
C SER KA 52 29.79 91.31 -62.44
N ILE KA 53 30.28 90.12 -62.07
CA ILE KA 53 30.00 88.92 -62.86
C ILE KA 53 28.50 88.66 -62.91
N ALA KA 54 27.83 88.77 -61.76
CA ALA KA 54 26.38 88.59 -61.72
C ALA KA 54 25.68 89.60 -62.61
N ARG KA 55 26.14 90.86 -62.60
CA ARG KA 55 25.54 91.90 -63.42
C ARG KA 55 25.68 91.59 -64.90
N VAL KA 56 26.89 91.21 -65.34
CA VAL KA 56 27.10 90.91 -66.74
C VAL KA 56 26.26 89.72 -67.16
N LEU KA 57 26.22 88.68 -66.32
CA LEU KA 57 25.47 87.48 -66.66
C LEU KA 57 23.97 87.77 -66.73
N THR KA 58 23.44 88.59 -65.82
CA THR KA 58 22.01 88.88 -65.88
C THR KA 58 21.67 89.76 -67.07
N VAL KA 59 22.58 90.65 -67.48
CA VAL KA 59 22.33 91.43 -68.69
C VAL KA 59 22.30 90.52 -69.91
N ILE KA 60 23.25 89.58 -69.98
CA ILE KA 60 23.27 88.63 -71.09
C ILE KA 60 21.99 87.80 -71.13
N ASN KA 61 21.59 87.29 -69.97
CA ASN KA 61 20.40 86.45 -69.91
C ASN KA 61 19.14 87.20 -70.26
N GLN KA 62 19.01 88.45 -69.78
CA GLN KA 62 17.84 89.25 -70.10
C GLN KA 62 17.79 89.59 -71.58
N THR KA 63 18.93 89.91 -72.18
CA THR KA 63 18.94 90.19 -73.61
C THR KA 63 18.55 88.97 -74.42
N GLN KA 64 19.09 87.80 -74.06
CA GLN KA 64 18.74 86.59 -74.77
C GLN KA 64 17.26 86.26 -74.62
N LYS KA 65 16.72 86.43 -73.40
CA LYS KA 65 15.32 86.11 -73.17
C LYS KA 65 14.40 87.05 -73.92
N GLU KA 66 14.71 88.35 -73.98
CA GLU KA 66 13.84 89.25 -74.71
C GLU KA 66 13.94 89.02 -76.22
N ASN KA 67 15.12 88.64 -76.71
CA ASN KA 67 15.23 88.28 -78.13
C ASN KA 67 14.40 87.05 -78.43
N LEU KA 68 14.40 86.06 -77.53
CA LEU KA 68 13.57 84.88 -77.73
C LEU KA 68 12.09 85.22 -77.68
N ARG KA 69 11.70 86.12 -76.77
CA ARG KA 69 10.30 86.54 -76.72
C ARG KA 69 9.88 87.25 -78.00
N LYS KA 70 10.75 88.10 -78.54
CA LYS KA 70 10.45 88.74 -79.82
C LYS KA 70 10.35 87.71 -80.94
N PHE KA 71 11.23 86.72 -80.93
CA PHE KA 71 11.21 85.70 -81.98
C PHE KA 71 9.94 84.87 -81.92
N TYR KA 72 9.49 84.52 -80.72
CA TYR KA 72 8.33 83.66 -80.55
C TYR KA 72 7.02 84.42 -80.44
N LYS KA 73 7.06 85.76 -80.50
CA LYS KA 73 5.82 86.52 -80.49
C LYS KA 73 5.03 86.26 -81.76
N GLY KA 74 3.73 86.02 -81.60
CA GLY KA 74 2.88 85.76 -82.74
C GLY KA 74 2.89 84.33 -83.23
N LYS KA 75 3.49 83.41 -82.50
CA LYS KA 75 3.54 82.00 -82.89
C LYS KA 75 2.51 81.21 -82.09
N LYS KA 76 1.98 80.16 -82.73
CA LYS KA 76 0.95 79.36 -82.08
C LYS KA 76 1.50 78.63 -80.86
N TYR KA 77 2.69 78.05 -80.98
CA TYR KA 77 3.30 77.27 -79.91
C TYR KA 77 4.56 77.98 -79.44
N LYS KA 78 4.69 78.11 -78.12
CA LYS KA 78 5.82 78.78 -77.50
C LYS KA 78 6.43 77.87 -76.46
N PRO KA 79 7.73 78.03 -76.18
CA PRO KA 79 8.35 77.26 -75.10
C PRO KA 79 7.70 77.56 -73.75
N LEU KA 80 7.75 76.56 -72.87
CA LEU KA 80 7.06 76.65 -71.59
C LEU KA 80 7.62 77.79 -70.74
N ASP KA 81 8.93 77.98 -70.77
CA ASP KA 81 9.54 79.08 -70.03
C ASP KA 81 9.16 80.44 -70.59
N LEU KA 82 8.63 80.50 -71.82
CA LEU KA 82 8.13 81.74 -72.37
C LEU KA 82 6.64 81.92 -72.14
N ARG KA 83 5.91 80.83 -71.94
CA ARG KA 83 4.50 80.96 -71.62
C ARG KA 83 4.32 81.55 -70.22
N PRO KA 84 3.19 82.23 -69.97
CA PRO KA 84 2.96 82.81 -68.65
C PRO KA 84 2.84 81.75 -67.57
N LYS KA 85 3.24 82.12 -66.36
CA LYS KA 85 3.29 81.23 -65.19
C LYS KA 85 2.46 81.79 -64.06
N LYS KA 86 1.21 82.11 -64.34
CA LYS KA 86 0.32 82.65 -63.32
C LYS KA 86 0.23 81.71 -62.12
N THR KA 87 -0.37 80.55 -62.35
CA THR KA 87 -0.67 79.55 -61.33
C THR KA 87 -1.19 78.36 -62.09
N ARG KA 88 -0.98 77.14 -61.58
CA ARG KA 88 -1.44 75.96 -62.30
C ARG KA 88 -2.94 76.01 -62.54
N ALA KA 89 -3.71 76.35 -61.50
CA ALA KA 89 -5.16 76.43 -61.65
C ALA KA 89 -5.56 77.57 -62.58
N MET KA 90 -4.87 78.70 -62.50
CA MET KA 90 -5.16 79.82 -63.38
C MET KA 90 -4.88 79.48 -64.84
N ARG KA 91 -3.89 78.63 -65.08
CA ARG KA 91 -3.62 78.17 -66.44
C ARG KA 91 -4.63 77.14 -66.89
N ARG KA 92 -5.18 76.36 -65.97
CA ARG KA 92 -6.19 75.37 -66.36
C ARG KA 92 -7.53 76.01 -66.66
N ARG KA 93 -7.84 77.14 -66.03
CA ARG KA 93 -9.18 77.70 -66.16
C ARG KA 93 -9.44 78.23 -67.58
N LEU KA 94 -10.71 78.45 -67.88
CA LEU KA 94 -11.13 78.87 -69.22
C LEU KA 94 -10.63 80.26 -69.55
N ASN KA 95 -10.38 80.51 -70.83
CA ASN KA 95 -9.97 81.83 -71.26
C ASN KA 95 -11.20 82.74 -71.40
N LYS KA 96 -10.94 84.00 -71.76
CA LYS KA 96 -12.01 84.99 -71.77
C LYS KA 96 -13.08 84.67 -72.81
N HIS KA 97 -12.66 84.28 -74.01
CA HIS KA 97 -13.61 84.07 -75.10
C HIS KA 97 -14.56 82.93 -74.80
N GLU KA 98 -14.02 81.77 -74.43
CA GLU KA 98 -14.88 80.64 -74.08
C GLU KA 98 -15.52 80.78 -72.72
N GLU KA 99 -15.06 81.72 -71.91
CA GLU KA 99 -15.74 82.04 -70.66
C GLU KA 99 -17.00 82.86 -70.90
N ASN KA 100 -16.96 83.77 -71.87
CA ASN KA 100 -18.07 84.69 -72.06
C ASN KA 100 -18.99 84.35 -73.24
N LEU KA 101 -18.63 83.38 -74.09
CA LEU KA 101 -19.53 83.02 -75.17
C LEU KA 101 -20.75 82.26 -74.65
N LYS KA 102 -21.90 82.51 -75.28
CA LYS KA 102 -23.19 81.99 -74.83
C LYS KA 102 -23.87 81.20 -75.93
N THR KA 103 -24.87 80.41 -75.54
CA THR KA 103 -25.65 79.64 -76.49
C THR KA 103 -26.64 80.55 -77.21
N LYS KA 104 -27.11 80.06 -78.37
CA LYS KA 104 -28.10 80.81 -79.13
C LYS KA 104 -29.39 80.96 -78.35
N LYS KA 105 -29.80 79.92 -77.62
CA LYS KA 105 -30.97 80.03 -76.77
C LYS KA 105 -30.79 81.11 -75.71
N GLN KA 106 -29.61 81.16 -75.09
CA GLN KA 106 -29.36 82.14 -74.06
C GLN KA 106 -29.39 83.55 -74.61
N GLN KA 107 -28.73 83.79 -75.75
CA GLN KA 107 -28.70 85.15 -76.28
C GLN KA 107 -30.06 85.55 -76.85
N ARG KA 108 -30.85 84.58 -77.32
CA ARG KA 108 -32.22 84.89 -77.69
C ARG KA 108 -33.03 85.31 -76.47
N LYS KA 109 -32.83 84.65 -75.33
CA LYS KA 109 -33.50 85.07 -74.11
C LYS KA 109 -33.10 86.50 -73.72
N GLU KA 110 -31.81 86.80 -73.80
CA GLU KA 110 -31.35 88.14 -73.44
C GLU KA 110 -31.91 89.19 -74.40
N ARG KA 111 -32.00 88.85 -75.69
CA ARG KA 111 -32.54 89.81 -76.65
C ARG KA 111 -34.03 90.04 -76.43
N LEU KA 112 -34.77 88.97 -76.14
CA LEU KA 112 -36.23 89.10 -76.08
C LEU KA 112 -36.70 89.66 -74.76
N TYR KA 113 -36.11 89.25 -73.64
CA TYR KA 113 -36.56 89.65 -72.31
C TYR KA 113 -35.40 90.24 -71.53
N PRO KA 114 -34.98 91.45 -71.86
CA PRO KA 114 -33.88 92.08 -71.14
C PRO KA 114 -34.36 92.70 -69.84
N LEU KA 115 -33.43 92.82 -68.89
CA LEU KA 115 -33.75 93.44 -67.61
C LEU KA 115 -34.04 94.92 -67.81
N ARG KA 116 -35.11 95.40 -67.20
CA ARG KA 116 -35.56 96.77 -67.37
C ARG KA 116 -35.20 97.61 -66.15
N LYS KA 117 -34.99 98.89 -66.39
CA LYS KA 117 -34.81 99.86 -65.32
C LYS KA 117 -36.18 100.42 -64.97
N TYR KA 118 -36.57 100.32 -63.71
CA TYR KA 118 -37.91 100.72 -63.31
C TYR KA 118 -37.88 101.25 -61.89
N ALA KA 119 -38.90 102.03 -61.56
CA ALA KA 119 -39.11 102.52 -60.21
C ALA KA 119 -40.57 102.35 -59.86
N VAL KA 120 -40.85 102.23 -58.56
CA VAL KA 120 -42.20 102.01 -58.08
C VAL KA 120 -42.58 103.17 -57.18
N LYS KA 121 -43.68 103.85 -57.51
CA LYS KA 121 -44.19 104.91 -56.65
C LYS KA 121 -44.75 104.33 -55.37
N ALA KA 122 -44.61 105.09 -54.29
CA ALA KA 122 -45.14 104.67 -52.99
C ALA KA 122 -46.63 104.90 -52.93
N ALA LA 1 -79.56 82.65 -38.19
CA ALA LA 1 -79.95 81.99 -39.43
C ALA LA 1 -80.17 80.51 -39.18
N LEU LA 2 -80.68 79.82 -40.20
CA LEU LA 2 -80.94 78.39 -40.07
C LEU LA 2 -79.64 77.60 -40.00
N ARG LA 3 -78.71 77.87 -40.91
CA ARG LA 3 -77.45 77.15 -40.95
C ARG LA 3 -76.30 78.14 -41.11
N TYR LA 4 -75.17 77.80 -40.50
CA TYR LA 4 -73.96 78.60 -40.54
C TYR LA 4 -72.80 77.73 -41.01
N PRO LA 5 -71.78 78.33 -41.60
CA PRO LA 5 -70.56 77.58 -41.88
C PRO LA 5 -69.94 77.08 -40.59
N MET LA 6 -69.43 75.85 -40.62
CA MET LA 6 -68.92 75.21 -39.43
C MET LA 6 -67.54 74.65 -39.68
N ALA LA 7 -66.76 74.50 -38.62
CA ALA LA 7 -65.47 73.83 -38.70
C ALA LA 7 -65.59 72.32 -38.62
N VAL LA 8 -66.79 71.79 -38.35
CA VAL LA 8 -67.03 70.37 -38.24
C VAL LA 8 -68.27 70.03 -39.04
N GLY LA 9 -68.40 68.76 -39.40
CA GLY LA 9 -69.55 68.27 -40.12
C GLY LA 9 -69.20 67.87 -41.54
N LEU LA 10 -70.24 67.47 -42.26
CA LEU LA 10 -70.05 67.02 -43.64
C LEU LA 10 -69.77 68.19 -44.58
N ASN LA 11 -70.31 69.36 -44.28
CA ASN LA 11 -70.11 70.55 -45.11
C ASN LA 11 -69.16 71.54 -44.44
N LYS LA 12 -68.18 71.04 -43.71
CA LYS LA 12 -67.31 71.90 -42.94
C LYS LA 12 -66.39 72.70 -43.86
N GLY LA 13 -65.90 73.82 -43.34
CA GLY LA 13 -64.95 74.63 -44.07
C GLY LA 13 -65.47 76.01 -44.43
N HIS LA 14 -64.54 76.94 -44.59
CA HIS LA 14 -64.87 78.27 -45.07
C HIS LA 14 -65.37 78.20 -46.50
N LYS LA 15 -66.38 79.00 -46.81
CA LYS LA 15 -67.03 78.94 -48.11
C LYS LA 15 -66.33 79.89 -49.08
N VAL LA 16 -65.75 79.33 -50.14
CA VAL LA 16 -65.15 80.10 -51.22
C VAL LA 16 -65.67 79.54 -52.53
N THR LA 17 -65.67 80.38 -53.57
CA THR LA 17 -66.07 79.92 -54.89
C THR LA 17 -64.91 79.20 -55.55
N LYS LA 18 -65.12 77.93 -55.87
CA LYS LA 18 -64.06 77.13 -56.47
C LYS LA 18 -63.73 77.64 -57.86
N ASN LA 19 -62.43 77.76 -58.14
CA ASN LA 19 -61.95 78.24 -59.43
C ASN LA 19 -61.73 77.04 -60.35
N VAL LA 20 -62.61 76.88 -61.34
CA VAL LA 20 -62.47 75.81 -62.30
C VAL LA 20 -61.48 76.23 -63.38
N SER LA 21 -60.52 75.36 -63.66
CA SER LA 21 -59.49 75.67 -64.64
C SER LA 21 -58.96 74.37 -65.23
N LYS LA 22 -58.28 74.49 -66.36
CA LYS LA 22 -57.70 73.32 -67.00
C LYS LA 22 -56.65 72.70 -66.08
N PRO LA 23 -56.57 71.38 -66.02
CA PRO LA 23 -55.51 70.74 -65.22
C PRO LA 23 -54.15 71.04 -65.80
N ARG LA 24 -53.15 71.06 -64.91
CA ARG LA 24 -51.78 71.30 -65.33
C ARG LA 24 -51.30 70.19 -66.23
N HIS LA 25 -50.35 70.52 -67.11
CA HIS LA 25 -49.86 69.55 -68.07
C HIS LA 25 -49.09 68.41 -67.42
N SER LA 26 -48.57 68.62 -66.20
CA SER LA 26 -47.90 67.54 -65.50
C SER LA 26 -48.87 66.42 -65.14
N ARG LA 27 -50.12 66.76 -64.86
CA ARG LA 27 -51.13 65.76 -64.54
C ARG LA 27 -51.42 64.85 -65.71
N ARG LA 28 -51.09 65.30 -66.93
CA ARG LA 28 -51.27 64.49 -68.12
C ARG LA 28 -50.33 63.29 -68.17
N ARG LA 29 -49.27 63.29 -67.36
CA ARG LA 29 -48.23 62.26 -67.44
C ARG LA 29 -48.81 60.86 -67.33
N GLY LA 30 -48.28 59.95 -68.13
CA GLY LA 30 -48.67 58.56 -68.09
C GLY LA 30 -49.79 58.18 -69.05
N ARG LA 31 -50.41 59.15 -69.71
CA ARG LA 31 -51.44 58.84 -70.68
C ARG LA 31 -50.82 58.15 -71.89
N LEU LA 32 -51.53 57.15 -72.40
CA LEU LA 32 -51.06 56.41 -73.57
C LEU LA 32 -51.43 57.15 -74.84
N THR LA 33 -50.45 57.32 -75.72
CA THR LA 33 -50.68 57.95 -77.01
C THR LA 33 -50.79 56.90 -78.09
N LYS LA 34 -51.30 57.33 -79.25
CA LYS LA 34 -51.45 56.42 -80.38
C LYS LA 34 -50.08 55.90 -80.84
N HIS LA 35 -49.10 56.79 -80.95
CA HIS LA 35 -47.80 56.39 -81.43
C HIS LA 35 -47.07 55.49 -80.42
N THR LA 36 -47.18 55.81 -79.13
CA THR LA 36 -46.56 54.96 -78.13
C THR LA 36 -47.21 53.59 -78.08
N LYS LA 37 -48.54 53.54 -78.23
CA LYS LA 37 -49.23 52.25 -78.29
C LYS LA 37 -48.77 51.45 -79.49
N PHE LA 38 -48.60 52.11 -80.64
CA PHE LA 38 -48.10 51.42 -81.83
C PHE LA 38 -46.70 50.88 -81.59
N VAL LA 39 -45.83 51.67 -80.98
CA VAL LA 39 -44.46 51.24 -80.72
C VAL LA 39 -44.44 50.05 -79.77
N ARG LA 40 -45.25 50.10 -78.72
CA ARG LA 40 -45.26 49.01 -77.76
C ARG LA 40 -45.84 47.74 -78.37
N ASP LA 41 -46.83 47.85 -79.25
CA ASP LA 41 -47.33 46.67 -79.95
C ASP LA 41 -46.27 46.09 -80.88
N MET LA 42 -45.54 46.96 -81.58
CA MET LA 42 -44.44 46.50 -82.42
C MET LA 42 -43.42 45.72 -81.61
N ILE LA 43 -43.00 46.29 -80.48
CA ILE LA 43 -41.98 45.63 -79.67
C ILE LA 43 -42.53 44.34 -79.07
N ARG LA 44 -43.80 44.33 -78.68
CA ARG LA 44 -44.39 43.11 -78.13
C ARG LA 44 -44.40 41.99 -79.15
N GLU LA 45 -44.79 42.28 -80.39
CA GLU LA 45 -44.84 41.21 -81.36
C GLU LA 45 -43.45 40.84 -81.89
N VAL LA 46 -42.47 41.73 -81.79
CA VAL LA 46 -41.09 41.35 -82.09
C VAL LA 46 -40.54 40.43 -81.01
N CYS LA 47 -40.77 40.78 -79.74
CA CYS LA 47 -40.13 40.09 -78.63
C CYS LA 47 -40.86 38.80 -78.26
N GLY LA 48 -42.12 38.91 -77.88
CA GLY LA 48 -42.85 37.79 -77.32
C GLY LA 48 -43.23 38.09 -75.89
N PHE LA 49 -43.13 37.11 -75.01
CA PHE LA 49 -43.50 37.26 -73.62
C PHE LA 49 -42.43 36.67 -72.73
N ALA LA 50 -42.37 37.18 -71.50
CA ALA LA 50 -41.49 36.62 -70.51
C ALA LA 50 -41.99 35.24 -70.08
N PRO LA 51 -41.09 34.37 -69.60
CA PRO LA 51 -41.52 33.02 -69.21
C PRO LA 51 -42.59 33.00 -68.13
N TYR LA 52 -42.53 33.91 -67.16
CA TYR LA 52 -43.57 33.95 -66.14
C TYR LA 52 -44.90 34.36 -66.73
N GLU LA 53 -44.89 35.28 -67.70
CA GLU LA 53 -46.11 35.64 -68.39
C GLU LA 53 -46.68 34.46 -69.17
N ARG LA 54 -45.81 33.68 -69.82
CA ARG LA 54 -46.28 32.50 -70.52
C ARG LA 54 -46.90 31.48 -69.58
N ARG LA 55 -46.26 31.26 -68.42
CA ARG LA 55 -46.80 30.32 -67.44
C ARG LA 55 -48.15 30.79 -66.91
N ALA LA 56 -48.28 32.08 -66.62
CA ALA LA 56 -49.57 32.62 -66.20
C ALA LA 56 -50.61 32.49 -67.30
N MET LA 57 -50.20 32.58 -68.56
CA MET LA 57 -51.13 32.36 -69.67
C MET LA 57 -51.59 30.91 -69.73
N GLU LA 58 -50.70 29.96 -69.42
CA GLU LA 58 -51.15 28.57 -69.32
C GLU LA 58 -52.17 28.39 -68.21
N LEU LA 59 -51.92 29.04 -67.06
CA LEU LA 59 -52.88 28.96 -65.96
C LEU LA 59 -54.22 29.54 -66.36
N LEU LA 60 -54.23 30.69 -67.05
CA LEU LA 60 -55.49 31.27 -67.48
C LEU LA 60 -56.15 30.43 -68.57
N LYS LA 61 -55.36 29.72 -69.37
CA LYS LA 61 -55.93 28.83 -70.38
C LYS LA 61 -56.66 27.67 -69.74
N VAL LA 62 -56.09 27.10 -68.68
CA VAL LA 62 -56.77 26.02 -67.97
C VAL LA 62 -57.74 26.62 -66.95
N SER LA 63 -57.86 27.96 -66.98
CA SER LA 63 -58.90 28.71 -66.25
C SER LA 63 -58.74 28.56 -64.74
N LYS LA 64 -57.50 28.56 -64.28
CA LYS LA 64 -57.20 28.65 -62.85
C LYS LA 64 -56.85 30.10 -62.56
N ASP LA 65 -57.90 30.93 -62.50
CA ASP LA 65 -57.68 32.37 -62.45
C ASP LA 65 -57.12 32.82 -61.11
N LYS LA 66 -57.61 32.24 -60.01
CA LYS LA 66 -57.07 32.61 -58.70
C LYS LA 66 -55.60 32.19 -58.58
N ARG LA 67 -55.27 30.99 -59.07
CA ARG LA 67 -53.87 30.55 -59.04
C ARG LA 67 -53.01 31.44 -59.93
N ALA LA 68 -53.53 31.84 -61.09
CA ALA LA 68 -52.79 32.75 -61.95
C ALA LA 68 -52.55 34.09 -61.28
N LEU LA 69 -53.55 34.61 -60.58
CA LEU LA 69 -53.38 35.86 -59.87
C LEU LA 69 -52.35 35.73 -58.75
N LYS LA 70 -52.39 34.61 -58.02
CA LYS LA 70 -51.41 34.39 -56.97
C LYS LA 70 -50.00 34.32 -57.54
N PHE LA 71 -49.83 33.62 -58.67
CA PHE LA 71 -48.52 33.50 -59.29
C PHE LA 71 -48.03 34.85 -59.79
N ILE LA 72 -48.90 35.62 -60.45
CA ILE LA 72 -48.49 36.92 -60.96
C ILE LA 72 -48.18 37.88 -59.82
N LYS LA 73 -48.92 37.79 -58.72
CA LYS LA 73 -48.61 38.62 -57.56
C LYS LA 73 -47.27 38.22 -56.96
N LYS LA 74 -47.00 36.92 -56.85
CA LYS LA 74 -45.71 36.48 -56.34
C LYS LA 74 -44.57 36.94 -57.22
N ARG LA 75 -44.80 37.02 -58.53
CA ARG LA 75 -43.74 37.47 -59.43
C ARG LA 75 -43.58 38.98 -59.41
N VAL LA 76 -44.61 39.72 -59.82
CA VAL LA 76 -44.50 41.17 -59.95
C VAL LA 76 -44.39 41.83 -58.59
N GLY LA 77 -45.25 41.46 -57.65
CA GLY LA 77 -45.08 41.94 -56.29
C GLY LA 77 -46.32 42.50 -55.59
N THR LA 78 -47.17 43.23 -56.30
CA THR LA 78 -48.30 43.89 -55.67
C THR LA 78 -49.61 43.43 -56.30
N HIS LA 79 -50.68 43.59 -55.52
CA HIS LA 79 -51.99 43.12 -55.96
C HIS LA 79 -52.52 43.94 -57.13
N ILE LA 80 -52.33 45.25 -57.12
CA ILE LA 80 -52.83 46.10 -58.19
C ILE LA 80 -52.11 45.80 -59.50
N ARG LA 81 -50.78 45.73 -59.44
CA ARG LA 81 -50.00 45.39 -60.62
C ARG LA 81 -50.33 44.00 -61.12
N ALA LA 82 -50.54 43.05 -60.20
CA ALA LA 82 -50.90 41.70 -60.59
C ALA LA 82 -52.25 41.66 -61.28
N LYS LA 83 -53.23 42.42 -60.77
CA LYS LA 83 -54.54 42.46 -61.41
C LYS LA 83 -54.44 43.05 -62.81
N ARG LA 84 -53.70 44.14 -62.95
CA ARG LA 84 -53.54 44.74 -64.28
C ARG LA 84 -52.87 43.77 -65.25
N LYS LA 85 -51.82 43.10 -64.80
CA LYS LA 85 -51.11 42.16 -65.65
C LYS LA 85 -51.99 40.98 -66.02
N ARG LA 86 -52.79 40.48 -65.08
CA ARG LA 86 -53.69 39.37 -65.38
C ARG LA 86 -54.76 39.79 -66.37
N GLU LA 87 -55.28 41.01 -66.25
CA GLU LA 87 -56.22 41.51 -67.26
C GLU LA 87 -55.57 41.59 -68.63
N GLU LA 88 -54.32 42.07 -68.69
CA GLU LA 88 -53.63 42.15 -69.97
C GLU LA 88 -53.43 40.76 -70.58
N LEU LA 89 -53.05 39.79 -69.75
CA LEU LA 89 -52.80 38.44 -70.25
C LEU LA 89 -54.09 37.78 -70.70
N SER LA 90 -55.18 37.99 -69.96
CA SER LA 90 -56.47 37.47 -70.40
C SER LA 90 -56.90 38.11 -71.72
N ASN LA 91 -56.62 39.40 -71.88
CA ASN LA 91 -56.97 40.08 -73.11
C ASN LA 91 -56.19 39.54 -74.30
N VAL LA 92 -54.89 39.29 -74.12
CA VAL LA 92 -54.13 38.76 -75.26
C VAL LA 92 -54.52 37.31 -75.54
N LEU LA 93 -54.88 36.54 -74.51
CA LEU LA 93 -55.39 35.19 -74.74
C LEU LA 93 -56.70 35.23 -75.53
N ALA LA 94 -57.60 36.14 -75.18
CA ALA LA 94 -58.85 36.28 -75.91
C ALA LA 94 -58.59 36.73 -77.35
N ALA LA 95 -57.63 37.62 -77.54
CA ALA LA 95 -57.29 38.10 -78.88
C ALA LA 95 -56.78 36.96 -79.74
N MET LA 96 -55.87 36.15 -79.22
CA MET LA 96 -55.35 35.04 -80.02
C MET LA 96 -56.41 33.96 -80.20
N ARG LA 97 -57.34 33.81 -79.25
CA ARG LA 97 -58.43 32.86 -79.43
C ARG LA 97 -59.34 33.28 -80.57
N LYS LA 98 -59.75 34.55 -80.59
CA LYS LA 98 -60.60 35.01 -81.68
C LYS LA 98 -59.84 35.09 -83.00
N ALA LA 99 -58.52 35.21 -82.96
CA ALA LA 99 -57.73 35.15 -84.20
C ALA LA 99 -57.70 33.72 -84.75
N ALA LA 100 -57.49 32.73 -83.88
CA ALA LA 100 -57.48 31.35 -84.33
C ALA LA 100 -58.86 30.81 -84.65
N ALA LA 101 -59.92 31.48 -84.16
CA ALA LA 101 -61.27 31.05 -84.47
C ALA LA 101 -61.55 31.14 -85.97
N LYS LA 102 -61.10 32.20 -86.61
CA LYS LA 102 -61.29 32.37 -88.04
C LYS LA 102 -60.07 31.88 -88.82
N THR MA 1 22.94 36.80 -21.01
CA THR MA 1 22.61 38.04 -20.34
C THR MA 1 21.86 39.01 -21.24
N LYS MA 2 20.65 39.36 -20.85
CA LYS MA 2 19.79 40.18 -21.68
C LYS MA 2 20.15 41.65 -21.65
N GLY MA 3 21.04 42.07 -20.76
CA GLY MA 3 21.35 43.47 -20.63
C GLY MA 3 22.70 43.91 -21.19
N THR MA 4 23.65 44.14 -20.29
CA THR MA 4 24.91 44.77 -20.66
C THR MA 4 25.68 43.93 -21.68
N SER MA 5 25.72 42.61 -21.47
CA SER MA 5 26.42 41.74 -22.41
C SER MA 5 25.76 41.76 -23.78
N SER MA 6 24.44 41.76 -23.82
CA SER MA 6 23.73 41.77 -25.09
C SER MA 6 23.91 43.09 -25.82
N PHE MA 7 24.09 44.19 -25.09
CA PHE MA 7 24.28 45.48 -25.74
C PHE MA 7 25.60 45.58 -26.49
N GLY MA 8 26.52 44.65 -26.28
CA GLY MA 8 27.77 44.69 -27.02
C GLY MA 8 27.70 44.17 -28.43
N LYS MA 9 26.62 43.47 -28.78
CA LYS MA 9 26.51 42.80 -30.06
C LYS MA 9 25.82 43.64 -31.12
N ARG MA 10 25.38 44.86 -30.80
CA ARG MA 10 24.67 45.67 -31.78
C ARG MA 10 25.69 46.45 -32.61
N ARG MA 11 25.88 45.98 -33.84
CA ARG MA 11 26.84 46.54 -34.79
C ARG MA 11 26.30 46.59 -36.21
N ASN MA 12 24.99 46.42 -36.41
CA ASN MA 12 24.38 46.39 -37.74
C ASN MA 12 23.19 47.33 -37.74
N LYS MA 13 23.23 48.37 -38.56
CA LYS MA 13 22.19 49.39 -38.55
C LYS MA 13 20.92 48.88 -39.22
N THR MA 14 19.79 49.01 -38.52
CA THR MA 14 18.49 48.75 -39.13
C THR MA 14 18.07 49.85 -40.09
N HIS MA 15 18.29 51.11 -39.71
CA HIS MA 15 17.80 52.25 -40.45
C HIS MA 15 18.97 53.07 -40.98
N THR MA 16 18.73 53.74 -42.10
CA THR MA 16 19.67 54.69 -42.67
C THR MA 16 18.92 55.97 -43.02
N LEU MA 17 19.66 56.95 -43.54
CA LEU MA 17 19.05 58.20 -43.95
C LEU MA 17 18.14 57.98 -45.16
N CYS MA 18 16.99 58.65 -45.14
CA CYS MA 18 15.99 58.55 -46.19
C CYS MA 18 16.21 59.66 -47.20
N ARG MA 19 16.22 59.32 -48.48
CA ARG MA 19 16.48 60.32 -49.52
C ARG MA 19 15.33 61.31 -49.65
N ARG MA 20 14.12 60.91 -49.28
CA ARG MA 20 13.04 61.82 -48.97
C ARG MA 20 13.08 62.11 -47.48
N CYS MA 21 12.67 63.32 -47.10
CA CYS MA 21 12.47 63.75 -45.71
C CYS MA 21 13.74 63.73 -44.86
N GLY MA 22 14.83 63.18 -45.37
CA GLY MA 22 16.13 63.24 -44.70
C GLY MA 22 16.18 62.69 -43.30
N SER MA 23 15.30 61.78 -42.95
CA SER MA 23 15.25 61.24 -41.60
C SER MA 23 15.90 59.86 -41.57
N LYS MA 24 16.51 59.55 -40.42
CA LYS MA 24 17.19 58.27 -40.23
C LYS MA 24 16.20 57.18 -39.84
N ALA MA 25 15.24 56.95 -40.74
CA ALA MA 25 14.21 55.95 -40.50
C ALA MA 25 14.00 55.05 -41.71
N TYR MA 26 14.92 55.05 -42.67
CA TYR MA 26 14.78 54.22 -43.86
C TYR MA 26 15.21 52.80 -43.51
N HIS MA 27 14.24 51.96 -43.17
CA HIS MA 27 14.49 50.53 -42.99
C HIS MA 27 15.11 49.97 -44.25
N LEU MA 28 16.36 49.52 -44.13
CA LEU MA 28 17.12 49.00 -45.25
C LEU MA 28 16.59 47.66 -45.73
N GLN MA 29 16.28 46.77 -44.81
CA GLN MA 29 15.85 45.43 -45.15
C GLN MA 29 14.45 45.40 -45.72
N LYS MA 30 13.58 46.30 -45.28
CA LYS MA 30 12.26 46.49 -45.87
C LYS MA 30 12.26 47.51 -47.00
N SER MA 31 13.34 48.28 -47.14
CA SER MA 31 13.45 49.34 -48.16
C SER MA 31 12.29 50.33 -48.06
N THR MA 32 12.03 50.79 -46.84
CA THR MA 32 10.88 51.66 -46.61
C THR MA 32 11.18 52.61 -45.46
N CYS MA 33 10.82 53.87 -45.61
CA CYS MA 33 11.00 54.82 -44.52
C CYS MA 33 9.84 54.70 -43.54
N GLY MA 34 10.17 54.55 -42.26
CA GLY MA 34 9.17 54.47 -41.23
C GLY MA 34 8.57 55.79 -40.82
N LYS MA 35 9.08 56.90 -41.34
CA LYS MA 35 8.51 58.21 -41.06
C LYS MA 35 7.67 58.73 -42.22
N CYS MA 36 8.17 58.64 -43.45
CA CYS MA 36 7.45 59.16 -44.60
C CYS MA 36 6.92 58.09 -45.53
N GLY MA 37 7.39 56.86 -45.42
CA GLY MA 37 7.06 55.84 -46.39
C GLY MA 37 7.54 56.21 -47.77
N TYR MA 38 8.85 56.30 -47.97
CA TYR MA 38 9.38 56.91 -49.19
C TYR MA 38 8.97 56.23 -50.48
N PRO MA 39 9.10 54.91 -50.67
CA PRO MA 39 8.72 54.34 -51.97
C PRO MA 39 7.26 54.53 -52.29
N ALA MA 40 6.42 54.76 -51.28
CA ALA MA 40 5.04 55.15 -51.53
C ALA MA 40 4.98 56.56 -52.08
N LYS MA 41 4.06 56.78 -53.02
CA LYS MA 41 3.91 58.10 -53.62
C LYS MA 41 3.45 59.12 -52.59
N ARG MA 42 2.53 58.73 -51.72
CA ARG MA 42 1.95 59.65 -50.77
C ARG MA 42 2.72 59.66 -49.46
N LYS MA 43 2.75 60.81 -48.82
CA LYS MA 43 3.46 60.98 -47.56
C LYS MA 43 2.72 60.26 -46.44
N ARG MA 44 3.48 59.64 -45.54
CA ARG MA 44 2.92 58.97 -44.37
C ARG MA 44 2.53 60.03 -43.35
N LYS MA 45 1.23 60.16 -43.10
CA LYS MA 45 0.73 61.18 -42.20
C LYS MA 45 -0.48 60.62 -41.47
N TYR MA 46 -0.55 60.85 -40.17
CA TYR MA 46 -1.61 60.29 -39.35
C TYR MA 46 -2.17 61.35 -38.42
N ASN MA 47 -3.49 61.28 -38.18
CA ASN MA 47 -4.14 62.26 -37.33
C ASN MA 47 -4.03 61.92 -35.86
N TRP MA 48 -3.48 60.77 -35.51
CA TRP MA 48 -3.26 60.49 -34.10
C TRP MA 48 -1.96 61.09 -33.58
N SER MA 49 -1.20 61.78 -34.42
CA SER MA 49 -0.02 62.52 -33.95
C SER MA 49 -0.05 63.91 -34.57
N ALA MA 50 -0.73 64.84 -33.89
CA ALA MA 50 -0.72 66.22 -34.32
C ALA MA 50 0.66 66.84 -34.16
N LYS MA 51 1.40 66.42 -33.13
CA LYS MA 51 2.77 66.89 -32.95
C LYS MA 51 3.64 66.47 -34.11
N ALA MA 52 3.51 65.23 -34.56
CA ALA MA 52 4.28 64.78 -35.72
C ALA MA 52 3.84 65.50 -36.99
N LYS MA 53 2.54 65.79 -37.12
CA LYS MA 53 2.10 66.56 -38.28
C LYS MA 53 2.70 67.95 -38.30
N ARG MA 54 2.74 68.61 -37.15
CA ARG MA 54 3.26 69.98 -37.12
C ARG MA 54 4.77 70.04 -37.13
N ARG MA 55 5.45 68.92 -36.86
CA ARG MA 55 6.91 68.91 -37.00
C ARG MA 55 7.34 69.05 -38.44
N ASN MA 56 6.53 68.57 -39.39
CA ASN MA 56 6.93 68.50 -40.79
C ASN MA 56 5.88 69.09 -41.72
N THR MA 57 4.93 69.85 -41.19
CA THR MA 57 3.90 70.44 -42.04
C THR MA 57 4.50 71.54 -42.92
N THR MA 58 3.66 72.11 -43.77
CA THR MA 58 4.03 73.24 -44.59
C THR MA 58 4.35 74.44 -43.72
N GLY MA 59 5.44 75.14 -44.05
CA GLY MA 59 5.89 76.27 -43.29
C GLY MA 59 7.03 75.97 -42.34
N THR MA 60 7.25 74.69 -42.02
CA THR MA 60 8.38 74.31 -41.19
C THR MA 60 9.69 74.29 -41.96
N GLY MA 61 9.64 74.39 -43.28
CA GLY MA 61 10.85 74.42 -44.07
C GLY MA 61 11.10 75.77 -44.71
N ARG MA 62 11.45 75.77 -45.99
CA ARG MA 62 11.88 76.99 -46.65
C ARG MA 62 10.73 77.72 -47.33
N MET MA 63 9.81 76.99 -47.94
CA MET MA 63 8.71 77.57 -48.73
C MET MA 63 9.23 78.51 -49.80
N ARG MA 64 10.22 78.01 -50.55
CA ARG MA 64 10.89 78.83 -51.57
C ARG MA 64 9.89 79.35 -52.60
N HIS MA 65 8.97 78.49 -53.03
CA HIS MA 65 7.99 78.88 -54.02
C HIS MA 65 6.75 79.51 -53.39
N LEU MA 66 6.35 79.06 -52.21
CA LEU MA 66 5.14 79.57 -51.60
C LEU MA 66 5.30 81.00 -51.10
N LYS MA 67 6.50 81.39 -50.64
CA LYS MA 67 6.72 82.78 -50.27
C LYS MA 67 6.52 83.70 -51.47
N ILE MA 68 7.06 83.30 -52.62
CA ILE MA 68 6.92 84.10 -53.82
C ILE MA 68 5.46 84.13 -54.28
N VAL MA 69 4.75 83.01 -54.12
CA VAL MA 69 3.34 82.99 -54.47
C VAL MA 69 2.54 83.93 -53.58
N TYR MA 70 2.84 83.93 -52.28
CA TYR MA 70 2.15 84.81 -51.36
C TYR MA 70 2.43 86.28 -51.68
N ARG MA 71 3.66 86.59 -52.06
CA ARG MA 71 3.95 87.96 -52.47
C ARG MA 71 3.26 88.33 -53.77
N ARG MA 72 3.28 87.42 -54.75
CA ARG MA 72 2.73 87.70 -56.07
C ARG MA 72 1.22 87.79 -56.07
N PHE MA 73 0.55 87.13 -55.12
CA PHE MA 73 -0.90 87.19 -55.06
C PHE MA 73 -1.39 88.60 -54.79
N ARG MA 74 -0.61 89.39 -54.04
CA ARG MA 74 -1.01 90.73 -53.67
C ARG MA 74 -1.07 91.70 -54.83
N HIS MA 75 -0.55 91.32 -56.00
CA HIS MA 75 -0.63 92.14 -57.19
C HIS MA 75 -1.31 91.42 -58.35
N GLY MA 76 -2.10 90.40 -58.06
CA GLY MA 76 -2.86 89.71 -59.09
C GLY MA 76 -2.06 88.81 -60.00
N PHE MA 77 -0.90 88.34 -59.54
CA PHE MA 77 -0.04 87.44 -60.32
C PHE MA 77 0.32 88.04 -61.68
N ARG MA 78 0.66 89.34 -61.67
CA ARG MA 78 1.01 90.01 -62.91
C ARG MA 78 2.33 89.48 -63.47
N GLU MA 79 2.42 89.42 -64.79
CA GLU MA 79 3.61 88.95 -65.47
C GLU MA 79 3.79 89.70 -66.77
N GLY MA 80 5.03 89.71 -67.26
CA GLY MA 80 5.31 90.36 -68.52
C GLY MA 80 5.36 91.87 -68.45
N THR MA 81 5.32 92.46 -67.26
CA THR MA 81 5.35 93.89 -67.10
C THR MA 81 6.52 94.30 -66.22
N THR MA 82 6.92 95.55 -66.35
CA THR MA 82 7.99 96.16 -65.57
C THR MA 82 7.50 97.49 -65.05
N PRO MA 83 8.09 97.99 -63.97
CA PRO MA 83 7.78 99.36 -63.53
C PRO MA 83 8.19 100.36 -64.60
N LYS MA 84 7.52 101.49 -64.60
CA LYS MA 84 7.79 102.54 -65.58
C LYS MA 84 9.22 103.03 -65.44
N PRO MA 85 10.03 102.99 -66.49
CA PRO MA 85 11.44 103.36 -66.35
C PRO MA 85 11.61 104.82 -65.96
N LYS MA 86 12.64 105.09 -65.17
CA LYS MA 86 12.89 106.43 -64.68
C LYS MA 86 13.49 107.31 -65.77
N PRO NA 1 61.31 41.99 -68.70
CA PRO NA 1 62.64 42.05 -69.33
C PRO NA 1 62.87 40.88 -70.28
N ARG NA 2 63.65 41.11 -71.33
CA ARG NA 2 63.98 40.08 -72.28
C ARG NA 2 65.49 40.00 -72.43
N LYS NA 3 66.00 38.80 -72.62
CA LYS NA 3 67.44 38.56 -72.75
C LYS NA 3 67.74 38.24 -74.20
N ILE NA 4 68.50 39.12 -74.85
CA ILE NA 4 68.89 38.92 -76.25
C ILE NA 4 70.07 37.97 -76.27
N GLU NA 5 70.00 36.96 -77.14
CA GLU NA 5 71.00 35.90 -77.10
C GLU NA 5 72.27 36.29 -77.85
N GLU NA 6 72.16 36.69 -79.11
CA GLU NA 6 73.35 37.02 -79.89
C GLU NA 6 73.35 38.51 -80.26
N ILE NA 7 74.35 38.91 -81.01
CA ILE NA 7 74.71 40.32 -81.17
C ILE NA 7 73.86 41.01 -82.22
N LYS NA 8 73.54 40.32 -83.32
CA LYS NA 8 72.77 40.94 -84.40
C LYS NA 8 71.38 41.33 -83.93
N ASP NA 9 70.75 40.48 -83.13
CA ASP NA 9 69.43 40.80 -82.59
C ASP NA 9 69.48 42.06 -81.74
N PHE NA 10 70.51 42.20 -80.92
CA PHE NA 10 70.65 43.42 -80.13
C PHE NA 10 70.85 44.63 -81.03
N LEU NA 11 71.59 44.47 -82.13
CA LEU NA 11 71.78 45.58 -83.05
C LEU NA 11 70.45 46.06 -83.63
N LEU NA 12 69.66 45.15 -84.20
CA LEU NA 12 68.43 45.69 -84.78
C LEU NA 12 67.37 45.98 -83.74
N THR NA 13 67.54 45.54 -82.50
CA THR NA 13 66.68 46.01 -81.42
C THR NA 13 67.04 47.43 -81.02
N ALA NA 14 68.33 47.74 -80.96
CA ALA NA 14 68.76 49.10 -80.64
C ALA NA 14 68.43 50.06 -81.77
N ARG NA 15 68.38 49.58 -83.01
CA ARG NA 15 68.01 50.44 -84.12
C ARG NA 15 66.50 50.63 -84.26
N ARG NA 16 65.71 50.30 -83.24
CA ARG NA 16 64.27 50.48 -83.31
C ARG NA 16 63.89 51.91 -82.99
N LYS NA 17 62.66 52.27 -83.38
CA LYS NA 17 62.20 53.64 -83.17
C LYS NA 17 61.90 53.91 -81.70
N ASP NA 18 61.41 52.92 -80.98
CA ASP NA 18 61.01 53.10 -79.59
C ASP NA 18 62.14 52.90 -78.60
N ALA NA 19 63.36 52.63 -79.08
CA ALA NA 19 64.51 52.49 -78.19
C ALA NA 19 64.84 53.84 -77.58
N LYS NA 20 64.58 53.99 -76.28
CA LYS NA 20 64.79 55.28 -75.63
C LYS NA 20 66.25 55.51 -75.31
N SER NA 21 66.93 54.51 -74.75
CA SER NA 21 68.30 54.65 -74.33
C SER NA 21 68.92 53.27 -74.21
N VAL NA 22 70.23 53.24 -74.06
CA VAL NA 22 70.96 52.02 -73.73
C VAL NA 22 71.86 52.34 -72.55
N LYS NA 23 71.93 51.40 -71.61
CA LYS NA 23 72.75 51.50 -70.42
C LYS NA 23 73.79 50.40 -70.48
N ILE NA 24 75.04 50.75 -70.25
CA ILE NA 24 76.14 49.80 -70.26
C ILE NA 24 76.61 49.60 -68.83
N LYS NA 25 76.52 48.37 -68.35
CA LYS NA 25 76.89 48.01 -66.98
C LYS NA 25 78.08 47.08 -67.05
N LYS NA 26 79.19 47.47 -66.42
CA LYS NA 26 80.40 46.66 -66.41
C LYS NA 26 80.47 45.91 -65.09
N ASN NA 27 80.18 44.61 -65.13
CA ASN NA 27 80.30 43.76 -63.95
C ASN NA 27 81.69 43.16 -63.90
N LYS NA 28 81.95 42.36 -62.86
CA LYS NA 28 83.24 41.69 -62.74
C LYS NA 28 83.40 40.62 -63.79
N ASP NA 29 82.32 39.91 -64.12
CA ASP NA 29 82.39 38.76 -65.00
C ASP NA 29 81.94 39.06 -66.43
N ASN NA 30 81.10 40.06 -66.63
CA ASN NA 30 80.53 40.32 -67.94
C ASN NA 30 80.16 41.78 -68.07
N VAL NA 31 79.72 42.16 -69.27
CA VAL NA 31 79.24 43.49 -69.57
C VAL NA 31 77.82 43.37 -70.11
N LYS NA 32 76.90 44.13 -69.54
CA LYS NA 32 75.49 44.06 -69.91
C LYS NA 32 75.09 45.33 -70.65
N PHE NA 33 74.54 45.17 -71.84
CA PHE NA 33 74.01 46.25 -72.65
C PHE NA 33 72.49 46.16 -72.57
N LYS NA 34 71.86 47.14 -71.94
CA LYS NA 34 70.41 47.12 -71.72
C LYS NA 34 69.78 48.25 -72.50
N VAL NA 35 69.01 47.92 -73.53
CA VAL NA 35 68.27 48.91 -74.30
C VAL NA 35 66.84 48.95 -73.77
N ARG NA 36 66.34 50.16 -73.56
CA ARG NA 36 65.01 50.39 -73.00
C ARG NA 36 64.05 50.66 -74.15
N CYS NA 37 63.29 49.64 -74.52
CA CYS NA 37 62.30 49.78 -75.58
C CYS NA 37 60.97 50.16 -74.95
N SER NA 38 59.90 50.12 -75.75
CA SER NA 38 58.60 50.55 -75.26
C SER NA 38 58.04 49.58 -74.23
N ARG NA 39 58.10 48.29 -74.53
CA ARG NA 39 57.51 47.28 -73.66
C ARG NA 39 58.53 46.59 -72.76
N TYR NA 40 59.69 46.24 -73.28
CA TYR NA 40 60.66 45.46 -72.54
C TYR NA 40 61.99 46.17 -72.43
N LEU NA 41 62.76 45.73 -71.45
CA LEU NA 41 64.17 46.07 -71.34
C LEU NA 41 64.96 44.88 -71.87
N TYR NA 42 65.71 45.09 -72.95
CA TYR NA 42 66.44 44.03 -73.60
C TYR NA 42 67.88 44.06 -73.13
N THR NA 43 68.35 42.95 -72.58
CA THR NA 43 69.70 42.86 -72.03
C THR NA 43 70.53 41.89 -72.86
N LEU NA 44 71.69 42.34 -73.31
CA LEU NA 44 72.68 41.49 -73.96
C LEU NA 44 73.87 41.35 -73.04
N VAL NA 45 74.31 40.12 -72.81
CA VAL NA 45 75.41 39.83 -71.90
C VAL NA 45 76.62 39.42 -72.72
N ILE NA 46 77.72 40.13 -72.54
CA ILE NA 46 78.97 39.86 -73.24
C ILE NA 46 79.99 39.40 -72.21
N THR NA 47 80.52 38.19 -72.39
CA THR NA 47 81.42 37.63 -71.39
C THR NA 47 82.79 38.29 -71.42
N ASP NA 48 83.34 38.53 -72.60
CA ASP NA 48 84.66 39.14 -72.70
C ASP NA 48 84.53 40.65 -72.78
N LYS NA 49 85.63 41.34 -73.07
CA LYS NA 49 85.66 42.80 -73.06
C LYS NA 49 85.90 43.42 -74.42
N GLU NA 50 86.67 42.75 -75.29
CA GLU NA 50 86.93 43.30 -76.61
C GLU NA 50 85.65 43.37 -77.44
N LYS NA 51 84.80 42.35 -77.37
CA LYS NA 51 83.54 42.38 -78.08
C LYS NA 51 82.60 43.44 -77.51
N ALA NA 52 82.64 43.62 -76.18
CA ALA NA 52 81.85 44.68 -75.58
C ALA NA 52 82.29 46.05 -76.05
N GLU NA 53 83.61 46.27 -76.17
CA GLU NA 53 84.11 47.53 -76.70
C GLU NA 53 83.70 47.72 -78.15
N LYS NA 54 83.80 46.65 -78.96
CA LYS NA 54 83.39 46.73 -80.35
C LYS NA 54 81.92 47.11 -80.47
N LEU NA 55 81.07 46.52 -79.61
CA LEU NA 55 79.67 46.90 -79.58
C LEU NA 55 79.50 48.35 -79.15
N LYS NA 56 80.32 48.81 -78.21
CA LYS NA 56 80.26 50.20 -77.76
C LYS NA 56 80.50 51.16 -78.91
N GLN NA 57 81.51 50.90 -79.74
CA GLN NA 57 81.69 51.76 -80.90
C GLN NA 57 80.69 51.49 -82.02
N SER NA 58 80.06 50.31 -82.06
CA SER NA 58 79.13 50.02 -83.13
C SER NA 58 77.67 50.33 -82.78
N LEU NA 59 77.42 50.91 -81.60
CA LEU NA 59 76.07 51.35 -81.29
C LEU NA 59 75.63 52.46 -82.24
N PRO NA 60 74.34 52.51 -82.58
CA PRO NA 60 73.87 53.54 -83.50
C PRO NA 60 73.89 54.92 -82.83
N PRO NA 61 74.05 55.97 -83.61
CA PRO NA 61 74.01 57.33 -83.05
C PRO NA 61 72.57 57.75 -82.76
N GLY NA 62 72.43 58.94 -82.19
CA GLY NA 62 71.11 59.45 -81.87
C GLY NA 62 70.44 58.73 -80.73
N LEU NA 63 71.19 58.04 -79.90
CA LEU NA 63 70.65 57.27 -78.78
C LEU NA 63 71.52 57.51 -77.56
N ALA NA 64 70.88 57.62 -76.39
CA ALA NA 64 71.64 57.78 -75.16
C ALA NA 64 72.41 56.50 -74.85
N VAL NA 65 73.68 56.67 -74.46
CA VAL NA 65 74.63 55.57 -74.35
C VAL NA 65 75.10 55.53 -72.90
N LYS NA 66 74.17 55.73 -71.97
CA LYS NA 66 74.52 55.96 -70.58
C LYS NA 66 75.35 54.82 -69.99
N GLU NA 67 76.42 55.18 -69.30
CA GLU NA 67 77.28 54.23 -68.60
C GLU NA 67 76.89 54.21 -67.13
N LEU NA 68 76.71 53.01 -66.58
CA LEU NA 68 76.23 52.87 -65.21
C LEU NA 68 77.35 52.91 -64.18
N LYS NA 69 78.59 53.04 -64.59
CA LYS NA 69 79.68 53.20 -63.64
C LYS NA 69 80.24 54.62 -63.66
N SER OA 1 33.38 53.64 -40.59
CA SER OA 1 34.40 52.70 -41.02
C SER OA 1 35.27 53.32 -42.09
N SER OA 2 36.29 52.59 -42.52
CA SER OA 2 37.10 53.07 -43.63
C SER OA 2 36.33 53.02 -44.94
N HIS OA 3 35.57 51.96 -45.16
CA HIS OA 3 34.66 51.90 -46.30
C HIS OA 3 33.43 52.74 -45.99
N LYS OA 4 33.15 53.72 -46.84
CA LYS OA 4 31.98 54.56 -46.64
C LYS OA 4 31.47 55.05 -47.99
N THR OA 5 30.22 55.48 -48.00
CA THR OA 5 29.62 56.01 -49.20
C THR OA 5 29.87 57.51 -49.30
N PHE OA 6 29.67 58.04 -50.51
CA PHE OA 6 29.89 59.46 -50.73
C PHE OA 6 28.93 60.31 -49.92
N ARG OA 7 27.67 59.88 -49.81
CA ARG OA 7 26.69 60.65 -49.05
C ARG OA 7 27.03 60.68 -47.56
N ILE OA 8 27.46 59.54 -47.02
CA ILE OA 8 27.88 59.50 -45.62
C ILE OA 8 29.10 60.39 -45.41
N LYS OA 9 30.05 60.35 -46.34
CA LYS OA 9 31.25 61.17 -46.20
C LYS OA 9 30.89 62.66 -46.24
N ARG OA 10 29.95 63.03 -47.11
CA ARG OA 10 29.53 64.43 -47.19
C ARG OA 10 28.81 64.87 -45.91
N PHE OA 11 27.99 63.99 -45.35
CA PHE OA 11 27.32 64.29 -44.09
C PHE OA 11 28.34 64.53 -42.98
N LEU OA 12 29.34 63.65 -42.88
CA LEU OA 12 30.37 63.83 -41.87
C LEU OA 12 31.20 65.08 -42.12
N ALA OA 13 31.42 65.42 -43.39
CA ALA OA 13 32.16 66.64 -43.71
C ALA OA 13 31.42 67.87 -43.21
N LYS OA 14 30.11 67.93 -43.44
CA LYS OA 14 29.34 69.07 -42.95
C LYS OA 14 29.36 69.13 -41.42
N LYS OA 15 29.25 67.98 -40.77
CA LYS OA 15 29.32 67.98 -39.31
C LYS OA 15 30.67 68.49 -38.80
N GLN OA 16 31.75 68.05 -39.44
CA GLN OA 16 33.08 68.54 -39.07
C GLN OA 16 33.17 70.05 -39.25
N LYS OA 17 32.66 70.55 -40.37
CA LYS OA 17 32.77 71.98 -40.65
C LYS OA 17 31.98 72.82 -39.65
N GLN OA 18 30.80 72.36 -39.26
CA GLN OA 18 30.00 73.17 -38.36
C GLN OA 18 30.31 72.92 -36.89
N ASN OA 19 31.18 71.96 -36.57
CA ASN OA 19 31.64 71.78 -35.19
C ASN OA 19 32.90 72.61 -34.94
N ARG OA 20 32.69 73.89 -34.63
CA ARG OA 20 33.79 74.82 -34.39
C ARG OA 20 33.28 75.96 -33.51
N PRO OA 21 34.18 76.66 -32.82
CA PRO OA 21 33.76 77.77 -31.97
C PRO OA 21 33.31 78.98 -32.78
N ILE OA 22 32.62 79.89 -32.09
CA ILE OA 22 32.15 81.13 -32.71
C ILE OA 22 33.35 82.07 -32.89
N PRO OA 23 33.33 82.94 -33.89
CA PRO OA 23 34.40 83.94 -34.03
C PRO OA 23 34.34 84.94 -32.90
N GLN OA 24 35.51 85.50 -32.57
CA GLN OA 24 35.62 86.40 -31.43
C GLN OA 24 34.86 87.70 -31.67
N TRP OA 25 34.78 88.16 -32.91
CA TRP OA 25 34.15 89.44 -33.21
C TRP OA 25 32.63 89.38 -33.17
N ILE OA 26 32.04 88.20 -33.03
CA ILE OA 26 30.59 88.10 -32.91
C ILE OA 26 30.12 88.79 -31.63
N ARG OA 27 30.85 88.59 -30.54
CA ARG OA 27 30.45 89.15 -29.25
C ARG OA 27 30.50 90.67 -29.22
N MET OA 28 31.16 91.30 -30.18
CA MET OA 28 31.21 92.75 -30.24
C MET OA 28 30.07 93.35 -31.03
N LYS OA 29 29.24 92.53 -31.67
CA LYS OA 29 28.14 93.06 -32.48
C LYS OA 29 27.06 93.66 -31.57
N THR OA 30 26.26 94.55 -32.16
CA THR OA 30 25.25 95.28 -31.42
C THR OA 30 24.09 94.34 -31.11
N GLY OA 31 23.85 94.10 -29.82
CA GLY OA 31 22.78 93.23 -29.39
C GLY OA 31 23.00 91.78 -29.76
N ASN OA 32 24.14 91.22 -29.35
CA ASN OA 32 24.50 89.87 -29.77
C ASN OA 32 23.70 88.81 -29.02
N LYS OA 33 23.81 88.79 -27.70
CA LYS OA 33 23.21 87.80 -26.80
C LYS OA 33 23.73 86.38 -27.03
N ILE OA 34 24.88 86.23 -27.68
CA ILE OA 34 25.48 84.92 -27.89
C ILE OA 34 26.81 84.91 -27.16
N ARG OA 35 26.99 83.92 -26.28
CA ARG OA 35 28.22 83.79 -25.51
C ARG OA 35 29.17 82.76 -26.09
N TYR OA 36 28.64 81.64 -26.60
CA TYR OA 36 29.46 80.56 -27.11
C TYR OA 36 28.59 79.70 -28.02
N ASN OA 37 29.25 78.83 -28.77
CA ASN OA 37 28.54 77.88 -29.62
C ASN OA 37 27.96 76.79 -28.74
N SER OA 38 26.64 76.84 -28.53
CA SER OA 38 25.98 75.84 -27.70
C SER OA 38 25.68 74.56 -28.44
N LYS OA 39 25.96 74.50 -29.74
CA LYS OA 39 25.75 73.30 -30.54
C LYS OA 39 27.05 72.54 -30.79
N ARG OA 40 28.07 72.77 -29.98
CA ARG OA 40 29.32 72.04 -30.11
C ARG OA 40 29.10 70.57 -29.80
N ARG OA 41 29.76 69.71 -30.56
CA ARG OA 41 29.64 68.28 -30.41
C ARG OA 41 31.01 67.66 -30.25
N HIS OA 42 31.14 66.73 -29.31
CA HIS OA 42 32.35 65.96 -29.12
C HIS OA 42 32.11 64.53 -29.58
N TRP OA 43 33.12 63.95 -30.24
CA TRP OA 43 32.96 62.63 -30.83
C TRP OA 43 32.74 61.54 -29.79
N ARG OA 44 33.16 61.77 -28.55
CA ARG OA 44 33.04 60.76 -27.52
C ARG OA 44 31.85 60.98 -26.60
N ARG OA 45 31.42 62.23 -26.40
CA ARG OA 45 30.30 62.49 -25.50
C ARG OA 45 28.98 62.09 -26.16
N THR OA 46 28.65 62.72 -27.28
CA THR OA 46 27.41 62.46 -27.98
C THR OA 46 27.71 61.97 -29.40
N LYS OA 47 26.90 61.03 -29.86
CA LYS OA 47 27.12 60.39 -31.15
C LYS OA 47 26.20 60.99 -32.20
N LEU OA 48 26.63 60.89 -33.46
CA LEU OA 48 25.86 61.46 -34.55
C LEU OA 48 24.61 60.63 -34.81
N GLY OA 49 23.70 61.21 -35.59
CA GLY OA 49 22.42 60.56 -35.82
C GLY OA 49 22.55 59.25 -36.57
N LEU OA 50 23.39 59.22 -37.60
CA LEU OA 50 23.52 58.03 -38.43
C LEU OA 50 24.13 56.90 -37.62
N ILE PA 1 25.23 -2.47 73.05
CA ILE PA 1 24.09 -2.69 73.92
C ILE PA 1 23.87 -1.50 74.85
N ILE PA 2 22.60 -1.18 75.08
CA ILE PA 2 22.20 -0.06 75.92
C ILE PA 2 21.22 -0.58 76.96
N GLU PA 3 21.46 -0.26 78.22
CA GLU PA 3 20.57 -0.73 79.26
C GLU PA 3 19.28 0.10 79.26
N PRO PA 4 18.17 -0.46 79.75
CA PRO PA 4 16.85 0.16 79.48
C PRO PA 4 16.69 1.59 79.98
N SER PA 5 17.27 1.97 81.12
CA SER PA 5 17.05 3.33 81.59
C SER PA 5 17.78 4.34 80.71
N LEU PA 6 19.00 4.03 80.29
CA LEU PA 6 19.68 4.90 79.34
C LEU PA 6 18.99 4.91 77.99
N ARG PA 7 18.42 3.78 77.59
CA ARG PA 7 17.64 3.75 76.35
C ARG PA 7 16.41 4.66 76.46
N GLN PA 8 15.74 4.66 77.61
CA GLN PA 8 14.61 5.55 77.81
C GLN PA 8 15.04 7.01 77.79
N LEU PA 9 16.19 7.31 78.40
CA LEU PA 9 16.70 8.68 78.37
C LEU PA 9 16.98 9.13 76.94
N ALA PA 10 17.61 8.26 76.14
CA ALA PA 10 17.87 8.62 74.74
C ALA PA 10 16.57 8.78 73.96
N GLN PA 11 15.61 7.90 74.20
CA GLN PA 11 14.34 7.96 73.49
C GLN PA 11 13.51 9.16 73.88
N LYS PA 12 13.71 9.71 75.08
CA LYS PA 12 12.99 10.91 75.46
C LYS PA 12 13.32 12.08 74.54
N TYR PA 13 14.56 12.15 74.06
CA TYR PA 13 14.96 13.18 73.13
C TYR PA 13 14.85 12.78 71.67
N ASN PA 14 14.89 11.48 71.37
CA ASN PA 14 14.95 11.07 69.97
C ASN PA 14 13.65 10.51 69.41
N CYS PA 15 12.79 9.92 70.25
CA CYS PA 15 11.67 9.16 69.71
C CYS PA 15 10.32 9.59 70.26
N ASP PA 16 10.28 9.99 71.54
CA ASP PA 16 9.02 10.31 72.20
C ASP PA 16 8.63 11.75 71.86
N LYS PA 17 8.08 11.92 70.66
CA LYS PA 17 7.81 13.26 70.15
C LYS PA 17 6.65 13.19 69.16
N MET PA 18 6.09 14.36 68.88
CA MET PA 18 5.00 14.52 67.92
C MET PA 18 5.54 15.09 66.61
N ILE PA 19 4.88 14.73 65.51
CA ILE PA 19 5.25 15.20 64.19
C ILE PA 19 4.02 15.87 63.57
N CYS PA 20 4.22 17.07 63.04
CA CYS PA 20 3.16 17.76 62.32
C CYS PA 20 2.93 17.09 60.98
N ARG PA 21 1.66 16.80 60.66
CA ARG PA 21 1.36 16.17 59.39
C ARG PA 21 1.59 17.09 58.20
N LYS PA 22 1.55 18.40 58.40
CA LYS PA 22 1.69 19.33 57.30
C LYS PA 22 3.14 19.71 57.02
N CYS PA 23 3.95 19.93 58.06
CA CYS PA 23 5.30 20.44 57.86
C CYS PA 23 6.37 19.59 58.54
N TYR PA 24 6.03 18.42 59.07
CA TYR PA 24 6.97 17.43 59.59
C TYR PA 24 7.79 17.94 60.76
N ALA PA 25 7.35 19.01 61.42
CA ALA PA 25 8.12 19.55 62.53
C ALA PA 25 8.12 18.58 63.70
N ARG PA 26 9.24 18.55 64.42
CA ARG PA 26 9.41 17.69 65.58
C ARG PA 26 8.96 18.45 66.82
N LEU PA 27 7.88 18.00 67.44
CA LEU PA 27 7.27 18.71 68.56
C LEU PA 27 7.31 17.86 69.81
N HIS PA 28 7.15 18.52 70.95
CA HIS PA 28 7.16 17.84 72.24
C HIS PA 28 5.95 16.90 72.33
N PRO PA 29 6.05 15.83 73.12
CA PRO PA 29 5.02 14.79 73.09
C PRO PA 29 3.64 15.25 73.50
N ARG PA 30 3.53 16.35 74.26
CA ARG PA 30 2.24 16.86 74.69
C ARG PA 30 1.72 17.97 73.79
N ALA PA 31 2.29 18.13 72.60
CA ALA PA 31 1.89 19.20 71.71
C ALA PA 31 0.49 18.96 71.16
N VAL PA 32 -0.27 20.05 71.04
CA VAL PA 32 -1.58 20.03 70.41
C VAL PA 32 -1.59 20.78 69.09
N ASN PA 33 -0.83 21.87 69.01
CA ASN PA 33 -0.69 22.63 67.78
C ASN PA 33 0.79 22.71 67.42
N CYS PA 34 1.06 22.73 66.11
CA CYS PA 34 2.43 22.94 65.66
C CYS PA 34 2.89 24.35 65.99
N ARG PA 35 4.18 24.49 66.26
CA ARG PA 35 4.75 25.76 66.67
C ARG PA 35 5.20 26.62 65.51
N LYS PA 36 5.03 26.16 64.28
CA LYS PA 36 5.64 26.80 63.12
C LYS PA 36 4.58 27.50 62.28
N LYS PA 37 4.95 28.65 61.73
CA LYS PA 37 3.99 29.47 61.00
C LYS PA 37 3.65 28.87 59.64
N LYS PA 38 4.60 28.19 59.00
CA LYS PA 38 4.41 27.80 57.61
C LYS PA 38 3.30 26.76 57.43
N CYS PA 39 2.93 26.06 58.48
CA CYS PA 39 1.75 25.21 58.46
C CYS PA 39 0.53 25.88 59.08
N GLY PA 40 0.67 27.11 59.55
CA GLY PA 40 -0.44 27.80 60.16
C GLY PA 40 -0.77 27.34 61.56
N HIS PA 41 0.22 26.87 62.31
CA HIS PA 41 0.03 26.37 63.68
C HIS PA 41 -1.04 25.29 63.73
N THR PA 42 -1.02 24.40 62.74
CA THR PA 42 -2.08 23.42 62.62
C THR PA 42 -2.07 22.44 63.78
N ASN PA 43 -3.22 21.85 64.04
CA ASN PA 43 -3.39 20.84 65.07
C ASN PA 43 -3.46 19.43 64.50
N ASN PA 44 -3.06 19.25 63.25
CA ASN PA 44 -2.94 17.92 62.65
C ASN PA 44 -1.58 17.35 63.02
N LEU PA 45 -1.54 16.63 64.13
CA LEU PA 45 -0.31 16.04 64.63
C LEU PA 45 -0.48 14.53 64.72
N ARG PA 46 0.63 13.82 64.62
CA ARG PA 46 0.68 12.37 64.75
C ARG PA 46 1.86 12.01 65.63
N PRO PA 47 1.85 10.84 66.24
CA PRO PA 47 3.04 10.39 66.96
C PRO PA 47 4.18 10.11 66.00
N LYS PA 48 5.40 10.32 66.49
CA LYS PA 48 6.57 9.87 65.75
C LYS PA 48 6.57 8.35 65.73
N LYS PA 49 6.75 7.78 64.54
CA LYS PA 49 6.62 6.34 64.39
C LYS PA 49 7.78 5.62 65.06
N LYS PA 50 7.48 4.49 65.68
CA LYS PA 50 8.45 3.73 66.44
C LYS PA 50 9.16 2.71 65.56
N VAL PA 51 10.30 2.22 66.05
CA VAL PA 51 11.03 1.17 65.36
C VAL PA 51 10.40 -0.20 65.50
N LYS PA 52 9.41 -0.34 66.38
CA LYS PA 52 8.75 -1.62 66.60
C LYS PA 52 7.93 -2.01 65.38
N MET QA 1 -0.10 -37.34 -12.04
CA MET QA 1 -0.38 -36.50 -13.21
C MET QA 1 0.04 -37.18 -14.49
N ARG QA 2 -0.42 -36.61 -15.60
CA ARG QA 2 0.14 -36.95 -16.89
C ARG QA 2 1.58 -36.44 -16.95
N ALA QA 3 2.45 -37.22 -17.59
CA ALA QA 3 3.87 -36.87 -17.63
C ALA QA 3 4.08 -35.55 -18.35
N LYS QA 4 3.29 -35.31 -19.40
CA LYS QA 4 3.40 -34.05 -20.14
C LYS QA 4 3.03 -32.86 -19.25
N TRP QA 5 2.01 -33.01 -18.42
CA TRP QA 5 1.64 -31.91 -17.55
C TRP QA 5 2.60 -31.74 -16.37
N ARG QA 6 3.22 -32.84 -15.90
CA ARG QA 6 4.31 -32.67 -14.94
C ARG QA 6 5.47 -31.92 -15.56
N LYS QA 7 5.77 -32.21 -16.83
CA LYS QA 7 6.83 -31.49 -17.53
C LYS QA 7 6.49 -30.01 -17.64
N LYS QA 8 5.23 -29.69 -17.96
CA LYS QA 8 4.82 -28.30 -18.05
C LYS QA 8 4.90 -27.60 -16.70
N ARG QA 9 4.45 -28.28 -15.64
CA ARG QA 9 4.54 -27.71 -14.29
C ARG QA 9 5.98 -27.45 -13.89
N MET QA 10 6.87 -28.39 -14.21
CA MET QA 10 8.28 -28.22 -13.90
C MET QA 10 8.88 -27.06 -14.68
N ARG QA 11 8.47 -26.89 -15.95
CA ARG QA 11 8.97 -25.76 -16.72
C ARG QA 11 8.51 -24.42 -16.14
N ARG QA 12 7.25 -24.35 -15.71
CA ARG QA 12 6.76 -23.14 -15.06
C ARG QA 12 7.56 -22.85 -13.79
N LEU QA 13 7.79 -23.89 -12.99
CA LEU QA 13 8.55 -23.72 -11.76
C LEU QA 13 9.98 -23.30 -12.04
N LYS QA 14 10.58 -23.82 -13.11
CA LYS QA 14 11.94 -23.45 -13.46
C LYS QA 14 12.03 -22.01 -13.94
N ARG QA 15 11.04 -21.54 -14.71
CA ARG QA 15 11.03 -20.13 -15.07
C ARG QA 15 10.90 -19.25 -13.85
N LYS QA 16 10.05 -19.65 -12.90
CA LYS QA 16 9.92 -18.86 -11.67
C LYS QA 16 11.24 -18.84 -10.89
N ARG QA 17 11.92 -19.99 -10.83
CA ARG QA 17 13.21 -20.05 -10.14
C ARG QA 17 14.25 -19.18 -10.81
N ARG QA 18 14.30 -19.20 -12.14
CA ARG QA 18 15.25 -18.36 -12.86
C ARG QA 18 14.96 -16.89 -12.62
N LYS QA 19 13.68 -16.51 -12.60
CA LYS QA 19 13.32 -15.12 -12.34
C LYS QA 19 13.74 -14.71 -10.93
N MET QA 20 13.51 -15.58 -9.94
CA MET QA 20 13.90 -15.27 -8.57
C MET QA 20 15.41 -15.11 -8.44
N ARG QA 21 16.17 -15.99 -9.09
CA ARG QA 21 17.62 -15.90 -9.00
C ARG QA 21 18.16 -14.68 -9.74
N GLN QA 22 17.58 -14.36 -10.89
CA GLN QA 22 17.99 -13.20 -11.65
C GLN QA 22 17.70 -11.92 -10.89
N ARG QA 23 16.62 -11.91 -10.11
CA ARG QA 23 16.30 -10.73 -9.30
C ARG QA 23 17.40 -10.42 -8.29
N SER QA 24 18.10 -11.43 -7.79
CA SER QA 24 19.18 -11.21 -6.84
C SER QA 24 20.41 -10.60 -7.52
N VAL RA 1 -58.26 20.11 -6.51
CA VAL RA 1 -59.58 20.49 -6.06
C VAL RA 1 -60.62 20.03 -7.08
N ASN RA 2 -61.88 20.11 -6.70
CA ASN RA 2 -62.99 19.72 -7.56
C ASN RA 2 -63.99 20.85 -7.61
N VAL RA 3 -64.40 21.23 -8.82
CA VAL RA 3 -65.47 22.22 -8.97
C VAL RA 3 -66.47 21.67 -9.97
N PRO RA 4 -67.77 21.90 -9.76
CA PRO RA 4 -68.77 21.37 -10.70
C PRO RA 4 -68.71 22.08 -12.03
N LYS RA 5 -69.20 21.37 -13.06
CA LYS RA 5 -69.17 21.89 -14.42
C LYS RA 5 -70.20 22.99 -14.65
N THR RA 6 -71.09 23.24 -13.70
CA THR RA 6 -72.04 24.32 -13.83
C THR RA 6 -72.22 24.99 -12.47
N ARG RA 7 -72.49 26.29 -12.50
CA ARG RA 7 -72.79 26.99 -11.27
C ARG RA 7 -73.71 28.16 -11.56
N ARG RA 8 -74.54 28.52 -10.59
CA ARG RA 8 -75.46 29.63 -10.74
C ARG RA 8 -74.83 30.85 -10.09
N THR RA 9 -74.35 31.78 -10.91
CA THR RA 9 -73.62 32.93 -10.40
C THR RA 9 -74.02 34.17 -11.21
N PHE RA 10 -73.55 35.32 -10.74
CA PHE RA 10 -73.95 36.60 -11.32
C PHE RA 10 -73.44 36.74 -12.75
N CYS RA 11 -74.31 37.20 -13.63
CA CYS RA 11 -73.95 37.51 -15.01
C CYS RA 11 -74.03 39.02 -15.20
N LYS RA 12 -72.92 39.62 -15.62
CA LYS RA 12 -72.87 41.08 -15.73
C LYS RA 12 -73.74 41.58 -16.86
N LYS RA 13 -73.83 40.84 -17.96
CA LYS RA 13 -74.65 41.27 -19.08
C LYS RA 13 -76.13 41.16 -18.75
N CYS RA 14 -76.55 40.02 -18.17
CA CYS RA 14 -77.93 39.89 -17.71
C CYS RA 14 -78.21 40.80 -16.53
N GLY RA 15 -77.22 41.03 -15.68
CA GLY RA 15 -77.41 41.82 -14.48
C GLY RA 15 -78.02 41.07 -13.33
N LYS RA 16 -78.08 39.74 -13.39
CA LYS RA 16 -78.70 38.93 -12.36
C LYS RA 16 -77.96 37.60 -12.30
N HIS RA 17 -78.37 36.75 -11.37
CA HIS RA 17 -77.79 35.42 -11.24
C HIS RA 17 -78.35 34.50 -12.31
N GLN RA 18 -77.47 33.81 -13.01
CA GLN RA 18 -77.81 32.94 -14.11
C GLN RA 18 -76.96 31.69 -14.03
N PRO RA 19 -77.41 30.59 -14.63
CA PRO RA 19 -76.53 29.41 -14.75
C PRO RA 19 -75.39 29.66 -15.72
N HIS RA 20 -74.24 29.11 -15.39
CA HIS RA 20 -73.00 29.29 -16.12
C HIS RA 20 -72.34 27.94 -16.29
N LYS RA 21 -71.96 27.61 -17.51
CA LYS RA 21 -71.08 26.48 -17.76
C LYS RA 21 -69.65 26.88 -17.42
N VAL RA 22 -68.93 25.99 -16.74
CA VAL RA 22 -67.61 26.27 -16.22
C VAL RA 22 -66.61 25.39 -16.94
N THR RA 23 -65.62 26.01 -17.58
CA THR RA 23 -64.50 25.29 -18.17
C THR RA 23 -63.21 25.85 -17.58
N GLN RA 24 -62.09 25.25 -17.97
CA GLN RA 24 -60.79 25.72 -17.53
C GLN RA 24 -60.18 26.56 -18.64
N TYR RA 25 -59.68 27.74 -18.28
CA TYR RA 25 -59.09 28.64 -19.25
C TYR RA 25 -57.68 28.21 -19.59
N LYS RA 26 -57.38 28.16 -20.88
CA LYS RA 26 -56.03 27.89 -21.36
C LYS RA 26 -55.51 29.10 -22.12
N LYS RA 27 -54.24 29.40 -21.94
CA LYS RA 27 -53.63 30.53 -22.64
C LYS RA 27 -53.66 30.29 -24.14
N GLY RA 28 -54.11 31.30 -24.88
CA GLY RA 28 -54.21 31.18 -26.31
C GLY RA 28 -52.86 31.24 -27.00
N LYS RA 29 -52.87 30.98 -28.29
CA LYS RA 29 -51.65 31.00 -29.08
C LYS RA 29 -51.20 32.44 -29.32
N ASP RA 30 -49.89 32.65 -29.31
CA ASP RA 30 -49.34 33.98 -29.52
C ASP RA 30 -49.61 34.46 -30.94
N SER RA 31 -49.88 35.76 -31.07
CA SER RA 31 -50.39 36.28 -32.33
C SER RA 31 -49.33 36.39 -33.42
N LEU RA 32 -48.08 36.65 -33.04
CA LEU RA 32 -46.95 36.90 -33.96
C LEU RA 32 -47.09 38.27 -34.62
N TYR RA 33 -48.24 38.91 -34.43
CA TYR RA 33 -48.46 40.26 -34.92
C TYR RA 33 -48.88 41.19 -33.80
N ALA RA 34 -48.77 40.75 -32.56
CA ALA RA 34 -48.88 41.65 -31.42
C ALA RA 34 -47.70 42.61 -31.44
N GLN RA 35 -47.93 43.81 -30.92
CA GLN RA 35 -46.94 44.88 -31.05
C GLN RA 35 -45.64 44.52 -30.35
N GLY RA 36 -45.73 43.91 -29.18
CA GLY RA 36 -44.52 43.50 -28.48
C GLY RA 36 -43.77 42.40 -29.21
N LYS RA 37 -44.50 41.47 -29.82
CA LYS RA 37 -43.85 40.44 -30.61
C LYS RA 37 -43.16 41.04 -31.83
N ARG RA 38 -43.80 42.00 -32.49
CA ARG RA 38 -43.18 42.68 -33.63
C ARG RA 38 -41.93 43.42 -33.21
N ARG RA 39 -42.00 44.13 -32.08
CA ARG RA 39 -40.83 44.84 -31.57
C ARG RA 39 -39.70 43.86 -31.22
N TYR RA 40 -40.06 42.73 -30.63
CA TYR RA 40 -39.06 41.72 -30.28
C TYR RA 40 -38.42 41.12 -31.52
N ASP RA 41 -39.20 40.83 -32.55
CA ASP RA 41 -38.64 40.27 -33.77
C ASP RA 41 -37.71 41.26 -34.46
N ARG RA 42 -38.11 42.53 -34.52
CA ARG RA 42 -37.24 43.55 -35.09
C ARG RA 42 -35.96 43.69 -34.29
N LYS RA 43 -36.06 43.64 -32.96
CA LYS RA 43 -34.88 43.74 -32.11
C LYS RA 43 -33.96 42.54 -32.29
N GLN RA 44 -34.52 41.36 -32.46
CA GLN RA 44 -33.72 40.15 -32.56
C GLN RA 44 -33.08 39.98 -33.93
N SER RA 45 -33.66 40.57 -34.96
CA SER RA 45 -33.06 40.45 -36.29
C SER RA 45 -31.71 41.14 -36.34
N GLY RA 46 -30.77 40.52 -37.04
CA GLY RA 46 -29.45 41.09 -37.18
C GLY RA 46 -28.43 40.47 -36.26
N TYR RA 47 -27.41 41.23 -35.88
CA TYR RA 47 -26.38 40.78 -34.96
C TYR RA 47 -26.60 41.39 -33.59
N GLY RA 48 -26.08 40.72 -32.58
CA GLY RA 48 -26.24 41.19 -31.21
C GLY RA 48 -26.70 40.09 -30.28
N GLY RA 49 -27.16 38.99 -30.85
CA GLY RA 49 -27.58 37.88 -30.03
C GLY RA 49 -28.91 38.13 -29.34
N GLN RA 50 -29.07 37.49 -28.19
CA GLN RA 50 -30.29 37.65 -27.39
C GLN RA 50 -30.32 39.05 -26.82
N THR RA 51 -31.42 39.76 -27.06
CA THR RA 51 -31.54 41.16 -26.67
C THR RA 51 -32.48 41.39 -25.50
N LYS RA 52 -33.22 40.37 -25.08
CA LYS RA 52 -34.15 40.45 -23.96
C LYS RA 52 -33.85 39.33 -22.98
N PRO RA 53 -34.16 39.51 -21.70
CA PRO RA 53 -33.88 38.46 -20.73
C PRO RA 53 -34.69 37.20 -20.96
N ILE RA 54 -34.10 36.06 -20.61
CA ILE RA 54 -34.76 34.77 -20.60
C ILE RA 54 -34.76 34.28 -19.16
N PHE RA 55 -35.96 34.02 -18.62
CA PHE RA 55 -36.14 33.93 -17.17
C PHE RA 55 -35.31 32.80 -16.55
N ARG RA 56 -35.61 31.55 -16.90
CA ARG RA 56 -34.86 30.35 -16.50
C ARG RA 56 -34.54 30.30 -15.00
N LYS RA 57 -35.41 30.79 -14.14
CA LYS RA 57 -35.26 30.63 -12.69
C LYS RA 57 -36.58 30.28 -12.04
N LYS RA 58 -37.27 29.29 -12.60
CA LYS RA 58 -38.61 28.93 -12.15
C LYS RA 58 -38.60 28.49 -10.70
N ALA RA 59 -39.57 28.99 -9.94
CA ALA RA 59 -39.71 28.66 -8.53
C ALA RA 59 -41.09 28.15 -8.17
N LYS RA 60 -42.15 28.68 -8.80
CA LYS RA 60 -43.48 28.17 -8.54
C LYS RA 60 -43.65 26.78 -9.12
N THR RA 61 -44.43 25.95 -8.44
CA THR RA 61 -44.76 24.63 -8.93
C THR RA 61 -46.21 24.51 -9.36
N THR RA 62 -47.03 25.52 -9.11
CA THR RA 62 -48.45 25.53 -9.45
C THR RA 62 -48.78 26.81 -10.19
N LYS RA 63 -49.99 26.84 -10.75
CA LYS RA 63 -50.56 28.03 -11.34
C LYS RA 63 -51.93 28.28 -10.73
N LYS RA 64 -52.35 29.53 -10.75
CA LYS RA 64 -53.71 29.86 -10.33
C LYS RA 64 -54.68 29.41 -11.41
N ILE RA 65 -55.60 28.52 -11.04
CA ILE RA 65 -56.56 28.00 -12.01
C ILE RA 65 -57.58 29.06 -12.34
N VAL RA 66 -57.87 29.24 -13.62
CA VAL RA 66 -58.83 30.23 -14.09
C VAL RA 66 -60.04 29.51 -14.64
N LEU RA 67 -61.22 29.86 -14.13
CA LEU RA 67 -62.47 29.28 -14.58
C LEU RA 67 -63.10 30.20 -15.61
N ARG RA 68 -63.38 29.66 -16.79
CA ARG RA 68 -64.12 30.34 -17.83
C ARG RA 68 -65.60 30.03 -17.63
N LEU RA 69 -66.35 31.01 -17.16
CA LEU RA 69 -67.79 30.89 -17.01
C LEU RA 69 -68.47 31.40 -18.26
N GLU RA 70 -69.54 30.72 -18.67
CA GLU RA 70 -70.31 31.12 -19.83
C GLU RA 70 -71.78 31.06 -19.46
N CYS RA 71 -72.46 32.20 -19.53
CA CYS RA 71 -73.88 32.26 -19.25
C CYS RA 71 -74.65 31.38 -20.22
N VAL RA 72 -75.56 30.56 -19.68
CA VAL RA 72 -76.28 29.61 -20.52
C VAL RA 72 -77.46 30.24 -21.24
N GLU RA 73 -77.71 31.52 -21.03
CA GLU RA 73 -78.80 32.19 -21.74
C GLU RA 73 -78.53 32.19 -23.24
N PRO RA 74 -79.47 31.75 -24.07
CA PRO RA 74 -79.22 31.72 -25.52
C PRO RA 74 -78.92 33.08 -26.12
N ASN RA 75 -79.54 34.15 -25.60
CA ASN RA 75 -79.29 35.49 -26.08
C ASN RA 75 -78.12 36.16 -25.38
N CYS RA 76 -77.60 35.56 -24.31
CA CYS RA 76 -76.47 36.09 -23.55
C CYS RA 76 -75.45 34.98 -23.37
N ARG RA 77 -74.48 34.91 -24.28
CA ARG RA 77 -73.39 33.97 -24.16
C ARG RA 77 -72.15 34.63 -23.57
N SER RA 78 -72.36 35.57 -22.66
CA SER RA 78 -71.26 36.34 -22.09
C SER RA 78 -70.34 35.45 -21.27
N LYS RA 79 -69.05 35.76 -21.33
CA LYS RA 79 -68.04 34.97 -20.66
C LYS RA 79 -67.32 35.81 -19.61
N ARG RA 80 -66.87 35.14 -18.56
CA ARG RA 80 -66.15 35.79 -17.48
C ARG RA 80 -65.04 34.84 -17.01
N MET RA 81 -64.02 35.43 -16.41
CA MET RA 81 -62.89 34.68 -15.87
C MET RA 81 -62.87 34.80 -14.36
N LEU RA 82 -62.91 33.67 -13.66
CA LEU RA 82 -62.66 33.63 -12.23
C LEU RA 82 -61.39 32.84 -11.96
N ALA RA 83 -60.51 33.42 -11.14
CA ALA RA 83 -59.32 32.73 -10.68
C ALA RA 83 -59.58 32.19 -9.29
N ILE RA 84 -59.13 30.96 -9.05
CA ILE RA 84 -59.18 30.35 -7.73
C ILE RA 84 -57.75 30.22 -7.24
N LYS RA 85 -57.58 29.75 -6.01
CA LYS RA 85 -56.25 29.68 -5.42
C LYS RA 85 -55.40 28.65 -6.13
N ARG RA 86 -54.10 28.68 -5.81
CA ARG RA 86 -53.16 27.74 -6.40
C ARG RA 86 -53.46 26.32 -5.94
N CYS RA 87 -53.39 25.38 -6.89
CA CYS RA 87 -53.60 23.99 -6.56
C CYS RA 87 -52.75 23.14 -7.48
N LYS RA 88 -52.37 21.95 -7.00
CA LYS RA 88 -51.59 21.03 -7.80
C LYS RA 88 -52.46 20.14 -8.68
N HIS RA 89 -53.59 19.66 -8.15
CA HIS RA 89 -54.50 18.79 -8.90
C HIS RA 89 -55.84 19.48 -9.01
N PHE RA 90 -56.31 19.67 -10.23
CA PHE RA 90 -57.58 20.33 -10.49
C PHE RA 90 -58.39 19.46 -11.43
N GLU RA 91 -59.69 19.36 -11.16
CA GLU RA 91 -60.58 18.59 -12.01
C GLU RA 91 -61.93 19.29 -12.06
N LEU RA 92 -62.66 19.05 -13.15
CA LEU RA 92 -63.95 19.66 -13.41
C LEU RA 92 -65.03 18.58 -13.31
N GLY RA 93 -65.97 18.77 -12.39
CA GLY RA 93 -67.10 17.87 -12.30
C GLY RA 93 -66.73 16.44 -11.99
N GLY RA 94 -65.81 16.23 -11.06
CA GLY RA 94 -65.44 14.90 -10.65
C GLY RA 94 -66.48 14.27 -9.74
N ASP RA 95 -66.21 13.03 -9.35
CA ASP RA 95 -67.13 12.29 -8.51
C ASP RA 95 -67.19 12.92 -7.13
N LYS RA 96 -68.38 13.34 -6.72
CA LYS RA 96 -68.54 14.02 -5.44
C LYS RA 96 -68.34 13.05 -4.28
N LYS RA 97 -67.72 13.55 -3.21
CA LYS RA 97 -67.38 12.70 -2.09
C LYS RA 97 -68.60 12.36 -1.25
N ARG RA 98 -68.58 11.17 -0.65
CA ARG RA 98 -69.57 10.73 0.32
C ARG RA 98 -68.91 10.61 1.68
N LYS RA 99 -69.74 10.48 2.71
CA LYS RA 99 -69.25 10.48 4.08
C LYS RA 99 -69.25 9.10 4.72
N GLY RA 100 -70.39 8.42 4.75
CA GLY RA 100 -70.47 7.16 5.46
C GLY RA 100 -70.23 5.94 4.59
N GLN RA 101 -69.06 5.88 3.96
CA GLN RA 101 -68.73 4.78 3.05
C GLN RA 101 -67.45 4.10 3.50
N VAL RA 102 -67.21 2.93 2.93
CA VAL RA 102 -66.03 2.13 3.26
C VAL RA 102 -64.89 2.52 2.34
N ILE RA 103 -63.71 2.69 2.92
CA ILE RA 103 -62.51 2.93 2.13
C ILE RA 103 -62.04 1.60 1.56
N GLN RA 104 -61.52 1.62 0.34
CA GLN RA 104 -61.09 0.39 -0.32
C GLN RA 104 -59.97 -0.29 0.48
N PHE RA 105 -60.16 -1.59 0.71
CA PHE RA 105 -59.25 -2.34 1.58
C PHE RA 105 -58.03 -2.84 0.81
N ALA SA 1 44.19 -11.32 -35.34
CA ALA SA 1 43.24 -12.22 -34.69
C ALA SA 1 41.82 -11.72 -34.88
N LYS SA 2 40.86 -12.54 -34.48
CA LYS SA 2 39.47 -12.09 -34.48
C LYS SA 2 39.27 -11.04 -33.40
N ARG SA 3 38.73 -9.89 -33.79
CA ARG SA 3 38.68 -8.76 -32.88
C ARG SA 3 37.37 -8.64 -32.13
N THR SA 4 36.26 -9.04 -32.74
CA THR SA 4 34.97 -9.04 -32.08
C THR SA 4 34.32 -10.40 -32.25
N LYS SA 5 33.53 -10.79 -31.25
CA LYS SA 5 32.87 -12.09 -31.31
C LYS SA 5 31.68 -12.07 -32.27
N LYS SA 6 30.80 -11.08 -32.14
CA LYS SA 6 29.58 -11.07 -32.93
C LYS SA 6 29.18 -9.74 -33.53
N VAL SA 7 29.62 -8.60 -32.99
CA VAL SA 7 29.10 -7.32 -33.48
C VAL SA 7 29.61 -7.03 -34.88
N GLY SA 8 30.86 -7.33 -35.17
CA GLY SA 8 31.38 -7.11 -36.50
C GLY SA 8 31.40 -5.64 -36.86
N ILE SA 9 30.71 -5.28 -37.94
CA ILE SA 9 30.79 -3.92 -38.45
C ILE SA 9 30.08 -2.92 -37.56
N VAL SA 10 29.16 -3.36 -36.70
CA VAL SA 10 28.42 -2.42 -35.86
C VAL SA 10 29.12 -2.27 -34.52
N GLY SA 11 30.38 -2.71 -34.46
CA GLY SA 11 31.18 -2.39 -33.29
C GLY SA 11 31.50 -0.92 -33.17
N LYS SA 12 31.33 -0.16 -34.24
CA LYS SA 12 31.53 1.28 -34.20
C LYS SA 12 30.44 1.99 -33.41
N TYR SA 13 29.28 1.36 -33.25
CA TYR SA 13 28.20 1.98 -32.50
C TYR SA 13 28.31 1.77 -31.00
N GLY SA 14 29.30 1.02 -30.54
CA GLY SA 14 29.50 0.88 -29.12
C GLY SA 14 28.39 0.09 -28.47
N THR SA 15 27.96 0.56 -27.30
CA THR SA 15 26.90 -0.06 -26.54
C THR SA 15 25.54 0.56 -26.83
N ARG SA 16 25.47 1.48 -27.77
CA ARG SA 16 24.27 2.29 -27.96
C ARG SA 16 23.26 1.61 -28.88
N TYR SA 17 22.04 2.13 -28.84
CA TYR SA 17 20.93 1.92 -29.76
C TYR SA 17 20.24 0.57 -29.60
N GLY SA 18 20.74 -0.33 -28.77
CA GLY SA 18 20.05 -1.60 -28.59
C GLY SA 18 20.59 -2.71 -29.45
N ALA SA 19 20.71 -3.90 -28.86
CA ALA SA 19 21.34 -5.02 -29.55
C ALA SA 19 20.55 -5.43 -30.77
N SER SA 20 19.22 -5.46 -30.68
CA SER SA 20 18.41 -5.88 -31.82
C SER SA 20 18.48 -4.86 -32.95
N LEU SA 21 18.49 -3.58 -32.63
CA LEU SA 21 18.63 -2.57 -33.68
C LEU SA 21 20.00 -2.62 -34.34
N ARG SA 22 21.06 -2.86 -33.55
CA ARG SA 22 22.38 -3.01 -34.14
C ARG SA 22 22.45 -4.25 -35.03
N LYS SA 23 21.84 -5.36 -34.59
CA LYS SA 23 21.81 -6.56 -35.41
C LYS SA 23 21.04 -6.32 -36.70
N MET SA 24 19.94 -5.57 -36.62
CA MET SA 24 19.15 -5.26 -37.80
C MET SA 24 19.94 -4.41 -38.78
N VAL SA 25 20.65 -3.40 -38.28
CA VAL SA 25 21.39 -2.51 -39.17
C VAL SA 25 22.69 -3.13 -39.65
N LYS SA 26 23.14 -4.22 -39.01
CA LYS SA 26 24.40 -4.83 -39.39
C LYS SA 26 24.39 -5.37 -40.81
N LYS SA 27 23.39 -6.18 -41.15
CA LYS SA 27 23.37 -6.77 -42.48
C LYS SA 27 23.13 -5.72 -43.55
N ILE SA 28 22.33 -4.71 -43.23
CA ILE SA 28 22.09 -3.62 -44.18
C ILE SA 28 23.37 -2.84 -44.43
N GLU SA 29 24.14 -2.57 -43.38
CA GLU SA 29 25.41 -1.86 -43.56
C GLU SA 29 26.43 -2.69 -44.33
N ILE SA 30 26.44 -4.00 -44.08
CA ILE SA 30 27.35 -4.87 -44.81
C ILE SA 30 27.02 -4.85 -46.30
N SER SA 31 25.72 -5.00 -46.64
CA SER SA 31 25.33 -4.97 -48.04
C SER SA 31 25.53 -3.58 -48.65
N GLN SA 32 25.34 -2.53 -47.84
CA GLN SA 32 25.55 -1.16 -48.30
C GLN SA 32 26.99 -0.92 -48.70
N HIS SA 33 27.93 -1.39 -47.89
CA HIS SA 33 29.34 -1.11 -48.13
C HIS SA 33 30.04 -2.22 -48.88
N ALA SA 34 29.33 -3.28 -49.27
CA ALA SA 34 29.94 -4.34 -50.04
C ALA SA 34 30.21 -3.87 -51.47
N LYS SA 35 31.19 -4.51 -52.11
CA LYS SA 35 31.50 -4.27 -53.51
C LYS SA 35 30.95 -5.43 -54.33
N TYR SA 36 30.13 -5.12 -55.31
CA TYR SA 36 29.47 -6.11 -56.12
C TYR SA 36 30.20 -6.29 -57.44
N THR SA 37 30.07 -7.47 -58.02
CA THR SA 37 30.63 -7.73 -59.33
C THR SA 37 29.83 -6.99 -60.39
N CYS SA 38 30.47 -6.12 -61.14
CA CYS SA 38 29.79 -5.41 -62.21
C CYS SA 38 29.37 -6.38 -63.29
N SER SA 39 28.12 -6.28 -63.72
CA SER SA 39 27.62 -7.17 -64.76
C SER SA 39 27.95 -6.67 -66.16
N PHE SA 40 28.61 -5.52 -66.29
CA PHE SA 40 29.01 -4.98 -67.57
C PHE SA 40 30.46 -5.25 -67.89
N CYS SA 41 31.37 -4.89 -66.98
CA CYS SA 41 32.79 -5.11 -67.19
C CYS SA 41 33.32 -6.36 -66.51
N GLY SA 42 32.56 -6.94 -65.57
CA GLY SA 42 32.97 -8.15 -64.90
C GLY SA 42 33.80 -7.94 -63.67
N LYS SA 43 34.21 -6.72 -63.37
CA LYS SA 43 35.06 -6.45 -62.22
C LYS SA 43 34.23 -6.26 -60.97
N THR SA 44 34.86 -6.51 -59.82
CA THR SA 44 34.22 -6.35 -58.53
C THR SA 44 34.45 -4.93 -58.00
N LYS SA 45 33.97 -3.96 -58.76
CA LYS SA 45 34.19 -2.55 -58.47
C LYS SA 45 32.90 -1.75 -58.51
N MET SA 46 31.76 -2.40 -58.37
CA MET SA 46 30.46 -1.75 -58.37
C MET SA 46 30.07 -1.49 -56.91
N LYS SA 47 30.10 -0.22 -56.51
CA LYS SA 47 29.81 0.15 -55.13
C LYS SA 47 28.82 1.31 -55.10
N ARG SA 48 28.18 1.47 -53.95
CA ARG SA 48 27.15 2.48 -53.81
C ARG SA 48 27.74 3.87 -53.78
N ARG SA 49 27.13 4.79 -54.52
CA ARG SA 49 27.50 6.20 -54.51
C ARG SA 49 26.58 7.00 -53.60
N ALA SA 50 25.28 6.95 -53.87
CA ALA SA 50 24.28 7.50 -52.97
C ALA SA 50 23.19 6.44 -52.80
N VAL SA 51 22.12 6.77 -52.11
CA VAL SA 51 21.06 5.79 -51.89
C VAL SA 51 20.37 5.52 -53.23
N GLY SA 52 20.37 4.25 -53.65
CA GLY SA 52 19.78 3.86 -54.91
C GLY SA 52 20.67 3.99 -56.12
N ILE SA 53 21.90 4.50 -55.97
CA ILE SA 53 22.80 4.73 -57.09
C ILE SA 53 24.03 3.88 -56.89
N TRP SA 54 24.37 3.08 -57.90
CA TRP SA 54 25.49 2.16 -57.82
C TRP SA 54 26.42 2.42 -58.99
N HIS SA 55 27.65 2.80 -58.70
CA HIS SA 55 28.60 3.19 -59.73
C HIS SA 55 29.73 2.17 -59.78
N CYS SA 56 30.20 1.87 -60.99
CA CYS SA 56 31.34 1.00 -61.18
C CYS SA 56 32.58 1.84 -61.40
N GLY SA 57 33.65 1.52 -60.68
CA GLY SA 57 34.88 2.28 -60.79
C GLY SA 57 35.54 2.15 -62.14
N SER SA 58 35.47 0.97 -62.75
CA SER SA 58 36.24 0.69 -63.96
C SER SA 58 35.56 1.23 -65.21
N CYS SA 59 34.39 0.70 -65.54
CA CYS SA 59 33.73 1.09 -66.79
C CYS SA 59 32.91 2.35 -66.63
N MET SA 60 32.88 2.94 -65.44
CA MET SA 60 32.19 4.19 -65.16
C MET SA 60 30.71 4.10 -65.53
N LYS SA 61 30.13 2.94 -65.27
CA LYS SA 61 28.71 2.72 -65.50
C LYS SA 61 27.96 2.97 -64.21
N THR SA 62 26.91 3.77 -64.28
CA THR SA 62 26.06 4.07 -63.14
C THR SA 62 24.71 3.39 -63.34
N VAL SA 63 24.25 2.69 -62.31
CA VAL SA 63 23.02 1.90 -62.37
C VAL SA 63 22.10 2.36 -61.24
N ALA SA 64 20.80 2.37 -61.53
CA ALA SA 64 19.79 2.60 -60.51
C ALA SA 64 19.43 1.26 -59.87
N GLY SA 65 19.69 1.13 -58.58
CA GLY SA 65 19.47 -0.10 -57.86
C GLY SA 65 18.71 0.15 -56.57
N GLY SA 66 18.91 -0.75 -55.62
CA GLY SA 66 18.25 -0.63 -54.34
C GLY SA 66 18.97 0.32 -53.41
N ALA SA 67 18.34 0.54 -52.25
CA ALA SA 67 18.92 1.45 -51.27
C ALA SA 67 20.18 0.86 -50.64
N TRP SA 68 20.14 -0.41 -50.27
CA TRP SA 68 21.24 -1.05 -49.58
C TRP SA 68 21.85 -2.21 -50.32
N THR SA 69 21.17 -2.77 -51.31
CA THR SA 69 21.71 -3.82 -52.15
C THR SA 69 21.72 -3.34 -53.59
N TYR SA 70 22.57 -3.96 -54.40
CA TYR SA 70 22.70 -3.55 -55.80
C TYR SA 70 21.37 -3.73 -56.54
N ASN SA 71 20.69 -4.85 -56.32
CA ASN SA 71 19.34 -5.02 -56.84
C ASN SA 71 18.48 -5.64 -55.75
N THR SA 72 17.20 -5.33 -55.81
CA THR SA 72 16.22 -5.86 -54.87
C THR SA 72 15.52 -7.06 -55.50
N THR SA 73 15.13 -8.01 -54.63
CA THR SA 73 14.42 -9.20 -55.11
C THR SA 73 13.11 -8.80 -55.76
N SER SA 74 12.46 -7.75 -55.22
CA SER SA 74 11.27 -7.21 -55.86
C SER SA 74 11.54 -6.84 -57.30
N ALA SA 75 12.59 -6.05 -57.54
CA ALA SA 75 12.90 -5.61 -58.89
C ALA SA 75 13.30 -6.77 -59.78
N VAL SA 76 13.97 -7.79 -59.24
CA VAL SA 76 14.34 -8.94 -60.05
C VAL SA 76 13.10 -9.69 -60.51
N THR SA 77 12.16 -9.94 -59.59
CA THR SA 77 10.91 -10.59 -59.98
C THR SA 77 10.12 -9.74 -60.95
N VAL SA 78 10.18 -8.41 -60.79
CA VAL SA 78 9.50 -7.51 -61.71
C VAL SA 78 10.09 -7.63 -63.11
N LYS SA 79 11.41 -7.66 -63.21
CA LYS SA 79 12.05 -7.77 -64.52
C LYS SA 79 11.68 -9.08 -65.19
N SER SA 80 11.70 -10.17 -64.43
CA SER SA 80 11.29 -11.45 -65.01
C SER SA 80 9.83 -11.44 -65.46
N ALA SA 81 8.96 -10.83 -64.65
CA ALA SA 81 7.55 -10.76 -65.02
C ALA SA 81 7.34 -9.91 -66.27
N ILE SA 82 8.05 -8.78 -66.38
CA ILE SA 82 7.90 -7.93 -67.56
C ILE SA 82 8.40 -8.65 -68.79
N ARG SA 83 9.50 -9.40 -68.68
CA ARG SA 83 9.97 -10.19 -69.81
C ARG SA 83 8.92 -11.23 -70.22
N ARG SA 84 8.32 -11.90 -69.24
CA ARG SA 84 7.32 -12.91 -69.55
C ARG SA 84 6.09 -12.29 -70.20
N LEU SA 85 5.63 -11.14 -69.70
CA LEU SA 85 4.49 -10.48 -70.31
C LEU SA 85 4.80 -9.94 -71.69
N LYS SA 86 6.03 -9.49 -71.94
CA LYS SA 86 6.39 -9.05 -73.28
C LYS SA 86 6.39 -10.21 -74.26
N GLU SA 87 6.98 -11.34 -73.87
CA GLU SA 87 7.03 -12.48 -74.77
C GLU SA 87 5.66 -13.14 -74.93
N LEU SA 88 4.76 -12.95 -73.97
CA LEU SA 88 3.38 -13.38 -74.15
C LEU SA 88 2.61 -12.41 -75.05
N LYS SA 89 2.89 -11.12 -74.94
CA LYS SA 89 2.22 -10.12 -75.75
C LYS SA 89 2.56 -10.28 -77.23
N ASP SA 90 3.83 -10.49 -77.54
CA ASP SA 90 4.18 -10.69 -78.94
C ASP SA 90 4.20 -12.19 -79.27
N GLN SA 91 4.21 -12.49 -80.56
CA GLN SA 91 4.18 -13.88 -81.00
C GLN SA 91 5.07 -14.09 -82.22
N SER TA 1 -35.37 116.45 -2.15
CA SER TA 1 -35.51 116.65 -0.71
C SER TA 1 -34.24 116.27 0.03
N ALA TA 2 -34.06 116.85 1.22
CA ALA TA 2 -32.85 116.61 1.99
C ALA TA 2 -32.72 115.15 2.38
N HIS TA 3 -33.80 114.54 2.85
CA HIS TA 3 -33.74 113.14 3.28
C HIS TA 3 -33.46 112.21 2.11
N LEU TA 4 -34.08 112.48 0.95
CA LEU TA 4 -33.83 111.65 -0.22
C LEU TA 4 -32.39 111.77 -0.70
N GLN TA 5 -31.88 113.01 -0.79
CA GLN TA 5 -30.50 113.20 -1.19
C GLN TA 5 -29.55 112.58 -0.19
N TRP TA 6 -29.91 112.60 1.10
CA TRP TA 6 -29.10 111.92 2.10
C TRP TA 6 -29.08 110.42 1.87
N MET TA 7 -30.23 109.83 1.54
CA MET TA 7 -30.24 108.40 1.24
C MET TA 7 -29.41 108.09 0.02
N VAL TA 8 -29.27 109.05 -0.89
CA VAL TA 8 -28.43 108.85 -2.07
C VAL TA 8 -26.94 108.90 -1.68
N VAL TA 9 -26.53 109.89 -0.89
CA VAL TA 9 -25.11 110.18 -0.72
C VAL TA 9 -24.59 109.81 0.66
N ARG TA 10 -25.34 109.05 1.47
CA ARG TA 10 -24.85 108.73 2.80
C ARG TA 10 -23.65 107.79 2.77
N ASN TA 11 -23.50 107.01 1.70
CA ASN TA 11 -22.39 106.09 1.59
C ASN TA 11 -21.65 106.21 0.27
N CYS TA 12 -22.18 106.91 -0.71
CA CYS TA 12 -21.54 107.08 -2.01
C CYS TA 12 -21.38 108.57 -2.26
N SER TA 13 -20.20 109.10 -1.97
CA SER TA 13 -19.93 110.51 -2.14
C SER TA 13 -18.44 110.71 -2.34
N SER TA 14 -18.10 111.71 -3.15
CA SER TA 14 -16.68 112.03 -3.34
C SER TA 14 -16.07 112.70 -2.13
N PHE TA 15 -16.89 113.30 -1.28
CA PHE TA 15 -16.42 113.93 -0.06
C PHE TA 15 -16.28 112.96 1.10
N LEU TA 16 -16.64 111.70 0.90
CA LEU TA 16 -16.67 110.72 1.97
C LEU TA 16 -15.28 110.12 2.16
N ILE TA 17 -14.76 110.18 3.37
CA ILE TA 17 -13.49 109.54 3.74
C ILE TA 17 -13.79 108.54 4.84
N LYS TA 18 -13.43 107.28 4.60
CA LYS TA 18 -13.63 106.22 5.58
C LYS TA 18 -12.27 105.59 5.86
N ARG TA 19 -11.69 105.92 7.01
CA ARG TA 19 -10.35 105.45 7.35
C ARG TA 19 -10.25 105.29 8.87
N ASN TA 20 -9.47 104.30 9.28
CA ASN TA 20 -9.09 104.12 10.69
C ASN TA 20 -10.31 104.03 11.60
N LYS TA 21 -11.31 103.27 11.17
CA LYS TA 21 -12.59 103.11 11.87
C LYS TA 21 -13.32 104.43 12.06
N GLN TA 22 -12.99 105.44 11.27
CA GLN TA 22 -13.62 106.75 11.34
C GLN TA 22 -14.23 107.09 10.00
N THR TA 23 -15.05 108.13 9.99
CA THR TA 23 -15.63 108.64 8.77
C THR TA 23 -15.66 110.16 8.81
N TYR TA 24 -15.42 110.78 7.66
CA TYR TA 24 -15.37 112.23 7.57
C TYR TA 24 -15.96 112.65 6.23
N SER TA 25 -16.43 113.90 6.19
CA SER TA 25 -17.00 114.46 4.98
C SER TA 25 -16.32 115.79 4.71
N THR TA 26 -15.89 115.99 3.47
CA THR TA 26 -15.09 117.16 3.11
C THR TA 26 -15.84 118.14 2.22
N GLU TA 27 -17.17 118.13 2.24
CA GLU TA 27 -17.92 119.11 1.48
C GLU TA 27 -17.74 120.50 2.10
N PRO TA 28 -17.86 121.57 1.31
CA PRO TA 28 -17.44 122.89 1.80
C PRO TA 28 -18.18 123.41 3.02
N ASN TA 29 -19.48 123.14 3.16
CA ASN TA 29 -20.26 123.78 4.22
C ASN TA 29 -20.56 122.85 5.37
N ASN TA 30 -19.62 121.99 5.72
CA ASN TA 30 -19.80 120.99 6.77
C ASN TA 30 -19.04 121.44 8.01
N LEU TA 31 -19.76 121.95 9.00
CA LEU TA 31 -19.17 122.14 10.31
C LEU TA 31 -18.95 120.78 10.94
N LYS TA 32 -17.82 120.64 11.65
CA LYS TA 32 -17.37 119.40 12.29
C LYS TA 32 -16.88 118.37 11.27
N ALA TA 33 -17.12 118.62 9.98
CA ALA TA 33 -16.61 117.80 8.88
C ALA TA 33 -16.94 116.32 9.07
N ARG TA 34 -18.15 116.04 9.55
CA ARG TA 34 -18.56 114.67 9.79
C ARG TA 34 -19.63 114.25 8.80
N ASN TA 35 -19.63 112.96 8.47
CA ASN TA 35 -20.63 112.39 7.58
C ASN TA 35 -21.90 112.19 8.39
N SER TA 36 -22.82 113.14 8.30
CA SER TA 36 -24.07 113.05 9.02
C SER TA 36 -25.14 113.86 8.30
N PHE TA 37 -26.39 113.49 8.51
CA PHE TA 37 -27.49 114.21 7.88
C PHE TA 37 -27.59 115.64 8.40
N ARG TA 38 -27.39 115.83 9.70
CA ARG TA 38 -27.52 117.15 10.28
C ARG TA 38 -26.44 118.10 9.79
N TYR TA 39 -25.21 117.62 9.64
CA TYR TA 39 -24.08 118.48 9.32
C TYR TA 39 -23.71 118.49 7.85
N ASN TA 40 -24.43 117.76 7.01
CA ASN TA 40 -24.12 117.77 5.58
C ASN TA 40 -24.38 119.16 5.01
N GLY TA 41 -23.44 119.66 4.21
CA GLY TA 41 -23.50 121.02 3.73
C GLY TA 41 -24.01 121.16 2.31
N LEU TA 42 -24.68 120.13 1.79
CA LEU TA 42 -25.13 120.17 0.41
C LEU TA 42 -26.62 119.84 0.30
N ILE TA 43 -27.13 118.99 1.19
CA ILE TA 43 -28.46 118.45 1.02
C ILE TA 43 -29.55 119.31 1.64
N HIS TA 44 -29.20 120.27 2.49
CA HIS TA 44 -30.21 121.02 3.21
C HIS TA 44 -30.58 122.30 2.47
N ARG TA 45 -31.83 122.72 2.65
CA ARG TA 45 -32.32 123.93 2.01
C ARG TA 45 -31.60 125.16 2.56
N LYS TA 46 -31.28 125.17 3.85
CA LYS TA 46 -30.48 126.23 4.44
C LYS TA 46 -29.29 125.59 5.13
N THR TA 47 -28.09 126.12 4.85
CA THR TA 47 -26.86 125.64 5.47
C THR TA 47 -26.02 126.84 5.88
N VAL TA 48 -25.15 126.62 6.85
CA VAL TA 48 -24.21 127.63 7.32
C VAL TA 48 -22.83 127.00 7.42
N GLY TA 49 -21.82 127.73 6.97
CA GLY TA 49 -20.44 127.27 7.06
C GLY TA 49 -19.54 128.41 7.47
N VAL TA 50 -18.45 128.05 8.14
CA VAL TA 50 -17.45 129.01 8.60
C VAL TA 50 -16.10 128.58 8.05
N GLU TA 51 -15.43 129.49 7.37
CA GLU TA 51 -14.15 129.22 6.74
C GLU TA 51 -13.15 130.29 7.14
N PRO TA 52 -11.86 130.01 7.06
CA PRO TA 52 -10.87 131.08 7.23
C PRO TA 52 -10.94 132.06 6.06
N ALA TA 53 -10.59 133.31 6.34
CA ALA TA 53 -10.57 134.32 5.30
C ALA TA 53 -9.42 134.07 4.34
N ALA TA 54 -9.48 134.74 3.19
CA ALA TA 54 -8.43 134.59 2.17
C ALA TA 54 -7.07 134.97 2.73
N ASP TA 55 -6.99 136.14 3.36
CA ASP TA 55 -5.84 136.46 4.18
C ASP TA 55 -6.00 135.80 5.55
N GLY TA 56 -4.88 135.53 6.19
CA GLY TA 56 -4.92 134.82 7.45
C GLY TA 56 -5.38 135.65 8.63
N LYS TA 57 -6.55 136.27 8.51
CA LYS TA 57 -7.13 137.03 9.60
C LYS TA 57 -8.63 137.15 9.38
N GLY TA 58 -9.41 136.93 10.43
CA GLY TA 58 -10.85 136.95 10.33
C GLY TA 58 -11.41 135.63 9.85
N VAL TA 59 -12.74 135.59 9.76
CA VAL TA 59 -13.45 134.42 9.26
C VAL TA 59 -14.42 134.87 8.18
N VAL TA 60 -14.85 133.90 7.38
CA VAL TA 60 -15.90 134.09 6.39
C VAL TA 60 -17.06 133.19 6.79
N VAL TA 61 -18.21 133.79 7.04
CA VAL TA 61 -19.43 133.06 7.33
C VAL TA 61 -20.27 133.05 6.07
N VAL TA 62 -20.59 131.86 5.59
CA VAL TA 62 -21.39 131.68 4.39
C VAL TA 62 -22.69 131.02 4.77
N ILE TA 63 -23.79 131.55 4.25
CA ILE TA 63 -25.11 130.97 4.49
C ILE TA 63 -25.80 130.77 3.16
N LYS TA 64 -26.66 129.76 3.10
CA LYS TA 64 -27.38 129.44 1.87
C LYS TA 64 -28.68 130.23 1.85
N ARG TA 65 -28.91 130.96 0.76
CA ARG TA 65 -30.15 131.71 0.62
C ARG TA 65 -31.31 130.76 0.30
N ARG TA 66 -32.53 131.29 0.40
CA ARG TA 66 -33.71 130.45 0.30
C ARG TA 66 -34.13 130.18 -1.14
N SER TA 67 -33.93 131.15 -2.04
CA SER TA 67 -34.59 131.08 -3.35
C SER TA 67 -33.83 130.17 -4.32
N GLY TA 68 -32.60 130.54 -4.67
CA GLY TA 68 -31.91 129.83 -5.73
C GLY TA 68 -31.32 128.50 -5.31
N GLN TA 69 -32.17 127.51 -5.05
CA GLN TA 69 -31.67 126.22 -4.61
C GLN TA 69 -30.98 125.47 -5.74
N ARG TA 70 -31.51 125.58 -6.96
CA ARG TA 70 -30.93 124.93 -8.13
C ARG TA 70 -29.92 125.79 -8.85
N LYS TA 71 -29.60 126.97 -8.31
CA LYS TA 71 -28.68 127.90 -8.95
C LYS TA 71 -27.44 128.07 -8.09
N PRO TA 72 -26.45 127.19 -8.22
CA PRO TA 72 -25.32 127.21 -7.28
C PRO TA 72 -24.45 128.46 -7.38
N ALA TA 73 -24.53 129.23 -8.45
CA ALA TA 73 -23.68 130.40 -8.58
C ALA TA 73 -24.06 131.50 -7.58
N THR TA 74 -25.36 131.65 -7.30
CA THR TA 74 -25.84 132.69 -6.42
C THR TA 74 -26.51 132.13 -5.16
N SER TA 75 -26.28 130.86 -4.86
CA SER TA 75 -26.97 130.20 -3.77
C SER TA 75 -26.38 130.55 -2.41
N TYR TA 76 -25.15 131.04 -2.35
CA TYR TA 76 -24.44 131.22 -1.10
C TYR TA 76 -24.05 132.69 -0.93
N VAL TA 77 -24.29 133.22 0.27
CA VAL TA 77 -23.95 134.59 0.62
C VAL TA 77 -22.86 134.54 1.67
N ARG TA 78 -21.75 135.21 1.39
CA ARG TA 78 -20.56 135.17 2.24
C ARG TA 78 -20.31 136.55 2.83
N THR TA 79 -20.16 136.61 4.15
CA THR TA 79 -19.75 137.82 4.85
C THR TA 79 -18.42 137.57 5.53
N THR TA 80 -17.60 138.60 5.63
CA THR TA 80 -16.30 138.49 6.27
C THR TA 80 -16.33 139.26 7.58
N ILE TA 81 -16.00 138.59 8.67
CA ILE TA 81 -15.95 139.19 10.00
C ILE TA 81 -14.50 139.19 10.44
N ASN TA 82 -13.95 140.39 10.65
CA ASN TA 82 -12.56 140.57 11.04
C ASN TA 82 -12.48 141.43 12.30
N LYS TA 83 -13.28 141.06 13.29
CA LYS TA 83 -13.32 141.73 14.57
C LYS TA 83 -12.52 140.92 15.59
N ASN TA 84 -12.62 141.31 16.86
CA ASN TA 84 -12.04 140.50 17.92
C ASN TA 84 -12.84 139.21 18.07
N ALA TA 85 -12.29 138.28 18.85
CA ALA TA 85 -12.88 136.95 18.95
C ALA TA 85 -14.26 136.99 19.56
N ARG TA 86 -14.44 137.76 20.64
CA ARG TA 86 -15.74 137.83 21.30
C ARG TA 86 -16.79 138.45 20.39
N ALA TA 87 -16.41 139.52 19.68
CA ALA TA 87 -17.34 140.16 18.76
C ALA TA 87 -17.69 139.24 17.60
N THR TA 88 -16.71 138.48 17.09
CA THR TA 88 -16.98 137.54 16.01
C THR TA 88 -17.94 136.44 16.44
N LEU TA 89 -17.72 135.89 17.64
CA LEU TA 89 -18.62 134.86 18.13
C LEU TA 89 -20.01 135.43 18.37
N SER TA 90 -20.10 136.66 18.85
CA SER TA 90 -21.40 137.30 19.02
C SER TA 90 -22.11 137.48 17.69
N SER TA 91 -21.37 137.89 16.65
CA SER TA 91 -21.97 138.06 15.33
C SER TA 91 -22.51 136.75 14.78
N ILE TA 92 -21.74 135.68 14.92
CA ILE TA 92 -22.20 134.37 14.44
C ILE TA 92 -23.39 133.88 15.24
N ARG TA 93 -23.36 134.10 16.56
CA ARG TA 93 -24.48 133.73 17.41
C ARG TA 93 -25.74 134.49 17.01
N HIS TA 94 -25.60 135.76 16.66
CA HIS TA 94 -26.77 136.53 16.25
C HIS TA 94 -27.27 136.11 14.87
N MET TA 95 -26.35 135.80 13.95
CA MET TA 95 -26.80 135.35 12.64
C MET TA 95 -27.54 134.03 12.71
N ILE TA 96 -27.14 133.14 13.61
CA ILE TA 96 -27.82 131.84 13.68
C ILE TA 96 -29.07 131.92 14.55
N ARG TA 97 -28.97 132.54 15.72
CA ARG TA 97 -30.05 132.47 16.69
C ARG TA 97 -31.15 133.48 16.40
N LYS TA 98 -30.78 134.75 16.18
CA LYS TA 98 -31.79 135.78 15.96
C LYS TA 98 -32.55 135.53 14.67
N ASN TA 99 -31.87 135.12 13.61
CA ASN TA 99 -32.54 134.80 12.36
C ASN TA 99 -33.28 133.47 12.41
N LYS TA 100 -33.06 132.67 13.45
CA LYS TA 100 -33.57 131.30 13.51
C LYS TA 100 -33.15 130.52 12.27
N TYR TA 101 -31.91 130.73 11.86
CA TYR TA 101 -31.33 130.09 10.68
C TYR TA 101 -30.53 128.90 11.16
N ARG TA 102 -31.18 127.74 11.18
CA ARG TA 102 -30.59 126.49 11.63
C ARG TA 102 -30.01 126.62 13.03
N PRO TA 103 -30.84 126.78 14.06
CA PRO TA 103 -30.31 126.96 15.42
C PRO TA 103 -29.57 125.75 15.96
N ASP TA 104 -29.71 124.60 15.33
CA ASP TA 104 -29.02 123.39 15.77
C ASP TA 104 -27.55 123.36 15.37
N LEU TA 105 -27.08 124.34 14.61
CA LEU TA 105 -25.67 124.44 14.22
C LEU TA 105 -24.96 125.58 14.93
N ARG TA 106 -25.59 126.21 15.93
CA ARG TA 106 -25.04 127.42 16.52
C ARG TA 106 -23.72 127.17 17.22
N MET TA 107 -23.68 126.18 18.12
CA MET TA 107 -22.44 125.92 18.85
C MET TA 107 -21.37 125.30 17.96
N ALA TA 108 -21.78 124.51 16.96
CA ALA TA 108 -20.81 123.99 16.01
C ALA TA 108 -20.12 125.13 15.26
N ALA TA 109 -20.90 126.11 14.81
CA ALA TA 109 -20.30 127.24 14.11
C ALA TA 109 -19.45 128.10 15.03
N ILE TA 110 -19.90 128.29 16.27
CA ILE TA 110 -19.12 129.10 17.22
C ILE TA 110 -17.80 128.42 17.53
N ARG TA 111 -17.82 127.10 17.76
CA ARG TA 111 -16.60 126.37 18.04
C ARG TA 111 -15.66 126.37 16.84
N ARG TA 112 -16.21 126.22 15.63
CA ARG TA 112 -15.36 126.25 14.45
C ARG TA 112 -14.72 127.63 14.25
N ALA TA 113 -15.49 128.69 14.49
CA ALA TA 113 -14.92 130.03 14.40
C ALA TA 113 -13.82 130.23 15.43
N SER TA 114 -14.03 129.73 16.65
CA SER TA 114 -13.00 129.82 17.67
C SER TA 114 -11.74 129.07 17.25
N ALA TA 115 -11.90 127.89 16.67
CA ALA TA 115 -10.76 127.13 16.20
C ALA TA 115 -10.00 127.87 15.11
N ILE TA 116 -10.74 128.47 14.17
CA ILE TA 116 -10.10 129.21 13.08
C ILE TA 116 -9.34 130.41 13.61
N LEU TA 117 -9.94 131.16 14.53
CA LEU TA 117 -9.27 132.34 15.08
C LEU TA 117 -8.04 131.95 15.90
N ARG TA 118 -8.13 130.87 16.66
CA ARG TA 118 -6.98 130.41 17.42
C ARG TA 118 -5.86 129.94 16.50
N SER TA 119 -6.21 129.33 15.37
CA SER TA 119 -5.20 128.95 14.40
C SER TA 119 -4.60 130.18 13.74
N GLN TA 120 -5.38 131.24 13.57
CA GLN TA 120 -4.91 132.43 12.89
C GLN TA 120 -4.00 133.27 13.76
N LYS TA 121 -4.22 133.31 15.07
CA LYS TA 121 -3.39 134.15 15.91
C LYS TA 121 -1.95 133.64 15.91
N PRO TA 122 -0.96 134.53 16.04
CA PRO TA 122 0.44 134.11 15.95
C PRO TA 122 0.82 133.15 17.07
N VAL TA 123 1.75 132.25 16.75
CA VAL TA 123 2.19 131.27 17.73
C VAL TA 123 3.03 131.95 18.81
N MET TA 124 3.21 131.23 19.91
CA MET TA 124 3.98 131.71 21.04
C MET TA 124 5.41 131.18 20.98
N VAL TA 125 6.23 131.59 21.95
CA VAL TA 125 7.60 131.11 22.04
C VAL TA 125 7.87 130.52 23.41
N ASP UA 1 -28.38 12.72 87.82
CA ASP UA 1 -27.70 11.49 88.22
C ASP UA 1 -26.69 11.75 89.31
N ARG UA 2 -25.81 12.73 89.09
CA ARG UA 2 -24.77 13.04 90.08
C ARG UA 2 -25.38 13.60 91.36
N ALA UA 3 -26.35 14.50 91.22
CA ALA UA 3 -26.99 15.08 92.41
C ALA UA 3 -27.73 14.01 93.21
N THR UA 4 -28.47 13.14 92.52
CA THR UA 4 -29.15 12.05 93.21
C THR UA 4 -28.17 11.10 93.87
N TRP UA 5 -27.05 10.84 93.19
CA TRP UA 5 -25.99 10.00 93.75
C TRP UA 5 -25.47 10.61 95.05
N LYS UA 6 -25.17 11.90 95.05
CA LYS UA 6 -24.63 12.53 96.24
C LYS UA 6 -25.66 12.61 97.36
N SER UA 7 -26.93 12.85 97.01
CA SER UA 7 -27.98 12.88 98.03
C SER UA 7 -28.18 11.51 98.66
N ASN UA 8 -28.22 10.46 97.84
CA ASN UA 8 -28.34 9.10 98.36
C ASN UA 8 -27.13 8.74 99.21
N TYR UA 9 -25.95 9.22 98.81
CA TYR UA 9 -24.75 8.97 99.58
C TYR UA 9 -24.84 9.66 100.95
N PHE UA 10 -25.33 10.89 100.99
CA PHE UA 10 -25.51 11.59 102.26
C PHE UA 10 -26.48 10.84 103.17
N LEU UA 11 -27.60 10.38 102.60
CA LEU UA 11 -28.56 9.61 103.39
C LEU UA 11 -27.92 8.32 103.92
N LYS UA 12 -27.15 7.64 103.08
CA LYS UA 12 -26.49 6.41 103.51
C LYS UA 12 -25.52 6.69 104.64
N ILE UA 13 -24.74 7.76 104.54
CA ILE UA 13 -23.76 8.06 105.58
C ILE UA 13 -24.46 8.39 106.89
N ILE UA 14 -25.49 9.23 106.84
CA ILE UA 14 -26.14 9.63 108.08
C ILE UA 14 -26.84 8.45 108.75
N GLN UA 15 -27.50 7.59 107.95
CA GLN UA 15 -28.15 6.43 108.55
C GLN UA 15 -27.13 5.44 109.10
N LEU UA 16 -25.99 5.27 108.42
CA LEU UA 16 -24.97 4.36 108.90
C LEU UA 16 -24.36 4.85 110.20
N LEU UA 17 -24.07 6.16 110.30
CA LEU UA 17 -23.44 6.67 111.51
C LEU UA 17 -24.44 6.71 112.66
N ASP UA 18 -25.73 6.86 112.36
CA ASP UA 18 -26.73 6.75 113.43
C ASP UA 18 -26.88 5.30 113.89
N ASP UA 19 -26.85 4.35 112.95
CA ASP UA 19 -27.04 2.95 113.31
C ASP UA 19 -25.87 2.41 114.11
N TYR UA 20 -24.64 2.64 113.64
CA TYR UA 20 -23.47 2.06 114.28
C TYR UA 20 -22.81 3.10 115.18
N PRO UA 21 -22.66 2.82 116.48
CA PRO UA 21 -22.06 3.80 117.39
C PRO UA 21 -20.55 3.72 117.52
N LYS UA 22 -19.92 2.65 117.04
CA LYS UA 22 -18.48 2.47 117.15
C LYS UA 22 -17.88 2.33 115.77
N CYS UA 23 -16.87 3.15 115.48
CA CYS UA 23 -16.25 3.16 114.17
C CYS UA 23 -14.77 3.48 114.29
N PHE UA 24 -13.96 2.79 113.52
CA PHE UA 24 -12.53 3.04 113.46
C PHE UA 24 -12.20 3.71 112.15
N ILE UA 25 -11.48 4.81 112.20
CA ILE UA 25 -11.03 5.48 110.99
C ILE UA 25 -9.73 4.83 110.55
N VAL UA 26 -9.66 4.46 109.28
CA VAL UA 26 -8.65 3.56 108.76
C VAL UA 26 -8.13 4.11 107.44
N GLY UA 27 -6.81 4.22 107.33
CA GLY UA 27 -6.18 4.69 106.11
C GLY UA 27 -6.02 3.58 105.09
N ALA UA 28 -6.24 3.95 103.83
CA ALA UA 28 -6.09 3.03 102.70
C ALA UA 28 -4.80 3.37 101.97
N ASP UA 29 -3.88 2.42 101.95
CA ASP UA 29 -2.62 2.56 101.22
C ASP UA 29 -2.86 2.13 99.77
N ASN UA 30 -1.79 1.84 99.03
CA ASN UA 30 -1.92 1.37 97.66
C ASN UA 30 -2.52 -0.02 97.69
N VAL UA 31 -3.85 -0.09 97.71
CA VAL UA 31 -4.59 -1.35 97.80
C VAL UA 31 -5.36 -1.55 96.50
N GLY UA 32 -5.60 -2.82 96.17
CA GLY UA 32 -6.25 -3.17 94.92
C GLY UA 32 -7.73 -3.46 95.07
N SER UA 33 -8.40 -3.54 93.91
CA SER UA 33 -9.83 -3.87 93.90
C SER UA 33 -10.08 -5.30 94.33
N LYS UA 34 -9.15 -6.21 94.03
CA LYS UA 34 -9.26 -7.57 94.55
C LYS UA 34 -9.19 -7.58 96.07
N GLN UA 35 -8.28 -6.78 96.65
CA GLN UA 35 -8.22 -6.68 98.09
C GLN UA 35 -9.49 -6.05 98.65
N MET UA 36 -10.06 -5.08 97.93
CA MET UA 36 -11.33 -4.49 98.35
C MET UA 36 -12.43 -5.53 98.40
N GLN UA 37 -12.52 -6.37 97.37
CA GLN UA 37 -13.53 -7.43 97.36
C GLN UA 37 -13.28 -8.45 98.48
N GLN UA 38 -12.01 -8.80 98.71
CA GLN UA 38 -11.68 -9.76 99.76
C GLN UA 38 -12.05 -9.23 101.14
N ILE UA 39 -11.71 -7.96 101.41
CA ILE UA 39 -12.06 -7.34 102.68
C ILE UA 39 -13.58 -7.24 102.82
N ARG UA 40 -14.27 -6.89 101.72
CA ARG UA 40 -15.73 -6.78 101.77
C ARG UA 40 -16.36 -8.11 102.14
N MET UA 41 -15.89 -9.20 101.52
CA MET UA 41 -16.44 -10.51 101.84
C MET UA 41 -16.07 -10.96 103.24
N SER UA 42 -14.84 -10.71 103.67
CA SER UA 42 -14.38 -11.16 104.98
C SER UA 42 -14.91 -10.33 106.13
N LEU UA 43 -15.44 -9.13 105.86
CA LEU UA 43 -15.92 -8.26 106.91
C LEU UA 43 -17.43 -8.07 106.91
N ARG UA 44 -18.11 -8.32 105.78
CA ARG UA 44 -19.54 -8.09 105.69
C ARG UA 44 -20.36 -9.01 106.59
N GLY UA 45 -19.76 -10.07 107.13
CA GLY UA 45 -20.49 -10.92 108.04
C GLY UA 45 -20.86 -10.25 109.35
N LYS UA 46 -19.93 -9.50 109.93
CA LYS UA 46 -20.11 -8.96 111.27
C LYS UA 46 -20.15 -7.43 111.35
N ALA UA 47 -19.52 -6.73 110.41
CA ALA UA 47 -19.43 -5.28 110.47
C ALA UA 47 -19.54 -4.75 109.04
N VAL UA 48 -19.37 -3.44 108.86
CA VAL UA 48 -19.40 -2.84 107.55
C VAL UA 48 -18.21 -1.90 107.40
N VAL UA 49 -17.81 -1.67 106.16
CA VAL UA 49 -16.68 -0.78 105.87
C VAL UA 49 -17.14 0.25 104.86
N LEU UA 50 -16.60 1.46 104.99
CA LEU UA 50 -17.02 2.62 104.20
C LEU UA 50 -15.76 3.33 103.74
N MET UA 51 -15.65 3.55 102.43
CA MET UA 51 -14.45 4.16 101.87
C MET UA 51 -14.87 4.97 100.63
N GLY UA 52 -15.11 6.26 100.83
CA GLY UA 52 -15.52 7.14 99.75
C GLY UA 52 -14.77 8.45 99.72
N LYS UA 53 -15.47 9.54 99.42
CA LYS UA 53 -14.85 10.85 99.29
C LYS UA 53 -14.75 11.53 100.65
N ASN UA 54 -13.56 12.04 100.95
CA ASN UA 54 -13.33 12.69 102.24
C ASN UA 54 -14.18 13.93 102.39
N THR UA 55 -14.38 14.68 101.31
CA THR UA 55 -15.25 15.86 101.40
C THR UA 55 -16.67 15.45 101.74
N MET UA 56 -17.17 14.38 101.12
CA MET UA 56 -18.44 13.79 101.52
C MET UA 56 -18.45 13.45 103.00
N MET UA 57 -17.37 12.83 103.49
CA MET UA 57 -17.32 12.41 104.88
C MET UA 57 -17.43 13.61 105.83
N ARG UA 58 -16.58 14.61 105.62
CA ARG UA 58 -16.59 15.78 106.50
C ARG UA 58 -17.91 16.53 106.41
N LYS UA 59 -18.47 16.70 105.21
CA LYS UA 59 -19.73 17.40 105.10
C LYS UA 59 -20.85 16.66 105.80
N ALA UA 60 -20.91 15.34 105.64
CA ALA UA 60 -21.95 14.56 106.29
C ALA UA 60 -21.82 14.60 107.81
N ILE UA 61 -20.60 14.48 108.34
CA ILE UA 61 -20.44 14.49 109.79
C ILE UA 61 -20.43 15.88 110.39
N ARG UA 62 -20.38 16.93 109.58
CA ARG UA 62 -20.41 18.29 110.06
C ARG UA 62 -21.79 18.93 109.98
N GLY UA 63 -22.42 18.89 108.80
CA GLY UA 63 -23.68 19.59 108.63
C GLY UA 63 -24.80 18.98 109.44
N HIS UA 64 -24.83 17.67 109.58
CA HIS UA 64 -25.88 16.96 110.30
C HIS UA 64 -25.36 16.41 111.63
N LEU UA 65 -24.52 17.21 112.30
CA LEU UA 65 -24.01 16.88 113.61
C LEU UA 65 -25.01 17.18 114.73
N GLU UA 66 -26.08 17.92 114.42
CA GLU UA 66 -27.02 18.34 115.46
C GLU UA 66 -27.77 17.16 116.08
N ASN UA 67 -27.80 16.01 115.41
CA ASN UA 67 -28.53 14.86 115.94
C ASN UA 67 -27.80 14.24 117.12
N ASN UA 68 -26.47 14.41 117.19
CA ASN UA 68 -25.72 13.90 118.33
C ASN UA 68 -24.44 14.69 118.53
N PRO UA 69 -24.15 15.15 119.75
CA PRO UA 69 -22.90 15.87 120.00
C PRO UA 69 -21.71 14.92 120.08
N ALA UA 70 -20.56 15.46 120.46
CA ALA UA 70 -19.32 14.68 120.61
C ALA UA 70 -18.94 13.99 119.31
N LEU UA 71 -18.95 14.76 118.22
CA LEU UA 71 -18.56 14.26 116.91
C LEU UA 71 -17.62 15.18 116.15
N GLU UA 72 -17.62 16.49 116.44
CA GLU UA 72 -16.84 17.46 115.70
C GLU UA 72 -15.34 17.31 115.89
N LYS UA 73 -14.91 16.54 116.89
CA LYS UA 73 -13.49 16.32 117.12
C LYS UA 73 -12.88 15.31 116.15
N LEU UA 74 -13.68 14.65 115.33
CA LEU UA 74 -13.14 13.91 114.19
C LEU UA 74 -12.75 14.83 113.05
N LEU UA 75 -13.45 15.96 112.90
CA LEU UA 75 -13.26 16.85 111.77
C LEU UA 75 -11.82 17.31 111.55
N PRO UA 76 -11.04 17.72 112.58
CA PRO UA 76 -9.66 18.13 112.29
C PRO UA 76 -8.70 16.96 112.16
N HIS UA 77 -9.23 15.74 112.00
CA HIS UA 77 -8.38 14.57 111.91
C HIS UA 77 -8.65 13.69 110.69
N ILE UA 78 -9.80 13.82 110.03
CA ILE UA 78 -10.10 13.00 108.86
C ILE UA 78 -9.44 13.61 107.63
N ARG UA 79 -8.22 13.17 107.33
CA ARG UA 79 -7.48 13.65 106.18
C ARG UA 79 -6.83 12.47 105.48
N GLY UA 80 -6.56 12.64 104.19
CA GLY UA 80 -5.90 11.60 103.42
C GLY UA 80 -6.84 10.50 103.00
N ASN UA 81 -6.25 9.47 102.39
CA ASN UA 81 -7.02 8.35 101.84
C ASN UA 81 -7.50 7.48 103.00
N VAL UA 82 -8.56 7.94 103.66
CA VAL UA 82 -9.07 7.31 104.87
C VAL UA 82 -10.57 7.07 104.74
N GLY UA 83 -11.06 6.12 105.54
CA GLY UA 83 -12.48 5.81 105.60
C GLY UA 83 -12.88 5.31 106.98
N PHE UA 84 -14.12 4.86 107.13
CA PHE UA 84 -14.63 4.44 108.42
C PHE UA 84 -15.11 2.99 108.36
N VAL UA 85 -14.65 2.17 109.29
CA VAL UA 85 -15.22 0.84 109.50
C VAL UA 85 -16.16 0.91 110.69
N PHE UA 86 -17.41 0.53 110.47
CA PHE UA 86 -18.45 0.58 111.50
C PHE UA 86 -18.65 -0.83 112.05
N THR UA 87 -18.51 -0.98 113.36
CA THR UA 87 -18.64 -2.29 113.98
C THR UA 87 -19.35 -2.16 115.32
N LYS UA 88 -19.99 -3.25 115.72
CA LYS UA 88 -20.56 -3.40 117.05
C LYS UA 88 -19.70 -4.29 117.94
N GLU UA 89 -18.60 -4.82 117.42
CA GLU UA 89 -17.66 -5.61 118.19
C GLU UA 89 -16.66 -4.68 118.89
N ASP UA 90 -15.59 -5.24 119.42
CA ASP UA 90 -14.63 -4.45 120.18
C ASP UA 90 -13.29 -4.32 119.46
N LEU UA 91 -12.46 -3.45 120.03
CA LEU UA 91 -11.27 -2.95 119.35
C LEU UA 91 -10.29 -4.08 119.05
N THR UA 92 -10.02 -4.95 120.02
CA THR UA 92 -9.05 -6.01 119.81
C THR UA 92 -9.54 -7.00 118.75
N GLU UA 93 -10.82 -7.38 118.80
CA GLU UA 93 -11.34 -8.33 117.83
C GLU UA 93 -11.35 -7.76 116.42
N ILE UA 94 -11.57 -6.45 116.26
CA ILE UA 94 -11.45 -5.88 114.92
C ILE UA 94 -9.99 -5.79 114.51
N ARG UA 95 -9.12 -5.32 115.41
CA ARG UA 95 -7.75 -4.99 115.04
C ARG UA 95 -6.95 -6.24 114.69
N ASP UA 96 -7.09 -7.31 115.48
CA ASP UA 96 -6.28 -8.50 115.19
C ASP UA 96 -6.65 -9.12 113.85
N MET UA 97 -7.96 -9.20 113.54
CA MET UA 97 -8.34 -9.80 112.27
C MET UA 97 -7.97 -8.89 111.10
N LEU UA 98 -8.09 -7.57 111.26
CA LEU UA 98 -7.76 -6.68 110.16
C LEU UA 98 -6.26 -6.58 109.94
N LEU UA 99 -5.47 -6.76 110.99
CA LEU UA 99 -4.02 -6.81 110.86
C LEU UA 99 -3.53 -8.18 110.41
N ALA UA 100 -4.35 -9.22 110.56
CA ALA UA 100 -3.98 -10.55 110.11
C ALA UA 100 -4.33 -10.81 108.65
N ASN UA 101 -5.46 -10.29 108.18
CA ASN UA 101 -5.87 -10.56 106.80
C ASN UA 101 -5.22 -9.60 105.82
N LYS UA 102 -3.89 -9.47 105.88
CA LYS UA 102 -3.15 -8.60 104.98
C LYS UA 102 -2.67 -9.40 103.78
N VAL UA 103 -3.15 -9.03 102.60
CA VAL UA 103 -2.76 -9.74 101.37
C VAL UA 103 -1.31 -9.42 101.06
N PRO UA 104 -0.49 -10.41 100.71
CA PRO UA 104 0.91 -10.13 100.38
C PRO UA 104 1.06 -9.45 99.01
N ALA UA 105 0.94 -8.13 99.01
CA ALA UA 105 1.08 -7.37 97.78
C ALA UA 105 2.46 -7.54 97.17
N ALA UA 106 2.51 -7.59 95.85
CA ALA UA 106 3.75 -7.82 95.12
C ALA UA 106 4.52 -6.51 94.98
N ALA UA 107 5.55 -6.51 94.14
CA ALA UA 107 6.38 -5.34 93.91
C ALA UA 107 5.94 -4.69 92.58
N ARG UA 108 4.94 -3.84 92.68
CA ARG UA 108 4.47 -3.11 91.51
C ARG UA 108 5.51 -2.09 91.07
N ALA UA 109 5.66 -1.94 89.75
CA ALA UA 109 6.63 -0.98 89.21
C ALA UA 109 6.19 0.44 89.53
N GLY UA 110 7.14 1.27 89.94
CA GLY UA 110 6.84 2.64 90.30
C GLY UA 110 6.36 2.86 91.71
N ALA UA 111 6.54 1.88 92.59
CA ALA UA 111 6.07 1.97 93.96
C ALA UA 111 7.24 2.03 94.93
N ILE UA 112 7.16 2.93 95.90
CA ILE UA 112 8.20 3.05 96.91
C ILE UA 112 8.13 1.86 97.87
N ALA UA 113 9.29 1.46 98.38
CA ALA UA 113 9.40 0.32 99.29
C ALA UA 113 10.14 0.73 100.55
N PRO UA 114 9.43 1.26 101.54
CA PRO UA 114 10.07 1.57 102.82
C PRO UA 114 10.67 0.36 103.52
N CYS UA 115 10.05 -0.81 103.36
CA CYS UA 115 10.61 -2.03 103.94
C CYS UA 115 11.80 -2.53 103.12
N GLU UA 116 12.59 -3.40 103.71
CA GLU UA 116 13.79 -3.95 103.09
C GLU UA 116 13.67 -5.46 103.00
N VAL UA 117 14.02 -6.01 101.84
CA VAL UA 117 14.09 -7.45 101.62
C VAL UA 117 15.38 -7.77 100.88
N THR UA 118 15.82 -9.01 101.00
CA THR UA 118 17.04 -9.46 100.35
C THR UA 118 16.86 -10.90 99.90
N VAL UA 119 17.16 -11.17 98.63
CA VAL UA 119 17.04 -12.52 98.08
C VAL UA 119 18.12 -13.40 98.70
N PRO UA 120 17.82 -14.64 99.09
CA PRO UA 120 18.85 -15.54 99.58
C PRO UA 120 19.52 -16.32 98.47
N ALA UA 121 20.42 -17.23 98.83
CA ALA UA 121 21.06 -18.13 97.86
C ALA UA 121 20.30 -19.43 97.84
N GLN UA 122 19.43 -19.59 96.84
CA GLN UA 122 18.63 -20.80 96.72
C GLN UA 122 18.28 -21.01 95.25
N ASN UA 123 17.88 -22.25 94.94
CA ASN UA 123 17.50 -22.59 93.58
C ASN UA 123 16.21 -21.87 93.20
N THR UA 124 16.15 -21.41 91.94
CA THR UA 124 14.94 -20.73 91.47
C THR UA 124 13.81 -21.71 91.22
N GLY UA 125 14.11 -22.89 90.69
CA GLY UA 125 13.11 -23.87 90.36
C GLY UA 125 12.47 -23.73 89.00
N LEU UA 126 12.86 -22.71 88.24
CA LEU UA 126 12.31 -22.48 86.91
C LEU UA 126 13.32 -22.94 85.85
N GLY UA 127 12.86 -22.99 84.61
CA GLY UA 127 13.71 -23.41 83.50
C GLY UA 127 14.84 -22.42 83.25
N PRO UA 128 15.95 -22.91 82.66
CA PRO UA 128 17.13 -22.08 82.41
C PRO UA 128 17.04 -21.25 81.13
N GLU UA 129 15.89 -20.59 80.94
CA GLU UA 129 15.69 -19.69 79.81
C GLU UA 129 15.31 -18.28 80.26
N LYS UA 130 15.55 -17.97 81.53
CA LYS UA 130 15.25 -16.65 82.09
C LYS UA 130 16.50 -16.00 82.66
N THR UA 131 17.68 -16.36 82.15
CA THR UA 131 18.92 -15.77 82.61
C THR UA 131 19.11 -14.34 82.15
N SER UA 132 18.28 -13.86 81.22
CA SER UA 132 18.46 -12.52 80.66
C SER UA 132 18.26 -11.44 81.71
N PHE UA 133 17.21 -11.58 82.53
CA PHE UA 133 16.97 -10.59 83.58
C PHE UA 133 18.07 -10.60 84.62
N PHE UA 134 18.53 -11.80 85.01
CA PHE UA 134 19.62 -11.91 85.98
C PHE UA 134 20.89 -11.27 85.46
N GLN UA 135 21.23 -11.50 84.19
CA GLN UA 135 22.45 -10.94 83.64
C GLN UA 135 22.33 -9.44 83.45
N ALA UA 136 21.15 -8.94 83.09
CA ALA UA 136 20.95 -7.51 82.97
C ALA UA 136 21.07 -6.82 84.32
N LEU UA 137 20.52 -7.43 85.37
CA LEU UA 137 20.66 -6.85 86.71
C LEU UA 137 22.08 -6.98 87.23
N GLY UA 138 22.83 -7.99 86.77
CA GLY UA 138 24.18 -8.20 87.24
C GLY UA 138 24.27 -9.32 88.26
N ILE UA 139 23.55 -10.42 88.00
CA ILE UA 139 23.46 -11.54 88.92
C ILE UA 139 24.19 -12.73 88.29
N THR UA 140 25.13 -13.31 89.03
CA THR UA 140 25.89 -14.45 88.56
C THR UA 140 25.09 -15.72 88.80
N THR UA 141 24.59 -16.32 87.72
CA THR UA 141 23.81 -17.55 87.79
C THR UA 141 24.42 -18.58 86.84
N LYS UA 142 24.37 -19.84 87.26
CA LYS UA 142 24.98 -20.92 86.49
C LYS UA 142 24.02 -22.11 86.46
N ILE UA 143 24.19 -22.95 85.44
CA ILE UA 143 23.31 -24.10 85.26
C ILE UA 143 23.61 -25.16 86.32
N SER UA 144 22.54 -25.74 86.88
CA SER UA 144 22.67 -26.78 87.88
C SER UA 144 21.39 -27.61 87.86
N ARG UA 145 21.50 -28.86 87.40
CA ARG UA 145 20.38 -29.80 87.34
C ARG UA 145 19.23 -29.27 86.49
N GLY UA 146 19.56 -28.48 85.47
CA GLY UA 146 18.52 -27.90 84.63
C GLY UA 146 17.74 -26.78 85.28
N THR UA 147 18.28 -26.16 86.32
CA THR UA 147 17.61 -25.07 87.01
C THR UA 147 18.63 -23.98 87.32
N ILE UA 148 18.11 -22.77 87.53
CA ILE UA 148 18.94 -21.59 87.79
C ILE UA 148 19.21 -21.49 89.28
N GLU UA 149 20.48 -21.33 89.64
CA GLU UA 149 20.91 -21.29 91.04
C GLU UA 149 21.60 -19.98 91.33
N ILE UA 150 21.30 -19.41 92.51
CA ILE UA 150 21.92 -18.17 92.96
C ILE UA 150 23.14 -18.56 93.79
N LEU UA 151 24.33 -18.40 93.22
CA LEU UA 151 25.55 -18.85 93.86
C LEU UA 151 26.08 -17.90 94.93
N SER UA 152 25.58 -16.66 94.96
CA SER UA 152 26.08 -15.69 95.91
C SER UA 152 24.95 -14.77 96.36
N ASP UA 153 25.00 -14.36 97.62
CA ASP UA 153 24.04 -13.39 98.14
C ASP UA 153 24.35 -12.00 97.60
N VAL UA 154 23.33 -11.32 97.09
CA VAL UA 154 23.50 -10.01 96.47
C VAL UA 154 22.45 -9.07 97.06
N GLN UA 155 22.77 -7.78 97.05
CA GLN UA 155 21.85 -6.76 97.56
C GLN UA 155 20.76 -6.50 96.53
N LEU UA 156 19.51 -6.75 96.92
CA LEU UA 156 18.38 -6.60 96.00
C LEU UA 156 17.79 -5.18 96.05
N ILE UA 157 17.41 -4.72 97.24
CA ILE UA 157 16.75 -3.42 97.37
C ILE UA 157 17.08 -2.85 98.74
N LYS UA 158 17.12 -1.52 98.80
CA LYS UA 158 17.28 -0.78 100.05
C LYS UA 158 15.94 -0.13 100.42
N THR UA 159 15.95 0.58 101.54
CA THR UA 159 14.74 1.24 102.02
C THR UA 159 14.57 2.59 101.33
N GLY UA 160 13.32 2.91 100.99
CA GLY UA 160 12.99 4.20 100.42
C GLY UA 160 13.61 4.50 99.08
N ASP UA 161 13.53 3.55 98.15
CA ASP UA 161 14.06 3.74 96.80
C ASP UA 161 13.05 3.22 95.78
N LYS UA 162 13.13 3.78 94.58
CA LYS UA 162 12.25 3.39 93.50
C LYS UA 162 12.63 2.01 92.96
N VAL UA 163 11.61 1.26 92.53
CA VAL UA 163 11.79 -0.09 92.01
C VAL UA 163 11.80 -0.03 90.49
N GLY UA 164 12.85 -0.55 89.87
CA GLY UA 164 12.93 -0.61 88.44
C GLY UA 164 12.07 -1.71 87.84
N ALA UA 165 11.88 -1.63 86.52
CA ALA UA 165 11.05 -2.62 85.83
C ALA UA 165 11.69 -4.01 85.86
N SER UA 166 13.02 -4.07 85.69
CA SER UA 166 13.70 -5.37 85.74
C SER UA 166 13.60 -5.99 87.13
N GLU UA 167 13.79 -5.18 88.18
CA GLU UA 167 13.64 -5.67 89.54
C GLU UA 167 12.21 -6.12 89.82
N ALA UA 168 11.23 -5.36 89.33
CA ALA UA 168 9.83 -5.71 89.54
C ALA UA 168 9.47 -7.01 88.86
N THR UA 169 9.91 -7.21 87.60
CA THR UA 169 9.62 -8.46 86.92
C THR UA 169 10.42 -9.63 87.50
N LEU UA 170 11.62 -9.36 88.05
CA LEU UA 170 12.36 -10.40 88.74
C LEU UA 170 11.63 -10.87 89.98
N LEU UA 171 11.14 -9.93 90.79
CA LEU UA 171 10.36 -10.30 91.97
C LEU UA 171 9.02 -10.90 91.60
N ASN UA 172 8.48 -10.57 90.43
CA ASN UA 172 7.26 -11.21 89.95
C ASN UA 172 7.49 -12.67 89.61
N MET UA 173 8.58 -12.97 88.88
CA MET UA 173 8.86 -14.34 88.49
C MET UA 173 9.50 -15.17 89.58
N LEU UA 174 10.06 -14.53 90.62
CA LEU UA 174 10.75 -15.26 91.66
C LEU UA 174 9.81 -16.02 92.59
N ASN UA 175 8.53 -15.64 92.62
CA ASN UA 175 7.52 -16.28 93.48
C ASN UA 175 7.92 -16.23 94.95
N ILE UA 176 8.44 -15.09 95.38
CA ILE UA 176 8.84 -14.90 96.77
C ILE UA 176 7.92 -13.86 97.41
N SER UA 177 8.15 -13.58 98.69
CA SER UA 177 7.32 -12.62 99.41
C SER UA 177 8.01 -11.26 99.41
N PRO UA 178 7.52 -10.28 98.66
CA PRO UA 178 8.12 -8.95 98.68
C PRO UA 178 7.51 -8.07 99.76
N PHE UA 179 7.93 -6.81 99.80
CA PHE UA 179 7.33 -5.84 100.70
C PHE UA 179 5.83 -5.71 100.40
N SER UA 180 5.01 -5.70 101.44
CA SER UA 180 3.57 -5.68 101.28
C SER UA 180 2.94 -4.73 102.28
N PHE UA 181 1.76 -4.23 101.94
CA PHE UA 181 1.04 -3.30 102.78
C PHE UA 181 -0.45 -3.39 102.45
N GLY UA 182 -1.27 -2.86 103.35
CA GLY UA 182 -2.71 -2.90 103.16
C GLY UA 182 -3.46 -1.86 103.96
N LEU UA 183 -4.74 -2.14 104.23
CA LEU UA 183 -5.61 -1.21 104.94
C LEU UA 183 -5.22 -1.16 106.41
N VAL UA 184 -4.77 0.00 106.88
CA VAL UA 184 -4.17 0.11 108.21
C VAL UA 184 -4.95 1.14 109.04
N ILE UA 185 -5.34 0.76 110.25
CA ILE UA 185 -6.18 1.61 111.08
C ILE UA 185 -5.40 2.85 111.49
N GLN UA 186 -5.98 4.03 111.26
CA GLN UA 186 -5.38 5.27 111.73
C GLN UA 186 -5.68 5.51 113.20
N GLN UA 187 -6.98 5.53 113.56
CA GLN UA 187 -7.35 5.66 114.96
C GLN UA 187 -8.79 5.18 115.13
N VAL UA 188 -9.30 5.28 116.36
CA VAL UA 188 -10.57 4.69 116.73
C VAL UA 188 -11.55 5.79 117.13
N PHE UA 189 -12.83 5.41 117.25
CA PHE UA 189 -13.86 6.34 117.72
C PHE UA 189 -14.98 5.50 118.33
N ASP UA 190 -15.01 5.45 119.66
CA ASP UA 190 -16.01 4.70 120.41
C ASP UA 190 -16.82 5.69 121.23
N ASN UA 191 -17.92 6.17 120.65
CA ASN UA 191 -18.85 7.09 121.32
C ASN UA 191 -18.14 8.35 121.82
N GLY UA 192 -17.20 8.85 121.02
CA GLY UA 192 -16.48 10.05 121.39
C GLY UA 192 -15.19 9.78 122.15
N SER UA 193 -14.32 8.96 121.58
CA SER UA 193 -13.05 8.64 122.21
C SER UA 193 -12.00 8.37 121.14
N ILE UA 194 -10.80 8.91 121.35
CA ILE UA 194 -9.71 8.80 120.38
C ILE UA 194 -8.57 8.05 121.04
N TYR UA 195 -8.18 6.92 120.44
CA TYR UA 195 -7.04 6.14 120.90
C TYR UA 195 -6.26 5.71 119.66
N ASN UA 196 -5.31 4.79 119.84
CA ASN UA 196 -4.50 4.28 118.74
C ASN UA 196 -5.35 3.45 117.79
N PRO VA 1 4.91 -29.91 94.18
CA PRO VA 1 3.68 -30.03 93.40
C PRO VA 1 3.73 -31.18 92.38
N ASN VA 2 4.32 -32.30 92.79
CA ASN VA 2 4.46 -33.49 91.95
C ASN VA 2 5.24 -33.20 90.66
N GLU VA 3 6.13 -32.20 90.72
CA GLU VA 3 7.04 -31.78 89.66
C GLU VA 3 6.35 -31.22 88.43
N ILE VA 4 5.02 -31.20 88.40
CA ILE VA 4 4.27 -30.70 87.25
C ILE VA 4 2.84 -30.43 87.72
N LYS VA 5 2.23 -29.39 87.15
CA LYS VA 5 0.88 -29.01 87.54
C LYS VA 5 0.11 -28.58 86.31
N VAL VA 6 -1.21 -28.67 86.41
CA VAL VA 6 -2.11 -28.60 85.26
C VAL VA 6 -3.13 -27.48 85.47
N VAL VA 7 -2.71 -26.41 86.15
CA VAL VA 7 -3.62 -25.31 86.51
C VAL VA 7 -4.25 -24.67 85.29
N TYR VA 8 -3.59 -24.75 84.13
CA TYR VA 8 -4.02 -24.05 82.93
C TYR VA 8 -5.42 -24.47 82.51
N LEU VA 9 -6.16 -23.52 81.93
CA LEU VA 9 -7.51 -23.72 81.47
C LEU VA 9 -7.53 -24.14 80.00
N ARG VA 10 -8.73 -24.46 79.50
CA ARG VA 10 -8.92 -24.75 78.10
C ARG VA 10 -10.18 -24.04 77.61
N CYS VA 11 -10.23 -23.77 76.31
CA CYS VA 11 -11.38 -23.14 75.67
C CYS VA 11 -11.82 -23.93 74.45
N THR VA 12 -11.84 -25.25 74.57
CA THR VA 12 -12.26 -26.13 73.48
C THR VA 12 -13.47 -26.95 73.91
N GLY VA 13 -14.34 -27.24 72.95
CA GLY VA 13 -15.54 -28.00 73.25
C GLY VA 13 -16.36 -28.19 71.99
N GLY VA 14 -17.43 -28.98 72.14
CA GLY VA 14 -18.28 -29.31 71.01
C GLY VA 14 -17.70 -30.44 70.18
N GLU VA 15 -17.14 -30.10 69.02
CA GLU VA 15 -16.45 -31.09 68.21
C GLU VA 15 -15.20 -31.56 68.92
N VAL VA 16 -14.80 -32.81 68.64
CA VAL VA 16 -13.62 -33.39 69.27
C VAL VA 16 -12.37 -32.60 68.89
N GLY VA 17 -12.17 -32.36 67.59
CA GLY VA 17 -11.07 -31.54 67.14
C GLY VA 17 -9.72 -32.25 67.17
N ALA VA 18 -9.20 -32.48 68.38
CA ALA VA 18 -7.92 -33.16 68.61
C ALA VA 18 -6.78 -32.46 67.87
N THR VA 19 -6.44 -32.94 66.67
CA THR VA 19 -5.35 -32.33 65.91
C THR VA 19 -5.68 -30.90 65.50
N SER VA 20 -6.93 -30.66 65.10
CA SER VA 20 -7.34 -29.30 64.73
C SER VA 20 -7.34 -28.38 65.94
N ALA VA 21 -7.56 -28.92 67.14
CA ALA VA 21 -7.55 -28.11 68.34
C ALA VA 21 -6.13 -27.74 68.72
N LEU VA 22 -6.01 -26.78 69.63
CA LEU VA 22 -4.72 -26.29 70.10
C LEU VA 22 -4.16 -27.09 71.26
N ALA VA 23 -4.84 -28.16 71.67
CA ALA VA 23 -4.30 -29.02 72.73
C ALA VA 23 -2.89 -29.53 72.45
N PRO VA 24 -2.52 -29.93 71.22
CA PRO VA 24 -1.09 -30.17 70.96
C PRO VA 24 -0.22 -28.93 71.13
N LYS VA 25 -0.78 -27.71 71.03
CA LYS VA 25 0.03 -26.53 71.29
C LYS VA 25 0.23 -26.31 72.78
N ILE VA 26 -0.77 -26.62 73.61
CA ILE VA 26 -0.53 -26.63 75.05
C ILE VA 26 0.45 -27.73 75.43
N GLY VA 27 0.41 -28.87 74.73
CA GLY VA 27 1.19 -30.05 75.05
C GLY VA 27 2.61 -29.84 75.57
N PRO VA 28 3.43 -29.08 74.84
CA PRO VA 28 4.82 -28.84 75.31
C PRO VA 28 4.94 -28.14 76.65
N LEU VA 29 3.84 -27.69 77.26
CA LEU VA 29 3.93 -27.09 78.58
C LEU VA 29 4.15 -28.14 79.66
N GLY VA 30 3.53 -29.30 79.52
CA GLY VA 30 3.62 -30.33 80.54
C GLY VA 30 4.17 -31.66 80.07
N LEU VA 31 4.01 -31.95 78.78
CA LEU VA 31 4.51 -33.16 78.11
C LEU VA 31 3.80 -34.43 78.57
N SER VA 32 2.91 -34.33 79.55
CA SER VA 32 2.21 -35.51 80.06
C SER VA 32 1.03 -35.92 79.19
N PRO VA 33 0.01 -35.04 78.92
CA PRO VA 33 -1.19 -35.53 78.24
C PRO VA 33 -0.96 -36.01 76.82
N LYS VA 34 -0.45 -35.14 75.96
CA LYS VA 34 -0.23 -35.39 74.53
C LYS VA 34 -1.56 -35.78 73.90
N LYS VA 35 -1.51 -36.54 72.79
CA LYS VA 35 -2.74 -36.95 72.13
C LYS VA 35 -3.54 -37.94 72.97
N VAL VA 36 -2.84 -38.90 73.60
CA VAL VA 36 -3.51 -39.84 74.49
C VAL VA 36 -4.10 -39.17 75.72
N GLY VA 37 -3.75 -37.90 75.96
CA GLY VA 37 -4.35 -37.14 77.04
C GLY VA 37 -5.51 -36.27 76.59
N ASP VA 38 -5.35 -35.56 75.48
CA ASP VA 38 -6.43 -34.68 75.06
C ASP VA 38 -7.60 -35.46 74.49
N ASP VA 39 -7.35 -36.62 73.88
CA ASP VA 39 -8.47 -37.45 73.42
C ASP VA 39 -9.31 -37.95 74.58
N ILE VA 40 -8.65 -38.44 75.65
CA ILE VA 40 -9.41 -38.94 76.78
C ILE VA 40 -10.01 -37.80 77.60
N ALA VA 41 -9.45 -36.60 77.53
CA ALA VA 41 -10.12 -35.45 78.12
C ALA VA 41 -11.39 -35.09 77.35
N LYS VA 42 -11.30 -35.08 76.02
CA LYS VA 42 -12.47 -34.76 75.21
C LYS VA 42 -13.54 -35.85 75.31
N ALA VA 43 -13.13 -37.09 75.59
CA ALA VA 43 -14.11 -38.17 75.74
C ALA VA 43 -15.11 -37.86 76.85
N THR VA 44 -14.64 -37.30 77.96
CA THR VA 44 -15.54 -36.85 79.02
C THR VA 44 -16.02 -35.43 78.83
N GLY VA 45 -15.34 -34.64 78.01
CA GLY VA 45 -15.76 -33.28 77.73
C GLY VA 45 -16.61 -33.10 76.49
N ASP VA 46 -17.14 -34.18 75.92
CA ASP VA 46 -18.00 -34.06 74.75
C ASP VA 46 -19.25 -33.23 75.05
N TRP VA 47 -19.86 -33.47 76.21
CA TRP VA 47 -21.02 -32.71 76.64
C TRP VA 47 -20.69 -31.91 77.91
N LYS VA 48 -21.72 -31.25 78.44
CA LYS VA 48 -21.60 -30.33 79.57
C LYS VA 48 -20.53 -29.26 79.31
N GLY VA 49 -20.76 -28.43 78.30
CA GLY VA 49 -21.87 -28.37 77.35
C GLY VA 49 -21.43 -28.80 75.95
N LEU VA 50 -22.23 -28.42 74.95
CA LEU VA 50 -21.91 -28.68 73.56
C LEU VA 50 -21.31 -27.43 72.89
N ARG VA 51 -20.80 -26.51 73.68
CA ARG VA 51 -20.30 -25.22 73.25
C ARG VA 51 -18.79 -25.14 73.54
N ILE VA 52 -18.26 -23.91 73.45
CA ILE VA 52 -16.83 -23.68 73.65
C ILE VA 52 -16.36 -24.30 74.96
N THR VA 53 -17.18 -24.22 76.01
CA THR VA 53 -17.02 -25.00 77.25
C THR VA 53 -15.65 -24.76 77.88
N VAL VA 54 -15.46 -23.52 78.34
CA VAL VA 54 -14.26 -23.19 79.08
C VAL VA 54 -14.25 -23.99 80.38
N LYS VA 55 -13.23 -24.82 80.57
CA LYS VA 55 -13.21 -25.78 81.66
C LYS VA 55 -11.79 -26.02 82.10
N LEU VA 56 -11.66 -26.49 83.35
CA LEU VA 56 -10.36 -26.78 83.96
C LEU VA 56 -10.18 -28.29 84.04
N THR VA 57 -8.93 -28.73 84.01
CA THR VA 57 -8.62 -30.14 84.10
C THR VA 57 -7.62 -30.38 85.24
N ILE VA 58 -7.70 -31.58 85.82
CA ILE VA 58 -6.84 -32.01 86.90
C ILE VA 58 -6.15 -33.31 86.47
N GLN VA 59 -4.83 -33.34 86.64
CA GLN VA 59 -4.00 -34.43 86.12
C GLN VA 59 -3.65 -35.40 87.25
N ASN VA 60 -3.82 -36.69 86.97
CA ASN VA 60 -3.42 -37.76 87.89
C ASN VA 60 -2.17 -38.48 87.41
N ARG VA 61 -1.36 -37.81 86.58
CA ARG VA 61 -0.08 -38.29 86.05
C ARG VA 61 -0.24 -39.37 85.00
N GLN VA 62 -1.46 -39.87 84.83
CA GLN VA 62 -1.79 -40.80 83.76
C GLN VA 62 -3.05 -40.39 83.01
N ALA VA 63 -4.05 -39.87 83.72
CA ALA VA 63 -5.33 -39.49 83.12
C ALA VA 63 -5.77 -38.17 83.72
N GLN VA 64 -6.66 -37.49 83.00
CA GLN VA 64 -7.16 -36.18 83.39
C GLN VA 64 -8.65 -36.23 83.67
N ILE VA 65 -9.07 -35.59 84.75
CA ILE VA 65 -10.47 -35.35 85.03
C ILE VA 65 -10.77 -33.89 84.67
N GLU VA 66 -12.03 -33.59 84.38
CA GLU VA 66 -12.40 -32.27 83.88
C GLU VA 66 -13.56 -31.73 84.69
N VAL VA 67 -13.44 -30.47 85.12
CA VAL VA 67 -14.50 -29.76 85.80
C VAL VA 67 -14.83 -28.51 85.01
N VAL VA 68 -16.11 -28.31 84.72
CA VAL VA 68 -16.58 -27.19 83.92
C VAL VA 68 -17.20 -26.16 84.87
N PRO VA 69 -16.62 -24.96 84.99
CA PRO VA 69 -17.25 -23.92 85.79
C PRO VA 69 -18.62 -23.55 85.23
N SER VA 70 -19.55 -23.23 86.13
CA SER VA 70 -20.93 -22.93 85.75
C SER VA 70 -21.00 -21.52 85.18
N ALA VA 71 -20.46 -21.39 83.97
CA ALA VA 71 -20.59 -20.14 83.24
C ALA VA 71 -22.04 -19.93 82.81
N SER VA 72 -22.53 -18.71 82.97
CA SER VA 72 -23.95 -18.43 82.73
C SER VA 72 -24.33 -18.67 81.28
N ALA VA 73 -23.58 -18.07 80.35
CA ALA VA 73 -23.89 -18.23 78.94
C ALA VA 73 -23.67 -19.67 78.48
N LEU VA 74 -22.62 -20.32 79.01
CA LEU VA 74 -22.36 -21.71 78.66
C LEU VA 74 -23.52 -22.61 79.07
N ILE VA 75 -23.98 -22.47 80.32
CA ILE VA 75 -25.05 -23.35 80.80
C ILE VA 75 -26.37 -23.02 80.13
N ILE VA 76 -26.62 -21.74 79.82
CA ILE VA 76 -27.88 -21.42 79.16
C ILE VA 76 -27.87 -21.88 77.70
N LYS VA 77 -26.71 -21.87 77.03
CA LYS VA 77 -26.66 -22.39 75.68
C LYS VA 77 -26.73 -23.92 75.68
N ALA VA 78 -26.22 -24.56 76.73
CA ALA VA 78 -26.42 -25.99 76.89
C ALA VA 78 -27.89 -26.32 77.11
N LEU VA 79 -28.59 -25.49 77.90
CA LEU VA 79 -30.02 -25.69 78.12
C LEU VA 79 -30.80 -25.49 76.83
N LYS VA 80 -30.47 -24.46 76.07
CA LYS VA 80 -31.17 -24.17 74.82
C LYS VA 80 -30.81 -25.20 73.76
N GLU VA 81 -31.70 -25.35 72.78
CA GLU VA 81 -31.51 -26.33 71.72
C GLU VA 81 -31.84 -25.73 70.35
N ILE VA 98 -40.68 -16.88 75.98
CA ILE VA 98 -40.61 -17.93 76.99
C ILE VA 98 -39.87 -17.42 78.23
N THR VA 99 -40.29 -17.92 79.39
CA THR VA 99 -39.74 -17.46 80.67
C THR VA 99 -38.66 -18.40 81.20
N PHE VA 100 -38.98 -19.70 81.27
CA PHE VA 100 -38.12 -20.74 81.85
C PHE VA 100 -37.41 -20.27 83.12
N ASP VA 101 -38.20 -19.73 84.04
CA ASP VA 101 -37.64 -19.14 85.26
C ASP VA 101 -37.02 -20.20 86.16
N GLU VA 102 -37.64 -21.37 86.27
CA GLU VA 102 -37.19 -22.35 87.25
C GLU VA 102 -35.82 -22.94 86.90
N ILE VA 103 -35.53 -23.12 85.61
CA ILE VA 103 -34.25 -23.73 85.25
C ILE VA 103 -33.10 -22.77 85.56
N VAL VA 104 -33.30 -21.47 85.33
CA VAL VA 104 -32.25 -20.52 85.69
C VAL VA 104 -32.20 -20.31 87.20
N ASN VA 105 -33.32 -20.49 87.90
CA ASN VA 105 -33.28 -20.45 89.37
C ASN VA 105 -32.46 -21.61 89.93
N ILE VA 106 -32.57 -22.79 89.33
CA ILE VA 106 -31.87 -23.97 89.84
C ILE VA 106 -30.47 -24.13 89.26
N ALA VA 107 -30.14 -23.44 88.16
CA ALA VA 107 -28.82 -23.59 87.57
C ALA VA 107 -27.73 -22.88 88.37
N ARG VA 108 -28.10 -21.90 89.19
CA ARG VA 108 -27.13 -21.16 89.99
C ARG VA 108 -26.86 -21.80 91.35
N GLN VA 109 -27.51 -22.93 91.66
CA GLN VA 109 -27.33 -23.53 92.98
C GLN VA 109 -25.94 -24.14 93.14
N MET VA 110 -25.42 -24.76 92.09
CA MET VA 110 -24.18 -25.50 92.17
C MET VA 110 -22.97 -24.70 91.69
N ARG VA 111 -23.13 -23.41 91.43
CA ARG VA 111 -22.02 -22.58 90.98
C ARG VA 111 -21.20 -22.07 92.17
N HIS VA 112 -20.16 -21.30 91.86
CA HIS VA 112 -19.35 -20.69 92.91
C HIS VA 112 -20.16 -19.70 93.72
N ARG VA 113 -21.06 -18.96 93.05
CA ARG VA 113 -22.08 -18.13 93.69
C ARG VA 113 -21.48 -17.03 94.55
N SER VA 114 -20.36 -16.45 94.10
CA SER VA 114 -19.74 -15.34 94.82
C SER VA 114 -20.22 -14.00 94.26
N LEU VA 115 -19.90 -13.72 93.00
CA LEU VA 115 -20.40 -12.56 92.24
C LEU VA 115 -20.33 -11.24 93.02
N ALA VA 116 -19.42 -11.14 94.00
CA ALA VA 116 -19.36 -10.00 94.91
C ALA VA 116 -20.72 -9.72 95.55
N ARG VA 117 -21.41 -10.78 95.93
CA ARG VA 117 -22.82 -10.71 96.29
C ARG VA 117 -23.04 -10.00 97.62
N GLU VA 118 -24.29 -9.59 97.82
CA GLU VA 118 -24.80 -9.21 99.13
C GLU VA 118 -26.14 -9.87 99.44
N LEU VA 119 -26.79 -10.48 98.44
CA LEU VA 119 -28.07 -11.15 98.63
C LEU VA 119 -28.20 -12.17 97.50
N SER VA 120 -29.09 -13.15 97.71
CA SER VA 120 -29.29 -14.19 96.71
C SER VA 120 -29.89 -13.67 95.41
N GLY VA 121 -30.63 -12.56 95.45
CA GLY VA 121 -31.25 -12.05 94.24
C GLY VA 121 -30.27 -11.50 93.23
N THR VA 122 -29.05 -11.16 93.67
CA THR VA 122 -28.06 -10.59 92.75
C THR VA 122 -27.70 -11.57 91.64
N ILE VA 123 -27.56 -12.86 91.99
CA ILE VA 123 -27.15 -13.85 91.01
C ILE VA 123 -28.22 -14.01 89.93
N LYS VA 124 -29.48 -14.12 90.34
CA LYS VA 124 -30.55 -14.27 89.36
C LYS VA 124 -30.75 -12.99 88.55
N GLU VA 125 -30.54 -11.83 89.16
CA GLU VA 125 -30.54 -10.59 88.37
C GLU VA 125 -29.43 -10.60 87.33
N ILE VA 126 -28.27 -11.15 87.68
CA ILE VA 126 -27.17 -11.24 86.73
C ILE VA 126 -27.53 -12.15 85.56
N LEU VA 127 -28.00 -13.36 85.86
CA LEU VA 127 -28.29 -14.32 84.80
C LEU VA 127 -29.51 -13.95 83.97
N GLY VA 128 -30.49 -13.24 84.54
CA GLY VA 128 -31.67 -12.87 83.76
C GLY VA 128 -31.33 -12.01 82.56
N THR VA 129 -30.38 -11.09 82.71
CA THR VA 129 -29.92 -10.29 81.59
C THR VA 129 -28.66 -10.84 80.94
N ALA VA 130 -28.00 -11.83 81.56
CA ALA VA 130 -27.04 -12.62 80.82
C ALA VA 130 -27.73 -13.47 79.75
N GLN VA 131 -29.01 -13.76 79.95
CA GLN VA 131 -29.81 -14.45 78.94
C GLN VA 131 -30.32 -13.52 77.84
N SER VA 132 -29.95 -12.24 77.86
CA SER VA 132 -30.48 -11.30 76.86
C SER VA 132 -29.98 -11.60 75.45
N VAL VA 133 -28.97 -12.46 75.30
CA VAL VA 133 -28.48 -12.81 73.97
C VAL VA 133 -29.46 -13.74 73.27
N HIS VA 141 -38.38 -9.56 75.87
CA HIS VA 141 -37.02 -9.31 76.35
C HIS VA 141 -36.90 -9.65 77.84
N PRO VA 142 -35.79 -10.31 78.21
CA PRO VA 142 -35.55 -10.69 79.61
C PRO VA 142 -35.07 -9.53 80.48
N HIS VA 143 -35.75 -8.39 80.37
CA HIS VA 143 -35.44 -7.20 81.15
C HIS VA 143 -36.62 -6.68 81.95
N ASP VA 144 -37.85 -7.06 81.60
CA ASP VA 144 -39.00 -6.69 82.42
C ASP VA 144 -38.92 -7.31 83.81
N ILE VA 145 -38.44 -8.56 83.89
CA ILE VA 145 -38.24 -9.20 85.19
C ILE VA 145 -37.19 -8.42 86.00
N ILE VA 146 -36.11 -8.02 85.33
CA ILE VA 146 -35.07 -7.22 85.97
C ILE VA 146 -35.65 -5.91 86.48
N ASP VA 147 -36.55 -5.30 85.70
CA ASP VA 147 -37.16 -4.04 86.10
C ASP VA 147 -38.04 -4.22 87.34
N ASP VA 148 -39.08 -5.03 87.24
CA ASP VA 148 -39.96 -5.27 88.38
C ASP VA 148 -40.02 -6.78 88.65
N ILE VA 149 -39.04 -7.26 89.40
CA ILE VA 149 -39.03 -8.62 89.93
C ILE VA 149 -39.47 -8.58 91.39
N ASN VA 150 -40.35 -9.52 91.77
CA ASN VA 150 -40.81 -9.59 93.15
C ASN VA 150 -40.97 -11.04 93.61
N SER VA 151 -40.15 -11.95 93.10
CA SER VA 151 -40.29 -13.37 93.39
C SER VA 151 -38.93 -13.97 93.72
N GLY VA 152 -38.92 -14.86 94.71
CA GLY VA 152 -37.72 -15.64 95.03
C GLY VA 152 -36.53 -14.81 95.48
N ALA VA 153 -36.77 -13.76 96.25
CA ALA VA 153 -35.66 -12.94 96.75
C ALA VA 153 -34.79 -13.71 97.72
N VAL VA 154 -35.40 -14.51 98.59
CA VAL VA 154 -34.68 -15.29 99.58
C VAL VA 154 -34.94 -16.77 99.35
N GLU VA 155 -35.17 -17.14 98.09
CA GLU VA 155 -35.50 -18.53 97.77
C GLU VA 155 -34.33 -19.46 98.06
N CYS VA 156 -33.14 -19.12 97.56
CA CYS VA 156 -31.98 -19.97 97.78
C CYS VA 156 -31.56 -20.08 99.24
N PRO VA 157 -31.46 -18.99 100.03
CA PRO VA 157 -31.09 -19.25 101.43
C PRO VA 157 -32.27 -19.70 102.28
N MET WA 1 -63.14 -96.94 20.57
CA MET WA 1 -64.04 -96.42 21.59
C MET WA 1 -63.37 -95.30 22.40
N ALA WA 2 -63.91 -95.01 23.57
CA ALA WA 2 -63.39 -93.90 24.38
C ALA WA 2 -61.98 -94.21 24.89
N VAL WA 3 -61.71 -95.47 25.24
CA VAL WA 3 -60.42 -95.82 25.82
C VAL WA 3 -59.31 -95.69 24.78
N GLN WA 4 -59.55 -96.19 23.57
CA GLN WA 4 -58.55 -96.08 22.52
C GLN WA 4 -58.61 -94.70 21.86
N ILE WA 5 -57.44 -94.16 21.53
CA ILE WA 5 -57.35 -92.87 20.86
C ILE WA 5 -57.60 -93.08 19.37
N SER WA 6 -57.78 -91.97 18.64
CA SER WA 6 -58.11 -92.05 17.23
C SER WA 6 -56.92 -92.58 16.43
N LYS WA 7 -57.19 -92.95 15.17
CA LYS WA 7 -56.15 -93.50 14.32
C LYS WA 7 -55.04 -92.49 14.05
N LYS WA 8 -55.41 -91.22 13.86
CA LYS WA 8 -54.40 -90.20 13.60
C LYS WA 8 -53.41 -90.10 14.75
N ARG WA 9 -53.91 -89.93 15.96
CA ARG WA 9 -53.06 -89.85 17.14
C ARG WA 9 -52.32 -91.15 17.39
N LYS WA 10 -52.94 -92.29 17.07
CA LYS WA 10 -52.29 -93.58 17.29
C LYS WA 10 -51.08 -93.74 16.37
N PHE WA 11 -51.23 -93.40 15.09
CA PHE WA 11 -50.10 -93.48 14.18
C PHE WA 11 -49.01 -92.46 14.54
N VAL WA 12 -49.41 -91.26 14.95
CA VAL WA 12 -48.42 -90.27 15.36
C VAL WA 12 -47.66 -90.78 16.59
N ALA WA 13 -48.37 -91.40 17.53
CA ALA WA 13 -47.72 -91.94 18.72
C ALA WA 13 -46.79 -93.09 18.38
N ASP WA 14 -47.17 -93.93 17.39
CA ASP WA 14 -46.28 -94.98 16.93
C ASP WA 14 -45.00 -94.40 16.35
N GLY WA 15 -45.13 -93.35 15.54
CA GLY WA 15 -43.95 -92.68 15.01
C GLY WA 15 -43.09 -92.07 16.11
N ILE WA 16 -43.71 -91.48 17.11
CA ILE WA 16 -42.98 -90.91 18.24
C ILE WA 16 -42.23 -92.01 18.98
N PHE WA 17 -42.87 -93.16 19.19
CA PHE WA 17 -42.20 -94.28 19.84
C PHE WA 17 -41.01 -94.75 19.03
N LYS WA 18 -41.17 -94.86 17.71
CA LYS WA 18 -40.05 -95.27 16.86
C LYS WA 18 -38.90 -94.29 16.96
N ALA WA 19 -39.20 -92.99 16.91
CA ALA WA 19 -38.16 -91.98 16.96
C ALA WA 19 -37.44 -91.97 18.31
N GLU WA 20 -38.20 -92.04 19.41
CA GLU WA 20 -37.59 -92.06 20.74
C GLU WA 20 -36.73 -93.29 20.94
N LEU WA 21 -37.23 -94.45 20.52
CA LEU WA 21 -36.45 -95.68 20.65
C LEU WA 21 -35.19 -95.62 19.80
N ASN WA 22 -35.28 -95.08 18.59
CA ASN WA 22 -34.10 -94.96 17.74
C ASN WA 22 -33.08 -94.01 18.34
N GLU WA 23 -33.52 -92.88 18.89
CA GLU WA 23 -32.58 -91.96 19.52
C GLU WA 23 -31.91 -92.59 20.74
N PHE WA 24 -32.70 -93.31 21.55
CA PHE WA 24 -32.12 -94.01 22.70
C PHE WA 24 -31.08 -95.04 22.26
N LEU WA 25 -31.41 -95.83 21.25
CA LEU WA 25 -30.48 -96.86 20.79
C LEU WA 25 -29.25 -96.24 20.14
N THR WA 26 -29.40 -95.09 19.50
CA THR WA 26 -28.25 -94.40 18.94
C THR WA 26 -27.33 -93.89 20.04
N ARG WA 27 -27.90 -93.27 21.06
CA ARG WA 27 -27.07 -92.74 22.13
C ARG WA 27 -26.49 -93.82 23.02
N GLU WA 28 -27.08 -95.01 23.04
CA GLU WA 28 -26.60 -96.09 23.90
C GLU WA 28 -25.66 -97.04 23.19
N LEU WA 29 -26.04 -97.56 22.02
CA LEU WA 29 -25.27 -98.55 21.29
C LEU WA 29 -24.35 -97.93 20.25
N ALA WA 30 -23.90 -96.69 20.48
CA ALA WA 30 -23.11 -96.00 19.48
C ALA WA 30 -21.80 -96.71 19.18
N GLU WA 31 -21.11 -97.18 20.22
CA GLU WA 31 -19.82 -97.81 20.05
C GLU WA 31 -19.93 -99.26 19.59
N ASP WA 32 -21.13 -99.83 19.54
CA ASP WA 32 -21.33 -101.23 19.21
C ASP WA 32 -21.76 -101.42 17.76
N GLY WA 33 -21.49 -100.46 16.89
CA GLY WA 33 -21.88 -100.58 15.50
C GLY WA 33 -23.38 -100.58 15.28
N TYR WA 34 -24.10 -99.69 15.96
CA TYR WA 34 -25.53 -99.55 15.75
C TYR WA 34 -25.83 -99.14 14.33
N SER WA 35 -26.79 -99.83 13.70
CA SER WA 35 -27.23 -99.49 12.36
C SER WA 35 -28.67 -99.01 12.32
N GLY WA 36 -29.59 -99.75 12.93
CA GLY WA 36 -30.98 -99.33 12.89
C GLY WA 36 -31.84 -100.18 13.81
N VAL WA 37 -33.11 -99.80 13.89
CA VAL WA 37 -34.08 -100.50 14.71
C VAL WA 37 -35.33 -100.75 13.88
N GLU WA 38 -35.91 -101.95 14.02
CA GLU WA 38 -37.15 -102.32 13.36
C GLU WA 38 -38.10 -102.87 14.40
N VAL WA 39 -39.30 -102.31 14.48
CA VAL WA 39 -40.30 -102.74 15.44
C VAL WA 39 -41.45 -103.40 14.70
N ARG WA 40 -41.81 -104.61 15.11
CA ARG WA 40 -42.97 -105.33 14.60
C ARG WA 40 -43.97 -105.40 15.74
N VAL WA 41 -45.06 -104.64 15.61
CA VAL WA 41 -46.05 -104.51 16.67
C VAL WA 41 -47.27 -105.34 16.31
N THR WA 42 -47.74 -106.14 17.27
CA THR WA 42 -48.97 -106.89 17.18
C THR WA 42 -49.75 -106.67 18.47
N PRO WA 43 -51.08 -106.82 18.43
CA PRO WA 43 -51.85 -106.70 19.68
C PRO WA 43 -51.42 -107.69 20.76
N THR WA 44 -50.97 -108.88 20.37
CA THR WA 44 -50.51 -109.85 21.36
C THR WA 44 -49.20 -109.41 22.01
N ARG WA 45 -48.23 -109.01 21.20
CA ARG WA 45 -46.90 -108.64 21.71
C ARG WA 45 -46.16 -107.88 20.62
N THR WA 46 -44.97 -107.40 20.99
CA THR WA 46 -44.15 -106.60 20.09
C THR WA 46 -42.72 -107.10 20.09
N GLU WA 47 -42.07 -106.96 18.93
CA GLU WA 47 -40.72 -107.45 18.72
C GLU WA 47 -39.85 -106.31 18.23
N ILE WA 48 -38.81 -105.99 18.98
CA ILE WA 48 -37.85 -104.95 18.62
C ILE WA 48 -36.57 -105.63 18.16
N ILE WA 49 -36.17 -105.38 16.93
CA ILE WA 49 -34.99 -105.98 16.33
C ILE WA 49 -33.97 -104.87 16.12
N ILE WA 50 -32.79 -105.04 16.71
CA ILE WA 50 -31.72 -104.06 16.61
C ILE WA 50 -30.73 -104.56 15.57
N LEU WA 51 -30.72 -103.91 14.41
CA LEU WA 51 -29.73 -104.19 13.38
C LEU WA 51 -28.43 -103.51 13.80
N ALA WA 52 -27.42 -104.31 14.11
CA ALA WA 52 -26.11 -103.80 14.53
C ALA WA 52 -25.02 -104.75 14.05
N THR WA 53 -23.83 -104.19 13.85
CA THR WA 53 -22.73 -105.00 13.33
C THR WA 53 -22.20 -105.97 14.38
N ARG WA 54 -22.00 -105.49 15.61
CA ARG WA 54 -21.39 -106.30 16.67
C ARG WA 54 -22.50 -106.85 17.57
N THR WA 55 -23.12 -107.93 17.12
CA THR WA 55 -24.17 -108.57 17.90
C THR WA 55 -23.62 -109.16 19.20
N GLN WA 56 -22.45 -109.81 19.12
CA GLN WA 56 -21.82 -110.38 20.30
C GLN WA 56 -21.37 -109.32 21.30
N ASN WA 57 -21.30 -108.05 20.89
CA ASN WA 57 -20.96 -106.96 21.79
C ASN WA 57 -22.19 -106.24 22.32
N VAL WA 58 -23.25 -106.12 21.51
CA VAL WA 58 -24.49 -105.56 22.05
C VAL WA 58 -25.13 -106.53 23.02
N LEU WA 59 -24.92 -107.83 22.83
CA LEU WA 59 -25.33 -108.83 23.81
C LEU WA 59 -24.20 -108.98 24.81
N GLY WA 60 -24.45 -108.59 26.06
CA GLY WA 60 -23.43 -108.66 27.08
C GLY WA 60 -23.11 -110.07 27.53
N GLU WA 61 -22.54 -110.20 28.73
CA GLU WA 61 -22.21 -111.51 29.27
C GLU WA 61 -23.49 -112.30 29.52
N LYS WA 62 -23.70 -113.35 28.72
CA LYS WA 62 -24.89 -114.19 28.77
C LYS WA 62 -26.16 -113.36 28.58
N GLY WA 63 -26.09 -112.37 27.69
CA GLY WA 63 -27.25 -111.54 27.41
C GLY WA 63 -27.61 -110.55 28.49
N ARG WA 64 -26.64 -110.19 29.35
CA ARG WA 64 -26.93 -109.24 30.43
C ARG WA 64 -27.33 -107.89 29.88
N ARG WA 65 -26.62 -107.40 28.85
CA ARG WA 65 -26.90 -106.06 28.36
C ARG WA 65 -28.21 -106.02 27.58
N ILE WA 66 -28.49 -107.07 26.79
CA ILE WA 66 -29.77 -107.09 26.09
C ILE WA 66 -30.93 -107.23 27.06
N ARG WA 67 -30.74 -107.97 28.17
CA ARG WA 67 -31.76 -108.02 29.20
C ARG WA 67 -31.96 -106.65 29.84
N GLU WA 68 -30.86 -105.93 30.08
CA GLU WA 68 -30.95 -104.60 30.66
C GLU WA 68 -31.73 -103.66 29.76
N LEU WA 69 -31.41 -103.65 28.46
CA LEU WA 69 -32.13 -102.79 27.52
C LEU WA 69 -33.58 -103.21 27.36
N THR WA 70 -33.86 -104.52 27.41
CA THR WA 70 -35.25 -104.97 27.37
C THR WA 70 -36.03 -104.45 28.57
N ALA WA 71 -35.42 -104.50 29.76
CA ALA WA 71 -36.08 -103.99 30.94
C ALA WA 71 -36.27 -102.47 30.87
N VAL WA 72 -35.28 -101.77 30.29
CA VAL WA 72 -35.39 -100.31 30.17
C VAL WA 72 -36.54 -99.93 29.24
N VAL WA 73 -36.61 -100.57 28.07
CA VAL WA 73 -37.70 -100.25 27.14
C VAL WA 73 -39.03 -100.76 27.68
N GLN WA 74 -39.00 -101.78 28.54
CA GLN WA 74 -40.20 -102.17 29.27
C GLN WA 74 -40.69 -101.04 30.16
N LYS WA 75 -39.81 -100.52 31.01
CA LYS WA 75 -40.23 -99.58 32.04
C LYS WA 75 -40.52 -98.20 31.49
N ARG WA 76 -39.82 -97.75 30.45
CA ARG WA 76 -40.00 -96.40 29.97
C ARG WA 76 -41.37 -96.21 29.33
N PHE WA 77 -41.76 -97.13 28.44
CA PHE WA 77 -43.04 -97.01 27.77
C PHE WA 77 -44.16 -97.79 28.46
N GLY WA 78 -43.84 -98.58 29.49
CA GLY WA 78 -44.88 -99.24 30.25
C GLY WA 78 -45.67 -100.28 29.47
N PHE WA 79 -44.99 -101.19 28.80
CA PHE WA 79 -45.68 -102.31 28.18
C PHE WA 79 -46.21 -103.24 29.27
N PRO WA 80 -47.18 -104.10 28.94
CA PRO WA 80 -47.47 -105.24 29.82
C PRO WA 80 -46.25 -106.15 29.91
N GLU WA 81 -46.09 -106.77 31.07
CA GLU WA 81 -44.91 -107.58 31.32
C GLU WA 81 -44.87 -108.80 30.40
N GLY WA 82 -43.69 -109.08 29.86
CA GLY WA 82 -43.53 -110.19 28.96
C GLY WA 82 -44.19 -110.03 27.62
N SER WA 83 -44.46 -108.79 27.20
CA SER WA 83 -45.11 -108.52 25.93
C SER WA 83 -44.18 -107.88 24.92
N VAL WA 84 -42.89 -107.76 25.24
CA VAL WA 84 -41.91 -107.17 24.34
C VAL WA 84 -40.67 -108.06 24.32
N GLU WA 85 -40.17 -108.36 23.12
CA GLU WA 85 -38.96 -109.16 22.98
C GLU WA 85 -37.96 -108.42 22.10
N LEU WA 86 -36.72 -108.34 22.58
CA LEU WA 86 -35.65 -107.64 21.88
C LEU WA 86 -34.67 -108.65 21.31
N TYR WA 87 -34.47 -108.60 20.00
CA TYR WA 87 -33.49 -109.43 19.31
C TYR WA 87 -32.42 -108.54 18.69
N ALA WA 88 -31.24 -109.11 18.49
CA ALA WA 88 -30.14 -108.43 17.81
C ALA WA 88 -29.84 -109.16 16.52
N GLU WA 89 -29.69 -108.40 15.44
CA GLU WA 89 -29.46 -108.96 14.11
C GLU WA 89 -28.23 -108.32 13.50
N LYS WA 90 -27.34 -109.16 12.99
CA LYS WA 90 -26.15 -108.66 12.29
C LYS WA 90 -26.54 -108.17 10.91
N VAL WA 91 -26.09 -106.96 10.57
CA VAL WA 91 -26.39 -106.42 9.25
C VAL WA 91 -25.55 -107.12 8.19
N ALA WA 92 -26.01 -107.05 6.95
CA ALA WA 92 -25.30 -107.60 5.80
C ALA WA 92 -24.71 -106.45 5.00
N THR WA 93 -23.44 -106.60 4.61
CA THR WA 93 -22.70 -105.59 3.86
C THR WA 93 -22.68 -104.26 4.60
N ARG WA 94 -22.00 -104.29 5.74
CA ARG WA 94 -21.94 -103.11 6.62
C ARG WA 94 -21.32 -101.90 5.94
N GLY WA 95 -20.57 -102.11 4.86
CA GLY WA 95 -20.05 -100.98 4.10
C GLY WA 95 -21.13 -100.16 3.42
N LEU WA 96 -22.30 -100.75 3.20
CA LEU WA 96 -23.41 -100.05 2.56
C LEU WA 96 -24.27 -99.27 3.55
N CYS WA 97 -24.06 -99.45 4.85
CA CYS WA 97 -24.82 -98.71 5.86
C CYS WA 97 -24.08 -97.43 6.19
N ALA WA 98 -24.71 -96.29 5.88
CA ALA WA 98 -24.07 -95.01 6.16
C ALA WA 98 -23.99 -94.73 7.65
N ILE WA 99 -24.92 -95.27 8.43
CA ILE WA 99 -24.89 -95.07 9.88
C ILE WA 99 -23.65 -95.73 10.48
N ALA WA 100 -23.41 -96.99 10.11
CA ALA WA 100 -22.28 -97.72 10.66
C ALA WA 100 -20.96 -97.10 10.24
N GLN WA 101 -20.86 -96.70 8.97
CA GLN WA 101 -19.60 -96.12 8.49
C GLN WA 101 -19.34 -94.75 9.10
N ALA WA 102 -20.40 -93.95 9.27
CA ALA WA 102 -20.23 -92.67 9.95
C ALA WA 102 -19.81 -92.86 11.40
N GLU WA 103 -20.40 -93.86 12.07
CA GLU WA 103 -20.01 -94.14 13.45
C GLU WA 103 -18.56 -94.60 13.53
N SER WA 104 -18.13 -95.45 12.59
CA SER WA 104 -16.75 -95.89 12.57
C SER WA 104 -15.79 -94.73 12.30
N LEU WA 105 -16.16 -93.82 11.40
CA LEU WA 105 -15.34 -92.65 11.15
C LEU WA 105 -15.24 -91.77 12.38
N ARG WA 106 -16.36 -91.60 13.08
CA ARG WA 106 -16.35 -90.83 14.32
C ARG WA 106 -15.46 -91.49 15.37
N TYR WA 107 -15.51 -92.82 15.45
CA TYR WA 107 -14.64 -93.54 16.38
C TYR WA 107 -13.18 -93.33 16.04
N LYS WA 108 -12.84 -93.41 14.75
CA LYS WA 108 -11.46 -93.20 14.34
C LYS WA 108 -10.98 -91.78 14.66
N LEU WA 109 -11.83 -90.79 14.38
CA LEU WA 109 -11.45 -89.41 14.64
C LEU WA 109 -11.30 -89.15 16.13
N LEU WA 110 -12.18 -89.74 16.95
CA LEU WA 110 -12.04 -89.62 18.40
C LEU WA 110 -10.78 -90.33 18.89
N GLY WA 111 -10.41 -91.45 18.25
CA GLY WA 111 -9.16 -92.10 18.59
C GLY WA 111 -7.96 -91.23 18.29
N GLY WA 112 -7.98 -90.53 17.16
CA GLY WA 112 -6.94 -89.57 16.88
C GLY WA 112 -6.26 -89.74 15.54
N LEU WA 113 -6.83 -90.57 14.68
CA LEU WA 113 -6.31 -90.72 13.33
C LEU WA 113 -6.46 -89.42 12.56
N ALA WA 114 -5.52 -89.18 11.65
CA ALA WA 114 -5.61 -88.02 10.78
C ALA WA 114 -6.87 -88.12 9.92
N VAL WA 115 -7.60 -87.01 9.82
CA VAL WA 115 -8.90 -87.03 9.16
C VAL WA 115 -8.77 -87.41 7.69
N ARG WA 116 -7.67 -87.00 7.05
CA ARG WA 116 -7.45 -87.32 5.65
C ARG WA 116 -7.34 -88.83 5.44
N ARG WA 117 -6.46 -89.47 6.21
CA ARG WA 117 -6.27 -90.92 6.08
C ARG WA 117 -7.53 -91.67 6.50
N ALA WA 118 -8.19 -91.22 7.56
CA ALA WA 118 -9.39 -91.91 8.02
C ALA WA 118 -10.51 -91.86 6.98
N CYS WA 119 -10.71 -90.69 6.37
CA CYS WA 119 -11.74 -90.57 5.35
C CYS WA 119 -11.39 -91.38 4.12
N TYR WA 120 -10.11 -91.39 3.72
CA TYR WA 120 -9.70 -92.24 2.61
C TYR WA 120 -9.98 -93.71 2.91
N GLY WA 121 -9.68 -94.14 4.13
CA GLY WA 121 -9.94 -95.53 4.49
C GLY WA 121 -11.41 -95.86 4.47
N VAL WA 122 -12.25 -94.96 4.98
CA VAL WA 122 -13.69 -95.20 4.97
C VAL WA 122 -14.21 -95.30 3.55
N LEU WA 123 -13.78 -94.38 2.69
CA LEU WA 123 -14.21 -94.40 1.29
C LEU WA 123 -13.76 -95.67 0.60
N ARG WA 124 -12.50 -96.08 0.83
CA ARG WA 124 -11.97 -97.29 0.20
C ARG WA 124 -12.74 -98.51 0.69
N PHE WA 125 -13.06 -98.58 1.98
CA PHE WA 125 -13.80 -99.72 2.50
C PHE WA 125 -15.21 -99.77 1.93
N ILE WA 126 -15.85 -98.62 1.76
CA ILE WA 126 -17.21 -98.61 1.22
C ILE WA 126 -17.20 -99.07 -0.24
N MET WA 127 -16.28 -98.53 -1.05
CA MET WA 127 -16.22 -98.96 -2.44
C MET WA 127 -15.72 -100.40 -2.58
N GLU WA 128 -14.98 -100.91 -1.60
CA GLU WA 128 -14.61 -102.32 -1.63
C GLU WA 128 -15.80 -103.20 -1.29
N SER WA 129 -16.63 -102.77 -0.34
CA SER WA 129 -17.88 -103.45 -0.06
C SER WA 129 -18.80 -103.43 -1.26
N GLY WA 130 -18.68 -102.40 -2.09
CA GLY WA 130 -19.35 -102.40 -3.38
C GLY WA 130 -20.58 -101.52 -3.44
N ALA WA 131 -20.41 -100.32 -3.98
CA ALA WA 131 -21.51 -99.38 -4.12
C ALA WA 131 -21.29 -98.56 -5.37
N LYS WA 132 -22.37 -97.99 -5.89
CA LYS WA 132 -22.25 -97.14 -7.07
C LYS WA 132 -21.48 -95.86 -6.79
N GLY WA 133 -21.35 -95.48 -5.53
CA GLY WA 133 -20.56 -94.30 -5.21
C GLY WA 133 -20.70 -93.96 -3.75
N CYS WA 134 -19.79 -93.11 -3.30
CA CYS WA 134 -19.75 -92.67 -1.92
C CYS WA 134 -19.33 -91.22 -1.87
N GLU WA 135 -19.71 -90.55 -0.77
CA GLU WA 135 -19.32 -89.16 -0.54
C GLU WA 135 -19.30 -88.90 0.95
N VAL WA 136 -18.15 -88.53 1.48
CA VAL WA 136 -17.99 -88.21 2.89
C VAL WA 136 -17.54 -86.75 3.01
N VAL WA 137 -18.24 -85.99 3.83
CA VAL WA 137 -17.95 -84.58 4.05
C VAL WA 137 -17.64 -84.39 5.52
N VAL WA 138 -16.48 -83.80 5.81
CA VAL WA 138 -16.05 -83.51 7.16
C VAL WA 138 -15.91 -82.00 7.27
N SER WA 139 -16.66 -81.39 8.18
CA SER WA 139 -16.65 -79.95 8.36
C SER WA 139 -16.30 -79.60 9.80
N GLY WA 140 -15.62 -78.49 9.98
CA GLY WA 140 -15.39 -78.00 11.32
C GLY WA 140 -14.04 -77.36 11.44
N LYS WA 141 -13.54 -77.29 12.68
CA LYS WA 141 -12.30 -76.60 12.99
C LYS WA 141 -11.10 -77.48 12.66
N LEU WA 142 -10.98 -77.80 11.37
CA LEU WA 142 -9.79 -78.47 10.88
C LEU WA 142 -8.65 -77.46 10.79
N ARG WA 143 -7.42 -77.98 10.97
CA ARG WA 143 -6.21 -77.16 11.03
C ARG WA 143 -6.32 -76.11 12.12
N GLY WA 144 -6.51 -74.85 11.73
CA GLY WA 144 -6.51 -73.74 12.65
C GLY WA 144 -7.87 -73.41 13.22
N GLN WA 145 -8.00 -72.20 13.74
CA GLN WA 145 -9.26 -71.76 14.32
C GLN WA 145 -10.34 -71.61 13.27
N ARG WA 146 -9.98 -71.09 12.09
CA ARG WA 146 -10.93 -70.93 11.01
C ARG WA 146 -11.39 -72.28 10.49
N ALA WA 147 -12.70 -72.47 10.37
CA ALA WA 147 -13.26 -73.76 10.01
C ALA WA 147 -13.21 -73.99 8.51
N LYS WA 148 -13.03 -75.26 8.14
CA LYS WA 148 -12.98 -75.68 6.75
C LYS WA 148 -13.80 -76.96 6.59
N SER WA 149 -14.08 -77.29 5.33
CA SER WA 149 -14.83 -78.49 4.98
C SER WA 149 -14.10 -79.23 3.87
N MET WA 150 -13.96 -80.54 4.03
CA MET WA 150 -13.36 -81.38 3.01
C MET WA 150 -14.35 -82.45 2.58
N LYS WA 151 -14.56 -82.56 1.28
CA LYS WA 151 -15.50 -83.51 0.68
C LYS WA 151 -14.74 -84.49 -0.18
N PHE WA 152 -14.94 -85.78 0.08
CA PHE WA 152 -14.26 -86.87 -0.62
C PHE WA 152 -15.35 -87.71 -1.28
N VAL WA 153 -15.42 -87.67 -2.61
CA VAL WA 153 -16.51 -88.28 -3.35
C VAL WA 153 -15.91 -89.13 -4.47
N ASP WA 154 -16.51 -90.30 -4.69
CA ASP WA 154 -16.14 -91.10 -5.86
C ASP WA 154 -17.35 -91.91 -6.30
N GLY WA 155 -17.28 -92.42 -7.51
CA GLY WA 155 -18.39 -93.18 -8.05
C GLY WA 155 -19.56 -92.27 -8.42
N LEU WA 156 -20.71 -92.90 -8.60
CA LEU WA 156 -21.93 -92.20 -8.96
C LEU WA 156 -22.64 -91.67 -7.71
N MET WA 157 -23.31 -90.53 -7.85
CA MET WA 157 -24.05 -89.96 -6.73
C MET WA 157 -25.14 -89.05 -7.29
N ILE WA 158 -26.38 -89.47 -7.19
CA ILE WA 158 -27.51 -88.64 -7.58
C ILE WA 158 -27.88 -87.74 -6.42
N HIS WA 159 -28.49 -86.61 -6.73
CA HIS WA 159 -28.86 -85.62 -5.73
C HIS WA 159 -30.32 -85.22 -5.75
N SER WA 160 -30.99 -85.30 -6.91
CA SER WA 160 -32.32 -84.76 -7.08
C SER WA 160 -33.32 -85.87 -7.40
N GLY WA 161 -34.60 -85.52 -7.25
CA GLY WA 161 -35.67 -86.43 -7.60
C GLY WA 161 -36.01 -87.42 -6.51
N ASP WA 162 -37.02 -88.24 -6.80
CA ASP WA 162 -37.41 -89.31 -5.89
C ASP WA 162 -36.32 -90.35 -5.63
N PRO WA 163 -35.61 -90.90 -6.64
CA PRO WA 163 -34.78 -92.08 -6.38
C PRO WA 163 -33.66 -91.87 -5.37
N VAL WA 164 -33.35 -90.63 -5.00
CA VAL WA 164 -32.36 -90.41 -3.96
C VAL WA 164 -32.78 -91.06 -2.64
N ASN WA 165 -34.09 -91.14 -2.39
CA ASN WA 165 -34.58 -91.66 -1.11
C ASN WA 165 -34.24 -93.12 -0.94
N TYR WA 166 -34.44 -93.94 -1.97
CA TYR WA 166 -34.17 -95.36 -1.87
C TYR WA 166 -32.86 -95.79 -2.53
N TYR WA 167 -32.07 -94.86 -3.05
CA TYR WA 167 -30.76 -95.21 -3.56
C TYR WA 167 -29.62 -94.66 -2.73
N VAL WA 168 -29.81 -93.53 -2.06
CA VAL WA 168 -28.75 -92.89 -1.29
C VAL WA 168 -29.09 -93.01 0.18
N ASP WA 169 -28.19 -93.61 0.95
CA ASP WA 169 -28.31 -93.68 2.39
C ASP WA 169 -27.42 -92.59 2.97
N THR WA 170 -28.00 -91.75 3.81
CA THR WA 170 -27.34 -90.56 4.33
C THR WA 170 -27.33 -90.62 5.85
N ALA WA 171 -26.16 -90.33 6.43
CA ALA WA 171 -26.01 -90.30 7.88
C ALA WA 171 -25.19 -89.08 8.28
N VAL WA 172 -25.65 -88.38 9.30
CA VAL WA 172 -24.96 -87.21 9.83
C VAL WA 172 -24.63 -87.46 11.29
N ARG WA 173 -23.37 -87.27 11.66
CA ARG WA 173 -22.90 -87.48 13.02
C ARG WA 173 -22.06 -86.29 13.47
N HIS WA 174 -21.95 -86.16 14.79
CA HIS WA 174 -21.17 -85.12 15.42
C HIS WA 174 -20.03 -85.75 16.20
N VAL WA 175 -18.83 -85.19 16.07
CA VAL WA 175 -17.65 -85.64 16.80
C VAL WA 175 -17.28 -84.55 17.78
N LEU WA 176 -17.17 -84.91 19.06
CA LEU WA 176 -16.87 -83.95 20.12
C LEU WA 176 -15.37 -83.93 20.33
N LEU WA 177 -14.68 -83.09 19.58
CA LEU WA 177 -13.25 -82.95 19.71
C LEU WA 177 -12.92 -81.83 20.69
N ARG WA 178 -11.66 -81.81 21.12
CA ARG WA 178 -11.23 -80.82 22.12
C ARG WA 178 -11.39 -79.40 21.61
N GLN WA 179 -11.33 -79.20 20.30
CA GLN WA 179 -11.50 -77.87 19.73
C GLN WA 179 -12.96 -77.53 19.45
N GLY WA 180 -13.87 -78.48 19.56
CA GLY WA 180 -15.26 -78.19 19.31
C GLY WA 180 -16.05 -79.37 18.77
N VAL WA 181 -16.87 -79.12 17.75
CA VAL WA 181 -17.72 -80.14 17.15
C VAL WA 181 -17.36 -80.25 15.67
N LEU WA 182 -17.16 -81.48 15.21
CA LEU WA 182 -16.86 -81.75 13.82
C LEU WA 182 -18.02 -82.53 13.21
N GLY WA 183 -18.55 -82.03 12.10
CA GLY WA 183 -19.70 -82.66 11.46
C GLY WA 183 -19.27 -83.62 10.38
N ILE WA 184 -19.87 -84.80 10.38
CA ILE WA 184 -19.58 -85.86 9.42
C ILE WA 184 -20.86 -86.20 8.68
N LYS WA 185 -20.81 -86.15 7.35
CA LYS WA 185 -21.94 -86.52 6.51
C LYS WA 185 -21.48 -87.62 5.56
N VAL WA 186 -22.18 -88.74 5.57
CA VAL WA 186 -21.83 -89.88 4.72
C VAL WA 186 -23.04 -90.19 3.84
N LYS WA 187 -22.83 -90.19 2.53
CA LYS WA 187 -23.84 -90.57 1.55
C LYS WA 187 -23.32 -91.74 0.73
N ILE WA 188 -24.11 -92.79 0.64
CA ILE WA 188 -23.74 -93.99 -0.10
C ILE WA 188 -24.82 -94.30 -1.12
N MET WA 189 -24.42 -94.47 -2.37
CA MET WA 189 -25.34 -94.91 -3.42
C MET WA 189 -25.41 -96.42 -3.43
N LEU WA 190 -26.54 -96.97 -2.98
CA LEU WA 190 -26.69 -98.41 -2.93
C LEU WA 190 -26.75 -98.99 -4.33
N PRO WA 191 -26.08 -100.11 -4.59
CA PRO WA 191 -26.17 -100.75 -5.90
C PRO WA 191 -27.54 -101.38 -6.10
N TRP WA 192 -27.97 -101.43 -7.36
CA TRP WA 192 -29.24 -102.05 -7.69
C TRP WA 192 -29.13 -103.57 -7.61
N ASP WA 193 -30.17 -104.20 -7.06
CA ASP WA 193 -30.24 -105.64 -7.04
C ASP WA 193 -31.71 -106.07 -7.03
N PRO WA 194 -32.09 -107.04 -7.86
CA PRO WA 194 -33.46 -107.55 -7.79
C PRO WA 194 -33.79 -108.22 -6.47
N THR WA 195 -32.78 -108.79 -5.79
CA THR WA 195 -33.03 -109.43 -4.51
C THR WA 195 -33.50 -108.43 -3.47
N GLY WA 196 -32.87 -107.24 -3.44
CA GLY WA 196 -33.32 -106.17 -2.58
C GLY WA 196 -32.77 -106.19 -1.17
N LYS WA 197 -31.92 -107.15 -0.82
CA LYS WA 197 -31.36 -107.21 0.52
C LYS WA 197 -30.04 -106.46 0.64
N ILE WA 198 -29.52 -105.91 -0.46
CA ILE WA 198 -28.38 -105.00 -0.40
C ILE WA 198 -28.72 -103.61 -0.93
N GLY WA 199 -29.85 -103.44 -1.60
CA GLY WA 199 -30.22 -102.16 -2.16
C GLY WA 199 -31.63 -102.15 -2.68
N PRO WA 200 -31.99 -101.07 -3.39
CA PRO WA 200 -33.35 -100.98 -3.94
C PRO WA 200 -33.61 -102.05 -4.99
N LYS WA 201 -34.86 -102.51 -5.02
CA LYS WA 201 -35.28 -103.48 -6.03
C LYS WA 201 -35.48 -102.80 -7.39
N LYS WA 202 -36.04 -101.60 -7.39
CA LYS WA 202 -36.30 -100.89 -8.63
C LYS WA 202 -35.00 -100.38 -9.24
N PRO WA 203 -34.89 -100.34 -10.56
CA PRO WA 203 -33.74 -99.72 -11.20
C PRO WA 203 -33.86 -98.21 -11.17
N LEU WA 204 -32.81 -97.54 -11.63
CA LEU WA 204 -32.86 -96.10 -11.78
C LEU WA 204 -33.91 -95.73 -12.83
N PRO WA 205 -34.63 -94.63 -12.65
CA PRO WA 205 -35.72 -94.30 -13.57
C PRO WA 205 -35.26 -94.10 -15.02
N ASP WA 206 -34.08 -93.53 -15.23
CA ASP WA 206 -33.57 -93.30 -16.57
C ASP WA 206 -32.70 -94.44 -17.07
N HIS WA 207 -32.56 -95.52 -16.31
CA HIS WA 207 -31.77 -96.67 -16.75
C HIS WA 207 -32.62 -97.54 -17.66
N VAL WA 208 -32.16 -97.72 -18.89
CA VAL WA 208 -32.88 -98.51 -19.89
C VAL WA 208 -32.04 -99.74 -20.21
N SER WA 209 -32.63 -100.92 -20.06
CA SER WA 209 -31.98 -102.18 -20.36
C SER WA 209 -32.75 -102.89 -21.46
N ILE WA 210 -32.02 -103.45 -22.42
CA ILE WA 210 -32.60 -104.08 -23.60
C ILE WA 210 -32.15 -105.54 -23.64
N VAL WA 211 -33.11 -106.45 -23.81
CA VAL WA 211 -32.79 -107.87 -23.88
C VAL WA 211 -32.16 -108.19 -25.22
N GLU WA 212 -31.15 -109.06 -25.20
CA GLU WA 212 -30.42 -109.39 -26.43
C GLU WA 212 -31.26 -110.29 -27.32
N PRO WA 213 -31.46 -109.93 -28.58
CA PRO WA 213 -32.20 -110.81 -29.49
C PRO WA 213 -31.40 -112.05 -29.86
N LYS WA 214 -32.13 -113.07 -30.30
CA LYS WA 214 -31.51 -114.28 -30.80
C LYS WA 214 -31.30 -114.15 -32.31
N ASP WA 215 -30.94 -115.26 -32.97
CA ASP WA 215 -30.71 -115.20 -34.41
C ASP WA 215 -32.01 -115.22 -35.21
N GLU WA 216 -32.77 -116.32 -35.11
CA GLU WA 216 -34.07 -116.47 -35.78
C GLU WA 216 -33.98 -116.15 -37.27
N ILE WA 217 -32.95 -116.70 -37.92
CA ILE WA 217 -32.66 -116.34 -39.30
C ILE WA 217 -33.68 -116.97 -40.25
N LEU WA 218 -33.82 -118.30 -40.19
CA LEU WA 218 -34.65 -119.09 -41.08
C LEU WA 218 -34.30 -118.78 -42.53
N PRO WA 219 -33.15 -119.25 -43.04
CA PRO WA 219 -32.77 -118.98 -44.43
C PRO WA 219 -33.13 -120.08 -45.41
N THR WA 220 -33.86 -121.12 -45.01
CA THR WA 220 -34.08 -122.30 -45.82
C THR WA 220 -35.46 -122.27 -46.47
N THR WA 221 -35.75 -123.32 -47.24
CA THR WA 221 -37.03 -123.45 -47.89
C THR WA 221 -38.13 -123.71 -46.85
N PRO WA 222 -39.37 -123.30 -47.14
CA PRO WA 222 -40.48 -123.64 -46.24
C PRO WA 222 -40.68 -125.15 -46.14
N ILE WA 223 -40.99 -125.60 -44.92
CA ILE WA 223 -41.21 -127.01 -44.64
C ILE WA 223 -42.50 -127.15 -43.85
N SER WA 224 -42.88 -128.41 -43.61
CA SER WA 224 -44.06 -128.73 -42.81
C SER WA 224 -43.70 -129.92 -41.92
N GLU WA 225 -43.55 -129.67 -40.63
CA GLU WA 225 -43.13 -130.69 -39.67
C GLU WA 225 -44.34 -131.16 -38.89
N GLN WA 226 -44.58 -132.48 -38.91
CA GLN WA 226 -45.73 -133.07 -38.23
C GLN WA 226 -45.38 -133.35 -36.78
N LYS WA 227 -46.17 -132.80 -35.86
CA LYS WA 227 -45.92 -132.97 -34.44
C LYS WA 227 -47.23 -133.01 -33.66
N ASP XA 1 -83.83 -65.37 -34.18
CA ASP XA 1 -84.04 -66.73 -33.67
C ASP XA 1 -83.35 -66.92 -32.33
N ILE XA 2 -82.18 -66.31 -32.16
CA ILE XA 2 -81.43 -66.46 -30.92
C ILE XA 2 -81.98 -65.52 -29.86
N LYS XA 3 -82.17 -64.24 -30.22
CA LYS XA 3 -82.86 -63.27 -29.36
C LYS XA 3 -82.15 -63.10 -28.00
N LEU XA 4 -80.96 -62.49 -28.08
CA LEU XA 4 -80.19 -62.15 -26.90
C LEU XA 4 -81.05 -61.43 -25.86
N PHE XA 5 -81.06 -61.95 -24.64
CA PHE XA 5 -81.92 -61.52 -23.53
C PHE XA 5 -83.39 -61.73 -23.82
N GLY XA 6 -83.74 -62.57 -24.80
CA GLY XA 6 -85.12 -62.83 -25.15
C GLY XA 6 -85.66 -61.96 -26.27
N LYS XA 7 -84.91 -60.96 -26.71
CA LYS XA 7 -85.36 -60.07 -27.77
C LYS XA 7 -84.13 -59.61 -28.54
N TRP XA 8 -84.28 -58.56 -29.36
CA TRP XA 8 -83.16 -57.92 -30.05
C TRP XA 8 -82.42 -58.92 -30.93
N SER XA 9 -83.12 -59.36 -31.98
CA SER XA 9 -82.54 -60.32 -32.93
C SER XA 9 -81.25 -59.77 -33.52
N THR XA 10 -80.28 -60.67 -33.72
CA THR XA 10 -78.94 -60.25 -34.10
C THR XA 10 -78.78 -60.06 -35.60
N ASP XA 11 -79.60 -60.75 -36.40
CA ASP XA 11 -79.34 -60.84 -37.84
C ASP XA 11 -79.48 -59.51 -38.56
N ASP XA 12 -80.16 -58.53 -37.98
CA ASP XA 12 -80.32 -57.24 -38.63
C ASP XA 12 -79.16 -56.28 -38.36
N VAL XA 13 -78.23 -56.64 -37.48
CA VAL XA 13 -77.12 -55.76 -37.14
C VAL XA 13 -76.05 -55.85 -38.22
N GLN XA 14 -75.62 -54.71 -38.73
CA GLN XA 14 -74.63 -54.64 -39.79
C GLN XA 14 -73.48 -53.75 -39.34
N ILE XA 15 -72.25 -54.23 -39.54
CA ILE XA 15 -71.06 -53.44 -39.24
C ILE XA 15 -70.74 -52.57 -40.45
N ASN XA 16 -70.61 -51.27 -40.23
CA ASN XA 16 -70.51 -50.31 -41.32
C ASN XA 16 -69.12 -50.24 -41.96
N ASP XA 17 -68.09 -50.77 -41.31
CA ASP XA 17 -66.75 -50.75 -41.87
C ASP XA 17 -66.15 -52.14 -41.80
N ILE XA 18 -65.42 -52.52 -42.87
CA ILE XA 18 -64.86 -53.86 -42.95
C ILE XA 18 -63.61 -54.04 -42.09
N SER XA 19 -63.12 -52.96 -41.48
CA SER XA 19 -61.92 -53.08 -40.64
C SER XA 19 -62.18 -53.93 -39.41
N LEU XA 20 -63.38 -53.85 -38.85
CA LEU XA 20 -63.70 -54.53 -37.59
C LEU XA 20 -64.73 -55.64 -37.75
N GLN XA 21 -65.05 -56.03 -38.99
CA GLN XA 21 -66.07 -57.05 -39.17
C GLN XA 21 -65.55 -58.46 -38.93
N ASP XA 22 -64.24 -58.64 -38.81
CA ASP XA 22 -63.64 -59.90 -38.38
C ASP XA 22 -63.42 -59.95 -36.88
N TYR XA 23 -63.73 -58.88 -36.16
CA TYR XA 23 -63.51 -58.83 -34.72
C TYR XA 23 -64.75 -58.51 -33.92
N ILE XA 24 -65.78 -57.93 -34.53
CA ILE XA 24 -67.10 -57.87 -33.92
C ILE XA 24 -67.81 -59.20 -34.15
N ALA XA 25 -68.46 -59.71 -33.11
CA ALA XA 25 -68.99 -61.06 -33.09
C ALA XA 25 -70.47 -61.08 -32.75
N VAL XA 26 -71.26 -60.26 -33.46
CA VAL XA 26 -72.71 -60.24 -33.29
C VAL XA 26 -73.44 -61.07 -34.32
N LYS XA 27 -72.72 -61.68 -35.26
CA LYS XA 27 -73.36 -62.42 -36.34
C LYS XA 27 -73.87 -63.76 -35.81
N GLU XA 28 -74.73 -64.41 -36.59
CA GLU XA 28 -75.55 -65.51 -36.06
C GLU XA 28 -74.70 -66.69 -35.58
N LYS XA 29 -73.49 -66.85 -36.11
CA LYS XA 29 -72.61 -67.90 -35.60
C LYS XA 29 -72.13 -67.60 -34.19
N TYR XA 30 -72.19 -66.35 -33.76
CA TYR XA 30 -71.78 -65.95 -32.42
C TYR XA 30 -72.93 -65.38 -31.62
N ALA XA 31 -74.17 -65.55 -32.08
CA ALA XA 31 -75.33 -65.07 -31.35
C ALA XA 31 -75.65 -66.02 -30.21
N LYS XA 32 -75.75 -65.49 -28.99
CA LYS XA 32 -75.99 -66.29 -27.81
C LYS XA 32 -77.20 -65.76 -27.05
N TYR XA 33 -77.90 -66.66 -26.36
CA TYR XA 33 -79.08 -66.27 -25.60
C TYR XA 33 -78.74 -65.34 -24.45
N LEU XA 34 -77.52 -65.41 -23.92
CA LEU XA 34 -77.20 -64.68 -22.71
C LEU XA 34 -75.72 -64.38 -22.72
N PRO XA 35 -75.29 -63.17 -22.35
CA PRO XA 35 -73.84 -62.87 -22.36
C PRO XA 35 -73.12 -63.42 -21.14
N HIS XA 36 -73.05 -64.76 -21.06
CA HIS XA 36 -72.32 -65.41 -20.00
C HIS XA 36 -71.93 -66.79 -20.49
N SER XA 37 -70.64 -67.02 -20.71
CA SER XA 37 -70.15 -68.31 -21.18
C SER XA 37 -68.68 -68.43 -20.80
N ALA XA 38 -68.37 -69.40 -19.95
CA ALA XA 38 -66.98 -69.66 -19.56
C ALA XA 38 -66.29 -70.37 -20.72
N GLY XA 39 -65.90 -69.59 -21.72
CA GLY XA 39 -65.41 -70.11 -22.98
C GLY XA 39 -63.91 -70.20 -23.13
N ARG XA 40 -63.14 -69.91 -22.08
CA ARG XA 40 -61.67 -69.97 -22.11
C ARG XA 40 -61.11 -69.11 -23.24
N TYR XA 41 -61.67 -67.90 -23.38
CA TYR XA 41 -61.32 -67.04 -24.50
C TYR XA 41 -59.94 -66.40 -24.37
N ALA XA 42 -59.31 -66.48 -23.21
CA ALA XA 42 -57.97 -65.94 -23.02
C ALA XA 42 -56.89 -67.01 -23.08
N ALA XA 43 -57.25 -68.23 -23.47
CA ALA XA 43 -56.28 -69.33 -23.45
C ALA XA 43 -55.24 -69.17 -24.55
N LYS XA 44 -55.63 -68.65 -25.71
CA LYS XA 44 -54.73 -68.52 -26.84
C LYS XA 44 -54.90 -67.14 -27.45
N ARG XA 45 -53.86 -66.68 -28.15
CA ARG XA 45 -53.90 -65.39 -28.81
C ARG XA 45 -54.99 -65.37 -29.87
N PHE XA 46 -55.63 -64.20 -30.02
CA PHE XA 46 -56.69 -63.95 -31.00
C PHE XA 46 -57.92 -64.82 -30.78
N ARG XA 47 -58.07 -65.40 -29.59
CA ARG XA 47 -59.30 -66.13 -29.28
C ARG XA 47 -60.41 -65.21 -28.83
N LYS XA 48 -60.07 -64.03 -28.30
CA LYS XA 48 -61.09 -63.05 -27.93
C LYS XA 48 -61.75 -62.44 -29.15
N ALA XA 49 -61.17 -62.60 -30.34
CA ALA XA 49 -61.78 -62.05 -31.54
C ALA XA 49 -63.12 -62.70 -31.84
N GLN XA 50 -63.23 -64.01 -31.63
CA GLN XA 50 -64.47 -64.73 -31.84
C GLN XA 50 -65.37 -64.73 -30.62
N CYS XA 51 -64.95 -64.10 -29.53
CA CYS XA 51 -65.82 -63.90 -28.39
C CYS XA 51 -66.85 -62.82 -28.71
N PRO XA 52 -68.13 -63.04 -28.38
CA PRO XA 52 -69.15 -62.03 -28.68
C PRO XA 52 -68.87 -60.73 -27.94
N ILE XA 53 -69.13 -59.61 -28.62
CA ILE XA 53 -68.76 -58.31 -28.08
C ILE XA 53 -69.63 -57.93 -26.90
N VAL XA 54 -70.82 -58.51 -26.77
CA VAL XA 54 -71.62 -58.27 -25.58
C VAL XA 54 -70.97 -58.96 -24.38
N GLU XA 55 -70.43 -60.16 -24.59
CA GLU XA 55 -69.62 -60.82 -23.58
C GLU XA 55 -68.41 -59.98 -23.22
N ARG XA 56 -67.75 -59.39 -24.23
CA ARG XA 56 -66.60 -58.53 -23.97
C ARG XA 56 -66.99 -57.31 -23.15
N LEU XA 57 -68.12 -56.69 -23.47
CA LEU XA 57 -68.58 -55.53 -22.71
C LEU XA 57 -68.92 -55.92 -21.28
N THR XA 58 -69.56 -57.07 -21.09
CA THR XA 58 -69.83 -57.55 -19.75
C THR XA 58 -68.55 -57.79 -18.97
N ASN XA 59 -67.55 -58.38 -19.62
CA ASN XA 59 -66.30 -58.68 -18.91
C ASN XA 59 -65.53 -57.41 -18.59
N SER XA 60 -65.57 -56.41 -19.45
CA SER XA 60 -64.83 -55.18 -19.21
C SER XA 60 -65.62 -54.17 -18.38
N MET XA 61 -66.90 -54.42 -18.13
CA MET XA 61 -67.71 -53.50 -17.34
C MET XA 61 -67.61 -53.77 -15.84
N MET XA 62 -66.93 -54.84 -15.45
CA MET XA 62 -66.80 -55.25 -14.06
C MET XA 62 -65.36 -55.01 -13.60
N MET XA 63 -65.15 -53.85 -12.97
CA MET XA 63 -63.81 -53.40 -12.63
C MET XA 63 -63.83 -52.65 -11.29
N HIS XA 64 -62.63 -52.20 -10.90
CA HIS XA 64 -62.40 -51.35 -9.74
C HIS XA 64 -62.71 -52.06 -8.42
N GLY XA 65 -62.08 -53.21 -8.23
CA GLY XA 65 -61.97 -53.80 -6.91
C GLY XA 65 -63.27 -54.33 -6.32
N ARG XA 66 -64.25 -53.44 -6.18
CA ARG XA 66 -65.54 -53.86 -5.64
C ARG XA 66 -66.21 -54.89 -6.52
N ASN XA 67 -66.00 -54.81 -7.83
CA ASN XA 67 -66.70 -55.63 -8.80
C ASN XA 67 -65.66 -56.37 -9.65
N ASN XA 68 -65.18 -57.51 -9.16
CA ASN XA 68 -64.30 -58.36 -9.94
C ASN XA 68 -64.86 -59.74 -10.19
N GLY XA 69 -65.95 -60.12 -9.53
CA GLY XA 69 -66.57 -61.40 -9.80
C GLY XA 69 -68.04 -61.24 -10.08
N LYS XA 70 -68.56 -60.01 -9.91
CA LYS XA 70 -69.99 -59.75 -9.99
C LYS XA 70 -70.45 -59.69 -11.45
N LYS XA 71 -70.24 -60.82 -12.14
CA LYS XA 71 -70.63 -60.90 -13.53
C LYS XA 71 -72.14 -60.95 -13.70
N LEU XA 72 -72.87 -61.55 -12.76
CA LEU XA 72 -74.32 -61.52 -12.84
C LEU XA 72 -74.85 -60.10 -12.71
N MET XA 73 -74.27 -59.33 -11.79
CA MET XA 73 -74.62 -57.91 -11.68
C MET XA 73 -74.29 -57.17 -12.96
N THR XA 74 -73.15 -57.49 -13.58
CA THR XA 74 -72.81 -56.80 -14.82
C THR XA 74 -73.77 -57.20 -15.95
N VAL XA 75 -74.19 -58.45 -15.98
CA VAL XA 75 -75.17 -58.88 -16.99
C VAL XA 75 -76.48 -58.15 -16.82
N ARG XA 76 -76.95 -58.00 -15.58
CA ARG XA 76 -78.18 -57.24 -15.38
C ARG XA 76 -78.00 -55.77 -15.73
N ILE XA 77 -76.79 -55.22 -15.51
CA ILE XA 77 -76.51 -53.84 -15.89
C ILE XA 77 -76.61 -53.70 -17.40
N VAL XA 78 -76.02 -54.64 -18.14
CA VAL XA 78 -76.06 -54.58 -19.59
C VAL XA 78 -77.50 -54.75 -20.10
N LYS XA 79 -78.27 -55.63 -19.46
CA LYS XA 79 -79.65 -55.82 -19.88
C LYS XA 79 -80.48 -54.54 -19.68
N HIS XA 80 -80.31 -53.90 -18.53
CA HIS XA 80 -81.03 -52.65 -18.27
C HIS XA 80 -80.58 -51.56 -19.23
N ALA XA 81 -79.27 -51.50 -19.53
CA ALA XA 81 -78.78 -50.50 -20.46
C ALA XA 81 -79.35 -50.71 -21.86
N PHE XA 82 -79.45 -51.96 -22.30
CA PHE XA 82 -80.06 -52.23 -23.60
C PHE XA 82 -81.53 -51.84 -23.61
N GLU XA 83 -82.25 -52.14 -22.52
CA GLU XA 83 -83.64 -51.68 -22.43
C GLU XA 83 -83.73 -50.16 -22.56
N ILE XA 84 -82.86 -49.45 -21.84
CA ILE XA 84 -82.92 -47.99 -21.83
C ILE XA 84 -82.60 -47.43 -23.21
N ILE XA 85 -81.57 -47.96 -23.87
CA ILE XA 85 -81.21 -47.42 -25.18
C ILE XA 85 -82.27 -47.77 -26.22
N HIS XA 86 -82.90 -48.94 -26.11
CA HIS XA 86 -84.00 -49.25 -27.01
C HIS XA 86 -85.15 -48.28 -26.84
N LEU XA 87 -85.50 -47.96 -25.58
CA LEU XA 87 -86.58 -47.00 -25.37
C LEU XA 87 -86.19 -45.61 -25.84
N LEU XA 88 -84.93 -45.22 -25.67
CA LEU XA 88 -84.51 -43.87 -26.00
C LEU XA 88 -84.34 -43.66 -27.50
N THR XA 89 -83.92 -44.69 -28.23
CA THR XA 89 -83.62 -44.52 -29.64
C THR XA 89 -84.58 -45.22 -30.59
N GLY XA 90 -85.03 -46.43 -30.25
CA GLY XA 90 -85.94 -47.16 -31.11
C GLY XA 90 -85.29 -48.18 -32.01
N GLU XA 91 -83.97 -48.18 -32.13
CA GLU XA 91 -83.28 -49.13 -32.98
C GLU XA 91 -82.69 -50.25 -32.13
N ASN XA 92 -81.95 -51.14 -32.76
CA ASN XA 92 -81.42 -52.32 -32.07
C ASN XA 92 -80.34 -51.90 -31.09
N PRO XA 93 -80.43 -52.33 -29.82
CA PRO XA 93 -79.32 -52.08 -28.88
C PRO XA 93 -78.01 -52.65 -29.36
N LEU XA 94 -78.03 -53.80 -30.02
CA LEU XA 94 -76.80 -54.35 -30.58
C LEU XA 94 -76.23 -53.45 -31.66
N GLN XA 95 -77.10 -52.89 -32.52
CA GLN XA 95 -76.63 -51.97 -33.53
C GLN XA 95 -76.02 -50.72 -32.90
N VAL XA 96 -76.64 -50.22 -31.83
CA VAL XA 96 -76.10 -49.07 -31.12
C VAL XA 96 -74.73 -49.39 -30.55
N LEU XA 97 -74.58 -50.57 -29.96
CA LEU XA 97 -73.30 -50.98 -29.40
C LEU XA 97 -72.23 -51.10 -30.48
N VAL XA 98 -72.58 -51.68 -31.63
CA VAL XA 98 -71.62 -51.84 -32.72
C VAL XA 98 -71.17 -50.47 -33.24
N ASN XA 99 -72.13 -49.56 -33.44
CA ASN XA 99 -71.78 -48.23 -33.91
C ASN XA 99 -70.92 -47.49 -32.88
N ALA XA 100 -71.21 -47.68 -31.59
CA ALA XA 100 -70.41 -47.07 -30.54
C ALA XA 100 -68.97 -47.59 -30.58
N ILE XA 101 -68.81 -48.90 -30.76
CA ILE XA 101 -67.47 -49.48 -30.87
C ILE XA 101 -66.72 -48.89 -32.05
N ILE XA 102 -67.40 -48.81 -33.19
CA ILE XA 102 -66.75 -48.32 -34.41
C ILE XA 102 -66.32 -46.86 -34.24
N ASN XA 103 -67.20 -46.04 -33.68
CA ASN XA 103 -66.88 -44.63 -33.51
C ASN XA 103 -65.93 -44.36 -32.34
N SER XA 104 -65.74 -45.34 -31.46
CA SER XA 104 -64.86 -45.14 -30.32
C SER XA 104 -63.44 -45.66 -30.57
N GLY XA 105 -63.28 -46.65 -31.44
CA GLY XA 105 -61.96 -47.16 -31.76
C GLY XA 105 -61.08 -46.10 -32.39
N PRO XA 106 -59.96 -45.78 -31.74
CA PRO XA 106 -59.06 -44.73 -32.24
C PRO XA 106 -58.18 -45.28 -33.36
N ARG XA 107 -58.27 -44.66 -34.53
CA ARG XA 107 -57.61 -45.19 -35.72
C ARG XA 107 -56.10 -45.16 -35.64
N GLU XA 108 -55.52 -44.29 -34.82
CA GLU XA 108 -54.07 -44.30 -34.62
C GLU XA 108 -53.76 -43.75 -33.24
N ASP XA 109 -52.56 -44.08 -32.75
CA ASP XA 109 -52.07 -43.66 -31.45
C ASP XA 109 -50.61 -43.28 -31.65
N SER XA 110 -49.88 -43.06 -30.56
CA SER XA 110 -48.46 -42.78 -30.64
C SER XA 110 -47.73 -43.60 -29.59
N THR XA 111 -46.55 -44.12 -29.96
CA THR XA 111 -45.78 -44.92 -29.01
C THR XA 111 -44.31 -44.93 -29.39
N ARG XA 112 -43.46 -44.71 -28.40
CA ARG XA 112 -42.00 -44.82 -28.48
C ARG XA 112 -41.44 -44.67 -27.06
N ILE XA 113 -40.11 -44.62 -26.96
CA ILE XA 113 -39.43 -44.64 -25.68
C ILE XA 113 -38.55 -43.40 -25.47
N GLY XA 114 -37.81 -42.99 -26.50
CA GLY XA 114 -36.80 -41.97 -26.36
C GLY XA 114 -37.31 -40.56 -26.07
N ARG XA 115 -36.48 -39.56 -26.39
CA ARG XA 115 -36.81 -38.17 -26.11
C ARG XA 115 -38.13 -37.78 -26.76
N ALA XA 116 -39.16 -37.57 -25.95
CA ALA XA 116 -40.51 -37.39 -26.48
C ALA XA 116 -40.65 -36.02 -27.14
N GLY XA 117 -41.25 -36.02 -28.33
CA GLY XA 117 -41.58 -34.77 -28.99
C GLY XA 117 -42.69 -34.05 -28.25
N THR XA 118 -43.90 -34.62 -28.29
CA THR XA 118 -45.01 -34.18 -27.46
C THR XA 118 -45.42 -35.24 -26.45
N VAL XA 119 -45.70 -36.46 -26.91
CA VAL XA 119 -45.97 -37.59 -26.03
C VAL XA 119 -45.05 -38.76 -26.35
N ARG XA 120 -45.00 -39.18 -27.61
CA ARG XA 120 -44.11 -40.22 -28.06
C ARG XA 120 -43.43 -39.79 -29.36
N ARG XA 121 -42.30 -40.43 -29.66
CA ARG XA 121 -41.53 -40.04 -30.83
C ARG XA 121 -42.27 -40.38 -32.12
N GLN XA 122 -43.02 -41.47 -32.16
CA GLN XA 122 -43.61 -41.96 -33.39
C GLN XA 122 -45.12 -42.08 -33.27
N ALA XA 123 -45.80 -41.73 -34.36
CA ALA XA 123 -47.23 -41.95 -34.51
C ALA XA 123 -47.44 -43.27 -35.24
N VAL XA 124 -48.22 -44.16 -34.65
CA VAL XA 124 -48.38 -45.53 -35.11
C VAL XA 124 -49.88 -45.82 -35.19
N ASP XA 125 -50.33 -46.31 -36.34
CA ASP XA 125 -51.71 -46.77 -36.45
C ASP XA 125 -51.88 -48.10 -35.73
N VAL XA 126 -53.13 -48.41 -35.37
CA VAL XA 126 -53.42 -49.51 -34.48
C VAL XA 126 -54.10 -50.64 -35.25
N SER XA 127 -54.13 -51.81 -34.62
CA SER XA 127 -54.78 -52.98 -35.18
C SER XA 127 -56.27 -52.95 -34.91
N PRO XA 128 -57.07 -53.67 -35.70
CA PRO XA 128 -58.51 -53.75 -35.41
C PRO XA 128 -58.83 -54.34 -34.04
N LEU XA 129 -58.06 -55.34 -33.60
CA LEU XA 129 -58.28 -55.90 -32.27
C LEU XA 129 -58.02 -54.85 -31.19
N ARG XA 130 -56.94 -54.06 -31.35
CA ARG XA 130 -56.68 -52.98 -30.41
C ARG XA 130 -57.76 -51.91 -30.48
N ARG XA 131 -58.31 -51.66 -31.67
CA ARG XA 131 -59.44 -50.75 -31.80
C ARG XA 131 -60.61 -51.21 -30.95
N VAL XA 132 -60.98 -52.49 -31.07
CA VAL XA 132 -62.12 -53.01 -30.33
C VAL XA 132 -61.86 -52.96 -28.83
N ASN XA 133 -60.65 -53.39 -28.42
CA ASN XA 133 -60.30 -53.41 -27.01
C ASN XA 133 -60.34 -52.01 -26.42
N GLN XA 134 -59.73 -51.04 -27.11
CA GLN XA 134 -59.70 -49.67 -26.62
C GLN XA 134 -61.09 -49.08 -26.58
N ALA XA 135 -61.93 -49.39 -27.57
CA ALA XA 135 -63.28 -48.85 -27.59
C ALA XA 135 -64.10 -49.37 -26.42
N ILE XA 136 -64.04 -50.67 -26.17
CA ILE XA 136 -64.79 -51.25 -25.05
C ILE XA 136 -64.29 -50.67 -23.73
N TRP XA 137 -62.97 -50.58 -23.57
CA TRP XA 137 -62.42 -50.04 -22.34
C TRP XA 137 -62.85 -48.59 -22.13
N LEU XA 138 -62.81 -47.78 -23.20
CA LEU XA 138 -63.21 -46.38 -23.09
C LEU XA 138 -64.68 -46.24 -22.74
N LEU XA 139 -65.54 -47.06 -23.35
CA LEU XA 139 -66.97 -46.99 -23.06
C LEU XA 139 -67.25 -47.33 -21.60
N CYS XA 140 -66.66 -48.43 -21.12
CA CYS XA 140 -66.89 -48.82 -19.74
C CYS XA 140 -66.34 -47.79 -18.77
N THR XA 141 -65.16 -47.23 -19.07
CA THR XA 141 -64.58 -46.21 -18.20
C THR XA 141 -65.46 -44.97 -18.15
N GLY XA 142 -65.95 -44.52 -19.31
CA GLY XA 142 -66.81 -43.35 -19.34
C GLY XA 142 -68.09 -43.57 -18.56
N ALA XA 143 -68.69 -44.75 -18.69
CA ALA XA 143 -69.87 -45.06 -17.89
C ALA XA 143 -69.54 -45.06 -16.40
N ARG XA 144 -68.35 -45.56 -16.03
CA ARG XA 144 -67.98 -45.65 -14.63
C ARG XA 144 -67.84 -44.26 -13.99
N GLU XA 145 -67.06 -43.37 -14.62
CA GLU XA 145 -66.99 -42.02 -14.05
C GLU XA 145 -68.25 -41.21 -14.26
N ALA XA 146 -69.14 -41.62 -15.17
CA ALA XA 146 -70.44 -40.97 -15.23
C ALA XA 146 -71.29 -41.36 -14.02
N ALA XA 147 -71.20 -42.62 -13.60
CA ALA XA 147 -72.08 -43.12 -12.54
C ALA XA 147 -71.48 -43.03 -11.15
N PHE XA 148 -70.21 -42.63 -11.02
CA PHE XA 148 -69.57 -42.68 -9.71
C PHE XA 148 -70.29 -41.88 -8.62
N ARG XA 149 -70.35 -40.56 -8.75
CA ARG XA 149 -70.86 -39.78 -7.63
C ARG XA 149 -72.09 -38.96 -7.99
N ASN XA 150 -73.04 -39.55 -8.69
CA ASN XA 150 -74.30 -38.89 -8.98
C ASN XA 150 -75.44 -39.88 -8.85
N ILE XA 151 -76.66 -39.35 -8.75
CA ILE XA 151 -77.83 -40.18 -8.53
C ILE XA 151 -78.12 -41.06 -9.74
N LYS XA 152 -77.70 -40.64 -10.93
CA LYS XA 152 -78.01 -41.41 -12.13
C LYS XA 152 -77.25 -42.72 -12.11
N THR XA 153 -77.97 -43.83 -12.30
CA THR XA 153 -77.41 -45.13 -12.03
C THR XA 153 -76.50 -45.59 -13.17
N ILE XA 154 -75.81 -46.69 -12.92
CA ILE XA 154 -74.81 -47.21 -13.85
C ILE XA 154 -75.48 -47.65 -15.15
N ALA XA 155 -76.72 -48.13 -15.08
CA ALA XA 155 -77.44 -48.54 -16.27
C ALA XA 155 -77.67 -47.36 -17.20
N GLU XA 156 -78.22 -46.26 -16.68
CA GLU XA 156 -78.43 -45.09 -17.52
C GLU XA 156 -77.11 -44.49 -17.99
N CYS XA 157 -76.08 -44.53 -17.16
CA CYS XA 157 -74.80 -43.97 -17.56
C CYS XA 157 -74.19 -44.74 -18.72
N LEU XA 158 -74.20 -46.07 -18.63
CA LEU XA 158 -73.74 -46.89 -19.75
C LEU XA 158 -74.62 -46.66 -20.97
N ALA XA 159 -75.92 -46.53 -20.75
CA ALA XA 159 -76.86 -46.35 -21.85
C ALA XA 159 -76.57 -45.08 -22.63
N ASP XA 160 -76.48 -43.95 -21.95
CA ASP XA 160 -76.24 -42.71 -22.68
C ASP XA 160 -74.79 -42.59 -23.15
N GLU XA 161 -73.86 -43.31 -22.52
CA GLU XA 161 -72.50 -43.38 -23.07
C GLU XA 161 -72.50 -44.04 -24.44
N LEU XA 162 -73.15 -45.19 -24.55
CA LEU XA 162 -73.30 -45.84 -25.86
C LEU XA 162 -74.09 -44.98 -26.83
N ILE XA 163 -75.13 -44.30 -26.34
CA ILE XA 163 -75.95 -43.47 -27.23
C ILE XA 163 -75.12 -42.35 -27.82
N ASN XA 164 -74.33 -41.66 -26.99
CA ASN XA 164 -73.50 -40.58 -27.50
C ASN XA 164 -72.39 -41.10 -28.40
N ALA XA 165 -71.84 -42.27 -28.07
CA ALA XA 165 -70.74 -42.80 -28.88
C ALA XA 165 -71.23 -43.27 -30.25
N ALA XA 166 -72.44 -43.82 -30.32
CA ALA XA 166 -72.93 -44.36 -31.58
C ALA XA 166 -73.17 -43.27 -32.61
N LYS XA 167 -73.33 -42.03 -32.19
CA LYS XA 167 -73.51 -40.90 -33.10
C LYS XA 167 -72.25 -40.08 -33.26
N GLY XA 168 -71.63 -39.69 -32.15
CA GLY XA 168 -70.48 -38.80 -32.18
C GLY XA 168 -70.93 -37.40 -31.85
N SER XA 169 -70.76 -36.99 -30.60
CA SER XA 169 -71.25 -35.70 -30.15
C SER XA 169 -70.30 -34.96 -29.23
N SER XA 170 -69.09 -35.49 -29.00
CA SER XA 170 -68.11 -34.97 -28.06
C SER XA 170 -68.63 -34.93 -26.62
N ASN XA 171 -69.79 -35.53 -26.37
CA ASN XA 171 -70.35 -35.60 -25.03
C ASN XA 171 -70.01 -36.89 -24.31
N SER XA 172 -69.36 -37.83 -24.97
CA SER XA 172 -69.00 -39.10 -24.38
C SER XA 172 -67.49 -39.16 -24.16
N TYR XA 173 -67.11 -39.65 -22.98
CA TYR XA 173 -65.69 -39.76 -22.61
C TYR XA 173 -64.93 -40.61 -23.61
N ALA XA 174 -65.59 -41.61 -24.19
CA ALA XA 174 -64.91 -42.49 -25.14
C ALA XA 174 -64.42 -41.73 -26.35
N ILE XA 175 -65.30 -40.98 -27.01
CA ILE XA 175 -64.85 -40.29 -28.21
C ILE XA 175 -64.07 -39.02 -27.87
N LYS XA 176 -64.25 -38.45 -26.68
CA LYS XA 176 -63.38 -37.35 -26.27
C LYS XA 176 -61.93 -37.84 -26.14
N LYS XA 177 -61.73 -38.97 -25.48
CA LYS XA 177 -60.39 -39.54 -25.38
C LYS XA 177 -59.89 -40.01 -26.72
N LYS XA 178 -60.78 -40.51 -27.58
CA LYS XA 178 -60.37 -40.88 -28.93
C LYS XA 178 -59.84 -39.68 -29.70
N ASP XA 179 -60.55 -38.55 -29.62
CA ASP XA 179 -60.09 -37.34 -30.31
C ASP XA 179 -58.78 -36.85 -29.73
N GLU XA 180 -58.62 -36.93 -28.41
CA GLU XA 180 -57.35 -36.54 -27.79
C GLU XA 180 -56.21 -37.40 -28.31
N LEU XA 181 -56.43 -38.72 -28.38
CA LEU XA 181 -55.40 -39.62 -28.90
C LEU XA 181 -55.09 -39.32 -30.36
N GLU XA 182 -56.12 -39.04 -31.16
CA GLU XA 182 -55.91 -38.75 -32.58
C GLU XA 182 -55.11 -37.47 -32.76
N ARG XA 183 -55.42 -36.44 -31.96
CA ARG XA 183 -54.68 -35.18 -32.05
C ARG XA 183 -53.23 -35.38 -31.62
N VAL XA 184 -52.99 -36.15 -30.57
CA VAL XA 184 -51.62 -36.41 -30.14
C VAL XA 184 -50.85 -37.13 -31.22
N ALA XA 185 -51.46 -38.14 -31.84
CA ALA XA 185 -50.78 -38.87 -32.91
C ALA XA 185 -50.52 -37.98 -34.11
N LYS XA 186 -51.49 -37.13 -34.46
CA LYS XA 186 -51.30 -36.24 -35.60
C LYS XA 186 -50.17 -35.24 -35.34
N SER XA 187 -50.08 -34.74 -34.11
CA SER XA 187 -48.95 -33.89 -33.76
C SER XA 187 -47.63 -34.64 -33.77
N ASN XA 188 -47.66 -35.93 -33.42
CA ASN XA 188 -46.46 -36.74 -33.39
C ASN XA 188 -46.14 -37.39 -34.73
N ARG XA 189 -46.90 -37.08 -35.78
CA ARG XA 189 -46.62 -37.57 -37.12
C ARG XA 189 -45.19 -37.26 -37.57
N MET YA 1 -28.29 -84.62 49.45
CA MET YA 1 -29.73 -84.78 49.49
C MET YA 1 -30.21 -85.19 50.89
N LEU YA 2 -31.17 -84.44 51.42
CA LEU YA 2 -31.72 -84.70 52.75
C LEU YA 2 -32.71 -85.86 52.77
N MET YA 3 -32.81 -86.61 51.69
CA MET YA 3 -33.80 -87.66 51.58
C MET YA 3 -33.53 -88.78 52.59
N PRO YA 4 -34.56 -89.29 53.26
CA PRO YA 4 -34.34 -90.16 54.43
C PRO YA 4 -34.07 -91.62 54.11
N LYS YA 5 -33.98 -92.43 55.16
CA LYS YA 5 -33.80 -93.87 54.97
C LYS YA 5 -35.05 -94.51 54.37
N LYS YA 6 -36.22 -94.10 54.84
CA LYS YA 6 -37.46 -94.78 54.46
C LYS YA 6 -37.73 -94.73 52.96
N ASN YA 7 -37.10 -93.80 52.24
CA ASN YA 7 -37.12 -93.85 50.79
C ASN YA 7 -35.77 -94.19 50.16
N ARG YA 8 -34.66 -94.00 50.88
CA ARG YA 8 -33.37 -94.40 50.35
C ARG YA 8 -33.29 -95.91 50.14
N ILE YA 9 -33.66 -96.68 51.17
CA ILE YA 9 -33.69 -98.13 51.02
C ILE YA 9 -34.72 -98.57 49.98
N ALA YA 10 -35.84 -97.84 49.88
CA ALA YA 10 -36.84 -98.19 48.87
C ALA YA 10 -36.27 -98.04 47.46
N ILE YA 11 -35.61 -96.92 47.19
CA ILE YA 11 -34.98 -96.71 45.89
C ILE YA 11 -33.90 -97.75 45.64
N TYR YA 12 -33.10 -98.05 46.67
CA TYR YA 12 -31.99 -98.98 46.49
C TYR YA 12 -32.50 -100.39 46.21
N GLU YA 13 -33.57 -100.82 46.88
CA GLU YA 13 -34.09 -102.15 46.62
C GLU YA 13 -34.81 -102.22 45.28
N LEU YA 14 -35.44 -101.12 44.84
CA LEU YA 14 -35.94 -101.09 43.48
C LEU YA 14 -34.81 -101.25 42.48
N LEU YA 15 -33.70 -100.55 42.71
CA LEU YA 15 -32.55 -100.64 41.82
C LEU YA 15 -31.89 -102.01 41.86
N PHE YA 16 -32.03 -102.73 42.99
CA PHE YA 16 -31.43 -104.05 43.06
C PHE YA 16 -32.32 -105.15 42.50
N LYS YA 17 -33.64 -104.98 42.58
CA LYS YA 17 -34.55 -106.02 42.11
C LYS YA 17 -34.36 -106.28 40.61
N GLU YA 18 -34.19 -105.22 39.83
CA GLU YA 18 -33.86 -105.32 38.42
C GLU YA 18 -32.65 -104.44 38.16
N GLY YA 19 -31.76 -104.90 37.28
CA GLY YA 19 -30.48 -104.24 37.10
C GLY YA 19 -30.53 -102.85 36.50
N VAL YA 20 -31.72 -102.31 36.23
CA VAL YA 20 -31.88 -101.00 35.62
C VAL YA 20 -32.93 -100.22 36.41
N MET YA 21 -32.98 -98.92 36.14
CA MET YA 21 -34.14 -98.14 36.53
C MET YA 21 -34.24 -96.89 35.67
N VAL YA 22 -35.47 -96.50 35.37
CA VAL YA 22 -35.78 -95.43 34.43
C VAL YA 22 -36.46 -94.31 35.19
N ALA YA 23 -35.97 -93.08 35.00
CA ALA YA 23 -36.53 -91.93 35.71
C ALA YA 23 -36.69 -90.77 34.76
N LYS YA 24 -37.91 -90.29 34.59
CA LYS YA 24 -38.15 -89.11 33.77
C LYS YA 24 -37.54 -87.89 34.43
N LYS YA 25 -36.87 -87.05 33.63
CA LYS YA 25 -36.26 -85.85 34.17
C LYS YA 25 -37.33 -84.82 34.50
N ASP YA 26 -37.80 -84.82 35.74
CA ASP YA 26 -38.77 -83.85 36.20
C ASP YA 26 -38.52 -83.67 37.71
N VAL YA 27 -37.76 -82.63 38.06
CA VAL YA 27 -37.48 -82.37 39.46
C VAL YA 27 -38.74 -81.94 40.20
N HIS YA 28 -39.72 -81.40 39.49
CA HIS YA 28 -40.96 -80.96 40.11
C HIS YA 28 -42.05 -82.03 40.09
N MET YA 29 -41.73 -83.22 39.61
CA MET YA 29 -42.71 -84.30 39.58
C MET YA 29 -43.03 -84.72 41.01
N PRO YA 30 -44.31 -84.68 41.41
CA PRO YA 30 -44.64 -85.03 42.80
C PRO YA 30 -44.30 -86.46 43.17
N LYS YA 31 -44.38 -87.39 42.23
CA LYS YA 31 -44.20 -88.80 42.55
C LYS YA 31 -43.61 -89.57 41.38
N HIS YA 32 -42.58 -90.35 41.68
CA HIS YA 32 -42.03 -91.29 40.72
C HIS YA 32 -43.03 -92.41 40.47
N PRO YA 33 -43.33 -92.77 39.20
CA PRO YA 33 -44.51 -93.60 38.93
C PRO YA 33 -44.50 -94.99 39.55
N GLU YA 34 -43.50 -95.82 39.30
CA GLU YA 34 -43.48 -97.07 40.04
C GLU YA 34 -43.02 -96.82 41.47
N LEU YA 35 -43.13 -97.86 42.29
CA LEU YA 35 -43.12 -97.75 43.75
C LEU YA 35 -44.06 -96.62 44.20
N ALA YA 36 -45.30 -96.67 43.69
CA ALA YA 36 -46.27 -95.60 43.88
C ALA YA 36 -46.68 -95.42 45.34
N ASP YA 37 -46.42 -96.41 46.19
CA ASP YA 37 -46.89 -96.40 47.57
C ASP YA 37 -45.85 -95.93 48.57
N LYS YA 38 -44.66 -95.54 48.12
CA LYS YA 38 -43.58 -95.17 49.01
C LYS YA 38 -43.43 -93.67 49.20
N ASN YA 39 -44.19 -92.85 48.46
CA ASN YA 39 -44.14 -91.40 48.55
C ASN YA 39 -42.72 -90.86 48.33
N VAL YA 40 -42.10 -91.30 47.24
CA VAL YA 40 -40.73 -90.95 46.92
C VAL YA 40 -40.74 -89.88 45.84
N PRO YA 41 -40.26 -88.67 46.11
CA PRO YA 41 -40.23 -87.64 45.06
C PRO YA 41 -39.19 -87.92 43.99
N ASN YA 42 -39.54 -87.50 42.77
CA ASN YA 42 -38.66 -87.70 41.63
C ASN YA 42 -37.34 -86.98 41.80
N LEU YA 43 -37.34 -85.81 42.43
CA LEU YA 43 -36.08 -85.12 42.70
C LEU YA 43 -35.17 -85.95 43.58
N HIS YA 44 -35.74 -86.56 44.63
CA HIS YA 44 -34.95 -87.38 45.53
C HIS YA 44 -34.38 -88.59 44.80
N VAL YA 45 -35.19 -89.26 43.97
CA VAL YA 45 -34.66 -90.44 43.29
C VAL YA 45 -33.61 -90.04 42.25
N MET YA 46 -33.81 -88.91 41.56
CA MET YA 46 -32.82 -88.43 40.60
C MET YA 46 -31.49 -88.13 41.27
N LYS YA 47 -31.53 -87.44 42.42
CA LYS YA 47 -30.25 -87.12 43.05
C LYS YA 47 -29.61 -88.33 43.72
N ALA YA 48 -30.40 -89.29 44.21
CA ALA YA 48 -29.82 -90.51 44.72
C ALA YA 48 -29.09 -91.27 43.61
N MET YA 49 -29.72 -91.39 42.44
CA MET YA 49 -29.06 -92.07 41.35
C MET YA 49 -27.87 -91.26 40.83
N GLN YA 50 -27.94 -89.93 40.92
CA GLN YA 50 -26.80 -89.11 40.52
C GLN YA 50 -25.61 -89.33 41.46
N SER YA 51 -25.87 -89.45 42.77
CA SER YA 51 -24.80 -89.75 43.71
C SER YA 51 -24.22 -91.13 43.44
N LEU YA 52 -25.07 -92.11 43.13
CA LEU YA 52 -24.56 -93.42 42.78
C LEU YA 52 -23.71 -93.38 41.52
N LYS YA 53 -24.11 -92.58 40.53
CA LYS YA 53 -23.29 -92.39 39.33
C LYS YA 53 -21.94 -91.80 39.68
N SER YA 54 -21.93 -90.77 40.53
CA SER YA 54 -20.68 -90.11 40.89
C SER YA 54 -19.75 -91.08 41.61
N ARG YA 55 -20.30 -91.92 42.47
CA ARG YA 55 -19.48 -92.95 43.10
C ARG YA 55 -19.20 -94.14 42.19
N GLY YA 56 -19.82 -94.19 41.01
CA GLY YA 56 -19.43 -95.13 39.99
C GLY YA 56 -20.16 -96.46 39.98
N TYR YA 57 -21.21 -96.61 40.79
CA TYR YA 57 -21.93 -97.88 40.86
C TYR YA 57 -23.03 -98.00 39.83
N VAL YA 58 -23.34 -96.93 39.09
CA VAL YA 58 -24.39 -96.96 38.08
C VAL YA 58 -23.96 -96.07 36.92
N LYS YA 59 -24.27 -96.49 35.70
CA LYS YA 59 -23.95 -95.72 34.50
C LYS YA 59 -25.24 -95.15 33.91
N GLU YA 60 -25.14 -93.93 33.42
CA GLU YA 60 -26.32 -93.13 33.10
C GLU YA 60 -26.39 -92.90 31.59
N GLN YA 61 -27.60 -93.06 31.04
CA GLN YA 61 -27.86 -92.79 29.64
C GLN YA 61 -29.07 -91.87 29.55
N PHE YA 62 -28.97 -90.85 28.70
CA PHE YA 62 -29.98 -89.78 28.63
C PHE YA 62 -30.54 -89.68 27.22
N ALA YA 63 -31.78 -90.12 27.05
CA ALA YA 63 -32.57 -89.83 25.85
C ALA YA 63 -33.29 -88.50 26.06
N TRP YA 64 -34.34 -88.24 25.27
CA TRP YA 64 -35.02 -86.96 25.21
C TRP YA 64 -35.25 -86.32 26.58
N ARG YA 65 -36.07 -86.95 27.42
CA ARG YA 65 -36.35 -86.43 28.76
C ARG YA 65 -36.36 -87.56 29.78
N HIS YA 66 -35.37 -88.44 29.72
CA HIS YA 66 -35.36 -89.60 30.60
C HIS YA 66 -33.93 -90.02 30.91
N PHE YA 67 -33.74 -90.53 32.13
CA PHE YA 67 -32.52 -91.22 32.52
C PHE YA 67 -32.79 -92.72 32.54
N TYR YA 68 -31.80 -93.49 32.11
CA TYR YA 68 -31.94 -94.93 31.90
C TYR YA 68 -30.84 -95.68 32.66
N TRP YA 69 -30.76 -95.43 33.96
CA TRP YA 69 -29.62 -95.88 34.75
C TRP YA 69 -29.46 -97.41 34.72
N TYR YA 70 -28.22 -97.85 34.47
CA TYR YA 70 -27.84 -99.25 34.42
C TYR YA 70 -26.90 -99.53 35.59
N LEU YA 71 -27.32 -100.42 36.48
CA LEU YA 71 -26.47 -100.79 37.61
C LEU YA 71 -25.27 -101.60 37.14
N THR YA 72 -24.15 -101.41 37.82
CA THR YA 72 -22.87 -102.00 37.41
C THR YA 72 -22.42 -103.09 38.38
N ASN YA 73 -21.40 -103.83 37.95
CA ASN YA 73 -20.81 -104.86 38.82
C ASN YA 73 -20.19 -104.25 40.06
N GLU YA 74 -19.65 -103.04 39.96
CA GLU YA 74 -19.22 -102.31 41.15
C GLU YA 74 -20.41 -101.93 42.02
N GLY YA 75 -21.61 -101.87 41.46
CA GLY YA 75 -22.79 -101.59 42.23
C GLY YA 75 -23.40 -102.81 42.88
N ILE YA 76 -23.09 -103.99 42.33
CA ILE YA 76 -23.59 -105.26 42.88
C ILE YA 76 -23.24 -105.36 44.36
N GLN YA 77 -21.94 -105.39 44.68
CA GLN YA 77 -21.54 -105.64 46.05
C GLN YA 77 -21.88 -104.46 46.96
N TYR YA 78 -21.91 -103.24 46.43
CA TYR YA 78 -22.25 -102.10 47.26
C TYR YA 78 -23.72 -102.16 47.67
N LEU YA 79 -24.60 -102.48 46.73
CA LEU YA 79 -25.99 -102.72 47.10
C LEU YA 79 -26.12 -103.89 48.05
N ARG YA 80 -25.35 -104.96 47.83
CA ARG YA 80 -25.43 -106.14 48.68
C ARG YA 80 -25.10 -105.82 50.13
N ASP YA 81 -23.97 -105.15 50.36
CA ASP YA 81 -23.58 -104.89 51.74
C ASP YA 81 -24.22 -103.62 52.31
N TYR YA 82 -24.87 -102.81 51.48
CA TYR YA 82 -25.70 -101.74 52.02
C TYR YA 82 -27.05 -102.25 52.48
N LEU YA 83 -27.61 -103.23 51.76
CA LEU YA 83 -28.88 -103.83 52.13
C LEU YA 83 -28.71 -105.06 53.01
N HIS YA 84 -27.46 -105.45 53.32
CA HIS YA 84 -27.15 -106.59 54.17
C HIS YA 84 -27.76 -107.87 53.62
N LEU YA 85 -27.29 -108.24 52.44
CA LEU YA 85 -27.80 -109.40 51.73
C LEU YA 85 -26.64 -110.33 51.37
N PRO YA 86 -26.77 -111.63 51.61
CA PRO YA 86 -25.70 -112.55 51.21
C PRO YA 86 -25.60 -112.63 49.70
N PRO YA 87 -24.42 -112.93 49.16
CA PRO YA 87 -24.26 -112.97 47.70
C PRO YA 87 -24.94 -114.17 47.06
N GLU YA 88 -26.24 -114.28 47.23
CA GLU YA 88 -27.01 -115.35 46.60
C GLU YA 88 -28.20 -114.83 45.81
N ILE YA 89 -28.84 -113.77 46.26
CA ILE YA 89 -29.91 -113.13 45.50
C ILE YA 89 -29.29 -112.16 44.51
N VAL YA 90 -29.69 -112.26 43.25
CA VAL YA 90 -29.09 -111.49 42.17
C VAL YA 90 -30.17 -110.62 41.56
N PRO YA 91 -29.79 -109.52 40.90
CA PRO YA 91 -30.76 -108.75 40.13
C PRO YA 91 -31.34 -109.57 38.98
N ALA YA 92 -32.46 -109.07 38.43
CA ALA YA 92 -33.18 -109.82 37.41
C ALA YA 92 -32.34 -110.01 36.15
N THR YA 93 -31.59 -108.99 35.75
CA THR YA 93 -30.79 -109.08 34.53
C THR YA 93 -29.63 -110.06 34.66
N LEU YA 94 -29.21 -110.40 35.89
CA LEU YA 94 -28.05 -111.26 36.06
C LEU YA 94 -28.38 -112.71 35.74
N ARG YA 95 -29.31 -113.31 36.50
CA ARG YA 95 -29.64 -114.72 36.35
C ARG YA 95 -31.14 -114.87 36.10
N ARG YA 96 -31.49 -115.64 35.09
CA ARG YA 96 -32.88 -116.01 34.82
C ARG YA 96 -32.94 -117.53 34.67
N SER YA 97 -33.75 -118.16 35.52
CA SER YA 97 -34.03 -119.59 35.48
C SER YA 97 -32.79 -120.46 35.69
N ARG YA 98 -31.64 -119.84 35.96
CA ARG YA 98 -30.38 -120.57 36.09
C ARG YA 98 -29.66 -120.17 37.36
N VAL ZA 1 -18.89 -114.89 80.50
CA VAL ZA 1 -19.42 -113.62 80.04
C VAL ZA 1 -19.24 -113.53 78.53
N MET ZA 2 -18.38 -114.39 77.98
CA MET ZA 2 -18.12 -114.36 76.55
C MET ZA 2 -19.34 -114.81 75.75
N ASP ZA 3 -20.08 -115.80 76.25
CA ASP ZA 3 -21.27 -116.26 75.54
C ASP ZA 3 -22.32 -115.16 75.43
N VAL ZA 4 -22.67 -114.55 76.56
CA VAL ZA 4 -23.65 -113.46 76.53
C VAL ZA 4 -23.09 -112.25 75.78
N ASN ZA 5 -21.77 -112.08 75.80
CA ASN ZA 5 -21.14 -110.98 75.06
C ASN ZA 5 -21.37 -111.15 73.57
N THR ZA 6 -21.04 -112.33 73.03
CA THR ZA 6 -21.33 -112.61 71.62
C THR ZA 6 -22.82 -112.57 71.34
N ALA ZA 7 -23.64 -112.94 72.32
CA ALA ZA 7 -25.09 -112.90 72.14
C ALA ZA 7 -25.58 -111.49 71.89
N LEU ZA 8 -25.22 -110.54 72.76
CA LEU ZA 8 -25.71 -109.18 72.48
C LEU ZA 8 -24.95 -108.55 71.33
N GLN ZA 9 -23.74 -109.05 71.02
CA GLN ZA 9 -23.04 -108.56 69.84
C GLN ZA 9 -23.81 -108.88 68.56
N GLU ZA 10 -24.26 -110.13 68.43
CA GLU ZA 10 -25.06 -110.48 67.26
C GLU ZA 10 -26.45 -109.86 67.33
N VAL ZA 11 -26.98 -109.63 68.54
CA VAL ZA 11 -28.26 -108.94 68.67
C VAL ZA 11 -28.15 -107.51 68.13
N LEU ZA 12 -27.10 -106.79 68.53
CA LEU ZA 12 -26.93 -105.44 68.04
C LEU ZA 12 -26.53 -105.42 66.57
N LYS ZA 13 -25.89 -106.48 66.07
CA LYS ZA 13 -25.67 -106.58 64.64
C LYS ZA 13 -26.98 -106.68 63.89
N THR ZA 14 -27.89 -107.54 64.37
CA THR ZA 14 -29.22 -107.63 63.76
C THR ZA 14 -29.98 -106.31 63.88
N ALA ZA 15 -29.77 -105.60 64.99
CA ALA ZA 15 -30.35 -104.27 65.14
C ALA ZA 15 -29.78 -103.30 64.13
N LEU ZA 16 -28.50 -103.43 63.79
CA LEU ZA 16 -27.92 -102.63 62.71
C LEU ZA 16 -28.56 -102.97 61.38
N ILE ZA 17 -28.81 -104.26 61.14
CA ILE ZA 17 -29.46 -104.67 59.89
C ILE ZA 17 -30.85 -104.04 59.79
N HIS ZA 18 -31.61 -104.11 60.88
CA HIS ZA 18 -32.96 -103.57 60.92
C HIS ZA 18 -32.92 -102.14 61.46
N ASP ZA 19 -34.08 -101.59 61.84
CA ASP ZA 19 -34.17 -100.20 62.28
C ASP ZA 19 -34.50 -100.06 63.75
N GLY ZA 20 -34.61 -101.15 64.50
CA GLY ZA 20 -34.92 -101.07 65.92
C GLY ZA 20 -33.69 -100.85 66.78
N LEU ZA 21 -33.03 -99.71 66.61
CA LEU ZA 21 -31.75 -99.45 67.27
C LEU ZA 21 -31.81 -98.26 68.21
N ALA ZA 22 -32.23 -97.09 67.72
CA ALA ZA 22 -32.45 -95.88 68.53
C ALA ZA 22 -31.19 -95.48 69.29
N ARG ZA 23 -30.16 -95.13 68.51
CA ARG ZA 23 -28.90 -94.65 69.07
C ARG ZA 23 -29.10 -93.25 69.63
N GLY ZA 24 -29.23 -93.16 70.95
CA GLY ZA 24 -29.43 -91.89 71.62
C GLY ZA 24 -30.45 -92.00 72.73
N ILE ZA 25 -30.25 -91.21 73.79
CA ILE ZA 25 -31.15 -91.26 74.94
C ILE ZA 25 -32.53 -90.76 74.60
N ARG ZA 26 -32.66 -89.81 73.67
CA ARG ZA 26 -33.99 -89.29 73.32
C ARG ZA 26 -34.85 -90.37 72.69
N GLU ZA 27 -34.33 -91.04 71.65
CA GLU ZA 27 -35.08 -92.13 71.03
C GLU ZA 27 -35.23 -93.31 71.98
N ALA ZA 28 -34.22 -93.55 72.83
CA ALA ZA 28 -34.31 -94.62 73.82
C ALA ZA 28 -35.47 -94.37 74.78
N ALA ZA 29 -35.58 -93.13 75.29
CA ALA ZA 29 -36.66 -92.78 76.21
C ALA ZA 29 -38.01 -92.80 75.52
N LYS ZA 30 -38.06 -92.43 74.23
CA LYS ZA 30 -39.30 -92.56 73.48
C LYS ZA 30 -39.73 -94.02 73.41
N ALA ZA 31 -38.81 -94.91 73.06
CA ALA ZA 31 -39.11 -96.34 73.04
C ALA ZA 31 -39.47 -96.86 74.43
N LEU ZA 32 -38.92 -96.23 75.48
CA LEU ZA 32 -39.23 -96.65 76.84
C LEU ZA 32 -40.66 -96.30 77.21
N ASP ZA 33 -41.02 -95.01 77.14
CA ASP ZA 33 -42.35 -94.61 77.60
C ASP ZA 33 -43.44 -94.95 76.59
N LYS ZA 34 -43.06 -95.42 75.39
CA LYS ZA 34 -44.05 -96.06 74.54
C LYS ZA 34 -44.22 -97.54 74.84
N ARG ZA 35 -43.47 -98.07 75.81
CA ARG ZA 35 -43.37 -99.50 76.11
C ARG ZA 35 -42.92 -100.30 74.90
N GLN ZA 36 -42.30 -99.64 73.93
CA GLN ZA 36 -41.76 -100.30 72.74
C GLN ZA 36 -40.25 -100.51 72.91
N ALA ZA 37 -39.89 -101.32 73.91
CA ALA ZA 37 -38.49 -101.57 74.19
C ALA ZA 37 -38.35 -102.95 74.81
N HIS ZA 38 -37.19 -103.57 74.59
CA HIS ZA 38 -36.96 -104.92 75.09
C HIS ZA 38 -35.66 -105.00 75.89
N LEU ZA 39 -34.65 -104.22 75.48
CA LEU ZA 39 -33.36 -104.22 76.16
C LEU ZA 39 -32.90 -102.77 76.33
N CYS ZA 40 -32.01 -102.57 77.29
CA CYS ZA 40 -31.33 -101.29 77.47
C CYS ZA 40 -29.91 -101.57 77.92
N VAL ZA 41 -28.93 -101.20 77.10
CA VAL ZA 41 -27.53 -101.33 77.46
C VAL ZA 41 -26.96 -99.94 77.65
N LEU ZA 42 -26.30 -99.74 78.79
CA LEU ZA 42 -25.74 -98.48 79.25
C LEU ZA 42 -24.23 -98.64 79.46
N ALA ZA 43 -23.48 -97.58 79.17
CA ALA ZA 43 -22.04 -97.59 79.41
C ALA ZA 43 -21.77 -97.33 80.89
N SER ZA 44 -21.09 -98.28 81.54
CA SER ZA 44 -20.72 -98.12 82.93
C SER ZA 44 -19.65 -97.05 83.13
N ASN ZA 45 -19.01 -96.58 82.07
CA ASN ZA 45 -18.00 -95.55 82.13
C ASN ZA 45 -18.60 -94.27 81.52
N CYS ZA 46 -19.30 -93.51 82.36
CA CYS ZA 46 -19.89 -92.24 81.94
C CYS ZA 46 -19.69 -91.23 83.06
N ASP ZA 47 -19.08 -90.08 82.71
CA ASP ZA 47 -18.72 -89.10 83.72
C ASP ZA 47 -19.90 -88.29 84.21
N GLU ZA 48 -20.89 -88.06 83.37
CA GLU ZA 48 -21.96 -87.13 83.73
C GLU ZA 48 -22.86 -87.80 84.76
N PRO ZA 49 -23.14 -87.14 85.90
CA PRO ZA 49 -23.69 -87.86 87.07
C PRO ZA 49 -25.02 -88.59 86.86
N MET ZA 50 -26.07 -87.85 86.52
CA MET ZA 50 -27.40 -88.46 86.42
C MET ZA 50 -27.70 -88.99 85.03
N TYR ZA 51 -26.73 -88.94 84.12
CA TYR ZA 51 -26.88 -89.58 82.82
C TYR ZA 51 -27.09 -91.08 82.99
N VAL ZA 52 -26.30 -91.71 83.86
CA VAL ZA 52 -26.46 -93.13 84.15
C VAL ZA 52 -27.56 -93.40 85.15
N LYS ZA 53 -28.29 -92.38 85.57
CA LYS ZA 53 -29.34 -92.54 86.57
C LYS ZA 53 -30.74 -92.38 86.02
N LEU ZA 54 -30.96 -91.42 85.12
CA LEU ZA 54 -32.29 -91.25 84.53
C LEU ZA 54 -32.70 -92.49 83.74
N VAL ZA 55 -31.79 -93.04 82.94
CA VAL ZA 55 -32.15 -94.17 82.08
C VAL ZA 55 -32.42 -95.41 82.91
N GLU ZA 56 -31.63 -95.64 83.98
CA GLU ZA 56 -31.89 -96.80 84.81
C GLU ZA 56 -33.15 -96.62 85.64
N ALA ZA 57 -33.47 -95.39 86.05
CA ALA ZA 57 -34.73 -95.15 86.74
C ALA ZA 57 -35.91 -95.45 85.82
N LEU ZA 58 -35.85 -94.99 84.57
CA LEU ZA 58 -36.92 -95.27 83.62
C LEU ZA 58 -37.05 -96.76 83.34
N CYS ZA 59 -35.91 -97.44 83.17
CA CYS ZA 59 -35.93 -98.86 82.85
C CYS ZA 59 -36.35 -99.71 84.04
N ALA ZA 60 -36.16 -99.22 85.27
CA ALA ZA 60 -36.68 -99.90 86.44
C ALA ZA 60 -38.18 -99.66 86.60
N GLU ZA 61 -38.64 -98.45 86.28
CA GLU ZA 61 -40.07 -98.16 86.31
C GLU ZA 61 -40.81 -99.02 85.28
N HIS ZA 62 -40.23 -99.21 84.12
CA HIS ZA 62 -40.75 -100.17 83.16
C HIS ZA 62 -40.19 -101.56 83.49
N GLN ZA 63 -40.56 -102.56 82.69
CA GLN ZA 63 -40.08 -103.92 82.87
C GLN ZA 63 -39.24 -104.28 81.65
N ILE ZA 64 -37.97 -103.89 81.69
CA ILE ZA 64 -37.05 -104.03 80.57
C ILE ZA 64 -35.67 -104.38 81.11
N ASN ZA 65 -34.95 -105.25 80.39
CA ASN ZA 65 -33.62 -105.66 80.81
C ASN ZA 65 -32.64 -104.50 80.81
N LEU ZA 66 -31.77 -104.48 81.81
CA LEU ZA 66 -30.68 -103.50 81.92
C LEU ZA 66 -29.35 -104.24 81.91
N ILE ZA 67 -28.48 -103.88 80.97
CA ILE ZA 67 -27.15 -104.46 80.85
C ILE ZA 67 -26.15 -103.31 80.78
N LYS ZA 68 -24.96 -103.53 81.33
CA LYS ZA 68 -23.91 -102.53 81.35
C LYS ZA 68 -22.72 -103.00 80.51
N VAL ZA 69 -22.17 -102.07 79.73
CA VAL ZA 69 -21.03 -102.33 78.87
C VAL ZA 69 -19.84 -101.55 79.42
N ASP ZA 70 -18.63 -102.09 79.20
CA ASP ZA 70 -17.44 -101.56 79.84
C ASP ZA 70 -17.13 -100.13 79.41
N ASP ZA 71 -17.24 -99.84 78.12
CA ASP ZA 71 -16.81 -98.54 77.62
C ASP ZA 71 -17.80 -97.99 76.59
N ASN ZA 72 -18.05 -96.69 76.67
CA ASN ZA 72 -18.96 -96.04 75.73
C ASN ZA 72 -18.40 -96.03 74.30
N LYS ZA 73 -17.09 -95.77 74.15
CA LYS ZA 73 -16.50 -95.78 72.82
C LYS ZA 73 -16.46 -97.19 72.26
N LYS ZA 74 -16.24 -98.20 73.12
CA LYS ZA 74 -16.32 -99.58 72.67
C LYS ZA 74 -17.73 -99.93 72.22
N LEU ZA 75 -18.74 -99.47 72.97
CA LEU ZA 75 -20.13 -99.71 72.56
C LEU ZA 75 -20.44 -99.01 71.24
N GLY ZA 76 -19.89 -97.80 71.04
CA GLY ZA 76 -20.08 -97.10 69.78
C GLY ZA 76 -19.45 -97.82 68.61
N GLU ZA 77 -18.23 -98.33 68.80
CA GLU ZA 77 -17.59 -99.12 67.76
C GLU ZA 77 -18.39 -100.39 67.47
N TRP ZA 78 -18.97 -101.00 68.51
CA TRP ZA 78 -19.77 -102.20 68.33
C TRP ZA 78 -21.04 -101.89 67.53
N VAL ZA 79 -21.76 -100.83 67.91
CA VAL ZA 79 -22.98 -100.45 67.22
C VAL ZA 79 -22.69 -99.78 65.88
N GLY ZA 80 -21.43 -99.57 65.55
CA GLY ZA 80 -21.07 -99.06 64.24
C GLY ZA 80 -21.38 -97.59 64.04
N LEU ZA 81 -21.15 -96.77 65.06
CA LEU ZA 81 -21.27 -95.32 64.92
C LEU ZA 81 -19.95 -94.71 64.44
N CYS ZA 82 -19.44 -95.23 63.33
CA CYS ZA 82 -18.13 -94.86 62.84
C CYS ZA 82 -18.11 -95.02 61.32
N LYS ZA 83 -16.91 -94.96 60.73
CA LYS ZA 83 -16.76 -95.09 59.29
C LYS ZA 83 -16.99 -96.50 58.80
N ILE ZA 84 -16.87 -97.50 59.69
CA ILE ZA 84 -16.90 -98.92 59.34
C ILE ZA 84 -15.86 -99.16 58.27
N ASP ZA 85 -14.59 -99.06 58.64
CA ASP ZA 85 -13.47 -99.25 57.74
C ASP ZA 85 -12.40 -100.10 58.41
N ARG ZA 86 -12.83 -101.22 59.00
CA ARG ZA 86 -11.96 -102.03 59.84
C ARG ZA 86 -10.75 -102.56 59.09
N GLU ZA 87 -10.86 -102.71 57.77
CA GLU ZA 87 -9.74 -103.21 56.99
C GLU ZA 87 -8.64 -102.17 56.82
N GLY ZA 88 -8.99 -100.88 56.80
CA GLY ZA 88 -8.01 -99.85 56.56
C GLY ZA 88 -7.90 -98.77 57.61
N LYS ZA 89 -8.96 -98.55 58.38
CA LYS ZA 89 -9.00 -97.42 59.30
C LYS ZA 89 -9.44 -97.88 60.69
N PRO ZA 90 -8.97 -97.20 61.74
CA PRO ZA 90 -9.56 -97.42 63.07
C PRO ZA 90 -11.02 -97.03 63.15
N ARG ZA 91 -11.53 -96.23 62.21
CA ARG ZA 91 -12.93 -95.78 62.17
C ARG ZA 91 -13.28 -95.03 63.46
N LYS ZA 92 -12.69 -93.84 63.56
CA LYS ZA 92 -12.95 -92.91 64.67
C LYS ZA 92 -14.44 -92.82 64.97
N VAL ZA 93 -14.78 -92.98 66.24
CA VAL ZA 93 -16.15 -93.25 66.65
C VAL ZA 93 -16.60 -92.19 67.64
N VAL ZA 94 -17.90 -91.93 67.66
CA VAL ZA 94 -18.51 -91.08 68.67
C VAL ZA 94 -18.82 -91.91 69.90
N GLY ZA 95 -19.11 -91.23 71.00
CA GLY ZA 95 -19.41 -91.92 72.24
C GLY ZA 95 -20.87 -92.34 72.35
N CYS ZA 96 -21.15 -93.61 72.08
CA CYS ZA 96 -22.49 -94.16 72.22
C CYS ZA 96 -22.58 -94.92 73.53
N SER ZA 97 -23.43 -94.45 74.43
CA SER ZA 97 -23.52 -94.99 75.78
C SER ZA 97 -24.91 -95.53 76.10
N CYS ZA 98 -25.74 -95.76 75.10
CA CYS ZA 98 -27.11 -96.23 75.33
C CYS ZA 98 -27.65 -96.84 74.06
N VAL ZA 99 -28.06 -98.11 74.12
CA VAL ZA 99 -28.69 -98.77 72.98
C VAL ZA 99 -29.91 -99.54 73.48
N VAL ZA 100 -31.01 -99.42 72.75
CA VAL ZA 100 -32.26 -100.12 73.07
C VAL ZA 100 -32.67 -100.95 71.87
N VAL ZA 101 -32.96 -102.23 72.11
CA VAL ZA 101 -33.21 -103.21 71.05
C VAL ZA 101 -34.71 -103.37 70.87
N LYS ZA 102 -35.17 -103.31 69.61
CA LYS ZA 102 -36.59 -103.44 69.28
C LYS ZA 102 -36.83 -104.48 68.21
N ASP ZA 103 -35.86 -104.65 67.31
CA ASP ZA 103 -36.14 -105.30 66.03
C ASP ZA 103 -36.51 -106.77 66.20
N TYR ZA 104 -35.66 -107.54 66.87
CA TYR ZA 104 -35.79 -109.00 66.95
C TYR ZA 104 -35.98 -109.62 65.56
N GLY ZA 105 -35.18 -109.14 64.60
CA GLY ZA 105 -35.32 -109.63 63.24
C GLY ZA 105 -34.98 -111.10 63.11
N LYS ZA 106 -33.87 -111.51 63.71
CA LYS ZA 106 -33.47 -112.92 63.71
C LYS ZA 106 -32.88 -113.25 65.07
N GLU ZA 107 -33.35 -114.35 65.66
CA GLU ZA 107 -32.96 -114.75 67.00
C GLU ZA 107 -32.18 -116.05 66.91
N SER ZA 108 -30.87 -115.95 66.66
CA SER ZA 108 -29.98 -117.10 66.68
C SER ZA 108 -29.23 -117.25 67.99
N GLN ZA 109 -28.85 -116.14 68.62
CA GLN ZA 109 -28.22 -116.17 69.92
C GLN ZA 109 -28.90 -115.24 70.92
N ALA ZA 110 -30.02 -114.61 70.53
CA ALA ZA 110 -30.80 -113.83 71.47
C ALA ZA 110 -31.41 -114.68 72.57
N LYS ZA 111 -31.53 -115.99 72.35
CA LYS ZA 111 -31.95 -116.89 73.41
C LYS ZA 111 -30.95 -116.89 74.57
N ASP ZA 112 -29.66 -116.69 74.28
CA ASP ZA 112 -28.68 -116.57 75.34
C ASP ZA 112 -28.89 -115.29 76.15
N VAL ZA 113 -29.23 -114.19 75.47
CA VAL ZA 113 -29.56 -112.95 76.19
C VAL ZA 113 -30.80 -113.16 77.05
N ILE ZA 114 -31.79 -113.88 76.53
CA ILE ZA 114 -32.99 -114.18 77.29
C ILE ZA 114 -32.65 -115.00 78.53
N GLU ZA 115 -31.77 -115.99 78.37
CA GLU ZA 115 -31.35 -116.82 79.51
C GLU ZA 115 -30.59 -115.99 80.55
N GLU ZA 116 -29.73 -115.08 80.09
CA GLU ZA 116 -29.02 -114.21 81.02
C GLU ZA 116 -29.98 -113.30 81.77
N TYR ZA 117 -31.00 -112.78 81.07
CA TYR ZA 117 -32.02 -111.96 81.71
C TYR ZA 117 -32.79 -112.78 82.75
N PHE ZA 118 -33.11 -114.04 82.41
CA PHE ZA 118 -33.79 -114.91 83.37
C PHE ZA 118 -32.93 -115.16 84.60
N LYS ZA 119 -31.62 -115.40 84.40
CA LYS ZA 119 -30.72 -115.61 85.52
C LYS ZA 119 -30.63 -114.35 86.38
N CYS ZA 120 -30.60 -113.18 85.76
CA CYS ZA 120 -30.55 -111.93 86.50
C CYS ZA 120 -31.83 -111.72 87.30
N LYS ZA 121 -32.99 -112.05 86.72
CA LYS ZA 121 -34.26 -111.84 87.41
C LYS ZA 121 -34.57 -112.93 88.44
N LYS ZA 122 -33.87 -114.07 88.41
CA LYS ZA 122 -34.01 -115.07 89.46
C LYS ZA 122 -33.13 -114.72 90.64
N THR AB 1 -72.54 -41.94 48.16
CA THR AB 1 -73.58 -42.71 47.50
C THR AB 1 -73.02 -43.51 46.33
N TYR AB 2 -72.96 -44.83 46.49
CA TYR AB 2 -72.40 -45.69 45.45
C TYR AB 2 -73.44 -46.00 44.37
N ARG AB 3 -74.54 -46.63 44.76
CA ARG AB 3 -75.59 -46.96 43.81
C ARG AB 3 -76.93 -46.45 44.31
N GLY AB 4 -76.92 -45.33 45.01
CA GLY AB 4 -78.07 -44.80 45.69
C GLY AB 4 -78.11 -45.09 47.17
N VAL AB 5 -77.32 -46.04 47.64
CA VAL AB 5 -77.21 -46.34 49.05
C VAL AB 5 -76.03 -45.57 49.61
N ASP AB 6 -76.09 -45.28 50.91
CA ASP AB 6 -75.05 -44.54 51.57
C ASP AB 6 -73.96 -45.46 52.10
N LEU AB 7 -72.84 -44.86 52.50
CA LEU AB 7 -71.74 -45.62 53.06
C LEU AB 7 -72.14 -46.30 54.36
N ASP AB 8 -73.09 -45.71 55.10
CA ASP AB 8 -73.53 -46.31 56.35
C ASP AB 8 -74.18 -47.67 56.11
N GLN AB 9 -74.97 -47.80 55.04
CA GLN AB 9 -75.47 -49.10 54.65
C GLN AB 9 -74.39 -49.93 53.96
N LEU AB 10 -73.43 -49.29 53.32
CA LEU AB 10 -72.38 -50.03 52.62
C LEU AB 10 -71.49 -50.82 53.58
N LEU AB 11 -71.22 -50.28 54.77
CA LEU AB 11 -70.42 -51.02 55.75
C LEU AB 11 -71.06 -52.35 56.13
N ASP AB 12 -72.34 -52.33 56.49
CA ASP AB 12 -73.02 -53.57 56.85
C ASP AB 12 -73.71 -54.23 55.68
N MET AB 13 -73.34 -53.83 54.46
CA MET AB 13 -73.87 -54.43 53.25
C MET AB 13 -73.07 -55.70 52.95
N SER AB 14 -73.71 -56.86 53.12
CA SER AB 14 -72.99 -58.13 53.00
C SER AB 14 -72.68 -58.44 51.54
N TYR AB 15 -71.75 -59.39 51.36
CA TYR AB 15 -71.18 -59.68 50.04
C TYR AB 15 -72.23 -60.13 49.05
N GLU AB 16 -73.11 -61.04 49.46
CA GLU AB 16 -74.01 -61.71 48.54
C GLU AB 16 -74.95 -60.73 47.87
N GLN AB 17 -75.47 -59.76 48.62
CA GLN AB 17 -76.30 -58.72 48.06
C GLN AB 17 -75.52 -57.50 47.61
N LEU AB 18 -74.21 -57.44 47.91
CA LEU AB 18 -73.35 -56.39 47.37
C LEU AB 18 -72.90 -56.69 45.96
N MET AB 19 -72.87 -57.97 45.57
CA MET AB 19 -72.50 -58.31 44.20
C MET AB 19 -73.46 -57.71 43.20
N GLN AB 20 -74.74 -57.57 43.56
CA GLN AB 20 -75.69 -56.92 42.66
C GLN AB 20 -75.41 -55.42 42.53
N LEU AB 21 -74.94 -54.79 43.61
CA LEU AB 21 -74.57 -53.38 43.51
C LEU AB 21 -73.29 -53.18 42.71
N TYR AB 22 -72.38 -54.15 42.75
CA TYR AB 22 -71.17 -54.04 41.95
C TYR AB 22 -71.46 -54.27 40.47
N SER AB 23 -70.47 -53.93 39.64
CA SER AB 23 -70.56 -54.14 38.21
C SER AB 23 -70.35 -55.62 37.88
N ALA AB 24 -70.34 -55.94 36.58
CA ALA AB 24 -70.25 -57.33 36.17
C ALA AB 24 -68.92 -57.96 36.58
N ARG AB 25 -67.81 -57.25 36.35
CA ARG AB 25 -66.49 -57.79 36.68
C ARG AB 25 -66.36 -58.02 38.18
N GLN AB 26 -66.74 -57.03 38.98
CA GLN AB 26 -66.63 -57.16 40.43
C GLN AB 26 -67.57 -58.23 40.96
N ARG AB 27 -68.77 -58.32 40.40
CA ARG AB 27 -69.72 -59.35 40.82
C ARG AB 27 -69.18 -60.73 40.53
N ARG AB 28 -68.58 -60.93 39.34
CA ARG AB 28 -67.98 -62.21 39.02
C ARG AB 28 -66.80 -62.52 39.94
N ARG AB 29 -65.99 -61.49 40.24
CA ARG AB 29 -64.84 -61.69 41.11
C ARG AB 29 -65.27 -62.11 42.51
N LEU AB 30 -66.34 -61.50 43.04
CA LEU AB 30 -66.81 -61.89 44.36
C LEU AB 30 -67.58 -63.19 44.35
N ASN AB 31 -68.28 -63.51 43.25
CA ASN AB 31 -68.94 -64.80 43.13
C ASN AB 31 -67.92 -65.92 43.15
N ARG AB 32 -66.81 -65.74 42.45
CA ARG AB 32 -65.67 -66.60 42.66
C ARG AB 32 -65.07 -66.34 44.04
N GLY AB 33 -64.54 -67.39 44.66
CA GLY AB 33 -64.08 -67.29 46.03
C GLY AB 33 -62.89 -66.36 46.16
N LEU AB 34 -62.99 -65.38 47.05
CA LEU AB 34 -61.83 -64.60 47.43
C LEU AB 34 -60.82 -65.48 48.15
N ARG AB 35 -59.55 -65.27 47.87
CA ARG AB 35 -58.52 -66.18 48.35
C ARG AB 35 -57.99 -65.73 49.71
N ARG AB 36 -57.15 -66.60 50.29
CA ARG AB 36 -56.65 -66.39 51.64
C ARG AB 36 -55.75 -65.16 51.70
N LYS AB 37 -55.09 -64.80 50.60
CA LYS AB 37 -54.26 -63.60 50.60
C LYS AB 37 -55.10 -62.34 50.74
N GLN AB 38 -56.20 -62.26 49.99
CA GLN AB 38 -57.11 -61.12 50.14
C GLN AB 38 -57.74 -61.12 51.53
N HIS AB 39 -58.07 -62.30 52.06
CA HIS AB 39 -58.62 -62.37 53.40
C HIS AB 39 -57.62 -61.85 54.43
N SER AB 40 -56.35 -62.21 54.28
CA SER AB 40 -55.31 -61.73 55.19
C SER AB 40 -55.11 -60.23 55.06
N LEU AB 41 -55.21 -59.69 53.84
CA LEU AB 41 -55.14 -58.25 53.66
C LEU AB 41 -56.28 -57.55 54.39
N LEU AB 42 -57.50 -58.09 54.27
CA LEU AB 42 -58.64 -57.52 54.98
C LEU AB 42 -58.43 -57.59 56.49
N LYS AB 43 -57.91 -58.71 56.98
CA LYS AB 43 -57.63 -58.84 58.40
C LYS AB 43 -56.62 -57.80 58.88
N ARG AB 44 -55.56 -57.59 58.09
CA ARG AB 44 -54.55 -56.61 58.47
C ARG AB 44 -55.11 -55.20 58.45
N LEU AB 45 -55.94 -54.87 57.47
CA LEU AB 45 -56.53 -53.54 57.41
C LEU AB 45 -57.47 -53.32 58.59
N ARG AB 46 -58.24 -54.34 58.96
CA ARG AB 46 -59.10 -54.23 60.14
C ARG AB 46 -58.26 -54.04 61.40
N LYS AB 47 -57.17 -54.80 61.53
CA LYS AB 47 -56.30 -54.65 62.70
C LYS AB 47 -55.75 -53.24 62.80
N ALA AB 48 -55.26 -52.70 61.67
CA ALA AB 48 -54.72 -51.35 61.67
C ALA AB 48 -55.80 -50.31 62.01
N LYS AB 49 -57.00 -50.48 61.46
CA LYS AB 49 -58.05 -49.51 61.71
C LYS AB 49 -58.50 -49.54 63.16
N LYS AB 50 -58.62 -50.72 63.76
CA LYS AB 50 -58.99 -50.81 65.16
C LYS AB 50 -57.90 -50.29 66.08
N GLU AB 51 -56.63 -50.55 65.76
CA GLU AB 51 -55.57 -50.07 66.63
C GLU AB 51 -55.17 -48.63 66.32
N ALA AB 52 -55.78 -48.01 65.32
CA ALA AB 52 -55.48 -46.62 65.02
C ALA AB 52 -55.98 -45.70 66.14
N PRO AB 53 -55.26 -44.65 66.47
CA PRO AB 53 -55.74 -43.68 67.46
C PRO AB 53 -56.94 -42.93 66.92
N PRO AB 54 -57.79 -42.40 67.80
CA PRO AB 54 -58.96 -41.63 67.33
C PRO AB 54 -58.54 -40.35 66.64
N MET AB 55 -59.45 -39.86 65.79
CA MET AB 55 -59.30 -38.66 64.94
C MET AB 55 -57.95 -38.63 64.20
N GLU AB 56 -57.35 -39.79 63.97
CA GLU AB 56 -56.08 -39.90 63.27
C GLU AB 56 -56.16 -41.04 62.26
N LYS AB 57 -55.58 -40.81 61.08
CA LYS AB 57 -55.52 -41.84 60.07
C LYS AB 57 -54.67 -43.02 60.53
N PRO AB 58 -54.98 -44.23 60.10
CA PRO AB 58 -54.22 -45.41 60.56
C PRO AB 58 -52.80 -45.42 60.02
N GLU AB 59 -52.02 -46.44 60.40
CA GLU AB 59 -50.69 -46.57 59.85
C GLU AB 59 -50.76 -47.17 58.45
N VAL AB 60 -49.68 -47.00 57.70
CA VAL AB 60 -49.63 -47.52 56.33
C VAL AB 60 -49.31 -49.01 56.38
N VAL AB 61 -50.05 -49.78 55.58
CA VAL AB 61 -49.82 -51.21 55.43
C VAL AB 61 -49.59 -51.50 53.95
N LYS AB 62 -48.54 -52.25 53.65
CA LYS AB 62 -48.07 -52.40 52.28
C LYS AB 62 -48.50 -53.74 51.71
N THR AB 63 -48.53 -53.81 50.38
CA THR AB 63 -48.87 -55.04 49.68
C THR AB 63 -48.41 -54.94 48.23
N HIS AB 64 -48.14 -56.11 47.64
CA HIS AB 64 -47.98 -56.19 46.19
C HIS AB 64 -49.32 -56.31 45.49
N LEU AB 65 -50.24 -57.10 46.05
CA LEU AB 65 -51.44 -57.47 45.34
C LEU AB 65 -52.31 -56.25 45.05
N ARG AB 66 -52.45 -55.94 43.77
CA ARG AB 66 -53.19 -54.78 43.30
C ARG AB 66 -54.40 -55.16 42.49
N ASP AB 67 -54.73 -56.45 42.43
CA ASP AB 67 -55.99 -56.93 41.91
C ASP AB 67 -57.08 -56.96 42.97
N MET AB 68 -56.76 -56.54 44.20
CA MET AB 68 -57.76 -56.35 45.22
C MET AB 68 -58.80 -55.33 44.77
N ILE AB 69 -60.06 -55.73 44.79
CA ILE AB 69 -61.14 -54.78 44.59
C ILE AB 69 -61.41 -54.08 45.90
N ILE AB 70 -61.74 -52.79 45.83
CA ILE AB 70 -61.90 -51.99 47.05
C ILE AB 70 -63.29 -52.24 47.61
N LEU AB 71 -63.35 -52.66 48.77
CA LEU AB 71 -64.56 -52.92 49.54
C LEU AB 71 -64.98 -51.66 50.29
N PRO AB 72 -66.27 -51.49 50.57
CA PRO AB 72 -66.71 -50.32 51.32
C PRO AB 72 -66.16 -50.26 52.73
N GLU AB 73 -65.70 -51.39 53.28
CA GLU AB 73 -65.17 -51.40 54.63
C GLU AB 73 -63.71 -50.99 54.70
N MET AB 74 -63.05 -50.76 53.57
CA MET AB 74 -61.66 -50.33 53.57
C MET AB 74 -61.52 -48.83 53.34
N VAL AB 75 -62.61 -48.08 53.41
CA VAL AB 75 -62.54 -46.63 53.19
C VAL AB 75 -61.80 -45.97 54.34
N GLY AB 76 -60.85 -45.11 54.01
CA GLY AB 76 -60.04 -44.43 55.01
C GLY AB 76 -58.76 -45.13 55.39
N SER AB 77 -58.50 -46.31 54.84
CA SER AB 77 -57.29 -47.05 55.19
C SER AB 77 -56.06 -46.45 54.50
N MET AB 78 -54.90 -46.76 55.07
CA MET AB 78 -53.61 -46.38 54.50
C MET AB 78 -53.00 -47.63 53.88
N VAL AB 79 -53.10 -47.75 52.56
CA VAL AB 79 -52.55 -48.90 51.85
C VAL AB 79 -51.45 -48.42 50.91
N GLY AB 80 -50.32 -49.12 50.95
CA GLY AB 80 -49.26 -48.93 49.99
C GLY AB 80 -49.33 -50.05 48.96
N VAL AB 81 -49.45 -49.66 47.70
CA VAL AB 81 -49.56 -50.60 46.60
C VAL AB 81 -48.23 -50.63 45.88
N TYR AB 82 -47.73 -51.83 45.59
CA TYR AB 82 -46.48 -51.93 44.84
C TYR AB 82 -46.74 -51.59 43.38
N ASN AB 83 -45.94 -50.67 42.85
CA ASN AB 83 -46.03 -50.32 41.43
C ASN AB 83 -45.00 -51.05 40.59
N GLY AB 84 -44.23 -51.95 41.19
CA GLY AB 84 -43.14 -52.62 40.52
C GLY AB 84 -41.78 -52.29 41.10
N LYS AB 85 -41.62 -51.07 41.61
CA LYS AB 85 -40.37 -50.66 42.24
C LYS AB 85 -40.54 -50.26 43.69
N THR AB 86 -41.55 -49.44 44.01
CA THR AB 86 -41.76 -48.94 45.36
C THR AB 86 -43.22 -49.15 45.75
N PHE AB 87 -43.51 -48.86 47.02
CA PHE AB 87 -44.86 -48.89 47.55
C PHE AB 87 -45.40 -47.46 47.57
N ASN AB 88 -46.49 -47.22 46.86
CA ASN AB 88 -47.13 -45.92 46.81
C ASN AB 88 -48.33 -45.94 47.75
N GLN AB 89 -48.32 -45.06 48.74
CA GLN AB 89 -49.45 -44.96 49.66
C GLN AB 89 -50.60 -44.23 49.01
N VAL AB 90 -51.82 -44.65 49.31
CA VAL AB 90 -53.00 -44.07 48.68
C VAL AB 90 -54.17 -44.10 49.65
N GLU AB 91 -54.95 -43.03 49.65
CA GLU AB 91 -56.22 -42.96 50.35
C GLU AB 91 -57.24 -43.86 49.65
N ILE AB 92 -58.22 -44.34 50.42
CA ILE AB 92 -59.40 -44.98 49.83
C ILE AB 92 -60.57 -44.03 50.04
N LYS AB 93 -60.94 -43.31 48.99
CA LYS AB 93 -62.08 -42.42 49.01
C LYS AB 93 -63.39 -43.21 48.91
N PRO AB 94 -64.50 -42.62 49.35
CA PRO AB 94 -65.80 -43.28 49.18
C PRO AB 94 -66.30 -43.28 47.74
N GLU AB 95 -65.44 -42.91 46.79
CA GLU AB 95 -65.74 -42.99 45.38
C GLU AB 95 -64.89 -44.05 44.67
N MET AB 96 -64.17 -44.86 45.44
CA MET AB 96 -63.15 -45.76 44.90
C MET AB 96 -63.56 -47.22 45.02
N ILE AB 97 -64.82 -47.50 45.35
CA ILE AB 97 -65.21 -48.87 45.69
C ILE AB 97 -65.16 -49.78 44.47
N GLY AB 98 -65.72 -49.34 43.34
CA GLY AB 98 -65.75 -50.20 42.18
C GLY AB 98 -64.44 -50.27 41.42
N HIS AB 99 -63.33 -49.94 42.09
CA HIS AB 99 -62.05 -49.77 41.44
C HIS AB 99 -61.01 -50.68 42.08
N TYR AB 100 -60.06 -51.13 41.27
CA TYR AB 100 -58.96 -51.96 41.75
C TYR AB 100 -57.90 -51.09 42.43
N LEU AB 101 -57.08 -51.75 43.26
CA LEU AB 101 -55.98 -51.03 43.90
C LEU AB 101 -54.91 -50.63 42.88
N GLY AB 102 -54.77 -51.39 41.79
CA GLY AB 102 -53.76 -51.08 40.81
C GLY AB 102 -54.04 -49.83 40.01
N GLU AB 103 -55.28 -49.35 40.01
CA GLU AB 103 -55.63 -48.16 39.25
C GLU AB 103 -55.10 -46.88 39.88
N PHE AB 104 -54.58 -46.95 41.10
CA PHE AB 104 -54.14 -45.76 41.84
C PHE AB 104 -52.67 -45.80 42.19
N SER AB 105 -51.93 -46.79 41.70
CA SER AB 105 -50.47 -46.83 41.83
C SER AB 105 -49.92 -47.04 40.41
N ILE AB 106 -49.56 -45.94 39.76
CA ILE AB 106 -49.14 -46.00 38.37
C ILE AB 106 -47.82 -46.73 38.25
N THR AB 107 -47.69 -47.56 37.21
CA THR AB 107 -46.52 -48.40 37.03
C THR AB 107 -45.43 -47.74 36.19
N TYR AB 108 -45.66 -46.54 35.70
CA TYR AB 108 -44.70 -45.86 34.83
C TYR AB 108 -44.78 -44.36 35.06
N LYS AB 109 -43.67 -43.69 34.80
CA LYS AB 109 -43.99 -42.27 34.83
C LYS AB 109 -44.34 -41.77 33.44
N PRO AB 110 -45.15 -40.72 33.33
CA PRO AB 110 -45.46 -40.18 32.01
C PRO AB 110 -44.22 -39.70 31.29
N VAL AB 111 -44.18 -39.90 29.98
CA VAL AB 111 -42.98 -39.61 29.21
C VAL AB 111 -42.94 -38.12 28.87
N LYS AB 112 -41.78 -37.53 29.08
CA LYS AB 112 -41.48 -36.17 28.62
C LYS AB 112 -40.49 -36.30 27.49
N HIS AB 113 -40.95 -36.07 26.26
CA HIS AB 113 -40.11 -36.32 25.09
C HIS AB 113 -38.98 -35.31 25.00
N GLY AB 114 -37.77 -35.81 24.77
CA GLY AB 114 -36.63 -34.98 24.45
C GLY AB 114 -36.41 -34.89 22.95
N ARG AB 115 -35.24 -34.43 22.59
CA ARG AB 115 -34.90 -34.32 21.17
C ARG AB 115 -34.61 -35.71 20.60
N PRO AB 116 -35.29 -36.11 19.52
CA PRO AB 116 -35.02 -37.43 18.93
C PRO AB 116 -33.59 -37.53 18.42
N GLY AB 117 -33.06 -38.74 18.47
CA GLY AB 117 -31.66 -38.97 18.13
C GLY AB 117 -31.41 -39.39 16.70
N ILE AB 118 -30.61 -40.45 16.53
CA ILE AB 118 -30.17 -40.87 15.20
C ILE AB 118 -31.33 -41.43 14.38
N GLY AB 119 -32.32 -42.04 15.03
CA GLY AB 119 -33.45 -42.58 14.33
C GLY AB 119 -34.33 -41.50 13.73
N ALA AB 120 -35.07 -41.89 12.69
CA ALA AB 120 -35.93 -40.99 11.91
C ALA AB 120 -35.11 -39.83 11.34
N THR AB 121 -34.18 -40.20 10.47
CA THR AB 121 -33.23 -39.25 9.87
C THR AB 121 -33.89 -38.13 9.07
N SER BB 1 -95.93 -99.42 -26.04
CA SER BB 1 -97.12 -99.49 -25.21
C SER BB 1 -96.77 -99.29 -23.74
N LYS BB 2 -96.12 -100.27 -23.15
CA LYS BB 2 -95.72 -100.23 -21.74
C LYS BB 2 -94.31 -100.77 -21.57
N GLY BB 3 -93.40 -100.37 -22.45
CA GLY BB 3 -92.03 -100.84 -22.40
C GLY BB 3 -91.24 -100.26 -21.24
N PRO BB 4 -90.83 -101.11 -20.30
CA PRO BB 4 -90.10 -100.61 -19.13
C PRO BB 4 -88.59 -100.59 -19.35
N LEU BB 5 -87.85 -100.21 -18.30
CA LEU BB 5 -86.39 -100.24 -18.30
C LEU BB 5 -85.79 -99.39 -19.42
N GLN BB 6 -86.25 -98.14 -19.50
CA GLN BB 6 -85.77 -97.18 -20.48
C GLN BB 6 -85.28 -95.96 -19.70
N SER BB 7 -84.02 -96.00 -19.28
CA SER BB 7 -83.48 -94.91 -18.48
C SER BB 7 -81.96 -94.91 -18.56
N VAL BB 8 -81.40 -93.71 -18.45
CA VAL BB 8 -79.96 -93.51 -18.33
C VAL BB 8 -79.71 -92.54 -17.19
N GLN BB 9 -78.50 -92.60 -16.63
CA GLN BB 9 -78.07 -91.71 -15.56
C GLN BB 9 -76.73 -91.11 -15.97
N VAL BB 10 -76.74 -89.83 -16.31
CA VAL BB 10 -75.55 -89.19 -16.88
C VAL BB 10 -75.21 -87.95 -16.09
N PHE BB 11 -73.93 -87.77 -15.77
CA PHE BB 11 -73.48 -86.66 -14.95
C PHE BB 11 -72.79 -85.59 -15.79
N GLY BB 12 -72.71 -84.41 -15.19
CA GLY BB 12 -71.94 -83.31 -15.76
C GLY BB 12 -71.25 -82.55 -14.64
N ARG BB 13 -70.10 -81.96 -14.97
CA ARG BB 13 -69.25 -81.33 -13.98
C ARG BB 13 -68.87 -79.93 -14.40
N LYS BB 14 -68.75 -79.04 -13.42
CA LYS BB 14 -68.19 -77.71 -13.65
C LYS BB 14 -67.70 -77.19 -12.30
N LYS BB 15 -66.38 -77.18 -12.10
CA LYS BB 15 -65.77 -76.69 -10.87
C LYS BB 15 -66.32 -77.45 -9.65
N THR BB 16 -66.00 -78.75 -9.62
CA THR BB 16 -66.39 -79.71 -8.57
C THR BB 16 -67.87 -79.63 -8.20
N ALA BB 17 -68.71 -79.25 -9.16
CA ALA BB 17 -70.16 -79.26 -8.98
C ALA BB 17 -70.70 -80.35 -9.91
N THR BB 18 -71.01 -81.51 -9.34
CA THR BB 18 -71.53 -82.61 -10.12
C THR BB 18 -73.05 -82.58 -10.17
N ALA BB 19 -73.61 -82.96 -11.32
CA ALA BB 19 -75.06 -82.97 -11.53
C ALA BB 19 -75.41 -84.22 -12.30
N VAL BB 20 -76.26 -85.07 -11.72
CA VAL BB 20 -76.64 -86.32 -12.35
C VAL BB 20 -78.08 -86.21 -12.81
N ALA BB 21 -78.29 -86.31 -14.12
CA ALA BB 21 -79.62 -86.35 -14.70
C ALA BB 21 -80.03 -87.79 -14.93
N HIS BB 22 -81.21 -88.15 -14.44
CA HIS BB 22 -81.79 -89.49 -14.62
C HIS BB 22 -82.85 -89.38 -15.68
N CYS BB 23 -82.44 -89.53 -16.94
CA CYS BB 23 -83.38 -89.49 -18.05
C CYS BB 23 -84.13 -90.81 -18.13
N LYS BB 24 -85.43 -90.73 -18.42
CA LYS BB 24 -86.28 -91.90 -18.36
C LYS BB 24 -87.45 -91.72 -19.32
N ARG BB 25 -87.93 -92.84 -19.87
CA ARG BB 25 -89.10 -92.81 -20.74
C ARG BB 25 -90.32 -92.34 -19.98
N GLY BB 26 -91.12 -91.49 -20.63
CA GLY BB 26 -92.34 -91.01 -20.05
C GLY BB 26 -92.78 -89.73 -20.74
N ASN BB 27 -93.68 -89.03 -20.07
CA ASN BB 27 -94.09 -87.72 -20.55
C ASN BB 27 -92.92 -86.74 -20.46
N GLY BB 28 -92.95 -85.73 -21.31
CA GLY BB 28 -91.86 -84.79 -21.34
C GLY BB 28 -91.84 -83.85 -20.15
N LEU BB 29 -90.89 -84.04 -19.25
CA LEU BB 29 -90.70 -83.09 -18.15
C LEU BB 29 -89.27 -83.14 -17.66
N ILE BB 30 -88.79 -81.99 -17.17
CA ILE BB 30 -87.45 -81.84 -16.65
C ILE BB 30 -87.56 -81.17 -15.28
N LYS BB 31 -87.01 -81.79 -14.25
CA LYS BB 31 -87.00 -81.23 -12.92
C LYS BB 31 -85.59 -81.32 -12.34
N VAL BB 32 -85.25 -80.34 -11.50
CA VAL BB 32 -83.96 -80.27 -10.85
C VAL BB 32 -84.22 -80.18 -9.35
N ASN BB 33 -83.76 -81.21 -8.62
CA ASN BB 33 -83.94 -81.28 -7.16
C ASN BB 33 -85.40 -81.18 -6.77
N GLY BB 34 -86.29 -81.69 -7.61
CA GLY BB 34 -87.72 -81.59 -7.36
C GLY BB 34 -88.35 -80.29 -7.80
N ARG BB 35 -87.58 -79.36 -8.36
CA ARG BB 35 -88.10 -78.08 -8.77
C ARG BB 35 -88.15 -77.97 -10.29
N PRO BB 36 -89.06 -77.17 -10.84
CA PRO BB 36 -89.11 -77.01 -12.30
C PRO BB 36 -87.85 -76.37 -12.84
N LEU BB 37 -87.52 -76.71 -14.08
CA LEU BB 37 -86.30 -76.22 -14.70
C LEU BB 37 -86.30 -74.70 -14.84
N GLU BB 38 -87.44 -74.14 -15.22
CA GLU BB 38 -87.55 -72.69 -15.39
C GLU BB 38 -87.51 -71.94 -14.07
N MET BB 39 -87.56 -72.64 -12.94
CA MET BB 39 -87.62 -72.02 -11.62
C MET BB 39 -86.37 -72.42 -10.84
N ILE BB 40 -85.38 -71.53 -10.83
CA ILE BB 40 -84.12 -71.76 -10.12
C ILE BB 40 -83.73 -70.46 -9.42
N GLU BB 41 -82.85 -70.58 -8.44
CA GLU BB 41 -82.47 -69.41 -7.64
C GLU BB 41 -81.77 -68.34 -8.45
N PRO BB 42 -80.67 -68.61 -9.20
CA PRO BB 42 -80.16 -67.52 -10.05
C PRO BB 42 -80.89 -67.46 -11.39
N ARG BB 43 -82.04 -66.77 -11.38
CA ARG BB 43 -82.91 -66.70 -12.55
C ARG BB 43 -82.28 -65.93 -13.70
N THR BB 44 -81.17 -65.21 -13.46
CA THR BB 44 -80.44 -64.61 -14.57
C THR BB 44 -79.96 -65.67 -15.55
N LEU BB 45 -79.55 -66.83 -15.03
CA LEU BB 45 -79.06 -67.94 -15.85
C LEU BB 45 -80.18 -68.89 -16.26
N GLN BB 46 -81.43 -68.42 -16.24
CA GLN BB 46 -82.52 -69.25 -16.72
C GLN BB 46 -82.36 -69.58 -18.19
N TYR BB 47 -81.81 -68.66 -18.98
CA TYR BB 47 -81.53 -68.96 -20.38
C TYR BB 47 -80.44 -70.01 -20.51
N LYS BB 48 -79.43 -69.99 -19.64
CA LYS BB 48 -78.44 -71.06 -19.69
C LYS BB 48 -79.06 -72.41 -19.34
N LEU BB 49 -79.97 -72.43 -18.37
CA LEU BB 49 -80.66 -73.68 -18.05
C LEU BB 49 -81.51 -74.17 -19.21
N LEU BB 50 -82.24 -73.27 -19.86
CA LEU BB 50 -83.14 -73.64 -20.94
C LEU BB 50 -82.46 -73.73 -22.29
N GLU BB 51 -81.15 -73.46 -22.33
CA GLU BB 51 -80.43 -73.43 -23.61
C GLU BB 51 -80.49 -74.73 -24.39
N PRO BB 52 -80.26 -75.92 -23.81
CA PRO BB 52 -80.44 -77.14 -24.59
C PRO BB 52 -81.85 -77.33 -25.11
N VAL BB 53 -82.84 -77.00 -24.27
CA VAL BB 53 -84.25 -77.16 -24.68
C VAL BB 53 -84.57 -76.21 -25.81
N LEU BB 54 -84.13 -74.95 -25.71
CA LEU BB 54 -84.40 -73.99 -26.77
C LEU BB 54 -83.66 -74.36 -28.06
N LEU BB 55 -82.47 -74.94 -27.94
CA LEU BB 55 -81.72 -75.34 -29.13
C LEU BB 55 -82.38 -76.51 -29.83
N LEU BB 56 -82.76 -77.53 -29.08
CA LEU BB 56 -83.21 -78.79 -29.70
C LEU BB 56 -84.69 -78.79 -30.02
N GLY BB 57 -85.51 -78.18 -29.18
CA GLY BB 57 -86.94 -78.21 -29.40
C GLY BB 57 -87.64 -79.08 -28.38
N LYS BB 58 -88.87 -78.69 -28.03
CA LYS BB 58 -89.63 -79.43 -27.03
C LYS BB 58 -90.06 -80.80 -27.54
N GLU BB 59 -90.06 -81.02 -28.85
CA GLU BB 59 -90.52 -82.30 -29.39
C GLU BB 59 -89.57 -83.43 -29.02
N ARG BB 60 -88.26 -83.19 -29.09
CA ARG BB 60 -87.31 -84.21 -28.69
C ARG BB 60 -87.30 -84.44 -27.19
N PHE BB 61 -87.73 -83.46 -26.41
CA PHE BB 61 -87.85 -83.59 -24.97
C PHE BB 61 -89.22 -84.08 -24.53
N ALA BB 62 -90.15 -84.24 -25.46
CA ALA BB 62 -91.52 -84.61 -25.09
C ALA BB 62 -91.64 -86.06 -24.65
N GLY BB 63 -90.64 -86.89 -24.90
CA GLY BB 63 -90.73 -88.29 -24.55
C GLY BB 63 -89.83 -88.72 -23.42
N VAL BB 64 -89.34 -87.77 -22.62
CA VAL BB 64 -88.35 -88.07 -21.60
C VAL BB 64 -88.74 -87.42 -20.27
N ASP BB 65 -88.55 -88.17 -19.19
CA ASP BB 65 -88.69 -87.69 -17.82
C ASP BB 65 -87.28 -87.58 -17.24
N ILE BB 66 -86.86 -86.35 -16.94
CA ILE BB 66 -85.50 -86.08 -16.49
C ILE BB 66 -85.56 -85.48 -15.10
N ARG BB 67 -84.78 -86.04 -14.18
CA ARG BB 67 -84.64 -85.50 -12.84
C ARG BB 67 -83.15 -85.32 -12.55
N VAL BB 68 -82.76 -84.13 -12.12
CA VAL BB 68 -81.37 -83.74 -11.96
C VAL BB 68 -81.10 -83.45 -10.50
N ARG BB 69 -80.02 -84.02 -9.96
CA ARG BB 69 -79.59 -83.77 -8.60
C ARG BB 69 -78.21 -83.14 -8.61
N VAL BB 70 -78.03 -82.09 -7.82
CA VAL BB 70 -76.75 -81.39 -7.73
C VAL BB 70 -76.33 -81.33 -6.27
N LYS BB 71 -75.10 -81.74 -5.98
CA LYS BB 71 -74.61 -81.76 -4.61
C LYS BB 71 -73.18 -81.23 -4.55
N GLY BB 72 -72.92 -80.08 -5.15
CA GLY BB 72 -71.60 -79.50 -5.04
C GLY BB 72 -71.52 -78.15 -5.73
N GLY BB 73 -70.38 -77.48 -5.51
CA GLY BB 73 -70.06 -76.25 -6.19
C GLY BB 73 -70.88 -75.06 -5.71
N GLY BB 74 -70.86 -74.01 -6.54
CA GLY BB 74 -71.60 -72.80 -6.28
C GLY BB 74 -72.89 -72.72 -7.07
N HIS BB 75 -73.30 -71.49 -7.38
CA HIS BB 75 -74.57 -71.27 -8.08
C HIS BB 75 -74.40 -71.43 -9.58
N VAL BB 76 -73.57 -70.61 -10.20
CA VAL BB 76 -73.40 -70.69 -11.65
C VAL BB 76 -72.69 -71.98 -12.05
N ALA BB 77 -71.80 -72.49 -11.19
CA ALA BB 77 -71.23 -73.81 -11.44
C ALA BB 77 -72.32 -74.87 -11.45
N GLN BB 78 -73.28 -74.75 -10.53
CA GLN BB 78 -74.44 -75.63 -10.53
C GLN BB 78 -75.21 -75.50 -11.85
N ILE BB 79 -75.42 -74.28 -12.32
CA ILE BB 79 -76.21 -74.07 -13.54
C ILE BB 79 -75.54 -74.73 -14.74
N TYR BB 80 -74.23 -74.53 -14.86
CA TYR BB 80 -73.50 -75.15 -15.97
C TYR BB 80 -73.49 -76.66 -15.84
N ALA BB 81 -73.40 -77.17 -14.60
CA ALA BB 81 -73.47 -78.61 -14.39
C ALA BB 81 -74.81 -79.16 -14.84
N ILE BB 82 -75.91 -78.47 -14.51
CA ILE BB 82 -77.24 -78.94 -14.93
C ILE BB 82 -77.37 -78.95 -16.44
N ARG BB 83 -76.95 -77.85 -17.10
CA ARG BB 83 -77.15 -77.82 -18.54
C ARG BB 83 -76.31 -78.88 -19.24
N GLN BB 84 -75.06 -79.05 -18.81
CA GLN BB 84 -74.23 -80.12 -19.38
C GLN BB 84 -74.81 -81.48 -19.11
N SER BB 85 -75.32 -81.70 -17.89
CA SER BB 85 -75.88 -83.00 -17.53
C SER BB 85 -77.12 -83.31 -18.36
N ILE BB 86 -77.98 -82.32 -18.58
CA ILE BB 86 -79.18 -82.54 -19.40
C ILE BB 86 -78.79 -82.87 -20.83
N SER BB 87 -77.85 -82.10 -21.39
CA SER BB 87 -77.43 -82.35 -22.77
C SER BB 87 -76.81 -83.74 -22.92
N LYS BB 88 -75.92 -84.11 -21.99
CA LYS BB 88 -75.26 -85.40 -22.08
C LYS BB 88 -76.24 -86.55 -21.83
N ALA BB 89 -77.20 -86.37 -20.93
CA ALA BB 89 -78.21 -87.39 -20.69
C ALA BB 89 -79.08 -87.59 -21.92
N LEU BB 90 -79.46 -86.50 -22.59
CA LEU BB 90 -80.25 -86.64 -23.81
C LEU BB 90 -79.46 -87.33 -24.92
N VAL BB 91 -78.18 -86.98 -25.07
CA VAL BB 91 -77.43 -87.64 -26.15
C VAL BB 91 -77.17 -89.10 -25.81
N ALA BB 92 -77.02 -89.44 -24.53
CA ALA BB 92 -76.86 -90.84 -24.16
C ALA BB 92 -78.15 -91.62 -24.40
N TYR BB 93 -79.29 -91.03 -24.07
CA TYR BB 93 -80.57 -91.67 -24.35
C TYR BB 93 -80.77 -91.89 -25.84
N TYR BB 94 -80.45 -90.88 -26.64
CA TYR BB 94 -80.58 -91.01 -28.09
C TYR BB 94 -79.54 -91.94 -28.69
N GLN BB 95 -78.40 -92.12 -28.03
CA GLN BB 95 -77.40 -93.06 -28.50
C GLN BB 95 -77.80 -94.49 -28.18
N LYS BB 96 -78.49 -94.70 -27.06
CA LYS BB 96 -78.80 -96.07 -26.66
C LYS BB 96 -80.14 -96.55 -27.22
N TYR BB 97 -81.22 -95.80 -26.99
CA TYR BB 97 -82.56 -96.29 -27.26
C TYR BB 97 -83.10 -95.90 -28.63
N VAL BB 98 -82.38 -95.09 -29.40
CA VAL BB 98 -82.74 -94.76 -30.76
C VAL BB 98 -81.44 -94.62 -31.56
N ASP BB 99 -81.54 -94.28 -32.84
CA ASP BB 99 -80.42 -94.39 -33.75
C ASP BB 99 -79.38 -93.29 -33.53
N GLU BB 100 -78.13 -93.65 -33.82
CA GLU BB 100 -77.06 -92.65 -33.82
C GLU BB 100 -77.18 -91.66 -34.96
N ALA BB 101 -78.09 -91.88 -35.92
CA ALA BB 101 -78.44 -90.81 -36.83
C ALA BB 101 -79.02 -89.62 -36.06
N SER BB 102 -80.05 -89.88 -35.26
CA SER BB 102 -80.61 -88.83 -34.41
C SER BB 102 -79.60 -88.36 -33.38
N LYS BB 103 -78.80 -89.28 -32.84
CA LYS BB 103 -77.76 -88.88 -31.89
C LYS BB 103 -76.79 -87.89 -32.52
N LYS BB 104 -76.37 -88.15 -33.76
CA LYS BB 104 -75.39 -87.28 -34.41
C LYS BB 104 -76.00 -85.94 -34.81
N GLU BB 105 -77.19 -85.95 -35.39
CA GLU BB 105 -77.86 -84.71 -35.74
C GLU BB 105 -78.65 -84.09 -34.59
N ILE BB 106 -78.34 -84.45 -33.35
CA ILE BB 106 -78.48 -83.51 -32.23
C ILE BB 106 -77.13 -83.13 -31.64
N LYS BB 107 -76.15 -84.03 -31.64
CA LYS BB 107 -74.84 -83.75 -31.08
C LYS BB 107 -74.14 -82.64 -31.86
N ASP BB 108 -74.34 -82.58 -33.17
CA ASP BB 108 -73.71 -81.53 -33.94
C ASP BB 108 -74.25 -80.16 -33.58
N ILE BB 109 -75.58 -80.02 -33.43
CA ILE BB 109 -76.13 -78.75 -32.97
C ILE BB 109 -75.54 -78.38 -31.62
N LEU BB 110 -75.47 -79.35 -30.71
CA LEU BB 110 -74.90 -79.05 -29.39
C LEU BB 110 -73.44 -78.62 -29.49
N ILE BB 111 -72.65 -79.28 -30.34
CA ILE BB 111 -71.22 -78.98 -30.42
C ILE BB 111 -70.99 -77.62 -31.06
N GLN BB 112 -71.46 -77.41 -32.29
CA GLN BB 112 -71.21 -76.10 -32.89
C GLN BB 112 -72.18 -75.03 -32.42
N TYR BB 113 -72.89 -75.25 -31.31
CA TYR BB 113 -73.35 -74.12 -30.53
C TYR BB 113 -72.45 -73.87 -29.32
N ASP BB 114 -72.15 -74.91 -28.53
CA ASP BB 114 -71.33 -74.75 -27.34
C ASP BB 114 -70.67 -76.08 -27.04
N ARG BB 115 -69.33 -76.13 -27.12
CA ARG BB 115 -68.61 -77.36 -26.84
C ARG BB 115 -68.76 -77.78 -25.39
N THR BB 116 -68.86 -76.83 -24.46
CA THR BB 116 -68.95 -77.15 -23.05
C THR BB 116 -70.26 -77.82 -22.67
N LEU BB 117 -71.25 -77.84 -23.57
CA LEU BB 117 -72.49 -78.55 -23.29
C LEU BB 117 -72.28 -80.06 -23.23
N LEU BB 118 -71.23 -80.57 -23.86
CA LEU BB 118 -70.98 -82.00 -23.89
C LEU BB 118 -69.58 -82.39 -23.40
N VAL BB 119 -68.67 -81.43 -23.24
CA VAL BB 119 -67.31 -81.69 -22.77
C VAL BB 119 -67.08 -80.89 -21.50
N ALA BB 120 -66.65 -81.56 -20.45
CA ALA BB 120 -66.46 -80.90 -19.16
C ALA BB 120 -65.27 -79.97 -19.19
N ASP BB 121 -65.36 -78.90 -18.41
CA ASP BB 121 -64.27 -77.94 -18.31
C ASP BB 121 -63.22 -78.49 -17.33
N PRO BB 122 -61.99 -78.75 -17.78
CA PRO BB 122 -61.01 -79.39 -16.89
C PRO BB 122 -60.45 -78.46 -15.83
N ARG BB 123 -60.53 -77.15 -16.01
CA ARG BB 123 -59.92 -76.22 -15.06
C ARG BB 123 -60.69 -76.21 -13.76
N ARG BB 124 -60.01 -76.48 -12.64
CA ARG BB 124 -60.67 -76.50 -11.35
C ARG BB 124 -60.18 -75.41 -10.41
N CYS BB 125 -58.90 -75.42 -10.04
CA CYS BB 125 -58.35 -74.51 -9.05
C CYS BB 125 -56.83 -74.50 -9.21
N GLU BB 126 -56.15 -73.94 -8.22
CA GLU BB 126 -54.70 -73.99 -8.15
C GLU BB 126 -54.31 -73.72 -6.71
N SER BB 127 -53.38 -74.54 -6.19
CA SER BB 127 -53.02 -74.47 -4.78
C SER BB 127 -52.32 -73.14 -4.46
N LYS BB 128 -52.65 -72.59 -3.30
CA LYS BB 128 -51.97 -71.40 -2.82
C LYS BB 128 -50.56 -71.75 -2.36
N LYS BB 129 -49.61 -70.88 -2.66
CA LYS BB 129 -48.23 -71.06 -2.25
C LYS BB 129 -47.91 -70.17 -1.07
N PHE BB 130 -46.77 -70.45 -0.42
CA PHE BB 130 -46.45 -69.81 0.85
C PHE BB 130 -45.68 -68.51 0.69
N GLY BB 131 -45.86 -67.80 -0.41
CA GLY BB 131 -45.21 -66.51 -0.56
C GLY BB 131 -46.17 -65.38 -0.83
N GLY BB 132 -47.45 -65.71 -0.95
CA GLY BB 132 -48.44 -64.71 -1.27
C GLY BB 132 -49.84 -65.13 -0.85
N PRO BB 133 -50.80 -64.22 -1.04
CA PRO BB 133 -52.17 -64.53 -0.61
C PRO BB 133 -52.84 -65.60 -1.44
N GLY BB 134 -52.42 -65.79 -2.69
CA GLY BB 134 -53.08 -66.74 -3.55
C GLY BB 134 -52.15 -67.67 -4.28
N ALA BB 135 -52.62 -68.22 -5.40
CA ALA BB 135 -51.84 -69.20 -6.13
C ALA BB 135 -50.61 -68.59 -6.78
N ARG BB 136 -50.74 -67.38 -7.34
CA ARG BB 136 -49.63 -66.77 -8.06
C ARG BB 136 -49.21 -65.43 -7.51
N ALA BB 137 -50.11 -64.63 -6.96
CA ALA BB 137 -49.73 -63.34 -6.40
C ALA BB 137 -48.81 -63.53 -5.21
N ARG BB 138 -47.93 -62.56 -5.00
CA ARG BB 138 -46.97 -62.59 -3.91
C ARG BB 138 -47.25 -61.43 -2.97
N TYR BB 139 -46.86 -61.61 -1.70
CA TYR BB 139 -46.98 -60.54 -0.73
C TYR BB 139 -46.10 -59.37 -1.14
N GLN BB 140 -46.57 -58.16 -0.86
CA GLN BB 140 -45.85 -56.96 -1.26
C GLN BB 140 -44.52 -56.88 -0.53
N LYS BB 141 -43.45 -56.62 -1.27
CA LYS BB 141 -42.11 -56.57 -0.73
C LYS BB 141 -41.60 -55.14 -0.71
N SER BB 142 -40.70 -54.86 0.21
CA SER BB 142 -40.14 -53.53 0.40
C SER BB 142 -38.63 -53.63 0.54
N TYR BB 143 -37.95 -52.56 0.15
CA TYR BB 143 -36.49 -52.55 0.14
C TYR BB 143 -35.88 -51.59 1.15
N ARG BB 144 -36.64 -50.61 1.65
CA ARG BB 144 -36.12 -49.65 2.60
C ARG BB 144 -36.95 -49.65 3.87
N MET CB 1 -43.04 -76.02 -28.60
CA MET CB 1 -41.79 -75.69 -27.93
C MET CB 1 -41.52 -76.63 -26.76
N GLY CB 2 -40.24 -76.87 -26.49
CA GLY CB 2 -39.85 -77.74 -25.39
C GLY CB 2 -40.21 -79.20 -25.59
N ARG CB 3 -40.10 -79.71 -26.83
CA ARG CB 3 -40.35 -81.11 -27.10
C ARG CB 3 -39.09 -81.83 -27.57
N VAL CB 4 -37.92 -81.29 -27.23
CA VAL CB 4 -36.67 -81.91 -27.63
C VAL CB 4 -36.42 -83.16 -26.80
N ARG CB 5 -36.12 -84.26 -27.46
CA ARG CB 5 -35.83 -85.51 -26.76
C ARG CB 5 -34.38 -85.53 -26.31
N THR CB 6 -34.11 -86.34 -25.28
CA THR CB 6 -32.80 -86.39 -24.65
C THR CB 6 -32.04 -87.64 -25.07
N LYS CB 7 -30.81 -87.77 -24.55
CA LYS CB 7 -30.00 -88.95 -24.84
C LYS CB 7 -30.66 -90.22 -24.33
N THR CB 8 -31.32 -90.13 -23.16
CA THR CB 8 -31.91 -91.31 -22.55
C THR CB 8 -32.92 -91.98 -23.48
N VAL CB 9 -33.70 -91.19 -24.21
CA VAL CB 9 -34.65 -91.76 -25.16
C VAL CB 9 -34.02 -92.01 -26.51
N LYS CB 10 -33.12 -91.13 -26.97
CA LYS CB 10 -32.58 -91.27 -28.32
C LYS CB 10 -31.68 -92.51 -28.43
N LYS CB 11 -30.77 -92.70 -27.46
CA LYS CB 11 -29.89 -93.86 -27.50
C LYS CB 11 -30.69 -95.15 -27.39
N ALA CB 12 -31.68 -95.19 -26.50
CA ALA CB 12 -32.51 -96.37 -26.35
C ALA CB 12 -33.26 -96.68 -27.63
N ALA CB 13 -33.80 -95.64 -28.28
CA ALA CB 13 -34.52 -95.84 -29.53
C ALA CB 13 -33.61 -96.40 -30.61
N ARG CB 14 -32.41 -95.84 -30.75
CA ARG CB 14 -31.48 -96.34 -31.75
C ARG CB 14 -31.07 -97.79 -31.46
N VAL CB 15 -30.83 -98.11 -30.19
CA VAL CB 15 -30.43 -99.46 -29.83
C VAL CB 15 -31.54 -100.46 -30.15
N ILE CB 16 -32.77 -100.15 -29.76
CA ILE CB 16 -33.84 -101.12 -29.99
C ILE CB 16 -34.18 -101.21 -31.46
N ILE CB 17 -33.97 -100.13 -32.22
CA ILE CB 17 -34.18 -100.21 -33.66
C ILE CB 17 -33.14 -101.12 -34.30
N GLU CB 18 -31.88 -100.95 -33.94
CA GLU CB 18 -30.84 -101.79 -34.53
C GLU CB 18 -30.91 -103.22 -34.02
N LYS CB 19 -31.59 -103.47 -32.91
CA LYS CB 19 -31.74 -104.84 -32.42
C LYS CB 19 -32.96 -105.54 -33.01
N TYR CB 20 -34.09 -104.86 -33.12
CA TYR CB 20 -35.36 -105.47 -33.47
C TYR CB 20 -36.01 -104.77 -34.65
N TYR CB 21 -35.21 -104.51 -35.70
CA TYR CB 21 -35.75 -103.80 -36.86
C TYR CB 21 -36.86 -104.57 -37.54
N THR CB 22 -36.84 -105.91 -37.45
CA THR CB 22 -37.88 -106.71 -38.09
C THR CB 22 -39.21 -106.59 -37.35
N ARG CB 23 -39.17 -106.63 -36.02
CA ARG CB 23 -40.41 -106.60 -35.24
C ARG CB 23 -41.06 -105.22 -35.20
N LEU CB 24 -40.25 -104.17 -35.22
CA LEU CB 24 -40.78 -102.82 -35.11
C LEU CB 24 -41.56 -102.43 -36.36
N GLY CB 25 -42.41 -101.43 -36.21
CA GLY CB 25 -43.24 -100.95 -37.30
C GLY CB 25 -43.44 -99.46 -37.19
N ASN CB 26 -44.27 -98.93 -38.10
CA ASN CB 26 -44.55 -97.50 -38.16
C ASN CB 26 -45.73 -97.10 -37.28
N ASP CB 27 -46.31 -98.04 -36.54
CA ASP CB 27 -47.43 -97.77 -35.65
C ASP CB 27 -46.90 -97.49 -34.25
N PHE CB 28 -47.27 -96.33 -33.70
CA PHE CB 28 -46.79 -95.95 -32.38
C PHE CB 28 -47.27 -96.93 -31.32
N HIS CB 29 -48.52 -97.35 -31.41
CA HIS CB 29 -49.06 -98.27 -30.41
C HIS CB 29 -48.42 -99.64 -30.52
N THR CB 30 -48.19 -100.12 -31.74
CA THR CB 30 -47.50 -101.39 -31.92
C THR CB 30 -46.09 -101.34 -31.37
N ASN CB 31 -45.38 -100.23 -31.60
CA ASN CB 31 -44.04 -100.10 -31.07
C ASN CB 31 -44.04 -100.03 -29.55
N LYS CB 32 -44.95 -99.24 -28.97
CA LYS CB 32 -45.01 -99.18 -27.52
C LYS CB 32 -45.53 -100.49 -26.92
N ARG CB 33 -46.11 -101.38 -27.73
CA ARG CB 33 -46.45 -102.71 -27.25
C ARG CB 33 -45.30 -103.70 -27.38
N VAL CB 34 -44.38 -103.49 -28.32
CA VAL CB 34 -43.21 -104.36 -28.34
C VAL CB 34 -42.17 -103.93 -27.31
N CYS CB 35 -42.19 -102.64 -26.90
CA CYS CB 35 -41.15 -102.14 -26.01
C CYS CB 35 -41.15 -102.85 -24.64
N GLU CB 36 -42.33 -103.16 -24.09
CA GLU CB 36 -42.35 -103.71 -22.74
C GLU CB 36 -41.62 -105.04 -22.64
N GLU CB 37 -41.58 -105.83 -23.72
CA GLU CB 37 -40.86 -107.09 -23.65
C GLU CB 37 -39.51 -107.05 -24.34
N ILE CB 38 -39.25 -106.09 -25.24
CA ILE CB 38 -37.89 -106.00 -25.79
C ILE CB 38 -36.99 -105.15 -24.91
N ALA CB 39 -37.53 -104.45 -23.93
CA ALA CB 39 -36.73 -103.61 -23.05
C ALA CB 39 -37.46 -103.45 -21.73
N ILE CB 40 -36.68 -103.16 -20.68
CA ILE CB 40 -37.24 -102.87 -19.37
C ILE CB 40 -37.22 -101.36 -19.20
N ILE CB 41 -38.39 -100.74 -19.23
CA ILE CB 41 -38.52 -99.29 -19.11
C ILE CB 41 -39.15 -98.99 -17.75
N PRO CB 42 -38.46 -98.27 -16.86
CA PRO CB 42 -39.02 -98.01 -15.53
C PRO CB 42 -40.28 -97.15 -15.54
N SER CB 43 -40.55 -96.41 -16.61
CA SER CB 43 -41.66 -95.47 -16.64
C SER CB 43 -42.49 -95.63 -17.90
N LYS CB 44 -43.81 -95.52 -17.75
CA LYS CB 44 -44.69 -95.56 -18.90
C LYS CB 44 -44.48 -94.37 -19.81
N LYS CB 45 -44.26 -93.19 -19.23
CA LYS CB 45 -43.97 -92.00 -20.02
C LYS CB 45 -42.69 -92.18 -20.82
N LEU CB 46 -41.65 -92.71 -20.17
CA LEU CB 46 -40.39 -92.98 -20.88
C LEU CB 46 -40.62 -93.98 -22.00
N ARG CB 47 -41.40 -95.03 -21.73
CA ARG CB 47 -41.65 -96.06 -22.74
C ARG CB 47 -42.34 -95.48 -23.96
N ASN CB 48 -43.41 -94.71 -23.75
CA ASN CB 48 -44.14 -94.18 -24.90
C ASN CB 48 -43.33 -93.09 -25.62
N LYS CB 49 -42.52 -92.32 -24.90
CA LYS CB 49 -41.65 -91.35 -25.56
C LYS CB 49 -40.62 -92.04 -26.45
N ILE CB 50 -40.02 -93.11 -25.95
CA ILE CB 50 -39.10 -93.90 -26.77
C ILE CB 50 -39.82 -94.47 -27.97
N ALA CB 51 -41.05 -94.96 -27.78
CA ALA CB 51 -41.81 -95.53 -28.90
C ALA CB 51 -42.09 -94.47 -29.97
N GLY CB 52 -42.44 -93.26 -29.55
CA GLY CB 52 -42.65 -92.19 -30.52
C GLY CB 52 -41.39 -91.86 -31.30
N TYR CB 53 -40.26 -91.79 -30.61
CA TYR CB 53 -39.02 -91.55 -31.34
C TYR CB 53 -38.66 -92.71 -32.26
N VAL CB 54 -39.03 -93.94 -31.88
CA VAL CB 54 -38.80 -95.08 -32.76
C VAL CB 54 -39.64 -94.96 -34.02
N THR CB 55 -40.88 -94.52 -33.89
CA THR CB 55 -41.70 -94.29 -35.09
C THR CB 55 -41.07 -93.24 -36.00
N HIS CB 56 -40.60 -92.15 -35.41
CA HIS CB 56 -39.96 -91.10 -36.20
C HIS CB 56 -38.73 -91.64 -36.92
N LEU CB 57 -37.87 -92.37 -36.19
CA LEU CB 57 -36.65 -92.87 -36.80
C LEU CB 57 -36.93 -93.95 -37.83
N MET CB 58 -37.98 -94.73 -37.67
CA MET CB 58 -38.27 -95.72 -38.71
C MET CB 58 -38.84 -95.06 -39.96
N LYS CB 59 -39.62 -94.00 -39.81
CA LYS CB 59 -40.01 -93.25 -41.00
C LYS CB 59 -38.78 -92.70 -41.71
N ARG CB 60 -37.83 -92.16 -40.94
CA ARG CB 60 -36.59 -91.66 -41.54
C ARG CB 60 -35.79 -92.80 -42.18
N ILE CB 61 -35.80 -93.98 -41.58
CA ILE CB 61 -35.03 -95.10 -42.11
C ILE CB 61 -35.64 -95.59 -43.42
N GLN CB 62 -36.96 -95.74 -43.46
CA GLN CB 62 -37.60 -96.17 -44.70
C GLN CB 62 -37.53 -95.12 -45.79
N ARG CB 63 -37.33 -93.84 -45.44
CA ARG CB 63 -37.08 -92.86 -46.48
C ARG CB 63 -35.59 -92.68 -46.81
N GLY CB 64 -34.69 -93.21 -45.99
CA GLY CB 64 -33.27 -93.05 -46.27
C GLY CB 64 -32.35 -93.70 -45.23
N PRO CB 65 -31.08 -93.88 -45.61
CA PRO CB 65 -30.12 -94.55 -44.72
C PRO CB 65 -29.71 -93.74 -43.51
N VAL CB 66 -30.51 -93.76 -42.44
CA VAL CB 66 -30.13 -93.12 -41.19
C VAL CB 66 -28.90 -93.82 -40.61
N ARG CB 67 -28.12 -93.08 -39.83
CA ARG CB 67 -26.85 -93.58 -39.29
C ARG CB 67 -27.01 -94.81 -38.42
N GLY CB 68 -28.20 -95.07 -37.88
CA GLY CB 68 -28.45 -96.29 -37.14
C GLY CB 68 -28.19 -97.52 -37.99
N ILE CB 69 -27.47 -98.50 -37.44
CA ILE CB 69 -27.06 -99.66 -38.23
C ILE CB 69 -28.28 -100.53 -38.53
N SER CB 70 -28.33 -101.06 -39.75
CA SER CB 70 -29.44 -101.90 -40.17
C SER CB 70 -28.93 -102.91 -41.19
N ILE CB 71 -29.28 -104.19 -40.98
CA ILE CB 71 -28.64 -105.25 -41.75
C ILE CB 71 -29.06 -105.21 -43.21
N LYS CB 72 -30.33 -104.88 -43.48
CA LYS CB 72 -30.78 -104.81 -44.86
C LYS CB 72 -30.10 -103.66 -45.61
N LEU CB 73 -29.99 -102.50 -44.95
CA LEU CB 73 -29.30 -101.37 -45.56
C LEU CB 73 -27.83 -101.70 -45.79
N GLN CB 74 -27.20 -102.41 -44.84
CA GLN CB 74 -25.79 -102.74 -45.00
C GLN CB 74 -25.56 -103.77 -46.10
N GLU CB 75 -26.46 -104.76 -46.24
CA GLU CB 75 -26.27 -105.70 -47.33
C GLU CB 75 -26.54 -105.06 -48.69
N GLU CB 76 -27.50 -104.13 -48.75
CA GLU CB 76 -27.69 -103.38 -49.99
C GLU CB 76 -26.47 -102.54 -50.32
N GLU CB 77 -25.89 -101.87 -49.32
CA GLU CB 77 -24.69 -101.08 -49.56
C GLU CB 77 -23.53 -101.97 -49.98
N ARG CB 78 -23.41 -103.15 -49.37
CA ARG CB 78 -22.38 -104.09 -49.74
C ARG CB 78 -22.52 -104.51 -51.19
N GLU CB 79 -23.75 -104.87 -51.61
CA GLU CB 79 -23.98 -105.24 -52.99
C GLU CB 79 -23.68 -104.09 -53.94
N ARG CB 80 -24.00 -102.86 -53.53
CA ARG CB 80 -23.81 -101.70 -54.38
C ARG CB 80 -22.35 -101.26 -54.43
N ARG CB 81 -21.52 -101.71 -53.49
CA ARG CB 81 -20.10 -101.36 -53.49
C ARG CB 81 -19.20 -102.44 -54.06
N ASP CB 82 -19.26 -103.67 -53.53
CA ASP CB 82 -18.35 -104.72 -53.96
C ASP CB 82 -18.80 -105.42 -55.23
N ASN CB 83 -19.74 -104.83 -55.97
CA ASN CB 83 -20.20 -105.37 -57.23
C ASN CB 83 -20.38 -104.22 -58.21
N TYR CB 84 -21.10 -104.48 -59.29
CA TYR CB 84 -21.32 -103.53 -60.37
C TYR CB 84 -20.00 -103.09 -61.00
N VAL CB 85 -19.08 -104.04 -61.15
CA VAL CB 85 -17.96 -103.83 -62.05
C VAL CB 85 -18.54 -103.96 -63.45
N PRO CB 86 -18.40 -102.94 -64.30
CA PRO CB 86 -18.98 -103.01 -65.64
C PRO CB 86 -18.30 -104.07 -66.49
N GLU CB 87 -19.05 -104.62 -67.43
CA GLU CB 87 -18.51 -105.68 -68.30
C GLU CB 87 -17.36 -105.16 -69.15
N VAL CB 88 -17.33 -103.86 -69.43
CA VAL CB 88 -16.21 -103.21 -70.09
C VAL CB 88 -15.64 -102.18 -69.12
N SER CB 89 -14.32 -102.13 -69.02
CA SER CB 89 -13.69 -101.25 -68.06
C SER CB 89 -13.84 -99.79 -68.48
N ALA CB 90 -13.62 -98.90 -67.53
CA ALA CB 90 -13.57 -97.47 -67.81
C ALA CB 90 -12.18 -97.01 -68.21
N LEU CB 91 -11.19 -97.91 -68.20
CA LEU CB 91 -9.81 -97.56 -68.48
C LEU CB 91 -9.27 -98.28 -69.72
N ASP CB 92 -10.15 -98.87 -70.53
CA ASP CB 92 -9.76 -99.56 -71.75
C ASP CB 92 -10.18 -98.78 -72.99
N GLN CB 93 -10.01 -97.46 -72.93
CA GLN CB 93 -10.39 -96.60 -74.05
C GLN CB 93 -9.61 -96.97 -75.30
N GLU CB 94 -10.30 -96.96 -76.45
CA GLU CB 94 -9.65 -97.30 -77.71
C GLU CB 94 -8.56 -96.30 -78.06
N ILE CB 95 -8.83 -95.02 -77.83
CA ILE CB 95 -7.85 -93.97 -78.07
C ILE CB 95 -7.72 -93.14 -76.81
N ILE CB 96 -6.50 -92.68 -76.55
CA ILE CB 96 -6.21 -91.79 -75.43
C ILE CB 96 -5.72 -90.48 -76.01
N GLU CB 97 -6.40 -89.39 -75.66
CA GLU CB 97 -6.02 -88.06 -76.11
C GLU CB 97 -4.79 -87.61 -75.33
N VAL CB 98 -3.66 -87.53 -76.01
CA VAL CB 98 -2.37 -87.39 -75.36
C VAL CB 98 -1.74 -86.05 -75.75
N ASP CB 99 -1.18 -85.37 -74.78
CA ASP CB 99 -0.46 -84.11 -74.91
C ASP CB 99 0.90 -84.40 -75.55
N PRO CB 100 1.36 -83.55 -76.49
CA PRO CB 100 2.70 -83.74 -77.05
C PRO CB 100 3.82 -83.77 -76.01
N ASP CB 101 3.70 -82.99 -74.92
CA ASP CB 101 4.71 -83.07 -73.86
C ASP CB 101 4.71 -84.44 -73.20
N THR CB 102 3.52 -84.97 -72.92
CA THR CB 102 3.42 -86.32 -72.39
C THR CB 102 3.92 -87.36 -73.39
N LYS CB 103 3.74 -87.09 -74.68
CA LYS CB 103 4.29 -87.98 -75.71
C LYS CB 103 5.81 -88.00 -75.65
N GLU CB 104 6.42 -86.81 -75.47
CA GLU CB 104 7.87 -86.75 -75.28
C GLU CB 104 8.30 -87.49 -74.03
N MET CB 105 7.52 -87.37 -72.95
CA MET CB 105 7.83 -88.09 -71.72
C MET CB 105 7.80 -89.60 -71.96
N LEU CB 106 6.78 -90.07 -72.68
CA LEU CB 106 6.69 -91.50 -72.98
C LEU CB 106 7.83 -91.95 -73.87
N LYS CB 107 8.23 -91.11 -74.82
CA LYS CB 107 9.36 -91.45 -75.68
C LYS CB 107 10.64 -91.57 -74.89
N LEU CB 108 10.87 -90.67 -73.94
CA LEU CB 108 12.04 -90.79 -73.07
C LEU CB 108 11.93 -92.02 -72.18
N LEU CB 109 10.71 -92.36 -71.76
CA LEU CB 109 10.49 -93.57 -70.97
C LEU CB 109 10.67 -94.84 -71.79
N ASP CB 110 10.64 -94.71 -73.13
CA ASP CB 110 10.69 -95.68 -74.25
C ASP CB 110 9.32 -96.26 -74.58
N PHE CB 111 8.25 -95.82 -73.92
CA PHE CB 111 6.91 -96.25 -74.27
C PHE CB 111 6.25 -95.34 -75.30
N GLY CB 112 7.03 -94.63 -76.10
CA GLY CB 112 6.48 -93.87 -77.19
C GLY CB 112 6.07 -94.75 -78.35
N SER CB 113 5.40 -94.13 -79.31
CA SER CB 113 4.91 -94.78 -80.52
C SER CB 113 3.98 -95.97 -80.18
N LEU CB 114 2.87 -95.63 -79.53
CA LEU CB 114 1.81 -96.58 -79.23
C LEU CB 114 0.61 -96.32 -80.13
N SER CB 115 -0.01 -97.40 -80.60
CA SER CB 115 -1.11 -97.28 -81.55
C SER CB 115 -2.39 -96.77 -80.91
N ASN CB 116 -2.48 -96.75 -79.58
CA ASN CB 116 -3.68 -96.35 -78.88
C ASN CB 116 -3.65 -94.89 -78.43
N LEU CB 117 -2.67 -94.12 -78.87
CA LEU CB 117 -2.53 -92.73 -78.45
C LEU CB 117 -2.77 -91.81 -79.64
N GLN CB 118 -3.59 -90.79 -79.44
CA GLN CB 118 -3.83 -89.76 -80.45
C GLN CB 118 -3.35 -88.43 -79.90
N VAL CB 119 -2.42 -87.80 -80.60
CA VAL CB 119 -1.80 -86.57 -80.12
C VAL CB 119 -2.76 -85.41 -80.30
N THR CB 120 -3.06 -84.71 -79.22
CA THR CB 120 -3.91 -83.53 -79.30
C THR CB 120 -3.12 -82.33 -79.81
N GLN CB 121 -3.83 -81.37 -80.36
CA GLN CB 121 -3.23 -80.09 -80.67
C GLN CB 121 -3.07 -79.28 -79.39
N PRO CB 122 -1.86 -78.88 -79.01
CA PRO CB 122 -1.69 -78.14 -77.76
C PRO CB 122 -2.39 -76.79 -77.82
N THR CB 123 -2.93 -76.38 -76.68
CA THR CB 123 -3.63 -75.11 -76.63
C THR CB 123 -2.62 -73.96 -76.72
N VAL CB 124 -3.11 -72.81 -77.16
CA VAL CB 124 -2.29 -71.63 -77.39
C VAL CB 124 -2.92 -70.46 -76.66
N GLY CB 125 -2.11 -69.70 -75.94
CA GLY CB 125 -2.60 -68.53 -75.24
C GLY CB 125 -2.09 -68.45 -73.82
N MET CB 126 -1.93 -69.61 -73.18
CA MET CB 126 -1.41 -69.72 -71.82
C MET CB 126 -2.22 -68.86 -70.86
N ASN CB 127 -3.54 -68.96 -70.99
CA ASN CB 127 -4.47 -68.08 -70.27
C ASN CB 127 -5.07 -68.73 -69.04
N PHE CB 128 -4.31 -69.57 -68.34
CA PHE CB 128 -4.76 -70.12 -67.08
C PHE CB 128 -4.61 -69.04 -66.00
N LYS CB 129 -4.77 -69.44 -64.74
CA LYS CB 129 -4.74 -68.56 -63.56
C LYS CB 129 -5.97 -67.67 -63.50
N THR CB 130 -6.55 -67.52 -62.32
CA THR CB 130 -7.66 -66.60 -62.16
C THR CB 130 -7.13 -65.17 -62.06
N PRO CB 131 -7.91 -64.18 -62.50
CA PRO CB 131 -7.50 -62.79 -62.34
C PRO CB 131 -7.30 -62.45 -60.87
N ARG CB 132 -6.23 -61.69 -60.60
CA ARG CB 132 -5.80 -61.48 -59.23
C ARG CB 132 -6.64 -60.41 -58.53
N GLY CB 133 -6.98 -60.68 -57.28
CA GLY CB 133 -7.76 -59.77 -56.49
C GLY CB 133 -9.22 -59.75 -56.91
N PRO CB 134 -10.00 -58.84 -56.34
CA PRO CB 134 -11.39 -58.66 -56.79
C PRO CB 134 -11.46 -58.00 -58.16
N VAL CB 135 -12.68 -57.72 -58.62
CA VAL CB 135 -12.95 -57.16 -59.95
C VAL CB 135 -12.40 -58.07 -61.03
N MET DB 1 -100.18 -38.81 0.77
CA MET DB 1 -99.26 -39.69 0.06
C MET DB 1 -98.80 -39.09 -1.28
N SER DB 2 -97.54 -38.67 -1.32
CA SER DB 2 -96.93 -38.00 -2.47
C SER DB 2 -97.69 -36.73 -2.85
N LEU DB 3 -98.35 -36.10 -1.89
CA LEU DB 3 -99.03 -34.84 -2.14
C LEU DB 3 -98.01 -33.71 -2.15
N VAL DB 4 -98.50 -32.48 -2.21
CA VAL DB 4 -97.65 -31.31 -2.10
C VAL DB 4 -97.16 -31.20 -0.66
N ILE DB 5 -96.19 -30.31 -0.42
CA ILE DB 5 -95.71 -30.08 0.93
C ILE DB 5 -96.85 -29.53 1.78
N PRO DB 6 -97.07 -30.03 2.99
CA PRO DB 6 -98.17 -29.50 3.81
C PRO DB 6 -97.87 -28.10 4.31
N GLU DB 7 -98.95 -27.39 4.67
CA GLU DB 7 -98.81 -25.98 5.04
C GLU DB 7 -97.98 -25.81 6.30
N LYS DB 8 -98.23 -26.62 7.32
CA LYS DB 8 -97.49 -26.53 8.57
C LYS DB 8 -96.28 -27.46 8.59
N PHE DB 9 -95.48 -27.39 7.52
CA PHE DB 9 -94.27 -28.19 7.40
C PHE DB 9 -93.10 -27.30 7.78
N GLN DB 10 -92.69 -27.37 9.05
CA GLN DB 10 -91.50 -26.67 9.48
C GLN DB 10 -90.26 -27.44 9.01
N HIS DB 11 -89.30 -26.72 8.43
CA HIS DB 11 -88.16 -27.39 7.82
C HIS DB 11 -87.21 -27.95 8.87
N ILE DB 12 -87.05 -27.27 10.00
CA ILE DB 12 -86.35 -27.84 11.15
C ILE DB 12 -87.21 -27.65 12.38
N LEU DB 13 -87.05 -28.55 13.34
CA LEU DB 13 -87.81 -28.54 14.57
C LEU DB 13 -86.96 -28.00 15.71
N ARG DB 14 -87.52 -27.97 16.90
CA ARG DB 14 -86.77 -27.64 18.12
C ARG DB 14 -87.13 -28.69 19.16
N VAL DB 15 -86.24 -29.68 19.33
CA VAL DB 15 -86.45 -30.78 20.25
C VAL DB 15 -85.47 -30.62 21.41
N LEU DB 16 -86.00 -30.62 22.63
CA LEU DB 16 -85.22 -30.41 23.84
C LEU DB 16 -84.50 -29.07 23.77
N ASN DB 17 -83.24 -29.09 23.34
CA ASN DB 17 -82.51 -27.85 23.14
C ASN DB 17 -81.76 -27.83 21.80
N THR DB 18 -81.97 -28.82 20.94
CA THR DB 18 -81.30 -28.89 19.65
C THR DB 18 -82.33 -28.94 18.53
N ASN DB 19 -81.92 -28.49 17.35
CA ASN DB 19 -82.76 -28.54 16.18
C ASN DB 19 -82.51 -29.82 15.37
N ILE DB 20 -83.57 -30.34 14.78
CA ILE DB 20 -83.49 -31.53 13.95
C ILE DB 20 -84.06 -31.21 12.59
N ASP DB 21 -83.45 -31.76 11.55
CA ASP DB 21 -83.85 -31.49 10.18
C ASP DB 21 -85.15 -32.23 9.89
N GLY DB 22 -86.19 -31.48 9.54
CA GLY DB 22 -87.44 -32.09 9.15
C GLY DB 22 -87.47 -32.58 7.73
N ARG DB 23 -86.40 -32.35 6.97
CA ARG DB 23 -86.35 -32.79 5.59
C ARG DB 23 -86.15 -34.29 5.49
N ARG DB 24 -85.51 -34.90 6.48
CA ARG DB 24 -85.22 -36.32 6.46
C ARG DB 24 -86.35 -37.11 7.13
N LYS DB 25 -86.22 -38.43 7.11
CA LYS DB 25 -87.21 -39.30 7.72
C LYS DB 25 -87.21 -39.12 9.23
N ILE DB 26 -88.35 -39.42 9.86
CA ILE DB 26 -88.47 -39.24 11.30
C ILE DB 26 -87.57 -40.22 12.03
N ALA DB 27 -87.41 -41.44 11.51
CA ALA DB 27 -86.61 -42.45 12.18
C ALA DB 27 -85.13 -42.06 12.27
N PHE DB 28 -84.67 -41.15 11.42
CA PHE DB 28 -83.28 -40.74 11.43
C PHE DB 28 -83.09 -39.26 11.75
N ALA DB 29 -84.16 -38.47 11.82
CA ALA DB 29 -84.03 -37.06 12.11
C ALA DB 29 -83.71 -36.82 13.57
N ILE DB 30 -84.35 -37.57 14.47
CA ILE DB 30 -84.17 -37.37 15.90
C ILE DB 30 -82.87 -38.04 16.35
N THR DB 31 -82.22 -38.75 15.44
CA THR DB 31 -80.90 -39.27 15.73
C THR DB 31 -79.88 -38.15 15.88
N ALA DB 32 -80.18 -36.95 15.37
CA ALA DB 32 -79.32 -35.79 15.57
C ALA DB 32 -79.29 -35.34 17.02
N ILE DB 33 -80.20 -35.83 17.85
CA ILE DB 33 -80.19 -35.54 19.27
C ILE DB 33 -79.17 -36.44 19.95
N LYS DB 34 -78.25 -35.85 20.71
CA LYS DB 34 -77.23 -36.63 21.38
C LYS DB 34 -77.86 -37.57 22.40
N GLY DB 35 -77.38 -38.81 22.43
CA GLY DB 35 -78.01 -39.83 23.22
C GLY DB 35 -79.08 -40.62 22.51
N VAL DB 36 -79.34 -40.34 21.24
CA VAL DB 36 -80.33 -41.05 20.45
C VAL DB 36 -79.67 -41.54 19.18
N GLY DB 37 -79.87 -42.82 18.87
CA GLY DB 37 -79.33 -43.40 17.66
C GLY DB 37 -80.40 -44.07 16.84
N ARG DB 38 -79.99 -44.89 15.87
CA ARG DB 38 -80.95 -45.53 14.98
C ARG DB 38 -81.87 -46.48 15.76
N ARG DB 39 -81.28 -47.32 16.63
CA ARG DB 39 -82.08 -48.28 17.37
C ARG DB 39 -83.05 -47.60 18.34
N TYR DB 40 -82.54 -46.63 19.10
CA TYR DB 40 -83.39 -45.93 20.06
C TYR DB 40 -84.50 -45.16 19.36
N ALA DB 41 -84.16 -44.47 18.27
CA ALA DB 41 -85.19 -43.74 17.52
C ALA DB 41 -86.24 -44.69 16.98
N HIS DB 42 -85.82 -45.83 16.43
CA HIS DB 42 -86.78 -46.77 15.87
C HIS DB 42 -87.70 -47.32 16.96
N VAL DB 43 -87.15 -47.68 18.12
CA VAL DB 43 -88.00 -48.29 19.14
C VAL DB 43 -88.96 -47.25 19.74
N VAL DB 44 -88.50 -46.01 19.92
CA VAL DB 44 -89.42 -45.02 20.48
C VAL DB 44 -90.51 -44.66 19.48
N LEU DB 45 -90.20 -44.63 18.18
CA LEU DB 45 -91.26 -44.41 17.21
C LEU DB 45 -92.23 -45.59 17.17
N ARG DB 46 -91.71 -46.82 17.27
CA ARG DB 46 -92.58 -47.99 17.26
C ARG DB 46 -93.54 -47.97 18.45
N LYS DB 47 -93.04 -47.60 19.62
CA LYS DB 47 -93.91 -47.53 20.79
C LYS DB 47 -94.68 -46.22 20.90
N ALA DB 48 -94.37 -45.24 20.06
CA ALA DB 48 -95.21 -44.06 19.93
C ALA DB 48 -96.31 -44.24 18.89
N ASP DB 49 -96.23 -45.30 18.09
CA ASP DB 49 -97.23 -45.62 17.08
C ASP DB 49 -97.35 -44.46 16.09
N ILE DB 50 -96.26 -44.22 15.38
CA ILE DB 50 -96.17 -43.20 14.35
C ILE DB 50 -95.64 -43.86 13.10
N ASP DB 51 -96.24 -43.53 11.95
CA ASP DB 51 -95.81 -44.10 10.69
C ASP DB 51 -94.35 -43.71 10.44
N LEU DB 52 -93.51 -44.71 10.19
CA LEU DB 52 -92.08 -44.47 9.99
C LEU DB 52 -91.77 -43.94 8.60
N THR DB 53 -92.71 -44.01 7.66
CA THR DB 53 -92.47 -43.64 6.28
C THR DB 53 -92.80 -42.18 6.00
N LYS DB 54 -92.74 -41.32 7.01
CA LYS DB 54 -93.04 -39.90 6.83
C LYS DB 54 -91.94 -39.06 7.46
N ARG DB 55 -91.73 -37.88 6.90
CA ARG DB 55 -90.66 -37.01 7.34
C ARG DB 55 -90.99 -36.37 8.68
N ALA DB 56 -89.94 -35.89 9.36
CA ALA DB 56 -90.12 -35.29 10.68
C ALA DB 56 -90.82 -33.94 10.58
N GLY DB 57 -90.68 -33.25 9.45
CA GLY DB 57 -91.30 -31.93 9.31
C GLY DB 57 -92.80 -31.97 9.18
N GLU DB 58 -93.37 -33.09 8.74
CA GLU DB 58 -94.80 -33.22 8.56
C GLU DB 58 -95.51 -33.81 9.77
N LEU DB 59 -94.79 -34.05 10.86
CA LEU DB 59 -95.44 -34.46 12.09
C LEU DB 59 -96.15 -33.27 12.73
N THR DB 60 -97.10 -33.58 13.61
CA THR DB 60 -97.89 -32.57 14.29
C THR DB 60 -97.43 -32.44 15.74
N GLU DB 61 -98.02 -31.46 16.43
CA GLU DB 61 -97.58 -31.13 17.78
C GLU DB 61 -97.85 -32.28 18.76
N ASP DB 62 -99.00 -32.93 18.64
CA ASP DB 62 -99.30 -34.04 19.54
C ASP DB 62 -98.33 -35.19 19.34
N GLU DB 63 -98.04 -35.54 18.09
CA GLU DB 63 -97.09 -36.62 17.83
C GLU DB 63 -95.70 -36.27 18.33
N VAL DB 64 -95.24 -35.03 18.10
CA VAL DB 64 -93.89 -34.69 18.51
C VAL DB 64 -93.79 -34.64 20.03
N GLU DB 65 -94.84 -34.20 20.73
CA GLU DB 65 -94.77 -34.20 22.19
C GLU DB 65 -94.87 -35.61 22.74
N ARG DB 66 -95.57 -36.51 22.05
CA ARG DB 66 -95.54 -37.92 22.43
C ARG DB 66 -94.12 -38.47 22.32
N VAL DB 67 -93.43 -38.13 21.24
CA VAL DB 67 -92.03 -38.54 21.10
C VAL DB 67 -91.19 -37.96 22.23
N ILE DB 68 -91.40 -36.69 22.56
CA ILE DB 68 -90.66 -36.06 23.65
C ILE DB 68 -90.87 -36.82 24.94
N THR DB 69 -92.13 -37.13 25.26
CA THR DB 69 -92.44 -37.78 26.52
C THR DB 69 -91.82 -39.17 26.59
N ILE DB 70 -91.91 -39.93 25.50
CA ILE DB 70 -91.36 -41.29 25.50
C ILE DB 70 -89.84 -41.26 25.58
N MET DB 71 -89.20 -40.32 24.89
CA MET DB 71 -87.75 -40.17 24.98
C MET DB 71 -87.32 -39.82 26.39
N GLN DB 72 -88.01 -38.86 27.03
CA GLN DB 72 -87.63 -38.45 28.37
C GLN DB 72 -87.84 -39.56 29.39
N ASN DB 73 -88.96 -40.29 29.28
CA ASN DB 73 -89.33 -41.32 30.25
C ASN DB 73 -89.55 -42.62 29.53
N PRO DB 74 -88.51 -43.41 29.30
CA PRO DB 74 -88.68 -44.66 28.56
C PRO DB 74 -89.16 -45.82 29.42
N ARG DB 75 -88.89 -45.76 30.72
CA ARG DB 75 -89.16 -46.90 31.61
C ARG DB 75 -90.65 -47.23 31.66
N GLN DB 76 -91.50 -46.21 31.73
CA GLN DB 76 -92.94 -46.44 31.87
C GLN DB 76 -93.64 -46.74 30.55
N TYR DB 77 -92.92 -46.73 29.44
CA TYR DB 77 -93.50 -47.08 28.14
C TYR DB 77 -92.90 -48.37 27.59
N LYS DB 78 -92.54 -49.29 28.47
CA LYS DB 78 -92.13 -50.66 28.14
C LYS DB 78 -90.84 -50.71 27.32
N ILE DB 79 -90.02 -49.66 27.37
CA ILE DB 79 -88.66 -49.73 26.85
C ILE DB 79 -87.90 -50.66 27.78
N PRO DB 80 -87.27 -51.71 27.27
CA PRO DB 80 -86.62 -52.68 28.17
C PRO DB 80 -85.39 -52.10 28.83
N ASP DB 81 -85.05 -52.70 29.97
CA ASP DB 81 -84.06 -52.12 30.88
C ASP DB 81 -82.69 -52.02 30.23
N TRP DB 82 -82.30 -53.06 29.49
CA TRP DB 82 -80.99 -53.23 28.87
C TRP DB 82 -80.75 -52.35 27.71
N PHE DB 83 -81.64 -51.41 27.42
CA PHE DB 83 -81.56 -50.64 26.19
C PHE DB 83 -81.06 -49.23 26.43
N LEU DB 84 -80.90 -48.84 27.70
CA LEU DB 84 -80.63 -47.46 28.10
C LEU DB 84 -79.13 -47.18 28.19
N ASN DB 85 -78.78 -45.90 28.16
CA ASN DB 85 -77.37 -45.52 28.19
C ASN DB 85 -76.83 -45.48 29.62
N ARG DB 86 -77.36 -44.60 30.46
CA ARG DB 86 -76.89 -44.48 31.84
C ARG DB 86 -77.69 -45.49 32.66
N GLN DB 87 -77.27 -46.74 32.53
CA GLN DB 87 -77.81 -47.82 33.34
C GLN DB 87 -76.95 -47.95 34.58
N LYS DB 88 -77.61 -48.03 35.74
CA LYS DB 88 -76.94 -48.27 37.02
C LYS DB 88 -75.91 -47.17 37.30
N ASP DB 89 -76.43 -45.96 37.45
CA ASP DB 89 -75.60 -44.76 37.51
C ASP DB 89 -74.64 -44.84 38.70
N VAL DB 90 -73.44 -44.31 38.50
CA VAL DB 90 -72.42 -44.32 39.54
C VAL DB 90 -72.78 -43.41 40.71
N LYS DB 91 -73.69 -42.46 40.51
CA LYS DB 91 -74.08 -41.55 41.58
C LYS DB 91 -75.26 -42.07 42.40
N ASP DB 92 -76.38 -42.39 41.75
CA ASP DB 92 -77.58 -42.79 42.45
C ASP DB 92 -78.08 -44.18 42.08
N GLY DB 93 -77.46 -44.83 41.10
CA GLY DB 93 -77.86 -46.19 40.75
C GLY DB 93 -79.27 -46.32 40.21
N LYS DB 94 -79.70 -45.37 39.39
CA LYS DB 94 -81.03 -45.39 38.81
C LYS DB 94 -80.92 -45.45 37.29
N TYR DB 95 -81.78 -46.26 36.69
CA TYR DB 95 -81.71 -46.61 35.27
C TYR DB 95 -82.36 -45.49 34.48
N SER DB 96 -81.59 -44.79 33.66
CA SER DB 96 -82.10 -43.62 32.97
C SER DB 96 -81.42 -43.43 31.63
N GLN DB 97 -82.23 -43.19 30.60
CA GLN DB 97 -81.72 -42.71 29.33
C GLN DB 97 -81.48 -41.22 29.41
N VAL DB 98 -80.37 -40.76 28.85
CA VAL DB 98 -79.98 -39.36 28.90
C VAL DB 98 -79.99 -38.82 27.48
N LEU DB 99 -80.57 -37.62 27.31
CA LEU DB 99 -81.09 -37.22 26.01
C LEU DB 99 -80.50 -35.96 25.42
N ALA DB 100 -79.68 -35.21 26.16
CA ALA DB 100 -79.35 -33.86 25.74
C ALA DB 100 -77.96 -33.53 26.26
N ASN DB 101 -77.65 -32.23 26.37
CA ASN DB 101 -76.43 -31.78 27.04
C ASN DB 101 -76.32 -32.29 28.47
N GLY DB 102 -77.39 -32.88 29.02
CA GLY DB 102 -77.24 -33.70 30.20
C GLY DB 102 -76.24 -34.82 29.99
N LEU DB 103 -76.19 -35.37 28.78
CA LEU DB 103 -75.17 -36.36 28.46
C LEU DB 103 -73.78 -35.76 28.51
N ASP DB 104 -73.63 -34.54 27.99
CA ASP DB 104 -72.33 -33.88 28.00
C ASP DB 104 -71.87 -33.61 29.43
N ASN DB 105 -72.74 -33.06 30.26
CA ASN DB 105 -72.32 -32.77 31.63
C ASN DB 105 -72.20 -34.05 32.47
N LYS DB 106 -72.90 -35.12 32.11
CA LYS DB 106 -72.70 -36.39 32.79
C LYS DB 106 -71.36 -37.00 32.45
N LEU DB 107 -70.97 -36.92 31.18
CA LEU DB 107 -69.61 -37.32 30.79
C LEU DB 107 -68.57 -36.47 31.51
N ARG DB 108 -68.82 -35.17 31.59
CA ARG DB 108 -67.90 -34.26 32.28
C ARG DB 108 -67.75 -34.64 33.75
N GLU DB 109 -68.87 -34.91 34.43
CA GLU DB 109 -68.78 -35.22 35.85
C GLU DB 109 -68.15 -36.59 36.08
N ASP DB 110 -68.39 -37.55 35.19
CA ASP DB 110 -67.72 -38.85 35.36
C ASP DB 110 -66.22 -38.74 35.15
N LEU DB 111 -65.80 -37.96 34.14
CA LEU DB 111 -64.37 -37.77 33.92
C LEU DB 111 -63.71 -37.05 35.07
N GLU DB 112 -64.37 -36.01 35.61
CA GLU DB 112 -63.77 -35.31 36.74
C GLU DB 112 -63.81 -36.15 38.00
N ARG DB 113 -64.77 -37.07 38.12
CA ARG DB 113 -64.77 -38.02 39.23
C ARG DB 113 -63.56 -38.93 39.14
N LEU DB 114 -63.28 -39.44 37.94
CA LEU DB 114 -62.10 -40.29 37.76
C LEU DB 114 -60.82 -39.50 38.04
N LYS DB 115 -60.75 -38.26 37.59
CA LYS DB 115 -59.58 -37.43 37.88
C LYS DB 115 -59.44 -37.18 39.37
N LYS DB 116 -60.56 -36.93 40.06
CA LYS DB 116 -60.51 -36.66 41.49
C LYS DB 116 -60.02 -37.87 42.26
N ILE DB 117 -60.49 -39.07 41.91
CA ILE DB 117 -59.98 -40.27 42.59
C ILE DB 117 -58.62 -40.66 42.07
N ARG DB 118 -58.12 -40.00 41.01
CA ARG DB 118 -56.76 -40.19 40.51
C ARG DB 118 -56.56 -41.61 39.99
N ALA DB 119 -57.59 -42.16 39.37
CA ALA DB 119 -57.46 -43.46 38.73
C ALA DB 119 -56.59 -43.34 37.49
N HIS DB 120 -56.09 -44.49 37.03
CA HIS DB 120 -55.26 -44.49 35.83
C HIS DB 120 -56.03 -44.02 34.61
N ARG DB 121 -57.28 -44.45 34.47
CA ARG DB 121 -58.10 -44.00 33.35
C ARG DB 121 -58.33 -42.50 33.40
N GLY DB 122 -58.59 -41.96 34.60
CA GLY DB 122 -58.75 -40.51 34.73
C GLY DB 122 -57.49 -39.75 34.42
N LEU DB 123 -56.34 -40.28 34.83
CA LEU DB 123 -55.07 -39.63 34.51
C LEU DB 123 -54.81 -39.64 33.01
N ARG DB 124 -55.14 -40.76 32.34
CA ARG DB 124 -54.99 -40.81 30.89
C ARG DB 124 -55.92 -39.82 30.21
N HIS DB 125 -57.15 -39.68 30.72
CA HIS DB 125 -58.07 -38.69 30.19
C HIS DB 125 -57.52 -37.27 30.37
N PHE DB 126 -56.92 -37.00 31.53
CA PHE DB 126 -56.32 -35.69 31.77
C PHE DB 126 -55.16 -35.43 30.81
N TRP DB 127 -54.32 -36.43 30.59
CA TRP DB 127 -53.17 -36.28 29.70
C TRP DB 127 -53.55 -36.33 28.23
N GLY DB 128 -54.79 -36.70 27.90
CA GLY DB 128 -55.19 -36.77 26.51
C GLY DB 128 -54.73 -38.00 25.77
N LEU DB 129 -54.33 -39.04 26.50
CA LEU DB 129 -53.88 -40.28 25.88
C LEU DB 129 -55.04 -41.28 25.81
N ARG DB 130 -54.79 -42.39 25.12
CA ARG DB 130 -55.78 -43.45 25.01
C ARG DB 130 -56.04 -44.07 26.38
N VAL DB 131 -57.29 -44.43 26.62
CA VAL DB 131 -57.69 -44.99 27.92
C VAL DB 131 -58.10 -46.45 27.83
N ARG DB 132 -58.23 -47.01 26.63
CA ARG DB 132 -58.67 -48.39 26.48
C ARG DB 132 -57.51 -49.35 26.21
N GLY DB 133 -56.29 -48.95 26.54
CA GLY DB 133 -55.15 -49.83 26.43
C GLY DB 133 -54.56 -49.95 25.04
N GLN DB 134 -54.91 -49.06 24.12
CA GLN DB 134 -54.37 -49.13 22.78
C GLN DB 134 -52.87 -48.76 22.78
N HIS DB 135 -52.19 -49.20 21.72
CA HIS DB 135 -50.79 -48.85 21.53
C HIS DB 135 -50.69 -47.40 21.06
N THR DB 136 -50.00 -46.57 21.83
CA THR DB 136 -49.84 -45.17 21.48
C THR DB 136 -48.53 -44.91 20.75
N LYS DB 137 -47.77 -45.95 20.41
CA LYS DB 137 -46.47 -45.76 19.79
C LYS DB 137 -46.61 -45.26 18.35
N THR DB 138 -47.51 -45.85 17.58
CA THR DB 138 -47.54 -45.64 16.14
C THR DB 138 -48.78 -44.92 15.62
N THR DB 139 -49.85 -44.85 16.41
CA THR DB 139 -51.09 -44.24 15.97
C THR DB 139 -51.46 -43.08 16.86
N GLY DB 140 -52.53 -42.39 16.49
CA GLY DB 140 -52.97 -41.22 17.23
C GLY DB 140 -52.09 -40.01 17.05
N ARG DB 141 -51.32 -39.95 15.96
CA ARG DB 141 -50.38 -38.85 15.78
C ARG DB 141 -51.08 -37.57 15.36
N ARG DB 142 -52.22 -37.66 14.68
CA ARG DB 142 -52.90 -36.46 14.19
C ARG DB 142 -53.43 -35.62 15.34
N GLY DB 143 -53.95 -36.26 16.40
CA GLY DB 143 -54.49 -35.53 17.52
C GLY DB 143 -53.46 -34.72 18.28
N ARG DB 144 -52.17 -35.00 18.08
CA ARG DB 144 -51.10 -34.27 18.74
C ARG DB 144 -50.36 -33.33 17.79
N THR DB 145 -50.08 -33.78 16.57
CA THR DB 145 -49.45 -32.94 15.56
C THR DB 145 -50.16 -33.10 14.22
N PRO EB 1 -103.82 -81.65 -11.93
CA PRO EB 1 -102.70 -80.73 -11.72
C PRO EB 1 -102.53 -80.34 -10.26
N GLY EB 2 -102.01 -81.25 -9.44
CA GLY EB 2 -101.67 -80.90 -8.08
C GLY EB 2 -100.46 -79.98 -8.02
N VAL EB 3 -100.41 -79.16 -6.98
CA VAL EB 3 -99.34 -78.18 -6.81
C VAL EB 3 -98.73 -78.37 -5.43
N THR EB 4 -97.41 -78.53 -5.39
CA THR EB 4 -96.64 -78.54 -4.15
C THR EB 4 -95.86 -77.24 -4.04
N VAL EB 5 -95.18 -77.08 -2.90
CA VAL EB 5 -94.48 -75.82 -2.66
C VAL EB 5 -93.21 -75.72 -3.49
N LYS EB 6 -92.71 -76.86 -4.00
CA LYS EB 6 -91.49 -76.86 -4.78
C LYS EB 6 -91.72 -76.43 -6.23
N ASP EB 7 -92.98 -76.31 -6.65
CA ASP EB 7 -93.33 -75.88 -7.99
C ASP EB 7 -93.68 -74.40 -8.06
N VAL EB 8 -93.57 -73.68 -6.95
CA VAL EB 8 -93.86 -72.25 -6.92
C VAL EB 8 -92.64 -71.51 -6.41
N ASN EB 9 -92.48 -70.27 -6.86
CA ASN EB 9 -91.38 -69.44 -6.38
C ASN EB 9 -91.53 -69.23 -4.88
N GLN EB 10 -90.47 -69.53 -4.14
CA GLN EB 10 -90.54 -69.51 -2.69
C GLN EB 10 -90.72 -68.11 -2.12
N GLN EB 11 -90.39 -67.08 -2.88
CA GLN EB 11 -90.44 -65.72 -2.33
C GLN EB 11 -91.87 -65.23 -2.16
N GLU EB 12 -92.63 -65.16 -3.25
CA GLU EB 12 -94.02 -64.77 -3.08
C GLU EB 12 -94.82 -65.87 -2.38
N PHE EB 13 -94.33 -67.12 -2.40
CA PHE EB 13 -94.97 -68.16 -1.61
C PHE EB 13 -94.88 -67.86 -0.12
N VAL EB 14 -93.69 -67.53 0.36
CA VAL EB 14 -93.55 -67.25 1.78
C VAL EB 14 -94.24 -65.94 2.12
N ARG EB 15 -94.31 -65.00 1.17
CA ARG EB 15 -95.08 -63.78 1.39
C ARG EB 15 -96.56 -64.10 1.57
N ALA EB 16 -97.11 -64.97 0.73
CA ALA EB 16 -98.51 -65.35 0.84
C ALA EB 16 -98.78 -66.13 2.12
N LEU EB 17 -97.85 -67.01 2.51
CA LEU EB 17 -98.00 -67.74 3.76
C LEU EB 17 -97.99 -66.79 4.95
N ALA EB 18 -97.11 -65.79 4.93
CA ALA EB 18 -97.10 -64.79 5.98
C ALA EB 18 -98.39 -64.00 6.02
N ALA EB 19 -98.93 -63.64 4.84
CA ALA EB 19 -100.19 -62.90 4.80
C ALA EB 19 -101.34 -63.74 5.37
N PHE EB 20 -101.39 -65.02 5.01
CA PHE EB 20 -102.41 -65.91 5.56
C PHE EB 20 -102.27 -66.05 7.07
N LEU EB 21 -101.03 -66.19 7.54
CA LEU EB 21 -100.79 -66.34 8.97
C LEU EB 21 -101.16 -65.07 9.72
N LYS EB 22 -100.99 -63.91 9.07
CA LYS EB 22 -101.43 -62.65 9.65
C LYS EB 22 -102.95 -62.56 9.73
N LYS EB 23 -103.64 -62.88 8.63
CA LYS EB 23 -105.08 -62.68 8.60
C LYS EB 23 -105.79 -63.68 9.50
N SER EB 24 -105.29 -64.90 9.59
CA SER EB 24 -105.83 -65.90 10.52
C SER EB 24 -104.98 -65.93 11.79
N GLY EB 25 -104.96 -64.80 12.49
CA GLY EB 25 -104.01 -64.61 13.57
C GLY EB 25 -104.33 -65.36 14.83
N LYS EB 26 -103.59 -66.43 15.09
CA LYS EB 26 -103.70 -67.20 16.33
C LYS EB 26 -102.33 -67.46 16.94
N LEU EB 27 -101.33 -66.67 16.56
CA LEU EB 27 -99.96 -66.91 16.97
C LEU EB 27 -99.74 -66.48 18.42
N LYS EB 28 -98.70 -67.05 19.02
CA LYS EB 28 -98.19 -66.59 20.31
C LYS EB 28 -97.04 -65.63 20.02
N VAL EB 29 -97.40 -64.39 19.76
CA VAL EB 29 -96.42 -63.34 19.44
C VAL EB 29 -95.84 -62.82 20.74
N PRO EB 30 -94.52 -62.85 20.91
CA PRO EB 30 -93.92 -62.38 22.17
C PRO EB 30 -93.99 -60.87 22.30
N GLU EB 31 -93.73 -60.40 23.51
CA GLU EB 31 -93.87 -58.99 23.85
C GLU EB 31 -92.67 -58.15 23.42
N TRP EB 32 -91.60 -58.77 22.94
CA TRP EB 32 -90.39 -58.03 22.58
C TRP EB 32 -90.18 -57.96 21.07
N VAL EB 33 -91.25 -58.09 20.28
CA VAL EB 33 -91.09 -58.06 18.84
C VAL EB 33 -90.79 -56.66 18.32
N ASP EB 34 -91.03 -55.62 19.12
CA ASP EB 34 -90.82 -54.26 18.67
C ASP EB 34 -89.45 -53.70 19.06
N THR EB 35 -88.63 -54.48 19.76
CA THR EB 35 -87.36 -53.97 20.25
C THR EB 35 -86.16 -54.75 19.77
N VAL EB 36 -86.23 -56.08 19.77
CA VAL EB 36 -85.03 -56.89 19.58
C VAL EB 36 -84.58 -56.85 18.12
N LYS EB 37 -83.27 -57.05 17.93
CA LYS EB 37 -82.74 -57.32 16.61
C LYS EB 37 -82.86 -58.81 16.30
N LEU EB 38 -83.07 -59.12 15.03
CA LEU EB 38 -83.26 -60.51 14.64
C LEU EB 38 -81.98 -61.34 14.72
N ALA EB 39 -80.82 -60.70 14.86
CA ALA EB 39 -79.58 -61.44 14.97
C ALA EB 39 -78.53 -60.56 15.62
N LYS EB 40 -77.47 -61.21 16.11
CA LYS EB 40 -76.37 -60.49 16.72
C LYS EB 40 -75.68 -59.57 15.71
N HIS EB 41 -75.52 -60.04 14.47
CA HIS EB 41 -74.79 -59.29 13.47
C HIS EB 41 -75.59 -58.15 12.85
N LYS EB 42 -76.90 -58.13 13.03
CA LYS EB 42 -77.69 -57.02 12.52
C LYS EB 42 -77.43 -55.76 13.34
N GLU EB 43 -77.70 -54.61 12.74
CA GLU EB 43 -77.52 -53.33 13.41
C GLU EB 43 -78.78 -52.49 13.48
N LEU EB 44 -79.86 -52.89 12.82
CA LEU EB 44 -81.18 -52.30 13.01
C LEU EB 44 -82.21 -53.40 13.16
N ALA EB 45 -83.30 -53.07 13.84
CA ALA EB 45 -84.45 -53.94 13.89
C ALA EB 45 -85.07 -54.04 12.49
N PRO EB 46 -85.76 -55.14 12.19
CA PRO EB 46 -86.36 -55.30 10.86
C PRO EB 46 -87.35 -54.18 10.54
N TYR EB 47 -87.35 -53.77 9.28
CA TYR EB 47 -88.18 -52.64 8.86
C TYR EB 47 -89.66 -52.98 8.98
N ASP EB 48 -90.04 -54.18 8.58
CA ASP EB 48 -91.45 -54.56 8.58
C ASP EB 48 -91.95 -54.76 10.00
N GLU EB 49 -93.22 -54.43 10.22
CA GLU EB 49 -93.80 -54.52 11.56
C GLU EB 49 -94.06 -55.96 11.96
N ASN EB 50 -94.88 -56.66 11.18
CA ASN EB 50 -95.18 -58.06 11.49
C ASN EB 50 -94.19 -59.02 10.84
N TRP EB 51 -92.90 -58.76 11.12
CA TRP EB 51 -91.83 -59.64 10.65
C TRP EB 51 -91.90 -61.02 11.29
N PHE EB 52 -92.53 -61.15 12.45
CA PHE EB 52 -92.62 -62.44 13.12
C PHE EB 52 -93.38 -63.44 12.26
N TYR EB 53 -94.44 -62.99 11.60
CA TYR EB 53 -95.22 -63.88 10.76
C TYR EB 53 -94.43 -64.32 9.53
N THR EB 54 -93.67 -63.41 8.93
CA THR EB 54 -92.82 -63.77 7.80
C THR EB 54 -91.76 -64.78 8.22
N ARG EB 55 -91.13 -64.55 9.38
CA ARG EB 55 -90.12 -65.47 9.86
C ARG EB 55 -90.70 -66.84 10.17
N ALA EB 56 -91.89 -66.88 10.77
CA ALA EB 56 -92.54 -68.16 11.04
C ALA EB 56 -92.89 -68.88 9.75
N ALA EB 57 -93.34 -68.13 8.74
CA ALA EB 57 -93.61 -68.72 7.43
C ALA EB 57 -92.35 -69.32 6.83
N SER EB 58 -91.23 -68.59 6.92
CA SER EB 58 -89.98 -69.11 6.38
C SER EB 58 -89.51 -70.35 7.13
N THR EB 59 -89.68 -70.37 8.46
CA THR EB 59 -89.30 -71.55 9.23
C THR EB 59 -90.17 -72.75 8.85
N ALA EB 60 -91.46 -72.53 8.64
CA ALA EB 60 -92.33 -73.61 8.21
C ALA EB 60 -91.92 -74.14 6.84
N ARG EB 61 -91.56 -73.23 5.92
CA ARG EB 61 -91.10 -73.64 4.61
C ARG EB 61 -89.81 -74.45 4.69
N HIS EB 62 -88.87 -74.00 5.54
CA HIS EB 62 -87.62 -74.75 5.71
C HIS EB 62 -87.87 -76.11 6.34
N LEU EB 63 -88.79 -76.19 7.31
CA LEU EB 63 -89.11 -77.47 7.90
C LEU EB 63 -89.76 -78.40 6.91
N TYR EB 64 -90.54 -77.87 5.98
CA TYR EB 64 -91.05 -78.70 4.90
C TYR EB 64 -89.91 -79.22 4.03
N LEU EB 65 -88.97 -78.34 3.69
CA LEU EB 65 -87.87 -78.74 2.82
C LEU EB 65 -87.01 -79.83 3.46
N ARG EB 66 -86.70 -79.68 4.75
CA ARG EB 66 -86.01 -80.73 5.48
C ARG EB 66 -86.42 -80.67 6.94
N GLY EB 67 -86.73 -81.84 7.51
CA GLY EB 67 -87.21 -81.91 8.88
C GLY EB 67 -86.10 -82.12 9.89
N GLY EB 68 -86.49 -82.14 11.15
CA GLY EB 68 -85.54 -82.38 12.22
C GLY EB 68 -84.64 -81.22 12.55
N ALA EB 69 -84.94 -80.02 12.07
CA ALA EB 69 -84.09 -78.87 12.32
C ALA EB 69 -84.44 -78.27 13.68
N GLY EB 70 -83.43 -78.14 14.54
CA GLY EB 70 -83.61 -77.54 15.84
C GLY EB 70 -83.32 -76.05 15.82
N VAL EB 71 -83.28 -75.47 17.02
CA VAL EB 71 -83.08 -74.03 17.15
C VAL EB 71 -81.73 -73.62 16.59
N GLY EB 72 -80.68 -74.35 16.95
CA GLY EB 72 -79.35 -74.05 16.42
C GLY EB 72 -79.28 -74.17 14.92
N SER EB 73 -79.96 -75.18 14.36
CA SER EB 73 -80.03 -75.29 12.91
C SER EB 73 -80.71 -74.07 12.30
N MET EB 74 -81.82 -73.63 12.88
CA MET EB 74 -82.52 -72.47 12.31
C MET EB 74 -81.66 -71.22 12.40
N THR EB 75 -80.91 -71.07 13.49
CA THR EB 75 -79.93 -69.98 13.53
C THR EB 75 -78.86 -70.15 12.46
N LYS EB 76 -78.53 -71.38 12.10
CA LYS EB 76 -77.58 -71.59 11.00
C LYS EB 76 -78.16 -71.12 9.67
N ILE EB 77 -79.44 -71.37 9.42
CA ILE EB 77 -80.06 -70.80 8.21
C ILE EB 77 -80.06 -69.27 8.28
N TYR EB 78 -80.53 -68.71 9.39
CA TYR EB 78 -80.70 -67.27 9.49
C TYR EB 78 -79.46 -66.54 9.95
N GLY EB 79 -78.29 -67.18 9.87
CA GLY EB 79 -77.04 -66.49 10.09
C GLY EB 79 -76.70 -65.60 8.91
N GLY EB 80 -75.75 -64.71 9.15
CA GLY EB 80 -75.40 -63.73 8.15
C GLY EB 80 -73.99 -63.21 8.31
N ARG EB 81 -73.71 -62.12 7.61
CA ARG EB 81 -72.38 -61.55 7.55
C ARG EB 81 -72.24 -60.46 8.60
N GLN EB 82 -71.38 -60.68 9.59
CA GLN EB 82 -71.09 -59.67 10.60
C GLN EB 82 -69.88 -58.86 10.15
N ARG EB 83 -70.07 -57.55 9.99
CA ARG EB 83 -69.03 -56.71 9.41
C ARG EB 83 -67.89 -56.40 10.37
N ASN EB 84 -68.13 -56.46 11.68
CA ASN EB 84 -67.10 -56.33 12.71
C ASN EB 84 -66.38 -54.99 12.67
N GLY EB 85 -66.95 -54.00 12.00
CA GLY EB 85 -66.34 -52.68 11.99
C GLY EB 85 -65.02 -52.67 11.23
N VAL EB 86 -63.96 -52.21 11.92
CA VAL EB 86 -62.66 -52.07 11.28
C VAL EB 86 -62.00 -53.42 11.04
N MET EB 87 -62.35 -54.44 11.81
CA MET EB 87 -61.81 -55.78 11.62
C MET EB 87 -62.50 -56.45 10.45
N PRO EB 88 -61.86 -57.48 9.87
CA PRO EB 88 -62.49 -58.19 8.74
C PRO EB 88 -63.77 -58.89 9.18
N SER EB 89 -64.67 -59.03 8.23
CA SER EB 89 -65.98 -59.59 8.51
C SER EB 89 -65.90 -61.08 8.78
N HIS EB 90 -66.98 -61.61 9.36
CA HIS EB 90 -67.09 -63.03 9.65
C HIS EB 90 -68.55 -63.44 9.52
N PHE EB 91 -68.87 -64.64 9.97
CA PHE EB 91 -70.21 -65.17 9.91
C PHE EB 91 -70.78 -65.32 11.32
N SER EB 92 -72.05 -64.92 11.48
CA SER EB 92 -72.74 -65.01 12.75
C SER EB 92 -74.03 -65.79 12.56
N ARG EB 93 -74.58 -66.26 13.69
CA ARG EB 93 -75.80 -67.04 13.68
C ARG EB 93 -76.99 -66.19 14.13
N GLY EB 94 -78.18 -66.72 13.89
CA GLY EB 94 -79.40 -66.02 14.21
C GLY EB 94 -79.69 -66.00 15.70
N SER EB 95 -80.80 -65.36 16.05
CA SER EB 95 -81.19 -65.21 17.45
C SER EB 95 -81.83 -66.51 17.94
N LYS EB 96 -81.22 -67.10 18.97
CA LYS EB 96 -81.71 -68.37 19.48
C LYS EB 96 -83.09 -68.24 20.08
N SER EB 97 -83.33 -67.17 20.85
CA SER EB 97 -84.66 -66.97 21.43
C SER EB 97 -85.71 -66.72 20.36
N VAL EB 98 -85.33 -65.99 19.30
CA VAL EB 98 -86.29 -65.74 18.22
C VAL EB 98 -86.67 -67.05 17.53
N ALA EB 99 -85.67 -67.87 17.21
CA ALA EB 99 -85.96 -69.15 16.57
C ALA EB 99 -86.77 -70.05 17.48
N ARG EB 100 -86.42 -70.09 18.77
CA ARG EB 100 -87.14 -70.91 19.73
C ARG EB 100 -88.59 -70.47 19.86
N ARG EB 101 -88.82 -69.16 19.94
CA ARG EB 101 -90.19 -68.67 20.11
C ARG EB 101 -91.01 -68.86 18.85
N VAL EB 102 -90.38 -68.72 17.68
CA VAL EB 102 -91.07 -69.01 16.44
C VAL EB 102 -91.50 -70.47 16.40
N LEU EB 103 -90.60 -71.38 16.77
CA LEU EB 103 -90.93 -72.79 16.78
C LEU EB 103 -92.03 -73.10 17.79
N GLN EB 104 -91.97 -72.49 18.97
CA GLN EB 104 -92.98 -72.72 19.99
C GLN EB 104 -94.35 -72.20 19.54
N ALA EB 105 -94.37 -71.05 18.86
CA ALA EB 105 -95.63 -70.58 18.28
C ALA EB 105 -96.10 -71.53 17.18
N LEU EB 106 -95.18 -72.17 16.47
CA LEU EB 106 -95.58 -73.14 15.45
C LEU EB 106 -96.25 -74.36 16.06
N GLU EB 107 -95.70 -74.92 17.15
CA GLU EB 107 -96.46 -76.00 17.77
C GLU EB 107 -97.65 -75.51 18.57
N GLY EB 108 -97.71 -74.20 18.89
CA GLY EB 108 -98.96 -73.64 19.39
C GLY EB 108 -100.05 -73.67 18.34
N LEU EB 109 -99.70 -73.36 17.09
CA LEU EB 109 -100.57 -73.58 15.95
C LEU EB 109 -100.64 -75.05 15.54
N LYS EB 110 -99.91 -75.92 16.24
CA LYS EB 110 -99.92 -77.38 16.09
C LYS EB 110 -99.68 -77.84 14.65
N MET EB 111 -99.04 -77.01 13.84
CA MET EB 111 -98.58 -77.46 12.53
C MET EB 111 -97.16 -78.01 12.58
N VAL EB 112 -96.51 -77.99 13.74
CA VAL EB 112 -95.15 -78.50 13.92
C VAL EB 112 -95.11 -79.34 15.18
N GLU EB 113 -94.49 -80.51 15.10
CA GLU EB 113 -94.33 -81.37 16.25
C GLU EB 113 -92.89 -81.85 16.35
N LYS EB 114 -92.43 -82.08 17.58
CA LYS EB 114 -91.11 -82.62 17.79
C LYS EB 114 -91.01 -84.05 17.29
N ASP EB 115 -89.82 -84.45 16.88
CA ASP EB 115 -89.57 -85.78 16.37
C ASP EB 115 -89.38 -86.76 17.53
N GLN EB 116 -89.26 -88.05 17.18
CA GLN EB 116 -88.84 -89.03 18.17
C GLN EB 116 -87.43 -88.72 18.66
N ASP EB 117 -86.55 -88.33 17.75
CA ASP EB 117 -85.25 -87.77 18.10
C ASP EB 117 -85.38 -86.25 18.22
N GLY EB 118 -84.25 -85.56 18.28
CA GLY EB 118 -84.26 -84.12 18.43
C GLY EB 118 -84.79 -83.41 17.21
N GLY EB 119 -85.14 -82.13 17.40
CA GLY EB 119 -85.68 -81.31 16.34
C GLY EB 119 -87.16 -81.54 16.16
N ARG EB 120 -87.74 -80.74 15.26
CA ARG EB 120 -89.17 -80.81 15.00
C ARG EB 120 -89.42 -80.74 13.50
N LYS EB 121 -90.55 -81.31 13.08
CA LYS EB 121 -90.95 -81.37 11.69
C LYS EB 121 -92.41 -80.97 11.56
N LEU EB 122 -92.93 -81.02 10.33
CA LEU EB 122 -94.31 -80.65 10.06
C LEU EB 122 -95.25 -81.84 10.26
N THR EB 123 -96.43 -81.54 10.78
CA THR EB 123 -97.52 -82.49 10.86
C THR EB 123 -98.20 -82.62 9.50
N PRO EB 124 -98.93 -83.72 9.25
CA PRO EB 124 -99.64 -83.86 7.98
C PRO EB 124 -100.57 -82.71 7.65
N GLN EB 125 -101.30 -82.17 8.63
CA GLN EB 125 -102.19 -81.05 8.30
C GLN EB 125 -101.42 -79.76 8.07
N GLY EB 126 -100.25 -79.60 8.70
CA GLY EB 126 -99.38 -78.48 8.35
C GLY EB 126 -98.88 -78.59 6.93
N GLN EB 127 -98.48 -79.79 6.52
CA GLN EB 127 -98.13 -80.04 5.12
C GLN EB 127 -99.31 -79.73 4.20
N ARG EB 128 -100.52 -80.09 4.64
CA ARG EB 128 -101.72 -79.77 3.88
C ARG EB 128 -101.90 -78.27 3.70
N ASP EB 129 -101.69 -77.51 4.78
CA ASP EB 129 -101.82 -76.06 4.69
C ASP EB 129 -100.79 -75.47 3.74
N LEU EB 130 -99.53 -75.93 3.86
CA LEU EB 130 -98.48 -75.45 2.98
C LEU EB 130 -98.81 -75.75 1.52
N ASP EB 131 -99.29 -76.95 1.23
CA ASP EB 131 -99.62 -77.31 -0.15
C ASP EB 131 -100.81 -76.53 -0.67
N ARG EB 132 -101.81 -76.29 0.17
CA ARG EB 132 -102.96 -75.51 -0.26
C ARG EB 132 -102.56 -74.08 -0.60
N ILE EB 133 -101.72 -73.47 0.23
CA ILE EB 133 -101.27 -72.11 -0.05
C ILE EB 133 -100.39 -72.09 -1.30
N ALA EB 134 -99.58 -73.13 -1.49
CA ALA EB 134 -98.78 -73.22 -2.71
C ALA EB 134 -99.69 -73.30 -3.94
N GLY EB 135 -100.75 -74.09 -3.87
CA GLY EB 135 -101.67 -74.17 -5.00
C GLY EB 135 -102.35 -72.85 -5.28
N GLN EB 136 -102.80 -72.15 -4.24
CA GLN EB 136 -103.51 -70.90 -4.46
C GLN EB 136 -102.57 -69.81 -4.98
N VAL EB 137 -101.32 -69.80 -4.51
CA VAL EB 137 -100.38 -68.80 -5.03
C VAL EB 137 -99.97 -69.15 -6.46
N ALA EB 138 -99.92 -70.44 -6.80
CA ALA EB 138 -99.68 -70.82 -8.18
C ALA EB 138 -100.81 -70.36 -9.08
N ALA EB 139 -102.05 -70.53 -8.63
CA ALA EB 139 -103.19 -70.05 -9.41
C ALA EB 139 -103.16 -68.54 -9.57
N ALA EB 140 -102.81 -67.82 -8.50
CA ALA EB 140 -102.75 -66.37 -8.57
C ALA EB 140 -101.66 -65.90 -9.52
N ASN EB 141 -100.49 -66.56 -9.49
CA ASN EB 141 -99.42 -66.19 -10.40
C ASN EB 141 -99.76 -66.52 -11.84
N LYS EB 142 -100.45 -67.65 -12.06
CA LYS EB 142 -100.82 -68.05 -13.42
C LYS EB 142 -101.86 -67.09 -14.00
N LYS EB 143 -103.01 -66.98 -13.34
CA LYS EB 143 -104.08 -66.11 -13.82
C LYS EB 143 -104.29 -64.93 -12.87
CA ALA FB 1 -71.81 -120.52 16.38
C ALA FB 1 -72.14 -119.58 15.23
N ILE FB 2 -73.22 -118.83 15.38
CA ILE FB 2 -73.64 -117.85 14.37
C ILE FB 2 -72.88 -116.56 14.67
N HIS FB 3 -71.85 -116.29 13.88
CA HIS FB 3 -71.01 -115.13 14.08
C HIS FB 3 -70.81 -114.40 12.76
N ARG FB 4 -70.61 -113.09 12.85
CA ARG FB 4 -70.35 -112.22 11.70
C ARG FB 4 -69.32 -111.20 12.14
N ILE FB 5 -68.12 -111.25 11.59
CA ILE FB 5 -67.02 -110.43 12.11
C ILE FB 5 -66.58 -109.41 11.07
N ARG FB 6 -65.97 -108.34 11.56
CA ARG FB 6 -65.41 -107.28 10.74
C ARG FB 6 -63.94 -107.11 11.08
N ILE FB 7 -63.10 -107.09 10.05
CA ILE FB 7 -61.66 -106.92 10.20
C ILE FB 7 -61.27 -105.65 9.46
N THR FB 8 -60.68 -104.70 10.18
CA THR FB 8 -60.21 -103.46 9.58
C THR FB 8 -58.69 -103.41 9.64
N LEU FB 9 -58.09 -103.05 8.51
CA LEU FB 9 -56.65 -102.98 8.35
C LEU FB 9 -56.27 -101.55 8.00
N THR FB 10 -55.36 -100.96 8.77
CA THR FB 10 -54.94 -99.60 8.50
C THR FB 10 -53.42 -99.48 8.57
N SER FB 11 -52.85 -98.75 7.63
CA SER FB 11 -51.42 -98.43 7.72
C SER FB 11 -51.12 -97.22 6.86
N ARG FB 12 -49.84 -97.04 6.55
CA ARG FB 12 -49.37 -95.89 5.80
C ARG FB 12 -49.05 -96.21 4.34
N ASN FB 13 -48.98 -97.47 3.94
CA ASN FB 13 -48.57 -97.79 2.58
C ASN FB 13 -49.49 -98.77 1.86
N VAL FB 14 -49.81 -98.39 0.61
CA VAL FB 14 -50.82 -99.07 -0.18
C VAL FB 14 -50.35 -100.45 -0.61
N LYS FB 15 -49.05 -100.62 -0.86
CA LYS FB 15 -48.54 -101.91 -1.32
C LYS FB 15 -48.82 -103.00 -0.28
N SER FB 16 -48.42 -102.76 0.96
CA SER FB 16 -48.66 -103.75 2.01
C SER FB 16 -50.14 -103.88 2.33
N LEU FB 17 -50.88 -102.76 2.33
CA LEU FB 17 -52.33 -102.87 2.56
C LEU FB 17 -52.99 -103.74 1.49
N GLU FB 18 -52.65 -103.53 0.22
CA GLU FB 18 -53.26 -104.28 -0.85
C GLU FB 18 -52.86 -105.75 -0.78
N LYS FB 19 -51.61 -106.05 -0.45
CA LYS FB 19 -51.22 -107.45 -0.42
C LYS FB 19 -51.86 -108.18 0.77
N VAL FB 20 -52.06 -107.50 1.90
CA VAL FB 20 -52.78 -108.12 3.01
C VAL FB 20 -54.24 -108.32 2.65
N CYS FB 21 -54.88 -107.28 2.11
CA CYS FB 21 -56.28 -107.39 1.72
C CYS FB 21 -56.50 -108.40 0.61
N ALA FB 22 -55.44 -108.74 -0.12
CA ALA FB 22 -55.52 -109.78 -1.14
C ALA FB 22 -55.31 -111.17 -0.57
N ASP FB 23 -54.25 -111.37 0.21
CA ASP FB 23 -53.97 -112.73 0.68
C ASP FB 23 -54.99 -113.19 1.71
N LEU FB 24 -55.51 -112.27 2.53
CA LEU FB 24 -56.55 -112.65 3.50
C LEU FB 24 -57.81 -113.14 2.78
N ILE FB 25 -58.25 -112.38 1.76
CA ILE FB 25 -59.48 -112.80 1.08
C ILE FB 25 -59.23 -114.05 0.24
N ARG FB 26 -58.03 -114.22 -0.31
CA ARG FB 26 -57.75 -115.45 -1.04
C ARG FB 26 -57.77 -116.65 -0.11
N GLY FB 27 -57.21 -116.51 1.09
CA GLY FB 27 -57.35 -117.56 2.09
C GLY FB 27 -58.79 -117.83 2.43
N ALA FB 28 -59.61 -116.79 2.50
CA ALA FB 28 -61.03 -116.98 2.77
C ALA FB 28 -61.71 -117.76 1.65
N LYS FB 29 -61.40 -117.44 0.39
CA LYS FB 29 -61.99 -118.18 -0.72
C LYS FB 29 -61.55 -119.64 -0.72
N GLU FB 30 -60.25 -119.89 -0.48
CA GLU FB 30 -59.79 -121.27 -0.37
C GLU FB 30 -60.38 -121.98 0.84
N LYS FB 31 -60.81 -121.24 1.84
CA LYS FB 31 -61.41 -121.80 3.05
C LYS FB 31 -62.92 -121.55 3.07
N ASN FB 32 -63.51 -121.39 1.87
CA ASN FB 32 -64.93 -121.20 1.54
C ASN FB 32 -65.72 -120.46 2.61
N LEU FB 33 -65.28 -119.24 2.95
CA LEU FB 33 -66.07 -118.28 3.68
C LEU FB 33 -66.44 -117.16 2.73
N LYS FB 34 -67.73 -116.93 2.53
CA LYS FB 34 -68.16 -115.91 1.60
C LYS FB 34 -67.78 -114.53 2.11
N VAL FB 35 -67.23 -113.71 1.23
CA VAL FB 35 -66.52 -112.49 1.61
C VAL FB 35 -67.35 -111.28 1.20
N LYS FB 36 -67.64 -110.42 2.17
CA LYS FB 36 -68.13 -109.09 1.89
C LYS FB 36 -66.95 -108.26 1.38
N GLY FB 37 -67.13 -107.59 0.26
CA GLY FB 37 -66.04 -106.99 -0.47
C GLY FB 37 -65.23 -105.97 0.32
N PRO FB 38 -63.95 -105.85 -0.01
CA PRO FB 38 -63.08 -104.90 0.71
C PRO FB 38 -63.51 -103.46 0.43
N VAL FB 39 -63.79 -102.73 1.50
CA VAL FB 39 -64.21 -101.34 1.41
C VAL FB 39 -63.01 -100.46 1.74
N ARG FB 40 -62.63 -99.60 0.82
CA ARG FB 40 -61.47 -98.72 0.98
C ARG FB 40 -61.97 -97.38 1.49
N MET FB 41 -61.70 -97.07 2.76
CA MET FB 41 -62.17 -95.82 3.33
C MET FB 41 -61.33 -94.67 2.78
N PRO FB 42 -61.88 -93.45 2.80
CA PRO FB 42 -61.11 -92.30 2.30
C PRO FB 42 -59.83 -92.09 3.09
N THR FB 43 -58.77 -91.71 2.38
CA THR FB 43 -57.46 -91.57 2.99
C THR FB 43 -57.41 -90.39 3.95
N LYS FB 44 -56.76 -90.60 5.09
CA LYS FB 44 -56.52 -89.53 6.05
C LYS FB 44 -55.17 -88.90 5.76
N THR FB 45 -55.19 -87.61 5.41
CA THR FB 45 -53.98 -86.90 5.02
C THR FB 45 -53.59 -85.95 6.16
N LEU FB 46 -52.64 -86.38 6.98
CA LEU FB 46 -52.14 -85.55 8.07
C LEU FB 46 -51.11 -84.59 7.51
N ARG FB 47 -51.42 -83.30 7.56
CA ARG FB 47 -50.57 -82.27 6.95
C ARG FB 47 -50.00 -81.38 8.05
N ILE FB 48 -48.70 -81.15 8.01
CA ILE FB 48 -48.04 -80.23 8.93
C ILE FB 48 -47.15 -79.30 8.12
N THR FB 49 -47.42 -78.01 8.18
CA THR FB 49 -46.63 -77.01 7.49
C THR FB 49 -45.81 -76.23 8.50
N THR FB 50 -44.49 -76.26 8.36
CA THR FB 50 -43.59 -75.70 9.34
C THR FB 50 -42.51 -74.90 8.64
N ARG FB 51 -42.11 -73.79 9.24
CA ARG FB 51 -41.01 -73.00 8.69
C ARG FB 51 -39.74 -73.85 8.63
N LYS FB 52 -39.05 -73.80 7.49
CA LYS FB 52 -37.84 -74.59 7.32
C LYS FB 52 -36.74 -74.14 8.27
N THR FB 53 -36.54 -72.84 8.41
CA THR FB 53 -35.40 -72.35 9.16
C THR FB 53 -35.60 -72.56 10.65
N PRO FB 54 -34.53 -72.85 11.40
CA PRO FB 54 -34.59 -72.82 12.86
C PRO FB 54 -34.35 -71.46 13.47
N CYS FB 55 -34.37 -70.39 12.68
CA CYS FB 55 -33.92 -69.08 13.13
C CYS FB 55 -34.97 -68.00 12.91
N GLY FB 56 -35.76 -68.13 11.85
CA GLY FB 56 -36.64 -67.06 11.45
C GLY FB 56 -36.02 -66.05 10.51
N GLU FB 57 -34.78 -66.25 10.10
CA GLU FB 57 -34.12 -65.44 9.10
C GLU FB 57 -34.13 -66.17 7.76
N GLY FB 58 -34.49 -65.45 6.71
CA GLY FB 58 -34.52 -66.05 5.39
C GLY FB 58 -35.60 -65.50 4.51
N SER FB 59 -36.08 -66.31 3.56
CA SER FB 59 -37.08 -65.90 2.60
C SER FB 59 -38.46 -66.48 2.92
N LYS FB 60 -38.67 -66.93 4.15
CA LYS FB 60 -39.96 -67.46 4.60
C LYS FB 60 -40.39 -68.66 3.76
N THR FB 61 -39.54 -69.67 3.74
CA THR FB 61 -39.84 -70.92 3.06
C THR FB 61 -40.50 -71.88 4.03
N TRP FB 62 -41.57 -72.51 3.59
CA TRP FB 62 -42.34 -73.43 4.41
C TRP FB 62 -42.22 -74.84 3.87
N ASP FB 63 -41.92 -75.78 4.75
CA ASP FB 63 -41.83 -77.19 4.42
C ASP FB 63 -43.11 -77.86 4.86
N ARG FB 64 -43.76 -78.58 3.95
CA ARG FB 64 -45.03 -79.24 4.20
C ARG FB 64 -44.81 -80.75 4.24
N PHE FB 65 -45.22 -81.37 5.33
CA PHE FB 65 -45.07 -82.80 5.54
C PHE FB 65 -46.45 -83.46 5.50
N GLN FB 66 -46.52 -84.61 4.84
CA GLN FB 66 -47.76 -85.36 4.71
C GLN FB 66 -47.59 -86.74 5.31
N MET FB 67 -48.68 -87.25 5.87
CA MET FB 67 -48.77 -88.64 6.29
C MET FB 67 -50.09 -89.19 5.79
N ARG FB 68 -50.01 -90.16 4.88
CA ARG FB 68 -51.21 -90.78 4.32
C ARG FB 68 -51.54 -92.03 5.11
N ILE FB 69 -52.73 -92.08 5.67
CA ILE FB 69 -53.23 -93.25 6.38
C ILE FB 69 -54.36 -93.84 5.56
N HIS FB 70 -54.20 -95.09 5.13
CA HIS FB 70 -55.22 -95.79 4.37
C HIS FB 70 -55.76 -96.94 5.21
N LYS FB 71 -57.07 -97.16 5.12
CA LYS FB 71 -57.71 -98.23 5.86
C LYS FB 71 -58.74 -98.92 4.99
N ARG FB 72 -58.87 -100.23 5.22
CA ARG FB 72 -59.79 -101.09 4.50
C ARG FB 72 -60.59 -101.92 5.50
N LEU FB 73 -61.82 -102.25 5.10
CA LEU FB 73 -62.73 -103.05 5.91
C LEU FB 73 -63.11 -104.30 5.14
N ILE FB 74 -63.02 -105.46 5.79
CA ILE FB 74 -63.45 -106.73 5.22
C ILE FB 74 -64.36 -107.42 6.22
N ASP FB 75 -65.58 -107.73 5.79
CA ASP FB 75 -66.54 -108.41 6.65
C ASP FB 75 -66.51 -109.90 6.32
N LEU FB 76 -66.13 -110.71 7.30
CA LEU FB 76 -66.16 -112.16 7.17
C LEU FB 76 -67.48 -112.66 7.74
N HIS FB 77 -68.29 -113.27 6.88
CA HIS FB 77 -69.60 -113.76 7.24
C HIS FB 77 -69.70 -115.21 6.79
N SER FB 78 -69.88 -116.13 7.75
CA SER FB 78 -70.10 -117.53 7.43
C SER FB 78 -71.25 -118.08 8.24
N PRO FB 79 -71.99 -119.07 7.70
CA PRO FB 79 -73.05 -119.71 8.50
C PRO FB 79 -72.54 -120.38 9.76
N SER FB 80 -71.33 -120.94 9.73
CA SER FB 80 -70.75 -121.57 10.90
C SER FB 80 -69.92 -120.56 11.67
N GLU FB 81 -69.16 -121.03 12.65
CA GLU FB 81 -68.29 -120.15 13.43
C GLU FB 81 -67.14 -119.66 12.56
N ILE FB 82 -66.58 -118.52 12.94
CA ILE FB 82 -65.55 -117.86 12.16
C ILE FB 82 -64.21 -117.84 12.90
N VAL FB 83 -64.23 -117.49 14.19
CA VAL FB 83 -62.99 -117.28 14.93
C VAL FB 83 -62.26 -118.59 15.16
N LYS FB 84 -63.00 -119.66 15.47
CA LYS FB 84 -62.35 -120.95 15.63
C LYS FB 84 -61.78 -121.47 14.33
N GLN FB 85 -62.35 -121.04 13.19
CA GLN FB 85 -61.83 -121.46 11.90
C GLN FB 85 -60.58 -120.67 11.52
N ILE FB 86 -60.66 -119.35 11.50
CA ILE FB 86 -59.52 -118.52 11.11
C ILE FB 86 -58.79 -118.10 12.38
N THR FB 87 -57.52 -118.48 12.48
CA THR FB 87 -56.68 -118.15 13.62
C THR FB 87 -55.39 -117.43 13.21
N SER FB 88 -54.78 -117.85 12.10
CA SER FB 88 -53.61 -117.18 11.59
C SER FB 88 -53.97 -115.79 11.07
N ILE FB 89 -53.05 -114.85 11.23
CA ILE FB 89 -53.24 -113.47 10.80
C ILE FB 89 -52.31 -113.10 9.66
N SER FB 90 -51.06 -113.55 9.69
CA SER FB 90 -50.05 -113.29 8.66
C SER FB 90 -49.92 -111.79 8.39
N ILE FB 91 -49.50 -111.08 9.43
CA ILE FB 91 -49.45 -109.61 9.42
C ILE FB 91 -48.00 -109.18 9.51
N GLU FB 92 -47.56 -108.40 8.53
CA GLU FB 92 -46.23 -107.82 8.53
C GLU FB 92 -46.18 -106.58 9.41
N PRO FB 93 -44.99 -106.15 9.80
CA PRO FB 93 -44.88 -104.87 10.52
C PRO FB 93 -45.35 -103.72 9.64
N GLY FB 94 -45.96 -102.72 10.29
CA GLY FB 94 -46.42 -101.54 9.59
C GLY FB 94 -47.92 -101.39 9.57
N VAL FB 95 -48.63 -102.51 9.41
CA VAL FB 95 -50.08 -102.51 9.28
C VAL FB 95 -50.71 -102.97 10.59
N GLU FB 96 -51.77 -102.27 11.00
CA GLU FB 96 -52.47 -102.53 12.24
C GLU FB 96 -53.83 -103.13 11.92
N VAL FB 97 -54.20 -104.18 12.65
CA VAL FB 97 -55.41 -104.95 12.41
C VAL FB 97 -56.32 -104.85 13.63
N GLU FB 98 -57.62 -104.72 13.38
CA GLU FB 98 -58.60 -104.70 14.45
C GLU FB 98 -59.80 -105.54 14.06
N VAL FB 99 -60.18 -106.47 14.92
CA VAL FB 99 -61.27 -107.40 14.64
C VAL FB 99 -62.38 -107.15 15.66
N THR FB 100 -63.57 -106.86 15.16
CA THR FB 100 -64.77 -106.70 15.97
C THR FB 100 -65.85 -107.64 15.48
N ILE FB 101 -66.94 -107.70 16.23
CA ILE FB 101 -68.10 -108.50 15.85
C ILE FB 101 -69.26 -107.54 15.54
N ALA FB 102 -70.37 -108.12 15.07
CA ALA FB 102 -71.54 -107.31 14.75
C ALA FB 102 -72.15 -106.65 15.97
N ASP FB 103 -71.95 -107.21 17.17
CA ASP FB 103 -72.43 -106.58 18.38
C ASP FB 103 -71.74 -105.24 18.64
N ALA FB 104 -70.42 -105.19 18.42
CA ALA FB 104 -69.66 -103.96 18.63
C ALA FB 104 -69.69 -103.08 17.38
N ARG GB 1 -71.01 -26.88 -9.17
CA ARG GB 1 -71.15 -28.17 -8.52
C ARG GB 1 -70.84 -28.07 -7.03
N ASP GB 2 -71.80 -27.58 -6.25
CA ASP GB 2 -71.64 -27.43 -4.81
C ASP GB 2 -72.58 -28.34 -4.03
N LYS GB 3 -73.89 -28.20 -4.23
CA LYS GB 3 -74.89 -29.01 -3.54
C LYS GB 3 -76.17 -29.01 -4.36
N LEU GB 4 -77.07 -29.93 -4.04
CA LEU GB 4 -78.29 -30.10 -4.81
C LEU GB 4 -79.56 -29.66 -4.10
N ASN GB 5 -79.54 -29.55 -2.76
CA ASN GB 5 -80.65 -29.15 -1.88
C ASN GB 5 -82.00 -29.62 -2.40
N ASN GB 6 -82.08 -30.89 -2.77
CA ASN GB 6 -83.22 -31.42 -3.52
C ASN GB 6 -84.48 -31.41 -2.66
N LEU GB 7 -85.61 -31.15 -3.30
CA LEU GB 7 -86.89 -31.12 -2.60
C LEU GB 7 -87.25 -32.51 -2.11
N VAL GB 8 -87.73 -32.60 -0.87
CA VAL GB 8 -88.15 -33.89 -0.33
C VAL GB 8 -89.65 -34.11 -0.51
N LEU GB 9 -90.43 -33.05 -0.55
CA LEU GB 9 -91.86 -33.14 -0.79
C LEU GB 9 -92.22 -32.17 -1.91
N PHE GB 10 -93.24 -32.54 -2.68
CA PHE GB 10 -93.65 -31.72 -3.81
C PHE GB 10 -94.26 -30.40 -3.34
N ASP GB 11 -94.38 -29.47 -4.28
CA ASP GB 11 -95.14 -28.25 -4.09
C ASP GB 11 -96.02 -28.03 -5.30
N LYS GB 12 -96.72 -26.89 -5.31
CA LYS GB 12 -97.60 -26.59 -6.44
C LYS GB 12 -96.82 -26.42 -7.73
N ALA GB 13 -95.64 -25.80 -7.66
CA ALA GB 13 -94.86 -25.52 -8.86
C ALA GB 13 -94.33 -26.79 -9.51
N THR GB 14 -93.96 -27.78 -8.72
CA THR GB 14 -93.39 -29.00 -9.27
C THR GB 14 -94.39 -30.13 -9.46
N TYR GB 15 -95.55 -30.07 -8.78
CA TYR GB 15 -96.53 -31.14 -8.93
C TYR GB 15 -97.10 -31.17 -10.35
N ASP GB 16 -97.57 -30.02 -10.84
CA ASP GB 16 -98.03 -29.97 -12.23
C ASP GB 16 -96.88 -30.15 -13.20
N LYS GB 17 -95.68 -29.67 -12.84
CA LYS GB 17 -94.49 -29.89 -13.65
C LYS GB 17 -94.25 -31.38 -13.86
N LEU GB 18 -94.45 -32.18 -12.81
CA LEU GB 18 -94.40 -33.62 -12.94
C LEU GB 18 -95.54 -34.15 -13.80
N CYS GB 19 -96.77 -33.72 -13.49
CA CYS GB 19 -97.93 -34.38 -14.08
C CYS GB 19 -98.12 -34.07 -15.56
N LYS GB 20 -97.59 -32.97 -16.08
CA LYS GB 20 -97.98 -32.59 -17.42
C LYS GB 20 -96.93 -32.86 -18.50
N GLU GB 21 -95.69 -33.18 -18.16
CA GLU GB 21 -94.80 -33.65 -19.23
C GLU GB 21 -93.94 -34.85 -18.89
N VAL GB 22 -93.91 -35.33 -17.64
CA VAL GB 22 -93.14 -36.54 -17.34
C VAL GB 22 -93.63 -37.75 -18.13
N PRO GB 23 -94.98 -38.03 -18.24
CA PRO GB 23 -95.43 -39.10 -19.13
C PRO GB 23 -95.51 -38.68 -20.60
N ASN GB 24 -94.48 -37.97 -21.06
CA ASN GB 24 -94.44 -37.50 -22.44
C ASN GB 24 -93.13 -37.80 -23.15
N TYR GB 25 -92.06 -38.13 -22.45
CA TYR GB 25 -90.81 -38.48 -23.09
C TYR GB 25 -90.54 -39.98 -22.95
N LYS GB 26 -89.48 -40.43 -23.65
CA LYS GB 26 -89.26 -41.85 -23.83
C LYS GB 26 -88.80 -42.53 -22.55
N LEU GB 27 -87.85 -41.94 -21.84
CA LEU GB 27 -87.22 -42.55 -20.68
C LEU GB 27 -87.75 -41.91 -19.41
N ILE GB 28 -88.43 -42.69 -18.58
CA ILE GB 28 -88.81 -42.27 -17.24
C ILE GB 28 -88.17 -43.24 -16.26
N THR GB 29 -87.19 -42.75 -15.51
CA THR GB 29 -86.59 -43.45 -14.39
C THR GB 29 -86.54 -42.50 -13.21
N PRO GB 30 -86.51 -43.02 -11.98
CA PRO GB 30 -86.43 -42.13 -10.82
C PRO GB 30 -85.21 -41.22 -10.86
N ALA GB 31 -84.10 -41.68 -11.40
CA ALA GB 31 -82.90 -40.85 -11.47
C ALA GB 31 -83.11 -39.66 -12.40
N VAL GB 32 -83.64 -39.89 -13.61
CA VAL GB 32 -83.81 -38.79 -14.54
C VAL GB 32 -84.91 -37.85 -14.05
N VAL GB 33 -85.96 -38.39 -13.43
CA VAL GB 33 -87.00 -37.54 -12.87
C VAL GB 33 -86.41 -36.65 -11.77
N SER GB 34 -85.58 -37.22 -10.91
CA SER GB 34 -84.95 -36.43 -9.85
C SER GB 34 -84.04 -35.36 -10.43
N GLU GB 35 -83.24 -35.70 -11.44
CA GLU GB 35 -82.28 -34.74 -11.95
C GLU GB 35 -82.90 -33.65 -12.82
N ARG GB 36 -84.08 -33.89 -13.39
CA ARG GB 36 -84.74 -32.85 -14.18
C ARG GB 36 -85.91 -32.20 -13.46
N LEU GB 37 -86.26 -32.63 -12.24
CA LEU GB 37 -87.23 -31.92 -11.43
C LEU GB 37 -86.64 -31.38 -10.14
N LYS GB 38 -85.35 -31.62 -9.88
CA LYS GB 38 -84.67 -31.12 -8.68
C LYS GB 38 -85.36 -31.61 -7.41
N ILE GB 39 -85.75 -32.88 -7.40
CA ILE GB 39 -86.35 -33.50 -6.23
C ILE GB 39 -85.41 -34.58 -5.70
N ARG GB 40 -85.78 -35.16 -4.57
CA ARG GB 40 -84.86 -36.02 -3.82
C ARG GB 40 -84.59 -37.32 -4.56
N GLY GB 41 -85.63 -38.12 -4.79
CA GLY GB 41 -85.48 -39.37 -5.52
C GLY GB 41 -86.28 -40.49 -4.90
N SER GB 42 -86.36 -40.53 -3.57
CA SER GB 42 -87.41 -41.30 -2.94
C SER GB 42 -88.77 -40.71 -3.27
N LEU GB 43 -88.84 -39.38 -3.28
CA LEU GB 43 -90.02 -38.69 -3.81
C LEU GB 43 -90.27 -39.06 -5.25
N ALA GB 44 -89.20 -39.19 -6.05
CA ALA GB 44 -89.36 -39.57 -7.46
C ALA GB 44 -89.96 -40.97 -7.58
N ARG GB 45 -89.44 -41.92 -6.81
CA ARG GB 45 -89.98 -43.28 -6.84
C ARG GB 45 -91.44 -43.30 -6.42
N ALA GB 46 -91.76 -42.58 -5.34
CA ALA GB 46 -93.14 -42.54 -4.86
C ALA GB 46 -94.07 -41.92 -5.90
N ALA GB 47 -93.63 -40.81 -6.52
CA ALA GB 47 -94.45 -40.18 -7.54
C ALA GB 47 -94.65 -41.09 -8.74
N LEU GB 48 -93.60 -41.82 -9.13
CA LEU GB 48 -93.73 -42.70 -10.28
C LEU GB 48 -94.66 -43.87 -10.01
N GLN GB 49 -94.65 -44.41 -8.78
CA GLN GB 49 -95.60 -45.48 -8.52
C GLN GB 49 -97.02 -44.94 -8.34
N GLU GB 50 -97.16 -43.68 -7.88
CA GLU GB 50 -98.50 -43.06 -7.90
C GLU GB 50 -99.01 -42.90 -9.33
N LEU GB 51 -98.13 -42.50 -10.25
CA LEU GB 51 -98.55 -42.36 -11.64
C LEU GB 51 -98.79 -43.73 -12.29
N LEU GB 52 -98.10 -44.77 -11.80
CA LEU GB 52 -98.46 -46.13 -12.19
C LEU GB 52 -99.87 -46.47 -11.74
N SER GB 53 -100.22 -46.13 -10.51
CA SER GB 53 -101.56 -46.38 -10.01
C SER GB 53 -102.60 -45.63 -10.84
N LYS GB 54 -102.29 -44.38 -11.19
CA LYS GB 54 -103.16 -43.62 -12.07
C LYS GB 54 -103.21 -44.20 -13.49
N GLY GB 55 -102.19 -44.96 -13.89
CA GLY GB 55 -102.24 -45.70 -15.13
C GLY GB 55 -101.81 -44.95 -16.36
N LEU GB 56 -101.17 -43.80 -16.23
CA LEU GB 56 -100.73 -43.01 -17.36
C LEU GB 56 -99.24 -43.17 -17.66
N ILE GB 57 -98.58 -44.15 -17.04
CA ILE GB 57 -97.19 -44.48 -17.32
C ILE GB 57 -97.06 -46.00 -17.36
N LYS GB 58 -96.36 -46.52 -18.36
CA LYS GB 58 -96.20 -47.95 -18.54
C LYS GB 58 -94.84 -48.39 -18.01
N LEU GB 59 -94.86 -49.28 -17.02
CA LEU GB 59 -93.65 -49.90 -16.50
C LEU GB 59 -93.13 -50.96 -17.47
N VAL GB 60 -91.80 -51.10 -17.56
CA VAL GB 60 -91.20 -52.12 -18.40
C VAL GB 60 -90.33 -53.09 -17.62
N SER GB 61 -89.51 -52.60 -16.68
CA SER GB 61 -88.49 -53.44 -16.05
C SER GB 61 -88.89 -53.95 -14.67
N LYS GB 62 -89.08 -53.03 -13.71
CA LYS GB 62 -89.34 -53.35 -12.31
C LYS GB 62 -88.26 -54.28 -11.74
N HIS GB 63 -87.06 -53.72 -11.63
CA HIS GB 63 -85.95 -54.39 -10.96
C HIS GB 63 -85.63 -53.65 -9.67
N ARG GB 64 -85.07 -54.39 -8.70
CA ARG GB 64 -84.88 -53.84 -7.36
C ARG GB 64 -83.91 -52.66 -7.35
N ALA GB 65 -83.01 -52.59 -8.32
CA ALA GB 65 -82.02 -51.52 -8.37
C ALA GB 65 -82.12 -50.64 -9.60
N GLN GB 66 -82.99 -50.98 -10.55
CA GLN GB 66 -83.11 -50.20 -11.78
C GLN GB 66 -84.51 -50.42 -12.35
N VAL GB 67 -85.40 -49.46 -12.13
CA VAL GB 67 -86.77 -49.52 -12.61
C VAL GB 67 -86.93 -48.53 -13.75
N ILE GB 68 -87.57 -48.97 -14.83
CA ILE GB 68 -87.70 -48.16 -16.05
C ILE GB 68 -89.16 -48.05 -16.43
N TYR GB 69 -89.57 -46.83 -16.76
CA TYR GB 69 -90.93 -46.49 -17.17
C TYR GB 69 -90.90 -45.89 -18.56
N THR GB 70 -92.07 -45.72 -19.13
CA THR GB 70 -92.21 -45.09 -20.44
C THR GB 70 -93.60 -44.50 -20.54
N ARG GB 71 -93.78 -43.64 -21.55
CA ARG GB 71 -95.11 -43.11 -21.81
C ARG GB 71 -95.94 -44.14 -22.58
N ASN GB 72 -97.24 -43.92 -22.58
CA ASN GB 72 -98.14 -44.82 -23.31
C ASN GB 72 -98.00 -44.60 -24.82
N THR GB 73 -98.37 -45.63 -25.57
CA THR GB 73 -98.26 -45.58 -27.01
C THR GB 73 -99.27 -44.60 -27.60
N LYS GB 74 -98.86 -43.93 -28.66
CA LYS GB 74 -99.71 -42.99 -29.39
C LYS GB 74 -100.05 -43.57 -30.76
N GLY GB 75 -101.33 -43.61 -31.08
CA GLY GB 75 -101.78 -44.14 -32.35
C GLY GB 75 -102.47 -45.48 -32.23
N ARG HB 1 -58.79 -30.57 -49.24
CA ARG HB 1 -57.34 -30.58 -49.33
C ARG HB 1 -56.76 -31.74 -48.54
N VAL HB 2 -57.38 -32.05 -47.40
CA VAL HB 2 -56.90 -33.12 -46.55
C VAL HB 2 -57.17 -34.47 -47.22
N GLN HB 3 -56.25 -35.41 -47.01
CA GLN HB 3 -56.37 -36.72 -47.62
C GLN HB 3 -57.47 -37.53 -46.95
N PRO HB 4 -58.37 -38.16 -47.69
CA PRO HB 4 -59.39 -39.01 -47.07
C PRO HB 4 -58.79 -40.31 -46.56
N ILE HB 5 -59.51 -40.91 -45.61
CA ILE HB 5 -59.07 -42.17 -44.99
C ILE HB 5 -59.24 -43.30 -45.98
N LYS HB 6 -58.24 -44.19 -46.05
CA LYS HB 6 -58.28 -45.30 -46.97
C LYS HB 6 -57.77 -46.57 -46.30
N LEU HB 7 -58.31 -47.69 -46.73
CA LEU HB 7 -58.09 -48.98 -46.10
C LEU HB 7 -56.92 -49.73 -46.75
N ALA HB 8 -56.40 -50.72 -46.02
CA ALA HB 8 -55.32 -51.54 -46.54
C ALA HB 8 -55.24 -52.83 -45.74
N ARG HB 9 -54.99 -53.94 -46.43
CA ARG HB 9 -54.96 -55.27 -45.84
C ARG HB 9 -53.54 -55.71 -45.56
N VAL HB 10 -53.28 -56.17 -44.34
CA VAL HB 10 -51.97 -56.68 -43.98
C VAL HB 10 -51.68 -57.96 -44.75
N THR HB 11 -50.60 -57.96 -45.52
CA THR HB 11 -50.17 -59.13 -46.27
C THR HB 11 -49.08 -59.92 -45.59
N LYS HB 12 -48.15 -59.26 -44.88
CA LYS HB 12 -47.09 -60.01 -44.22
C LYS HB 12 -46.69 -59.30 -42.94
N VAL HB 13 -46.21 -60.07 -41.97
CA VAL HB 13 -45.73 -59.51 -40.71
C VAL HB 13 -44.21 -59.65 -40.66
N LEU HB 14 -43.52 -58.51 -40.70
CA LEU HB 14 -42.06 -58.51 -40.72
C LEU HB 14 -41.50 -58.89 -39.36
N GLY HB 15 -41.92 -58.19 -38.31
CA GLY HB 15 -41.43 -58.48 -36.98
C GLY HB 15 -41.69 -57.33 -36.04
N ARG HB 16 -41.40 -57.57 -34.77
CA ARG HB 16 -41.63 -56.58 -33.74
C ARG HB 16 -40.58 -55.47 -33.79
N THR HB 17 -40.94 -54.31 -33.27
CA THR HB 17 -40.05 -53.17 -33.24
C THR HB 17 -40.46 -52.25 -32.10
N GLY HB 18 -39.73 -51.14 -31.96
CA GLY HB 18 -39.93 -50.21 -30.88
C GLY HB 18 -39.07 -50.49 -29.66
N SER HB 19 -38.32 -51.59 -29.67
CA SER HB 19 -37.37 -52.02 -28.64
C SER HB 19 -38.03 -52.39 -27.32
N GLN HB 20 -39.34 -52.21 -27.19
CA GLN HB 20 -40.12 -52.85 -26.15
C GLN HB 20 -41.07 -53.91 -26.72
N GLY HB 21 -41.07 -54.09 -28.03
CA GLY HB 21 -41.99 -55.01 -28.66
C GLY HB 21 -43.41 -54.49 -28.77
N GLN HB 22 -43.64 -53.23 -28.44
CA GLN HB 22 -44.99 -52.69 -28.47
C GLN HB 22 -45.50 -52.52 -29.90
N CYS HB 23 -44.59 -52.37 -30.86
CA CYS HB 23 -44.95 -52.23 -32.26
C CYS HB 23 -44.58 -53.48 -33.03
N THR HB 24 -45.47 -53.87 -33.94
CA THR HB 24 -45.16 -54.88 -34.94
C THR HB 24 -45.20 -54.22 -36.31
N GLN HB 25 -44.21 -54.54 -37.12
CA GLN HB 25 -44.05 -53.94 -38.44
C GLN HB 25 -44.60 -54.90 -39.49
N VAL HB 26 -45.38 -54.38 -40.43
CA VAL HB 26 -46.06 -55.23 -41.39
C VAL HB 26 -45.92 -54.64 -42.79
N ARG HB 27 -46.00 -55.53 -43.78
CA ARG HB 27 -46.18 -55.15 -45.16
C ARG HB 27 -47.67 -55.23 -45.48
N VAL HB 28 -48.20 -54.16 -46.05
CA VAL HB 28 -49.64 -53.93 -46.15
C VAL HB 28 -49.96 -53.49 -47.57
N GLU HB 29 -51.05 -54.00 -48.12
CA GLU HB 29 -51.45 -53.82 -49.51
C GLU HB 29 -52.69 -52.94 -49.59
N PHE HB 30 -52.65 -51.94 -50.47
CA PHE HB 30 -53.75 -50.99 -50.57
C PHE HB 30 -54.95 -51.61 -51.29
N MET HB 31 -56.14 -51.15 -50.91
CA MET HB 31 -57.36 -51.59 -51.58
C MET HB 31 -57.53 -50.95 -52.96
N ASP HB 32 -57.27 -49.64 -53.06
CA ASP HB 32 -57.50 -48.94 -54.31
C ASP HB 32 -56.55 -49.40 -55.40
N ASP HB 33 -55.34 -49.81 -55.03
CA ASP HB 33 -54.36 -50.31 -56.00
C ASP HB 33 -53.73 -51.54 -55.35
N THR HB 34 -54.15 -52.73 -55.79
CA THR HB 34 -53.62 -53.96 -55.23
C THR HB 34 -52.13 -54.11 -55.49
N SER HB 35 -51.64 -53.57 -56.61
CA SER HB 35 -50.21 -53.63 -56.88
C SER HB 35 -49.42 -52.76 -55.92
N ARG HB 36 -50.06 -51.83 -55.21
CA ARG HB 36 -49.37 -50.96 -54.27
C ARG HB 36 -49.35 -51.59 -52.88
N SER HB 37 -48.15 -51.74 -52.33
CA SER HB 37 -47.97 -52.28 -50.99
C SER HB 37 -46.79 -51.59 -50.34
N ILE HB 38 -46.98 -51.13 -49.11
CA ILE HB 38 -45.95 -50.41 -48.39
C ILE HB 38 -45.67 -51.11 -47.07
N ILE HB 39 -44.77 -50.54 -46.27
CA ILE HB 39 -44.40 -51.10 -44.97
C ILE HB 39 -44.80 -50.10 -43.91
N ARG HB 40 -45.63 -50.54 -42.97
CA ARG HB 40 -46.12 -49.69 -41.90
C ARG HB 40 -45.97 -50.41 -40.58
N ASN HB 41 -45.59 -49.67 -39.54
CA ASN HB 41 -45.56 -50.22 -38.20
C ASN HB 41 -46.89 -50.00 -37.50
N VAL HB 42 -47.41 -51.05 -36.86
CA VAL HB 42 -48.72 -51.03 -36.22
C VAL HB 42 -48.58 -51.54 -34.80
N LYS HB 43 -49.49 -51.11 -33.94
CA LYS HB 43 -49.47 -51.49 -32.54
C LYS HB 43 -50.73 -52.27 -32.19
N GLY HB 44 -50.60 -53.18 -31.24
CA GLY HB 44 -51.67 -54.09 -30.90
C GLY HB 44 -51.49 -55.42 -31.59
N PRO HB 45 -52.31 -56.41 -31.22
CA PRO HB 45 -52.17 -57.75 -31.81
C PRO HB 45 -52.58 -57.75 -33.27
N VAL HB 46 -51.66 -58.18 -34.13
CA VAL HB 46 -51.87 -58.18 -35.57
C VAL HB 46 -51.55 -59.57 -36.11
N ARG HB 47 -52.44 -60.08 -36.96
CA ARG HB 47 -52.16 -61.27 -37.74
C ARG HB 47 -52.48 -60.96 -39.20
N GLU HB 48 -51.77 -61.63 -40.11
CA GLU HB 48 -51.91 -61.30 -41.52
C GLU HB 48 -53.31 -61.62 -42.02
N GLY HB 49 -53.80 -60.79 -42.93
CA GLY HB 49 -55.11 -60.94 -43.51
C GLY HB 49 -56.12 -59.90 -43.08
N ASP HB 50 -55.93 -59.28 -41.92
CA ASP HB 50 -56.90 -58.29 -41.47
C ASP HB 50 -56.62 -56.94 -42.10
N VAL HB 51 -57.63 -56.09 -42.13
CA VAL HB 51 -57.56 -54.81 -42.80
C VAL HB 51 -57.57 -53.70 -41.76
N LEU HB 52 -56.98 -52.57 -42.12
CA LEU HB 52 -56.86 -51.47 -41.18
C LEU HB 52 -56.84 -50.14 -41.95
N THR HB 53 -57.16 -49.07 -41.23
CA THR HB 53 -57.24 -47.74 -41.81
C THR HB 53 -55.87 -47.09 -41.83
N LEU HB 54 -55.67 -46.20 -42.82
CA LEU HB 54 -54.47 -45.39 -42.92
C LEU HB 54 -54.91 -43.94 -42.93
N LEU HB 55 -54.84 -43.27 -41.78
CA LEU HB 55 -55.23 -41.87 -41.71
C LEU HB 55 -54.32 -41.02 -42.58
N GLU HB 56 -53.03 -41.31 -42.58
CA GLU HB 56 -52.08 -40.72 -43.50
C GLU HB 56 -51.40 -41.86 -44.25
N SER HB 57 -51.21 -41.67 -45.56
CA SER HB 57 -50.89 -42.81 -46.42
C SER HB 57 -49.48 -43.33 -46.18
N GLU HB 58 -48.46 -42.50 -46.44
CA GLU HB 58 -47.08 -42.94 -46.32
C GLU HB 58 -46.39 -42.19 -45.18
N ARG HB 59 -45.90 -42.94 -44.19
CA ARG HB 59 -45.21 -42.36 -43.05
C ARG HB 59 -43.73 -42.75 -43.03
N GLU HB 60 -43.43 -44.04 -43.00
CA GLU HB 60 -42.05 -44.51 -42.91
C GLU HB 60 -42.01 -45.99 -43.18
N ALA HB 61 -40.96 -46.43 -43.87
CA ALA HB 61 -40.68 -47.84 -44.10
C ALA HB 61 -39.21 -48.08 -43.82
N ARG HB 62 -38.91 -49.11 -43.05
CA ARG HB 62 -37.52 -49.41 -42.71
C ARG HB 62 -37.42 -50.89 -42.35
N ARG HB 63 -36.69 -51.65 -43.15
CA ARG HB 63 -36.52 -53.07 -42.89
C ARG HB 63 -35.75 -53.29 -41.60
N LEU HB 64 -36.19 -54.26 -40.81
CA LEU HB 64 -35.57 -54.57 -39.54
C LEU HB 64 -34.13 -55.09 -39.73
N GLY IB 1 -38.33 -71.96 49.04
CA GLY IB 1 -38.56 -72.27 50.43
C GLY IB 1 -39.14 -73.66 50.65
N HIS IB 2 -40.20 -73.75 51.45
CA HIS IB 2 -40.84 -75.02 51.71
C HIS IB 2 -41.83 -75.34 50.59
N GLN IB 3 -42.63 -76.40 50.78
CA GLN IB 3 -43.51 -76.88 49.73
C GLN IB 3 -44.67 -75.94 49.45
N GLN IB 4 -44.93 -74.97 50.33
CA GLN IB 4 -46.10 -74.11 50.17
C GLN IB 4 -45.89 -73.01 49.14
N LEU IB 5 -44.64 -72.73 48.75
CA LEU IB 5 -44.40 -71.69 47.77
C LEU IB 5 -43.40 -72.08 46.68
N TYR IB 6 -42.77 -73.25 46.77
CA TYR IB 6 -41.75 -73.62 45.79
C TYR IB 6 -42.34 -73.78 44.40
N TRP IB 7 -43.49 -74.43 44.29
CA TRP IB 7 -44.13 -74.70 43.01
C TRP IB 7 -45.60 -74.33 43.07
N SER IB 8 -45.94 -73.37 43.92
CA SER IB 8 -47.35 -73.06 44.19
C SER IB 8 -48.01 -72.32 43.04
N HIS IB 9 -47.22 -71.67 42.20
CA HIS IB 9 -47.79 -70.90 41.10
C HIS IB 9 -48.47 -71.84 40.11
N PRO IB 10 -49.74 -71.60 39.77
CA PRO IB 10 -50.45 -72.53 38.88
C PRO IB 10 -49.85 -72.57 37.49
N ARG IB 11 -49.71 -73.78 36.96
CA ARG IB 11 -49.36 -74.01 35.55
C ARG IB 11 -50.24 -75.11 34.99
N LYS IB 12 -51.56 -74.98 35.19
CA LYS IB 12 -52.50 -75.90 34.59
C LYS IB 12 -52.81 -75.57 33.14
N PHE IB 13 -52.30 -74.45 32.63
CA PHE IB 13 -52.55 -74.03 31.26
C PHE IB 13 -51.47 -73.04 30.85
N GLY IB 14 -51.63 -72.45 29.67
CA GLY IB 14 -50.68 -71.46 29.20
C GLY IB 14 -49.47 -72.08 28.54
N GLN IB 15 -48.59 -71.21 28.07
CA GLN IB 15 -47.39 -71.67 27.37
C GLN IB 15 -46.41 -72.34 28.32
N GLY IB 16 -46.39 -71.93 29.59
CA GLY IB 16 -45.50 -72.55 30.56
C GLY IB 16 -45.91 -73.92 31.03
N SER IB 17 -47.14 -74.34 30.74
CA SER IB 17 -47.58 -75.68 31.08
C SER IB 17 -47.18 -76.71 30.04
N ARG IB 18 -46.66 -76.28 28.90
CA ARG IB 18 -46.30 -77.17 27.81
C ARG IB 18 -44.82 -77.00 27.47
N SER IB 19 -44.15 -78.12 27.21
CA SER IB 19 -42.75 -78.11 26.83
C SER IB 19 -42.54 -79.17 25.76
N CYS IB 20 -41.46 -79.01 24.99
CA CYS IB 20 -41.13 -79.99 23.97
C CYS IB 20 -40.81 -81.33 24.60
N ARG IB 21 -41.37 -82.39 24.02
CA ARG IB 21 -41.14 -83.73 24.54
C ARG IB 21 -39.73 -84.23 24.28
N VAL IB 22 -38.95 -83.53 23.47
CA VAL IB 22 -37.59 -83.90 23.15
C VAL IB 22 -36.58 -83.03 23.87
N CYS IB 23 -36.63 -81.72 23.64
CA CYS IB 23 -35.60 -80.80 24.10
C CYS IB 23 -36.07 -79.89 25.23
N SER IB 24 -37.29 -80.08 25.73
CA SER IB 24 -37.83 -79.31 26.86
C SER IB 24 -37.90 -77.81 26.54
N ASN IB 25 -38.04 -77.46 25.27
CA ASN IB 25 -38.20 -76.06 24.89
C ASN IB 25 -39.66 -75.65 25.03
N ARG IB 26 -39.87 -74.34 25.18
CA ARG IB 26 -41.22 -73.80 25.40
C ARG IB 26 -41.65 -72.86 24.28
N HIS IB 27 -41.03 -72.95 23.11
CA HIS IB 27 -41.37 -72.09 22.00
C HIS IB 27 -41.47 -72.91 20.72
N GLY IB 28 -42.44 -72.56 19.89
CA GLY IB 28 -42.65 -73.27 18.64
C GLY IB 28 -43.07 -74.71 18.80
N LEU IB 29 -43.91 -75.00 19.79
CA LEU IB 29 -44.40 -76.36 19.94
C LEU IB 29 -45.44 -76.68 18.87
N ILE IB 30 -45.59 -77.97 18.60
CA ILE IB 30 -46.61 -78.47 17.69
C ILE IB 30 -47.48 -79.42 18.49
N ARG IB 31 -48.66 -78.97 18.87
CA ARG IB 31 -49.60 -79.81 19.61
C ARG IB 31 -50.56 -80.56 18.71
N LYS IB 32 -50.51 -80.33 17.40
CA LYS IB 32 -51.41 -80.99 16.48
C LYS IB 32 -51.15 -82.49 16.46
N TYR IB 33 -52.22 -83.28 16.45
CA TYR IB 33 -52.17 -84.75 16.53
C TYR IB 33 -51.43 -85.23 17.77
N GLY IB 34 -51.44 -84.43 18.84
CA GLY IB 34 -50.77 -84.80 20.06
C GLY IB 34 -49.27 -84.96 19.91
N LEU IB 35 -48.65 -84.18 19.02
CA LEU IB 35 -47.24 -84.34 18.73
C LEU IB 35 -46.39 -83.85 19.89
N ASN IB 36 -46.70 -82.67 20.42
CA ASN IB 36 -46.02 -82.09 21.57
C ASN IB 36 -44.51 -82.01 21.37
N MET IB 37 -44.10 -81.59 20.18
CA MET IB 37 -42.70 -81.54 19.82
C MET IB 37 -42.36 -80.15 19.29
N CYS IB 38 -41.12 -79.74 19.52
CA CYS IB 38 -40.67 -78.42 19.08
C CYS IB 38 -40.69 -78.32 17.56
N ARG IB 39 -40.72 -77.08 17.09
CA ARG IB 39 -40.73 -76.82 15.65
C ARG IB 39 -39.48 -77.37 14.98
N GLN IB 40 -38.32 -77.18 15.60
CA GLN IB 40 -37.07 -77.68 15.04
C GLN IB 40 -36.94 -79.19 15.22
N CYS IB 41 -37.35 -79.70 16.38
CA CYS IB 41 -37.26 -81.13 16.62
C CYS IB 41 -38.16 -81.92 15.69
N PHE IB 42 -39.29 -81.35 15.28
CA PHE IB 42 -40.14 -82.06 14.33
C PHE IB 42 -39.47 -82.17 12.98
N ARG IB 43 -38.81 -81.10 12.51
CA ARG IB 43 -38.04 -81.20 11.28
C ARG IB 43 -36.94 -82.23 11.42
N GLN IB 44 -36.34 -82.31 12.61
CA GLN IB 44 -35.28 -83.28 12.84
C GLN IB 44 -35.79 -84.71 12.74
N TYR IB 45 -36.97 -85.00 13.28
CA TYR IB 45 -37.43 -86.37 13.42
C TYR IB 45 -38.56 -86.79 12.47
N ALA IB 46 -39.00 -85.90 11.58
CA ALA IB 46 -40.17 -86.19 10.74
C ALA IB 46 -39.98 -87.44 9.89
N LYS IB 47 -38.74 -87.72 9.48
CA LYS IB 47 -38.48 -88.96 8.77
C LYS IB 47 -38.76 -90.16 9.66
N ASP IB 48 -38.44 -90.06 10.95
CA ASP IB 48 -38.64 -91.18 11.86
C ASP IB 48 -40.11 -91.37 12.19
N ILE IB 49 -40.85 -90.28 12.44
CA ILE IB 49 -42.29 -90.42 12.66
C ILE IB 49 -42.98 -90.95 11.42
N GLY IB 50 -42.65 -90.40 10.25
CA GLY IB 50 -43.27 -90.88 9.03
C GLY IB 50 -43.85 -89.76 8.20
N PHE IB 51 -43.77 -88.53 8.70
CA PHE IB 51 -44.18 -87.37 7.93
C PHE IB 51 -43.16 -87.12 6.83
N ILE IB 52 -43.50 -87.52 5.61
CA ILE IB 52 -42.60 -87.39 4.48
C ILE IB 52 -43.16 -86.37 3.50
N LYS IB 53 -42.26 -85.77 2.73
CA LYS IB 53 -42.60 -84.70 1.81
C LYS IB 53 -43.09 -85.26 0.49
N LEU IB 54 -44.23 -84.76 0.01
CA LEU IB 54 -44.75 -85.17 -1.29
C LEU IB 54 -44.88 -84.02 -2.25
N ASP IB 55 -45.29 -82.85 -1.79
CA ASP IB 55 -45.37 -81.66 -2.64
C ASP IB 55 -44.98 -80.42 -1.87
N TYR JB 1 -24.38 -54.52 41.44
CA TYR JB 1 -25.10 -55.00 42.61
C TYR JB 1 -25.45 -53.87 43.55
N THR JB 2 -24.66 -53.74 44.62
CA THR JB 2 -24.85 -52.73 45.67
C THR JB 2 -26.27 -52.85 46.24
N THR JB 3 -26.51 -53.98 46.88
CA THR JB 3 -27.81 -54.25 47.46
C THR JB 3 -28.07 -53.30 48.63
N PRO JB 4 -29.22 -52.62 48.67
CA PRO JB 4 -29.48 -51.69 49.78
C PRO JB 4 -29.48 -52.36 51.16
N LYS JB 5 -29.95 -53.60 51.25
CA LYS JB 5 -29.99 -54.29 52.53
C LYS JB 5 -28.67 -55.00 52.79
N LYS JB 6 -28.30 -55.08 54.06
CA LYS JB 6 -27.14 -55.84 54.48
C LYS JB 6 -27.40 -57.33 54.29
N ASN JB 7 -26.33 -58.12 54.38
CA ASN JB 7 -26.43 -59.57 54.17
C ASN JB 7 -27.30 -60.20 55.25
N LYS JB 8 -28.38 -60.85 54.83
CA LYS JB 8 -29.31 -61.50 55.75
C LYS JB 8 -28.63 -62.59 56.56
N HIS JB 9 -28.55 -62.41 57.87
CA HIS JB 9 -27.87 -63.38 58.73
C HIS JB 9 -28.71 -64.64 58.83
N LYS JB 10 -28.18 -65.75 58.33
CA LYS JB 10 -28.90 -67.02 58.38
C LYS JB 10 -29.03 -67.49 59.83
N ARG JB 11 -30.13 -68.18 60.11
CA ARG JB 11 -30.40 -68.64 61.46
C ARG JB 11 -29.36 -69.67 61.92
N LYS JB 12 -28.87 -69.49 63.14
CA LYS JB 12 -28.00 -70.47 63.79
C LYS JB 12 -28.75 -71.06 64.98
N LYS JB 13 -28.80 -72.37 65.05
CA LYS JB 13 -29.53 -73.02 66.13
C LYS JB 13 -28.83 -72.82 67.47
N VAL JB 14 -29.60 -73.01 68.54
CA VAL JB 14 -29.15 -72.66 69.87
C VAL JB 14 -28.09 -73.59 70.43
N LYS JB 15 -27.83 -74.72 69.77
CA LYS JB 15 -26.84 -75.70 70.18
C LYS JB 15 -27.15 -76.20 71.60
N LEU JB 16 -28.29 -76.87 71.70
CA LEU JB 16 -28.77 -77.33 72.99
C LEU JB 16 -27.95 -78.52 73.49
N ALA JB 17 -27.69 -78.54 74.79
CA ALA JB 17 -26.99 -79.64 75.42
C ALA JB 17 -27.94 -80.81 75.64
N VAL JB 18 -27.52 -81.77 76.47
CA VAL JB 18 -28.36 -82.92 76.78
C VAL JB 18 -29.69 -82.45 77.37
N LEU JB 19 -30.78 -83.07 76.92
CA LEU JB 19 -32.13 -82.56 77.18
C LEU JB 19 -32.48 -82.56 78.67
N LYS JB 20 -32.58 -83.75 79.29
CA LYS JB 20 -32.71 -83.91 80.74
C LYS JB 20 -33.86 -83.09 81.34
N TYR JB 21 -34.95 -82.89 80.58
CA TYR JB 21 -36.07 -82.15 81.15
C TYR JB 21 -37.15 -83.09 81.71
N TYR JB 22 -36.73 -84.01 82.59
CA TYR JB 22 -37.64 -84.80 83.40
C TYR JB 22 -36.86 -85.38 84.56
N LYS JB 23 -37.52 -85.46 85.72
CA LYS JB 23 -36.85 -85.77 86.98
C LYS JB 23 -37.67 -86.78 87.76
N VAL JB 24 -36.96 -87.63 88.51
CA VAL JB 24 -37.58 -88.54 89.46
C VAL JB 24 -37.06 -88.20 90.85
N ASP JB 25 -37.82 -88.60 91.87
CA ASP JB 25 -37.54 -88.21 93.23
C ASP JB 25 -37.55 -89.42 94.15
N GLU JB 26 -36.85 -89.26 95.28
CA GLU JB 26 -36.73 -90.25 96.37
C GLU JB 26 -36.53 -91.67 95.83
N ASN JB 27 -35.40 -91.86 95.16
CA ASN JB 27 -34.97 -93.14 94.60
C ASN JB 27 -35.95 -93.63 93.54
N GLY JB 28 -36.50 -92.69 92.78
CA GLY JB 28 -37.26 -92.98 91.59
C GLY JB 28 -38.76 -92.91 91.73
N LYS JB 29 -39.33 -91.76 91.37
CA LYS JB 29 -40.78 -91.59 91.24
C LYS JB 29 -40.99 -90.64 90.06
N ILE JB 30 -41.58 -91.16 88.99
CA ILE JB 30 -41.54 -90.47 87.70
C ILE JB 30 -42.36 -89.19 87.78
N SER JB 31 -41.82 -88.12 87.19
CA SER JB 31 -42.50 -86.82 87.13
C SER JB 31 -42.30 -86.23 85.74
N ARG JB 32 -43.26 -86.44 84.86
CA ARG JB 32 -43.33 -85.70 83.60
C ARG JB 32 -43.56 -84.22 83.92
N LEU JB 33 -42.51 -83.42 83.76
CA LEU JB 33 -42.64 -81.97 83.88
C LEU JB 33 -42.96 -81.31 82.54
N ARG JB 34 -43.20 -82.11 81.50
CA ARG JB 34 -43.56 -81.63 80.18
C ARG JB 34 -44.87 -82.26 79.75
N ARG JB 35 -45.65 -81.52 78.97
CA ARG JB 35 -46.93 -82.01 78.49
C ARG JB 35 -46.73 -83.11 77.44
N GLU JB 36 -47.71 -83.99 77.33
CA GLU JB 36 -47.68 -85.11 76.39
C GLU JB 36 -48.64 -84.86 75.23
N CYS JB 37 -48.16 -85.08 74.02
CA CYS JB 37 -49.01 -84.99 72.84
C CYS JB 37 -49.86 -86.25 72.73
N PRO JB 38 -51.18 -86.13 72.78
CA PRO JB 38 -52.04 -87.33 72.86
C PRO JB 38 -52.48 -87.90 71.53
N SER JB 39 -52.05 -87.35 70.40
CA SER JB 39 -52.48 -87.89 69.11
C SER JB 39 -51.74 -89.19 68.80
N ASP JB 40 -52.29 -89.95 67.86
CA ASP JB 40 -51.64 -91.18 67.43
C ASP JB 40 -50.35 -90.88 66.69
N GLU JB 41 -50.35 -89.85 65.84
CA GLU JB 41 -49.15 -89.53 65.06
C GLU JB 41 -48.03 -89.00 65.96
N CYS JB 42 -48.37 -88.23 67.00
CA CYS JB 42 -47.36 -87.87 67.99
C CYS JB 42 -46.96 -89.07 68.82
N GLY JB 43 -47.94 -89.83 69.30
CA GLY JB 43 -47.67 -90.96 70.17
C GLY JB 43 -47.43 -90.53 71.60
N ALA JB 44 -47.28 -91.53 72.46
CA ALA JB 44 -47.03 -91.29 73.88
C ALA JB 44 -45.54 -91.11 74.20
N GLY JB 45 -44.66 -91.23 73.20
CA GLY JB 45 -43.24 -91.11 73.43
C GLY JB 45 -42.73 -89.69 73.48
N VAL JB 46 -43.11 -88.89 72.48
CA VAL JB 46 -42.59 -87.53 72.37
C VAL JB 46 -43.22 -86.65 73.44
N PHE JB 47 -42.55 -85.55 73.74
CA PHE JB 47 -43.01 -84.58 74.72
C PHE JB 47 -43.42 -83.30 74.00
N MET JB 48 -44.40 -82.60 74.56
CA MET JB 48 -44.81 -81.33 73.98
C MET JB 48 -43.96 -80.18 74.49
N ALA JB 49 -44.03 -79.07 73.78
CA ALA JB 49 -43.37 -77.86 74.22
C ALA JB 49 -44.09 -77.27 75.42
N SER JB 50 -43.36 -76.47 76.18
CA SER JB 50 -43.87 -75.81 77.39
C SER JB 50 -43.65 -74.31 77.28
N HIS JB 51 -44.08 -73.74 76.15
CA HIS JB 51 -44.02 -72.31 75.90
C HIS JB 51 -44.73 -71.54 77.01
N PHE JB 52 -44.38 -70.27 77.18
CA PHE JB 52 -44.86 -69.50 78.33
C PHE JB 52 -46.37 -69.25 78.28
N ASP JB 53 -47.01 -69.45 77.12
CA ASP JB 53 -48.46 -69.28 77.06
C ASP JB 53 -49.17 -70.30 76.19
N ARG JB 54 -48.50 -71.37 75.75
CA ARG JB 54 -49.16 -72.46 75.05
C ARG JB 54 -48.29 -73.69 75.12
N HIS JB 55 -48.77 -74.79 74.54
CA HIS JB 55 -48.05 -76.04 74.43
C HIS JB 55 -48.09 -76.51 72.99
N TYR JB 56 -46.95 -76.99 72.48
CA TYR JB 56 -46.79 -77.37 71.09
C TYR JB 56 -46.28 -78.80 71.00
N CYS JB 57 -46.90 -79.61 70.15
CA CYS JB 57 -46.48 -81.00 69.98
C CYS JB 57 -45.52 -81.05 68.80
N GLY JB 58 -44.36 -81.67 69.01
CA GLY JB 58 -43.31 -81.62 68.01
C GLY JB 58 -43.68 -82.30 66.71
N LYS JB 59 -44.43 -83.40 66.80
CA LYS JB 59 -44.89 -84.15 65.63
C LYS JB 59 -46.31 -83.77 65.21
N CYS JB 60 -47.25 -83.83 66.15
CA CYS JB 60 -48.65 -83.57 65.83
C CYS JB 60 -48.91 -82.10 65.51
N CYS JB 61 -47.98 -81.20 65.84
CA CYS JB 61 -48.11 -79.75 65.67
C CYS JB 61 -49.43 -79.22 66.21
N LEU JB 62 -49.99 -79.90 67.21
CA LEU JB 62 -51.11 -79.36 67.96
C LEU JB 62 -50.62 -78.32 68.96
N THR JB 63 -51.38 -77.25 69.11
CA THR JB 63 -51.09 -76.19 70.05
C THR JB 63 -52.26 -76.04 71.02
N TYR JB 64 -52.00 -76.32 72.28
CA TYR JB 64 -53.00 -76.19 73.35
C TYR JB 64 -52.75 -74.87 74.06
N CYS JB 65 -53.76 -74.01 74.07
CA CYS JB 65 -53.65 -72.66 74.62
C CYS JB 65 -54.37 -72.58 75.95
N PHE JB 66 -53.68 -72.07 76.97
CA PHE JB 66 -54.27 -71.81 78.27
C PHE JB 66 -54.29 -70.31 78.51
N ASN JB 67 -55.46 -69.78 78.86
CA ASN JB 67 -55.62 -68.35 79.06
C ASN JB 67 -55.69 -68.01 80.54
N THR KB 1 -65.11 -109.50 -68.41
CA THR KB 1 -65.98 -108.32 -68.36
C THR KB 1 -66.30 -107.97 -66.90
N GLU KB 2 -65.51 -108.50 -65.98
CA GLU KB 2 -65.71 -108.25 -64.56
C GLU KB 2 -64.46 -107.61 -63.96
N GLN KB 3 -64.68 -106.62 -63.10
CA GLN KB 3 -63.60 -105.94 -62.40
C GLN KB 3 -64.13 -105.39 -61.09
N MET KB 4 -63.23 -105.15 -60.16
CA MET KB 4 -63.60 -104.74 -58.81
C MET KB 4 -63.45 -103.23 -58.73
N THR KB 5 -64.50 -102.54 -58.27
CA THR KB 5 -64.51 -101.08 -58.33
C THR KB 5 -65.14 -100.52 -57.06
N LEU KB 6 -65.16 -99.20 -56.97
CA LEU KB 6 -65.74 -98.52 -55.81
C LEU KB 6 -67.26 -98.65 -55.82
N ARG KB 7 -67.84 -98.58 -54.62
CA ARG KB 7 -69.28 -98.45 -54.49
C ARG KB 7 -69.60 -97.34 -53.50
N GLY KB 8 -68.69 -97.06 -52.59
CA GLY KB 8 -68.88 -96.00 -51.63
C GLY KB 8 -68.02 -96.18 -50.40
N THR KB 9 -68.23 -95.28 -49.45
CA THR KB 9 -67.50 -95.27 -48.19
C THR KB 9 -68.48 -95.15 -47.04
N LEU KB 10 -68.09 -95.68 -45.88
CA LEU KB 10 -68.90 -95.60 -44.67
C LEU KB 10 -68.15 -94.76 -43.66
N LYS KB 11 -68.78 -93.69 -43.18
CA LYS KB 11 -68.16 -92.75 -42.27
C LYS KB 11 -68.79 -92.85 -40.89
N GLY KB 12 -68.00 -92.53 -39.87
CA GLY KB 12 -68.49 -92.52 -38.51
C GLY KB 12 -67.48 -93.02 -37.49
N HIS KB 13 -66.35 -93.54 -37.96
CA HIS KB 13 -65.32 -94.06 -37.08
C HIS KB 13 -64.30 -92.98 -36.73
N ASN KB 14 -63.77 -93.06 -35.52
CA ASN KB 14 -62.70 -92.18 -35.06
C ASN KB 14 -61.44 -92.98 -34.79
N GLY KB 15 -61.20 -94.00 -35.61
CA GLY KB 15 -59.99 -94.81 -35.47
C GLY KB 15 -59.92 -95.79 -36.61
N TRP KB 16 -58.77 -96.47 -36.70
CA TRP KB 16 -58.56 -97.43 -37.78
C TRP KB 16 -59.55 -98.57 -37.66
N VAL KB 17 -60.18 -98.92 -38.78
CA VAL KB 17 -61.17 -100.00 -38.80
C VAL KB 17 -60.40 -101.31 -38.73
N THR KB 18 -60.33 -101.89 -37.53
CA THR KB 18 -59.52 -103.09 -37.33
C THR KB 18 -60.16 -104.31 -37.98
N GLN KB 19 -61.48 -104.45 -37.87
CA GLN KB 19 -62.15 -105.66 -38.33
C GLN KB 19 -63.51 -105.34 -38.92
N ILE KB 20 -63.86 -106.03 -40.00
CA ILE KB 20 -65.18 -105.99 -40.59
C ILE KB 20 -65.81 -107.37 -40.42
N ALA KB 21 -67.05 -107.41 -39.96
CA ALA KB 21 -67.78 -108.66 -39.83
C ALA KB 21 -69.12 -108.54 -40.55
N THR KB 22 -69.43 -109.53 -41.36
CA THR KB 22 -70.68 -109.60 -42.12
C THR KB 22 -71.37 -110.92 -41.83
N THR KB 23 -72.69 -110.93 -42.00
CA THR KB 23 -73.47 -112.10 -41.69
C THR KB 23 -74.34 -112.51 -42.88
N PRO KB 24 -74.59 -113.80 -43.05
CA PRO KB 24 -75.43 -114.23 -44.18
C PRO KB 24 -76.90 -113.96 -43.97
N GLN KB 25 -77.40 -114.13 -42.74
CA GLN KB 25 -78.83 -113.97 -42.49
C GLN KB 25 -79.28 -112.53 -42.66
N PHE KB 26 -78.39 -111.57 -42.46
CA PHE KB 26 -78.69 -110.15 -42.62
C PHE KB 26 -77.71 -109.57 -43.64
N PRO KB 27 -77.99 -109.69 -44.94
CA PRO KB 27 -77.09 -109.14 -45.95
C PRO KB 27 -77.00 -107.63 -45.92
N ASP KB 28 -77.95 -106.95 -45.29
CA ASP KB 28 -77.96 -105.49 -45.22
C ASP KB 28 -77.42 -104.96 -43.90
N MET KB 29 -76.83 -105.80 -43.08
CA MET KB 29 -76.30 -105.39 -41.79
C MET KB 29 -74.87 -105.89 -41.65
N ILE KB 30 -73.95 -104.97 -41.39
CA ILE KB 30 -72.56 -105.34 -41.12
C ILE KB 30 -72.16 -104.72 -39.79
N LEU KB 31 -70.94 -105.02 -39.32
CA LEU KB 31 -70.46 -104.35 -38.12
C LEU KB 31 -68.94 -104.26 -38.16
N SER KB 32 -68.42 -103.10 -37.79
CA SER KB 32 -67.00 -102.78 -37.88
C SER KB 32 -66.45 -102.41 -36.52
N ALA KB 33 -65.37 -103.08 -36.13
CA ALA KB 33 -64.60 -102.67 -34.97
C ALA KB 33 -63.62 -101.57 -35.37
N SER KB 34 -63.13 -100.84 -34.37
CA SER KB 34 -62.25 -99.72 -34.62
C SER KB 34 -61.32 -99.49 -33.44
N ARG KB 35 -60.39 -98.56 -33.62
CA ARG KB 35 -59.48 -98.14 -32.58
C ARG KB 35 -60.01 -96.93 -31.80
N ASP KB 36 -61.34 -96.78 -31.73
CA ASP KB 36 -61.98 -95.77 -30.90
C ASP KB 36 -62.80 -96.41 -29.79
N LYS KB 37 -62.48 -97.66 -29.44
CA LYS KB 37 -63.13 -98.42 -28.36
C LYS KB 37 -64.62 -98.66 -28.63
N THR KB 38 -65.06 -98.49 -29.88
CA THR KB 38 -66.46 -98.66 -30.23
C THR KB 38 -66.58 -99.59 -31.43
N ILE KB 39 -67.69 -100.30 -31.47
CA ILE KB 39 -68.03 -101.18 -32.60
C ILE KB 39 -69.28 -100.63 -33.25
N ILE KB 40 -69.17 -100.14 -34.47
CA ILE KB 40 -70.28 -99.48 -35.15
C ILE KB 40 -70.92 -100.49 -36.09
N MET KB 41 -72.20 -100.77 -35.90
CA MET KB 41 -72.93 -101.64 -36.81
C MET KB 41 -73.68 -100.79 -37.82
N TRP KB 42 -73.70 -101.24 -39.06
CA TRP KB 42 -74.16 -100.44 -40.19
C TRP KB 42 -75.36 -101.13 -40.86
N LYS KB 43 -76.42 -100.36 -41.07
CA LYS KB 43 -77.49 -100.73 -41.99
C LYS KB 43 -77.15 -100.18 -43.37
N LEU KB 44 -77.30 -101.02 -44.38
CA LEU KB 44 -76.79 -100.73 -45.72
C LEU KB 44 -77.95 -100.18 -46.54
N THR KB 45 -77.96 -98.86 -46.73
CA THR KB 45 -79.01 -98.18 -47.48
C THR KB 45 -78.42 -97.82 -48.83
N ARG KB 46 -78.52 -98.76 -49.77
CA ARG KB 46 -77.81 -98.67 -51.05
C ARG KB 46 -78.49 -97.62 -51.92
N ASP KB 47 -78.15 -96.36 -51.65
CA ASP KB 47 -78.70 -95.24 -52.42
C ASP KB 47 -77.57 -94.36 -52.94
N GLU KB 48 -77.92 -93.22 -53.53
CA GLU KB 48 -76.94 -92.31 -54.10
C GLU KB 48 -76.35 -91.33 -53.10
N THR KB 49 -76.94 -91.21 -51.91
CA THR KB 49 -76.40 -90.31 -50.90
C THR KB 49 -75.23 -90.94 -50.16
N ASN KB 50 -75.49 -92.06 -49.48
CA ASN KB 50 -74.44 -92.86 -48.87
C ASN KB 50 -74.82 -94.33 -48.98
N TYR KB 51 -73.82 -95.20 -48.92
CA TYR KB 51 -74.09 -96.61 -49.14
C TYR KB 51 -74.55 -97.29 -47.84
N GLY KB 52 -74.02 -96.83 -46.69
CA GLY KB 52 -74.44 -97.37 -45.42
C GLY KB 52 -74.59 -96.25 -44.39
N ILE KB 53 -75.13 -96.63 -43.23
CA ILE KB 53 -75.34 -95.68 -42.16
C ILE KB 53 -75.26 -96.42 -40.83
N PRO KB 54 -74.64 -95.83 -39.80
CA PRO KB 54 -74.62 -96.47 -38.48
C PRO KB 54 -76.03 -96.61 -37.91
N GLN KB 55 -76.25 -97.71 -37.21
CA GLN KB 55 -77.51 -97.99 -36.54
C GLN KB 55 -77.37 -98.18 -35.05
N ARG KB 56 -76.26 -98.78 -34.61
CA ARG KB 56 -75.95 -98.90 -33.19
C ARG KB 56 -74.45 -98.86 -32.98
N ALA KB 57 -74.06 -98.40 -31.79
CA ALA KB 57 -72.67 -98.35 -31.37
C ALA KB 57 -72.51 -99.18 -30.11
N LEU KB 58 -71.53 -100.06 -30.12
CA LEU KB 58 -71.26 -100.98 -29.02
C LEU KB 58 -70.05 -100.43 -28.26
N ARG KB 59 -70.27 -100.05 -27.01
CA ARG KB 59 -69.26 -99.41 -26.19
C ARG KB 59 -69.11 -100.14 -24.88
N GLY KB 60 -67.90 -100.11 -24.33
CA GLY KB 60 -67.61 -100.83 -23.10
C GLY KB 60 -66.20 -101.38 -23.06
N HIS KB 61 -65.55 -101.46 -24.21
CA HIS KB 61 -64.13 -101.79 -24.25
C HIS KB 61 -63.31 -100.59 -23.81
N SER KB 62 -62.33 -100.83 -22.95
CA SER KB 62 -61.53 -99.74 -22.39
C SER KB 62 -60.44 -99.26 -23.33
N HIS KB 63 -60.14 -99.99 -24.40
CA HIS KB 63 -59.03 -99.62 -25.26
C HIS KB 63 -59.39 -100.05 -26.68
N PHE KB 64 -58.42 -100.12 -27.57
CA PHE KB 64 -58.67 -100.41 -28.97
C PHE KB 64 -59.29 -101.80 -29.13
N VAL KB 65 -60.31 -101.89 -29.97
CA VAL KB 65 -61.00 -103.15 -30.22
C VAL KB 65 -60.30 -103.85 -31.39
N SER KB 66 -59.79 -105.06 -31.13
CA SER KB 66 -59.02 -105.77 -32.13
C SER KB 66 -59.91 -106.50 -33.13
N ASP KB 67 -60.69 -107.45 -32.64
CA ASP KB 67 -61.40 -108.39 -33.50
C ASP KB 67 -62.87 -108.46 -33.10
N VAL KB 68 -63.73 -108.68 -34.10
CA VAL KB 68 -65.15 -108.86 -33.89
C VAL KB 68 -65.63 -110.00 -34.79
N VAL KB 69 -66.48 -110.86 -34.24
CA VAL KB 69 -66.99 -112.02 -34.96
C VAL KB 69 -68.48 -112.15 -34.67
N ILE KB 70 -69.24 -112.48 -35.70
CA ILE KB 70 -70.68 -112.69 -35.57
C ILE KB 70 -70.95 -114.06 -34.97
N SER KB 71 -72.20 -114.31 -34.59
CA SER KB 71 -72.68 -115.66 -34.41
C SER KB 71 -73.35 -116.14 -35.70
N SER KB 72 -73.69 -117.43 -35.73
CA SER KB 72 -74.32 -117.98 -36.93
C SER KB 72 -75.69 -117.35 -37.17
N ASP KB 73 -76.47 -117.16 -36.10
CA ASP KB 73 -77.78 -116.54 -36.22
C ASP KB 73 -77.72 -115.03 -36.28
N GLY KB 74 -76.58 -114.43 -35.95
CA GLY KB 74 -76.45 -112.98 -35.94
C GLY KB 74 -77.00 -112.29 -34.72
N GLN KB 75 -77.51 -113.04 -33.75
CA GLN KB 75 -78.04 -112.43 -32.54
C GLN KB 75 -76.95 -111.94 -31.61
N PHE KB 76 -75.76 -112.53 -31.67
CA PHE KB 76 -74.68 -112.20 -30.76
C PHE KB 76 -73.41 -111.89 -31.56
N ALA KB 77 -72.57 -111.05 -30.96
CA ALA KB 77 -71.27 -110.72 -31.53
C ALA KB 77 -70.21 -110.75 -30.44
N LEU KB 78 -69.11 -111.42 -30.71
CA LEU KB 78 -68.02 -111.55 -29.76
C LEU KB 78 -66.85 -110.69 -30.20
N SER KB 79 -66.33 -109.88 -29.28
CA SER KB 79 -65.27 -108.94 -29.59
C SER KB 79 -64.12 -109.09 -28.61
N GLY KB 80 -62.91 -109.00 -29.14
CA GLY KB 80 -61.71 -108.94 -28.33
C GLY KB 80 -60.97 -107.65 -28.55
N SER KB 81 -60.54 -107.00 -27.47
CA SER KB 81 -59.93 -105.69 -27.54
C SER KB 81 -58.60 -105.71 -26.78
N TRP KB 82 -57.92 -104.57 -26.81
CA TRP KB 82 -56.63 -104.46 -26.14
C TRP KB 82 -56.78 -104.42 -24.62
N ASP KB 83 -57.97 -104.14 -24.11
CA ASP KB 83 -58.13 -104.03 -22.66
C ASP KB 83 -57.99 -105.38 -21.93
N GLY KB 84 -57.65 -106.47 -22.62
CA GLY KB 84 -57.45 -107.74 -21.98
C GLY KB 84 -58.71 -108.53 -21.72
N THR KB 85 -59.87 -108.01 -22.11
CA THR KB 85 -61.15 -108.66 -21.86
C THR KB 85 -61.88 -108.89 -23.18
N LEU KB 86 -62.63 -109.97 -23.24
CA LEU KB 86 -63.52 -110.25 -24.35
C LEU KB 86 -64.95 -109.93 -23.93
N ARG KB 87 -65.74 -109.41 -24.87
CA ARG KB 87 -67.12 -109.07 -24.59
C ARG KB 87 -68.03 -109.72 -25.61
N LEU KB 88 -69.01 -110.48 -25.12
CA LEU KB 88 -70.05 -111.06 -25.95
C LEU KB 88 -71.30 -110.22 -25.80
N TRP KB 89 -71.85 -109.77 -26.93
CA TRP KB 89 -72.90 -108.78 -27.00
C TRP KB 89 -74.13 -109.41 -27.64
N ASP KB 90 -75.31 -109.02 -27.16
CA ASP KB 90 -76.53 -109.25 -27.92
C ASP KB 90 -76.85 -108.00 -28.75
N LEU KB 91 -77.28 -108.22 -29.98
CA LEU KB 91 -77.50 -107.13 -30.92
C LEU KB 91 -78.91 -106.57 -30.87
N THR KB 92 -79.85 -107.29 -30.26
CA THR KB 92 -81.20 -106.75 -30.11
C THR KB 92 -81.19 -105.50 -29.25
N THR KB 93 -80.44 -105.52 -28.15
CA THR KB 93 -80.27 -104.37 -27.29
C THR KB 93 -78.91 -103.71 -27.42
N GLY KB 94 -77.98 -104.32 -28.16
CA GLY KB 94 -76.63 -103.79 -28.29
C GLY KB 94 -75.92 -103.75 -26.97
N THR KB 95 -75.97 -104.85 -26.22
CA THR KB 95 -75.52 -104.86 -24.83
C THR KB 95 -74.54 -105.99 -24.58
N THR KB 96 -73.51 -105.72 -23.79
CA THR KB 96 -72.57 -106.73 -23.34
C THR KB 96 -73.26 -107.65 -22.36
N THR KB 97 -73.59 -108.86 -22.79
CA THR KB 97 -74.18 -109.85 -21.90
C THR KB 97 -73.14 -110.74 -21.24
N ARG KB 98 -71.95 -110.88 -21.83
CA ARG KB 98 -70.96 -111.77 -21.26
C ARG KB 98 -69.58 -111.13 -21.31
N ARG KB 99 -68.79 -111.36 -20.26
CA ARG KB 99 -67.42 -110.85 -20.20
C ARG KB 99 -66.47 -112.00 -19.91
N PHE KB 100 -65.40 -112.09 -20.70
CA PHE KB 100 -64.37 -113.11 -20.57
C PHE KB 100 -63.10 -112.43 -20.11
N VAL KB 101 -62.52 -112.91 -19.00
CA VAL KB 101 -61.32 -112.34 -18.43
C VAL KB 101 -60.31 -113.45 -18.14
N GLY KB 102 -59.04 -113.08 -18.13
CA GLY KB 102 -57.98 -114.04 -17.92
C GLY KB 102 -56.73 -113.74 -18.71
N HIS KB 103 -56.87 -113.05 -19.85
CA HIS KB 103 -55.70 -112.58 -20.58
C HIS KB 103 -55.06 -111.42 -19.84
N THR KB 104 -53.74 -111.47 -19.69
CA THR KB 104 -53.01 -110.45 -18.98
C THR KB 104 -52.51 -109.32 -19.89
N LYS KB 105 -52.67 -109.45 -21.20
CA LYS KB 105 -52.16 -108.45 -22.13
C LYS KB 105 -53.23 -108.18 -23.18
N ASP KB 106 -52.84 -107.46 -24.23
CA ASP KB 106 -53.78 -107.06 -25.27
C ASP KB 106 -54.28 -108.29 -26.01
N VAL KB 107 -55.60 -108.41 -26.14
CA VAL KB 107 -56.19 -109.50 -26.91
C VAL KB 107 -56.31 -109.05 -28.35
N LEU KB 108 -55.77 -109.86 -29.28
CA LEU KB 108 -55.75 -109.51 -30.68
C LEU KB 108 -56.61 -110.40 -31.56
N SER KB 109 -56.91 -111.63 -31.16
CA SER KB 109 -57.66 -112.51 -32.03
C SER KB 109 -58.76 -113.23 -31.24
N VAL KB 110 -59.96 -113.25 -31.81
CA VAL KB 110 -61.06 -114.04 -31.28
C VAL KB 110 -61.62 -114.86 -32.42
N ALA KB 111 -62.18 -116.02 -32.09
CA ALA KB 111 -62.85 -116.84 -33.08
C ALA KB 111 -63.94 -117.67 -32.40
N PHE KB 112 -65.05 -117.83 -33.11
CA PHE KB 112 -66.25 -118.47 -32.62
C PHE KB 112 -66.50 -119.72 -33.45
N SER KB 113 -66.74 -120.84 -32.79
CA SER KB 113 -66.78 -122.12 -33.48
C SER KB 113 -68.02 -122.23 -34.37
N SER KB 114 -67.97 -123.18 -35.30
CA SER KB 114 -69.08 -123.39 -36.22
C SER KB 114 -70.33 -123.85 -35.49
N ASP KB 115 -70.18 -124.71 -34.50
CA ASP KB 115 -71.32 -125.18 -33.72
C ASP KB 115 -71.79 -124.17 -32.68
N ASN KB 116 -71.17 -122.99 -32.64
CA ASN KB 116 -71.56 -121.89 -31.74
C ASN KB 116 -71.48 -122.32 -30.27
N ARG KB 117 -70.46 -123.10 -29.95
CA ARG KB 117 -70.25 -123.57 -28.58
C ARG KB 117 -68.84 -123.30 -28.05
N GLN KB 118 -67.85 -123.18 -28.91
CA GLN KB 118 -66.46 -122.98 -28.48
C GLN KB 118 -65.99 -121.58 -28.88
N ILE KB 119 -65.13 -121.02 -28.04
CA ILE KB 119 -64.49 -119.73 -28.29
C ILE KB 119 -62.99 -119.92 -28.14
N VAL KB 120 -62.22 -119.40 -29.09
CA VAL KB 120 -60.77 -119.43 -28.97
C VAL KB 120 -60.26 -118.00 -29.06
N SER KB 121 -59.27 -117.68 -28.22
CA SER KB 121 -58.76 -116.32 -28.13
C SER KB 121 -57.24 -116.35 -28.07
N GLY KB 122 -56.62 -115.36 -28.70
CA GLY KB 122 -55.18 -115.20 -28.69
C GLY KB 122 -54.77 -113.77 -28.40
N SER KB 123 -53.85 -113.60 -27.44
CA SER KB 123 -53.45 -112.30 -26.93
C SER KB 123 -51.94 -112.16 -26.98
N ARG KB 124 -51.45 -111.03 -26.48
CA ARG KB 124 -50.03 -110.75 -26.44
C ARG KB 124 -49.29 -111.52 -25.35
N ASP KB 125 -50.01 -112.18 -24.44
CA ASP KB 125 -49.39 -112.94 -23.37
C ASP KB 125 -48.84 -114.28 -23.84
N LYS KB 126 -48.77 -114.51 -25.15
CA LYS KB 126 -48.26 -115.74 -25.74
C LYS KB 126 -49.02 -116.97 -25.23
N THR KB 127 -50.30 -116.81 -24.98
CA THR KB 127 -51.13 -117.89 -24.45
C THR KB 127 -52.46 -117.90 -25.19
N ILE KB 128 -52.90 -119.07 -25.62
CA ILE KB 128 -54.18 -119.25 -26.29
C ILE KB 128 -55.19 -119.71 -25.25
N LYS KB 129 -56.43 -119.27 -25.37
CA LYS KB 129 -57.44 -119.59 -24.37
C LYS KB 129 -58.70 -120.11 -25.02
N LEU KB 130 -59.27 -121.17 -24.43
CA LEU KB 130 -60.46 -121.83 -24.92
C LEU KB 130 -61.59 -121.65 -23.92
N TRP KB 131 -62.71 -121.12 -24.38
CA TRP KB 131 -63.82 -120.65 -23.56
C TRP KB 131 -65.12 -121.30 -24.02
N ASN KB 132 -66.06 -121.37 -23.08
CA ASN KB 132 -67.45 -121.68 -23.41
C ASN KB 132 -68.25 -120.39 -23.51
N THR KB 133 -69.56 -120.54 -23.71
CA THR KB 133 -70.43 -119.37 -23.80
C THR KB 133 -70.58 -118.69 -22.44
N LEU KB 134 -70.57 -119.45 -21.35
CA LEU KB 134 -70.86 -118.92 -20.03
C LEU KB 134 -69.78 -117.98 -19.51
N GLY KB 135 -68.63 -117.90 -20.17
CA GLY KB 135 -67.58 -117.00 -19.74
C GLY KB 135 -66.45 -117.64 -18.96
N VAL KB 136 -66.33 -118.95 -18.98
CA VAL KB 136 -65.30 -119.66 -18.22
C VAL KB 136 -64.22 -120.13 -19.19
N CYS KB 137 -62.97 -119.82 -18.87
CA CYS KB 137 -61.83 -120.27 -19.65
C CYS KB 137 -61.64 -121.76 -19.42
N LYS KB 138 -62.17 -122.58 -20.32
CA LYS KB 138 -62.07 -124.03 -20.15
C LYS KB 138 -60.63 -124.50 -20.21
N TYR KB 139 -59.85 -123.98 -21.16
CA TYR KB 139 -58.49 -124.46 -21.35
C TYR KB 139 -57.54 -123.31 -21.60
N THR KB 140 -56.29 -123.49 -21.18
CA THR KB 140 -55.22 -122.52 -21.40
C THR KB 140 -54.11 -123.22 -22.17
N VAL KB 141 -54.08 -123.04 -23.48
CA VAL KB 141 -53.00 -123.56 -24.32
C VAL KB 141 -51.76 -122.69 -24.09
N GLN KB 142 -50.76 -123.25 -23.41
CA GLN KB 142 -49.47 -122.61 -23.24
C GLN KB 142 -48.29 -123.52 -23.51
N ASP KB 143 -48.46 -124.84 -23.43
CA ASP KB 143 -47.38 -125.77 -23.69
C ASP KB 143 -47.20 -125.92 -25.20
N GLU KB 144 -45.95 -125.81 -25.66
CA GLU KB 144 -45.60 -125.85 -27.08
C GLU KB 144 -46.36 -124.79 -27.88
N SER KB 145 -46.60 -123.64 -27.27
CA SER KB 145 -47.34 -122.57 -27.91
C SER KB 145 -46.38 -121.68 -28.70
N HIS KB 146 -46.86 -120.52 -29.14
CA HIS KB 146 -46.01 -119.57 -29.81
C HIS KB 146 -45.00 -118.98 -28.84
N SER KB 147 -43.74 -118.89 -29.27
CA SER KB 147 -42.73 -118.22 -28.48
C SER KB 147 -42.90 -116.71 -28.44
N GLU KB 148 -43.71 -116.16 -29.34
CA GLU KB 148 -44.02 -114.75 -29.43
C GLU KB 148 -45.54 -114.58 -29.30
N TRP KB 149 -46.01 -113.37 -29.60
CA TRP KB 149 -47.44 -113.07 -29.58
C TRP KB 149 -48.24 -114.03 -30.44
N VAL KB 150 -49.55 -114.12 -30.17
CA VAL KB 150 -50.48 -114.84 -31.02
C VAL KB 150 -51.32 -113.79 -31.74
N SER KB 151 -51.20 -113.76 -33.07
CA SER KB 151 -51.84 -112.69 -33.83
C SER KB 151 -53.23 -113.06 -34.32
N CYS KB 152 -53.42 -114.27 -34.82
CA CYS KB 152 -54.72 -114.66 -35.36
C CYS KB 152 -55.01 -116.11 -35.02
N VAL KB 153 -56.26 -116.39 -34.66
CA VAL KB 153 -56.76 -117.74 -34.46
C VAL KB 153 -58.08 -117.88 -35.21
N ARG KB 154 -58.24 -119.01 -35.89
CA ARG KB 154 -59.43 -119.24 -36.71
C ARG KB 154 -59.84 -120.71 -36.64
N PHE KB 155 -61.13 -120.95 -36.42
CA PHE KB 155 -61.68 -122.30 -36.51
C PHE KB 155 -61.73 -122.77 -37.96
N SER KB 156 -61.72 -124.09 -38.13
CA SER KB 156 -62.01 -124.68 -39.43
C SER KB 156 -63.52 -124.68 -39.67
N PRO KB 157 -63.98 -124.14 -40.80
CA PRO KB 157 -65.44 -124.14 -41.05
C PRO KB 157 -66.05 -125.52 -41.16
N ASN KB 158 -65.25 -126.54 -41.47
CA ASN KB 158 -65.77 -127.89 -41.60
C ASN KB 158 -66.24 -128.42 -40.25
N SER KB 159 -67.39 -129.10 -40.25
CA SER KB 159 -67.90 -129.71 -39.04
C SER KB 159 -66.98 -130.83 -38.54
N SER KB 160 -66.44 -131.61 -39.47
CA SER KB 160 -65.49 -132.65 -39.11
C SER KB 160 -64.16 -132.04 -38.69
N ASN KB 161 -63.23 -132.92 -38.26
CA ASN KB 161 -61.85 -132.70 -37.83
C ASN KB 161 -61.64 -131.32 -37.20
N PRO KB 162 -62.30 -131.03 -36.06
CA PRO KB 162 -62.29 -129.67 -35.53
C PRO KB 162 -60.90 -129.18 -35.15
N ILE KB 163 -60.41 -128.20 -35.89
CA ILE KB 163 -59.06 -127.68 -35.71
C ILE KB 163 -59.10 -126.17 -35.74
N ILE KB 164 -58.06 -125.57 -35.18
CA ILE KB 164 -57.86 -124.12 -35.18
C ILE KB 164 -56.48 -123.82 -35.73
N VAL KB 165 -56.40 -122.81 -36.58
CA VAL KB 165 -55.13 -122.30 -37.07
C VAL KB 165 -54.77 -121.08 -36.23
N SER KB 166 -53.47 -120.91 -35.97
CA SER KB 166 -53.00 -119.84 -35.12
C SER KB 166 -51.67 -119.34 -35.65
N CYS KB 167 -51.62 -118.07 -36.03
CA CYS KB 167 -50.40 -117.43 -36.47
C CYS KB 167 -50.02 -116.33 -35.48
N GLY KB 168 -48.71 -116.12 -35.34
CA GLY KB 168 -48.21 -115.12 -34.42
C GLY KB 168 -46.95 -114.44 -34.89
N TRP KB 169 -46.19 -113.89 -33.95
CA TRP KB 169 -44.96 -113.16 -34.26
C TRP KB 169 -43.72 -114.03 -34.20
N ASP KB 170 -43.87 -115.33 -33.94
CA ASP KB 170 -42.77 -116.27 -34.00
C ASP KB 170 -42.58 -116.86 -35.39
N LYS KB 171 -43.30 -116.34 -36.38
CA LYS KB 171 -43.22 -116.75 -37.79
C LYS KB 171 -43.61 -118.20 -38.01
N LEU KB 172 -44.41 -118.77 -37.10
CA LEU KB 172 -44.86 -120.15 -37.21
C LEU KB 172 -46.37 -120.21 -37.06
N VAL KB 173 -47.04 -120.83 -38.02
CA VAL KB 173 -48.46 -121.13 -37.91
C VAL KB 173 -48.61 -122.53 -37.33
N LYS KB 174 -49.54 -122.66 -36.38
CA LYS KB 174 -49.77 -123.92 -35.69
C LYS KB 174 -51.24 -124.30 -35.80
N VAL KB 175 -51.50 -125.58 -36.06
CA VAL KB 175 -52.85 -126.11 -36.10
C VAL KB 175 -53.05 -126.96 -34.86
N TRP KB 176 -54.16 -126.73 -34.16
CA TRP KB 176 -54.48 -127.41 -32.92
C TRP KB 176 -55.80 -128.15 -33.10
N ASN KB 177 -55.77 -129.46 -32.88
CA ASN KB 177 -56.98 -130.27 -32.89
C ASN KB 177 -57.70 -130.10 -31.55
N LEU KB 178 -59.01 -129.86 -31.61
CA LEU KB 178 -59.82 -129.66 -30.42
C LEU KB 178 -60.21 -130.95 -29.73
N ALA KB 179 -59.99 -132.10 -30.38
CA ALA KB 179 -60.35 -133.38 -29.76
C ALA KB 179 -59.56 -133.60 -28.49
N ASN KB 180 -58.27 -133.27 -28.50
CA ASN KB 180 -57.43 -133.32 -27.32
C ASN KB 180 -56.83 -131.98 -26.97
N CYS KB 181 -57.23 -130.92 -27.69
CA CYS KB 181 -56.66 -129.58 -27.53
C CYS KB 181 -55.14 -129.61 -27.66
N LYS KB 182 -54.67 -130.19 -28.76
CA LYS KB 182 -53.25 -130.49 -28.89
C LYS KB 182 -52.76 -130.15 -30.29
N LEU KB 183 -51.45 -129.94 -30.39
CA LEU KB 183 -50.81 -129.58 -31.65
C LEU KB 183 -50.92 -130.73 -32.66
N LYS KB 184 -50.99 -130.37 -33.94
CA LYS KB 184 -51.03 -131.35 -35.02
C LYS KB 184 -49.79 -131.29 -35.89
N THR KB 185 -49.47 -130.13 -36.46
CA THR KB 185 -48.27 -129.98 -37.26
C THR KB 185 -47.87 -128.51 -37.26
N ASN KB 186 -46.60 -128.27 -37.57
CA ASN KB 186 -46.03 -126.93 -37.64
C ASN KB 186 -45.61 -126.64 -39.07
N HIS KB 187 -46.06 -125.52 -39.60
CA HIS KB 187 -45.71 -125.10 -40.95
C HIS KB 187 -44.74 -123.94 -40.84
N ILE KB 188 -43.54 -124.11 -41.40
CA ILE KB 188 -42.44 -123.17 -41.26
C ILE KB 188 -42.11 -122.62 -42.63
N GLY KB 189 -41.51 -121.43 -42.65
CA GLY KB 189 -41.12 -120.81 -43.90
C GLY KB 189 -41.25 -119.31 -43.92
N HIS KB 190 -41.83 -118.73 -42.87
CA HIS KB 190 -42.03 -117.29 -42.81
C HIS KB 190 -40.76 -116.59 -42.36
N THR KB 191 -40.39 -115.53 -43.06
CA THR KB 191 -39.23 -114.73 -42.72
C THR KB 191 -39.58 -113.49 -41.90
N GLY KB 192 -40.85 -113.29 -41.56
CA GLY KB 192 -41.27 -112.16 -40.76
C GLY KB 192 -42.50 -112.52 -39.97
N TYR KB 193 -42.84 -111.65 -39.02
CA TYR KB 193 -43.98 -111.91 -38.16
C TYR KB 193 -45.27 -111.90 -38.96
N LEU KB 194 -46.25 -112.67 -38.50
CA LEU KB 194 -47.50 -112.89 -39.23
C LEU KB 194 -48.61 -112.04 -38.64
N ASN KB 195 -49.39 -111.41 -39.52
CA ASN KB 195 -50.52 -110.60 -39.08
C ASN KB 195 -51.85 -111.33 -39.21
N THR KB 196 -51.96 -112.32 -40.08
CA THR KB 196 -53.26 -112.94 -40.29
C THR KB 196 -53.09 -114.35 -40.85
N VAL KB 197 -54.10 -115.19 -40.56
CA VAL KB 197 -54.23 -116.51 -41.15
C VAL KB 197 -55.72 -116.82 -41.27
N THR KB 198 -56.14 -117.26 -42.45
CA THR KB 198 -57.56 -117.51 -42.73
C THR KB 198 -57.74 -118.83 -43.44
N VAL KB 199 -58.82 -119.53 -43.08
CA VAL KB 199 -59.11 -120.87 -43.59
C VAL KB 199 -60.18 -120.74 -44.67
N SER KB 200 -59.97 -121.46 -45.77
CA SER KB 200 -60.92 -121.48 -46.87
C SER KB 200 -62.20 -122.17 -46.44
N PRO KB 201 -63.33 -121.85 -47.09
CA PRO KB 201 -64.62 -122.44 -46.69
C PRO KB 201 -64.65 -123.96 -46.74
N ASP KB 202 -63.90 -124.58 -47.66
CA ASP KB 202 -63.87 -126.04 -47.71
C ASP KB 202 -63.07 -126.65 -46.57
N GLY KB 203 -62.37 -125.84 -45.79
CA GLY KB 203 -61.55 -126.35 -44.70
C GLY KB 203 -60.35 -127.14 -45.14
N SER KB 204 -59.68 -126.69 -46.21
CA SER KB 204 -58.46 -127.34 -46.68
C SER KB 204 -57.27 -126.41 -46.82
N LEU KB 205 -57.48 -125.09 -46.81
CA LEU KB 205 -56.44 -124.09 -47.02
C LEU KB 205 -56.40 -123.17 -45.80
N CYS KB 206 -55.19 -122.84 -45.35
CA CYS KB 206 -54.99 -122.00 -44.17
C CYS KB 206 -54.06 -120.82 -44.50
N ALA KB 207 -54.44 -120.06 -45.53
CA ALA KB 207 -53.58 -119.03 -46.09
C ALA KB 207 -53.13 -118.04 -45.02
N SER KB 208 -51.81 -117.85 -44.92
CA SER KB 208 -51.22 -117.03 -43.87
C SER KB 208 -50.36 -115.92 -44.47
N GLY KB 209 -50.43 -114.74 -43.86
CA GLY KB 209 -49.67 -113.61 -44.35
C GLY KB 209 -49.24 -112.69 -43.21
N GLY KB 210 -48.16 -111.96 -43.46
CA GLY KB 210 -47.60 -111.08 -42.45
C GLY KB 210 -46.60 -110.06 -42.99
N LYS KB 211 -45.50 -109.89 -42.25
CA LYS KB 211 -44.54 -108.83 -42.58
C LYS KB 211 -43.75 -109.14 -43.85
N ASP KB 212 -43.53 -110.42 -44.15
CA ASP KB 212 -42.61 -110.80 -45.21
C ASP KB 212 -43.08 -110.40 -46.61
N GLY KB 213 -44.33 -109.96 -46.75
CA GLY KB 213 -44.80 -109.58 -48.07
C GLY KB 213 -45.15 -110.72 -48.97
N GLN KB 214 -45.26 -111.93 -48.42
CA GLN KB 214 -45.60 -113.11 -49.21
C GLN KB 214 -46.51 -114.01 -48.39
N ALA KB 215 -47.57 -114.48 -49.04
CA ALA KB 215 -48.57 -115.33 -48.42
C ALA KB 215 -48.25 -116.80 -48.68
N MET KB 216 -48.63 -117.64 -47.72
CA MET KB 216 -48.34 -119.06 -47.76
C MET KB 216 -49.66 -119.82 -47.76
N LEU KB 217 -49.85 -120.67 -48.76
CA LEU KB 217 -51.00 -121.56 -48.87
C LEU KB 217 -50.53 -122.95 -48.49
N TRP KB 218 -51.15 -123.54 -47.47
CA TRP KB 218 -50.78 -124.86 -46.98
C TRP KB 218 -51.90 -125.84 -47.25
N ASP KB 219 -51.70 -127.08 -46.79
CA ASP KB 219 -52.70 -128.13 -46.90
C ASP KB 219 -53.21 -128.50 -45.51
N LEU KB 220 -54.49 -128.83 -45.43
CA LEU KB 220 -55.06 -129.23 -44.15
C LEU KB 220 -55.47 -130.69 -44.10
N ASN KB 221 -55.95 -131.25 -45.21
CA ASN KB 221 -56.40 -132.65 -45.20
C ASN KB 221 -55.23 -133.59 -44.89
N GLU KB 222 -54.07 -133.34 -45.49
CA GLU KB 222 -52.86 -134.09 -45.18
C GLU KB 222 -51.88 -133.26 -44.38
N GLY KB 223 -51.60 -132.03 -44.81
CA GLY KB 223 -50.71 -131.14 -44.09
C GLY KB 223 -49.34 -131.06 -44.72
N LYS KB 224 -49.12 -130.02 -45.51
CA LYS KB 224 -47.85 -129.83 -46.22
C LYS KB 224 -47.90 -128.44 -46.88
N HIS KB 225 -46.76 -128.07 -47.46
CA HIS KB 225 -46.72 -126.86 -48.28
C HIS KB 225 -47.52 -127.07 -49.56
N LEU KB 226 -48.23 -126.03 -49.97
CA LEU KB 226 -48.95 -126.06 -51.24
C LEU KB 226 -48.44 -125.00 -52.20
N TYR KB 227 -48.37 -123.74 -51.78
CA TYR KB 227 -47.98 -122.68 -52.70
C TYR KB 227 -47.47 -121.48 -51.93
N THR KB 228 -46.57 -120.73 -52.56
CA THR KB 228 -46.03 -119.49 -52.02
C THR KB 228 -46.37 -118.36 -52.98
N LEU KB 229 -47.31 -117.51 -52.58
CA LEU KB 229 -47.70 -116.35 -53.36
C LEU KB 229 -47.02 -115.11 -52.78
N ASP KB 230 -46.92 -114.06 -53.59
CA ASP KB 230 -46.22 -112.84 -53.18
C ASP KB 230 -47.08 -111.62 -53.45
N GLY KB 231 -46.90 -110.59 -52.61
CA GLY KB 231 -47.56 -109.32 -52.80
C GLY KB 231 -46.56 -108.19 -52.74
N GLY KB 232 -47.09 -106.96 -52.87
CA GLY KB 232 -46.23 -105.79 -52.93
C GLY KB 232 -45.46 -105.56 -51.64
N ASP KB 233 -46.15 -105.63 -50.50
CA ASP KB 233 -45.56 -105.33 -49.21
C ASP KB 233 -46.31 -106.14 -48.15
N ILE KB 234 -46.21 -105.69 -46.89
CA ILE KB 234 -46.80 -106.40 -45.76
C ILE KB 234 -48.26 -106.77 -46.02
N ILE KB 235 -48.62 -107.98 -45.62
CA ILE KB 235 -49.97 -108.51 -45.74
C ILE KB 235 -50.57 -108.53 -44.35
N ASN KB 236 -51.32 -107.49 -44.00
CA ASN KB 236 -51.95 -107.38 -42.70
C ASN KB 236 -53.42 -107.77 -42.70
N ALA KB 237 -53.97 -108.20 -43.83
CA ALA KB 237 -55.35 -108.64 -43.90
C ALA KB 237 -55.51 -109.60 -45.06
N LEU KB 238 -56.13 -110.75 -44.80
CA LEU KB 238 -56.32 -111.81 -45.77
C LEU KB 238 -57.75 -112.34 -45.65
N CYS KB 239 -58.36 -112.71 -46.78
CA CYS KB 239 -59.55 -113.54 -46.71
C CYS KB 239 -59.86 -114.14 -48.07
N PHE KB 240 -60.48 -115.32 -48.04
CA PHE KB 240 -61.01 -115.99 -49.22
C PHE KB 240 -62.37 -115.42 -49.57
N SER KB 241 -62.80 -115.70 -50.79
CA SER KB 241 -64.18 -115.47 -51.19
C SER KB 241 -65.00 -116.70 -50.88
N PRO KB 242 -66.08 -116.60 -50.09
CA PRO KB 242 -66.84 -117.81 -49.75
C PRO KB 242 -67.48 -118.48 -50.95
N ASN KB 243 -67.89 -117.73 -51.97
CA ASN KB 243 -68.53 -118.32 -53.13
C ASN KB 243 -67.53 -118.82 -54.17
N ARG KB 244 -66.32 -118.28 -54.19
CA ARG KB 244 -65.33 -118.59 -55.21
C ARG KB 244 -64.10 -119.21 -54.56
N TYR KB 245 -63.06 -119.38 -55.37
CA TYR KB 245 -61.73 -119.74 -54.89
C TYR KB 245 -60.81 -118.54 -54.82
N TRP KB 246 -61.33 -117.34 -55.05
CA TRP KB 246 -60.53 -116.13 -55.07
C TRP KB 246 -59.98 -115.82 -53.67
N LEU KB 247 -58.79 -115.25 -53.63
CA LEU KB 247 -58.12 -114.90 -52.38
C LEU KB 247 -57.67 -113.45 -52.44
N CYS KB 248 -58.09 -112.64 -51.47
CA CYS KB 248 -57.76 -111.22 -51.48
C CYS KB 248 -56.95 -110.84 -50.26
N ALA KB 249 -56.00 -109.93 -50.49
CA ALA KB 249 -55.04 -109.50 -49.49
C ALA KB 249 -54.94 -107.99 -49.49
N ALA KB 250 -54.55 -107.45 -48.33
CA ALA KB 250 -54.32 -106.02 -48.16
C ALA KB 250 -52.82 -105.77 -48.32
N THR KB 251 -52.41 -105.48 -49.55
CA THR KB 251 -51.03 -105.15 -49.85
C THR KB 251 -50.80 -103.69 -49.47
N GLY KB 252 -50.62 -103.47 -48.16
CA GLY KB 252 -50.39 -102.15 -47.63
C GLY KB 252 -51.53 -101.20 -47.93
N PRO KB 253 -51.26 -100.17 -48.72
CA PRO KB 253 -52.31 -99.23 -49.14
C PRO KB 253 -53.11 -99.69 -50.35
N SER KB 254 -53.00 -100.95 -50.75
CA SER KB 254 -53.70 -101.46 -51.91
C SER KB 254 -54.39 -102.78 -51.55
N ILE KB 255 -55.31 -103.19 -52.41
CA ILE KB 255 -56.02 -104.46 -52.23
C ILE KB 255 -55.78 -105.29 -53.48
N LYS KB 256 -55.24 -106.49 -53.31
CA LYS KB 256 -54.93 -107.36 -54.43
C LYS KB 256 -55.77 -108.63 -54.36
N ILE KB 257 -56.47 -108.95 -55.44
CA ILE KB 257 -57.29 -110.15 -55.52
C ILE KB 257 -56.66 -111.12 -56.52
N TRP KB 258 -56.52 -112.38 -56.11
CA TRP KB 258 -55.88 -113.42 -56.88
C TRP KB 258 -56.87 -114.52 -57.21
N ASP KB 259 -56.87 -114.93 -58.48
CA ASP KB 259 -57.43 -116.21 -58.87
C ASP KB 259 -56.39 -117.28 -58.55
N LEU KB 260 -56.77 -118.23 -57.69
CA LEU KB 260 -55.82 -119.20 -57.17
C LEU KB 260 -55.50 -120.30 -58.18
N GLU KB 261 -56.48 -120.72 -58.98
CA GLU KB 261 -56.20 -121.70 -60.02
C GLU KB 261 -55.24 -121.14 -61.06
N GLY KB 262 -55.40 -119.88 -61.45
CA GLY KB 262 -54.45 -119.22 -62.31
C GLY KB 262 -53.26 -118.62 -61.60
N LYS KB 263 -53.32 -118.54 -60.26
CA LYS KB 263 -52.27 -117.92 -59.44
C LYS KB 263 -51.95 -116.51 -59.94
N ILE KB 264 -52.99 -115.76 -60.26
CA ILE KB 264 -52.84 -114.54 -61.02
C ILE KB 264 -53.62 -113.40 -60.37
N ILE KB 265 -53.07 -112.18 -60.48
CA ILE KB 265 -53.84 -110.98 -60.20
C ILE KB 265 -55.04 -110.94 -61.13
N VAL KB 266 -56.23 -110.84 -60.54
CA VAL KB 266 -57.40 -110.51 -61.35
C VAL KB 266 -57.80 -109.05 -61.18
N ASP KB 267 -57.42 -108.40 -60.09
CA ASP KB 267 -57.57 -106.94 -59.97
C ASP KB 267 -56.71 -106.44 -58.82
N GLU KB 268 -56.33 -105.16 -58.93
CA GLU KB 268 -55.63 -104.42 -57.90
C GLU KB 268 -56.34 -103.09 -57.69
N LEU KB 269 -56.52 -102.72 -56.42
CA LEU KB 269 -57.25 -101.52 -56.04
C LEU KB 269 -56.28 -100.60 -55.30
N LYS KB 270 -56.08 -99.40 -55.83
CA LYS KB 270 -55.09 -98.46 -55.31
C LYS KB 270 -55.71 -97.27 -54.60
N GLN KB 271 -56.96 -97.39 -54.15
CA GLN KB 271 -57.72 -96.41 -53.39
C GLN KB 271 -58.07 -95.16 -54.19
N GLU KB 272 -57.59 -95.03 -55.43
CA GLU KB 272 -57.94 -93.93 -56.32
C GLU KB 272 -57.64 -92.57 -55.69
N VAL KB 273 -56.48 -92.45 -55.05
CA VAL KB 273 -56.04 -91.22 -54.43
C VAL KB 273 -55.04 -90.53 -55.35
N ILE KB 274 -55.32 -89.27 -55.68
CA ILE KB 274 -54.48 -88.50 -56.59
C ILE KB 274 -53.89 -87.27 -55.92
N SER KB 275 -53.78 -87.29 -54.59
CA SER KB 275 -53.15 -86.18 -53.88
C SER KB 275 -51.68 -86.06 -54.24
N THR KB 276 -50.98 -87.20 -54.33
CA THR KB 276 -49.57 -87.35 -54.71
C THR KB 276 -48.66 -86.27 -54.12
N SER KB 277 -48.93 -85.88 -52.88
CA SER KB 277 -48.13 -84.85 -52.22
C SER KB 277 -46.71 -85.32 -51.91
N SER KB 278 -46.46 -86.63 -51.98
CA SER KB 278 -45.15 -87.24 -51.72
C SER KB 278 -44.62 -86.91 -50.32
N LYS KB 279 -45.52 -86.63 -49.38
CA LYS KB 279 -45.14 -86.36 -48.00
C LYS KB 279 -45.71 -87.40 -47.04
N ALA KB 280 -47.01 -87.65 -47.11
CA ALA KB 280 -47.65 -88.64 -46.27
C ALA KB 280 -47.93 -89.90 -47.08
N GLU KB 281 -47.70 -91.05 -46.46
CA GLU KB 281 -47.96 -92.32 -47.12
C GLU KB 281 -49.46 -92.50 -47.34
N PRO KB 282 -49.84 -93.23 -48.39
CA PRO KB 282 -51.26 -93.52 -48.60
C PRO KB 282 -51.80 -94.35 -47.46
N PRO KB 283 -53.08 -94.18 -47.12
CA PRO KB 283 -53.65 -94.93 -45.99
C PRO KB 283 -53.57 -96.43 -46.19
N GLN KB 284 -53.19 -97.13 -45.12
CA GLN KB 284 -53.07 -98.58 -45.18
C GLN KB 284 -54.41 -99.23 -44.98
N CYS KB 285 -54.56 -100.44 -45.52
CA CYS KB 285 -55.75 -101.25 -45.34
C CYS KB 285 -55.52 -102.22 -44.19
N THR KB 286 -56.44 -102.23 -43.24
CA THR KB 286 -56.29 -103.07 -42.05
C THR KB 286 -57.30 -104.20 -41.96
N SER KB 287 -58.50 -104.02 -42.49
CA SER KB 287 -59.54 -105.05 -42.38
C SER KB 287 -60.05 -105.40 -43.76
N LEU KB 288 -60.46 -106.66 -43.92
CA LEU KB 288 -60.92 -107.16 -45.21
C LEU KB 288 -61.97 -108.24 -44.96
N ALA KB 289 -63.15 -108.08 -45.54
CA ALA KB 289 -64.20 -109.06 -45.33
C ALA KB 289 -65.14 -109.11 -46.53
N TRP KB 290 -65.41 -110.30 -47.03
CA TRP KB 290 -66.35 -110.51 -48.12
C TRP KB 290 -67.77 -110.56 -47.58
N SER KB 291 -68.73 -110.47 -48.49
CA SER KB 291 -70.12 -110.71 -48.12
C SER KB 291 -70.44 -112.20 -48.26
N ALA KB 292 -71.65 -112.56 -47.83
CA ALA KB 292 -72.09 -113.96 -47.94
C ALA KB 292 -72.21 -114.38 -49.39
N ASP KB 293 -72.78 -113.51 -50.23
CA ASP KB 293 -72.95 -113.84 -51.65
C ASP KB 293 -71.62 -113.79 -52.40
N GLY KB 294 -70.60 -113.16 -51.83
CA GLY KB 294 -69.36 -112.97 -52.53
C GLY KB 294 -69.40 -111.89 -53.59
N GLN KB 295 -70.49 -111.12 -53.65
CA GLN KB 295 -70.61 -110.08 -54.67
C GLN KB 295 -69.94 -108.78 -54.25
N THR KB 296 -69.91 -108.46 -52.96
CA THR KB 296 -69.32 -107.23 -52.48
C THR KB 296 -68.33 -107.51 -51.36
N LEU KB 297 -67.40 -106.57 -51.18
CA LEU KB 297 -66.32 -106.70 -50.22
C LEU KB 297 -66.20 -105.40 -49.44
N PHE KB 298 -65.66 -105.49 -48.23
CA PHE KB 298 -65.48 -104.33 -47.37
C PHE KB 298 -64.05 -104.28 -46.87
N ALA KB 299 -63.38 -103.14 -47.07
CA ALA KB 299 -61.99 -102.97 -46.69
C ALA KB 299 -61.88 -101.76 -45.77
N GLY KB 300 -61.46 -102.00 -44.54
CA GLY KB 300 -61.31 -100.94 -43.55
C GLY KB 300 -59.86 -100.47 -43.51
N TYR KB 301 -59.69 -99.14 -43.58
CA TYR KB 301 -58.39 -98.53 -43.74
C TYR KB 301 -57.98 -97.79 -42.46
N THR KB 302 -56.84 -97.12 -42.53
CA THR KB 302 -56.31 -96.33 -41.43
C THR KB 302 -56.83 -94.91 -41.40
N ASP KB 303 -57.68 -94.53 -42.36
CA ASP KB 303 -58.23 -93.18 -42.41
C ASP KB 303 -59.55 -93.06 -41.66
N ASN KB 304 -59.74 -93.88 -40.62
CA ASN KB 304 -60.98 -93.91 -39.84
C ASN KB 304 -62.19 -94.14 -40.74
N LEU KB 305 -62.05 -95.07 -41.69
CA LEU KB 305 -63.04 -95.25 -42.72
C LEU KB 305 -62.97 -96.66 -43.28
N VAL KB 306 -64.07 -97.10 -43.87
CA VAL KB 306 -64.14 -98.37 -44.57
C VAL KB 306 -64.77 -98.11 -45.95
N ARG KB 307 -64.23 -98.79 -46.96
CA ARG KB 307 -64.69 -98.65 -48.34
C ARG KB 307 -65.37 -99.94 -48.78
N VAL KB 308 -66.49 -99.80 -49.47
CA VAL KB 308 -67.20 -100.94 -50.03
C VAL KB 308 -66.82 -101.09 -51.49
N TRP KB 309 -66.50 -102.31 -51.89
CA TRP KB 309 -66.07 -102.64 -53.24
C TRP KB 309 -67.08 -103.56 -53.87
N GLN KB 310 -67.38 -103.29 -55.14
CA GLN KB 310 -68.40 -104.03 -55.89
C GLN KB 310 -67.79 -104.59 -57.17
N VAL KB 311 -68.16 -105.81 -57.52
CA VAL KB 311 -67.71 -106.43 -58.76
C VAL KB 311 -68.68 -106.06 -59.87
N THR KB 312 -68.13 -105.80 -61.06
CA THR KB 312 -68.96 -105.43 -62.21
C THR KB 312 -69.70 -106.65 -62.73
N ILE KB 313 -70.99 -106.46 -63.00
CA ILE KB 313 -71.83 -107.56 -63.47
C ILE KB 313 -71.50 -107.91 -64.91
N GLY LB 1 12.10 -100.96 -58.10
CA GLY LB 1 12.49 -102.19 -58.75
C GLY LB 1 13.37 -101.97 -59.97
N ALA LB 2 14.60 -102.46 -59.89
CA ALA LB 2 15.58 -102.29 -60.97
C ALA LB 2 15.64 -103.48 -61.92
N LEU LB 3 14.89 -104.54 -61.66
CA LEU LB 3 14.96 -105.74 -62.48
C LEU LB 3 14.09 -105.59 -63.72
N ASP LB 4 14.33 -106.46 -64.70
CA ASP LB 4 13.56 -106.44 -65.94
C ASP LB 4 12.13 -106.93 -65.71
N VAL LB 5 11.94 -107.89 -64.80
CA VAL LB 5 10.59 -108.35 -64.50
C VAL LB 5 9.82 -107.26 -63.76
N LEU LB 6 10.51 -106.40 -63.01
CA LEU LB 6 9.88 -105.32 -62.26
C LEU LB 6 9.83 -104.03 -63.07
N GLN LB 7 9.30 -104.12 -64.29
CA GLN LB 7 9.23 -102.97 -65.18
C GLN LB 7 7.78 -102.69 -65.55
N MET LB 8 7.49 -101.42 -65.80
CA MET LB 8 6.18 -101.03 -66.29
C MET LB 8 5.92 -101.67 -67.65
N LYS LB 9 4.67 -102.06 -67.88
CA LYS LB 9 4.27 -102.68 -69.12
C LYS LB 9 3.41 -101.71 -69.93
N GLU LB 10 3.22 -102.04 -71.21
CA GLU LB 10 2.39 -101.22 -72.08
C GLU LB 10 0.97 -101.15 -71.55
N GLU LB 11 0.47 -102.26 -70.99
CA GLU LB 11 -0.86 -102.26 -70.40
C GLU LB 11 -0.93 -101.28 -69.22
N ASP LB 12 0.11 -101.27 -68.39
CA ASP LB 12 0.15 -100.32 -67.28
C ASP LB 12 0.19 -98.88 -67.77
N VAL LB 13 0.96 -98.62 -68.83
CA VAL LB 13 1.01 -97.28 -69.41
C VAL LB 13 -0.37 -96.87 -69.89
N LEU LB 14 -1.06 -97.78 -70.57
CA LEU LB 14 -2.39 -97.48 -71.09
C LEU LB 14 -3.37 -97.17 -69.97
N LYS LB 15 -3.35 -97.97 -68.90
CA LYS LB 15 -4.21 -97.68 -67.76
C LYS LB 15 -3.87 -96.33 -67.12
N PHE LB 16 -2.57 -96.04 -66.96
CA PHE LB 16 -2.18 -94.78 -66.32
C PHE LB 16 -2.65 -93.59 -67.13
N LEU LB 17 -2.46 -93.65 -68.46
CA LEU LB 17 -2.89 -92.53 -69.30
C LEU LB 17 -4.41 -92.43 -69.36
N ALA LB 18 -5.11 -93.55 -69.36
CA ALA LB 18 -6.57 -93.49 -69.39
C ALA LB 18 -7.11 -92.88 -68.11
N ALA LB 19 -6.54 -93.24 -66.97
CA ALA LB 19 -7.02 -92.70 -65.70
C ALA LB 19 -6.48 -91.31 -65.39
N GLY LB 20 -5.48 -90.85 -66.14
CA GLY LB 20 -4.89 -89.56 -65.83
C GLY LB 20 -3.57 -89.73 -65.12
N THR LB 21 -3.58 -89.54 -63.80
CA THR LB 21 -2.51 -89.85 -62.84
C THR LB 21 -1.14 -89.31 -63.25
N HIS LB 22 -1.12 -88.42 -64.24
CA HIS LB 22 0.07 -87.68 -64.59
C HIS LB 22 -0.22 -86.19 -64.73
N LEU LB 23 -1.49 -85.80 -64.73
CA LEU LB 23 -1.89 -84.41 -64.81
C LEU LB 23 -1.96 -83.87 -63.39
N GLY LB 24 -0.90 -83.18 -62.97
CA GLY LB 24 -0.86 -82.60 -61.65
C GLY LB 24 -1.62 -81.30 -61.58
N GLY LB 25 -1.44 -80.60 -60.47
CA GLY LB 25 -2.05 -79.31 -60.28
C GLY LB 25 -1.23 -78.21 -60.93
N THR LB 26 -1.73 -76.98 -60.79
CA THR LB 26 -0.99 -75.82 -61.26
C THR LB 26 0.09 -75.37 -60.28
N ASN LB 27 0.08 -75.90 -59.06
CA ASN LB 27 1.06 -75.56 -58.05
C ASN LB 27 2.05 -76.71 -57.87
N LEU LB 28 3.26 -76.37 -57.44
CA LEU LB 28 4.32 -77.36 -57.29
C LEU LB 28 4.97 -77.21 -55.92
N ASP LB 29 5.18 -78.34 -55.25
CA ASP LB 29 5.92 -78.37 -54.00
C ASP LB 29 7.40 -78.54 -54.30
N PHE LB 30 8.23 -77.82 -53.55
CA PHE LB 30 9.67 -77.84 -53.81
C PHE LB 30 10.26 -79.22 -53.55
N GLN LB 31 9.65 -79.99 -52.68
CA GLN LB 31 10.07 -81.36 -52.44
C GLN LB 31 9.43 -82.35 -53.41
N MET LB 32 8.40 -81.93 -54.15
CA MET LB 32 7.81 -82.73 -55.22
C MET LB 32 8.35 -82.37 -56.58
N GLU LB 33 9.22 -81.36 -56.67
CA GLU LB 33 9.72 -80.92 -57.96
C GLU LB 33 10.53 -82.00 -58.67
N GLN LB 34 11.19 -82.87 -57.91
CA GLN LB 34 12.05 -83.88 -58.50
C GLN LB 34 11.29 -84.97 -59.25
N TYR LB 35 9.96 -85.05 -59.09
CA TYR LB 35 9.16 -86.04 -59.80
C TYR LB 35 8.44 -85.48 -61.01
N ILE LB 36 8.71 -84.23 -61.38
CA ILE LB 36 7.97 -83.55 -62.42
C ILE LB 36 8.75 -83.60 -63.72
N TYR LB 37 8.07 -83.95 -64.81
CA TYR LB 37 8.71 -83.92 -66.12
C TYR LB 37 8.72 -82.51 -66.71
N LYS LB 38 7.54 -81.95 -66.93
CA LYS LB 38 7.44 -80.64 -67.58
C LYS LB 38 6.10 -80.02 -67.21
N ARG LB 39 6.04 -78.70 -67.31
CA ARG LB 39 4.81 -77.94 -67.10
C ARG LB 39 4.23 -77.56 -68.45
N LYS LB 40 2.96 -77.90 -68.66
CA LYS LB 40 2.33 -77.63 -69.93
C LYS LB 40 2.01 -76.14 -70.06
N SER LB 41 1.51 -75.76 -71.24
CA SER LB 41 0.99 -74.41 -71.44
C SER LB 41 -0.30 -74.19 -70.65
N ASP LB 42 -0.98 -75.27 -70.25
CA ASP LB 42 -2.14 -75.17 -69.39
C ASP LB 42 -1.78 -74.75 -67.97
N GLY LB 43 -0.50 -74.76 -67.61
CA GLY LB 43 -0.10 -74.63 -66.24
C GLY LB 43 -0.12 -75.93 -65.46
N ILE LB 44 -0.52 -77.02 -66.09
CA ILE LB 44 -0.60 -78.32 -65.43
C ILE LB 44 0.76 -78.98 -65.49
N TYR LB 45 1.24 -79.44 -64.34
CA TYR LB 45 2.52 -80.13 -64.28
C TYR LB 45 2.35 -81.59 -64.70
N ILE LB 46 3.30 -82.09 -65.48
CA ILE LB 46 3.30 -83.47 -65.94
C ILE LB 46 4.26 -84.26 -65.06
N ILE LB 47 3.79 -85.38 -64.53
CA ILE LB 47 4.55 -86.17 -63.58
C ILE LB 47 5.18 -87.35 -64.31
N ASN LB 48 6.45 -87.61 -64.00
CA ASN LB 48 7.18 -88.71 -64.62
C ASN LB 48 6.58 -90.04 -64.18
N LEU LB 49 5.95 -90.74 -65.13
CA LEU LB 49 5.34 -92.03 -64.80
C LEU LB 49 6.37 -93.07 -64.41
N LYS LB 50 7.58 -92.98 -64.95
CA LYS LB 50 8.63 -93.93 -64.55
C LYS LB 50 9.02 -93.73 -63.08
N ARG LB 51 9.16 -92.47 -62.66
CA ARG LB 51 9.44 -92.18 -61.26
C ARG LB 51 8.28 -92.61 -60.38
N THR LB 52 7.05 -92.40 -60.85
CA THR LB 52 5.88 -92.87 -60.10
C THR LB 52 5.90 -94.39 -59.94
N TRP LB 53 6.27 -95.10 -61.01
CA TRP LB 53 6.36 -96.56 -60.95
C TRP LB 53 7.43 -96.99 -59.96
N GLU LB 54 8.57 -96.33 -59.97
CA GLU LB 54 9.63 -96.69 -59.04
C GLU LB 54 9.20 -96.46 -57.60
N LYS LB 55 8.54 -95.34 -57.33
CA LYS LB 55 8.08 -95.07 -55.97
C LYS LB 55 6.98 -96.06 -55.56
N LEU LB 56 6.12 -96.45 -56.49
CA LEU LB 56 5.10 -97.44 -56.19
C LEU LB 56 5.71 -98.80 -55.88
N LEU LB 57 6.73 -99.19 -56.62
CA LEU LB 57 7.43 -100.44 -56.32
C LEU LB 57 8.13 -100.38 -54.97
N LEU LB 58 8.73 -99.23 -54.64
CA LEU LB 58 9.35 -99.07 -53.33
C LEU LB 58 8.32 -99.19 -52.22
N ALA LB 59 7.14 -98.58 -52.42
CA ALA LB 59 6.07 -98.71 -51.45
C ALA LB 59 5.61 -100.15 -51.32
N ALA LB 60 5.54 -100.88 -52.44
CA ALA LB 60 5.18 -102.28 -52.40
C ALA LB 60 6.18 -103.10 -51.59
N ARG LB 61 7.47 -102.82 -51.78
CA ARG LB 61 8.49 -103.51 -51.00
C ARG LB 61 8.36 -103.20 -49.51
N ALA LB 62 8.10 -101.93 -49.19
CA ALA LB 62 7.92 -101.55 -47.79
C ALA LB 62 6.72 -102.26 -47.18
N ILE LB 63 5.63 -102.38 -47.95
CA ILE LB 63 4.43 -103.03 -47.43
C ILE LB 63 4.67 -104.51 -47.22
N VAL LB 64 5.25 -105.20 -48.22
CA VAL LB 64 5.48 -106.63 -48.10
C VAL LB 64 6.59 -106.97 -47.13
N ALA LB 65 7.37 -105.98 -46.69
CA ALA LB 65 8.38 -106.24 -45.67
C ALA LB 65 7.78 -106.57 -44.31
N ILE LB 66 6.48 -106.37 -44.12
CA ILE LB 66 5.83 -106.58 -42.83
C ILE LB 66 5.18 -107.96 -42.83
N GLU LB 67 5.50 -108.77 -41.81
CA GLU LB 67 5.03 -110.14 -41.76
C GLU LB 67 3.53 -110.21 -41.54
N ASN LB 68 2.99 -109.38 -40.65
CA ASN LB 68 1.57 -109.40 -40.34
C ASN LB 68 0.84 -108.43 -41.26
N PRO LB 69 -0.02 -108.90 -42.17
CA PRO LB 69 -0.71 -107.98 -43.07
C PRO LB 69 -1.63 -107.01 -42.36
N ALA LB 70 -2.07 -107.32 -41.14
CA ALA LB 70 -2.88 -106.40 -40.37
C ALA LB 70 -2.07 -105.27 -39.76
N ASP LB 71 -0.74 -105.37 -39.72
CA ASP LB 71 0.07 -104.32 -39.13
C ASP LB 71 0.18 -103.08 -40.00
N VAL LB 72 -0.30 -103.13 -41.24
CA VAL LB 72 -0.32 -101.96 -42.11
C VAL LB 72 -1.75 -101.43 -42.18
N SER LB 73 -1.88 -100.12 -42.09
CA SER LB 73 -3.19 -99.47 -42.04
C SER LB 73 -3.33 -98.48 -43.19
N VAL LB 74 -4.52 -98.42 -43.77
CA VAL LB 74 -4.81 -97.58 -44.91
C VAL LB 74 -5.93 -96.62 -44.52
N ILE LB 75 -5.73 -95.33 -44.82
CA ILE LB 75 -6.64 -94.27 -44.41
C ILE LB 75 -6.98 -93.41 -45.61
N SER LB 76 -8.27 -93.13 -45.79
CA SER LB 76 -8.74 -92.15 -46.78
C SER LB 76 -9.91 -91.39 -46.16
N SER LB 77 -9.67 -90.14 -45.78
CA SER LB 77 -10.76 -89.35 -45.22
C SER LB 77 -11.73 -88.90 -46.31
N ARG LB 78 -11.21 -88.48 -47.46
CA ARG LB 78 -12.06 -88.07 -48.56
C ARG LB 78 -12.78 -89.27 -49.14
N ASN LB 79 -14.01 -89.02 -49.61
CA ASN LB 79 -14.84 -90.10 -50.15
C ASN LB 79 -14.22 -90.72 -51.40
N THR LB 80 -13.48 -89.93 -52.18
CA THR LB 80 -12.84 -90.42 -53.39
C THR LB 80 -11.59 -91.24 -53.03
N GLY LB 81 -11.85 -92.44 -52.53
CA GLY LB 81 -10.77 -93.32 -52.11
C GLY LB 81 -11.10 -94.20 -50.93
N GLN LB 82 -12.25 -93.97 -50.29
CA GLN LB 82 -12.68 -94.86 -49.22
C GLN LB 82 -12.99 -96.25 -49.77
N ARG LB 83 -13.67 -96.32 -50.92
CA ARG LB 83 -13.90 -97.61 -51.55
C ARG LB 83 -12.57 -98.26 -51.92
N ALA LB 84 -11.62 -97.46 -52.41
CA ALA LB 84 -10.32 -98.00 -52.78
C ALA LB 84 -9.59 -98.59 -51.59
N VAL LB 85 -9.60 -97.90 -50.44
CA VAL LB 85 -8.87 -98.41 -49.30
C VAL LB 85 -9.57 -99.63 -48.71
N LEU LB 86 -10.91 -99.66 -48.75
CA LEU LB 86 -11.60 -100.86 -48.31
C LEU LB 86 -11.26 -102.07 -49.18
N LYS LB 87 -11.26 -101.89 -50.50
CA LYS LB 87 -10.91 -103.00 -51.37
C LYS LB 87 -9.45 -103.41 -51.22
N PHE LB 88 -8.57 -102.42 -51.02
CA PHE LB 88 -7.16 -102.73 -50.80
C PHE LB 88 -6.97 -103.55 -49.53
N ALA LB 89 -7.65 -103.17 -48.46
CA ALA LB 89 -7.55 -103.92 -47.21
C ALA LB 89 -8.13 -105.32 -47.37
N ALA LB 90 -9.24 -105.45 -48.09
CA ALA LB 90 -9.83 -106.76 -48.32
C ALA LB 90 -8.89 -107.65 -49.13
N ALA LB 91 -8.20 -107.09 -50.12
CA ALA LB 91 -7.32 -107.88 -50.95
C ALA LB 91 -6.03 -108.26 -50.23
N THR LB 92 -5.45 -107.33 -49.47
CA THR LB 92 -4.12 -107.50 -48.92
C THR LB 92 -4.09 -107.83 -47.43
N GLY LB 93 -5.25 -107.99 -46.79
CA GLY LB 93 -5.25 -108.27 -45.38
C GLY LB 93 -4.93 -107.08 -44.50
N ALA LB 94 -4.93 -105.88 -45.05
CA ALA LB 94 -4.60 -104.68 -44.29
C ALA LB 94 -5.79 -104.24 -43.43
N THR LB 95 -5.55 -103.24 -42.59
CA THR LB 95 -6.56 -102.73 -41.69
C THR LB 95 -7.06 -101.38 -42.20
N PRO LB 96 -8.30 -101.26 -42.64
CA PRO LB 96 -8.77 -100.01 -43.24
C PRO LB 96 -9.37 -99.04 -42.23
N ILE LB 97 -9.21 -97.76 -42.55
CA ILE LB 97 -9.90 -96.67 -41.86
C ILE LB 97 -10.48 -95.75 -42.92
N ALA LB 98 -11.79 -95.57 -42.90
CA ALA LB 98 -12.47 -94.77 -43.90
C ALA LB 98 -13.24 -93.65 -43.24
N GLY LB 99 -13.40 -92.56 -43.96
CA GLY LB 99 -14.17 -91.44 -43.45
C GLY LB 99 -13.44 -90.73 -42.33
N ARG LB 100 -14.17 -90.41 -41.27
CA ARG LB 100 -13.61 -89.62 -40.18
C ARG LB 100 -12.58 -90.43 -39.40
N PHE LB 101 -11.40 -89.86 -39.23
CA PHE LB 101 -10.34 -90.45 -38.42
C PHE LB 101 -10.38 -89.77 -37.06
N THR LB 102 -10.80 -90.52 -36.04
CA THR LB 102 -10.89 -89.94 -34.71
C THR LB 102 -9.49 -89.68 -34.15
N PRO LB 103 -9.23 -88.47 -33.64
CA PRO LB 103 -7.91 -88.18 -33.08
C PRO LB 103 -7.62 -89.04 -31.85
N GLY LB 104 -6.35 -89.34 -31.66
CA GLY LB 104 -5.94 -90.21 -30.57
C GLY LB 104 -6.02 -91.68 -30.88
N THR LB 105 -6.29 -92.05 -32.13
CA THR LB 105 -6.35 -93.46 -32.49
C THR LB 105 -5.01 -94.15 -32.28
N PHE LB 106 -3.92 -93.49 -32.64
CA PHE LB 106 -2.59 -94.04 -32.50
C PHE LB 106 -1.92 -93.64 -31.20
N THR LB 107 -2.55 -92.80 -30.40
CA THR LB 107 -1.86 -92.29 -29.23
C THR LB 107 -2.61 -92.51 -27.93
N ASN LB 108 -3.94 -92.39 -27.94
CA ASN LB 108 -4.74 -92.59 -26.74
C ASN LB 108 -5.04 -94.08 -26.57
N GLN LB 109 -4.37 -94.71 -25.61
CA GLN LB 109 -4.41 -96.15 -25.45
C GLN LB 109 -5.59 -96.65 -24.63
N ILE LB 110 -6.57 -95.80 -24.35
CA ILE LB 110 -7.68 -96.19 -23.48
C ILE LB 110 -8.85 -96.74 -24.28
N GLN LB 111 -9.33 -96.00 -25.27
CA GLN LB 111 -10.54 -96.40 -25.97
C GLN LB 111 -10.29 -97.66 -26.81
N ALA LB 112 -11.39 -98.37 -27.09
CA ALA LB 112 -11.29 -99.59 -27.89
C ALA LB 112 -10.88 -99.32 -29.32
N ALA LB 113 -11.07 -98.10 -29.81
CA ALA LB 113 -10.64 -97.75 -31.16
C ALA LB 113 -9.12 -97.62 -31.27
N PHE LB 114 -8.41 -97.66 -30.15
CA PHE LB 114 -6.96 -97.50 -30.18
C PHE LB 114 -6.31 -98.64 -30.94
N ARG LB 115 -5.39 -98.28 -31.84
CA ARG LB 115 -4.63 -99.26 -32.59
C ARG LB 115 -3.24 -98.68 -32.84
N GLU LB 116 -2.26 -99.57 -33.01
CA GLU LB 116 -0.89 -99.16 -33.28
C GLU LB 116 -0.31 -100.01 -34.41
N PRO LB 117 -0.31 -99.49 -35.63
CA PRO LB 117 0.19 -100.27 -36.76
C PRO LB 117 1.70 -100.16 -36.92
N ARG LB 118 2.24 -100.78 -37.95
CA ARG LB 118 3.66 -100.69 -38.26
C ARG LB 118 3.93 -99.94 -39.56
N LEU LB 119 2.88 -99.52 -40.27
CA LEU LB 119 3.04 -98.76 -41.50
C LEU LB 119 1.75 -97.99 -41.75
N LEU LB 120 1.88 -96.78 -42.25
CA LEU LB 120 0.74 -95.88 -42.44
C LEU LB 120 0.65 -95.52 -43.90
N VAL LB 121 -0.40 -95.99 -44.58
CA VAL LB 121 -0.62 -95.67 -45.99
C VAL LB 121 -1.75 -94.66 -46.07
N VAL LB 122 -1.50 -93.55 -46.76
CA VAL LB 122 -2.36 -92.37 -46.74
C VAL LB 122 -2.73 -92.03 -48.18
N THR LB 123 -4.02 -91.75 -48.41
CA THR LB 123 -4.46 -91.38 -49.75
C THR LB 123 -4.03 -89.96 -50.10
N ASP LB 124 -4.14 -89.03 -49.16
CA ASP LB 124 -3.80 -87.64 -49.45
C ASP LB 124 -3.26 -86.96 -48.20
N PRO LB 125 -2.09 -86.30 -48.29
CA PRO LB 125 -1.53 -85.66 -47.09
C PRO LB 125 -2.39 -84.53 -46.53
N ARG LB 126 -2.92 -83.67 -47.40
CA ARG LB 126 -3.72 -82.55 -46.91
C ARG LB 126 -5.01 -83.04 -46.25
N ALA LB 127 -5.66 -84.04 -46.84
CA ALA LB 127 -6.89 -84.55 -46.28
C ALA LB 127 -6.63 -85.40 -45.03
N ASP LB 128 -5.46 -86.02 -44.94
CA ASP LB 128 -5.14 -86.94 -43.87
C ASP LB 128 -3.95 -86.47 -43.06
N HIS LB 129 -3.88 -85.15 -42.82
CA HIS LB 129 -2.80 -84.62 -41.99
C HIS LB 129 -2.89 -85.12 -40.55
N GLN LB 130 -4.11 -85.39 -40.05
CA GLN LB 130 -4.23 -85.82 -38.67
C GLN LB 130 -3.58 -87.18 -38.41
N PRO LB 131 -3.84 -88.24 -39.18
CA PRO LB 131 -3.04 -89.46 -38.99
C PRO LB 131 -1.57 -89.26 -39.29
N LEU LB 132 -1.24 -88.37 -40.23
CA LEU LB 132 0.16 -88.07 -40.50
C LEU LB 132 0.85 -87.48 -39.28
N THR LB 133 0.19 -86.52 -38.63
CA THR LB 133 0.76 -85.93 -37.43
C THR LB 133 0.81 -86.93 -36.28
N GLU LB 134 -0.21 -87.77 -36.16
CA GLU LB 134 -0.21 -88.76 -35.09
C GLU LB 134 0.84 -89.84 -35.30
N ALA LB 135 1.24 -90.08 -36.55
CA ALA LB 135 2.28 -91.06 -36.82
C ALA LB 135 3.62 -90.64 -36.24
N SER LB 136 3.83 -89.36 -35.97
CA SER LB 136 5.08 -88.85 -35.45
C SER LB 136 5.20 -89.00 -33.95
N TYR LB 137 4.20 -89.57 -33.28
CA TYR LB 137 4.27 -89.82 -31.85
C TYR LB 137 4.55 -91.27 -31.51
N VAL LB 138 4.51 -92.17 -32.50
CA VAL LB 138 4.51 -93.60 -32.21
C VAL LB 138 5.50 -94.31 -33.14
N ASN LB 139 6.39 -93.54 -33.76
CA ASN LB 139 7.44 -94.07 -34.64
C ASN LB 139 6.85 -94.88 -35.80
N LEU LB 140 6.03 -94.19 -36.60
CA LEU LB 140 5.27 -94.87 -37.65
C LEU LB 140 5.75 -94.44 -39.03
N PRO LB 141 6.36 -95.32 -39.82
CA PRO LB 141 6.71 -94.95 -41.20
C PRO LB 141 5.47 -94.79 -42.06
N THR LB 142 5.59 -93.94 -43.08
CA THR LB 142 4.44 -93.50 -43.85
C THR LB 142 4.70 -93.58 -45.35
N ILE LB 143 3.75 -94.19 -46.05
CA ILE LB 143 3.60 -94.06 -47.50
C ILE LB 143 2.37 -93.20 -47.76
N ALA LB 144 2.50 -92.22 -48.64
CA ALA LB 144 1.35 -91.38 -48.96
C ALA LB 144 1.29 -91.15 -50.46
N LEU LB 145 0.07 -91.04 -50.98
CA LEU LB 145 -0.16 -90.87 -52.42
C LEU LB 145 -0.23 -89.37 -52.67
N CYS LB 146 0.89 -88.78 -53.06
CA CYS LB 146 1.05 -87.33 -53.07
C CYS LB 146 0.91 -86.76 -54.48
N ASN LB 147 0.42 -85.53 -54.56
CA ASN LB 147 0.32 -84.80 -55.80
C ASN LB 147 1.44 -83.76 -55.86
N THR LB 148 1.40 -82.93 -56.90
CA THR LB 148 2.46 -81.94 -57.11
C THR LB 148 2.50 -80.88 -56.03
N ASP LB 149 1.37 -80.61 -55.37
CA ASP LB 149 1.33 -79.60 -54.30
C ASP LB 149 1.11 -80.22 -52.93
N SER LB 150 1.34 -81.52 -52.80
CA SER LB 150 1.13 -82.19 -51.52
C SER LB 150 2.33 -81.96 -50.61
N PRO LB 151 2.12 -81.48 -49.39
CA PRO LB 151 3.23 -81.35 -48.44
C PRO LB 151 3.80 -82.70 -48.05
N LEU LB 152 5.10 -82.72 -47.80
CA LEU LB 152 5.83 -83.95 -47.48
C LEU LB 152 6.43 -83.89 -46.09
N ARG LB 153 5.71 -83.30 -45.14
CA ARG LB 153 6.29 -83.09 -43.81
C ARG LB 153 6.61 -84.40 -43.12
N TYR LB 154 5.64 -85.31 -43.03
CA TYR LB 154 5.82 -86.57 -42.32
C TYR LB 154 5.75 -87.76 -43.26
N VAL LB 155 6.00 -87.54 -44.55
CA VAL LB 155 5.84 -88.56 -45.58
C VAL LB 155 7.20 -89.15 -45.90
N ASP LB 156 7.26 -90.47 -46.02
CA ASP LB 156 8.51 -91.17 -46.26
C ASP LB 156 8.57 -91.84 -47.63
N ILE LB 157 7.47 -92.40 -48.12
CA ILE LB 157 7.49 -93.15 -49.38
C ILE LB 157 6.51 -92.49 -50.35
N ALA LB 158 6.47 -91.16 -50.35
CA ALA LB 158 5.59 -90.38 -51.22
C ALA LB 158 5.57 -90.89 -52.65
N ILE LB 159 4.39 -91.28 -53.12
CA ILE LB 159 4.19 -91.77 -54.48
C ILE LB 159 3.63 -90.62 -55.30
N PRO LB 160 4.33 -90.12 -56.30
CA PRO LB 160 3.92 -88.92 -57.05
C PRO LB 160 3.01 -89.24 -58.22
N CYS LB 161 1.73 -89.49 -57.94
CA CYS LB 161 0.79 -89.83 -59.00
C CYS LB 161 -0.36 -88.85 -59.12
N ASN LB 162 -1.23 -88.74 -58.12
CA ASN LB 162 -2.43 -87.92 -58.15
C ASN LB 162 -3.16 -88.11 -56.83
N ASN LB 163 -4.04 -87.16 -56.52
CA ASN LB 163 -4.98 -87.37 -55.43
C ASN LB 163 -6.34 -86.75 -55.71
N LYS LB 164 -6.57 -86.20 -56.89
CA LYS LB 164 -7.81 -85.50 -57.19
C LYS LB 164 -8.78 -86.32 -58.03
N GLY LB 165 -8.28 -87.11 -58.97
CA GLY LB 165 -9.14 -87.89 -59.85
C GLY LB 165 -9.55 -89.19 -59.20
N ALA LB 166 -10.86 -89.46 -59.22
CA ALA LB 166 -11.37 -90.71 -58.66
C ALA LB 166 -10.83 -91.91 -59.42
N HIS LB 167 -10.81 -91.82 -60.75
CA HIS LB 167 -10.27 -92.91 -61.56
C HIS LB 167 -8.80 -93.12 -61.26
N SER LB 168 -8.04 -92.04 -61.14
CA SER LB 168 -6.62 -92.15 -60.85
C SER LB 168 -6.39 -92.79 -59.48
N VAL LB 169 -7.16 -92.37 -58.47
CA VAL LB 169 -6.98 -92.91 -57.12
C VAL LB 169 -7.32 -94.39 -57.09
N GLY LB 170 -8.43 -94.77 -57.74
CA GLY LB 170 -8.75 -96.18 -57.83
C GLY LB 170 -7.68 -96.97 -58.54
N LEU LB 171 -7.14 -96.43 -59.63
CA LEU LB 171 -6.13 -97.13 -60.40
C LEU LB 171 -4.84 -97.31 -59.59
N MET LB 172 -4.41 -96.26 -58.89
CA MET LB 172 -3.18 -96.36 -58.12
C MET LB 172 -3.33 -97.31 -56.95
N TRP LB 173 -4.49 -97.32 -56.30
CA TRP LB 173 -4.70 -98.27 -55.20
C TRP LB 173 -4.75 -99.70 -55.72
N TRP LB 174 -5.42 -99.91 -56.86
CA TRP LB 174 -5.46 -101.23 -57.47
C TRP LB 174 -4.07 -101.68 -57.90
N MET LB 175 -3.27 -100.75 -58.41
CA MET LB 175 -1.92 -101.06 -58.83
C MET LB 175 -1.05 -101.45 -57.65
N LEU LB 176 -1.17 -100.72 -56.54
CA LEU LB 176 -0.41 -101.05 -55.34
C LEU LB 176 -0.81 -102.41 -54.79
N ALA LB 177 -2.11 -102.70 -54.77
CA ALA LB 177 -2.57 -104.01 -54.31
C ALA LB 177 -2.04 -105.12 -55.21
N ARG LB 178 -2.09 -104.91 -56.53
CA ARG LB 178 -1.56 -105.90 -57.45
C ARG LB 178 -0.07 -106.13 -57.22
N GLU LB 179 0.69 -105.04 -57.03
CA GLU LB 179 2.12 -105.17 -56.85
C GLU LB 179 2.46 -105.91 -55.57
N VAL LB 180 1.78 -105.60 -54.46
CA VAL LB 180 2.10 -106.29 -53.21
C VAL LB 180 1.68 -107.76 -53.29
N LEU LB 181 0.56 -108.05 -53.97
CA LEU LB 181 0.14 -109.43 -54.11
C LEU LB 181 1.09 -110.23 -55.01
N ARG LB 182 1.65 -109.59 -56.03
CA ARG LB 182 2.60 -110.29 -56.89
C ARG LB 182 3.96 -110.45 -56.21
N MET LB 183 4.35 -109.49 -55.37
CA MET LB 183 5.57 -109.66 -54.58
C MET LB 183 5.42 -110.80 -53.59
N ARG LB 184 4.26 -110.90 -52.95
CA ARG LB 184 3.99 -112.08 -52.15
C ARG LB 184 3.63 -113.25 -53.07
N GLY LB 185 3.50 -114.43 -52.46
CA GLY LB 185 3.19 -115.61 -53.25
C GLY LB 185 1.73 -115.79 -53.56
N THR LB 186 1.12 -114.80 -54.22
CA THR LB 186 -0.30 -114.83 -54.52
C THR LB 186 -0.58 -114.87 -56.01
N ILE LB 187 0.03 -113.98 -56.79
CA ILE LB 187 -0.14 -113.92 -58.24
C ILE LB 187 1.18 -114.31 -58.89
N SER LB 188 1.09 -115.09 -59.96
CA SER LB 188 2.26 -115.71 -60.56
C SER LB 188 2.95 -114.83 -61.59
N ARG LB 189 2.70 -113.52 -61.57
CA ARG LB 189 3.39 -112.50 -62.37
C ARG LB 189 3.12 -112.61 -63.87
N GLU LB 190 2.41 -113.64 -64.33
CA GLU LB 190 2.26 -113.90 -65.76
C GLU LB 190 0.94 -113.40 -66.30
N HIS LB 191 -0.15 -113.91 -65.80
CA HIS LB 191 -1.43 -113.50 -66.33
C HIS LB 191 -1.92 -112.23 -65.64
N PRO LB 192 -2.74 -111.43 -66.32
CA PRO LB 192 -3.28 -110.23 -65.68
C PRO LB 192 -4.15 -110.57 -64.47
N TRP LB 193 -4.16 -109.65 -63.51
CA TRP LB 193 -4.95 -109.85 -62.30
C TRP LB 193 -6.44 -109.86 -62.63
N GLU LB 194 -7.18 -110.73 -61.95
CA GLU LB 194 -8.59 -110.92 -62.23
C GLU LB 194 -9.47 -109.82 -61.65
N VAL LB 195 -8.92 -108.92 -60.85
CA VAL LB 195 -9.69 -107.85 -60.24
C VAL LB 195 -9.66 -106.64 -61.17
N MET LB 196 -10.82 -106.24 -61.65
CA MET LB 196 -10.91 -105.08 -62.52
C MET LB 196 -10.62 -103.81 -61.72
N PRO LB 197 -9.85 -102.87 -62.27
CA PRO LB 197 -9.56 -101.62 -61.55
C PRO LB 197 -10.80 -100.78 -61.27
N ASP LB 198 -11.91 -101.03 -61.96
CA ASP LB 198 -13.16 -100.34 -61.66
C ASP LB 198 -13.68 -100.68 -60.27
N LEU LB 199 -13.27 -101.83 -59.71
CA LEU LB 199 -13.72 -102.22 -58.38
C LEU LB 199 -13.22 -101.25 -57.30
N TYR LB 200 -12.15 -100.52 -57.58
CA TYR LB 200 -11.61 -99.56 -56.63
C TYR LB 200 -12.10 -98.14 -56.86
N PHE LB 201 -12.86 -97.90 -57.93
CA PHE LB 201 -13.23 -96.55 -58.30
C PHE LB 201 -14.35 -96.03 -57.41
N TYR LB 202 -14.18 -94.81 -56.90
CA TYR LB 202 -15.25 -94.14 -56.20
C TYR LB 202 -16.31 -93.69 -57.18
N ARG LB 203 -17.57 -93.91 -56.84
CA ARG LB 203 -18.69 -93.57 -57.70
C ARG LB 203 -19.56 -92.54 -57.00
N ASP LB 204 -20.10 -91.60 -57.77
CA ASP LB 204 -20.92 -90.55 -57.19
C ASP LB 204 -22.35 -91.03 -57.04
N PRO LB 205 -23.05 -90.62 -55.97
CA PRO LB 205 -24.39 -91.16 -55.71
C PRO LB 205 -25.38 -90.98 -56.85
N GLU LB 206 -25.21 -89.96 -57.68
CA GLU LB 206 -26.07 -89.84 -58.85
C GLU LB 206 -25.69 -90.81 -59.96
N GLU LB 207 -24.59 -91.55 -59.81
CA GLU LB 207 -24.37 -92.78 -60.58
C GLU LB 207 -24.83 -94.03 -59.85
N ILE LB 208 -24.61 -94.14 -58.53
CA ILE LB 208 -25.09 -95.34 -57.84
C ILE LB 208 -26.61 -95.46 -57.96
N GLU LB 209 -27.33 -94.34 -57.92
CA GLU LB 209 -28.78 -94.37 -57.89
C GLU LB 209 -29.42 -94.50 -59.27
N LYS LB 210 -28.64 -94.54 -60.35
CA LYS LB 210 -29.24 -94.65 -61.67
C LYS LB 210 -28.62 -95.75 -62.53
N GLU LB 211 -27.36 -96.10 -62.27
CA GLU LB 211 -26.69 -97.10 -63.09
C GLU LB 211 -27.29 -98.49 -62.87
N GLU LB 212 -27.67 -98.80 -61.63
CA GLU LB 212 -28.22 -100.12 -61.36
C GLU LB 212 -29.59 -100.30 -62.02
N GLN LB 213 -30.41 -99.24 -62.04
CA GLN LB 213 -31.70 -99.35 -62.69
C GLN LB 213 -31.56 -99.31 -64.20
N ALA LB 214 -30.59 -98.57 -64.73
CA ALA LB 214 -30.31 -98.65 -66.16
C ALA LB 214 -29.88 -100.06 -66.56
N ALA LB 215 -29.04 -100.69 -65.75
CA ALA LB 215 -28.64 -102.07 -66.01
C ALA LB 215 -29.83 -103.02 -65.89
N ALA LB 216 -30.74 -102.75 -64.94
CA ALA LB 216 -31.94 -103.56 -64.82
C ALA LB 216 -32.81 -103.46 -66.06
N GLU LB 217 -32.98 -102.26 -66.61
CA GLU LB 217 -33.74 -102.11 -67.84
C GLU LB 217 -33.06 -102.81 -69.01
N LYS LB 218 -31.72 -102.69 -69.10
CA LYS LB 218 -31.01 -103.36 -70.18
C LYS LB 218 -31.09 -104.87 -70.06
N ALA LB 219 -31.15 -105.39 -68.83
CA ALA LB 219 -31.28 -106.83 -68.65
C ALA LB 219 -32.69 -107.31 -68.98
N VAL LB 220 -33.72 -106.56 -68.54
CA VAL LB 220 -35.09 -106.99 -68.77
C VAL LB 220 -35.50 -106.81 -70.24
N THR LB 221 -34.83 -105.90 -70.95
CA THR LB 221 -35.14 -105.70 -72.36
C THR LB 221 -34.17 -106.47 -73.25
N VAL MB 1 -49.71 -7.35 -52.17
CA VAL MB 1 -50.99 -8.04 -52.07
C VAL MB 1 -51.15 -9.03 -53.22
N VAL MB 2 -51.21 -8.50 -54.44
CA VAL MB 2 -51.35 -9.34 -55.62
C VAL MB 2 -50.07 -10.13 -55.84
N ASP MB 3 -50.21 -11.38 -56.27
CA ASP MB 3 -49.03 -12.21 -56.52
C ASP MB 3 -48.24 -11.64 -57.69
N PRO MB 4 -46.91 -11.63 -57.59
CA PRO MB 4 -46.10 -11.05 -58.67
C PRO MB 4 -46.14 -11.83 -59.98
N PHE MB 5 -46.63 -13.06 -59.97
CA PHE MB 5 -46.68 -13.85 -61.19
C PHE MB 5 -47.78 -13.38 -62.14
N SER MB 6 -48.65 -12.48 -61.71
CA SER MB 6 -49.60 -11.87 -62.63
C SER MB 6 -48.93 -10.91 -63.59
N LYS MB 7 -47.73 -10.44 -63.26
CA LYS MB 7 -46.98 -9.50 -64.09
C LYS MB 7 -45.93 -10.19 -64.95
N LYS MB 8 -45.91 -11.51 -64.98
CA LYS MB 8 -44.93 -12.27 -65.73
C LYS MB 8 -45.50 -12.71 -67.06
N ASP MB 9 -44.65 -12.74 -68.08
CA ASP MB 9 -45.03 -13.29 -69.38
C ASP MB 9 -43.99 -14.31 -69.80
N TRP MB 10 -44.41 -15.26 -70.62
CA TRP MB 10 -43.60 -16.42 -70.94
C TRP MB 10 -42.93 -16.28 -72.30
N TYR MB 11 -41.75 -16.88 -72.41
CA TYR MB 11 -40.96 -16.87 -73.63
C TYR MB 11 -40.51 -18.29 -73.94
N ASP MB 12 -40.33 -18.57 -75.22
CA ASP MB 12 -39.86 -19.88 -75.68
C ASP MB 12 -38.38 -19.81 -75.99
N VAL MB 13 -37.62 -20.76 -75.48
CA VAL MB 13 -36.18 -20.76 -75.62
C VAL MB 13 -35.79 -21.63 -76.80
N LYS MB 14 -34.93 -21.10 -77.68
CA LYS MB 14 -34.61 -21.72 -78.95
C LYS MB 14 -33.12 -22.03 -79.01
N ALA MB 15 -32.81 -23.31 -79.19
CA ALA MB 15 -31.46 -23.80 -79.40
C ALA MB 15 -31.01 -23.53 -80.84
N PRO MB 16 -29.69 -23.46 -81.07
CA PRO MB 16 -29.20 -23.26 -82.44
C PRO MB 16 -29.50 -24.42 -83.37
N ALA MB 17 -29.10 -24.29 -84.64
CA ALA MB 17 -29.40 -25.30 -85.64
C ALA MB 17 -28.55 -26.56 -85.53
N MET MB 18 -27.54 -26.56 -84.64
CA MET MB 18 -26.72 -27.76 -84.47
C MET MB 18 -27.55 -28.91 -83.91
N PHE MB 19 -28.58 -28.61 -83.14
CA PHE MB 19 -29.44 -29.61 -82.55
C PHE MB 19 -30.74 -29.69 -83.33
N ASN MB 20 -31.26 -30.90 -83.52
CA ASN MB 20 -32.49 -31.09 -84.28
C ASN MB 20 -33.76 -30.97 -83.45
N ILE MB 21 -33.65 -30.85 -82.13
CA ILE MB 21 -34.74 -30.35 -81.30
C ILE MB 21 -34.44 -28.90 -80.97
N ARG MB 22 -35.29 -27.99 -81.45
CA ARG MB 22 -35.04 -26.57 -81.30
C ARG MB 22 -35.71 -25.99 -80.06
N ASN MB 23 -36.79 -26.60 -79.58
CA ASN MB 23 -37.52 -26.07 -78.43
C ASN MB 23 -36.86 -26.56 -77.15
N ILE MB 24 -36.01 -25.71 -76.57
CA ILE MB 24 -35.41 -26.03 -75.28
C ILE MB 24 -36.49 -26.11 -74.20
N GLY MB 25 -37.39 -25.14 -74.19
CA GLY MB 25 -38.44 -25.08 -73.18
C GLY MB 25 -39.01 -23.67 -73.10
N LYS MB 26 -39.52 -23.34 -71.92
CA LYS MB 26 -40.12 -22.04 -71.68
C LYS MB 26 -39.50 -21.41 -70.44
N THR MB 27 -39.36 -20.09 -70.49
CA THR MB 27 -38.92 -19.30 -69.36
C THR MB 27 -39.90 -18.17 -69.14
N LEU MB 28 -39.72 -17.44 -68.05
CA LEU MB 28 -40.60 -16.32 -67.72
C LEU MB 28 -39.78 -15.14 -67.25
N VAL MB 29 -40.37 -13.96 -67.32
CA VAL MB 29 -39.73 -12.74 -66.85
C VAL MB 29 -40.83 -11.74 -66.55
N THR MB 30 -40.55 -10.82 -65.63
CA THR MB 30 -41.49 -9.75 -65.34
C THR MB 30 -41.60 -8.82 -66.55
N ARG MB 31 -42.82 -8.39 -66.84
CA ARG MB 31 -43.06 -7.49 -67.96
C ARG MB 31 -42.30 -6.18 -67.77
N THR MB 32 -42.09 -5.47 -68.88
CA THR MB 32 -41.33 -4.22 -68.83
C THR MB 32 -42.09 -3.19 -68.02
N GLN MB 33 -41.40 -2.59 -67.05
CA GLN MB 33 -41.96 -1.56 -66.20
C GLN MB 33 -40.88 -0.53 -65.91
N GLY MB 34 -41.09 0.70 -66.38
CA GLY MB 34 -40.09 1.74 -66.16
C GLY MB 34 -38.84 1.47 -66.97
N THR MB 35 -37.69 1.71 -66.34
CA THR MB 35 -36.41 1.50 -66.99
C THR MB 35 -36.04 0.02 -67.10
N LYS MB 36 -36.61 -0.84 -66.26
CA LYS MB 36 -36.29 -2.25 -66.29
C LYS MB 36 -36.97 -2.90 -67.50
N ILE MB 37 -36.18 -3.64 -68.28
CA ILE MB 37 -36.62 -4.18 -69.56
C ILE MB 37 -36.62 -5.70 -69.49
N ALA MB 38 -37.70 -6.30 -70.00
CA ALA MB 38 -37.79 -7.76 -70.05
C ALA MB 38 -36.71 -8.36 -70.94
N SER MB 39 -36.33 -7.67 -72.01
CA SER MB 39 -35.27 -8.16 -72.87
C SER MB 39 -33.95 -8.26 -72.11
N ASP MB 40 -33.61 -7.24 -71.33
CA ASP MB 40 -32.39 -7.28 -70.54
C ASP MB 40 -32.50 -8.29 -69.41
N GLY MB 41 -33.70 -8.51 -68.88
CA GLY MB 41 -33.88 -9.55 -67.89
C GLY MB 41 -33.66 -10.94 -68.47
N LEU MB 42 -34.10 -11.15 -69.71
CA LEU MB 42 -33.94 -12.45 -70.34
C LEU MB 42 -32.53 -12.71 -70.83
N LYS MB 43 -31.82 -11.67 -71.27
CA LYS MB 43 -30.47 -11.86 -71.77
C LYS MB 43 -29.54 -12.28 -70.65
N GLY MB 44 -28.59 -13.15 -70.98
CA GLY MB 44 -27.62 -13.63 -70.01
C GLY MB 44 -28.08 -14.80 -69.17
N ARG MB 45 -29.04 -15.58 -69.64
CA ARG MB 45 -29.52 -16.75 -68.91
C ARG MB 45 -28.94 -18.02 -69.51
N VAL MB 46 -28.53 -18.93 -68.65
CA VAL MB 46 -27.88 -20.17 -69.05
C VAL MB 46 -28.83 -21.33 -68.79
N PHE MB 47 -29.01 -22.19 -69.78
CA PHE MB 47 -29.96 -23.29 -69.74
C PHE MB 47 -29.21 -24.61 -69.82
N GLU MB 48 -28.84 -25.16 -68.67
CA GLU MB 48 -28.14 -26.44 -68.63
C GLU MB 48 -29.10 -27.53 -69.07
N VAL MB 49 -28.99 -27.94 -70.33
CA VAL MB 49 -29.91 -28.90 -70.93
C VAL MB 49 -29.13 -30.10 -71.40
N SER MB 50 -29.71 -31.29 -71.23
CA SER MB 50 -29.05 -32.52 -71.59
C SER MB 50 -28.90 -32.62 -73.12
N LEU MB 51 -28.11 -33.59 -73.55
CA LEU MB 51 -27.96 -33.82 -74.98
C LEU MB 51 -29.04 -34.72 -75.53
N ALA MB 52 -29.63 -35.58 -74.69
CA ALA MB 52 -30.62 -36.54 -75.18
C ALA MB 52 -31.91 -35.86 -75.59
N ASP MB 53 -32.22 -34.70 -75.00
CA ASP MB 53 -33.39 -33.94 -75.40
C ASP MB 53 -33.06 -32.76 -76.31
N LEU MB 54 -31.82 -32.67 -76.77
CA LEU MB 54 -31.43 -31.74 -77.82
C LEU MB 54 -31.21 -32.44 -79.15
N GLN MB 55 -30.66 -33.64 -79.11
CA GLN MB 55 -30.45 -34.48 -80.28
C GLN MB 55 -31.39 -35.68 -80.18
N ASN MB 56 -31.71 -36.26 -81.34
CA ASN MB 56 -32.78 -37.25 -81.42
C ASN MB 56 -32.46 -38.49 -80.58
N ASP MB 57 -31.25 -39.01 -80.71
CA ASP MB 57 -30.93 -40.28 -80.07
C ASP MB 57 -29.53 -40.30 -79.46
N GLU MB 58 -29.03 -39.16 -79.01
CA GLU MB 58 -27.69 -39.12 -78.45
C GLU MB 58 -27.70 -39.50 -76.98
N VAL MB 59 -26.51 -39.52 -76.38
CA VAL MB 59 -26.38 -39.91 -74.98
C VAL MB 59 -26.97 -38.84 -74.07
N ALA MB 60 -27.17 -39.22 -72.81
CA ALA MB 60 -27.84 -38.35 -71.84
C ALA MB 60 -26.91 -37.78 -70.79
N PHE MB 61 -25.66 -38.23 -70.71
CA PHE MB 61 -24.75 -37.74 -69.69
C PHE MB 61 -23.98 -36.50 -70.13
N ARG MB 62 -24.28 -35.95 -71.30
CA ARG MB 62 -23.67 -34.74 -71.81
C ARG MB 62 -24.65 -33.59 -71.70
N LYS MB 63 -24.20 -32.48 -71.09
CA LYS MB 63 -25.07 -31.32 -70.92
C LYS MB 63 -24.42 -30.09 -71.55
N PHE MB 64 -25.26 -29.22 -72.08
CA PHE MB 64 -24.84 -27.99 -72.74
C PHE MB 64 -25.42 -26.79 -72.02
N LYS MB 65 -24.68 -25.68 -72.06
CA LYS MB 65 -25.06 -24.50 -71.29
C LYS MB 65 -26.06 -23.61 -72.04
N LEU MB 66 -25.73 -23.24 -73.27
CA LEU MB 66 -26.66 -22.56 -74.18
C LEU MB 66 -27.17 -21.25 -73.58
N ILE MB 67 -26.23 -20.29 -73.46
CA ILE MB 67 -26.57 -18.98 -72.94
C ILE MB 67 -27.42 -18.21 -73.96
N THR MB 68 -28.32 -17.37 -73.46
CA THR MB 68 -29.19 -16.56 -74.30
C THR MB 68 -28.52 -15.21 -74.58
N GLU MB 69 -28.37 -14.88 -75.86
CA GLU MB 69 -27.83 -13.58 -76.25
C GLU MB 69 -28.90 -12.58 -76.67
N ASP MB 70 -29.85 -12.99 -77.49
CA ASP MB 70 -30.84 -12.06 -78.01
C ASP MB 70 -32.23 -12.66 -77.95
N VAL MB 71 -33.21 -11.81 -77.69
CA VAL MB 71 -34.62 -12.20 -77.67
C VAL MB 71 -35.37 -11.30 -78.65
N GLN MB 72 -36.23 -11.91 -79.47
CA GLN MB 72 -37.07 -11.18 -80.39
C GLN MB 72 -38.45 -11.80 -80.39
N GLY MB 73 -39.47 -10.97 -80.25
CA GLY MB 73 -40.82 -11.49 -80.08
C GLY MB 73 -40.93 -12.23 -78.77
N LYS MB 74 -41.50 -13.44 -78.82
CA LYS MB 74 -41.65 -14.28 -77.66
C LYS MB 74 -40.61 -15.39 -77.62
N ASN MB 75 -39.51 -15.25 -78.36
CA ASN MB 75 -38.51 -16.29 -78.50
C ASN MB 75 -37.16 -15.77 -78.03
N CYS MB 76 -36.63 -16.37 -76.97
CA CYS MB 76 -35.23 -16.19 -76.62
C CYS MB 76 -34.39 -17.09 -77.50
N LEU MB 77 -33.23 -16.60 -77.91
CA LEU MB 77 -32.35 -17.32 -78.82
C LEU MB 77 -31.02 -17.58 -78.14
N THR MB 78 -30.57 -18.83 -78.16
CA THR MB 78 -29.38 -19.23 -77.41
C THR MB 78 -28.20 -19.48 -78.33
N ASN MB 79 -27.02 -19.56 -77.71
CA ASN MB 79 -25.80 -19.94 -78.40
C ASN MB 79 -24.93 -20.69 -77.41
N PHE MB 80 -23.97 -21.45 -77.94
CA PHE MB 80 -23.15 -22.34 -77.13
C PHE MB 80 -22.33 -21.56 -76.11
N HIS MB 81 -22.21 -22.14 -74.91
CA HIS MB 81 -21.50 -21.50 -73.81
C HIS MB 81 -20.53 -22.47 -73.15
N GLY MB 82 -20.85 -23.76 -73.22
CA GLY MB 82 -19.99 -24.79 -72.66
C GLY MB 82 -20.74 -26.10 -72.60
N MET MB 83 -19.98 -27.15 -72.34
CA MET MB 83 -20.57 -28.46 -72.07
C MET MB 83 -19.86 -29.11 -70.89
N ASP MB 84 -20.57 -30.06 -70.28
CA ASP MB 84 -20.04 -30.77 -69.13
C ASP MB 84 -20.61 -32.17 -69.09
N LEU MB 85 -19.80 -33.12 -68.63
CA LEU MB 85 -20.34 -34.43 -68.31
C LEU MB 85 -21.11 -34.36 -67.00
N THR MB 86 -21.92 -35.39 -66.75
CA THR MB 86 -22.74 -35.39 -65.55
C THR MB 86 -21.95 -35.98 -64.37
N ARG MB 87 -22.44 -35.64 -63.18
CA ARG MB 87 -21.80 -36.07 -61.93
C ARG MB 87 -21.76 -37.58 -61.84
N ASP MB 88 -22.88 -38.26 -62.10
CA ASP MB 88 -22.93 -39.69 -61.96
C ASP MB 88 -22.05 -40.39 -62.99
N LYS MB 89 -22.04 -39.89 -64.23
CA LYS MB 89 -21.19 -40.49 -65.25
C LYS MB 89 -19.72 -40.35 -64.89
N MET MB 90 -19.32 -39.16 -64.45
CA MET MB 90 -17.92 -38.95 -64.06
C MET MB 90 -17.52 -39.83 -62.89
N CYS MB 91 -18.38 -39.91 -61.87
CA CYS MB 91 -18.05 -40.70 -60.69
C CYS MB 91 -18.04 -42.18 -61.00
N SER MB 92 -18.88 -42.64 -61.93
CA SER MB 92 -18.86 -44.03 -62.33
C SER MB 92 -17.61 -44.34 -63.14
N MET MB 93 -17.15 -43.39 -63.94
CA MET MB 93 -15.93 -43.61 -64.71
C MET MB 93 -14.71 -43.71 -63.81
N VAL MB 94 -14.64 -42.89 -62.77
CA VAL MB 94 -13.49 -42.94 -61.86
C VAL MB 94 -13.53 -44.24 -61.06
N LYS MB 95 -12.47 -45.03 -61.15
CA LYS MB 95 -12.39 -46.32 -60.49
C LYS MB 95 -10.96 -46.57 -60.01
N LYS MB 96 -10.81 -47.57 -59.15
CA LYS MB 96 -9.51 -47.91 -58.58
C LYS MB 96 -8.75 -48.86 -59.50
N TRP MB 97 -7.47 -49.06 -59.16
CA TRP MB 97 -6.55 -49.94 -59.88
C TRP MB 97 -6.43 -49.54 -61.35
N GLN MB 98 -6.47 -48.23 -61.61
CA GLN MB 98 -6.28 -47.72 -62.95
C GLN MB 98 -5.82 -46.27 -62.86
N THR MB 99 -5.22 -45.79 -63.93
CA THR MB 99 -4.68 -44.44 -64.01
C THR MB 99 -5.54 -43.62 -64.94
N MET MB 100 -5.91 -42.41 -64.50
CA MET MB 100 -6.60 -41.48 -65.37
C MET MB 100 -5.68 -40.33 -65.73
N ILE MB 101 -5.75 -39.93 -67.00
CA ILE MB 101 -4.97 -38.83 -67.54
C ILE MB 101 -5.91 -37.69 -67.85
N GLU MB 102 -5.59 -36.51 -67.33
CA GLU MB 102 -6.41 -35.31 -67.51
C GLU MB 102 -5.59 -34.27 -68.25
N ALA MB 103 -6.19 -33.65 -69.25
CA ALA MB 103 -5.54 -32.57 -69.98
C ALA MB 103 -6.49 -31.40 -70.15
N HIS MB 104 -5.93 -30.20 -70.17
CA HIS MB 104 -6.70 -29.00 -70.45
C HIS MB 104 -5.93 -28.15 -71.44
N VAL MB 105 -6.68 -27.43 -72.28
CA VAL MB 105 -6.05 -26.60 -73.31
C VAL MB 105 -6.94 -25.39 -73.58
N ASP MB 106 -6.30 -24.22 -73.67
CA ASP MB 106 -6.96 -23.00 -74.10
C ASP MB 106 -6.71 -22.82 -75.59
N VAL MB 107 -7.78 -22.76 -76.38
CA VAL MB 107 -7.65 -22.74 -77.82
C VAL MB 107 -8.68 -21.79 -78.41
N LYS MB 108 -8.26 -21.02 -79.42
CA LYS MB 108 -9.10 -20.02 -80.06
C LYS MB 108 -9.66 -20.58 -81.37
N THR MB 109 -10.96 -20.39 -81.59
CA THR MB 109 -11.58 -20.82 -82.83
C THR MB 109 -11.24 -19.84 -83.95
N THR MB 110 -11.75 -20.11 -85.15
CA THR MB 110 -11.50 -19.22 -86.27
C THR MB 110 -12.28 -17.91 -86.14
N ASP MB 111 -13.46 -17.95 -85.52
CA ASP MB 111 -14.32 -16.78 -85.41
C ASP MB 111 -14.11 -15.99 -84.12
N GLY MB 112 -13.11 -16.36 -83.32
CA GLY MB 112 -12.76 -15.57 -82.16
C GLY MB 112 -13.26 -16.09 -80.83
N TYR MB 113 -13.91 -17.25 -80.80
CA TYR MB 113 -14.33 -17.85 -79.54
C TYR MB 113 -13.16 -18.57 -78.91
N LEU MB 114 -12.85 -18.21 -77.66
CA LEU MB 114 -11.80 -18.88 -76.90
C LEU MB 114 -12.44 -19.93 -76.01
N LEU MB 115 -11.95 -21.16 -76.09
CA LEU MB 115 -12.52 -22.27 -75.35
C LEU MB 115 -11.45 -22.93 -74.50
N ARG MB 116 -11.82 -23.27 -73.27
CA ARG MB 116 -11.00 -24.11 -72.42
C ARG MB 116 -11.59 -25.52 -72.46
N LEU MB 117 -10.83 -26.47 -73.00
CA LEU MB 117 -11.26 -27.85 -73.13
C LEU MB 117 -10.56 -28.70 -72.07
N PHE MB 118 -11.33 -29.56 -71.40
CA PHE MB 118 -10.85 -30.51 -70.42
C PHE MB 118 -11.21 -31.89 -70.89
N CYS MB 119 -10.20 -32.72 -71.13
CA CYS MB 119 -10.35 -34.10 -71.57
C CYS MB 119 -9.84 -35.04 -70.49
N VAL MB 120 -10.50 -36.19 -70.36
CA VAL MB 120 -10.11 -37.23 -69.41
C VAL MB 120 -10.02 -38.56 -70.14
N GLY MB 121 -9.15 -39.43 -69.63
CA GLY MB 121 -9.06 -40.78 -70.14
C GLY MB 121 -8.64 -41.70 -69.01
N PHE MB 122 -8.98 -42.98 -69.17
CA PHE MB 122 -8.70 -43.98 -68.15
C PHE MB 122 -8.03 -45.18 -68.79
N THR MB 123 -6.98 -45.69 -68.17
CA THR MB 123 -6.30 -46.85 -68.70
C THR MB 123 -7.21 -48.08 -68.65
N LYS MB 124 -7.15 -48.89 -69.69
CA LYS MB 124 -8.03 -50.03 -69.86
C LYS MB 124 -7.25 -51.32 -69.63
N LYS MB 125 -7.82 -52.23 -68.85
CA LYS MB 125 -7.19 -53.52 -68.64
C LYS MB 125 -7.58 -54.48 -69.77
N ARG MB 126 -6.64 -55.35 -70.13
CA ARG MB 126 -6.88 -56.31 -71.18
C ARG MB 126 -7.85 -57.40 -70.72
N ASN MB 127 -8.45 -58.08 -71.70
CA ASN MB 127 -9.41 -59.14 -71.37
C ASN MB 127 -8.72 -60.33 -70.73
N ASN MB 128 -7.50 -60.64 -71.16
CA ASN MB 128 -6.73 -61.74 -70.60
C ASN MB 128 -5.82 -61.31 -69.46
N GLN MB 129 -5.89 -60.05 -69.05
CA GLN MB 129 -5.01 -59.54 -68.01
C GLN MB 129 -5.31 -60.22 -66.68
N ILE MB 130 -4.25 -60.61 -65.96
CA ILE MB 130 -4.37 -61.26 -64.67
C ILE MB 130 -4.00 -60.27 -63.57
N ARG MB 131 -3.10 -59.34 -63.89
CA ARG MB 131 -2.69 -58.34 -62.92
C ARG MB 131 -3.86 -57.47 -62.51
N LYS MB 132 -3.97 -57.21 -61.21
CA LYS MB 132 -5.12 -56.47 -60.69
C LYS MB 132 -5.15 -55.04 -61.20
N THR MB 133 -4.01 -54.37 -61.22
CA THR MB 133 -3.93 -52.97 -61.56
C THR MB 133 -3.44 -52.79 -62.99
N SER MB 134 -3.88 -51.69 -63.62
CA SER MB 134 -3.43 -51.30 -64.95
C SER MB 134 -2.94 -49.86 -64.84
N TYR MB 135 -1.69 -49.70 -64.43
CA TYR MB 135 -1.11 -48.39 -64.20
C TYR MB 135 -0.17 -48.05 -65.34
N ALA MB 136 -0.29 -46.82 -65.85
CA ALA MB 136 0.64 -46.33 -66.86
C ALA MB 136 1.79 -45.61 -66.18
N GLN MB 137 2.99 -45.77 -66.73
CA GLN MB 137 4.15 -45.09 -66.18
C GLN MB 137 4.05 -43.60 -66.46
N HIS MB 138 4.91 -42.83 -65.79
CA HIS MB 138 4.83 -41.38 -65.85
C HIS MB 138 5.10 -40.86 -67.25
N GLN MB 139 6.09 -41.43 -67.93
CA GLN MB 139 6.38 -41.00 -69.30
C GLN MB 139 5.24 -41.37 -70.25
N GLN MB 140 4.63 -42.54 -70.04
CA GLN MB 140 3.48 -42.91 -70.85
C GLN MB 140 2.32 -41.94 -70.64
N VAL MB 141 2.07 -41.57 -69.38
CA VAL MB 141 1.01 -40.61 -69.09
C VAL MB 141 1.32 -39.26 -69.72
N ARG MB 142 2.58 -38.83 -69.66
CA ARG MB 142 2.96 -37.55 -70.24
C ARG MB 142 2.79 -37.57 -71.75
N GLN MB 143 3.18 -38.65 -72.40
CA GLN MB 143 3.01 -38.76 -73.85
C GLN MB 143 1.54 -38.76 -74.23
N ILE MB 144 0.72 -39.48 -73.46
CA ILE MB 144 -0.71 -39.50 -73.73
C ILE MB 144 -1.31 -38.11 -73.57
N ARG MB 145 -0.92 -37.41 -72.51
CA ARG MB 145 -1.43 -36.06 -72.28
C ARG MB 145 -1.01 -35.11 -73.40
N LYS MB 146 0.25 -35.18 -73.84
CA LYS MB 146 0.70 -34.34 -74.93
C LYS MB 146 -0.04 -34.66 -76.22
N LYS MB 147 -0.23 -35.95 -76.50
CA LYS MB 147 -0.96 -36.36 -77.70
C LYS MB 147 -2.39 -35.83 -77.68
N MET MB 148 -3.08 -35.99 -76.56
CA MET MB 148 -4.47 -35.59 -76.48
C MET MB 148 -4.66 -34.09 -76.26
N MET MB 149 -3.58 -33.36 -75.98
CA MET MB 149 -3.65 -31.91 -76.11
C MET MB 149 -3.47 -31.48 -77.57
N GLU MB 150 -2.51 -32.07 -78.27
CA GLU MB 150 -2.26 -31.63 -79.63
C GLU MB 150 -3.30 -32.16 -80.62
N ILE MB 151 -4.12 -33.14 -80.24
CA ILE MB 151 -5.27 -33.49 -81.05
C ILE MB 151 -6.57 -33.07 -80.38
N MET MB 152 -6.51 -32.08 -79.50
CA MET MB 152 -7.65 -31.19 -79.27
C MET MB 152 -7.41 -29.80 -79.83
N THR MB 153 -6.16 -29.38 -79.95
CA THR MB 153 -5.88 -28.06 -80.53
C THR MB 153 -6.35 -27.99 -81.98
N ARG MB 154 -5.92 -28.95 -82.81
CA ARG MB 154 -6.10 -28.84 -84.25
C ARG MB 154 -7.54 -29.09 -84.71
N GLU MB 155 -8.40 -29.62 -83.84
CA GLU MB 155 -9.81 -29.74 -84.15
C GLU MB 155 -10.60 -28.51 -83.75
N VAL MB 156 -9.95 -27.51 -83.16
CA VAL MB 156 -10.58 -26.26 -82.79
C VAL MB 156 -9.97 -25.08 -83.54
N GLN MB 157 -8.65 -25.10 -83.75
CA GLN MB 157 -7.96 -23.96 -84.34
C GLN MB 157 -8.43 -23.67 -85.76
N THR MB 158 -8.65 -24.72 -86.56
CA THR MB 158 -8.86 -24.57 -87.99
C THR MB 158 -10.33 -24.65 -88.38
N ASN MB 159 -11.26 -24.39 -87.46
CA ASN MB 159 -12.67 -24.48 -87.78
C ASN MB 159 -13.49 -23.62 -86.84
N ASP MB 160 -14.72 -23.35 -87.26
CA ASP MB 160 -15.63 -22.44 -86.58
C ASP MB 160 -16.31 -23.11 -85.40
N LEU MB 161 -16.91 -22.29 -84.54
CA LEU MB 161 -17.61 -22.80 -83.35
C LEU MB 161 -18.76 -23.72 -83.72
N LYS MB 162 -19.44 -23.47 -84.85
CA LYS MB 162 -20.56 -24.31 -85.24
C LYS MB 162 -20.11 -25.74 -85.50
N GLU MB 163 -19.09 -25.92 -86.32
CA GLU MB 163 -18.60 -27.27 -86.58
C GLU MB 163 -17.65 -27.77 -85.51
N VAL MB 164 -17.35 -26.96 -84.49
CA VAL MB 164 -16.77 -27.50 -83.27
C VAL MB 164 -17.85 -28.15 -82.40
N VAL MB 165 -18.97 -27.45 -82.25
CA VAL MB 165 -20.07 -27.96 -81.42
C VAL MB 165 -20.67 -29.21 -82.06
N ASN MB 166 -20.86 -29.22 -83.37
CA ASN MB 166 -21.52 -30.37 -83.98
C ASN MB 166 -20.65 -31.62 -83.95
N LYS MB 167 -19.33 -31.47 -83.78
CA LYS MB 167 -18.45 -32.61 -83.69
C LYS MB 167 -18.11 -32.99 -82.25
N LEU MB 168 -18.30 -32.09 -81.30
CA LEU MB 168 -18.27 -32.52 -79.90
C LEU MB 168 -19.62 -33.02 -79.43
N ILE MB 169 -20.67 -32.86 -80.23
CA ILE MB 169 -21.94 -33.53 -79.92
C ILE MB 169 -21.80 -35.05 -79.85
N PRO MB 170 -21.17 -35.73 -80.81
CA PRO MB 170 -20.88 -37.15 -80.61
C PRO MB 170 -19.54 -37.43 -79.95
N ASP MB 171 -18.82 -36.37 -79.54
CA ASP MB 171 -17.50 -36.49 -78.92
C ASP MB 171 -16.54 -37.29 -79.80
N SER MB 172 -16.50 -36.92 -81.09
CA SER MB 172 -15.55 -37.54 -82.00
C SER MB 172 -14.11 -37.22 -81.62
N ILE MB 173 -13.89 -36.08 -80.95
CA ILE MB 173 -12.56 -35.73 -80.49
C ILE MB 173 -12.04 -36.77 -79.51
N GLY MB 174 -12.87 -37.15 -78.54
CA GLY MB 174 -12.48 -38.18 -77.60
C GLY MB 174 -12.26 -39.53 -78.27
N LYS MB 175 -13.08 -39.84 -79.28
CA LYS MB 175 -12.91 -41.11 -79.98
C LYS MB 175 -11.58 -41.16 -80.73
N ASP MB 176 -11.20 -40.08 -81.40
CA ASP MB 176 -9.91 -40.11 -82.09
C ASP MB 176 -8.76 -40.03 -81.10
N ILE MB 177 -8.95 -39.39 -79.94
CA ILE MB 177 -7.93 -39.41 -78.90
C ILE MB 177 -7.69 -40.84 -78.43
N GLU MB 178 -8.77 -41.57 -78.16
CA GLU MB 178 -8.65 -42.96 -77.73
C GLU MB 178 -8.00 -43.81 -78.83
N LYS MB 179 -8.38 -43.57 -80.08
CA LYS MB 179 -7.77 -44.31 -81.18
C LYS MB 179 -6.27 -44.03 -81.27
N ALA MB 180 -5.87 -42.78 -81.10
CA ALA MB 180 -4.47 -42.43 -81.24
C ALA MB 180 -3.62 -42.94 -80.08
N CYS MB 181 -4.20 -43.01 -78.88
CA CYS MB 181 -3.40 -43.35 -77.70
C CYS MB 181 -3.24 -44.86 -77.49
N GLN MB 182 -3.79 -45.71 -78.36
CA GLN MB 182 -3.67 -47.15 -78.18
C GLN MB 182 -2.23 -47.64 -78.29
N SER MB 183 -1.38 -46.90 -79.00
CA SER MB 183 0.01 -47.33 -79.18
C SER MB 183 0.88 -47.04 -77.97
N ILE MB 184 0.37 -46.32 -76.97
CA ILE MB 184 1.12 -46.04 -75.75
C ILE MB 184 0.58 -46.92 -74.64
N TYR MB 185 -0.70 -46.75 -74.31
CA TYR MB 185 -1.39 -47.54 -73.32
C TYR MB 185 -2.85 -47.49 -73.74
N PRO MB 186 -3.55 -48.62 -73.72
CA PRO MB 186 -4.97 -48.59 -74.08
C PRO MB 186 -5.79 -47.75 -73.11
N LEU MB 187 -6.75 -47.01 -73.65
CA LEU MB 187 -7.71 -46.25 -72.88
C LEU MB 187 -9.12 -46.62 -73.32
N HIS MB 188 -10.07 -46.54 -72.39
CA HIS MB 188 -11.45 -46.89 -72.73
C HIS MB 188 -12.44 -45.75 -72.55
N ASP MB 189 -12.45 -45.08 -71.39
CA ASP MB 189 -13.43 -44.04 -71.12
C ASP MB 189 -12.82 -42.68 -71.41
N VAL MB 190 -12.74 -42.34 -72.69
CA VAL MB 190 -12.13 -41.11 -73.14
C VAL MB 190 -13.24 -40.17 -73.61
N PHE MB 191 -13.34 -39.01 -72.97
CA PHE MB 191 -14.32 -38.00 -73.33
C PHE MB 191 -13.69 -36.64 -73.19
N VAL MB 192 -14.26 -35.66 -73.90
CA VAL MB 192 -14.01 -34.26 -73.58
C VAL MB 192 -14.90 -33.95 -72.39
N ARG MB 193 -14.32 -33.99 -71.19
CA ARG MB 193 -15.10 -33.92 -69.96
C ARG MB 193 -15.84 -32.60 -69.84
N LYS MB 194 -15.20 -31.52 -70.29
CA LYS MB 194 -15.78 -30.19 -70.11
C LYS MB 194 -15.24 -29.28 -71.19
N VAL MB 195 -16.01 -28.25 -71.52
CA VAL MB 195 -15.48 -27.09 -72.23
C VAL MB 195 -16.24 -25.87 -71.74
N LYS MB 196 -15.49 -24.79 -71.54
CA LYS MB 196 -16.07 -23.53 -71.07
C LYS MB 196 -15.66 -22.41 -72.00
N MET MB 197 -16.59 -21.47 -72.22
CA MET MB 197 -16.30 -20.28 -72.99
C MET MB 197 -15.49 -19.31 -72.14
N LEU MB 198 -14.38 -18.81 -72.66
CA LEU MB 198 -13.57 -17.83 -71.96
C LEU MB 198 -13.81 -16.42 -72.46
N LYS MB 199 -13.80 -16.22 -73.78
CA LYS MB 199 -14.11 -14.92 -74.37
C LYS MB 199 -15.02 -15.11 -75.57
N LYS MB 200 -15.80 -14.08 -75.86
CA LYS MB 200 -16.72 -14.07 -76.99
C LYS MB 200 -16.47 -12.86 -77.86
N PRO MB 201 -16.57 -13.00 -79.18
CA PRO MB 201 -16.28 -11.89 -80.11
C PRO MB 201 -17.46 -10.98 -80.50
N LYS MB 202 -17.78 -10.05 -79.59
CA LYS MB 202 -18.51 -8.83 -79.91
C LYS MB 202 -19.99 -9.05 -80.22
N PHE MB 203 -20.42 -10.31 -80.33
CA PHE MB 203 -21.83 -10.66 -80.51
C PHE MB 203 -22.39 -10.03 -81.80
N GLU MB 204 -21.97 -10.62 -82.92
CA GLU MB 204 -22.55 -10.26 -84.20
C GLU MB 204 -23.92 -10.91 -84.36
N LEU MB 205 -24.95 -10.08 -84.48
CA LEU MB 205 -26.31 -10.59 -84.62
C LEU MB 205 -26.49 -11.39 -85.91
N GLY MB 206 -25.77 -11.03 -86.97
CA GLY MB 206 -25.83 -11.83 -88.18
C GLY MB 206 -25.31 -13.24 -87.96
N LYS MB 207 -24.20 -13.37 -87.23
CA LYS MB 207 -23.68 -14.69 -86.89
C LYS MB 207 -24.67 -15.46 -86.02
N LEU MB 208 -25.29 -14.78 -85.05
CA LEU MB 208 -26.28 -15.47 -84.22
C LEU MB 208 -27.45 -15.97 -85.06
N MET MB 209 -27.93 -15.13 -85.98
CA MET MB 209 -29.08 -15.52 -86.79
C MET MB 209 -28.74 -16.62 -87.78
N GLU MB 210 -27.52 -16.64 -88.32
CA GLU MB 210 -27.16 -17.75 -89.19
C GLU MB 210 -26.89 -19.03 -88.40
N LEU MB 211 -26.49 -18.93 -87.14
CA LEU MB 211 -26.43 -20.12 -86.29
C LEU MB 211 -27.82 -20.69 -86.04
N HIS MB 212 -28.81 -19.82 -85.81
CA HIS MB 212 -30.17 -20.32 -85.59
C HIS MB 212 -30.81 -20.82 -86.88
N GLY MB 213 -31.01 -19.92 -87.85
CA GLY MB 213 -31.67 -20.30 -89.08
C GLY MB 213 -30.70 -20.84 -90.11
N GLU MB 214 -30.66 -20.21 -91.28
CA GLU MB 214 -29.80 -20.67 -92.37
C GLU MB 214 -28.76 -19.61 -92.72
N GLU NB 1 -1.83 -108.69 -11.29
CA GLU NB 1 -3.12 -108.05 -11.53
C GLU NB 1 -3.02 -107.00 -12.63
N TRP NB 2 -1.87 -106.97 -13.30
CA TRP NB 2 -1.62 -106.00 -14.36
C TRP NB 2 -2.01 -106.60 -15.70
N MET NB 3 -2.96 -105.97 -16.38
CA MET NB 3 -3.41 -106.40 -17.71
C MET NB 3 -3.05 -105.32 -18.71
N PRO NB 4 -2.02 -105.53 -19.52
CA PRO NB 4 -1.56 -104.45 -20.41
C PRO NB 4 -2.36 -104.38 -21.70
N VAL NB 5 -2.60 -103.15 -22.15
CA VAL NB 5 -3.09 -102.96 -23.51
C VAL NB 5 -2.05 -102.15 -24.29
N THR NB 6 -1.08 -102.87 -24.86
CA THR NB 6 0.01 -102.33 -25.67
C THR NB 6 0.80 -103.52 -26.20
N LYS NB 7 1.27 -103.46 -27.44
CA LYS NB 7 2.19 -104.51 -27.91
C LYS NB 7 3.46 -104.52 -27.07
N LEU NB 8 4.03 -103.35 -26.81
CA LEU NB 8 5.23 -103.27 -25.99
C LEU NB 8 4.99 -103.76 -24.58
N GLY NB 9 3.85 -103.37 -24.00
CA GLY NB 9 3.53 -103.83 -22.65
C GLY NB 9 3.35 -105.33 -22.59
N ARG NB 10 2.67 -105.91 -23.59
CA ARG NB 10 2.50 -107.35 -23.63
C ARG NB 10 3.84 -108.06 -23.76
N LEU NB 11 4.73 -107.56 -24.62
CA LEU NB 11 6.04 -108.18 -24.79
C LEU NB 11 6.86 -108.08 -23.51
N VAL NB 12 6.77 -106.95 -22.81
CA VAL NB 12 7.48 -106.81 -21.53
C VAL NB 12 6.92 -107.80 -20.52
N LYS NB 13 5.59 -107.92 -20.46
CA LYS NB 13 4.97 -108.78 -19.47
C LYS NB 13 5.32 -110.25 -19.67
N ASP NB 14 5.29 -110.73 -20.92
CA ASP NB 14 5.45 -112.16 -21.17
C ASP NB 14 6.90 -112.54 -21.46
N MET NB 15 7.87 -111.84 -20.87
CA MET NB 15 9.28 -112.21 -20.90
C MET NB 15 9.83 -112.27 -22.32
N LYS NB 16 9.44 -111.32 -23.15
CA LYS NB 16 9.97 -111.23 -24.51
C LYS NB 16 11.07 -110.19 -24.66
N ILE NB 17 11.02 -109.12 -23.87
CA ILE NB 17 12.04 -108.08 -23.87
C ILE NB 17 12.79 -108.16 -22.55
N LYS NB 18 14.12 -108.27 -22.64
CA LYS NB 18 14.92 -108.51 -21.45
C LYS NB 18 15.46 -107.23 -20.81
N SER NB 19 15.62 -106.16 -21.57
CA SER NB 19 16.23 -104.95 -21.05
C SER NB 19 15.46 -103.72 -21.51
N LEU NB 20 15.45 -102.70 -20.65
CA LEU NB 20 14.90 -101.40 -21.03
C LEU NB 20 15.69 -100.76 -22.15
N GLU NB 21 16.97 -101.13 -22.30
CA GLU NB 21 17.79 -100.60 -23.37
C GLU NB 21 17.31 -101.08 -24.73
N GLU NB 22 16.63 -102.23 -24.78
CA GLU NB 22 16.06 -102.68 -26.06
C GLU NB 22 14.97 -101.73 -26.51
N ILE NB 23 14.15 -101.24 -25.59
CA ILE NB 23 13.15 -100.22 -25.93
C ILE NB 23 13.82 -98.90 -26.24
N TYR NB 24 14.85 -98.55 -25.47
CA TYR NB 24 15.54 -97.28 -25.67
C TYR NB 24 16.23 -97.23 -27.03
N LEU NB 25 16.66 -98.38 -27.54
CA LEU NB 25 17.32 -98.43 -28.83
C LEU NB 25 16.40 -97.99 -29.95
N PHE NB 26 15.15 -98.45 -29.92
CA PHE NB 26 14.18 -98.14 -30.96
C PHE NB 26 13.26 -96.98 -30.60
N SER NB 27 13.49 -96.34 -29.45
CA SER NB 27 12.79 -95.13 -29.06
C SER NB 27 11.28 -95.33 -28.96
N LEU NB 28 10.87 -96.55 -28.63
CA LEU NB 28 9.45 -96.83 -28.48
C LEU NB 28 8.91 -96.11 -27.25
N PRO NB 29 7.80 -95.40 -27.36
CA PRO NB 29 7.29 -94.66 -26.20
C PRO NB 29 6.73 -95.60 -25.16
N ILE NB 30 7.05 -95.30 -23.90
CA ILE NB 30 6.52 -96.04 -22.76
C ILE NB 30 5.20 -95.39 -22.37
N LYS NB 31 4.10 -96.09 -22.59
CA LYS NB 31 2.77 -95.52 -22.36
C LYS NB 31 2.09 -96.10 -21.13
N GLU NB 32 2.78 -96.91 -20.34
CA GLU NB 32 2.20 -97.43 -19.12
C GLU NB 32 3.31 -97.74 -18.12
N SER NB 33 3.09 -97.32 -16.86
CA SER NB 33 4.16 -97.34 -15.87
C SER NB 33 4.49 -98.73 -15.38
N GLU NB 34 3.63 -99.71 -15.60
CA GLU NB 34 3.91 -101.07 -15.19
C GLU NB 34 4.90 -101.77 -16.10
N ILE NB 35 5.41 -101.09 -17.13
CA ILE NB 35 6.44 -101.67 -17.96
C ILE NB 35 7.78 -101.64 -17.23
N ILE NB 36 8.13 -100.50 -16.63
CA ILE NB 36 9.50 -100.31 -16.19
C ILE NB 36 9.77 -100.83 -14.78
N ASP NB 37 8.75 -100.98 -13.95
CA ASP NB 37 8.99 -101.59 -12.64
C ASP NB 37 9.34 -103.06 -12.81
N PHE NB 38 8.82 -103.69 -13.86
CA PHE NB 38 9.18 -105.06 -14.20
C PHE NB 38 10.68 -105.17 -14.47
N PHE NB 39 11.31 -104.10 -14.94
CA PHE NB 39 12.75 -104.10 -15.19
C PHE NB 39 13.53 -103.62 -13.96
N LEU NB 40 13.25 -102.40 -13.51
CA LEU NB 40 13.91 -101.81 -12.36
C LEU NB 40 13.10 -102.04 -11.08
N GLY NB 41 12.74 -103.29 -10.82
CA GLY NB 41 12.05 -103.62 -9.57
C GLY NB 41 12.93 -103.37 -8.37
N ALA NB 42 12.36 -102.70 -7.36
CA ALA NB 42 12.95 -102.48 -6.04
C ALA NB 42 14.22 -101.64 -6.08
N SER NB 43 14.63 -101.14 -7.24
CA SER NB 43 15.79 -100.27 -7.34
C SER NB 43 15.44 -98.83 -7.66
N LEU NB 44 14.21 -98.56 -8.09
CA LEU NB 44 13.78 -97.21 -8.42
C LEU NB 44 13.57 -96.43 -7.13
N LYS NB 45 14.60 -95.71 -6.72
CA LYS NB 45 14.44 -94.79 -5.61
C LYS NB 45 13.61 -93.59 -6.04
N ASP NB 46 12.90 -93.02 -5.08
CA ASP NB 46 11.91 -91.98 -5.33
C ASP NB 46 12.15 -90.81 -4.39
N GLU NB 47 11.82 -89.61 -4.86
CA GLU NB 47 11.90 -88.43 -4.00
C GLU NB 47 10.95 -87.38 -4.52
N VAL NB 48 10.39 -86.61 -3.60
CA VAL NB 48 9.49 -85.51 -3.91
C VAL NB 48 10.27 -84.21 -3.77
N LEU NB 49 10.33 -83.43 -4.84
CA LEU NB 49 11.11 -82.21 -4.83
C LEU NB 49 10.35 -81.04 -4.21
N LYS NB 50 9.09 -80.86 -4.59
CA LYS NB 50 8.33 -79.71 -4.14
C LYS NB 50 6.84 -79.98 -4.32
N ILE NB 51 6.04 -79.41 -3.43
CA ILE NB 51 4.59 -79.34 -3.58
C ILE NB 51 4.22 -77.88 -3.68
N MET NB 52 3.68 -77.46 -4.81
CA MET NB 52 3.33 -76.07 -5.00
C MET NB 52 1.83 -75.92 -5.20
N PRO NB 53 1.19 -75.02 -4.48
CA PRO NB 53 -0.26 -74.77 -4.60
C PRO NB 53 -0.67 -73.72 -5.64
N VAL NB 54 -0.79 -74.16 -6.89
CA VAL NB 54 -1.32 -73.28 -7.93
C VAL NB 54 -2.80 -73.01 -7.65
N GLN NB 55 -3.29 -71.88 -8.14
CA GLN NB 55 -4.66 -71.46 -7.88
C GLN NB 55 -5.29 -70.91 -9.15
N LYS NB 56 -6.61 -71.03 -9.23
CA LYS NB 56 -7.39 -70.51 -10.34
C LYS NB 56 -8.55 -69.71 -9.78
N GLN NB 57 -8.59 -68.42 -10.11
CA GLN NB 57 -9.64 -67.56 -9.60
C GLN NB 57 -10.97 -67.88 -10.26
N THR NB 58 -12.03 -67.95 -9.45
CA THR NB 58 -13.36 -68.23 -9.96
C THR NB 58 -14.38 -67.25 -9.41
N ARG NB 59 -15.67 -67.48 -9.70
CA ARG NB 59 -16.73 -66.65 -9.16
C ARG NB 59 -16.76 -66.69 -7.64
N ALA NB 60 -16.71 -67.88 -7.07
CA ALA NB 60 -16.78 -68.06 -5.62
C ALA NB 60 -15.36 -68.28 -5.07
N GLY NB 61 -14.58 -67.20 -5.10
CA GLY NB 61 -13.22 -67.28 -4.64
C GLY NB 61 -12.35 -68.06 -5.62
N GLN NB 62 -11.15 -68.38 -5.17
CA GLN NB 62 -10.20 -69.14 -5.97
C GLN NB 62 -10.06 -70.55 -5.42
N ARG NB 63 -10.03 -71.52 -6.32
CA ARG NB 63 -9.79 -72.89 -5.93
C ARG NB 63 -8.31 -73.22 -6.03
N THR NB 64 -7.86 -74.15 -5.20
CA THR NB 64 -6.46 -74.49 -5.08
C THR NB 64 -6.25 -75.93 -5.52
N ARG NB 65 -5.35 -76.12 -6.48
CA ARG NB 65 -4.86 -77.45 -6.82
C ARG NB 65 -3.38 -77.52 -6.49
N PHE NB 66 -2.93 -78.72 -6.15
CA PHE NB 66 -1.55 -78.94 -5.72
C PHE NB 66 -0.78 -79.63 -6.82
N LYS NB 67 0.39 -79.09 -7.13
CA LYS NB 67 1.27 -79.62 -8.16
C LYS NB 67 2.46 -80.29 -7.48
N ALA NB 68 2.75 -81.51 -7.89
CA ALA NB 68 3.81 -82.32 -7.31
C ALA NB 68 4.89 -82.57 -8.35
N PHE NB 69 6.14 -82.33 -7.95
CA PHE NB 69 7.32 -82.67 -8.74
C PHE NB 69 7.97 -83.88 -8.07
N VAL NB 70 8.15 -84.95 -8.83
CA VAL NB 70 8.69 -86.19 -8.28
C VAL NB 70 9.81 -86.66 -9.18
N ALA NB 71 10.99 -86.87 -8.60
CA ALA NB 71 12.14 -87.39 -9.31
C ALA NB 71 12.42 -88.81 -8.84
N ILE NB 72 12.53 -89.73 -9.78
CA ILE NB 72 12.82 -91.12 -9.46
C ILE NB 72 14.01 -91.58 -10.32
N GLY NB 73 14.55 -92.73 -9.94
CA GLY NB 73 15.60 -93.34 -10.72
C GLY NB 73 16.57 -94.15 -9.90
N ASP NB 74 16.93 -95.33 -10.39
CA ASP NB 74 17.99 -96.10 -9.74
C ASP NB 74 19.31 -95.37 -9.91
N TYR NB 75 20.21 -95.59 -8.95
CA TYR NB 75 21.48 -94.89 -8.97
C TYR NB 75 22.47 -95.61 -9.88
N ASN NB 76 22.06 -95.86 -11.13
CA ASN NB 76 22.89 -96.61 -12.05
C ASN NB 76 22.78 -96.13 -13.49
N GLY NB 77 22.07 -95.04 -13.77
CA GLY NB 77 22.06 -94.51 -15.12
C GLY NB 77 20.68 -94.32 -15.71
N HIS NB 78 19.65 -94.38 -14.88
CA HIS NB 78 18.29 -94.10 -15.29
C HIS NB 78 17.69 -93.09 -14.34
N VAL NB 79 16.99 -92.10 -14.88
CA VAL NB 79 16.41 -91.04 -14.08
C VAL NB 79 15.17 -90.53 -14.79
N GLY NB 80 14.22 -90.01 -14.02
CA GLY NB 80 13.01 -89.46 -14.59
C GLY NB 80 12.40 -88.43 -13.67
N LEU NB 81 11.76 -87.44 -14.27
CA LEU NB 81 11.11 -86.36 -13.53
C LEU NB 81 9.67 -86.25 -14.01
N GLY NB 82 8.75 -86.22 -13.07
CA GLY NB 82 7.34 -86.13 -13.40
C GLY NB 82 6.66 -85.01 -12.62
N VAL NB 83 5.78 -84.30 -13.31
CA VAL NB 83 5.04 -83.19 -12.73
C VAL NB 83 3.56 -83.48 -12.90
N LYS NB 84 2.82 -83.46 -11.81
CA LYS NB 84 1.38 -83.74 -11.88
C LYS NB 84 0.62 -82.80 -10.96
N CYS NB 85 -0.42 -82.17 -11.49
CA CYS NB 85 -1.27 -81.27 -10.73
C CYS NB 85 -2.62 -81.95 -10.48
N SER NB 86 -3.03 -81.99 -9.21
CA SER NB 86 -4.29 -82.64 -8.84
C SER NB 86 -4.87 -81.94 -7.63
N LYS NB 87 -6.15 -82.18 -7.39
CA LYS NB 87 -6.84 -81.51 -6.28
C LYS NB 87 -6.28 -81.95 -4.93
N GLU NB 88 -6.00 -83.23 -4.76
CA GLU NB 88 -5.47 -83.76 -3.51
C GLU NB 88 -3.97 -83.99 -3.63
N VAL NB 89 -3.27 -83.76 -2.52
CA VAL NB 89 -1.81 -83.86 -2.53
C VAL NB 89 -1.35 -85.29 -2.76
N ALA NB 90 -2.01 -86.26 -2.12
CA ALA NB 90 -1.62 -87.65 -2.31
C ALA NB 90 -1.88 -88.11 -3.74
N THR NB 91 -3.01 -87.70 -4.32
CA THR NB 91 -3.29 -88.03 -5.71
C THR NB 91 -2.27 -87.39 -6.64
N ALA NB 92 -1.88 -86.14 -6.37
CA ALA NB 92 -0.86 -85.49 -7.16
C ALA NB 92 0.48 -86.22 -7.04
N ILE NB 93 0.80 -86.70 -5.84
CA ILE NB 93 2.05 -87.43 -5.64
C ILE NB 93 2.05 -88.71 -6.46
N ARG NB 94 0.96 -89.46 -6.40
CA ARG NB 94 0.89 -90.72 -7.16
C ARG NB 94 0.95 -90.46 -8.66
N GLY NB 95 0.24 -89.43 -9.14
CA GLY NB 95 0.29 -89.11 -10.55
C GLY NB 95 1.67 -88.67 -11.00
N ALA NB 96 2.37 -87.91 -10.16
CA ALA NB 96 3.72 -87.48 -10.50
C ALA NB 96 4.68 -88.66 -10.50
N ILE NB 97 4.47 -89.63 -9.61
CA ILE NB 97 5.28 -90.84 -9.63
C ILE NB 97 5.06 -91.60 -10.93
N ILE NB 98 3.80 -91.72 -11.37
CA ILE NB 98 3.50 -92.42 -12.61
C ILE NB 98 4.14 -91.69 -13.80
N LEU NB 99 4.05 -90.36 -13.82
CA LEU NB 99 4.61 -89.61 -14.95
C LEU NB 99 6.12 -89.67 -14.96
N ALA NB 100 6.75 -89.62 -13.78
CA ALA NB 100 8.19 -89.77 -13.70
C ALA NB 100 8.63 -91.15 -14.17
N LYS NB 101 7.84 -92.17 -13.84
CA LYS NB 101 8.10 -93.51 -14.36
C LYS NB 101 8.00 -93.53 -15.88
N LEU NB 102 6.98 -92.88 -16.44
CA LEU NB 102 6.84 -92.85 -17.88
C LEU NB 102 8.02 -92.16 -18.55
N SER NB 103 8.47 -91.06 -17.98
CA SER NB 103 9.54 -90.26 -18.58
C SER NB 103 10.90 -90.62 -17.99
N ILE NB 104 11.28 -91.89 -18.09
CA ILE NB 104 12.60 -92.36 -17.66
C ILE NB 104 13.52 -92.39 -18.87
N VAL NB 105 14.65 -91.70 -18.77
CA VAL NB 105 15.64 -91.67 -19.85
C VAL NB 105 16.93 -92.30 -19.34
N PRO NB 106 17.72 -92.92 -20.20
CA PRO NB 106 19.04 -93.39 -19.77
C PRO NB 106 20.03 -92.24 -19.68
N VAL NB 107 21.06 -92.45 -18.87
CA VAL NB 107 22.09 -91.44 -18.64
C VAL NB 107 23.42 -92.00 -19.12
N ARG NB 108 24.13 -91.23 -19.92
CA ARG NB 108 25.45 -91.60 -20.41
C ARG NB 108 26.50 -91.07 -19.46
N ARG NB 109 27.30 -91.96 -18.89
CA ARG NB 109 28.39 -91.58 -18.02
C ARG NB 109 29.71 -91.69 -18.76
N GLY NB 110 30.59 -90.72 -18.54
CA GLY NB 110 31.88 -90.71 -19.19
C GLY NB 110 33.02 -90.54 -18.20
N TYR NB 111 34.18 -90.13 -18.70
CA TYR NB 111 35.36 -89.95 -17.88
C TYR NB 111 35.89 -88.53 -18.05
N TRP NB 112 36.31 -87.93 -16.94
CA TRP NB 112 36.96 -86.62 -17.02
C TRP NB 112 38.29 -86.70 -17.74
N GLY NB 113 39.03 -87.79 -17.52
CA GLY NB 113 40.28 -88.02 -18.19
C GLY NB 113 40.91 -89.30 -17.67
N ASN NB 114 41.70 -89.98 -18.51
CA ASN NB 114 42.38 -91.22 -18.14
C ASN NB 114 41.37 -92.27 -17.70
N LYS NB 115 40.59 -92.72 -18.68
CA LYS NB 115 39.56 -93.74 -18.47
C LYS NB 115 40.15 -94.98 -17.83
N ILE NB 116 39.72 -95.27 -16.59
CA ILE NB 116 40.31 -96.36 -15.82
C ILE NB 116 39.28 -97.44 -15.54
N GLY NB 117 38.22 -97.09 -14.82
CA GLY NB 117 37.24 -98.08 -14.42
C GLY NB 117 35.84 -97.76 -14.91
N LYS NB 118 34.88 -97.78 -13.99
CA LYS NB 118 33.52 -97.41 -14.36
C LYS NB 118 33.45 -95.90 -14.60
N PRO NB 119 32.70 -95.45 -15.61
CA PRO NB 119 32.56 -94.01 -15.83
C PRO NB 119 31.84 -93.35 -14.68
N HIS NB 120 32.21 -92.10 -14.41
CA HIS NB 120 31.75 -91.39 -13.22
C HIS NB 120 31.12 -90.04 -13.51
N THR NB 121 31.34 -89.45 -14.67
CA THR NB 121 30.91 -88.09 -14.94
C THR NB 121 30.24 -88.04 -16.31
N VAL NB 122 29.74 -86.87 -16.67
CA VAL NB 122 29.13 -86.68 -17.99
C VAL NB 122 30.21 -86.76 -19.06
N PRO NB 123 29.94 -87.30 -20.24
CA PRO NB 123 30.98 -87.41 -21.27
C PRO NB 123 31.44 -86.07 -21.82
N CYS NB 124 30.61 -85.03 -21.73
CA CYS NB 124 30.97 -83.71 -22.21
C CYS NB 124 30.06 -82.71 -21.52
N LYS NB 125 30.39 -81.43 -21.65
CA LYS NB 125 29.54 -80.40 -21.07
C LYS NB 125 28.24 -80.31 -21.86
N VAL NB 126 27.13 -80.43 -21.16
CA VAL NB 126 25.81 -80.48 -21.79
C VAL NB 126 24.93 -79.41 -21.18
N THR NB 127 24.09 -78.78 -22.00
CA THR NB 127 23.26 -77.66 -21.58
C THR NB 127 21.79 -78.04 -21.71
N GLY NB 128 21.05 -77.91 -20.61
CA GLY NB 128 19.62 -78.08 -20.60
C GLY NB 128 18.94 -76.73 -20.47
N ARG NB 129 17.78 -76.60 -21.11
CA ARG NB 129 17.08 -75.34 -21.19
C ARG NB 129 15.61 -75.56 -20.88
N CYS NB 130 15.04 -74.71 -20.03
CA CYS NB 130 13.60 -74.74 -19.75
C CYS NB 130 13.19 -73.39 -19.20
N GLY NB 131 12.31 -72.70 -19.92
CA GLY NB 131 11.99 -71.34 -19.54
C GLY NB 131 13.22 -70.47 -19.66
N SER NB 132 13.51 -69.71 -18.61
CA SER NB 132 14.71 -68.90 -18.57
C SER NB 132 15.86 -69.59 -17.85
N VAL NB 133 15.68 -70.83 -17.42
CA VAL NB 133 16.71 -71.53 -16.66
C VAL NB 133 17.61 -72.27 -17.65
N LEU NB 134 18.90 -71.98 -17.60
CA LEU NB 134 19.91 -72.67 -18.36
C LEU NB 134 20.83 -73.39 -17.38
N VAL NB 135 20.99 -74.70 -17.57
CA VAL NB 135 21.82 -75.50 -16.68
C VAL NB 135 22.90 -76.17 -17.51
N ARG NB 136 24.15 -75.97 -17.12
CA ARG NB 136 25.29 -76.56 -17.80
C ARG NB 136 25.97 -77.55 -16.87
N LEU NB 137 26.13 -78.79 -17.35
CA LEU NB 137 26.83 -79.83 -16.62
C LEU NB 137 28.20 -80.01 -17.26
N ILE NB 138 29.24 -79.87 -16.45
CA ILE NB 138 30.62 -79.95 -16.90
C ILE NB 138 31.24 -81.20 -16.27
N PRO NB 139 32.01 -81.98 -17.03
CA PRO NB 139 32.69 -83.14 -16.44
C PRO NB 139 33.65 -82.73 -15.34
N ALA NB 140 33.75 -83.60 -14.34
CA ALA NB 140 34.60 -83.36 -13.18
C ALA NB 140 35.43 -84.60 -12.89
N PRO NB 141 36.62 -84.43 -12.30
CA PRO NB 141 37.45 -85.59 -11.99
C PRO NB 141 36.86 -86.43 -10.86
N ARG NB 142 37.44 -87.62 -10.70
CA ARG NB 142 36.97 -88.56 -9.70
C ARG NB 142 37.01 -87.95 -8.30
N GLY NB 143 35.95 -88.16 -7.54
CA GLY NB 143 35.92 -87.80 -6.14
C GLY NB 143 35.48 -86.39 -5.84
N THR NB 144 35.27 -85.54 -6.84
CA THR NB 144 34.79 -84.19 -6.56
C THR NB 144 33.33 -84.17 -6.14
N GLY NB 145 32.58 -85.20 -6.48
CA GLY NB 145 31.16 -85.20 -6.19
C GLY NB 145 30.40 -84.31 -7.13
N ILE NB 146 29.15 -84.05 -6.77
CA ILE NB 146 28.29 -83.17 -7.54
C ILE NB 146 28.34 -81.80 -6.87
N VAL NB 147 28.88 -80.80 -7.56
CA VAL NB 147 28.83 -79.43 -7.09
C VAL NB 147 27.76 -78.70 -7.89
N SER NB 148 26.71 -78.26 -7.19
CA SER NB 148 25.48 -77.81 -7.78
C SER NB 148 24.56 -77.34 -6.66
N ALA NB 149 23.41 -76.78 -7.05
CA ALA NB 149 22.34 -76.49 -6.12
C ALA NB 149 21.71 -77.80 -5.66
N PRO NB 150 21.04 -77.82 -4.50
CA PRO NB 150 20.48 -79.09 -4.00
C PRO NB 150 19.46 -79.74 -4.93
N VAL NB 151 18.60 -78.94 -5.57
CA VAL NB 151 17.57 -79.50 -6.43
C VAL NB 151 18.15 -80.24 -7.63
N PRO NB 152 19.08 -79.68 -8.40
CA PRO NB 152 19.76 -80.49 -9.41
C PRO NB 152 20.71 -81.51 -8.82
N LYS NB 153 21.21 -81.29 -7.60
CA LYS NB 153 22.15 -82.23 -7.00
C LYS NB 153 21.51 -83.58 -6.78
N LYS NB 154 20.29 -83.59 -6.22
CA LYS NB 154 19.63 -84.86 -5.98
C LYS NB 154 19.29 -85.57 -7.29
N LEU NB 155 18.92 -84.81 -8.31
CA LEU NB 155 18.59 -85.40 -9.61
C LEU NB 155 19.82 -86.01 -10.27
N LEU NB 156 20.94 -85.28 -10.25
CA LEU NB 156 22.18 -85.84 -10.78
C LEU NB 156 22.66 -87.03 -9.98
N MET NB 157 22.44 -87.03 -8.66
CA MET NB 157 22.84 -88.17 -7.84
C MET NB 157 22.03 -89.41 -8.19
N MET NB 158 20.71 -89.27 -8.25
CA MET NB 158 19.89 -90.44 -8.59
C MET NB 158 19.96 -90.79 -10.06
N ALA NB 159 20.56 -89.94 -10.90
CA ALA NB 159 20.86 -90.32 -12.27
C ALA NB 159 22.10 -91.21 -12.37
N GLY NB 160 22.82 -91.40 -11.27
CA GLY NB 160 24.03 -92.19 -11.29
C GLY NB 160 25.31 -91.41 -11.51
N ILE NB 161 25.22 -90.10 -11.72
CA ILE NB 161 26.42 -89.29 -11.92
C ILE NB 161 27.15 -89.14 -10.58
N ASP NB 162 28.44 -89.45 -10.58
CA ASP NB 162 29.23 -89.38 -9.37
C ASP NB 162 29.89 -88.03 -9.18
N ASP NB 163 30.44 -87.45 -10.24
CA ASP NB 163 31.15 -86.19 -10.17
C ASP NB 163 30.70 -85.28 -11.31
N CYS NB 164 30.44 -84.02 -10.99
CA CYS NB 164 29.96 -83.08 -12.00
C CYS NB 164 30.00 -81.64 -11.48
N TYR NB 165 30.56 -80.73 -12.29
CA TYR NB 165 30.39 -79.31 -12.05
C TYR NB 165 29.07 -78.85 -12.64
N THR NB 166 28.40 -77.91 -11.97
CA THR NB 166 27.19 -77.35 -12.55
C THR NB 166 27.26 -75.83 -12.56
N SER NB 167 26.69 -75.24 -13.61
CA SER NB 167 26.57 -73.79 -13.70
C SER NB 167 25.18 -73.45 -14.19
N ALA NB 168 24.43 -72.71 -13.39
CA ALA NB 168 23.04 -72.38 -13.69
C ALA NB 168 22.88 -70.89 -13.87
N ARG NB 169 22.02 -70.50 -14.82
CA ARG NB 169 21.66 -69.11 -15.04
C ARG NB 169 20.16 -69.00 -15.16
N GLY NB 170 19.61 -67.87 -14.74
CA GLY NB 170 18.20 -67.60 -14.84
C GLY NB 170 17.52 -67.64 -13.49
N CYS NB 171 16.19 -67.71 -13.54
CA CYS NB 171 15.39 -67.74 -12.32
C CYS NB 171 15.37 -69.18 -11.82
N THR NB 172 16.46 -69.57 -11.16
CA THR NB 172 16.56 -70.89 -10.58
C THR NB 172 15.64 -71.08 -9.38
N ALA NB 173 15.05 -70.00 -8.86
CA ALA NB 173 14.07 -70.15 -7.79
C ALA NB 173 12.81 -70.86 -8.28
N THR NB 174 12.55 -70.82 -9.58
CA THR NB 174 11.48 -71.61 -10.18
C THR NB 174 11.92 -73.06 -10.18
N LEU NB 175 11.44 -73.83 -9.19
CA LEU NB 175 11.96 -75.18 -8.99
C LEU NB 175 11.56 -76.10 -10.14
N GLY NB 176 10.36 -75.94 -10.68
CA GLY NB 176 9.95 -76.78 -11.78
C GLY NB 176 10.81 -76.62 -13.01
N ASN NB 177 11.05 -75.37 -13.41
CA ASN NB 177 11.92 -75.10 -14.56
C ASN NB 177 13.35 -75.51 -14.25
N PHE NB 178 13.81 -75.29 -13.02
CA PHE NB 178 15.19 -75.59 -12.67
C PHE NB 178 15.44 -77.09 -12.61
N ALA NB 179 14.40 -77.88 -12.32
CA ALA NB 179 14.56 -79.33 -12.38
C ALA NB 179 14.40 -79.84 -13.80
N LYS NB 180 13.49 -79.24 -14.58
CA LYS NB 180 13.26 -79.69 -15.93
C LYS NB 180 14.45 -79.39 -16.84
N ALA NB 181 15.13 -78.27 -16.62
CA ALA NB 181 16.33 -77.96 -17.41
C ALA NB 181 17.44 -78.97 -17.15
N THR NB 182 17.65 -79.34 -15.88
CA THR NB 182 18.65 -80.36 -15.57
C THR NB 182 18.24 -81.71 -16.14
N PHE NB 183 16.94 -82.02 -16.11
CA PHE NB 183 16.48 -83.26 -16.72
C PHE NB 183 16.76 -83.27 -18.21
N ASP NB 184 16.54 -82.14 -18.89
CA ASP NB 184 16.86 -82.06 -20.31
C ASP NB 184 18.35 -82.23 -20.56
N ALA NB 185 19.19 -81.61 -19.73
CA ALA NB 185 20.63 -81.74 -19.88
C ALA NB 185 21.08 -83.18 -19.69
N ILE NB 186 20.50 -83.86 -18.70
CA ILE NB 186 20.80 -85.27 -18.50
C ILE NB 186 20.34 -86.10 -19.69
N SER NB 187 19.15 -85.79 -20.21
CA SER NB 187 18.56 -86.59 -21.27
C SER NB 187 19.33 -86.47 -22.57
N LYS NB 188 19.91 -85.31 -22.86
CA LYS NB 188 20.59 -85.14 -24.14
C LYS NB 188 22.04 -85.64 -24.12
N THR NB 189 22.45 -86.37 -23.08
CA THR NB 189 23.81 -86.92 -23.05
C THR NB 189 24.01 -87.92 -24.17
N TYR NB 190 23.01 -88.74 -24.48
CA TYR NB 190 23.10 -89.60 -25.65
C TYR NB 190 22.85 -88.84 -26.95
N SER NB 191 22.02 -87.82 -26.92
CA SER NB 191 21.78 -87.04 -28.12
C SER NB 191 23.05 -86.37 -28.61
N TYR NB 192 23.97 -86.05 -27.71
CA TYR NB 192 25.26 -85.52 -28.12
C TYR NB 192 26.08 -86.60 -28.81
N LEU NB 193 26.71 -86.24 -29.93
CA LEU NB 193 27.49 -87.17 -30.73
C LEU NB 193 28.97 -86.99 -30.43
N THR NB 194 29.66 -88.09 -30.18
CA THR NB 194 31.07 -88.12 -29.83
C THR NB 194 31.79 -89.07 -30.77
N PRO NB 195 33.10 -88.87 -30.97
CA PRO NB 195 33.83 -89.70 -31.96
C PRO NB 195 33.83 -91.19 -31.65
N ASP NB 196 33.63 -91.59 -30.40
CA ASP NB 196 33.52 -93.01 -30.11
C ASP NB 196 32.22 -93.63 -30.62
N LEU NB 197 31.24 -92.80 -30.98
CA LEU NB 197 30.00 -93.27 -31.58
C LEU NB 197 30.00 -93.12 -33.09
N TRP NB 198 31.15 -92.83 -33.69
CA TRP NB 198 31.23 -92.61 -35.13
C TRP NB 198 31.08 -93.90 -35.93
N LYS NB 199 31.15 -95.05 -35.29
CA LYS NB 199 31.04 -96.31 -36.00
C LYS NB 199 29.67 -96.43 -36.66
N GLU NB 200 29.65 -96.98 -37.87
CA GLU NB 200 28.40 -97.14 -38.59
C GLU NB 200 27.49 -98.11 -37.86
N THR NB 201 26.25 -97.70 -37.63
CA THR NB 201 25.33 -98.49 -36.81
C THR NB 201 24.83 -99.70 -37.57
N VAL NB 202 24.97 -100.86 -36.95
CA VAL NB 202 24.33 -102.08 -37.45
C VAL NB 202 22.91 -102.11 -36.90
N PHE NB 203 21.97 -102.52 -37.73
CA PHE NB 203 20.57 -102.49 -37.39
C PHE NB 203 20.08 -103.88 -37.03
N THR NB 204 19.41 -103.98 -35.88
CA THR NB 204 18.77 -105.22 -35.46
C THR NB 204 17.27 -105.13 -35.66
N LYS NB 205 16.61 -106.27 -35.56
CA LYS NB 205 15.16 -106.30 -35.72
C LYS NB 205 14.48 -105.57 -34.57
N SER NB 206 13.47 -104.78 -34.91
CA SER NB 206 12.63 -104.18 -33.89
C SER NB 206 11.85 -105.27 -33.16
N PRO NB 207 11.52 -105.07 -31.89
CA PRO NB 207 10.71 -106.06 -31.18
C PRO NB 207 9.37 -106.33 -31.86
N TYR NB 208 8.77 -105.31 -32.46
CA TYR NB 208 7.46 -105.47 -33.08
C TYR NB 208 7.49 -106.45 -34.24
N GLN NB 209 8.59 -106.51 -34.99
CA GLN NB 209 8.69 -107.50 -36.04
C GLN NB 209 9.38 -108.78 -35.58
N GLU NB 210 10.20 -108.70 -34.53
CA GLU NB 210 10.87 -109.90 -34.03
C GLU NB 210 9.89 -110.83 -33.36
N PHE NB 211 8.88 -110.29 -32.69
CA PHE NB 211 7.87 -111.10 -32.00
C PHE NB 211 6.49 -110.85 -32.58
N THR NB 212 6.42 -110.68 -33.90
CA THR NB 212 5.13 -110.44 -34.53
C THR NB 212 4.27 -111.71 -34.56
N ASP NB 213 4.90 -112.88 -34.57
CA ASP NB 213 4.12 -114.12 -34.55
C ASP NB 213 3.48 -114.35 -33.18
N HIS NB 214 4.21 -114.03 -32.12
CA HIS NB 214 3.66 -114.18 -30.77
C HIS NB 214 2.61 -113.12 -30.48
N LEU NB 215 2.78 -111.92 -31.03
CA LEU NB 215 1.81 -110.86 -30.83
C LEU NB 215 0.46 -111.20 -31.43
N VAL NB 216 0.47 -111.84 -32.61
CA VAL NB 216 -0.78 -112.27 -33.23
C VAL NB 216 -1.52 -113.24 -32.34
N LYS NB 217 -0.81 -114.21 -31.76
CA LYS NB 217 -1.46 -115.21 -30.93
C LYS NB 217 -1.97 -114.61 -29.64
N THR NB 218 -1.17 -113.79 -28.97
CA THR NB 218 -1.54 -113.32 -27.63
C THR NB 218 -2.27 -111.98 -27.66
N HIS NB 219 -1.60 -110.93 -28.16
CA HIS NB 219 -2.17 -109.58 -28.12
C HIS NB 219 -3.08 -109.40 -29.33
N THR NB 220 -4.31 -109.86 -29.18
CA THR NB 220 -5.30 -109.77 -30.24
C THR NB 220 -5.74 -108.33 -30.46
N ALA OB 1 69.23 -42.78 3.40
CA ALA OB 1 70.27 -42.76 4.43
C ALA OB 1 71.19 -41.56 4.21
N ARG OB 2 71.92 -41.19 5.26
CA ARG OB 2 72.88 -40.10 5.19
C ARG OB 2 74.32 -40.60 5.04
N GLY OB 3 74.51 -41.89 4.85
CA GLY OB 3 75.84 -42.44 4.71
C GLY OB 3 75.83 -43.94 4.53
N PRO OB 4 77.01 -44.55 4.57
CA PRO OB 4 77.10 -45.99 4.31
C PRO OB 4 76.42 -46.81 5.38
N LYS OB 5 75.87 -47.94 4.96
CA LYS OB 5 75.20 -48.87 5.86
C LYS OB 5 76.22 -49.81 6.47
N LYS OB 6 76.07 -50.06 7.77
CA LYS OB 6 76.98 -50.97 8.48
C LYS OB 6 76.21 -52.03 9.26
N HIS OB 7 75.00 -52.34 8.80
CA HIS OB 7 74.20 -53.43 9.36
C HIS OB 7 73.71 -54.30 8.23
N LEU OB 8 73.41 -55.56 8.57
CA LEU OB 8 72.86 -56.50 7.61
C LEU OB 8 71.80 -57.35 8.30
N LYS OB 9 70.56 -57.23 7.85
CA LYS OB 9 69.49 -58.03 8.43
C LYS OB 9 69.68 -59.50 8.10
N ARG OB 10 69.24 -60.35 9.02
CA ARG OB 10 69.47 -61.79 8.90
C ARG OB 10 68.77 -62.35 7.66
N VAL OB 11 67.55 -61.89 7.38
CA VAL OB 11 66.82 -62.40 6.24
C VAL OB 11 67.28 -61.78 4.93
N ALA OB 12 67.95 -60.64 4.97
CA ALA OB 12 68.49 -60.01 3.78
C ALA OB 12 69.91 -60.47 3.46
N ALA OB 13 70.45 -61.41 4.24
CA ALA OB 13 71.78 -61.94 3.98
C ALA OB 13 71.77 -62.78 2.71
N PRO OB 14 72.94 -62.99 2.10
CA PRO OB 14 73.01 -63.86 0.93
C PRO OB 14 72.51 -65.26 1.23
N LYS OB 15 71.82 -65.85 0.25
CA LYS OB 15 71.18 -67.14 0.45
C LYS OB 15 72.19 -68.25 0.66
N HIS OB 16 73.34 -68.17 -0.02
CA HIS OB 16 74.33 -69.24 0.08
C HIS OB 16 75.02 -69.29 1.44
N TRP OB 17 74.83 -68.28 2.29
CA TRP OB 17 75.36 -68.34 3.65
C TRP OB 17 74.63 -69.38 4.49
N MET OB 18 73.44 -69.82 4.07
CA MET OB 18 72.70 -70.89 4.72
C MET OB 18 72.33 -70.53 6.15
N LEU OB 19 72.06 -69.26 6.40
CA LEU OB 19 71.62 -68.81 7.70
C LEU OB 19 70.12 -69.07 7.87
N ASP OB 20 69.72 -69.29 9.12
CA ASP OB 20 68.33 -69.56 9.44
C ASP OB 20 67.61 -68.26 9.80
N LYS OB 21 66.41 -68.38 10.35
CA LYS OB 21 65.58 -67.21 10.64
C LYS OB 21 65.39 -66.92 12.12
N LEU OB 22 65.59 -67.90 12.99
CA LEU OB 22 65.20 -67.76 14.39
C LEU OB 22 66.36 -67.46 15.32
N THR OB 23 67.60 -67.54 14.85
CA THR OB 23 68.74 -67.24 15.72
C THR OB 23 68.74 -65.77 16.15
N GLY OB 24 68.45 -64.87 15.22
CA GLY OB 24 68.49 -63.46 15.56
C GLY OB 24 67.98 -62.60 14.42
N VAL OB 25 68.22 -61.31 14.56
CA VAL OB 25 67.71 -60.34 13.61
C VAL OB 25 68.75 -59.95 12.57
N PHE OB 26 70.03 -60.03 12.92
CA PHE OB 26 71.09 -59.50 12.09
C PHE OB 26 71.95 -60.61 11.51
N ALA OB 27 72.69 -60.23 10.48
CA ALA OB 27 73.65 -61.08 9.80
C ALA OB 27 75.05 -60.51 10.03
N PRO OB 28 76.10 -61.29 9.75
CA PRO OB 28 77.46 -60.82 10.04
C PRO OB 28 77.85 -59.47 9.45
N ARG OB 29 77.31 -59.08 8.28
CA ARG OB 29 77.70 -57.83 7.61
C ARG OB 29 79.21 -57.79 7.43
N PRO OB 30 79.74 -58.53 6.47
CA PRO OB 30 81.20 -58.64 6.34
C PRO OB 30 81.83 -57.29 6.03
N SER OB 31 83.03 -57.10 6.56
CA SER OB 31 83.77 -55.87 6.33
C SER OB 31 84.21 -55.81 4.87
N THR OB 32 84.60 -54.62 4.44
CA THR OB 32 85.10 -54.44 3.09
C THR OB 32 86.39 -55.21 2.90
N GLY OB 33 86.59 -55.74 1.70
CA GLY OB 33 87.74 -56.56 1.43
C GLY OB 33 87.88 -56.95 -0.03
N PRO OB 34 88.63 -58.02 -0.27
CA PRO OB 34 88.89 -58.43 -1.66
C PRO OB 34 87.67 -58.86 -2.45
N HIS OB 35 86.58 -59.22 -1.78
CA HIS OB 35 85.41 -59.73 -2.46
C HIS OB 35 84.15 -58.98 -2.04
N LYS OB 36 83.19 -58.92 -2.95
CA LYS OB 36 81.90 -58.33 -2.66
C LYS OB 36 81.18 -59.14 -1.61
N LEU OB 37 80.34 -58.47 -0.81
CA LEU OB 37 79.66 -59.17 0.26
C LEU OB 37 78.60 -60.15 -0.23
N ARG OB 38 78.19 -60.06 -1.49
CA ARG OB 38 77.19 -60.98 -2.01
C ARG OB 38 77.76 -62.38 -2.21
N GLU OB 39 79.03 -62.49 -2.59
CA GLU OB 39 79.63 -63.78 -2.90
C GLU OB 39 80.83 -64.09 -2.00
N CYS OB 40 80.84 -63.54 -0.80
CA CYS OB 40 81.89 -63.80 0.17
C CYS OB 40 81.34 -64.63 1.32
N LEU OB 41 82.24 -65.33 2.00
CA LEU OB 41 81.91 -66.13 3.18
C LEU OB 41 82.67 -65.58 4.38
N PRO OB 42 82.04 -64.80 5.25
CA PRO OB 42 82.75 -64.27 6.41
C PRO OB 42 83.22 -65.38 7.35
N LEU OB 43 84.33 -65.10 8.03
CA LEU OB 43 84.97 -66.11 8.87
C LEU OB 43 84.10 -66.52 10.04
N ILE OB 44 83.24 -65.62 10.52
CA ILE OB 44 82.37 -65.97 11.64
C ILE OB 44 81.46 -67.13 11.27
N ILE OB 45 80.82 -67.07 10.10
CA ILE OB 45 79.94 -68.17 9.74
C ILE OB 45 80.73 -69.34 9.19
N PHE OB 46 81.92 -69.10 8.63
CA PHE OB 46 82.73 -70.23 8.20
C PHE OB 46 83.17 -71.09 9.38
N LEU OB 47 83.52 -70.47 10.51
CA LEU OB 47 83.99 -71.20 11.67
C LEU OB 47 82.90 -71.52 12.68
N ARG OB 48 81.69 -70.98 12.50
CA ARG OB 48 80.59 -71.29 13.41
C ARG OB 48 79.52 -72.18 12.78
N ASN OB 49 79.16 -71.93 11.52
CA ASN OB 49 78.09 -72.67 10.88
C ASN OB 49 78.58 -73.79 9.98
N ARG OB 50 79.80 -73.69 9.45
CA ARG OB 50 80.33 -74.69 8.54
C ARG OB 50 81.17 -75.75 9.26
N LEU OB 51 82.05 -75.33 10.17
CA LEU OB 51 82.94 -76.26 10.84
C LEU OB 51 82.53 -76.55 12.28
N LYS OB 52 81.71 -75.69 12.88
CA LYS OB 52 81.27 -75.84 14.27
C LYS OB 52 82.44 -75.85 15.25
N TYR OB 53 83.54 -75.21 14.88
CA TYR OB 53 84.63 -74.99 15.83
C TYR OB 53 84.21 -74.06 16.95
N ALA OB 54 83.35 -73.09 16.66
CA ALA OB 54 82.85 -72.16 17.65
C ALA OB 54 81.32 -72.19 17.66
N LEU OB 55 80.75 -71.93 18.82
CA LEU OB 55 79.31 -71.93 18.96
C LEU OB 55 78.70 -70.54 18.92
N THR OB 56 79.49 -69.50 19.22
CA THR OB 56 78.97 -68.14 19.25
C THR OB 56 79.98 -67.20 18.61
N GLY OB 57 79.51 -65.97 18.35
CA GLY OB 57 80.39 -64.94 17.83
C GLY OB 57 81.52 -64.61 18.77
N ASP OB 58 81.27 -64.64 20.07
CA ASP OB 58 82.35 -64.41 21.03
C ASP OB 58 83.40 -65.51 20.96
N GLU OB 59 82.97 -66.77 20.83
CA GLU OB 59 83.93 -67.86 20.71
C GLU OB 59 84.76 -67.75 19.44
N VAL OB 60 84.11 -67.43 18.31
CA VAL OB 60 84.90 -67.30 17.09
C VAL OB 60 85.80 -66.08 17.17
N LYS OB 61 85.39 -65.04 17.90
CA LYS OB 61 86.27 -63.90 18.14
C LYS OB 61 87.49 -64.30 18.94
N LYS OB 62 87.31 -65.14 19.96
CA LYS OB 62 88.46 -65.65 20.71
C LYS OB 62 89.38 -66.47 19.80
N ILE OB 63 88.80 -67.32 18.96
CA ILE OB 63 89.60 -68.13 18.04
C ILE OB 63 90.41 -67.24 17.11
N CYS OB 64 89.78 -66.20 16.56
CA CYS OB 64 90.49 -65.30 15.65
C CYS OB 64 91.57 -64.51 16.37
N MET OB 65 91.28 -64.02 17.59
CA MET OB 65 92.26 -63.20 18.29
C MET OB 65 93.41 -64.00 18.84
N GLN OB 66 93.26 -65.32 19.01
CA GLN OB 66 94.42 -66.13 19.35
C GLN OB 66 95.33 -66.37 18.15
N ARG OB 67 95.01 -65.80 16.99
CA ARG OB 67 95.88 -65.79 15.81
C ARG OB 67 96.17 -67.20 15.31
N PHE OB 68 95.10 -67.95 15.03
CA PHE OB 68 95.22 -69.25 14.39
C PHE OB 68 94.69 -69.27 12.97
N ILE OB 69 93.79 -68.36 12.62
CA ILE OB 69 93.18 -68.34 11.29
C ILE OB 69 94.11 -67.61 10.35
N LYS OB 70 94.53 -68.30 9.29
CA LYS OB 70 95.43 -67.73 8.29
C LYS OB 70 94.72 -67.79 6.94
N ILE OB 71 94.54 -66.63 6.31
CA ILE OB 71 93.88 -66.53 5.02
C ILE OB 71 94.89 -66.04 4.00
N ASP OB 72 95.06 -66.81 2.93
CA ASP OB 72 96.02 -66.51 1.87
C ASP OB 72 97.43 -66.36 2.42
N GLY OB 73 97.76 -67.17 3.43
CA GLY OB 73 99.07 -67.13 4.04
C GLY OB 73 99.28 -66.01 5.04
N LYS OB 74 98.25 -65.21 5.33
CA LYS OB 74 98.37 -64.08 6.24
C LYS OB 74 97.38 -64.22 7.38
N VAL OB 75 97.80 -63.85 8.58
CA VAL OB 75 96.94 -63.94 9.75
C VAL OB 75 95.95 -62.78 9.73
N ARG OB 76 94.66 -63.10 9.80
CA ARG OB 76 93.61 -62.10 9.82
C ARG OB 76 92.82 -62.25 11.11
N THR OB 77 92.71 -61.16 11.86
CA THR OB 77 91.97 -61.14 13.11
C THR OB 77 90.57 -60.57 12.96
N ASP OB 78 90.16 -60.23 11.74
CA ASP OB 78 88.83 -59.67 11.52
C ASP OB 78 87.79 -60.80 11.60
N ILE OB 79 86.82 -60.63 12.50
CA ILE OB 79 85.79 -61.64 12.68
C ILE OB 79 84.91 -61.74 11.44
N THR OB 80 84.68 -60.63 10.74
CA THR OB 80 83.84 -60.59 9.56
C THR OB 80 84.66 -60.29 8.31
N TYR OB 81 85.83 -60.89 8.21
CA TYR OB 81 86.66 -60.71 7.02
C TYR OB 81 86.03 -61.47 5.86
N PRO OB 82 85.83 -60.83 4.72
CA PRO OB 82 85.24 -61.53 3.57
C PRO OB 82 86.24 -62.48 2.93
N ALA OB 83 86.05 -63.79 3.14
CA ALA OB 83 86.98 -64.76 2.58
C ALA OB 83 86.93 -64.74 1.06
N GLY OB 84 85.83 -65.16 0.47
CA GLY OB 84 85.70 -65.13 -0.97
C GLY OB 84 86.14 -66.41 -1.64
N PHE OB 85 86.25 -66.33 -2.97
CA PHE OB 85 86.41 -67.52 -3.79
C PHE OB 85 87.86 -68.00 -3.79
N MET OB 86 88.04 -69.29 -3.47
CA MET OB 86 89.31 -70.02 -3.53
C MET OB 86 90.45 -69.30 -2.82
N ASP OB 87 90.15 -68.69 -1.68
CA ASP OB 87 91.19 -68.25 -0.76
C ASP OB 87 91.46 -69.34 0.26
N VAL OB 88 92.74 -69.67 0.43
CA VAL OB 88 93.13 -70.76 1.31
C VAL OB 88 92.98 -70.32 2.75
N ILE OB 89 92.19 -71.08 3.52
CA ILE OB 89 92.06 -70.88 4.96
C ILE OB 89 92.94 -71.91 5.63
N SER OB 90 93.97 -71.45 6.34
CA SER OB 90 94.94 -72.33 6.97
C SER OB 90 94.86 -72.21 8.48
N ILE OB 91 94.72 -73.36 9.14
CA ILE OB 91 94.79 -73.46 10.59
C ILE OB 91 95.95 -74.40 10.91
N ASP OB 92 97.01 -73.87 11.48
CA ASP OB 92 98.22 -74.66 11.72
C ASP OB 92 98.17 -75.43 13.02
N LYS OB 93 97.44 -74.94 14.03
CA LYS OB 93 97.42 -75.63 15.31
C LYS OB 93 96.72 -76.97 15.20
N THR OB 94 95.64 -77.05 14.41
CA THR OB 94 95.01 -78.32 14.12
C THR OB 94 95.45 -78.91 12.79
N GLY OB 95 96.23 -78.19 12.01
CA GLY OB 95 96.86 -78.73 10.82
C GLY OB 95 95.97 -79.18 9.68
N GLU OB 96 94.99 -78.36 9.29
CA GLU OB 96 94.24 -78.61 8.08
C GLU OB 96 94.11 -77.31 7.28
N ASN OB 97 93.91 -77.47 5.97
CA ASN OB 97 93.80 -76.34 5.06
C ASN OB 97 92.51 -76.46 4.27
N PHE OB 98 91.83 -75.33 4.10
CA PHE OB 98 90.56 -75.29 3.38
C PHE OB 98 90.68 -74.40 2.15
N ARG OB 99 90.16 -74.88 1.04
CA ARG OB 99 89.98 -74.09 -0.17
C ARG OB 99 88.50 -73.79 -0.34
N LEU OB 100 88.16 -72.52 -0.47
CA LEU OB 100 86.76 -72.09 -0.47
C LEU OB 100 86.23 -72.13 -1.89
N ILE OB 101 85.54 -73.20 -2.24
CA ILE OB 101 85.02 -73.43 -3.59
C ILE OB 101 83.52 -73.66 -3.50
N TYR OB 102 82.78 -73.12 -4.47
CA TYR OB 102 81.35 -73.39 -4.55
C TYR OB 102 81.11 -74.88 -4.83
N ASP OB 103 80.04 -75.40 -4.24
CA ASP OB 103 79.63 -76.77 -4.49
C ASP OB 103 78.73 -76.80 -5.73
N THR OB 104 78.14 -77.96 -6.00
CA THR OB 104 77.26 -78.09 -7.16
C THR OB 104 76.00 -77.25 -7.04
N LYS OB 105 75.61 -76.88 -5.82
CA LYS OB 105 74.41 -76.09 -5.58
C LYS OB 105 74.74 -74.62 -5.34
N GLY OB 106 75.90 -74.16 -5.76
CA GLY OB 106 76.25 -72.76 -5.65
C GLY OB 106 76.44 -72.25 -4.23
N ARG OB 107 77.03 -73.05 -3.35
CA ARG OB 107 77.34 -72.66 -1.99
C ARG OB 107 78.77 -73.05 -1.67
N PHE OB 108 79.42 -72.22 -0.85
CA PHE OB 108 80.79 -72.49 -0.44
C PHE OB 108 80.84 -73.77 0.39
N ALA OB 109 81.53 -74.77 -0.11
CA ALA OB 109 81.61 -76.07 0.56
C ALA OB 109 82.89 -76.18 1.37
N VAL OB 110 82.86 -77.07 2.35
CA VAL OB 110 84.03 -77.35 3.18
C VAL OB 110 84.93 -78.28 2.38
N HIS OB 111 85.91 -77.71 1.69
CA HIS OB 111 86.84 -78.46 0.86
C HIS OB 111 88.22 -78.45 1.51
N ARG OB 112 88.72 -79.64 1.84
CA ARG OB 112 90.00 -79.80 2.52
C ARG OB 112 91.08 -80.12 1.50
N ILE OB 113 92.26 -79.52 1.70
CA ILE OB 113 93.35 -79.62 0.74
C ILE OB 113 94.66 -79.91 1.46
N THR OB 114 95.60 -80.48 0.70
CA THR OB 114 96.94 -80.74 1.22
C THR OB 114 97.73 -79.44 1.31
N PRO OB 115 98.72 -79.38 2.21
CA PRO OB 115 99.52 -78.14 2.32
C PRO OB 115 100.27 -77.77 1.05
N GLU OB 116 100.82 -78.75 0.33
CA GLU OB 116 101.57 -78.44 -0.87
C GLU OB 116 100.68 -77.90 -1.98
N GLU OB 117 99.40 -78.25 -1.97
CA GLU OB 117 98.44 -77.65 -2.90
C GLU OB 117 97.93 -76.32 -2.38
N ALA OB 118 97.81 -76.17 -1.06
CA ALA OB 118 97.40 -74.92 -0.45
C ALA OB 118 98.44 -73.83 -0.60
N LYS OB 119 99.69 -74.20 -0.87
CA LYS OB 119 100.75 -73.21 -1.05
C LYS OB 119 100.48 -72.25 -2.21
N TYR OB 120 99.67 -72.65 -3.18
CA TYR OB 120 99.38 -71.83 -4.35
C TYR OB 120 97.90 -71.47 -4.39
N LYS OB 121 97.53 -70.70 -5.41
CA LYS OB 121 96.17 -70.18 -5.54
C LYS OB 121 95.97 -69.65 -6.95
N LEU OB 122 94.79 -69.93 -7.51
CA LEU OB 122 94.41 -69.41 -8.83
C LEU OB 122 93.69 -68.07 -8.67
N CYS OB 123 93.95 -67.16 -9.61
CA CYS OB 123 93.27 -65.88 -9.67
C CYS OB 123 92.80 -65.62 -11.09
N LYS OB 124 91.71 -64.86 -11.21
CA LYS OB 124 91.22 -64.42 -12.51
C LYS OB 124 91.55 -62.95 -12.67
N VAL OB 125 92.34 -62.62 -13.69
CA VAL OB 125 92.69 -61.22 -13.92
C VAL OB 125 91.45 -60.45 -14.37
N ARG OB 126 91.24 -59.29 -13.76
CA ARG OB 126 90.10 -58.46 -14.10
C ARG OB 126 90.45 -57.25 -14.94
N LYS OB 127 91.64 -56.67 -14.77
CA LYS OB 127 92.03 -55.61 -15.69
C LYS OB 127 93.55 -55.57 -15.81
N ILE OB 128 94.01 -55.05 -16.95
CA ILE OB 128 95.42 -54.86 -17.22
C ILE OB 128 95.59 -53.44 -17.74
N PHE OB 129 96.38 -52.64 -17.03
CA PHE OB 129 96.62 -51.26 -17.41
C PHE OB 129 98.09 -50.94 -17.23
N VAL OB 130 98.60 -50.04 -18.07
CA VAL OB 130 99.96 -49.56 -17.93
C VAL OB 130 99.94 -48.26 -17.13
N GLY OB 131 100.80 -48.19 -16.13
CA GLY OB 131 100.95 -47.00 -15.30
C GLY OB 131 102.27 -46.30 -15.53
N THR OB 132 102.55 -45.34 -14.65
CA THR OB 132 103.64 -44.40 -14.83
C THR OB 132 104.97 -45.12 -14.99
N LYS OB 133 105.90 -44.45 -15.69
CA LYS OB 133 107.16 -45.01 -16.15
C LYS OB 133 106.96 -46.22 -17.06
N GLY OB 134 105.79 -46.31 -17.68
CA GLY OB 134 105.48 -47.40 -18.60
C GLY OB 134 105.50 -48.77 -17.96
N ILE OB 135 104.92 -48.90 -16.77
CA ILE OB 135 104.98 -50.15 -16.00
C ILE OB 135 103.64 -50.86 -16.15
N PRO OB 136 103.58 -52.05 -16.74
CA PRO OB 136 102.32 -52.78 -16.79
C PRO OB 136 101.89 -53.24 -15.39
N HIS OB 137 100.58 -53.37 -15.22
CA HIS OB 137 99.98 -53.82 -13.98
C HIS OB 137 98.97 -54.91 -14.27
N LEU OB 138 98.40 -55.47 -13.21
CA LEU OB 138 97.47 -56.59 -13.36
C LEU OB 138 96.61 -56.65 -12.11
N VAL OB 139 95.31 -56.44 -12.25
CA VAL OB 139 94.37 -56.50 -11.13
C VAL OB 139 93.52 -57.74 -11.30
N THR OB 140 93.51 -58.59 -10.28
CA THR OB 140 92.87 -59.89 -10.36
C THR OB 140 91.42 -59.81 -9.92
N HIS OB 141 90.76 -60.97 -9.79
CA HIS OB 141 89.39 -61.00 -9.29
C HIS OB 141 89.31 -60.62 -7.82
N ASP OB 142 90.41 -60.74 -7.09
CA ASP OB 142 90.51 -60.18 -5.75
C ASP OB 142 90.79 -58.69 -5.89
N ALA OB 143 91.11 -58.05 -4.78
CA ALA OB 143 91.61 -56.68 -4.85
C ALA OB 143 93.10 -56.63 -5.14
N ARG OB 144 93.71 -57.78 -5.41
CA ARG OB 144 95.16 -57.87 -5.51
C ARG OB 144 95.63 -57.37 -6.88
N THR OB 145 96.56 -56.43 -6.84
CA THR OB 145 97.23 -55.93 -8.03
C THR OB 145 98.72 -56.27 -7.95
N ILE OB 146 99.30 -56.56 -9.12
CA ILE OB 146 100.70 -56.90 -9.21
C ILE OB 146 101.29 -56.18 -10.42
N ARG OB 147 102.61 -56.07 -10.43
CA ARG OB 147 103.33 -55.37 -11.47
C ARG OB 147 104.20 -56.34 -12.24
N TYR OB 148 104.58 -55.91 -13.44
CA TYR OB 148 105.45 -56.67 -14.34
C TYR OB 148 104.93 -58.08 -14.61
N PRO OB 149 103.77 -58.22 -15.26
CA PRO OB 149 103.28 -59.54 -15.61
C PRO OB 149 103.81 -59.97 -16.98
N ASP OB 150 103.51 -61.21 -17.32
CA ASP OB 150 103.83 -61.71 -18.65
C ASP OB 150 103.00 -60.96 -19.68
N PRO OB 151 103.60 -60.38 -20.72
CA PRO OB 151 102.82 -59.64 -21.71
C PRO OB 151 101.80 -60.48 -22.45
N LEU OB 152 101.94 -61.81 -22.44
CA LEU OB 152 100.94 -62.66 -23.07
C LEU OB 152 99.64 -62.71 -22.27
N ILE OB 153 99.69 -62.41 -20.98
CA ILE OB 153 98.47 -62.45 -20.17
C ILE OB 153 97.55 -61.33 -20.60
N LYS OB 154 96.31 -61.68 -20.96
CA LYS OB 154 95.29 -60.74 -21.37
C LYS OB 154 94.21 -60.67 -20.30
N VAL OB 155 93.13 -59.94 -20.60
CA VAL OB 155 92.03 -59.79 -19.67
C VAL OB 155 91.37 -61.16 -19.46
N ASN OB 156 90.71 -61.31 -18.30
CA ASN OB 156 89.95 -62.50 -17.85
C ASN OB 156 90.60 -63.82 -18.26
N ASP OB 157 91.90 -63.92 -17.99
CA ASP OB 157 92.64 -65.16 -17.98
C ASP OB 157 92.88 -65.56 -16.52
N THR OB 158 93.51 -66.71 -16.32
CA THR OB 158 93.80 -67.22 -15.00
C THR OB 158 95.30 -67.20 -14.75
N ILE OB 159 95.71 -66.83 -13.54
CA ILE OB 159 97.11 -66.81 -13.16
C ILE OB 159 97.30 -67.65 -11.90
N GLN OB 160 98.51 -68.15 -11.72
CA GLN OB 160 98.88 -69.01 -10.60
C GLN OB 160 99.69 -68.18 -9.62
N ILE OB 161 99.02 -67.64 -8.61
CA ILE OB 161 99.68 -66.88 -7.56
C ILE OB 161 100.06 -67.85 -6.45
N ASP OB 162 101.36 -68.00 -6.21
CA ASP OB 162 101.82 -68.74 -5.05
C ASP OB 162 101.85 -67.81 -3.84
N LEU OB 163 101.41 -68.33 -2.70
CA LEU OB 163 101.35 -67.52 -1.50
C LEU OB 163 102.76 -67.22 -1.00
N GLU OB 164 102.84 -66.24 -0.08
CA GLU OB 164 104.05 -65.81 0.60
C GLU OB 164 105.00 -65.04 -0.32
N THR OB 165 104.67 -64.98 -1.60
CA THR OB 165 105.43 -64.18 -2.56
C THR OB 165 104.55 -63.24 -3.37
N GLY OB 166 103.35 -63.68 -3.74
CA GLY OB 166 102.47 -62.87 -4.55
C GLY OB 166 102.82 -62.80 -6.01
N LYS OB 167 103.72 -63.67 -6.48
CA LYS OB 167 104.19 -63.64 -7.86
C LYS OB 167 103.43 -64.64 -8.71
N ILE OB 168 103.64 -64.56 -10.02
CA ILE OB 168 103.00 -65.43 -10.99
C ILE OB 168 103.98 -66.52 -11.38
N THR OB 169 103.53 -67.78 -11.33
CA THR OB 169 104.34 -68.90 -11.78
C THR OB 169 103.87 -69.50 -13.09
N ASP OB 170 102.58 -69.42 -13.38
CA ASP OB 170 102.03 -69.91 -14.65
C ASP OB 170 100.70 -69.21 -14.88
N PHE OB 171 100.12 -69.46 -16.06
CA PHE OB 171 98.84 -68.85 -16.39
C PHE OB 171 98.12 -69.69 -17.42
N ILE OB 172 96.81 -69.55 -17.44
CA ILE OB 172 95.93 -70.20 -18.42
C ILE OB 172 95.24 -69.10 -19.22
N LYS OB 173 95.38 -69.17 -20.53
CA LYS OB 173 94.65 -68.27 -21.41
C LYS OB 173 93.17 -68.63 -21.43
N PHE OB 174 92.33 -67.62 -21.63
CA PHE OB 174 90.91 -67.86 -21.85
C PHE OB 174 90.74 -68.30 -23.31
N ASP OB 175 90.65 -69.61 -23.52
CA ASP OB 175 90.56 -70.15 -24.86
C ASP OB 175 89.47 -71.21 -24.91
N THR OB 176 88.93 -71.43 -26.09
CA THR OB 176 87.95 -72.48 -26.29
C THR OB 176 88.57 -73.84 -26.01
N GLY OB 177 87.87 -74.66 -25.23
CA GLY OB 177 88.36 -75.97 -24.88
C GLY OB 177 89.04 -76.06 -23.53
N ASN OB 178 88.98 -75.01 -22.71
CA ASN OB 178 89.61 -75.01 -21.41
C ASN OB 178 88.59 -75.22 -20.31
N LEU OB 179 89.01 -75.87 -19.24
CA LEU OB 179 88.13 -76.15 -18.11
C LEU OB 179 87.84 -74.87 -17.34
N CYS OB 180 86.58 -74.64 -17.01
CA CYS OB 180 86.17 -73.43 -16.32
C CYS OB 180 85.26 -73.77 -15.14
N MET OB 181 84.82 -72.73 -14.46
CA MET OB 181 83.83 -72.84 -13.39
C MET OB 181 83.01 -71.56 -13.37
N VAL OB 182 81.71 -71.71 -13.15
CA VAL OB 182 80.80 -70.58 -13.18
C VAL OB 182 80.77 -69.95 -11.78
N THR OB 183 81.03 -68.65 -11.71
CA THR OB 183 81.14 -67.94 -10.44
C THR OB 183 79.96 -67.02 -10.17
N GLY OB 184 78.82 -67.23 -10.82
CA GLY OB 184 77.66 -66.41 -10.53
C GLY OB 184 76.45 -66.91 -11.29
N GLY OB 185 75.29 -66.52 -10.79
CA GLY OB 185 74.04 -66.80 -11.48
C GLY OB 185 73.51 -68.20 -11.20
N ALA OB 186 72.61 -68.62 -12.09
CA ALA OB 186 71.93 -69.91 -11.91
C ALA OB 186 72.91 -71.07 -12.01
N ASN OB 187 73.84 -71.01 -12.97
CA ASN OB 187 74.78 -72.09 -13.20
C ASN OB 187 75.97 -72.07 -12.24
N LEU OB 188 75.87 -71.32 -11.14
CA LEU OB 188 76.93 -71.24 -10.15
C LEU OB 188 77.36 -72.62 -9.65
N GLY OB 189 78.67 -72.86 -9.66
CA GLY OB 189 79.22 -74.08 -9.13
C GLY OB 189 79.39 -75.21 -10.12
N ARG OB 190 79.19 -74.96 -11.41
CA ARG OB 190 79.24 -76.01 -12.42
C ARG OB 190 80.59 -76.00 -13.11
N ILE OB 191 81.24 -77.16 -13.15
CA ILE OB 191 82.54 -77.31 -13.80
C ILE OB 191 82.31 -77.77 -15.22
N GLY OB 192 82.92 -77.08 -16.18
CA GLY OB 192 82.75 -77.48 -17.56
C GLY OB 192 83.87 -76.94 -18.43
N VAL OB 193 83.75 -77.21 -19.72
CA VAL OB 193 84.76 -76.87 -20.72
C VAL OB 193 84.19 -75.80 -21.63
N ILE OB 194 84.99 -74.76 -21.89
CA ILE OB 194 84.59 -73.68 -22.78
C ILE OB 194 84.38 -74.23 -24.18
N THR OB 195 83.12 -74.22 -24.64
CA THR OB 195 82.80 -74.69 -25.98
C THR OB 195 82.62 -73.56 -26.97
N ASN OB 196 81.97 -72.47 -26.58
CA ASN OB 196 81.76 -71.37 -27.52
C ASN OB 196 81.75 -70.06 -26.75
N ARG OB 197 82.05 -68.97 -27.46
CA ARG OB 197 81.95 -67.63 -26.89
C ARG OB 197 81.37 -66.71 -27.95
N GLU OB 198 80.13 -66.28 -27.77
CA GLU OB 198 79.54 -65.27 -28.61
C GLU OB 198 79.67 -63.91 -27.92
N ARG OB 199 80.06 -62.91 -28.69
CA ARG OB 199 80.35 -61.59 -28.15
C ARG OB 199 79.35 -60.59 -28.71
N HIS OB 200 78.82 -59.76 -27.82
CA HIS OB 200 77.86 -58.72 -28.18
C HIS OB 200 78.46 -57.37 -27.88
N PRO OB 201 78.90 -56.62 -28.88
CA PRO OB 201 79.52 -55.31 -28.61
C PRO OB 201 78.54 -54.38 -27.91
N GLY OB 202 79.06 -53.64 -26.95
CA GLY OB 202 78.23 -52.77 -26.13
C GLY OB 202 77.41 -53.49 -25.08
N SER OB 203 77.60 -54.78 -24.90
CA SER OB 203 76.83 -55.54 -23.93
C SER OB 203 77.70 -56.68 -23.40
N PHE OB 204 77.08 -57.66 -22.77
CA PHE OB 204 77.80 -58.73 -22.12
C PHE OB 204 78.00 -59.90 -23.08
N ASP OB 205 79.22 -60.44 -23.10
CA ASP OB 205 79.48 -61.64 -23.87
C ASP OB 205 78.84 -62.85 -23.19
N VAL OB 206 78.41 -63.82 -24.00
CA VAL OB 206 77.80 -65.04 -23.50
C VAL OB 206 78.67 -66.22 -23.90
N VAL OB 207 79.04 -67.03 -22.93
CA VAL OB 207 79.90 -68.19 -23.15
C VAL OB 207 79.09 -69.46 -22.92
N HIS OB 208 79.27 -70.42 -23.80
CA HIS OB 208 78.58 -71.70 -23.77
C HIS OB 208 79.55 -72.79 -23.35
N VAL OB 209 79.16 -73.54 -22.32
CA VAL OB 209 80.02 -74.46 -21.61
C VAL OB 209 79.35 -75.82 -21.53
N LYS OB 210 80.09 -76.88 -21.80
CA LYS OB 210 79.60 -78.25 -21.68
C LYS OB 210 80.40 -78.97 -20.61
N ASP OB 211 79.70 -79.66 -19.71
CA ASP OB 211 80.34 -80.38 -18.62
C ASP OB 211 80.82 -81.75 -19.12
N ALA OB 212 81.22 -82.61 -18.18
CA ALA OB 212 81.70 -83.94 -18.55
C ALA OB 212 80.55 -84.82 -19.05
N ASN OB 213 79.38 -84.71 -18.42
CA ASN OB 213 78.25 -85.55 -18.78
C ASN OB 213 77.59 -85.13 -20.07
N GLY OB 214 77.95 -83.98 -20.64
CA GLY OB 214 77.37 -83.51 -21.87
C GLY OB 214 76.30 -82.45 -21.72
N ASN OB 215 75.97 -82.07 -20.48
CA ASN OB 215 74.97 -81.02 -20.27
C ASN OB 215 75.57 -79.67 -20.64
N SER OB 216 74.98 -79.00 -21.61
CA SER OB 216 75.48 -77.73 -22.11
C SER OB 216 74.62 -76.60 -21.56
N PHE OB 217 75.29 -75.58 -21.02
CA PHE OB 217 74.64 -74.39 -20.48
C PHE OB 217 75.40 -73.17 -20.96
N ALA OB 218 74.97 -71.99 -20.51
CA ALA OB 218 75.62 -70.75 -20.92
C ALA OB 218 75.53 -69.76 -19.78
N THR OB 219 76.42 -68.77 -19.82
CA THR OB 219 76.45 -67.74 -18.79
C THR OB 219 77.20 -66.53 -19.31
N ARG OB 220 77.07 -65.42 -18.59
CA ARG OB 220 77.79 -64.21 -18.95
C ARG OB 220 79.29 -64.39 -18.73
N LEU OB 221 80.07 -63.59 -19.45
CA LEU OB 221 81.52 -63.72 -19.41
C LEU OB 221 82.09 -63.38 -18.04
N SER OB 222 81.48 -62.44 -17.32
CA SER OB 222 81.98 -62.05 -16.02
C SER OB 222 81.83 -63.12 -14.97
N ASN OB 223 81.08 -64.18 -15.24
CA ASN OB 223 80.81 -65.23 -14.27
C ASN OB 223 81.68 -66.47 -14.49
N ILE OB 224 82.73 -66.37 -15.30
CA ILE OB 224 83.54 -67.52 -15.68
C ILE OB 224 84.92 -67.38 -15.09
N PHE OB 225 85.41 -68.45 -14.46
CA PHE OB 225 86.74 -68.53 -13.90
C PHE OB 225 87.41 -69.75 -14.54
N VAL OB 226 88.44 -69.52 -15.36
CA VAL OB 226 89.15 -70.64 -15.95
C VAL OB 226 89.99 -71.31 -14.88
N ILE OB 227 89.86 -72.63 -14.75
CA ILE OB 227 90.48 -73.37 -13.66
C ILE OB 227 91.39 -74.49 -14.14
N GLY OB 228 91.46 -74.75 -15.43
CA GLY OB 228 92.26 -75.85 -15.92
C GLY OB 228 92.79 -75.61 -17.31
N LYS OB 229 93.91 -76.26 -17.62
CA LYS OB 229 94.51 -76.19 -18.95
C LYS OB 229 93.86 -77.28 -19.80
N GLY OB 230 92.83 -76.88 -20.52
CA GLY OB 230 92.08 -77.80 -21.37
C GLY OB 230 91.04 -78.60 -20.62
N ASN OB 231 91.46 -79.64 -19.92
CA ASN OB 231 90.52 -80.45 -19.13
C ASN OB 231 91.03 -80.86 -17.76
N LYS OB 232 92.34 -80.92 -17.52
CA LYS OB 232 92.83 -81.19 -16.17
C LYS OB 232 92.75 -79.91 -15.35
N PRO OB 233 92.01 -79.90 -14.24
CA PRO OB 233 92.01 -78.72 -13.38
C PRO OB 233 93.35 -78.54 -12.69
N TRP OB 234 93.70 -77.28 -12.43
CA TRP OB 234 94.91 -76.97 -11.71
C TRP OB 234 94.73 -77.01 -10.19
N ILE OB 235 93.51 -77.26 -9.72
CA ILE OB 235 93.18 -77.35 -8.32
C ILE OB 235 92.46 -78.66 -8.07
N SER OB 236 92.14 -78.92 -6.80
CA SER OB 236 91.40 -80.12 -6.42
C SER OB 236 89.92 -79.79 -6.38
N LEU OB 237 89.14 -80.51 -7.18
CA LEU OB 237 87.72 -80.25 -7.27
C LEU OB 237 86.98 -80.85 -6.07
N PRO OB 238 85.86 -80.26 -5.67
CA PRO OB 238 85.08 -80.82 -4.56
C PRO OB 238 84.31 -82.06 -4.96
N ARG OB 239 83.49 -82.57 -4.05
CA ARG OB 239 82.69 -83.76 -4.33
C ARG OB 239 81.68 -83.48 -5.43
N GLY OB 240 81.49 -84.46 -6.31
CA GLY OB 240 80.60 -84.31 -7.43
C GLY OB 240 81.23 -83.68 -8.65
N LYS OB 241 82.48 -83.21 -8.55
CA LYS OB 241 83.24 -82.66 -9.68
C LYS OB 241 82.54 -81.48 -10.32
N GLY OB 242 81.71 -80.78 -9.55
CA GLY OB 242 80.95 -79.66 -10.08
C GLY OB 242 79.96 -80.03 -11.16
N ILE OB 243 79.37 -81.22 -11.07
CA ILE OB 243 78.40 -81.68 -12.04
C ILE OB 243 77.01 -81.50 -11.42
N ARG OB 244 76.28 -80.50 -11.89
CA ARG OB 244 74.92 -80.28 -11.41
C ARG OB 244 74.02 -81.39 -11.90
N LEU OB 245 73.47 -82.16 -10.97
CA LEU OB 245 72.57 -83.26 -11.28
C LEU OB 245 71.19 -82.94 -10.73
N THR OB 246 70.15 -83.28 -11.49
CA THR OB 246 68.81 -82.85 -11.18
C THR OB 246 68.25 -83.60 -9.97
N ILE OB 247 67.10 -83.13 -9.51
CA ILE OB 247 66.45 -83.71 -8.34
C ILE OB 247 66.06 -85.16 -8.61
N ALA OB 248 65.76 -85.49 -9.86
CA ALA OB 248 65.35 -86.85 -10.20
C ALA OB 248 66.47 -87.85 -9.91
N GLU OB 249 67.70 -87.53 -10.30
CA GLU OB 249 68.82 -88.41 -10.01
C GLU OB 249 69.53 -88.04 -8.71
N GLU OB 250 69.01 -87.07 -7.96
CA GLU OB 250 69.47 -86.85 -6.60
C GLU OB 250 68.67 -87.69 -5.60
N ARG OB 251 67.36 -87.81 -5.85
CA ARG OB 251 66.49 -88.55 -4.93
C ARG OB 251 66.89 -90.02 -4.86
N ASP OB 252 67.14 -90.66 -6.01
CA ASP OB 252 67.48 -92.07 -5.98
C ASP OB 252 68.86 -92.30 -5.40
N LYS OB 253 69.77 -91.32 -5.56
CA LYS OB 253 71.05 -91.42 -4.85
C LYS OB 253 70.85 -91.39 -3.35
N ARG OB 254 69.95 -90.51 -2.87
CA ARG OB 254 69.63 -90.51 -1.45
C ARG OB 254 69.04 -91.84 -1.01
N LEU OB 255 68.13 -92.41 -1.82
CA LEU OB 255 67.53 -93.70 -1.47
C LEU OB 255 68.56 -94.80 -1.43
N ALA OB 256 69.49 -94.81 -2.39
CA ALA OB 256 70.55 -95.82 -2.40
C ALA OB 256 71.46 -95.66 -1.19
N ALA OB 257 71.79 -94.42 -0.82
CA ALA OB 257 72.62 -94.19 0.35
C ALA OB 257 71.92 -94.67 1.62
N LYS OB 258 70.61 -94.39 1.73
CA LYS OB 258 69.86 -94.86 2.90
C LYS OB 258 69.80 -96.38 2.94
N GLN OB 259 69.60 -97.02 1.78
CA GLN OB 259 69.58 -98.48 1.72
C GLN OB 259 70.92 -99.08 2.12
N SER OB 260 72.02 -98.46 1.67
CA SER OB 260 73.35 -98.95 2.05
C SER OB 260 73.61 -98.76 3.53
N SER OB 261 73.21 -97.62 4.09
CA SER OB 261 73.45 -97.34 5.50
C SER OB 261 72.49 -98.06 6.42
N GLY OB 262 71.40 -98.61 5.91
CA GLY OB 262 70.44 -99.32 6.72
C GLY OB 262 70.44 -100.82 6.48
N MET PB 1 82.61 -3.61 44.17
CA MET PB 1 83.15 -4.38 43.06
C MET PB 1 84.41 -5.11 43.45
N LYS PB 2 84.36 -6.44 43.44
CA LYS PB 2 85.50 -7.23 43.84
C LYS PB 2 86.59 -7.15 42.78
N LEU PB 3 87.84 -7.30 43.22
CA LEU PB 3 88.99 -7.24 42.33
C LEU PB 3 89.80 -8.51 42.52
N ASN PB 4 90.02 -9.25 41.45
CA ASN PB 4 90.87 -10.43 41.49
C ASN PB 4 92.27 -9.99 41.08
N ILE PB 5 93.16 -9.86 42.06
CA ILE PB 5 94.47 -9.29 41.88
C ILE PB 5 95.47 -10.42 41.76
N SER PB 6 96.29 -10.40 40.71
CA SER PB 6 97.24 -11.46 40.45
C SER PB 6 98.59 -10.88 40.08
N PHE PB 7 99.65 -11.41 40.68
CA PHE PB 7 101.02 -11.03 40.34
C PHE PB 7 101.72 -12.25 39.77
N PRO PB 8 101.94 -12.30 38.45
CA PRO PB 8 102.38 -13.55 37.82
C PRO PB 8 103.71 -14.06 38.30
N ALA PB 9 104.65 -13.17 38.66
CA ALA PB 9 105.99 -13.63 39.03
C ALA PB 9 106.01 -14.40 40.35
N THR PB 10 104.94 -14.33 41.14
CA THR PB 10 104.84 -15.10 42.36
C THR PB 10 103.53 -15.88 42.51
N GLY PB 11 102.59 -15.69 41.60
CA GLY PB 11 101.27 -16.26 41.82
C GLY PB 11 100.57 -15.53 42.96
N CYS PB 12 99.98 -16.30 43.87
CA CYS PB 12 99.39 -15.78 45.10
C CYS PB 12 98.34 -14.71 44.81
N GLN PB 13 97.42 -15.03 43.91
CA GLN PB 13 96.32 -14.13 43.62
C GLN PB 13 95.39 -14.03 44.82
N LYS PB 14 94.70 -12.90 44.93
CA LYS PB 14 93.79 -12.69 46.05
C LYS PB 14 92.63 -11.80 45.62
N LEU PB 15 91.53 -11.89 46.37
CA LEU PB 15 90.33 -11.13 46.09
C LEU PB 15 90.24 -9.96 47.05
N ILE PB 16 89.93 -8.78 46.51
CA ILE PB 16 89.85 -7.54 47.28
C ILE PB 16 88.43 -6.99 47.17
N GLU PB 17 87.83 -6.68 48.32
CA GLU PB 17 86.50 -6.11 48.38
C GLU PB 17 86.62 -4.60 48.55
N VAL PB 18 86.17 -3.84 47.55
CA VAL PB 18 86.18 -2.39 47.62
C VAL PB 18 84.81 -1.87 47.21
N ASP PB 19 84.44 -0.71 47.76
CA ASP PB 19 83.17 -0.08 47.47
C ASP PB 19 83.32 1.43 47.32
N ASP PB 20 84.50 1.91 46.96
CA ASP PB 20 84.77 3.34 46.83
C ASP PB 20 84.76 3.71 45.35
N GLU PB 21 83.78 4.52 44.95
CA GLU PB 21 83.71 4.97 43.57
C GLU PB 21 84.90 5.84 43.20
N ARG PB 22 85.36 6.68 44.14
CA ARG PB 22 86.54 7.48 43.87
C ARG PB 22 87.78 6.63 43.67
N LYS PB 23 87.90 5.53 44.42
CA LYS PB 23 89.02 4.63 44.24
C LYS PB 23 88.91 3.84 42.94
N LEU PB 24 87.70 3.47 42.54
CA LEU PB 24 87.51 2.67 41.34
C LEU PB 24 87.41 3.50 40.06
N ARG PB 25 87.34 4.84 40.18
CA ARG PB 25 87.23 5.68 38.99
C ARG PB 25 88.47 5.60 38.12
N THR PB 26 89.61 5.23 38.70
CA THR PB 26 90.84 5.14 37.92
C THR PB 26 90.78 4.05 36.87
N PHE PB 27 89.83 3.11 36.98
CA PHE PB 27 89.71 2.03 36.03
C PHE PB 27 88.58 2.22 35.03
N TYR PB 28 87.64 3.12 35.29
CA TYR PB 28 86.45 3.24 34.48
C TYR PB 28 86.81 3.71 33.07
N GLU PB 29 85.97 3.31 32.10
CA GLU PB 29 86.14 3.64 30.68
C GLU PB 29 87.54 3.26 30.18
N LYS PB 30 87.97 2.05 30.53
CA LYS PB 30 89.21 1.49 30.02
C LYS PB 30 88.93 0.13 29.41
N ARG PB 31 89.72 -0.24 28.41
CA ARG PB 31 89.55 -1.50 27.75
C ARG PB 31 90.43 -2.57 28.38
N MET PB 32 90.20 -3.82 27.99
CA MET PB 32 91.02 -4.92 28.48
C MET PB 32 92.44 -4.81 27.93
N ALA PB 33 93.36 -5.51 28.60
CA ALA PB 33 94.77 -5.55 28.23
C ALA PB 33 95.40 -4.16 28.21
N THR PB 34 94.89 -3.25 29.02
CA THR PB 34 95.45 -1.91 29.18
C THR PB 34 96.03 -1.77 30.58
N GLU PB 35 97.16 -1.08 30.68
CA GLU PB 35 97.88 -0.92 31.94
C GLU PB 35 97.61 0.47 32.50
N VAL PB 36 97.14 0.52 33.73
CA VAL PB 36 96.88 1.76 34.45
C VAL PB 36 97.71 1.74 35.73
N ALA PB 37 98.29 2.88 36.06
CA ALA PB 37 99.01 3.03 37.33
C ALA PB 37 98.00 2.95 38.47
N ALA PB 38 98.10 1.90 39.28
CA ALA PB 38 97.13 1.65 40.34
C ALA PB 38 97.48 2.38 41.63
N ASP PB 39 97.74 3.68 41.51
CA ASP PB 39 98.09 4.49 42.67
C ASP PB 39 96.89 5.15 43.32
N ALA PB 40 95.69 4.91 42.81
CA ALA PB 40 94.48 5.48 43.39
C ALA PB 40 93.84 4.57 44.43
N LEU PB 41 94.32 3.35 44.60
CA LEU PB 41 93.77 2.43 45.59
C LEU PB 41 94.52 2.53 46.92
N GLY PB 42 94.65 3.74 47.44
CA GLY PB 42 95.31 3.94 48.71
C GLY PB 42 96.82 3.99 48.58
N GLU PB 43 97.46 4.27 49.71
CA GLU PB 43 98.91 4.42 49.74
C GLU PB 43 99.63 3.10 49.53
N GLU PB 44 99.04 1.99 49.97
CA GLU PB 44 99.71 0.69 49.87
C GLU PB 44 99.88 0.23 48.43
N TRP PB 45 99.07 0.75 47.51
CA TRP PB 45 99.15 0.37 46.10
C TRP PB 45 99.97 1.36 45.28
N LYS PB 46 100.70 2.25 45.95
CA LYS PB 46 101.49 3.26 45.26
C LYS PB 46 102.62 2.61 44.44
N GLY PB 47 102.92 3.21 43.29
CA GLY PB 47 103.99 2.71 42.46
C GLY PB 47 103.68 1.42 41.74
N TYR PB 48 102.41 1.08 41.61
CA TYR PB 48 101.99 -0.19 41.01
C TYR PB 48 101.26 0.09 39.71
N VAL PB 49 101.72 -0.55 38.63
CA VAL PB 49 101.06 -0.51 37.33
C VAL PB 49 100.42 -1.87 37.11
N VAL PB 50 99.12 -1.87 36.82
CA VAL PB 50 98.35 -3.10 36.75
C VAL PB 50 97.55 -3.11 35.45
N ARG PB 51 97.42 -4.28 34.85
CA ARG PB 51 96.76 -4.45 33.57
C ARG PB 51 95.37 -5.05 33.79
N ILE PB 52 94.37 -4.48 33.13
CA ILE PB 52 93.02 -5.03 33.16
C ILE PB 52 92.98 -6.28 32.27
N SER PB 53 92.66 -7.42 32.86
CA SER PB 53 92.76 -8.68 32.18
C SER PB 53 91.41 -9.36 31.96
N GLY PB 54 90.33 -8.76 32.39
CA GLY PB 54 89.01 -9.32 32.20
C GLY PB 54 88.17 -9.11 33.44
N GLY PB 55 87.04 -9.83 33.48
CA GLY PB 55 86.14 -9.70 34.61
C GLY PB 55 84.83 -10.40 34.33
N ASN PB 56 83.83 -10.09 35.14
CA ASN PB 56 82.51 -10.68 34.99
C ASN PB 56 81.46 -9.61 35.19
N ASP PB 57 80.33 -9.78 34.50
CA ASP PB 57 79.23 -8.84 34.55
C ASP PB 57 78.48 -9.01 35.89
N LYS PB 58 77.51 -8.14 36.13
CA LYS PB 58 76.71 -8.25 37.34
C LYS PB 58 75.96 -9.57 37.41
N GLN PB 59 75.65 -10.17 36.25
CA GLN PB 59 75.00 -11.46 36.18
C GLN PB 59 75.96 -12.58 35.88
N GLY PB 60 77.27 -12.34 36.02
CA GLY PB 60 78.26 -13.38 35.88
C GLY PB 60 78.76 -13.62 34.48
N PHE PB 61 78.31 -12.83 33.51
CA PHE PB 61 78.76 -13.02 32.13
C PHE PB 61 80.18 -12.49 31.97
N PRO PB 62 81.12 -13.31 31.54
CA PRO PB 62 82.49 -12.83 31.35
C PRO PB 62 82.57 -11.86 30.19
N MET PB 63 83.61 -11.03 30.23
CA MET PB 63 83.85 -10.09 29.14
C MET PB 63 84.79 -10.69 28.11
N LYS PB 64 84.65 -10.25 26.87
CA LYS PB 64 85.44 -10.73 25.76
C LYS PB 64 86.23 -9.57 25.17
N GLN PB 65 87.49 -9.80 24.87
CA GLN PB 65 88.32 -8.78 24.25
C GLN PB 65 87.88 -8.52 22.82
N GLY PB 66 87.75 -7.24 22.48
CA GLY PB 66 87.40 -6.85 21.13
C GLY PB 66 85.95 -6.49 20.90
N VAL PB 67 85.10 -6.63 21.91
CA VAL PB 67 83.68 -6.32 21.73
C VAL PB 67 83.49 -4.83 21.51
N LEU PB 68 84.28 -3.99 22.18
CA LEU PB 68 84.29 -2.54 21.99
C LEU PB 68 82.92 -1.92 22.28
N THR PB 69 82.33 -2.32 23.40
CA THR PB 69 81.14 -1.66 23.92
C THR PB 69 81.09 -1.92 25.42
N HIS PB 70 80.22 -1.17 26.10
CA HIS PB 70 79.89 -1.41 27.50
C HIS PB 70 78.48 -1.97 27.54
N GLY PB 71 78.35 -3.14 28.14
CA GLY PB 71 77.10 -3.87 28.16
C GLY PB 71 77.30 -5.27 27.65
N ARG PB 72 76.20 -5.93 27.35
CA ARG PB 72 76.22 -7.33 26.95
C ARG PB 72 75.73 -7.48 25.51
N VAL PB 73 76.42 -8.34 24.76
CA VAL PB 73 76.05 -8.65 23.38
C VAL PB 73 75.93 -10.16 23.25
N ARG PB 74 75.40 -10.59 22.10
CA ARG PB 74 75.27 -12.00 21.79
C ARG PB 74 76.13 -12.32 20.58
N LEU PB 75 76.99 -13.32 20.72
CA LEU PB 75 77.96 -13.67 19.69
C LEU PB 75 77.86 -15.15 19.37
N LEU PB 76 78.06 -15.48 18.10
CA LEU PB 76 78.14 -16.87 17.65
C LEU PB 76 79.58 -17.33 17.86
N LEU PB 77 79.82 -17.97 19.00
CA LEU PB 77 81.17 -18.35 19.39
C LEU PB 77 81.53 -19.71 18.80
N SER PB 78 82.63 -19.76 18.08
CA SER PB 78 83.15 -20.99 17.50
C SER PB 78 84.20 -21.58 18.43
N LYS PB 79 84.92 -22.58 17.94
CA LYS PB 79 85.96 -23.22 18.74
C LYS PB 79 87.11 -22.26 18.98
N GLY PB 80 87.53 -22.16 20.24
CA GLY PB 80 88.75 -21.45 20.57
C GLY PB 80 88.68 -19.94 20.49
N HIS PB 81 87.49 -19.35 20.55
CA HIS PB 81 87.42 -17.89 20.57
C HIS PB 81 87.66 -17.36 21.98
N SER PB 82 86.69 -17.58 22.86
CA SER PB 82 86.72 -17.27 24.29
C SER PB 82 85.35 -17.65 24.83
N CYS PB 83 85.26 -17.75 26.16
CA CYS PB 83 83.98 -17.84 26.86
C CYS PB 83 83.14 -19.03 26.39
N TYR PB 84 83.77 -20.02 25.77
CA TYR PB 84 83.04 -21.13 25.16
C TYR PB 84 83.97 -22.29 24.84
N ARG PB 85 83.58 -23.50 25.24
CA ARG PB 85 84.24 -24.70 24.77
C ARG PB 85 83.23 -25.55 24.03
N PRO PB 86 83.54 -26.04 22.84
CA PRO PB 86 82.55 -26.79 22.06
C PRO PB 86 82.32 -28.17 22.64
N ARG PB 87 81.04 -28.55 22.73
CA ARG PB 87 80.70 -29.89 23.19
C ARG PB 87 81.11 -30.95 22.18
N ARG PB 88 80.86 -30.68 20.89
CA ARG PB 88 81.25 -31.59 19.82
C ARG PB 88 81.96 -30.79 18.73
N THR PB 89 82.63 -31.50 17.85
CA THR PB 89 83.49 -30.87 16.86
C THR PB 89 82.66 -30.06 15.87
N GLY PB 90 83.09 -28.83 15.62
CA GLY PB 90 82.41 -27.96 14.69
C GLY PB 90 81.19 -27.25 15.22
N GLU PB 91 80.85 -27.46 16.49
CA GLU PB 91 79.69 -26.83 17.08
C GLU PB 91 79.98 -25.36 17.40
N ARG PB 92 79.06 -24.49 17.02
CA ARG PB 92 79.10 -23.08 17.39
C ARG PB 92 77.78 -22.74 18.08
N LYS PB 93 77.86 -22.05 19.21
CA LYS PB 93 76.68 -21.70 19.98
C LYS PB 93 76.67 -20.21 20.28
N ARG PB 94 75.50 -19.59 20.14
CA ARG PB 94 75.36 -18.19 20.46
C ARG PB 94 75.30 -18.01 21.97
N LYS PB 95 76.11 -17.07 22.48
CA LYS PB 95 76.20 -16.84 23.91
C LYS PB 95 76.31 -15.35 24.18
N SER PB 96 75.95 -14.95 25.39
CA SER PB 96 76.02 -13.57 25.82
C SER PB 96 77.36 -13.30 26.49
N VAL PB 97 78.01 -12.21 26.08
CA VAL PB 97 79.30 -11.81 26.61
C VAL PB 97 79.27 -10.33 26.94
N ARG PB 98 79.92 -9.97 28.04
CA ARG PB 98 80.10 -8.58 28.42
C ARG PB 98 81.12 -7.90 27.52
N GLY PB 99 80.93 -6.61 27.27
CA GLY PB 99 81.88 -5.87 26.47
C GLY PB 99 83.19 -5.64 27.20
N CYS PB 100 84.20 -5.23 26.43
CA CYS PB 100 85.55 -5.13 26.98
C CYS PB 100 85.74 -3.87 27.83
N ILE PB 101 85.05 -2.78 27.50
CA ILE PB 101 85.16 -1.55 28.29
C ILE PB 101 84.59 -1.80 29.68
N VAL PB 102 85.39 -1.57 30.71
CA VAL PB 102 84.96 -1.73 32.09
C VAL PB 102 84.29 -0.46 32.58
N ASP PB 103 83.22 -0.63 33.33
CA ASP PB 103 82.50 0.48 33.95
C ASP PB 103 82.06 0.05 35.34
N ALA PB 104 81.09 0.77 35.90
CA ALA PB 104 80.66 0.50 37.27
C ALA PB 104 80.00 -0.87 37.39
N ASN PB 105 79.20 -1.26 36.40
CA ASN PB 105 78.30 -2.41 36.53
C ASN PB 105 79.05 -3.72 36.25
N LEU PB 106 79.90 -4.07 37.21
CA LEU PB 106 80.59 -5.36 37.19
C LEU PB 106 80.58 -5.98 38.58
N SER PB 107 80.67 -7.31 38.60
CA SER PB 107 80.85 -8.03 39.85
C SER PB 107 82.32 -8.03 40.25
N VAL PB 108 83.19 -8.53 39.37
CA VAL PB 108 84.61 -8.59 39.63
C VAL PB 108 85.37 -7.96 38.47
N LEU PB 109 86.60 -7.56 38.75
CA LEU PB 109 87.53 -7.06 37.74
C LEU PB 109 88.85 -7.78 37.92
N ASN PB 110 89.35 -8.40 36.85
CA ASN PB 110 90.62 -9.10 36.92
C ASN PB 110 91.75 -8.11 36.64
N LEU PB 111 92.71 -8.04 37.56
CA LEU PB 111 93.85 -7.14 37.42
C LEU PB 111 95.14 -7.91 37.66
N VAL PB 112 96.13 -7.68 36.80
CA VAL PB 112 97.39 -8.41 36.82
C VAL PB 112 98.53 -7.40 36.88
N ILE PB 113 99.33 -7.45 37.93
CA ILE PB 113 100.38 -6.45 38.12
C ILE PB 113 101.47 -6.66 37.08
N VAL PB 114 101.85 -5.59 36.39
CA VAL PB 114 102.91 -5.67 35.40
C VAL PB 114 104.27 -5.36 35.99
N LYS PB 115 104.37 -4.32 36.84
CA LYS PB 115 105.63 -3.94 37.44
C LYS PB 115 105.48 -3.77 38.95
N LYS PB 116 106.55 -4.11 39.66
CA LYS PB 116 106.53 -4.11 41.12
C LYS PB 116 106.55 -2.67 41.66
N GLY PB 117 105.92 -2.50 42.81
CA GLY PB 117 105.93 -1.22 43.50
C GLY PB 117 107.16 -1.07 44.37
N GLU PB 118 107.07 -0.16 45.33
CA GLU PB 118 108.20 0.12 46.22
C GLU PB 118 108.21 -0.75 47.47
N LYS PB 119 107.05 -1.25 47.91
CA LYS PB 119 106.98 -2.08 49.08
C LYS PB 119 106.22 -3.36 48.74
N ASP PB 120 106.12 -4.26 49.72
CA ASP PB 120 105.55 -5.58 49.52
C ASP PB 120 104.11 -5.62 50.02
N ILE PB 121 103.20 -6.05 49.15
CA ILE PB 121 101.80 -6.21 49.54
C ILE PB 121 101.68 -7.43 50.46
N PRO PB 122 101.04 -7.31 51.62
CA PRO PB 122 100.92 -8.47 52.51
C PRO PB 122 100.05 -9.56 51.90
N GLY PB 123 100.58 -10.78 51.90
CA GLY PB 123 99.85 -11.93 51.43
C GLY PB 123 99.81 -12.08 49.92
N LEU PB 124 100.46 -11.19 49.17
CA LEU PB 124 100.43 -11.25 47.72
C LEU PB 124 101.81 -11.38 47.12
N THR PB 125 102.76 -10.53 47.53
CA THR PB 125 104.11 -10.54 46.98
C THR PB 125 105.08 -11.38 47.79
N ASP PB 126 104.59 -12.07 48.82
CA ASP PB 126 105.41 -12.93 49.66
C ASP PB 126 105.01 -14.38 49.49
N THR PB 127 105.88 -15.27 49.98
CA THR PB 127 105.67 -16.72 49.96
C THR PB 127 105.41 -17.21 48.54
N THR PB 128 106.44 -17.07 47.71
CA THR PB 128 106.36 -17.43 46.29
C THR PB 128 106.08 -18.91 46.11
N VAL PB 129 104.88 -19.24 45.63
CA VAL PB 129 104.55 -20.63 45.34
C VAL PB 129 105.29 -21.09 44.10
N PRO PB 130 105.99 -22.21 44.13
CA PRO PB 130 106.71 -22.68 42.94
C PRO PB 130 105.75 -23.27 41.92
N ARG PB 131 106.22 -23.28 40.66
CA ARG PB 131 105.53 -24.05 39.65
C ARG PB 131 105.65 -25.54 39.98
N ARG PB 132 104.55 -26.27 39.79
CA ARG PB 132 104.47 -27.63 40.28
C ARG PB 132 105.50 -28.54 39.63
N LEU PB 133 105.40 -28.70 38.32
CA LEU PB 133 106.12 -29.75 37.60
C LEU PB 133 107.00 -29.11 36.54
N GLY PB 134 108.24 -29.56 36.47
CA GLY PB 134 109.23 -28.96 35.62
C GLY PB 134 109.04 -29.35 34.17
N PRO PB 135 109.94 -28.84 33.32
CA PRO PB 135 109.83 -29.13 31.88
C PRO PB 135 109.99 -30.61 31.60
N LYS PB 136 109.20 -31.09 30.64
CA LYS PB 136 109.18 -32.50 30.24
C LYS PB 136 109.96 -32.76 28.96
N ARG PB 137 110.10 -31.77 28.09
CA ARG PB 137 110.83 -31.95 26.84
C ARG PB 137 112.33 -31.82 27.09
N ALA PB 138 113.11 -32.62 26.37
CA ALA PB 138 114.56 -32.61 26.55
C ALA PB 138 115.15 -31.26 26.20
N SER PB 139 114.71 -30.67 25.10
CA SER PB 139 115.18 -29.33 24.77
C SER PB 139 114.71 -28.31 25.80
N ARG PB 140 113.52 -28.51 26.36
CA ARG PB 140 113.01 -27.57 27.35
C ARG PB 140 113.72 -27.68 28.70
N ILE PB 141 114.39 -28.81 28.98
CA ILE PB 141 115.25 -28.80 30.15
C ILE PB 141 116.65 -28.33 29.78
N ARG PB 142 117.07 -28.53 28.52
CA ARG PB 142 118.36 -28.01 28.08
C ARG PB 142 118.39 -26.50 28.14
N LYS PB 143 117.30 -25.83 27.76
CA LYS PB 143 117.24 -24.38 27.90
C LYS PB 143 117.30 -23.96 29.36
N LEU PB 144 116.60 -24.69 30.23
CA LEU PB 144 116.47 -24.26 31.61
C LEU PB 144 117.74 -24.50 32.41
N PHE PB 145 118.52 -25.53 32.07
CA PHE PB 145 119.76 -25.83 32.78
C PHE PB 145 121.00 -25.61 31.93
N ASN PB 146 120.88 -24.93 30.79
CA ASN PB 146 122.03 -24.53 29.96
C ASN PB 146 122.88 -25.73 29.54
N LEU PB 147 122.22 -26.80 29.11
CA LEU PB 147 122.95 -27.95 28.59
C LEU PB 147 123.48 -27.66 27.20
N SER PB 148 124.70 -28.13 26.92
CA SER PB 148 125.21 -28.01 25.56
C SER PB 148 124.72 -29.16 24.69
N LYS PB 149 125.19 -30.38 24.98
CA LYS PB 149 124.82 -31.57 24.22
C LYS PB 149 125.08 -32.80 25.08
N GLU PB 150 124.01 -33.47 25.52
CA GLU PB 150 124.09 -34.79 26.14
C GLU PB 150 125.03 -34.81 27.34
N ASP PB 151 124.75 -33.96 28.32
CA ASP PB 151 125.54 -33.89 29.55
C ASP PB 151 124.65 -34.29 30.72
N ASP PB 152 124.55 -35.60 30.97
CA ASP PB 152 123.78 -36.16 32.08
C ASP PB 152 122.34 -35.66 32.06
N VAL PB 153 121.74 -35.73 30.87
CA VAL PB 153 120.37 -35.27 30.69
C VAL PB 153 119.39 -36.11 31.50
N ARG PB 154 119.72 -37.39 31.71
CA ARG PB 154 118.87 -38.25 32.50
C ARG PB 154 118.77 -37.76 33.94
N GLN PB 155 119.92 -37.39 34.53
CA GLN PB 155 119.94 -37.03 35.94
C GLN PB 155 119.78 -35.53 36.18
N TYR PB 156 119.75 -34.71 35.14
CA TYR PB 156 119.45 -33.29 35.31
C TYR PB 156 117.96 -32.99 35.25
N VAL PB 157 117.11 -34.03 35.15
CA VAL PB 157 115.68 -33.81 35.20
C VAL PB 157 115.27 -33.49 36.63
N VAL PB 158 114.17 -32.75 36.77
CA VAL PB 158 113.67 -32.37 38.08
C VAL PB 158 112.91 -33.55 38.68
N ARG PB 159 113.32 -33.96 39.88
CA ARG PB 159 112.68 -35.05 40.59
C ARG PB 159 111.70 -34.49 41.62
N LYS PB 160 110.49 -35.05 41.65
CA LYS PB 160 109.45 -34.55 42.52
C LYS PB 160 109.40 -35.39 43.79
N PRO PB 161 109.77 -34.84 44.95
CA PRO PB 161 109.64 -35.61 46.19
C PRO PB 161 108.26 -35.46 46.81
N LEU PB 162 107.54 -36.57 46.93
CA LEU PB 162 106.21 -36.58 47.50
C LEU PB 162 106.20 -37.42 48.77
N ASN PB 163 105.55 -36.89 49.81
CA ASN PB 163 105.55 -37.51 51.13
C ASN PB 163 104.12 -37.55 51.66
N LYS PB 164 103.65 -38.74 52.01
CA LYS PB 164 102.40 -38.93 52.72
C LYS PB 164 102.63 -39.83 53.91
N GLU PB 165 101.73 -39.74 54.90
CA GLU PB 165 101.89 -40.43 56.18
C GLU PB 165 102.03 -41.94 56.01
N GLY PB 166 101.00 -42.60 55.48
CA GLY PB 166 101.09 -44.02 55.23
C GLY PB 166 102.04 -44.37 54.11
N LYS PB 167 102.34 -43.42 53.23
CA LYS PB 167 103.25 -43.65 52.13
C LYS PB 167 104.67 -43.89 52.62
N LYS PB 168 105.35 -44.83 51.99
CA LYS PB 168 106.77 -45.04 52.13
C LYS PB 168 107.47 -44.10 51.14
N PRO PB 169 108.36 -43.22 51.61
CA PRO PB 169 108.83 -42.10 50.78
C PRO PB 169 109.48 -42.55 49.48
N ARG PB 170 109.28 -41.74 48.43
CA ARG PB 170 109.70 -42.05 47.08
C ARG PB 170 109.85 -40.76 46.28
N THR PB 171 110.73 -40.79 45.29
CA THR PB 171 110.88 -39.70 44.34
C THR PB 171 110.17 -40.06 43.03
N LYS PB 172 109.72 -39.03 42.31
CA LYS PB 172 109.01 -39.21 41.06
C LYS PB 172 109.67 -38.39 39.96
N ALA PB 173 109.87 -39.02 38.81
CA ALA PB 173 110.48 -38.37 37.66
C ALA PB 173 109.63 -38.61 36.42
N PRO PB 174 109.53 -37.65 35.51
CA PRO PB 174 108.70 -37.83 34.32
C PRO PB 174 109.42 -38.59 33.23
N LYS PB 175 108.61 -39.23 32.38
CA LYS PB 175 109.13 -39.85 31.16
C LYS PB 175 109.47 -38.73 30.18
N ILE PB 176 110.76 -38.41 30.09
CA ILE PB 176 111.19 -37.29 29.26
C ILE PB 176 111.07 -37.65 27.78
N GLN PB 177 110.58 -36.71 26.99
CA GLN PB 177 110.24 -36.93 25.60
C GLN PB 177 111.21 -36.21 24.67
N ARG PB 178 111.23 -36.65 23.41
CA ARG PB 178 112.04 -36.09 22.35
C ARG PB 178 113.54 -36.15 22.70
N LEU PB 179 114.03 -37.38 22.82
CA LEU PB 179 115.42 -37.66 23.11
C LEU PB 179 116.07 -38.35 21.92
N VAL PB 180 117.33 -38.73 22.11
CA VAL PB 180 118.01 -39.66 21.23
C VAL PB 180 118.21 -40.94 22.01
N THR PB 181 117.69 -42.04 21.49
CA THR PB 181 117.58 -43.29 22.22
C THR PB 181 118.04 -44.40 21.29
N PRO PB 182 118.61 -45.49 21.85
CA PRO PB 182 118.87 -46.67 21.02
C PRO PB 182 117.64 -47.16 20.29
N ARG PB 183 116.46 -47.07 20.91
CA ARG PB 183 115.22 -47.47 20.23
C ARG PB 183 114.91 -46.54 19.05
N VAL PB 184 115.12 -45.24 19.23
CA VAL PB 184 114.84 -44.29 18.15
C VAL PB 184 115.81 -44.52 16.99
N LEU PB 185 117.09 -44.70 17.30
CA LEU PB 185 118.06 -45.00 16.24
C LEU PB 185 117.77 -46.35 15.60
N GLN PB 186 117.23 -47.30 16.37
CA GLN PB 186 116.79 -48.56 15.79
C GLN PB 186 115.67 -48.35 14.79
N HIS PB 187 114.70 -47.51 15.12
CA HIS PB 187 113.61 -47.22 14.18
C HIS PB 187 114.15 -46.55 12.92
N LYS PB 188 115.09 -45.62 13.08
CA LYS PB 188 115.67 -44.95 11.92
C LYS PB 188 116.43 -45.92 11.03
N ARG PB 189 117.22 -46.81 11.63
CA ARG PB 189 117.92 -47.81 10.85
C ARG PB 189 116.93 -48.74 10.16
N ARG PB 190 115.83 -49.07 10.84
CA ARG PB 190 114.82 -49.95 10.26
C ARG PB 190 114.19 -49.33 9.02
N ARG PB 191 113.79 -48.06 9.10
CA ARG PB 191 113.16 -47.41 7.96
C ARG PB 191 114.16 -47.21 6.81
N ILE PB 192 115.42 -46.91 7.12
CA ILE PB 192 116.42 -46.83 6.06
C ILE PB 192 116.60 -48.19 5.39
N ALA PB 193 116.58 -49.27 6.18
CA ALA PB 193 116.66 -50.60 5.61
C ALA PB 193 115.47 -50.91 4.71
N LEU PB 194 114.28 -50.49 5.14
CA LEU PB 194 113.10 -50.63 4.29
C LEU PB 194 113.29 -49.94 2.96
N LYS PB 195 113.84 -48.71 2.98
CA LYS PB 195 114.16 -48.04 1.73
C LYS PB 195 115.15 -48.86 0.91
N LYS PB 196 116.14 -49.46 1.56
CA LYS PB 196 117.15 -50.25 0.88
C LYS PB 196 116.53 -51.41 0.11
N GLN PB 197 115.84 -52.31 0.82
CA GLN PB 197 115.28 -53.44 0.09
C GLN PB 197 114.13 -53.05 -0.81
N ARG PB 198 113.48 -51.90 -0.59
CA ARG PB 198 112.46 -51.45 -1.53
C ARG PB 198 113.08 -51.06 -2.86
N THR PB 199 114.19 -50.32 -2.82
CA THR PB 199 114.90 -49.98 -4.05
C THR PB 199 115.45 -51.23 -4.72
N LYS PB 200 115.97 -52.17 -3.92
CA LYS PB 200 116.48 -53.43 -4.46
C LYS PB 200 115.37 -54.21 -5.17
N LYS PB 201 114.18 -54.26 -4.55
CA LYS PB 201 113.04 -54.94 -5.14
C LYS PB 201 112.65 -54.30 -6.47
N ASN PB 202 112.60 -52.96 -6.51
CA ASN PB 202 112.25 -52.28 -7.75
C ASN PB 202 113.25 -52.60 -8.86
N LYS PB 203 114.55 -52.56 -8.52
CA LYS PB 203 115.57 -52.81 -9.53
C LYS PB 203 115.51 -54.23 -10.05
N GLU PB 204 115.36 -55.21 -9.15
CA GLU PB 204 115.35 -56.60 -9.58
C GLU PB 204 114.09 -56.93 -10.38
N GLU PB 205 112.95 -56.35 -10.00
CA GLU PB 205 111.73 -56.57 -10.76
C GLU PB 205 111.82 -55.95 -12.15
N ALA PB 206 112.43 -54.76 -12.24
CA ALA PB 206 112.63 -54.15 -13.55
C ALA PB 206 113.53 -55.01 -14.43
N ALA PB 207 114.60 -55.55 -13.86
CA ALA PB 207 115.48 -56.41 -14.64
C ALA PB 207 114.78 -57.67 -15.11
N GLU PB 208 114.00 -58.31 -14.22
CA GLU PB 208 113.28 -59.51 -14.60
C GLU PB 208 112.27 -59.23 -15.70
N TYR PB 209 111.52 -58.13 -15.59
CA TYR PB 209 110.56 -57.80 -16.63
C TYR PB 209 111.26 -57.48 -17.94
N ALA PB 210 112.41 -56.82 -17.89
CA ALA PB 210 113.15 -56.54 -19.12
C ALA PB 210 113.56 -57.84 -19.79
N LYS PB 211 114.06 -58.81 -19.02
CA LYS PB 211 114.45 -60.09 -19.59
C LYS PB 211 113.26 -60.81 -20.21
N LEU PB 212 112.14 -60.86 -19.48
CA LEU PB 212 110.96 -61.56 -19.98
C LEU PB 212 110.39 -60.89 -21.23
N LEU PB 213 110.34 -59.55 -21.22
CA LEU PB 213 109.83 -58.82 -22.38
C LEU PB 213 110.74 -58.99 -23.58
N ALA PB 214 112.06 -59.03 -23.34
CA ALA PB 214 112.98 -59.30 -24.44
C ALA PB 214 112.73 -60.68 -25.03
N LYS PB 215 112.49 -61.68 -24.18
CA LYS PB 215 112.21 -63.03 -24.69
C LYS PB 215 110.92 -63.05 -25.49
N ARG PB 216 109.87 -62.38 -24.99
CA ARG PB 216 108.59 -62.38 -25.69
C ARG PB 216 108.68 -61.65 -27.04
N MET PB 217 109.38 -60.52 -27.06
CA MET PB 217 109.58 -59.81 -28.32
C MET PB 217 110.43 -60.63 -29.28
N LYS PB 218 111.40 -61.38 -28.75
CA LYS PB 218 112.17 -62.30 -29.58
C LYS PB 218 111.27 -63.37 -30.19
N GLU PB 219 110.31 -63.87 -29.40
CA GLU PB 219 109.38 -64.86 -29.93
C GLU PB 219 108.50 -64.26 -31.03
N ALA PB 220 108.01 -63.04 -30.83
CA ALA PB 220 107.19 -62.40 -31.87
C ALA PB 220 108.00 -62.13 -33.13
N LYS PB 221 109.25 -61.67 -32.98
CA LYS PB 221 110.11 -61.46 -34.13
C LYS PB 221 110.44 -62.77 -34.82
N GLU PB 222 110.59 -63.85 -34.06
CA GLU PB 222 110.79 -65.17 -34.65
C GLU PB 222 109.56 -65.60 -35.45
N LYS PB 223 108.37 -65.28 -34.94
CA LYS PB 223 107.15 -65.59 -35.69
C LYS PB 223 107.11 -64.83 -37.00
N ARG PB 224 107.48 -63.55 -36.98
CA ARG PB 224 107.54 -62.76 -38.21
C ARG PB 224 108.59 -63.33 -39.18
N GLN PB 225 109.76 -63.70 -38.64
CA GLN PB 225 110.80 -64.31 -39.47
C GLN PB 225 110.37 -65.66 -40.03
N GLU PB 226 109.54 -66.39 -39.29
CA GLU PB 226 109.03 -67.66 -39.79
C GLU PB 226 108.00 -67.47 -40.89
N GLN PB 227 107.18 -66.43 -40.78
CA GLN PB 227 106.29 -66.08 -41.89
C GLN PB 227 107.10 -65.68 -43.12
N ILE PB 228 108.20 -64.95 -42.90
CA ILE PB 228 109.12 -64.60 -43.98
C ILE PB 228 109.71 -65.86 -44.61
N ALA PB 229 110.10 -66.82 -43.77
CA ALA PB 229 110.67 -68.07 -44.27
C ALA PB 229 109.63 -68.86 -45.07
N LYS PB 230 108.38 -68.86 -44.61
CA LYS PB 230 107.32 -69.55 -45.34
C LYS PB 230 107.08 -68.90 -46.69
N ARG PB 231 107.03 -67.57 -46.76
CA ARG PB 231 106.78 -66.93 -48.04
C ARG PB 231 108.00 -66.97 -48.96
N ARG PB 232 109.20 -67.21 -48.41
CA ARG PB 232 110.41 -67.29 -49.23
C ARG PB 232 110.69 -68.71 -49.72
N ARG PB 233 110.39 -69.74 -48.92
CA ARG PB 233 110.75 -71.10 -49.28
C ARG PB 233 109.85 -71.67 -50.36
N LEU PB 234 108.69 -71.07 -50.61
CA LEU PB 234 107.73 -71.56 -51.60
C LEU PB 234 107.26 -70.37 -52.43
N SER PB 235 107.91 -70.17 -53.57
CA SER PB 235 107.57 -69.07 -54.47
C SER PB 235 107.29 -69.49 -55.90
N SER PB 236 107.79 -70.64 -56.36
CA SER PB 236 107.57 -71.08 -57.73
C SER PB 236 106.98 -72.48 -57.77
N LEU PB 237 107.42 -73.34 -56.86
CA LEU PB 237 106.95 -74.73 -56.82
C LEU PB 237 105.47 -74.80 -56.46
N SER QB 1 79.22 -84.94 -85.28
CA SER QB 1 77.91 -84.47 -84.85
C SER QB 1 77.68 -83.02 -85.24
N ALA QB 2 76.49 -82.73 -85.76
CA ALA QB 2 76.09 -81.39 -86.18
C ALA QB 2 75.12 -80.83 -85.16
N LYS QB 3 75.56 -79.84 -84.40
CA LYS QB 3 74.72 -79.17 -83.40
C LYS QB 3 74.91 -77.67 -83.60
N ILE QB 4 73.97 -77.05 -84.30
CA ILE QB 4 74.05 -75.63 -84.59
C ILE QB 4 73.01 -74.83 -83.81
N VAL QB 5 71.87 -75.41 -83.49
CA VAL QB 5 70.77 -74.70 -82.83
C VAL QB 5 70.53 -75.35 -81.48
N LYS QB 6 71.25 -74.87 -80.46
CA LYS QB 6 71.11 -75.29 -79.07
C LYS QB 6 71.84 -74.30 -78.17
N PRO QB 7 71.24 -73.16 -77.84
CA PRO QB 7 71.81 -72.31 -76.78
C PRO QB 7 71.16 -72.53 -75.43
N ASN QB 8 71.97 -72.55 -74.38
CA ASN QB 8 71.49 -72.56 -72.99
C ASN QB 8 72.65 -72.21 -72.08
N GLY QB 9 72.45 -72.34 -70.76
CA GLY QB 9 73.44 -71.88 -69.82
C GLY QB 9 74.75 -72.66 -69.88
N GLU QB 10 74.66 -73.97 -70.04
CA GLU QB 10 75.84 -74.82 -70.10
C GLU QB 10 76.27 -75.03 -71.55
N LYS QB 11 77.49 -75.53 -71.71
CA LYS QB 11 78.00 -75.84 -73.05
C LYS QB 11 77.54 -77.19 -73.61
N PRO QB 12 77.68 -78.31 -72.89
CA PRO QB 12 77.47 -79.61 -73.53
C PRO QB 12 75.99 -79.93 -73.71
N ASP QB 13 75.74 -81.15 -74.19
CA ASP QB 13 74.39 -81.68 -74.35
C ASP QB 13 74.46 -83.20 -74.39
N GLU QB 14 73.34 -83.83 -74.04
CA GLU QB 14 73.22 -85.28 -74.09
C GLU QB 14 71.88 -85.62 -74.72
N PHE QB 15 71.93 -86.27 -75.89
CA PHE QB 15 70.76 -86.70 -76.67
C PHE QB 15 70.00 -85.52 -77.25
N GLU QB 16 70.34 -84.31 -76.80
CA GLU QB 16 69.77 -83.09 -77.35
C GLU QB 16 70.45 -82.74 -78.68
N SER QB 17 71.67 -83.23 -78.88
CA SER QB 17 72.30 -83.12 -80.19
C SER QB 17 71.45 -83.82 -81.25
N GLY QB 18 70.80 -84.93 -80.89
CA GLY QB 18 69.95 -85.61 -81.84
C GLY QB 18 68.72 -84.80 -82.22
N ILE QB 19 68.08 -84.16 -81.24
CA ILE QB 19 66.87 -83.39 -81.55
C ILE QB 19 67.24 -82.13 -82.34
N SER QB 20 68.37 -81.50 -81.99
CA SER QB 20 68.85 -80.37 -82.78
C SER QB 20 69.23 -80.80 -84.19
N GLN QB 21 69.78 -82.02 -84.32
CA GLN QB 21 70.10 -82.57 -85.63
C GLN QB 21 68.85 -82.72 -86.46
N ALA QB 22 67.82 -83.37 -85.91
CA ALA QB 22 66.55 -83.52 -86.60
C ALA QB 22 65.98 -82.17 -86.99
N LEU QB 23 66.13 -81.17 -86.13
CA LEU QB 23 65.67 -79.83 -86.48
C LEU QB 23 66.47 -79.25 -87.64
N LEU QB 24 67.77 -79.51 -87.71
CA LEU QB 24 68.56 -78.88 -88.77
C LEU QB 24 68.34 -79.56 -90.13
N GLU QB 25 68.17 -80.89 -90.17
CA GLU QB 25 67.71 -81.48 -91.42
C GLU QB 25 66.19 -81.53 -91.54
N LEU QB 26 65.48 -80.77 -90.71
CA LEU QB 26 64.12 -80.42 -91.10
C LEU QB 26 64.11 -79.33 -92.22
N GLU QB 27 65.30 -79.07 -92.77
CA GLU QB 27 65.50 -78.20 -93.91
C GLU QB 27 64.69 -78.72 -95.12
N MET QB 28 64.53 -77.85 -96.11
CA MET QB 28 63.77 -78.10 -97.35
C MET QB 28 62.41 -78.74 -97.07
N ASN QB 29 61.73 -78.21 -96.06
CA ASN QB 29 60.39 -78.64 -95.70
C ASN QB 29 59.37 -77.78 -96.44
N SER QB 30 58.10 -77.89 -96.05
CA SER QB 30 57.02 -77.14 -96.70
C SER QB 30 56.94 -75.73 -96.08
N ASP QB 31 57.95 -74.93 -96.41
CA ASP QB 31 58.01 -73.51 -96.05
C ASP QB 31 57.92 -73.31 -94.53
N LEU QB 32 58.76 -74.04 -93.80
CA LEU QB 32 58.85 -73.92 -92.35
C LEU QB 32 60.18 -73.35 -91.88
N LYS QB 33 61.27 -73.63 -92.59
CA LYS QB 33 62.58 -73.15 -92.17
C LYS QB 33 62.68 -71.64 -92.19
N ALA QB 34 61.87 -70.96 -93.01
CA ALA QB 34 61.94 -69.50 -93.09
C ALA QB 34 61.65 -68.86 -91.74
N GLN QB 35 60.65 -69.35 -91.03
CA GLN QB 35 60.35 -68.88 -89.68
C GLN QB 35 60.95 -69.76 -88.59
N LEU QB 36 61.56 -70.88 -88.96
CA LEU QB 36 62.19 -71.75 -87.97
C LEU QB 36 63.66 -71.44 -87.72
N ARG QB 37 64.36 -70.86 -88.70
CA ARG QB 37 65.82 -70.72 -88.59
C ARG QB 37 66.20 -69.71 -87.51
N GLU QB 38 65.37 -68.70 -87.28
CA GLU QB 38 65.65 -67.72 -86.23
C GLU QB 38 65.35 -68.24 -84.84
N LEU QB 39 64.72 -69.41 -84.73
CA LEU QB 39 64.33 -69.97 -83.45
C LEU QB 39 65.43 -70.86 -82.89
N ASN QB 40 65.35 -71.13 -81.59
CA ASN QB 40 66.39 -71.89 -80.92
C ASN QB 40 65.80 -72.73 -79.81
N ILE QB 41 66.58 -73.70 -79.34
CA ILE QB 41 66.13 -74.71 -78.39
C ILE QB 41 67.01 -74.65 -77.15
N THR QB 42 66.38 -74.61 -75.98
CA THR QB 42 67.14 -74.59 -74.74
C THR QB 42 67.59 -75.99 -74.34
N ALA QB 43 66.67 -76.95 -74.27
CA ALA QB 43 67.01 -78.29 -73.81
C ALA QB 43 65.95 -79.27 -74.31
N ALA QB 44 66.22 -80.55 -74.09
CA ALA QB 44 65.28 -81.61 -74.43
C ALA QB 44 65.41 -82.73 -73.42
N LYS QB 45 64.32 -83.46 -73.22
CA LYS QB 45 64.30 -84.53 -72.23
C LYS QB 45 63.35 -85.63 -72.67
N GLU QB 46 63.80 -86.88 -72.54
CA GLU QB 46 62.97 -88.05 -72.82
C GLU QB 46 62.55 -88.70 -71.50
N ILE QB 47 61.25 -88.95 -71.36
CA ILE QB 47 60.74 -89.62 -70.17
C ILE QB 47 59.79 -90.73 -70.58
N GLU QB 48 59.53 -91.63 -69.63
CA GLU QB 48 58.60 -92.73 -69.81
C GLU QB 48 57.25 -92.36 -69.22
N VAL QB 49 56.18 -92.58 -69.99
CA VAL QB 49 54.82 -92.29 -69.53
C VAL QB 49 53.95 -93.50 -69.84
N GLY QB 50 53.03 -93.79 -68.91
CA GLY QB 50 52.08 -94.87 -69.13
C GLY QB 50 52.68 -96.25 -69.10
N GLY QB 51 52.70 -96.91 -70.25
CA GLY QB 51 53.19 -98.26 -70.35
C GLY QB 51 54.61 -98.34 -70.87
N GLY QB 52 54.76 -98.60 -72.16
CA GLY QB 52 56.06 -98.57 -72.80
C GLY QB 52 56.18 -97.42 -73.79
N ARG QB 53 55.66 -96.26 -73.41
CA ARG QB 53 55.56 -95.11 -74.30
C ARG QB 53 56.50 -94.00 -73.83
N LYS QB 54 57.20 -93.38 -74.77
CA LYS QB 54 58.15 -92.33 -74.49
C LYS QB 54 57.58 -90.97 -74.87
N ALA QB 55 57.99 -89.94 -74.14
CA ALA QB 55 57.57 -88.58 -74.40
C ALA QB 55 58.78 -87.67 -74.41
N ILE QB 56 58.82 -86.76 -75.38
CA ILE QB 56 59.91 -85.81 -75.55
C ILE QB 56 59.43 -84.41 -75.19
N ILE QB 57 60.20 -83.73 -74.35
CA ILE QB 57 59.91 -82.40 -73.86
C ILE QB 57 60.99 -81.47 -74.38
N ILE QB 58 60.60 -80.40 -75.06
CA ILE QB 58 61.53 -79.47 -75.67
C ILE QB 58 61.33 -78.12 -75.01
N PHE QB 59 62.40 -77.56 -74.45
CA PHE QB 59 62.36 -76.29 -73.76
C PHE QB 59 62.79 -75.17 -74.68
N VAL QB 60 62.04 -74.07 -74.64
CA VAL QB 60 62.28 -72.92 -75.49
C VAL QB 60 62.38 -71.68 -74.61
N PRO QB 61 63.08 -70.63 -75.05
CA PRO QB 61 63.10 -69.39 -74.27
C PRO QB 61 61.72 -68.75 -74.19
N VAL QB 62 61.47 -68.07 -73.08
CA VAL QB 62 60.20 -67.36 -72.91
C VAL QB 62 59.96 -66.32 -73.99
N PRO QB 63 60.93 -65.49 -74.40
CA PRO QB 63 60.64 -64.52 -75.46
C PRO QB 63 60.19 -65.15 -76.77
N GLN QB 64 60.70 -66.33 -77.12
CA GLN QB 64 60.28 -66.99 -78.35
C GLN QB 64 59.26 -68.09 -78.11
N LEU QB 65 58.71 -68.18 -76.90
CA LEU QB 65 57.63 -69.14 -76.67
C LEU QB 65 56.42 -68.85 -77.54
N LYS QB 66 56.04 -67.58 -77.67
CA LYS QB 66 54.89 -67.23 -78.50
C LYS QB 66 55.16 -67.53 -79.97
N SER QB 67 56.37 -67.25 -80.45
CA SER QB 67 56.72 -67.57 -81.83
C SER QB 67 56.71 -69.07 -82.06
N PHE QB 68 57.18 -69.84 -81.08
CA PHE QB 68 57.10 -71.30 -81.19
C PHE QB 68 55.66 -71.77 -81.25
N GLN QB 69 54.79 -71.19 -80.42
CA GLN QB 69 53.39 -71.60 -80.41
C GLN QB 69 52.69 -71.24 -81.71
N LYS QB 70 53.07 -70.13 -82.33
CA LYS QB 70 52.40 -69.70 -83.55
C LYS QB 70 52.53 -70.73 -84.67
N ILE QB 71 53.61 -71.51 -84.68
CA ILE QB 71 53.80 -72.56 -85.66
C ILE QB 71 53.84 -73.94 -85.02
N GLN QB 72 53.50 -74.04 -83.74
CA GLN QB 72 53.71 -75.29 -83.00
C GLN QB 72 52.88 -76.43 -83.56
N VAL QB 73 51.61 -76.16 -83.91
CA VAL QB 73 50.73 -77.20 -84.42
C VAL QB 73 51.27 -77.80 -85.71
N ARG QB 74 52.12 -77.06 -86.43
CA ARG QB 74 52.67 -77.55 -87.68
C ARG QB 74 53.72 -78.62 -87.46
N LEU QB 75 54.77 -78.30 -86.71
CA LEU QB 75 55.95 -79.17 -86.66
C LEU QB 75 55.86 -80.28 -85.63
N VAL QB 76 54.80 -80.33 -84.81
CA VAL QB 76 54.65 -81.44 -83.88
C VAL QB 76 54.52 -82.75 -84.65
N ARG QB 77 53.74 -82.77 -85.72
CA ARG QB 77 53.59 -83.99 -86.50
C ARG QB 77 54.91 -84.37 -87.20
N GLU QB 78 55.68 -83.37 -87.65
CA GLU QB 78 56.97 -83.68 -88.25
C GLU QB 78 57.94 -84.28 -87.24
N LEU QB 79 57.97 -83.73 -86.03
CA LEU QB 79 58.82 -84.31 -85.00
C LEU QB 79 58.33 -85.69 -84.57
N GLU QB 80 57.02 -85.93 -84.62
CA GLU QB 80 56.51 -87.27 -84.33
C GLU QB 80 56.93 -88.25 -85.42
N LYS QB 81 56.92 -87.82 -86.68
CA LYS QB 81 57.42 -88.67 -87.75
C LYS QB 81 58.90 -88.96 -87.57
N LYS QB 82 59.68 -87.95 -87.16
CA LYS QB 82 61.10 -88.18 -86.90
C LYS QB 82 61.30 -89.15 -85.76
N PHE QB 83 60.56 -88.99 -84.67
CA PHE QB 83 60.57 -89.91 -83.54
C PHE QB 83 59.19 -90.54 -83.46
N SER QB 84 58.97 -91.58 -84.26
CA SER QB 84 57.70 -92.29 -84.24
C SER QB 84 57.46 -92.95 -82.90
N GLY QB 85 56.19 -92.97 -82.48
CA GLY QB 85 55.83 -93.54 -81.20
C GLY QB 85 56.12 -92.65 -80.00
N LYS QB 86 56.46 -91.39 -80.23
CA LYS QB 86 56.80 -90.46 -79.15
C LYS QB 86 55.99 -89.19 -79.32
N HIS QB 87 55.51 -88.65 -78.20
CA HIS QB 87 54.70 -87.45 -78.20
C HIS QB 87 55.57 -86.25 -77.83
N VAL QB 88 55.41 -85.16 -78.57
CA VAL QB 88 56.25 -83.97 -78.47
C VAL QB 88 55.50 -82.90 -77.70
N VAL QB 89 56.14 -82.33 -76.68
CA VAL QB 89 55.57 -81.21 -75.96
C VAL QB 89 56.59 -80.09 -75.87
N PHE QB 90 56.09 -78.86 -75.88
CA PHE QB 90 56.93 -77.66 -75.88
C PHE QB 90 56.69 -76.89 -74.58
N ILE QB 91 57.76 -76.66 -73.83
CA ILE QB 91 57.69 -75.99 -72.54
C ILE QB 91 58.69 -74.85 -72.54
N ALA QB 92 58.32 -73.73 -71.94
CA ALA QB 92 59.23 -72.60 -71.79
C ALA QB 92 59.95 -72.70 -70.45
N GLN QB 93 61.27 -72.49 -70.48
CA GLN QB 93 62.03 -72.47 -69.24
C GLN QB 93 61.77 -71.15 -68.50
N ARG QB 94 61.35 -71.26 -67.24
CA ARG QB 94 60.83 -70.11 -66.51
C ARG QB 94 61.66 -69.66 -65.32
N ARG QB 95 62.70 -70.42 -64.93
CA ARG QB 95 63.66 -69.99 -63.92
C ARG QB 95 62.97 -69.60 -62.61
N ILE QB 96 62.46 -70.63 -61.93
CA ILE QB 96 61.81 -70.41 -60.64
C ILE QB 96 62.80 -69.78 -59.67
N LEU QB 97 62.43 -68.63 -59.11
CA LEU QB 97 63.28 -67.98 -58.13
C LEU QB 97 62.85 -68.35 -56.72
N PRO QB 98 63.81 -68.64 -55.83
CA PRO QB 98 63.45 -69.07 -54.49
C PRO QB 98 62.73 -67.98 -53.71
N LYS QB 99 61.85 -68.41 -52.81
CA LYS QB 99 61.12 -67.48 -51.96
C LYS QB 99 62.09 -66.81 -51.00
N PRO QB 100 62.08 -65.48 -50.89
CA PRO QB 100 63.03 -64.81 -50.02
C PRO QB 100 62.77 -65.06 -48.55
N THR QB 101 63.67 -65.79 -47.90
CA THR QB 101 63.56 -66.10 -46.49
C THR QB 101 64.25 -65.01 -45.66
N ARG QB 102 64.40 -65.25 -44.37
CA ARG QB 102 65.08 -64.32 -43.49
C ARG QB 102 66.58 -64.55 -43.44
N LYS QB 103 67.10 -65.52 -44.19
CA LYS QB 103 68.52 -65.83 -44.16
C LYS QB 103 69.24 -65.25 -45.37
N LYS QB 107 75.54 -58.27 -51.91
CA LYS QB 107 74.51 -58.31 -50.89
C LYS QB 107 73.35 -57.40 -51.27
N ASN QB 108 72.82 -57.60 -52.48
CA ASN QB 108 71.77 -56.73 -53.00
C ASN QB 108 70.96 -57.53 -54.02
N LYS QB 109 69.76 -57.95 -53.63
CA LYS QB 109 68.86 -58.66 -54.50
C LYS QB 109 67.58 -57.85 -54.71
N GLN QB 110 67.04 -57.93 -55.92
CA GLN QB 110 65.85 -57.18 -56.28
C GLN QB 110 64.59 -57.95 -55.91
N LYS QB 111 63.47 -57.23 -55.88
CA LYS QB 111 62.18 -57.83 -55.57
C LYS QB 111 61.84 -58.92 -56.58
N ARG QB 112 61.42 -60.06 -56.08
CA ARG QB 112 61.14 -61.20 -56.94
C ARG QB 112 59.88 -60.93 -57.77
N PRO QB 113 59.96 -60.96 -59.09
CA PRO QB 113 58.76 -60.76 -59.91
C PRO QB 113 57.78 -61.91 -59.70
N ARG QB 114 56.49 -61.59 -59.81
CA ARG QB 114 55.47 -62.60 -59.61
C ARG QB 114 55.54 -63.69 -60.68
N SER QB 115 56.03 -63.35 -61.87
CA SER QB 115 56.19 -64.35 -62.91
C SER QB 115 57.23 -65.39 -62.53
N ARG QB 116 58.17 -65.02 -61.66
CA ARG QB 116 59.20 -65.95 -61.20
C ARG QB 116 58.75 -66.78 -60.01
N THR QB 117 57.60 -66.49 -59.43
CA THR QB 117 57.11 -67.29 -58.32
C THR QB 117 56.73 -68.68 -58.80
N LEU QB 118 56.75 -69.63 -57.88
CA LEU QB 118 56.68 -71.04 -58.26
C LEU QB 118 55.27 -71.44 -58.68
N THR QB 119 54.24 -70.88 -58.06
CA THR QB 119 52.88 -71.16 -58.52
C THR QB 119 52.64 -70.61 -59.91
N ALA QB 120 53.12 -69.39 -60.17
CA ALA QB 120 52.96 -68.80 -61.50
C ALA QB 120 53.70 -69.61 -62.55
N VAL QB 121 54.90 -70.08 -62.23
CA VAL QB 121 55.64 -70.90 -63.18
C VAL QB 121 54.87 -72.18 -63.47
N HIS QB 122 54.31 -72.81 -62.44
CA HIS QB 122 53.67 -74.11 -62.65
C HIS QB 122 52.38 -73.98 -63.44
N ASP QB 123 51.53 -73.00 -63.12
CA ASP QB 123 50.33 -72.91 -63.93
C ASP QB 123 50.61 -72.31 -65.31
N ALA QB 124 51.69 -71.55 -65.48
CA ALA QB 124 52.07 -71.11 -66.82
C ALA QB 124 52.54 -72.28 -67.68
N ILE QB 125 53.37 -73.16 -67.12
CA ILE QB 125 53.84 -74.30 -67.90
C ILE QB 125 52.70 -75.29 -68.13
N LEU QB 126 51.75 -75.38 -67.19
CA LEU QB 126 50.55 -76.16 -67.45
C LEU QB 126 49.76 -75.57 -68.60
N GLU QB 127 49.68 -74.23 -68.67
CA GLU QB 127 48.97 -73.58 -69.77
C GLU QB 127 49.64 -73.85 -71.11
N ASP QB 128 50.97 -73.76 -71.16
CA ASP QB 128 51.64 -73.93 -72.45
C ASP QB 128 51.91 -75.39 -72.79
N LEU QB 129 51.67 -76.32 -71.87
CA LEU QB 129 51.86 -77.74 -72.17
C LEU QB 129 50.75 -78.26 -73.09
N VAL QB 130 49.58 -77.63 -73.05
CA VAL QB 130 48.40 -78.15 -73.72
C VAL QB 130 48.00 -77.21 -74.84
N PHE QB 131 48.99 -76.59 -75.48
CA PHE QB 131 48.76 -75.42 -76.34
C PHE QB 131 47.67 -75.58 -77.39
N PRO QB 132 47.53 -76.70 -78.13
CA PRO QB 132 46.42 -76.78 -79.09
C PRO QB 132 45.06 -76.56 -78.47
N SER QB 133 44.90 -76.86 -77.20
CA SER QB 133 43.70 -76.54 -76.43
C SER QB 133 44.02 -75.43 -75.43
N GLU QB 134 43.04 -75.09 -74.61
CA GLU QB 134 43.22 -74.11 -73.56
C GLU QB 134 42.48 -74.58 -72.31
N ILE QB 135 42.92 -74.09 -71.16
CA ILE QB 135 42.29 -74.40 -69.89
C ILE QB 135 41.06 -73.52 -69.73
N VAL QB 136 39.89 -74.14 -69.59
CA VAL QB 136 38.66 -73.41 -69.34
C VAL QB 136 38.22 -73.50 -67.90
N GLY QB 137 38.93 -74.30 -67.09
CA GLY QB 137 38.59 -74.45 -65.69
C GLY QB 137 39.57 -75.34 -64.95
N LYS QB 138 39.73 -75.10 -63.66
CA LYS QB 138 40.65 -75.89 -62.85
C LYS QB 138 39.96 -76.26 -61.55
N ARG QB 139 40.15 -77.51 -61.12
CA ARG QB 139 39.63 -78.00 -59.86
C ARG QB 139 40.76 -78.70 -59.11
N ILE QB 140 40.75 -78.58 -57.79
CA ILE QB 140 41.74 -79.26 -56.96
C ILE QB 140 40.99 -80.06 -55.91
N ARG QB 141 41.19 -81.37 -55.91
CA ARG QB 141 40.56 -82.28 -54.96
C ARG QB 141 41.59 -82.74 -53.95
N VAL QB 142 41.23 -82.67 -52.67
CA VAL QB 142 42.07 -83.17 -51.59
C VAL QB 142 41.58 -84.57 -51.25
N LYS QB 143 42.39 -85.58 -51.56
CA LYS QB 143 41.94 -86.97 -51.58
C LYS QB 143 42.05 -87.62 -50.19
N LEU QB 144 41.38 -87.00 -49.23
CA LEU QB 144 41.07 -87.57 -47.91
C LEU QB 144 42.31 -87.79 -47.04
N ASP QB 145 43.52 -87.54 -47.56
CA ASP QB 145 44.72 -87.71 -46.76
C ASP QB 145 45.73 -86.59 -46.97
N GLY QB 146 45.29 -85.46 -47.54
CA GLY QB 146 46.15 -84.34 -47.80
C GLY QB 146 46.72 -84.29 -49.20
N SER QB 147 46.72 -85.41 -49.92
CA SER QB 147 47.18 -85.42 -51.29
C SER QB 147 46.24 -84.62 -52.17
N ARG QB 148 46.81 -83.92 -53.15
CA ARG QB 148 46.06 -83.06 -54.05
C ARG QB 148 46.09 -83.63 -55.45
N LEU QB 149 44.93 -83.63 -56.11
CA LEU QB 149 44.81 -84.01 -57.51
C LEU QB 149 44.13 -82.87 -58.26
N ILE QB 150 44.76 -82.40 -59.33
CA ILE QB 150 44.27 -81.25 -60.08
C ILE QB 150 43.59 -81.74 -61.34
N LYS QB 151 42.30 -81.46 -61.46
CA LYS QB 151 41.55 -81.73 -62.68
C LYS QB 151 41.53 -80.48 -63.55
N VAL QB 152 41.86 -80.64 -64.82
CA VAL QB 152 41.99 -79.53 -65.74
C VAL QB 152 40.95 -79.72 -66.84
N HIS QB 153 40.08 -78.73 -67.01
CA HIS QB 153 39.07 -78.75 -68.05
C HIS QB 153 39.64 -78.13 -69.32
N LEU QB 154 39.54 -78.85 -70.43
CA LEU QB 154 40.10 -78.38 -71.68
C LEU QB 154 39.00 -77.71 -72.52
N ASP QB 155 39.39 -77.27 -73.72
CA ASP QB 155 38.53 -76.39 -74.51
C ASP QB 155 37.25 -77.09 -74.95
N LYS QB 156 37.33 -78.35 -75.38
CA LYS QB 156 36.25 -79.13 -75.96
C LYS QB 156 35.90 -78.62 -77.36
N ALA QB 157 36.46 -77.47 -77.73
CA ALA QB 157 36.28 -76.97 -79.10
C ALA QB 157 36.92 -77.91 -80.11
N GLN QB 158 38.05 -78.50 -79.75
CA GLN QB 158 38.70 -79.52 -80.55
C GLN QB 158 38.87 -80.78 -79.71
N GLN QB 159 38.75 -81.93 -80.37
CA GLN QB 159 38.90 -83.22 -79.71
C GLN QB 159 39.65 -84.25 -80.53
N ASN QB 160 40.37 -83.84 -81.58
CA ASN QB 160 40.96 -84.81 -82.49
C ASN QB 160 42.45 -84.99 -82.32
N ASN QB 161 43.15 -83.99 -81.77
CA ASN QB 161 44.61 -84.03 -81.71
C ASN QB 161 45.14 -83.90 -80.29
N VAL QB 162 44.29 -84.04 -79.28
CA VAL QB 162 44.73 -83.96 -77.88
C VAL QB 162 44.26 -85.14 -77.04
N GLU QB 163 43.16 -85.81 -77.41
CA GLU QB 163 42.56 -86.82 -76.52
C GLU QB 163 43.50 -87.99 -76.27
N HIS QB 164 44.46 -88.23 -77.16
CA HIS QB 164 45.42 -89.31 -76.98
C HIS QB 164 46.64 -88.90 -76.18
N LYS QB 165 46.79 -87.60 -75.89
CA LYS QB 165 47.98 -87.10 -75.20
C LYS QB 165 47.71 -86.71 -73.75
N VAL QB 166 46.53 -87.02 -73.20
CA VAL QB 166 46.25 -86.63 -71.83
C VAL QB 166 47.12 -87.41 -70.85
N GLU QB 167 47.35 -88.70 -71.13
CA GLU QB 167 48.23 -89.50 -70.29
C GLU QB 167 49.66 -88.97 -70.32
N THR QB 168 50.14 -88.62 -71.51
CA THR QB 168 51.49 -88.06 -71.62
C THR QB 168 51.57 -86.71 -70.93
N PHE QB 169 50.52 -85.90 -71.02
CA PHE QB 169 50.49 -84.61 -70.35
C PHE QB 169 50.57 -84.79 -68.84
N SER QB 170 49.80 -85.73 -68.30
CA SER QB 170 49.86 -86.03 -66.88
C SER QB 170 51.24 -86.53 -66.49
N GLY QB 171 51.84 -87.38 -67.32
CA GLY QB 171 53.16 -87.90 -67.01
C GLY QB 171 54.22 -86.83 -66.97
N VAL QB 172 54.23 -85.95 -67.98
CA VAL QB 172 55.25 -84.91 -68.01
C VAL QB 172 55.03 -83.90 -66.89
N TYR QB 173 53.77 -83.60 -66.57
CA TYR QB 173 53.51 -82.69 -65.46
C TYR QB 173 53.95 -83.28 -64.13
N LYS QB 174 53.73 -84.59 -63.93
CA LYS QB 174 54.23 -85.23 -62.74
C LYS QB 174 55.75 -85.27 -62.71
N LYS QB 175 56.37 -85.44 -63.88
CA LYS QB 175 57.83 -85.53 -63.95
C LYS QB 175 58.50 -84.21 -63.58
N LEU QB 176 58.07 -83.12 -64.22
CA LEU QB 176 58.75 -81.85 -64.04
C LEU QB 176 58.01 -80.89 -63.11
N THR QB 177 56.96 -81.34 -62.46
CA THR QB 177 56.26 -80.52 -61.48
C THR QB 177 56.07 -81.23 -60.15
N GLY QB 178 55.78 -82.52 -60.18
CA GLY QB 178 55.67 -83.31 -58.97
C GLY QB 178 54.27 -83.50 -58.43
N LYS QB 179 53.24 -83.04 -59.13
CA LYS QB 179 51.87 -83.16 -58.66
C LYS QB 179 51.01 -83.87 -59.69
N ASP QB 180 49.95 -84.51 -59.19
CA ASP QB 180 49.09 -85.33 -60.03
C ASP QB 180 48.00 -84.48 -60.67
N VAL QB 181 47.88 -84.58 -61.99
CA VAL QB 181 46.92 -83.81 -62.76
C VAL QB 181 46.21 -84.74 -63.74
N ASN QB 182 44.89 -84.67 -63.76
CA ASN QB 182 44.08 -85.33 -64.77
C ASN QB 182 43.46 -84.28 -65.68
N PHE QB 183 43.19 -84.67 -66.91
CA PHE QB 183 42.63 -83.77 -67.92
C PHE QB 183 41.29 -84.30 -68.40
N GLU QB 184 40.32 -83.41 -68.55
CA GLU QB 184 38.99 -83.84 -68.96
C GLU QB 184 38.34 -82.75 -69.81
N PHE QB 185 37.37 -83.17 -70.61
CA PHE QB 185 36.66 -82.29 -71.51
C PHE QB 185 35.23 -82.12 -71.03
N PRO QB 186 34.82 -80.95 -70.57
CA PRO QB 186 33.45 -80.74 -70.13
C PRO QB 186 32.55 -80.51 -71.34
N GLU QB 187 31.25 -80.37 -71.07
CA GLU QB 187 30.28 -80.09 -72.10
C GLU QB 187 30.24 -78.59 -72.38
N PHE QB 188 29.24 -78.14 -73.13
CA PHE QB 188 29.14 -76.74 -73.48
C PHE QB 188 28.88 -75.88 -72.23
N GLN QB 189 29.32 -74.64 -72.30
CA GLN QB 189 29.24 -73.73 -71.16
C GLN QB 189 28.39 -72.52 -71.47
N GLY RB 1 70.92 -23.38 0.58
CA GLY RB 1 71.53 -22.25 -0.10
C GLY RB 1 71.29 -22.29 -1.59
N ILE RB 2 72.27 -21.85 -2.37
CA ILE RB 2 72.19 -21.95 -3.82
C ILE RB 2 72.16 -23.42 -4.19
N SER RB 3 71.11 -23.83 -4.89
CA SER RB 3 70.88 -25.23 -5.19
C SER RB 3 71.01 -25.49 -6.68
N ARG RB 4 71.57 -26.64 -7.03
CA ARG RB 4 71.77 -27.06 -8.40
C ARG RB 4 70.88 -28.23 -8.78
N ASP RB 5 69.75 -28.37 -8.10
CA ASP RB 5 68.87 -29.49 -8.32
C ASP RB 5 68.16 -29.36 -9.67
N ASN RB 6 67.58 -30.47 -10.10
CA ASN RB 6 66.74 -30.48 -11.30
C ASN RB 6 65.26 -30.45 -10.99
N TRP RB 7 64.87 -30.68 -9.73
CA TRP RB 7 63.46 -30.82 -9.41
C TRP RB 7 62.76 -29.50 -9.16
N HIS RB 8 63.49 -28.40 -9.15
CA HIS RB 8 62.84 -27.10 -9.07
C HIS RB 8 62.40 -26.58 -10.43
N LYS RB 9 62.78 -27.25 -11.50
CA LYS RB 9 62.42 -26.85 -12.85
C LYS RB 9 61.10 -27.49 -13.26
N ARG RB 10 60.42 -26.85 -14.20
CA ARG RB 10 59.20 -27.40 -14.75
C ARG RB 10 59.50 -28.64 -15.58
N ARG RB 11 58.51 -29.51 -15.69
CA ARG RB 11 58.67 -30.71 -16.51
C ARG RB 11 58.75 -30.34 -17.98
N LYS RB 12 59.18 -31.31 -18.79
CA LYS RB 12 59.29 -31.08 -20.22
C LYS RB 12 57.93 -30.74 -20.83
N THR RB 13 56.87 -31.38 -20.34
CA THR RB 13 55.51 -31.07 -20.79
C THR RB 13 55.05 -29.70 -20.34
N GLY RB 14 55.76 -29.06 -19.42
CA GLY RB 14 55.37 -27.77 -18.90
C GLY RB 14 54.70 -27.81 -17.55
N GLY RB 15 54.47 -28.99 -16.99
CA GLY RB 15 53.83 -29.09 -15.71
C GLY RB 15 54.75 -28.71 -14.57
N LYS RB 16 54.13 -28.30 -13.46
CA LYS RB 16 54.88 -27.93 -12.28
C LYS RB 16 55.20 -29.18 -11.46
N ARG RB 17 56.46 -29.29 -11.03
CA ARG RB 17 56.91 -30.42 -10.24
C ARG RB 17 56.86 -30.08 -8.76
N LYS RB 18 56.54 -31.07 -7.94
CA LYS RB 18 56.48 -30.90 -6.50
C LYS RB 18 57.65 -31.62 -5.85
N PRO RB 19 58.43 -30.94 -5.01
CA PRO RB 19 59.61 -31.59 -4.40
C PRO RB 19 59.20 -32.62 -3.36
N TYR RB 20 59.80 -33.80 -3.44
CA TYR RB 20 59.56 -34.84 -2.47
C TYR RB 20 60.55 -34.84 -1.33
N HIS RB 21 61.53 -33.95 -1.35
CA HIS RB 21 62.44 -33.75 -0.23
C HIS RB 21 62.90 -32.31 -0.22
N LYS RB 22 63.40 -31.88 0.93
CA LYS RB 22 64.00 -30.56 1.02
C LYS RB 22 65.38 -30.58 0.39
N LYS RB 23 66.04 -29.41 0.38
CA LYS RB 23 67.33 -29.29 -0.28
C LYS RB 23 68.37 -30.17 0.40
N ARG RB 24 69.11 -30.91 -0.40
CA ARG RB 24 70.20 -31.74 0.09
C ARG RB 24 71.52 -31.02 -0.12
N LYS RB 25 72.53 -31.42 0.66
CA LYS RB 25 73.81 -30.73 0.58
C LYS RB 25 74.52 -31.03 -0.72
N TYR RB 26 74.51 -32.29 -1.18
CA TYR RB 26 75.29 -32.65 -2.35
C TYR RB 26 74.84 -31.91 -3.60
N GLU RB 27 73.61 -31.43 -3.66
CA GLU RB 27 73.15 -30.60 -4.76
C GLU RB 27 73.24 -29.11 -4.43
N LEU RB 28 74.40 -28.65 -3.98
CA LEU RB 28 74.55 -27.25 -3.61
C LEU RB 28 75.25 -26.47 -4.71
N GLY RB 29 75.16 -25.15 -4.60
CA GLY RB 29 75.97 -24.27 -5.41
C GLY RB 29 76.65 -23.25 -4.52
N ARG RB 30 77.66 -22.61 -5.07
CA ARG RB 30 78.45 -21.63 -4.35
C ARG RB 30 78.54 -20.35 -5.17
N PRO RB 31 78.77 -19.21 -4.52
CA PRO RB 31 78.85 -17.95 -5.26
C PRO RB 31 79.99 -17.96 -6.26
N ALA RB 32 79.80 -17.22 -7.36
CA ALA RB 32 80.80 -17.17 -8.41
C ALA RB 32 82.08 -16.53 -7.88
N ALA RB 33 83.22 -17.03 -8.37
CA ALA RB 33 84.50 -16.48 -7.95
C ALA RB 33 84.66 -15.05 -8.42
N ASN RB 34 84.26 -14.76 -9.66
CA ASN RB 34 84.38 -13.44 -10.27
C ASN RB 34 85.84 -12.96 -10.22
N THR RB 35 86.70 -13.69 -10.91
CA THR RB 35 88.13 -13.41 -10.90
C THR RB 35 88.42 -12.09 -11.59
N LYS RB 36 88.97 -11.14 -10.84
CA LYS RB 36 89.39 -9.86 -11.39
C LYS RB 36 90.88 -9.87 -11.63
N ILE RB 37 91.41 -8.73 -12.03
CA ILE RB 37 92.84 -8.57 -12.30
C ILE RB 37 93.44 -7.72 -11.19
N GLY RB 38 94.47 -8.23 -10.54
CA GLY RB 38 95.14 -7.53 -9.47
C GLY RB 38 96.16 -8.41 -8.79
N PRO RB 39 96.70 -7.95 -7.66
CA PRO RB 39 97.63 -8.78 -6.91
C PRO RB 39 96.98 -10.09 -6.47
N ARG RB 40 97.79 -11.14 -6.43
CA ARG RB 40 97.27 -12.49 -6.26
C ARG RB 40 96.45 -12.62 -4.99
N ARG RB 41 95.25 -13.20 -5.12
CA ARG RB 41 94.41 -13.52 -3.99
C ARG RB 41 93.66 -14.79 -4.32
N ILE RB 42 93.89 -15.85 -3.56
CA ILE RB 42 93.26 -17.14 -3.79
C ILE RB 42 92.71 -17.65 -2.48
N HIS RB 43 91.45 -18.04 -2.47
CA HIS RB 43 90.78 -18.59 -1.29
C HIS RB 43 90.57 -20.07 -1.49
N THR RB 44 90.97 -20.86 -0.49
CA THR RB 44 90.76 -22.29 -0.53
C THR RB 44 89.37 -22.64 -0.01
N VAL RB 45 88.63 -23.43 -0.76
CA VAL RB 45 87.33 -23.93 -0.32
C VAL RB 45 87.36 -25.45 -0.31
N ARG RB 46 86.73 -26.02 0.70
CA ARG RB 46 86.59 -27.47 0.82
C ARG RB 46 85.39 -27.91 0.00
N VAL RB 47 85.55 -28.99 -0.77
CA VAL RB 47 84.48 -29.45 -1.64
C VAL RB 47 84.10 -30.88 -1.27
N ARG RB 48 83.20 -31.47 -2.04
CA ARG RB 48 82.73 -32.83 -1.78
C ARG RB 48 83.91 -33.80 -1.75
N GLY RB 49 83.89 -34.70 -0.78
CA GLY RB 49 84.95 -35.66 -0.63
C GLY RB 49 86.16 -35.16 0.12
N GLY RB 50 86.09 -33.95 0.69
CA GLY RB 50 87.22 -33.40 1.39
C GLY RB 50 88.30 -32.83 0.49
N ASN RB 51 88.05 -32.76 -0.81
CA ASN RB 51 89.04 -32.22 -1.74
C ASN RB 51 89.04 -30.70 -1.69
N LYS RB 52 89.91 -30.11 -2.49
CA LYS RB 52 90.24 -28.69 -2.39
C LYS RB 52 89.96 -28.00 -3.72
N LYS RB 53 89.40 -26.78 -3.64
CA LYS RB 53 89.23 -25.94 -4.81
C LYS RB 53 89.80 -24.56 -4.51
N TYR RB 54 90.29 -23.90 -5.54
CA TYR RB 54 90.95 -22.61 -5.42
C TYR RB 54 90.10 -21.54 -6.11
N ARG RB 55 89.53 -20.63 -5.32
CA ARG RB 55 88.85 -19.46 -5.85
C ARG RB 55 89.91 -18.39 -6.09
N ALA RB 56 90.25 -18.16 -7.35
CA ALA RB 56 91.14 -17.06 -7.68
C ALA RB 56 90.30 -15.80 -7.71
N LEU RB 57 90.34 -15.01 -6.65
CA LEU RB 57 89.60 -13.76 -6.65
C LEU RB 57 90.30 -12.70 -7.48
N ARG RB 58 91.63 -12.66 -7.42
CA ARG RB 58 92.42 -11.71 -8.21
C ARG RB 58 93.64 -12.43 -8.77
N LEU RB 59 93.92 -12.20 -10.05
CA LEU RB 59 95.10 -12.77 -10.69
C LEU RB 59 95.75 -11.70 -11.55
N ASP RB 60 97.08 -11.78 -11.64
CA ASP RB 60 97.83 -10.88 -12.50
C ASP RB 60 98.80 -11.58 -13.44
N VAL RB 61 99.17 -12.83 -13.17
CA VAL RB 61 100.10 -13.57 -14.02
C VAL RB 61 99.45 -14.89 -14.39
N GLY RB 62 99.89 -15.44 -15.52
CA GLY RB 62 99.38 -16.72 -15.96
C GLY RB 62 100.34 -17.35 -16.93
N ASN RB 63 100.24 -18.67 -17.05
CA ASN RB 63 101.10 -19.43 -17.96
C ASN RB 63 100.41 -19.55 -19.30
N PHE RB 64 101.00 -18.94 -20.33
CA PHE RB 64 100.44 -18.96 -21.67
C PHE RB 64 101.43 -19.59 -22.63
N SER RB 65 100.89 -20.37 -23.57
CA SER RB 65 101.69 -21.11 -24.53
C SER RB 65 101.49 -20.52 -25.92
N TRP RB 66 102.58 -20.26 -26.63
CA TRP RB 66 102.50 -19.78 -28.00
C TRP RB 66 101.84 -20.80 -28.90
N GLY RB 67 102.25 -22.05 -28.80
CA GLY RB 67 101.66 -23.11 -29.61
C GLY RB 67 102.40 -23.37 -30.89
N SER RB 68 102.43 -22.40 -31.81
CA SER RB 68 103.17 -22.59 -33.05
C SER RB 68 104.66 -22.72 -32.79
N GLU RB 69 105.19 -21.94 -31.85
CA GLU RB 69 106.60 -22.00 -31.50
C GLU RB 69 106.87 -22.97 -30.36
N CYS RB 70 105.83 -23.52 -29.73
CA CYS RB 70 105.95 -24.39 -28.56
C CYS RB 70 106.75 -23.72 -27.45
N CYS RB 71 106.51 -22.42 -27.25
CA CYS RB 71 107.14 -21.64 -26.20
C CYS RB 71 106.08 -21.32 -25.16
N THR RB 72 106.23 -21.88 -23.96
CA THR RB 72 105.25 -21.69 -22.90
C THR RB 72 105.91 -20.89 -21.78
N ARG RB 73 105.36 -19.72 -21.48
CA ARG RB 73 105.97 -18.81 -20.52
C ARG RB 73 104.95 -18.30 -19.53
N LYS RB 74 105.44 -17.95 -18.34
CA LYS RB 74 104.62 -17.32 -17.30
C LYS RB 74 104.71 -15.81 -17.49
N THR RB 75 103.62 -15.21 -17.97
CA THR RB 75 103.60 -13.80 -18.31
C THR RB 75 102.56 -13.09 -17.45
N ARG RB 76 102.39 -11.79 -17.71
CA ARG RB 76 101.53 -10.92 -16.93
C ARG RB 76 100.31 -10.53 -17.75
N ILE RB 77 99.13 -10.65 -17.15
CA ILE RB 77 97.88 -10.28 -17.82
C ILE RB 77 97.64 -8.80 -17.59
N ILE RB 78 97.39 -8.06 -18.67
CA ILE RB 78 97.13 -6.63 -18.56
C ILE RB 78 95.64 -6.38 -18.37
N ASP RB 79 94.82 -6.76 -19.35
CA ASP RB 79 93.39 -6.52 -19.24
C ASP RB 79 92.65 -7.45 -20.17
N VAL RB 80 91.32 -7.47 -20.02
CA VAL RB 80 90.43 -8.29 -20.81
C VAL RB 80 89.87 -7.44 -21.95
N VAL RB 81 89.91 -7.98 -23.16
CA VAL RB 81 89.51 -7.22 -24.34
C VAL RB 81 88.23 -7.74 -24.97
N TYR RB 82 87.85 -8.99 -24.75
CA TYR RB 82 86.65 -9.53 -25.36
C TYR RB 82 86.19 -10.74 -24.57
N ASN RB 83 84.87 -10.97 -24.57
CA ASN RB 83 84.27 -12.10 -23.90
C ASN RB 83 83.03 -12.49 -24.68
N ALA RB 84 82.95 -13.76 -25.09
CA ALA RB 84 81.84 -14.20 -25.92
C ALA RB 84 80.53 -14.24 -25.15
N SER RB 85 80.58 -14.48 -23.84
CA SER RB 85 79.34 -14.60 -23.08
C SER RB 85 78.73 -13.24 -22.79
N ASN RB 86 79.44 -12.38 -22.06
CA ASN RB 86 78.88 -11.12 -21.62
C ASN RB 86 79.88 -9.99 -21.82
N ASN RB 87 79.37 -8.84 -22.26
CA ASN RB 87 80.18 -7.64 -22.40
C ASN RB 87 80.45 -7.01 -21.03
N GLU RB 88 79.55 -7.25 -20.07
CA GLU RB 88 79.77 -6.76 -18.71
C GLU RB 88 81.04 -7.35 -18.10
N LEU RB 89 81.37 -8.59 -18.47
CA LEU RB 89 82.60 -9.19 -17.99
C LEU RB 89 83.83 -8.47 -18.51
N VAL RB 90 83.80 -8.04 -19.78
CA VAL RB 90 84.89 -7.23 -20.30
C VAL RB 90 84.97 -5.91 -19.56
N ARG RB 91 83.82 -5.27 -19.33
CA ARG RB 91 83.84 -3.97 -18.69
C ARG RB 91 84.37 -4.07 -17.27
N THR RB 92 84.00 -5.10 -16.54
CA THR RB 92 84.48 -5.31 -15.18
C THR RB 92 85.84 -5.98 -15.12
N LYS RB 93 86.40 -6.37 -16.27
CA LYS RB 93 87.72 -7.01 -16.35
C LYS RB 93 87.76 -8.30 -15.54
N THR RB 94 86.81 -9.19 -15.85
CA THR RB 94 86.66 -10.46 -15.17
C THR RB 94 87.33 -11.55 -15.97
N LEU RB 95 88.16 -12.35 -15.31
CA LEU RB 95 88.87 -13.45 -15.96
C LEU RB 95 88.03 -14.72 -15.83
N VAL RB 96 87.56 -15.24 -16.96
CA VAL RB 96 86.83 -16.49 -16.99
C VAL RB 96 87.49 -17.42 -18.00
N LYS RB 97 86.87 -18.57 -18.24
CA LYS RB 97 87.57 -19.64 -18.97
C LYS RB 97 87.87 -19.26 -20.41
N ASN RB 98 86.95 -18.59 -21.10
CA ASN RB 98 87.11 -18.37 -22.52
C ASN RB 98 87.36 -16.91 -22.90
N CYS RB 99 87.42 -16.01 -21.95
CA CYS RB 99 87.68 -14.61 -22.28
C CYS RB 99 89.10 -14.45 -22.79
N ILE RB 100 89.28 -13.57 -23.77
CA ILE RB 100 90.60 -13.30 -24.33
C ILE RB 100 91.14 -12.03 -23.72
N VAL RB 101 92.42 -12.05 -23.39
CA VAL RB 101 93.07 -11.02 -22.59
C VAL RB 101 94.33 -10.55 -23.31
N LEU RB 102 94.90 -9.47 -22.79
CA LEU RB 102 96.17 -8.94 -23.28
C LEU RB 102 97.26 -9.34 -22.30
N ILE RB 103 98.29 -9.99 -22.81
CA ILE RB 103 99.39 -10.49 -21.98
C ILE RB 103 100.69 -9.88 -22.48
N ASP RB 104 101.65 -9.81 -21.57
CA ASP RB 104 102.96 -9.25 -21.90
C ASP RB 104 103.70 -10.19 -22.84
N SER RB 105 104.27 -9.62 -23.90
CA SER RB 105 104.99 -10.38 -24.91
C SER RB 105 106.47 -10.47 -24.63
N THR RB 106 106.93 -9.95 -23.50
CA THR RB 106 108.36 -9.90 -23.22
C THR RB 106 109.02 -11.26 -23.15
N PRO RB 107 108.50 -12.28 -22.44
CA PRO RB 107 109.21 -13.57 -22.43
C PRO RB 107 109.22 -14.25 -23.78
N TYR RB 108 108.14 -14.15 -24.54
CA TYR RB 108 108.12 -14.73 -25.88
C TYR RB 108 109.11 -14.03 -26.80
N ARG RB 109 109.21 -12.71 -26.69
CA ARG RB 109 110.22 -11.98 -27.45
C ARG RB 109 111.62 -12.47 -27.08
N GLN RB 110 111.91 -12.56 -25.78
CA GLN RB 110 113.24 -12.96 -25.35
C GLN RB 110 113.58 -14.36 -25.83
N TRP RB 111 112.62 -15.29 -25.75
CA TRP RB 111 112.84 -16.63 -26.28
C TRP RB 111 113.08 -16.57 -27.79
N TYR RB 112 112.36 -15.69 -28.48
CA TYR RB 112 112.54 -15.59 -29.93
C TYR RB 112 113.94 -15.15 -30.28
N GLU RB 113 114.48 -14.13 -29.60
CA GLU RB 113 115.86 -13.76 -29.89
C GLU RB 113 116.84 -14.84 -29.46
N SER RB 114 116.61 -15.47 -28.30
CA SER RB 114 117.56 -16.44 -27.80
C SER RB 114 117.55 -17.73 -28.61
N HIS RB 115 116.49 -18.00 -29.36
CA HIS RB 115 116.40 -19.22 -30.15
C HIS RB 115 116.64 -19.00 -31.64
N TYR RB 116 116.20 -17.87 -32.19
CA TYR RB 116 116.31 -17.63 -33.62
C TYR RB 116 117.34 -16.58 -33.98
N ALA RB 117 117.73 -15.74 -33.03
CA ALA RB 117 118.67 -14.63 -33.26
C ALA RB 117 118.15 -13.66 -34.32
N LEU RB 118 116.85 -13.33 -34.23
CA LEU RB 118 116.26 -12.29 -35.05
C LEU RB 118 115.69 -11.20 -34.16
N PRO RB 119 115.73 -9.94 -34.60
CA PRO RB 119 115.00 -8.89 -33.89
C PRO RB 119 113.50 -9.16 -33.96
N LEU RB 120 112.81 -8.84 -32.87
CA LEU RB 120 111.36 -8.99 -32.82
C LEU RB 120 110.80 -7.88 -31.93
N GLY RB 121 109.88 -7.10 -32.46
CA GLY RB 121 109.30 -6.00 -31.72
C GLY RB 121 110.15 -4.75 -31.70
N ARG RB 122 111.42 -4.83 -32.08
CA ARG RB 122 112.28 -3.65 -32.13
C ARG RB 122 111.91 -2.78 -33.31
N LYS RB 123 112.19 -1.48 -33.18
CA LYS RB 123 111.92 -0.52 -34.23
C LYS RB 123 113.17 -0.19 -35.05
N LYS RB 124 114.22 0.29 -34.39
CA LYS RB 124 115.45 0.68 -35.08
C LYS RB 124 116.70 0.11 -34.45
N GLY RB 125 116.63 -0.50 -33.28
CA GLY RB 125 117.80 -1.08 -32.66
C GLY RB 125 118.69 -0.03 -32.02
N ALA RB 126 119.88 -0.49 -31.61
CA ALA RB 126 120.88 0.33 -30.93
C ALA RB 126 120.29 1.02 -29.70
N LYS RB 127 119.49 0.28 -28.94
CA LYS RB 127 118.84 0.80 -27.74
C LYS RB 127 119.15 0.00 -26.48
N LEU RB 128 119.59 -1.24 -26.60
CA LEU RB 128 119.95 -2.08 -25.46
C LEU RB 128 121.28 -2.77 -25.72
N THR RB 129 122.26 -1.98 -26.20
CA THR RB 129 123.51 -2.54 -26.71
C THR RB 129 124.28 -3.43 -25.73
N PRO RB 130 124.43 -3.13 -24.44
CA PRO RB 130 125.25 -4.01 -23.59
C PRO RB 130 124.73 -5.44 -23.46
N GLU RB 131 123.53 -5.75 -23.98
CA GLU RB 131 123.00 -7.10 -23.95
C GLU RB 131 122.75 -7.66 -25.33
N GLU RB 132 122.09 -6.90 -26.21
CA GLU RB 132 121.74 -7.42 -27.53
C GLU RB 132 122.94 -7.52 -28.46
N GLU RB 133 124.02 -6.75 -28.20
CA GLU RB 133 125.22 -6.92 -29.00
C GLU RB 133 125.83 -8.31 -28.79
N GLU RB 134 125.72 -8.86 -27.58
CA GLU RB 134 126.20 -10.21 -27.35
C GLU RB 134 125.35 -11.23 -28.11
N ILE RB 135 124.04 -11.05 -28.12
CA ILE RB 135 123.17 -12.06 -28.73
C ILE RB 135 123.11 -11.95 -30.24
N LEU RB 136 123.47 -10.79 -30.82
CA LEU RB 136 123.50 -10.73 -32.28
C LEU RB 136 124.72 -11.46 -32.85
N ASN RB 137 125.88 -11.31 -32.20
CA ASN RB 137 127.12 -11.88 -32.71
C ASN RB 137 127.43 -13.23 -32.09
N LYS RB 138 127.58 -13.27 -30.76
CA LYS RB 138 127.94 -14.45 -29.98
C LYS RB 138 129.33 -14.98 -30.32
N LYS RB 139 130.01 -14.33 -31.27
CA LYS RB 139 131.33 -14.69 -31.80
C LYS RB 139 131.49 -16.21 -31.95
N ARG RB 140 130.43 -16.88 -32.40
CA ARG RB 140 130.40 -18.32 -32.26
C ARG RB 140 131.14 -19.01 -33.40
N SER RB 141 131.22 -20.33 -33.27
CA SER RB 141 132.04 -21.15 -34.17
C SER RB 141 131.22 -21.54 -35.39
N LYS RB 142 131.87 -22.28 -36.30
CA LYS RB 142 131.24 -22.65 -37.57
C LYS RB 142 130.04 -23.55 -37.36
N LYS RB 143 130.14 -24.52 -36.44
CA LYS RB 143 129.05 -25.46 -36.24
C LYS RB 143 127.84 -24.77 -35.60
N ILE RB 144 128.08 -23.91 -34.61
CA ILE RB 144 126.97 -23.18 -33.98
C ILE RB 144 126.32 -22.24 -34.98
N GLN RB 145 127.12 -21.55 -35.80
CA GLN RB 145 126.54 -20.69 -36.82
C GLN RB 145 125.80 -21.50 -37.88
N LYS RB 146 126.26 -22.72 -38.16
CA LYS RB 146 125.53 -23.60 -39.07
C LYS RB 146 124.18 -23.96 -38.50
N LYS RB 147 124.12 -24.28 -37.21
CA LYS RB 147 122.83 -24.54 -36.57
C LYS RB 147 121.92 -23.31 -36.64
N TYR RB 148 122.49 -22.14 -36.38
CA TYR RB 148 121.66 -20.94 -36.32
C TYR RB 148 121.14 -20.54 -37.70
N ASP RB 149 121.99 -20.57 -38.73
CA ASP RB 149 121.47 -20.23 -40.04
C ASP RB 149 120.70 -21.37 -40.69
N GLU RB 150 120.76 -22.58 -40.12
CA GLU RB 150 119.78 -23.60 -40.45
C GLU RB 150 118.41 -23.24 -39.88
N ARG RB 151 118.41 -22.68 -38.67
CA ARG RB 151 117.15 -22.26 -38.05
C ARG RB 151 116.62 -20.93 -38.57
N LYS RB 152 117.44 -20.16 -39.29
CA LYS RB 152 116.97 -18.86 -39.80
C LYS RB 152 115.87 -19.00 -40.83
N LYS RB 153 115.90 -20.05 -41.65
CA LYS RB 153 115.02 -20.10 -42.82
C LYS RB 153 113.55 -20.14 -42.46
N ASN RB 154 113.20 -20.86 -41.40
CA ASN RB 154 111.81 -20.95 -40.95
C ASN RB 154 111.50 -19.98 -39.81
N ALA RB 155 112.19 -18.85 -39.76
CA ALA RB 155 111.94 -17.82 -38.75
C ALA RB 155 110.95 -16.78 -39.23
N LYS RB 156 109.81 -17.23 -39.74
CA LYS RB 156 108.78 -16.35 -40.26
C LYS RB 156 107.63 -16.27 -39.27
N ILE RB 157 107.23 -15.05 -38.94
CA ILE RB 157 106.13 -14.80 -38.02
C ILE RB 157 105.06 -14.02 -38.78
N SER RB 158 103.80 -14.34 -38.50
CA SER RB 158 102.69 -13.66 -39.16
C SER RB 158 102.73 -12.17 -38.88
N SER RB 159 102.24 -11.38 -39.84
CA SER RB 159 102.24 -9.93 -39.69
C SER RB 159 101.38 -9.48 -38.52
N LEU RB 160 100.32 -10.23 -38.20
CA LEU RB 160 99.47 -9.88 -37.08
C LEU RB 160 100.23 -10.01 -35.76
N LEU RB 161 100.92 -11.15 -35.58
CA LEU RB 161 101.74 -11.32 -34.39
C LEU RB 161 102.89 -10.33 -34.36
N GLU RB 162 103.45 -9.98 -35.53
CA GLU RB 162 104.52 -8.99 -35.57
C GLU RB 162 104.03 -7.63 -35.10
N GLU RB 163 102.84 -7.22 -35.54
CA GLU RB 163 102.26 -5.96 -35.08
C GLU RB 163 101.99 -6.00 -33.58
N GLN RB 164 101.50 -7.14 -33.08
CA GLN RB 164 101.27 -7.26 -31.65
C GLN RB 164 102.57 -7.15 -30.86
N PHE RB 165 103.65 -7.76 -31.37
CA PHE RB 165 104.94 -7.65 -30.71
C PHE RB 165 105.46 -6.22 -30.76
N GLN RB 166 105.22 -5.51 -31.86
CA GLN RB 166 105.58 -4.10 -31.91
C GLN RB 166 104.83 -3.30 -30.85
N GLN RB 167 103.54 -3.57 -30.69
CA GLN RB 167 102.76 -2.93 -29.63
C GLN RB 167 103.21 -3.36 -28.24
N GLY RB 168 103.86 -4.51 -28.12
CA GLY RB 168 104.35 -4.99 -26.85
C GLY RB 168 103.39 -5.86 -26.07
N LYS RB 169 102.19 -6.10 -26.58
CA LYS RB 169 101.19 -6.91 -25.91
C LYS RB 169 100.60 -7.91 -26.90
N LEU RB 170 100.62 -9.19 -26.54
CA LEU RB 170 99.91 -10.19 -27.31
C LEU RB 170 98.50 -10.33 -26.77
N LEU RB 171 97.61 -10.90 -27.56
CA LEU RB 171 96.27 -11.22 -27.10
C LEU RB 171 96.06 -12.72 -27.16
N ALA RB 172 95.60 -13.29 -26.05
CA ALA RB 172 95.60 -14.72 -25.83
C ALA RB 172 94.30 -15.16 -25.18
N CYS RB 173 93.91 -16.40 -25.43
CA CYS RB 173 92.69 -16.96 -24.88
C CYS RB 173 93.02 -17.81 -23.67
N ILE RB 174 92.30 -17.55 -22.56
CA ILE RB 174 92.44 -18.39 -21.38
C ILE RB 174 91.90 -19.79 -21.70
N ALA RB 175 92.47 -20.80 -21.06
CA ALA RB 175 92.00 -22.16 -21.20
C ALA RB 175 91.59 -22.80 -19.88
N SER RB 176 92.23 -22.43 -18.78
CA SER RB 176 91.85 -22.95 -17.48
C SER RB 176 90.63 -22.22 -16.96
N ARG RB 177 90.12 -22.69 -15.83
CA ARG RB 177 88.94 -22.11 -15.19
C ARG RB 177 89.33 -21.51 -13.86
N PRO RB 178 89.59 -20.20 -13.79
CA PRO RB 178 89.81 -19.57 -12.48
C PRO RB 178 88.55 -19.69 -11.64
N GLY RB 179 88.75 -19.85 -10.33
CA GLY RB 179 87.65 -20.17 -9.45
C GLY RB 179 87.40 -21.65 -9.30
N GLN RB 180 88.07 -22.47 -10.09
CA GLN RB 180 88.10 -23.92 -9.91
C GLN RB 180 89.51 -24.43 -9.69
N CYS RB 181 90.49 -23.91 -10.42
CA CYS RB 181 91.89 -24.27 -10.22
C CYS RB 181 92.72 -23.12 -9.68
N GLY RB 182 92.19 -21.90 -9.68
CA GLY RB 182 92.89 -20.78 -9.11
C GLY RB 182 94.00 -20.21 -9.97
N ARG RB 183 94.04 -20.55 -11.25
CA ARG RB 183 95.09 -20.05 -12.13
C ARG RB 183 94.48 -19.72 -13.48
N ALA RB 184 95.26 -19.00 -14.29
CA ALA RB 184 94.76 -18.43 -15.53
C ALA RB 184 95.60 -18.83 -16.73
N ASP RB 185 95.85 -20.13 -16.87
CA ASP RB 185 96.64 -20.62 -18.00
C ASP RB 185 95.90 -20.38 -19.31
N GLY RB 186 96.65 -20.39 -20.40
CA GLY RB 186 96.02 -20.13 -21.69
C GLY RB 186 97.00 -20.27 -22.83
N TYR RB 187 96.54 -19.85 -24.01
CA TYR RB 187 97.31 -19.98 -25.23
C TYR RB 187 97.21 -18.72 -26.07
N VAL RB 188 98.31 -18.37 -26.73
CA VAL RB 188 98.37 -17.16 -27.54
C VAL RB 188 97.54 -17.34 -28.79
N LEU RB 189 96.67 -16.36 -29.08
CA LEU RB 189 95.83 -16.43 -30.26
C LEU RB 189 96.66 -16.16 -31.51
N GLU RB 190 96.50 -17.02 -32.51
CA GLU RB 190 97.18 -16.85 -33.78
C GLU RB 190 96.40 -17.55 -34.87
N GLY RB 191 96.55 -17.07 -36.10
CA GLY RB 191 95.87 -17.69 -37.22
C GLY RB 191 94.46 -17.16 -37.43
N LYS RB 192 93.61 -18.04 -37.95
CA LYS RB 192 92.23 -17.66 -38.26
C LYS RB 192 91.46 -17.26 -37.02
N GLU RB 193 91.74 -17.91 -35.89
CA GLU RB 193 91.13 -17.51 -34.62
C GLU RB 193 91.50 -16.08 -34.25
N LEU RB 194 92.78 -15.75 -34.44
CA LEU RB 194 93.23 -14.39 -34.17
C LEU RB 194 92.55 -13.38 -35.09
N GLU RB 195 92.43 -13.72 -36.37
CA GLU RB 195 91.75 -12.81 -37.30
C GLU RB 195 90.29 -12.63 -36.91
N PHE RB 196 89.63 -13.71 -36.52
CA PHE RB 196 88.22 -13.64 -36.12
C PHE RB 196 88.05 -12.74 -34.90
N TYR RB 197 88.91 -12.91 -33.90
CA TYR RB 197 88.77 -12.11 -32.70
C TYR RB 197 89.17 -10.65 -32.92
N LEU RB 198 90.15 -10.41 -33.80
CA LEU RB 198 90.50 -9.04 -34.15
C LEU RB 198 89.35 -8.35 -34.86
N ARG RB 199 88.69 -9.05 -35.78
CA ARG RB 199 87.55 -8.47 -36.47
C ARG RB 199 86.40 -8.22 -35.49
N LYS RB 200 86.22 -9.13 -34.53
CA LYS RB 200 85.19 -8.91 -33.51
C LYS RB 200 85.48 -7.66 -32.69
N ILE RB 201 86.73 -7.47 -32.28
CA ILE RB 201 87.08 -6.28 -31.49
C ILE RB 201 86.92 -5.01 -32.31
N LYS RB 202 87.33 -5.06 -33.59
CA LYS RB 202 87.17 -3.89 -34.46
C LYS RB 202 85.71 -3.55 -34.68
N ALA RB 203 84.86 -4.57 -34.85
CA ALA RB 203 83.43 -4.31 -35.01
C ALA RB 203 82.83 -3.75 -33.73
N ARG RB 204 83.30 -4.24 -32.58
CA ARG RB 204 82.85 -3.71 -31.30
C ARG RB 204 83.19 -2.23 -31.16
N LYS RB 205 84.41 -1.87 -31.51
CA LYS RB 205 84.84 -0.47 -31.38
C LYS RB 205 85.83 -0.14 -32.48
N GLY RB 206 85.66 1.04 -33.08
CA GLY RB 206 86.52 1.47 -34.16
C GLY RB 206 86.10 0.96 -35.52
N PRO SB 1 63.58 -55.61 13.56
CA PRO SB 1 62.79 -55.77 14.78
C PRO SB 1 62.77 -57.19 15.31
N VAL SB 2 61.61 -57.69 15.74
CA VAL SB 2 61.56 -58.96 16.43
C VAL SB 2 61.97 -60.09 15.50
N ALA SB 3 62.58 -61.13 16.09
CA ALA SB 3 63.07 -62.28 15.35
C ALA SB 3 62.08 -63.44 15.37
N ARG SB 4 60.78 -63.14 15.36
CA ARG SB 4 59.76 -64.17 15.34
C ARG SB 4 59.61 -64.69 13.91
N SER SB 5 58.57 -65.49 13.68
CA SER SB 5 58.28 -65.99 12.34
C SER SB 5 56.87 -65.64 11.87
N TRP SB 6 55.88 -65.76 12.75
CA TRP SB 6 54.45 -65.60 12.49
C TRP SB 6 54.02 -66.19 11.14
N VAL SB 7 54.54 -67.35 10.79
CA VAL SB 7 54.08 -68.09 9.61
C VAL SB 7 53.15 -69.18 10.11
N CYS SB 8 51.86 -69.02 9.84
CA CYS SB 8 50.85 -69.96 10.30
C CYS SB 8 49.75 -70.05 9.27
N ARG SB 9 48.99 -71.14 9.32
CA ARG SB 9 47.90 -71.34 8.39
C ARG SB 9 46.79 -72.13 9.08
N LYS SB 10 45.56 -71.91 8.63
CA LYS SB 10 44.44 -72.70 9.12
C LYS SB 10 44.49 -74.11 8.55
N THR SB 11 43.94 -75.05 9.31
CA THR SB 11 43.96 -76.46 8.92
C THR SB 11 42.58 -76.98 8.54
N TYR SB 12 41.57 -76.11 8.48
CA TYR SB 12 40.21 -76.55 8.20
C TYR SB 12 39.47 -75.45 7.46
N VAL SB 13 38.40 -75.86 6.79
CA VAL SB 13 37.52 -74.94 6.07
C VAL SB 13 36.08 -75.27 6.44
N THR SB 14 35.34 -74.26 6.88
CA THR SB 14 33.94 -74.46 7.20
C THR SB 14 33.13 -74.67 5.93
N PRO SB 15 32.06 -75.46 5.98
CA PRO SB 15 31.25 -75.70 4.78
C PRO SB 15 30.59 -74.44 4.29
N ARG SB 16 30.36 -74.39 2.98
CA ARG SB 16 29.82 -73.18 2.35
C ARG SB 16 28.43 -72.86 2.87
N ARG SB 17 27.56 -73.85 2.99
CA ARG SB 17 26.22 -73.65 3.47
C ARG SB 17 26.00 -74.46 4.74
N PRO SB 18 25.51 -73.86 5.81
CA PRO SB 18 25.19 -74.61 7.02
C PRO SB 18 23.77 -75.15 6.97
N PHE SB 19 23.47 -76.02 7.93
CA PHE SB 19 22.13 -76.56 8.14
C PHE SB 19 21.60 -77.27 6.89
N GLU SB 20 22.31 -78.32 6.49
CA GLU SB 20 21.81 -79.25 5.49
C GLU SB 20 21.90 -80.66 6.04
N LYS SB 21 20.78 -81.38 5.95
CA LYS SB 21 20.64 -82.65 6.67
C LYS SB 21 21.64 -83.69 6.18
N SER SB 22 21.89 -83.74 4.86
CA SER SB 22 22.78 -84.76 4.34
C SER SB 22 24.20 -84.60 4.88
N ARG SB 23 24.75 -83.38 4.80
CA ARG SB 23 26.09 -83.15 5.31
C ARG SB 23 26.15 -83.31 6.82
N LEU SB 24 25.13 -82.80 7.53
CA LEU SB 24 25.14 -82.92 8.98
C LEU SB 24 25.13 -84.39 9.41
N ASP SB 25 24.31 -85.21 8.75
CA ASP SB 25 24.23 -86.62 9.10
C ASP SB 25 25.51 -87.36 8.74
N GLN SB 26 26.10 -87.03 7.58
CA GLN SB 26 27.35 -87.69 7.20
C GLN SB 26 28.47 -87.36 8.19
N GLU SB 27 28.58 -86.08 8.57
CA GLU SB 27 29.62 -85.69 9.51
C GLU SB 27 29.39 -86.29 10.88
N LEU SB 28 28.13 -86.36 11.33
CA LEU SB 28 27.86 -86.99 12.62
C LEU SB 28 28.15 -88.47 12.59
N LYS SB 29 27.86 -89.14 11.47
CA LYS SB 29 28.19 -90.55 11.34
C LYS SB 29 29.69 -90.77 11.44
N LEU SB 30 30.46 -89.93 10.76
CA LEU SB 30 31.92 -90.05 10.85
C LEU SB 30 32.41 -89.79 12.27
N ILE SB 31 31.87 -88.77 12.92
CA ILE SB 31 32.30 -88.42 14.28
C ILE SB 31 32.00 -89.58 15.22
N GLY SB 32 30.80 -90.15 15.13
CA GLY SB 32 30.44 -91.25 16.00
C GLY SB 32 31.25 -92.50 15.73
N GLU SB 33 31.55 -92.77 14.47
CA GLU SB 33 32.24 -94.01 14.14
C GLU SB 33 33.73 -93.92 14.46
N TYR SB 34 34.33 -92.74 14.37
CA TYR SB 34 35.76 -92.59 14.65
C TYR SB 34 36.06 -91.95 15.98
N GLY SB 35 35.06 -91.64 16.79
CA GLY SB 35 35.30 -91.04 18.10
C GLY SB 35 35.95 -89.68 18.07
N LEU SB 36 35.50 -88.80 17.18
CA LEU SB 36 36.06 -87.45 17.09
C LEU SB 36 35.34 -86.50 18.05
N ARG SB 37 36.05 -85.46 18.47
CA ARG SB 37 35.52 -84.53 19.46
C ARG SB 37 34.48 -83.59 18.87
N ASN SB 38 34.73 -83.05 17.68
CA ASN SB 38 33.82 -82.06 17.10
C ASN SB 38 33.95 -82.08 15.59
N LYS SB 39 33.24 -81.15 14.95
CA LYS SB 39 33.24 -81.04 13.49
C LYS SB 39 34.52 -80.43 12.95
N ARG SB 40 35.27 -79.71 13.79
CA ARG SB 40 36.50 -79.08 13.30
C ARG SB 40 37.52 -80.13 12.88
N GLU SB 41 37.63 -81.22 13.61
CA GLU SB 41 38.65 -82.21 13.32
C GLU SB 41 38.18 -83.25 12.32
N VAL SB 42 36.99 -83.10 11.74
CA VAL SB 42 36.65 -83.78 10.50
C VAL SB 42 36.72 -82.83 9.31
N TRP SB 43 36.42 -81.54 9.50
CA TRP SB 43 36.71 -80.58 8.45
C TRP SB 43 38.21 -80.48 8.20
N ARG SB 44 39.03 -80.73 9.22
CA ARG SB 44 40.47 -80.70 9.03
C ARG SB 44 40.95 -81.80 8.09
N VAL SB 45 40.48 -83.03 8.31
CA VAL SB 45 40.91 -84.11 7.43
C VAL SB 45 40.28 -83.95 6.05
N LYS SB 46 39.07 -83.38 5.97
CA LYS SB 46 38.50 -83.07 4.68
C LYS SB 46 39.34 -82.05 3.93
N PHE SB 47 39.84 -81.04 4.65
CA PHE SB 47 40.72 -80.04 4.04
C PHE SB 47 42.03 -80.66 3.58
N THR SB 48 42.59 -81.58 4.37
CA THR SB 48 43.81 -82.26 3.98
C THR SB 48 43.62 -83.06 2.70
N LEU SB 49 42.51 -83.81 2.64
CA LEU SB 49 42.22 -84.57 1.42
C LEU SB 49 41.98 -83.64 0.24
N ALA SB 50 41.33 -82.50 0.49
CA ALA SB 50 41.10 -81.54 -0.59
C ALA SB 50 42.42 -81.01 -1.14
N LYS SB 51 43.36 -80.70 -0.26
CA LYS SB 51 44.67 -80.22 -0.71
C LYS SB 51 45.41 -81.31 -1.50
N ILE SB 52 45.37 -82.55 -1.01
CA ILE SB 52 46.04 -83.63 -1.71
C ILE SB 52 45.43 -83.84 -3.09
N ARG SB 53 44.10 -83.83 -3.17
CA ARG SB 53 43.42 -84.05 -4.44
C ARG SB 53 43.65 -82.89 -5.39
N LYS SB 54 43.73 -81.66 -4.88
CA LYS SB 54 44.05 -80.52 -5.73
C LYS SB 54 45.44 -80.66 -6.33
N ALA SB 55 46.41 -81.05 -5.51
CA ALA SB 55 47.76 -81.26 -6.03
C ALA SB 55 47.79 -82.37 -7.07
N ALA SB 56 47.09 -83.47 -6.81
CA ALA SB 56 47.07 -84.57 -7.76
C ALA SB 56 46.40 -84.18 -9.06
N ARG SB 57 45.30 -83.44 -8.99
CA ARG SB 57 44.61 -83.00 -10.20
C ARG SB 57 45.48 -82.04 -11.02
N GLU SB 58 46.17 -81.13 -10.34
CA GLU SB 58 47.06 -80.22 -11.05
C GLU SB 58 48.19 -80.98 -11.73
N LEU SB 59 48.78 -81.96 -11.01
CA LEU SB 59 49.82 -82.78 -11.61
C LEU SB 59 49.29 -83.57 -12.80
N LEU SB 60 48.04 -84.03 -12.73
CA LEU SB 60 47.44 -84.73 -13.86
C LEU SB 60 47.27 -83.80 -15.05
N THR SB 61 46.92 -82.53 -14.78
CA THR SB 61 46.83 -81.57 -15.88
C THR SB 61 48.18 -81.31 -16.52
N LEU SB 62 49.27 -81.40 -15.75
CA LEU SB 62 50.59 -81.38 -16.38
C LEU SB 62 50.75 -82.53 -17.37
N ASP SB 63 51.58 -82.30 -18.36
CA ASP SB 63 51.85 -83.28 -19.40
C ASP SB 63 52.59 -84.48 -18.83
N GLU SB 64 52.40 -85.63 -19.46
CA GLU SB 64 53.16 -86.82 -19.09
C GLU SB 64 54.62 -86.62 -19.47
N LYS SB 65 55.51 -87.26 -18.69
CA LYS SB 65 56.96 -87.26 -18.83
C LYS SB 65 57.56 -85.92 -18.41
N ASP SB 66 56.73 -84.94 -18.04
CA ASP SB 66 57.22 -83.68 -17.49
C ASP SB 66 57.95 -83.98 -16.20
N PRO SB 67 59.23 -83.61 -16.06
CA PRO SB 67 59.99 -83.99 -14.85
C PRO SB 67 59.42 -83.45 -13.56
N ARG SB 68 58.82 -82.26 -13.56
CA ARG SB 68 58.16 -81.77 -12.35
C ARG SB 68 57.00 -82.67 -11.97
N ARG SB 69 56.18 -83.05 -12.96
CA ARG SB 69 55.07 -83.96 -12.72
C ARG SB 69 55.56 -85.28 -12.17
N LEU SB 70 56.60 -85.84 -12.78
CA LEU SB 70 57.13 -87.13 -12.33
C LEU SB 70 57.65 -87.03 -10.90
N PHE SB 71 58.48 -86.03 -10.62
CA PHE SB 71 59.10 -85.91 -9.31
C PHE SB 71 58.05 -85.73 -8.22
N GLU SB 72 57.15 -84.75 -8.40
CA GLU SB 72 56.16 -84.50 -7.37
C GLU SB 72 55.14 -85.64 -7.29
N GLY SB 73 54.87 -86.33 -8.39
CA GLY SB 73 53.97 -87.47 -8.33
C GLY SB 73 54.53 -88.61 -7.53
N ASN SB 74 55.81 -88.95 -7.76
CA ASN SB 74 56.42 -89.99 -6.95
C ASN SB 74 56.52 -89.56 -5.49
N ALA SB 75 56.78 -88.28 -5.24
CA ALA SB 75 56.85 -87.80 -3.86
C ALA SB 75 55.49 -87.96 -3.16
N LEU SB 76 54.41 -87.54 -3.82
CA LEU SB 76 53.09 -87.62 -3.22
C LEU SB 76 52.65 -89.07 -3.04
N LEU SB 77 52.92 -89.93 -4.03
CA LEU SB 77 52.57 -91.34 -3.89
C LEU SB 77 53.37 -91.99 -2.78
N ARG SB 78 54.64 -91.62 -2.64
CA ARG SB 78 55.46 -92.16 -1.56
C ARG SB 78 54.91 -91.76 -0.21
N ARG SB 79 54.52 -90.50 -0.06
CA ARG SB 79 53.94 -90.08 1.22
C ARG SB 79 52.63 -90.78 1.50
N LEU SB 80 51.80 -90.97 0.47
CA LEU SB 80 50.52 -91.65 0.66
C LEU SB 80 50.70 -93.10 1.06
N VAL SB 81 51.67 -93.79 0.46
CA VAL SB 81 51.90 -95.18 0.84
C VAL SB 81 52.68 -95.29 2.14
N ARG SB 82 53.38 -94.24 2.57
CA ARG SB 82 53.96 -94.27 3.90
C ARG SB 82 52.89 -94.13 4.96
N ILE SB 83 51.95 -93.20 4.78
CA ILE SB 83 50.85 -93.09 5.73
C ILE SB 83 49.85 -94.23 5.57
N GLY SB 84 49.93 -95.00 4.50
CA GLY SB 84 49.20 -96.23 4.38
C GLY SB 84 47.80 -96.13 3.83
N VAL SB 85 47.37 -94.93 3.40
CA VAL SB 85 46.04 -94.79 2.83
C VAL SB 85 45.95 -95.33 1.41
N LEU SB 86 47.08 -95.61 0.77
CA LEU SB 86 47.11 -96.10 -0.60
C LEU SB 86 47.90 -97.40 -0.65
N ASP SB 87 47.40 -98.36 -1.43
CA ASP SB 87 48.08 -99.64 -1.56
C ASP SB 87 49.40 -99.45 -2.31
N GLU SB 88 50.38 -100.29 -1.97
CA GLU SB 88 51.70 -100.18 -2.56
C GLU SB 88 51.70 -100.48 -4.06
N GLY SB 89 50.71 -101.23 -4.55
CA GLY SB 89 50.60 -101.49 -5.97
C GLY SB 89 49.83 -100.46 -6.77
N LYS SB 90 49.15 -99.54 -6.08
CA LYS SB 90 48.36 -98.50 -6.74
C LYS SB 90 49.13 -97.20 -6.90
N MET SB 91 50.31 -97.27 -7.51
CA MET SB 91 51.19 -96.12 -7.65
C MET SB 91 50.85 -95.32 -8.91
N LYS SB 92 49.65 -94.76 -8.94
CA LYS SB 92 49.21 -93.93 -10.03
C LYS SB 92 48.53 -92.69 -9.48
N LEU SB 93 48.67 -91.58 -10.20
CA LEU SB 93 48.02 -90.34 -9.80
C LEU SB 93 46.51 -90.42 -9.93
N ASP SB 94 46.00 -91.33 -10.77
CA ASP SB 94 44.56 -91.44 -10.94
C ASP SB 94 43.87 -91.99 -9.70
N TYR SB 95 44.53 -92.92 -9.00
CA TYR SB 95 43.94 -93.51 -7.81
C TYR SB 95 43.90 -92.54 -6.64
N ILE SB 96 44.71 -91.49 -6.67
CA ILE SB 96 44.67 -90.49 -5.60
C ILE SB 96 43.33 -89.79 -5.57
N LEU SB 97 42.74 -89.55 -6.75
CA LEU SB 97 41.43 -88.92 -6.82
C LEU SB 97 40.34 -89.82 -6.25
N GLY SB 98 40.56 -91.12 -6.21
CA GLY SB 98 39.59 -92.06 -5.67
C GLY SB 98 39.61 -92.23 -4.17
N LEU SB 99 40.47 -91.50 -3.46
CA LEU SB 99 40.57 -91.65 -2.02
C LEU SB 99 39.40 -90.96 -1.32
N LYS SB 100 39.20 -91.33 -0.06
CA LYS SB 100 38.14 -90.78 0.77
C LYS SB 100 38.70 -90.47 2.15
N ILE SB 101 38.00 -89.60 2.88
CA ILE SB 101 38.47 -89.18 4.20
C ILE SB 101 38.40 -90.30 5.21
N GLU SB 102 37.60 -91.34 4.96
CA GLU SB 102 37.59 -92.48 5.87
C GLU SB 102 38.93 -93.20 5.87
N ASP SB 103 39.60 -93.25 4.73
CA ASP SB 103 40.92 -93.88 4.68
C ASP SB 103 41.92 -93.13 5.55
N PHE SB 104 41.85 -91.80 5.55
CA PHE SB 104 42.74 -91.02 6.40
C PHE SB 104 42.35 -91.12 7.87
N LEU SB 105 41.06 -91.17 8.16
CA LEU SB 105 40.61 -91.28 9.54
C LEU SB 105 40.96 -92.64 10.13
N GLU SB 106 41.02 -93.68 9.29
CA GLU SB 106 41.39 -95.00 9.77
C GLU SB 106 42.85 -95.06 10.21
N ARG SB 107 43.70 -94.17 9.73
CA ARG SB 107 45.11 -94.17 10.06
C ARG SB 107 45.43 -93.39 11.32
N ARG SB 108 44.44 -92.82 12.00
CA ARG SB 108 44.69 -92.13 13.25
C ARG SB 108 45.14 -93.11 14.33
N LEU SB 109 45.94 -92.61 15.27
CA LEU SB 109 46.37 -93.45 16.39
C LEU SB 109 45.19 -93.90 17.23
N GLN SB 110 44.19 -93.02 17.40
CA GLN SB 110 43.02 -93.36 18.18
C GLN SB 110 42.28 -94.55 17.57
N THR SB 111 42.15 -94.57 16.24
CA THR SB 111 41.54 -95.72 15.58
C THR SB 111 42.47 -96.91 15.59
N GLN SB 112 43.78 -96.68 15.50
CA GLN SB 112 44.71 -97.80 15.37
C GLN SB 112 44.81 -98.61 16.65
N VAL SB 113 44.80 -97.94 17.81
CA VAL SB 113 44.85 -98.70 19.06
C VAL SB 113 43.57 -99.50 19.26
N PHE SB 114 42.43 -98.93 18.86
CA PHE SB 114 41.17 -99.67 18.93
C PHE SB 114 41.20 -100.89 18.01
N LYS SB 115 41.74 -100.74 16.80
CA LYS SB 115 41.83 -101.86 15.88
C LYS SB 115 42.78 -102.93 16.41
N LEU SB 116 43.90 -102.52 16.98
CA LEU SB 116 44.84 -103.47 17.59
C LEU SB 116 44.31 -104.08 18.87
N GLY SB 117 43.24 -103.51 19.44
CA GLY SB 117 42.63 -104.12 20.61
C GLY SB 117 43.18 -103.66 21.94
N LEU SB 118 44.04 -102.65 21.95
CA LEU SB 118 44.52 -102.11 23.22
C LEU SB 118 43.41 -101.42 24.00
N ALA SB 119 42.31 -101.08 23.35
CA ALA SB 119 41.17 -100.44 24.00
C ALA SB 119 39.89 -101.15 23.61
N LYS SB 120 38.89 -101.03 24.49
CA LYS SB 120 37.62 -101.72 24.30
C LYS SB 120 36.64 -100.95 23.44
N SER SB 121 36.89 -99.67 23.16
CA SER SB 121 36.05 -98.87 22.31
C SER SB 121 36.87 -97.70 21.80
N ILE SB 122 36.30 -96.97 20.85
CA ILE SB 122 37.02 -95.85 20.25
C ILE SB 122 37.17 -94.70 21.25
N HIS SB 123 36.15 -94.46 22.07
CA HIS SB 123 36.26 -93.40 23.07
C HIS SB 123 37.22 -93.80 24.18
N HIS SB 124 37.20 -95.07 24.57
CA HIS SB 124 38.19 -95.57 25.50
C HIS SB 124 39.59 -95.42 24.93
N ALA SB 125 39.73 -95.63 23.62
CA ALA SB 125 41.02 -95.44 22.96
C ALA SB 125 41.46 -93.98 23.05
N ARG SB 126 40.55 -93.05 22.81
CA ARG SB 126 40.92 -91.64 22.88
C ARG SB 126 41.35 -91.24 24.28
N VAL SB 127 40.57 -91.63 25.29
CA VAL SB 127 40.95 -91.26 26.65
C VAL SB 127 42.22 -91.97 27.09
N LEU SB 128 42.43 -93.20 26.61
CA LEU SB 128 43.63 -93.96 26.96
C LEU SB 128 44.87 -93.30 26.37
N ILE SB 129 44.76 -92.79 25.15
CA ILE SB 129 45.86 -92.04 24.56
C ILE SB 129 46.10 -90.74 25.32
N ARG SB 130 45.02 -90.02 25.65
CA ARG SB 130 45.18 -88.73 26.31
C ARG SB 130 45.81 -88.87 27.69
N GLN SB 131 45.54 -89.96 28.40
CA GLN SB 131 46.12 -90.15 29.72
C GLN SB 131 47.49 -90.81 29.68
N ARG SB 132 48.20 -90.72 28.56
CA ARG SB 132 49.60 -91.13 28.45
C ARG SB 132 49.78 -92.61 28.76
N HIS SB 133 49.06 -93.47 28.03
CA HIS SB 133 49.20 -94.90 28.19
C HIS SB 133 49.75 -95.59 26.95
N ILE SB 134 49.76 -94.91 25.81
CA ILE SB 134 50.12 -95.51 24.52
C ILE SB 134 51.43 -94.91 24.05
N ARG SB 135 52.35 -95.77 23.62
CA ARG SB 135 53.63 -95.33 23.10
C ARG SB 135 53.84 -95.92 21.72
N VAL SB 136 54.58 -95.19 20.89
CA VAL SB 136 54.97 -95.64 19.56
C VAL SB 136 56.48 -95.77 19.54
N ARG SB 137 56.96 -96.94 19.11
CA ARG SB 137 58.37 -97.30 19.20
C ARG SB 137 58.84 -97.16 20.63
N LYS SB 138 59.44 -96.03 20.97
CA LYS SB 138 59.80 -95.70 22.35
C LYS SB 138 59.16 -94.41 22.83
N GLN SB 139 58.82 -93.49 21.94
CA GLN SB 139 58.20 -92.24 22.34
C GLN SB 139 56.75 -92.46 22.74
N VAL SB 140 56.34 -91.87 23.85
CA VAL SB 140 54.94 -91.91 24.25
C VAL SB 140 54.20 -90.78 23.56
N VAL SB 141 53.02 -91.09 23.01
CA VAL SB 141 52.23 -90.13 22.26
C VAL SB 141 50.90 -89.93 22.98
N ASN SB 142 50.55 -88.68 23.22
CA ASN SB 142 49.26 -88.34 23.80
C ASN SB 142 48.38 -87.55 22.83
N ILE SB 143 48.64 -87.66 21.54
CA ILE SB 143 47.89 -86.96 20.50
C ILE SB 143 47.02 -87.99 19.79
N PRO SB 144 45.69 -87.91 19.93
CA PRO SB 144 44.82 -88.87 19.22
C PRO SB 144 44.92 -88.80 17.71
N SER SB 145 45.17 -87.62 17.15
CA SER SB 145 45.26 -87.44 15.70
C SER SB 145 46.63 -87.78 15.13
N PHE SB 146 47.44 -88.53 15.88
CA PHE SB 146 48.75 -88.96 15.42
C PHE SB 146 48.57 -89.94 14.26
N ILE SB 147 48.92 -89.50 13.05
CA ILE SB 147 48.83 -90.37 11.89
C ILE SB 147 49.94 -91.39 11.94
N VAL SB 148 49.58 -92.67 11.82
CA VAL SB 148 50.51 -93.78 12.00
C VAL SB 148 50.98 -94.27 10.64
N ARG SB 149 52.29 -94.30 10.45
CA ARG SB 149 52.86 -94.83 9.22
C ARG SB 149 52.92 -96.35 9.28
N LEU SB 150 53.20 -96.96 8.12
CA LEU SB 150 53.25 -98.41 8.04
C LEU SB 150 54.38 -98.99 8.89
N ASP SB 151 55.53 -98.33 8.90
CA ASP SB 151 56.66 -98.83 9.69
C ASP SB 151 56.41 -98.68 11.18
N SER SB 152 55.66 -97.66 11.60
CA SER SB 152 55.32 -97.47 13.00
C SER SB 152 54.04 -98.21 13.39
N GLN SB 153 53.37 -98.86 12.43
CA GLN SB 153 52.15 -99.60 12.74
C GLN SB 153 52.41 -100.74 13.72
N LYS SB 154 53.51 -101.46 13.54
CA LYS SB 154 53.77 -102.63 14.37
C LYS SB 154 54.23 -102.26 15.77
N HIS SB 155 54.75 -101.05 15.97
CA HIS SB 155 55.42 -100.69 17.21
C HIS SB 155 54.52 -99.95 18.18
N ILE SB 156 53.21 -99.99 17.98
CA ILE SB 156 52.27 -99.39 18.92
C ILE SB 156 52.09 -100.35 20.10
N ASP SB 157 52.28 -99.84 21.31
CA ASP SB 157 52.22 -100.66 22.51
C ASP SB 157 51.95 -99.76 23.70
N PHE SB 158 51.55 -100.38 24.81
CA PHE SB 158 51.32 -99.66 26.06
C PHE SB 158 52.62 -99.06 26.56
N SER SB 159 52.50 -97.91 27.22
CA SER SB 159 53.66 -97.25 27.81
C SER SB 159 54.17 -98.05 29.02
N LEU SB 160 55.48 -97.95 29.26
CA LEU SB 160 56.08 -98.71 30.35
C LEU SB 160 55.64 -98.16 31.71
N ARG SB 161 55.57 -96.85 31.86
CA ARG SB 161 55.17 -96.25 33.13
C ARG SB 161 53.69 -96.38 33.40
N SER SB 162 52.89 -96.65 32.37
CA SER SB 162 51.46 -96.78 32.55
C SER SB 162 51.14 -98.04 33.35
N PRO SB 163 50.03 -98.04 34.10
CA PRO SB 163 49.65 -99.25 34.85
C PRO SB 163 48.98 -100.28 33.98
N TYR SB 164 49.50 -100.48 32.77
CA TYR SB 164 49.05 -101.54 31.88
C TYR SB 164 50.19 -102.32 31.27
N GLY SB 165 51.40 -101.75 31.22
CA GLY SB 165 52.60 -102.47 30.86
C GLY SB 165 53.37 -102.80 32.13
N GLY SB 166 54.36 -101.98 32.46
CA GLY SB 166 55.09 -102.14 33.69
C GLY SB 166 54.23 -101.86 34.91
N GLY SB 167 54.91 -101.72 36.05
CA GLY SB 167 54.23 -101.56 37.32
C GLY SB 167 53.70 -100.18 37.58
N ARG SB 168 53.85 -99.71 38.83
CA ARG SB 168 53.40 -98.40 39.28
C ARG SB 168 51.90 -98.22 39.07
N PRO SB 169 51.07 -98.89 39.88
CA PRO SB 169 49.61 -98.73 39.73
C PRO SB 169 49.17 -97.31 40.05
N GLY SB 170 47.94 -97.01 39.66
CA GLY SB 170 47.44 -95.65 39.73
C GLY SB 170 47.18 -95.17 41.14
N ARG SB 171 46.90 -93.87 41.22
CA ARG SB 171 46.71 -93.23 42.52
C ARG SB 171 45.47 -93.78 43.23
N VAL SB 172 44.41 -94.07 42.47
CA VAL SB 172 43.20 -94.60 43.11
C VAL SB 172 43.44 -96.02 43.61
N LYS SB 173 44.20 -96.82 42.86
CA LYS SB 173 44.56 -98.16 43.31
C LYS SB 173 45.37 -98.09 44.60
N ARG SB 174 46.36 -97.20 44.64
CA ARG SB 174 47.19 -97.07 45.84
C ARG SB 174 46.37 -96.57 47.02
N LYS SB 175 45.48 -95.61 46.79
CA LYS SB 175 44.64 -95.09 47.87
C LYS SB 175 43.70 -96.17 48.40
N ASN SB 176 43.12 -96.97 47.49
CA ASN SB 176 42.27 -98.07 47.92
C ASN SB 176 43.06 -99.10 48.73
N ALA SB 177 44.28 -99.41 48.30
CA ALA SB 177 45.10 -100.37 49.03
C ALA SB 177 45.44 -99.85 50.43
N LYS SB 178 45.81 -98.57 50.53
CA LYS SB 178 46.19 -98.05 51.84
C LYS SB 178 44.98 -97.91 52.76
N LYS SB 179 43.81 -97.56 52.20
CA LYS SB 179 42.59 -97.56 53.00
C LYS SB 179 42.23 -98.97 53.48
N GLY SB 180 42.42 -99.97 52.61
CA GLY SB 180 42.15 -101.33 53.01
C GLY SB 180 43.05 -101.82 54.12
N GLN SB 181 44.35 -101.52 54.02
CA GLN SB 181 45.27 -101.94 55.08
C GLN SB 181 45.12 -101.09 56.34
N GLY SB 182 44.60 -99.87 56.23
CA GLY SB 182 44.27 -99.11 57.42
C GLY SB 182 42.98 -99.54 58.09
N GLY SB 183 42.09 -100.19 57.33
CA GLY SB 183 40.89 -100.74 57.92
C GLY SB 183 41.07 -102.12 58.50
N ALA SB 184 41.90 -102.94 57.84
CA ALA SB 184 42.16 -104.31 58.28
C ALA SB 184 43.64 -104.48 58.58
N GLY SB 185 43.94 -105.01 59.77
CA GLY SB 185 45.30 -105.20 60.19
C GLY SB 185 45.97 -106.41 59.56
N ALA TB 1 76.29 -22.13 -45.17
CA ALA TB 1 76.85 -20.84 -44.78
C ALA TB 1 78.21 -21.01 -44.13
N ASP TB 2 78.77 -19.92 -43.64
CA ASP TB 2 80.03 -19.98 -42.93
C ASP TB 2 79.80 -20.60 -41.55
N ILE TB 3 80.87 -21.16 -40.98
CA ILE TB 3 80.76 -21.86 -39.70
C ILE TB 3 80.98 -20.94 -38.51
N GLN TB 4 81.46 -19.72 -38.71
CA GLN TB 4 81.70 -18.79 -37.62
C GLN TB 4 80.51 -17.85 -37.46
N THR TB 5 79.41 -18.41 -36.97
CA THR TB 5 78.17 -17.67 -36.76
C THR TB 5 77.89 -17.41 -35.28
N GLU TB 6 78.88 -17.58 -34.42
CA GLU TB 6 78.72 -17.38 -33.00
C GLU TB 6 79.65 -16.27 -32.51
N ARG TB 7 79.40 -15.81 -31.30
CA ARG TB 7 80.26 -14.81 -30.69
C ARG TB 7 81.65 -15.35 -30.43
N ALA TB 8 81.78 -16.64 -30.17
CA ALA TB 8 83.07 -17.28 -29.96
C ALA TB 8 83.54 -17.94 -31.25
N TYR TB 9 84.81 -18.33 -31.25
CA TYR TB 9 85.38 -19.03 -32.39
C TYR TB 9 85.06 -20.51 -32.30
N GLN TB 10 84.44 -21.04 -33.36
CA GLN TB 10 84.06 -22.44 -33.41
C GLN TB 10 85.20 -23.26 -34.01
N LYS TB 11 85.66 -24.26 -33.28
CA LYS TB 11 86.76 -25.09 -33.74
C LYS TB 11 86.68 -26.43 -33.02
N GLN TB 12 87.31 -27.42 -33.62
CA GLN TB 12 87.44 -28.72 -32.96
C GLN TB 12 88.62 -28.67 -31.99
N PRO TB 13 88.41 -29.00 -30.71
CA PRO TB 13 89.49 -28.87 -29.73
C PRO TB 13 90.69 -29.75 -30.01
N THR TB 14 90.51 -30.87 -30.72
CA THR TB 14 91.63 -31.78 -30.94
C THR TB 14 92.60 -31.22 -31.99
N ILE TB 15 92.08 -30.65 -33.07
CA ILE TB 15 92.91 -30.23 -34.18
C ILE TB 15 93.59 -28.90 -33.84
N PHE TB 16 94.90 -28.84 -34.04
CA PHE TB 16 95.66 -27.61 -33.91
C PHE TB 16 95.78 -26.94 -35.27
N GLN TB 17 95.18 -25.77 -35.42
CA GLN TB 17 95.09 -25.14 -36.73
C GLN TB 17 96.39 -24.48 -37.16
N ASN TB 18 97.16 -23.94 -36.21
CA ASN TB 18 98.27 -23.04 -36.55
C ASN TB 18 99.60 -23.79 -36.62
N LYS TB 19 99.68 -24.71 -37.59
CA LYS TB 19 100.86 -25.55 -37.75
C LYS TB 19 101.90 -24.84 -38.62
N LYS TB 20 102.42 -23.75 -38.07
CA LYS TB 20 103.70 -23.13 -38.45
C LYS TB 20 103.86 -23.02 -39.97
N ARG TB 21 103.01 -22.17 -40.56
CA ARG TB 21 103.11 -21.88 -41.98
C ARG TB 21 104.50 -21.34 -42.32
N VAL TB 22 105.28 -22.12 -43.06
CA VAL TB 22 106.66 -21.80 -43.37
C VAL TB 22 106.89 -22.02 -44.87
N LEU TB 23 108.15 -21.86 -45.28
CA LEU TB 23 108.49 -21.93 -46.70
C LEU TB 23 108.30 -23.34 -47.26
N LEU TB 24 108.56 -24.38 -46.45
CA LEU TB 24 108.43 -25.74 -46.95
C LEU TB 24 106.98 -26.09 -47.26
N GLY TB 25 106.03 -25.41 -46.63
CA GLY TB 25 104.62 -25.60 -46.93
C GLY TB 25 104.16 -24.60 -47.96
N GLU TB 26 103.65 -25.10 -49.08
CA GLU TB 26 103.20 -24.26 -50.19
C GLU TB 26 101.83 -23.69 -49.84
N THR TB 27 101.82 -22.46 -49.32
CA THR TB 27 100.60 -21.79 -48.90
C THR TB 27 100.26 -20.69 -49.89
N GLY TB 28 99.09 -20.79 -50.51
CA GLY TB 28 98.14 -21.87 -50.31
C GLY TB 28 98.25 -22.95 -51.37
N LYS TB 29 97.36 -23.93 -51.31
CA LYS TB 29 96.32 -24.04 -50.29
C LYS TB 29 96.41 -25.38 -49.58
N GLU TB 30 96.42 -25.35 -48.25
CA GLU TB 30 96.48 -26.55 -47.43
C GLU TB 30 95.17 -26.68 -46.67
N LYS TB 31 94.43 -27.74 -46.96
CA LYS TB 31 93.11 -27.95 -46.36
C LYS TB 31 93.25 -28.25 -44.87
N LEU TB 32 92.32 -27.71 -44.09
CA LEU TB 32 92.34 -27.91 -42.65
C LEU TB 32 91.99 -29.35 -42.32
N PRO TB 33 92.82 -30.08 -41.57
CA PRO TB 33 92.49 -31.46 -41.21
C PRO TB 33 91.25 -31.52 -40.33
N ARG TB 34 90.49 -32.59 -40.50
CA ARG TB 34 89.26 -32.80 -39.76
C ARG TB 34 89.44 -33.90 -38.73
N TYR TB 35 88.82 -33.74 -37.58
CA TYR TB 35 88.79 -34.78 -36.55
C TYR TB 35 87.49 -35.56 -36.68
N TYR TB 36 87.60 -36.89 -36.73
CA TYR TB 36 86.43 -37.74 -36.74
C TYR TB 36 86.80 -39.06 -36.08
N LYS TB 37 85.79 -39.81 -35.68
CA LYS TB 37 86.00 -41.10 -35.06
C LYS TB 37 84.86 -42.03 -35.45
N ASN TB 38 85.16 -43.33 -35.46
CA ASN TB 38 84.11 -44.32 -35.57
C ASN TB 38 83.52 -44.57 -34.19
N ILE TB 39 82.19 -44.73 -34.14
CA ILE TB 39 81.50 -44.88 -32.87
C ILE TB 39 81.26 -46.34 -32.50
N GLY TB 40 81.72 -47.28 -33.32
CA GLY TB 40 81.53 -48.67 -33.02
C GLY TB 40 80.11 -49.11 -33.29
N LEU TB 41 79.81 -50.33 -32.81
CA LEU TB 41 78.50 -50.96 -32.92
C LEU TB 41 78.05 -51.12 -34.37
N GLY TB 42 79.00 -51.16 -35.31
CA GLY TB 42 78.68 -51.35 -36.69
C GLY TB 42 78.27 -50.11 -37.44
N PHE TB 43 78.00 -49.00 -36.74
CA PHE TB 43 77.60 -47.77 -37.42
C PHE TB 43 78.78 -47.18 -38.16
N LYS TB 44 78.57 -46.79 -39.41
CA LYS TB 44 79.61 -46.18 -40.21
C LYS TB 44 79.51 -44.66 -40.13
N THR TB 45 80.67 -44.02 -40.03
CA THR TB 45 80.69 -42.56 -40.00
C THR TB 45 80.37 -42.01 -41.38
N PRO TB 46 79.46 -41.05 -41.50
CA PRO TB 46 79.06 -40.56 -42.82
C PRO TB 46 80.17 -39.75 -43.49
N LYS TB 47 80.12 -39.77 -44.82
CA LYS TB 47 81.11 -39.04 -45.61
C LYS TB 47 81.00 -37.54 -45.41
N GLU TB 48 79.80 -37.04 -45.11
CA GLU TB 48 79.66 -35.63 -44.79
C GLU TB 48 80.35 -35.30 -43.46
N ALA TB 49 80.28 -36.21 -42.49
CA ALA TB 49 81.07 -36.00 -41.28
C ALA TB 49 82.56 -36.09 -41.57
N ILE TB 50 82.95 -36.93 -42.53
CA ILE TB 50 84.36 -37.07 -42.86
C ILE TB 50 84.91 -35.78 -43.46
N GLU TB 51 84.23 -35.22 -44.45
CA GLU TB 51 84.77 -34.10 -45.21
C GLU TB 51 83.84 -32.88 -45.17
N GLY TB 52 83.21 -32.63 -44.03
CA GLY TB 52 82.45 -31.42 -43.83
C GLY TB 52 83.29 -30.33 -43.19
N THR TB 53 82.64 -29.19 -42.97
CA THR TB 53 83.26 -28.08 -42.27
C THR TB 53 82.51 -27.68 -41.01
N TYR TB 54 81.34 -28.25 -40.76
CA TYR TB 54 80.53 -27.86 -39.62
C TYR TB 54 81.24 -28.19 -38.31
N ILE TB 55 81.00 -27.36 -37.30
CA ILE TB 55 81.50 -27.58 -35.96
C ILE TB 55 80.32 -27.92 -35.07
N ASP TB 56 80.34 -29.11 -34.50
CA ASP TB 56 79.29 -29.55 -33.59
C ASP TB 56 79.93 -30.37 -32.48
N LYS TB 57 79.99 -29.79 -31.28
CA LYS TB 57 80.58 -30.51 -30.15
C LYS TB 57 79.71 -31.67 -29.69
N LYS TB 58 78.46 -31.74 -30.12
CA LYS TB 58 77.56 -32.84 -29.77
C LYS TB 58 77.37 -33.83 -30.90
N CYS TB 59 78.08 -33.67 -32.02
CA CYS TB 59 77.99 -34.63 -33.10
C CYS TB 59 78.60 -35.95 -32.66
N PRO TB 60 77.95 -37.08 -32.94
CA PRO TB 60 78.52 -38.36 -32.52
C PRO TB 60 79.85 -38.69 -33.16
N PHE TB 61 80.12 -38.12 -34.34
CA PHE TB 61 81.31 -38.46 -35.10
C PHE TB 61 82.41 -37.41 -35.01
N THR TB 62 82.05 -36.13 -34.93
CA THR TB 62 83.03 -35.06 -34.87
C THR TB 62 82.91 -34.24 -33.59
N GLY TB 63 82.37 -34.83 -32.52
CA GLY TB 63 82.18 -34.12 -31.28
C GLY TB 63 82.67 -34.93 -30.10
N ASN TB 64 82.47 -34.36 -28.92
CA ASN TB 64 82.89 -34.99 -27.66
C ASN TB 64 81.69 -35.67 -26.99
N VAL TB 65 81.15 -36.68 -27.66
CA VAL TB 65 80.08 -37.51 -27.11
C VAL TB 65 80.40 -38.97 -27.42
N SER TB 66 80.14 -39.84 -26.45
CA SER TB 66 80.35 -41.27 -26.61
C SER TB 66 79.01 -41.97 -26.54
N ILE TB 67 78.74 -42.82 -27.52
CA ILE TB 67 77.47 -43.53 -27.60
C ILE TB 67 77.59 -44.82 -26.80
N ARG TB 68 76.77 -44.94 -25.76
CA ARG TB 68 76.76 -46.11 -24.90
C ARG TB 68 75.40 -46.23 -24.26
N GLY TB 69 74.98 -47.46 -24.02
CA GLY TB 69 73.68 -47.70 -23.43
C GLY TB 69 72.69 -48.31 -24.40
N ARG TB 70 71.58 -47.62 -24.65
CA ARG TB 70 70.49 -48.16 -25.45
C ARG TB 70 70.53 -47.60 -26.85
N ILE TB 71 70.43 -48.49 -27.84
CA ILE TB 71 70.29 -48.12 -29.24
C ILE TB 71 68.85 -48.43 -29.63
N LEU TB 72 68.12 -47.41 -30.04
CA LEU TB 72 66.72 -47.59 -30.38
C LEU TB 72 66.39 -46.76 -31.61
N SER TB 73 65.12 -46.72 -31.99
CA SER TB 73 64.73 -46.09 -33.25
C SER TB 73 63.46 -45.27 -33.05
N GLY TB 74 63.20 -44.40 -34.01
CA GLY TB 74 62.02 -43.54 -33.94
C GLY TB 74 61.74 -42.93 -35.28
N VAL TB 75 60.64 -42.17 -35.33
CA VAL TB 75 60.15 -41.53 -36.54
C VAL TB 75 60.21 -40.02 -36.33
N VAL TB 76 60.80 -39.30 -37.28
CA VAL TB 76 60.94 -37.86 -37.15
C VAL TB 76 59.57 -37.21 -37.22
N THR TB 77 59.30 -36.32 -36.26
CA THR TB 77 58.03 -35.62 -36.18
C THR TB 77 58.17 -34.13 -36.48
N LYS TB 78 59.09 -33.43 -35.80
CA LYS TB 78 59.34 -32.03 -36.07
C LYS TB 78 60.84 -31.77 -36.13
N MET TB 79 61.21 -30.75 -36.88
CA MET TB 79 62.60 -30.34 -37.06
C MET TB 79 62.73 -28.85 -36.86
N LYS TB 80 62.04 -28.31 -35.85
CA LYS TB 80 61.94 -26.87 -35.66
C LYS TB 80 63.00 -26.32 -34.71
N MET TB 81 63.78 -27.17 -34.06
CA MET TB 81 64.80 -26.71 -33.12
C MET TB 81 66.16 -26.65 -33.79
N GLN TB 82 67.09 -25.96 -33.13
CA GLN TB 82 68.44 -25.83 -33.64
C GLN TB 82 69.24 -27.08 -33.31
N ARG TB 83 69.74 -27.75 -34.34
CA ARG TB 83 70.64 -28.91 -34.22
C ARG TB 83 70.00 -30.09 -33.49
N THR TB 84 68.70 -30.06 -33.24
CA THR TB 84 68.04 -31.16 -32.56
C THR TB 84 66.60 -31.26 -33.07
N ILE TB 85 66.07 -32.48 -33.03
CA ILE TB 85 64.75 -32.79 -33.55
C ILE TB 85 64.01 -33.63 -32.53
N VAL TB 86 62.69 -33.69 -32.68
CA VAL TB 86 61.84 -34.53 -31.85
C VAL TB 86 61.37 -35.71 -32.68
N ILE TB 87 61.38 -36.89 -32.08
CA ILE TB 87 60.96 -38.11 -32.74
C ILE TB 87 59.88 -38.77 -31.89
N ARG TB 88 59.04 -39.57 -32.55
CA ARG TB 88 57.96 -40.29 -31.90
C ARG TB 88 58.21 -41.78 -32.03
N ARG TB 89 58.09 -42.49 -30.91
CA ARG TB 89 58.20 -43.94 -30.89
C ARG TB 89 56.86 -44.54 -30.54
N ASP TB 90 56.37 -45.43 -31.39
CA ASP TB 90 55.08 -46.07 -31.19
C ASP TB 90 55.30 -47.48 -30.67
N TYR TB 91 54.54 -47.85 -29.65
CA TYR TB 91 54.63 -49.18 -29.07
C TYR TB 91 53.26 -49.59 -28.57
N LEU TB 92 53.10 -50.88 -28.32
CA LEU TB 92 51.86 -51.44 -27.81
C LEU TB 92 52.07 -51.86 -26.36
N HIS TB 93 51.22 -51.34 -25.47
CA HIS TB 93 51.27 -51.67 -24.06
C HIS TB 93 50.25 -52.77 -23.77
N TYR TB 94 50.69 -53.83 -23.11
CA TYR TB 94 49.82 -54.97 -22.85
C TYR TB 94 48.99 -54.74 -21.59
N ILE TB 95 47.68 -54.94 -21.70
CA ILE TB 95 46.76 -54.88 -20.57
C ILE TB 95 46.30 -56.29 -20.28
N ARG TB 96 46.65 -56.81 -19.11
CA ARG TB 96 46.46 -58.23 -18.84
C ARG TB 96 44.99 -58.61 -18.76
N LYS TB 97 44.17 -57.78 -18.09
CA LYS TB 97 42.80 -58.16 -17.79
C LYS TB 97 42.01 -58.44 -19.05
N TYR TB 98 42.17 -57.60 -20.08
CA TYR TB 98 41.48 -57.78 -21.34
C TYR TB 98 42.29 -58.58 -22.35
N ASN TB 99 43.50 -58.99 -21.99
CA ASN TB 99 44.40 -59.76 -22.86
C ASN TB 99 44.67 -59.04 -24.18
N ARG TB 100 44.49 -57.73 -24.22
CA ARG TB 100 44.63 -56.95 -25.43
C ARG TB 100 45.72 -55.90 -25.23
N PHE TB 101 45.98 -55.14 -26.28
CA PHE TB 101 47.06 -54.17 -26.28
C PHE TB 101 46.49 -52.76 -26.30
N GLU TB 102 47.38 -51.79 -26.07
CA GLU TB 102 47.01 -50.39 -25.96
C GLU TB 102 48.04 -49.58 -26.73
N LYS TB 103 47.58 -48.85 -27.74
CA LYS TB 103 48.48 -48.09 -28.60
C LYS TB 103 48.99 -46.87 -27.84
N ARG TB 104 50.30 -46.83 -27.59
CA ARG TB 104 50.92 -45.75 -26.84
C ARG TB 104 52.07 -45.16 -27.65
N HIS TB 105 52.53 -44.00 -27.21
CA HIS TB 105 53.64 -43.34 -27.88
C HIS TB 105 54.37 -42.47 -26.88
N LYS TB 106 55.63 -42.18 -27.18
CA LYS TB 106 56.40 -41.17 -26.47
C LYS TB 106 57.21 -40.35 -27.46
N ASN TB 107 57.34 -39.07 -27.15
CA ASN TB 107 58.13 -38.15 -27.95
C ASN TB 107 59.49 -37.95 -27.30
N MET TB 108 60.55 -38.02 -28.09
CA MET TB 108 61.90 -37.86 -27.59
C MET TB 108 62.62 -36.78 -28.39
N SER TB 109 63.26 -35.86 -27.69
CA SER TB 109 64.10 -34.86 -28.33
C SER TB 109 65.51 -35.42 -28.44
N VAL TB 110 65.97 -35.59 -29.67
CA VAL TB 110 67.29 -36.15 -29.93
C VAL TB 110 68.12 -35.11 -30.68
N HIS TB 111 69.44 -35.20 -30.53
CA HIS TB 111 70.32 -34.28 -31.21
C HIS TB 111 70.62 -34.77 -32.61
N LEU TB 112 70.48 -33.89 -33.59
CA LEU TB 112 70.72 -34.21 -34.99
C LEU TB 112 71.97 -33.48 -35.47
N SER TB 113 72.98 -34.24 -35.86
CA SER TB 113 74.21 -33.65 -36.35
C SER TB 113 73.98 -33.02 -37.72
N PRO TB 114 74.75 -31.97 -38.06
CA PRO TB 114 74.66 -31.39 -39.41
C PRO TB 114 75.12 -32.34 -40.50
N CYS TB 115 75.79 -33.43 -40.17
CA CYS TB 115 76.18 -34.41 -41.19
C CYS TB 115 74.98 -35.08 -41.83
N PHE TB 116 73.82 -35.04 -41.18
CA PHE TB 116 72.58 -35.55 -41.76
C PHE TB 116 71.80 -34.35 -42.30
N ARG TB 117 71.85 -34.17 -43.63
CA ARG TB 117 71.19 -33.05 -44.27
C ARG TB 117 69.84 -33.41 -44.87
N ASP TB 118 69.74 -34.56 -45.53
CA ASP TB 118 68.50 -34.95 -46.20
C ASP TB 118 67.60 -35.69 -45.21
N VAL TB 119 67.07 -34.93 -44.26
CA VAL TB 119 66.20 -35.46 -43.21
C VAL TB 119 64.84 -34.79 -43.35
N GLN TB 120 63.79 -35.60 -43.47
CA GLN TB 120 62.43 -35.12 -43.62
C GLN TB 120 61.56 -35.73 -42.54
N ILE TB 121 60.36 -35.16 -42.40
CA ILE TB 121 59.39 -35.68 -41.44
C ILE TB 121 58.92 -37.05 -41.91
N GLY TB 122 58.97 -38.03 -41.01
CA GLY TB 122 58.61 -39.39 -41.33
C GLY TB 122 59.77 -40.32 -41.54
N ASP TB 123 60.98 -39.79 -41.68
CA ASP TB 123 62.16 -40.64 -41.83
C ASP TB 123 62.42 -41.44 -40.56
N ILE TB 124 62.98 -42.62 -40.73
CA ILE TB 124 63.24 -43.51 -39.59
C ILE TB 124 64.68 -43.28 -39.14
N VAL TB 125 64.84 -42.82 -37.91
CA VAL TB 125 66.16 -42.52 -37.36
C VAL TB 125 66.49 -43.52 -36.27
N THR TB 126 67.65 -44.15 -36.39
CA THR TB 126 68.23 -44.93 -35.31
C THR TB 126 69.07 -43.99 -34.46
N VAL TB 127 68.80 -43.96 -33.16
CA VAL TB 127 69.47 -43.09 -32.21
C VAL TB 127 70.11 -43.93 -31.14
N GLY TB 128 71.14 -43.36 -30.52
CA GLY TB 128 71.86 -44.03 -29.46
C GLY TB 128 71.97 -43.14 -28.23
N GLU TB 129 71.96 -43.78 -27.07
CA GLU TB 129 72.00 -43.04 -25.82
C GLU TB 129 73.38 -42.46 -25.57
N CYS TB 130 73.41 -41.22 -25.09
CA CYS TB 130 74.66 -40.57 -24.72
C CYS TB 130 74.51 -39.88 -23.39
N ARG TB 131 75.52 -39.11 -22.98
CA ARG TB 131 75.40 -38.31 -21.77
C ARG TB 131 74.38 -37.19 -22.01
N PRO TB 132 73.77 -36.68 -20.95
CA PRO TB 132 72.78 -35.61 -21.11
C PRO TB 132 73.36 -34.40 -21.83
N LEU TB 133 72.77 -34.09 -22.98
CA LEU TB 133 73.19 -32.94 -23.78
C LEU TB 133 72.43 -31.67 -23.43
N SER TB 134 71.19 -31.80 -22.98
CA SER TB 134 70.40 -30.67 -22.53
C SER TB 134 69.45 -31.19 -21.45
N LYS TB 135 68.46 -30.37 -21.12
CA LYS TB 135 67.51 -30.75 -20.07
C LYS TB 135 66.71 -31.99 -20.47
N THR TB 136 66.33 -32.09 -21.76
CA THR TB 136 65.47 -33.18 -22.21
C THR TB 136 66.11 -34.05 -23.29
N VAL TB 137 67.39 -33.85 -23.60
CA VAL TB 137 68.04 -34.58 -24.69
C VAL TB 137 69.06 -35.54 -24.09
N ARG TB 138 68.94 -36.82 -24.45
CA ARG TB 138 69.92 -37.82 -24.02
C ARG TB 138 70.31 -38.76 -25.15
N PHE TB 139 69.96 -38.46 -26.40
CA PHE TB 139 70.18 -39.38 -27.50
C PHE TB 139 70.71 -38.61 -28.70
N ASN TB 140 71.53 -39.30 -29.51
CA ASN TB 140 72.06 -38.75 -30.75
C ASN TB 140 71.59 -39.60 -31.93
N VAL TB 141 71.26 -38.92 -33.02
CA VAL TB 141 70.91 -39.61 -34.26
C VAL TB 141 72.17 -40.22 -34.84
N LEU TB 142 72.18 -41.55 -34.96
CA LEU TB 142 73.31 -42.28 -35.50
C LEU TB 142 73.08 -42.73 -36.93
N LYS TB 143 71.83 -43.02 -37.30
CA LYS TB 143 71.54 -43.50 -38.65
C LYS TB 143 70.21 -42.93 -39.11
N VAL TB 144 70.12 -42.62 -40.40
CA VAL TB 144 68.91 -42.08 -41.00
C VAL TB 144 68.53 -42.94 -42.20
N THR TB 145 67.26 -43.35 -42.26
CA THR TB 145 66.74 -44.07 -43.42
C THR TB 145 65.49 -43.36 -43.91
N LYS TB 146 65.34 -43.29 -45.23
CA LYS TB 146 64.21 -42.63 -45.84
C LYS TB 146 62.95 -43.47 -45.70
N ALA TB 147 61.80 -42.80 -45.78
CA ALA TB 147 60.50 -43.45 -45.66
C ALA TB 147 59.90 -43.61 -47.05
N ALA TB 148 60.34 -44.67 -47.74
CA ALA TB 148 59.85 -45.03 -49.08
C ALA TB 148 60.00 -43.86 -50.06
N GLY TB 149 61.15 -43.19 -49.99
CA GLY TB 149 61.41 -42.04 -50.83
C GLY TB 149 62.55 -42.24 -51.81
N THR TB 150 63.68 -41.60 -51.53
CA THR TB 150 64.89 -41.61 -52.37
C THR TB 150 64.62 -41.10 -53.78
N LYS TB 151 63.53 -40.37 -53.97
CA LYS TB 151 63.17 -39.81 -55.26
C LYS TB 151 62.16 -38.69 -55.03
N LYS TB 152 62.26 -37.63 -55.82
CA LYS TB 152 61.35 -36.50 -55.72
C LYS TB 152 60.71 -36.25 -57.08
N GLN TB 153 59.39 -36.17 -57.11
CA GLN TB 153 58.66 -35.92 -58.34
C GLN TB 153 58.44 -34.42 -58.54
N GLY UB 1 27.76 -52.45 -49.92
CA GLY UB 1 26.83 -51.36 -50.10
C GLY UB 1 27.51 -50.11 -50.63
N ARG UB 2 26.72 -49.12 -51.01
CA ARG UB 2 27.27 -47.89 -51.54
C ARG UB 2 27.95 -47.08 -50.44
N MET UB 3 28.93 -46.28 -50.83
CA MET UB 3 29.66 -45.45 -49.88
C MET UB 3 28.74 -44.43 -49.22
N HIS UB 4 27.96 -43.72 -50.03
CA HIS UB 4 27.14 -42.61 -49.55
C HIS UB 4 25.66 -42.78 -49.88
N ALA UB 5 25.24 -44.00 -50.18
CA ALA UB 5 23.85 -44.30 -50.47
C ALA UB 5 23.47 -45.58 -49.77
N PRO UB 6 22.20 -45.75 -49.41
CA PRO UB 6 21.75 -47.01 -48.78
C PRO UB 6 21.39 -48.08 -49.80
N GLY UB 7 22.20 -48.20 -50.84
CA GLY UB 7 21.95 -49.12 -51.94
C GLY UB 7 22.94 -50.27 -51.88
N LYS UB 8 22.48 -51.45 -52.26
CA LYS UB 8 23.27 -52.67 -52.22
C LYS UB 8 23.20 -53.39 -53.54
N GLY UB 9 23.40 -52.64 -54.63
CA GLY UB 9 23.32 -53.23 -55.94
C GLY UB 9 24.47 -54.16 -56.25
N LEU UB 10 24.25 -54.97 -57.29
CA LEU UB 10 25.21 -55.99 -57.69
C LEU UB 10 25.67 -55.85 -59.13
N SER UB 11 25.18 -54.85 -59.87
CA SER UB 11 25.52 -54.71 -61.28
C SER UB 11 27.01 -54.51 -61.47
N GLN UB 12 27.67 -55.51 -62.06
CA GLN UB 12 29.12 -55.49 -62.23
C GLN UB 12 29.44 -56.07 -63.59
N SER UB 13 30.71 -56.31 -63.84
CA SER UB 13 31.18 -56.97 -65.05
C SER UB 13 31.81 -58.30 -64.67
N ALA UB 14 31.43 -59.36 -65.36
CA ALA UB 14 31.94 -60.70 -65.10
C ALA UB 14 33.00 -61.01 -66.15
N LEU UB 15 34.26 -60.77 -65.79
CA LEU UB 15 35.36 -61.06 -66.69
C LEU UB 15 35.49 -62.57 -66.87
N PRO UB 16 35.61 -63.06 -68.11
CA PRO UB 16 35.64 -64.50 -68.33
C PRO UB 16 36.92 -65.14 -67.81
N TYR UB 17 36.83 -66.45 -67.56
CA TYR UB 17 37.97 -67.20 -67.08
C TYR UB 17 39.07 -67.34 -68.12
N ARG UB 18 38.74 -67.21 -69.41
CA ARG UB 18 39.74 -67.36 -70.46
C ARG UB 18 40.47 -66.04 -70.64
N ARG UB 19 41.71 -65.97 -70.17
CA ARG UB 19 42.53 -64.78 -70.34
C ARG UB 19 43.15 -64.68 -71.72
N SER UB 20 43.07 -65.74 -72.53
CA SER UB 20 43.71 -65.75 -73.84
C SER UB 20 42.99 -64.83 -74.80
N VAL UB 21 43.74 -64.31 -75.75
CA VAL UB 21 43.17 -63.46 -76.81
C VAL UB 21 42.35 -64.34 -77.76
N PRO UB 22 41.16 -63.91 -78.17
CA PRO UB 22 40.39 -64.69 -79.14
C PRO UB 22 41.12 -64.81 -80.47
N THR UB 23 40.92 -65.95 -81.13
CA THR UB 23 41.60 -66.20 -82.39
C THR UB 23 41.10 -65.31 -83.52
N TRP UB 24 39.89 -64.78 -83.42
CA TRP UB 24 39.33 -63.94 -84.47
C TRP UB 24 39.79 -62.49 -84.37
N LEU UB 25 40.59 -62.15 -83.37
CA LEU UB 25 41.09 -60.79 -83.20
C LEU UB 25 42.38 -60.65 -84.01
N LYS UB 26 42.32 -59.86 -85.07
CA LYS UB 26 43.48 -59.61 -85.92
C LYS UB 26 44.32 -58.43 -85.46
N LEU UB 27 43.85 -57.68 -84.47
CA LEU UB 27 44.61 -56.54 -83.97
C LEU UB 27 45.80 -57.03 -83.16
N THR UB 28 46.98 -56.46 -83.45
CA THR UB 28 48.16 -56.76 -82.67
C THR UB 28 48.34 -55.73 -81.56
N SER UB 29 49.31 -55.99 -80.69
CA SER UB 29 49.53 -55.13 -79.53
C SER UB 29 49.85 -53.70 -79.94
N ASP UB 30 50.72 -53.53 -80.94
CA ASP UB 30 51.05 -52.19 -81.40
C ASP UB 30 49.85 -51.52 -82.06
N ASP UB 31 49.02 -52.30 -82.76
CA ASP UB 31 47.82 -51.73 -83.38
C ASP UB 31 46.86 -51.19 -82.33
N VAL UB 32 46.61 -51.97 -81.29
CA VAL UB 32 45.75 -51.50 -80.20
C VAL UB 32 46.38 -50.29 -79.52
N LYS UB 33 47.69 -50.31 -79.34
CA LYS UB 33 48.36 -49.17 -78.72
C LYS UB 33 48.19 -47.90 -79.56
N GLU UB 34 48.31 -48.02 -80.87
CA GLU UB 34 48.11 -46.87 -81.74
C GLU UB 34 46.67 -46.37 -81.69
N GLN UB 35 45.70 -47.29 -81.61
CA GLN UB 35 44.31 -46.87 -81.46
C GLN UB 35 44.10 -46.11 -80.15
N ILE UB 36 44.70 -46.60 -79.06
CA ILE UB 36 44.60 -45.90 -77.79
C ILE UB 36 45.25 -44.52 -77.88
N TYR UB 37 46.39 -44.43 -78.57
CA TYR UB 37 47.06 -43.15 -78.73
C TYR UB 37 46.18 -42.16 -79.49
N LYS UB 38 45.56 -42.62 -80.58
CA LYS UB 38 44.69 -41.74 -81.36
C LYS UB 38 43.49 -41.28 -80.54
N LEU UB 39 42.87 -42.19 -79.79
CA LEU UB 39 41.72 -41.80 -78.98
C LEU UB 39 42.12 -40.84 -77.86
N ALA UB 40 43.28 -41.08 -77.23
CA ALA UB 40 43.74 -40.17 -76.18
C ALA UB 40 44.05 -38.79 -76.74
N LYS UB 41 44.63 -38.72 -77.94
CA LYS UB 41 44.83 -37.43 -78.57
C LYS UB 41 43.50 -36.76 -78.89
N LYS UB 42 42.50 -37.53 -79.32
CA LYS UB 42 41.16 -37.00 -79.49
C LYS UB 42 40.56 -36.53 -78.18
N GLY UB 43 41.05 -37.00 -77.04
CA GLY UB 43 40.66 -36.47 -75.76
C GLY UB 43 39.84 -37.38 -74.88
N LEU UB 44 39.74 -38.66 -75.20
CA LEU UB 44 38.92 -39.58 -74.43
C LEU UB 44 39.66 -40.02 -73.17
N THR UB 45 38.92 -40.10 -72.07
CA THR UB 45 39.45 -40.67 -70.85
C THR UB 45 39.58 -42.19 -71.01
N PRO UB 46 40.42 -42.83 -70.19
CA PRO UB 46 40.67 -44.27 -70.38
C PRO UB 46 39.41 -45.13 -70.34
N SER UB 47 38.43 -44.78 -69.52
CA SER UB 47 37.17 -45.53 -69.52
C SER UB 47 36.51 -45.47 -70.89
N GLN UB 48 36.44 -44.28 -71.47
CA GLN UB 48 35.84 -44.13 -72.80
C GLN UB 48 36.67 -44.83 -73.85
N ILE UB 49 37.99 -44.81 -73.72
CA ILE UB 49 38.85 -45.52 -74.68
C ILE UB 49 38.55 -47.01 -74.64
N GLY UB 50 38.45 -47.56 -73.44
CA GLY UB 50 38.10 -48.97 -73.32
C GLY UB 50 36.73 -49.29 -73.87
N VAL UB 51 35.76 -48.41 -73.63
CA VAL UB 51 34.40 -48.63 -74.12
C VAL UB 51 34.37 -48.64 -75.64
N ILE UB 52 35.04 -47.65 -76.27
CA ILE UB 52 35.09 -47.59 -77.72
C ILE UB 52 35.78 -48.82 -78.29
N LEU UB 53 36.91 -49.20 -77.69
CA LEU UB 53 37.67 -50.33 -78.19
C LEU UB 53 36.87 -51.63 -78.08
N ARG UB 54 36.13 -51.81 -76.99
CA ARG UB 54 35.34 -53.02 -76.83
C ARG UB 54 34.13 -53.02 -77.74
N ASP UB 55 33.49 -51.87 -77.91
CA ASP UB 55 32.25 -51.81 -78.69
C ASP UB 55 32.53 -51.96 -80.18
N SER UB 56 33.53 -51.26 -80.70
CA SER UB 56 33.73 -51.16 -82.14
C SER UB 56 34.80 -52.11 -82.67
N HIS UB 57 35.98 -52.09 -82.09
CA HIS UB 57 37.11 -52.84 -82.63
C HIS UB 57 37.19 -54.26 -82.12
N GLY UB 58 36.26 -54.67 -81.26
CA GLY UB 58 36.15 -56.07 -80.91
C GLY UB 58 37.20 -56.60 -79.96
N VAL UB 59 38.00 -55.73 -79.36
CA VAL UB 59 39.00 -56.16 -78.38
C VAL UB 59 38.32 -56.27 -77.02
N ALA UB 60 38.58 -57.39 -76.34
CA ALA UB 60 37.89 -57.67 -75.09
C ALA UB 60 38.56 -56.97 -73.91
N GLN UB 61 39.86 -57.19 -73.75
CA GLN UB 61 40.62 -56.56 -72.67
C GLN UB 61 41.94 -56.05 -73.24
N VAL UB 62 42.18 -54.75 -73.09
CA VAL UB 62 43.44 -54.17 -73.53
C VAL UB 62 44.59 -54.82 -72.79
N ARG UB 63 44.40 -55.10 -71.50
CA ARG UB 63 45.45 -55.76 -70.72
C ARG UB 63 45.71 -57.17 -71.24
N PHE UB 64 44.66 -57.88 -71.65
CA PHE UB 64 44.85 -59.23 -72.16
C PHE UB 64 45.58 -59.22 -73.49
N VAL UB 65 45.26 -58.26 -74.36
CA VAL UB 65 45.83 -58.28 -75.70
C VAL UB 65 47.21 -57.63 -75.77
N THR UB 66 47.49 -56.63 -74.93
CA THR UB 66 48.78 -55.96 -74.95
C THR UB 66 49.69 -56.29 -73.78
N GLY UB 67 49.14 -56.77 -72.67
CA GLY UB 67 49.92 -57.00 -71.47
C GLY UB 67 49.97 -55.84 -70.51
N ASN UB 68 49.41 -54.69 -70.87
CA ASN UB 68 49.44 -53.51 -70.02
C ASN UB 68 48.06 -52.87 -69.99
N LYS UB 69 47.79 -52.15 -68.92
CA LYS UB 69 46.52 -51.45 -68.78
C LYS UB 69 46.55 -50.14 -69.55
N ILE UB 70 45.35 -49.58 -69.78
CA ILE UB 70 45.23 -48.39 -70.63
C ILE UB 70 45.94 -47.20 -70.01
N LEU UB 71 45.77 -46.99 -68.70
CA LEU UB 71 46.44 -45.89 -68.04
C LEU UB 71 47.95 -46.08 -68.05
N ARG UB 72 48.41 -47.33 -67.88
CA ARG UB 72 49.84 -47.61 -67.95
C ARG UB 72 50.40 -47.28 -69.33
N ILE UB 73 49.68 -47.65 -70.38
CA ILE UB 73 50.12 -47.35 -71.74
C ILE UB 73 50.17 -45.84 -71.97
N LEU UB 74 49.12 -45.13 -71.54
CA LEU UB 74 49.08 -43.69 -71.71
C LEU UB 74 50.20 -43.00 -70.95
N LYS UB 75 50.47 -43.44 -69.73
CA LYS UB 75 51.54 -42.85 -68.93
C LYS UB 75 52.91 -43.16 -69.52
N SER UB 76 53.08 -44.37 -70.08
CA SER UB 76 54.33 -44.72 -70.72
C SER UB 76 54.59 -43.85 -71.93
N LYS UB 77 53.55 -43.62 -72.75
CA LYS UB 77 53.74 -42.72 -73.90
C LYS UB 77 53.87 -41.27 -73.47
N GLY UB 78 53.33 -40.90 -72.32
CA GLY UB 78 53.49 -39.55 -71.81
C GLY UB 78 52.33 -38.63 -72.09
N LEU UB 79 51.11 -39.16 -72.16
CA LEU UB 79 49.94 -38.32 -72.42
C LEU UB 79 48.79 -38.66 -71.48
N ALA UB 80 49.09 -39.24 -70.32
CA ALA UB 80 48.08 -39.45 -69.31
C ALA UB 80 47.61 -38.11 -68.74
N PRO UB 81 46.34 -38.01 -68.35
CA PRO UB 81 45.84 -36.74 -67.80
C PRO UB 81 46.54 -36.39 -66.50
N ASP UB 82 46.65 -35.08 -66.25
CA ASP UB 82 47.28 -34.61 -65.02
C ASP UB 82 46.49 -35.03 -63.78
N LEU UB 83 45.17 -34.91 -63.84
CA LEU UB 83 44.40 -35.46 -62.75
C LEU UB 83 43.92 -36.87 -63.10
N PRO UB 84 43.73 -37.73 -62.11
CA PRO UB 84 43.09 -39.01 -62.36
C PRO UB 84 41.66 -38.82 -62.83
N GLU UB 85 41.18 -39.77 -63.62
CA GLU UB 85 39.88 -39.65 -64.26
C GLU UB 85 38.76 -39.49 -63.25
N ASP UB 86 38.72 -40.37 -62.24
CA ASP UB 86 37.63 -40.35 -61.28
C ASP UB 86 37.67 -39.10 -60.41
N LEU UB 87 38.86 -38.67 -60.00
CA LEU UB 87 38.97 -37.42 -59.24
C LEU UB 87 38.53 -36.23 -60.08
N TYR UB 88 38.90 -36.22 -61.37
CA TYR UB 88 38.49 -35.15 -62.25
C TYR UB 88 36.97 -35.10 -62.37
N HIS UB 89 36.33 -36.26 -62.51
CA HIS UB 89 34.88 -36.28 -62.65
C HIS UB 89 34.19 -35.90 -61.36
N LEU UB 90 34.76 -36.27 -60.21
CA LEU UB 90 34.19 -35.82 -58.94
C LEU UB 90 34.28 -34.31 -58.78
N ILE UB 91 35.42 -33.73 -59.17
CA ILE UB 91 35.56 -32.27 -59.09
C ILE UB 91 34.59 -31.60 -60.07
N LYS UB 92 34.43 -32.17 -61.26
CA LYS UB 92 33.48 -31.63 -62.23
C LYS UB 92 32.07 -31.63 -61.68
N LYS UB 93 31.66 -32.75 -61.06
CA LYS UB 93 30.34 -32.83 -60.46
C LYS UB 93 30.17 -31.81 -59.34
N ALA UB 94 31.20 -31.65 -58.51
CA ALA UB 94 31.12 -30.68 -57.42
C ALA UB 94 30.98 -29.26 -57.94
N VAL UB 95 31.71 -28.93 -59.01
CA VAL UB 95 31.62 -27.61 -59.60
C VAL UB 95 30.22 -27.37 -60.17
N ALA UB 96 29.66 -28.39 -60.84
CA ALA UB 96 28.30 -28.26 -61.37
C ALA UB 96 27.29 -28.05 -60.26
N VAL UB 97 27.41 -28.80 -59.16
CA VAL UB 97 26.47 -28.66 -58.06
C VAL UB 97 26.60 -27.29 -57.41
N ARG UB 98 27.83 -26.80 -57.24
CA ARG UB 98 28.01 -25.47 -56.66
C ARG UB 98 27.43 -24.39 -57.56
N LYS UB 99 27.59 -24.55 -58.88
CA LYS UB 99 27.02 -23.59 -59.82
C LYS UB 99 25.51 -23.59 -59.75
N HIS UB 100 24.90 -24.76 -59.61
CA HIS UB 100 23.44 -24.81 -59.43
C HIS UB 100 23.04 -24.19 -58.10
N LEU UB 101 23.83 -24.44 -57.06
CA LEU UB 101 23.46 -24.03 -55.71
C LEU UB 101 23.57 -22.53 -55.52
N GLU UB 102 24.53 -21.88 -56.18
CA GLU UB 102 24.64 -20.43 -56.04
C GLU UB 102 23.47 -19.67 -56.66
N ARG UB 103 22.64 -20.34 -57.45
CA ARG UB 103 21.39 -19.77 -57.92
C ARG UB 103 20.17 -20.29 -57.18
N ASN UB 104 20.20 -21.54 -56.75
CA ASN UB 104 19.09 -22.14 -56.00
C ASN UB 104 19.52 -22.29 -54.54
N ARG UB 105 19.31 -21.23 -53.76
CA ARG UB 105 19.75 -21.24 -52.37
C ARG UB 105 18.90 -22.15 -51.49
N LYS UB 106 17.67 -22.43 -51.88
CA LYS UB 106 16.77 -23.27 -51.10
C LYS UB 106 16.96 -24.75 -51.38
N ASP UB 107 17.86 -25.12 -52.29
CA ASP UB 107 18.06 -26.52 -52.65
C ASP UB 107 18.93 -27.19 -51.58
N LYS UB 108 18.30 -27.47 -50.44
CA LYS UB 108 19.00 -28.13 -49.35
C LYS UB 108 19.36 -29.57 -49.72
N ASP UB 109 18.57 -30.20 -50.58
CA ASP UB 109 18.97 -31.50 -51.13
C ASP UB 109 20.27 -31.37 -51.90
N ALA UB 110 20.39 -30.32 -52.71
CA ALA UB 110 21.63 -30.10 -53.44
C ALA UB 110 22.80 -29.82 -52.50
N LYS UB 111 22.54 -29.11 -51.41
CA LYS UB 111 23.61 -28.88 -50.42
C LYS UB 111 24.07 -30.20 -49.80
N PHE UB 112 23.12 -31.08 -49.47
CA PHE UB 112 23.46 -32.39 -48.91
C PHE UB 112 24.27 -33.22 -49.90
N ARG UB 113 23.84 -33.24 -51.16
CA ARG UB 113 24.59 -33.98 -52.18
C ARG UB 113 25.97 -33.38 -52.38
N LEU UB 114 26.09 -32.06 -52.27
CA LEU UB 114 27.39 -31.40 -52.40
C LEU UB 114 28.32 -31.83 -51.28
N ILE UB 115 27.79 -31.93 -50.05
CA ILE UB 115 28.61 -32.40 -48.94
C ILE UB 115 29.08 -33.82 -49.21
N LEU UB 116 28.20 -34.69 -49.71
CA LEU UB 116 28.60 -36.06 -50.00
C LEU UB 116 29.70 -36.09 -51.06
N ILE UB 117 29.53 -35.31 -52.13
CA ILE UB 117 30.50 -35.30 -53.23
C ILE UB 117 31.85 -34.80 -52.75
N GLU UB 118 31.85 -33.73 -51.95
CA GLU UB 118 33.12 -33.19 -51.47
C GLU UB 118 33.80 -34.13 -50.48
N SER UB 119 33.02 -34.87 -49.68
CA SER UB 119 33.62 -35.91 -48.84
C SER UB 119 34.30 -36.98 -49.68
N ARG UB 120 33.63 -37.40 -50.76
CA ARG UB 120 34.26 -38.37 -51.66
C ARG UB 120 35.53 -37.81 -52.28
N ILE UB 121 35.49 -36.53 -52.67
CA ILE UB 121 36.66 -35.89 -53.26
C ILE UB 121 37.83 -35.90 -52.29
N HIS UB 122 37.57 -35.55 -51.02
CA HIS UB 122 38.65 -35.49 -50.05
C HIS UB 122 39.21 -36.88 -49.75
N ARG UB 123 38.34 -37.89 -49.66
CA ARG UB 123 38.85 -39.24 -49.42
C ARG UB 123 39.68 -39.74 -50.58
N LEU UB 124 39.23 -39.50 -51.81
CA LEU UB 124 40.01 -39.92 -52.99
C LEU UB 124 41.32 -39.16 -53.09
N ALA UB 125 41.30 -37.86 -52.76
CA ALA UB 125 42.53 -37.08 -52.77
C ALA UB 125 43.51 -37.57 -51.72
N ARG UB 126 43.01 -37.96 -50.55
CA ARG UB 126 43.86 -38.55 -49.54
C ARG UB 126 44.51 -39.82 -50.05
N TYR UB 127 43.73 -40.67 -50.72
CA TYR UB 127 44.28 -41.90 -51.30
C TYR UB 127 45.37 -41.59 -52.32
N TYR UB 128 45.13 -40.62 -53.20
CA TYR UB 128 46.09 -40.34 -54.26
C TYR UB 128 47.36 -39.69 -53.70
N LYS UB 129 47.23 -38.84 -52.69
CA LYS UB 129 48.41 -38.28 -52.05
C LYS UB 129 49.19 -39.36 -51.30
N THR UB 130 48.50 -40.36 -50.75
CA THR UB 130 49.20 -41.49 -50.15
C THR UB 130 49.98 -42.27 -51.19
N LYS UB 131 49.37 -42.49 -52.36
CA LYS UB 131 50.04 -43.23 -53.43
C LYS UB 131 51.01 -42.37 -54.24
N ARG UB 132 51.13 -41.08 -53.91
CA ARG UB 132 52.05 -40.15 -54.56
C ARG UB 132 51.68 -39.89 -56.01
N VAL UB 133 50.43 -40.16 -56.39
CA VAL UB 133 49.95 -39.77 -57.70
C VAL UB 133 49.80 -38.25 -57.78
N LEU UB 134 49.28 -37.65 -56.74
CA LEU UB 134 49.08 -36.23 -56.53
C LEU UB 134 50.25 -35.66 -55.73
N PRO UB 135 50.52 -34.35 -55.89
CA PRO UB 135 51.54 -33.73 -55.05
C PRO UB 135 51.16 -33.79 -53.60
N PRO UB 136 52.14 -33.85 -52.69
CA PRO UB 136 51.82 -33.95 -51.26
C PRO UB 136 51.09 -32.74 -50.71
N ASN UB 137 51.19 -31.59 -51.36
CA ASN UB 137 50.52 -30.37 -50.93
C ASN UB 137 49.22 -30.10 -51.69
N TRP UB 138 48.75 -31.06 -52.47
CA TRP UB 138 47.56 -30.87 -53.28
C TRP UB 138 46.32 -30.74 -52.40
N LYS UB 139 45.51 -29.73 -52.68
CA LYS UB 139 44.30 -29.48 -51.92
C LYS UB 139 43.19 -29.06 -52.87
N TYR UB 140 41.99 -29.56 -52.62
CA TYR UB 140 40.81 -29.19 -53.39
C TYR UB 140 40.21 -27.94 -52.78
N GLU UB 141 40.25 -26.83 -53.51
CA GLU UB 141 39.60 -25.59 -53.09
C GLU UB 141 38.35 -25.40 -53.92
N SER UB 142 37.23 -25.16 -53.24
CA SER UB 142 35.96 -24.97 -53.92
C SER UB 142 35.99 -23.73 -54.81
N SER UB 143 36.74 -22.70 -54.42
CA SER UB 143 36.77 -21.48 -55.20
C SER UB 143 37.54 -21.65 -56.50
N THR UB 144 38.70 -22.30 -56.44
CA THR UB 144 39.58 -22.40 -57.60
C THR UB 144 39.43 -23.70 -58.36
N ALA UB 145 38.54 -24.60 -57.94
CA ALA UB 145 38.38 -25.85 -58.65
C ALA UB 145 37.64 -25.70 -59.97
N SER UB 146 36.91 -24.60 -60.15
CA SER UB 146 36.09 -24.44 -61.35
C SER UB 146 36.93 -24.31 -62.61
N ALA UB 147 38.15 -23.78 -62.48
CA ALA UB 147 39.03 -23.60 -63.63
C ALA UB 147 39.76 -24.87 -64.01
N LEU UB 148 39.65 -25.94 -63.22
CA LEU UB 148 40.34 -27.18 -63.52
C LEU UB 148 39.54 -28.12 -64.40
N VAL UB 149 38.21 -27.98 -64.42
CA VAL UB 149 37.33 -28.90 -65.10
C VAL UB 149 36.47 -28.12 -66.09
N ALA UB 150 36.24 -28.72 -67.26
CA ALA UB 150 35.38 -28.14 -68.30
C ALA UB 150 35.76 -26.71 -68.68
N ILE VB 4 -56.91 -17.69 -67.80
CA ILE VB 4 -55.70 -17.00 -67.39
C ILE VB 4 -54.69 -17.97 -66.74
N SER VB 5 -54.97 -18.44 -65.53
CA SER VB 5 -54.18 -19.44 -64.81
C SER VB 5 -52.75 -19.01 -64.52
N LEU VB 6 -52.38 -17.78 -64.91
CA LEU VB 6 -51.05 -17.21 -64.69
C LEU VB 6 -49.95 -18.09 -65.30
N GLY VB 7 -50.26 -18.80 -66.38
CA GLY VB 7 -49.33 -19.74 -66.96
C GLY VB 7 -49.16 -19.54 -68.45
N PRO VB 8 -48.30 -20.34 -69.06
CA PRO VB 8 -48.06 -20.23 -70.51
C PRO VB 8 -49.16 -20.92 -71.31
N GLN VB 9 -49.19 -20.60 -72.60
CA GLN VB 9 -50.12 -21.21 -73.53
C GLN VB 9 -49.50 -22.50 -74.06
N VAL VB 10 -50.03 -23.64 -73.64
CA VAL VB 10 -49.47 -24.93 -73.98
C VAL VB 10 -50.57 -25.84 -74.52
N ALA VB 11 -50.14 -26.81 -75.32
CA ALA VB 11 -51.05 -27.81 -75.87
C ALA VB 11 -51.26 -28.92 -74.84
N GLU VB 12 -51.87 -30.02 -75.27
CA GLU VB 12 -52.13 -31.16 -74.39
C GLU VB 12 -51.07 -32.24 -74.49
N GLY VB 13 -50.56 -32.52 -75.70
CA GLY VB 13 -49.64 -33.61 -75.91
C GLY VB 13 -48.24 -33.40 -75.36
N GLU VB 14 -47.96 -32.21 -74.85
CA GLU VB 14 -46.65 -31.90 -74.29
C GLU VB 14 -46.81 -31.24 -72.93
N ASN VB 15 -45.73 -31.28 -72.15
CA ASN VB 15 -45.72 -30.75 -70.79
C ASN VB 15 -44.65 -29.67 -70.66
N VAL VB 16 -44.85 -28.79 -69.70
CA VAL VB 16 -43.96 -27.66 -69.44
C VAL VB 16 -43.07 -28.00 -68.24
N PHE VB 17 -41.78 -27.66 -68.36
CA PHE VB 17 -40.76 -28.13 -67.44
C PHE VB 17 -40.26 -27.01 -66.53
N GLY VB 18 -40.05 -27.34 -65.26
CA GLY VB 18 -39.31 -26.52 -64.34
C GLY VB 18 -38.14 -27.32 -63.78
N VAL VB 19 -37.41 -26.69 -62.86
CA VAL VB 19 -36.28 -27.33 -62.21
C VAL VB 19 -36.48 -27.25 -60.71
N CYS VB 20 -36.49 -28.38 -60.04
CA CYS VB 20 -36.62 -28.45 -58.59
C CYS VB 20 -35.26 -28.72 -57.98
N HIS VB 21 -34.74 -27.72 -57.28
CA HIS VB 21 -33.55 -27.88 -56.46
C HIS VB 21 -33.99 -28.36 -55.09
N ILE VB 22 -33.62 -29.60 -54.76
CA ILE VB 22 -33.92 -30.19 -53.46
C ILE VB 22 -32.63 -30.17 -52.66
N PHE VB 23 -32.48 -29.17 -51.79
CA PHE VB 23 -31.32 -29.06 -50.92
C PHE VB 23 -31.67 -29.73 -49.60
N ALA VB 24 -31.34 -31.02 -49.50
CA ALA VB 24 -31.71 -31.78 -48.31
C ALA VB 24 -30.48 -31.92 -47.43
N SER VB 25 -30.26 -30.95 -46.58
CA SER VB 25 -29.14 -31.04 -45.67
C SER VB 25 -29.64 -31.69 -44.38
N PHE VB 26 -28.78 -31.78 -43.38
CA PHE VB 26 -29.32 -31.96 -42.06
C PHE VB 26 -29.78 -30.61 -41.53
N ASN VB 27 -30.69 -30.64 -40.57
CA ASN VB 27 -31.32 -29.48 -39.95
C ASN VB 27 -32.31 -28.77 -40.86
N ASP VB 28 -32.38 -29.13 -42.15
CA ASP VB 28 -33.37 -28.53 -43.04
C ASP VB 28 -33.37 -29.21 -44.40
N THR VB 29 -34.48 -29.01 -45.12
CA THR VB 29 -34.62 -29.41 -46.51
C THR VB 29 -35.31 -28.28 -47.28
N PHE VB 30 -34.84 -28.05 -48.50
CA PHE VB 30 -35.37 -27.02 -49.38
C PHE VB 30 -35.94 -27.70 -50.62
N VAL VB 31 -37.15 -27.29 -51.01
CA VAL VB 31 -37.85 -27.89 -52.14
C VAL VB 31 -38.01 -26.81 -53.20
N HIS VB 32 -36.96 -26.01 -53.39
CA HIS VB 32 -37.00 -24.87 -54.29
C HIS VB 32 -37.39 -25.30 -55.70
N VAL VB 33 -38.22 -24.51 -56.37
CA VAL VB 33 -38.56 -24.75 -57.77
C VAL VB 33 -38.40 -23.45 -58.55
N THR VB 34 -37.60 -23.50 -59.61
CA THR VB 34 -37.34 -22.38 -60.48
C THR VB 34 -37.67 -22.78 -61.92
N ASP VB 35 -37.46 -21.84 -62.84
CA ASP VB 35 -37.70 -22.09 -64.24
C ASP VB 35 -36.56 -22.95 -64.80
N LEU VB 36 -36.52 -23.12 -66.12
CA LEU VB 36 -35.53 -24.00 -66.71
C LEU VB 36 -34.13 -23.40 -66.67
N SER VB 37 -34.01 -22.07 -66.54
CA SER VB 37 -32.71 -21.44 -66.42
C SER VB 37 -32.24 -21.32 -64.98
N GLY VB 38 -33.17 -21.31 -64.02
CA GLY VB 38 -32.84 -21.15 -62.63
C GLY VB 38 -32.85 -19.73 -62.13
N LYS VB 39 -32.83 -18.75 -63.03
CA LYS VB 39 -32.78 -17.35 -62.61
C LYS VB 39 -34.12 -16.89 -62.03
N GLU VB 40 -35.22 -17.39 -62.57
CA GLU VB 40 -36.56 -17.05 -62.10
C GLU VB 40 -37.12 -18.21 -61.30
N THR VB 41 -37.46 -17.96 -60.05
CA THR VB 41 -37.99 -18.98 -59.17
C THR VB 41 -39.51 -18.99 -59.19
N ILE VB 42 -40.07 -20.14 -58.84
CA ILE VB 42 -41.51 -20.38 -58.86
C ILE VB 42 -42.06 -20.54 -57.46
N CYS VB 43 -41.56 -21.52 -56.72
CA CYS VB 43 -41.99 -21.74 -55.34
C CYS VB 43 -40.81 -22.28 -54.55
N ARG VB 44 -40.72 -21.88 -53.30
CA ARG VB 44 -39.67 -22.37 -52.40
C ARG VB 44 -40.29 -22.57 -51.03
N VAL VB 45 -40.46 -23.82 -50.62
CA VAL VB 45 -40.99 -24.18 -49.32
C VAL VB 45 -40.00 -25.11 -48.64
N THR VB 46 -39.69 -24.82 -47.39
CA THR VB 46 -38.79 -25.63 -46.59
C THR VB 46 -39.57 -26.36 -45.50
N GLY VB 47 -38.88 -27.27 -44.81
CA GLY VB 47 -39.49 -27.95 -43.69
C GLY VB 47 -39.65 -27.10 -42.45
N GLY VB 48 -38.83 -26.05 -42.33
CA GLY VB 48 -38.94 -25.15 -41.20
C GLY VB 48 -40.16 -24.28 -41.23
N MET VB 49 -40.74 -24.07 -42.40
CA MET VB 49 -42.01 -23.36 -42.53
C MET VB 49 -43.21 -24.29 -42.52
N LYS VB 50 -42.98 -25.60 -42.38
CA LYS VB 50 -44.03 -26.58 -42.18
C LYS VB 50 -44.13 -27.09 -40.75
N VAL VB 51 -43.01 -27.19 -40.06
CA VAL VB 51 -43.02 -27.60 -38.66
C VAL VB 51 -42.73 -26.39 -37.78
N LYS VB 52 -43.11 -26.50 -36.52
CA LYS VB 52 -42.84 -25.47 -35.53
C LYS VB 52 -42.18 -26.08 -34.30
N ALA VB 53 -41.33 -27.08 -34.52
CA ALA VB 53 -40.67 -27.80 -33.43
C ALA VB 53 -39.16 -27.68 -33.43
N ASP VB 54 -38.54 -27.27 -34.54
CA ASP VB 54 -37.11 -26.99 -34.65
C ASP VB 54 -36.29 -28.27 -34.60
N ARG VB 55 -36.92 -29.39 -34.29
CA ARG VB 55 -36.29 -30.70 -34.36
C ARG VB 55 -36.56 -31.37 -35.69
N ASP VB 56 -37.70 -31.06 -36.28
CA ASP VB 56 -38.23 -31.77 -37.43
C ASP VB 56 -38.08 -30.99 -38.72
N GLU VB 57 -37.26 -29.94 -38.73
CA GLU VB 57 -37.07 -29.16 -39.95
C GLU VB 57 -36.46 -30.01 -41.05
N SER VB 58 -35.65 -31.01 -40.68
CA SER VB 58 -35.07 -31.93 -41.64
C SER VB 58 -35.80 -33.26 -41.68
N SER VB 59 -36.98 -33.34 -41.09
CA SER VB 59 -37.67 -34.61 -40.99
C SER VB 59 -38.31 -35.00 -42.33
N PRO VB 60 -38.44 -36.30 -42.58
CA PRO VB 60 -39.14 -36.74 -43.80
C PRO VB 60 -40.57 -36.23 -43.90
N TYR VB 61 -41.28 -36.12 -42.78
CA TYR VB 61 -42.64 -35.61 -42.82
C TYR VB 61 -42.68 -34.15 -43.26
N ALA VB 62 -41.77 -33.33 -42.72
CA ALA VB 62 -41.69 -31.94 -43.14
C ALA VB 62 -41.32 -31.82 -44.60
N ALA VB 63 -40.39 -32.66 -45.07
CA ALA VB 63 -40.04 -32.66 -46.47
C ALA VB 63 -41.23 -33.02 -47.34
N MET VB 64 -42.02 -34.00 -46.92
CA MET VB 64 -43.20 -34.39 -47.67
C MET VB 64 -44.21 -33.25 -47.75
N LEU VB 65 -44.47 -32.60 -46.62
CA LEU VB 65 -45.43 -31.50 -46.60
C LEU VB 65 -44.96 -30.36 -47.49
N ALA VB 66 -43.67 -30.01 -47.42
CA ALA VB 66 -43.14 -28.95 -48.26
C ALA VB 66 -43.25 -29.30 -49.72
N ALA VB 67 -42.95 -30.55 -50.08
CA ALA VB 67 -43.04 -30.97 -51.47
C ALA VB 67 -44.47 -30.92 -51.97
N GLN VB 68 -45.43 -31.30 -51.11
CA GLN VB 68 -46.85 -31.23 -51.51
C GLN VB 68 -47.27 -29.79 -51.78
N ASP VB 69 -46.88 -28.86 -50.90
CA ASP VB 69 -47.24 -27.46 -51.11
C ASP VB 69 -46.59 -26.90 -52.36
N VAL VB 70 -45.31 -27.23 -52.60
CA VAL VB 70 -44.64 -26.81 -53.81
C VAL VB 70 -45.33 -27.37 -55.04
N ALA VB 71 -45.77 -28.63 -54.97
CA ALA VB 71 -46.42 -29.27 -56.10
C ALA VB 71 -47.74 -28.58 -56.42
N GLN VB 72 -48.55 -28.28 -55.41
CA GLN VB 72 -49.83 -27.64 -55.71
C GLN VB 72 -49.62 -26.21 -56.21
N ARG VB 73 -48.62 -25.50 -55.69
CA ARG VB 73 -48.30 -24.18 -56.22
C ARG VB 73 -47.86 -24.26 -57.68
N CYS VB 74 -47.03 -25.24 -58.01
CA CYS VB 74 -46.58 -25.40 -59.39
C CYS VB 74 -47.74 -25.74 -60.31
N LYS VB 75 -48.66 -26.59 -59.85
CA LYS VB 75 -49.81 -26.94 -60.68
C LYS VB 75 -50.72 -25.74 -60.90
N GLU VB 76 -50.93 -24.91 -59.88
CA GLU VB 76 -51.79 -23.76 -60.09
C GLU VB 76 -51.10 -22.65 -60.89
N LEU VB 77 -49.77 -22.63 -60.92
CA LEU VB 77 -49.06 -21.73 -61.83
C LEU VB 77 -48.75 -22.37 -63.18
N GLY VB 78 -49.19 -23.61 -63.41
CA GLY VB 78 -49.09 -24.19 -64.73
C GLY VB 78 -47.73 -24.75 -65.08
N ILE VB 79 -47.16 -25.54 -64.17
CA ILE VB 79 -45.94 -26.30 -64.44
C ILE VB 79 -46.24 -27.76 -64.16
N THR VB 80 -45.91 -28.63 -65.12
CA THR VB 80 -46.30 -30.02 -65.05
C THR VB 80 -45.16 -30.98 -64.79
N ALA VB 81 -43.97 -30.74 -65.35
CA ALA VB 81 -42.85 -31.65 -65.17
C ALA VB 81 -41.69 -30.92 -64.50
N LEU VB 82 -40.84 -31.68 -63.83
CA LEU VB 82 -39.71 -31.11 -63.09
C LEU VB 82 -38.47 -31.95 -63.33
N HIS VB 83 -37.37 -31.28 -63.67
CA HIS VB 83 -36.05 -31.86 -63.47
C HIS VB 83 -35.69 -31.75 -62.01
N ILE VB 84 -34.78 -32.60 -61.55
CA ILE VB 84 -34.46 -32.70 -60.13
C ILE VB 84 -32.96 -32.52 -59.94
N LYS VB 85 -32.59 -31.62 -59.04
CA LYS VB 85 -31.20 -31.40 -58.67
C LYS VB 85 -31.08 -31.60 -57.17
N LEU VB 86 -30.58 -32.76 -56.76
CA LEU VB 86 -30.40 -33.05 -55.34
C LEU VB 86 -29.09 -32.48 -54.84
N ARG VB 87 -29.13 -31.84 -53.68
CA ARG VB 87 -27.98 -31.17 -53.12
C ARG VB 87 -27.84 -31.55 -51.65
N ALA VB 88 -26.62 -31.85 -51.24
CA ALA VB 88 -26.27 -32.00 -49.84
C ALA VB 88 -25.58 -30.72 -49.39
N THR VB 89 -25.03 -30.72 -48.18
CA THR VB 89 -24.33 -29.54 -47.70
C THR VB 89 -23.12 -29.23 -48.56
N GLY VB 90 -22.34 -30.25 -48.90
CA GLY VB 90 -21.24 -30.06 -49.82
C GLY VB 90 -20.08 -29.30 -49.18
N GLY VB 91 -19.18 -28.86 -50.06
CA GLY VB 91 -17.97 -28.20 -49.59
C GLY VB 91 -17.11 -29.16 -48.81
N ASN VB 92 -16.44 -28.64 -47.79
CA ASN VB 92 -15.67 -29.50 -46.90
C ASN VB 92 -16.54 -30.30 -45.94
N ARG VB 93 -17.84 -30.02 -45.89
CA ARG VB 93 -18.76 -30.70 -45.00
C ARG VB 93 -19.36 -31.92 -45.69
N THR VB 94 -20.43 -32.46 -45.12
CA THR VB 94 -20.93 -33.77 -45.52
C THR VB 94 -21.42 -33.77 -46.98
N LYS VB 95 -21.37 -34.95 -47.59
CA LYS VB 95 -21.78 -35.14 -48.97
C LYS VB 95 -23.05 -35.97 -49.11
N THR VB 96 -23.44 -36.67 -48.06
CA THR VB 96 -24.65 -37.48 -48.09
C THR VB 96 -25.88 -36.58 -47.95
N PRO VB 97 -26.88 -36.73 -48.82
CA PRO VB 97 -28.10 -35.93 -48.67
C PRO VB 97 -28.84 -36.29 -47.38
N GLY VB 98 -29.56 -35.31 -46.84
CA GLY VB 98 -30.25 -35.48 -45.60
C GLY VB 98 -31.44 -36.41 -45.74
N PRO VB 99 -32.14 -36.64 -44.62
CA PRO VB 99 -33.28 -37.55 -44.64
C PRO VB 99 -34.44 -37.07 -45.49
N GLY VB 100 -34.51 -35.77 -45.80
CA GLY VB 100 -35.67 -35.24 -46.48
C GLY VB 100 -35.70 -35.41 -47.99
N ALA VB 101 -34.57 -35.77 -48.61
CA ALA VB 101 -34.53 -35.84 -50.07
C ALA VB 101 -35.48 -36.89 -50.61
N GLN VB 102 -35.44 -38.09 -50.02
CA GLN VB 102 -36.28 -39.19 -50.49
C GLN VB 102 -37.75 -38.85 -50.37
N SER VB 103 -38.14 -38.32 -49.20
CA SER VB 103 -39.55 -38.00 -48.99
C SER VB 103 -40.00 -36.86 -49.89
N ALA VB 104 -39.16 -35.85 -50.08
CA ALA VB 104 -39.53 -34.73 -50.95
C ALA VB 104 -39.74 -35.20 -52.38
N LEU VB 105 -38.81 -36.02 -52.90
CA LEU VB 105 -38.94 -36.48 -54.27
C LEU VB 105 -40.12 -37.43 -54.44
N ARG VB 106 -40.33 -38.31 -53.46
CA ARG VB 106 -41.47 -39.22 -53.53
C ARG VB 106 -42.79 -38.46 -53.47
N ALA VB 107 -42.87 -37.42 -52.65
CA ALA VB 107 -44.07 -36.62 -52.57
C ALA VB 107 -44.32 -35.87 -53.86
N LEU VB 108 -43.25 -35.34 -54.47
CA LEU VB 108 -43.42 -34.69 -55.77
C LEU VB 108 -43.92 -35.66 -56.81
N ALA VB 109 -43.40 -36.89 -56.81
CA ALA VB 109 -43.86 -37.89 -57.76
C ALA VB 109 -45.32 -38.27 -57.53
N ARG VB 110 -45.71 -38.46 -56.26
CA ARG VB 110 -47.06 -38.90 -55.95
C ARG VB 110 -48.08 -37.78 -55.99
N SER VB 111 -47.64 -36.53 -56.08
CA SER VB 111 -48.56 -35.42 -56.21
C SER VB 111 -49.04 -35.18 -57.64
N GLY VB 112 -48.59 -35.98 -58.59
CA GLY VB 112 -48.99 -35.82 -59.98
C GLY VB 112 -47.98 -35.10 -60.84
N MET VB 113 -46.97 -34.47 -60.25
CA MET VB 113 -45.92 -33.84 -61.01
C MET VB 113 -45.11 -34.89 -61.76
N LYS VB 114 -44.79 -34.61 -63.02
CA LYS VB 114 -43.96 -35.50 -63.80
C LYS VB 114 -42.50 -35.26 -63.47
N ILE VB 115 -41.69 -36.31 -63.61
CA ILE VB 115 -40.28 -36.27 -63.27
C ILE VB 115 -39.46 -36.47 -64.53
N GLY VB 116 -38.43 -35.64 -64.70
CA GLY VB 116 -37.54 -35.78 -65.83
C GLY VB 116 -36.15 -36.25 -65.43
N ARG VB 117 -35.14 -35.47 -65.77
CA ARG VB 117 -33.78 -35.81 -65.39
C ARG VB 117 -33.59 -35.67 -63.89
N ILE VB 118 -32.70 -36.48 -63.33
CA ILE VB 118 -32.32 -36.40 -61.92
C ILE VB 118 -30.80 -36.32 -61.87
N GLU VB 119 -30.28 -35.38 -61.08
CA GLU VB 119 -28.83 -35.22 -61.00
C GLU VB 119 -28.45 -34.69 -59.63
N ASP VB 120 -27.29 -35.12 -59.15
CA ASP VB 120 -26.72 -34.61 -57.92
C ASP VB 120 -25.86 -33.40 -58.26
N VAL VB 121 -26.02 -32.32 -57.50
CA VAL VB 121 -25.27 -31.09 -57.72
C VAL VB 121 -24.58 -30.68 -56.44
N THR VB 122 -24.24 -31.67 -55.61
CA THR VB 122 -23.54 -31.39 -54.36
C THR VB 122 -22.21 -30.72 -54.65
N PRO VB 123 -21.87 -29.63 -53.97
CA PRO VB 123 -20.58 -28.98 -54.23
C PRO VB 123 -19.40 -29.85 -53.79
N ILE VB 124 -18.66 -30.35 -54.76
CA ILE VB 124 -17.49 -31.20 -54.49
C ILE VB 124 -16.25 -30.35 -54.72
N PRO VB 125 -15.46 -30.07 -53.68
CA PRO VB 125 -14.23 -29.31 -53.88
C PRO VB 125 -13.16 -30.15 -54.56
N SER VB 126 -12.50 -29.56 -55.56
CA SER VB 126 -11.26 -30.15 -56.05
C SER VB 126 -10.22 -30.16 -54.95
N ASP VB 127 -10.28 -29.18 -54.06
CA ASP VB 127 -9.90 -29.22 -52.64
C ASP VB 127 -10.25 -27.92 -51.96
N SER VB 128 -10.59 -28.03 -50.68
CA SER VB 128 -11.27 -26.98 -49.96
C SER VB 128 -10.38 -26.44 -48.86
N THR VB 129 -10.91 -25.44 -48.18
CA THR VB 129 -10.29 -24.92 -46.98
C THR VB 129 -10.40 -25.93 -45.85
N ARG VB 130 -9.79 -25.61 -44.73
CA ARG VB 130 -9.78 -26.54 -43.61
C ARG VB 130 -11.18 -26.68 -43.02
N ARG VB 131 -11.61 -27.92 -42.81
CA ARG VB 131 -12.91 -28.17 -42.22
C ARG VB 131 -12.90 -27.83 -40.73
N LYS VB 132 -14.03 -27.34 -40.23
CA LYS VB 132 -14.10 -26.96 -38.84
C LYS VB 132 -14.15 -28.18 -37.94
N GLY VB 133 -13.75 -27.99 -36.69
CA GLY VB 133 -13.76 -29.04 -35.69
C GLY VB 133 -12.43 -29.36 -35.08
N GLY VB 134 -11.32 -28.83 -35.61
CA GLY VB 134 -10.01 -29.14 -35.09
C GLY VB 134 -9.52 -30.49 -35.57
N ARG VB 135 -8.27 -30.80 -35.22
CA ARG VB 135 -7.68 -32.06 -35.64
C ARG VB 135 -8.12 -33.22 -34.78
N ARG VB 136 -8.67 -32.96 -33.60
CA ARG VB 136 -9.19 -34.02 -32.76
C ARG VB 136 -10.68 -34.26 -33.00
N GLY VB 137 -11.29 -33.52 -33.89
CA GLY VB 137 -12.66 -33.77 -34.25
C GLY VB 137 -13.66 -33.19 -33.27
N ARG VB 138 -14.91 -33.62 -33.47
CA ARG VB 138 -16.03 -33.22 -32.61
C ARG VB 138 -16.17 -34.27 -31.52
N ARG VB 139 -15.62 -33.99 -30.33
CA ARG VB 139 -15.62 -34.97 -29.26
C ARG VB 139 -17.02 -35.08 -28.65
N LEU VB 140 -17.59 -36.28 -28.71
CA LEU VB 140 -18.92 -36.52 -28.17
C LEU VB 140 -18.95 -37.81 -27.36
N MET WB 1 32.72 -94.94 -24.25
CA MET WB 1 32.93 -96.32 -23.82
C MET WB 1 34.36 -96.76 -24.07
N GLN WB 2 34.62 -98.07 -23.87
CA GLN WB 2 35.88 -98.72 -24.20
C GLN WB 2 37.04 -98.06 -23.45
N ASN WB 3 37.02 -98.25 -22.13
CA ASN WB 3 38.09 -97.76 -21.27
C ASN WB 3 39.42 -98.44 -21.57
N ASP WB 4 40.47 -98.07 -20.83
CA ASP WB 4 41.82 -98.54 -21.14
C ASP WB 4 41.91 -100.05 -21.09
N ALA WB 5 41.18 -100.68 -20.17
CA ALA WB 5 41.21 -102.14 -20.06
C ALA WB 5 40.59 -102.81 -21.28
N GLY WB 6 39.71 -102.12 -22.00
CA GLY WB 6 39.22 -102.58 -23.28
C GLY WB 6 37.72 -102.84 -23.34
N GLU WB 7 37.10 -103.18 -22.21
CA GLU WB 7 35.69 -103.54 -22.26
C GLU WB 7 34.83 -102.32 -22.53
N PHE WB 8 33.67 -102.56 -23.15
CA PHE WB 8 32.75 -101.49 -23.55
C PHE WB 8 31.90 -101.11 -22.35
N VAL WB 9 32.19 -99.95 -21.77
CA VAL WB 9 31.45 -99.46 -20.60
C VAL WB 9 30.35 -98.54 -21.11
N ASP WB 10 29.25 -99.15 -21.53
CA ASP WB 10 28.10 -98.42 -22.05
C ASP WB 10 26.90 -99.35 -22.12
N LEU WB 11 25.79 -98.96 -21.50
CA LEU WB 11 24.66 -99.86 -21.40
C LEU WB 11 23.92 -100.02 -22.73
N TYR WB 12 23.97 -99.03 -23.61
CA TYR WB 12 23.46 -99.26 -24.96
C TYR WB 12 24.09 -98.25 -25.91
N VAL WB 13 24.10 -98.62 -27.18
CA VAL WB 13 24.65 -97.80 -28.26
C VAL WB 13 23.49 -97.34 -29.13
N PRO WB 14 23.16 -96.05 -29.14
CA PRO WB 14 22.00 -95.58 -29.92
C PRO WB 14 22.26 -95.65 -31.41
N ARG WB 15 21.17 -95.70 -32.17
CA ARG WB 15 21.27 -95.72 -33.62
C ARG WB 15 21.56 -94.32 -34.15
N LYS WB 16 22.05 -94.28 -35.39
CA LYS WB 16 22.30 -93.04 -36.09
C LYS WB 16 21.48 -93.01 -37.36
N CYS WB 17 20.85 -91.86 -37.61
CA CYS WB 17 20.03 -91.68 -38.81
C CYS WB 17 20.85 -91.93 -40.05
N SER WB 18 20.28 -92.69 -40.98
CA SER WB 18 20.99 -93.06 -42.19
C SER WB 18 21.02 -91.95 -43.22
N ALA WB 19 20.48 -90.78 -42.90
CA ALA WB 19 20.49 -89.63 -43.80
C ALA WB 19 21.35 -88.49 -43.27
N SER WB 20 21.08 -88.01 -42.07
CA SER WB 20 21.82 -86.89 -41.49
C SER WB 20 22.93 -87.32 -40.56
N ASN WB 21 23.07 -88.63 -40.30
CA ASN WB 21 24.07 -89.17 -39.38
C ASN WB 21 23.94 -88.55 -38.00
N ARG WB 22 22.71 -88.40 -37.53
CA ARG WB 22 22.42 -87.83 -36.22
C ARG WB 22 21.98 -88.93 -35.26
N ILE WB 23 22.39 -88.80 -34.00
CA ILE WB 23 22.02 -89.80 -33.01
C ILE WB 23 20.51 -89.74 -32.77
N ILE WB 24 19.85 -90.88 -32.89
CA ILE WB 24 18.41 -90.97 -32.63
C ILE WB 24 18.22 -91.19 -31.13
N GLY WB 25 17.64 -90.20 -30.47
CA GLY WB 25 17.50 -90.26 -29.03
C GLY WB 25 16.48 -91.28 -28.57
N ALA WB 26 16.54 -91.57 -27.27
CA ALA WB 26 15.64 -92.57 -26.69
C ALA WB 26 14.20 -92.08 -26.67
N LYS WB 27 13.99 -90.78 -26.47
CA LYS WB 27 12.64 -90.22 -26.41
C LYS WB 27 12.24 -89.53 -27.71
N ASP WB 28 13.00 -89.71 -28.77
CA ASP WB 28 12.64 -89.12 -30.07
C ASP WB 28 11.71 -90.11 -30.76
N HIS WB 29 10.41 -89.95 -30.51
CA HIS WB 29 9.41 -90.86 -31.04
C HIS WB 29 9.03 -90.54 -32.47
N ALA WB 30 9.51 -89.43 -33.02
CA ALA WB 30 9.25 -89.12 -34.42
C ALA WB 30 10.11 -89.96 -35.36
N SER WB 31 11.20 -90.54 -34.87
CA SER WB 31 12.10 -91.31 -35.71
C SER WB 31 11.43 -92.59 -36.17
N ILE WB 32 11.90 -93.10 -37.30
CA ILE WB 32 11.38 -94.33 -37.89
C ILE WB 32 12.54 -95.23 -38.27
N GLN WB 33 12.23 -96.52 -38.40
CA GLN WB 33 13.19 -97.50 -38.91
C GLN WB 33 12.39 -98.48 -39.76
N MET WB 34 12.37 -98.26 -41.06
CA MET WB 34 11.59 -99.12 -41.94
C MET WB 34 12.46 -100.19 -42.57
N ASN WB 35 11.79 -101.21 -43.09
CA ASN WB 35 12.43 -102.30 -43.81
C ASN WB 35 11.96 -102.25 -45.25
N VAL WB 36 12.90 -102.33 -46.18
CA VAL WB 36 12.60 -102.44 -47.61
C VAL WB 36 12.96 -103.86 -48.02
N ALA WB 37 11.98 -104.56 -48.58
CA ALA WB 37 12.10 -105.97 -48.91
C ALA WB 37 12.55 -106.11 -50.36
N GLU WB 38 13.78 -106.54 -50.56
CA GLU WB 38 14.26 -106.79 -51.91
C GLU WB 38 13.85 -108.19 -52.36
N VAL WB 39 13.69 -108.34 -53.66
CA VAL WB 39 13.15 -109.56 -54.25
C VAL WB 39 14.26 -110.29 -55.00
N ASP WB 40 13.96 -111.50 -55.44
CA ASP WB 40 14.94 -112.26 -56.18
C ASP WB 40 15.12 -111.70 -57.60
N LYS WB 41 16.16 -112.17 -58.27
CA LYS WB 41 16.53 -111.59 -59.56
C LYS WB 41 15.56 -112.01 -60.66
N VAL WB 42 15.10 -113.26 -60.64
CA VAL WB 42 14.43 -113.85 -61.78
C VAL WB 42 12.91 -113.73 -61.69
N THR WB 43 12.32 -113.94 -60.52
CA THR WB 43 10.87 -113.98 -60.40
C THR WB 43 10.26 -112.78 -59.69
N GLY WB 44 11.08 -111.92 -59.11
CA GLY WB 44 10.56 -110.75 -58.44
C GLY WB 44 9.75 -111.04 -57.19
N ARG WB 45 9.98 -112.19 -56.57
CA ARG WB 45 9.26 -112.58 -55.36
C ARG WB 45 10.11 -112.29 -54.13
N PHE WB 46 9.44 -111.99 -53.03
CA PHE WB 46 10.11 -111.69 -51.78
C PHE WB 46 10.88 -112.92 -51.29
N ASN WB 47 12.17 -112.74 -51.04
CA ASN WB 47 13.05 -113.84 -50.67
C ASN WB 47 13.33 -113.88 -49.18
N GLY WB 48 12.58 -113.13 -48.38
CA GLY WB 48 12.78 -113.15 -46.94
C GLY WB 48 13.72 -112.07 -46.44
N GLN WB 49 14.94 -112.04 -46.95
CA GLN WB 49 15.92 -111.08 -46.47
C GLN WB 49 15.67 -109.70 -47.08
N PHE WB 50 15.96 -108.67 -46.29
CA PHE WB 50 15.56 -107.30 -46.61
C PHE WB 50 16.68 -106.37 -46.19
N LYS WB 51 16.41 -105.07 -46.13
CA LYS WB 51 17.41 -104.11 -45.69
C LYS WB 51 16.72 -102.93 -45.02
N THR WB 52 17.36 -102.38 -43.99
CA THR WB 52 16.71 -101.47 -43.06
C THR WB 52 17.27 -100.06 -43.19
N TYR WB 53 16.38 -99.06 -43.11
CA TYR WB 53 16.77 -97.66 -43.15
C TYR WB 53 16.15 -96.95 -41.95
N ALA WB 54 16.96 -96.17 -41.24
CA ALA WB 54 16.51 -95.41 -40.08
C ALA WB 54 16.58 -93.92 -40.37
N ILE WB 55 15.52 -93.20 -40.05
CA ILE WB 55 15.42 -91.77 -40.29
C ILE WB 55 15.04 -91.08 -38.98
N CYS WB 56 15.69 -89.96 -38.71
CA CYS WB 56 15.45 -89.25 -37.46
C CYS WB 56 14.29 -88.27 -37.59
N GLY WB 57 13.78 -87.85 -36.43
CA GLY WB 57 12.62 -86.99 -36.40
C GLY WB 57 12.86 -85.64 -37.02
N ALA WB 58 14.06 -85.09 -36.88
CA ALA WB 58 14.34 -83.78 -37.48
C ALA WB 58 14.23 -83.83 -38.99
N ILE WB 59 14.82 -84.85 -39.61
CA ILE WB 59 14.75 -84.99 -41.06
C ILE WB 59 13.32 -85.26 -41.50
N ARG WB 60 12.66 -86.22 -40.87
CA ARG WB 60 11.32 -86.54 -41.32
C ARG WB 60 10.27 -85.62 -40.73
N ARG WB 61 10.69 -84.51 -40.14
CA ARG WB 61 9.82 -83.38 -39.83
C ARG WB 61 10.07 -82.19 -40.73
N MET WB 62 11.33 -81.93 -41.10
CA MET WB 62 11.59 -80.91 -42.10
C MET WB 62 11.20 -81.36 -43.50
N GLY WB 63 10.95 -82.65 -43.69
CA GLY WB 63 10.31 -83.13 -44.91
C GLY WB 63 11.23 -83.79 -45.90
N GLU WB 64 12.51 -83.94 -45.59
CA GLU WB 64 13.45 -84.54 -46.51
C GLU WB 64 13.51 -86.07 -46.38
N SER WB 65 12.53 -86.66 -45.70
CA SER WB 65 12.54 -88.11 -45.49
C SER WB 65 12.33 -88.86 -46.80
N ASP WB 66 11.42 -88.38 -47.65
CA ASP WB 66 11.17 -89.07 -48.91
C ASP WB 66 12.41 -89.04 -49.79
N ASP WB 67 13.05 -87.89 -49.90
CA ASP WB 67 14.27 -87.78 -50.69
C ASP WB 67 15.37 -88.65 -50.09
N SER WB 68 15.46 -88.68 -48.75
CA SER WB 68 16.47 -89.50 -48.10
C SER WB 68 16.29 -90.98 -48.41
N ILE WB 69 15.07 -91.48 -48.23
CA ILE WB 69 14.80 -92.89 -48.51
C ILE WB 69 15.06 -93.20 -49.98
N LEU WB 70 14.64 -92.31 -50.87
CA LEU WB 70 14.85 -92.54 -52.30
C LEU WB 70 16.33 -92.61 -52.63
N ARG WB 71 17.13 -91.71 -52.06
CA ARG WB 71 18.57 -91.73 -52.29
C ARG WB 71 19.21 -93.00 -51.75
N LEU WB 72 18.83 -93.41 -50.55
CA LEU WB 72 19.39 -94.64 -49.99
C LEU WB 72 19.02 -95.85 -50.83
N ALA WB 73 17.77 -95.93 -51.29
CA ALA WB 73 17.36 -97.04 -52.13
C ALA WB 73 18.10 -97.02 -53.47
N LYS WB 74 18.29 -95.84 -54.04
CA LYS WB 74 19.06 -95.69 -55.26
C LYS WB 74 20.50 -96.16 -55.06
N ALA WB 75 21.12 -95.76 -53.95
CA ALA WB 75 22.51 -96.12 -53.69
C ALA WB 75 22.65 -97.62 -53.44
N ASP WB 76 21.70 -98.21 -52.73
CA ASP WB 76 21.80 -99.62 -52.41
C ASP WB 76 21.36 -100.52 -53.55
N GLY WB 77 20.66 -99.97 -54.54
CA GLY WB 77 20.26 -100.73 -55.70
C GLY WB 77 18.79 -101.06 -55.79
N ILE WB 78 17.98 -100.59 -54.84
CA ILE WB 78 16.54 -100.87 -54.90
C ILE WB 78 15.91 -100.12 -56.07
N VAL WB 79 16.23 -98.84 -56.21
CA VAL WB 79 15.75 -98.02 -57.31
C VAL WB 79 16.75 -98.11 -58.45
N SER WB 80 16.23 -98.25 -59.67
CA SER WB 80 17.09 -98.35 -60.84
C SER WB 80 17.80 -97.03 -61.09
N LYS WB 81 18.95 -97.10 -61.77
CA LYS WB 81 19.75 -95.91 -62.02
C LYS WB 81 19.08 -94.95 -62.99
N ASN WB 82 18.25 -95.46 -63.89
CA ASN WB 82 17.56 -94.63 -64.87
C ASN WB 82 16.32 -93.96 -64.30
N PHE WB 83 16.20 -93.90 -62.98
CA PHE WB 83 15.11 -93.21 -62.30
C PHE WB 83 15.05 -91.74 -62.71
N VAL XB 1 31.94 -54.69 -44.18
CA VAL XB 1 32.55 -55.51 -45.21
C VAL XB 1 33.11 -56.77 -44.59
N ARG XB 2 33.43 -57.76 -45.43
CA ARG XB 2 33.97 -59.01 -44.92
C ARG XB 2 35.42 -58.81 -44.48
N MET XB 3 35.68 -59.02 -43.19
CA MET XB 3 37.00 -58.83 -42.63
C MET XB 3 37.64 -60.12 -42.13
N ASN XB 4 36.86 -61.19 -41.95
CA ASN XB 4 37.39 -62.46 -41.47
C ASN XB 4 36.86 -63.56 -42.39
N VAL XB 5 37.65 -63.89 -43.40
CA VAL XB 5 37.27 -64.88 -44.40
C VAL XB 5 37.11 -66.24 -43.75
N LEU XB 6 38.03 -66.60 -42.85
CA LEU XB 6 37.93 -67.87 -42.14
C LEU XB 6 36.68 -67.92 -41.28
N ALA XB 7 36.34 -66.82 -40.60
CA ALA XB 7 35.14 -66.80 -39.79
C ALA XB 7 33.89 -67.01 -40.64
N ASP XB 8 33.83 -66.35 -41.80
CA ASP XB 8 32.68 -66.53 -42.68
C ASP XB 8 32.58 -67.97 -43.15
N ALA XB 9 33.70 -68.58 -43.54
CA ALA XB 9 33.68 -69.95 -44.01
C ALA XB 9 33.26 -70.92 -42.91
N LEU XB 10 33.78 -70.72 -41.71
CA LEU XB 10 33.44 -71.62 -40.60
C LEU XB 10 31.98 -71.49 -40.21
N LYS XB 11 31.45 -70.27 -40.20
CA LYS XB 11 30.03 -70.10 -39.93
C LYS XB 11 29.17 -70.75 -41.00
N SER XB 12 29.58 -70.65 -42.26
CA SER XB 12 28.83 -71.30 -43.33
C SER XB 12 28.83 -72.82 -43.16
N ILE XB 13 29.99 -73.40 -42.84
CA ILE XB 13 30.07 -74.84 -42.62
C ILE XB 13 29.19 -75.25 -41.45
N ASN XB 14 29.23 -74.49 -40.36
CA ASN XB 14 28.43 -74.82 -39.19
C ASN XB 14 26.93 -74.76 -39.50
N ASN XB 15 26.50 -73.74 -40.24
CA ASN XB 15 25.08 -73.63 -40.57
C ASN XB 15 24.62 -74.75 -41.49
N ALA XB 16 25.45 -75.09 -42.50
CA ALA XB 16 25.08 -76.20 -43.38
C ALA XB 16 25.03 -77.52 -42.62
N GLU XB 17 25.98 -77.71 -41.70
CA GLU XB 17 25.97 -78.93 -40.88
C GLU XB 17 24.72 -79.00 -40.02
N LYS XB 18 24.33 -77.88 -39.41
CA LYS XB 18 23.12 -77.87 -38.60
C LYS XB 18 21.88 -78.14 -39.44
N ARG XB 19 21.82 -77.58 -40.65
CA ARG XB 19 20.68 -77.82 -41.52
C ARG XB 19 20.69 -79.23 -42.10
N GLY XB 20 21.82 -79.91 -42.07
CA GLY XB 20 21.89 -81.28 -42.53
C GLY XB 20 22.25 -81.45 -43.98
N LYS XB 21 22.79 -80.42 -44.62
CA LYS XB 21 23.19 -80.53 -46.02
C LYS XB 21 24.35 -81.51 -46.18
N ARG XB 22 24.44 -82.09 -47.37
CA ARG XB 22 25.53 -83.01 -47.67
C ARG XB 22 26.77 -82.31 -48.20
N GLN XB 23 26.60 -81.16 -48.85
CA GLN XB 23 27.73 -80.38 -49.34
C GLN XB 23 27.53 -78.92 -48.96
N VAL XB 24 28.65 -78.24 -48.72
CA VAL XB 24 28.63 -76.82 -48.42
C VAL XB 24 29.59 -76.10 -49.34
N LEU XB 25 29.19 -74.92 -49.80
CA LEU XB 25 30.04 -74.09 -50.64
C LEU XB 25 30.44 -72.85 -49.85
N ILE XB 26 31.75 -72.65 -49.70
CA ILE XB 26 32.30 -71.48 -49.06
C ILE XB 26 33.02 -70.66 -50.12
N ARG XB 27 32.60 -69.41 -50.28
CA ARG XB 27 32.96 -68.61 -51.45
C ARG XB 27 34.37 -68.03 -51.40
N PRO XB 28 34.79 -67.31 -50.36
CA PRO XB 28 36.17 -66.82 -50.37
C PRO XB 28 37.13 -67.88 -49.85
N CYS XB 29 38.01 -68.39 -50.71
CA CYS XB 29 39.00 -69.36 -50.29
C CYS XB 29 40.30 -68.67 -49.90
N SER XB 30 41.09 -69.36 -49.08
CA SER XB 30 42.39 -68.88 -48.69
C SER XB 30 43.22 -70.06 -48.21
N LYS XB 31 44.53 -69.82 -48.11
CA LYS XB 31 45.43 -70.86 -47.62
C LYS XB 31 45.08 -71.25 -46.19
N VAL XB 32 44.71 -70.27 -45.37
CA VAL XB 32 44.33 -70.56 -43.99
C VAL XB 32 43.11 -71.46 -43.95
N ILE XB 33 42.13 -71.19 -44.80
CA ILE XB 33 40.93 -72.02 -44.87
C ILE XB 33 41.29 -73.43 -45.32
N VAL XB 34 42.14 -73.54 -46.33
CA VAL XB 34 42.52 -74.87 -46.82
C VAL XB 34 43.25 -75.65 -45.75
N ARG XB 35 44.13 -75.00 -44.98
CA ARG XB 35 44.84 -75.70 -43.92
C ARG XB 35 43.92 -76.10 -42.79
N PHE XB 36 42.98 -75.23 -42.42
CA PHE XB 36 41.99 -75.57 -41.39
C PHE XB 36 41.15 -76.77 -41.83
N LEU XB 37 40.69 -76.76 -43.08
CA LEU XB 37 39.90 -77.86 -43.58
C LEU XB 37 40.73 -79.13 -43.69
N THR XB 38 42.02 -79.01 -44.00
CA THR XB 38 42.88 -80.18 -44.04
C THR XB 38 43.03 -80.79 -42.64
N VAL XB 39 43.16 -79.94 -41.62
CA VAL XB 39 43.24 -80.46 -40.25
C VAL XB 39 41.95 -81.18 -39.89
N MET XB 40 40.81 -80.57 -40.21
CA MET XB 40 39.53 -81.18 -39.89
C MET XB 40 39.35 -82.50 -40.65
N MET XB 41 39.80 -82.54 -41.91
CA MET XB 41 39.66 -83.74 -42.72
C MET XB 41 40.58 -84.85 -42.23
N LYS XB 42 41.80 -84.51 -41.82
CA LYS XB 42 42.69 -85.51 -41.25
C LYS XB 42 42.14 -86.07 -39.94
N HIS XB 43 41.47 -85.24 -39.15
CA HIS XB 43 40.82 -85.75 -37.96
C HIS XB 43 39.46 -86.38 -38.25
N GLY XB 44 38.99 -86.32 -39.49
CA GLY XB 44 37.82 -87.06 -39.91
C GLY XB 44 36.50 -86.37 -39.72
N TYR XB 45 36.48 -85.10 -39.31
CA TYR XB 45 35.22 -84.44 -39.06
C TYR XB 45 34.51 -84.02 -40.34
N ILE XB 46 35.23 -83.89 -41.46
CA ILE XB 46 34.63 -83.59 -42.74
C ILE XB 46 35.18 -84.57 -43.76
N GLY XB 47 34.49 -84.64 -44.90
CA GLY XB 47 34.91 -85.47 -46.01
C GLY XB 47 35.88 -84.74 -46.91
N GLU XB 48 35.97 -85.19 -48.14
CA GLU XB 48 36.80 -84.51 -49.12
C GLU XB 48 36.22 -83.15 -49.47
N PHE XB 49 37.10 -82.20 -49.76
CA PHE XB 49 36.71 -80.90 -50.24
C PHE XB 49 37.48 -80.59 -51.50
N GLU XB 50 36.80 -79.95 -52.45
CA GLU XB 50 37.36 -79.66 -53.76
C GLU XB 50 37.33 -78.16 -54.00
N ILE XB 51 38.42 -77.64 -54.56
CA ILE XB 51 38.62 -76.21 -54.74
C ILE XB 51 38.30 -75.89 -56.19
N ILE XB 52 37.22 -75.12 -56.39
CA ILE XB 52 36.91 -74.56 -57.70
C ILE XB 52 37.81 -73.35 -57.90
N ASP XB 53 38.61 -73.38 -58.95
CA ASP XB 53 39.63 -72.37 -59.20
C ASP XB 53 39.16 -71.43 -60.29
N ASP XB 54 38.74 -70.24 -59.89
CA ASP XB 54 38.62 -69.12 -60.81
C ASP XB 54 39.86 -68.25 -60.67
N HIS XB 55 40.02 -67.31 -61.60
CA HIS XB 55 41.18 -66.43 -61.55
C HIS XB 55 41.15 -65.49 -60.37
N ARG XB 56 40.00 -65.34 -59.72
CA ARG XB 56 39.87 -64.63 -58.46
C ARG XB 56 40.19 -65.59 -57.31
N ALA XB 57 39.85 -65.19 -56.08
CA ALA XB 57 39.90 -66.12 -54.97
C ALA XB 57 38.94 -67.27 -55.24
N GLY XB 58 39.43 -68.49 -55.10
CA GLY XB 58 38.66 -69.66 -55.45
C GLY XB 58 37.52 -69.89 -54.49
N LYS XB 59 36.73 -70.92 -54.79
CA LYS XB 59 35.66 -71.37 -53.92
C LYS XB 59 35.95 -72.79 -53.49
N ILE XB 60 35.32 -73.23 -52.41
CA ILE XB 60 35.54 -74.59 -51.90
C ILE XB 60 34.19 -75.26 -51.71
N VAL XB 61 34.08 -76.51 -52.15
CA VAL XB 61 32.91 -77.34 -51.89
C VAL XB 61 33.36 -78.48 -50.99
N VAL XB 62 32.77 -78.56 -49.81
CA VAL XB 62 33.15 -79.53 -48.78
C VAL XB 62 32.05 -80.55 -48.66
N ASN XB 63 32.42 -81.83 -48.61
CA ASN XB 63 31.48 -82.91 -48.34
C ASN XB 63 31.37 -83.10 -46.84
N LEU XB 64 30.19 -82.87 -46.30
CA LEU XB 64 29.97 -82.97 -44.86
C LEU XB 64 29.58 -84.40 -44.51
N THR XB 65 30.30 -84.99 -43.56
CA THR XB 65 30.06 -86.36 -43.13
C THR XB 65 29.01 -86.46 -42.03
N GLY XB 66 28.53 -85.34 -41.51
CA GLY XB 66 27.48 -85.38 -40.52
C GLY XB 66 27.94 -85.61 -39.10
N ARG XB 67 29.24 -85.63 -38.85
CA ARG XB 67 29.78 -85.89 -37.51
C ARG XB 67 30.45 -84.66 -36.93
N LEU XB 68 29.97 -83.47 -37.28
CA LEU XB 68 30.50 -82.22 -36.77
C LEU XB 68 29.45 -81.54 -35.91
N ASN XB 69 29.87 -81.05 -34.75
CA ASN XB 69 28.98 -80.34 -33.83
C ASN XB 69 29.12 -78.83 -33.92
N LYS XB 70 30.36 -78.34 -33.88
CA LYS XB 70 30.62 -76.91 -33.96
C LYS XB 70 32.01 -76.73 -34.54
N CYS XB 71 32.18 -75.72 -35.38
CA CYS XB 71 33.46 -75.38 -35.99
C CYS XB 71 33.69 -73.88 -35.92
N GLY XB 72 33.53 -73.31 -34.73
CA GLY XB 72 33.63 -71.88 -34.56
C GLY XB 72 35.03 -71.35 -34.73
N VAL XB 73 35.14 -70.03 -34.59
CA VAL XB 73 36.39 -69.30 -34.80
C VAL XB 73 36.63 -68.42 -33.59
N ILE XB 74 37.90 -68.12 -33.34
CA ILE XB 74 38.30 -67.13 -32.33
C ILE XB 74 38.85 -65.95 -33.11
N SER XB 75 38.02 -64.94 -33.30
CA SER XB 75 38.35 -63.92 -34.30
C SER XB 75 39.58 -63.09 -33.96
N PRO XB 76 39.73 -62.51 -32.76
CA PRO XB 76 41.03 -61.89 -32.47
C PRO XB 76 42.06 -62.97 -32.23
N ARG XB 77 43.04 -63.07 -33.14
CA ARG XB 77 44.01 -64.16 -33.10
C ARG XB 77 44.97 -63.92 -31.93
N PHE XB 78 44.51 -64.31 -30.75
CA PHE XB 78 45.29 -64.14 -29.54
C PHE XB 78 46.57 -64.97 -29.60
N ASP XB 79 47.63 -64.43 -29.03
CA ASP XB 79 48.87 -65.18 -28.87
C ASP XB 79 48.67 -66.24 -27.80
N VAL XB 80 48.90 -67.50 -28.15
CA VAL XB 80 48.68 -68.61 -27.24
C VAL XB 80 50.02 -69.21 -26.89
N GLN XB 81 50.38 -69.15 -25.61
CA GLN XB 81 51.58 -69.81 -25.12
C GLN XB 81 51.21 -71.19 -24.58
N LEU XB 82 52.23 -72.04 -24.46
CA LEU XB 82 51.99 -73.39 -23.96
C LEU XB 82 51.56 -73.40 -22.49
N LYS XB 83 51.84 -72.33 -21.76
CA LYS XB 83 51.42 -72.25 -20.37
C LYS XB 83 49.93 -71.95 -20.22
N ASP XB 84 49.32 -71.26 -21.18
CA ASP XB 84 47.89 -70.98 -21.15
C ASP XB 84 47.09 -71.78 -22.17
N LEU XB 85 47.75 -72.68 -22.91
CA LEU XB 85 47.03 -73.53 -23.83
C LEU XB 85 46.04 -74.43 -23.10
N GLU XB 86 46.36 -74.85 -21.88
CA GLU XB 86 45.43 -75.67 -21.11
C GLU XB 86 44.18 -74.88 -20.74
N LYS XB 87 44.34 -73.62 -20.35
CA LYS XB 87 43.19 -72.79 -20.05
C LYS XB 87 42.32 -72.56 -21.28
N TRP XB 88 42.96 -72.31 -22.43
CA TRP XB 88 42.18 -72.22 -23.67
C TRP XB 88 41.48 -73.54 -23.96
N GLN XB 89 42.14 -74.66 -23.68
CA GLN XB 89 41.60 -75.96 -24.01
C GLN XB 89 40.37 -76.28 -23.18
N ASN XB 90 40.42 -76.05 -21.88
CA ASN XB 90 39.25 -76.33 -21.07
C ASN XB 90 38.25 -75.18 -21.05
N ASN XB 91 38.55 -74.06 -21.72
CA ASN XB 91 37.51 -73.07 -21.95
C ASN XB 91 36.73 -73.37 -23.22
N LEU XB 92 37.40 -73.88 -24.26
CA LEU XB 92 36.75 -74.04 -25.55
C LEU XB 92 36.31 -75.47 -25.85
N LEU XB 93 36.83 -76.46 -25.15
CA LEU XB 93 36.49 -77.79 -25.64
C LEU XB 93 35.41 -78.43 -24.79
N PRO XB 94 34.54 -79.25 -25.41
CA PRO XB 94 33.50 -79.92 -24.63
C PRO XB 94 34.02 -80.88 -23.58
N SER XB 95 35.15 -81.54 -23.84
CA SER XB 95 35.71 -82.49 -22.89
C SER XB 95 37.17 -82.69 -23.22
N ARG XB 96 37.85 -83.49 -22.40
CA ARG XB 96 39.25 -83.81 -22.64
C ARG XB 96 39.42 -85.09 -23.45
N GLN XB 97 38.33 -85.74 -23.83
CA GLN XB 97 38.41 -86.97 -24.60
C GLN XB 97 38.36 -86.72 -26.11
N PHE XB 98 37.81 -85.60 -26.53
CA PHE XB 98 37.72 -85.27 -27.95
C PHE XB 98 37.69 -83.76 -28.11
N GLY XB 99 37.57 -83.31 -29.35
CA GLY XB 99 37.59 -81.90 -29.63
C GLY XB 99 38.99 -81.40 -29.88
N PHE XB 100 39.16 -80.50 -30.84
CA PHE XB 100 40.46 -80.00 -31.21
C PHE XB 100 40.44 -78.49 -31.33
N ILE XB 101 41.59 -77.89 -31.06
CA ILE XB 101 41.80 -76.46 -31.22
C ILE XB 101 42.88 -76.25 -32.26
N VAL XB 102 42.53 -75.56 -33.35
CA VAL XB 102 43.47 -75.27 -34.41
C VAL XB 102 44.10 -73.92 -34.13
N LEU XB 103 45.42 -73.88 -34.07
CA LEU XB 103 46.16 -72.64 -33.87
C LEU XB 103 47.31 -72.59 -34.86
N THR XB 104 47.53 -71.41 -35.44
CA THR XB 104 48.61 -71.23 -36.39
C THR XB 104 49.92 -71.02 -35.63
N THR XB 105 50.89 -71.89 -35.89
CA THR XB 105 52.18 -71.88 -35.24
C THR XB 105 53.26 -71.62 -36.26
N SER XB 106 54.48 -71.44 -35.76
CA SER XB 106 55.61 -71.24 -36.65
C SER XB 106 55.88 -72.47 -37.50
N ALA XB 107 55.55 -73.66 -36.99
CA ALA XB 107 55.72 -74.88 -37.76
C ALA XB 107 54.57 -75.12 -38.74
N GLY XB 108 53.49 -74.36 -38.63
CA GLY XB 108 52.36 -74.52 -39.52
C GLY XB 108 51.03 -74.46 -38.81
N ILE XB 109 49.94 -74.67 -39.56
CA ILE XB 109 48.60 -74.71 -38.99
C ILE XB 109 48.29 -76.14 -38.58
N MET XB 110 47.94 -76.33 -37.32
CA MET XB 110 47.80 -77.67 -36.76
C MET XB 110 47.04 -77.57 -35.44
N ASP XB 111 46.63 -78.73 -34.94
CA ASP XB 111 45.82 -78.78 -33.73
C ASP XB 111 46.70 -78.68 -32.48
N HIS XB 112 46.04 -78.46 -31.35
CA HIS XB 112 46.75 -78.20 -30.10
C HIS XB 112 47.54 -79.42 -29.62
N GLU XB 113 47.06 -80.63 -29.92
CA GLU XB 113 47.80 -81.81 -29.52
C GLU XB 113 49.14 -81.90 -30.23
N GLU XB 114 49.16 -81.64 -31.54
CA GLU XB 114 50.43 -81.63 -32.25
C GLU XB 114 51.28 -80.45 -31.83
N ALA XB 115 50.66 -79.31 -31.52
CA ALA XB 115 51.41 -78.16 -31.04
C ALA XB 115 52.14 -78.49 -29.75
N ARG XB 116 51.47 -79.16 -28.82
CA ARG XB 116 52.13 -79.57 -27.60
C ARG XB 116 53.13 -80.69 -27.84
N ARG XB 117 52.86 -81.55 -28.83
CA ARG XB 117 53.77 -82.64 -29.13
C ARG XB 117 55.12 -82.12 -29.61
N LYS XB 118 55.11 -81.13 -30.49
CA LYS XB 118 56.35 -80.55 -30.98
C LYS XB 118 56.72 -79.26 -30.27
N HIS XB 119 56.06 -78.95 -29.16
CA HIS XB 119 56.52 -77.94 -28.19
C HIS XB 119 56.64 -76.56 -28.83
N THR XB 120 55.50 -76.04 -29.27
CA THR XB 120 55.46 -74.69 -29.82
C THR XB 120 54.11 -74.07 -29.54
N GLY XB 121 54.12 -72.74 -29.35
CA GLY XB 121 52.91 -71.96 -29.28
C GLY XB 121 52.60 -71.29 -30.60
N GLY XB 122 51.64 -70.38 -30.56
CA GLY XB 122 51.27 -69.67 -31.75
C GLY XB 122 50.09 -68.76 -31.56
N LYS XB 123 49.37 -68.49 -32.64
CA LYS XB 123 48.18 -67.65 -32.59
C LYS XB 123 46.95 -68.51 -32.75
N ILE XB 124 45.93 -68.23 -31.94
CA ILE XB 124 44.69 -68.99 -32.00
C ILE XB 124 44.01 -68.76 -33.34
N LEU XB 125 43.45 -69.83 -33.90
CA LEU XB 125 42.67 -69.73 -35.13
C LEU XB 125 41.21 -70.06 -34.89
N GLY XB 126 40.92 -71.25 -34.38
CA GLY XB 126 39.57 -71.64 -34.13
C GLY XB 126 39.53 -72.97 -33.41
N PHE XB 127 38.37 -73.61 -33.46
CA PHE XB 127 38.19 -74.87 -32.78
C PHE XB 127 37.11 -75.66 -33.52
N PHE XB 128 37.10 -76.97 -33.28
CA PHE XB 128 36.05 -77.80 -33.83
C PHE XB 128 35.92 -79.05 -32.98
N PHE XB 129 34.69 -79.52 -32.81
CA PHE XB 129 34.42 -80.74 -32.08
C PHE XB 129 33.11 -81.36 -32.54
N GLY YB 1 27.22 -54.61 -30.83
CA GLY YB 1 28.13 -55.48 -30.11
C GLY YB 1 29.28 -54.72 -29.48
N LYS YB 2 30.23 -55.45 -28.92
CA LYS YB 2 31.40 -54.86 -28.30
C LYS YB 2 32.62 -55.05 -29.20
N CYS YB 3 33.59 -54.15 -29.06
CA CYS YB 3 34.81 -54.24 -29.86
C CYS YB 3 35.68 -55.40 -29.38
N ARG YB 4 36.35 -56.03 -30.33
CA ARG YB 4 37.14 -57.23 -30.05
C ARG YB 4 38.54 -57.17 -30.64
N GLY YB 5 39.01 -56.00 -31.06
CA GLY YB 5 40.32 -55.92 -31.68
C GLY YB 5 41.44 -56.19 -30.70
N LEU YB 6 42.61 -56.50 -31.25
CA LEU YB 6 43.77 -56.79 -30.40
C LEU YB 6 44.27 -55.58 -29.65
N ARG YB 7 44.03 -54.37 -30.14
CA ARG YB 7 44.50 -53.18 -29.47
C ARG YB 7 43.34 -52.27 -29.09
N THR YB 8 42.27 -52.85 -28.58
CA THR YB 8 41.12 -52.12 -28.06
C THR YB 8 41.09 -52.06 -26.54
N ALA YB 9 42.21 -52.38 -25.88
CA ALA YB 9 42.21 -52.44 -24.43
C ALA YB 9 41.96 -51.09 -23.80
N ARG YB 10 42.46 -50.01 -24.42
CA ARG YB 10 42.21 -48.68 -23.91
C ARG YB 10 40.72 -48.37 -23.90
N LYS YB 11 40.04 -48.64 -25.02
CA LYS YB 11 38.61 -48.37 -25.08
C LYS YB 11 37.84 -49.27 -24.12
N LEU YB 12 38.24 -50.53 -24.02
CA LEU YB 12 37.55 -51.45 -23.11
C LEU YB 12 37.65 -50.97 -21.67
N ARG YB 13 38.85 -50.62 -21.22
CA ARG YB 13 39.01 -50.21 -19.83
C ARG YB 13 38.37 -48.85 -19.57
N SER YB 14 38.43 -47.94 -20.56
CA SER YB 14 37.79 -46.64 -20.39
C SER YB 14 36.28 -46.78 -20.28
N HIS YB 15 35.68 -47.61 -21.14
CA HIS YB 15 34.26 -47.84 -21.06
C HIS YB 15 33.88 -48.52 -19.76
N ARG YB 16 34.72 -49.45 -19.28
CA ARG YB 16 34.42 -50.12 -18.03
C ARG YB 16 34.43 -49.15 -16.86
N ARG YB 17 35.45 -48.29 -16.78
CA ARG YB 17 35.51 -47.38 -15.66
C ARG YB 17 34.52 -46.23 -15.79
N ASP YB 18 34.03 -45.95 -17.00
CA ASP YB 18 32.93 -45.01 -17.13
C ASP YB 18 31.61 -45.63 -16.67
N GLN YB 19 31.36 -46.88 -17.04
CA GLN YB 19 30.11 -47.53 -16.68
C GLN YB 19 30.07 -47.99 -15.24
N LYS YB 20 31.23 -48.10 -14.58
CA LYS YB 20 31.25 -48.51 -13.19
C LYS YB 20 30.65 -47.48 -12.25
N TRP YB 21 30.38 -46.28 -12.72
CA TRP YB 21 29.79 -45.25 -11.88
C TRP YB 21 28.27 -45.34 -11.84
N HIS YB 22 27.67 -46.27 -12.57
CA HIS YB 22 26.22 -46.33 -12.70
C HIS YB 22 25.55 -47.30 -11.75
N ASP YB 23 26.30 -48.07 -10.98
CA ASP YB 23 25.71 -48.90 -9.94
C ASP YB 23 25.90 -48.24 -8.58
N LYS YB 24 24.95 -48.48 -7.68
CA LYS YB 24 24.88 -47.72 -6.45
C LYS YB 24 26.02 -48.05 -5.49
N GLN YB 25 26.46 -49.31 -5.45
CA GLN YB 25 27.51 -49.68 -4.52
C GLN YB 25 28.83 -48.98 -4.85
N TYR YB 26 29.25 -49.03 -6.11
CA TYR YB 26 30.49 -48.38 -6.51
C TYR YB 26 30.42 -46.88 -6.30
N LYS YB 27 29.30 -46.27 -6.69
CA LYS YB 27 29.12 -44.83 -6.52
C LYS YB 27 29.21 -44.44 -5.05
N LYS YB 28 28.55 -45.20 -4.18
CA LYS YB 28 28.58 -44.91 -2.75
C LYS YB 28 29.98 -45.10 -2.18
N ALA YB 29 30.68 -46.15 -2.59
CA ALA YB 29 31.99 -46.44 -2.00
C ALA YB 29 33.11 -45.59 -2.57
N HIS YB 30 32.92 -44.94 -3.72
CA HIS YB 30 34.00 -44.20 -4.33
C HIS YB 30 33.71 -42.73 -4.58
N LEU YB 31 32.50 -42.25 -4.28
CA LEU YB 31 32.22 -40.83 -4.49
C LEU YB 31 32.64 -39.99 -3.29
N GLY YB 32 32.45 -40.50 -2.08
CA GLY YB 32 32.83 -39.81 -0.88
C GLY YB 32 31.74 -38.96 -0.25
N THR YB 33 30.72 -38.58 -1.04
CA THR YB 33 29.62 -37.82 -0.47
C THR YB 33 28.80 -38.66 0.51
N ALA YB 34 28.69 -39.97 0.26
CA ALA YB 34 28.06 -40.85 1.23
C ALA YB 34 28.88 -40.93 2.52
N LEU YB 35 30.21 -40.94 2.39
CA LEU YB 35 31.06 -40.94 3.57
C LEU YB 35 30.90 -39.66 4.36
N LYS YB 36 30.77 -38.52 3.66
CA LYS YB 36 30.56 -37.26 4.37
C LYS YB 36 29.19 -37.22 5.04
N ALA YB 37 28.17 -37.76 4.39
CA ALA YB 37 26.83 -37.77 4.95
C ALA YB 37 26.65 -38.79 6.06
N ASN YB 38 27.52 -39.79 6.14
CA ASN YB 38 27.43 -40.78 7.19
C ASN YB 38 27.76 -40.16 8.54
N PRO YB 39 26.86 -40.24 9.52
CA PRO YB 39 27.18 -39.66 10.85
C PRO YB 39 28.36 -40.31 11.53
N PHE YB 40 28.58 -41.61 11.31
CA PHE YB 40 29.68 -42.30 11.97
C PHE YB 40 31.02 -41.98 11.34
N GLY YB 41 31.04 -41.43 10.13
CA GLY YB 41 32.29 -41.18 9.44
C GLY YB 41 33.05 -42.44 9.08
N GLY YB 42 32.36 -43.47 8.62
CA GLY YB 42 33.04 -44.69 8.25
C GLY YB 42 33.53 -45.52 9.41
N ALA YB 43 32.94 -45.35 10.59
CA ALA YB 43 33.30 -46.11 11.77
C ALA YB 43 32.21 -47.12 12.08
N SER YB 44 32.61 -48.27 12.63
CA SER YB 44 31.64 -49.29 12.99
C SER YB 44 30.76 -48.86 14.15
N HIS YB 45 31.34 -48.22 15.16
CA HIS YB 45 30.62 -47.79 16.34
C HIS YB 45 30.93 -46.31 16.60
N ALA YB 46 30.17 -45.73 17.51
CA ALA YB 46 30.41 -44.34 17.93
C ALA YB 46 29.91 -44.16 19.34
N LYS YB 47 30.34 -43.07 19.97
CA LYS YB 47 29.90 -42.70 21.30
C LYS YB 47 29.12 -41.40 21.25
N GLY YB 48 28.16 -41.27 22.15
CA GLY YB 48 27.36 -40.06 22.17
C GLY YB 48 26.75 -39.81 23.53
N ILE YB 49 26.10 -38.67 23.64
CA ILE YB 49 25.40 -38.26 24.86
C ILE YB 49 23.91 -38.27 24.58
N VAL YB 50 23.14 -38.91 25.44
CA VAL YB 50 21.70 -39.04 25.25
C VAL YB 50 21.08 -37.67 25.42
N LEU YB 51 20.62 -37.07 24.32
CA LEU YB 51 19.93 -35.79 24.42
C LEU YB 51 18.51 -35.97 24.95
N GLU YB 52 17.82 -37.02 24.51
CA GLU YB 52 16.41 -37.17 24.87
C GLU YB 52 16.01 -38.62 24.70
N LYS YB 53 14.86 -38.98 25.27
CA LYS YB 53 14.22 -40.26 25.06
C LYS YB 53 12.92 -40.03 24.31
N VAL YB 54 12.77 -40.70 23.16
CA VAL YB 54 11.62 -40.49 22.29
C VAL YB 54 10.98 -41.83 21.95
N GLY YB 55 9.74 -41.75 21.52
CA GLY YB 55 9.04 -42.91 20.98
C GLY YB 55 8.71 -42.67 19.52
N VAL YB 56 8.92 -43.71 18.72
CA VAL YB 56 8.71 -43.63 17.27
C VAL YB 56 7.57 -44.58 16.92
N GLU YB 57 6.58 -44.07 16.20
CA GLU YB 57 5.49 -44.91 15.73
C GLU YB 57 6.00 -45.93 14.72
N ALA YB 58 5.49 -47.16 14.81
CA ALA YB 58 5.86 -48.16 13.81
C ALA YB 58 5.21 -47.85 12.47
N LYS YB 59 5.50 -48.68 11.48
CA LYS YB 59 5.02 -48.46 10.12
C LYS YB 59 3.54 -48.79 10.03
N GLN YB 60 3.00 -48.74 8.81
CA GLN YB 60 1.55 -48.88 8.62
C GLN YB 60 0.98 -50.22 9.06
N PRO YB 61 1.52 -51.37 8.64
CA PRO YB 61 0.89 -52.63 9.06
C PRO YB 61 1.05 -52.92 10.55
N ASN YB 62 2.14 -52.46 11.15
CA ASN YB 62 2.37 -52.66 12.57
C ASN YB 62 1.79 -51.51 13.38
N SER YB 63 1.80 -51.68 14.69
CA SER YB 63 1.33 -50.62 15.60
C SER YB 63 2.09 -50.79 16.91
N ALA YB 64 3.11 -49.97 17.10
CA ALA YB 64 3.90 -50.03 18.32
C ALA YB 64 4.64 -48.72 18.49
N ILE YB 65 5.10 -48.47 19.72
CA ILE YB 65 5.92 -47.33 20.05
C ILE YB 65 7.34 -47.86 20.28
N ARG YB 66 8.16 -47.79 19.25
CA ARG YB 66 9.55 -48.19 19.39
C ARG YB 66 10.29 -47.16 20.24
N LYS YB 67 11.03 -47.65 21.22
CA LYS YB 67 11.74 -46.77 22.15
C LYS YB 67 13.10 -46.42 21.59
N CYS YB 68 13.35 -45.13 21.40
CA CYS YB 68 14.60 -44.65 20.84
C CYS YB 68 15.13 -43.54 21.72
N VAL YB 69 16.41 -43.22 21.51
CA VAL YB 69 17.06 -42.12 22.19
C VAL YB 69 17.65 -41.18 21.16
N ARG YB 70 17.42 -39.89 21.33
CA ARG YB 70 18.08 -38.86 20.54
C ARG YB 70 19.44 -38.60 21.18
N VAL YB 71 20.51 -38.80 20.39
CA VAL YB 71 21.87 -38.86 20.88
C VAL YB 71 22.73 -37.91 20.06
N GLN YB 72 23.53 -37.09 20.74
CA GLN YB 72 24.52 -36.24 20.07
C GLN YB 72 25.88 -36.90 20.19
N LEU YB 73 26.49 -37.21 19.05
CA LEU YB 73 27.77 -37.90 19.03
C LEU YB 73 28.88 -37.00 19.56
N ILE YB 74 29.83 -37.62 20.28
CA ILE YB 74 30.91 -36.85 20.88
C ILE YB 74 31.79 -36.24 19.80
N LYS YB 75 32.20 -37.03 18.82
CA LYS YB 75 32.89 -36.50 17.66
C LYS YB 75 31.88 -35.87 16.71
N ASN YB 76 32.26 -34.74 16.11
CA ASN YB 76 31.55 -34.03 15.05
C ASN YB 76 30.13 -33.58 15.44
N GLY YB 77 29.70 -33.87 16.68
CA GLY YB 77 28.50 -33.30 17.24
C GLY YB 77 27.21 -33.54 16.47
N LYS YB 78 27.14 -34.59 15.66
CA LYS YB 78 25.93 -34.85 14.89
C LYS YB 78 24.87 -35.51 15.76
N LYS YB 79 23.61 -35.19 15.48
CA LYS YB 79 22.48 -35.69 16.27
C LYS YB 79 21.80 -36.80 15.50
N ILE YB 80 21.67 -37.97 16.13
CA ILE YB 80 21.09 -39.15 15.52
C ILE YB 80 20.02 -39.71 16.46
N THR YB 81 19.28 -40.70 15.96
CA THR YB 81 18.28 -41.41 16.73
C THR YB 81 18.64 -42.90 16.75
N ALA YB 82 18.74 -43.47 17.94
CA ALA YB 82 19.18 -44.84 18.12
C ALA YB 82 18.12 -45.65 18.83
N PHE YB 83 17.77 -46.80 18.26
CA PHE YB 83 16.80 -47.69 18.86
C PHE YB 83 17.38 -48.37 20.09
N VAL YB 84 16.52 -48.65 21.07
CA VAL YB 84 16.96 -49.38 22.27
C VAL YB 84 16.38 -50.78 22.19
N PRO YB 85 17.18 -51.78 21.85
CA PRO YB 85 16.66 -53.06 21.36
C PRO YB 85 16.46 -54.17 22.39
N ASN YB 86 15.50 -54.00 23.30
CA ASN YB 86 15.01 -55.07 24.16
C ASN YB 86 13.75 -54.59 24.88
N ASP YB 87 13.25 -55.41 25.80
CA ASP YB 87 11.92 -55.20 26.37
C ASP YB 87 11.89 -54.01 27.32
N GLY YB 88 12.87 -53.90 28.20
CA GLY YB 88 12.83 -52.84 29.18
C GLY YB 88 14.14 -52.09 29.35
N CYS YB 89 14.95 -52.06 28.30
CA CYS YB 89 16.26 -51.43 28.40
C CYS YB 89 16.19 -49.91 28.29
N LEU YB 90 15.03 -49.33 27.99
CA LEU YB 90 14.91 -47.88 28.08
C LEU YB 90 15.01 -47.39 29.50
N ASN YB 91 14.59 -48.22 30.47
CA ASN YB 91 14.67 -47.84 31.88
C ASN YB 91 16.11 -47.73 32.34
N PHE YB 92 17.02 -48.49 31.74
CA PHE YB 92 18.44 -48.34 32.03
C PHE YB 92 19.05 -47.12 31.37
N ILE YB 93 18.31 -46.42 30.52
CA ILE YB 93 18.79 -45.23 29.85
C ILE YB 93 18.22 -44.02 30.56
N GLU YB 94 19.09 -43.08 30.94
CA GLU YB 94 18.64 -41.80 31.46
C GLU YB 94 19.36 -40.68 30.72
N GLU YB 95 19.06 -39.44 31.11
CA GLU YB 95 19.60 -38.29 30.41
C GLU YB 95 21.11 -38.18 30.63
N ASN YB 96 21.79 -37.58 29.66
CA ASN YB 96 23.21 -37.27 29.72
C ASN YB 96 24.09 -38.50 29.88
N ASP YB 97 23.59 -39.68 29.50
CA ASP YB 97 24.41 -40.88 29.51
C ASP YB 97 25.33 -40.91 28.30
N GLU YB 98 26.49 -41.53 28.48
CA GLU YB 98 27.43 -41.75 27.39
C GLU YB 98 27.14 -43.15 26.82
N VAL YB 99 26.44 -43.19 25.70
CA VAL YB 99 26.03 -44.45 25.09
C VAL YB 99 26.94 -44.76 23.92
N LEU YB 100 27.12 -46.05 23.66
CA LEU YB 100 27.77 -46.54 22.46
C LEU YB 100 26.69 -46.97 21.48
N VAL YB 101 26.79 -46.53 20.24
CA VAL YB 101 25.80 -46.82 19.22
C VAL YB 101 26.49 -47.51 18.04
N ALA YB 102 25.85 -48.53 17.52
CA ALA YB 102 26.31 -49.25 16.34
C ALA YB 102 25.26 -49.16 15.25
N GLY YB 103 25.61 -49.66 14.07
CA GLY YB 103 24.65 -49.75 13.00
C GLY YB 103 23.51 -50.68 13.35
N PHE YB 104 22.37 -50.47 12.69
CA PHE YB 104 21.17 -51.20 13.03
C PHE YB 104 20.89 -52.32 12.04
N GLY YB 105 21.84 -52.62 11.17
CA GLY YB 105 21.82 -53.89 10.47
C GLY YB 105 22.13 -53.91 8.99
N ARG YB 106 21.74 -52.88 8.25
CA ARG YB 106 21.84 -52.94 6.79
C ARG YB 106 22.46 -51.65 6.23
N LYS YB 107 23.56 -51.22 6.84
CA LYS YB 107 24.50 -50.27 6.24
C LYS YB 107 23.83 -48.93 5.93
N GLY YB 108 23.35 -48.28 6.98
CA GLY YB 108 22.78 -46.96 6.80
C GLY YB 108 21.39 -46.94 6.21
N HIS YB 109 20.68 -48.06 6.26
CA HIS YB 109 19.30 -48.14 5.80
C HIS YB 109 18.41 -48.50 6.98
N ALA YB 110 17.20 -47.96 6.99
CA ALA YB 110 16.25 -48.26 8.05
C ALA YB 110 15.87 -49.73 8.01
N VAL YB 111 15.62 -50.29 9.19
CA VAL YB 111 15.34 -51.71 9.34
C VAL YB 111 13.95 -51.88 9.93
N GLY YB 112 13.17 -52.78 9.34
CA GLY YB 112 11.88 -53.12 9.91
C GLY YB 112 10.89 -51.98 9.83
N ASP YB 113 10.01 -51.92 10.83
CA ASP YB 113 8.92 -50.96 10.86
C ASP YB 113 9.32 -49.64 11.52
N ILE YB 114 10.60 -49.43 11.81
CA ILE YB 114 11.06 -48.22 12.47
C ILE YB 114 11.50 -47.24 11.38
N PRO YB 115 10.79 -46.14 11.19
CA PRO YB 115 11.12 -45.23 10.07
C PRO YB 115 12.31 -44.34 10.40
N GLY YB 116 13.29 -44.34 9.50
CA GLY YB 116 14.40 -43.41 9.60
C GLY YB 116 15.30 -43.59 10.81
N VAL YB 117 15.50 -44.82 11.24
CA VAL YB 117 16.39 -45.14 12.35
C VAL YB 117 17.42 -46.15 11.86
N ARG YB 118 18.69 -45.78 11.95
CA ARG YB 118 19.77 -46.59 11.38
C ARG YB 118 20.80 -47.01 12.42
N PHE YB 119 20.55 -46.76 13.70
CA PHE YB 119 21.50 -47.06 14.75
C PHE YB 119 20.79 -47.69 15.93
N LYS YB 120 21.55 -48.43 16.73
CA LYS YB 120 21.04 -49.03 17.95
C LYS YB 120 22.08 -48.94 19.06
N VAL YB 121 21.60 -48.86 20.29
CA VAL YB 121 22.48 -48.71 21.44
C VAL YB 121 23.02 -50.07 21.86
N VAL YB 122 24.34 -50.16 22.01
CA VAL YB 122 25.00 -51.38 22.47
C VAL YB 122 25.37 -51.30 23.94
N LYS YB 123 25.98 -50.20 24.36
CA LYS YB 123 26.39 -50.01 25.74
C LYS YB 123 25.91 -48.64 26.22
N VAL YB 124 25.64 -48.56 27.52
CA VAL YB 124 25.33 -47.30 28.18
C VAL YB 124 26.21 -47.20 29.42
N ALA YB 125 26.82 -46.02 29.62
CA ALA YB 125 27.67 -45.75 30.78
C ALA YB 125 28.75 -46.82 30.95
N ASN YB 126 29.27 -47.30 29.82
CA ASN YB 126 30.31 -48.34 29.79
C ASN YB 126 29.85 -49.62 30.51
N VAL YB 127 28.58 -49.96 30.35
CA VAL YB 127 28.08 -51.28 30.70
C VAL YB 127 27.13 -51.74 29.61
N SER YB 128 27.25 -53.00 29.22
CA SER YB 128 26.51 -53.53 28.08
C SER YB 128 25.02 -53.62 28.37
N LEU YB 129 24.22 -53.24 27.37
CA LEU YB 129 22.78 -53.39 27.50
C LEU YB 129 22.37 -54.84 27.63
N LEU YB 130 23.09 -55.75 26.99
CA LEU YB 130 22.82 -57.18 27.17
C LEU YB 130 23.07 -57.60 28.61
N ALA YB 131 24.16 -57.11 29.20
CA ALA YB 131 24.45 -57.43 30.59
C ALA YB 131 23.37 -56.87 31.52
N LEU YB 132 22.93 -55.64 31.27
CA LEU YB 132 21.87 -55.07 32.09
C LEU YB 132 20.55 -55.83 31.92
N TYR YB 133 20.25 -56.24 30.69
CA TYR YB 133 19.01 -56.97 30.42
C TYR YB 133 19.02 -58.34 31.10
N LYS YB 134 20.15 -59.03 31.07
CA LYS YB 134 20.26 -60.32 31.73
C LYS YB 134 20.55 -60.20 33.21
N GLY YB 135 20.76 -59.00 33.73
CA GLY YB 135 21.01 -58.84 35.14
C GLY YB 135 22.36 -59.31 35.60
N LYS YB 136 23.30 -59.48 34.68
CA LYS YB 136 24.62 -59.97 35.05
C LYS YB 136 25.47 -58.93 35.75
N LYS YB 137 25.13 -57.66 35.62
CA LYS YB 137 25.80 -56.61 36.38
C LYS YB 137 24.89 -55.38 36.42
N GLU YB 138 25.18 -54.51 37.38
CA GLU YB 138 24.26 -53.48 37.84
C GLU YB 138 24.70 -52.10 37.33
N ARG YB 139 23.74 -51.18 37.30
CA ARG YB 139 24.03 -49.80 36.95
C ARG YB 139 25.03 -49.20 37.94
N PRO YB 140 25.97 -48.39 37.47
CA PRO YB 140 26.98 -47.77 38.36
C PRO YB 140 26.44 -46.61 39.17
N ARG YB 141 25.80 -46.94 40.30
CA ARG YB 141 25.25 -45.92 41.19
C ARG YB 141 26.35 -45.13 41.89
N ASN ZB 1 70.09 -93.63 40.76
CA ASN ZB 1 71.51 -93.91 40.56
C ASN ZB 1 71.70 -95.30 39.98
N ASP ZB 2 70.75 -96.19 40.26
CA ASP ZB 2 70.85 -97.57 39.78
C ASP ZB 2 70.76 -97.65 38.26
N THR ZB 3 69.90 -96.82 37.65
CA THR ZB 3 69.71 -96.82 36.19
C THR ZB 3 69.85 -95.39 35.69
N VAL ZB 4 71.09 -94.96 35.47
CA VAL ZB 4 71.40 -93.68 34.85
C VAL ZB 4 72.62 -93.88 33.97
N THR ZB 5 72.51 -93.55 32.68
CA THR ZB 5 73.62 -93.78 31.77
C THR ZB 5 73.81 -92.59 30.84
N ILE ZB 6 75.09 -92.28 30.59
CA ILE ZB 6 75.54 -91.24 29.68
C ILE ZB 6 75.90 -91.87 28.36
N ARG ZB 7 75.47 -91.26 27.26
CA ARG ZB 7 75.91 -91.67 25.93
C ARG ZB 7 76.30 -90.43 25.16
N THR ZB 8 77.48 -90.45 24.54
CA THR ZB 8 78.01 -89.30 23.82
C THR ZB 8 77.83 -89.48 22.32
N ARG ZB 9 77.77 -88.36 21.61
CA ARG ZB 9 77.67 -88.37 20.16
C ARG ZB 9 78.07 -87.00 19.64
N LYS ZB 10 78.29 -86.92 18.33
CA LYS ZB 10 78.83 -85.73 17.67
C LYS ZB 10 80.10 -85.25 18.35
N PHE ZB 11 80.88 -86.18 18.87
CA PHE ZB 11 82.12 -85.86 19.57
C PHE ZB 11 83.14 -85.31 18.60
N MET ZB 12 83.82 -84.25 19.01
CA MET ZB 12 84.94 -83.75 18.23
C MET ZB 12 85.87 -83.00 19.15
N THR ZB 13 87.11 -82.83 18.69
CA THR ZB 13 88.14 -82.13 19.43
C THR ZB 13 88.64 -80.96 18.61
N ASN ZB 14 88.94 -79.85 19.28
CA ASN ZB 14 89.56 -78.72 18.62
C ASN ZB 14 90.65 -78.13 19.52
N ARG ZB 15 91.78 -77.82 18.90
CA ARG ZB 15 92.86 -77.14 19.61
C ARG ZB 15 92.73 -75.63 19.55
N LEU ZB 16 91.76 -75.12 18.79
CA LEU ZB 16 91.56 -73.68 18.71
C LEU ZB 16 91.17 -73.10 20.06
N LEU ZB 17 90.25 -73.76 20.76
CA LEU ZB 17 89.89 -73.40 22.12
C LEU ZB 17 90.39 -74.43 23.12
N GLN ZB 18 91.24 -75.36 22.69
CA GLN ZB 18 91.85 -76.39 23.52
C GLN ZB 18 90.80 -77.15 24.33
N ARG ZB 19 89.91 -77.82 23.61
CA ARG ZB 19 88.84 -78.54 24.27
C ARG ZB 19 88.33 -79.64 23.36
N LYS ZB 20 87.50 -80.50 23.93
CA LYS ZB 20 86.74 -81.49 23.19
C LYS ZB 20 85.27 -81.27 23.53
N GLN ZB 21 84.45 -81.09 22.51
CA GLN ZB 21 83.04 -80.81 22.69
C GLN ZB 21 82.20 -81.91 22.04
N MET ZB 22 81.05 -82.18 22.65
CA MET ZB 22 80.18 -83.23 22.18
C MET ZB 22 78.77 -82.90 22.62
N VAL ZB 23 77.81 -83.68 22.11
CA VAL ZB 23 76.44 -83.61 22.60
C VAL ZB 23 76.10 -84.98 23.21
N ILE ZB 24 75.59 -84.95 24.43
CA ILE ZB 24 75.37 -86.17 25.19
C ILE ZB 24 73.91 -86.27 25.55
N ASP ZB 25 73.47 -87.51 25.79
CA ASP ZB 25 72.15 -87.78 26.31
C ASP ZB 25 72.24 -88.75 27.47
N VAL ZB 26 71.48 -88.47 28.52
CA VAL ZB 26 71.43 -89.31 29.71
C VAL ZB 26 70.04 -89.90 29.81
N LEU ZB 27 69.99 -91.18 30.19
CA LEU ZB 27 68.77 -91.96 30.21
C LEU ZB 27 68.33 -92.19 31.65
N HIS ZB 28 67.27 -91.49 32.06
CA HIS ZB 28 66.57 -91.75 33.31
C HIS ZB 28 65.19 -92.28 32.94
N PRO ZB 29 64.98 -93.60 33.01
CA PRO ZB 29 63.67 -94.16 32.63
C PRO ZB 29 62.53 -93.71 33.51
N GLY ZB 30 62.77 -93.52 34.81
CA GLY ZB 30 61.66 -93.21 35.71
C GLY ZB 30 61.99 -92.15 36.74
N LYS ZB 31 63.13 -91.49 36.58
CA LYS ZB 31 63.56 -90.45 37.50
C LYS ZB 31 63.46 -89.09 36.83
N ALA ZB 32 63.69 -88.05 37.63
CA ALA ZB 32 63.65 -86.69 37.12
C ALA ZB 32 64.86 -86.42 36.24
N THR ZB 33 64.98 -85.19 35.76
CA THR ZB 33 66.15 -84.80 35.00
C THR ZB 33 67.38 -84.94 35.87
N VAL ZB 34 68.43 -85.55 35.32
CA VAL ZB 34 69.62 -85.83 36.12
C VAL ZB 34 70.35 -84.52 36.42
N PRO ZB 35 70.77 -84.29 37.66
CA PRO ZB 35 71.43 -83.02 37.99
C PRO ZB 35 72.76 -82.85 37.26
N LYS ZB 36 73.01 -81.60 36.83
CA LYS ZB 36 74.19 -81.28 36.05
C LYS ZB 36 75.48 -81.68 36.76
N THR ZB 37 75.50 -81.60 38.08
CA THR ZB 37 76.65 -82.11 38.82
C THR ZB 37 76.83 -83.60 38.59
N GLU ZB 38 75.74 -84.36 38.61
CA GLU ZB 38 75.83 -85.79 38.38
C GLU ZB 38 76.36 -86.09 36.99
N ILE ZB 39 75.86 -85.37 35.96
CA ILE ZB 39 76.47 -85.51 34.64
C ILE ZB 39 77.95 -85.17 34.68
N ARG ZB 40 78.31 -84.14 35.45
CA ARG ZB 40 79.69 -83.68 35.48
C ARG ZB 40 80.63 -84.76 35.99
N GLU ZB 41 80.33 -85.33 37.17
CA GLU ZB 41 81.24 -86.37 37.67
C GLU ZB 41 81.13 -87.66 36.86
N LYS ZB 42 79.95 -88.02 36.36
CA LYS ZB 42 79.86 -89.25 35.58
C LYS ZB 42 80.65 -89.14 34.28
N LEU ZB 43 80.59 -87.98 33.63
CA LEU ZB 43 81.37 -87.76 32.42
C LEU ZB 43 82.86 -87.65 32.73
N ALA ZB 44 83.20 -87.12 33.91
CA ALA ZB 44 84.60 -87.11 34.32
C ALA ZB 44 85.13 -88.53 34.48
N LYS ZB 45 84.34 -89.42 35.07
CA LYS ZB 45 84.73 -90.82 35.13
C LYS ZB 45 84.79 -91.44 33.75
N MET ZB 46 83.89 -91.01 32.86
CA MET ZB 46 83.87 -91.53 31.50
C MET ZB 46 85.14 -91.20 30.74
N TYR ZB 47 85.63 -89.96 30.87
CA TYR ZB 47 86.78 -89.51 30.10
C TYR ZB 47 88.03 -89.36 30.97
N LYS ZB 48 88.06 -89.97 32.15
CA LYS ZB 48 89.25 -90.04 33.00
C LYS ZB 48 89.79 -88.65 33.35
N THR ZB 49 88.87 -87.73 33.67
CA THR ZB 49 89.25 -86.38 34.09
C THR ZB 49 88.62 -86.10 35.45
N THR ZB 50 88.73 -84.87 35.89
CA THR ZB 50 88.17 -84.47 37.17
C THR ZB 50 86.91 -83.65 36.99
N PRO ZB 51 85.96 -83.72 37.93
CA PRO ZB 51 84.71 -82.96 37.75
C PRO ZB 51 84.83 -81.50 38.14
N ASP ZB 52 85.92 -80.86 37.73
CA ASP ZB 52 86.08 -79.42 37.84
C ASP ZB 52 86.31 -78.75 36.50
N VAL ZB 53 86.76 -79.51 35.50
CA VAL ZB 53 86.96 -79.00 34.15
C VAL ZB 53 85.77 -79.32 33.25
N ILE ZB 54 84.88 -80.22 33.69
CA ILE ZB 54 83.72 -80.60 32.88
C ILE ZB 54 82.75 -79.43 32.81
N PHE ZB 55 82.21 -79.18 31.62
CA PHE ZB 55 81.24 -78.11 31.43
C PHE ZB 55 80.06 -78.65 30.63
N VAL ZB 56 78.87 -78.61 31.21
CA VAL ZB 56 77.66 -79.09 30.57
C VAL ZB 56 76.57 -78.04 30.72
N PHE ZB 57 75.63 -78.04 29.78
CA PHE ZB 57 74.54 -77.08 29.77
C PHE ZB 57 73.51 -77.53 28.73
N GLY ZB 58 72.40 -76.79 28.65
CA GLY ZB 58 71.39 -76.99 27.64
C GLY ZB 58 70.71 -78.35 27.67
N PHE ZB 59 70.32 -78.80 28.86
CA PHE ZB 59 69.72 -80.12 29.03
C PHE ZB 59 68.20 -79.99 28.88
N ARG ZB 60 67.69 -80.45 27.74
CA ARG ZB 60 66.26 -80.50 27.47
C ARG ZB 60 65.81 -81.95 27.46
N THR ZB 61 64.70 -82.22 28.12
CA THR ZB 61 64.20 -83.58 28.29
C THR ZB 61 63.14 -83.88 27.25
N HIS ZB 62 63.26 -85.04 26.60
CA HIS ZB 62 62.24 -85.43 25.63
C HIS ZB 62 60.91 -85.68 26.33
N PHE ZB 63 59.83 -85.53 25.57
CA PHE ZB 63 58.49 -85.70 26.12
C PHE ZB 63 58.30 -87.11 26.65
N GLY ZB 64 57.76 -87.22 27.86
CA GLY ZB 64 57.53 -88.51 28.47
C GLY ZB 64 58.68 -89.09 29.25
N GLY ZB 65 59.64 -88.27 29.67
CA GLY ZB 65 60.73 -88.76 30.49
C GLY ZB 65 61.72 -89.61 29.70
N GLY ZB 66 62.63 -90.24 30.44
CA GLY ZB 66 63.62 -91.09 29.81
C GLY ZB 66 64.83 -90.33 29.35
N LYS ZB 67 64.89 -90.00 28.07
CA LYS ZB 67 66.05 -89.35 27.49
C LYS ZB 67 66.03 -87.85 27.73
N THR ZB 68 67.18 -87.31 28.13
CA THR ZB 68 67.38 -85.87 28.06
C THR ZB 68 68.76 -85.57 27.49
N THR ZB 69 68.82 -84.54 26.66
CA THR ZB 69 69.98 -84.25 25.84
C THR ZB 69 70.53 -82.88 26.17
N GLY ZB 70 71.86 -82.79 26.30
CA GLY ZB 70 72.54 -81.53 26.53
C GLY ZB 70 73.86 -81.53 25.81
N PHE ZB 71 74.57 -80.42 25.92
CA PHE ZB 71 75.83 -80.24 25.21
C PHE ZB 71 76.97 -80.24 26.21
N GLY ZB 72 77.91 -81.17 26.05
CA GLY ZB 72 79.03 -81.32 26.96
C GLY ZB 72 80.31 -80.74 26.41
N MET ZB 73 81.14 -80.24 27.33
CA MET ZB 73 82.36 -79.51 27.01
C MET ZB 73 83.43 -79.93 28.00
N ILE ZB 74 84.57 -80.40 27.52
CA ILE ZB 74 85.67 -80.78 28.40
C ILE ZB 74 86.93 -80.05 27.91
N TYR ZB 75 87.71 -79.54 28.85
CA TYR ZB 75 88.94 -78.84 28.52
C TYR ZB 75 90.15 -79.62 28.98
N ASP ZB 76 91.29 -79.28 28.40
CA ASP ZB 76 92.54 -79.91 28.80
C ASP ZB 76 93.04 -79.41 30.14
N SER ZB 77 92.78 -78.14 30.47
CA SER ZB 77 93.27 -77.59 31.73
C SER ZB 77 92.30 -76.55 32.26
N LEU ZB 78 92.29 -76.41 33.58
CA LEU ZB 78 91.36 -75.48 34.23
C LEU ZB 78 91.73 -74.03 33.92
N ASP ZB 79 93.02 -73.73 33.71
CA ASP ZB 79 93.39 -72.38 33.32
C ASP ZB 79 92.80 -72.01 31.96
N TYR ZB 80 92.87 -72.94 31.00
CA TYR ZB 80 92.22 -72.71 29.71
C TYR ZB 80 90.71 -72.61 29.87
N ALA ZB 81 90.13 -73.42 30.75
CA ALA ZB 81 88.70 -73.34 30.98
C ALA ZB 81 88.31 -71.96 31.51
N LYS ZB 82 89.10 -71.42 32.43
CA LYS ZB 82 88.86 -70.06 32.89
C LYS ZB 82 89.07 -69.05 31.77
N LYS ZB 83 90.04 -69.32 30.89
CA LYS ZB 83 90.40 -68.35 29.86
C LYS ZB 83 89.30 -68.20 28.82
N ASN ZB 84 88.80 -69.31 28.27
CA ASN ZB 84 87.80 -69.25 27.20
C ASN ZB 84 86.59 -70.12 27.53
N GLU ZB 85 85.65 -69.54 28.26
CA GLU ZB 85 84.37 -70.14 28.63
C GLU ZB 85 83.49 -69.04 29.17
N PRO ZB 86 82.19 -69.04 28.88
CA PRO ZB 86 81.34 -67.90 29.28
C PRO ZB 86 81.29 -67.68 30.79
N LYS ZB 87 81.26 -66.39 31.15
CA LYS ZB 87 81.33 -66.00 32.55
C LYS ZB 87 80.14 -66.52 33.35
N HIS ZB 88 78.99 -66.70 32.72
CA HIS ZB 88 77.86 -67.21 33.49
C HIS ZB 88 78.06 -68.68 33.86
N ARG ZB 89 78.69 -69.47 32.98
CA ARG ZB 89 79.01 -70.84 33.36
C ARG ZB 89 80.12 -70.88 34.41
N LEU ZB 90 81.08 -69.96 34.32
CA LEU ZB 90 82.08 -69.86 35.38
C LEU ZB 90 81.42 -69.53 36.72
N ALA ZB 91 80.44 -68.63 36.70
CA ALA ZB 91 79.72 -68.29 37.93
C ALA ZB 91 78.84 -69.43 38.41
N ARG ZB 92 78.31 -70.23 37.48
CA ARG ZB 92 77.56 -71.42 37.85
C ARG ZB 92 78.45 -72.39 38.61
N HIS ZB 93 79.69 -72.55 38.15
CA HIS ZB 93 80.64 -73.37 38.90
C HIS ZB 93 81.27 -72.62 40.07
N GLY ZB 94 80.96 -71.34 40.24
CA GLY ZB 94 81.46 -70.57 41.36
C GLY ZB 94 82.81 -69.93 41.14
N LEU ZB 95 83.37 -70.04 39.93
CA LEU ZB 95 84.69 -69.50 39.64
C LEU ZB 95 84.65 -68.03 39.24
N TYR ZB 96 83.47 -67.43 39.16
CA TYR ZB 96 83.32 -66.04 38.73
C TYR ZB 96 82.24 -65.39 39.57
N GLU ZB 97 82.46 -64.14 39.97
CA GLU ZB 97 81.52 -63.40 40.80
C GLU ZB 97 80.95 -62.24 40.01
N LYS ZB 98 79.66 -61.99 40.21
CA LYS ZB 98 78.95 -60.89 39.54
C LYS ZB 98 78.45 -59.87 40.56
N LYS ZB 99 79.21 -59.67 41.63
CA LYS ZB 99 78.79 -58.76 42.70
C LYS ZB 99 78.96 -57.32 42.21
N LYS ZB 100 77.93 -56.85 41.50
CA LYS ZB 100 77.93 -55.52 40.93
C LYS ZB 100 76.54 -54.91 41.07
N THR ZB 101 76.42 -53.66 40.66
CA THR ZB 101 75.18 -52.91 40.80
C THR ZB 101 74.24 -53.19 39.63
N SER ZB 102 73.05 -52.60 39.70
CA SER ZB 102 72.08 -52.78 38.64
C SER ZB 102 72.45 -51.96 37.40
N ARG ZB 103 71.95 -52.41 36.25
CA ARG ZB 103 72.20 -51.69 35.01
C ARG ZB 103 71.59 -50.29 35.07
N LYS ZB 104 70.41 -50.18 35.66
CA LYS ZB 104 69.78 -48.87 35.81
C LYS ZB 104 70.64 -47.92 36.63
N GLN ZB 105 71.13 -48.38 37.78
CA GLN ZB 105 71.97 -47.54 38.63
C GLN ZB 105 73.28 -47.20 37.94
N ARG ZB 106 73.84 -48.15 37.19
CA ARG ZB 106 75.07 -47.88 36.44
C ARG ZB 106 74.84 -46.79 35.41
N LYS ZB 107 73.71 -46.84 34.71
CA LYS ZB 107 73.39 -45.78 33.75
C LYS ZB 107 73.17 -44.45 34.45
N GLU ZB 108 72.54 -44.47 35.62
CA GLU ZB 108 72.35 -43.24 36.38
C GLU ZB 108 73.69 -42.61 36.73
N ARG ZB 109 74.63 -43.41 37.21
CA ARG ZB 109 75.96 -42.89 37.55
C ARG ZB 109 76.67 -42.37 36.31
N LYS ZB 110 76.57 -43.10 35.19
CA LYS ZB 110 77.23 -42.67 33.97
C LYS ZB 110 76.69 -41.33 33.49
N ASN ZB 111 75.37 -41.13 33.60
CA ASN ZB 111 74.80 -39.87 33.16
C ASN ZB 111 75.08 -38.75 34.14
N ARG ZB 112 75.15 -39.05 35.44
CA ARG ZB 112 75.47 -38.01 36.42
C ARG ZB 112 76.90 -37.55 36.30
N MET ZB 113 77.82 -38.45 35.95
CA MET ZB 113 79.21 -38.07 35.76
C MET ZB 113 79.40 -37.15 34.57
N LYS ZB 114 78.48 -37.16 33.61
CA LYS ZB 114 78.62 -36.30 32.44
C LYS ZB 114 78.37 -34.83 32.76
N LYS ZB 115 77.63 -34.54 33.83
CA LYS ZB 115 77.40 -33.15 34.20
C LYS ZB 115 78.65 -32.49 34.79
N VAL ZB 116 79.60 -33.29 35.29
CA VAL ZB 116 80.83 -32.78 35.88
C VAL ZB 116 81.95 -32.96 34.88
N ARG ZB 117 82.65 -31.88 34.56
CA ARG ZB 117 83.68 -31.87 33.53
C ARG ZB 117 85.06 -31.83 34.17
N GLY ZB 118 85.93 -32.74 33.73
CA GLY ZB 118 87.33 -32.66 34.04
C GLY ZB 118 87.72 -32.96 35.48
N THR ZB 119 87.16 -32.20 36.41
CA THR ZB 119 87.55 -32.28 37.82
C THR ZB 119 87.42 -33.70 38.34
N ALA ZB 120 88.56 -34.33 38.66
CA ALA ZB 120 88.55 -35.73 39.03
C ALA ZB 120 87.81 -35.96 40.34
N LYS ZB 121 88.01 -35.07 41.33
CA LYS ZB 121 87.35 -35.25 42.62
C LYS ZB 121 85.84 -35.13 42.49
N ALA ZB 122 85.35 -34.15 41.72
CA ALA ZB 122 83.92 -33.99 41.53
C ALA ZB 122 83.36 -34.99 40.53
N ASN ZB 123 84.22 -35.65 39.75
CA ASN ZB 123 83.79 -36.70 38.84
C ASN ZB 123 83.68 -38.04 39.55
N VAL ZB 124 84.47 -38.26 40.60
CA VAL ZB 124 84.34 -39.46 41.39
C VAL ZB 124 83.38 -39.28 42.57
N GLY ZB 125 83.12 -38.05 42.99
CA GLY ZB 125 82.11 -37.80 44.00
C GLY ZB 125 80.73 -37.54 43.45
N ALA ZB 126 80.52 -37.75 42.15
CA ALA ZB 126 79.21 -37.50 41.56
C ALA ZB 126 78.15 -38.45 42.11
N GLY ZB 127 78.49 -39.73 42.22
CA GLY ZB 127 77.55 -40.72 42.71
C GLY ZB 127 77.56 -40.94 44.21
N LYS ZB 128 78.34 -40.15 44.96
CA LYS ZB 128 78.43 -40.37 46.40
C LYS ZB 128 77.18 -39.88 47.12
N LYS ZB 129 76.65 -38.73 46.73
CA LYS ZB 129 75.48 -38.16 47.39
C LYS ZB 129 74.17 -38.85 46.98
N PRO ZB 130 73.82 -38.93 45.68
CA PRO ZB 130 72.51 -39.56 45.39
C PRO ZB 130 72.58 -41.08 45.32
N LYS ZB 131 72.59 -41.70 46.51
CA LYS ZB 131 72.65 -43.14 46.62
C LYS ZB 131 71.30 -43.79 46.33
N THR AC 1 1.91 -54.54 -25.11
CA THR AC 1 2.07 -55.53 -26.16
C THR AC 1 1.70 -54.94 -27.50
N LYS AC 2 2.39 -55.35 -28.55
CA LYS AC 2 2.10 -54.88 -29.91
C LYS AC 2 0.86 -55.62 -30.41
N LYS AC 3 -0.23 -54.88 -30.59
CA LYS AC 3 -1.50 -55.51 -30.95
C LYS AC 3 -1.51 -55.95 -32.40
N ARG AC 4 -0.98 -55.15 -33.31
CA ARG AC 4 -1.02 -55.43 -34.73
C ARG AC 4 0.37 -55.32 -35.33
N ARG AC 5 0.69 -56.22 -36.25
CA ARG AC 5 2.00 -56.18 -36.90
C ARG AC 5 2.15 -54.93 -37.75
N ASN AC 6 1.10 -54.51 -38.43
CA ASN AC 6 1.13 -53.33 -39.27
C ASN AC 6 0.80 -52.05 -38.52
N ASN AC 7 0.67 -52.14 -37.18
CA ASN AC 7 0.38 -51.00 -36.31
C ASN AC 7 -0.95 -50.35 -36.65
N GLY AC 8 -1.88 -51.11 -37.21
CA GLY AC 8 -3.19 -50.59 -37.52
C GLY AC 8 -3.25 -49.65 -38.70
N ARG AC 9 -2.29 -49.73 -39.61
CA ARG AC 9 -2.25 -48.84 -40.75
C ARG AC 9 -1.45 -49.50 -41.86
N ALA AC 10 -1.55 -48.93 -43.05
CA ALA AC 10 -0.92 -49.50 -44.25
C ALA AC 10 0.42 -48.88 -44.58
N LYS AC 11 0.93 -47.96 -43.76
CA LYS AC 11 2.21 -47.31 -44.02
C LYS AC 11 3.34 -48.32 -43.84
N LYS AC 12 4.00 -48.67 -44.94
CA LYS AC 12 5.10 -49.63 -44.88
C LYS AC 12 6.44 -48.99 -45.24
N GLY AC 13 6.57 -48.38 -46.41
CA GLY AC 13 7.82 -47.79 -46.80
C GLY AC 13 7.75 -46.29 -46.93
N ARG AC 14 7.03 -45.64 -46.01
CA ARG AC 14 6.80 -44.21 -46.09
C ARG AC 14 7.21 -43.59 -44.76
N GLY AC 15 7.51 -42.31 -44.79
CA GLY AC 15 7.76 -41.60 -43.55
C GLY AC 15 6.49 -40.93 -43.07
N HIS AC 16 5.79 -40.27 -43.99
CA HIS AC 16 4.62 -39.49 -43.64
C HIS AC 16 3.52 -39.71 -44.66
N VAL AC 17 2.29 -39.79 -44.18
CA VAL AC 17 1.10 -39.90 -45.02
C VAL AC 17 0.19 -38.73 -44.68
N GLN AC 18 -0.34 -38.08 -45.71
CA GLN AC 18 -1.14 -36.88 -45.50
C GLN AC 18 -2.43 -37.23 -44.76
N PRO AC 19 -2.92 -36.34 -43.90
CA PRO AC 19 -4.15 -36.62 -43.16
C PRO AC 19 -5.40 -36.23 -43.95
N ILE AC 20 -6.51 -36.82 -43.52
CA ILE AC 20 -7.84 -36.53 -44.04
C ILE AC 20 -8.76 -36.34 -42.86
N ARG AC 21 -9.92 -35.75 -43.11
CA ARG AC 21 -10.89 -35.48 -42.06
C ARG AC 21 -11.97 -36.55 -42.06
N CYS AC 22 -12.27 -37.08 -40.88
CA CYS AC 22 -13.33 -38.06 -40.73
C CYS AC 22 -14.66 -37.47 -41.17
N THR AC 23 -15.42 -38.23 -41.95
CA THR AC 23 -16.69 -37.73 -42.45
C THR AC 23 -17.72 -37.55 -41.34
N ASN AC 24 -17.50 -38.15 -40.18
CA ASN AC 24 -18.47 -38.09 -39.09
C ASN AC 24 -18.14 -37.01 -38.08
N CYS AC 25 -16.88 -36.89 -37.66
CA CYS AC 25 -16.50 -35.95 -36.62
C CYS AC 25 -15.42 -34.98 -37.03
N ALA AC 26 -14.90 -35.08 -38.26
CA ALA AC 26 -13.85 -34.20 -38.77
C ALA AC 26 -12.56 -34.30 -37.96
N ARG AC 27 -12.19 -35.53 -37.60
CA ARG AC 27 -10.91 -35.79 -36.94
C ARG AC 27 -9.84 -36.00 -37.99
N CYS AC 28 -8.63 -35.51 -37.72
CA CYS AC 28 -7.50 -35.71 -38.61
C CYS AC 28 -6.97 -37.13 -38.45
N VAL AC 29 -7.11 -37.93 -39.50
CA VAL AC 29 -6.70 -39.32 -39.49
C VAL AC 29 -5.69 -39.50 -40.61
N PRO AC 30 -4.61 -40.25 -40.43
CA PRO AC 30 -3.77 -40.62 -41.58
C PRO AC 30 -4.59 -41.37 -42.60
N LYS AC 31 -4.33 -41.09 -43.88
CA LYS AC 31 -5.16 -41.64 -44.94
C LYS AC 31 -5.08 -43.16 -44.98
N ASP AC 32 -3.90 -43.72 -44.74
CA ASP AC 32 -3.74 -45.17 -44.73
C ASP AC 32 -4.31 -45.82 -43.47
N LYS AC 33 -4.65 -45.05 -42.45
CA LYS AC 33 -5.22 -45.61 -41.23
C LYS AC 33 -6.73 -45.59 -41.23
N ALA AC 34 -7.34 -44.62 -41.90
CA ALA AC 34 -8.78 -44.43 -41.84
C ALA AC 34 -9.51 -45.57 -42.51
N ILE AC 35 -10.70 -45.87 -42.01
CA ILE AC 35 -11.57 -46.87 -42.63
C ILE AC 35 -12.32 -46.22 -43.78
N LYS AC 36 -12.18 -46.78 -44.97
CA LYS AC 36 -12.78 -46.22 -46.17
C LYS AC 36 -13.93 -47.10 -46.63
N LYS AC 37 -15.07 -46.48 -46.91
CA LYS AC 37 -16.22 -47.17 -47.46
C LYS AC 37 -16.67 -46.44 -48.71
N PHE AC 38 -16.73 -47.14 -49.83
CA PHE AC 38 -17.16 -46.55 -51.10
C PHE AC 38 -18.60 -46.98 -51.33
N VAL AC 39 -19.53 -46.13 -50.92
CA VAL AC 39 -20.95 -46.44 -51.03
C VAL AC 39 -21.46 -46.00 -52.40
N ILE AC 40 -22.17 -46.90 -53.07
CA ILE AC 40 -22.70 -46.68 -54.40
C ILE AC 40 -24.20 -46.96 -54.28
N ARG AC 41 -24.97 -45.94 -53.97
CA ARG AC 41 -26.37 -46.13 -53.61
C ARG AC 41 -27.29 -45.57 -54.69
N ASN AC 42 -28.43 -46.22 -54.87
CA ASN AC 42 -29.46 -45.64 -55.72
C ASN AC 42 -29.87 -44.28 -55.18
N ILE AC 43 -29.99 -43.30 -56.09
CA ILE AC 43 -30.30 -41.95 -55.67
C ILE AC 43 -31.72 -41.85 -55.13
N VAL AC 44 -32.56 -42.85 -55.39
CA VAL AC 44 -33.90 -42.92 -54.84
C VAL AC 44 -34.05 -44.23 -54.08
N GLU AC 45 -34.98 -44.24 -53.13
CA GLU AC 45 -35.20 -45.41 -52.32
C GLU AC 45 -35.84 -46.53 -53.14
N ALA AC 46 -35.55 -47.77 -52.74
CA ALA AC 46 -36.14 -48.93 -53.40
C ALA AC 46 -37.65 -49.01 -53.20
N ALA AC 47 -38.19 -48.29 -52.23
CA ALA AC 47 -39.63 -48.18 -52.11
C ALA AC 47 -40.20 -47.18 -53.11
N ALA AC 48 -39.45 -46.14 -53.43
CA ALA AC 48 -39.93 -45.06 -54.28
C ALA AC 48 -39.52 -45.21 -55.74
N VAL AC 49 -38.77 -46.28 -56.08
CA VAL AC 49 -38.38 -46.48 -57.47
C VAL AC 49 -39.60 -46.61 -58.36
N ARG AC 50 -40.64 -47.30 -57.88
CA ARG AC 50 -41.83 -47.49 -58.71
C ARG AC 50 -42.58 -46.17 -58.92
N ASP AC 51 -42.70 -45.36 -57.87
CA ASP AC 51 -43.37 -44.07 -58.01
C ASP AC 51 -42.61 -43.15 -58.97
N ILE AC 52 -41.28 -43.14 -58.86
CA ILE AC 52 -40.49 -42.30 -59.76
C ILE AC 52 -40.59 -42.82 -61.19
N SER AC 53 -40.63 -44.14 -61.37
CA SER AC 53 -40.79 -44.70 -62.70
C SER AC 53 -42.14 -44.33 -63.30
N GLU AC 54 -43.20 -44.38 -62.49
CA GLU AC 54 -44.52 -43.99 -62.99
C GLU AC 54 -44.57 -42.51 -63.33
N ALA AC 55 -43.95 -41.67 -62.50
CA ALA AC 55 -43.99 -40.22 -62.74
C ALA AC 55 -42.94 -39.76 -63.72
N SER AC 56 -42.09 -40.65 -64.23
CA SER AC 56 -41.08 -40.24 -65.20
C SER AC 56 -41.72 -39.89 -66.54
N VAL AC 57 -41.21 -38.83 -67.17
CA VAL AC 57 -41.62 -38.48 -68.52
C VAL AC 57 -41.00 -39.38 -69.56
N PHE AC 58 -40.04 -40.22 -69.16
CA PHE AC 58 -39.38 -41.14 -70.07
C PHE AC 58 -39.86 -42.56 -69.78
N ASP AC 59 -39.63 -43.44 -70.74
CA ASP AC 59 -39.98 -44.85 -70.56
C ASP AC 59 -38.81 -45.65 -70.02
N ALA AC 60 -37.70 -45.68 -70.74
CA ALA AC 60 -36.51 -46.41 -70.32
C ALA AC 60 -35.50 -45.47 -69.69
N TYR AC 61 -35.86 -44.88 -68.56
CA TYR AC 61 -35.00 -43.96 -67.84
C TYR AC 61 -34.27 -44.73 -66.74
N VAL AC 62 -32.95 -44.75 -66.81
CA VAL AC 62 -32.13 -45.41 -65.81
C VAL AC 62 -31.90 -44.43 -64.66
N LEU AC 63 -32.28 -44.84 -63.45
CA LEU AC 63 -32.15 -43.97 -62.30
C LEU AC 63 -30.67 -43.75 -61.96
N PRO AC 64 -30.27 -42.52 -61.68
CA PRO AC 64 -28.86 -42.24 -61.42
C PRO AC 64 -28.41 -42.83 -60.10
N LYS AC 65 -27.10 -43.05 -60.00
CA LYS AC 65 -26.48 -43.55 -58.78
C LYS AC 65 -25.86 -42.40 -58.02
N LEU AC 66 -25.42 -42.71 -56.79
CA LEU AC 66 -24.79 -41.76 -55.91
C LEU AC 66 -23.52 -42.40 -55.38
N TYR AC 67 -22.38 -41.77 -55.66
CA TYR AC 67 -21.06 -42.34 -55.41
C TYR AC 67 -20.39 -41.50 -54.33
N VAL AC 68 -20.23 -42.07 -53.14
CA VAL AC 68 -19.66 -41.33 -52.02
C VAL AC 68 -18.58 -42.18 -51.37
N LYS AC 69 -17.40 -41.60 -51.20
CA LYS AC 69 -16.31 -42.23 -50.46
C LYS AC 69 -16.28 -41.64 -49.06
N LEU AC 70 -16.46 -42.49 -48.06
CA LEU AC 70 -16.52 -42.08 -46.67
C LEU AC 70 -15.26 -42.54 -45.95
N HIS AC 71 -14.67 -41.63 -45.17
CA HIS AC 71 -13.51 -41.92 -44.35
C HIS AC 71 -13.89 -41.81 -42.89
N TYR AC 72 -13.46 -42.79 -42.10
CA TYR AC 72 -13.80 -42.85 -40.69
C TYR AC 72 -12.53 -43.00 -39.85
N CYS AC 73 -12.47 -42.25 -38.76
CA CYS AC 73 -11.56 -42.63 -37.69
C CYS AC 73 -12.09 -43.91 -37.05
N VAL AC 74 -11.21 -44.64 -36.36
CA VAL AC 74 -11.64 -45.93 -35.85
C VAL AC 74 -12.68 -45.74 -34.76
N SER AC 75 -12.67 -44.60 -34.07
CA SER AC 75 -13.66 -44.34 -33.04
C SER AC 75 -15.06 -44.27 -33.65
N CYS AC 76 -15.23 -43.45 -34.68
CA CYS AC 76 -16.53 -43.37 -35.35
C CYS AC 76 -16.87 -44.65 -36.07
N ALA AC 77 -15.88 -45.35 -36.61
CA ALA AC 77 -16.16 -46.62 -37.27
C ALA AC 77 -16.73 -47.64 -36.29
N ILE AC 78 -16.12 -47.74 -35.10
CA ILE AC 78 -16.61 -48.67 -34.09
C ILE AC 78 -17.96 -48.24 -33.55
N HIS AC 79 -18.14 -46.92 -33.34
CA HIS AC 79 -19.42 -46.45 -32.82
C HIS AC 79 -20.55 -46.65 -33.83
N SER AC 80 -20.25 -46.53 -35.11
CA SER AC 80 -21.24 -46.72 -36.16
C SER AC 80 -21.33 -48.18 -36.63
N LYS AC 81 -20.51 -49.06 -36.06
CA LYS AC 81 -20.59 -50.50 -36.27
C LYS AC 81 -20.28 -50.92 -37.69
N VAL AC 82 -19.58 -50.09 -38.45
CA VAL AC 82 -19.05 -50.57 -39.73
C VAL AC 82 -17.94 -51.58 -39.50
N VAL AC 83 -17.14 -51.40 -38.46
CA VAL AC 83 -16.15 -52.39 -38.05
C VAL AC 83 -16.48 -52.83 -36.64
N ARG AC 84 -16.02 -54.04 -36.31
CA ARG AC 84 -16.29 -54.64 -35.01
C ARG AC 84 -14.99 -55.20 -34.45
N ASN AC 85 -14.92 -55.31 -33.13
CA ASN AC 85 -13.79 -55.98 -32.53
C ASN AC 85 -13.82 -57.47 -32.84
N ARG AC 86 -12.63 -58.06 -32.95
CA ARG AC 86 -12.50 -59.46 -33.33
C ARG AC 86 -11.55 -60.16 -32.38
N SER AC 87 -11.57 -61.49 -32.41
CA SER AC 87 -10.69 -62.27 -31.58
C SER AC 87 -9.25 -62.11 -32.05
N ARG AC 88 -8.31 -62.57 -31.21
CA ARG AC 88 -6.90 -62.44 -31.53
C ARG AC 88 -6.54 -63.16 -32.82
N GLU AC 89 -7.13 -64.34 -33.05
CA GLU AC 89 -6.91 -65.04 -34.30
C GLU AC 89 -7.69 -64.44 -35.46
N ALA AC 90 -8.90 -63.94 -35.20
CA ALA AC 90 -9.73 -63.42 -36.27
C ALA AC 90 -9.30 -62.04 -36.74
N ARG AC 91 -8.47 -61.34 -35.97
CA ARG AC 91 -7.98 -60.04 -36.43
C ARG AC 91 -7.06 -60.18 -37.63
N LYS AC 92 -6.46 -61.35 -37.83
CA LYS AC 92 -5.38 -61.48 -38.80
C LYS AC 92 -5.87 -61.57 -40.24
N ASP AC 93 -7.14 -61.82 -40.49
CA ASP AC 93 -7.60 -61.93 -41.87
C ASP AC 93 -7.99 -60.56 -42.42
N ARG AC 94 -7.88 -60.43 -43.73
CA ARG AC 94 -8.18 -59.19 -44.42
C ARG AC 94 -9.28 -59.34 -45.45
N THR AC 95 -9.90 -60.51 -45.55
CA THR AC 95 -10.95 -60.73 -46.53
C THR AC 95 -12.16 -59.90 -46.15
N PRO AC 96 -12.69 -59.09 -47.07
CA PRO AC 96 -13.88 -58.29 -46.76
C PRO AC 96 -15.09 -59.18 -46.55
N PRO AC 97 -16.10 -58.72 -45.81
CA PRO AC 97 -17.27 -59.53 -45.59
C PRO AC 97 -18.01 -59.77 -46.90
N PRO AC 98 -18.69 -60.91 -47.03
CA PRO AC 98 -19.36 -61.24 -48.29
C PRO AC 98 -20.50 -60.27 -48.60
N ARG AC 99 -20.75 -60.09 -49.90
CA ARG AC 99 -21.80 -59.18 -50.35
C ARG AC 99 -23.19 -59.74 -50.14
N PHE AC 100 -23.33 -61.05 -49.92
CA PHE AC 100 -24.62 -61.73 -49.78
C PHE AC 100 -25.53 -61.46 -50.98
N ARG AC 101 -25.07 -61.89 -52.14
CA ARG AC 101 -25.85 -61.73 -53.36
C ARG AC 101 -27.19 -62.46 -53.35
N PRO AC 102 -27.33 -63.71 -52.84
CA PRO AC 102 -28.68 -64.27 -53.03
C PRO AC 102 -29.69 -63.76 -52.01
N PRO BC 1 16.07 -80.15 -50.45
CA PRO BC 1 17.04 -81.11 -50.97
C PRO BC 1 18.39 -81.00 -50.27
N LEU BC 2 18.67 -81.94 -49.37
CA LEU BC 2 19.91 -81.88 -48.61
C LEU BC 2 21.12 -82.34 -49.41
N ALA BC 3 20.91 -83.04 -50.52
CA ALA BC 3 22.01 -83.64 -51.26
C ALA BC 3 22.08 -83.12 -52.68
N LYS BC 4 21.92 -81.81 -52.84
CA LYS BC 4 22.17 -81.19 -54.13
C LYS BC 4 23.65 -81.24 -54.45
N ASP BC 5 23.99 -81.57 -55.70
CA ASP BC 5 25.38 -81.68 -56.13
C ASP BC 5 25.83 -80.27 -56.50
N LEU BC 6 26.55 -79.63 -55.60
CA LEU BC 6 27.04 -78.28 -55.87
C LEU BC 6 28.22 -78.30 -56.83
N LEU BC 7 28.98 -79.41 -56.87
CA LEU BC 7 30.16 -79.48 -57.71
C LEU BC 7 29.81 -79.48 -59.18
N HIS BC 8 28.74 -80.17 -59.56
CA HIS BC 8 28.40 -80.38 -60.96
C HIS BC 8 26.95 -79.97 -61.22
N PRO BC 9 26.70 -78.68 -61.33
CA PRO BC 9 25.36 -78.23 -61.72
C PRO BC 9 25.16 -78.34 -63.21
N SER BC 10 23.94 -78.71 -63.61
CA SER BC 10 23.64 -78.85 -65.02
C SER BC 10 23.57 -77.48 -65.68
N PRO BC 11 23.79 -77.42 -67.00
CA PRO BC 11 23.84 -76.10 -67.67
C PRO BC 11 22.56 -75.30 -67.56
N GLU BC 12 21.41 -75.94 -67.33
CA GLU BC 12 20.16 -75.19 -67.23
C GLU BC 12 20.18 -74.24 -66.04
N GLU BC 13 20.49 -74.76 -64.85
CA GLU BC 13 20.57 -73.86 -63.70
C GLU BC 13 21.85 -73.04 -63.74
N GLU BC 14 22.92 -73.58 -64.35
CA GLU BC 14 24.14 -72.80 -64.51
C GLU BC 14 23.88 -71.55 -65.33
N LYS BC 15 22.96 -71.61 -66.29
CA LYS BC 15 22.61 -70.44 -67.08
C LYS BC 15 21.57 -69.58 -66.40
N ARG BC 16 20.62 -70.19 -65.67
CA ARG BC 16 19.60 -69.34 -65.03
C ARG BC 16 20.19 -68.54 -63.89
N LYS BC 17 21.28 -69.02 -63.29
CA LYS BC 17 21.88 -68.29 -62.18
C LYS BC 17 22.51 -66.98 -62.65
N HIS BC 18 22.65 -66.06 -61.71
CA HIS BC 18 23.28 -64.78 -61.98
C HIS BC 18 24.74 -64.98 -62.37
N LYS BC 19 25.27 -64.04 -63.16
CA LYS BC 19 26.62 -64.19 -63.69
C LYS BC 19 27.66 -64.30 -62.58
N LYS BC 20 27.52 -63.50 -61.52
CA LYS BC 20 28.46 -63.57 -60.42
C LYS BC 20 28.23 -64.77 -59.52
N LYS BC 21 26.98 -65.23 -59.42
CA LYS BC 21 26.63 -66.32 -58.51
C LYS BC 21 26.80 -67.69 -59.14
N ARG BC 22 27.34 -67.76 -60.34
CA ARG BC 22 27.67 -69.05 -60.92
C ARG BC 22 28.85 -69.68 -60.18
N LEU BC 23 29.10 -70.96 -60.47
CA LEU BC 23 30.26 -71.62 -59.89
C LEU BC 23 31.54 -70.92 -60.31
N VAL BC 24 31.66 -70.60 -61.60
CA VAL BC 24 32.71 -69.74 -62.13
C VAL BC 24 32.02 -68.64 -62.92
N GLN BC 25 32.50 -67.40 -62.74
CA GLN BC 25 31.88 -66.27 -63.42
C GLN BC 25 31.96 -66.41 -64.92
N SER BC 26 30.83 -66.13 -65.59
CA SER BC 26 30.76 -66.18 -67.02
C SER BC 26 29.93 -64.98 -67.48
N PRO BC 27 30.46 -64.14 -68.36
CA PRO BC 27 29.67 -63.03 -68.87
C PRO BC 27 28.51 -63.53 -69.72
N ASN BC 28 27.41 -62.80 -69.66
CA ASN BC 28 26.25 -63.08 -70.49
C ASN BC 28 26.33 -62.44 -71.86
N SER BC 29 27.33 -61.60 -72.10
CA SER BC 29 27.49 -60.90 -73.36
C SER BC 29 28.41 -61.68 -74.28
N TYR BC 30 28.57 -61.16 -75.51
CA TYR BC 30 29.36 -61.85 -76.52
C TYR BC 30 29.73 -60.85 -77.60
N PHE BC 31 30.41 -61.34 -78.63
CA PHE BC 31 30.78 -60.56 -79.79
C PHE BC 31 30.15 -61.16 -81.03
N MET BC 32 29.73 -60.30 -81.94
CA MET BC 32 29.01 -60.72 -83.13
C MET BC 32 29.60 -60.09 -84.38
N ASP BC 33 29.66 -60.90 -85.44
CA ASP BC 33 29.85 -60.37 -86.78
C ASP BC 33 28.57 -59.75 -87.29
N VAL BC 34 28.65 -58.52 -87.78
CA VAL BC 34 27.52 -57.78 -88.30
C VAL BC 34 27.80 -57.43 -89.74
N LYS BC 35 26.83 -57.71 -90.60
CA LYS BC 35 26.84 -57.39 -92.02
C LYS BC 35 25.81 -56.30 -92.26
N CYS BC 36 26.25 -55.19 -92.81
CA CYS BC 36 25.35 -54.15 -93.28
C CYS BC 36 25.01 -54.39 -94.74
N PRO BC 37 23.73 -54.36 -95.11
CA PRO BC 37 23.38 -54.54 -96.53
C PRO BC 37 23.96 -53.43 -97.39
N GLY BC 38 24.41 -53.80 -98.58
CA GLY BC 38 25.10 -52.86 -99.43
C GLY BC 38 26.55 -52.62 -99.07
N CYS BC 39 27.10 -53.40 -98.14
CA CYS BC 39 28.50 -53.29 -97.77
C CYS BC 39 29.11 -54.68 -97.70
N TYR BC 40 30.42 -54.74 -97.89
CA TYR BC 40 31.14 -56.00 -97.92
C TYR BC 40 31.88 -56.33 -96.63
N LYS BC 41 32.36 -55.32 -95.92
CA LYS BC 41 33.16 -55.57 -94.73
C LYS BC 41 32.29 -56.06 -93.58
N ILE BC 42 32.94 -56.69 -92.60
CA ILE BC 42 32.27 -57.32 -91.47
C ILE BC 42 32.67 -56.55 -90.22
N THR BC 43 31.70 -56.19 -89.40
CA THR BC 43 31.98 -55.41 -88.19
C THR BC 43 31.84 -56.28 -86.96
N THR BC 44 32.85 -56.24 -86.09
CA THR BC 44 32.79 -56.96 -84.82
C THR BC 44 32.18 -56.05 -83.77
N VAL BC 45 31.02 -56.44 -83.24
CA VAL BC 45 30.23 -55.59 -82.35
C VAL BC 45 29.98 -56.34 -81.04
N PHE BC 46 30.18 -55.64 -79.94
CA PHE BC 46 29.79 -56.12 -78.62
C PHE BC 46 28.27 -56.21 -78.52
N SER BC 47 27.77 -57.29 -77.92
CA SER BC 47 26.32 -57.47 -77.83
C SER BC 47 25.66 -56.41 -76.96
N HIS BC 48 26.35 -55.92 -75.96
CA HIS BC 48 25.83 -54.92 -75.04
C HIS BC 48 26.49 -53.57 -75.27
N ALA BC 49 26.71 -53.22 -76.54
CA ALA BC 49 27.45 -52.02 -76.88
C ALA BC 49 26.74 -50.77 -76.39
N GLN BC 50 27.51 -49.85 -75.81
CA GLN BC 50 26.97 -48.61 -75.29
C GLN BC 50 27.09 -47.45 -76.27
N THR BC 51 27.75 -47.64 -77.41
CA THR BC 51 27.96 -46.58 -78.38
C THR BC 51 27.33 -46.97 -79.70
N VAL BC 52 27.00 -45.96 -80.51
CA VAL BC 52 26.48 -46.20 -81.84
C VAL BC 52 27.63 -46.63 -82.72
N VAL BC 53 27.63 -47.89 -83.14
CA VAL BC 53 28.69 -48.41 -84.00
C VAL BC 53 28.38 -48.04 -85.44
N LEU BC 54 29.36 -47.45 -86.12
CA LEU BC 54 29.20 -46.96 -87.48
C LEU BC 54 30.20 -47.67 -88.39
N CYS BC 55 29.80 -47.85 -89.65
CA CYS BC 55 30.71 -48.35 -90.66
C CYS BC 55 31.61 -47.23 -91.15
N VAL BC 56 32.86 -47.57 -91.47
CA VAL BC 56 33.79 -46.58 -91.99
C VAL BC 56 33.64 -46.40 -93.50
N GLY BC 57 33.06 -47.36 -94.20
CA GLY BC 57 32.82 -47.26 -95.62
C GLY BC 57 31.44 -46.78 -96.00
N CYS BC 58 30.56 -46.59 -95.02
CA CYS BC 58 29.21 -46.11 -95.28
C CYS BC 58 28.72 -45.34 -94.08
N SER BC 59 28.00 -44.24 -94.34
CA SER BC 59 27.44 -43.40 -93.28
C SER BC 59 26.12 -44.02 -92.80
N THR BC 60 26.24 -45.19 -92.16
CA THR BC 60 25.09 -45.91 -91.66
C THR BC 60 25.37 -46.40 -90.25
N VAL BC 61 24.32 -46.42 -89.43
CA VAL BC 61 24.42 -46.90 -88.07
C VAL BC 61 24.12 -48.39 -88.05
N LEU BC 62 24.87 -49.13 -87.22
CA LEU BC 62 24.68 -50.56 -87.11
C LEU BC 62 23.88 -50.96 -85.89
N CYS BC 63 24.13 -50.32 -84.75
CA CYS BC 63 23.42 -50.65 -83.51
C CYS BC 63 23.10 -49.37 -82.77
N GLN BC 64 22.02 -49.42 -81.99
CA GLN BC 64 21.63 -48.34 -81.11
C GLN BC 64 21.72 -48.81 -79.67
N PRO BC 65 22.38 -48.07 -78.79
CA PRO BC 65 22.49 -48.52 -77.39
C PRO BC 65 21.15 -48.48 -76.68
N THR BC 66 20.86 -49.55 -75.93
CA THR BC 66 19.66 -49.63 -75.12
C THR BC 66 20.05 -49.92 -73.69
N GLY BC 67 19.07 -50.26 -72.84
CA GLY BC 67 19.37 -50.55 -71.46
C GLY BC 67 20.28 -51.77 -71.30
N GLY BC 68 19.93 -52.86 -71.96
CA GLY BC 68 20.71 -54.08 -71.80
C GLY BC 68 21.54 -54.51 -73.00
N LYS BC 69 20.97 -54.45 -74.19
CA LYS BC 69 21.63 -54.95 -75.38
C LYS BC 69 21.48 -53.94 -76.52
N ALA BC 70 22.53 -53.83 -77.32
CA ALA BC 70 22.49 -52.95 -78.48
C ALA BC 70 21.49 -53.49 -79.49
N ARG BC 71 20.52 -52.67 -79.86
CA ARG BC 71 19.52 -53.07 -80.84
C ARG BC 71 20.08 -52.85 -82.24
N LEU BC 72 20.23 -53.94 -82.99
CA LEU BC 72 20.77 -53.83 -84.34
C LEU BC 72 19.74 -53.21 -85.27
N THR BC 73 20.23 -52.40 -86.21
CA THR BC 73 19.35 -51.80 -87.20
C THR BC 73 18.79 -52.88 -88.13
N GLU BC 74 17.55 -52.67 -88.57
CA GLU BC 74 16.90 -53.65 -89.42
C GLU BC 74 17.58 -53.74 -90.77
N GLY BC 75 17.65 -54.95 -91.31
CA GLY BC 75 18.39 -55.25 -92.51
C GLY BC 75 19.79 -55.76 -92.27
N CYS BC 76 20.29 -55.67 -91.04
CA CYS BC 76 21.64 -56.11 -90.72
C CYS BC 76 21.63 -57.57 -90.28
N SER BC 77 22.64 -58.30 -90.70
CA SER BC 77 22.80 -59.69 -90.31
C SER BC 77 23.88 -59.80 -89.24
N PHE BC 78 23.84 -60.90 -88.48
CA PHE BC 78 24.80 -61.09 -87.40
C PHE BC 78 24.97 -62.56 -87.10
N ARG BC 79 26.19 -62.92 -86.69
CA ARG BC 79 26.47 -64.25 -86.17
C ARG BC 79 27.34 -64.13 -84.92
N ARG BC 80 27.41 -65.23 -84.17
CA ARG BC 80 28.15 -65.28 -82.92
C ARG BC 80 29.64 -65.39 -83.18
N LYS BC 81 30.43 -65.14 -82.13
CA LYS BC 81 31.84 -65.49 -82.10
C LYS BC 81 32.05 -66.69 -81.18
N GLN BC 82 32.44 -67.83 -81.77
CA GLN BC 82 32.85 -69.06 -81.09
C GLN BC 82 32.00 -69.43 -79.88
N HIS BC 83 30.68 -69.28 -80.00
CA HIS BC 83 29.73 -69.55 -78.91
C HIS BC 83 30.04 -68.75 -77.66
N VAL CC 1 7.47 -34.85 22.97
CA VAL CC 1 7.13 -36.23 22.66
C VAL CC 1 5.64 -36.44 22.94
N HIS CC 2 5.01 -37.37 22.22
CA HIS CC 2 3.60 -37.65 22.41
C HIS CC 2 3.31 -38.36 23.73
N GLY CC 3 4.33 -38.83 24.44
CA GLY CC 3 4.12 -39.38 25.76
C GLY CC 3 3.62 -40.81 25.78
N SER CC 4 4.38 -41.73 25.21
CA SER CC 4 4.01 -43.15 25.20
C SER CC 4 5.13 -44.02 25.76
N LEU CC 5 6.11 -43.44 26.44
CA LEU CC 5 7.25 -44.16 26.97
C LEU CC 5 6.98 -44.76 28.34
N ALA CC 6 5.79 -44.55 28.90
CA ALA CC 6 5.47 -45.02 30.24
C ALA CC 6 5.23 -46.52 30.32
N ARG CC 7 5.14 -47.20 29.18
CA ARG CC 7 4.83 -48.62 29.16
C ARG CC 7 6.05 -49.49 28.90
N ALA CC 8 7.25 -48.94 29.01
CA ALA CC 8 8.46 -49.69 28.72
C ALA CC 8 8.64 -50.84 29.71
N GLY CC 9 8.95 -52.02 29.19
CA GLY CC 9 9.14 -53.18 30.03
C GLY CC 9 7.89 -53.74 30.65
N LYS CC 10 6.72 -53.46 30.05
CA LYS CC 10 5.46 -53.82 30.68
C LYS CC 10 5.29 -55.32 30.80
N VAL CC 11 5.46 -56.05 29.70
CA VAL CC 11 5.21 -57.49 29.72
C VAL CC 11 6.29 -58.21 30.53
N ARG CC 12 7.53 -57.78 30.40
CA ARG CC 12 8.59 -58.39 31.20
C ARG CC 12 8.38 -58.12 32.68
N GLY CC 13 7.74 -57.00 33.02
CA GLY CC 13 7.35 -56.77 34.42
C GLY CC 13 6.23 -57.70 34.87
N GLN CC 14 5.18 -57.83 34.05
CA GLN CC 14 4.04 -58.64 34.46
C GLN CC 14 4.28 -60.14 34.37
N THR CC 15 5.36 -60.57 33.72
CA THR CC 15 5.59 -62.00 33.56
C THR CC 15 5.89 -62.64 34.90
N PRO CC 16 5.14 -63.67 35.31
CA PRO CC 16 5.45 -64.34 36.58
C PRO CC 16 6.82 -64.98 36.55
N LYS CC 17 7.54 -64.87 37.66
CA LYS CC 17 8.91 -65.35 37.76
C LYS CC 17 8.90 -66.79 38.23
N VAL CC 18 9.17 -67.71 37.31
CA VAL CC 18 9.33 -69.13 37.62
C VAL CC 18 10.81 -69.46 37.53
N ALA CC 19 11.31 -70.19 38.51
CA ALA CC 19 12.73 -70.50 38.56
C ALA CC 19 13.06 -71.68 37.64
N LYS CC 20 14.31 -71.71 37.18
CA LYS CC 20 14.77 -72.83 36.39
C LYS CC 20 14.86 -74.08 37.25
N GLN CC 21 14.38 -75.20 36.73
CA GLN CC 21 14.48 -76.47 37.45
C GLN CC 21 15.92 -76.93 37.47
N GLU CC 22 16.40 -77.31 38.65
CA GLU CC 22 17.76 -77.82 38.77
C GLU CC 22 17.83 -79.20 38.14
N LYS CC 23 18.79 -79.38 37.24
CA LYS CC 23 18.88 -80.59 36.43
C LYS CC 23 20.32 -81.09 36.42
N LYS CC 24 20.47 -82.35 36.04
CA LYS CC 24 21.78 -82.95 35.93
C LYS CC 24 22.59 -82.26 34.83
N LYS CC 25 23.90 -82.20 35.04
CA LYS CC 25 24.78 -81.57 34.06
C LYS CC 25 24.76 -82.35 32.75
N LYS CC 26 25.00 -81.64 31.65
CA LYS CC 26 25.03 -82.23 30.34
C LYS CC 26 26.46 -82.54 29.94
N LYS CC 27 26.67 -83.70 29.33
CA LYS CC 27 27.99 -84.03 28.81
C LYS CC 27 28.37 -83.07 27.70
N THR CC 28 29.65 -82.77 27.61
CA THR CC 28 30.16 -81.81 26.63
C THR CC 28 31.29 -82.42 25.83
N GLY CC 29 31.40 -82.00 24.58
CA GLY CC 29 32.53 -82.39 23.75
C GLY CC 29 32.31 -83.74 23.10
N ARG CC 30 33.32 -84.59 23.20
CA ARG CC 30 33.26 -85.89 22.53
C ARG CC 30 32.14 -86.75 23.10
N ALA CC 31 31.90 -86.66 24.41
CA ALA CC 31 30.79 -87.41 25.00
C ALA CC 31 29.46 -86.92 24.47
N LYS CC 32 29.29 -85.60 24.32
CA LYS CC 32 28.04 -85.08 23.76
C LYS CC 32 27.84 -85.55 22.33
N ARG CC 33 28.91 -85.52 21.53
CA ARG CC 33 28.81 -86.00 20.16
C ARG CC 33 28.47 -87.48 20.12
N ARG CC 34 29.07 -88.27 21.01
CA ARG CC 34 28.76 -89.69 21.10
C ARG CC 34 27.29 -89.91 21.44
N MET CC 35 26.78 -89.14 22.41
CA MET CC 35 25.41 -89.31 22.84
C MET CC 35 24.44 -88.97 21.71
N GLN CC 36 24.65 -87.84 21.04
CA GLN CC 36 23.70 -87.45 20.01
C GLN CC 36 23.89 -88.24 18.72
N TYR CC 37 25.04 -88.90 18.54
CA TYR CC 37 25.17 -89.85 17.45
C TYR CC 37 24.42 -91.14 17.77
N ASN CC 38 24.51 -91.59 19.03
CA ASN CC 38 23.82 -92.81 19.43
C ASN CC 38 22.31 -92.63 19.36
N ARG CC 39 21.82 -91.45 19.73
CA ARG CC 39 20.37 -91.25 19.75
C ARG CC 39 19.75 -91.37 18.36
N ARG CC 40 20.42 -90.84 17.34
CA ARG CC 40 19.80 -90.71 16.03
C ARG CC 40 20.45 -91.56 14.95
N PHE CC 41 21.41 -92.43 15.30
CA PHE CC 41 21.97 -93.32 14.29
C PHE CC 41 21.92 -94.80 14.63
N VAL CC 42 21.86 -95.17 15.91
CA VAL CC 42 21.77 -96.58 16.30
C VAL CC 42 20.53 -96.74 17.18
N ASN CC 43 19.40 -97.07 16.55
CA ASN CC 43 18.13 -97.31 17.20
C ASN CC 43 17.16 -97.85 16.15
N VAL CC 44 16.25 -98.72 16.61
CA VAL CC 44 15.20 -99.27 15.77
C VAL CC 44 13.88 -99.11 16.50
N VAL CC 45 12.95 -98.40 15.91
CA VAL CC 45 11.63 -98.15 16.51
C VAL CC 45 10.57 -98.91 15.70
N PRO CC 46 9.71 -99.68 16.35
CA PRO CC 46 8.62 -100.36 15.63
C PRO CC 46 7.35 -99.55 15.49
N THR CC 47 7.36 -98.27 15.82
CA THR CC 47 6.16 -97.44 15.86
C THR CC 47 6.11 -96.54 14.63
N PHE CC 48 4.91 -96.35 14.10
CA PHE CC 48 4.69 -95.47 12.97
C PHE CC 48 4.85 -94.01 13.40
N GLY CC 49 4.69 -93.09 12.44
CA GLY CC 49 4.84 -91.68 12.73
C GLY CC 49 5.49 -90.90 11.61
N LYS CC 50 5.90 -91.60 10.55
CA LYS CC 50 6.47 -91.00 9.34
C LYS CC 50 7.71 -90.16 9.66
N LYS CC 51 8.57 -90.69 10.53
CA LYS CC 51 9.86 -90.09 10.88
C LYS CC 51 9.67 -88.69 11.46
N LYS CC 52 9.01 -88.66 12.62
CA LYS CC 52 8.71 -87.43 13.32
C LYS CC 52 10.00 -86.81 13.87
N GLY CC 53 9.96 -85.49 14.05
CA GLY CC 53 11.13 -84.72 14.43
C GLY CC 53 11.62 -85.00 15.84
N PRO CC 54 12.84 -84.55 16.14
CA PRO CC 54 13.44 -84.88 17.44
C PRO CC 54 12.78 -84.21 18.63
N ASN CC 55 11.98 -83.17 18.41
CA ASN CC 55 11.29 -82.48 19.49
C ASN CC 55 9.78 -82.66 19.37
N ALA CC 56 9.36 -83.90 19.13
CA ALA CC 56 7.94 -84.21 18.98
C ALA CC 56 7.16 -83.85 20.23
N ASN CC 57 6.08 -83.10 20.06
CA ASN CC 57 5.21 -82.74 21.16
C ASN CC 57 3.98 -83.67 21.15
N SER CC 58 4.26 -84.94 21.41
CA SER CC 58 3.21 -85.95 21.46
C SER CC 58 2.49 -85.91 22.79
P A2M DC 27 40.95 -54.25 17.31
OP1 A2M DC 27 42.11 -53.93 18.20
O5' A2M DC 27 39.33 -53.67 17.88
C5' A2M DC 27 39.19 -52.34 17.98
C4' A2M DC 27 37.71 -51.99 18.05
O4' A2M DC 27 37.09 -52.38 16.85
C3' A2M DC 27 37.01 -52.70 19.18
O3' A2M DC 27 37.38 -52.08 20.36
C2' A2M DC 27 35.57 -52.63 18.71
O2' A2M DC 27 35.03 -51.34 18.82
C1' A2M DC 27 35.85 -52.93 17.24
CM' A2M DC 27 33.83 -51.26 18.15
N9 A2M DC 27 35.82 -54.32 16.85
C8 A2M DC 27 36.82 -55.23 16.51
N7 A2M DC 27 36.34 -56.45 16.21
C5 A2M DC 27 34.97 -56.29 16.36
C6 A2M DC 27 33.90 -57.13 16.22
N6 A2M DC 27 34.04 -58.45 15.83
N1 A2M DC 27 32.62 -56.73 16.43
C2 A2M DC 27 32.47 -55.45 16.80
N3 A2M DC 27 33.39 -54.49 17.00
C4 A2M DC 27 34.63 -54.99 16.76
OP2 A2M DC 27 40.47 -55.67 17.23
N1 PSU DC 93 72.87 -44.10 13.48
C2 PSU DC 93 72.67 -44.69 14.71
N3 PSU DC 93 73.03 -46.00 14.91
C4 PSU DC 93 73.60 -46.73 13.89
C5 PSU DC 93 73.80 -46.13 12.64
C6 PSU DC 93 73.43 -44.81 12.48
O2 PSU DC 93 72.17 -44.05 15.62
O4 PSU DC 93 73.92 -47.90 14.09
C1' PSU DC 93 74.41 -46.90 11.51
C2' PSU DC 93 73.37 -47.92 11.02
O2' PSU DC 93 74.06 -49.03 10.48
C3' PSU DC 93 72.68 -47.13 9.92
C4' PSU DC 93 73.84 -46.37 9.29
O3' PSU DC 93 71.98 -47.95 9.00
O4' PSU DC 93 74.68 -46.03 10.43
C5' PSU DC 93 73.46 -45.11 8.56
O5' PSU DC 93 72.80 -44.21 9.43
P PSU DC 93 72.29 -42.80 8.88
OP1 PSU DC 93 71.67 -43.07 7.57
OP2 PSU DC 93 71.48 -42.15 9.92
P A2M DC 99 50.01 -40.48 6.48
OP1 A2M DC 99 48.95 -41.29 7.14
O5' A2M DC 99 50.53 -39.01 7.38
C5' A2M DC 99 49.71 -37.96 7.34
C4' A2M DC 99 50.53 -36.68 7.19
O4' A2M DC 99 51.73 -36.83 7.88
C3' A2M DC 99 50.86 -36.39 5.74
O3' A2M DC 99 49.72 -35.91 5.14
C2' A2M DC 99 52.07 -35.50 5.91
O2' A2M DC 99 51.76 -34.22 6.40
C1' A2M DC 99 52.73 -36.31 7.03
CM' A2M DC 99 52.85 -33.36 6.21
N9 A2M DC 99 53.58 -37.38 6.59
C8 A2M DC 99 53.43 -38.77 6.59
N7 A2M DC 99 54.50 -39.40 6.08
C5 A2M DC 99 55.35 -38.37 5.74
C6 A2M DC 99 56.61 -38.31 5.18
N6 A2M DC 99 57.29 -39.46 4.82
N1 A2M DC 99 57.26 -37.16 4.94
C2 A2M DC 99 56.58 -36.03 5.30
N3 A2M DC 99 55.38 -35.90 5.84
C4 A2M DC 99 54.80 -37.10 6.05
OP2 A2M DC 99 49.68 -39.73 5.23
N1 PSU DC 105 57.80 -42.67 -8.48
C2 PSU DC 105 56.95 -43.75 -8.40
N3 PSU DC 105 56.72 -44.36 -7.19
C4 PSU DC 105 57.33 -43.88 -6.06
C5 PSU DC 105 58.19 -42.79 -6.15
C6 PSU DC 105 58.40 -42.19 -7.38
O2 PSU DC 105 56.41 -44.19 -9.41
O4 PSU DC 105 57.10 -44.43 -4.99
C1' PSU DC 105 58.85 -42.22 -4.92
C2' PSU DC 105 59.92 -43.15 -4.39
O2' PSU DC 105 59.98 -42.99 -2.98
C3' PSU DC 105 61.17 -42.60 -5.04
C4' PSU DC 105 60.90 -41.11 -5.03
O3' PSU DC 105 62.36 -42.96 -4.39
O4' PSU DC 105 59.48 -40.99 -5.25
C5' PSU DC 105 61.63 -40.31 -6.08
O5' PSU DC 105 61.40 -40.82 -7.37
P PSU DC 105 61.83 -40.01 -8.67
OP1 PSU DC 105 63.25 -39.65 -8.52
OP2 PSU DC 105 61.39 -40.79 -9.84
N1 PSU DC 109 66.75 -51.69 -13.58
C2 PSU DC 109 66.87 -50.33 -13.80
N3 PSU DC 109 66.96 -49.85 -15.07
C4 PSU DC 109 66.93 -50.71 -16.13
C5 PSU DC 109 66.80 -52.07 -15.92
C6 PSU DC 109 66.71 -52.54 -14.62
O2 PSU DC 109 66.91 -49.57 -12.83
O4 PSU DC 109 67.01 -50.28 -17.28
C1' PSU DC 109 66.75 -53.02 -17.08
C2' PSU DC 109 68.12 -53.36 -17.65
O2' PSU DC 109 67.99 -53.56 -19.04
C3' PSU DC 109 68.42 -54.69 -16.94
C4' PSU DC 109 67.04 -55.34 -16.86
O3' PSU DC 109 69.37 -55.48 -17.62
O4' PSU DC 109 66.14 -54.23 -16.66
C5' PSU DC 109 66.86 -56.33 -15.76
O5' PSU DC 109 67.19 -55.77 -14.49
P PSU DC 109 67.10 -56.62 -13.17
OP1 PSU DC 109 67.72 -57.93 -13.44
OP2 PSU DC 109 67.60 -55.80 -12.05
N1 OMU DC 116 82.81 -39.99 -6.21
C2 OMU DC 116 81.99 -41.12 -5.62
N3 OMU DC 116 81.85 -42.40 -6.37
C4 OMU DC 116 82.50 -42.57 -7.66
C5 OMU DC 116 83.30 -41.45 -8.23
C6 OMU DC 116 83.44 -40.19 -7.48
O2 OMU DC 116 81.44 -40.97 -4.54
O4 OMU DC 116 82.40 -43.53 -8.24
C1' OMU DC 116 82.96 -38.71 -5.50
C2' OMU DC 116 83.99 -38.77 -4.38
O2' OMU DC 116 83.58 -37.89 -3.34
CM2 OMU DC 116 82.46 -38.34 -2.64
C3' OMU DC 116 85.23 -38.21 -5.08
C4' OMU DC 116 84.63 -37.16 -6.01
O3' OMU DC 116 86.19 -37.68 -4.19
O4' OMU DC 116 83.37 -37.73 -6.42
C5' OMU DC 116 85.46 -36.82 -7.23
O5' OMU DC 116 85.65 -37.97 -8.04
P OMU DC 116 86.02 -37.83 -9.59
OP1 OMU DC 116 87.13 -36.83 -9.70
OP2 OMU DC 116 86.18 -39.21 -10.16
N1 OMU DC 121 92.69 -54.01 0.96
C2 OMU DC 121 92.77 -53.34 -0.38
N3 OMU DC 121 92.92 -51.86 -0.48
C4 OMU DC 121 93.01 -51.07 0.75
C5 OMU DC 121 92.94 -51.74 2.08
C6 OMU DC 121 92.78 -53.20 2.16
O2 OMU DC 121 92.69 -54.00 -1.39
O4 OMU DC 121 93.13 -49.95 0.68
C1' OMU DC 121 92.53 -55.47 1.06
C2' OMU DC 121 93.83 -56.21 0.76
O2' OMU DC 121 93.50 -57.49 0.23
CM2 OMU DC 121 93.55 -57.55 -1.16
C3' OMU DC 121 94.40 -56.37 2.16
C4' OMU DC 121 93.16 -56.66 2.98
O3' OMU DC 121 95.39 -57.37 2.26
O4' OMU DC 121 92.15 -55.81 2.38
C5' OMU DC 121 93.27 -56.36 4.45
O5' OMU DC 121 93.83 -55.08 4.68
P OMU DC 121 93.72 -54.39 6.10
OP1 OMU DC 121 94.34 -55.30 7.11
OP2 OMU DC 121 94.22 -52.96 5.94
P A2M DC 159 73.69 -19.85 41.59
OP1 A2M DC 159 74.13 -21.12 42.24
O5' A2M DC 159 72.88 -20.74 40.20
C5' A2M DC 159 72.00 -21.71 40.53
C4' A2M DC 159 71.08 -21.98 39.35
O4' A2M DC 159 70.40 -20.79 39.00
C3' A2M DC 159 71.86 -22.46 38.13
O3' A2M DC 159 72.09 -23.81 38.31
C2' A2M DC 159 71.00 -21.97 36.96
O2' A2M DC 159 69.89 -22.80 36.69
C1' A2M DC 159 70.50 -20.65 37.60
CM' A2M DC 159 69.00 -22.15 35.83
N9 A2M DC 159 71.29 -19.48 37.30
C8 A2M DC 159 72.37 -18.87 37.94
N7 A2M DC 159 72.81 -17.78 37.29
C5 A2M DC 159 71.97 -17.69 36.20
C6 A2M DC 159 71.87 -16.82 35.14
N6 A2M DC 159 72.71 -15.73 35.01
N1 A2M DC 159 70.93 -16.95 34.16
C2 A2M DC 159 70.09 -18.01 34.30
N3 A2M DC 159 70.05 -18.95 35.24
C4 A2M DC 159 71.01 -18.74 36.17
OP2 A2M DC 159 74.70 -18.83 41.20
P A2M DC 166 95.60 -14.27 32.24
OP1 A2M DC 166 96.66 -13.39 31.63
O5' A2M DC 166 96.68 -14.76 33.61
C5' A2M DC 166 96.97 -13.82 34.51
C4' A2M DC 166 97.51 -14.45 35.77
O4' A2M DC 166 96.44 -14.92 36.56
C3' A2M DC 166 98.40 -15.62 35.45
O3' A2M DC 166 99.59 -15.09 34.97
C2' A2M DC 166 98.37 -16.40 36.76
O2' A2M DC 166 99.15 -15.81 37.76
C1' A2M DC 166 96.87 -16.17 37.06
CM' A2M DC 166 98.90 -16.43 39.00
N9 A2M DC 166 95.99 -17.19 36.56
C8 A2M DC 166 95.03 -17.21 35.55
N7 A2M DC 166 94.44 -18.41 35.41
C5 A2M DC 166 95.06 -19.19 36.39
C6 A2M DC 166 94.93 -20.50 36.79
N6 A2M DC 166 94.03 -21.36 36.19
N1 A2M DC 166 95.67 -21.03 37.80
C2 A2M DC 166 96.55 -20.19 38.38
N3 A2M DC 166 96.80 -18.90 38.12
C4 A2M DC 166 96.03 -18.45 37.11
OP2 A2M DC 166 95.03 -15.39 31.44
N1 OMU DC 172 101.04 -41.08 16.39
C2 OMU DC 172 99.72 -41.80 16.45
N3 OMU DC 172 99.69 -43.27 16.75
C4 OMU DC 172 100.93 -43.98 16.98
C5 OMU DC 172 102.23 -43.25 16.91
C6 OMU DC 172 102.27 -41.80 16.61
O2 OMU DC 172 98.68 -41.20 16.25
O4 OMU DC 172 100.92 -45.09 17.21
C1' OMU DC 172 101.05 -39.65 16.08
C2' OMU DC 172 100.75 -38.74 17.25
O2' OMU DC 172 99.37 -38.69 17.54
CM2 OMU DC 172 99.07 -37.86 18.63
C3' OMU DC 172 101.32 -37.42 16.75
C4' OMU DC 172 102.59 -37.89 16.02
O3' OMU DC 172 100.44 -36.87 15.79
O4' OMU DC 172 102.35 -39.28 15.67
C5' OMU DC 172 103.86 -37.79 16.83
O5' OMU DC 172 103.91 -38.72 17.89
P OMU DC 172 104.64 -38.38 19.26
OP1 OMU DC 172 104.68 -39.63 20.11
OP2 OMU DC 172 105.92 -37.67 18.91
N1 OMC DC 174 100.74 -28.57 16.42
C2 OMC DC 174 101.97 -28.12 16.94
N3 OMC DC 174 102.98 -29.01 17.05
C4 OMC DC 174 102.83 -30.26 16.67
C5 OMC DC 174 101.60 -30.75 16.14
C6 OMC DC 174 100.60 -29.86 16.05
O2 OMC DC 174 102.09 -26.96 17.28
N4 OMC DC 174 103.87 -31.08 16.80
C1' OMC DC 174 99.58 -27.67 16.27
C2' OMC DC 174 99.66 -26.80 15.02
O2' OMC DC 174 99.17 -25.51 15.34
CM2 OMC DC 174 100.18 -24.56 15.59
C3' OMC DC 174 98.72 -27.53 14.06
C4' OMC DC 174 97.66 -28.08 14.99
O4' OMC DC 174 98.41 -28.46 16.18
O3' OMC DC 174 98.18 -26.68 13.06
C5' OMC DC 174 96.92 -29.28 14.47
O5' OMC DC 174 97.81 -30.32 14.09
P OMC DC 174 97.29 -31.76 13.70
OP1 OMC DC 174 96.19 -31.60 12.65
OP2 OMC DC 174 98.49 -32.65 13.41
N1 OMU DC 293 59.58 -48.57 -18.75
C2 OMU DC 293 59.71 -48.97 -17.31
N3 OMU DC 293 60.33 -48.06 -16.33
C4 OMU DC 293 60.82 -46.76 -16.77
C5 OMU DC 293 60.69 -46.36 -18.20
C6 OMU DC 293 60.07 -47.28 -19.18
O2 OMU DC 293 59.31 -50.06 -16.96
O4 OMU DC 293 61.30 -46.05 -16.02
C1' OMU DC 293 58.95 -49.51 -19.70
C2' OMU DC 293 57.42 -49.37 -19.67
O2' OMU DC 293 56.86 -50.62 -20.01
CM2 OMU DC 293 56.95 -51.58 -19.00
C3' OMU DC 293 57.21 -48.37 -20.78
C4' OMU DC 293 58.22 -48.83 -21.81
O3' OMU DC 293 55.88 -48.31 -21.26
O4' OMU DC 293 59.37 -49.20 -21.01
C5' OMU DC 293 58.61 -47.83 -22.86
O5' OMU DC 293 59.07 -46.62 -22.28
P OMU DC 293 59.87 -45.56 -23.14
OP1 OMU DC 293 59.14 -45.35 -24.42
OP2 OMU DC 293 60.22 -44.41 -22.24
N1 PSU DC 345 45.45 -36.66 -4.09
C2 PSU DC 345 46.40 -37.40 -4.78
N3 PSU DC 345 46.29 -38.76 -4.85
C4 PSU DC 345 45.25 -39.40 -4.24
C5 PSU DC 345 44.31 -38.66 -3.55
C6 PSU DC 345 44.43 -37.28 -3.48
O2 PSU DC 345 47.32 -36.82 -5.33
O4 PSU DC 345 45.15 -40.62 -4.31
C1' PSU DC 345 43.16 -39.35 -2.87
C2' PSU DC 345 43.60 -39.96 -1.54
O2' PSU DC 345 42.85 -41.15 -1.33
C3' PSU DC 345 43.16 -38.88 -0.56
C4' PSU DC 345 41.87 -38.40 -1.17
O3' PSU DC 345 43.00 -39.35 0.77
O4' PSU DC 345 42.12 -38.43 -2.59
C5' PSU DC 345 41.43 -37.01 -0.76
O5' PSU DC 345 42.48 -36.07 -0.93
P PSU DC 345 42.16 -34.52 -0.93
OP1 PSU DC 345 41.48 -34.20 0.35
OP2 PSU DC 345 43.37 -33.75 -1.32
N1 OMU DC 367 57.80 -56.54 11.55
C2 OMU DC 367 57.55 -56.86 12.99
N3 OMU DC 367 56.21 -57.33 13.43
C4 OMU DC 367 55.14 -57.48 12.46
C5 OMU DC 367 55.40 -57.15 11.02
C6 OMU DC 367 56.73 -56.69 10.59
O2 OMU DC 367 58.45 -56.73 13.80
O4 OMU DC 367 54.12 -57.84 12.78
C1' OMU DC 367 59.12 -56.08 11.11
C2' OMU DC 367 59.48 -56.49 9.69
O2' OMU DC 367 59.93 -57.82 9.63
CM2 OMU DC 367 60.15 -58.28 8.33
C3' OMU DC 367 60.53 -55.45 9.33
C4' OMU DC 367 60.05 -54.20 10.07
O3' OMU DC 367 61.78 -55.85 9.86
O4' OMU DC 367 59.13 -54.67 11.09
C5' OMU DC 367 59.36 -53.16 9.23
O5' OMU DC 367 58.67 -53.73 8.12
P OMU DC 367 57.38 -53.05 7.52
OP1 OMU DC 367 57.77 -51.71 6.97
OP2 OMU DC 367 56.68 -54.06 6.64
P OMG DC 375 60.79 -32.31 16.15
OP1 OMG DC 375 61.48 -31.03 15.67
OP2 OMG DC 375 61.27 -33.04 17.39
O5' OMG DC 375 59.25 -31.94 16.35
C5' OMG DC 375 58.25 -32.51 15.54
C4' OMG DC 375 57.09 -31.58 15.36
O4' OMG DC 375 56.98 -30.68 16.49
C3' OMG DC 375 57.17 -30.64 14.17
O3' OMG DC 375 56.84 -31.27 12.94
C2' OMG DC 375 56.21 -29.54 14.58
O2' OMG DC 375 54.86 -29.99 14.45
CM2 OMG DC 375 53.90 -29.02 14.76
C1' OMG DC 375 56.53 -29.42 16.06
N9 OMG DC 375 57.59 -28.43 16.31
C8 OMG DC 375 58.83 -28.69 16.86
N7 OMG DC 375 59.56 -27.62 16.94
C5 OMG DC 375 58.78 -26.61 16.42
C6 OMG DC 375 59.06 -25.23 16.27
O6 OMG DC 375 60.06 -24.62 16.55
N1 OMG DC 375 57.97 -24.58 15.69
C2 OMG DC 375 56.79 -25.15 15.32
N2 OMG DC 375 55.87 -24.35 14.79
N3 OMG DC 375 56.54 -26.42 15.47
C4 OMG DC 375 57.55 -27.10 16.03
N1 OMC DC 401 62.48 -21.09 34.36
C2 OMC DC 401 63.22 -19.99 33.88
N3 OMC DC 401 62.68 -19.24 32.91
C4 OMC DC 401 61.50 -19.51 32.40
C5 OMC DC 401 60.73 -20.61 32.86
C6 OMC DC 401 61.28 -21.36 33.82
O2 OMC DC 401 64.31 -19.75 34.36
N4 OMC DC 401 61.03 -18.73 31.44
C1' OMC DC 401 62.98 -21.99 35.42
C2' OMC DC 401 62.94 -21.36 36.81
O2' OMC DC 401 64.03 -21.85 37.57
CM2 OMC DC 401 65.28 -21.43 37.11
C3' OMC DC 401 61.62 -21.92 37.35
C4' OMC DC 401 61.61 -23.33 36.76
O4' OMC DC 401 62.18 -23.16 35.45
O3' OMC DC 401 61.55 -21.93 38.76
C5' OMC DC 401 60.25 -23.97 36.64
O5' OMC DC 401 59.34 -23.13 35.95
P OMC DC 401 57.93 -23.68 35.48
OP1 OMC DC 401 57.22 -24.28 36.68
OP2 OMC DC 401 57.25 -22.59 34.65
P A2M DC 407 71.10 -15.43 28.07
OP1 A2M DC 407 72.49 -15.84 27.70
O5' A2M DC 407 70.69 -17.05 28.75
C5' A2M DC 407 71.59 -17.58 29.60
C4' A2M DC 407 70.97 -18.77 30.32
O4' A2M DC 407 69.87 -18.32 31.06
C3' A2M DC 407 70.46 -19.81 29.35
O3' A2M DC 407 71.56 -20.49 28.85
C2' A2M DC 407 69.45 -20.54 30.22
O2' A2M DC 407 70.06 -21.35 31.20
C1' A2M DC 407 68.86 -19.29 30.88
CM' A2M DC 407 69.10 -21.83 32.10
N9 A2M DC 407 67.76 -18.70 30.20
C8 A2M DC 407 67.62 -17.53 29.47
N7 A2M DC 407 66.37 -17.36 28.98
C5 A2M DC 407 65.69 -18.48 29.44
C6 A2M DC 407 64.40 -18.95 29.32
N6 A2M DC 407 63.45 -18.24 28.62
N1 A2M DC 407 63.98 -20.11 29.88
C2 A2M DC 407 64.92 -20.80 30.56
N3 A2M DC 407 66.21 -20.51 30.79
C4 A2M DC 407 66.53 -19.33 30.20
OP2 A2M DC 407 70.18 -14.92 27.02
P A2M DC 423 37.44 -46.07 22.39
OP1 A2M DC 423 37.77 -46.63 23.73
O5' A2M DC 423 38.72 -47.05 21.57
C5' A2M DC 423 38.78 -48.35 21.88
C4' A2M DC 423 39.60 -49.09 20.84
O4' A2M DC 423 39.00 -48.89 19.59
C3' A2M DC 423 41.02 -48.58 20.81
O3' A2M DC 423 41.73 -49.32 21.76
C2' A2M DC 423 41.40 -48.72 19.33
O2' A2M DC 423 41.90 -49.98 19.00
C1' A2M DC 423 40.01 -48.53 18.69
CM' A2M DC 423 42.37 -50.00 17.68
N9 A2M DC 423 39.72 -47.22 18.16
C8 A2M DC 423 39.15 -46.07 18.71
N7 A2M DC 423 39.08 -45.05 17.85
C5 A2M DC 423 39.63 -45.57 16.69
C6 A2M DC 423 39.86 -45.06 15.43
N6 A2M DC 423 39.52 -43.76 15.11
N1 A2M DC 423 40.43 -45.78 14.45
C2 A2M DC 423 40.76 -47.05 14.77
N3 A2M DC 423 40.61 -47.71 15.92
C4 A2M DC 423 40.04 -46.91 16.86
OP2 A2M DC 423 37.50 -44.59 22.18
P OMG DC 448 64.78 -53.34 17.91
OP1 OMG DC 448 63.93 -53.51 16.68
OP2 OMG DC 448 64.20 -52.61 19.11
O5' OMG DC 448 65.25 -54.79 18.40
C5' OMG DC 448 65.77 -55.73 17.48
C4' OMG DC 448 66.79 -56.63 18.13
O4' OMG DC 448 67.76 -55.83 18.85
C3' OMG DC 448 66.25 -57.58 19.20
O3' OMG DC 448 65.66 -58.74 18.65
C2' OMG DC 448 67.49 -57.86 20.03
O2' OMG DC 448 68.34 -58.76 19.35
CM2 OMG DC 448 69.42 -59.19 20.13
C1' OMG DC 448 68.16 -56.49 20.03
N9 OMG DC 448 67.76 -55.68 21.19
C8 OMG DC 448 67.02 -54.53 21.17
N7 OMG DC 448 66.83 -54.03 22.35
C5 OMG DC 448 67.48 -54.90 23.20
C6 OMG DC 448 67.60 -54.88 24.61
O6 OMG DC 448 67.17 -54.07 25.41
N1 OMG DC 448 68.35 -55.97 25.06
C2 OMG DC 448 68.88 -56.94 24.27
N2 OMG DC 448 69.56 -57.91 24.89
N3 OMG DC 448 68.77 -56.96 22.97
C4 OMG DC 448 68.06 -55.93 22.49
N1 OMC DC 456 45.63 -60.60 17.28
C2 OMC DC 456 46.52 -61.04 16.28
N3 OMC DC 456 47.57 -61.80 16.65
C4 OMC DC 456 47.78 -62.12 17.90
C5 OMC DC 456 46.89 -61.69 18.94
C6 OMC DC 456 45.85 -60.94 18.57
O2 OMC DC 456 46.31 -60.74 15.12
N4 OMC DC 456 48.83 -62.86 18.20
C1' OMC DC 456 44.45 -59.77 16.96
C2' OMC DC 456 43.30 -60.59 16.35
O2' OMC DC 456 42.62 -59.75 15.42
CM2 OMC DC 456 42.94 -60.04 14.08
C3' OMC DC 456 42.44 -60.86 17.56
C4' OMC DC 456 42.58 -59.57 18.35
O4' OMC DC 456 43.96 -59.19 18.15
O3' OMC DC 456 41.10 -61.19 17.25
C5' OMC DC 456 42.28 -59.66 19.82
O5' OMC DC 456 42.36 -61.00 20.28
P OMC DC 456 42.82 -61.32 21.77
OP1 OMC DC 456 44.27 -61.76 21.74
OP2 OMC DC 456 42.40 -60.15 22.65
P A2M DC 515 68.61 -68.97 38.53
OP1 A2M DC 515 67.69 -68.97 39.70
O5' A2M DC 515 67.27 -68.55 37.36
C5' A2M DC 515 66.05 -69.03 37.65
C4' A2M DC 515 65.12 -67.87 37.98
O4' A2M DC 515 65.59 -66.71 37.34
C3' A2M DC 515 63.73 -68.15 37.48
O3' A2M DC 515 63.11 -68.93 38.46
C2' A2M DC 515 63.20 -66.75 37.16
O2' A2M DC 515 62.81 -66.00 38.27
C1' A2M DC 515 64.52 -66.20 36.59
CM' A2M DC 515 62.37 -64.74 37.88
N9 A2M DC 515 64.76 -66.51 35.21
C8 A2M DC 515 65.77 -67.20 34.56
N7 A2M DC 515 65.59 -67.27 33.23
C5 A2M DC 515 64.39 -66.60 33.04
C6 A2M DC 515 63.64 -66.30 31.92
N6 A2M DC 515 64.02 -66.70 30.66
N1 A2M DC 515 62.48 -65.61 32.00
C2 A2M DC 515 62.10 -65.22 33.24
N3 A2M DC 515 62.71 -65.42 34.42
C4 A2M DC 515 63.86 -66.11 34.25
OP2 A2M DC 515 69.38 -70.22 38.20
P OMG DC 540 10.62 -73.44 10.41
OP1 OMG DC 540 10.81 -74.91 10.17
OP2 OMG DC 540 11.58 -72.67 11.32
O5' OMG DC 540 10.60 -72.71 9.00
C5' OMG DC 540 9.78 -73.19 7.93
C4' OMG DC 540 9.85 -72.28 6.75
O4' OMG DC 540 9.42 -70.96 7.14
C3' OMG DC 540 11.25 -72.06 6.18
O3' OMG DC 540 11.62 -73.09 5.28
C2' OMG DC 540 11.15 -70.70 5.51
O2' OMG DC 540 10.60 -70.82 4.22
CM2 OMG DC 540 10.26 -69.61 3.59
C1' OMG DC 540 10.11 -69.98 6.40
N9 OMG DC 540 10.71 -69.02 7.35
C8 OMG DC 540 10.80 -69.16 8.71
N7 OMG DC 540 11.33 -68.13 9.27
C5 OMG DC 540 11.58 -67.25 8.26
C6 OMG DC 540 12.14 -65.95 8.28
O6 OMG DC 540 12.55 -65.30 9.22
N1 OMG DC 540 12.21 -65.41 6.99
C2 OMG DC 540 11.79 -66.03 5.85
N2 OMG DC 540 11.94 -65.34 4.71
N3 OMG DC 540 11.27 -67.22 5.84
C4 OMG DC 540 11.19 -67.78 7.05
N1 OMU DC 566 -7.81 -61.24 25.61
C2 OMU DC 566 -7.61 -61.43 27.09
N3 OMU DC 566 -7.62 -60.23 27.99
C4 OMU DC 566 -7.80 -58.91 27.42
C5 OMU DC 566 -8.00 -58.75 25.94
C6 OMU DC 566 -8.00 -59.93 25.06
O2 OMU DC 566 -7.45 -62.55 27.55
O4 OMU DC 566 -7.80 -58.00 28.09
C1' OMU DC 566 -7.82 -62.41 24.71
C2' OMU DC 566 -8.95 -62.39 23.69
O2' OMU DC 566 -10.13 -62.96 24.21
CM2 OMU DC 566 -11.28 -62.58 23.52
C3' OMU DC 566 -8.33 -63.17 22.54
C4' OMU DC 566 -6.89 -62.68 22.57
O3' OMU DC 566 -8.35 -64.56 22.86
O4' OMU DC 566 -6.61 -62.39 23.96
C5' OMU DC 566 -6.62 -61.45 21.75
O5' OMU DC 566 -7.24 -61.52 20.46
P OMU DC 566 -8.10 -60.30 19.93
OP1 OMU DC 566 -8.18 -60.41 18.41
OP2 OMU DC 566 -9.35 -60.23 20.73
P OMG DC 583 38.73 -72.03 20.65
OP1 OMG DC 583 38.97 -73.42 20.10
OP2 OMG DC 583 39.89 -71.05 20.70
O5' OMG DC 583 37.57 -71.34 19.81
C5' OMG DC 583 36.51 -72.11 19.27
C4' OMG DC 583 35.20 -71.87 20.00
O4' OMG DC 583 35.44 -71.18 21.25
C3' OMG DC 583 34.20 -70.98 19.30
O3' OMG DC 583 33.51 -71.65 18.26
C2' OMG DC 583 33.30 -70.54 20.44
O2' OMG DC 583 32.35 -71.54 20.75
CM2 OMG DC 583 31.52 -71.24 21.84
C1' OMG DC 583 34.29 -70.45 21.60
N9 OMG DC 583 34.69 -69.06 21.91
C8 OMG DC 583 35.90 -68.47 21.61
N7 OMG DC 583 35.94 -67.24 22.02
C5 OMG DC 583 34.75 -67.02 22.62
C6 OMG DC 583 34.23 -65.85 23.26
O6 OMG DC 583 34.78 -64.77 23.42
N1 OMG DC 583 32.95 -66.06 23.74
C2 OMG DC 583 32.24 -67.22 23.63
N2 OMG DC 583 31.02 -67.22 24.16
N3 OMG DC 583 32.71 -68.29 23.05
C4 OMG DC 583 33.95 -68.14 22.56
N1 PSU DC 588 30.11 -55.47 9.94
C2 PSU DC 588 31.29 -56.18 9.94
N3 PSU DC 588 32.49 -55.52 9.97
C4 PSU DC 588 32.51 -54.14 9.99
C5 PSU DC 588 31.32 -53.44 9.99
C6 PSU DC 588 30.12 -54.13 9.96
O2 PSU DC 588 31.27 -57.40 9.92
O4 PSU DC 588 33.58 -53.54 10.01
C1' PSU DC 588 31.35 -51.94 10.01
C2' PSU DC 588 31.56 -51.42 8.59
O2' PSU DC 588 32.28 -50.20 8.68
C3' PSU DC 588 30.13 -51.17 8.16
C4' PSU DC 588 29.49 -50.64 9.43
O3' PSU DC 588 30.02 -50.28 7.06
O4' PSU DC 588 30.12 -51.43 10.47
C5' PSU DC 588 28.00 -50.79 9.52
O5' PSU DC 588 27.61 -52.15 9.41
P PSU DC 588 26.13 -52.61 9.78
OP1 PSU DC 588 25.17 -51.67 9.18
OP2 PSU DC 588 26.05 -54.06 9.50
N1 PSU DC 590 32.53 -55.70 3.23
C2 PSU DC 590 32.38 -57.00 3.65
N3 PSU DC 590 33.40 -57.91 3.51
C4 PSU DC 590 34.58 -57.52 2.92
C5 PSU DC 590 34.72 -56.21 2.49
C6 PSU DC 590 33.69 -55.32 2.64
O2 PSU DC 590 31.32 -57.35 4.17
O4 PSU DC 590 35.48 -58.33 2.79
C1' PSU DC 590 36.00 -55.77 1.84
C2' PSU DC 590 36.06 -56.26 0.40
O2' PSU DC 590 37.42 -56.48 0.05
C3' PSU DC 590 35.52 -55.03 -0.34
C4' PSU DC 590 36.13 -53.89 0.46
O3' PSU DC 590 35.86 -55.01 -1.71
O4' PSU DC 590 36.09 -54.37 1.82
C5' PSU DC 590 35.41 -52.57 0.36
O5' PSU DC 590 34.06 -52.69 0.78
P PSU DC 590 33.21 -51.41 1.17
OP1 PSU DC 590 33.33 -50.45 0.06
OP2 PSU DC 590 31.87 -51.82 1.63
P A2M DC 607 8.38 -50.88 -21.97
OP1 A2M DC 607 7.76 -49.55 -21.66
O5' A2M DC 607 8.75 -51.88 -20.53
C5' A2M DC 607 9.67 -52.83 -20.69
C4' A2M DC 607 9.95 -53.44 -19.34
O4' A2M DC 607 10.26 -54.77 -19.52
C3' A2M DC 607 11.12 -52.77 -18.67
O3' A2M DC 607 10.60 -51.60 -18.12
C2' A2M DC 607 11.66 -53.85 -17.75
O2' A2M DC 607 11.12 -53.78 -16.45
C1' A2M DC 607 11.10 -55.11 -18.47
CM' A2M DC 607 11.90 -54.52 -15.55
N9 A2M DC 607 12.04 -56.08 -18.96
C8 A2M DC 607 13.26 -55.98 -19.60
N7 A2M DC 607 13.79 -57.18 -19.90
C5 A2M DC 607 12.86 -58.07 -19.43
C6 A2M DC 607 12.77 -59.44 -19.40
N6 A2M DC 607 13.75 -60.24 -19.92
N1 A2M DC 607 11.72 -60.08 -18.85
C2 A2M DC 607 10.76 -59.30 -18.34
N3 A2M DC 607 10.67 -57.97 -18.29
C4 A2M DC 607 11.76 -57.40 -18.84
OP2 A2M DC 607 9.79 -50.92 -22.46
N1 PSU DC 620 40.68 -47.02 -36.27
C2 PSU DC 620 39.88 -47.25 -37.36
N3 PSU DC 620 38.90 -48.21 -37.31
C4 PSU DC 620 38.73 -48.96 -36.16
C5 PSU DC 620 39.54 -48.73 -35.07
C6 PSU DC 620 40.52 -47.75 -35.15
O2 PSU DC 620 40.02 -46.59 -38.38
O4 PSU DC 620 37.86 -49.82 -36.15
C1' PSU DC 620 39.38 -49.52 -33.81
C2' PSU DC 620 39.85 -50.96 -33.97
O2' PSU DC 620 39.05 -51.77 -33.13
C3' PSU DC 620 41.26 -50.88 -33.45
C4' PSU DC 620 41.10 -49.92 -32.29
O3' PSU DC 620 41.81 -52.12 -33.08
O4' PSU DC 620 40.14 -48.96 -32.76
C5' PSU DC 620 42.36 -49.21 -31.85
O5' PSU DC 620 43.08 -48.70 -32.97
P PSU DC 620 44.14 -47.54 -32.77
OP1 PSU DC 620 45.25 -48.07 -31.98
OP2 PSU DC 620 44.38 -46.97 -34.11
P OMG DC 622 42.07 -56.93 -38.23
OP1 OMG DC 622 42.39 -58.28 -37.60
OP2 OMG DC 622 43.12 -55.82 -38.26
O5' OMG DC 622 41.59 -57.18 -39.73
C5' OMG DC 622 42.00 -56.30 -40.76
C4' OMG DC 622 40.98 -56.23 -41.87
O4' OMG DC 622 40.25 -54.98 -41.76
C3' OMG DC 622 41.56 -56.26 -43.28
O3' OMG DC 622 41.65 -57.56 -43.80
C2' OMG DC 622 40.64 -55.35 -44.06
O2' OMG DC 622 39.45 -56.03 -44.43
CM2 OMG DC 622 38.75 -55.37 -45.46
C1' OMG DC 622 40.28 -54.32 -43.00
N9 OMG DC 622 41.28 -53.23 -42.92
C8 OMG DC 622 42.14 -52.97 -41.87
N7 OMG DC 622 42.89 -51.95 -42.10
C5 OMG DC 622 42.53 -51.52 -43.34
C6 OMG DC 622 43.03 -50.43 -44.11
O6 OMG DC 622 43.90 -49.63 -43.83
N1 OMG DC 622 42.36 -50.36 -45.34
C2 OMG DC 622 41.37 -51.20 -45.76
N2 OMG DC 622 40.86 -50.95 -46.98
N3 OMG DC 622 40.93 -52.19 -45.04
C4 OMG DC 622 41.54 -52.30 -43.86
N1 PSU DC 625 47.29 -61.63 -50.95
C2 PSU DC 625 48.08 -60.55 -51.28
N3 PSU DC 625 48.75 -60.51 -52.48
C4 PSU DC 625 48.62 -61.56 -53.36
C5 PSU DC 625 47.84 -62.65 -53.03
C6 PSU DC 625 47.16 -62.66 -51.81
O2 PSU DC 625 48.19 -59.62 -50.49
O4 PSU DC 625 49.22 -61.53 -54.42
C1' PSU DC 625 47.68 -63.80 -53.98
C2' PSU DC 625 48.92 -64.71 -53.97
O2' PSU DC 625 49.11 -65.21 -55.28
C3' PSU DC 625 48.47 -65.82 -53.03
C4' PSU DC 625 47.01 -65.95 -53.35
O3' PSU DC 625 49.19 -67.03 -53.22
O4' PSU DC 625 46.57 -64.59 -53.59
C5' PSU DC 625 46.16 -66.57 -52.26
O5' PSU DC 625 46.28 -65.86 -51.05
P PSU DC 625 45.29 -66.14 -49.84
OP1 PSU DC 625 45.37 -67.57 -49.50
OP2 PSU DC 625 45.52 -65.11 -48.81
N1 OMU DC 670 62.96 -56.25 -45.09
C2 OMU DC 670 61.81 -55.39 -44.63
N3 OMU DC 670 60.43 -55.95 -44.58
C4 OMU DC 670 60.20 -57.33 -44.98
C5 OMU DC 670 61.34 -58.17 -45.45
C6 OMU DC 670 62.71 -57.61 -45.50
O2 OMU DC 670 62.00 -54.24 -44.29
O4 OMU DC 670 59.16 -57.76 -44.94
C1' OMU DC 670 64.35 -55.71 -45.17
C2' OMU DC 670 64.94 -55.38 -43.81
O2' OMU DC 670 65.74 -54.22 -43.94
CM2 OMU DC 670 65.01 -53.05 -44.12
C3' OMU DC 670 65.81 -56.60 -43.54
C4' OMU DC 670 66.27 -57.00 -44.93
O3' OMU DC 670 66.89 -56.35 -42.66
O4' OMU DC 670 65.16 -56.68 -45.79
C5' OMU DC 670 66.64 -58.46 -45.11
O5' OMU DC 670 66.32 -58.92 -46.41
P OMU DC 670 66.15 -60.47 -46.69
OP1 OMU DC 670 67.25 -61.21 -46.00
OP2 OMU DC 670 64.70 -60.84 -46.41
N1 PSU DC 672 59.94 -58.97 -38.58
C2 PSU DC 672 58.71 -59.54 -38.78
N3 PSU DC 672 57.57 -58.90 -38.34
C4 PSU DC 672 57.68 -57.70 -37.67
C5 PSU DC 672 58.93 -57.14 -37.45
C6 PSU DC 672 60.05 -57.80 -37.93
O2 PSU DC 672 58.61 -60.60 -39.38
O4 PSU DC 672 56.64 -57.16 -37.28
C1' PSU DC 672 59.09 -55.84 -36.73
C2' PSU DC 672 58.71 -55.98 -35.27
O2' PSU DC 672 58.31 -54.71 -34.77
C3' PSU DC 672 60.04 -56.38 -34.66
C4' PSU DC 672 61.01 -55.50 -35.43
O3' PSU DC 672 60.13 -56.18 -33.26
O4' PSU DC 672 60.45 -55.47 -36.77
C5' PSU DC 672 62.44 -55.99 -35.49
O5' PSU DC 672 63.34 -54.91 -35.54
P PSU DC 672 64.79 -55.08 -36.19
OP1 PSU DC 672 65.79 -54.57 -35.23
OP2 PSU DC 672 64.88 -56.45 -36.71
N1 PSU DC 685 59.04 -66.68 -0.26
C2 PSU DC 685 58.63 -66.40 -1.54
N3 PSU DC 685 57.45 -65.75 -1.75
C4 PSU DC 685 56.68 -65.35 -0.68
C5 PSU DC 685 57.11 -65.63 0.61
C6 PSU DC 685 58.30 -66.29 0.79
O2 PSU DC 685 59.31 -66.76 -2.51
O4 PSU DC 685 55.63 -64.76 -0.88
C1' PSU DC 685 56.29 -65.20 1.81
C2' PSU DC 685 55.02 -66.04 1.94
O2' PSU DC 685 54.02 -65.23 2.52
C3' PSU DC 685 55.48 -67.10 2.92
C4' PSU DC 685 56.37 -66.31 3.86
O3' PSU DC 685 54.41 -67.74 3.59
O4' PSU DC 685 57.04 -65.37 2.98
C5' PSU DC 685 57.40 -67.12 4.63
O5' PSU DC 685 58.30 -67.78 3.75
P PSU DC 685 59.64 -68.42 4.31
OP1 PSU DC 685 59.29 -69.28 5.46
OP2 PSU DC 685 60.37 -69.01 3.17
N1 PSU DC 734 53.28 -65.63 -40.31
C2 PSU DC 734 53.89 -64.81 -39.41
N3 PSU DC 734 53.18 -64.29 -38.35
C4 PSU DC 734 51.85 -64.61 -38.20
C5 PSU DC 734 51.24 -65.45 -39.12
C6 PSU DC 734 51.97 -65.95 -40.17
O2 PSU DC 734 55.07 -64.52 -39.54
O4 PSU DC 734 51.22 -64.15 -37.25
C1' PSU DC 734 49.80 -65.81 -38.96
C2' PSU DC 734 48.87 -64.68 -39.42
O2' PSU DC 734 47.70 -64.72 -38.62
C3' PSU DC 734 48.57 -65.10 -40.84
C4' PSU DC 734 48.51 -66.61 -40.74
O3' PSU DC 734 47.38 -64.53 -41.37
O4' PSU DC 734 49.52 -66.94 -39.76
C5' PSU DC 734 48.78 -67.35 -42.03
O5' PSU DC 734 50.01 -66.91 -42.61
P PSU DC 734 50.62 -67.65 -43.88
OP1 PSU DC 734 49.53 -67.78 -44.87
OP2 PSU DC 734 51.89 -66.97 -44.23
N1 PSU DC 737 54.49 -56.33 -44.73
C2 PSU DC 737 55.59 -57.14 -44.94
N3 PSU DC 737 56.85 -56.70 -44.62
C4 PSU DC 737 57.01 -55.43 -44.10
C5 PSU DC 737 55.90 -54.62 -43.91
C6 PSU DC 737 54.64 -55.09 -44.23
O2 PSU DC 737 55.44 -58.28 -45.39
O4 PSU DC 737 58.14 -55.03 -43.82
C1' PSU DC 737 56.06 -53.25 -43.34
C2' PSU DC 737 56.57 -52.27 -44.40
O2' PSU DC 737 57.46 -51.35 -43.77
C3' PSU DC 737 55.29 -51.57 -44.82
C4' PSU DC 737 54.50 -51.52 -43.53
O3' PSU DC 737 55.51 -50.29 -45.38
O4' PSU DC 737 54.83 -52.76 -42.87
C5' PSU DC 737 53.00 -51.39 -43.67
O5' PSU DC 737 52.44 -52.51 -44.34
P PSU DC 737 50.88 -52.77 -44.34
OP1 PSU DC 737 50.14 -51.54 -44.74
OP2 PSU DC 737 50.63 -54.02 -45.08
P OMG DC 738 54.67 -49.79 -46.64
OP1 OMG DC 738 54.06 -48.43 -46.31
OP2 OMG DC 738 53.79 -50.94 -47.10
O5' OMG DC 738 55.78 -49.55 -47.77
C5' OMG DC 738 56.37 -50.65 -48.43
C4' OMG DC 738 57.88 -50.57 -48.40
O4' OMG DC 738 58.37 -51.36 -47.29
C3' OMG DC 738 58.58 -51.12 -49.65
O3' OMG DC 738 58.90 -50.10 -50.58
C2' OMG DC 738 59.81 -51.84 -49.10
O2' OMG DC 738 60.88 -50.93 -48.89
CM2 OMG DC 738 62.00 -51.50 -48.26
C1' OMG DC 738 59.32 -52.29 -47.74
N9 OMG DC 738 58.69 -53.64 -47.73
C8 OMG DC 738 57.37 -53.92 -47.48
N7 OMG DC 738 57.12 -55.20 -47.50
C5 OMG DC 738 58.34 -55.78 -47.76
C6 OMG DC 738 58.67 -57.15 -47.89
O6 OMG DC 738 57.95 -58.13 -47.81
N1 OMG DC 738 60.03 -57.29 -48.16
C2 OMG DC 738 60.94 -56.28 -48.28
N2 OMG DC 738 62.21 -56.63 -48.54
N3 OMG DC 738 60.62 -55.01 -48.15
C4 OMG DC 738 59.32 -54.83 -47.90
N1 PSU DC 837 -29.46 -16.32 -32.65
C2 PSU DC 837 -30.11 -16.91 -33.70
N3 PSU DC 837 -29.52 -16.94 -34.94
C4 PSU DC 837 -28.28 -16.38 -35.12
C5 PSU DC 837 -27.63 -15.77 -34.06
C6 PSU DC 837 -28.25 -15.77 -32.81
O2 PSU DC 837 -31.21 -17.42 -33.54
O4 PSU DC 837 -27.78 -16.42 -36.24
C1' PSU DC 837 -26.27 -15.15 -34.20
C2' PSU DC 837 -26.27 -13.91 -35.10
O2' PSU DC 837 -25.05 -13.90 -35.83
C3' PSU DC 837 -26.30 -12.78 -34.09
C4' PSU DC 837 -25.50 -13.34 -32.92
O3' PSU DC 837 -25.76 -11.57 -34.58
O4' PSU DC 837 -25.82 -14.76 -32.92
C5' PSU DC 837 -25.79 -12.74 -31.58
O5' PSU DC 837 -27.13 -12.99 -31.18
P PSU DC 837 -27.69 -12.42 -29.80
OP1 PSU DC 837 -27.09 -11.08 -29.66
OP2 PSU DC 837 -29.16 -12.58 -29.78
N1 PSU DC 875 4.44 -28.85 -64.98
C2 PSU DC 875 5.09 -27.80 -64.37
N3 PSU DC 875 5.42 -26.67 -65.08
C4 PSU DC 875 5.10 -26.61 -66.42
C5 PSU DC 875 4.44 -27.66 -67.04
C6 PSU DC 875 4.11 -28.79 -66.28
O2 PSU DC 875 5.37 -27.86 -63.18
O4 PSU DC 875 5.38 -25.60 -67.07
C1' PSU DC 875 4.09 -27.59 -68.49
C2' PSU DC 875 5.31 -27.92 -69.34
O2' PSU DC 875 5.23 -27.18 -70.54
C3' PSU DC 875 5.10 -29.40 -69.61
C4' PSU DC 875 3.59 -29.49 -69.77
O3' PSU DC 875 5.81 -29.88 -70.74
O4' PSU DC 875 3.09 -28.54 -68.80
C5' PSU DC 875 2.98 -30.85 -69.51
O5' PSU DC 875 3.36 -31.34 -68.23
P PSU DC 875 2.57 -32.55 -67.56
OP1 PSU DC 875 2.55 -33.65 -68.56
OP2 PSU DC 875 3.13 -32.78 -66.22
P A2M DC 902 26.67 -26.62 -39.80
OP1 A2M DC 902 26.49 -25.14 -39.89
O5' A2M DC 902 25.80 -27.58 -41.03
C5' A2M DC 902 26.02 -27.24 -42.31
C4' A2M DC 902 25.29 -28.20 -43.22
O4' A2M DC 902 25.81 -29.48 -43.00
C3' A2M DC 902 23.82 -28.26 -42.92
O3' A2M DC 902 23.23 -27.10 -43.43
C2' A2M DC 902 23.46 -29.61 -43.50
O2' A2M DC 902 23.50 -29.64 -44.91
C1' A2M DC 902 24.69 -30.33 -42.97
CM' A2M DC 902 22.98 -30.85 -45.37
N9 A2M DC 902 24.57 -30.91 -41.64
C8 A2M DC 902 25.12 -30.56 -40.42
N7 A2M DC 902 24.74 -31.39 -39.43
C5 A2M DC 902 23.91 -32.29 -40.08
C6 A2M DC 902 23.20 -33.39 -39.67
N6 A2M DC 902 23.20 -33.80 -38.36
N1 A2M DC 902 22.46 -34.13 -40.51
C2 A2M DC 902 22.45 -33.73 -41.80
N3 A2M DC 902 23.08 -32.70 -42.37
C4 A2M DC 902 23.80 -32.01 -41.46
OP2 A2M DC 902 26.02 -27.36 -38.67
N1 PSU DC 916 -6.76 -16.55 -45.73
C2 PSU DC 916 -6.31 -17.84 -45.63
N3 PSU DC 916 -7.03 -18.87 -46.16
C4 PSU DC 916 -8.22 -18.59 -46.80
C5 PSU DC 916 -8.67 -17.29 -46.90
C6 PSU DC 916 -7.92 -16.27 -46.35
O2 PSU DC 916 -5.25 -18.08 -45.06
O4 PSU DC 916 -8.87 -19.52 -47.29
C1' PSU DC 916 -9.96 -16.98 -47.60
C2' PSU DC 916 -11.16 -17.40 -46.75
O2' PSU DC 916 -12.19 -17.84 -47.62
C3' PSU DC 916 -11.56 -16.07 -46.11
C4' PSU DC 916 -11.28 -15.09 -47.24
O3' PSU DC 916 -12.89 -16.06 -45.65
O4' PSU DC 916 -10.08 -15.60 -47.85
C5' PSU DC 916 -11.09 -13.66 -46.83
O5' PSU DC 916 -10.57 -13.54 -45.52
P PSU DC 916 -9.51 -12.42 -45.16
OP1 PSU DC 916 -9.43 -11.50 -46.31
OP2 PSU DC 916 -9.81 -11.91 -43.81
N1 PSU DC 917 -8.84 -17.88 -43.04
C2 PSU DC 917 -7.70 -18.44 -42.54
N3 PSU DC 917 -7.53 -19.81 -42.56
C4 PSU DC 917 -8.51 -20.61 -43.10
C5 PSU DC 917 -9.67 -20.03 -43.60
C6 PSU DC 917 -9.81 -18.65 -43.57
O2 PSU DC 917 -6.83 -17.73 -42.06
O4 PSU DC 917 -8.36 -21.82 -43.12
C1' PSU DC 917 -10.75 -20.88 -44.20
C2' PSU DC 917 -11.58 -21.63 -43.17
O2' PSU DC 917 -11.95 -22.89 -43.70
C3' PSU DC 917 -12.80 -20.75 -43.04
C4' PSU DC 917 -12.97 -20.18 -44.45
O3' PSU DC 917 -13.95 -21.43 -42.60
O4' PSU DC 917 -11.61 -20.07 -44.95
C5' PSU DC 917 -13.65 -18.85 -44.54
O5' PSU DC 917 -12.90 -17.85 -43.89
P PSU DC 917 -13.23 -16.31 -44.11
OP1 PSU DC 917 -14.68 -16.24 -43.90
OP2 PSU DC 917 -12.30 -15.50 -43.28
N1 PSU DC 927 -24.54 -24.82 -19.28
C2 PSU DC 927 -23.35 -24.80 -18.58
N3 PSU DC 927 -22.65 -25.97 -18.40
C4 PSU DC 927 -23.13 -27.14 -18.93
C5 PSU DC 927 -24.33 -27.14 -19.62
C6 PSU DC 927 -25.02 -25.96 -19.79
O2 PSU DC 927 -22.92 -23.76 -18.12
O4 PSU DC 927 -22.51 -28.19 -18.78
C1' PSU DC 927 -24.87 -28.41 -20.21
C2' PSU DC 927 -25.46 -29.38 -19.18
O2' PSU DC 927 -25.18 -30.70 -19.62
C3' PSU DC 927 -26.94 -29.07 -19.30
C4' PSU DC 927 -27.11 -28.77 -20.78
O3' PSU DC 927 -27.77 -30.13 -18.86
O4' PSU DC 927 -25.88 -28.09 -21.13
C5' PSU DC 927 -28.28 -27.90 -21.13
O5' PSU DC 927 -28.36 -26.79 -20.25
P PSU DC 927 -29.32 -25.58 -20.57
OP1 PSU DC 927 -30.69 -26.11 -20.67
OP2 PSU DC 927 -29.05 -24.46 -19.63
N1 PSU DC 952 14.04 -30.88 -33.71
C2 PSU DC 952 12.89 -30.99 -34.46
N3 PSU DC 952 11.66 -30.98 -33.86
C4 PSU DC 952 11.59 -30.88 -32.49
C5 PSU DC 952 12.74 -30.80 -31.73
C6 PSU DC 952 13.97 -30.78 -32.37
O2 PSU DC 952 12.97 -31.08 -35.67
O4 PSU DC 952 10.48 -30.88 -31.96
C1' PSU DC 952 12.70 -30.66 -30.23
C2' PSU DC 952 12.10 -31.86 -29.49
O2' PSU DC 952 11.11 -31.37 -28.59
C3' PSU DC 952 13.30 -32.39 -28.71
C4' PSU DC 952 14.14 -31.16 -28.49
O3' PSU DC 952 12.95 -33.01 -27.48
O4' PSU DC 952 13.96 -30.38 -29.69
C5' PSU DC 952 15.61 -31.40 -28.23
O5' PSU DC 952 16.21 -32.14 -29.27
P PSU DC 952 17.45 -31.55 -30.06
OP1 PSU DC 952 18.47 -31.13 -29.08
OP2 PSU DC 952 17.82 -32.52 -31.12
N1 PSU DC 1045 21.96 -27.05 -11.99
C2 PSU DC 1045 22.70 -27.89 -12.78
N3 PSU DC 1045 23.99 -28.19 -12.44
C4 PSU DC 1045 24.53 -27.66 -11.29
C5 PSU DC 1045 23.78 -26.81 -10.49
C6 PSU DC 1045 22.48 -26.53 -10.87
O2 PSU DC 1045 22.21 -28.35 -13.79
O4 PSU DC 1045 25.68 -27.94 -10.98
C1' PSU DC 1045 24.37 -26.24 -9.24
C2' PSU DC 1045 25.22 -25.02 -9.57
O2' PSU DC 1045 26.26 -24.94 -8.60
C3' PSU DC 1045 24.22 -23.90 -9.38
C4' PSU DC 1045 23.43 -24.37 -8.19
O3' PSU DC 1045 24.82 -22.63 -9.18
O4' PSU DC 1045 23.33 -25.80 -8.38
C5' PSU DC 1045 22.04 -23.80 -8.06
O5' PSU DC 1045 21.33 -23.93 -9.28
P PSU DC 1045 19.75 -23.76 -9.32
OP1 PSU DC 1045 19.35 -22.45 -8.79
OP2 PSU DC 1045 19.30 -24.18 -10.66
N1 PSU DC 1048 25.98 -22.14 -20.04
C2 PSU DC 1048 24.71 -22.63 -20.23
N3 PSU DC 1048 24.44 -23.50 -21.25
C4 PSU DC 1048 25.46 -23.90 -22.08
C5 PSU DC 1048 26.73 -23.41 -21.90
C6 PSU DC 1048 26.98 -22.52 -20.85
O2 PSU DC 1048 23.80 -22.28 -19.49
O4 PSU DC 1048 25.22 -24.68 -23.00
C1' PSU DC 1048 27.85 -23.84 -22.81
C2' PSU DC 1048 27.81 -23.02 -24.10
O2' PSU DC 1048 28.28 -23.84 -25.15
C3' PSU DC 1048 28.82 -21.93 -23.79
C4' PSU DC 1048 29.87 -22.67 -22.99
O3' PSU DC 1048 29.33 -21.28 -24.93
O4' PSU DC 1048 29.11 -23.62 -22.20
C5' PSU DC 1048 30.73 -21.84 -22.09
O5' PSU DC 1048 29.95 -21.05 -21.21
P PSU DC 1048 30.57 -20.39 -19.90
OP1 PSU DC 1048 31.72 -19.57 -20.32
OP2 PSU DC 1048 29.47 -19.80 -19.12
N1 PSU DC 1103 -49.55 -51.47 14.83
C2 PSU DC 1103 -48.81 -50.83 13.85
N3 PSU DC 1103 -48.11 -51.56 12.94
C4 PSU DC 1103 -48.13 -52.94 12.98
C5 PSU DC 1103 -48.88 -53.57 13.97
C6 PSU DC 1103 -49.58 -52.81 14.89
O2 PSU DC 1103 -48.79 -49.60 13.81
O4 PSU DC 1103 -47.51 -53.59 12.17
C1' PSU DC 1103 -48.91 -55.07 14.05
C2' PSU DC 1103 -47.66 -55.60 14.72
O2' PSU DC 1103 -47.35 -56.87 14.18
C3' PSU DC 1103 -48.14 -55.75 16.16
C4' PSU DC 1103 -49.56 -56.22 15.98
O3' PSU DC 1103 -47.36 -56.64 16.93
O4' PSU DC 1103 -50.03 -55.49 14.81
C5' PSU DC 1103 -50.49 -55.96 17.14
O5' PSU DC 1103 -50.53 -54.58 17.46
P PSU DC 1103 -51.69 -53.99 18.39
OP1 PSU DC 1103 -51.76 -54.92 19.53
OP2 PSU DC 1103 -51.47 -52.55 18.57
N1 PSU DC 1115 -35.93 -57.20 22.33
C2 PSU DC 1115 -36.73 -57.91 21.46
N3 PSU DC 1115 -36.32 -59.15 21.02
C4 PSU DC 1115 -35.13 -59.68 21.44
C5 PSU DC 1115 -34.33 -58.95 22.31
C6 PSU DC 1115 -34.76 -57.70 22.75
O2 PSU DC 1115 -37.80 -57.45 21.08
O4 PSU DC 1115 -34.76 -60.78 21.05
C1' PSU DC 1115 -33.02 -59.50 22.80
C2' PSU DC 1115 -31.94 -59.35 21.72
O2' PSU DC 1115 -31.05 -60.44 21.83
C3' PSU DC 1115 -31.26 -58.06 22.14
C4' PSU DC 1115 -31.31 -58.15 23.66
O3' PSU DC 1115 -29.95 -57.91 21.64
O4' PSU DC 1115 -32.58 -58.79 23.93
C5' PSU DC 1115 -31.22 -56.84 24.40
O5' PSU DC 1115 -32.39 -56.05 24.19
P PSU DC 1115 -32.66 -54.75 25.07
OP1 PSU DC 1115 -31.40 -53.99 25.18
OP2 PSU DC 1115 -33.88 -54.10 24.54
O5' B8N DC 1119 -29.83 -53.41 3.87
C5' B8N DC 1119 -31.22 -53.68 4.02
C4' B8N DC 1119 -31.91 -53.71 2.67
O4' B8N DC 1119 -31.06 -53.09 1.70
C3' B8N DC 1119 -32.18 -55.10 2.11
O3' B8N DC 1119 -33.39 -55.64 2.58
C2' B8N DC 1119 -32.18 -54.87 0.60
O2' B8N DC 1119 -33.46 -54.45 0.16
C1' B8N DC 1119 -31.21 -53.70 0.44
C5 B8N DC 1119 -29.77 -54.06 -0.11
C6 B8N DC 1119 -28.74 -54.25 0.85
N1 B8N DC 1119 -27.37 -54.57 0.23
C2 B8N DC 1119 -27.20 -54.64 -1.32
N3 B8N DC 1119 -28.30 -54.43 -2.18
C4 B8N DC 1119 -29.43 -54.18 -1.69
C34 B8N DC 1119 -26.29 -54.91 -5.63
CN1 B8N DC 1119 -26.19 -54.80 1.10
N34 B8N DC 1119 -25.97 -52.52 -5.93
O2 B8N DC 1119 -26.14 -54.90 -1.79
O4 B8N DC 1119 -30.31 -54.01 -2.48
OP1 B8N DC 1119 -28.65 -55.41 4.81
OP2 B8N DC 1119 -27.56 -53.05 4.85
P B8N DC 1119 -28.79 -53.92 4.95
C31 B8N DC 1119 -28.13 -54.52 -3.64
C32 B8N DC 1119 -27.49 -53.26 -4.20
C33 B8N DC 1119 -26.96 -53.53 -5.60
O36 B8N DC 1119 -25.19 -55.09 -5.05
O35 B8N DC 1119 -26.85 -55.86 -6.24
N1 OMC DC 1143 -33.44 -71.39 48.04
C2 OMC DC 1143 -32.91 -71.46 46.74
N3 OMC DC 1143 -32.13 -70.45 46.31
C4 OMC DC 1143 -31.85 -69.42 47.08
C5 OMC DC 1143 -32.37 -69.30 48.39
C6 OMC DC 1143 -33.15 -70.32 48.81
O2 OMC DC 1143 -33.15 -72.42 46.01
N4 OMC DC 1143 -31.08 -68.46 46.59
C1' OMC DC 1143 -34.33 -72.42 48.63
C2' OMC DC 1143 -33.61 -73.76 48.83
O2' OMC DC 1143 -34.54 -74.81 48.58
CM2 OMC DC 1143 -34.78 -75.04 47.21
C3' OMC DC 1143 -33.24 -73.71 50.30
C4' OMC DC 1143 -34.42 -72.97 50.90
O4' OMC DC 1143 -34.74 -71.98 49.91
O3' OMC DC 1143 -33.05 -74.99 50.88
C5' OMC DC 1143 -34.16 -72.32 52.23
O5' OMC DC 1143 -34.81 -71.06 52.32
P OMC DC 1143 -34.01 -69.77 52.80
OP1 OMC DC 1143 -33.77 -69.90 54.29
OP2 OMC DC 1143 -32.83 -69.56 51.86
N1 OMU DC 1159 -28.86 -81.61 62.85
C2 OMU DC 1159 -30.19 -82.27 63.11
N3 OMU DC 1159 -30.77 -82.27 64.48
C4 OMU DC 1159 -30.04 -81.64 65.57
C5 OMU DC 1159 -28.72 -80.99 65.32
C6 OMU DC 1159 -28.15 -80.99 63.95
O2 OMU DC 1159 -30.81 -82.80 62.21
O4 OMU DC 1159 -30.48 -81.64 66.62
C1' OMU DC 1159 -28.24 -81.59 61.51
C2' OMU DC 1159 -29.06 -80.78 60.49
O2' OMU DC 1159 -28.98 -81.43 59.23
CM2 OMU DC 1159 -29.60 -82.68 59.18
C3' OMU DC 1159 -28.30 -79.46 60.46
C4' OMU DC 1159 -26.86 -79.90 60.66
O3' OMU DC 1159 -28.50 -78.73 59.27
O4' OMU DC 1159 -26.96 -80.99 61.60
C5' OMU DC 1159 -25.92 -78.85 61.18
O5' OMU DC 1159 -25.41 -79.18 62.46
P OMU DC 1159 -23.88 -78.93 62.83
OP1 OMU DC 1159 -23.36 -77.84 61.94
OP2 OMU DC 1159 -23.78 -78.78 64.33
N1 OMU DC 1197 -33.59 -68.80 26.25
C2 OMU DC 1197 -34.74 -68.11 25.58
N3 OMU DC 1197 -35.71 -68.90 24.76
C4 OMU DC 1197 -35.52 -70.33 24.62
C5 OMU DC 1197 -34.36 -71.01 25.28
C6 OMU DC 1197 -33.40 -70.22 26.09
O2 OMU DC 1197 -34.88 -66.90 25.71
O4 OMU DC 1197 -36.25 -70.94 24.00
C1' OMU DC 1197 -32.62 -68.03 27.04
C2' OMU DC 1197 -32.65 -68.33 28.53
O2' OMU DC 1197 -33.66 -67.61 29.20
CM2 OMU DC 1197 -33.75 -67.91 30.55
C3' OMU DC 1197 -31.22 -67.93 28.94
C4' OMU DC 1197 -30.40 -68.34 27.72
O3' OMU DC 1197 -31.16 -66.52 29.09
O4' OMU DC 1197 -31.32 -68.38 26.60
C5' OMU DC 1197 -29.68 -69.66 27.81
O5' OMU DC 1197 -30.57 -70.72 28.14
P OMU DC 1197 -30.17 -71.82 29.21
OP1 OMU DC 1197 -31.42 -72.52 29.66
OP2 OMU DC 1197 -29.03 -72.63 28.65
P OMG DC 1199 -26.12 -63.68 25.93
OP1 OMG DC 1199 -26.87 -62.50 25.32
OP2 OMG DC 1199 -26.44 -65.10 25.47
O5' OMG DC 1199 -24.57 -63.43 25.73
C5' OMG DC 1199 -23.95 -62.23 26.18
C4' OMG DC 1199 -22.48 -62.22 25.87
O4' OMG DC 1199 -21.82 -63.18 26.72
C3' OMG DC 1199 -22.10 -62.63 24.46
O3' OMG DC 1199 -22.21 -61.57 23.53
C2' OMG DC 1199 -20.68 -63.14 24.63
O2' OMG DC 1199 -19.77 -62.06 24.67
CM2 OMG DC 1199 -18.43 -62.42 24.93
C1' OMG DC 1199 -20.74 -63.77 26.03
N9 OMG DC 1199 -20.95 -65.23 26.00
C8 OMG DC 1199 -22.11 -65.92 26.27
N7 OMG DC 1199 -21.94 -67.20 26.18
C5 OMG DC 1199 -20.62 -67.37 25.87
C6 OMG DC 1199 -19.87 -68.55 25.65
O6 OMG DC 1199 -20.24 -69.71 25.70
N1 OMG DC 1199 -18.54 -68.25 25.34
C2 OMG DC 1199 -18.01 -67.00 25.25
N2 OMG DC 1199 -16.71 -66.91 24.95
N3 OMG DC 1199 -18.71 -65.91 25.46
C4 OMG DC 1199 -19.99 -66.15 25.75
P 4AC DC 1208 -32.34 -77.81 5.47
OP1 4AC DC 1208 -33.56 -78.48 4.88
OP2 4AC DC 1208 -30.99 -78.07 4.86
O5' 4AC DC 1208 -32.58 -76.24 5.45
C5' 4AC DC 1208 -33.70 -75.65 6.11
C4' 4AC DC 1208 -33.50 -74.17 6.29
O4' 4AC DC 1208 -32.35 -73.94 7.16
C3' 4AC DC 1208 -33.17 -73.39 5.04
O3' 4AC DC 1208 -34.31 -73.06 4.27
C2' 4AC DC 1208 -32.42 -72.19 5.58
O2' 4AC DC 1208 -33.32 -71.24 6.12
C1' 4AC DC 1208 -31.63 -72.81 6.72
N1 4AC DC 1208 -30.29 -73.27 6.29
C2 4AC DC 1208 -29.23 -72.36 6.28
O2 4AC DC 1208 -29.44 -71.18 6.62
N3 4AC DC 1208 -28.00 -72.78 5.88
C4 4AC DC 1208 -27.82 -74.04 5.52
N4 4AC DC 1208 -26.53 -74.45 5.10
C5 4AC DC 1208 -28.87 -74.98 5.52
C6 4AC DC 1208 -30.08 -74.56 5.92
C7 4AC DC 1208 -25.40 -73.72 4.98
O7 4AC DC 1208 -25.34 -72.52 5.18
CM7 4AC DC 1208 -24.21 -74.51 4.54
N1 PSU DC 1238 -29.84 -73.51 -31.68
C2 PSU DC 1238 -29.27 -73.98 -30.52
N3 PSU DC 1238 -29.74 -75.12 -29.92
C4 PSU DC 1238 -30.80 -75.80 -30.48
C5 PSU DC 1238 -31.37 -75.33 -31.65
C6 PSU DC 1238 -30.87 -74.18 -32.24
O2 PSU DC 1238 -28.33 -73.37 -30.01
O4 PSU DC 1238 -31.21 -76.82 -29.95
C1' PSU DC 1238 -32.51 -76.06 -32.29
C2' PSU DC 1238 -33.83 -75.80 -31.55
O2' PSU DC 1238 -34.64 -76.96 -31.68
C3' PSU DC 1238 -34.40 -74.65 -32.36
C4' PSU DC 1238 -34.00 -75.01 -33.78
O3' PSU DC 1238 -35.79 -74.48 -32.20
O4' PSU DC 1238 -32.67 -75.61 -33.62
C5' PSU DC 1238 -33.92 -73.86 -34.75
O5' PSU DC 1238 -33.07 -72.83 -34.28
P PSU DC 1238 -32.67 -71.61 -35.21
OP1 PSU DC 1238 -33.91 -71.07 -35.79
OP2 PSU DC 1238 -31.77 -70.71 -34.46
P A2M DC 1254 -22.10 -91.98 -17.32
OP1 A2M DC 1254 -23.00 -93.14 -17.06
O5' A2M DC 1254 -21.81 -90.86 -15.94
C5' A2M DC 1254 -21.04 -91.32 -14.96
C4' A2M DC 1254 -20.78 -90.25 -13.91
O4' A2M DC 1254 -19.65 -89.48 -14.27
C3' A2M DC 1254 -21.95 -89.28 -13.78
O3' A2M DC 1254 -22.99 -89.95 -13.17
C2' A2M DC 1254 -21.24 -88.14 -13.08
O2' A2M DC 1254 -20.85 -88.45 -11.78
C1' A2M DC 1254 -20.02 -88.15 -14.01
CM' A2M DC 1254 -19.87 -87.55 -11.32
N9 A2M DC 1254 -20.18 -87.46 -15.25
C8 A2M DC 1254 -20.35 -87.89 -16.56
N7 A2M DC 1254 -20.47 -86.88 -17.43
C5 A2M DC 1254 -20.39 -85.75 -16.63
C6 A2M DC 1254 -20.44 -84.40 -16.88
N6 A2M DC 1254 -20.60 -83.90 -18.15
N1 A2M DC 1254 -20.32 -83.47 -15.89
C2 A2M DC 1254 -20.16 -83.97 -14.65
N3 A2M DC 1254 -20.09 -85.23 -14.23
C4 A2M DC 1254 -20.21 -86.08 -15.27
OP2 A2M DC 1254 -22.58 -90.87 -18.21
N1 OMC DC 1262 -46.74 -85.97 -6.84
C2 OMC DC 1262 -46.79 -84.64 -7.30
N3 OMC DC 1262 -46.51 -84.41 -8.59
C4 OMC DC 1262 -46.18 -85.39 -9.42
C5 OMC DC 1262 -46.11 -86.74 -8.98
C6 OMC DC 1262 -46.40 -86.96 -7.69
O2 OMC DC 1262 -47.09 -83.74 -6.54
N4 OMC DC 1262 -45.91 -85.08 -10.68
C1' OMC DC 1262 -47.04 -86.32 -5.43
C2' OMC DC 1262 -48.54 -86.32 -5.13
O2' OMC DC 1262 -48.71 -85.89 -3.79
CM2 OMC DC 1262 -48.83 -84.50 -3.64
C3' OMC DC 1262 -48.88 -87.79 -5.27
C4' OMC DC 1262 -47.65 -88.46 -4.70
O4' OMC DC 1262 -46.56 -87.63 -5.17
O3' OMC DC 1262 -50.08 -88.16 -4.60
C5' OMC DC 1262 -47.42 -89.89 -5.11
O5' OMC DC 1262 -47.29 -90.02 -6.51
P OMC DC 1262 -46.59 -91.30 -7.14
OP1 OMC DC 1262 -47.25 -92.54 -6.57
OP2 OMC DC 1262 -46.50 -91.11 -8.65
N1 OMU DC 1313 -74.40 -94.45 -12.02
C2 OMU DC 1313 -75.49 -93.80 -11.21
N3 OMU DC 1313 -76.19 -94.58 -10.14
C4 OMU DC 1313 -75.82 -95.97 -9.90
C5 OMU DC 1313 -74.74 -96.59 -10.71
C6 OMU DC 1313 -74.05 -95.82 -11.77
O2 OMU DC 1313 -75.80 -92.64 -11.42
O4 OMU DC 1313 -76.35 -96.57 -9.10
C1' OMU DC 1313 -73.71 -93.69 -13.09
C2' OMU DC 1313 -72.67 -92.71 -12.55
O2' OMU DC 1313 -72.66 -91.58 -13.39
CM2 OMU DC 1313 -73.77 -90.76 -13.25
C3' OMU DC 1313 -71.38 -93.51 -12.70
C4' OMU DC 1313 -71.63 -94.35 -13.94
O3' OMU DC 1313 -70.23 -92.70 -12.82
O4' OMU DC 1313 -73.06 -94.62 -13.92
C5' OMU DC 1313 -70.88 -95.66 -13.99
O5' OMU DC 1313 -69.93 -95.73 -12.94
P OMU DC 1313 -69.41 -97.14 -12.41
OP1 OMU DC 1313 -69.39 -98.09 -13.57
OP2 OMU DC 1313 -68.15 -96.89 -11.61
P OMG DC 1361 -21.18 -64.39 7.87
OP1 OMG DC 1361 -21.27 -63.27 8.89
OP2 OMG DC 1361 -21.80 -65.75 8.16
O5' OMG DC 1361 -21.76 -63.85 6.49
C5' OMG DC 1361 -22.28 -62.52 6.39
C4' OMG DC 1361 -23.77 -62.55 6.19
O4' OMG DC 1361 -24.11 -63.45 5.11
C3' OMG DC 1361 -24.58 -63.05 7.37
O3' OMG DC 1361 -24.86 -62.03 8.31
C2' OMG DC 1361 -25.83 -63.62 6.71
O2' OMG DC 1361 -26.74 -62.59 6.40
CM2 OMG DC 1361 -28.02 -63.06 6.05
C1' OMG DC 1361 -25.26 -64.18 5.41
N9 OMG DC 1361 -24.89 -65.59 5.53
C8 OMG DC 1361 -23.61 -66.09 5.46
N7 OMG DC 1361 -23.57 -67.37 5.60
C5 OMG DC 1361 -24.87 -67.74 5.77
C6 OMG DC 1361 -25.42 -69.02 5.96
O6 OMG DC 1361 -24.83 -70.07 6.02
N1 OMG DC 1361 -26.81 -68.97 6.10
C2 OMG DC 1361 -27.55 -67.82 6.05
N2 OMG DC 1361 -28.87 -67.97 6.20
N3 OMG DC 1361 -27.04 -66.64 5.87
C4 OMG DC 1361 -25.71 -66.65 5.73
P G7M DC 1510 -51.43 -39.63 -6.18
OP1 G7M DC 1510 -52.43 -39.35 -7.27
OP2 G7M DC 1510 -50.82 -41.00 -6.06
O5' G7M DC 1510 -50.22 -38.61 -6.40
C5' G7M DC 1510 -50.46 -37.21 -6.48
C4' G7M DC 1510 -49.19 -36.45 -6.22
O4' G7M DC 1510 -49.04 -36.25 -4.80
C3' G7M DC 1510 -47.91 -37.16 -6.62
O3' G7M DC 1510 -47.61 -37.01 -8.00
C2' G7M DC 1510 -46.86 -36.53 -5.72
O2' G7M DC 1510 -46.32 -35.36 -6.30
C1' G7M DC 1510 -47.67 -36.11 -4.49
N9 G7M DC 1510 -47.37 -36.90 -3.28
C8 G7M DC 1510 -48.38 -37.77 -3.22
N7 G7M DC 1510 -48.19 -38.52 -2.12
CN7 G7M DC 1510 -49.14 -39.58 -1.76
C5 G7M DC 1510 -47.09 -38.12 -1.51
C6 G7M DC 1510 -46.38 -38.58 -0.24
O6 G7M DC 1510 -46.82 -39.47 0.40
N1 G7M DC 1510 -45.17 -37.94 0.18
C2 G7M DC 1510 -44.63 -36.86 -0.60
N2 G7M DC 1510 -43.41 -36.19 -0.19
N3 G7M DC 1510 -45.31 -36.43 -1.81
C4 G7M DC 1510 -46.57 -37.09 -2.25
N1 OMC DC 1574 -9.41 -47.59 -7.93
C2 OMC DC 1574 -9.64 -46.54 -8.82
N3 OMC DC 1574 -10.54 -45.60 -8.49
C4 OMC DC 1574 -11.22 -45.67 -7.38
C5 OMC DC 1574 -11.03 -46.73 -6.44
C6 OMC DC 1574 -10.12 -47.66 -6.77
O2 OMC DC 1574 -9.00 -46.48 -9.85
N4 OMC DC 1574 -12.10 -44.72 -7.12
C1' OMC DC 1574 -8.44 -48.66 -8.23
C2' OMC DC 1574 -7.00 -48.18 -8.08
O2' OMC DC 1574 -6.20 -48.87 -9.03
CM2 OMC DC 1574 -6.14 -48.23 -10.28
C3' OMC DC 1574 -6.66 -48.64 -6.67
C4' OMC DC 1574 -7.40 -49.96 -6.56
O4' OMC DC 1574 -8.63 -49.72 -7.30
O3' OMC DC 1574 -5.27 -48.77 -6.43
C5' OMC DC 1574 -7.75 -50.42 -5.17
O5' OMC DC 1574 -8.85 -49.68 -4.65
P OMC DC 1574 -9.73 -50.25 -3.46
OP1 OMC DC 1574 -8.79 -50.86 -2.43
OP2 OMC DC 1574 -10.72 -49.18 -3.06
C2 6MZ DC 1703 -7.14 -44.70 -12.18
C4 6MZ DC 1703 -7.40 -42.90 -13.61
C5 6MZ DC 1703 -8.47 -42.49 -12.92
O1P 6MZ DC 1703 -9.92 -40.46 -19.24
O2P 6MZ DC 1703 -10.67 -39.40 -16.97
N9 6MZ DC 1703 -7.22 -42.03 -14.61
N3 6MZ DC 1703 -6.74 -43.99 -13.25
N1 6MZ DC 1703 -8.21 -44.30 -11.46
C6 6MZ DC 1703 -8.87 -43.22 -11.82
N6 6MZ DC 1703 -10.03 -42.87 -10.95
C9 6MZ DC 1703 -11.26 -42.30 -11.48
N7 6MZ DC 1703 -8.92 -41.37 -13.49
C8 6MZ DC 1703 -8.14 -41.10 -14.54
O5' 6MZ DC 1703 -8.27 -39.65 -17.56
C5' 6MZ DC 1703 -7.16 -39.98 -18.38
C4' 6MZ DC 1703 -6.34 -41.08 -17.75
O4' 6MZ DC 1703 -6.20 -40.83 -16.34
C1' 6MZ DC 1703 -6.16 -42.05 -15.64
C2' 6MZ DC 1703 -6.31 -43.18 -16.64
O2' 6MZ DC 1703 -5.02 -43.63 -17.00
C3' 6MZ DC 1703 -6.97 -42.46 -17.82
O3' 6MZ DC 1703 -6.74 -43.09 -19.07
P 6MZ DC 1703 -9.71 -39.43 -18.19
O3P 6MZ DC 1703 -9.76 -38.07 -18.88
P 4AC DC 1713 2.40 -37.78 -22.41
OP1 4AC DC 1713 3.33 -37.63 -21.24
OP2 4AC DC 1713 1.24 -36.84 -22.58
O5' 4AC DC 1713 3.26 -37.73 -23.75
C5' 4AC DC 1713 4.42 -38.52 -23.92
C4' 4AC DC 1713 5.10 -38.21 -25.22
O4' 4AC DC 1713 4.20 -38.51 -26.32
C3' 4AC DC 1713 5.46 -36.76 -25.44
O3' 4AC DC 1713 6.68 -36.40 -24.81
C2' 4AC DC 1713 5.51 -36.65 -26.95
O2' 4AC DC 1713 6.72 -37.18 -27.46
C1' 4AC DC 1713 4.37 -37.57 -27.36
N1 4AC DC 1713 3.10 -36.84 -27.54
C2 4AC DC 1713 2.89 -36.14 -28.73
O2 4AC DC 1713 3.80 -36.12 -29.58
N3 4AC DC 1713 1.72 -35.48 -28.91
C4 4AC DC 1713 0.79 -35.52 -27.97
N4 4AC DC 1713 -0.37 -34.79 -28.32
C5 4AC DC 1713 0.96 -36.24 -26.78
C6 4AC DC 1713 2.12 -36.89 -26.60
C7 4AC DC 1713 -1.51 -34.58 -27.61
O7 4AC DC 1713 -1.70 -35.03 -26.48
CM7 4AC DC 1713 -2.54 -33.76 -28.31
C2 MA6 DC 1721 -10.59 -30.26 -9.08
C4 MA6 DC 1721 -8.92 -28.68 -9.49
C5 MA6 DC 1721 -9.71 -28.07 -10.37
P MA6 DC 1721 -5.24 -24.19 -11.44
OP1 MA6 DC 1721 -3.87 -23.71 -11.85
OP2 MA6 DC 1721 -6.37 -24.26 -12.43
O5' MA6 DC 1721 -5.10 -25.64 -10.80
C5' MA6 DC 1721 -4.20 -25.89 -9.72
C4' MA6 DC 1721 -4.55 -27.20 -9.04
O4' MA6 DC 1721 -5.87 -27.08 -8.45
C1' MA6 DC 1721 -6.59 -28.29 -8.63
N9 MA6 DC 1721 -7.77 -28.01 -9.46
N3 MA6 DC 1721 -9.35 -29.79 -8.84
N1 MA6 DC 1721 -11.40 -29.63 -9.97
C6 MA6 DC 1721 -10.99 -28.55 -10.61
N6 MA6 DC 1721 -12.13 -28.21 -11.43
C9 MA6 DC 1721 -13.32 -29.07 -11.47
C10 MA6 DC 1721 -12.11 -26.95 -12.21
N7 MA6 DC 1721 -9.04 -27.00 -10.87
C8 MA6 DC 1721 -7.84 -26.96 -10.30
C2' MA6 DC 1721 -5.64 -29.30 -9.24
O2' MA6 DC 1721 -5.00 -29.98 -8.19
C3' MA6 DC 1721 -4.66 -28.39 -9.97
O3' MA6 DC 1721 -3.41 -29.01 -10.22
C2 MA6 DC 1722 -10.54 -33.40 -11.57
C4 MA6 DC 1722 -8.53 -32.26 -11.87
C5 MA6 DC 1722 -9.12 -31.41 -12.72
P MA6 DC 1722 -2.77 -29.00 -11.69
OP1 MA6 DC 1722 -1.46 -28.25 -11.62
OP2 MA6 DC 1722 -3.85 -28.55 -12.65
O5' MA6 DC 1722 -2.44 -30.53 -11.98
C5' MA6 DC 1722 -3.33 -31.34 -12.72
C4' MA6 DC 1722 -4.02 -32.35 -11.85
O4' MA6 DC 1722 -5.04 -31.70 -11.07
C1' MA6 DC 1722 -6.19 -32.51 -10.98
N9 MA6 DC 1722 -7.26 -31.88 -11.78
N3 MA6 DC 1722 -9.23 -33.26 -11.29
N1 MA6 DC 1722 -11.15 -32.54 -12.44
C6 MA6 DC 1722 -10.47 -31.56 -13.00
N6 MA6 DC 1722 -11.48 -30.93 -13.83
C9 MA6 DC 1722 -11.18 -29.64 -14.46
C10 MA6 DC 1722 -12.81 -31.58 -14.05
N7 MA6 DC 1722 -8.20 -30.51 -13.14
C8 MA6 DC 1722 -7.03 -30.80 -12.56
C2' MA6 DC 1722 -5.82 -33.87 -11.56
O2' MA6 DC 1722 -5.23 -34.64 -10.52
C3' MA6 DC 1722 -4.77 -33.46 -12.58
O3' MA6 DC 1722 -3.92 -34.52 -12.99
N ASN EC 1 55.99 -31.71 60.06
CA ASN EC 1 56.99 -31.98 59.03
C ASN EC 1 57.28 -33.47 58.96
N PHE EC 2 56.51 -34.26 59.71
CA PHE EC 2 56.77 -35.68 59.86
C PHE EC 2 56.26 -36.45 58.63
N THR EC 3 56.32 -37.78 58.72
CA THR EC 3 56.07 -38.65 57.59
C THR EC 3 54.93 -39.62 57.87
N VAL EC 4 54.42 -40.21 56.79
CA VAL EC 4 53.25 -41.08 56.86
C VAL EC 4 53.49 -42.33 57.69
N ASP EC 5 54.74 -42.76 57.87
CA ASP EC 5 55.02 -43.89 58.74
C ASP EC 5 54.62 -43.58 60.18
N GLN EC 6 55.10 -42.47 60.73
CA GLN EC 6 54.70 -42.08 62.07
C GLN EC 6 53.25 -41.61 62.10
N ILE EC 7 52.72 -41.13 60.96
CA ILE EC 7 51.29 -40.83 60.88
C ILE EC 7 50.46 -42.08 61.14
N ARG EC 8 50.79 -43.19 60.46
CA ARG EC 8 50.11 -44.44 60.71
C ARG EC 8 50.37 -44.96 62.13
N ALA EC 9 51.59 -44.75 62.62
CA ALA EC 9 51.94 -45.21 63.97
C ALA EC 9 51.07 -44.54 65.03
N ILE EC 10 50.83 -43.23 64.89
CA ILE EC 10 49.93 -42.54 65.80
C ILE EC 10 48.46 -42.70 65.43
N MET EC 11 48.17 -43.11 64.18
CA MET EC 11 46.79 -43.31 63.75
C MET EC 11 46.21 -44.59 64.34
N ASP EC 12 47.03 -45.64 64.45
CA ASP EC 12 46.52 -46.90 65.00
C ASP EC 12 46.15 -46.76 66.47
N LYS EC 13 46.63 -45.72 67.15
CA LYS EC 13 46.29 -45.48 68.54
C LYS EC 13 45.01 -44.65 68.60
N LYS EC 14 43.90 -45.29 69.00
CA LYS EC 14 42.61 -44.63 69.00
C LYS EC 14 42.42 -43.72 70.21
N ALA EC 15 43.16 -43.93 71.28
CA ALA EC 15 43.05 -43.10 72.47
C ALA EC 15 43.75 -41.76 72.32
N ASN EC 16 44.45 -41.53 71.22
CA ASN EC 16 45.14 -40.28 70.98
C ASN EC 16 44.58 -39.52 69.78
N ILE EC 17 43.54 -40.04 69.15
CA ILE EC 17 42.85 -39.33 68.08
C ILE EC 17 41.73 -38.48 68.68
N ARG EC 18 41.65 -37.23 68.26
CA ARG EC 18 40.63 -36.31 68.77
C ARG EC 18 39.90 -35.71 67.57
N ASN EC 19 38.74 -36.28 67.24
CA ASN EC 19 37.93 -35.78 66.14
C ASN EC 19 37.08 -34.63 66.64
N MET EC 20 37.30 -33.43 66.09
CA MET EC 20 36.56 -32.28 66.55
C MET EC 20 36.36 -31.30 65.41
N SER EC 21 35.35 -30.45 65.56
CA SER EC 21 35.08 -29.40 64.59
C SER EC 21 34.91 -28.09 65.31
N VAL EC 22 35.29 -27.00 64.64
CA VAL EC 22 35.09 -25.66 65.16
C VAL EC 22 33.78 -25.10 64.59
N ILE EC 23 32.95 -24.57 65.47
CA ILE EC 23 31.64 -24.05 65.11
C ILE EC 23 31.47 -22.68 65.75
N ALA EC 24 30.93 -21.73 64.98
CA ALA EC 24 30.74 -20.36 65.44
C ALA EC 24 29.79 -19.66 64.48
N HIS EC 25 29.70 -18.34 64.62
CA HIS EC 25 28.93 -17.49 63.72
C HIS EC 25 29.87 -16.90 62.67
N VAL EC 26 29.28 -16.31 61.64
CA VAL EC 26 30.07 -15.67 60.59
C VAL EC 26 30.87 -14.51 61.18
N ASP EC 27 32.05 -14.28 60.60
CA ASP EC 27 32.95 -13.18 60.96
C ASP EC 27 33.48 -13.29 62.38
N HIS EC 28 33.50 -14.49 62.94
CA HIS EC 28 33.96 -14.71 64.31
C HIS EC 28 35.43 -15.09 64.39
N GLY EC 29 36.13 -15.20 63.26
CA GLY EC 29 37.53 -15.56 63.28
C GLY EC 29 37.83 -17.03 63.37
N LYS EC 30 36.91 -17.90 62.93
CA LYS EC 30 37.19 -19.32 62.86
C LYS EC 30 38.36 -19.62 61.95
N SER EC 31 38.41 -18.95 60.80
CA SER EC 31 39.51 -19.14 59.87
C SER EC 31 40.83 -18.70 60.50
N THR EC 32 40.82 -17.60 61.25
CA THR EC 32 42.04 -17.14 61.91
C THR EC 32 42.48 -18.11 63.00
N LEU EC 33 41.52 -18.69 63.74
CA LEU EC 33 41.86 -19.68 64.75
C LEU EC 33 42.47 -20.92 64.12
N THR EC 34 41.88 -21.40 63.03
CA THR EC 34 42.49 -22.52 62.31
C THR EC 34 43.85 -22.16 61.75
N ASP EC 35 44.03 -20.90 61.33
CA ASP EC 35 45.33 -20.45 60.85
C ASP EC 35 46.38 -20.53 61.96
N SER EC 36 46.05 -20.03 63.15
CA SER EC 36 46.99 -20.08 64.26
C SER EC 36 47.28 -21.51 64.69
N LEU EC 37 46.26 -22.38 64.68
CA LEU EC 37 46.47 -23.77 65.07
C LEU EC 37 47.31 -24.53 64.04
N VAL EC 38 47.14 -24.25 62.75
CA VAL EC 38 48.01 -24.85 61.74
C VAL EC 38 49.41 -24.27 61.82
N CYS EC 39 49.54 -23.00 62.20
CA CYS EC 39 50.85 -22.42 62.41
C CYS EC 39 51.57 -23.08 63.56
N LYS EC 40 50.86 -23.40 64.63
CA LYS EC 40 51.49 -24.00 65.81
C LYS EC 40 51.72 -25.49 65.62
N ALA EC 41 50.64 -26.25 65.49
CA ALA EC 41 50.71 -27.71 65.39
C ALA EC 41 50.52 -28.14 63.95
N GLY EC 42 50.43 -29.45 63.74
CA GLY EC 42 50.23 -29.98 62.40
C GLY EC 42 51.04 -31.24 62.12
N ILE EC 43 50.50 -32.10 61.26
CA ILE EC 43 51.22 -33.32 60.87
C ILE EC 43 52.41 -32.97 59.98
N ILE EC 44 52.21 -32.08 59.02
CA ILE EC 44 53.27 -31.58 58.15
C ILE EC 44 53.14 -30.06 58.12
N ALA EC 45 52.09 -29.55 58.76
CA ALA EC 45 51.79 -28.13 58.75
C ALA EC 45 52.85 -27.34 59.52
N SER EC 46 53.26 -26.22 58.97
CA SER EC 46 54.28 -25.35 59.54
C SER EC 46 53.66 -24.02 59.95
N ALA EC 47 54.51 -23.08 60.37
CA ALA EC 47 54.09 -21.78 60.88
C ALA EC 47 54.08 -20.70 59.80
N ARG EC 48 53.71 -21.07 58.57
CA ARG EC 48 53.65 -20.10 57.49
C ARG EC 48 52.63 -19.01 57.79
N ALA EC 49 53.02 -17.76 57.53
CA ALA EC 49 52.18 -16.60 57.81
C ALA EC 49 51.58 -16.02 56.53
N GLY EC 50 51.17 -16.88 55.60
CA GLY EC 50 50.56 -16.43 54.36
C GLY EC 50 49.06 -16.25 54.48
N GLU EC 51 48.62 -15.69 55.61
CA GLU EC 51 47.20 -15.46 55.93
C GLU EC 51 46.49 -16.81 55.95
N THR EC 52 45.44 -17.02 55.16
CA THR EC 52 44.62 -18.22 55.29
C THR EC 52 45.36 -19.45 54.80
N ARG EC 53 45.20 -20.56 55.52
CA ARG EC 53 45.83 -21.84 55.20
C ARG EC 53 44.92 -22.62 54.25
N PHE EC 54 45.18 -23.92 54.09
CA PHE EC 54 44.45 -24.81 53.18
C PHE EC 54 42.99 -25.02 53.58
N THR EC 55 42.51 -24.42 54.67
CA THR EC 55 41.10 -24.53 55.01
C THR EC 55 40.19 -23.91 53.94
N ASP EC 56 40.73 -23.00 53.12
CA ASP EC 56 40.02 -22.42 51.99
C ASP EC 56 40.78 -22.79 50.72
N THR EC 57 40.51 -23.98 50.19
CA THR EC 57 41.20 -24.45 49.01
C THR EC 57 40.68 -23.80 47.73
N ARG EC 58 39.38 -23.49 47.67
CA ARG EC 58 38.81 -22.84 46.50
C ARG EC 58 39.25 -21.38 46.43
N LYS EC 59 39.49 -20.90 45.20
CA LYS EC 59 39.95 -19.54 45.01
C LYS EC 59 38.83 -18.52 45.19
N ASP EC 60 37.60 -18.87 44.82
CA ASP EC 60 36.48 -17.95 45.05
C ASP EC 60 36.18 -17.78 46.53
N GLU EC 61 36.69 -18.67 47.39
CA GLU EC 61 36.69 -18.42 48.83
C GLU EC 61 37.73 -17.37 49.19
N GLN EC 62 38.93 -17.47 48.60
CA GLN EC 62 39.99 -16.52 48.88
C GLN EC 62 39.66 -15.13 48.37
N GLU EC 63 38.83 -15.04 47.32
CA GLU EC 63 38.48 -13.74 46.77
C GLU EC 63 37.64 -12.93 47.74
N ARG EC 64 36.61 -13.54 48.34
CA ARG EC 64 35.62 -12.82 49.12
C ARG EC 64 35.78 -12.97 50.62
N CYS EC 65 36.57 -13.95 51.09
CA CYS EC 65 36.79 -14.22 52.51
C CYS EC 65 35.52 -14.66 53.23
N ILE EC 66 34.64 -15.37 52.53
CA ILE EC 66 33.51 -16.07 53.13
C ILE EC 66 33.77 -17.56 53.04
N THR EC 67 33.65 -18.26 54.17
CA THR EC 67 33.87 -19.71 54.21
C THR EC 67 32.67 -20.40 53.58
N ILE EC 68 32.92 -21.30 52.63
CA ILE EC 68 31.88 -21.99 51.88
C ILE EC 68 31.91 -23.49 52.13
N LYS EC 69 33.08 -24.11 51.96
CA LYS EC 69 33.24 -25.55 52.05
C LYS EC 69 33.99 -25.92 53.33
N SER EC 70 33.59 -27.02 53.96
CA SER EC 70 34.28 -27.51 55.13
C SER EC 70 35.62 -28.15 54.75
N THR EC 71 36.55 -28.15 55.71
CA THR EC 71 37.88 -28.70 55.46
C THR EC 71 38.42 -29.36 56.71
N ALA EC 72 38.93 -30.60 56.56
CA ALA EC 72 39.48 -31.36 57.67
C ALA EC 72 41.00 -31.39 57.56
N ILE EC 73 41.68 -31.01 58.63
CA ILE EC 73 43.13 -30.99 58.71
C ILE EC 73 43.57 -31.75 59.96
N SER EC 74 44.65 -32.50 59.82
CA SER EC 74 45.20 -33.31 60.90
C SER EC 74 46.35 -32.57 61.56
N LEU EC 75 46.43 -32.65 62.88
CA LEU EC 75 47.46 -31.98 63.66
C LEU EC 75 48.12 -32.98 64.61
N PHE EC 76 49.41 -33.21 64.44
CA PHE EC 76 50.16 -34.11 65.31
C PHE EC 76 51.11 -33.30 66.18
N TYR EC 77 51.16 -33.65 67.46
CA TYR EC 77 52.11 -33.02 68.38
C TYR EC 77 52.24 -33.90 69.62
N GLU EC 78 52.85 -33.33 70.65
CA GLU EC 78 53.07 -34.01 71.93
C GLU EC 78 52.70 -33.07 73.08
N LEU EC 79 52.84 -33.58 74.30
CA LEU EC 79 52.62 -32.77 75.48
C LEU EC 79 53.43 -33.38 76.61
N SER EC 80 53.66 -32.57 77.66
CA SER EC 80 54.42 -33.03 78.81
C SER EC 80 53.61 -34.04 79.63
N GLU EC 81 54.31 -34.76 80.50
CA GLU EC 81 53.67 -35.78 81.31
C GLU EC 81 52.67 -35.16 82.29
N ASN EC 82 53.05 -34.04 82.92
CA ASN EC 82 52.11 -33.39 83.82
C ASN EC 82 50.90 -32.84 83.07
N ASP EC 83 51.06 -32.50 81.79
CA ASP EC 83 49.93 -32.08 80.98
C ASP EC 83 49.03 -33.27 80.64
N LEU EC 84 49.64 -34.43 80.38
CA LEU EC 84 48.88 -35.65 80.18
C LEU EC 84 48.16 -36.10 81.44
N ASN EC 85 48.70 -35.73 82.62
CA ASN EC 85 48.09 -36.13 83.89
C ASN EC 85 46.64 -35.65 84.01
N PHE EC 86 46.28 -34.56 83.33
CA PHE EC 86 44.94 -34.01 83.43
C PHE EC 86 43.90 -34.83 82.70
N ILE EC 87 44.30 -35.67 81.76
CA ILE EC 87 43.35 -36.43 80.95
C ILE EC 87 42.81 -37.58 81.79
N LYS EC 88 41.51 -37.57 82.05
CA LYS EC 88 40.87 -38.61 82.85
C LYS EC 88 40.36 -39.78 82.03
N GLN EC 89 40.26 -39.63 80.71
CA GLN EC 89 39.74 -40.68 79.85
C GLN EC 89 40.84 -41.71 79.59
N SER EC 90 40.58 -42.61 78.64
CA SER EC 90 41.61 -43.54 78.21
C SER EC 90 42.69 -42.82 77.43
N LYS EC 91 43.94 -43.06 77.79
CA LYS EC 91 45.08 -42.43 77.13
C LYS EC 91 46.20 -43.45 76.97
N ASP EC 92 47.00 -43.27 75.93
CA ASP EC 92 48.10 -44.19 75.65
C ASP EC 92 49.17 -43.44 74.87
N GLY EC 93 50.21 -43.00 75.56
CA GLY EC 93 51.31 -42.30 74.93
C GLY EC 93 51.16 -40.79 74.97
N ALA EC 94 52.25 -40.11 74.57
CA ALA EC 94 52.30 -38.66 74.58
C ALA EC 94 51.92 -38.04 73.23
N GLY EC 95 52.18 -38.71 72.12
CA GLY EC 95 51.81 -38.18 70.84
C GLY EC 95 50.31 -38.15 70.65
N PHE EC 96 49.81 -37.02 70.14
CA PHE EC 96 48.39 -36.80 69.95
C PHE EC 96 48.14 -36.34 68.52
N LEU EC 97 47.08 -36.86 67.91
CA LEU EC 97 46.60 -36.42 66.63
C LEU EC 97 45.19 -35.86 66.79
N ILE EC 98 44.96 -34.67 66.26
CA ILE EC 98 43.68 -33.99 66.33
C ILE EC 98 43.18 -33.84 64.91
N ASN EC 99 42.02 -34.43 64.61
CA ASN EC 99 41.35 -34.25 63.34
C ASN EC 99 40.44 -33.04 63.50
N LEU EC 100 40.98 -31.86 63.19
CA LEU EC 100 40.20 -30.64 63.26
C LEU EC 100 39.41 -30.47 61.98
N ILE EC 101 38.18 -29.99 62.11
CA ILE EC 101 37.33 -29.70 60.96
C ILE EC 101 36.86 -28.25 61.06
N ASP EC 102 37.25 -27.44 60.09
CA ASP EC 102 36.72 -26.10 59.95
C ASP EC 102 35.43 -26.16 59.13
N SER EC 103 34.37 -25.60 59.69
CA SER EC 103 33.03 -25.65 59.12
C SER EC 103 32.50 -24.24 58.95
N PRO EC 104 31.74 -23.99 57.89
CA PRO EC 104 31.23 -22.64 57.64
C PRO EC 104 30.15 -22.24 58.64
N GLY EC 105 29.96 -20.93 58.77
CA GLY EC 105 29.08 -20.36 59.76
C GLY EC 105 27.76 -19.80 59.29
N HIS EC 106 27.42 -19.94 58.02
CA HIS EC 106 26.14 -19.47 57.53
C HIS EC 106 25.06 -20.51 57.77
N VAL EC 107 23.82 -20.03 57.92
CA VAL EC 107 22.67 -20.92 58.06
C VAL EC 107 22.48 -21.74 56.79
N ASP EC 108 22.87 -21.18 55.64
CA ASP EC 108 22.76 -21.88 54.37
C ASP EC 108 23.69 -23.08 54.25
N PHE EC 109 24.65 -23.23 55.17
CA PHE EC 109 25.52 -24.39 55.22
C PHE EC 109 25.33 -25.17 56.51
N SER EC 110 24.13 -25.07 57.09
CA SER EC 110 23.79 -25.90 58.25
C SER EC 110 23.85 -27.39 57.92
N SER EC 111 23.63 -27.76 56.66
CA SER EC 111 23.82 -29.14 56.24
C SER EC 111 25.29 -29.56 56.37
N GLU EC 112 26.20 -28.69 55.94
CA GLU EC 112 27.62 -29.01 56.08
C GLU EC 112 28.04 -29.05 57.53
N VAL EC 113 27.46 -28.18 58.35
CA VAL EC 113 27.73 -28.22 59.79
C VAL EC 113 27.21 -29.53 60.39
N THR EC 114 26.02 -29.97 59.97
CA THR EC 114 25.47 -31.24 60.44
C THR EC 114 26.37 -32.40 60.02
N ALA EC 115 26.88 -32.37 58.79
CA ALA EC 115 27.80 -33.41 58.33
C ALA EC 115 29.07 -33.42 59.15
N ALA EC 116 29.64 -32.25 59.43
CA ALA EC 116 30.83 -32.18 60.27
C ALA EC 116 30.57 -32.73 61.66
N LEU EC 117 29.42 -32.41 62.24
CA LEU EC 117 29.07 -32.92 63.56
C LEU EC 117 28.93 -34.43 63.54
N ARG EC 118 28.27 -34.97 62.51
CA ARG EC 118 28.14 -36.42 62.38
C ARG EC 118 29.50 -37.08 62.26
N VAL EC 119 30.45 -36.42 61.60
CA VAL EC 119 31.79 -36.96 61.48
C VAL EC 119 32.53 -36.93 62.82
N THR EC 120 32.38 -35.83 63.56
CA THR EC 120 33.25 -35.54 64.70
C THR EC 120 32.69 -36.09 66.00
N ASP EC 121 33.46 -35.87 67.07
CA ASP EC 121 33.04 -36.18 68.44
C ASP EC 121 33.04 -34.97 69.36
N GLY EC 122 33.90 -33.97 69.11
CA GLY EC 122 33.95 -32.78 69.92
C GLY EC 122 33.70 -31.53 69.11
N ALA EC 123 33.19 -30.51 69.80
CA ALA EC 123 32.93 -29.22 69.16
C ALA EC 123 33.61 -28.12 69.96
N LEU EC 124 34.36 -27.27 69.25
CA LEU EC 124 34.88 -26.04 69.81
C LEU EC 124 33.99 -24.91 69.35
N VAL EC 125 33.16 -24.41 70.24
CA VAL EC 125 32.30 -23.27 69.96
C VAL EC 125 33.12 -22.00 70.17
N VAL EC 126 33.11 -21.13 69.17
CA VAL EC 126 33.79 -19.84 69.23
C VAL EC 126 32.73 -18.75 69.33
N VAL EC 127 32.88 -17.87 70.30
CA VAL EC 127 31.96 -16.75 70.48
C VAL EC 127 32.77 -15.48 70.55
N ASP EC 128 32.50 -14.55 69.63
CA ASP EC 128 33.11 -13.23 69.68
C ASP EC 128 32.64 -12.50 70.93
N CYS EC 129 33.59 -12.06 71.75
CA CYS EC 129 33.26 -11.44 73.04
C CYS EC 129 32.62 -10.07 72.89
N VAL EC 130 32.61 -9.50 71.68
CA VAL EC 130 31.93 -8.24 71.46
C VAL EC 130 30.44 -8.45 71.25
N SER EC 131 30.07 -9.29 70.27
CA SER EC 131 28.67 -9.54 69.99
C SER EC 131 28.03 -10.45 71.02
N GLY EC 132 28.72 -11.51 71.41
CA GLY EC 132 28.14 -12.50 72.29
C GLY EC 132 27.56 -13.68 71.52
N VAL EC 133 26.58 -14.33 72.14
CA VAL EC 133 25.93 -15.47 71.50
C VAL EC 133 24.99 -14.98 70.41
N CYS EC 134 25.18 -15.51 69.20
CA CYS EC 134 24.44 -15.11 68.03
C CYS EC 134 23.52 -16.24 67.55
N VAL EC 135 22.76 -15.94 66.50
CA VAL EC 135 21.76 -16.88 66.01
C VAL EC 135 22.42 -18.17 65.54
N GLN EC 136 23.49 -18.05 64.75
CA GLN EC 136 24.10 -19.25 64.19
C GLN EC 136 24.92 -20.03 65.21
N THR EC 137 25.55 -19.34 66.17
CA THR EC 137 26.21 -20.07 67.25
C THR EC 137 25.19 -20.88 68.04
N GLU EC 138 24.04 -20.26 68.34
CA GLU EC 138 22.99 -20.99 69.04
C GLU EC 138 22.44 -22.14 68.19
N THR EC 139 22.34 -21.94 66.87
CA THR EC 139 21.79 -22.99 66.01
C THR EC 139 22.75 -24.19 65.92
N VAL EC 140 24.03 -23.92 65.71
CA VAL EC 140 24.99 -25.02 65.68
C VAL EC 140 25.15 -25.65 67.07
N LEU EC 141 24.92 -24.89 68.13
CA LEU EC 141 24.89 -25.50 69.46
C LEU EC 141 23.70 -26.44 69.60
N ARG EC 142 22.54 -26.04 69.09
CA ARG EC 142 21.38 -26.92 69.09
C ARG EC 142 21.66 -28.19 68.30
N GLN EC 143 22.28 -28.04 67.13
CA GLN EC 143 22.63 -29.20 66.31
C GLN EC 143 23.64 -30.10 67.03
N ALA EC 144 24.62 -29.51 67.71
CA ALA EC 144 25.63 -30.29 68.41
C ALA EC 144 25.02 -31.06 69.58
N ILE EC 145 24.14 -30.43 70.36
CA ILE EC 145 23.56 -31.13 71.50
C ILE EC 145 22.50 -32.13 71.04
N ALA EC 146 21.90 -31.92 69.87
CA ALA EC 146 21.04 -32.94 69.31
C ALA EC 146 21.83 -34.10 68.73
N GLU EC 147 23.07 -33.86 68.30
CA GLU EC 147 23.91 -34.89 67.72
C GLU EC 147 24.93 -35.43 68.73
N ARG EC 148 24.77 -35.09 70.02
CA ARG EC 148 25.55 -35.66 71.12
C ARG EC 148 27.04 -35.36 70.95
N ILE EC 149 27.37 -34.08 70.98
CA ILE EC 149 28.74 -33.61 70.82
C ILE EC 149 29.12 -32.79 72.05
N LYS EC 150 30.30 -33.07 72.59
CA LYS EC 150 30.78 -32.33 73.75
C LYS EC 150 31.27 -30.95 73.34
N PRO EC 151 30.69 -29.87 73.87
CA PRO EC 151 31.13 -28.52 73.48
C PRO EC 151 32.15 -27.91 74.44
N VAL EC 152 33.06 -27.10 73.90
CA VAL EC 152 33.99 -26.32 74.70
C VAL EC 152 34.01 -24.90 74.15
N LEU EC 153 33.87 -23.91 75.03
CA LEU EC 153 33.67 -22.53 74.61
C LEU EC 153 34.99 -21.77 74.56
N MET EC 154 35.09 -20.86 73.59
CA MET EC 154 36.26 -20.00 73.47
C MET EC 154 35.80 -18.61 73.06
N MET EC 155 36.16 -17.60 73.86
CA MET EC 155 35.86 -16.21 73.54
C MET EC 155 36.98 -15.64 72.68
N ASN EC 156 36.61 -15.07 71.54
CA ASN EC 156 37.56 -14.56 70.56
C ASN EC 156 37.50 -13.03 70.48
N LYS EC 157 38.51 -12.47 69.81
CA LYS EC 157 38.61 -11.03 69.58
C LYS EC 157 38.63 -10.24 70.89
N MET EC 158 39.43 -10.70 71.84
CA MET EC 158 39.57 -9.98 73.11
C MET EC 158 40.23 -8.62 72.93
N ASP EC 159 41.09 -8.47 71.93
CA ASP EC 159 41.70 -7.18 71.66
C ASP EC 159 40.66 -6.15 71.25
N ARG EC 160 39.65 -6.56 70.47
CA ARG EC 160 38.59 -5.63 70.09
C ARG EC 160 37.84 -5.13 71.31
N ALA EC 161 37.53 -6.03 72.25
CA ALA EC 161 36.79 -5.64 73.44
C ALA EC 161 37.65 -4.75 74.35
N LEU EC 162 38.93 -5.07 74.48
CA LEU EC 162 39.77 -4.36 75.44
C LEU EC 162 40.46 -3.13 74.87
N LEU EC 163 40.37 -2.91 73.56
CA LEU EC 163 40.94 -1.70 72.95
C LEU EC 163 39.86 -0.85 72.29
N GLU EC 164 39.05 -1.42 71.40
CA GLU EC 164 38.04 -0.64 70.71
C GLU EC 164 36.88 -0.30 71.65
N LEU EC 165 36.48 -1.25 72.50
CA LEU EC 165 35.39 -1.03 73.43
C LEU EC 165 35.85 -0.52 74.79
N GLN EC 166 37.15 -0.60 75.09
CA GLN EC 166 37.74 -0.08 76.32
C GLN EC 166 37.06 -0.66 77.57
N LEU EC 167 36.85 -1.97 77.57
CA LEU EC 167 36.10 -2.60 78.66
C LEU EC 167 36.88 -2.57 79.97
N GLU EC 168 36.14 -2.41 81.06
CA GLU EC 168 36.68 -2.48 82.41
C GLU EC 168 36.79 -3.94 82.84
N PRO EC 169 37.62 -4.25 83.85
CA PRO EC 169 37.76 -5.66 84.28
C PRO EC 169 36.45 -6.28 84.71
N GLU EC 170 35.64 -5.55 85.47
CA GLU EC 170 34.41 -6.11 86.01
C GLU EC 170 33.41 -6.41 84.90
N GLU EC 171 33.22 -5.48 83.96
CA GLU EC 171 32.30 -5.75 82.87
C GLU EC 171 32.87 -6.74 81.87
N LEU EC 172 34.19 -6.87 81.79
CA LEU EC 172 34.76 -7.97 81.00
C LEU EC 172 34.40 -9.32 81.61
N TYR EC 173 34.56 -9.45 82.92
CA TYR EC 173 34.11 -10.65 83.61
C TYR EC 173 32.61 -10.86 83.44
N GLN EC 174 31.85 -9.77 83.47
CA GLN EC 174 30.40 -9.86 83.30
C GLN EC 174 30.04 -10.35 81.91
N THR EC 175 30.73 -9.87 80.88
CA THR EC 175 30.49 -10.35 79.52
C THR EC 175 30.83 -11.84 79.41
N PHE EC 176 31.94 -12.25 80.01
CA PHE EC 176 32.30 -13.66 80.00
C PHE EC 176 31.24 -14.50 80.70
N GLN EC 177 30.73 -14.01 81.83
CA GLN EC 177 29.66 -14.71 82.54
C GLN EC 177 28.38 -14.74 81.72
N ARG EC 178 28.06 -13.66 81.01
CA ARG EC 178 26.88 -13.67 80.16
C ARG EC 178 26.99 -14.75 79.09
N ILE EC 179 28.15 -14.85 78.45
CA ILE EC 179 28.33 -15.84 77.41
C ILE EC 179 28.28 -17.26 77.98
N VAL EC 180 28.94 -17.47 79.13
CA VAL EC 180 28.94 -18.80 79.74
C VAL EC 180 27.54 -19.21 80.17
N GLU EC 181 26.80 -18.27 80.77
CA GLU EC 181 25.42 -18.54 81.16
C GLU EC 181 24.56 -18.84 79.94
N ASN EC 182 24.75 -18.09 78.86
CA ASN EC 182 23.98 -18.33 77.65
C ASN EC 182 24.25 -19.72 77.10
N VAL EC 183 25.52 -20.12 77.06
CA VAL EC 183 25.87 -21.46 76.58
C VAL EC 183 25.21 -22.52 77.46
N ASN EC 184 25.32 -22.36 78.77
CA ASN EC 184 24.77 -23.35 79.69
C ASN EC 184 23.26 -23.47 79.56
N VAL EC 185 22.56 -22.32 79.52
CA VAL EC 185 21.11 -22.37 79.45
C VAL EC 185 20.65 -22.91 78.10
N ILE EC 186 21.35 -22.58 77.02
CA ILE EC 186 20.96 -23.06 75.70
C ILE EC 186 21.09 -24.58 75.63
N ILE EC 187 22.23 -25.11 76.09
CA ILE EC 187 22.40 -26.55 76.01
C ILE EC 187 21.45 -27.26 76.96
N SER EC 188 21.21 -26.68 78.15
CA SER EC 188 20.31 -27.31 79.11
C SER EC 188 18.89 -27.37 78.58
N THR EC 189 18.41 -26.27 77.99
CA THR EC 189 17.04 -26.25 77.48
C THR EC 189 16.88 -27.14 76.27
N TYR EC 190 17.78 -27.02 75.29
CA TYR EC 190 17.57 -27.65 74.00
C TYR EC 190 18.21 -29.03 73.88
N GLY EC 191 18.84 -29.54 74.94
CA GLY EC 191 19.39 -30.87 74.89
C GLY EC 191 19.03 -31.72 76.08
N GLU EC 192 19.67 -32.88 76.20
CA GLU EC 192 19.46 -33.76 77.33
C GLU EC 192 20.09 -33.16 78.59
N GLY EC 193 19.70 -33.69 79.74
CA GLY EC 193 20.16 -33.21 81.02
C GLY EC 193 21.39 -33.94 81.52
N GLU EC 194 21.75 -33.63 82.77
CA GLU EC 194 22.87 -34.32 83.41
C GLU EC 194 22.52 -35.78 83.70
N SER EC 195 21.24 -36.09 83.89
CA SER EC 195 20.81 -37.47 84.05
C SER EC 195 21.00 -38.30 82.79
N GLY EC 196 21.24 -37.67 81.64
CA GLY EC 196 21.52 -38.38 80.42
C GLY EC 196 22.89 -39.03 80.45
N PRO EC 197 23.15 -39.89 79.45
CA PRO EC 197 24.44 -40.61 79.43
C PRO EC 197 25.66 -39.71 79.39
N MET EC 198 25.59 -38.57 78.70
CA MET EC 198 26.73 -37.68 78.62
C MET EC 198 27.03 -37.01 79.97
N GLY EC 199 26.05 -36.97 80.87
CA GLY EC 199 26.29 -36.45 82.20
C GLY EC 199 26.33 -34.92 82.22
N ASN EC 200 27.14 -34.39 83.14
CA ASN EC 200 27.27 -32.95 83.30
C ASN EC 200 27.98 -32.37 82.07
N ILE EC 201 27.21 -31.69 81.22
CA ILE EC 201 27.77 -31.10 80.00
C ILE EC 201 27.90 -29.59 80.08
N MET EC 202 27.24 -28.94 81.04
CA MET EC 202 27.31 -27.49 81.15
C MET EC 202 28.73 -27.06 81.50
N ILE EC 203 29.25 -26.10 80.74
CA ILE EC 203 30.66 -25.71 80.83
C ILE EC 203 30.92 -24.96 82.13
N ASP EC 204 32.19 -24.89 82.52
CA ASP EC 204 32.68 -24.24 83.72
C ASP EC 204 34.09 -23.73 83.45
N PRO EC 205 34.35 -22.44 83.64
CA PRO EC 205 35.74 -21.97 83.63
C PRO EC 205 36.56 -22.58 84.75
N VAL EC 206 35.93 -22.92 85.87
CA VAL EC 206 36.64 -23.59 86.96
C VAL EC 206 37.08 -24.99 86.54
N LEU EC 207 36.32 -25.64 85.66
CA LEU EC 207 36.72 -26.97 85.20
C LEU EC 207 37.73 -26.89 84.05
N GLY EC 208 37.55 -25.93 83.15
CA GLY EC 208 38.50 -25.74 82.07
C GLY EC 208 37.92 -25.92 80.68
N THR EC 209 36.60 -25.79 80.56
CA THR EC 209 35.93 -25.87 79.26
C THR EC 209 35.69 -24.50 78.65
N VAL EC 210 36.31 -23.46 79.20
CA VAL EC 210 36.13 -22.08 78.76
C VAL EC 210 37.52 -21.49 78.50
N GLY EC 211 37.69 -20.89 77.33
CA GLY EC 211 38.97 -20.31 76.95
C GLY EC 211 38.86 -18.86 76.56
N PHE EC 212 39.95 -18.11 76.69
CA PHE EC 212 39.97 -16.67 76.41
C PHE EC 212 41.11 -16.37 75.46
N GLY EC 213 41.19 -15.11 75.07
CA GLY EC 213 42.22 -14.62 74.17
C GLY EC 213 41.65 -14.22 72.83
N SER EC 214 42.54 -14.10 71.86
CA SER EC 214 42.15 -13.75 70.50
C SER EC 214 43.04 -14.47 69.52
N GLY EC 215 42.44 -15.17 68.57
CA GLY EC 215 43.19 -15.84 67.52
C GLY EC 215 43.74 -14.91 66.46
N LEU EC 216 43.31 -13.65 66.46
CA LEU EC 216 43.86 -12.68 65.51
C LEU EC 216 45.33 -12.40 65.81
N HIS EC 217 45.67 -12.20 67.08
CA HIS EC 217 47.05 -11.97 67.49
C HIS EC 217 47.72 -13.24 67.98
N GLY EC 218 47.05 -14.39 67.85
CA GLY EC 218 47.66 -15.67 68.18
C GLY EC 218 48.05 -15.86 69.62
N TRP EC 219 47.20 -15.41 70.55
CA TRP EC 219 47.44 -15.64 71.97
C TRP EC 219 46.14 -16.10 72.62
N ALA EC 220 46.22 -17.16 73.40
CA ALA EC 220 45.05 -17.70 74.08
C ALA EC 220 45.47 -18.31 75.40
N PHE EC 221 44.55 -18.34 76.35
CA PHE EC 221 44.83 -18.86 77.68
C PHE EC 221 43.56 -19.35 78.33
N THR EC 222 43.72 -20.23 79.30
CA THR EC 222 42.63 -20.72 80.14
C THR EC 222 42.98 -20.45 81.59
N LEU EC 223 42.03 -20.78 82.49
CA LEU EC 223 42.32 -20.70 83.91
C LEU EC 223 43.43 -21.65 84.31
N LYS EC 224 43.58 -22.75 83.57
CA LYS EC 224 44.56 -23.78 83.90
C LYS EC 224 45.98 -23.23 83.90
N GLN EC 225 46.32 -22.44 82.88
CA GLN EC 225 47.70 -21.97 82.73
C GLN EC 225 48.08 -20.99 83.83
N PHE EC 226 47.21 -20.04 84.13
CA PHE EC 226 47.49 -19.08 85.19
C PHE EC 226 47.47 -19.74 86.56
N ALA EC 227 46.58 -20.72 86.78
CA ALA EC 227 46.61 -21.47 88.02
C ALA EC 227 47.91 -22.24 88.16
N GLU EC 228 48.39 -22.84 87.06
CA GLU EC 228 49.65 -23.57 87.09
C GLU EC 228 50.81 -22.65 87.41
N MET EC 229 50.87 -21.49 86.78
CA MET EC 229 51.95 -20.55 87.03
C MET EC 229 51.87 -19.94 88.43
N TYR EC 230 50.68 -19.77 88.99
CA TYR EC 230 50.55 -19.29 90.37
C TYR EC 230 50.89 -20.36 91.40
N VAL EC 231 50.57 -21.62 91.13
CA VAL EC 231 51.04 -22.71 91.98
C VAL EC 231 52.56 -22.80 91.92
N ALA EC 232 53.12 -22.62 90.71
CA ALA EC 232 54.57 -22.63 90.57
C ALA EC 232 55.22 -21.49 91.35
N LYS EC 233 54.59 -20.31 91.34
CA LYS EC 233 55.05 -19.21 92.17
C LYS EC 233 54.95 -19.56 93.65
N PHE EC 234 53.85 -20.19 94.06
CA PHE EC 234 53.63 -20.60 95.44
C PHE EC 234 54.14 -22.02 95.67
N ALA EC 245 50.20 -35.44 88.98
CA ALA EC 245 50.24 -35.93 90.36
C ALA EC 245 49.91 -34.81 91.34
N GLU EC 246 50.93 -34.40 92.12
CA GLU EC 246 50.73 -33.33 93.09
C GLU EC 246 50.38 -32.01 92.41
N ARG EC 247 51.09 -31.68 91.33
CA ARG EC 247 50.83 -30.43 90.61
C ARG EC 247 49.44 -30.42 90.01
N ALA EC 248 49.02 -31.54 89.40
CA ALA EC 248 47.69 -31.63 88.83
C ALA EC 248 46.61 -31.52 89.89
N LYS EC 249 46.81 -32.20 91.03
CA LYS EC 249 45.84 -32.12 92.12
C LYS EC 249 45.76 -30.71 92.69
N LYS EC 250 46.90 -30.01 92.76
CA LYS EC 250 46.90 -28.64 93.23
C LYS EC 250 46.10 -27.74 92.28
N VAL EC 251 46.41 -27.80 90.98
CA VAL EC 251 45.74 -26.88 90.06
C VAL EC 251 44.26 -27.22 89.89
N GLU EC 252 43.88 -28.49 90.07
CA GLU EC 252 42.49 -28.89 89.89
C GLU EC 252 41.57 -28.12 90.83
N ASP EC 253 41.90 -28.10 92.12
CA ASP EC 253 41.11 -27.31 93.06
C ASP EC 253 41.62 -25.89 93.23
N MET EC 254 42.73 -25.53 92.57
CA MET EC 254 43.11 -24.12 92.50
C MET EC 254 42.24 -23.35 91.53
N MET EC 255 41.85 -23.98 90.42
CA MET EC 255 40.99 -23.31 89.45
C MET EC 255 39.63 -22.96 90.04
N LYS EC 256 39.13 -23.78 90.97
CA LYS EC 256 37.87 -23.52 91.64
C LYS EC 256 37.89 -22.20 92.40
N LYS EC 257 39.05 -21.77 92.87
CA LYS EC 257 39.21 -20.42 93.42
C LYS EC 257 39.60 -19.40 92.38
N LEU EC 258 40.29 -19.83 91.31
CA LEU EC 258 40.66 -18.94 90.22
C LEU EC 258 39.43 -18.27 89.60
N TRP EC 259 38.37 -19.04 89.37
CA TRP EC 259 37.15 -18.49 88.82
C TRP EC 259 36.01 -18.67 89.83
N GLY EC 260 35.03 -17.76 89.77
CA GLY EC 260 33.83 -17.80 90.57
C GLY EC 260 33.54 -16.43 91.13
N ASP EC 261 32.51 -16.37 91.98
CA ASP EC 261 32.17 -15.12 92.68
C ASP EC 261 32.96 -14.99 93.98
N ARG EC 262 34.28 -15.17 93.88
CA ARG EC 262 35.19 -15.08 95.01
C ARG EC 262 36.03 -13.82 94.88
N TYR EC 263 36.51 -13.31 96.02
CA TYR EC 263 37.18 -12.03 96.06
C TYR EC 263 38.54 -12.16 96.73
N PHE EC 264 39.57 -11.68 96.07
CA PHE EC 264 40.93 -11.67 96.60
C PHE EC 264 41.34 -10.25 96.92
N ASP EC 265 41.86 -10.05 98.13
CA ASP EC 265 42.32 -8.73 98.54
C ASP EC 265 43.82 -8.64 98.32
N PRO EC 266 44.30 -7.76 97.43
CA PRO EC 266 45.74 -7.61 97.25
C PRO EC 266 46.47 -7.15 98.50
N ALA EC 267 45.80 -6.38 99.37
CA ALA EC 267 46.42 -5.97 100.62
C ALA EC 267 46.55 -7.15 101.59
N ASN EC 268 45.47 -7.93 101.73
CA ASN EC 268 45.50 -9.07 102.64
C ASN EC 268 46.48 -10.13 102.15
N GLY EC 269 46.51 -10.40 100.85
CA GLY EC 269 47.34 -11.45 100.30
C GLY EC 269 46.72 -12.83 100.34
N LYS EC 270 45.49 -12.96 100.81
CA LYS EC 270 44.80 -14.24 100.89
C LYS EC 270 43.38 -14.09 100.34
N PHE EC 271 42.77 -15.22 100.01
CA PHE EC 271 41.45 -15.23 99.41
C PHE EC 271 40.37 -14.97 100.47
N SER EC 272 39.18 -14.61 99.99
CA SER EC 272 38.05 -14.36 100.87
C SER EC 272 36.77 -14.63 100.09
N LYS EC 273 35.74 -15.10 100.81
CA LYS EC 273 34.44 -15.38 100.21
C LYS EC 273 33.41 -14.30 100.54
N SER EC 274 33.83 -13.17 101.11
CA SER EC 274 32.92 -12.12 101.56
C SER EC 274 33.13 -10.87 100.72
N ALA EC 275 32.03 -10.27 100.25
CA ALA EC 275 32.10 -9.07 99.44
C ALA EC 275 32.57 -7.85 100.22
N THR EC 276 32.43 -7.86 101.55
CA THR EC 276 32.82 -6.75 102.39
C THR EC 276 34.03 -7.16 103.24
N SER EC 277 35.08 -6.36 103.18
CA SER EC 277 36.29 -6.63 103.95
C SER EC 277 36.08 -6.24 105.41
N PRO EC 278 36.91 -6.75 106.32
CA PRO EC 278 36.80 -6.33 107.72
C PRO EC 278 36.97 -4.83 107.91
N GLU EC 279 37.85 -4.19 107.14
CA GLU EC 279 38.00 -2.74 107.25
C GLU EC 279 36.83 -2.02 106.60
N GLY EC 280 36.40 -2.46 105.42
CA GLY EC 280 35.27 -1.83 104.75
C GLY EC 280 35.50 -1.61 103.27
N LYS EC 281 36.75 -1.74 102.83
CA LYS EC 281 37.07 -1.55 101.41
C LYS EC 281 36.45 -2.67 100.57
N LYS EC 282 35.88 -2.28 99.43
CA LYS EC 282 35.34 -3.27 98.51
C LYS EC 282 36.46 -4.05 97.85
N LEU EC 283 36.32 -5.37 97.84
CA LEU EC 283 37.37 -6.25 97.36
C LEU EC 283 37.16 -6.54 95.88
N PRO EC 284 38.21 -6.51 95.06
CA PRO EC 284 38.08 -7.01 93.70
C PRO EC 284 37.91 -8.52 93.69
N ARG EC 285 37.26 -9.02 92.65
CA ARG EC 285 37.12 -10.47 92.55
C ARG EC 285 38.45 -11.11 92.18
N THR EC 286 38.59 -12.39 92.54
CA THR EC 286 39.82 -13.11 92.31
C THR EC 286 40.16 -13.17 90.82
N PHE EC 287 39.17 -13.47 89.98
CA PHE EC 287 39.39 -13.62 88.55
C PHE EC 287 40.01 -12.35 87.96
N CYS EC 288 39.35 -11.21 88.17
CA CYS EC 288 39.90 -9.95 87.67
C CYS EC 288 41.23 -9.64 88.32
N GLN EC 289 41.28 -9.64 89.66
CA GLN EC 289 42.42 -9.11 90.39
C GLN EC 289 43.72 -9.87 90.09
N LEU EC 290 43.66 -11.19 89.91
CA LEU EC 290 44.87 -11.94 89.64
C LEU EC 290 44.85 -12.66 88.31
N ILE EC 291 44.03 -12.23 87.35
CA ILE EC 291 44.30 -12.61 85.97
C ILE EC 291 44.32 -11.36 85.11
N LEU EC 292 43.22 -10.62 85.12
CA LEU EC 292 43.06 -9.50 84.20
C LEU EC 292 43.91 -8.30 84.59
N ASP EC 293 44.39 -8.26 85.83
CA ASP EC 293 45.09 -7.07 86.29
C ASP EC 293 46.53 -7.00 85.79
N PRO EC 294 47.34 -8.07 85.87
CA PRO EC 294 48.64 -7.99 85.19
C PRO EC 294 48.52 -7.80 83.69
N ILE EC 295 47.50 -8.41 83.09
CA ILE EC 295 47.27 -8.25 81.66
C ILE EC 295 46.88 -6.82 81.35
N PHE EC 296 46.08 -6.19 82.21
CA PHE EC 296 45.75 -4.79 81.98
C PHE EC 296 46.94 -3.88 82.25
N LYS EC 297 47.82 -4.26 83.18
CA LYS EC 297 49.06 -3.51 83.37
C LYS EC 297 49.91 -3.55 82.10
N VAL EC 298 50.09 -4.73 81.52
CA VAL EC 298 50.91 -4.79 80.32
C VAL EC 298 50.21 -4.12 79.14
N PHE EC 299 48.87 -4.19 79.09
CA PHE EC 299 48.12 -3.47 78.06
C PHE EC 299 48.34 -1.97 78.15
N ASP EC 300 48.12 -1.39 79.33
CA ASP EC 300 48.30 0.04 79.52
C ASP EC 300 49.73 0.45 79.25
N ALA EC 301 50.69 -0.33 79.74
CA ALA EC 301 52.10 -0.03 79.53
C ALA EC 301 52.44 -0.02 78.05
N ILE EC 302 52.01 -1.03 77.31
CA ILE EC 302 52.43 -1.16 75.93
C ILE EC 302 51.62 -0.26 75.00
N MET EC 303 50.46 0.23 75.46
CA MET EC 303 49.70 1.17 74.65
C MET EC 303 50.14 2.60 74.89
N ASN EC 304 50.51 2.92 76.13
CA ASN EC 304 51.00 4.25 76.48
C ASN EC 304 52.51 4.37 76.32
N PHE EC 305 53.17 3.30 75.86
CA PHE EC 305 54.61 3.32 75.55
C PHE EC 305 55.45 3.58 76.80
N LYS EC 306 55.08 2.91 77.89
CA LYS EC 306 55.86 2.93 79.13
C LYS EC 306 56.91 1.83 79.04
N LYS EC 307 58.10 2.19 78.58
CA LYS EC 307 59.17 1.20 78.38
C LYS EC 307 59.58 0.55 79.69
N GLU EC 308 59.71 1.35 80.75
CA GLU EC 308 60.09 0.79 82.04
C GLU EC 308 59.04 -0.19 82.55
N GLU EC 309 57.76 0.16 82.40
CA GLU EC 309 56.70 -0.75 82.83
C GLU EC 309 56.70 -2.04 82.01
N THR EC 310 56.86 -1.92 80.68
CA THR EC 310 56.87 -3.13 79.85
C THR EC 310 58.04 -4.03 80.20
N ALA EC 311 59.24 -3.45 80.36
CA ALA EC 311 60.41 -4.25 80.68
C ALA EC 311 60.30 -4.89 82.05
N LYS EC 312 59.82 -4.13 83.05
CA LYS EC 312 59.68 -4.69 84.39
C LYS EC 312 58.60 -5.75 84.44
N LEU EC 313 57.52 -5.60 83.68
CA LEU EC 313 56.51 -6.64 83.61
C LEU EC 313 57.04 -7.88 82.91
N ILE EC 314 57.87 -7.70 81.88
CA ILE EC 314 58.52 -8.83 81.23
C ILE EC 314 59.38 -9.59 82.22
N GLU EC 315 60.14 -8.86 83.04
CA GLU EC 315 61.00 -9.52 84.02
C GLU EC 315 60.19 -10.18 85.13
N LYS EC 316 59.08 -9.55 85.54
CA LYS EC 316 58.25 -10.12 86.59
C LYS EC 316 57.45 -11.33 86.10
N LEU EC 317 57.21 -11.44 84.80
CA LEU EC 317 56.47 -12.57 84.25
C LEU EC 317 57.36 -13.48 83.39
N ASP EC 318 58.69 -13.34 83.49
CA ASP EC 318 59.70 -14.09 82.74
C ASP EC 318 59.33 -14.32 81.28
N ILE EC 319 58.80 -13.28 80.62
CA ILE EC 319 58.38 -13.40 79.23
C ILE EC 319 59.61 -13.50 78.35
N LYS EC 320 59.72 -14.61 77.62
CA LYS EC 320 60.86 -14.84 76.75
C LYS EC 320 60.62 -14.20 75.39
N LEU EC 321 61.61 -13.46 74.91
CA LEU EC 321 61.53 -12.78 73.63
C LEU EC 321 62.83 -12.98 72.87
N ASP EC 322 62.75 -12.91 71.54
CA ASP EC 322 63.90 -13.08 70.68
C ASP EC 322 64.20 -11.79 69.93
N SER EC 323 65.19 -11.85 69.04
CA SER EC 323 65.51 -10.71 68.21
C SER EC 323 64.40 -10.49 67.18
N GLU EC 324 64.33 -9.24 66.69
CA GLU EC 324 63.33 -8.73 65.76
C GLU EC 324 61.97 -8.62 66.45
N ASP EC 325 61.88 -9.10 67.69
CA ASP EC 325 60.71 -8.90 68.53
C ASP EC 325 60.97 -8.01 69.72
N LYS EC 326 62.24 -7.86 70.12
CA LYS EC 326 62.63 -6.98 71.21
C LYS EC 326 62.83 -5.54 70.77
N ASP EC 327 62.60 -5.25 69.49
CA ASP EC 327 62.84 -3.91 68.96
C ASP EC 327 61.57 -3.07 68.88
N LYS EC 328 60.42 -3.68 68.67
CA LYS EC 328 59.18 -2.95 68.40
C LYS EC 328 58.57 -2.45 69.71
N GLU EC 329 57.58 -1.56 69.57
CA GLU EC 329 56.85 -1.02 70.71
C GLU EC 329 55.50 -0.51 70.23
N GLY EC 330 54.44 -0.88 70.94
CA GLY EC 330 53.08 -0.50 70.58
C GLY EC 330 52.21 -1.73 70.40
N LYS EC 331 51.24 -1.62 69.49
CA LYS EC 331 50.41 -2.78 69.17
C LYS EC 331 51.17 -3.97 68.56
N PRO EC 332 52.16 -3.81 67.67
CA PRO EC 332 52.89 -5.01 67.24
C PRO EC 332 53.65 -5.67 68.37
N LEU EC 333 54.25 -4.87 69.26
CA LEU EC 333 54.90 -5.45 70.43
C LEU EC 333 53.89 -6.11 71.35
N LEU EC 334 52.67 -5.57 71.41
CA LEU EC 334 51.61 -6.23 72.17
C LEU EC 334 51.29 -7.60 71.60
N LYS EC 335 51.17 -7.69 70.28
CA LYS EC 335 50.93 -8.98 69.64
C LYS EC 335 52.10 -9.94 69.91
N ALA EC 336 53.33 -9.45 69.78
CA ALA EC 336 54.50 -10.31 69.97
C ALA EC 336 54.61 -10.81 71.41
N VAL EC 337 54.41 -9.90 72.37
CA VAL EC 337 54.51 -10.27 73.78
C VAL EC 337 53.39 -11.24 74.14
N MET EC 338 52.18 -11.00 73.62
CA MET EC 338 51.08 -11.91 73.90
C MET EC 338 51.35 -13.29 73.31
N ARG EC 339 51.90 -13.34 72.10
CA ARG EC 339 52.25 -14.62 71.49
C ARG EC 339 53.31 -15.36 72.30
N ARG EC 340 54.36 -14.65 72.73
CA ARG EC 340 55.47 -15.32 73.40
C ARG EC 340 55.13 -15.71 74.84
N TRP EC 341 54.47 -14.83 75.58
CA TRP EC 341 54.12 -15.14 76.96
C TRP EC 341 52.98 -16.16 77.01
N LEU EC 342 51.95 -15.97 76.21
CA LEU EC 342 50.75 -16.81 76.25
C LEU EC 342 50.49 -17.33 74.84
N PRO EC 343 51.19 -18.38 74.41
CA PRO EC 343 50.91 -18.96 73.09
C PRO EC 343 49.50 -19.50 73.00
N ALA EC 344 48.86 -19.28 71.85
CA ALA EC 344 47.50 -19.77 71.65
C ALA EC 344 47.48 -21.27 71.40
N GLY EC 345 48.54 -21.81 70.80
CA GLY EC 345 48.57 -23.25 70.52
C GLY EC 345 48.62 -24.08 71.79
N ASP EC 346 49.46 -23.68 72.74
CA ASP EC 346 49.57 -24.41 74.00
C ASP EC 346 48.27 -24.35 74.80
N ALA EC 347 47.41 -23.37 74.52
CA ALA EC 347 46.10 -23.31 75.14
C ALA EC 347 45.10 -24.20 74.41
N LEU EC 348 44.93 -23.97 73.12
CA LEU EC 348 43.90 -24.69 72.36
C LEU EC 348 44.18 -26.18 72.33
N LEU EC 349 45.41 -26.56 71.98
CA LEU EC 349 45.78 -27.97 71.86
C LEU EC 349 45.57 -28.70 73.18
N GLN EC 350 46.09 -28.13 74.27
CA GLN EC 350 46.00 -28.80 75.57
C GLN EC 350 44.58 -28.84 76.10
N MET EC 351 43.81 -27.77 75.94
CA MET EC 351 42.41 -27.80 76.36
C MET EC 351 41.63 -28.85 75.59
N ILE EC 352 41.86 -28.94 74.27
CA ILE EC 352 41.19 -29.94 73.46
C ILE EC 352 41.56 -31.35 73.92
N THR EC 353 42.85 -31.59 74.18
CA THR EC 353 43.27 -32.94 74.53
C THR EC 353 42.80 -33.33 75.93
N ILE EC 354 42.75 -32.38 76.85
CA ILE EC 354 42.27 -32.71 78.19
C ILE EC 354 40.77 -32.97 78.17
N HIS EC 355 40.00 -32.13 77.48
CA HIS EC 355 38.55 -32.13 77.66
C HIS EC 355 37.79 -32.88 76.57
N LEU EC 356 38.13 -32.67 75.30
CA LEU EC 356 37.39 -33.31 74.22
C LEU EC 356 37.61 -34.82 74.26
N PRO EC 357 36.58 -35.61 73.93
CA PRO EC 357 36.66 -37.05 74.16
C PRO EC 357 37.19 -37.84 72.97
N SER EC 358 37.83 -38.95 73.30
CA SER EC 358 38.30 -39.89 72.29
C SER EC 358 37.11 -40.62 71.66
N PRO EC 359 37.29 -41.12 70.41
CA PRO EC 359 36.20 -41.88 69.78
C PRO EC 359 35.77 -43.12 70.56
N VAL EC 360 36.73 -43.82 71.18
CA VAL EC 360 36.43 -45.09 71.84
C VAL EC 360 35.51 -44.88 73.02
N THR EC 361 35.57 -43.72 73.66
CA THR EC 361 34.65 -43.41 74.74
C THR EC 361 33.43 -42.62 74.29
N ALA EC 362 33.53 -41.87 73.19
CA ALA EC 362 32.37 -41.12 72.73
C ALA EC 362 31.33 -42.03 72.09
N GLN EC 363 31.78 -43.02 71.30
CA GLN EC 363 30.86 -43.91 70.60
C GLN EC 363 30.01 -44.73 71.55
N LYS EC 364 30.49 -44.99 72.76
CA LYS EC 364 29.75 -45.84 73.69
C LYS EC 364 28.41 -45.24 74.07
N TYR EC 365 28.28 -43.91 73.98
CA TYR EC 365 27.00 -43.26 74.18
C TYR EC 365 26.43 -42.63 72.92
N ARG EC 366 27.27 -42.34 71.93
CA ARG EC 366 26.77 -41.75 70.70
C ARG EC 366 26.18 -42.76 69.73
N CYS EC 367 26.53 -44.05 69.87
CA CYS EC 367 26.15 -45.04 68.88
C CYS EC 367 24.66 -45.35 68.87
N GLU EC 368 23.91 -44.87 69.87
CA GLU EC 368 22.45 -44.96 69.79
C GLU EC 368 21.92 -44.14 68.63
N LEU EC 369 22.49 -42.95 68.40
CA LEU EC 369 22.03 -42.05 67.34
C LEU EC 369 22.72 -42.30 66.01
N LEU EC 370 23.70 -43.21 65.95
CA LEU EC 370 24.42 -43.49 64.72
C LEU EC 370 23.92 -44.74 64.01
N TYR EC 371 23.77 -45.85 64.71
CA TYR EC 371 23.37 -47.10 64.09
C TYR EC 371 21.85 -47.25 64.20
N GLU EC 372 21.19 -47.41 63.04
CA GLU EC 372 19.75 -47.61 63.05
C GLU EC 372 19.36 -48.91 63.72
N GLY EC 373 20.22 -49.93 63.62
CA GLY EC 373 19.95 -51.22 64.18
C GLY EC 373 19.99 -51.21 65.69
N PRO EC 374 19.44 -52.26 66.31
CA PRO EC 374 19.41 -52.35 67.76
C PRO EC 374 20.80 -52.55 68.33
N PRO EC 375 21.01 -52.19 69.60
CA PRO EC 375 22.34 -52.42 70.22
C PRO EC 375 22.70 -53.88 70.32
N ASP EC 376 21.72 -54.78 70.21
CA ASP EC 376 21.98 -56.22 70.29
C ASP EC 376 22.80 -56.73 69.12
N ASP EC 377 22.91 -55.95 68.04
CA ASP EC 377 23.62 -56.41 66.86
C ASP EC 377 25.13 -56.48 67.12
N GLU EC 378 25.76 -57.47 66.50
CA GLU EC 378 27.21 -57.58 66.58
C GLU EC 378 27.89 -56.37 65.95
N ALA EC 379 27.24 -55.75 64.96
CA ALA EC 379 27.75 -54.49 64.41
C ALA EC 379 27.69 -53.37 65.44
N ALA EC 380 26.63 -53.33 66.25
CA ALA EC 380 26.58 -52.34 67.33
C ALA EC 380 27.66 -52.60 68.37
N MET EC 381 27.87 -53.87 68.75
CA MET EC 381 28.92 -54.17 69.70
C MET EC 381 30.30 -53.85 69.13
N GLY EC 382 30.47 -54.02 67.81
CA GLY EC 382 31.72 -53.63 67.19
C GLY EC 382 31.93 -52.13 67.16
N ILE EC 383 30.87 -51.36 66.85
CA ILE EC 383 31.03 -49.92 66.77
C ILE EC 383 31.05 -49.24 68.14
N LYS EC 384 30.69 -49.97 69.20
CA LYS EC 384 30.72 -49.38 70.54
C LYS EC 384 32.14 -48.98 70.94
N SER EC 385 33.12 -49.84 70.68
CA SER EC 385 34.50 -49.55 71.06
C SER EC 385 35.46 -49.68 69.89
N CYS EC 386 35.16 -50.62 68.99
CA CYS EC 386 35.82 -50.78 67.69
C CYS EC 386 37.34 -51.00 67.82
N ASP EC 387 37.69 -52.12 68.43
CA ASP EC 387 39.04 -52.63 68.28
C ASP EC 387 39.29 -52.94 66.81
N PRO EC 388 40.52 -52.77 66.32
CA PRO EC 388 40.78 -52.94 64.88
C PRO EC 388 40.50 -54.34 64.37
N LYS EC 389 40.42 -55.34 65.24
CA LYS EC 389 40.11 -56.70 64.83
C LYS EC 389 38.61 -57.01 64.91
N GLY EC 390 37.76 -55.99 65.00
CA GLY EC 390 36.33 -56.18 64.99
C GLY EC 390 35.76 -56.03 63.60
N PRO EC 391 34.43 -56.09 63.48
CA PRO EC 391 33.79 -55.93 62.17
C PRO EC 391 33.96 -54.53 61.63
N LEU EC 392 33.93 -54.41 60.31
CA LEU EC 392 34.23 -53.15 59.63
C LEU EC 392 32.94 -52.45 59.23
N MET EC 393 32.83 -51.17 59.56
CA MET EC 393 31.70 -50.36 59.11
C MET EC 393 32.07 -48.90 59.23
N MET EC 394 31.74 -48.11 58.20
CA MET EC 394 32.05 -46.70 58.14
C MET EC 394 30.90 -45.95 57.48
N TYR EC 395 30.81 -44.66 57.79
CA TYR EC 395 29.76 -43.78 57.32
C TYR EC 395 30.36 -42.69 56.45
N ILE EC 396 29.88 -42.57 55.21
CA ILE EC 396 30.29 -41.49 54.33
C ILE EC 396 29.37 -40.31 54.57
N SER EC 397 29.95 -39.17 54.95
CA SER EC 397 29.21 -37.94 55.12
C SER EC 397 29.36 -36.98 53.96
N LYS EC 398 30.42 -37.09 53.17
CA LYS EC 398 30.62 -36.14 52.09
C LYS EC 398 31.22 -36.83 50.88
N MET EC 399 31.00 -36.24 49.70
CA MET EC 399 31.69 -36.61 48.47
C MET EC 399 32.21 -35.32 47.86
N VAL EC 400 33.44 -34.95 48.21
CA VAL EC 400 33.98 -33.67 47.76
C VAL EC 400 34.71 -33.87 46.43
N PRO EC 401 34.40 -33.08 45.41
CA PRO EC 401 35.05 -33.28 44.11
C PRO EC 401 36.54 -32.98 44.18
N THR EC 402 37.30 -33.69 43.36
CA THR EC 402 38.75 -33.54 43.29
C THR EC 402 39.12 -32.66 42.10
N SER EC 403 40.42 -32.57 41.82
CA SER EC 403 40.95 -31.53 40.94
C SER EC 403 40.45 -31.66 39.50
N ASP EC 404 40.01 -32.84 39.08
CA ASP EC 404 39.43 -32.98 37.76
C ASP EC 404 37.91 -33.13 37.86
N LYS EC 405 37.23 -32.68 36.81
CA LYS EC 405 35.76 -32.69 36.80
C LYS EC 405 35.24 -34.11 36.63
N GLY EC 406 34.17 -34.42 37.34
CA GLY EC 406 33.54 -35.72 37.27
C GLY EC 406 34.06 -36.73 38.27
N ARG EC 407 35.10 -36.41 39.02
CA ARG EC 407 35.64 -37.32 40.02
C ARG EC 407 35.52 -36.69 41.40
N PHE EC 408 34.97 -37.45 42.34
CA PHE EC 408 34.77 -37.03 43.71
C PHE EC 408 35.46 -38.01 44.64
N TYR EC 409 36.14 -37.49 45.65
CA TYR EC 409 36.69 -38.30 46.72
C TYR EC 409 35.65 -38.38 47.83
N ALA EC 410 35.30 -39.60 48.22
CA ALA EC 410 34.24 -39.80 49.21
C ALA EC 410 34.86 -39.70 50.60
N PHE EC 411 34.61 -38.59 51.27
CA PHE EC 411 35.13 -38.39 52.61
C PHE EC 411 34.15 -38.93 53.64
N GLY EC 412 34.67 -39.76 54.54
CA GLY EC 412 33.91 -40.23 55.67
C GLY EC 412 34.85 -40.56 56.80
N ARG EC 413 34.32 -41.25 57.80
CA ARG EC 413 35.13 -41.70 58.93
C ARG EC 413 34.82 -43.15 59.21
N VAL EC 414 35.86 -43.92 59.54
CA VAL EC 414 35.69 -45.32 59.93
C VAL EC 414 35.22 -45.37 61.38
N PHE EC 415 34.10 -46.04 61.62
CA PHE EC 415 33.54 -46.14 62.95
C PHE EC 415 33.61 -47.55 63.53
N SER EC 416 34.12 -48.52 62.79
CA SER EC 416 34.38 -49.85 63.32
C SER EC 416 35.30 -50.58 62.36
N GLY EC 417 36.14 -51.46 62.91
CA GLY EC 417 37.01 -52.28 62.09
C GLY EC 417 38.14 -51.49 61.44
N LEU EC 418 38.57 -51.98 60.28
CA LEU EC 418 39.69 -51.39 59.57
C LEU EC 418 39.44 -51.43 58.07
N VAL EC 419 39.79 -50.34 57.39
CA VAL EC 419 39.76 -50.26 55.93
C VAL EC 419 41.19 -50.25 55.43
N SER EC 420 41.52 -51.18 54.54
CA SER EC 420 42.75 -51.16 53.79
C SER EC 420 42.44 -51.20 52.30
N THR EC 421 43.42 -50.80 51.49
CA THR EC 421 43.20 -50.69 50.06
C THR EC 421 42.90 -52.06 49.43
N GLY EC 422 42.03 -52.04 48.43
CA GLY EC 422 41.71 -53.23 47.66
C GLY EC 422 41.00 -54.34 48.41
N LEU EC 423 40.02 -53.99 49.25
CA LEU EC 423 39.24 -54.97 49.98
C LEU EC 423 37.77 -54.84 49.61
N LYS EC 424 37.17 -55.95 49.20
CA LYS EC 424 35.77 -55.95 48.81
C LYS EC 424 34.88 -55.70 50.02
N VAL EC 425 33.98 -54.72 49.90
CA VAL EC 425 33.05 -54.35 50.95
C VAL EC 425 31.66 -54.26 50.35
N ARG EC 426 30.69 -53.85 51.16
CA ARG EC 426 29.30 -53.72 50.75
C ARG EC 426 28.86 -52.28 50.96
N ILE EC 427 28.49 -51.61 49.87
CA ILE EC 427 28.16 -50.19 49.87
C ILE EC 427 26.65 -50.05 49.78
N MET EC 428 26.07 -49.22 50.64
CA MET EC 428 24.63 -49.04 50.68
C MET EC 428 24.27 -47.56 50.81
N GLY EC 429 23.13 -47.21 50.22
CA GLY EC 429 22.62 -45.86 50.28
C GLY EC 429 21.50 -45.71 51.30
N PRO EC 430 20.91 -44.51 51.36
CA PRO EC 430 19.87 -44.25 52.38
C PRO EC 430 18.63 -45.10 52.22
N ASN EC 431 18.37 -45.65 51.04
CA ASN EC 431 17.19 -46.45 50.78
C ASN EC 431 17.44 -47.94 50.99
N TYR EC 432 18.61 -48.30 51.50
CA TYR EC 432 18.92 -49.71 51.72
C TYR EC 432 18.08 -50.29 52.85
N THR EC 433 17.69 -51.55 52.70
CA THR EC 433 16.96 -52.31 53.69
C THR EC 433 17.73 -53.58 54.03
N PRO EC 434 17.65 -54.05 55.28
CA PRO EC 434 18.45 -55.23 55.67
C PRO EC 434 18.16 -56.48 54.85
N GLY EC 435 16.92 -56.69 54.43
CA GLY EC 435 16.60 -57.87 53.64
C GLY EC 435 16.97 -57.78 52.17
N LYS EC 436 16.34 -56.87 51.44
CA LYS EC 436 16.57 -56.73 50.01
C LYS EC 436 17.90 -56.02 49.75
N LYS EC 437 18.51 -56.34 48.61
CA LYS EC 437 19.81 -55.81 48.22
C LYS EC 437 19.71 -54.50 47.46
N GLU EC 438 18.64 -53.72 47.67
CA GLU EC 438 18.50 -52.44 47.00
C GLU EC 438 19.56 -51.47 47.50
N ASP EC 439 20.16 -50.73 46.55
CA ASP EC 439 21.26 -49.79 46.79
C ASP EC 439 22.50 -50.48 47.37
N LEU EC 440 22.55 -51.81 47.31
CA LEU EC 440 23.62 -52.58 47.92
C LEU EC 440 24.55 -53.11 46.84
N TYR EC 441 25.84 -52.83 46.98
CA TYR EC 441 26.84 -53.18 45.96
C TYR EC 441 28.01 -53.90 46.62
N LEU EC 442 28.47 -54.98 45.98
CA LEU EC 442 29.60 -55.76 46.47
C LEU EC 442 30.86 -55.29 45.75
N LYS EC 443 31.47 -54.23 46.28
CA LYS EC 443 32.56 -53.61 45.55
C LYS EC 443 33.73 -53.28 46.47
N PRO EC 444 34.96 -53.34 45.96
CA PRO EC 444 36.12 -52.96 46.77
C PRO EC 444 36.48 -51.48 46.64
N ILE EC 445 37.50 -51.04 47.37
CA ILE EC 445 37.95 -49.66 47.35
C ILE EC 445 39.22 -49.60 46.52
N GLN EC 446 39.29 -48.62 45.62
CA GLN EC 446 40.54 -48.40 44.87
C GLN EC 446 41.65 -47.96 45.82
N ARG EC 447 41.48 -46.81 46.47
CA ARG EC 447 42.54 -46.27 47.31
C ARG EC 447 41.94 -45.40 48.41
N THR EC 448 42.72 -45.26 49.48
CA THR EC 448 42.39 -44.44 50.63
C THR EC 448 43.40 -43.30 50.73
N ILE EC 449 42.89 -42.10 50.98
CA ILE EC 449 43.71 -40.90 50.93
C ILE EC 449 43.38 -40.04 52.15
N LEU EC 450 44.39 -39.36 52.68
CA LEU EC 450 44.19 -38.36 53.73
C LEU EC 450 44.39 -36.97 53.15
N MET EC 451 43.44 -36.08 53.41
CA MET EC 451 43.35 -34.80 52.76
C MET EC 451 43.80 -33.70 53.72
N MET EC 452 44.78 -32.91 53.28
CA MET EC 452 45.21 -31.72 54.02
C MET EC 452 44.69 -30.45 53.38
N GLY EC 453 43.91 -30.54 52.32
CA GLY EC 453 43.44 -29.37 51.60
C GLY EC 453 43.96 -29.32 50.19
N ARG EC 454 44.85 -28.36 49.91
CA ARG EC 454 45.42 -28.24 48.57
C ARG EC 454 46.31 -29.42 48.21
N TYR EC 455 47.03 -29.97 49.19
CA TYR EC 455 47.83 -31.16 48.99
C TYR EC 455 47.22 -32.32 49.76
N VAL EC 456 47.29 -33.51 49.16
CA VAL EC 456 46.70 -34.72 49.70
C VAL EC 456 47.74 -35.84 49.63
N GLU EC 457 47.53 -36.89 50.43
CA GLU EC 457 48.52 -37.98 50.48
C GLU EC 457 47.84 -39.34 50.47
N PRO EC 458 48.28 -40.25 49.60
CA PRO EC 458 47.72 -41.61 49.62
C PRO EC 458 48.29 -42.42 50.77
N ILE EC 459 47.44 -43.25 51.36
CA ILE EC 459 47.83 -44.15 52.43
C ILE EC 459 47.22 -45.53 52.13
N GLU EC 460 47.72 -46.55 52.80
CA GLU EC 460 47.30 -47.91 52.50
C GLU EC 460 46.15 -48.39 53.38
N ASP EC 461 46.11 -47.99 54.66
CA ASP EC 461 45.04 -48.42 55.54
C ASP EC 461 44.78 -47.35 56.59
N VAL EC 462 43.55 -47.32 57.09
CA VAL EC 462 43.12 -46.37 58.11
C VAL EC 462 42.32 -47.11 59.16
N PRO EC 463 42.66 -47.01 60.45
CA PRO EC 463 41.93 -47.75 61.48
C PRO EC 463 40.72 -47.00 62.01
N CYS EC 464 40.07 -47.56 63.03
CA CYS EC 464 38.84 -46.97 63.55
C CYS EC 464 39.09 -45.61 64.18
N GLY EC 465 38.06 -44.77 64.17
CA GLY EC 465 38.13 -43.46 64.76
C GLY EC 465 38.84 -42.42 63.95
N ASN EC 466 39.05 -42.66 62.66
CA ASN EC 466 39.79 -41.75 61.80
C ASN EC 466 39.03 -41.50 60.51
N ILE EC 467 39.23 -40.31 59.97
CA ILE EC 467 38.63 -39.90 58.71
C ILE EC 467 39.49 -40.37 57.54
N VAL EC 468 38.85 -40.58 56.40
CA VAL EC 468 39.55 -41.03 55.20
C VAL EC 468 38.69 -40.70 53.99
N GLY EC 469 39.36 -40.48 52.86
CA GLY EC 469 38.67 -40.36 51.60
C GLY EC 469 38.90 -41.58 50.74
N LEU EC 470 37.82 -42.23 50.33
CA LEU EC 470 37.88 -43.35 49.41
C LEU EC 470 37.75 -42.86 47.98
N VAL EC 471 38.43 -43.54 47.07
CA VAL EC 471 38.32 -43.24 45.64
C VAL EC 471 37.77 -44.46 44.93
N GLY EC 472 36.92 -44.21 43.93
CA GLY EC 472 36.25 -45.27 43.20
C GLY EC 472 34.90 -45.68 43.74
N VAL EC 473 34.65 -45.47 45.03
CA VAL EC 473 33.33 -45.74 45.61
C VAL EC 473 32.33 -44.68 45.16
N ASP EC 474 32.83 -43.51 44.74
CA ASP EC 474 31.95 -42.38 44.44
C ASP EC 474 31.00 -42.66 43.29
N GLN EC 475 31.44 -43.44 42.30
CA GLN EC 475 30.60 -43.71 41.14
C GLN EC 475 29.49 -44.69 41.42
N PHE EC 476 29.57 -45.46 42.51
CA PHE EC 476 28.55 -46.46 42.79
C PHE EC 476 27.26 -45.83 43.31
N LEU EC 477 27.37 -44.82 44.18
CA LEU EC 477 26.21 -44.25 44.86
C LEU EC 477 26.28 -42.73 44.82
N VAL EC 478 25.31 -42.10 45.47
CA VAL EC 478 25.17 -40.65 45.47
C VAL EC 478 25.11 -40.15 46.91
N LYS EC 479 25.87 -39.08 47.19
CA LYS EC 479 25.75 -38.27 48.40
C LYS EC 479 26.07 -39.03 49.68
N THR EC 480 25.06 -39.61 50.32
CA THR EC 480 25.18 -40.16 51.65
C THR EC 480 24.96 -41.67 51.63
N GLY EC 481 25.73 -42.37 52.46
CA GLY EC 481 25.59 -43.81 52.57
C GLY EC 481 26.60 -44.37 53.55
N THR EC 482 26.61 -45.69 53.63
CA THR EC 482 27.57 -46.38 54.48
C THR EC 482 28.25 -47.51 53.72
N ILE EC 483 29.36 -47.96 54.30
CA ILE EC 483 30.17 -49.05 53.76
C ILE EC 483 30.42 -50.04 54.90
N THR EC 484 30.08 -51.30 54.67
CA THR EC 484 30.17 -52.30 55.72
C THR EC 484 30.88 -53.55 55.22
N THR EC 485 31.22 -54.41 56.18
CA THR EC 485 31.74 -55.74 55.92
C THR EC 485 30.78 -56.85 56.34
N PHE EC 486 30.06 -56.65 57.46
CA PHE EC 486 29.07 -57.62 57.89
C PHE EC 486 27.96 -57.75 56.86
N GLU EC 487 27.59 -58.99 56.57
CA GLU EC 487 26.58 -59.24 55.53
C GLU EC 487 25.23 -58.68 55.93
N HIS EC 488 24.87 -58.78 57.22
CA HIS EC 488 23.56 -58.37 57.69
C HIS EC 488 23.59 -57.08 58.49
N ALA EC 489 24.56 -56.21 58.22
CA ALA EC 489 24.61 -54.93 58.91
C ALA EC 489 23.46 -54.03 58.46
N HIS EC 490 22.95 -53.25 59.39
CA HIS EC 490 21.85 -52.34 59.12
C HIS EC 490 22.37 -50.98 58.64
N ASN EC 491 21.46 -50.16 58.14
CA ASN EC 491 21.81 -48.81 57.73
C ASN EC 491 22.12 -47.94 58.94
N MET EC 492 22.70 -46.79 58.68
CA MET EC 492 22.96 -45.83 59.74
C MET EC 492 21.98 -44.68 59.68
N ARG EC 493 21.83 -43.99 60.81
CA ARG EC 493 20.93 -42.85 60.89
C ARG EC 493 21.43 -41.72 60.01
N VAL EC 494 20.49 -41.11 59.27
CA VAL EC 494 20.82 -40.05 58.33
C VAL EC 494 21.06 -38.75 59.09
N MET EC 495 21.62 -37.76 58.40
CA MET EC 495 21.98 -36.50 59.03
C MET EC 495 20.73 -35.63 59.19
N LYS EC 496 20.50 -35.15 60.40
CA LYS EC 496 19.30 -34.37 60.72
C LYS EC 496 19.61 -32.92 60.38
N PHE EC 497 19.27 -32.52 59.16
CA PHE EC 497 19.57 -31.16 58.70
C PHE EC 497 18.66 -30.16 59.38
N SER EC 498 19.25 -29.07 59.88
CA SER EC 498 18.43 -27.98 60.42
C SER EC 498 17.63 -27.31 59.31
N VAL EC 499 18.24 -27.11 58.15
CA VAL EC 499 17.57 -26.49 57.02
C VAL EC 499 17.16 -27.57 56.04
N SER EC 500 16.29 -27.19 55.11
CA SER EC 500 15.78 -28.07 54.07
C SER EC 500 15.86 -27.33 52.74
N PRO EC 501 15.82 -28.05 51.61
CA PRO EC 501 15.87 -27.38 50.31
C PRO EC 501 14.58 -26.67 49.96
N VAL EC 502 14.42 -25.43 50.43
CA VAL EC 502 13.19 -24.67 50.24
C VAL EC 502 13.27 -23.76 49.02
N VAL EC 503 14.32 -22.96 48.93
CA VAL EC 503 14.38 -21.97 47.85
C VAL EC 503 14.66 -22.69 46.54
N ARG EC 504 13.75 -22.56 45.59
CA ARG EC 504 13.81 -23.26 44.31
C ARG EC 504 13.94 -22.25 43.18
N VAL EC 505 14.86 -22.54 42.25
CA VAL EC 505 15.06 -21.72 41.06
C VAL EC 505 15.06 -22.63 39.84
N ALA EC 506 14.38 -22.21 38.78
CA ALA EC 506 14.38 -22.95 37.53
C ALA EC 506 15.42 -22.35 36.60
N VAL EC 507 16.38 -23.17 36.18
CA VAL EC 507 17.46 -22.67 35.34
C VAL EC 507 17.35 -23.29 33.96
N GLU EC 508 18.06 -22.68 33.01
CA GLU EC 508 18.13 -23.21 31.66
C GLU EC 508 19.41 -22.72 31.00
N ALA EC 509 19.80 -23.38 29.92
CA ALA EC 509 20.99 -23.01 29.19
C ALA EC 509 20.71 -21.84 28.27
N LYS EC 510 21.68 -20.92 28.16
CA LYS EC 510 21.55 -19.82 27.21
C LYS EC 510 21.58 -20.33 25.78
N ASN EC 511 22.58 -21.15 25.44
CA ASN EC 511 22.58 -21.85 24.16
C ASN EC 511 21.95 -23.21 24.35
N PRO EC 512 20.89 -23.55 23.60
CA PRO EC 512 20.19 -24.82 23.83
C PRO EC 512 21.04 -26.05 23.58
N ALA EC 513 22.12 -25.93 22.81
CA ALA EC 513 23.00 -27.07 22.60
C ALA EC 513 23.76 -27.47 23.86
N ASP EC 514 23.91 -26.53 24.81
CA ASP EC 514 24.71 -26.76 26.00
C ASP EC 514 23.91 -27.34 27.15
N LEU EC 515 22.73 -27.91 26.89
CA LEU EC 515 21.99 -28.58 27.96
C LEU EC 515 22.71 -29.78 28.57
N PRO EC 516 23.38 -30.67 27.82
CA PRO EC 516 24.14 -31.72 28.52
C PRO EC 516 25.28 -31.17 29.35
N LYS EC 517 25.95 -30.12 28.87
CA LYS EC 517 27.00 -29.49 29.66
C LYS EC 517 26.42 -28.85 30.91
N LEU EC 518 25.18 -28.37 30.84
CA LEU EC 518 24.50 -27.87 32.02
C LEU EC 518 24.23 -28.99 33.02
N VAL EC 519 23.63 -30.09 32.54
CA VAL EC 519 23.19 -31.13 33.46
C VAL EC 519 24.35 -31.92 34.05
N GLU EC 520 25.50 -31.98 33.38
CA GLU EC 520 26.65 -32.62 34.01
C GLU EC 520 27.15 -31.80 35.20
N GLY EC 521 27.14 -30.48 35.09
CA GLY EC 521 27.42 -29.65 36.24
C GLY EC 521 26.35 -29.75 37.31
N LEU EC 522 25.09 -29.92 36.88
CA LEU EC 522 24.02 -30.18 37.84
C LEU EC 522 24.30 -31.44 38.66
N LYS EC 523 24.67 -32.53 37.98
CA LYS EC 523 24.99 -33.77 38.68
C LYS EC 523 26.21 -33.60 39.57
N ARG EC 524 27.23 -32.88 39.09
CA ARG EC 524 28.42 -32.63 39.89
C ARG EC 524 28.08 -31.88 41.19
N LEU EC 525 27.28 -30.82 41.08
CA LEU EC 525 26.92 -30.05 42.25
C LEU EC 525 26.04 -30.86 43.20
N ALA EC 526 25.11 -31.66 42.65
CA ALA EC 526 24.26 -32.49 43.49
C ALA EC 526 25.07 -33.51 44.26
N LYS EC 527 26.06 -34.13 43.60
CA LYS EC 527 26.91 -35.09 44.29
C LYS EC 527 27.82 -34.40 45.30
N SER EC 528 28.23 -33.16 45.02
CA SER EC 528 29.16 -32.46 45.90
C SER EC 528 28.45 -31.97 47.16
N ASP EC 529 27.21 -31.53 47.04
CA ASP EC 529 26.56 -30.95 48.20
C ASP EC 529 25.56 -31.93 48.80
N PRO EC 530 25.52 -32.07 50.12
CA PRO EC 530 24.64 -33.08 50.75
C PRO EC 530 23.20 -32.64 50.99
N MET EC 531 22.79 -31.44 50.58
CA MET EC 531 21.45 -30.97 50.90
C MET EC 531 20.71 -30.49 49.66
N VAL EC 532 21.45 -29.93 48.69
CA VAL EC 532 20.82 -29.34 47.52
C VAL EC 532 20.12 -30.43 46.71
N GLN EC 533 18.99 -30.07 46.10
CA GLN EC 533 18.20 -31.01 45.31
C GLN EC 533 18.10 -30.47 43.89
N CYS EC 534 18.74 -31.16 42.95
CA CYS EC 534 18.61 -30.86 41.54
C CYS EC 534 17.61 -31.84 40.94
N ILE EC 535 16.44 -31.33 40.56
CA ILE EC 535 15.33 -32.18 40.15
C ILE EC 535 14.76 -31.63 38.85
N ILE EC 536 13.94 -32.46 38.20
CA ILE EC 536 13.14 -32.04 37.06
C ILE EC 536 11.71 -31.87 37.55
N GLU EC 537 11.16 -30.67 37.35
CA GLU EC 537 9.81 -30.38 37.79
C GLU EC 537 8.78 -31.09 36.90
N GLU EC 538 7.51 -30.95 37.27
CA GLU EC 538 6.44 -31.45 36.42
C GLU EC 538 6.39 -30.73 35.08
N SER EC 539 6.97 -29.53 35.01
CA SER EC 539 7.06 -28.77 33.77
C SER EC 539 8.26 -29.18 32.93
N GLY EC 540 9.06 -30.13 33.39
CA GLY EC 540 10.27 -30.50 32.70
C GLY EC 540 11.43 -29.56 32.92
N GLU EC 541 11.26 -28.55 33.75
CA GLU EC 541 12.30 -27.58 34.03
C GLU EC 541 13.30 -28.13 35.05
N HIS EC 542 14.50 -27.57 35.03
CA HIS EC 542 15.55 -27.96 35.96
C HIS EC 542 15.48 -27.07 37.19
N ILE EC 543 15.02 -27.65 38.30
CA ILE EC 543 14.82 -26.94 39.56
C ILE EC 543 15.99 -27.25 40.48
N ILE EC 544 16.63 -26.21 40.99
CA ILE EC 544 17.63 -26.34 42.05
C ILE EC 544 17.01 -25.82 43.32
N ALA EC 545 16.99 -26.66 44.35
CA ALA EC 545 16.40 -26.33 45.64
C ALA EC 545 17.51 -26.35 46.69
N GLY EC 546 17.71 -25.20 47.33
CA GLY EC 546 18.69 -25.07 48.39
C GLY EC 546 18.09 -24.40 49.61
N ALA EC 547 18.97 -24.17 50.60
CA ALA EC 547 18.52 -23.64 51.88
C ALA EC 547 18.05 -22.20 51.75
N GLY EC 548 18.85 -21.34 51.12
CA GLY EC 548 18.56 -19.93 51.08
C GLY EC 548 19.17 -19.27 49.86
N GLU EC 549 18.91 -17.97 49.74
CA GLU EC 549 19.31 -17.23 48.56
C GLU EC 549 20.83 -17.23 48.38
N LEU EC 550 21.57 -17.06 49.47
CA LEU EC 550 23.02 -17.08 49.38
C LEU EC 550 23.54 -18.46 48.97
N HIS EC 551 22.92 -19.51 49.48
CA HIS EC 551 23.30 -20.86 49.05
C HIS EC 551 23.03 -21.06 47.58
N LEU EC 552 21.88 -20.60 47.09
CA LEU EC 552 21.59 -20.69 45.67
C LEU EC 552 22.59 -19.90 44.85
N GLU EC 553 22.96 -18.70 45.32
CA GLU EC 553 23.94 -17.90 44.59
C GLU EC 553 25.29 -18.60 44.51
N ILE EC 554 25.76 -19.15 45.63
CA ILE EC 554 27.05 -19.83 45.64
C ILE EC 554 27.00 -21.08 44.76
N CYS EC 555 25.93 -21.87 44.89
CA CYS EC 555 25.81 -23.10 44.11
C CYS EC 555 25.74 -22.80 42.62
N LEU EC 556 24.99 -21.78 42.23
CA LEU EC 556 24.87 -21.45 40.82
C LEU EC 556 26.13 -20.77 40.28
N LYS EC 557 26.86 -20.03 41.10
CA LYS EC 557 28.16 -19.53 40.66
C LYS EC 557 29.11 -20.69 40.40
N ASP EC 558 29.15 -21.67 41.31
CA ASP EC 558 29.98 -22.84 41.08
C ASP EC 558 29.53 -23.59 39.83
N LEU EC 559 28.21 -23.70 39.63
CA LEU EC 559 27.68 -24.41 38.49
C LEU EC 559 27.98 -23.70 37.17
N GLU EC 560 27.94 -22.37 37.16
CA GLU EC 560 28.20 -21.58 35.97
C GLU EC 560 29.68 -21.35 35.71
N GLU EC 561 30.55 -21.62 36.68
CA GLU EC 561 31.98 -21.44 36.46
C GLU EC 561 32.74 -22.76 36.36
N ASP EC 562 32.64 -23.62 37.37
CA ASP EC 562 33.46 -24.81 37.48
C ASP EC 562 32.73 -26.09 37.10
N HIS EC 563 31.47 -26.24 37.53
CA HIS EC 563 30.76 -27.49 37.33
C HIS EC 563 30.34 -27.68 35.87
N ALA EC 564 29.86 -26.62 35.22
CA ALA EC 564 29.31 -26.76 33.88
C ALA EC 564 30.06 -25.90 32.87
N CYS EC 565 30.55 -24.74 33.31
CA CYS EC 565 31.43 -23.85 32.56
C CYS EC 565 30.78 -23.22 31.33
N ILE EC 566 29.45 -23.13 31.31
CA ILE EC 566 28.74 -22.38 30.27
C ILE EC 566 27.73 -21.45 30.93
N PRO EC 567 27.65 -20.18 30.51
CA PRO EC 567 26.67 -19.26 31.13
C PRO EC 567 25.24 -19.72 30.91
N ILE EC 568 24.39 -19.43 31.91
CA ILE EC 568 23.03 -19.93 31.98
C ILE EC 568 22.07 -18.77 32.23
N LYS EC 569 20.78 -19.09 32.32
CA LYS EC 569 19.75 -18.14 32.68
C LYS EC 569 18.91 -18.73 33.80
N LYS EC 570 18.54 -17.89 34.77
CA LYS EC 570 17.76 -18.30 35.93
C LYS EC 570 16.39 -17.64 35.91
N SER EC 571 15.42 -18.28 36.54
CA SER EC 571 14.06 -17.76 36.60
C SER EC 571 13.32 -18.43 37.75
N ASP EC 572 12.14 -17.91 38.03
CA ASP EC 572 11.28 -18.52 39.03
C ASP EC 572 10.74 -19.85 38.51
N PRO EC 573 10.53 -20.83 39.39
CA PRO EC 573 9.93 -22.10 38.96
C PRO EC 573 8.53 -21.89 38.39
N VAL EC 574 8.22 -22.67 37.36
CA VAL EC 574 6.92 -22.57 36.70
C VAL EC 574 5.87 -23.27 37.54
N VAL EC 575 4.79 -22.54 37.85
CA VAL EC 575 3.71 -23.07 38.66
C VAL EC 575 2.75 -23.87 37.79
N SER EC 576 2.44 -25.09 38.23
CA SER EC 576 1.52 -25.96 37.52
C SER EC 576 0.15 -25.89 38.20
N TYR EC 577 -0.88 -25.57 37.43
CA TYR EC 577 -2.24 -25.45 37.91
C TYR EC 577 -3.09 -26.55 37.29
N ARG EC 578 -4.37 -26.58 37.69
CA ARG EC 578 -5.34 -27.47 37.08
C ARG EC 578 -6.60 -26.67 36.75
N GLU EC 579 -7.45 -27.24 35.89
CA GLU EC 579 -8.74 -26.67 35.55
C GLU EC 579 -9.84 -27.48 36.23
N THR EC 580 -10.93 -26.81 36.60
CA THR EC 580 -12.03 -27.47 37.29
C THR EC 580 -13.34 -26.79 36.91
N VAL EC 581 -14.45 -27.39 37.34
CA VAL EC 581 -15.78 -26.83 37.17
C VAL EC 581 -16.37 -26.57 38.54
N SER EC 582 -17.10 -25.46 38.67
CA SER EC 582 -17.65 -25.07 39.96
C SER EC 582 -19.10 -25.51 40.14
N GLU EC 583 -19.82 -25.79 39.05
CA GLU EC 583 -21.17 -26.33 39.13
C GLU EC 583 -21.44 -27.15 37.87
N GLU EC 584 -22.62 -27.75 37.82
CA GLU EC 584 -23.05 -28.50 36.65
C GLU EC 584 -23.20 -27.59 35.44
N SER EC 585 -23.10 -28.19 34.26
CA SER EC 585 -23.31 -27.46 33.02
C SER EC 585 -24.73 -26.91 32.97
N ASN EC 586 -24.88 -25.69 32.47
CA ASN EC 586 -26.20 -25.07 32.40
C ASN EC 586 -27.04 -25.62 31.26
N VAL EC 587 -26.42 -26.06 30.16
CA VAL EC 587 -27.15 -26.55 29.00
C VAL EC 587 -26.57 -27.89 28.60
N LEU EC 588 -27.41 -28.69 27.95
CA LEU EC 588 -27.01 -30.00 27.45
C LEU EC 588 -26.14 -29.80 26.21
N CYS EC 589 -24.85 -30.00 26.34
CA CYS EC 589 -23.89 -29.66 25.30
C CYS EC 589 -24.03 -30.62 24.14
N LEU EC 590 -24.45 -30.10 22.99
CA LEU EC 590 -24.54 -30.84 21.74
C LEU EC 590 -23.33 -30.53 20.87
N SER EC 591 -22.55 -31.55 20.59
CA SER EC 591 -21.36 -31.44 19.74
C SER EC 591 -21.55 -32.31 18.52
N LYS EC 592 -21.35 -31.72 17.34
CA LYS EC 592 -21.47 -32.45 16.09
C LYS EC 592 -20.12 -32.99 15.66
N SER EC 593 -20.16 -34.09 14.90
CA SER EC 593 -18.94 -34.64 14.33
C SER EC 593 -18.36 -33.65 13.31
N PRO EC 594 -17.04 -33.64 13.14
CA PRO EC 594 -16.45 -32.72 12.14
C PRO EC 594 -16.95 -32.95 10.72
N ASN EC 595 -17.35 -34.18 10.38
CA ASN EC 595 -17.92 -34.47 9.07
C ASN EC 595 -19.44 -34.33 9.05
N LYS EC 596 -20.05 -33.90 10.15
CA LYS EC 596 -21.49 -33.66 10.26
C LYS EC 596 -22.29 -34.94 9.97
N HIS EC 597 -22.01 -35.98 10.75
CA HIS EC 597 -22.73 -37.23 10.66
C HIS EC 597 -23.28 -37.72 12.00
N ASN EC 598 -22.58 -37.48 13.10
CA ASN EC 598 -22.99 -37.96 14.42
C ASN EC 598 -23.10 -36.78 15.37
N ARG EC 599 -23.85 -36.98 16.45
CA ARG EC 599 -24.06 -35.93 17.44
C ARG EC 599 -23.93 -36.50 18.84
N LEU EC 600 -23.45 -35.66 19.76
CA LEU EC 600 -23.20 -36.05 21.14
C LEU EC 600 -23.85 -35.06 22.08
N TYR EC 601 -24.42 -35.58 23.17
CA TYR EC 601 -25.05 -34.77 24.21
C TYR EC 601 -24.37 -35.12 25.52
N MET EC 602 -23.78 -34.11 26.17
CA MET EC 602 -23.04 -34.34 27.41
C MET EC 602 -23.25 -33.18 28.37
N LYS EC 603 -22.93 -33.43 29.64
CA LYS EC 603 -22.91 -32.38 30.67
C LYS EC 603 -21.84 -32.72 31.71
N ALA EC 604 -21.17 -31.71 32.25
CA ALA EC 604 -20.12 -31.91 33.23
C ALA EC 604 -20.57 -31.40 34.60
N ARG EC 605 -19.99 -31.98 35.65
CA ARG EC 605 -20.31 -31.61 37.02
C ARG EC 605 -19.03 -31.62 37.86
N PRO EC 606 -19.02 -30.90 38.97
CA PRO EC 606 -17.87 -30.96 39.87
C PRO EC 606 -17.91 -32.19 40.77
N PHE EC 607 -16.76 -32.49 41.37
CA PHE EC 607 -16.63 -33.64 42.25
C PHE EC 607 -17.28 -33.38 43.60
N PRO EC 608 -17.68 -34.44 44.30
CA PRO EC 608 -17.75 -34.36 45.77
C PRO EC 608 -16.36 -34.15 46.34
N ASP EC 609 -16.30 -33.44 47.47
CA ASP EC 609 -15.02 -33.05 48.04
C ASP EC 609 -14.26 -34.27 48.54
N GLY EC 610 -12.99 -34.37 48.15
CA GLY EC 610 -12.14 -35.47 48.57
C GLY EC 610 -12.01 -36.60 47.58
N LEU EC 611 -12.87 -36.65 46.55
CA LEU EC 611 -12.77 -37.72 45.55
C LEU EC 611 -11.47 -37.63 44.76
N ALA EC 612 -11.08 -36.41 44.39
CA ALA EC 612 -9.83 -36.22 43.67
C ALA EC 612 -8.64 -36.67 44.51
N GLU EC 613 -8.66 -36.35 45.81
CA GLU EC 613 -7.57 -36.80 46.68
C GLU EC 613 -7.60 -38.30 46.87
N ASP EC 614 -8.79 -38.91 46.90
CA ASP EC 614 -8.87 -40.37 46.96
C ASP EC 614 -8.23 -41.00 45.75
N ILE EC 615 -8.53 -40.47 44.56
CA ILE EC 615 -7.91 -40.99 43.35
C ILE EC 615 -6.41 -40.73 43.35
N ASP EC 616 -5.99 -39.59 43.90
CA ASP EC 616 -4.57 -39.27 43.96
C ASP EC 616 -3.81 -40.25 44.85
N LYS EC 617 -4.35 -40.56 46.02
CA LYS EC 617 -3.69 -41.49 46.91
C LYS EC 617 -3.88 -42.95 46.50
N GLY EC 618 -4.84 -43.24 45.61
CA GLY EC 618 -5.00 -44.57 45.08
C GLY EC 618 -6.15 -45.38 45.64
N GLU EC 619 -7.02 -44.78 46.46
CA GLU EC 619 -8.20 -45.51 46.92
C GLU EC 619 -9.12 -45.84 45.76
N VAL EC 620 -9.34 -44.90 44.86
CA VAL EC 620 -10.21 -45.10 43.71
C VAL EC 620 -9.35 -44.98 42.45
N SER EC 621 -9.37 -46.02 41.63
CA SER EC 621 -8.57 -46.07 40.42
C SER EC 621 -9.22 -47.03 39.45
N ALA EC 622 -8.78 -46.95 38.18
CA ALA EC 622 -9.33 -47.84 37.16
C ALA EC 622 -8.99 -49.29 37.41
N ARG EC 623 -7.92 -49.57 38.19
CA ARG EC 623 -7.62 -50.95 38.55
C ARG EC 623 -8.60 -51.50 39.57
N GLN EC 624 -9.23 -50.62 40.35
CA GLN EC 624 -10.32 -51.04 41.22
C GLN EC 624 -11.53 -51.41 40.37
N GLU EC 625 -11.96 -52.67 40.47
CA GLU EC 625 -12.99 -53.19 39.59
C GLU EC 625 -14.34 -52.52 39.84
N LEU EC 626 -15.24 -52.66 38.86
CA LEU EC 626 -16.40 -51.79 38.78
C LEU EC 626 -17.39 -51.99 39.93
N LYS EC 627 -17.56 -53.23 40.41
CA LYS EC 627 -18.49 -53.46 41.52
C LYS EC 627 -17.99 -52.80 42.81
N GLN EC 628 -16.71 -53.02 43.13
CA GLN EC 628 -16.12 -52.40 44.32
C GLN EC 628 -16.11 -50.89 44.19
N ARG EC 629 -15.79 -50.38 43.01
CA ARG EC 629 -15.81 -48.94 42.78
C ARG EC 629 -17.21 -48.37 42.98
N ALA EC 630 -18.23 -49.05 42.43
CA ALA EC 630 -19.60 -48.57 42.56
C ALA EC 630 -20.03 -48.54 44.02
N ARG EC 631 -19.81 -49.63 44.76
CA ARG EC 631 -20.26 -49.65 46.14
C ARG EC 631 -19.47 -48.67 47.01
N TYR EC 632 -18.15 -48.55 46.80
CA TYR EC 632 -17.36 -47.60 47.59
C TYR EC 632 -17.76 -46.16 47.31
N LEU EC 633 -17.93 -45.81 46.02
CA LEU EC 633 -18.30 -44.45 45.68
C LEU EC 633 -19.71 -44.12 46.13
N ALA EC 634 -20.63 -45.09 46.05
CA ALA EC 634 -21.98 -44.85 46.56
C ALA EC 634 -21.99 -44.68 48.07
N GLU EC 635 -21.20 -45.47 48.79
CA GLU EC 635 -21.21 -45.42 50.24
C GLU EC 635 -20.40 -44.24 50.81
N LYS EC 636 -19.49 -43.66 50.02
CA LYS EC 636 -18.67 -42.56 50.51
C LYS EC 636 -19.03 -41.20 49.94
N TYR EC 637 -19.47 -41.14 48.68
CA TYR EC 637 -19.69 -39.86 48.02
C TYR EC 637 -21.06 -39.76 47.35
N GLU EC 638 -22.01 -40.62 47.76
CA GLU EC 638 -23.40 -40.57 47.30
C GLU EC 638 -23.48 -40.69 45.78
N TRP EC 639 -23.05 -41.83 45.27
CA TRP EC 639 -22.98 -42.08 43.84
C TRP EC 639 -24.14 -42.96 43.39
N ASP EC 640 -24.78 -42.56 42.29
CA ASP EC 640 -25.80 -43.40 41.67
C ASP EC 640 -25.14 -44.66 41.12
N VAL EC 641 -25.60 -45.81 41.59
CA VAL EC 641 -24.94 -47.08 41.25
C VAL EC 641 -25.10 -47.39 39.77
N ALA EC 642 -26.20 -46.97 39.15
CA ALA EC 642 -26.39 -47.20 37.72
C ALA EC 642 -25.32 -46.50 36.90
N GLU EC 643 -24.96 -45.28 37.28
CA GLU EC 643 -23.88 -44.55 36.62
C GLU EC 643 -22.51 -45.05 37.06
N ALA EC 644 -22.39 -45.52 38.31
CA ALA EC 644 -21.11 -45.99 38.81
C ALA EC 644 -20.69 -47.29 38.12
N ARG EC 645 -21.64 -48.17 37.83
CA ARG EC 645 -21.36 -49.32 37.00
C ARG EC 645 -21.14 -48.95 35.54
N LYS EC 646 -21.48 -47.72 35.15
CA LYS EC 646 -21.23 -47.20 33.82
C LYS EC 646 -20.04 -46.24 33.79
N ILE EC 647 -19.27 -46.18 34.88
CA ILE EC 647 -18.00 -45.45 34.87
C ILE EC 647 -17.10 -45.98 33.77
N TRP EC 648 -16.49 -45.07 32.99
CA TRP EC 648 -15.71 -45.46 31.83
C TRP EC 648 -14.20 -45.32 32.03
N CYS EC 649 -13.72 -44.12 32.38
CA CYS EC 649 -12.28 -43.93 32.51
C CYS EC 649 -11.97 -42.76 33.45
N PHE EC 650 -10.69 -42.69 33.85
CA PHE EC 650 -10.21 -41.84 34.94
C PHE EC 650 -9.09 -40.93 34.45
N GLY EC 651 -9.44 -39.67 34.15
CA GLY EC 651 -8.49 -38.59 34.03
C GLY EC 651 -7.36 -38.79 33.05
N PRO EC 652 -6.36 -37.91 33.11
CA PRO EC 652 -5.16 -38.08 32.29
C PRO EC 652 -4.37 -39.31 32.71
N ASP EC 653 -3.71 -39.92 31.73
CA ASP EC 653 -2.82 -41.06 31.92
C ASP EC 653 -3.54 -42.28 32.48
N GLY EC 654 -4.87 -42.31 32.38
CA GLY EC 654 -5.65 -43.46 32.79
C GLY EC 654 -5.92 -43.57 34.28
N THR EC 655 -5.24 -42.79 35.12
CA THR EC 655 -5.47 -42.80 36.56
C THR EC 655 -5.59 -41.39 37.12
N GLY EC 656 -5.85 -40.40 36.27
CA GLY EC 656 -6.02 -39.03 36.72
C GLY EC 656 -7.30 -38.87 37.52
N PRO EC 657 -7.37 -37.82 38.33
CA PRO EC 657 -8.56 -37.58 39.17
C PRO EC 657 -9.66 -36.84 38.41
N ASN EC 658 -10.15 -37.47 37.35
CA ASN EC 658 -11.30 -36.99 36.60
C ASN EC 658 -12.16 -38.19 36.23
N ILE EC 659 -13.47 -38.01 36.26
CA ILE EC 659 -14.41 -39.10 36.07
C ILE EC 659 -15.06 -38.97 34.69
N LEU EC 660 -15.17 -40.07 33.96
CA LEU EC 660 -16.07 -40.15 32.83
C LEU EC 660 -17.14 -41.20 33.12
N THR EC 661 -18.39 -40.87 32.80
CA THR EC 661 -19.46 -41.86 32.85
C THR EC 661 -20.45 -41.56 31.73
N ASP EC 662 -21.21 -42.56 31.35
CA ASP EC 662 -22.27 -42.42 30.37
C ASP EC 662 -23.59 -42.83 30.99
N ILE EC 663 -24.63 -42.05 30.75
CA ILE EC 663 -25.96 -42.35 31.24
C ILE EC 663 -26.90 -42.68 30.08
N THR EC 664 -26.35 -43.17 28.97
CA THR EC 664 -27.14 -43.49 27.80
C THR EC 664 -27.80 -44.86 27.94
N LYS EC 665 -29.04 -44.94 27.50
CA LYS EC 665 -29.78 -46.20 27.48
C LYS EC 665 -30.62 -46.26 26.22
N GLY EC 666 -30.71 -47.44 25.62
CA GLY EC 666 -31.41 -47.62 24.38
C GLY EC 666 -30.55 -47.52 23.14
N VAL EC 667 -29.38 -46.89 23.23
CA VAL EC 667 -28.47 -46.79 22.10
C VAL EC 667 -27.76 -48.12 21.91
N GLN EC 668 -27.38 -48.42 20.67
CA GLN EC 668 -26.80 -49.69 20.30
C GLN EC 668 -25.35 -49.60 19.86
N TYR EC 669 -25.03 -48.65 18.98
CA TYR EC 669 -23.70 -48.56 18.39
C TYR EC 669 -22.70 -47.81 19.26
N LEU EC 670 -22.99 -47.65 20.56
CA LEU EC 670 -22.07 -46.97 21.45
C LEU EC 670 -20.80 -47.78 21.70
N ASN EC 671 -20.86 -49.10 21.60
CA ASN EC 671 -19.67 -49.93 21.81
C ASN EC 671 -18.64 -49.73 20.70
N GLU EC 672 -19.09 -49.39 19.49
CA GLU EC 672 -18.16 -49.21 18.39
C GLU EC 672 -17.27 -47.98 18.59
N ILE EC 673 -17.79 -46.96 19.28
CA ILE EC 673 -17.06 -45.72 19.49
C ILE EC 673 -16.70 -45.51 20.95
N LYS EC 674 -16.91 -46.52 21.80
CA LYS EC 674 -16.51 -46.40 23.20
C LYS EC 674 -15.02 -46.06 23.34
N ASP EC 675 -14.16 -46.83 22.68
CA ASP EC 675 -12.72 -46.60 22.81
C ASP EC 675 -12.31 -45.28 22.15
N SER EC 676 -12.98 -44.92 21.05
CA SER EC 676 -12.70 -43.64 20.42
C SER EC 676 -13.04 -42.48 21.34
N VAL EC 677 -14.14 -42.61 22.09
CA VAL EC 677 -14.50 -41.57 23.06
C VAL EC 677 -13.51 -41.55 24.22
N VAL EC 678 -13.05 -42.73 24.66
CA VAL EC 678 -12.12 -42.78 25.79
C VAL EC 678 -10.79 -42.10 25.42
N ALA EC 679 -10.30 -42.36 24.21
CA ALA EC 679 -9.07 -41.70 23.77
C ALA EC 679 -9.25 -40.18 23.70
N GLY EC 680 -10.40 -39.72 23.20
CA GLY EC 680 -10.68 -38.30 23.21
C GLY EC 680 -10.78 -37.72 24.60
N PHE EC 681 -11.29 -38.49 25.55
CA PHE EC 681 -11.34 -38.04 26.94
C PHE EC 681 -9.94 -37.85 27.50
N GLN EC 682 -9.05 -38.81 27.21
CA GLN EC 682 -7.65 -38.65 27.61
C GLN EC 682 -7.04 -37.40 26.98
N TRP EC 683 -7.32 -37.17 25.70
CA TRP EC 683 -6.80 -35.98 25.02
C TRP EC 683 -7.33 -34.70 25.66
N ALA EC 684 -8.62 -34.67 25.99
CA ALA EC 684 -9.22 -33.45 26.54
C ALA EC 684 -8.77 -33.19 27.97
N THR EC 685 -8.58 -34.26 28.76
CA THR EC 685 -8.02 -34.06 30.09
C THR EC 685 -6.55 -33.67 30.02
N LYS EC 686 -5.85 -34.04 28.95
CA LYS EC 686 -4.48 -33.57 28.78
C LYS EC 686 -4.43 -32.11 28.37
N GLU EC 687 -5.35 -31.66 27.51
CA GLU EC 687 -5.38 -30.28 27.02
C GLU EC 687 -6.64 -29.60 27.53
N GLY EC 688 -6.47 -28.72 28.52
CA GLY EC 688 -7.60 -28.00 29.06
C GLY EC 688 -8.11 -26.92 28.13
N ALA EC 689 -9.36 -26.52 28.38
CA ALA EC 689 -10.04 -25.56 27.52
C ALA EC 689 -9.82 -24.11 27.94
N LEU EC 690 -9.16 -23.86 29.07
CA LEU EC 690 -8.83 -22.51 29.50
C LEU EC 690 -7.39 -22.15 29.18
N CYS EC 691 -6.44 -22.93 29.69
CA CYS EC 691 -5.02 -22.63 29.55
C CYS EC 691 -4.23 -23.86 29.13
N GLU EC 692 -4.88 -24.84 28.51
CA GLU EC 692 -4.23 -26.04 27.97
C GLU EC 692 -3.45 -26.79 29.06
N GLU EC 693 -4.09 -26.98 30.21
CA GLU EC 693 -3.48 -27.68 31.34
C GLU EC 693 -4.34 -28.86 31.76
N ASN EC 694 -3.83 -29.63 32.72
CA ASN EC 694 -4.51 -30.85 33.13
C ASN EC 694 -5.76 -30.55 33.94
N MET EC 695 -6.79 -31.36 33.74
CA MET EC 695 -8.06 -31.16 34.40
C MET EC 695 -8.07 -31.85 35.77
N ARG EC 696 -9.04 -31.45 36.60
CA ARG EC 696 -9.18 -31.96 37.94
C ARG EC 696 -10.57 -31.60 38.46
N GLY EC 697 -11.13 -32.47 39.29
CA GLY EC 697 -12.42 -32.21 39.89
C GLY EC 697 -13.56 -32.11 38.90
N VAL EC 698 -13.50 -32.88 37.82
CA VAL EC 698 -14.49 -32.82 36.75
C VAL EC 698 -15.01 -34.23 36.50
N ARG EC 699 -16.33 -34.38 36.49
CA ARG EC 699 -16.98 -35.64 36.14
C ARG EC 699 -17.91 -35.38 34.98
N PHE EC 700 -17.69 -36.10 33.88
CA PHE EC 700 -18.50 -35.96 32.67
C PHE EC 700 -19.60 -37.01 32.66
N ASP EC 701 -20.77 -36.60 32.19
CA ASP EC 701 -21.92 -37.47 32.00
C ASP EC 701 -22.31 -37.39 30.54
N VAL EC 702 -22.13 -38.49 29.82
CA VAL EC 702 -22.57 -38.62 28.43
C VAL EC 702 -24.07 -38.87 28.47
N HIS EC 703 -24.86 -37.81 28.26
CA HIS EC 703 -26.31 -37.96 28.23
C HIS EC 703 -26.75 -38.88 27.10
N ASP EC 704 -26.29 -38.59 25.89
CA ASP EC 704 -26.77 -39.39 24.76
C ASP EC 704 -25.81 -39.28 23.58
N VAL EC 705 -25.94 -40.23 22.66
CA VAL EC 705 -25.19 -40.23 21.41
C VAL EC 705 -26.11 -40.65 20.27
N THR EC 706 -26.01 -39.95 19.15
CA THR EC 706 -26.69 -40.33 17.92
C THR EC 706 -25.62 -40.58 16.86
N LEU EC 707 -25.71 -41.72 16.19
CA LEU EC 707 -24.65 -42.17 15.30
C LEU EC 707 -25.21 -42.53 13.93
N HIS EC 708 -24.47 -42.16 12.89
CA HIS EC 708 -24.78 -42.61 11.54
C HIS EC 708 -24.62 -44.12 11.45
N ALA EC 709 -25.39 -44.73 10.55
CA ALA EC 709 -25.40 -46.18 10.43
C ALA EC 709 -24.09 -46.74 9.89
N ASP EC 710 -23.21 -45.89 9.37
CA ASP EC 710 -21.99 -46.35 8.71
C ASP EC 710 -20.81 -46.28 9.68
N ALA EC 711 -20.18 -47.43 9.92
CA ALA EC 711 -18.96 -47.46 10.74
C ALA EC 711 -17.84 -46.67 10.07
N ILE EC 712 -17.84 -46.59 8.74
CA ILE EC 712 -16.87 -45.78 8.05
C ILE EC 712 -17.07 -44.31 8.37
N HIS EC 713 -18.32 -43.89 8.55
CA HIS EC 713 -18.62 -42.51 8.92
C HIS EC 713 -18.54 -42.27 10.43
N ARG EC 714 -18.48 -43.32 11.25
CA ARG EC 714 -18.33 -43.15 12.69
C ARG EC 714 -17.05 -43.80 13.21
N GLY EC 715 -16.03 -43.89 12.38
CA GLY EC 715 -14.73 -44.36 12.81
C GLY EC 715 -14.07 -43.39 13.80
N GLY EC 716 -12.92 -43.82 14.31
CA GLY EC 716 -12.30 -43.12 15.43
C GLY EC 716 -11.92 -41.68 15.10
N GLY EC 717 -11.50 -41.44 13.86
CA GLY EC 717 -11.18 -40.07 13.45
C GLY EC 717 -12.37 -39.15 13.42
N GLN EC 718 -13.58 -39.71 13.33
CA GLN EC 718 -14.81 -38.93 13.40
C GLN EC 718 -15.31 -38.74 14.81
N ILE EC 719 -14.71 -39.42 15.79
CA ILE EC 719 -15.24 -39.46 17.15
C ILE EC 719 -14.32 -38.76 18.14
N ILE EC 720 -13.00 -38.92 18.01
CA ILE EC 720 -12.08 -38.31 18.97
C ILE EC 720 -12.15 -36.79 18.99
N PRO EC 721 -12.05 -36.07 17.84
CA PRO EC 721 -12.08 -34.60 17.93
C PRO EC 721 -13.40 -34.04 18.43
N THR EC 722 -14.52 -34.60 17.97
CA THR EC 722 -15.81 -34.13 18.47
C THR EC 722 -16.02 -34.50 19.93
N ALA EC 723 -15.43 -35.60 20.40
CA ALA EC 723 -15.49 -35.89 21.84
C ALA EC 723 -14.71 -34.85 22.63
N ARG EC 724 -13.52 -34.49 22.16
CA ARG EC 724 -12.76 -33.43 22.84
C ARG EC 724 -13.54 -32.12 22.83
N ARG EC 725 -14.18 -31.81 21.71
CA ARG EC 725 -14.97 -30.58 21.62
C ARG EC 725 -16.19 -30.65 22.54
N CYS EC 726 -16.79 -31.82 22.70
CA CYS EC 726 -17.93 -31.96 23.59
C CYS EC 726 -17.53 -31.79 25.05
N LEU EC 727 -16.37 -32.34 25.43
CA LEU EC 727 -15.87 -32.11 26.77
C LEU EC 727 -15.51 -30.64 26.99
N TYR EC 728 -14.97 -29.99 25.96
CA TYR EC 728 -14.75 -28.55 26.02
C TYR EC 728 -16.06 -27.81 26.23
N ALA EC 729 -17.10 -28.20 25.50
CA ALA EC 729 -18.39 -27.54 25.63
C ALA EC 729 -18.97 -27.73 27.03
N SER EC 730 -18.83 -28.93 27.59
CA SER EC 730 -19.37 -29.17 28.92
C SER EC 730 -18.62 -28.38 29.98
N VAL EC 731 -17.28 -28.37 29.93
CA VAL EC 731 -16.52 -27.61 30.92
C VAL EC 731 -16.63 -26.11 30.69
N LEU EC 732 -17.05 -25.66 29.50
CA LEU EC 732 -17.27 -24.23 29.29
C LEU EC 732 -18.65 -23.81 29.77
N THR EC 733 -19.67 -24.62 29.49
CA THR EC 733 -21.01 -24.31 29.97
C THR EC 733 -21.08 -24.38 31.48
N ALA EC 734 -20.44 -25.37 32.09
CA ALA EC 734 -20.17 -25.30 33.51
C ALA EC 734 -19.17 -24.16 33.76
N GLN EC 735 -19.33 -23.49 34.90
CA GLN EC 735 -18.44 -22.37 35.19
C GLN EC 735 -17.03 -22.89 35.43
N PRO EC 736 -16.04 -22.49 34.64
CA PRO EC 736 -14.69 -23.01 34.82
C PRO EC 736 -13.90 -22.19 35.83
N ARG EC 737 -13.04 -22.90 36.56
CA ARG EC 737 -12.22 -22.31 37.61
C ARG EC 737 -10.84 -22.92 37.55
N LEU EC 738 -9.89 -22.28 38.23
CA LEU EC 738 -8.52 -22.76 38.31
C LEU EC 738 -8.24 -23.30 39.70
N MET EC 739 -7.34 -24.29 39.75
CA MET EC 739 -6.93 -24.91 41.00
C MET EC 739 -5.42 -24.74 41.13
N GLU EC 740 -5.00 -23.98 42.12
CA GLU EC 740 -3.60 -23.71 42.39
C GLU EC 740 -3.04 -24.76 43.35
N PRO EC 741 -1.72 -24.98 43.32
CA PRO EC 741 -1.12 -25.94 44.25
C PRO EC 741 -0.85 -25.38 45.64
N ILE EC 742 -1.86 -25.42 46.51
CA ILE EC 742 -1.67 -25.04 47.91
C ILE EC 742 -0.98 -26.18 48.63
N TYR EC 743 0.22 -25.92 49.15
CA TYR EC 743 1.05 -26.97 49.71
C TYR EC 743 1.45 -26.60 51.14
N LEU EC 744 1.77 -27.63 51.92
CA LEU EC 744 1.99 -27.47 53.35
C LEU EC 744 3.40 -26.96 53.63
N VAL EC 745 3.48 -26.01 54.57
CA VAL EC 745 4.74 -25.51 55.10
C VAL EC 745 4.70 -25.65 56.61
N GLU EC 746 5.81 -26.08 57.20
CA GLU EC 746 5.94 -26.21 58.64
C GLU EC 746 7.17 -25.43 59.07
N ILE EC 747 6.98 -24.37 59.85
CA ILE EC 747 8.06 -23.47 60.22
C ILE EC 747 8.39 -23.68 61.70
N GLN EC 748 9.68 -23.86 61.98
CA GLN EC 748 10.20 -23.99 63.33
C GLN EC 748 10.91 -22.70 63.70
N CYS EC 749 10.45 -22.06 64.78
CA CYS EC 749 10.93 -20.73 65.13
C CYS EC 749 10.60 -20.44 66.59
N PRO EC 750 11.54 -19.90 67.36
CA PRO EC 750 11.29 -19.68 68.80
C PRO EC 750 10.21 -18.64 69.04
N GLU EC 751 9.72 -18.62 70.28
CA GLU EC 751 8.56 -17.82 70.64
C GLU EC 751 8.85 -16.32 70.74
N GLN EC 752 10.11 -15.93 70.89
CA GLN EC 752 10.42 -14.50 70.95
C GLN EC 752 10.31 -13.85 69.58
N VAL EC 753 10.37 -14.63 68.50
CA VAL EC 753 10.25 -14.09 67.15
C VAL EC 753 9.19 -14.90 66.41
N VAL EC 754 8.26 -15.50 67.15
CA VAL EC 754 7.18 -16.25 66.51
C VAL EC 754 6.11 -15.33 65.93
N GLY EC 755 6.08 -14.06 66.33
CA GLY EC 755 5.11 -13.14 65.77
C GLY EC 755 5.44 -12.64 64.38
N GLY EC 756 6.72 -12.72 63.98
CA GLY EC 756 7.11 -12.31 62.65
C GLY EC 756 6.62 -13.25 61.56
N ILE EC 757 6.33 -14.50 61.91
CA ILE EC 757 5.80 -15.45 60.94
C ILE EC 757 4.40 -15.04 60.50
N TYR EC 758 3.61 -14.49 61.41
CA TYR EC 758 2.19 -14.27 61.15
C TYR EC 758 1.96 -13.18 60.11
N GLY EC 759 2.64 -12.04 60.25
CA GLY EC 759 2.50 -10.98 59.26
C GLY EC 759 3.04 -11.40 57.91
N VAL EC 760 4.13 -12.17 57.91
CA VAL EC 760 4.67 -12.70 56.67
C VAL EC 760 3.63 -13.57 55.97
N LEU EC 761 2.99 -14.48 56.71
CA LEU EC 761 2.01 -15.36 56.11
C LEU EC 761 0.79 -14.56 55.62
N ASN EC 762 0.38 -13.56 56.39
CA ASN EC 762 -0.74 -12.72 55.97
C ASN EC 762 -0.44 -12.01 54.67
N ARG EC 763 0.79 -11.54 54.50
CA ARG EC 763 1.17 -10.94 53.22
C ARG EC 763 1.34 -11.99 52.12
N LYS EC 764 1.72 -13.20 52.49
CA LYS EC 764 1.93 -14.29 51.53
C LYS EC 764 0.63 -14.99 51.15
N ARG EC 765 -0.49 -14.57 51.73
CA ARG EC 765 -1.80 -15.18 51.48
C ARG EC 765 -1.83 -16.63 51.94
N GLY EC 766 -1.02 -16.95 52.94
CA GLY EC 766 -0.95 -18.29 53.48
C GLY EC 766 -1.82 -18.42 54.73
N HIS EC 767 -2.51 -19.55 54.81
CA HIS EC 767 -3.50 -19.79 55.86
C HIS EC 767 -2.88 -20.76 56.87
N VAL EC 768 -2.57 -20.25 58.06
CA VAL EC 768 -1.99 -21.09 59.11
C VAL EC 768 -3.10 -21.77 59.88
N PHE EC 769 -2.94 -23.06 60.11
CA PHE EC 769 -3.94 -23.84 60.82
C PHE EC 769 -3.42 -24.51 62.09
N GLU EC 770 -2.12 -24.46 62.36
CA GLU EC 770 -1.64 -25.05 63.61
C GLU EC 770 -0.47 -24.23 64.16
N GLU EC 771 -0.38 -24.18 65.50
CA GLU EC 771 0.72 -23.50 66.17
C GLU EC 771 0.89 -24.13 67.55
N SER EC 772 2.09 -24.61 67.85
CA SER EC 772 2.31 -25.32 69.11
C SER EC 772 3.77 -25.24 69.52
N GLN EC 773 4.00 -25.12 70.83
CA GLN EC 773 5.34 -25.20 71.38
C GLN EC 773 5.85 -26.63 71.35
N VAL EC 774 7.16 -26.78 71.20
CA VAL EC 774 7.78 -28.10 71.06
C VAL EC 774 8.15 -28.56 72.47
N ALA EC 775 7.16 -29.09 73.18
CA ALA EC 775 7.33 -29.81 74.45
C ALA EC 775 8.07 -28.94 75.45
N GLY EC 776 9.22 -29.36 75.97
CA GLY EC 776 9.99 -28.62 76.94
C GLY EC 776 11.00 -27.65 76.37
N THR EC 777 11.00 -27.45 75.06
CA THR EC 777 11.82 -26.44 74.41
C THR EC 777 10.94 -25.29 73.93
N PRO EC 778 11.44 -24.05 73.99
CA PRO EC 778 10.61 -22.90 73.60
C PRO EC 778 10.39 -22.77 72.10
N MET EC 779 10.88 -23.70 71.29
CA MET EC 779 10.66 -23.64 69.85
C MET EC 779 9.17 -23.75 69.54
N PHE EC 780 8.74 -23.01 68.52
CA PHE EC 780 7.34 -23.00 68.10
C PHE EC 780 7.27 -23.59 66.69
N VAL EC 781 6.47 -24.63 66.54
CA VAL EC 781 6.18 -25.22 65.24
C VAL EC 781 4.83 -24.71 64.78
N VAL EC 782 4.79 -24.15 63.59
CA VAL EC 782 3.55 -23.65 63.00
C VAL EC 782 3.33 -24.34 61.66
N LYS EC 783 2.11 -24.84 61.47
CA LYS EC 783 1.69 -25.51 60.25
C LYS EC 783 0.77 -24.57 59.47
N ALA EC 784 1.14 -24.28 58.23
CA ALA EC 784 0.40 -23.37 57.38
C ALA EC 784 0.29 -23.96 55.98
N TYR EC 785 -0.65 -23.42 55.21
CA TYR EC 785 -0.86 -23.77 53.81
C TYR EC 785 -0.51 -22.56 52.96
N LEU EC 786 0.41 -22.75 52.01
CA LEU EC 786 0.90 -21.65 51.21
C LEU EC 786 0.75 -21.94 49.73
N PRO EC 787 0.46 -20.93 48.91
CA PRO EC 787 0.43 -21.15 47.46
C PRO EC 787 1.84 -21.18 46.88
N VAL EC 788 2.01 -21.96 45.82
CA VAL EC 788 3.30 -22.02 45.15
C VAL EC 788 3.61 -20.66 44.50
N ASN EC 789 2.63 -20.07 43.82
CA ASN EC 789 2.84 -18.78 43.19
C ASN EC 789 3.04 -17.65 44.19
N GLU EC 790 2.71 -17.88 45.45
CA GLU EC 790 2.95 -16.91 46.51
C GLU EC 790 4.12 -17.28 47.41
N SER EC 791 4.76 -18.42 47.16
CA SER EC 791 5.82 -18.93 48.02
C SER EC 791 7.22 -18.50 47.59
N PHE EC 792 7.33 -17.64 46.58
CA PHE EC 792 8.64 -17.26 46.05
C PHE EC 792 9.26 -16.17 46.90
N GLY EC 793 10.54 -16.33 47.24
CA GLY EC 793 11.22 -15.42 48.13
C GLY EC 793 10.76 -15.51 49.57
N PHE EC 794 9.90 -16.48 49.88
CA PHE EC 794 9.29 -16.56 51.20
C PHE EC 794 10.30 -16.84 52.29
N THR EC 795 11.31 -17.67 52.00
CA THR EC 795 12.34 -17.95 52.99
C THR EC 795 13.09 -16.69 53.37
N ALA EC 796 13.51 -15.91 52.38
CA ALA EC 796 14.25 -14.68 52.65
C ALA EC 796 13.39 -13.66 53.38
N ASP EC 797 12.13 -13.51 52.96
CA ASP EC 797 11.25 -12.55 53.63
C ASP EC 797 11.00 -12.95 55.07
N LEU EC 798 10.76 -14.24 55.30
CA LEU EC 798 10.52 -14.73 56.65
C LEU EC 798 11.75 -14.53 57.52
N ARG EC 799 12.94 -14.77 56.98
CA ARG EC 799 14.15 -14.53 57.74
C ARG EC 799 14.32 -13.05 58.05
N SER EC 800 14.01 -12.18 57.10
CA SER EC 800 14.12 -10.74 57.35
C SER EC 800 13.19 -10.31 58.47
N ASN EC 801 11.97 -10.84 58.48
CA ASN EC 801 11.00 -10.42 59.50
C ASN EC 801 11.27 -11.04 60.85
N THR EC 802 11.78 -12.27 60.91
CA THR EC 802 11.96 -12.97 62.18
C THR EC 802 13.40 -12.99 62.65
N GLY EC 803 14.30 -12.28 61.99
CA GLY EC 803 15.69 -12.27 62.41
C GLY EC 803 16.49 -13.47 61.97
N GLY EC 804 15.96 -14.28 61.05
CA GLY EC 804 16.67 -15.43 60.56
C GLY EC 804 16.57 -16.65 61.44
N GLN EC 805 15.64 -16.66 62.40
CA GLN EC 805 15.50 -17.75 63.35
C GLN EC 805 14.37 -18.70 62.98
N ALA EC 806 13.84 -18.59 61.77
CA ALA EC 806 12.73 -19.42 61.32
C ALA EC 806 13.23 -20.37 60.23
N PHE EC 807 12.91 -21.66 60.39
CA PHE EC 807 13.29 -22.70 59.43
C PHE EC 807 12.03 -23.34 58.88
N PRO EC 808 11.68 -23.07 57.62
CA PRO EC 808 10.52 -23.72 57.03
C PRO EC 808 10.88 -25.02 56.31
N GLN EC 809 9.96 -25.97 56.41
CA GLN EC 809 10.06 -27.23 55.68
C GLN EC 809 8.83 -27.35 54.80
N CYS EC 810 9.04 -27.60 53.51
CA CYS EC 810 7.97 -27.55 52.52
C CYS EC 810 7.64 -28.95 52.04
N VAL EC 811 6.35 -29.18 51.76
CA VAL EC 811 5.91 -30.43 51.16
C VAL EC 811 4.61 -30.16 50.42
N PHE EC 812 4.38 -30.91 49.35
CA PHE EC 812 3.15 -30.74 48.60
C PHE EC 812 1.98 -31.35 49.38
N ASP EC 813 0.89 -30.61 49.46
CA ASP EC 813 -0.26 -31.05 50.25
C ASP EC 813 -1.49 -31.31 49.40
N HIS EC 814 -1.97 -30.31 48.65
CA HIS EC 814 -3.29 -30.40 48.03
C HIS EC 814 -3.41 -29.30 46.98
N TRP EC 815 -4.64 -29.08 46.51
CA TRP EC 815 -4.96 -28.01 45.59
C TRP EC 815 -6.17 -27.25 46.11
N GLN EC 816 -6.33 -26.02 45.63
CA GLN EC 816 -7.44 -25.19 46.07
C GLN EC 816 -7.84 -24.24 44.94
N ILE EC 817 -9.14 -23.98 44.82
CA ILE EC 817 -9.66 -23.16 43.74
C ILE EC 817 -9.33 -21.69 43.99
N LEU EC 818 -8.86 -21.02 42.95
CA LEU EC 818 -8.76 -19.56 43.00
C LEU EC 818 -10.16 -18.96 42.97
N PRO EC 819 -10.52 -18.12 43.94
CA PRO EC 819 -11.92 -17.70 44.06
C PRO EC 819 -12.45 -16.89 42.89
N GLY EC 820 -11.58 -16.26 42.11
CA GLY EC 820 -12.04 -15.39 41.06
C GLY EC 820 -12.64 -16.13 39.88
N ASP EC 821 -13.27 -15.37 39.00
CA ASP EC 821 -13.83 -15.91 37.77
C ASP EC 821 -12.88 -15.63 36.63
N PRO EC 822 -12.35 -16.66 35.95
CA PRO EC 822 -11.42 -16.41 34.84
C PRO EC 822 -12.04 -15.65 33.68
N PHE EC 823 -13.37 -15.66 33.54
CA PHE EC 823 -14.00 -14.87 32.49
C PHE EC 823 -13.88 -13.38 32.78
N ASP EC 824 -13.92 -12.99 34.05
CA ASP EC 824 -13.64 -11.62 34.43
C ASP EC 824 -12.15 -11.36 34.29
N ASN EC 825 -11.76 -10.56 33.30
CA ASN EC 825 -10.35 -10.38 32.96
C ASN EC 825 -9.60 -9.54 33.99
N SER EC 826 -10.30 -8.97 34.97
CA SER EC 826 -9.67 -8.19 36.04
C SER EC 826 -9.43 -9.04 37.29
N SER EC 827 -9.14 -10.33 37.11
CA SER EC 827 -8.99 -11.25 38.23
C SER EC 827 -7.68 -12.01 38.11
N ARG EC 828 -7.20 -12.47 39.26
CA ARG EC 828 -6.00 -13.30 39.30
C ARG EC 828 -6.09 -14.56 38.46
N PRO EC 829 -7.18 -15.35 38.51
CA PRO EC 829 -7.25 -16.51 37.61
C PRO EC 829 -7.23 -16.15 36.14
N SER EC 830 -7.86 -15.05 35.74
CA SER EC 830 -7.80 -14.63 34.35
C SER EC 830 -6.40 -14.22 33.94
N GLN EC 831 -5.69 -13.52 34.83
CA GLN EC 831 -4.30 -13.18 34.56
C GLN EC 831 -3.45 -14.44 34.42
N VAL EC 832 -3.69 -15.43 35.29
CA VAL EC 832 -2.93 -16.67 35.22
C VAL EC 832 -3.19 -17.41 33.92
N VAL EC 833 -4.47 -17.46 33.50
CA VAL EC 833 -4.83 -18.12 32.25
C VAL EC 833 -4.17 -17.42 31.06
N ALA EC 834 -4.21 -16.08 31.06
CA ALA EC 834 -3.58 -15.34 29.97
C ALA EC 834 -2.07 -15.57 29.95
N GLU EC 835 -1.44 -15.58 31.12
CA GLU EC 835 0.00 -15.83 31.18
C GLU EC 835 0.34 -17.22 30.65
N THR EC 836 -0.46 -18.23 31.02
CA THR EC 836 -0.20 -19.58 30.53
C THR EC 836 -0.39 -19.68 29.03
N ARG EC 837 -1.43 -19.04 28.49
CA ARG EC 837 -1.65 -19.07 27.05
C ARG EC 837 -0.49 -18.42 26.30
N LYS EC 838 -0.06 -17.25 26.75
CA LYS EC 838 1.03 -16.56 26.06
C LYS EC 838 2.34 -17.31 26.23
N ARG EC 839 2.58 -17.90 27.41
CA ARG EC 839 3.80 -18.66 27.64
C ARG EC 839 3.87 -19.90 26.77
N LYS EC 840 2.76 -20.62 26.64
CA LYS EC 840 2.75 -21.83 25.82
C LYS EC 840 2.62 -21.54 24.34
N GLY EC 841 2.25 -20.31 23.95
CA GLY EC 841 2.22 -19.97 22.55
C GLY EC 841 0.97 -20.41 21.82
N LEU EC 842 -0.18 -19.91 22.25
CA LEU EC 842 -1.48 -20.19 21.66
C LEU EC 842 -2.11 -18.90 21.17
N LYS EC 843 -3.38 -18.98 20.79
CA LYS EC 843 -4.14 -17.79 20.44
C LYS EC 843 -4.22 -16.85 21.63
N GLU EC 844 -4.35 -15.55 21.34
CA GLU EC 844 -4.34 -14.53 22.39
C GLU EC 844 -5.49 -14.74 23.37
N GLY EC 845 -6.71 -14.86 22.86
CA GLY EC 845 -7.88 -15.02 23.70
C GLY EC 845 -8.30 -16.47 23.83
N ILE EC 846 -9.10 -16.73 24.85
CA ILE EC 846 -9.69 -18.07 25.02
C ILE EC 846 -10.65 -18.33 23.87
N PRO EC 847 -10.64 -19.53 23.28
CA PRO EC 847 -11.51 -19.80 22.13
C PRO EC 847 -12.99 -19.65 22.47
N ALA EC 848 -13.75 -19.25 21.46
CA ALA EC 848 -15.18 -18.98 21.63
C ALA EC 848 -15.95 -20.27 21.90
N LEU EC 849 -17.21 -20.09 22.32
CA LEU EC 849 -18.03 -21.21 22.74
C LEU EC 849 -18.57 -22.01 21.57
N ASP EC 850 -18.88 -21.35 20.45
CA ASP EC 850 -19.46 -22.06 19.31
C ASP EC 850 -18.45 -22.96 18.61
N ASN EC 851 -17.16 -22.76 18.85
CA ASN EC 851 -16.16 -23.61 18.21
C ASN EC 851 -16.26 -25.05 18.66
N PHE EC 852 -16.67 -25.27 19.92
CA PHE EC 852 -16.84 -26.60 20.45
C PHE EC 852 -18.29 -26.96 20.72
N LEU EC 853 -19.19 -25.98 20.76
CA LEU EC 853 -20.61 -26.23 20.90
C LEU EC 853 -21.30 -25.92 19.57
N ASP EC 854 -21.97 -26.92 19.02
CA ASP EC 854 -22.71 -26.76 17.76
C ASP EC 854 -24.20 -26.67 18.06
N LYS EC 855 -24.85 -25.67 17.46
CA LYS EC 855 -26.23 -25.34 17.75
C LYS EC 855 -27.12 -26.01 16.72
N LEU EC 856 -28.06 -26.83 17.20
CA LEU EC 856 -29.00 -27.52 16.33
C LEU EC 856 -29.96 -26.53 15.68
MG MG GC . 3.42 26.28 -15.90
MG MG HC . -4.43 71.43 5.83
MG MG IC . 18.67 37.36 6.42
MG MG JC . -24.78 49.78 11.12
MG MG KC . 4.99 63.40 -78.29
MG MG LC . -17.20 46.74 -16.13
MG MG MC . 17.78 40.58 14.70
MG MG NC . -9.19 44.80 14.31
MG MG OC . -24.67 75.46 21.86
MG MG PC . -30.93 73.35 -77.38
MG MG QC . -28.23 58.40 -31.84
MG MG RC . -42.34 74.34 -24.19
MG MG SC . -2.31 48.12 0.20
MG MG TC . 1.42 51.62 20.68
MG MG UC . -3.08 62.30 15.46
MG MG VC . 0.80 76.07 -18.84
MG MG WC . 22.30 91.81 -8.72
MG MG XC . 6.91 24.56 -6.90
MG MG YC . -10.18 64.70 -12.58
MG MG ZC . 11.08 46.44 7.77
MG MG AD . 12.75 44.47 12.68
MG MG BD . -5.17 64.88 -54.11
MG MG CD . -21.76 73.55 -56.07
MG MG DD . 7.39 78.79 -20.16
MG MG ED . 5.33 22.57 -19.23
MG MG FD . -10.81 62.81 18.22
MG MG GD . -19.57 51.94 -11.86
MG MG HD . 4.85 117.71 -35.23
MG MG ID . 7.67 108.55 -22.92
MG MG JD . -19.39 54.81 6.02
MG MG KD . 0.03 46.55 -4.18
MG MG LD . -11.47 61.19 -38.68
MG MG MD . -9.18 50.07 14.16
MG MG ND . -19.70 78.76 20.76
MG MG OD . -16.16 73.15 11.28
MG MG PD . -14.33 44.89 -21.96
MG MG QD . -13.77 32.40 -23.83
MG MG RD . -23.66 47.83 -27.64
MG MG SD . -49.60 84.53 -31.32
MG MG TD . -53.56 54.24 -42.53
MG MG UD . -6.32 58.55 -15.48
MG MG VD . -26.30 70.01 -57.37
MG MG WD . 22.38 54.50 -25.93
MG MG XD . 10.82 33.43 17.56
MG MG YD . 4.53 50.03 9.58
MG MG ZD . -16.14 60.07 14.10
MG MG AE . -12.52 53.81 4.91
MG MG BE . -23.61 66.56 22.48
MG MG CE . -21.60 49.90 -16.52
MG MG DE . 4.10 111.86 -25.72
MG MG EE . 57.14 36.05 -17.81
MG MG FE . -3.23 53.86 4.71
MG MG GE . -2.63 37.65 52.79
MG MG HE . 38.09 57.09 4.46
MG MG IE . 17.90 30.82 -14.77
MG MG JE . 25.41 50.93 -16.97
MG MG KE . 35.84 54.14 8.82
MG MG LE . -21.72 62.95 37.28
MG MG ME . -31.87 66.87 -82.08
MG MG NE . -45.16 37.52 27.81
MG MG OE . 58.37 22.49 10.60
MG MG PE . 34.91 38.72 -53.26
MG MG QE . 20.53 23.20 -8.90
MG MG RE . -41.62 46.23 29.04
MG MG SE . 21.32 27.62 -12.86
MG MG TE . -21.66 45.34 -3.24
MG MG UE . 23.27 43.94 -58.68
MG MG VE . -7.88 65.40 36.10
MG MG WE . -40.63 33.00 39.00
MG MG XE . 32.39 12.97 -28.12
MG MG YE . 8.38 58.96 5.61
MG MG ZE . 22.30 101.87 -5.89
MG MG AF . -13.06 79.44 55.29
MG MG BF . 25.02 47.03 -55.76
MG MG CF . 30.78 55.21 -26.67
MG MG DF . 49.86 54.41 -41.91
MG MG EF . 34.33 14.36 -23.38
MG MG FF . -35.77 41.93 -1.65
MG MG GF . 62.06 38.25 -16.01
MG MG HF . 19.21 12.05 -19.61
MG MG IF . 7.91 14.12 -29.58
MG MG JF . 26.29 32.00 2.65
MG MG KF . -9.22 11.19 -14.92
MG MG LF . 41.74 65.13 -11.19
MG MG MF . 33.32 18.97 -3.00
MG MG NF . -6.49 78.56 -7.76
MG MG OF . 14.52 41.02 -23.24
MG MG PF . 1.83 80.14 -2.51
MG MG QF . -11.78 82.51 41.52
MG MG RF . 45.20 52.60 -43.28
MG MG SF . 52.58 34.47 -15.10
MG MG TF . 47.35 61.99 -30.71
MG MG UF . 48.98 45.44 -7.54
MG MG VF . -44.32 44.01 25.58
MG MG WF . -4.98 54.63 40.49
MG MG XF . 50.30 52.92 -10.03
MG MG YF . 39.08 68.79 -29.87
MG MG ZF . 40.50 57.66 -55.81
MG MG AG . -2.42 93.17 20.86
MG MG BG . 4.52 75.04 0.86
MG MG CG . 45.57 17.48 12.24
MG MG DG . 10.34 0.15 -26.12
MG MG EG . -16.27 106.41 37.33
MG MG FG . -33.71 70.44 -4.22
MG MG GG . 26.21 33.68 -3.39
MG MG HG . 10.67 26.53 46.56
MG MG IG . -64.26 83.35 7.19
MG MG JG . -2.65 63.82 47.14
MG MG KG . 2.37 71.69 52.74
MG MG LG . -60.42 98.21 74.77
MG MG MG . 19.99 38.83 -36.74
MG MG NG . 23.72 8.19 8.38
MG MG OG . -49.02 20.83 39.11
MG MG PG . -7.64 25.69 -26.21
MG MG QG . 40.54 51.90 -0.50
MG MG RG . 31.55 46.52 46.75
MG MG SG . 2.11 -1.15 -1.44
MG MG TG . -24.54 23.71 -22.04
MG MG UG . -83.10 27.94 16.41
MG MG VG . 5.74 -13.43 -2.78
MG MG WG . 45.70 24.87 29.68
MG MG XG . -16.70 43.72 17.70
MG MG YG . 42.65 77.75 -11.16
MG MG ZG . -63.69 34.78 8.52
MG MG AH . 18.04 24.86 32.20
MG MG BH . -36.33 89.11 -46.74
MG MG CH . -4.45 -1.87 -22.63
MG MG DH . 24.07 32.78 66.87
MG MG EH . -3.35 110.93 -42.67
MG MG FH . -7.54 -0.43 55.55
MG MG GH . -66.01 71.17 0.22
MG MG HH . 46.02 42.26 -31.70
MG MG IH . -74.36 43.81 0.45
MG MG JH . 26.67 12.76 12.50
MG MG KH . -33.13 13.50 -42.01
MG MG LH . -2.48 -7.67 -8.13
MG MG MH . 12.09 -1.71 0.70
MG MG NH . 27.51 34.50 39.28
MG MG OH . 25.33 16.29 16.05
MG MG PH . 10.81 51.41 28.99
MG MG QH . -8.07 21.96 34.37
MG MG RH . 31.26 58.90 11.84
MG MG SH . 13.89 29.05 66.09
MG MG TH . -28.54 82.82 77.63
MG MG UH . 41.18 51.98 -17.76
MG MG VH . 20.60 5.63 55.18
MG MG WH . 47.97 13.46 11.98
MG MG XH . 33.32 0.48 -11.44
MG MG YH . -76.76 24.88 15.22
MG MG ZH . 14.96 24.04 0.41
MG MG AI . -13.31 39.62 -17.87
MG MG BI . 36.11 47.42 -21.00
MG MG CI . -32.99 43.67 -7.02
MG MG DI . -16.44 66.55 29.63
MG MG EI . 8.83 6.94 0.17
MG MG FI . 67.35 36.19 -58.30
MG MG GI . -21.96 80.20 31.43
N1 SPM HI . -54.74 30.84 30.08
C2 SPM HI . -53.70 31.79 30.42
C3 SPM HI . -54.33 32.97 31.15
C4 SPM HI . -53.23 33.97 31.54
N5 SPM HI . -52.36 33.37 32.54
C6 SPM HI . -51.00 33.61 32.14
C7 SPM HI . -50.03 33.16 33.23
C8 SPM HI . -48.62 33.15 32.65
C9 SPM HI . -47.63 33.62 33.70
N10 SPM HI . -46.30 33.59 33.15
C11 SPM HI . -45.35 33.83 34.21
C12 SPM HI . -43.94 33.66 33.68
C13 SPM HI . -43.50 32.21 33.81
N14 SPM HI . -42.38 32.00 32.91
MG MG II . -20.74 44.81 23.47
N1 SPD JI . -29.11 46.91 -13.72
C2 SPD JI . -30.21 46.14 -14.27
C3 SPD JI . -31.43 47.04 -14.37
C4 SPD JI . -32.57 46.33 -15.09
C5 SPD JI . -33.73 47.31 -15.21
N6 SPD JI . -34.83 46.71 -15.94
C7 SPD JI . -35.74 47.77 -16.33
C8 SPD JI . -36.98 47.18 -16.98
C9 SPD JI . -37.98 48.30 -17.21
N10 SPD JI . -39.24 47.74 -17.63
MG MG KI . 77.26 41.26 16.05
N1 SPM LI . -25.77 50.26 5.20
C2 SPM LI . -25.66 48.85 4.88
C3 SPM LI . -26.96 48.14 5.21
C4 SPM LI . -26.88 46.69 4.74
N5 SPM LI . -28.14 46.02 5.01
C6 SPM LI . -28.06 45.27 6.24
C7 SPM LI . -29.11 44.17 6.26
C8 SPM LI . -29.05 43.40 7.57
C9 SPM LI . -28.22 42.13 7.40
N10 SPM LI . -28.11 41.43 8.66
C11 SPM LI . -27.24 40.28 8.49
C12 SPM LI . -27.07 39.58 9.84
C13 SPM LI . -28.41 39.49 10.56
N14 SPM LI . -29.27 38.55 9.87
N1 SPM MI . -37.10 51.36 -34.60
C2 SPM MI . -36.43 50.15 -34.17
C3 SPM MI . -35.53 50.47 -32.99
C4 SPM MI . -34.20 50.98 -33.51
N5 SPM MI . -33.18 50.77 -32.51
C6 SPM MI . -31.92 51.25 -33.01
C7 SPM MI . -30.81 50.32 -32.53
C8 SPM MI . -29.51 51.11 -32.43
C9 SPM MI . -29.05 51.56 -33.81
N10 SPM MI . -28.08 52.61 -33.68
C11 SPM MI . -26.83 52.08 -33.16
C12 SPM MI . -25.69 53.03 -33.54
C13 SPM MI . -26.16 54.47 -33.42
N14 SPM MI . -25.08 55.34 -33.86
MG MG NI . 62.15 33.46 -55.55
MG MG OI . 7.92 9.61 -32.20
N1 SPM PI . -6.70 44.30 -35.25
C2 SPM PI . -7.16 44.52 -33.90
C3 SPM PI . -6.45 43.57 -32.96
C4 SPM PI . -6.90 43.80 -31.53
N5 SPM PI . -6.73 42.56 -30.79
C6 SPM PI . -6.70 42.82 -29.38
C7 SPM PI . -6.69 41.48 -28.66
C8 SPM PI . -7.28 41.64 -27.26
C9 SPM PI . -8.13 40.43 -26.90
N10 SPM PI . -8.06 40.28 -25.46
C11 SPM PI . -9.17 39.49 -24.98
C12 SPM PI . -8.97 38.02 -25.33
C13 SPM PI . -9.62 37.19 -24.22
N14 SPM PI . -9.14 35.82 -24.28
MG MG QI . 20.82 28.18 -23.09
MG MG RI . 11.02 36.44 -76.21
MG MG SI . 67.28 25.01 -11.56
MG MG TI . 69.26 4.69 -11.72
MG MG UI . -5.18 58.28 7.12
MG MG VI . 9.96 24.58 84.79
MG MG WI . 7.53 65.96 0.37
MG MG XI . -12.71 -4.43 -28.56
MG MG YI . 76.14 26.97 -10.67
MG MG ZI . -28.45 96.88 -29.69
MG MG AJ . 53.62 -1.03 -67.29
MG MG BJ . 14.67 2.50 -21.40
MG MG CJ . 75.96 46.83 -53.10
MG MG DJ . -39.54 70.25 -62.73
N1 SPD EJ . 21.97 32.47 -22.03
C2 SPD EJ . 23.27 33.04 -21.67
C3 SPD EJ . 23.43 32.99 -20.16
C4 SPD EJ . 24.90 33.15 -19.78
C5 SPD EJ . 25.17 32.41 -18.48
N6 SPD EJ . 26.36 32.96 -17.83
C7 SPD EJ . 26.61 32.23 -16.60
C8 SPD EJ . 28.03 32.52 -16.13
C9 SPD EJ . 28.23 31.87 -14.76
N10 SPD EJ . 29.65 31.81 -14.47
N1 SPD FJ . -35.79 64.36 -64.21
C2 SPD FJ . -36.31 65.44 -63.41
C3 SPD FJ . -35.36 65.75 -62.25
C4 SPD FJ . -34.02 66.22 -62.82
C5 SPD FJ . -32.96 66.08 -61.73
N6 SPD FJ . -32.70 67.37 -61.12
C7 SPD FJ . -31.58 67.26 -60.20
C8 SPD FJ . -30.31 66.88 -60.95
C9 SPD FJ . -29.26 66.40 -59.95
N10 SPD FJ . -28.60 67.52 -59.32
N1 SPD GJ . 36.87 24.96 -22.19
C2 SPD GJ . 37.38 24.05 -21.17
C3 SPD GJ . 36.56 24.23 -19.90
C4 SPD GJ . 37.13 23.34 -18.80
C5 SPD GJ . 36.04 22.39 -18.31
N6 SPD GJ . 36.54 21.03 -18.31
C7 SPD GJ . 36.47 20.52 -16.95
C8 SPD GJ . 37.45 19.37 -16.79
C9 SPD GJ . 38.22 19.57 -15.48
N10 SPD GJ . 38.82 18.31 -15.06
N1 SPD HJ . -9.33 49.07 30.03
C2 SPD HJ . -9.02 48.40 31.28
C3 SPD HJ . -7.57 47.93 31.25
C4 SPD HJ . -7.08 47.64 32.66
C5 SPD HJ . -5.70 47.00 32.59
N6 SPD HJ . -4.83 47.80 31.73
C7 SPD HJ . -3.58 47.10 31.53
C8 SPD HJ . -2.73 47.83 30.51
C9 SPD HJ . -1.29 47.30 30.58
N10 SPD HJ . -0.48 47.92 29.55
N1 SPD IJ . 13.78 82.47 20.30
C2 SPD IJ . 12.59 82.44 21.12
C3 SPD IJ . 13.00 82.27 22.58
C4 SPD IJ . 13.82 81.00 22.74
C5 SPD IJ . 14.02 80.72 24.22
N6 SPD IJ . 14.54 79.38 24.41
C7 SPD IJ . 14.52 79.05 25.83
C8 SPD IJ . 15.91 79.27 26.42
C9 SPD IJ . 16.81 78.09 26.07
N10 SPD IJ . 18.14 78.30 26.61
N1 SPM JJ . 26.45 37.19 39.74
C2 SPM JJ . 26.42 37.18 41.19
C3 SPM JJ . 26.86 38.55 41.73
C4 SPM JJ . 25.63 39.38 42.10
N5 SPM JJ . 24.71 39.35 40.98
C6 SPM JJ . 23.40 39.78 41.42
C7 SPM JJ . 22.34 38.95 40.70
C8 SPM JJ . 22.50 37.49 41.13
C9 SPM JJ . 21.56 36.61 40.31
N10 SPM JJ . 20.20 37.08 40.48
C11 SPM JJ . 19.31 35.94 40.53
C12 SPM JJ . 18.46 36.02 41.80
C13 SPM JJ . 17.75 34.70 42.02
N14 SPM JJ . 16.81 34.80 43.14
N1 SPD KJ . 30.78 28.16 48.93
C2 SPD KJ . 31.04 29.48 49.48
C3 SPD KJ . 30.40 30.54 48.60
C4 SPD KJ . 31.23 30.75 47.33
C5 SPD KJ . 30.32 31.14 46.18
N6 SPD KJ . 29.72 32.44 46.45
C7 SPD KJ . 28.63 32.67 45.53
C8 SPD KJ . 28.21 34.13 45.59
C9 SPD KJ . 27.43 34.49 44.33
N10 SPD KJ . 27.17 35.91 44.31
N1 SPD LJ . -4.00 61.11 -21.90
C2 SPD LJ . -3.18 60.84 -23.06
C3 SPD LJ . -3.38 61.93 -24.11
C4 SPD LJ . -2.42 63.07 -23.79
C5 SPD LJ . -2.34 64.02 -24.98
N6 SPD LJ . -3.67 64.33 -25.44
C7 SPD LJ . -3.65 64.45 -26.89
C8 SPD LJ . -3.85 65.90 -27.30
C9 SPD LJ . -5.33 66.19 -27.47
N10 SPD LJ . -5.97 66.26 -26.17
N1 SPM MJ . 14.58 -2.50 -6.03
C2 SPM MJ . 14.06 -3.84 -6.27
C3 SPM MJ . 13.24 -3.82 -7.56
C4 SPM MJ . 12.16 -2.74 -7.50
N5 SPM MJ . 11.40 -2.72 -8.72
C6 SPM MJ . 10.40 -1.68 -8.67
C7 SPM MJ . 11.05 -0.34 -9.02
C8 SPM MJ . 11.10 -0.17 -10.54
C9 SPM MJ . 9.67 -0.06 -11.08
N10 SPM MJ . 9.48 1.25 -11.68
C11 SPM MJ . 10.02 1.27 -13.02
C12 SPM MJ . 9.66 2.57 -13.72
C13 SPM MJ . 8.39 3.17 -13.11
N14 SPM MJ . 7.78 4.10 -14.04
N1 SPM NJ . 22.11 58.58 30.95
C2 SPM NJ . 21.47 59.61 30.15
C3 SPM NJ . 20.18 60.05 30.84
C4 SPM NJ . 19.59 61.26 30.12
N5 SPM NJ . 18.31 61.60 30.72
C6 SPM NJ . 18.51 61.96 32.11
C7 SPM NJ . 17.34 61.47 32.96
C8 SPM NJ . 16.12 62.36 32.76
C9 SPM NJ . 15.41 62.55 34.10
N10 SPM NJ . 14.24 63.40 33.93
C11 SPM NJ . 14.40 64.61 34.73
C12 SPM NJ . 13.24 65.56 34.46
C13 SPM NJ . 13.57 66.93 35.06
N14 SPM NJ . 12.34 67.67 35.24
MG MG OJ . 24.66 85.18 11.51
MG MG PJ . -27.00 33.02 29.84
MG MG QJ . -23.77 59.06 40.71
MG MG RJ . -68.03 24.57 52.97
MG MG SJ . -37.32 49.32 50.01
MG MG TJ . 10.70 86.45 -11.59
N1 SPD UJ . -1.95 50.65 -71.58
C2 SPD UJ . -0.94 50.43 -72.60
C3 SPD UJ . -0.52 51.78 -73.18
C4 SPD UJ . 0.77 51.60 -73.97
C5 SPD UJ . 1.94 51.47 -73.00
N6 SPD UJ . 2.80 52.64 -73.12
C7 SPD UJ . 4.13 52.30 -72.67
C8 SPD UJ . 5.14 53.18 -73.40
C9 SPD UJ . 6.50 52.50 -73.37
N10 SPD UJ . 7.44 53.26 -74.18
MG MG VJ . 22.52 87.55 2.75
MG MG WJ . 1.57 95.39 -7.79
MG MG XJ . -11.00 39.86 -93.09
MG MG YJ . 19.26 96.81 -57.12
MG MG ZJ . -4.02 18.32 -21.09
MG MG AK . 63.57 29.79 23.75
N1 SPD BK . -17.80 35.46 -49.35
C2 SPD BK . -17.78 36.90 -49.45
C3 SPD BK . -18.07 37.32 -50.88
C4 SPD BK . -18.05 38.85 -51.00
C5 SPD BK . -18.45 39.23 -52.42
N6 SPD BK . -18.44 40.68 -52.55
C7 SPD BK . -17.37 41.05 -53.45
C8 SPD BK . -17.65 42.44 -54.01
C9 SPD BK . -17.75 43.44 -52.87
N10 SPD BK . -16.46 43.57 -52.21
MG MG CK . 31.22 53.39 -9.15
MG MG DK . 26.93 20.39 19.61
MG MG EK . 7.51 80.07 12.15
ZN ZN FK . 36.18 9.93 -73.08
MG MG GK . 17.50 42.87 -40.00
ZN ZN HK . 11.52 59.10 -45.36
ZN ZN IK . 3.65 22.16 61.38
ZN ZN JK . -76.11 36.31 -19.16
ZN ZN KK . 31.96 -2.27 -64.46
MG MG LK . -77.73 -47.42 10.05
MG MG MK . 108.19 -39.59 21.82
ZN ZN NK . -14.68 -39.64 -36.52
MG MG OK . -3.70 -52.08 -24.51
MG MG PK . 21.42 -57.77 -16.07
MG MG QK . 10.58 -69.78 23.14
MG MG RK . 38.41 -42.21 -39.16
MG MG SK . 44.83 -60.63 -45.36
MG MG TK . 30.79 -54.12 -35.68
MG MG UK . 49.21 -39.64 3.18
MG MG VK . 66.39 -36.05 7.30
MG MG WK . 87.60 -38.95 9.30
MG MG XK . -30.40 -18.82 -34.79
MG MG YK . 11.38 -49.39 -22.04
MG MG ZK . 18.25 -46.55 -11.32
MG MG AL . -36.07 -82.69 -11.85
MG MG BL . -17.41 -41.30 -27.46
MG MG CL . -11.32 -39.14 -20.94
MG MG DL . 5.43 -12.60 -38.72
MG MG EL . -10.86 -40.08 -20.98
MG MG FL . 54.34 -50.13 2.74
MG MG GL . -8.83 -36.80 -20.47
MG MG HL . 67.07 -30.09 10.49
MG MG IL . -15.11 -19.89 -36.79
MG MG JL . 31.15 -60.01 -2.56
MG MG KL . 8.70 -25.81 -38.77
MG MG LL . 7.07 -39.67 -38.52
MG MG ML . 61.88 -48.96 6.11
MG MG NL . 34.26 -76.47 33.22
#